data_9LW8
#
_entry.id   9LW8
#
_cell.length_a   1.00
_cell.length_b   1.00
_cell.length_c   1.00
_cell.angle_alpha   90.00
_cell.angle_beta   90.00
_cell.angle_gamma   90.00
#
_symmetry.space_group_name_H-M   'P 1'
#
_entity_poly.entity_id   1
_entity_poly.type   'polypeptide(L)'
_entity_poly.pdbx_seq_one_letter_code
;MNTLDTLPVHPRTGLRAIGMGKRGPIWPVMGASDDHKDDAPTLTYSQARNRADEVHARMEQIAELDKPTDEENEEFRALG
AEFDSLVNHMSRLERAAELARVRSTHEQIGKPQSGGQRRMRVEAGSSQGGRGDYDRDAILEPDSIEDCRFRDPWNLSEMR
TFGRDAEEVKGELRARALSAIEKMQGASDNVRAAATHIIERFDDEDSTLARQCLATSSPAYLRAWSKMARNPHAAILTEE
EKRAINEVRAMGLTKADGGYLVPFQLDPTVIITSNGSLNDIRRFARQVVATGDVWHGVSSAAVQWSWDAEFEEVSDDSPE
FGQPEIPVKKAQGFVPISIEALQDEANVTETVALLFAEGKDELEAVTLTTGTGQGNQPTGIVTALAGTAAEIAPVTAETF
ALADVYAVYEQLAARHRRQGAWLANNLIYNKIRQFDTQGGAGLWTTIGNGEPSQLLGRPVGEAEAMDANWNTSASADNFV
LLYGNFQNYVIADRIGMTVEFIPHLFGTNRRPNGSRGWFAYYRMGADVVNPNAFRLLNVETAS
;
_entity_poly.pdbx_strand_id   1,2,3,4,5,A,B,C,D,E,F,G,H,I,J,K,L,M,N,O,P,Q,R,S,T,U,V,W,X,Y,Z,a,b,c,d,e,f,g,h,i,j,k,l,m,n,o,p,q,r,s,t,u,v
#
# COMPACT_ATOMS: atom_id res chain seq x y z
N MET A 251 -90.40 -2.21 95.75
CA MET A 251 -91.69 -2.91 95.81
C MET A 251 -91.53 -4.25 96.52
N GLY A 252 -92.27 -4.43 97.61
CA GLY A 252 -92.21 -5.66 98.37
C GLY A 252 -93.57 -6.34 98.54
N LEU A 253 -93.71 -7.12 99.61
CA LEU A 253 -94.95 -7.84 99.88
C LEU A 253 -95.94 -7.04 100.71
N THR A 254 -95.53 -5.90 101.26
CA THR A 254 -96.47 -5.08 102.02
C THR A 254 -97.55 -4.55 101.09
N LYS A 255 -98.75 -4.34 101.65
CA LYS A 255 -99.89 -3.95 100.82
C LYS A 255 -99.63 -2.64 100.09
N ALA A 256 -99.22 -1.60 100.82
CA ALA A 256 -99.05 -0.27 100.24
C ALA A 256 -97.88 -0.20 99.26
N ASP A 257 -97.03 -1.23 99.21
CA ASP A 257 -95.89 -1.20 98.28
C ASP A 257 -96.04 -2.28 97.22
N GLY A 258 -97.26 -2.44 96.69
CA GLY A 258 -97.54 -3.41 95.66
C GLY A 258 -98.19 -4.69 96.13
N GLY A 259 -98.52 -4.81 97.41
CA GLY A 259 -99.09 -6.05 97.91
C GLY A 259 -100.53 -6.28 97.52
N TYR A 260 -101.19 -5.26 96.97
CA TYR A 260 -102.58 -5.41 96.58
C TYR A 260 -102.76 -6.24 95.32
N LEU A 261 -101.67 -6.58 94.63
CA LEU A 261 -101.73 -7.41 93.44
C LEU A 261 -101.61 -8.89 93.75
N VAL A 262 -101.78 -9.29 95.01
CA VAL A 262 -101.66 -10.68 95.43
C VAL A 262 -103.06 -11.21 95.69
N PRO A 263 -103.59 -12.09 94.83
CA PRO A 263 -104.92 -12.64 95.08
C PRO A 263 -104.93 -13.63 96.24
N PHE A 264 -106.09 -13.73 96.88
CA PHE A 264 -106.26 -14.70 97.93
C PHE A 264 -106.24 -16.13 97.39
N GLN A 265 -105.75 -17.05 98.20
CA GLN A 265 -105.87 -18.48 97.95
C GLN A 265 -106.75 -19.10 99.02
N LEU A 266 -107.74 -19.87 98.60
CA LEU A 266 -108.67 -20.53 99.51
C LEU A 266 -108.79 -21.99 99.14
N ASP A 267 -108.67 -22.86 100.14
CA ASP A 267 -108.87 -24.29 99.95
C ASP A 267 -110.21 -24.70 100.55
N PRO A 268 -111.22 -25.03 99.74
CA PRO A 268 -112.54 -25.33 100.29
C PRO A 268 -112.64 -26.67 101.00
N THR A 269 -111.55 -27.43 101.10
CA THR A 269 -111.58 -28.73 101.76
C THR A 269 -111.76 -28.51 103.25
N VAL A 270 -113.01 -28.65 103.72
CA VAL A 270 -113.33 -28.36 105.11
C VAL A 270 -112.71 -29.40 106.03
N ILE A 271 -112.13 -28.91 107.13
CA ILE A 271 -111.53 -29.77 108.16
C ILE A 271 -112.48 -29.78 109.35
N ILE A 272 -113.06 -30.95 109.64
CA ILE A 272 -114.03 -31.05 110.71
C ILE A 272 -113.34 -30.95 112.05
N THR A 273 -113.85 -30.08 112.92
CA THR A 273 -113.27 -29.85 114.24
C THR A 273 -114.10 -30.41 115.38
N SER A 274 -115.18 -31.11 115.09
CA SER A 274 -116.00 -31.71 116.13
C SER A 274 -115.36 -33.01 116.63
N ASN A 275 -115.56 -33.28 117.93
CA ASN A 275 -115.05 -34.52 118.50
C ASN A 275 -115.74 -35.73 117.91
N GLY A 276 -117.06 -35.66 117.70
CA GLY A 276 -117.76 -36.77 117.12
C GLY A 276 -117.86 -37.95 118.07
N SER A 277 -118.16 -39.11 117.50
CA SER A 277 -118.27 -40.36 118.25
C SER A 277 -117.84 -41.51 117.37
N LEU A 278 -117.09 -42.45 117.93
CA LEU A 278 -116.57 -43.59 117.20
C LEU A 278 -117.31 -44.84 117.63
N ASN A 279 -117.71 -45.65 116.65
CA ASN A 279 -118.44 -46.88 116.93
C ASN A 279 -118.12 -47.92 115.86
N ASP A 280 -118.21 -49.20 116.25
CA ASP A 280 -117.83 -50.31 115.37
C ASP A 280 -118.90 -51.39 115.29
N ILE A 281 -120.13 -51.11 115.71
CA ILE A 281 -121.16 -52.15 115.67
C ILE A 281 -121.51 -52.52 114.24
N ARG A 282 -121.45 -51.57 113.31
CA ARG A 282 -121.89 -51.84 111.94
C ARG A 282 -121.01 -52.87 111.24
N ARG A 283 -119.82 -53.15 111.78
CA ARG A 283 -118.94 -54.17 111.22
C ARG A 283 -119.15 -55.54 111.85
N PHE A 284 -120.04 -55.66 112.84
CA PHE A 284 -120.28 -56.94 113.50
C PHE A 284 -121.75 -57.36 113.48
N ALA A 285 -122.68 -56.48 113.13
CA ALA A 285 -124.10 -56.75 113.24
C ALA A 285 -124.70 -57.09 111.88
N ARG A 286 -125.73 -57.92 111.90
CA ARG A 286 -126.45 -58.25 110.69
C ARG A 286 -127.27 -57.06 110.22
N GLN A 287 -127.24 -56.79 108.93
CA GLN A 287 -127.92 -55.65 108.32
C GLN A 287 -128.91 -56.16 107.30
N VAL A 288 -130.20 -55.99 107.59
CA VAL A 288 -131.28 -56.42 106.71
C VAL A 288 -131.96 -55.20 106.12
N VAL A 289 -132.66 -55.41 105.01
CA VAL A 289 -133.35 -54.34 104.30
C VAL A 289 -134.84 -54.46 104.58
N ALA A 290 -135.47 -53.36 104.96
CA ALA A 290 -136.88 -53.32 105.28
C ALA A 290 -137.65 -52.56 104.20
N THR A 291 -138.94 -52.87 104.10
CA THR A 291 -139.83 -52.22 103.16
C THR A 291 -140.97 -51.46 103.82
N GLY A 292 -141.53 -51.97 104.90
CA GLY A 292 -142.63 -51.31 105.58
C GLY A 292 -142.19 -50.56 106.81
N ASP A 293 -142.93 -50.71 107.91
CA ASP A 293 -142.62 -50.04 109.15
C ASP A 293 -142.14 -50.97 110.26
N VAL A 294 -142.39 -52.27 110.16
CA VAL A 294 -141.94 -53.25 111.14
C VAL A 294 -141.33 -54.43 110.42
N TRP A 295 -140.20 -54.93 110.93
CA TRP A 295 -139.52 -56.07 110.37
C TRP A 295 -139.76 -57.29 111.26
N HIS A 296 -140.23 -58.38 110.67
CA HIS A 296 -140.58 -59.59 111.39
C HIS A 296 -139.69 -60.74 110.96
N GLY A 297 -139.16 -61.48 111.94
CA GLY A 297 -138.33 -62.63 111.66
C GLY A 297 -138.90 -63.91 112.28
N VAL A 298 -138.18 -65.02 112.18
CA VAL A 298 -138.62 -66.29 112.72
C VAL A 298 -137.46 -66.99 113.38
N SER A 299 -137.72 -67.61 114.54
CA SER A 299 -136.71 -68.35 115.27
C SER A 299 -137.28 -69.69 115.70
N SER A 300 -136.41 -70.68 115.86
CA SER A 300 -136.83 -72.01 116.29
C SER A 300 -135.65 -72.75 116.87
N ALA A 301 -135.94 -73.88 117.52
CA ALA A 301 -134.94 -74.74 118.11
C ALA A 301 -134.60 -75.89 117.14
N ALA A 302 -133.81 -76.84 117.62
CA ALA A 302 -133.39 -77.97 116.82
C ALA A 302 -134.20 -79.21 117.17
N VAL A 303 -134.43 -80.05 116.16
CA VAL A 303 -135.22 -81.27 116.33
C VAL A 303 -134.40 -82.27 117.13
N GLN A 304 -135.01 -82.83 118.18
CA GLN A 304 -134.33 -83.82 119.01
C GLN A 304 -134.24 -85.15 118.28
N TRP A 305 -133.04 -85.72 118.25
CA TRP A 305 -132.79 -87.04 117.69
C TRP A 305 -132.52 -88.03 118.81
N SER A 306 -132.46 -89.31 118.44
CA SER A 306 -132.20 -90.34 119.44
C SER A 306 -131.66 -91.58 118.75
N TRP A 307 -130.90 -92.37 119.51
CA TRP A 307 -130.28 -93.60 119.00
C TRP A 307 -131.25 -94.74 119.30
N ASP A 308 -131.80 -95.33 118.25
CA ASP A 308 -132.88 -96.30 118.36
C ASP A 308 -132.46 -97.65 117.79
N ALA A 309 -133.06 -98.71 118.32
CA ALA A 309 -132.86 -100.05 117.79
C ALA A 309 -133.84 -100.28 116.65
N GLU A 310 -133.86 -101.51 116.12
CA GLU A 310 -134.79 -101.83 115.05
C GLU A 310 -136.19 -102.09 115.59
N PHE A 311 -137.19 -101.84 114.76
CA PHE A 311 -138.59 -102.14 115.06
C PHE A 311 -139.09 -101.42 116.30
N GLU A 312 -138.81 -100.13 116.43
CA GLU A 312 -139.23 -99.33 117.58
C GLU A 312 -140.04 -98.13 117.10
N GLU A 313 -140.95 -97.66 117.94
CA GLU A 313 -141.76 -96.50 117.60
C GLU A 313 -141.04 -95.22 118.01
N VAL A 314 -140.85 -94.32 117.05
CA VAL A 314 -140.13 -93.07 117.30
C VAL A 314 -141.03 -92.11 118.08
N SER A 315 -140.44 -91.04 118.59
CA SER A 315 -141.16 -90.09 119.42
C SER A 315 -141.38 -88.79 118.65
N ASP A 316 -142.46 -88.10 118.99
CA ASP A 316 -142.76 -86.82 118.35
C ASP A 316 -141.69 -85.79 118.69
N ASP A 317 -141.26 -85.04 117.67
CA ASP A 317 -140.14 -84.11 117.80
C ASP A 317 -140.50 -82.74 117.26
N SER A 318 -141.74 -82.30 117.45
CA SER A 318 -142.17 -81.02 116.90
C SER A 318 -141.49 -79.87 117.63
N PRO A 319 -140.85 -78.96 116.91
CA PRO A 319 -140.18 -77.82 117.55
C PRO A 319 -141.17 -76.69 117.84
N GLU A 320 -140.63 -75.58 118.33
CA GLU A 320 -141.40 -74.38 118.62
C GLU A 320 -140.79 -73.20 117.88
N PHE A 321 -141.63 -72.25 117.48
CA PHE A 321 -141.21 -71.10 116.69
C PHE A 321 -141.54 -69.81 117.43
N GLY A 322 -140.64 -68.84 117.35
CA GLY A 322 -140.87 -67.51 117.86
C GLY A 322 -140.77 -66.46 116.77
N GLN A 323 -141.19 -65.25 117.10
CA GLN A 323 -141.21 -64.18 116.11
C GLN A 323 -140.80 -62.85 116.72
N PRO A 324 -139.60 -62.36 116.41
CA PRO A 324 -139.20 -61.02 116.85
C PRO A 324 -139.53 -59.95 115.83
N GLU A 325 -139.86 -58.76 116.35
CA GLU A 325 -140.20 -57.63 115.50
C GLU A 325 -139.35 -56.43 115.88
N ILE A 326 -139.09 -55.58 114.89
CA ILE A 326 -138.23 -54.40 115.06
C ILE A 326 -138.92 -53.18 114.48
N PRO A 327 -139.36 -52.23 115.30
CA PRO A 327 -139.94 -50.99 114.76
C PRO A 327 -138.90 -50.14 114.07
N VAL A 328 -139.37 -49.31 113.13
CA VAL A 328 -138.51 -48.43 112.35
C VAL A 328 -138.81 -46.99 112.75
N LYS A 329 -137.76 -46.24 113.06
CA LYS A 329 -137.86 -44.86 113.50
C LYS A 329 -137.29 -43.92 112.44
N LYS A 330 -137.27 -42.62 112.75
CA LYS A 330 -136.87 -41.60 111.80
C LYS A 330 -136.13 -40.48 112.51
N ALA A 331 -135.12 -39.94 111.84
CA ALA A 331 -134.34 -38.80 112.34
C ALA A 331 -134.16 -37.79 111.22
N GLN A 332 -133.95 -36.53 111.59
CA GLN A 332 -133.87 -35.47 110.59
C GLN A 332 -133.03 -34.32 111.11
N GLY A 333 -132.59 -33.49 110.17
CA GLY A 333 -131.87 -32.27 110.49
C GLY A 333 -132.06 -31.26 109.38
N PHE A 334 -132.06 -29.97 109.77
CA PHE A 334 -132.45 -28.91 108.85
C PHE A 334 -131.47 -27.75 108.93
N VAL A 335 -131.16 -27.16 107.78
CA VAL A 335 -130.24 -26.03 107.68
C VAL A 335 -130.76 -25.02 106.67
N PRO A 336 -131.13 -23.81 107.08
CA PRO A 336 -131.56 -22.79 106.11
C PRO A 336 -130.40 -21.90 105.67
N ILE A 337 -130.51 -21.40 104.44
CA ILE A 337 -129.49 -20.54 103.84
C ILE A 337 -130.17 -19.42 103.08
N SER A 338 -129.60 -18.22 103.16
CA SER A 338 -130.16 -17.09 102.44
C SER A 338 -129.93 -17.23 100.93
N ILE A 339 -130.76 -16.53 100.16
CA ILE A 339 -130.65 -16.60 98.71
C ILE A 339 -129.35 -15.97 98.24
N GLU A 340 -128.86 -14.97 98.97
CA GLU A 340 -127.61 -14.30 98.57
C GLU A 340 -126.44 -15.27 98.65
N ALA A 341 -126.34 -16.03 99.73
CA ALA A 341 -125.20 -16.93 99.92
C ALA A 341 -125.22 -18.06 98.91
N LEU A 342 -126.41 -18.54 98.55
CA LEU A 342 -126.50 -19.65 97.61
C LEU A 342 -125.88 -19.32 96.26
N GLN A 343 -125.94 -18.04 95.86
CA GLN A 343 -125.32 -17.62 94.61
C GLN A 343 -123.91 -17.08 94.80
N ASP A 344 -123.59 -16.52 95.95
CA ASP A 344 -122.25 -15.96 96.17
C ASP A 344 -121.25 -17.04 96.56
N GLU A 345 -121.53 -17.79 97.62
CA GLU A 345 -120.65 -18.86 98.05
C GLU A 345 -120.65 -20.00 97.04
N ALA A 346 -119.50 -20.67 96.92
CA ALA A 346 -119.31 -21.71 95.93
C ALA A 346 -119.14 -23.07 96.60
N ASN A 347 -119.70 -24.10 95.96
CA ASN A 347 -119.60 -25.49 96.42
C ASN A 347 -120.16 -25.66 97.83
N VAL A 348 -121.27 -24.98 98.11
CA VAL A 348 -121.92 -25.13 99.41
C VAL A 348 -122.56 -26.49 99.55
N THR A 349 -123.13 -27.02 98.46
CA THR A 349 -123.93 -28.23 98.55
C THR A 349 -123.09 -29.43 99.02
N GLU A 350 -121.89 -29.59 98.46
CA GLU A 350 -121.06 -30.73 98.84
C GLU A 350 -120.60 -30.63 100.30
N THR A 351 -120.23 -29.42 100.74
CA THR A 351 -119.82 -29.25 102.13
C THR A 351 -120.99 -29.54 103.07
N VAL A 352 -122.19 -29.07 102.72
CA VAL A 352 -123.36 -29.36 103.54
C VAL A 352 -123.64 -30.85 103.57
N ALA A 353 -123.46 -31.53 102.43
CA ALA A 353 -123.65 -32.97 102.41
C ALA A 353 -122.67 -33.68 103.33
N LEU A 354 -121.40 -33.25 103.32
CA LEU A 354 -120.41 -33.86 104.21
C LEU A 354 -120.76 -33.62 105.67
N LEU A 355 -121.20 -32.40 106.00
CA LEU A 355 -121.59 -32.12 107.38
C LEU A 355 -122.78 -32.96 107.80
N PHE A 356 -123.77 -33.13 106.90
CA PHE A 356 -124.91 -33.98 107.19
C PHE A 356 -124.47 -35.41 107.44
N ALA A 357 -123.55 -35.92 106.60
CA ALA A 357 -123.07 -37.29 106.77
C ALA A 357 -122.37 -37.46 108.11
N GLU A 358 -121.54 -36.49 108.49
CA GLU A 358 -120.83 -36.60 109.77
C GLU A 358 -121.81 -36.57 110.94
N GLY A 359 -122.80 -35.69 110.89
CA GLY A 359 -123.80 -35.66 111.95
C GLY A 359 -124.58 -36.96 112.04
N LYS A 360 -124.96 -37.52 110.89
CA LYS A 360 -125.63 -38.81 110.90
C LYS A 360 -124.75 -39.89 111.51
N ASP A 361 -123.47 -39.90 111.15
CA ASP A 361 -122.56 -40.92 111.66
C ASP A 361 -122.44 -40.83 113.17
N GLU A 362 -122.28 -39.62 113.71
CA GLU A 362 -122.14 -39.49 115.16
C GLU A 362 -123.45 -39.83 115.88
N LEU A 363 -124.59 -39.43 115.31
CA LEU A 363 -125.87 -39.78 115.93
C LEU A 363 -126.07 -41.29 115.95
N GLU A 364 -125.77 -41.96 114.85
CA GLU A 364 -125.89 -43.41 114.80
C GLU A 364 -124.95 -44.06 115.80
N ALA A 365 -123.71 -43.56 115.90
CA ALA A 365 -122.76 -44.12 116.83
C ALA A 365 -123.26 -44.04 118.27
N VAL A 366 -123.84 -42.90 118.65
CA VAL A 366 -124.34 -42.77 120.01
C VAL A 366 -125.58 -43.64 120.22
N THR A 367 -126.51 -43.63 119.28
CA THR A 367 -127.80 -44.28 119.47
C THR A 367 -127.77 -45.78 119.26
N LEU A 368 -126.69 -46.32 118.69
CA LEU A 368 -126.55 -47.77 118.58
C LEU A 368 -126.09 -48.39 119.89
N THR A 369 -125.68 -47.59 120.85
CA THR A 369 -125.24 -48.08 122.15
C THR A 369 -126.08 -47.57 123.31
N THR A 370 -126.52 -46.31 123.28
CA THR A 370 -127.27 -45.73 124.40
C THR A 370 -128.75 -45.62 124.07
N GLY A 371 -129.18 -46.11 122.91
CA GLY A 371 -130.58 -45.98 122.54
C GLY A 371 -131.50 -46.67 123.54
N THR A 372 -132.50 -45.92 124.00
CA THR A 372 -133.40 -46.43 125.04
C THR A 372 -134.41 -47.43 124.49
N GLY A 373 -134.88 -47.20 123.27
CA GLY A 373 -135.92 -48.04 122.69
C GLY A 373 -137.34 -47.62 123.01
N GLN A 374 -137.53 -46.64 123.88
CA GLN A 374 -138.85 -46.15 124.24
C GLN A 374 -139.09 -44.81 123.59
N GLY A 375 -140.22 -44.69 122.89
CA GLY A 375 -140.57 -43.44 122.24
C GLY A 375 -140.04 -43.33 120.83
N ASN A 376 -139.03 -42.49 120.62
CA ASN A 376 -138.50 -42.20 119.30
C ASN A 376 -137.15 -42.84 119.05
N GLN A 377 -136.47 -43.31 120.07
CA GLN A 377 -135.15 -43.81 119.77
C GLN A 377 -135.16 -45.32 119.66
N PRO A 378 -134.31 -45.89 118.79
CA PRO A 378 -134.24 -47.35 118.69
C PRO A 378 -133.67 -47.99 119.94
N THR A 379 -133.59 -49.31 119.96
CA THR A 379 -133.11 -50.05 121.13
C THR A 379 -131.61 -50.29 120.99
N GLY A 380 -130.84 -49.73 121.91
CA GLY A 380 -129.42 -50.01 121.96
C GLY A 380 -129.14 -51.38 122.52
N ILE A 381 -127.94 -51.88 122.23
CA ILE A 381 -127.58 -53.23 122.66
C ILE A 381 -127.47 -53.31 124.18
N VAL A 382 -126.88 -52.29 124.81
CA VAL A 382 -126.76 -52.29 126.26
C VAL A 382 -128.13 -52.27 126.91
N THR A 383 -129.03 -51.43 126.39
CA THR A 383 -130.39 -51.41 126.92
C THR A 383 -131.11 -52.72 126.66
N ALA A 384 -130.90 -53.31 125.48
CA ALA A 384 -131.59 -54.54 125.13
C ALA A 384 -131.17 -55.70 126.01
N LEU A 385 -129.89 -55.78 126.37
CA LEU A 385 -129.37 -56.87 127.17
C LEU A 385 -129.51 -56.65 128.68
N ALA A 386 -129.66 -55.40 129.12
CA ALA A 386 -129.67 -55.12 130.54
C ALA A 386 -130.93 -55.66 131.19
N GLY A 387 -130.77 -56.23 132.39
CA GLY A 387 -131.88 -56.79 133.13
C GLY A 387 -132.31 -58.18 132.70
N THR A 388 -131.64 -58.77 131.72
CA THR A 388 -131.96 -60.10 131.25
C THR A 388 -130.98 -61.11 131.85
N ALA A 389 -131.02 -62.34 131.35
CA ALA A 389 -130.16 -63.39 131.85
C ALA A 389 -128.70 -63.16 131.49
N ALA A 390 -128.40 -62.26 130.55
CA ALA A 390 -127.03 -62.08 130.09
C ALA A 390 -126.19 -61.23 131.02
N GLU A 391 -126.79 -60.51 131.97
CA GLU A 391 -126.04 -59.63 132.84
C GLU A 391 -125.46 -60.40 134.02
N ILE A 392 -124.17 -60.20 134.28
CA ILE A 392 -123.43 -60.94 135.30
C ILE A 392 -122.81 -59.96 136.28
N ALA A 393 -122.87 -60.32 137.58
CA ALA A 393 -122.15 -59.65 138.66
C ALA A 393 -120.71 -60.12 138.72
N PRO A 394 -119.78 -59.27 139.18
CA PRO A 394 -118.38 -59.69 139.24
C PRO A 394 -118.14 -60.66 140.38
N VAL A 395 -116.93 -61.22 140.40
CA VAL A 395 -116.55 -62.16 141.45
C VAL A 395 -116.56 -61.46 142.81
N THR A 396 -115.98 -60.27 142.87
CA THR A 396 -115.95 -59.46 144.09
C THR A 396 -116.57 -58.10 143.79
N ALA A 397 -117.41 -57.63 144.71
CA ALA A 397 -118.19 -56.42 144.47
C ALA A 397 -117.30 -55.20 144.35
N GLU A 398 -117.68 -54.29 143.44
CA GLU A 398 -116.99 -53.01 143.21
C GLU A 398 -115.52 -53.22 142.85
N THR A 399 -115.21 -54.33 142.20
CA THR A 399 -113.85 -54.63 141.79
C THR A 399 -113.86 -55.21 140.39
N PHE A 400 -112.84 -54.87 139.61
CA PHE A 400 -112.66 -55.40 138.26
C PHE A 400 -111.26 -55.98 138.16
N ALA A 401 -111.17 -57.29 137.94
CA ALA A 401 -109.89 -57.99 137.89
C ALA A 401 -109.92 -59.05 136.78
N LEU A 402 -108.86 -59.86 136.74
CA LEU A 402 -108.73 -60.86 135.68
C LEU A 402 -109.84 -61.89 135.74
N ALA A 403 -110.33 -62.18 136.94
CA ALA A 403 -111.38 -63.18 137.09
C ALA A 403 -112.64 -62.79 136.32
N ASP A 404 -113.02 -61.51 136.38
CA ASP A 404 -114.18 -61.06 135.62
C ASP A 404 -113.95 -61.21 134.12
N VAL A 405 -112.75 -60.87 133.66
CA VAL A 405 -112.45 -60.94 132.23
C VAL A 405 -112.57 -62.38 131.72
N TYR A 406 -112.04 -63.33 132.49
CA TYR A 406 -112.15 -64.73 132.06
C TYR A 406 -113.57 -65.25 132.21
N ALA A 407 -114.28 -64.83 133.27
CA ALA A 407 -115.63 -65.34 133.50
C ALA A 407 -116.60 -64.88 132.42
N VAL A 408 -116.47 -63.63 131.96
CA VAL A 408 -117.33 -63.15 130.90
C VAL A 408 -117.11 -63.97 129.63
N TYR A 409 -115.86 -64.35 129.36
CA TYR A 409 -115.57 -65.10 128.14
C TYR A 409 -116.03 -66.55 128.23
N GLU A 410 -115.79 -67.22 129.36
CA GLU A 410 -116.03 -68.67 129.39
C GLU A 410 -117.51 -69.00 129.50
N GLN A 411 -118.31 -68.17 130.17
CA GLN A 411 -119.68 -68.57 130.43
C GLN A 411 -120.60 -68.48 129.22
N LEU A 412 -120.08 -68.24 128.02
CA LEU A 412 -120.89 -68.22 126.82
C LEU A 412 -120.96 -69.60 126.19
N ALA A 413 -122.03 -69.86 125.45
CA ALA A 413 -122.14 -71.11 124.71
C ALA A 413 -121.07 -71.17 123.61
N ALA A 414 -120.65 -72.39 123.30
CA ALA A 414 -119.52 -72.59 122.40
C ALA A 414 -119.80 -72.01 121.01
N ARG A 415 -121.00 -72.23 120.48
CA ARG A 415 -121.31 -71.75 119.13
C ARG A 415 -121.17 -70.24 119.04
N HIS A 416 -121.71 -69.52 120.03
CA HIS A 416 -121.59 -68.07 120.02
C HIS A 416 -120.21 -67.61 120.45
N ARG A 417 -119.56 -68.34 121.35
CA ARG A 417 -118.25 -67.93 121.83
C ARG A 417 -117.22 -67.97 120.72
N ARG A 418 -117.29 -68.96 119.84
CA ARG A 418 -116.30 -69.10 118.78
C ARG A 418 -116.46 -68.05 117.68
N GLN A 419 -117.58 -67.32 117.64
CA GLN A 419 -117.79 -66.30 116.63
C GLN A 419 -117.99 -64.91 117.22
N GLY A 420 -117.82 -64.75 118.53
CA GLY A 420 -118.10 -63.49 119.19
C GLY A 420 -116.95 -62.50 119.10
N ALA A 421 -117.18 -61.32 119.65
CA ALA A 421 -116.16 -60.27 119.66
C ALA A 421 -116.37 -59.41 120.90
N TRP A 422 -115.29 -58.76 121.32
CA TRP A 422 -115.33 -57.90 122.49
C TRP A 422 -115.88 -56.54 122.12
N LEU A 423 -116.39 -55.84 123.13
CA LEU A 423 -116.93 -54.50 122.93
C LEU A 423 -116.92 -53.75 124.26
N ALA A 424 -116.08 -52.72 124.35
CA ALA A 424 -115.98 -51.93 125.58
C ALA A 424 -115.32 -50.60 125.25
N ASN A 425 -115.38 -49.68 126.21
CA ASN A 425 -114.72 -48.40 126.05
C ASN A 425 -113.21 -48.58 126.15
N ASN A 426 -112.48 -47.62 125.58
CA ASN A 426 -111.03 -47.72 125.52
C ASN A 426 -110.40 -47.69 126.91
N LEU A 427 -111.03 -47.00 127.86
CA LEU A 427 -110.48 -46.96 129.22
C LEU A 427 -110.47 -48.34 129.85
N ILE A 428 -111.52 -49.12 129.64
CA ILE A 428 -111.55 -50.48 130.17
C ILE A 428 -110.47 -51.32 129.51
N TYR A 429 -110.26 -51.16 128.20
CA TYR A 429 -109.18 -51.88 127.54
C TYR A 429 -107.83 -51.51 128.14
N ASN A 430 -107.62 -50.22 128.41
CA ASN A 430 -106.36 -49.80 129.02
C ASN A 430 -106.17 -50.42 130.40
N LYS A 431 -107.24 -50.46 131.20
CA LYS A 431 -107.15 -51.11 132.51
C LYS A 431 -106.85 -52.59 132.36
N ILE A 432 -107.37 -53.23 131.30
CA ILE A 432 -107.05 -54.62 131.03
C ILE A 432 -105.56 -54.77 130.73
N ARG A 433 -105.01 -53.82 129.99
CA ARG A 433 -103.61 -53.92 129.56
C ARG A 433 -102.65 -53.84 130.74
N GLN A 434 -103.12 -53.41 131.92
CA GLN A 434 -102.26 -53.20 133.08
C GLN A 434 -102.51 -54.21 134.19
N PHE A 435 -103.22 -55.30 133.90
CA PHE A 435 -103.44 -56.35 134.90
C PHE A 435 -102.21 -57.21 135.06
N ASP A 436 -101.98 -57.68 136.28
CA ASP A 436 -100.88 -58.57 136.56
C ASP A 436 -101.27 -60.01 136.25
N THR A 437 -100.57 -60.62 135.29
CA THR A 437 -100.88 -61.98 134.88
C THR A 437 -100.28 -63.03 135.81
N GLN A 438 -99.30 -62.63 136.63
CA GLN A 438 -98.68 -63.54 137.61
C GLN A 438 -98.06 -64.76 136.93
N GLY A 439 -97.36 -64.52 135.83
CA GLY A 439 -96.61 -65.57 135.16
C GLY A 439 -97.40 -66.38 134.14
N GLY A 440 -98.69 -66.13 134.00
CA GLY A 440 -99.51 -66.87 133.06
C GLY A 440 -99.34 -66.38 131.63
N ALA A 441 -100.15 -66.94 130.75
CA ALA A 441 -100.11 -66.55 129.34
C ALA A 441 -100.60 -65.13 129.16
N GLY A 442 -99.98 -64.43 128.20
CA GLY A 442 -100.36 -63.05 127.94
C GLY A 442 -101.74 -62.93 127.34
N LEU A 443 -102.39 -61.82 127.64
CA LEU A 443 -103.74 -61.58 127.12
C LEU A 443 -103.71 -61.03 125.70
N TRP A 444 -103.12 -59.85 125.53
CA TRP A 444 -103.14 -59.17 124.24
C TRP A 444 -102.14 -59.76 123.27
N THR A 445 -102.50 -59.77 122.00
CA THR A 445 -101.65 -60.31 120.94
C THR A 445 -101.80 -59.43 119.71
N THR A 446 -100.67 -59.17 119.04
CA THR A 446 -100.68 -58.37 117.83
C THR A 446 -100.06 -59.14 116.67
N PRO A 452 -104.32 -53.29 113.96
CA PRO A 452 -105.30 -54.17 114.63
C PRO A 452 -104.68 -54.98 115.77
N SER A 453 -105.53 -55.51 116.64
CA SER A 453 -105.07 -56.28 117.79
C SER A 453 -106.19 -57.20 118.25
N GLN A 454 -105.83 -58.16 119.10
CA GLN A 454 -106.79 -59.13 119.60
C GLN A 454 -106.62 -59.30 121.10
N LEU A 455 -107.74 -59.56 121.78
CA LEU A 455 -107.74 -59.91 123.20
C LEU A 455 -108.23 -61.34 123.33
N LEU A 456 -107.40 -62.20 123.92
CA LEU A 456 -107.67 -63.63 123.99
C LEU A 456 -107.89 -64.22 122.60
N GLY A 457 -107.15 -63.71 121.62
CA GLY A 457 -107.27 -64.20 120.26
C GLY A 457 -108.62 -63.95 119.62
N ARG A 458 -109.28 -62.85 119.97
CA ARG A 458 -110.58 -62.52 119.43
C ARG A 458 -110.59 -61.07 119.00
N PRO A 459 -111.45 -60.72 118.03
CA PRO A 459 -111.48 -59.33 117.56
C PRO A 459 -111.88 -58.37 118.67
N VAL A 460 -111.37 -57.14 118.57
CA VAL A 460 -111.62 -56.09 119.55
C VAL A 460 -112.36 -54.96 118.85
N GLY A 461 -113.54 -54.61 119.37
CA GLY A 461 -114.30 -53.49 118.88
C GLY A 461 -114.31 -52.36 119.89
N GLU A 462 -114.53 -51.13 119.43
CA GLU A 462 -114.47 -49.95 120.29
C GLU A 462 -115.78 -49.19 120.22
N ALA A 463 -116.21 -48.67 121.38
CA ALA A 463 -117.42 -47.86 121.47
C ALA A 463 -117.27 -46.95 122.68
N GLU A 464 -117.17 -45.65 122.44
CA GLU A 464 -116.92 -44.69 123.51
C GLU A 464 -118.20 -44.22 124.19
N ALA A 465 -119.35 -44.75 123.81
CA ALA A 465 -120.61 -44.43 124.48
C ALA A 465 -120.84 -45.27 125.72
N MET A 466 -119.97 -46.23 126.02
CA MET A 466 -120.13 -47.08 127.18
C MET A 466 -119.59 -46.40 128.43
N ASP A 467 -120.03 -46.90 129.59
CA ASP A 467 -119.55 -46.36 130.85
C ASP A 467 -118.10 -46.78 131.08
N ALA A 468 -117.37 -45.97 131.87
CA ALA A 468 -115.94 -46.21 132.05
C ALA A 468 -115.46 -46.00 133.48
N ASN A 469 -116.35 -45.88 134.46
CA ASN A 469 -115.92 -45.69 135.83
C ASN A 469 -117.00 -46.19 136.78
N TRP A 470 -116.58 -46.52 138.00
CA TRP A 470 -117.43 -47.19 138.98
C TRP A 470 -117.30 -46.52 140.34
N ASN A 471 -117.44 -45.20 140.38
CA ASN A 471 -117.34 -44.47 141.64
C ASN A 471 -118.35 -44.97 142.65
N THR A 472 -117.90 -45.14 143.89
CA THR A 472 -118.70 -45.75 144.96
C THR A 472 -119.40 -44.72 145.84
N SER A 473 -119.76 -43.57 145.30
CA SER A 473 -120.44 -42.53 146.07
C SER A 473 -121.95 -42.60 145.96
N ALA A 474 -122.49 -43.22 144.91
CA ALA A 474 -123.92 -43.28 144.68
C ALA A 474 -124.29 -44.68 144.21
N SER A 475 -125.59 -44.96 144.23
CA SER A 475 -126.13 -46.24 143.80
C SER A 475 -126.47 -46.16 142.31
N ALA A 476 -125.78 -46.94 141.49
CA ALA A 476 -126.01 -46.94 140.05
C ALA A 476 -125.50 -48.24 139.46
N ASP A 477 -125.89 -48.50 138.22
CA ASP A 477 -125.44 -49.66 137.47
C ASP A 477 -124.42 -49.21 136.43
N ASN A 478 -123.28 -49.90 136.38
CA ASN A 478 -122.20 -49.57 135.46
C ASN A 478 -121.86 -50.79 134.64
N PHE A 479 -122.15 -50.74 133.33
CA PHE A 479 -121.80 -51.82 132.41
C PHE A 479 -120.54 -51.41 131.67
N VAL A 480 -119.51 -52.25 131.74
CA VAL A 480 -118.20 -51.89 131.23
C VAL A 480 -117.66 -52.86 130.20
N LEU A 481 -118.08 -54.13 130.20
CA LEU A 481 -117.52 -55.11 129.30
C LEU A 481 -118.64 -55.94 128.68
N LEU A 482 -118.52 -56.19 127.38
CA LEU A 482 -119.54 -56.93 126.64
C LEU A 482 -118.90 -57.83 125.62
N TYR A 483 -119.28 -59.11 125.64
CA TYR A 483 -118.80 -60.08 124.66
C TYR A 483 -119.96 -60.97 124.24
N GLY A 484 -119.99 -61.32 122.96
CA GLY A 484 -121.03 -62.20 122.47
C GLY A 484 -121.04 -62.22 120.96
N ASN A 485 -121.86 -63.12 120.43
CA ASN A 485 -122.02 -63.26 118.99
C ASN A 485 -122.94 -62.14 118.49
N PHE A 486 -122.36 -61.20 117.76
CA PHE A 486 -123.09 -60.03 117.29
C PHE A 486 -123.97 -60.33 116.09
N GLN A 487 -123.93 -61.56 115.56
CA GLN A 487 -124.85 -61.93 114.50
C GLN A 487 -126.29 -61.91 114.96
N ASN A 488 -126.53 -61.97 116.27
CA ASN A 488 -127.87 -61.87 116.83
C ASN A 488 -128.27 -60.44 117.12
N TYR A 489 -127.64 -59.46 116.46
CA TYR A 489 -127.99 -58.06 116.59
C TYR A 489 -128.34 -57.55 115.20
N VAL A 490 -129.61 -57.17 115.00
CA VAL A 490 -130.15 -56.84 113.69
C VAL A 490 -130.33 -55.33 113.61
N ILE A 491 -129.90 -54.74 112.50
CA ILE A 491 -130.07 -53.32 112.22
C ILE A 491 -130.81 -53.20 110.89
N ALA A 492 -132.10 -52.91 110.96
CA ALA A 492 -132.91 -52.79 109.76
C ALA A 492 -133.03 -51.33 109.34
N ASP A 493 -132.70 -51.04 108.09
CA ASP A 493 -132.77 -49.69 107.55
C ASP A 493 -133.74 -49.64 106.38
N ARG A 494 -134.47 -48.53 106.26
CA ARG A 494 -135.48 -48.36 105.23
C ARG A 494 -134.98 -47.48 104.08
N ILE A 495 -134.53 -46.27 104.40
CA ILE A 495 -133.99 -45.35 103.41
C ILE A 495 -132.75 -44.68 103.99
N GLY A 496 -131.71 -44.56 103.18
CA GLY A 496 -130.48 -43.92 103.60
C GLY A 496 -130.60 -42.41 103.65
N MET A 497 -129.45 -41.77 103.85
CA MET A 497 -129.42 -40.33 104.02
C MET A 497 -129.79 -39.63 102.71
N THR A 498 -130.89 -38.87 102.73
CA THR A 498 -131.38 -38.15 101.57
C THR A 498 -131.59 -36.68 101.93
N VAL A 499 -131.49 -35.82 100.93
CA VAL A 499 -131.66 -34.39 101.09
C VAL A 499 -132.66 -33.88 100.05
N GLU A 500 -133.43 -32.86 100.43
CA GLU A 500 -134.39 -32.22 99.55
C GLU A 500 -134.18 -30.71 99.62
N PHE A 501 -134.38 -30.03 98.49
CA PHE A 501 -134.21 -28.59 98.42
C PHE A 501 -135.55 -27.89 98.57
N ILE A 502 -135.62 -26.93 99.48
CA ILE A 502 -136.83 -26.16 99.73
C ILE A 502 -136.73 -24.86 98.93
N PRO A 503 -137.58 -24.64 97.93
CA PRO A 503 -137.43 -23.45 97.09
C PRO A 503 -137.58 -22.14 97.84
N HIS A 504 -138.44 -22.08 98.85
CA HIS A 504 -138.75 -20.80 99.48
C HIS A 504 -139.11 -21.00 100.94
N LEU A 505 -138.76 -20.02 101.76
CA LEU A 505 -139.12 -19.98 103.17
C LEU A 505 -139.88 -18.69 103.46
N PHE A 506 -140.72 -18.73 104.49
CA PHE A 506 -141.63 -17.64 104.80
C PHE A 506 -141.32 -17.05 106.18
N GLY A 507 -141.96 -15.92 106.47
CA GLY A 507 -141.71 -15.22 107.71
C GLY A 507 -142.93 -15.14 108.61
N THR A 508 -142.89 -14.23 109.59
CA THR A 508 -143.97 -14.15 110.57
C THR A 508 -145.28 -13.73 109.91
N ASN A 509 -145.23 -12.75 109.00
CA ASN A 509 -146.42 -12.28 108.32
C ASN A 509 -146.76 -13.12 107.09
N ARG A 510 -146.28 -14.37 107.05
CA ARG A 510 -146.61 -15.32 105.99
C ARG A 510 -146.19 -14.83 104.62
N ARG A 511 -145.07 -14.11 104.55
CA ARG A 511 -144.53 -13.64 103.29
C ARG A 511 -143.08 -14.09 103.13
N PRO A 512 -142.59 -14.22 101.90
CA PRO A 512 -141.20 -14.67 101.71
C PRO A 512 -140.20 -13.73 102.35
N ASN A 513 -139.10 -14.31 102.84
CA ASN A 513 -138.01 -13.54 103.44
C ASN A 513 -136.70 -13.76 102.71
N GLY A 514 -136.75 -14.30 101.50
CA GLY A 514 -135.54 -14.53 100.73
C GLY A 514 -134.61 -15.58 101.30
N SER A 515 -135.15 -16.72 101.73
CA SER A 515 -134.35 -17.78 102.33
C SER A 515 -134.72 -19.12 101.71
N ARG A 516 -133.74 -20.01 101.62
CA ARG A 516 -133.92 -21.37 101.15
C ARG A 516 -133.22 -22.31 102.13
N GLY A 517 -133.44 -23.62 101.96
CA GLY A 517 -132.88 -24.57 102.91
C GLY A 517 -132.88 -26.00 102.40
N TRP A 518 -132.09 -26.82 103.08
CA TRP A 518 -131.96 -28.24 102.79
C TRP A 518 -132.56 -29.04 103.93
N PHE A 519 -133.40 -30.02 103.58
CA PHE A 519 -134.04 -30.89 104.56
C PHE A 519 -133.51 -32.30 104.36
N ALA A 520 -132.95 -32.87 105.42
CA ALA A 520 -132.33 -34.20 105.38
C ALA A 520 -132.98 -35.09 106.42
N TYR A 521 -133.34 -36.30 106.00
CA TYR A 521 -133.97 -37.26 106.91
C TYR A 521 -133.40 -38.65 106.66
N TYR A 522 -133.72 -39.56 107.58
CA TYR A 522 -133.07 -40.86 107.66
C TYR A 522 -133.94 -41.77 108.50
N ARG A 523 -134.11 -43.02 108.03
CA ARG A 523 -134.90 -44.01 108.75
C ARG A 523 -134.05 -45.24 109.03
N MET A 524 -134.21 -45.80 110.23
CA MET A 524 -133.42 -46.96 110.66
C MET A 524 -134.06 -47.55 111.90
N GLY A 525 -133.84 -48.84 112.11
CA GLY A 525 -134.30 -49.52 113.31
C GLY A 525 -133.36 -50.65 113.67
N ALA A 526 -133.30 -50.96 114.96
CA ALA A 526 -132.39 -52.00 115.44
C ALA A 526 -132.94 -52.60 116.71
N ASP A 527 -132.57 -53.86 116.95
CA ASP A 527 -132.98 -54.60 118.14
C ASP A 527 -132.16 -55.88 118.22
N VAL A 528 -132.23 -56.53 119.39
CA VAL A 528 -131.54 -57.79 119.63
C VAL A 528 -132.51 -58.93 119.40
N VAL A 529 -131.98 -60.10 119.02
CA VAL A 529 -132.79 -61.27 118.73
C VAL A 529 -132.62 -62.35 119.79
N ASN A 530 -131.37 -62.66 120.17
CA ASN A 530 -131.08 -63.73 121.11
C ASN A 530 -130.41 -63.18 122.36
N PRO A 531 -131.14 -62.99 123.46
CA PRO A 531 -130.52 -62.46 124.68
C PRO A 531 -129.50 -63.40 125.30
N ASN A 532 -129.55 -64.69 124.99
CA ASN A 532 -128.64 -65.66 125.59
C ASN A 532 -127.34 -65.81 124.82
N ALA A 533 -127.13 -65.02 123.77
CA ALA A 533 -125.91 -65.08 122.96
C ALA A 533 -124.91 -64.00 123.35
N PHE A 534 -125.14 -63.30 124.46
CA PHE A 534 -124.25 -62.25 124.91
C PHE A 534 -123.96 -62.41 126.39
N ARG A 535 -122.84 -61.81 126.81
CA ARG A 535 -122.53 -61.68 128.23
C ARG A 535 -122.07 -60.25 128.49
N LEU A 536 -122.67 -59.62 129.50
CA LEU A 536 -122.39 -58.24 129.83
C LEU A 536 -122.08 -58.15 131.31
N LEU A 537 -120.95 -57.52 131.64
CA LEU A 537 -120.53 -57.39 133.03
C LEU A 537 -121.08 -56.11 133.62
N ASN A 538 -121.65 -56.21 134.82
CA ASN A 538 -122.20 -55.06 135.54
C ASN A 538 -121.50 -54.93 136.88
N VAL A 539 -120.74 -53.86 137.06
CA VAL A 539 -120.12 -53.54 138.34
C VAL A 539 -121.13 -52.67 139.08
N GLU A 540 -122.08 -53.33 139.77
CA GLU A 540 -123.12 -52.63 140.48
C GLU A 540 -122.56 -52.04 141.76
N THR A 541 -122.56 -50.72 141.87
CA THR A 541 -122.05 -50.03 143.05
C THR A 541 -123.22 -49.76 144.00
N ALA A 542 -123.04 -50.15 145.26
CA ALA A 542 -124.09 -49.98 146.26
C ALA A 542 -123.76 -48.82 147.19
N SER A 543 -124.81 -48.28 147.81
CA SER A 543 -124.66 -47.18 148.74
C SER A 543 -125.81 -47.15 149.74
N MET B 251 -153.10 -38.37 108.15
CA MET B 251 -152.80 -39.71 107.69
C MET B 251 -151.41 -40.15 108.12
N GLY B 252 -151.31 -40.78 109.29
CA GLY B 252 -150.05 -41.25 109.81
C GLY B 252 -149.86 -42.75 109.69
N LEU B 253 -149.02 -43.32 110.56
CA LEU B 253 -148.76 -44.75 110.55
C LEU B 253 -149.67 -45.54 111.48
N THR B 254 -150.52 -44.86 112.26
CA THR B 254 -151.49 -45.58 113.08
C THR B 254 -152.49 -46.29 112.19
N LYS B 255 -153.03 -47.40 112.71
CA LYS B 255 -153.83 -48.30 111.88
C LYS B 255 -155.06 -47.60 111.32
N ALA B 256 -155.86 -46.97 112.18
CA ALA B 256 -157.11 -46.36 111.75
C ALA B 256 -156.90 -45.16 110.84
N ASP B 257 -155.68 -44.66 110.73
CA ASP B 257 -155.36 -43.48 109.93
C ASP B 257 -154.69 -43.85 108.62
N GLY B 258 -155.12 -44.96 108.03
CA GLY B 258 -154.52 -45.45 106.80
C GLY B 258 -153.40 -46.45 106.99
N GLY B 259 -153.15 -46.89 108.23
CA GLY B 259 -152.07 -47.81 108.48
C GLY B 259 -152.35 -49.22 108.00
N TYR B 260 -153.60 -49.56 107.73
CA TYR B 260 -153.93 -50.88 107.22
C TYR B 260 -153.44 -51.09 105.79
N LEU B 261 -152.98 -50.05 105.12
CA LEU B 261 -152.48 -50.17 103.76
C LEU B 261 -151.01 -50.61 103.70
N VAL B 262 -150.35 -50.75 104.84
CA VAL B 262 -148.95 -51.19 104.88
C VAL B 262 -148.89 -52.70 104.72
N PRO B 263 -148.13 -53.22 103.76
CA PRO B 263 -147.98 -54.67 103.63
C PRO B 263 -147.10 -55.25 104.72
N PHE B 264 -147.48 -56.44 105.19
CA PHE B 264 -146.68 -57.18 106.16
C PHE B 264 -145.39 -57.66 105.52
N GLN B 265 -144.32 -57.64 106.30
CA GLN B 265 -143.00 -58.10 105.85
C GLN B 265 -142.55 -59.26 106.71
N LEU B 266 -142.00 -60.29 106.06
CA LEU B 266 -141.50 -61.46 106.76
C LEU B 266 -140.25 -61.96 106.07
N ASP B 267 -139.23 -62.28 106.87
CA ASP B 267 -137.99 -62.83 106.36
C ASP B 267 -137.86 -64.28 106.80
N PRO B 268 -138.02 -65.25 105.91
CA PRO B 268 -138.12 -66.65 106.32
C PRO B 268 -136.81 -67.33 106.65
N THR B 269 -135.71 -66.60 106.80
CA THR B 269 -134.45 -67.21 107.21
C THR B 269 -134.48 -67.44 108.72
N VAL B 270 -134.63 -68.69 109.13
CA VAL B 270 -134.80 -69.00 110.54
C VAL B 270 -133.51 -68.69 111.31
N ILE B 271 -133.68 -68.30 112.57
CA ILE B 271 -132.56 -67.99 113.45
C ILE B 271 -132.61 -69.01 114.58
N ILE B 272 -131.56 -69.82 114.70
CA ILE B 272 -131.54 -70.89 115.68
C ILE B 272 -131.27 -70.32 117.06
N THR B 273 -132.08 -70.73 118.04
CA THR B 273 -131.93 -70.26 119.41
C THR B 273 -131.33 -71.30 120.35
N SER B 274 -131.25 -72.56 119.94
CA SER B 274 -130.73 -73.60 120.82
C SER B 274 -129.23 -73.42 121.04
N ASN B 275 -128.78 -73.79 122.25
CA ASN B 275 -127.36 -73.70 122.57
C ASN B 275 -126.54 -74.66 121.72
N GLY B 276 -127.04 -75.87 121.51
CA GLY B 276 -126.35 -76.84 120.69
C GLY B 276 -125.10 -77.38 121.36
N SER B 277 -124.22 -77.91 120.51
CA SER B 277 -122.94 -78.45 120.97
C SER B 277 -121.91 -78.28 119.87
N LEU B 278 -120.67 -78.01 120.27
CA LEU B 278 -119.56 -77.85 119.34
C LEU B 278 -118.57 -78.98 119.55
N ASN B 279 -118.06 -79.51 118.44
CA ASN B 279 -117.15 -80.64 118.50
C ASN B 279 -116.23 -80.64 117.29
N ASP B 280 -115.01 -81.11 117.49
CA ASP B 280 -114.00 -81.15 116.43
C ASP B 280 -113.36 -82.53 116.28
N ILE B 281 -114.07 -83.60 116.65
CA ILE B 281 -113.54 -84.94 116.42
C ILE B 281 -113.38 -85.21 114.94
N ARG B 282 -114.38 -84.82 114.13
CA ARG B 282 -114.41 -85.19 112.73
C ARG B 282 -113.28 -84.56 111.92
N ARG B 283 -112.64 -83.53 112.45
CA ARG B 283 -111.51 -82.90 111.77
C ARG B 283 -110.19 -83.62 112.03
N PHE B 284 -110.16 -84.55 112.97
CA PHE B 284 -108.94 -85.29 113.30
C PHE B 284 -109.07 -86.79 113.15
N ALA B 285 -110.28 -87.32 113.00
CA ALA B 285 -110.52 -88.76 113.00
C ALA B 285 -110.51 -89.29 111.57
N ARG B 286 -110.25 -90.59 111.45
CA ARG B 286 -110.19 -91.25 110.15
C ARG B 286 -111.61 -91.61 109.72
N GLN B 287 -111.98 -91.20 108.51
CA GLN B 287 -113.34 -91.39 107.99
C GLN B 287 -113.31 -92.57 107.02
N VAL B 288 -113.91 -93.68 107.44
CA VAL B 288 -114.00 -94.86 106.60
C VAL B 288 -115.46 -95.07 106.22
N VAL B 289 -115.68 -95.61 105.03
CA VAL B 289 -117.01 -95.89 104.50
C VAL B 289 -117.28 -97.39 104.65
N ALA B 290 -118.48 -97.72 105.09
CA ALA B 290 -118.89 -99.10 105.28
C ALA B 290 -119.94 -99.50 104.23
N THR B 291 -120.21 -100.80 104.14
CA THR B 291 -121.19 -101.30 103.20
C THR B 291 -122.22 -102.18 103.91
N GLY B 292 -121.81 -102.86 104.97
CA GLY B 292 -122.70 -103.74 105.71
C GLY B 292 -123.01 -103.20 107.09
N ASP B 293 -123.18 -104.09 108.07
CA ASP B 293 -123.47 -103.70 109.43
C ASP B 293 -122.24 -103.71 110.34
N VAL B 294 -121.16 -104.39 109.94
CA VAL B 294 -119.92 -104.43 110.69
C VAL B 294 -118.77 -104.12 109.75
N TRP B 295 -117.85 -103.27 110.20
CA TRP B 295 -116.64 -102.95 109.46
C TRP B 295 -115.46 -103.67 110.10
N HIS B 296 -114.71 -104.41 109.29
CA HIS B 296 -113.59 -105.22 109.76
C HIS B 296 -112.29 -104.67 109.22
N GLY B 297 -111.27 -104.61 110.08
CA GLY B 297 -109.96 -104.13 109.69
C GLY B 297 -108.85 -105.09 110.05
N VAL B 298 -107.62 -104.79 109.62
CA VAL B 298 -106.48 -105.66 109.85
C VAL B 298 -105.34 -104.83 110.44
N SER B 299 -104.74 -105.33 111.51
CA SER B 299 -103.60 -104.68 112.15
C SER B 299 -102.54 -105.71 112.48
N SER B 300 -101.28 -105.27 112.52
CA SER B 300 -100.17 -106.17 112.78
C SER B 300 -99.01 -105.37 113.36
N ALA B 301 -97.95 -106.09 113.72
CA ALA B 301 -96.71 -105.49 114.16
C ALA B 301 -95.75 -105.40 112.97
N ALA B 302 -94.50 -105.01 113.24
CA ALA B 302 -93.50 -104.85 112.20
C ALA B 302 -92.53 -106.02 112.21
N VAL B 303 -91.80 -106.16 111.10
CA VAL B 303 -90.85 -107.26 110.94
C VAL B 303 -89.50 -106.83 111.49
N GLN B 304 -88.97 -107.62 112.43
CA GLN B 304 -87.71 -107.27 113.08
C GLN B 304 -86.54 -107.58 112.15
N TRP B 305 -85.65 -106.61 111.99
CA TRP B 305 -84.41 -106.78 111.24
C TRP B 305 -83.25 -106.90 112.22
N SER B 306 -82.12 -107.37 111.73
CA SER B 306 -80.95 -107.56 112.58
C SER B 306 -79.70 -107.58 111.72
N TRP B 307 -78.62 -107.02 112.25
CA TRP B 307 -77.35 -106.96 111.53
C TRP B 307 -76.70 -108.34 111.55
N ASP B 308 -76.49 -108.92 110.37
CA ASP B 308 -75.95 -110.27 110.26
C ASP B 308 -74.61 -110.26 109.52
N ALA B 309 -73.75 -111.20 109.89
CA ALA B 309 -72.42 -111.29 109.32
C ALA B 309 -72.45 -112.08 108.01
N GLU B 310 -71.27 -112.25 107.43
CA GLU B 310 -71.14 -113.00 106.18
C GLU B 310 -71.46 -114.47 106.39
N PHE B 311 -72.19 -115.05 105.43
CA PHE B 311 -72.55 -116.47 105.45
C PHE B 311 -73.24 -116.86 106.76
N GLU B 312 -74.15 -116.01 107.21
CA GLU B 312 -74.89 -116.24 108.45
C GLU B 312 -76.35 -116.50 108.12
N GLU B 313 -76.92 -117.55 108.73
CA GLU B 313 -78.31 -117.88 108.48
C GLU B 313 -79.24 -116.81 109.06
N VAL B 314 -80.41 -116.70 108.48
CA VAL B 314 -81.39 -115.71 108.88
C VAL B 314 -82.37 -116.34 109.86
N SER B 315 -83.13 -115.50 110.55
CA SER B 315 -84.06 -115.94 111.57
C SER B 315 -85.50 -115.73 111.09
N ASP B 316 -86.37 -116.63 111.50
CA ASP B 316 -87.79 -116.51 111.17
C ASP B 316 -88.34 -115.23 111.78
N ASP B 317 -89.06 -114.45 110.96
CA ASP B 317 -89.58 -113.15 111.37
C ASP B 317 -91.04 -113.02 111.01
N SER B 318 -91.80 -114.09 111.16
CA SER B 318 -93.22 -114.06 110.82
C SER B 318 -93.98 -113.18 111.80
N PRO B 319 -94.71 -112.18 111.33
CA PRO B 319 -95.45 -111.31 112.25
C PRO B 319 -96.78 -111.92 112.68
N GLU B 320 -97.54 -111.17 113.49
CA GLU B 320 -98.85 -111.58 113.95
C GLU B 320 -99.86 -110.49 113.60
N PHE B 321 -101.08 -110.91 113.27
CA PHE B 321 -102.11 -110.01 112.79
C PHE B 321 -103.26 -109.93 113.77
N GLY B 322 -103.82 -108.73 113.93
CA GLY B 322 -105.02 -108.53 114.73
C GLY B 322 -106.16 -107.95 113.90
N GLN B 323 -107.39 -108.29 114.26
CA GLN B 323 -108.56 -107.88 113.50
C GLN B 323 -109.59 -107.19 114.38
N PRO B 324 -109.66 -105.87 114.40
CA PRO B 324 -110.75 -105.18 115.11
C PRO B 324 -111.99 -105.06 114.25
N GLU B 325 -113.11 -104.78 114.92
CA GLU B 325 -114.38 -104.61 114.24
C GLU B 325 -115.20 -103.54 114.94
N ILE B 326 -116.10 -102.91 114.17
CA ILE B 326 -116.93 -101.83 114.67
C ILE B 326 -118.38 -102.02 114.21
N PRO B 327 -119.34 -102.08 115.13
CA PRO B 327 -120.74 -102.18 114.73
C PRO B 327 -121.27 -100.85 114.22
N VAL B 328 -122.42 -100.93 113.54
CA VAL B 328 -123.08 -99.75 112.97
C VAL B 328 -124.48 -99.66 113.57
N LYS B 329 -124.79 -98.49 114.13
CA LYS B 329 -126.06 -98.26 114.81
C LYS B 329 -126.92 -97.32 113.98
N LYS B 330 -128.08 -96.95 114.52
CA LYS B 330 -129.05 -96.15 113.80
C LYS B 330 -129.59 -95.04 114.69
N ALA B 331 -129.78 -93.86 114.11
CA ALA B 331 -130.41 -92.73 114.78
C ALA B 331 -131.46 -92.13 113.86
N GLN B 332 -132.65 -91.88 114.40
CA GLN B 332 -133.77 -91.44 113.59
C GLN B 332 -134.62 -90.43 114.34
N GLY B 333 -135.37 -89.63 113.58
CA GLY B 333 -136.28 -88.66 114.15
C GLY B 333 -137.48 -88.48 113.24
N PHE B 334 -138.53 -87.89 113.80
CA PHE B 334 -139.81 -87.78 113.11
C PHE B 334 -140.46 -86.44 113.42
N VAL B 335 -141.17 -85.90 112.43
CA VAL B 335 -141.90 -84.64 112.58
C VAL B 335 -143.24 -84.76 111.85
N PRO B 336 -144.37 -84.65 112.54
CA PRO B 336 -145.66 -84.65 111.86
C PRO B 336 -146.14 -83.24 111.53
N ILE B 337 -146.89 -83.13 110.43
CA ILE B 337 -147.46 -81.87 109.99
C ILE B 337 -148.92 -82.10 109.62
N SER B 338 -149.72 -81.05 109.77
CA SER B 338 -151.10 -81.11 109.32
C SER B 338 -151.17 -80.96 107.80
N ILE B 339 -152.31 -81.37 107.24
CA ILE B 339 -152.44 -81.37 105.79
C ILE B 339 -152.57 -79.96 105.23
N GLU B 340 -153.13 -79.02 106.01
CA GLU B 340 -153.33 -77.67 105.49
C GLU B 340 -152.12 -76.78 105.73
N ALA B 341 -151.38 -77.01 106.81
CA ALA B 341 -150.18 -76.19 107.06
C ALA B 341 -149.14 -76.41 105.98
N LEU B 342 -149.07 -77.62 105.44
CA LEU B 342 -148.16 -77.89 104.34
C LEU B 342 -148.50 -77.08 103.10
N GLN B 343 -149.76 -76.70 102.93
CA GLN B 343 -150.17 -75.88 101.80
C GLN B 343 -150.09 -74.39 102.07
N ASP B 344 -150.38 -73.97 103.31
CA ASP B 344 -150.44 -72.53 103.61
C ASP B 344 -149.05 -71.95 103.83
N GLU B 345 -148.26 -72.55 104.72
CA GLU B 345 -146.92 -72.05 104.99
C GLU B 345 -146.03 -72.25 103.77
N ALA B 346 -145.19 -71.25 103.51
CA ALA B 346 -144.33 -71.24 102.33
C ALA B 346 -142.91 -71.59 102.75
N ASN B 347 -142.24 -72.39 101.91
CA ASN B 347 -140.85 -72.78 102.13
C ASN B 347 -140.68 -73.49 103.47
N VAL B 348 -141.32 -74.65 103.59
CA VAL B 348 -141.35 -75.40 104.84
C VAL B 348 -140.32 -76.52 104.80
N THR B 349 -140.21 -77.19 103.65
CA THR B 349 -139.35 -78.36 103.55
C THR B 349 -137.90 -78.01 103.80
N GLU B 350 -137.42 -76.91 103.24
CA GLU B 350 -136.04 -76.48 103.45
C GLU B 350 -135.79 -76.11 104.91
N THR B 351 -136.73 -75.42 105.55
CA THR B 351 -136.56 -75.08 106.96
C THR B 351 -136.50 -76.34 107.81
N VAL B 352 -137.37 -77.31 107.54
CA VAL B 352 -137.37 -78.54 108.31
C VAL B 352 -136.08 -79.32 108.09
N ALA B 353 -135.59 -79.34 106.85
CA ALA B 353 -134.32 -80.01 106.58
C ALA B 353 -133.17 -79.34 107.31
N LEU B 354 -133.18 -78.01 107.36
CA LEU B 354 -132.16 -77.27 108.11
C LEU B 354 -132.21 -77.63 109.59
N LEU B 355 -133.41 -77.69 110.16
CA LEU B 355 -133.54 -78.06 111.57
C LEU B 355 -133.08 -79.49 111.81
N PHE B 356 -133.39 -80.40 110.88
CA PHE B 356 -132.94 -81.78 111.02
C PHE B 356 -131.43 -81.87 111.02
N ALA B 357 -130.78 -81.15 110.10
CA ALA B 357 -129.32 -81.14 110.06
C ALA B 357 -128.74 -80.56 111.35
N GLU B 358 -129.35 -79.50 111.86
CA GLU B 358 -128.89 -78.90 113.11
C GLU B 358 -128.99 -79.90 114.25
N GLY B 359 -130.08 -80.64 114.34
CA GLY B 359 -130.23 -81.63 115.39
C GLY B 359 -129.23 -82.78 115.26
N LYS B 360 -129.01 -83.25 114.03
CA LYS B 360 -128.04 -84.31 113.84
C LYS B 360 -126.65 -83.87 114.25
N ASP B 361 -126.30 -82.61 113.96
CA ASP B 361 -124.99 -82.11 114.34
C ASP B 361 -124.78 -82.18 115.85
N GLU B 362 -125.75 -81.70 116.62
CA GLU B 362 -125.64 -81.72 118.07
C GLU B 362 -125.57 -83.14 118.61
N LEU B 363 -126.43 -84.02 118.08
CA LEU B 363 -126.44 -85.40 118.56
C LEU B 363 -125.11 -86.08 118.28
N GLU B 364 -124.57 -85.91 117.08
CA GLU B 364 -123.27 -86.50 116.75
C GLU B 364 -122.18 -85.92 117.63
N ALA B 365 -122.23 -84.61 117.87
CA ALA B 365 -121.20 -83.97 118.69
C ALA B 365 -121.16 -84.54 120.10
N VAL B 366 -122.33 -84.72 120.73
CA VAL B 366 -122.33 -85.26 122.08
C VAL B 366 -121.97 -86.75 122.07
N THR B 367 -122.47 -87.50 121.08
CA THR B 367 -122.30 -88.94 121.05
C THR B 367 -120.87 -89.38 120.75
N LEU B 368 -120.15 -88.67 119.88
CA LEU B 368 -118.77 -89.02 119.61
C LEU B 368 -117.85 -88.76 120.80
N THR B 369 -118.34 -88.08 121.83
CA THR B 369 -117.56 -87.85 123.04
C THR B 369 -117.97 -88.71 124.22
N THR B 370 -119.27 -88.91 124.43
CA THR B 370 -119.71 -89.67 125.60
C THR B 370 -120.55 -90.88 125.23
N GLY B 371 -120.35 -91.41 124.02
CA GLY B 371 -121.11 -92.58 123.60
C GLY B 371 -120.84 -93.77 124.51
N THR B 372 -121.90 -94.35 125.05
CA THR B 372 -121.75 -95.45 126.00
C THR B 372 -121.14 -96.69 125.36
N GLY B 373 -121.49 -96.97 124.10
CA GLY B 373 -121.02 -98.16 123.43
C GLY B 373 -121.85 -99.40 123.69
N GLN B 374 -122.85 -99.32 124.56
CA GLN B 374 -123.72 -100.43 124.86
C GLN B 374 -125.12 -100.15 124.35
N GLY B 375 -125.83 -101.22 124.02
CA GLY B 375 -127.19 -101.10 123.51
C GLY B 375 -127.23 -100.56 122.10
N ASN B 376 -127.72 -99.33 121.94
CA ASN B 376 -127.92 -98.74 120.62
C ASN B 376 -126.97 -97.59 120.31
N GLN B 377 -126.11 -97.20 121.24
CA GLN B 377 -125.26 -96.07 120.92
C GLN B 377 -123.86 -96.53 120.55
N PRO B 378 -123.14 -95.75 119.73
CA PRO B 378 -121.74 -96.08 119.43
C PRO B 378 -120.82 -95.88 120.63
N THR B 379 -119.53 -96.12 120.43
CA THR B 379 -118.55 -96.03 121.49
C THR B 379 -117.82 -94.70 121.40
N GLY B 380 -117.85 -93.92 122.49
CA GLY B 380 -117.13 -92.67 122.53
C GLY B 380 -115.65 -92.88 122.80
N ILE B 381 -114.89 -91.81 122.56
CA ILE B 381 -113.45 -91.88 122.76
C ILE B 381 -113.11 -92.01 124.24
N VAL B 382 -113.76 -91.23 125.09
CA VAL B 382 -113.48 -91.30 126.52
C VAL B 382 -113.99 -92.62 127.09
N THR B 383 -115.15 -93.08 126.63
CA THR B 383 -115.68 -94.35 127.11
C THR B 383 -114.76 -95.50 126.79
N ALA B 384 -114.18 -95.51 125.58
CA ALA B 384 -113.30 -96.59 125.18
C ALA B 384 -111.94 -96.50 125.88
N LEU B 385 -111.38 -95.29 125.97
CA LEU B 385 -110.05 -95.15 126.55
C LEU B 385 -110.03 -95.27 128.06
N ALA B 386 -111.15 -95.02 128.74
CA ALA B 386 -111.18 -95.10 130.19
C ALA B 386 -110.99 -96.53 130.66
N GLY B 387 -110.21 -96.71 131.72
CA GLY B 387 -109.97 -98.02 132.29
C GLY B 387 -108.91 -98.85 131.61
N THR B 388 -108.26 -98.31 130.58
CA THR B 388 -107.21 -99.02 129.86
C THR B 388 -105.84 -98.52 130.33
N ALA B 389 -104.79 -98.94 129.62
CA ALA B 389 -103.44 -98.52 129.96
C ALA B 389 -103.19 -97.06 129.63
N ALA B 390 -104.07 -96.43 128.84
CA ALA B 390 -103.89 -95.04 128.45
C ALA B 390 -104.21 -94.06 129.56
N GLU B 391 -104.86 -94.51 130.64
CA GLU B 391 -105.24 -93.61 131.73
C GLU B 391 -104.04 -93.26 132.59
N ILE B 392 -103.98 -92.00 133.01
CA ILE B 392 -102.88 -91.47 133.82
C ILE B 392 -103.45 -90.79 135.05
N ALA B 393 -102.89 -91.12 136.22
CA ALA B 393 -103.23 -90.41 137.44
C ALA B 393 -102.29 -89.22 137.64
N PRO B 394 -102.77 -88.14 138.26
CA PRO B 394 -101.90 -86.97 138.45
C PRO B 394 -100.79 -87.25 139.45
N VAL B 395 -99.78 -86.37 139.44
CA VAL B 395 -98.66 -86.52 140.35
C VAL B 395 -99.11 -86.35 141.79
N THR B 396 -100.06 -85.44 142.04
CA THR B 396 -100.64 -85.24 143.35
C THR B 396 -102.15 -85.37 143.23
N ALA B 397 -102.76 -86.07 144.19
CA ALA B 397 -104.17 -86.43 144.09
C ALA B 397 -105.05 -85.18 144.11
N GLU B 398 -106.09 -85.20 143.26
CA GLU B 398 -107.06 -84.12 143.15
C GLU B 398 -106.39 -82.77 142.91
N THR B 399 -105.37 -82.76 142.04
CA THR B 399 -104.69 -81.52 141.69
C THR B 399 -104.43 -81.52 140.20
N PHE B 400 -104.63 -80.36 139.56
CA PHE B 400 -104.28 -80.14 138.18
C PHE B 400 -103.22 -79.03 138.12
N ALA B 401 -102.09 -79.32 137.50
CA ALA B 401 -100.98 -78.38 137.47
C ALA B 401 -100.17 -78.58 136.19
N LEU B 402 -99.11 -77.78 136.07
CA LEU B 402 -98.27 -77.82 134.88
C LEU B 402 -97.58 -79.18 134.73
N ALA B 403 -97.18 -79.77 135.85
CA ALA B 403 -96.51 -81.07 135.79
C ALA B 403 -97.41 -82.12 135.16
N ASP B 404 -98.70 -82.10 135.51
CA ASP B 404 -99.65 -83.03 134.90
C ASP B 404 -99.77 -82.78 133.41
N VAL B 405 -99.80 -81.52 133.00
CA VAL B 405 -99.89 -81.18 131.59
C VAL B 405 -98.71 -81.75 130.82
N TYR B 406 -97.50 -81.57 131.37
CA TYR B 406 -96.32 -82.10 130.70
C TYR B 406 -96.30 -83.62 130.71
N ALA B 407 -96.74 -84.23 131.81
CA ALA B 407 -96.72 -85.69 131.91
C ALA B 407 -97.67 -86.32 130.90
N VAL B 408 -98.80 -85.67 130.63
CA VAL B 408 -99.71 -86.18 129.61
C VAL B 408 -99.02 -86.24 128.25
N TYR B 409 -98.30 -85.18 127.90
CA TYR B 409 -97.73 -85.07 126.56
C TYR B 409 -96.48 -85.92 126.39
N GLU B 410 -95.67 -86.05 127.43
CA GLU B 410 -94.31 -86.57 127.26
C GLU B 410 -94.28 -88.09 127.29
N GLN B 411 -95.25 -88.73 127.95
CA GLN B 411 -95.20 -90.19 128.08
C GLN B 411 -95.57 -90.89 126.79
N LEU B 412 -96.19 -90.20 125.85
CA LEU B 412 -96.62 -90.81 124.60
C LEU B 412 -95.42 -91.16 123.72
N ALA B 413 -95.59 -92.19 122.89
CA ALA B 413 -94.55 -92.58 121.96
C ALA B 413 -94.37 -91.55 120.85
N ALA B 414 -93.17 -91.51 120.28
CA ALA B 414 -92.84 -90.47 119.30
C ALA B 414 -93.71 -90.59 118.06
N ARG B 415 -93.92 -91.81 117.56
CA ARG B 415 -94.70 -92.00 116.35
C ARG B 415 -96.08 -91.39 116.46
N HIS B 416 -96.65 -91.39 117.65
CA HIS B 416 -97.97 -90.81 117.89
C HIS B 416 -97.88 -89.38 118.42
N ARG B 417 -96.87 -89.09 119.23
CA ARG B 417 -96.72 -87.74 119.77
C ARG B 417 -96.46 -86.72 118.66
N ARG B 418 -95.80 -87.15 117.58
CA ARG B 418 -95.49 -86.23 116.49
C ARG B 418 -96.75 -85.84 115.71
N GLN B 419 -97.77 -86.70 115.69
CA GLN B 419 -98.99 -86.44 114.93
C GLN B 419 -100.22 -86.37 115.83
N GLY B 420 -100.03 -86.12 117.13
CA GLY B 420 -101.13 -86.03 118.06
C GLY B 420 -101.68 -84.61 118.17
N ALA B 421 -102.77 -84.50 118.93
CA ALA B 421 -103.41 -83.21 119.17
C ALA B 421 -104.11 -83.25 120.52
N TRP B 422 -104.29 -82.07 121.09
CA TRP B 422 -104.96 -81.95 122.37
C TRP B 422 -106.47 -81.89 122.19
N LEU B 423 -107.20 -82.15 123.28
CA LEU B 423 -108.65 -82.03 123.25
C LEU B 423 -109.17 -81.98 124.68
N ALA B 424 -109.91 -80.92 125.00
CA ALA B 424 -110.48 -80.76 126.33
C ALA B 424 -111.60 -79.73 126.27
N ASN B 425 -112.34 -79.63 127.36
CA ASN B 425 -113.36 -78.59 127.48
C ASN B 425 -112.70 -77.23 127.64
N ASN B 426 -113.44 -76.17 127.32
CA ASN B 426 -112.88 -74.83 127.34
C ASN B 426 -112.47 -74.40 128.74
N LEU B 427 -113.17 -74.88 129.77
CA LEU B 427 -112.81 -74.50 131.14
C LEU B 427 -111.42 -75.02 131.50
N ILE B 428 -111.09 -76.23 131.08
CA ILE B 428 -109.75 -76.77 131.34
C ILE B 428 -108.69 -75.93 130.63
N TYR B 429 -108.98 -75.53 129.39
CA TYR B 429 -108.04 -74.67 128.67
C TYR B 429 -107.85 -73.34 129.38
N ASN B 430 -108.94 -72.75 129.88
CA ASN B 430 -108.82 -71.51 130.62
C ASN B 430 -108.00 -71.70 131.89
N LYS B 431 -108.19 -72.82 132.57
CA LYS B 431 -107.38 -73.10 133.77
C LYS B 431 -105.91 -73.24 133.41
N ILE B 432 -105.61 -73.88 132.28
CA ILE B 432 -104.23 -74.00 131.84
C ILE B 432 -103.64 -72.63 131.53
N ARG B 433 -104.42 -71.77 130.88
CA ARG B 433 -103.90 -70.48 130.42
C ARG B 433 -103.48 -69.59 131.59
N GLN B 434 -103.97 -69.86 132.79
CA GLN B 434 -103.66 -69.06 133.97
C GLN B 434 -102.62 -69.71 134.88
N PHE B 435 -101.97 -70.78 134.42
CA PHE B 435 -100.96 -71.43 135.24
C PHE B 435 -99.73 -70.55 135.39
N ASP B 436 -99.05 -70.70 136.53
CA ASP B 436 -97.83 -69.95 136.82
C ASP B 436 -96.67 -70.63 136.10
N THR B 437 -96.19 -69.99 135.03
CA THR B 437 -95.11 -70.57 134.23
C THR B 437 -93.77 -70.53 134.96
N GLN B 438 -93.60 -69.60 135.89
CA GLN B 438 -92.38 -69.48 136.69
C GLN B 438 -91.17 -69.20 135.82
N GLY B 439 -91.33 -68.33 134.84
CA GLY B 439 -90.24 -67.84 134.03
C GLY B 439 -89.91 -68.69 132.82
N GLY B 440 -90.54 -69.86 132.68
CA GLY B 440 -90.26 -70.73 131.57
C GLY B 440 -90.92 -70.26 130.28
N ALA B 441 -90.79 -71.08 129.25
CA ALA B 441 -91.41 -70.78 127.97
C ALA B 441 -92.93 -70.85 128.10
N GLY B 442 -93.61 -69.91 127.43
CA GLY B 442 -95.06 -69.88 127.49
C GLY B 442 -95.67 -71.08 126.80
N LEU B 443 -96.74 -71.61 127.39
CA LEU B 443 -97.39 -72.79 126.82
C LEU B 443 -98.22 -72.43 125.59
N TRP B 444 -98.90 -71.29 125.62
CA TRP B 444 -99.85 -70.93 124.58
C TRP B 444 -99.21 -70.02 123.54
N THR B 445 -99.41 -70.36 122.27
CA THR B 445 -98.86 -69.58 121.16
C THR B 445 -99.94 -69.40 120.11
N THR B 446 -100.03 -68.19 119.55
CA THR B 446 -100.99 -67.91 118.49
C THR B 446 -100.27 -67.41 117.24
N PRO B 452 -106.95 -69.43 115.23
CA PRO B 452 -106.41 -70.70 115.72
C PRO B 452 -105.22 -70.52 116.65
N SER B 453 -104.98 -71.50 117.53
CA SER B 453 -103.88 -71.43 118.48
C SER B 453 -103.41 -72.85 118.78
N GLN B 454 -102.20 -72.95 119.32
CA GLN B 454 -101.59 -74.24 119.61
C GLN B 454 -101.06 -74.25 121.04
N LEU B 455 -101.08 -75.43 121.65
CA LEU B 455 -100.56 -75.65 122.98
C LEU B 455 -99.32 -76.53 122.87
N LEU B 456 -98.19 -76.03 123.38
CA LEU B 456 -96.89 -76.67 123.18
C LEU B 456 -96.59 -76.85 121.70
N GLY B 457 -97.06 -75.91 120.89
CA GLY B 457 -96.89 -76.01 119.45
C GLY B 457 -97.58 -77.20 118.83
N ARG B 458 -98.77 -77.54 119.32
CA ARG B 458 -99.54 -78.67 118.82
C ARG B 458 -100.98 -78.26 118.62
N PRO B 459 -101.67 -78.83 117.63
CA PRO B 459 -103.05 -78.41 117.35
C PRO B 459 -103.97 -78.64 118.53
N VAL B 460 -104.94 -77.75 118.67
CA VAL B 460 -105.85 -77.74 119.82
C VAL B 460 -107.26 -78.05 119.32
N GLY B 461 -107.91 -79.02 119.96
CA GLY B 461 -109.27 -79.38 119.63
C GLY B 461 -110.23 -79.06 120.75
N GLU B 462 -111.51 -78.94 120.43
CA GLU B 462 -112.54 -78.58 121.40
C GLU B 462 -113.68 -79.59 121.38
N ALA B 463 -114.17 -79.94 122.57
CA ALA B 463 -115.35 -80.78 122.71
C ALA B 463 -116.07 -80.33 123.97
N GLU B 464 -117.33 -79.94 123.82
CA GLU B 464 -118.09 -79.36 124.93
C GLU B 464 -118.66 -80.41 125.88
N ALA B 465 -118.56 -81.69 125.56
CA ALA B 465 -119.15 -82.74 126.39
C ALA B 465 -118.21 -83.29 127.44
N MET B 466 -116.98 -82.79 127.52
CA MET B 466 -116.03 -83.30 128.50
C MET B 466 -116.30 -82.70 129.88
N ASP B 467 -115.84 -83.40 130.90
CA ASP B 467 -115.97 -82.91 132.27
C ASP B 467 -115.11 -81.67 132.47
N ALA B 468 -115.53 -80.82 133.41
CA ALA B 468 -114.83 -79.56 133.63
C ALA B 468 -114.63 -79.23 135.11
N ASN B 469 -115.00 -80.11 136.03
CA ASN B 469 -114.81 -79.85 137.44
C ASN B 469 -114.53 -81.16 138.16
N TRP B 470 -113.86 -81.05 139.30
CA TRP B 470 -113.45 -82.21 140.10
C TRP B 470 -113.94 -82.05 141.54
N ASN B 471 -115.23 -81.74 141.68
CA ASN B 471 -115.82 -81.57 143.00
C ASN B 471 -115.53 -82.76 143.89
N THR B 472 -115.02 -82.47 145.10
CA THR B 472 -114.55 -83.50 146.02
C THR B 472 -115.61 -83.93 147.03
N SER B 473 -116.89 -83.83 146.67
CA SER B 473 -117.97 -84.23 147.57
C SER B 473 -118.35 -85.70 147.43
N ALA B 474 -118.10 -86.30 146.27
CA ALA B 474 -118.38 -87.72 146.04
C ALA B 474 -117.23 -88.32 145.26
N SER B 475 -117.06 -89.64 145.40
CA SER B 475 -115.98 -90.36 144.75
C SER B 475 -116.42 -90.77 143.35
N ALA B 476 -115.73 -90.25 142.34
CA ALA B 476 -116.06 -90.54 140.95
C ALA B 476 -114.82 -90.29 140.10
N ASP B 477 -114.96 -90.58 138.81
CA ASP B 477 -113.88 -90.39 137.85
C ASP B 477 -114.12 -89.12 137.05
N ASN B 478 -113.08 -88.30 136.93
CA ASN B 478 -113.13 -87.07 136.15
C ASN B 478 -112.05 -87.11 135.09
N PHE B 479 -112.45 -87.21 133.83
CA PHE B 479 -111.54 -87.15 132.69
C PHE B 479 -111.62 -85.74 132.10
N VAL B 480 -110.50 -85.03 132.12
CA VAL B 480 -110.53 -83.61 131.76
C VAL B 480 -109.68 -83.33 130.52
N LEU B 481 -108.63 -84.12 130.32
CA LEU B 481 -107.66 -83.83 129.27
C LEU B 481 -107.32 -85.10 128.51
N LEU B 482 -107.31 -84.99 127.18
CA LEU B 482 -107.04 -86.12 126.30
C LEU B 482 -106.07 -85.68 125.21
N TYR B 483 -104.98 -86.42 125.06
CA TYR B 483 -104.01 -86.17 124.00
C TYR B 483 -103.60 -87.49 123.36
N GLY B 484 -103.42 -87.48 122.05
CA GLY B 484 -102.99 -88.66 121.34
C GLY B 484 -103.17 -88.50 119.85
N ASN B 485 -102.68 -89.51 119.12
CA ASN B 485 -102.86 -89.55 117.68
C ASN B 485 -104.28 -89.99 117.36
N PHE B 486 -105.03 -89.14 116.66
CA PHE B 486 -106.43 -89.39 116.37
C PHE B 486 -106.63 -90.22 115.12
N GLN B 487 -105.55 -90.62 114.43
CA GLN B 487 -105.69 -91.48 113.27
C GLN B 487 -106.10 -92.89 113.62
N ASN B 488 -106.03 -93.28 114.90
CA ASN B 488 -106.46 -94.59 115.35
C ASN B 488 -107.90 -94.60 115.84
N TYR B 489 -108.62 -93.49 115.70
CA TYR B 489 -110.03 -93.40 116.06
C TYR B 489 -110.81 -93.24 114.77
N VAL B 490 -111.40 -94.34 114.29
CA VAL B 490 -112.09 -94.37 113.01
C VAL B 490 -113.59 -94.26 113.22
N ILE B 491 -114.28 -93.68 112.25
CA ILE B 491 -115.72 -93.49 112.28
C ILE B 491 -116.27 -94.06 110.98
N ALA B 492 -117.04 -95.14 111.06
CA ALA B 492 -117.64 -95.73 109.88
C ALA B 492 -118.97 -95.06 109.56
N ASP B 493 -119.08 -94.57 108.32
CA ASP B 493 -120.28 -93.92 107.84
C ASP B 493 -120.94 -94.80 106.79
N ARG B 494 -122.21 -95.15 107.00
CA ARG B 494 -122.94 -96.00 106.08
C ARG B 494 -123.92 -95.22 105.22
N ILE B 495 -124.85 -94.49 105.83
CA ILE B 495 -125.77 -93.63 105.11
C ILE B 495 -125.93 -92.33 105.87
N GLY B 496 -125.82 -91.21 105.16
CA GLY B 496 -125.94 -89.90 105.76
C GLY B 496 -127.39 -89.50 105.98
N MET B 497 -127.60 -88.18 105.99
CA MET B 497 -128.94 -87.63 106.14
C MET B 497 -129.83 -88.07 104.98
N THR B 498 -130.93 -88.75 105.31
CA THR B 498 -131.99 -89.07 104.36
C THR B 498 -133.32 -88.73 104.98
N VAL B 499 -134.19 -88.10 104.21
CA VAL B 499 -135.52 -87.72 104.67
C VAL B 499 -136.56 -88.38 103.77
N GLU B 500 -137.56 -89.01 104.38
CA GLU B 500 -138.59 -89.73 103.66
C GLU B 500 -139.95 -89.12 103.96
N PHE B 501 -140.76 -88.96 102.91
CA PHE B 501 -142.07 -88.35 103.04
C PHE B 501 -143.13 -89.41 103.31
N ILE B 502 -143.94 -89.19 104.33
CA ILE B 502 -145.03 -90.10 104.69
C ILE B 502 -146.33 -89.46 104.22
N PRO B 503 -146.98 -89.97 103.18
CA PRO B 503 -148.16 -89.28 102.62
C PRO B 503 -149.32 -89.17 103.58
N HIS B 504 -149.49 -90.11 104.51
CA HIS B 504 -150.68 -90.10 105.35
C HIS B 504 -150.36 -90.61 106.74
N LEU B 505 -151.12 -90.12 107.71
CA LEU B 505 -151.05 -90.58 109.09
C LEU B 505 -152.46 -90.88 109.58
N PHE B 506 -152.57 -91.85 110.48
CA PHE B 506 -153.88 -92.31 110.93
C PHE B 506 -154.13 -91.87 112.37
N GLY B 507 -155.29 -92.26 112.89
CA GLY B 507 -155.67 -91.91 114.24
C GLY B 507 -155.96 -93.12 115.10
N THR B 508 -156.75 -92.92 116.16
CA THR B 508 -157.06 -94.03 117.07
C THR B 508 -157.88 -95.11 116.36
N ASN B 509 -158.86 -94.71 115.56
CA ASN B 509 -159.78 -95.64 114.93
C ASN B 509 -159.32 -96.09 113.55
N ARG B 510 -158.02 -95.97 113.26
CA ARG B 510 -157.42 -96.42 112.01
C ARG B 510 -157.94 -95.69 110.79
N ARG B 511 -158.44 -94.46 110.96
CA ARG B 511 -158.90 -93.68 109.84
C ARG B 511 -158.07 -92.41 109.70
N PRO B 512 -157.94 -91.87 108.48
CA PRO B 512 -157.08 -90.70 108.29
C PRO B 512 -157.54 -89.50 109.11
N ASN B 513 -156.56 -88.73 109.58
CA ASN B 513 -156.84 -87.51 110.33
C ASN B 513 -156.33 -86.26 109.62
N GLY B 514 -156.02 -86.35 108.33
CA GLY B 514 -155.56 -85.20 107.59
C GLY B 514 -154.23 -84.67 108.04
N SER B 515 -153.25 -85.56 108.22
CA SER B 515 -151.93 -85.17 108.67
C SER B 515 -150.87 -85.93 107.87
N ARG B 516 -149.68 -85.33 107.78
CA ARG B 516 -148.56 -85.92 107.06
C ARG B 516 -147.30 -85.71 107.88
N GLY B 517 -146.21 -86.34 107.45
CA GLY B 517 -144.97 -86.25 108.21
C GLY B 517 -143.73 -86.51 107.38
N TRP B 518 -142.60 -86.12 107.95
CA TRP B 518 -141.28 -86.40 107.38
C TRP B 518 -140.53 -87.31 108.35
N PHE B 519 -139.91 -88.35 107.82
CA PHE B 519 -139.12 -89.29 108.60
C PHE B 519 -137.68 -89.23 108.13
N ALA B 520 -136.75 -89.04 109.06
CA ALA B 520 -135.33 -88.95 108.76
C ALA B 520 -134.55 -89.91 109.63
N TYR B 521 -133.59 -90.61 109.03
CA TYR B 521 -132.75 -91.56 109.75
C TYR B 521 -131.31 -91.38 109.34
N TYR B 522 -130.42 -92.04 110.09
CA TYR B 522 -128.98 -91.85 109.94
C TYR B 522 -128.26 -93.02 110.59
N ARG B 523 -127.22 -93.52 109.92
CA ARG B 523 -126.46 -94.66 110.41
C ARG B 523 -124.99 -94.28 110.52
N MET B 524 -124.36 -94.69 111.62
CA MET B 524 -122.97 -94.35 111.87
C MET B 524 -122.43 -95.23 112.99
N GLY B 525 -121.16 -95.56 112.91
CA GLY B 525 -120.49 -96.32 113.95
C GLY B 525 -119.05 -95.88 114.10
N ALA B 526 -118.53 -95.98 115.32
CA ALA B 526 -117.17 -95.55 115.59
C ALA B 526 -116.63 -96.30 116.79
N ASP B 527 -115.32 -96.54 116.79
CA ASP B 527 -114.66 -97.24 117.88
C ASP B 527 -113.16 -96.99 117.77
N VAL B 528 -112.46 -97.25 118.87
CA VAL B 528 -111.01 -97.06 118.94
C VAL B 528 -110.31 -98.35 118.54
N VAL B 529 -109.19 -98.22 117.86
CA VAL B 529 -108.42 -99.35 117.38
C VAL B 529 -107.19 -99.60 118.25
N ASN B 530 -106.45 -98.57 118.59
CA ASN B 530 -105.19 -98.71 119.33
C ASN B 530 -105.27 -97.98 120.67
N PRO B 531 -105.54 -98.68 121.77
CA PRO B 531 -105.57 -98.00 123.08
C PRO B 531 -104.22 -97.47 123.52
N ASN B 532 -103.12 -97.94 122.93
CA ASN B 532 -101.79 -97.52 123.32
C ASN B 532 -101.34 -96.24 122.62
N ALA B 533 -102.18 -95.66 121.77
CA ALA B 533 -101.85 -94.46 121.03
C ALA B 533 -102.40 -93.20 121.67
N PHE B 534 -102.91 -93.30 122.90
CA PHE B 534 -103.47 -92.16 123.61
C PHE B 534 -102.96 -92.12 125.03
N ARG B 535 -103.06 -90.94 125.63
CA ARG B 535 -102.90 -90.76 127.07
C ARG B 535 -104.06 -89.91 127.56
N LEU B 536 -104.72 -90.37 128.62
CA LEU B 536 -105.91 -89.70 129.13
C LEU B 536 -105.74 -89.46 130.62
N LEU B 537 -105.73 -88.20 131.02
CA LEU B 537 -105.60 -87.86 132.43
C LEU B 537 -106.90 -88.12 133.16
N ASN B 538 -106.79 -88.61 134.39
CA ASN B 538 -107.96 -88.89 135.23
C ASN B 538 -107.71 -88.31 136.62
N VAL B 539 -108.52 -87.32 136.99
CA VAL B 539 -108.43 -86.73 138.33
C VAL B 539 -109.41 -87.51 139.20
N GLU B 540 -108.91 -88.58 139.81
CA GLU B 540 -109.71 -89.46 140.64
C GLU B 540 -109.86 -88.84 142.03
N THR B 541 -111.05 -88.32 142.33
CA THR B 541 -111.33 -87.72 143.63
C THR B 541 -111.94 -88.78 144.53
N ALA B 542 -111.30 -89.02 145.67
CA ALA B 542 -111.76 -90.03 146.61
C ALA B 542 -112.49 -89.36 147.77
N SER B 543 -112.87 -90.15 148.76
CA SER B 543 -113.54 -89.63 149.96
C SER B 543 -113.29 -90.54 151.15
N MET C 251 -137.66 -110.35 110.01
CA MET C 251 -136.53 -110.28 109.10
C MET C 251 -135.69 -109.02 109.34
N GLY C 252 -134.66 -109.16 110.17
CA GLY C 252 -133.78 -108.04 110.46
C GLY C 252 -132.33 -108.36 110.18
N LEU C 253 -131.43 -107.85 111.01
CA LEU C 253 -130.00 -108.08 110.86
C LEU C 253 -129.50 -109.31 111.60
N THR C 254 -130.34 -109.97 112.39
CA THR C 254 -129.94 -111.19 113.05
C THR C 254 -129.69 -112.29 112.02
N LYS C 255 -128.77 -113.20 112.36
CA LYS C 255 -128.32 -114.18 111.38
C LYS C 255 -129.45 -115.08 110.90
N ALA C 256 -130.17 -115.71 111.83
CA ALA C 256 -131.21 -116.67 111.47
C ALA C 256 -132.42 -116.02 110.81
N ASP C 257 -132.52 -114.69 110.81
CA ASP C 257 -133.66 -113.98 110.24
C ASP C 257 -133.20 -113.14 109.06
N GLY C 258 -132.38 -113.74 108.20
CA GLY C 258 -131.91 -113.08 107.02
C GLY C 258 -130.57 -112.37 107.16
N GLY C 259 -129.81 -112.66 108.20
CA GLY C 259 -128.53 -112.01 108.39
C GLY C 259 -127.41 -112.66 107.60
N TYR C 260 -127.66 -113.87 107.11
CA TYR C 260 -126.64 -114.58 106.34
C TYR C 260 -126.47 -114.00 104.95
N LEU C 261 -127.34 -113.07 104.54
CA LEU C 261 -127.25 -112.47 103.21
C LEU C 261 -126.39 -111.23 103.18
N VAL C 262 -125.85 -110.78 104.32
CA VAL C 262 -125.03 -109.57 104.37
C VAL C 262 -123.58 -109.94 104.03
N PRO C 263 -122.99 -109.32 103.01
CA PRO C 263 -121.62 -109.66 102.64
C PRO C 263 -120.61 -109.18 103.67
N PHE C 264 -119.49 -109.90 103.74
CA PHE C 264 -118.39 -109.52 104.61
C PHE C 264 -117.58 -108.40 103.98
N GLN C 265 -117.17 -107.43 104.80
CA GLN C 265 -116.37 -106.30 104.35
C GLN C 265 -115.03 -106.32 105.05
N LEU C 266 -113.95 -106.17 104.28
CA LEU C 266 -112.60 -106.16 104.82
C LEU C 266 -111.84 -104.98 104.23
N ASP C 267 -111.07 -104.31 105.09
CA ASP C 267 -110.22 -103.20 104.66
C ASP C 267 -108.77 -103.63 104.77
N PRO C 268 -108.10 -103.96 103.68
CA PRO C 268 -106.77 -104.58 103.75
C PRO C 268 -105.63 -103.63 104.07
N THR C 269 -105.91 -102.37 104.40
CA THR C 269 -104.85 -101.43 104.76
C THR C 269 -104.40 -101.74 106.18
N VAL C 270 -103.18 -102.28 106.30
CA VAL C 270 -102.68 -102.73 107.59
C VAL C 270 -102.39 -101.53 108.48
N ILE C 271 -102.84 -101.60 109.73
CA ILE C 271 -102.58 -100.57 110.72
C ILE C 271 -101.48 -101.08 111.63
N ILE C 272 -100.38 -100.33 111.72
CA ILE C 272 -99.22 -100.76 112.49
C ILE C 272 -99.48 -100.52 113.96
N THR C 273 -99.43 -101.59 114.77
CA THR C 273 -99.58 -101.50 116.21
C THR C 273 -98.25 -101.53 116.94
N SER C 274 -97.13 -101.62 116.21
CA SER C 274 -95.82 -101.63 116.85
C SER C 274 -95.48 -100.26 117.40
N ASN C 275 -94.73 -100.25 118.51
CA ASN C 275 -94.35 -98.98 119.13
C ASN C 275 -93.38 -98.22 118.23
N GLY C 276 -92.35 -98.87 117.75
CA GLY C 276 -91.44 -98.27 116.79
C GLY C 276 -90.47 -97.27 117.41
N SER C 277 -89.68 -96.66 116.54
CA SER C 277 -88.69 -95.66 116.93
C SER C 277 -88.57 -94.63 115.84
N LEU C 278 -88.20 -93.40 116.21
CA LEU C 278 -88.08 -92.29 115.28
C LEU C 278 -86.72 -91.63 115.42
N ASN C 279 -86.19 -91.16 114.29
CA ASN C 279 -84.92 -90.44 114.26
C ASN C 279 -84.97 -89.41 113.15
N ASP C 280 -84.08 -88.41 113.25
CA ASP C 280 -84.00 -87.32 112.28
C ASP C 280 -82.59 -87.13 111.76
N ILE C 281 -81.76 -88.17 111.83
CA ILE C 281 -80.37 -88.04 111.40
C ILE C 281 -80.29 -87.87 109.89
N ARG C 282 -81.11 -88.62 109.15
CA ARG C 282 -81.05 -88.61 107.69
C ARG C 282 -81.37 -87.25 107.12
N ARG C 283 -82.09 -86.42 107.87
CA ARG C 283 -82.44 -85.09 107.43
C ARG C 283 -81.34 -84.07 107.64
N PHE C 284 -80.29 -84.41 108.40
CA PHE C 284 -79.24 -83.46 108.73
C PHE C 284 -77.85 -83.89 108.29
N ALA C 285 -77.66 -85.16 107.92
CA ALA C 285 -76.34 -85.70 107.66
C ALA C 285 -76.12 -85.90 106.16
N ARG C 286 -74.86 -86.04 105.78
CA ARG C 286 -74.52 -86.31 104.39
C ARG C 286 -74.94 -87.73 104.02
N GLN C 287 -75.23 -87.94 102.73
CA GLN C 287 -75.61 -89.24 102.19
C GLN C 287 -74.77 -89.49 100.93
N VAL C 288 -73.64 -90.15 101.11
CA VAL C 288 -72.77 -90.50 99.98
C VAL C 288 -73.24 -91.81 99.39
N VAL C 289 -72.75 -92.14 98.19
CA VAL C 289 -73.06 -93.41 97.53
C VAL C 289 -71.75 -94.19 97.40
N ALA C 290 -71.79 -95.44 97.80
CA ALA C 290 -70.63 -96.31 97.77
C ALA C 290 -70.75 -97.35 96.66
N THR C 291 -69.59 -97.80 96.18
CA THR C 291 -69.54 -98.78 95.11
C THR C 291 -68.88 -100.10 95.49
N GLY C 292 -67.94 -100.09 96.42
CA GLY C 292 -67.31 -101.33 96.86
C GLY C 292 -67.77 -101.75 98.23
N ASP C 293 -66.83 -101.84 99.18
CA ASP C 293 -67.16 -102.17 100.56
C ASP C 293 -66.56 -101.22 101.57
N VAL C 294 -65.59 -100.39 101.19
CA VAL C 294 -65.01 -99.38 102.07
C VAL C 294 -65.06 -98.04 101.35
N TRP C 295 -65.58 -97.02 102.03
CA TRP C 295 -65.68 -95.68 101.46
C TRP C 295 -64.52 -94.83 101.97
N HIS C 296 -63.68 -94.35 101.06
CA HIS C 296 -62.53 -93.54 101.39
C HIS C 296 -62.75 -92.10 100.95
N GLY C 297 -62.38 -91.16 101.82
CA GLY C 297 -62.41 -89.75 101.50
C GLY C 297 -61.07 -89.10 101.80
N VAL C 298 -61.00 -87.81 101.51
CA VAL C 298 -59.79 -87.02 101.72
C VAL C 298 -60.14 -85.80 102.56
N SER C 299 -59.34 -85.55 103.60
CA SER C 299 -59.53 -84.40 104.47
C SER C 299 -58.20 -83.67 104.62
N SER C 300 -58.27 -82.33 104.75
CA SER C 300 -57.07 -81.53 104.85
C SER C 300 -57.38 -80.22 105.54
N ALA C 301 -56.32 -79.53 105.94
CA ALA C 301 -56.42 -78.21 106.55
C ALA C 301 -56.33 -77.14 105.45
N ALA C 302 -56.22 -75.88 105.86
CA ALA C 302 -56.12 -74.77 104.92
C ALA C 302 -54.68 -74.29 104.80
N VAL C 303 -54.47 -73.32 103.91
CA VAL C 303 -53.15 -72.81 103.61
C VAL C 303 -52.93 -71.53 104.40
N GLN C 304 -51.83 -71.47 105.14
CA GLN C 304 -51.50 -70.29 105.92
C GLN C 304 -51.06 -69.15 105.02
N TRP C 305 -51.62 -67.96 105.24
CA TRP C 305 -51.25 -66.77 104.51
C TRP C 305 -50.53 -65.79 105.42
N SER C 306 -49.92 -64.78 104.81
CA SER C 306 -49.17 -63.79 105.57
C SER C 306 -49.17 -62.48 104.80
N TRP C 307 -49.14 -61.37 105.54
CA TRP C 307 -49.10 -60.04 104.93
C TRP C 307 -47.65 -59.65 104.67
N ASP C 308 -47.09 -60.27 103.64
CA ASP C 308 -45.69 -60.02 103.31
C ASP C 308 -45.50 -58.62 102.76
N ALA C 309 -44.30 -58.09 102.93
CA ALA C 309 -43.95 -56.76 102.46
C ALA C 309 -43.52 -56.84 100.99
N GLU C 310 -43.03 -55.73 100.46
CA GLU C 310 -42.52 -55.71 99.10
C GLU C 310 -41.10 -56.25 99.07
N PHE C 311 -40.80 -57.05 98.04
CA PHE C 311 -39.48 -57.67 97.87
C PHE C 311 -39.12 -58.51 99.09
N GLU C 312 -40.10 -59.30 99.56
CA GLU C 312 -39.89 -60.19 100.69
C GLU C 312 -40.24 -61.61 100.28
N GLU C 313 -39.43 -62.56 100.75
CA GLU C 313 -39.57 -63.95 100.33
C GLU C 313 -40.70 -64.63 101.09
N VAL C 314 -41.46 -65.46 100.37
CA VAL C 314 -42.59 -66.17 100.95
C VAL C 314 -42.11 -67.36 101.76
N SER C 315 -43.01 -67.95 102.55
CA SER C 315 -42.71 -69.09 103.39
C SER C 315 -43.42 -70.33 102.84
N ASP C 316 -42.79 -71.48 103.01
CA ASP C 316 -43.40 -72.73 102.56
C ASP C 316 -44.68 -72.99 103.35
N ASP C 317 -45.77 -73.28 102.63
CA ASP C 317 -47.09 -73.41 103.24
C ASP C 317 -47.76 -74.70 102.78
N SER C 318 -46.99 -75.77 102.63
CA SER C 318 -47.54 -77.03 102.16
C SER C 318 -48.50 -77.60 103.19
N PRO C 319 -49.69 -78.02 102.79
CA PRO C 319 -50.68 -78.52 103.75
C PRO C 319 -50.41 -79.98 104.12
N GLU C 320 -51.33 -80.55 104.89
CA GLU C 320 -51.30 -81.94 105.29
C GLU C 320 -52.66 -82.57 105.01
N PHE C 321 -52.67 -83.86 104.67
CA PHE C 321 -53.88 -84.55 104.24
C PHE C 321 -54.11 -85.79 105.10
N GLY C 322 -55.37 -86.08 105.38
CA GLY C 322 -55.78 -87.31 106.04
C GLY C 322 -56.79 -88.08 105.19
N GLN C 323 -57.10 -89.28 105.66
CA GLN C 323 -58.02 -90.15 104.92
C GLN C 323 -58.88 -90.98 105.85
N PRO C 324 -60.17 -90.69 105.94
CA PRO C 324 -61.09 -91.54 106.70
C PRO C 324 -61.72 -92.62 105.83
N GLU C 325 -62.11 -93.71 106.50
CA GLU C 325 -62.72 -94.84 105.81
C GLU C 325 -63.99 -95.27 106.53
N ILE C 326 -64.95 -95.78 105.75
CA ILE C 326 -66.26 -96.17 106.26
C ILE C 326 -66.56 -97.59 105.82
N PRO C 327 -66.50 -98.57 106.71
CA PRO C 327 -66.88 -99.94 106.33
C PRO C 327 -68.38 -100.08 106.11
N VAL C 328 -68.74 -101.11 105.35
CA VAL C 328 -70.12 -101.37 104.96
C VAL C 328 -70.59 -102.65 105.61
N LYS C 329 -71.74 -102.60 106.28
CA LYS C 329 -72.32 -103.73 106.96
C LYS C 329 -73.66 -104.08 106.35
N LYS C 330 -74.24 -105.20 106.79
CA LYS C 330 -75.45 -105.74 106.18
C LYS C 330 -76.44 -106.19 107.24
N ALA C 331 -77.73 -105.99 106.95
CA ALA C 331 -78.82 -106.47 107.77
C ALA C 331 -79.85 -107.15 106.89
N GLN C 332 -80.57 -108.14 107.44
CA GLN C 332 -81.50 -108.91 106.64
C GLN C 332 -82.64 -109.43 107.50
N GLY C 333 -83.75 -109.76 106.84
CA GLY C 333 -84.90 -110.36 107.50
C GLY C 333 -85.57 -111.35 106.56
N PHE C 334 -86.31 -112.28 107.16
CA PHE C 334 -86.86 -113.40 106.41
C PHE C 334 -88.26 -113.73 106.91
N VAL C 335 -89.19 -113.93 105.98
CA VAL C 335 -90.58 -114.23 106.31
C VAL C 335 -91.08 -115.35 105.40
N PRO C 336 -91.40 -116.52 105.92
CA PRO C 336 -91.94 -117.60 105.07
C PRO C 336 -93.46 -117.61 105.05
N ILE C 337 -93.99 -118.06 103.92
CA ILE C 337 -95.43 -118.13 103.70
C ILE C 337 -95.74 -119.41 102.94
N SER C 338 -96.81 -120.09 103.32
CA SER C 338 -97.19 -121.32 102.65
C SER C 338 -97.74 -121.03 101.26
N ILE C 339 -97.79 -122.08 100.43
CA ILE C 339 -98.32 -121.94 99.08
C ILE C 339 -99.81 -121.62 99.11
N GLU C 340 -100.56 -122.39 99.90
CA GLU C 340 -102.01 -122.23 99.95
C GLU C 340 -102.39 -120.86 100.48
N ALA C 341 -101.70 -120.38 101.51
CA ALA C 341 -101.99 -119.04 102.04
C ALA C 341 -101.66 -117.97 101.02
N LEU C 342 -100.57 -118.14 100.27
CA LEU C 342 -100.23 -117.18 99.24
C LEU C 342 -101.28 -117.13 98.15
N GLN C 343 -101.82 -118.28 97.77
CA GLN C 343 -102.89 -118.31 96.77
C GLN C 343 -104.21 -117.77 97.30
N ASP C 344 -104.47 -117.90 98.60
CA ASP C 344 -105.76 -117.51 99.14
C ASP C 344 -105.81 -116.03 99.54
N GLU C 345 -104.93 -115.60 100.43
CA GLU C 345 -104.95 -114.22 100.90
C GLU C 345 -104.60 -113.27 99.76
N ALA C 346 -105.19 -112.07 99.81
CA ALA C 346 -105.14 -111.14 98.69
C ALA C 346 -104.17 -110.00 98.99
N ASN C 347 -103.35 -109.67 97.99
CA ASN C 347 -102.40 -108.55 98.06
C ASN C 347 -101.47 -108.69 99.25
N VAL C 348 -100.97 -109.90 99.49
CA VAL C 348 -100.00 -110.10 100.56
C VAL C 348 -98.69 -109.42 100.24
N THR C 349 -98.33 -109.33 98.96
CA THR C 349 -97.03 -108.83 98.57
C THR C 349 -96.82 -107.38 99.00
N GLU C 350 -97.84 -106.55 98.87
CA GLU C 350 -97.71 -105.14 99.25
C GLU C 350 -97.67 -104.94 100.76
N THR C 351 -98.51 -105.67 101.49
CA THR C 351 -98.50 -105.57 102.95
C THR C 351 -97.17 -106.03 103.52
N VAL C 352 -96.62 -107.13 102.98
CA VAL C 352 -95.33 -107.62 103.44
C VAL C 352 -94.23 -106.60 103.13
N ALA C 353 -94.30 -105.96 101.97
CA ALA C 353 -93.33 -104.94 101.63
C ALA C 353 -93.40 -103.77 102.61
N LEU C 354 -94.61 -103.34 102.97
CA LEU C 354 -94.75 -102.26 103.94
C LEU C 354 -94.18 -102.66 105.29
N LEU C 355 -94.44 -103.90 105.72
CA LEU C 355 -93.89 -104.38 106.99
C LEU C 355 -92.37 -104.37 106.96
N PHE C 356 -91.78 -104.84 105.85
CA PHE C 356 -90.33 -104.84 105.73
C PHE C 356 -89.77 -103.42 105.81
N ALA C 357 -90.42 -102.48 105.12
CA ALA C 357 -89.94 -101.11 105.13
C ALA C 357 -89.99 -100.53 106.53
N GLU C 358 -91.08 -100.77 107.26
CA GLU C 358 -91.18 -100.24 108.62
C GLU C 358 -90.11 -100.86 109.53
N GLY C 359 -89.89 -102.16 109.42
CA GLY C 359 -88.86 -102.78 110.24
C GLY C 359 -87.48 -102.23 109.96
N LYS C 360 -87.15 -102.07 108.67
CA LYS C 360 -85.86 -101.50 108.32
C LYS C 360 -85.72 -100.09 108.86
N ASP C 361 -86.77 -99.28 108.74
CA ASP C 361 -86.72 -97.91 109.25
C ASP C 361 -86.48 -97.88 110.75
N GLU C 362 -87.20 -98.72 111.50
CA GLU C 362 -87.02 -98.73 112.95
C GLU C 362 -85.60 -99.16 113.33
N LEU C 363 -85.09 -100.21 112.68
CA LEU C 363 -83.74 -100.66 113.00
C LEU C 363 -82.71 -99.59 112.68
N GLU C 364 -82.85 -98.93 111.53
CA GLU C 364 -81.90 -97.88 111.16
C GLU C 364 -81.97 -96.71 112.13
N ALA C 365 -83.17 -96.34 112.56
CA ALA C 365 -83.32 -95.23 113.50
C ALA C 365 -82.63 -95.54 114.82
N VAL C 366 -82.76 -96.78 115.30
CA VAL C 366 -82.08 -97.13 116.55
C VAL C 366 -80.57 -97.19 116.35
N THR C 367 -80.12 -97.79 115.24
CA THR C 367 -78.71 -98.04 115.01
C THR C 367 -77.91 -96.78 114.74
N LEU C 368 -78.48 -95.79 114.05
CA LEU C 368 -77.75 -94.56 113.80
C LEU C 368 -77.42 -93.79 115.07
N THR C 369 -78.05 -94.14 116.19
CA THR C 369 -77.77 -93.51 117.47
C THR C 369 -77.02 -94.40 118.44
N THR C 370 -77.35 -95.70 118.51
CA THR C 370 -76.70 -96.58 119.48
C THR C 370 -75.92 -97.71 118.81
N GLY C 371 -75.47 -97.51 117.57
CA GLY C 371 -74.66 -98.53 116.92
C GLY C 371 -73.31 -98.65 117.59
N THR C 372 -72.96 -99.86 118.01
CA THR C 372 -71.71 -100.06 118.73
C THR C 372 -70.50 -99.78 117.86
N GLY C 373 -70.55 -100.17 116.59
CA GLY C 373 -69.44 -100.00 115.67
C GLY C 373 -68.51 -101.19 115.60
N GLN C 374 -68.58 -102.10 116.56
CA GLN C 374 -67.79 -103.32 116.52
C GLN C 374 -68.62 -104.46 115.95
N GLY C 375 -67.93 -105.46 115.41
CA GLY C 375 -68.60 -106.60 114.83
C GLY C 375 -69.33 -106.29 113.55
N ASN C 376 -70.66 -106.37 113.57
CA ASN C 376 -71.46 -106.17 112.38
C ASN C 376 -72.26 -104.87 112.38
N GLN C 377 -72.10 -104.03 113.38
CA GLN C 377 -73.00 -102.88 113.36
C GLN C 377 -72.26 -101.61 112.99
N PRO C 378 -72.93 -100.67 112.33
CA PRO C 378 -72.32 -99.37 112.05
C PRO C 378 -72.08 -98.58 113.32
N THR C 379 -71.41 -97.45 113.16
CA THR C 379 -71.03 -96.60 114.28
C THR C 379 -72.03 -95.46 114.41
N GLY C 380 -72.72 -95.38 115.54
CA GLY C 380 -73.55 -94.23 115.83
C GLY C 380 -72.74 -93.01 116.18
N ILE C 381 -73.36 -91.84 116.04
CA ILE C 381 -72.66 -90.59 116.34
C ILE C 381 -72.31 -90.51 117.82
N VAL C 382 -73.21 -90.95 118.69
CA VAL C 382 -72.93 -90.93 120.12
C VAL C 382 -71.76 -91.85 120.44
N THR C 383 -71.73 -93.04 119.84
CA THR C 383 -70.63 -93.96 120.06
C THR C 383 -69.32 -93.39 119.54
N ALA C 384 -69.36 -92.77 118.36
CA ALA C 384 -68.12 -92.25 117.76
C ALA C 384 -67.59 -91.05 118.53
N LEU C 385 -68.46 -90.20 119.07
CA LEU C 385 -68.03 -89.01 119.78
C LEU C 385 -67.59 -89.28 121.21
N ALA C 386 -67.94 -90.44 121.77
CA ALA C 386 -67.58 -90.73 123.15
C ALA C 386 -66.07 -90.93 123.28
N GLY C 387 -65.52 -90.49 124.41
CA GLY C 387 -64.10 -90.63 124.64
C GLY C 387 -63.22 -89.72 123.82
N THR C 388 -63.75 -88.59 123.37
CA THR C 388 -63.02 -87.65 122.52
C THR C 388 -63.05 -86.28 123.19
N ALA C 389 -62.41 -85.31 122.55
CA ALA C 389 -62.42 -83.94 123.05
C ALA C 389 -63.79 -83.29 122.94
N ALA C 390 -64.73 -83.91 122.20
CA ALA C 390 -66.06 -83.34 122.06
C ALA C 390 -66.81 -83.36 123.39
N GLU C 391 -66.53 -84.34 124.24
CA GLU C 391 -67.19 -84.45 125.53
C GLU C 391 -66.82 -83.26 126.42
N ILE C 392 -67.81 -82.71 127.11
CA ILE C 392 -67.61 -81.62 128.07
C ILE C 392 -68.43 -81.93 129.32
N ALA C 393 -67.82 -81.69 130.48
CA ALA C 393 -68.46 -81.94 131.76
C ALA C 393 -69.37 -80.78 132.15
N PRO C 394 -70.39 -81.03 132.96
CA PRO C 394 -71.26 -79.93 133.42
C PRO C 394 -70.53 -79.02 134.38
N VAL C 395 -71.08 -77.81 134.54
CA VAL C 395 -70.48 -76.81 135.42
C VAL C 395 -70.45 -77.33 136.86
N THR C 396 -71.56 -77.90 137.31
CA THR C 396 -71.64 -78.53 138.62
C THR C 396 -71.97 -80.01 138.43
N ALA C 397 -71.28 -80.87 139.18
CA ALA C 397 -71.39 -82.30 138.98
C ALA C 397 -72.80 -82.80 139.28
N GLU C 398 -73.26 -83.75 138.47
CA GLU C 398 -74.53 -84.45 138.69
C GLU C 398 -75.71 -83.48 138.79
N THR C 399 -75.75 -82.48 137.91
CA THR C 399 -76.91 -81.62 137.81
C THR C 399 -76.96 -81.01 136.42
N PHE C 400 -78.17 -80.75 135.94
CA PHE C 400 -78.40 -80.19 134.62
C PHE C 400 -79.01 -78.80 134.80
N ALA C 401 -78.36 -77.80 134.20
CA ALA C 401 -78.77 -76.41 134.41
C ALA C 401 -78.66 -75.66 133.08
N LEU C 402 -79.16 -74.43 133.08
CA LEU C 402 -79.13 -73.61 131.88
C LEU C 402 -77.70 -73.27 131.48
N ALA C 403 -76.80 -73.14 132.46
CA ALA C 403 -75.42 -72.82 132.15
C ALA C 403 -74.78 -73.91 131.29
N ASP C 404 -75.12 -75.17 131.54
CA ASP C 404 -74.60 -76.26 130.71
C ASP C 404 -75.11 -76.15 129.28
N VAL C 405 -76.39 -75.81 129.11
CA VAL C 405 -76.96 -75.67 127.78
C VAL C 405 -76.26 -74.55 127.02
N TYR C 406 -76.01 -73.43 127.70
CA TYR C 406 -75.27 -72.35 127.05
C TYR C 406 -73.83 -72.76 126.74
N ALA C 407 -73.19 -73.50 127.65
CA ALA C 407 -71.80 -73.89 127.44
C ALA C 407 -71.65 -74.81 126.24
N VAL C 408 -72.64 -75.69 126.02
CA VAL C 408 -72.59 -76.55 124.84
C VAL C 408 -72.61 -75.72 123.56
N TYR C 409 -73.39 -74.64 123.54
CA TYR C 409 -73.49 -73.75 122.39
C TYR C 409 -72.24 -72.90 122.21
N GLU C 410 -71.65 -72.41 123.29
CA GLU C 410 -70.58 -71.42 123.17
C GLU C 410 -69.28 -72.03 122.65
N GLN C 411 -68.88 -73.18 123.19
CA GLN C 411 -67.52 -73.67 122.99
C GLN C 411 -67.26 -74.06 121.53
N LEU C 412 -68.33 -74.31 120.77
CA LEU C 412 -68.15 -74.73 119.38
C LEU C 412 -67.59 -73.59 118.54
N ALA C 413 -66.78 -73.94 117.54
CA ALA C 413 -66.27 -72.95 116.61
C ALA C 413 -67.38 -72.38 115.75
N ALA C 414 -67.19 -71.13 115.30
CA ALA C 414 -68.26 -70.38 114.65
C ALA C 414 -68.72 -71.04 113.36
N ARG C 415 -67.77 -71.55 112.56
CA ARG C 415 -68.08 -72.12 111.26
C ARG C 415 -69.07 -73.27 111.37
N HIS C 416 -68.80 -74.19 112.31
CA HIS C 416 -69.72 -75.30 112.53
C HIS C 416 -70.94 -74.84 113.33
N ARG C 417 -70.78 -73.82 114.17
CA ARG C 417 -71.88 -73.36 115.00
C ARG C 417 -73.02 -72.80 114.17
N ARG C 418 -72.71 -72.04 113.13
CA ARG C 418 -73.80 -71.45 112.35
C ARG C 418 -74.51 -72.45 111.43
N GLN C 419 -74.01 -73.66 111.28
CA GLN C 419 -74.71 -74.68 110.51
C GLN C 419 -75.13 -75.88 111.34
N GLY C 420 -75.03 -75.80 112.67
CA GLY C 420 -75.36 -76.93 113.52
C GLY C 420 -76.84 -77.02 113.84
N ALA C 421 -77.19 -78.12 114.49
CA ALA C 421 -78.57 -78.36 114.91
C ALA C 421 -78.57 -79.20 116.17
N TRP C 422 -79.53 -78.92 117.06
CA TRP C 422 -79.64 -79.65 118.30
C TRP C 422 -80.21 -81.04 118.05
N LEU C 423 -79.87 -81.97 118.95
CA LEU C 423 -80.32 -83.35 118.86
C LEU C 423 -80.35 -83.95 120.25
N ALA C 424 -81.54 -84.22 120.77
CA ALA C 424 -81.69 -84.77 122.11
C ALA C 424 -83.02 -85.49 122.20
N ASN C 425 -83.22 -86.16 123.33
CA ASN C 425 -84.48 -86.85 123.57
C ASN C 425 -85.59 -85.85 123.90
N ASN C 426 -86.84 -86.33 123.80
CA ASN C 426 -87.97 -85.47 124.11
C ASN C 426 -87.99 -85.07 125.58
N LEU C 427 -87.62 -86.00 126.47
CA LEU C 427 -87.63 -85.69 127.90
C LEU C 427 -86.65 -84.57 128.23
N ILE C 428 -85.46 -84.60 127.61
CA ILE C 428 -84.48 -83.55 127.84
C ILE C 428 -85.01 -82.21 127.35
N TYR C 429 -85.64 -82.19 126.18
CA TYR C 429 -86.21 -80.95 125.66
C TYR C 429 -87.28 -80.41 126.60
N ASN C 430 -88.15 -81.30 127.09
CA ASN C 430 -89.23 -80.86 127.97
C ASN C 430 -88.68 -80.33 129.28
N LYS C 431 -87.63 -80.96 129.80
CA LYS C 431 -86.99 -80.45 131.01
C LYS C 431 -86.36 -79.10 130.76
N ILE C 432 -85.76 -78.91 129.58
CA ILE C 432 -85.16 -77.62 129.25
C ILE C 432 -86.21 -76.53 129.16
N ARG C 433 -87.38 -76.86 128.58
CA ARG C 433 -88.42 -75.85 128.41
C ARG C 433 -88.95 -75.31 129.72
N GLN C 434 -88.73 -76.00 130.83
CA GLN C 434 -89.23 -75.57 132.13
C GLN C 434 -88.19 -74.85 132.97
N PHE C 435 -87.01 -74.57 132.41
CA PHE C 435 -86.00 -73.83 133.15
C PHE C 435 -86.47 -72.41 133.43
N ASP C 436 -86.17 -71.90 134.62
CA ASP C 436 -86.46 -70.51 134.93
C ASP C 436 -85.29 -69.63 134.49
N THR C 437 -85.58 -68.65 133.65
CA THR C 437 -84.51 -67.87 133.02
C THR C 437 -83.85 -66.92 134.02
N GLN C 438 -84.59 -66.49 135.05
CA GLN C 438 -84.16 -65.50 136.03
C GLN C 438 -84.10 -64.10 135.43
N GLY C 439 -84.29 -64.00 134.12
CA GLY C 439 -84.19 -62.72 133.44
C GLY C 439 -85.00 -62.67 132.17
N GLY C 440 -84.41 -62.12 131.11
CA GLY C 440 -85.08 -62.01 129.83
C GLY C 440 -84.48 -62.91 128.77
N ALA C 441 -84.87 -62.67 127.52
CA ALA C 441 -84.42 -63.48 126.38
C ALA C 441 -84.72 -64.96 126.63
N GLY C 442 -86.02 -65.25 126.73
CA GLY C 442 -86.44 -66.62 126.92
C GLY C 442 -86.09 -67.49 125.74
N LEU C 443 -85.90 -68.78 126.01
CA LEU C 443 -85.54 -69.73 124.98
C LEU C 443 -86.78 -70.19 124.23
N TRP C 444 -86.58 -71.12 123.29
CA TRP C 444 -87.66 -71.83 122.63
C TRP C 444 -88.61 -70.88 121.89
N THR C 445 -88.07 -70.26 120.85
CA THR C 445 -88.85 -69.40 119.96
C THR C 445 -89.22 -70.18 118.70
N THR C 446 -90.52 -70.27 118.43
CA THR C 446 -91.00 -71.01 117.27
C THR C 446 -90.87 -70.17 116.00
N PRO C 452 -92.88 -76.21 112.96
CA PRO C 452 -91.82 -76.69 113.85
C PRO C 452 -91.43 -75.66 114.90
N SER C 453 -90.33 -75.90 115.61
CA SER C 453 -89.87 -75.00 116.65
C SER C 453 -88.35 -75.00 116.68
N GLN C 454 -87.79 -73.98 117.31
CA GLN C 454 -86.34 -73.82 117.39
C GLN C 454 -85.93 -73.53 118.83
N LEU C 455 -84.73 -73.97 119.18
CA LEU C 455 -84.08 -73.61 120.43
C LEU C 455 -82.87 -72.77 120.10
N LEU C 456 -82.79 -71.57 120.68
CA LEU C 456 -81.73 -70.61 120.37
C LEU C 456 -81.69 -70.30 118.88
N GLY C 457 -82.85 -70.31 118.23
CA GLY C 457 -82.92 -70.03 116.81
C GLY C 457 -82.17 -71.00 115.94
N ARG C 458 -82.23 -72.30 116.26
CA ARG C 458 -81.53 -73.32 115.52
C ARG C 458 -82.47 -74.49 115.24
N PRO C 459 -82.25 -75.22 114.15
CA PRO C 459 -83.06 -76.42 113.89
C PRO C 459 -82.87 -77.45 115.00
N VAL C 460 -83.95 -78.18 115.27
CA VAL C 460 -84.00 -79.12 116.39
C VAL C 460 -84.24 -80.53 115.83
N GLY C 461 -83.43 -81.48 116.28
CA GLY C 461 -83.62 -82.87 115.92
C GLY C 461 -84.01 -83.70 117.12
N GLU C 462 -84.70 -84.80 116.89
CA GLU C 462 -85.23 -85.62 117.98
C GLU C 462 -84.93 -87.09 117.72
N ALA C 463 -84.56 -87.80 118.77
CA ALA C 463 -84.27 -89.23 118.67
C ALA C 463 -84.51 -89.88 120.02
N GLU C 464 -85.24 -90.98 120.03
CA GLU C 464 -85.61 -91.67 121.26
C GLU C 464 -84.55 -92.64 121.77
N ALA C 465 -83.50 -92.89 121.00
CA ALA C 465 -82.50 -93.86 121.42
C ALA C 465 -81.48 -93.28 122.40
N MET C 466 -81.49 -91.96 122.62
CA MET C 466 -80.55 -91.34 123.53
C MET C 466 -81.04 -91.46 124.97
N ASP C 467 -80.14 -91.21 125.91
CA ASP C 467 -80.47 -91.32 127.32
C ASP C 467 -81.34 -90.14 127.75
N ALA C 468 -82.11 -90.36 128.82
CA ALA C 468 -82.98 -89.32 129.35
C ALA C 468 -82.99 -89.28 130.87
N ASN C 469 -82.08 -89.99 131.53
CA ASN C 469 -82.03 -89.98 132.99
C ASN C 469 -80.59 -90.19 133.42
N TRP C 470 -80.25 -89.64 134.58
CA TRP C 470 -78.92 -89.75 135.15
C TRP C 470 -79.01 -90.13 136.61
N ASN C 471 -79.78 -91.18 136.91
CA ASN C 471 -79.94 -91.64 138.27
C ASN C 471 -78.59 -91.89 138.94
N THR C 472 -78.44 -91.39 140.16
CA THR C 472 -77.17 -91.39 140.86
C THR C 472 -76.93 -92.68 141.63
N SER C 473 -77.83 -93.65 141.53
CA SER C 473 -77.69 -94.90 142.27
C SER C 473 -76.59 -95.79 141.72
N ALA C 474 -76.10 -95.52 140.51
CA ALA C 474 -75.05 -96.32 139.89
C ALA C 474 -74.04 -95.41 139.21
N SER C 475 -72.84 -95.95 139.00
CA SER C 475 -71.78 -95.21 138.33
C SER C 475 -71.83 -95.52 136.84
N ALA C 476 -72.25 -94.55 136.04
CA ALA C 476 -72.36 -94.74 134.60
C ALA C 476 -72.27 -93.37 133.92
N ASP C 477 -72.03 -93.41 132.61
CA ASP C 477 -71.95 -92.21 131.80
C ASP C 477 -73.28 -91.98 131.08
N ASN C 478 -73.71 -90.72 131.04
CA ASN C 478 -75.01 -90.36 130.46
C ASN C 478 -74.81 -89.17 129.53
N PHE C 479 -74.95 -89.40 128.23
CA PHE C 479 -74.88 -88.34 127.23
C PHE C 479 -76.30 -87.85 126.96
N VAL C 480 -76.61 -86.65 127.42
CA VAL C 480 -77.98 -86.14 127.38
C VAL C 480 -78.18 -85.14 126.25
N LEU C 481 -77.20 -84.28 125.98
CA LEU C 481 -77.37 -83.20 125.02
C LEU C 481 -76.23 -83.21 124.02
N LEU C 482 -76.55 -83.08 122.74
CA LEU C 482 -75.58 -83.07 121.66
C LEU C 482 -75.91 -81.94 120.70
N TYR C 483 -74.87 -81.25 120.23
CA TYR C 483 -75.04 -80.17 119.27
C TYR C 483 -73.80 -80.07 118.40
N GLY C 484 -74.00 -79.76 117.13
CA GLY C 484 -72.89 -79.57 116.22
C GLY C 484 -73.36 -79.61 114.79
N ASN C 485 -72.42 -79.31 113.89
CA ASN C 485 -72.68 -79.38 112.45
C ASN C 485 -72.73 -80.84 112.04
N PHE C 486 -73.86 -81.27 111.50
CA PHE C 486 -74.03 -82.65 111.07
C PHE C 486 -73.56 -82.88 109.64
N GLN C 487 -72.98 -81.87 108.99
CA GLN C 487 -72.41 -82.07 107.67
C GLN C 487 -71.15 -82.91 107.70
N ASN C 488 -70.60 -83.22 108.87
CA ASN C 488 -69.44 -84.06 109.01
C ASN C 488 -69.78 -85.49 109.43
N TYR C 489 -71.06 -85.86 109.39
CA TYR C 489 -71.49 -87.23 109.67
C TYR C 489 -71.90 -87.86 108.36
N VAL C 490 -71.11 -88.82 107.89
CA VAL C 490 -71.25 -89.39 106.55
C VAL C 490 -71.96 -90.73 106.65
N ILE C 491 -73.04 -90.89 105.88
CA ILE C 491 -73.81 -92.12 105.84
C ILE C 491 -73.59 -92.74 104.47
N ALA C 492 -72.96 -93.91 104.44
CA ALA C 492 -72.67 -94.57 103.18
C ALA C 492 -73.77 -95.55 102.82
N ASP C 493 -74.34 -95.39 101.64
CA ASP C 493 -75.42 -96.24 101.14
C ASP C 493 -74.91 -97.04 99.95
N ARG C 494 -75.06 -98.37 100.02
CA ARG C 494 -74.62 -99.25 98.94
C ARG C 494 -75.80 -99.80 98.13
N ILE C 495 -76.73 -100.48 98.78
CA ILE C 495 -77.88 -101.07 98.10
C ILE C 495 -79.12 -100.85 98.95
N GLY C 496 -80.21 -100.44 98.31
CA GLY C 496 -81.46 -100.23 99.01
C GLY C 496 -82.16 -101.52 99.35
N MET C 497 -83.34 -101.38 99.96
CA MET C 497 -84.10 -102.55 100.36
C MET C 497 -84.61 -103.30 99.14
N THR C 498 -84.13 -104.54 98.98
CA THR C 498 -84.54 -105.41 97.90
C THR C 498 -85.13 -106.68 98.49
N VAL C 499 -86.24 -107.14 97.92
CA VAL C 499 -86.95 -108.32 98.42
C VAL C 499 -86.84 -109.41 97.35
N GLU C 500 -86.32 -110.56 97.75
CA GLU C 500 -86.15 -111.70 96.86
C GLU C 500 -87.16 -112.78 97.20
N PHE C 501 -87.73 -113.39 96.16
CA PHE C 501 -88.69 -114.48 96.32
C PHE C 501 -87.99 -115.82 96.17
N ILE C 502 -88.21 -116.71 97.14
CA ILE C 502 -87.63 -118.04 97.14
C ILE C 502 -88.69 -119.02 96.64
N PRO C 503 -88.51 -119.65 95.48
CA PRO C 503 -89.59 -120.48 94.92
C PRO C 503 -89.99 -121.65 95.79
N HIS C 504 -89.04 -122.27 96.51
CA HIS C 504 -89.35 -123.46 97.27
C HIS C 504 -88.53 -123.50 98.55
N LEU C 505 -89.05 -124.21 99.55
CA LEU C 505 -88.32 -124.47 100.79
C LEU C 505 -88.43 -125.96 101.12
N PHE C 506 -87.40 -126.47 101.78
CA PHE C 506 -87.28 -127.89 102.07
C PHE C 506 -87.52 -128.17 103.54
N GLY C 507 -87.64 -129.45 103.87
CA GLY C 507 -87.89 -129.86 105.24
C GLY C 507 -86.70 -130.56 105.87
N THR C 508 -86.94 -131.30 106.95
CA THR C 508 -85.85 -131.97 107.65
C THR C 508 -85.22 -133.06 106.79
N ASN C 509 -86.04 -133.83 106.08
CA ASN C 509 -85.56 -134.92 105.25
C ASN C 509 -85.23 -134.47 103.82
N ARG C 510 -84.97 -133.19 103.63
CA ARG C 510 -84.52 -132.65 102.34
C ARG C 510 -85.53 -132.91 101.23
N ARG C 511 -86.81 -132.73 101.55
CA ARG C 511 -87.87 -132.73 100.55
C ARG C 511 -88.74 -131.49 100.75
N PRO C 512 -89.36 -130.99 99.68
CA PRO C 512 -90.19 -129.79 99.81
C PRO C 512 -91.36 -130.01 100.76
N ASN C 513 -91.68 -128.98 101.52
CA ASN C 513 -92.81 -129.02 102.45
C ASN C 513 -93.94 -128.09 102.02
N GLY C 514 -93.95 -127.67 100.75
CA GLY C 514 -95.00 -126.82 100.24
C GLY C 514 -95.04 -125.44 100.87
N SER C 515 -93.88 -124.81 101.01
CA SER C 515 -93.78 -123.49 101.60
C SER C 515 -92.86 -122.61 100.78
N ARG C 516 -93.08 -121.30 100.87
CA ARG C 516 -92.29 -120.32 100.16
C ARG C 516 -91.92 -119.20 101.12
N GLY C 517 -91.18 -118.21 100.63
CA GLY C 517 -90.76 -117.12 101.49
C GLY C 517 -90.15 -115.95 100.74
N TRP C 518 -90.00 -114.84 101.46
CA TRP C 518 -89.39 -113.63 100.94
C TRP C 518 -88.11 -113.36 101.71
N PHE C 519 -87.05 -113.01 101.00
CA PHE C 519 -85.76 -112.70 101.59
C PHE C 519 -85.40 -111.25 101.28
N ALA C 520 -85.08 -110.47 102.31
CA ALA C 520 -84.76 -109.06 102.16
C ALA C 520 -83.42 -108.77 102.81
N TYR C 521 -82.71 -107.79 102.26
CA TYR C 521 -81.41 -107.40 102.80
C TYR C 521 -81.16 -105.93 102.52
N TYR C 522 -80.18 -105.37 103.22
CA TYR C 522 -79.92 -103.94 103.18
C TYR C 522 -78.48 -103.66 103.61
N ARG C 523 -77.78 -102.78 102.88
CA ARG C 523 -76.38 -102.48 103.13
C ARG C 523 -76.21 -101.01 103.46
N MET C 524 -75.40 -100.71 104.48
CA MET C 524 -75.21 -99.33 104.91
C MET C 524 -73.96 -99.26 105.79
N GLY C 525 -73.35 -98.08 105.82
CA GLY C 525 -72.25 -97.81 106.71
C GLY C 525 -72.19 -96.33 107.03
N ALA C 526 -71.61 -96.01 108.19
CA ALA C 526 -71.53 -94.62 108.62
C ALA C 526 -70.51 -94.50 109.75
N ASP C 527 -69.97 -93.29 109.89
CA ASP C 527 -69.07 -92.92 110.98
C ASP C 527 -68.82 -91.42 110.90
N VAL C 528 -68.45 -90.84 112.03
CA VAL C 528 -68.10 -89.42 112.11
C VAL C 528 -66.73 -89.21 111.49
N VAL C 529 -66.55 -88.07 110.83
CA VAL C 529 -65.30 -87.73 110.16
C VAL C 529 -64.44 -86.80 111.00
N ASN C 530 -65.01 -85.70 111.48
CA ASN C 530 -64.26 -84.71 112.25
C ASN C 530 -64.77 -84.65 113.68
N PRO C 531 -64.02 -85.20 114.65
CA PRO C 531 -64.49 -85.18 116.04
C PRO C 531 -64.67 -83.79 116.61
N ASN C 532 -63.87 -82.82 116.21
CA ASN C 532 -63.93 -81.48 116.78
C ASN C 532 -65.03 -80.62 116.19
N ALA C 533 -66.01 -81.23 115.50
CA ALA C 533 -67.12 -80.51 114.91
C ALA C 533 -68.38 -80.59 115.75
N PHE C 534 -68.27 -81.09 116.98
CA PHE C 534 -69.43 -81.32 117.83
C PHE C 534 -69.10 -80.93 119.26
N ARG C 535 -70.15 -80.80 120.07
CA ARG C 535 -70.03 -80.70 121.52
C ARG C 535 -71.10 -81.57 122.13
N LEU C 536 -70.71 -82.39 123.11
CA LEU C 536 -71.61 -83.38 123.70
C LEU C 536 -71.50 -83.31 125.21
N LEU C 537 -72.59 -82.92 125.86
CA LEU C 537 -72.60 -82.88 127.32
C LEU C 537 -72.72 -84.29 127.88
N ASN C 538 -71.93 -84.58 128.90
CA ASN C 538 -71.91 -85.89 129.55
C ASN C 538 -72.10 -85.66 131.05
N VAL C 539 -73.25 -86.07 131.57
CA VAL C 539 -73.54 -85.95 133.00
C VAL C 539 -73.18 -87.30 133.63
N GLU C 540 -72.02 -87.33 134.29
CA GLU C 540 -71.55 -88.54 134.94
C GLU C 540 -72.00 -88.56 136.39
N THR C 541 -72.38 -89.74 136.87
CA THR C 541 -72.90 -89.94 138.21
C THR C 541 -71.97 -90.90 138.93
N ALA C 542 -70.92 -90.37 139.55
CA ALA C 542 -69.98 -91.18 140.30
C ALA C 542 -70.62 -91.63 141.61
N SER C 543 -70.01 -92.63 142.24
CA SER C 543 -70.51 -93.15 143.50
C SER C 543 -69.40 -93.86 144.27
N MET D 251 -65.65 -118.27 97.74
CA MET D 251 -65.62 -116.84 97.50
C MET D 251 -66.01 -116.06 98.76
N GLY D 252 -65.72 -114.77 98.75
CA GLY D 252 -66.07 -113.94 99.90
C GLY D 252 -65.48 -112.56 99.76
N LEU D 253 -65.70 -111.74 100.79
CA LEU D 253 -65.17 -110.39 100.82
C LEU D 253 -63.81 -110.30 101.50
N THR D 254 -63.30 -111.40 102.06
CA THR D 254 -61.95 -111.39 102.59
C THR D 254 -60.94 -111.27 101.45
N LYS D 255 -59.80 -110.66 101.75
CA LYS D 255 -58.82 -110.38 100.70
C LYS D 255 -58.30 -111.65 100.05
N ALA D 256 -58.02 -112.68 100.84
CA ALA D 256 -57.43 -113.90 100.30
C ALA D 256 -58.44 -114.79 99.58
N ASP D 257 -59.73 -114.46 99.63
CA ASP D 257 -60.78 -115.27 99.03
C ASP D 257 -61.63 -114.46 98.07
N GLY D 258 -60.98 -113.73 97.18
CA GLY D 258 -61.68 -112.95 96.17
C GLY D 258 -61.87 -111.48 96.50
N GLY D 259 -61.22 -110.97 97.54
CA GLY D 259 -61.34 -109.57 97.88
C GLY D 259 -60.42 -108.69 97.06
N TYR D 260 -59.49 -109.32 96.33
CA TYR D 260 -58.54 -108.55 95.52
C TYR D 260 -59.18 -107.95 94.29
N LEU D 261 -60.36 -108.42 93.89
CA LEU D 261 -61.03 -107.93 92.70
C LEU D 261 -61.94 -106.74 92.97
N VAL D 262 -62.03 -106.28 94.20
CA VAL D 262 -62.85 -105.12 94.55
C VAL D 262 -62.08 -103.85 94.23
N PRO D 263 -62.60 -102.99 93.35
CA PRO D 263 -61.90 -101.75 93.03
C PRO D 263 -61.88 -100.79 94.22
N PHE D 264 -60.82 -99.99 94.28
CA PHE D 264 -60.72 -98.96 95.32
C PHE D 264 -61.64 -97.79 95.01
N GLN D 265 -62.25 -97.24 96.05
CA GLN D 265 -63.16 -96.11 95.92
C GLN D 265 -62.59 -94.92 96.68
N LEU D 266 -62.50 -93.79 96.00
CA LEU D 266 -62.07 -92.54 96.62
C LEU D 266 -62.97 -91.42 96.12
N ASP D 267 -63.43 -90.58 97.05
CA ASP D 267 -64.31 -89.47 96.70
C ASP D 267 -63.42 -88.23 96.62
N PRO D 268 -63.29 -87.60 95.45
CA PRO D 268 -62.26 -86.58 95.25
C PRO D 268 -62.53 -85.23 95.89
N THR D 269 -63.62 -85.05 96.63
CA THR D 269 -63.90 -83.76 97.24
C THR D 269 -63.33 -83.76 98.66
N VAL D 270 -62.69 -82.66 99.05
CA VAL D 270 -62.00 -82.61 100.33
C VAL D 270 -62.94 -82.10 101.41
N ILE D 271 -62.61 -82.39 102.67
CA ILE D 271 -63.33 -81.88 103.83
C ILE D 271 -62.36 -81.04 104.63
N ILE D 272 -62.72 -79.78 104.86
CA ILE D 272 -61.86 -78.88 105.62
C ILE D 272 -62.04 -79.14 107.11
N THR D 273 -60.94 -79.46 107.80
CA THR D 273 -60.96 -79.70 109.23
C THR D 273 -60.38 -78.55 110.04
N SER D 274 -59.96 -77.47 109.40
CA SER D 274 -59.46 -76.31 110.11
C SER D 274 -60.59 -75.56 110.80
N ASN D 275 -60.32 -75.10 112.02
CA ASN D 275 -61.32 -74.33 112.75
C ASN D 275 -61.62 -73.01 112.04
N GLY D 276 -60.59 -72.35 111.53
CA GLY D 276 -60.81 -71.13 110.77
C GLY D 276 -61.25 -69.95 111.63
N SER D 277 -61.76 -68.94 110.94
CA SER D 277 -62.22 -67.72 111.58
C SER D 277 -63.40 -67.17 110.81
N LEU D 278 -64.32 -66.53 111.51
CA LEU D 278 -65.54 -65.99 110.93
C LEU D 278 -65.62 -64.49 111.18
N ASN D 279 -66.06 -63.76 110.16
CA ASN D 279 -66.28 -62.32 110.30
C ASN D 279 -67.28 -61.89 109.22
N ASP D 280 -68.09 -60.88 109.57
CA ASP D 280 -69.13 -60.40 108.67
C ASP D 280 -69.04 -58.91 108.41
N ILE D 281 -67.85 -58.30 108.59
CA ILE D 281 -67.73 -56.86 108.38
C ILE D 281 -67.88 -56.51 106.91
N ARG D 282 -67.64 -57.49 106.01
CA ARG D 282 -67.76 -57.23 104.59
C ARG D 282 -69.21 -57.06 104.13
N ARG D 283 -70.17 -57.51 104.93
CA ARG D 283 -71.58 -57.40 104.56
C ARG D 283 -72.16 -56.02 104.84
N PHE D 284 -71.47 -55.19 105.64
CA PHE D 284 -71.95 -53.87 105.98
C PHE D 284 -71.08 -52.74 105.46
N ALA D 285 -69.85 -53.01 105.03
CA ALA D 285 -68.88 -51.97 104.73
C ALA D 285 -68.88 -51.64 103.25
N ARG D 286 -68.57 -50.39 102.93
CA ARG D 286 -68.49 -49.95 101.54
C ARG D 286 -67.27 -50.54 100.87
N GLN D 287 -67.45 -50.96 99.62
CA GLN D 287 -66.41 -51.66 98.86
C GLN D 287 -66.17 -50.94 97.54
N VAL D 288 -65.27 -49.96 97.55
CA VAL D 288 -64.85 -49.27 96.33
C VAL D 288 -63.76 -50.08 95.65
N VAL D 289 -63.43 -49.72 94.42
CA VAL D 289 -62.38 -50.37 93.65
C VAL D 289 -61.28 -49.36 93.38
N ALA D 290 -60.03 -49.77 93.58
CA ALA D 290 -58.89 -48.91 93.40
C ALA D 290 -58.15 -49.24 92.10
N THR D 291 -57.37 -48.27 91.63
CA THR D 291 -56.60 -48.42 90.39
C THR D 291 -55.10 -48.29 90.59
N GLY D 292 -54.64 -47.51 91.55
CA GLY D 292 -53.22 -47.38 91.82
C GLY D 292 -52.82 -48.03 93.12
N ASP D 293 -52.12 -47.28 93.98
CA ASP D 293 -51.70 -47.78 95.28
C ASP D 293 -52.37 -47.11 96.45
N VAL D 294 -52.91 -45.90 96.27
CA VAL D 294 -53.60 -45.17 97.33
C VAL D 294 -54.95 -44.71 96.79
N TRP D 295 -55.98 -44.82 97.62
CA TRP D 295 -57.31 -44.34 97.28
C TRP D 295 -57.55 -43.02 98.00
N HIS D 296 -57.86 -41.99 97.24
CA HIS D 296 -58.07 -40.64 97.77
C HIS D 296 -59.53 -40.26 97.61
N GLY D 297 -60.13 -39.77 98.69
CA GLY D 297 -61.53 -39.38 98.68
C GLY D 297 -61.71 -37.91 99.04
N VAL D 298 -62.97 -37.51 99.05
CA VAL D 298 -63.36 -36.15 99.39
C VAL D 298 -64.40 -36.20 100.50
N SER D 299 -64.15 -35.49 101.59
CA SER D 299 -65.10 -35.35 102.68
C SER D 299 -65.29 -33.88 102.97
N SER D 300 -66.47 -33.51 103.45
CA SER D 300 -66.76 -32.09 103.65
C SER D 300 -67.86 -31.94 104.70
N ALA D 301 -68.00 -30.72 105.18
CA ALA D 301 -69.12 -30.37 106.04
C ALA D 301 -70.29 -29.95 105.14
N ALA D 302 -71.30 -29.34 105.75
CA ALA D 302 -72.48 -28.89 105.02
C ALA D 302 -72.56 -27.37 105.00
N VAL D 303 -73.21 -26.86 103.96
CA VAL D 303 -73.47 -25.43 103.85
C VAL D 303 -74.59 -25.05 104.82
N GLN D 304 -74.41 -23.96 105.54
CA GLN D 304 -75.38 -23.54 106.53
C GLN D 304 -76.36 -22.54 105.93
N TRP D 305 -77.65 -22.83 106.05
CA TRP D 305 -78.71 -21.94 105.62
C TRP D 305 -79.16 -21.07 106.79
N SER D 306 -80.06 -20.14 106.51
CA SER D 306 -80.59 -19.25 107.54
C SER D 306 -81.94 -18.72 107.07
N TRP D 307 -82.81 -18.41 108.03
CA TRP D 307 -84.12 -17.86 107.72
C TRP D 307 -84.00 -16.35 107.61
N ASP D 308 -83.86 -15.86 106.38
CA ASP D 308 -83.65 -14.45 106.12
C ASP D 308 -84.94 -13.76 105.71
N ALA D 309 -85.05 -12.48 106.06
CA ALA D 309 -86.22 -11.68 105.81
C ALA D 309 -86.16 -11.10 104.40
N GLU D 310 -87.16 -10.26 104.08
CA GLU D 310 -87.17 -9.61 102.79
C GLU D 310 -86.10 -8.53 102.72
N PHE D 311 -85.40 -8.45 101.59
CA PHE D 311 -84.32 -7.49 101.38
C PHE D 311 -83.23 -7.62 102.45
N GLU D 312 -82.90 -8.84 102.86
CA GLU D 312 -81.86 -9.07 103.85
C GLU D 312 -80.62 -9.66 103.17
N GLU D 313 -79.47 -9.09 103.47
CA GLU D 313 -78.22 -9.56 102.89
C GLU D 313 -77.91 -10.97 103.39
N VAL D 314 -77.40 -11.80 102.48
CA VAL D 314 -77.06 -13.18 102.79
C VAL D 314 -75.70 -13.23 103.48
N SER D 315 -75.37 -14.39 104.05
CA SER D 315 -74.11 -14.59 104.75
C SER D 315 -73.23 -15.55 103.97
N ASP D 316 -71.93 -15.26 103.96
CA ASP D 316 -70.97 -16.13 103.28
C ASP D 316 -70.97 -17.51 103.93
N ASP D 317 -71.07 -18.55 103.10
CA ASP D 317 -71.24 -19.92 103.58
C ASP D 317 -70.32 -20.90 102.86
N SER D 318 -69.04 -20.58 102.75
CA SER D 318 -68.10 -21.47 102.10
C SER D 318 -67.84 -22.69 102.98
N PRO D 319 -67.97 -23.90 102.45
CA PRO D 319 -67.71 -25.11 103.24
C PRO D 319 -66.20 -25.37 103.34
N GLU D 320 -65.87 -26.49 103.97
CA GLU D 320 -64.49 -26.94 104.13
C GLU D 320 -64.37 -28.39 103.69
N PHE D 321 -63.18 -28.76 103.21
CA PHE D 321 -62.96 -30.07 102.61
C PHE D 321 -61.76 -30.77 103.25
N GLY D 322 -61.86 -32.10 103.34
CA GLY D 322 -60.77 -32.93 103.80
C GLY D 322 -60.58 -34.11 102.86
N GLN D 323 -59.43 -34.77 103.00
CA GLN D 323 -59.05 -35.87 102.11
C GLN D 323 -58.58 -37.08 102.90
N PRO D 324 -59.33 -38.19 102.88
CA PRO D 324 -58.83 -39.44 103.46
C PRO D 324 -58.03 -40.25 102.45
N GLU D 325 -57.06 -41.01 102.96
CA GLU D 325 -56.20 -41.82 102.12
C GLU D 325 -56.22 -43.28 102.58
N ILE D 326 -56.24 -44.18 101.62
CA ILE D 326 -56.28 -45.62 101.89
C ILE D 326 -55.12 -46.33 101.20
N PRO D 327 -54.03 -46.62 101.89
CA PRO D 327 -52.93 -47.37 101.26
C PRO D 327 -53.30 -48.82 101.03
N VAL D 328 -52.60 -49.44 100.09
CA VAL D 328 -52.86 -50.81 99.67
C VAL D 328 -51.64 -51.66 99.98
N LYS D 329 -51.86 -52.79 100.64
CA LYS D 329 -50.81 -53.73 100.99
C LYS D 329 -51.01 -55.04 100.20
N LYS D 330 -50.08 -55.97 100.41
CA LYS D 330 -50.07 -57.22 99.66
C LYS D 330 -49.93 -58.41 100.60
N ALA D 331 -50.51 -59.53 100.19
CA ALA D 331 -50.43 -60.79 100.91
C ALA D 331 -50.26 -61.92 99.92
N GLN D 332 -49.59 -62.99 100.34
CA GLN D 332 -49.25 -64.06 99.43
C GLN D 332 -49.03 -65.37 100.18
N GLY D 333 -49.16 -66.47 99.45
CA GLY D 333 -48.88 -67.78 99.98
C GLY D 333 -48.29 -68.66 98.90
N PHE D 334 -47.52 -69.66 99.32
CA PHE D 334 -46.75 -70.49 98.40
C PHE D 334 -46.90 -71.96 98.77
N VAL D 335 -47.09 -72.79 97.76
CA VAL D 335 -47.24 -74.23 97.96
C VAL D 335 -46.48 -74.96 96.85
N PRO D 336 -45.39 -75.65 97.17
CA PRO D 336 -44.64 -76.39 96.14
C PRO D 336 -45.12 -77.84 96.03
N ILE D 337 -44.73 -78.47 94.92
CA ILE D 337 -45.13 -79.84 94.63
C ILE D 337 -44.09 -80.49 93.74
N SER D 338 -43.82 -81.77 93.98
CA SER D 338 -42.91 -82.51 93.14
C SER D 338 -43.55 -82.82 91.78
N ILE D 339 -42.71 -83.04 90.78
CA ILE D 339 -43.23 -83.25 89.43
C ILE D 339 -43.99 -84.56 89.33
N GLU D 340 -43.51 -85.61 89.99
CA GLU D 340 -44.19 -86.90 89.90
C GLU D 340 -45.51 -86.92 90.65
N ALA D 341 -45.67 -86.07 91.66
CA ALA D 341 -46.94 -86.02 92.37
C ALA D 341 -48.01 -85.30 91.55
N LEU D 342 -47.60 -84.38 90.68
CA LEU D 342 -48.56 -83.62 89.90
C LEU D 342 -49.19 -84.44 88.78
N GLN D 343 -48.48 -85.44 88.25
CA GLN D 343 -49.04 -86.27 87.19
C GLN D 343 -50.05 -87.29 87.69
N ASP D 344 -49.81 -87.89 88.85
CA ASP D 344 -50.65 -88.99 89.33
C ASP D 344 -51.86 -88.51 90.11
N GLU D 345 -51.64 -87.67 91.11
CA GLU D 345 -52.76 -87.16 91.90
C GLU D 345 -53.69 -86.34 91.02
N ALA D 346 -54.99 -86.58 91.16
CA ALA D 346 -55.98 -86.00 90.27
C ALA D 346 -56.56 -84.72 90.88
N ASN D 347 -56.79 -83.73 90.00
CA ASN D 347 -57.45 -82.48 90.38
C ASN D 347 -56.67 -81.76 91.48
N VAL D 348 -55.34 -81.76 91.37
CA VAL D 348 -54.54 -81.05 92.37
C VAL D 348 -54.75 -79.55 92.25
N THR D 349 -54.92 -79.04 91.03
CA THR D 349 -55.04 -77.60 90.84
C THR D 349 -56.30 -77.04 91.48
N GLU D 350 -57.44 -77.71 91.32
CA GLU D 350 -58.68 -77.24 91.91
C GLU D 350 -58.63 -77.31 93.43
N THR D 351 -58.10 -78.40 93.98
CA THR D 351 -58.00 -78.54 95.42
C THR D 351 -57.10 -77.46 96.01
N VAL D 352 -55.95 -77.22 95.38
CA VAL D 352 -55.04 -76.19 95.89
C VAL D 352 -55.70 -74.81 95.83
N ALA D 353 -56.43 -74.53 94.75
CA ALA D 353 -57.11 -73.26 94.63
C ALA D 353 -58.16 -73.09 95.72
N LEU D 354 -58.91 -74.15 96.01
CA LEU D 354 -59.90 -74.08 97.08
C LEU D 354 -59.24 -73.83 98.43
N LEU D 355 -58.13 -74.51 98.70
CA LEU D 355 -57.41 -74.30 99.95
C LEU D 355 -56.89 -72.87 100.04
N PHE D 356 -56.40 -72.33 98.93
CA PHE D 356 -55.94 -70.94 98.92
C PHE D 356 -57.07 -69.98 99.22
N ALA D 357 -58.26 -70.23 98.64
CA ALA D 357 -59.40 -69.38 98.92
C ALA D 357 -59.77 -69.42 100.40
N GLU D 358 -59.76 -70.61 100.99
CA GLU D 358 -60.08 -70.71 102.41
C GLU D 358 -59.06 -69.96 103.27
N GLY D 359 -57.78 -70.11 102.96
CA GLY D 359 -56.76 -69.40 103.73
C GLY D 359 -56.88 -67.89 103.60
N LYS D 360 -57.16 -67.42 102.38
CA LYS D 360 -57.35 -65.99 102.18
C LYS D 360 -58.55 -65.48 102.98
N ASP D 361 -59.63 -66.25 102.99
CA ASP D 361 -60.81 -65.85 103.77
C ASP D 361 -60.48 -65.75 105.24
N GLU D 362 -59.74 -66.73 105.78
CA GLU D 362 -59.40 -66.70 107.19
C GLU D 362 -58.53 -65.48 107.52
N LEU D 363 -57.50 -65.25 106.72
CA LEU D 363 -56.61 -64.12 106.98
C LEU D 363 -57.37 -62.80 106.89
N GLU D 364 -58.23 -62.66 105.87
CA GLU D 364 -59.00 -61.44 105.71
C GLU D 364 -59.94 -61.21 106.88
N ALA D 365 -60.62 -62.27 107.33
CA ALA D 365 -61.55 -62.14 108.44
C ALA D 365 -60.82 -61.71 109.71
N VAL D 366 -59.64 -62.27 109.96
CA VAL D 366 -58.90 -61.87 111.16
C VAL D 366 -58.40 -60.43 111.04
N THR D 367 -57.82 -60.08 109.90
CA THR D 367 -57.14 -58.80 109.78
C THR D 367 -58.09 -57.63 109.58
N LEU D 368 -59.32 -57.88 109.14
CA LEU D 368 -60.28 -56.78 109.06
C LEU D 368 -60.76 -56.34 110.43
N THR D 369 -60.43 -57.07 111.48
CA THR D 369 -60.80 -56.74 112.85
C THR D 369 -59.63 -56.43 113.74
N THR D 370 -58.56 -57.23 113.67
CA THR D 370 -57.43 -57.09 114.59
C THR D 370 -56.24 -56.40 113.94
N GLY D 371 -56.35 -56.05 112.66
CA GLY D 371 -55.25 -55.47 111.91
C GLY D 371 -54.65 -54.22 112.53
N THR D 372 -53.33 -54.21 112.69
CA THR D 372 -52.67 -53.12 113.38
C THR D 372 -52.64 -51.84 112.57
N GLY D 373 -52.32 -51.92 111.27
CA GLY D 373 -52.19 -50.75 110.44
C GLY D 373 -50.79 -50.18 110.32
N GLN D 374 -49.85 -50.68 111.10
CA GLN D 374 -48.45 -50.29 110.96
C GLN D 374 -47.67 -51.41 110.26
N GLY D 375 -46.68 -51.00 109.49
CA GLY D 375 -45.87 -51.95 108.74
C GLY D 375 -46.58 -52.48 107.52
N ASN D 376 -47.00 -53.74 107.56
CA ASN D 376 -47.61 -54.39 106.41
C ASN D 376 -49.09 -54.63 106.54
N GLN D 377 -49.62 -54.65 107.73
CA GLN D 377 -51.03 -55.00 107.77
C GLN D 377 -51.91 -53.78 107.55
N PRO D 378 -53.12 -53.97 107.02
CA PRO D 378 -54.08 -52.87 106.95
C PRO D 378 -54.60 -52.50 108.32
N THR D 379 -55.41 -51.45 108.41
CA THR D 379 -55.88 -50.93 109.68
C THR D 379 -57.18 -51.62 110.08
N GLY D 380 -57.18 -52.24 111.25
CA GLY D 380 -58.40 -52.82 111.77
C GLY D 380 -59.35 -51.77 112.31
N ILE D 381 -60.64 -52.12 112.35
CA ILE D 381 -61.65 -51.16 112.76
C ILE D 381 -61.50 -50.79 114.23
N VAL D 382 -61.29 -51.79 115.10
CA VAL D 382 -61.12 -51.48 116.51
C VAL D 382 -59.81 -50.75 116.74
N THR D 383 -58.77 -51.07 115.96
CA THR D 383 -57.53 -50.32 116.05
C THR D 383 -57.72 -48.88 115.62
N ALA D 384 -58.47 -48.65 114.54
CA ALA D 384 -58.71 -47.29 114.07
C ALA D 384 -59.53 -46.50 115.07
N LEU D 385 -60.53 -47.13 115.69
CA LEU D 385 -61.40 -46.42 116.62
C LEU D 385 -60.79 -46.26 118.00
N ALA D 386 -59.71 -46.99 118.30
CA ALA D 386 -59.10 -46.91 119.61
C ALA D 386 -58.44 -45.55 119.81
N GLY D 387 -58.67 -44.96 120.99
CA GLY D 387 -58.06 -43.70 121.35
C GLY D 387 -58.73 -42.48 120.75
N THR D 388 -59.82 -42.65 120.02
CA THR D 388 -60.51 -41.55 119.38
C THR D 388 -61.67 -41.09 120.25
N ALA D 389 -62.49 -40.16 119.72
CA ALA D 389 -63.65 -39.70 120.46
C ALA D 389 -64.76 -40.74 120.52
N ALA D 390 -64.65 -41.82 119.75
CA ALA D 390 -65.67 -42.86 119.72
C ALA D 390 -65.60 -43.81 120.90
N GLU D 391 -64.54 -43.76 121.70
CA GLU D 391 -64.38 -44.66 122.82
C GLU D 391 -65.24 -44.22 123.99
N ILE D 392 -65.93 -45.16 124.62
CA ILE D 392 -66.82 -44.89 125.74
C ILE D 392 -66.48 -45.83 126.89
N ALA D 393 -66.34 -45.26 128.11
CA ALA D 393 -66.12 -45.99 129.34
C ALA D 393 -67.44 -46.51 129.92
N PRO D 394 -67.43 -47.63 130.63
CA PRO D 394 -68.66 -48.16 131.21
C PRO D 394 -69.13 -47.31 132.39
N VAL D 395 -70.43 -47.44 132.69
CA VAL D 395 -70.99 -46.74 133.84
C VAL D 395 -70.35 -47.21 135.14
N THR D 396 -70.21 -48.53 135.30
CA THR D 396 -69.58 -49.11 136.47
C THR D 396 -68.26 -49.74 136.05
N ALA D 397 -67.20 -49.40 136.78
CA ALA D 397 -65.86 -49.86 136.41
C ALA D 397 -65.76 -51.38 136.54
N GLU D 398 -65.14 -52.01 135.54
CA GLU D 398 -64.94 -53.46 135.50
C GLU D 398 -66.25 -54.20 135.66
N THR D 399 -67.29 -53.71 134.99
CA THR D 399 -68.60 -54.33 135.06
C THR D 399 -69.34 -54.07 133.75
N PHE D 400 -69.84 -55.13 133.13
CA PHE D 400 -70.60 -55.05 131.89
C PHE D 400 -72.08 -55.24 132.23
N ALA D 401 -72.87 -54.19 132.02
CA ALA D 401 -74.26 -54.18 132.46
C ALA D 401 -75.15 -53.67 131.33
N LEU D 402 -76.46 -53.83 131.52
CA LEU D 402 -77.43 -53.43 130.51
C LEU D 402 -77.37 -51.92 130.26
N ALA D 403 -77.05 -51.14 131.30
CA ALA D 403 -76.94 -49.71 131.14
C ALA D 403 -75.88 -49.34 130.11
N ASP D 404 -74.74 -50.01 130.13
CA ASP D 404 -73.70 -49.75 129.13
C ASP D 404 -74.18 -50.10 127.73
N VAL D 405 -74.91 -51.21 127.59
CA VAL D 405 -75.42 -51.61 126.29
C VAL D 405 -76.37 -50.56 125.73
N TYR D 406 -77.25 -50.02 126.57
CA TYR D 406 -78.13 -48.96 126.11
C TYR D 406 -77.37 -47.68 125.81
N ALA D 407 -76.37 -47.36 126.64
CA ALA D 407 -75.63 -46.11 126.46
C ALA D 407 -74.84 -46.10 125.16
N VAL D 408 -74.20 -47.23 124.83
CA VAL D 408 -73.39 -47.27 123.62
C VAL D 408 -74.25 -47.11 122.38
N TYR D 409 -75.56 -47.38 122.50
CA TYR D 409 -76.47 -47.28 121.37
C TYR D 409 -77.14 -45.93 121.28
N GLU D 410 -77.49 -45.32 122.42
CA GLU D 410 -78.25 -44.08 122.38
C GLU D 410 -77.39 -42.87 122.02
N GLN D 411 -76.12 -42.86 122.44
CA GLN D 411 -75.30 -41.67 122.29
C GLN D 411 -74.89 -41.40 120.85
N LEU D 412 -75.03 -42.37 119.95
CA LEU D 412 -74.69 -42.15 118.56
C LEU D 412 -75.70 -41.21 117.91
N ALA D 413 -75.22 -40.41 116.95
CA ALA D 413 -76.07 -39.46 116.26
C ALA D 413 -77.18 -40.17 115.49
N ALA D 414 -78.34 -39.52 115.42
CA ALA D 414 -79.54 -40.17 114.91
C ALA D 414 -79.36 -40.62 113.46
N ARG D 415 -78.74 -39.78 112.64
CA ARG D 415 -78.55 -40.14 111.23
C ARG D 415 -77.70 -41.40 111.09
N HIS D 416 -76.63 -41.51 111.88
CA HIS D 416 -75.87 -42.75 111.91
C HIS D 416 -76.56 -43.84 112.71
N ARG D 417 -77.36 -43.45 113.72
CA ARG D 417 -78.03 -44.43 114.55
C ARG D 417 -79.01 -45.28 113.75
N ARG D 418 -79.72 -44.67 112.82
CA ARG D 418 -80.72 -45.39 112.04
C ARG D 418 -80.13 -46.27 110.95
N GLN D 419 -78.82 -46.19 110.71
CA GLN D 419 -78.17 -47.03 109.70
C GLN D 419 -77.08 -47.90 110.28
N GLY D 420 -76.98 -48.01 111.61
CA GLY D 420 -75.92 -48.76 112.23
C GLY D 420 -76.24 -50.24 112.38
N ALA D 421 -75.25 -50.99 112.88
CA ALA D 421 -75.41 -52.41 113.13
C ALA D 421 -74.46 -52.81 114.25
N TRP D 422 -74.81 -53.89 114.93
CA TRP D 422 -74.00 -54.40 116.02
C TRP D 422 -72.94 -55.35 115.49
N LEU D 423 -71.83 -55.45 116.21
CA LEU D 423 -70.73 -56.34 115.82
C LEU D 423 -69.90 -56.66 117.05
N ALA D 424 -69.98 -57.90 117.51
CA ALA D 424 -69.25 -58.32 118.70
C ALA D 424 -69.11 -59.83 118.69
N ASN D 425 -68.22 -60.33 119.55
CA ASN D 425 -68.00 -61.76 119.68
C ASN D 425 -69.25 -62.44 120.24
N ASN D 426 -69.39 -63.73 119.91
CA ASN D 426 -70.61 -64.45 120.26
C ASN D 426 -70.76 -64.62 121.77
N LEU D 427 -69.65 -64.74 122.50
CA LEU D 427 -69.73 -64.87 123.95
C LEU D 427 -70.38 -63.64 124.57
N ILE D 428 -70.00 -62.46 124.11
CA ILE D 428 -70.58 -61.23 124.63
C ILE D 428 -72.08 -61.19 124.35
N TYR D 429 -72.49 -61.62 123.15
CA TYR D 429 -73.91 -61.68 122.83
C TYR D 429 -74.64 -62.63 123.78
N ASN D 430 -74.04 -63.78 124.05
CA ASN D 430 -74.68 -64.75 124.93
C ASN D 430 -74.84 -64.18 126.33
N LYS D 431 -73.83 -63.50 126.86
CA LYS D 431 -73.98 -62.89 128.17
C LYS D 431 -75.00 -61.75 128.16
N ILE D 432 -75.10 -61.02 127.05
CA ILE D 432 -76.13 -60.00 126.94
C ILE D 432 -77.51 -60.63 127.00
N ARG D 433 -77.66 -61.82 126.43
CA ARG D 433 -78.95 -62.50 126.45
C ARG D 433 -79.41 -62.78 127.88
N GLN D 434 -78.48 -63.10 128.78
CA GLN D 434 -78.82 -63.54 130.11
C GLN D 434 -78.96 -62.39 131.11
N PHE D 435 -79.03 -61.16 130.64
CA PHE D 435 -79.24 -60.02 131.53
C PHE D 435 -80.67 -59.98 132.03
N ASP D 436 -80.84 -59.53 133.27
CA ASP D 436 -82.17 -59.34 133.83
C ASP D 436 -82.77 -58.05 133.28
N THR D 437 -83.94 -58.18 132.65
CA THR D 437 -84.62 -57.05 132.05
C THR D 437 -85.43 -56.25 133.06
N GLN D 438 -85.68 -56.82 134.24
CA GLN D 438 -86.44 -56.14 135.31
C GLN D 438 -87.84 -55.78 134.83
N GLY D 439 -88.46 -56.69 134.10
CA GLY D 439 -89.83 -56.45 133.63
C GLY D 439 -89.95 -55.32 132.62
N GLY D 440 -88.95 -55.14 131.77
CA GLY D 440 -88.98 -54.15 130.73
C GLY D 440 -89.19 -54.78 129.35
N ALA D 441 -88.99 -53.94 128.33
CA ALA D 441 -89.07 -54.44 126.96
C ALA D 441 -87.92 -55.39 126.67
N GLY D 442 -88.22 -56.46 125.94
CA GLY D 442 -87.20 -57.43 125.59
C GLY D 442 -86.21 -56.87 124.59
N LEU D 443 -85.03 -57.48 124.56
CA LEU D 443 -83.93 -57.02 123.72
C LEU D 443 -83.74 -57.86 122.46
N TRP D 444 -84.00 -59.16 122.53
CA TRP D 444 -83.75 -60.07 121.42
C TRP D 444 -85.09 -60.44 120.78
N THR D 445 -85.26 -60.10 119.50
CA THR D 445 -86.45 -60.44 118.75
C THR D 445 -86.04 -61.02 117.40
N THR D 446 -86.78 -62.02 116.94
CA THR D 446 -86.53 -62.61 115.64
C THR D 446 -87.74 -62.49 114.73
N PRO D 452 -82.57 -65.28 111.22
CA PRO D 452 -81.71 -64.22 111.77
C PRO D 452 -82.33 -63.54 112.99
N SER D 453 -81.54 -62.73 113.68
CA SER D 453 -81.98 -62.07 114.89
C SER D 453 -81.56 -60.62 114.87
N GLN D 454 -82.25 -59.80 115.65
CA GLN D 454 -81.95 -58.38 115.74
C GLN D 454 -81.90 -57.96 117.21
N LEU D 455 -80.91 -57.16 117.54
CA LEU D 455 -80.77 -56.57 118.87
C LEU D 455 -81.24 -55.13 118.80
N LEU D 456 -82.21 -54.78 119.64
CA LEU D 456 -82.86 -53.46 119.60
C LEU D 456 -83.44 -53.17 118.23
N GLY D 457 -83.95 -54.20 117.55
CA GLY D 457 -84.47 -54.04 116.21
C GLY D 457 -83.41 -53.56 115.24
N ARG D 458 -82.21 -54.12 115.33
CA ARG D 458 -81.07 -53.68 114.55
C ARG D 458 -80.27 -54.90 114.12
N PRO D 459 -79.80 -54.95 112.87
CA PRO D 459 -79.08 -56.14 112.40
C PRO D 459 -77.81 -56.38 113.21
N VAL D 460 -77.51 -57.66 113.39
CA VAL D 460 -76.43 -58.10 114.28
C VAL D 460 -75.43 -58.90 113.46
N GLY D 461 -74.15 -58.52 113.56
CA GLY D 461 -73.08 -59.23 112.90
C GLY D 461 -72.18 -59.90 113.92
N GLU D 462 -71.37 -60.84 113.44
CA GLU D 462 -70.50 -61.63 114.30
C GLU D 462 -69.05 -61.47 113.87
N ALA D 463 -68.15 -61.56 114.85
CA ALA D 463 -66.71 -61.45 114.59
C ALA D 463 -65.97 -62.16 115.71
N GLU D 464 -65.15 -63.14 115.35
CA GLU D 464 -64.49 -63.97 116.35
C GLU D 464 -63.18 -63.38 116.85
N ALA D 465 -62.64 -62.35 116.19
CA ALA D 465 -61.35 -61.79 116.57
C ALA D 465 -61.43 -60.82 117.75
N MET D 466 -62.63 -60.43 118.18
CA MET D 466 -62.76 -59.45 119.24
C MET D 466 -62.65 -60.12 120.62
N ASP D 467 -62.36 -59.31 121.62
CA ASP D 467 -62.17 -59.81 122.97
C ASP D 467 -63.48 -60.29 123.58
N ALA D 468 -63.38 -61.20 124.55
CA ALA D 468 -64.57 -61.73 125.19
C ALA D 468 -64.40 -61.88 126.71
N ASN D 469 -63.38 -61.26 127.29
CA ASN D 469 -63.17 -61.36 128.74
C ASN D 469 -62.43 -60.13 129.22
N TRP D 470 -62.63 -59.79 130.49
CA TRP D 470 -62.00 -58.66 131.14
C TRP D 470 -61.46 -59.06 132.51
N ASN D 471 -60.72 -60.17 132.55
CA ASN D 471 -60.14 -60.63 133.80
C ASN D 471 -59.26 -59.56 134.42
N THR D 472 -59.39 -59.37 135.73
CA THR D 472 -58.77 -58.25 136.44
C THR D 472 -57.37 -58.59 136.95
N SER D 473 -56.73 -59.61 136.40
CA SER D 473 -55.36 -59.96 136.79
C SER D 473 -54.31 -59.18 136.02
N ALA D 474 -54.69 -58.45 134.98
CA ALA D 474 -53.76 -57.70 134.16
C ALA D 474 -54.39 -56.35 133.79
N SER D 475 -53.54 -55.35 133.57
CA SER D 475 -53.99 -54.02 133.19
C SER D 475 -53.95 -53.93 131.67
N ALA D 476 -55.13 -53.90 131.05
CA ALA D 476 -55.24 -53.86 129.60
C ALA D 476 -56.60 -53.30 129.22
N ASP D 477 -56.75 -52.94 127.95
CA ASP D 477 -58.00 -52.44 127.42
C ASP D 477 -58.75 -53.59 126.75
N ASN D 478 -60.04 -53.72 127.09
CA ASN D 478 -60.88 -54.79 126.55
C ASN D 478 -62.04 -54.16 125.80
N PHE D 479 -62.03 -54.30 124.47
CA PHE D 479 -63.11 -53.82 123.63
C PHE D 479 -64.08 -54.97 123.38
N VAL D 480 -65.32 -54.81 123.80
CA VAL D 480 -66.28 -55.91 123.81
C VAL D 480 -67.44 -55.66 122.84
N LEU D 481 -67.90 -54.42 122.71
CA LEU D 481 -69.09 -54.14 121.93
C LEU D 481 -68.86 -52.94 121.04
N LEU D 482 -69.39 -53.01 119.82
CA LEU D 482 -69.24 -51.95 118.83
C LEU D 482 -70.58 -51.68 118.16
N TYR D 483 -70.81 -50.41 117.83
CA TYR D 483 -72.01 -50.02 117.09
C TYR D 483 -71.70 -48.76 116.29
N GLY D 484 -72.24 -48.69 115.08
CA GLY D 484 -72.06 -47.51 114.27
C GLY D 484 -72.45 -47.77 112.84
N ASN D 485 -72.52 -46.68 112.08
CA ASN D 485 -72.86 -46.73 110.66
C ASN D 485 -71.64 -47.17 109.88
N PHE D 486 -71.71 -48.36 109.28
CA PHE D 486 -70.55 -48.96 108.62
C PHE D 486 -70.31 -48.41 107.23
N GLN D 487 -71.12 -47.47 106.75
CA GLN D 487 -70.87 -46.88 105.45
C GLN D 487 -69.61 -46.01 105.45
N ASN D 488 -69.05 -45.71 106.62
CA ASN D 488 -67.84 -44.91 106.72
C ASN D 488 -66.59 -45.76 106.91
N TYR D 489 -66.70 -47.07 106.76
CA TYR D 489 -65.56 -47.97 106.77
C TYR D 489 -65.32 -48.42 105.33
N VAL D 490 -64.33 -47.84 104.68
CA VAL D 490 -64.06 -48.07 103.27
C VAL D 490 -63.03 -49.18 103.14
N ILE D 491 -63.35 -50.18 102.31
CA ILE D 491 -62.44 -51.29 102.02
C ILE D 491 -62.06 -51.15 100.55
N ALA D 492 -60.82 -50.73 100.29
CA ALA D 492 -60.34 -50.57 98.92
C ALA D 492 -59.78 -51.90 98.43
N ASP D 493 -60.27 -52.35 97.29
CA ASP D 493 -59.83 -53.60 96.68
C ASP D 493 -59.15 -53.29 95.35
N ARG D 494 -57.92 -53.77 95.19
CA ARG D 494 -57.14 -53.50 93.99
C ARG D 494 -57.18 -54.64 92.99
N ILE D 495 -56.80 -55.85 93.41
CA ILE D 495 -56.77 -57.01 92.53
C ILE D 495 -57.28 -58.23 93.29
N GLY D 496 -57.90 -59.15 92.56
CA GLY D 496 -58.43 -60.35 93.15
C GLY D 496 -57.35 -61.39 93.37
N MET D 497 -57.79 -62.56 93.84
CA MET D 497 -56.88 -63.66 94.09
C MET D 497 -56.46 -64.29 92.77
N THR D 498 -55.18 -64.19 92.44
CA THR D 498 -54.64 -64.71 91.19
C THR D 498 -53.57 -65.75 91.50
N VAL D 499 -53.58 -66.85 90.76
CA VAL D 499 -52.67 -67.97 90.97
C VAL D 499 -51.77 -68.09 89.76
N GLU D 500 -50.46 -68.09 89.99
CA GLU D 500 -49.46 -68.18 88.92
C GLU D 500 -48.62 -69.44 89.12
N PHE D 501 -48.33 -70.12 88.02
CA PHE D 501 -47.66 -71.41 88.07
C PHE D 501 -46.17 -71.25 87.83
N ILE D 502 -45.36 -71.87 88.70
CA ILE D 502 -43.90 -71.79 88.61
C ILE D 502 -43.42 -73.04 87.86
N PRO D 503 -42.88 -72.91 86.65
CA PRO D 503 -42.48 -74.11 85.90
C PRO D 503 -41.39 -74.93 86.58
N HIS D 504 -40.48 -74.30 87.30
CA HIS D 504 -39.35 -75.02 87.87
C HIS D 504 -38.90 -74.38 89.17
N LEU D 505 -38.26 -75.19 90.01
CA LEU D 505 -37.61 -74.72 91.23
C LEU D 505 -36.23 -75.34 91.32
N PHE D 506 -35.31 -74.60 91.92
CA PHE D 506 -33.91 -75.01 91.97
C PHE D 506 -33.51 -75.41 93.38
N GLY D 507 -32.28 -75.91 93.51
CA GLY D 507 -31.79 -76.39 94.78
C GLY D 507 -30.57 -75.64 95.27
N THR D 508 -29.87 -76.22 96.24
CA THR D 508 -28.72 -75.53 96.84
C THR D 508 -27.63 -75.28 95.82
N ASN D 509 -27.36 -76.27 94.97
CA ASN D 509 -26.33 -76.15 93.94
C ASN D 509 -26.84 -75.48 92.68
N ARG D 510 -27.94 -74.73 92.78
CA ARG D 510 -28.50 -73.94 91.69
C ARG D 510 -28.92 -74.78 90.50
N ARG D 511 -29.19 -76.06 90.72
CA ARG D 511 -29.68 -76.93 89.67
C ARG D 511 -31.09 -77.41 90.01
N PRO D 512 -31.93 -77.67 89.01
CA PRO D 512 -33.31 -78.07 89.29
C PRO D 512 -33.38 -79.37 90.09
N ASN D 513 -34.37 -79.44 90.99
CA ASN D 513 -34.62 -80.61 91.81
C ASN D 513 -35.92 -81.31 91.45
N GLY D 514 -36.49 -81.03 90.28
CA GLY D 514 -37.72 -81.66 89.86
C GLY D 514 -38.94 -81.32 90.69
N SER D 515 -39.13 -80.05 91.00
CA SER D 515 -40.27 -79.61 91.78
C SER D 515 -40.86 -78.34 91.17
N ARG D 516 -42.15 -78.14 91.40
CA ARG D 516 -42.88 -76.98 90.92
C ARG D 516 -43.77 -76.45 92.04
N GLY D 517 -44.25 -75.22 91.88
CA GLY D 517 -45.03 -74.59 92.92
C GLY D 517 -46.08 -73.66 92.36
N TRP D 518 -47.11 -73.44 93.17
CA TRP D 518 -48.15 -72.46 92.87
C TRP D 518 -47.93 -71.23 93.74
N PHE D 519 -47.99 -70.06 93.11
CA PHE D 519 -47.79 -68.79 93.81
C PHE D 519 -49.02 -67.93 93.61
N ALA D 520 -49.56 -67.40 94.70
CA ALA D 520 -50.76 -66.58 94.67
C ALA D 520 -50.53 -65.31 95.47
N TYR D 521 -51.17 -64.22 95.05
CA TYR D 521 -51.06 -62.96 95.75
C TYR D 521 -52.41 -62.26 95.77
N TYR D 522 -52.55 -61.31 96.68
CA TYR D 522 -53.81 -60.61 96.92
C TYR D 522 -53.49 -59.23 97.47
N ARG D 523 -54.21 -58.23 96.97
CA ARG D 523 -53.94 -56.84 97.35
C ARG D 523 -55.23 -56.19 97.83
N MET D 524 -55.13 -55.46 98.94
CA MET D 524 -56.30 -54.86 99.56
C MET D 524 -55.85 -53.83 100.57
N GLY D 525 -56.70 -52.84 100.81
CA GLY D 525 -56.45 -51.85 101.85
C GLY D 525 -57.76 -51.33 102.39
N ALA D 526 -57.78 -51.00 103.69
CA ALA D 526 -59.00 -50.54 104.33
C ALA D 526 -58.65 -49.68 105.52
N ASP D 527 -59.47 -48.64 105.73
CA ASP D 527 -59.31 -47.75 106.88
C ASP D 527 -60.61 -46.98 107.08
N VAL D 528 -60.83 -46.54 108.33
CA VAL D 528 -62.02 -45.78 108.65
C VAL D 528 -61.93 -44.38 108.04
N VAL D 529 -63.09 -43.75 107.87
CA VAL D 529 -63.19 -42.40 107.33
C VAL D 529 -63.66 -41.41 108.38
N ASN D 530 -64.81 -41.66 109.00
CA ASN D 530 -65.41 -40.75 109.97
C ASN D 530 -65.41 -41.38 111.35
N PRO D 531 -64.47 -41.01 112.23
CA PRO D 531 -64.36 -41.70 113.52
C PRO D 531 -65.54 -41.53 114.45
N ASN D 532 -66.33 -40.46 114.31
CA ASN D 532 -67.40 -40.17 115.25
C ASN D 532 -68.71 -40.88 114.89
N ALA D 533 -68.73 -41.65 113.81
CA ALA D 533 -69.92 -42.39 113.40
C ALA D 533 -70.02 -43.76 114.04
N PHE D 534 -69.07 -44.12 114.92
CA PHE D 534 -69.07 -45.40 115.60
C PHE D 534 -68.98 -45.17 117.10
N ARG D 535 -69.34 -46.20 117.86
CA ARG D 535 -69.17 -46.20 119.30
C ARG D 535 -68.63 -47.56 119.72
N LEU D 536 -67.67 -47.56 120.65
CA LEU D 536 -66.96 -48.77 121.03
C LEU D 536 -66.75 -48.76 122.54
N LEU D 537 -67.39 -49.70 123.23
CA LEU D 537 -67.21 -49.82 124.67
C LEU D 537 -65.84 -50.40 124.99
N ASN D 538 -65.19 -49.85 126.01
CA ASN D 538 -63.88 -50.31 126.47
C ASN D 538 -63.96 -50.54 127.98
N VAL D 539 -63.87 -51.81 128.38
CA VAL D 539 -63.86 -52.15 129.80
C VAL D 539 -62.43 -52.09 130.30
N GLU D 540 -62.00 -50.91 130.73
CA GLU D 540 -60.61 -50.69 131.15
C GLU D 540 -60.43 -51.27 132.55
N THR D 541 -59.76 -52.41 132.63
CA THR D 541 -59.49 -53.08 133.90
C THR D 541 -58.09 -52.66 134.35
N ALA D 542 -58.02 -52.00 135.50
CA ALA D 542 -56.74 -51.57 136.05
C ALA D 542 -56.27 -52.53 137.14
N SER D 543 -55.21 -52.16 137.83
CA SER D 543 -54.70 -52.95 138.94
C SER D 543 -54.19 -52.04 140.06
N MET E 251 -36.63 -50.90 91.38
CA MET E 251 -37.83 -50.37 90.77
C MET E 251 -39.08 -50.85 91.51
N GLY E 252 -39.50 -50.08 92.50
CA GLY E 252 -40.65 -50.40 93.31
C GLY E 252 -41.65 -49.27 93.34
N LEU E 253 -42.34 -49.14 94.46
CA LEU E 253 -43.35 -48.10 94.64
C LEU E 253 -42.77 -46.83 95.26
N THR E 254 -41.52 -46.86 95.71
CA THR E 254 -40.89 -45.64 96.17
C THR E 254 -40.78 -44.64 95.03
N LYS E 255 -40.99 -43.36 95.34
CA LYS E 255 -41.08 -42.36 94.28
C LYS E 255 -39.81 -42.31 93.44
N ALA E 256 -38.66 -42.16 94.10
CA ALA E 256 -37.39 -42.01 93.40
C ALA E 256 -36.97 -43.27 92.64
N ASP E 257 -37.61 -44.41 92.88
CA ASP E 257 -37.29 -45.65 92.21
C ASP E 257 -38.38 -46.03 91.20
N GLY E 258 -38.91 -45.04 90.50
CA GLY E 258 -39.93 -45.27 89.50
C GLY E 258 -41.36 -45.12 89.98
N GLY E 259 -41.57 -44.59 91.19
CA GLY E 259 -42.93 -44.43 91.68
C GLY E 259 -43.65 -43.21 91.15
N TYR E 260 -42.98 -42.36 90.38
CA TYR E 260 -43.60 -41.16 89.85
C TYR E 260 -44.49 -41.43 88.65
N LEU E 261 -44.46 -42.65 88.10
CA LEU E 261 -45.30 -42.99 86.97
C LEU E 261 -46.70 -43.44 87.37
N VAL E 262 -46.97 -43.53 88.67
CA VAL E 262 -48.26 -44.01 89.17
C VAL E 262 -49.27 -42.88 89.05
N PRO E 263 -50.37 -43.06 88.31
CA PRO E 263 -51.36 -41.99 88.21
C PRO E 263 -52.13 -41.81 89.52
N PHE E 264 -52.39 -40.56 89.86
CA PHE E 264 -53.18 -40.23 91.04
C PHE E 264 -54.63 -40.65 90.84
N GLN E 265 -55.25 -41.18 91.90
CA GLN E 265 -56.63 -41.62 91.87
C GLN E 265 -57.46 -40.76 92.81
N LEU E 266 -58.57 -40.24 92.31
CA LEU E 266 -59.43 -39.36 93.09
C LEU E 266 -60.89 -39.75 92.89
N ASP E 267 -61.62 -39.87 94.01
CA ASP E 267 -63.03 -40.21 93.98
C ASP E 267 -63.85 -38.97 94.33
N PRO E 268 -64.64 -38.44 93.38
CA PRO E 268 -65.39 -37.20 93.65
C PRO E 268 -66.64 -37.39 94.49
N THR E 269 -66.99 -38.62 94.86
CA THR E 269 -68.18 -38.86 95.68
C THR E 269 -67.94 -38.29 97.07
N VAL E 270 -68.63 -37.18 97.38
CA VAL E 270 -68.43 -36.49 98.64
C VAL E 270 -69.04 -37.28 99.79
N ILE E 271 -68.28 -37.38 100.88
CA ILE E 271 -68.74 -38.04 102.10
C ILE E 271 -69.12 -36.95 103.09
N ILE E 272 -70.40 -36.87 103.44
CA ILE E 272 -70.86 -35.84 104.36
C ILE E 272 -70.45 -36.19 105.78
N THR E 273 -69.81 -35.25 106.46
CA THR E 273 -69.27 -35.48 107.80
C THR E 273 -70.02 -34.71 108.88
N SER E 274 -70.99 -33.87 108.51
CA SER E 274 -71.75 -33.14 109.51
C SER E 274 -72.77 -34.05 110.18
N ASN E 275 -73.01 -33.80 111.47
CA ASN E 275 -74.04 -34.55 112.17
C ASN E 275 -75.42 -34.28 111.60
N GLY E 276 -75.72 -33.02 111.32
CA GLY E 276 -77.03 -32.68 110.80
C GLY E 276 -78.12 -32.87 111.83
N SER E 277 -79.34 -33.05 111.32
CA SER E 277 -80.50 -33.31 112.16
C SER E 277 -81.54 -34.02 111.32
N LEU E 278 -82.28 -34.94 111.94
CA LEU E 278 -83.28 -35.73 111.25
C LEU E 278 -84.62 -35.62 111.94
N ASN E 279 -85.69 -35.50 111.15
CA ASN E 279 -87.04 -35.40 111.69
C ASN E 279 -87.99 -36.12 110.74
N ASP E 280 -89.12 -36.56 111.28
CA ASP E 280 -90.09 -37.37 110.54
C ASP E 280 -91.46 -36.70 110.46
N ILE E 281 -91.49 -35.36 110.54
CA ILE E 281 -92.77 -34.65 110.49
C ILE E 281 -93.40 -34.81 109.11
N ARG E 282 -92.60 -34.75 108.05
CA ARG E 282 -93.15 -34.79 106.70
C ARG E 282 -93.74 -36.14 106.33
N ARG E 283 -93.54 -37.17 107.14
CA ARG E 283 -94.17 -38.46 106.89
C ARG E 283 -95.53 -38.60 107.55
N PHE E 284 -95.97 -37.59 108.33
CA PHE E 284 -97.25 -37.67 109.01
C PHE E 284 -98.14 -36.44 108.81
N ALA E 285 -97.58 -35.29 108.42
CA ALA E 285 -98.31 -34.04 108.37
C ALA E 285 -98.88 -33.79 106.98
N ARG E 286 -99.99 -33.05 106.94
CA ARG E 286 -100.62 -32.70 105.67
C ARG E 286 -99.77 -31.70 104.90
N GLN E 287 -99.61 -31.92 103.60
CA GLN E 287 -98.81 -31.08 102.73
C GLN E 287 -99.74 -30.36 101.76
N VAL E 288 -99.71 -29.04 101.79
CA VAL E 288 -100.57 -28.20 100.97
C VAL E 288 -99.70 -27.24 100.17
N VAL E 289 -100.09 -27.03 98.91
CA VAL E 289 -99.33 -26.18 97.99
C VAL E 289 -99.93 -24.79 98.00
N ALA E 290 -99.11 -23.78 98.25
CA ALA E 290 -99.52 -22.39 98.27
C ALA E 290 -99.31 -21.75 96.90
N THR E 291 -99.92 -20.59 96.71
CA THR E 291 -99.77 -19.84 95.46
C THR E 291 -99.30 -18.42 95.72
N GLY E 292 -99.79 -17.82 96.80
CA GLY E 292 -99.41 -16.45 97.13
C GLY E 292 -98.50 -16.37 98.33
N ASP E 293 -98.80 -15.45 99.26
CA ASP E 293 -98.02 -15.29 100.47
C ASP E 293 -98.73 -15.75 101.74
N VAL E 294 -100.06 -15.86 101.72
CA VAL E 294 -100.83 -16.35 102.86
C VAL E 294 -101.78 -17.43 102.36
N TRP E 295 -101.82 -18.55 103.07
CA TRP E 295 -102.72 -19.64 102.76
C TRP E 295 -103.90 -19.63 103.73
N HIS E 296 -105.11 -19.57 103.19
CA HIS E 296 -106.33 -19.52 103.98
C HIS E 296 -107.10 -20.81 103.80
N GLY E 297 -107.56 -21.40 104.92
CA GLY E 297 -108.36 -22.59 104.91
C GLY E 297 -109.74 -22.34 105.49
N VAL E 298 -110.54 -23.39 105.51
CA VAL E 298 -111.89 -23.35 106.05
C VAL E 298 -112.11 -24.55 106.96
N SER E 299 -112.71 -24.32 108.12
CA SER E 299 -113.06 -25.38 109.06
C SER E 299 -114.44 -25.11 109.63
N SER E 300 -115.11 -26.17 110.06
CA SER E 300 -116.45 -26.05 110.62
C SER E 300 -116.75 -27.27 111.48
N ALA E 301 -117.82 -27.16 112.26
CA ALA E 301 -118.33 -28.26 113.06
C ALA E 301 -119.33 -29.05 112.21
N ALA E 302 -120.07 -29.95 112.86
CA ALA E 302 -121.03 -30.81 112.17
C ALA E 302 -122.46 -30.34 112.43
N VAL E 303 -123.37 -30.79 111.57
CA VAL E 303 -124.78 -30.46 111.71
C VAL E 303 -125.40 -31.41 112.72
N GLN E 304 -126.12 -30.85 113.69
CA GLN E 304 -126.76 -31.66 114.73
C GLN E 304 -128.01 -32.32 114.19
N TRP E 305 -128.14 -33.62 114.44
CA TRP E 305 -129.33 -34.38 114.10
C TRP E 305 -130.12 -34.69 115.35
N SER E 306 -131.33 -35.22 115.17
CA SER E 306 -132.19 -35.53 116.31
C SER E 306 -133.21 -36.59 115.89
N TRP E 307 -133.53 -37.49 116.82
CA TRP E 307 -134.47 -38.57 116.57
C TRP E 307 -135.90 -38.04 116.78
N ASP E 308 -136.37 -37.30 115.78
CA ASP E 308 -137.68 -36.68 115.87
C ASP E 308 -138.78 -37.70 115.61
N ALA E 309 -139.99 -37.35 116.03
CA ALA E 309 -141.17 -38.18 115.87
C ALA E 309 -141.90 -37.78 114.60
N GLU E 310 -143.09 -38.36 114.38
CA GLU E 310 -143.91 -38.01 113.23
C GLU E 310 -144.61 -36.68 113.46
N PHE E 311 -144.67 -35.87 112.41
CA PHE E 311 -145.31 -34.55 112.45
C PHE E 311 -144.70 -33.66 113.54
N GLU E 312 -143.37 -33.70 113.66
CA GLU E 312 -142.66 -32.94 114.69
C GLU E 312 -141.73 -31.94 114.04
N GLU E 313 -141.73 -30.71 114.58
CA GLU E 313 -140.93 -29.63 114.04
C GLU E 313 -139.44 -29.93 114.18
N VAL E 314 -138.67 -29.56 113.16
CA VAL E 314 -137.22 -29.69 113.20
C VAL E 314 -136.62 -28.50 113.92
N SER E 315 -135.35 -28.58 114.26
CA SER E 315 -134.64 -27.51 114.95
C SER E 315 -133.58 -26.90 114.03
N ASP E 316 -133.37 -25.59 114.17
CA ASP E 316 -132.34 -24.92 113.38
C ASP E 316 -130.96 -25.45 113.76
N ASP E 317 -130.15 -25.75 112.74
CA ASP E 317 -128.88 -26.42 112.96
C ASP E 317 -127.75 -25.77 112.17
N SER E 318 -127.76 -24.45 112.07
CA SER E 318 -126.75 -23.77 111.28
C SER E 318 -125.38 -23.90 111.94
N PRO E 319 -124.37 -24.40 111.23
CA PRO E 319 -123.04 -24.55 111.81
C PRO E 319 -122.29 -23.22 111.84
N GLU E 320 -121.04 -23.28 112.29
CA GLU E 320 -120.16 -22.12 112.35
C GLU E 320 -118.85 -22.43 111.65
N PHE E 321 -118.24 -21.40 111.08
CA PHE E 321 -117.07 -21.57 110.22
C PHE E 321 -115.90 -20.77 110.77
N GLY E 322 -114.70 -21.36 110.69
CA GLY E 322 -113.48 -20.68 111.07
C GLY E 322 -112.46 -20.74 109.95
N GLN E 323 -111.68 -19.67 109.83
CA GLN E 323 -110.71 -19.52 108.75
C GLN E 323 -109.31 -19.39 109.31
N PRO E 324 -108.49 -20.44 109.24
CA PRO E 324 -107.09 -20.32 109.65
C PRO E 324 -106.19 -19.86 108.52
N GLU E 325 -105.09 -19.22 108.90
CA GLU E 325 -104.15 -18.65 107.93
C GLU E 325 -102.73 -19.04 108.30
N ILE E 326 -101.89 -19.14 107.29
CA ILE E 326 -100.47 -19.48 107.47
C ILE E 326 -99.61 -18.56 106.60
N PRO E 327 -98.66 -17.84 107.19
CA PRO E 327 -97.76 -17.01 106.38
C PRO E 327 -96.68 -17.85 105.72
N VAL E 328 -96.00 -17.24 104.75
CA VAL E 328 -94.95 -17.89 103.99
C VAL E 328 -93.65 -17.13 104.20
N LYS E 329 -92.60 -17.84 104.60
CA LYS E 329 -91.30 -17.27 104.92
C LYS E 329 -90.28 -17.69 103.86
N LYS E 330 -89.04 -17.22 104.04
CA LYS E 330 -87.98 -17.48 103.08
C LYS E 330 -86.69 -17.81 103.81
N ALA E 331 -85.96 -18.80 103.29
CA ALA E 331 -84.62 -19.14 103.73
C ALA E 331 -83.71 -19.19 102.53
N GLN E 332 -82.50 -18.65 102.67
CA GLN E 332 -81.60 -18.55 101.54
C GLN E 332 -80.17 -18.84 101.95
N GLY E 333 -79.38 -19.30 100.97
CA GLY E 333 -77.98 -19.56 101.18
C GLY E 333 -77.18 -19.12 99.98
N PHE E 334 -75.88 -18.88 100.21
CA PHE E 334 -75.02 -18.31 99.18
C PHE E 334 -73.59 -18.77 99.41
N VAL E 335 -72.88 -19.05 98.32
CA VAL E 335 -71.47 -19.43 98.38
C VAL E 335 -70.74 -18.94 97.13
N PRO E 336 -69.69 -18.14 97.28
CA PRO E 336 -68.93 -17.67 96.12
C PRO E 336 -67.75 -18.57 95.80
N ILE E 337 -67.42 -18.62 94.50
CA ILE E 337 -66.30 -19.41 94.02
C ILE E 337 -65.49 -18.57 93.05
N SER E 338 -64.18 -18.76 93.06
CA SER E 338 -63.33 -18.00 92.15
C SER E 338 -63.53 -18.48 90.72
N ILE E 339 -63.13 -17.63 89.78
CA ILE E 339 -63.37 -17.92 88.37
C ILE E 339 -62.61 -19.16 87.91
N GLU E 340 -61.36 -19.31 88.34
CA GLU E 340 -60.57 -20.44 87.87
C GLU E 340 -60.93 -21.73 88.61
N ALA E 341 -61.45 -21.61 89.84
CA ALA E 341 -61.85 -22.80 90.57
C ALA E 341 -63.01 -23.52 89.88
N LEU E 342 -63.94 -22.76 89.31
CA LEU E 342 -65.10 -23.37 88.67
C LEU E 342 -64.70 -24.20 87.46
N GLN E 343 -63.67 -23.78 86.73
CA GLN E 343 -63.30 -24.44 85.50
C GLN E 343 -62.14 -25.42 85.65
N ASP E 344 -61.35 -25.31 86.72
CA ASP E 344 -60.33 -26.31 86.98
C ASP E 344 -60.95 -27.58 87.58
N GLU E 345 -61.70 -27.43 88.66
CA GLU E 345 -62.29 -28.59 89.31
C GLU E 345 -63.47 -29.13 88.51
N ALA E 346 -63.78 -30.40 88.73
CA ALA E 346 -64.82 -31.08 87.97
C ALA E 346 -66.02 -31.40 88.87
N ASN E 347 -67.21 -31.34 88.28
CA ASN E 347 -68.46 -31.65 88.98
C ASN E 347 -68.63 -30.79 90.23
N VAL E 348 -68.28 -29.50 90.12
CA VAL E 348 -68.49 -28.58 91.22
C VAL E 348 -69.97 -28.30 91.40
N THR E 349 -70.71 -28.17 90.29
CA THR E 349 -72.12 -27.81 90.37
C THR E 349 -72.93 -28.88 91.08
N GLU E 350 -72.76 -30.14 90.70
CA GLU E 350 -73.51 -31.21 91.35
C GLU E 350 -73.15 -31.33 92.82
N THR E 351 -71.86 -31.20 93.14
CA THR E 351 -71.44 -31.29 94.53
C THR E 351 -72.05 -30.18 95.38
N VAL E 352 -72.02 -28.95 94.89
CA VAL E 352 -72.57 -27.85 95.67
C VAL E 352 -74.08 -27.97 95.79
N ALA E 353 -74.74 -28.47 94.74
CA ALA E 353 -76.18 -28.70 94.83
C ALA E 353 -76.49 -29.75 95.89
N LEU E 354 -75.68 -30.81 95.95
CA LEU E 354 -75.88 -31.83 96.97
C LEU E 354 -75.72 -31.24 98.37
N LEU E 355 -74.68 -30.42 98.56
CA LEU E 355 -74.49 -29.78 99.86
C LEU E 355 -75.66 -28.87 100.20
N PHE E 356 -76.16 -28.13 99.21
CA PHE E 356 -77.31 -27.25 99.45
C PHE E 356 -78.51 -28.06 99.92
N ALA E 357 -78.80 -29.15 99.22
CA ALA E 357 -79.94 -29.98 99.58
C ALA E 357 -79.78 -30.56 100.98
N GLU E 358 -78.59 -31.06 101.30
CA GLU E 358 -78.40 -31.68 102.60
C GLU E 358 -78.52 -30.65 103.72
N GLY E 359 -77.99 -29.44 103.51
CA GLY E 359 -78.13 -28.41 104.52
C GLY E 359 -79.57 -27.94 104.69
N LYS E 360 -80.30 -27.81 103.58
CA LYS E 360 -81.70 -27.43 103.65
C LYS E 360 -82.49 -28.47 104.43
N ASP E 361 -82.17 -29.75 104.25
CA ASP E 361 -82.85 -30.79 105.00
C ASP E 361 -82.64 -30.62 106.50
N GLU E 362 -81.42 -30.31 106.92
CA GLU E 362 -81.14 -30.11 108.34
C GLU E 362 -81.92 -28.90 108.87
N LEU E 363 -81.91 -27.79 108.13
CA LEU E 363 -82.61 -26.60 108.58
C LEU E 363 -84.11 -26.88 108.71
N GLU E 364 -84.69 -27.56 107.72
CA GLU E 364 -86.11 -27.87 107.76
C GLU E 364 -86.44 -28.77 108.94
N ALA E 365 -85.59 -29.78 109.19
CA ALA E 365 -85.83 -30.69 110.31
C ALA E 365 -85.80 -29.94 111.63
N VAL E 366 -84.86 -29.00 111.79
CA VAL E 366 -84.79 -28.25 113.05
C VAL E 366 -86.00 -27.34 113.20
N THR E 367 -86.35 -26.59 112.16
CA THR E 367 -87.37 -25.55 112.31
C THR E 367 -88.80 -26.06 112.12
N LEU E 368 -88.99 -27.32 111.73
CA LEU E 368 -90.32 -27.90 111.80
C LEU E 368 -90.69 -28.31 113.22
N THR E 369 -89.71 -28.33 114.13
CA THR E 369 -89.94 -28.67 115.52
C THR E 369 -89.75 -27.51 116.48
N THR E 370 -88.69 -26.72 116.31
CA THR E 370 -88.38 -25.65 117.25
C THR E 370 -88.62 -24.27 116.65
N GLY E 371 -89.42 -24.17 115.59
CA GLY E 371 -89.72 -22.87 115.01
C GLY E 371 -90.47 -21.97 115.97
N THR E 372 -89.98 -20.74 116.13
CA THR E 372 -90.61 -19.81 117.08
C THR E 372 -91.96 -19.34 116.56
N GLY E 373 -92.09 -19.15 115.25
CA GLY E 373 -93.33 -18.69 114.67
C GLY E 373 -93.47 -17.18 114.58
N GLN E 374 -92.52 -16.43 115.11
CA GLN E 374 -92.54 -14.98 115.04
C GLN E 374 -91.38 -14.47 114.19
N GLY E 375 -91.61 -13.33 113.55
CA GLY E 375 -90.60 -12.72 112.71
C GLY E 375 -90.42 -13.43 111.39
N ASN E 376 -89.28 -14.10 111.22
CA ASN E 376 -88.96 -14.77 109.97
C ASN E 376 -89.11 -16.29 110.04
N GLN E 377 -89.46 -16.85 111.19
CA GLN E 377 -89.47 -18.30 111.17
C GLN E 377 -90.89 -18.84 111.16
N PRO E 378 -91.10 -20.02 110.56
CA PRO E 378 -92.42 -20.66 110.63
C PRO E 378 -92.74 -21.12 112.04
N THR E 379 -93.98 -21.57 112.25
CA THR E 379 -94.45 -21.99 113.57
C THR E 379 -94.26 -23.50 113.71
N GLY E 380 -93.37 -23.90 114.62
CA GLY E 380 -93.23 -25.30 114.91
C GLY E 380 -94.38 -25.83 115.73
N ILE E 381 -94.52 -27.15 115.74
CA ILE E 381 -95.64 -27.77 116.44
C ILE E 381 -95.52 -27.56 117.95
N VAL E 382 -94.31 -27.65 118.48
CA VAL E 382 -94.12 -27.49 119.92
C VAL E 382 -94.48 -26.08 120.37
N THR E 383 -94.03 -25.07 119.61
CA THR E 383 -94.37 -23.70 119.96
C THR E 383 -95.86 -23.44 119.84
N ALA E 384 -96.48 -23.98 118.79
CA ALA E 384 -97.91 -23.77 118.59
C ALA E 384 -98.73 -24.41 119.71
N LEU E 385 -98.34 -25.60 120.16
CA LEU E 385 -99.10 -26.29 121.19
C LEU E 385 -98.76 -25.82 122.60
N ALA E 386 -97.74 -24.99 122.76
CA ALA E 386 -97.34 -24.55 124.09
C ALA E 386 -98.37 -23.59 124.67
N GLY E 387 -98.75 -23.83 125.92
CA GLY E 387 -99.72 -23.00 126.61
C GLY E 387 -101.17 -23.29 126.26
N THR E 388 -101.41 -24.28 125.41
CA THR E 388 -102.75 -24.63 124.95
C THR E 388 -103.36 -25.66 125.90
N ALA E 389 -104.65 -25.94 125.73
CA ALA E 389 -105.31 -26.96 126.53
C ALA E 389 -104.73 -28.35 126.30
N ALA E 390 -103.98 -28.54 125.22
CA ALA E 390 -103.35 -29.82 124.95
C ALA E 390 -102.24 -30.18 125.93
N GLU E 391 -101.69 -29.20 126.65
CA GLU E 391 -100.61 -29.46 127.59
C GLU E 391 -101.12 -30.26 128.79
N ILE E 392 -100.36 -31.26 129.20
CA ILE E 392 -100.72 -32.15 130.29
C ILE E 392 -99.60 -32.17 131.31
N ALA E 393 -99.97 -32.03 132.60
CA ALA E 393 -99.03 -32.22 133.69
C ALA E 393 -98.96 -33.70 134.09
N PRO E 394 -97.82 -34.16 134.58
CA PRO E 394 -97.71 -35.57 134.98
C PRO E 394 -98.55 -35.87 136.21
N VAL E 395 -98.80 -37.16 136.42
CA VAL E 395 -99.59 -37.58 137.57
C VAL E 395 -98.90 -37.19 138.87
N THR E 396 -97.59 -37.45 138.95
CA THR E 396 -96.78 -37.03 140.09
C THR E 396 -95.72 -36.06 139.59
N ALA E 397 -95.54 -34.96 140.30
CA ALA E 397 -94.71 -33.86 139.81
C ALA E 397 -93.24 -34.27 139.75
N GLU E 398 -92.55 -33.74 138.74
CA GLU E 398 -91.14 -34.07 138.43
C GLU E 398 -90.91 -35.59 138.43
N THR E 399 -91.85 -36.33 137.84
CA THR E 399 -91.69 -37.77 137.69
C THR E 399 -92.21 -38.17 136.32
N PHE E 400 -91.49 -39.08 135.66
CA PHE E 400 -91.95 -39.67 134.40
C PHE E 400 -92.09 -41.17 134.60
N ALA E 401 -93.29 -41.70 134.38
CA ALA E 401 -93.57 -43.11 134.64
C ALA E 401 -94.64 -43.59 133.65
N LEU E 402 -95.02 -44.86 133.82
CA LEU E 402 -95.92 -45.51 132.86
C LEU E 402 -97.31 -44.88 132.89
N ALA E 403 -97.75 -44.42 134.06
CA ALA E 403 -99.08 -43.83 134.18
C ALA E 403 -99.21 -42.60 133.31
N ASP E 404 -98.15 -41.78 133.25
CA ASP E 404 -98.18 -40.59 132.40
C ASP E 404 -98.30 -40.97 130.93
N VAL E 405 -97.56 -41.99 130.50
CA VAL E 405 -97.63 -42.44 129.11
C VAL E 405 -99.03 -42.92 128.77
N TYR E 406 -99.63 -43.71 129.67
CA TYR E 406 -101.00 -44.17 129.43
C TYR E 406 -101.98 -43.01 129.39
N ALA E 407 -101.79 -42.03 130.28
CA ALA E 407 -102.70 -40.88 130.34
C ALA E 407 -102.64 -40.06 129.07
N VAL E 408 -101.44 -39.83 128.54
CA VAL E 408 -101.31 -39.04 127.31
C VAL E 408 -102.04 -39.73 126.17
N TYR E 409 -101.92 -41.05 126.08
CA TYR E 409 -102.57 -41.79 125.00
C TYR E 409 -104.09 -41.81 125.15
N GLU E 410 -104.59 -41.98 126.38
CA GLU E 410 -106.01 -42.25 126.54
C GLU E 410 -106.89 -41.01 126.47
N GLN E 411 -106.37 -39.84 126.87
CA GLN E 411 -107.22 -38.65 126.98
C GLN E 411 -107.64 -38.08 125.63
N LEU E 412 -106.99 -38.49 124.54
CA LEU E 412 -107.37 -38.01 123.22
C LEU E 412 -108.70 -38.61 122.79
N ALA E 413 -109.46 -37.84 122.00
CA ALA E 413 -110.73 -38.33 121.48
C ALA E 413 -110.50 -39.49 120.53
N ALA E 414 -111.49 -40.39 120.45
CA ALA E 414 -111.31 -41.64 119.73
C ALA E 414 -111.01 -41.41 118.25
N ARG E 415 -111.70 -40.46 117.63
CA ARG E 415 -111.51 -40.21 116.21
C ARG E 415 -110.08 -39.82 115.89
N HIS E 416 -109.50 -38.93 116.70
CA HIS E 416 -108.10 -38.56 116.52
C HIS E 416 -107.15 -39.62 117.08
N ARG E 417 -107.57 -40.32 118.13
CA ARG E 417 -106.71 -41.34 118.73
C ARG E 417 -106.43 -42.47 117.75
N ARG E 418 -107.43 -42.88 116.98
CA ARG E 418 -107.24 -43.98 116.04
C ARG E 418 -106.32 -43.61 114.86
N GLN E 419 -105.98 -42.34 114.64
CA GLN E 419 -105.09 -41.99 113.53
C GLN E 419 -103.83 -41.27 113.97
N GLY E 420 -103.58 -41.10 115.26
CA GLY E 420 -102.45 -40.33 115.73
C GLY E 420 -101.14 -41.08 115.64
N ALA E 421 -100.07 -40.39 116.03
CA ALA E 421 -98.74 -40.97 115.99
C ALA E 421 -97.90 -40.35 117.11
N TRP E 422 -96.89 -41.10 117.54
CA TRP E 422 -96.01 -40.63 118.61
C TRP E 422 -94.85 -39.82 118.02
N LEU E 423 -94.33 -38.92 118.84
CA LEU E 423 -93.23 -38.05 118.43
C LEU E 423 -92.46 -37.62 119.66
N ALA E 424 -91.20 -38.04 119.76
CA ALA E 424 -90.39 -37.71 120.92
C ALA E 424 -88.92 -37.95 120.56
N ASN E 425 -88.05 -37.55 121.47
CA ASN E 425 -86.63 -37.80 121.31
C ASN E 425 -86.32 -39.28 121.56
N ASN E 426 -85.17 -39.72 121.05
CA ASN E 426 -84.80 -41.13 121.17
C ASN E 426 -84.54 -41.51 122.63
N LEU E 427 -83.93 -40.61 123.40
CA LEU E 427 -83.65 -40.92 124.79
C LEU E 427 -84.94 -41.18 125.56
N ILE E 428 -86.01 -40.44 125.24
CA ILE E 428 -87.29 -40.68 125.89
C ILE E 428 -87.79 -42.08 125.59
N TYR E 429 -87.68 -42.52 124.33
CA TYR E 429 -88.11 -43.87 123.99
C TYR E 429 -87.28 -44.91 124.72
N ASN E 430 -85.97 -44.68 124.84
CA ASN E 430 -85.12 -45.61 125.57
C ASN E 430 -85.52 -45.69 127.04
N LYS E 431 -85.86 -44.55 127.63
CA LYS E 431 -86.38 -44.57 129.00
C LYS E 431 -87.68 -45.34 129.09
N ILE E 432 -88.53 -45.23 128.06
CA ILE E 432 -89.77 -46.01 128.04
C ILE E 432 -89.46 -47.50 128.04
N ARG E 433 -88.48 -47.91 127.25
CA ARG E 433 -88.19 -49.34 127.13
C ARG E 433 -87.69 -49.92 128.45
N GLN E 434 -87.22 -49.09 129.38
CA GLN E 434 -86.72 -49.55 130.65
C GLN E 434 -87.70 -49.35 131.80
N PHE E 435 -89.00 -49.26 131.51
CA PHE E 435 -90.01 -49.21 132.54
C PHE E 435 -90.49 -50.60 132.91
N ASP E 436 -90.81 -50.78 134.19
CA ASP E 436 -91.27 -52.06 134.70
C ASP E 436 -92.77 -52.17 134.44
N THR E 437 -93.15 -53.07 133.52
CA THR E 437 -94.56 -53.25 133.18
C THR E 437 -95.33 -53.95 134.29
N GLN E 438 -94.65 -54.49 135.31
CA GLN E 438 -95.30 -55.12 136.45
C GLN E 438 -96.18 -56.29 136.03
N GLY E 439 -95.73 -57.08 135.06
CA GLY E 439 -96.47 -58.22 134.59
C GLY E 439 -97.52 -57.93 133.54
N GLY E 440 -97.70 -56.66 133.16
CA GLY E 440 -98.67 -56.30 132.17
C GLY E 440 -98.17 -56.57 130.76
N ALA E 441 -99.02 -56.25 129.79
CA ALA E 441 -98.69 -56.47 128.39
C ALA E 441 -97.52 -55.59 127.98
N GLY E 442 -96.69 -56.12 127.09
CA GLY E 442 -95.53 -55.38 126.63
C GLY E 442 -95.90 -54.08 125.97
N LEU E 443 -95.21 -53.01 126.38
CA LEU E 443 -95.45 -51.69 125.81
C LEU E 443 -95.04 -51.66 124.34
N TRP E 444 -93.93 -52.30 124.01
CA TRP E 444 -93.33 -52.22 122.68
C TRP E 444 -93.64 -53.47 121.85
N THR E 445 -93.59 -53.30 120.54
CA THR E 445 -93.80 -54.39 119.60
C THR E 445 -93.06 -54.08 118.32
N THR E 446 -92.82 -55.12 117.53
CA THR E 446 -92.10 -54.98 116.26
C THR E 446 -92.86 -55.67 115.13
N PRO E 452 -88.67 -51.31 111.57
CA PRO E 452 -89.38 -50.37 112.43
C PRO E 452 -90.15 -51.03 113.56
N SER E 453 -90.61 -50.24 114.52
CA SER E 453 -91.32 -50.76 115.68
C SER E 453 -92.46 -49.82 116.02
N GLN E 454 -93.37 -50.31 116.86
CA GLN E 454 -94.56 -49.57 117.26
C GLN E 454 -94.67 -49.52 118.78
N LEU E 455 -95.22 -48.43 119.28
CA LEU E 455 -95.52 -48.27 120.70
C LEU E 455 -97.04 -48.25 120.88
N LEU E 456 -97.54 -49.18 121.70
CA LEU E 456 -98.98 -49.33 121.91
C LEU E 456 -99.72 -49.55 120.60
N GLY E 457 -99.08 -50.25 119.67
CA GLY E 457 -99.69 -50.53 118.38
C GLY E 457 -99.94 -49.29 117.55
N ARG E 458 -99.04 -48.32 117.59
CA ARG E 458 -99.14 -47.09 116.83
C ARG E 458 -97.78 -46.76 116.24
N PRO E 459 -97.75 -46.03 115.12
CA PRO E 459 -96.45 -45.64 114.55
C PRO E 459 -95.68 -44.74 115.50
N VAL E 460 -94.35 -44.83 115.42
CA VAL E 460 -93.45 -44.10 116.30
C VAL E 460 -92.59 -43.16 115.47
N GLY E 461 -92.60 -41.88 115.82
CA GLY E 461 -91.81 -40.89 115.12
C GLY E 461 -90.62 -40.42 115.93
N GLU E 462 -89.59 -39.92 115.26
CA GLU E 462 -88.36 -39.51 115.92
C GLU E 462 -88.03 -38.07 115.56
N ALA E 463 -87.65 -37.30 116.60
CA ALA E 463 -87.24 -35.91 116.41
C ALA E 463 -86.26 -35.58 117.52
N GLU E 464 -85.00 -35.34 117.17
CA GLU E 464 -83.96 -35.10 118.16
C GLU E 464 -83.82 -33.63 118.53
N ALA E 465 -84.69 -32.77 118.03
CA ALA E 465 -84.64 -31.35 118.36
C ALA E 465 -85.40 -31.02 119.64
N MET E 466 -86.09 -31.98 120.24
CA MET E 466 -86.87 -31.73 121.45
C MET E 466 -86.03 -31.99 122.70
N ASP E 467 -86.62 -31.66 123.85
CA ASP E 467 -85.94 -31.86 125.12
C ASP E 467 -85.81 -33.35 125.44
N ALA E 468 -84.83 -33.66 126.29
CA ALA E 468 -84.65 -35.03 126.76
C ALA E 468 -84.27 -35.11 128.23
N ASN E 469 -84.22 -33.98 128.95
CA ASN E 469 -83.88 -34.00 130.36
C ASN E 469 -84.73 -32.99 131.09
N TRP E 470 -84.94 -33.24 132.38
CA TRP E 470 -85.84 -32.46 133.22
C TRP E 470 -85.12 -31.99 134.49
N ASN E 471 -83.92 -31.44 134.31
CA ASN E 471 -83.12 -30.90 135.41
C ASN E 471 -83.98 -30.04 136.32
N THR E 472 -84.09 -30.46 137.57
CA THR E 472 -85.04 -29.89 138.52
C THR E 472 -84.44 -28.77 139.38
N SER E 473 -83.19 -28.37 139.13
CA SER E 473 -82.60 -27.24 139.83
C SER E 473 -82.84 -25.92 139.12
N ALA E 474 -83.43 -25.94 137.94
CA ALA E 474 -83.73 -24.73 137.17
C ALA E 474 -85.20 -24.71 136.82
N SER E 475 -85.80 -23.52 136.90
CA SER E 475 -87.23 -23.33 136.62
C SER E 475 -87.42 -23.20 135.11
N ALA E 476 -87.77 -24.31 134.46
CA ALA E 476 -88.01 -24.31 133.03
C ALA E 476 -89.03 -25.40 132.70
N ASP E 477 -89.63 -25.27 131.52
CA ASP E 477 -90.59 -26.24 131.02
C ASP E 477 -89.89 -27.25 130.13
N ASN E 478 -90.40 -28.47 130.12
CA ASN E 478 -89.85 -29.56 129.31
C ASN E 478 -91.00 -30.26 128.59
N PHE E 479 -91.02 -30.16 127.27
CA PHE E 479 -92.02 -30.84 126.45
C PHE E 479 -91.37 -32.10 125.88
N VAL E 480 -91.61 -33.23 126.51
CA VAL E 480 -90.83 -34.43 126.23
C VAL E 480 -91.60 -35.40 125.33
N LEU E 481 -92.92 -35.44 125.47
CA LEU E 481 -93.71 -36.43 124.75
C LEU E 481 -94.92 -35.75 124.11
N LEU E 482 -95.21 -36.14 122.87
CA LEU E 482 -96.29 -35.57 122.09
C LEU E 482 -96.99 -36.68 121.32
N TYR E 483 -98.32 -36.59 121.22
CA TYR E 483 -99.11 -37.57 120.48
C TYR E 483 -100.35 -36.90 119.95
N GLY E 484 -100.71 -37.20 118.71
CA GLY E 484 -101.92 -36.64 118.13
C GLY E 484 -101.99 -36.93 116.65
N ASN E 485 -103.16 -36.66 116.08
CA ASN E 485 -103.38 -36.85 114.65
C ASN E 485 -102.71 -35.70 113.91
N PHE E 486 -101.74 -36.03 113.07
CA PHE E 486 -100.93 -35.01 112.40
C PHE E 486 -101.58 -34.48 111.13
N GLN E 487 -102.76 -34.95 110.78
CA GLN E 487 -103.48 -34.39 109.64
C GLN E 487 -103.88 -32.95 109.85
N ASN E 488 -103.90 -32.48 111.11
CA ASN E 488 -104.21 -31.09 111.42
C ASN E 488 -102.96 -30.22 111.52
N TYR E 489 -101.88 -30.62 110.85
CA TYR E 489 -100.65 -29.85 110.82
C TYR E 489 -100.32 -29.59 109.35
N VAL E 490 -100.63 -28.37 108.90
CA VAL E 490 -100.47 -28.02 107.48
C VAL E 490 -99.07 -27.47 107.25
N ILE E 491 -98.42 -27.97 106.22
CA ILE E 491 -97.10 -27.51 105.80
C ILE E 491 -97.27 -26.88 104.43
N ALA E 492 -97.29 -25.55 104.38
CA ALA E 492 -97.51 -24.83 103.14
C ALA E 492 -96.20 -24.73 102.36
N ASP E 493 -96.19 -25.25 101.13
CA ASP E 493 -95.04 -25.18 100.25
C ASP E 493 -95.38 -24.32 99.04
N ARG E 494 -94.63 -23.24 98.86
CA ARG E 494 -94.83 -22.34 97.74
C ARG E 494 -93.86 -22.64 96.59
N ILE E 495 -92.57 -22.59 96.85
CA ILE E 495 -91.55 -22.91 95.85
C ILE E 495 -90.46 -23.76 96.50
N GLY E 496 -89.95 -24.72 95.75
CA GLY E 496 -88.93 -25.62 96.27
C GLY E 496 -87.54 -25.03 96.20
N MET E 497 -86.56 -25.90 96.45
CA MET E 497 -85.17 -25.49 96.41
C MET E 497 -84.75 -25.16 94.98
N THR E 498 -84.28 -23.94 94.76
CA THR E 498 -83.81 -23.50 93.47
C THR E 498 -82.43 -22.87 93.62
N VAL E 499 -81.62 -22.99 92.57
CA VAL E 499 -80.26 -22.47 92.55
C VAL E 499 -80.10 -21.57 91.34
N GLU E 500 -79.57 -20.37 91.57
CA GLU E 500 -79.36 -19.39 90.52
C GLU E 500 -77.87 -19.07 90.40
N PHE E 501 -77.39 -19.00 89.16
CA PHE E 501 -75.99 -18.71 88.90
C PHE E 501 -75.77 -17.20 88.79
N ILE E 502 -74.82 -16.69 89.57
CA ILE E 502 -74.47 -15.27 89.55
C ILE E 502 -73.25 -15.12 88.64
N PRO E 503 -73.39 -14.49 87.47
CA PRO E 503 -72.24 -14.42 86.55
C PRO E 503 -71.03 -13.69 87.09
N HIS E 504 -71.23 -12.69 87.94
CA HIS E 504 -70.10 -11.90 88.42
C HIS E 504 -70.38 -11.35 89.81
N LEU E 505 -69.30 -11.20 90.58
CA LEU E 505 -69.30 -10.49 91.84
C LEU E 505 -68.20 -9.44 91.80
N PHE E 506 -68.43 -8.32 92.46
CA PHE E 506 -67.55 -7.17 92.39
C PHE E 506 -66.74 -7.04 93.67
N GLY E 507 -65.94 -5.99 93.76
CA GLY E 507 -65.08 -5.77 94.92
C GLY E 507 -65.35 -4.47 95.64
N THR E 508 -64.33 -3.96 96.32
CA THR E 508 -64.51 -2.74 97.12
C THR E 508 -64.80 -1.53 96.25
N ASN E 509 -64.07 -1.38 95.15
CA ASN E 509 -64.17 -0.20 94.29
C ASN E 509 -65.10 -0.42 93.10
N ARG E 510 -66.10 -1.28 93.24
CA ARG E 510 -67.13 -1.49 92.22
C ARG E 510 -66.54 -2.00 90.89
N ARG E 511 -65.51 -2.82 90.95
CA ARG E 511 -64.88 -3.40 89.78
C ARG E 511 -64.81 -4.92 89.90
N PRO E 512 -64.83 -5.63 88.78
CA PRO E 512 -64.77 -7.09 88.84
C PRO E 512 -63.47 -7.57 89.45
N ASN E 513 -63.55 -8.71 90.15
CA ASN E 513 -62.37 -9.34 90.74
C ASN E 513 -62.20 -10.79 90.31
N GLY E 514 -63.10 -11.32 89.48
CA GLY E 514 -62.97 -12.67 88.98
C GLY E 514 -63.47 -13.74 89.93
N SER E 515 -64.75 -13.69 90.27
CA SER E 515 -65.36 -14.71 91.10
C SER E 515 -66.84 -14.82 90.75
N ARG E 516 -67.42 -15.97 91.08
CA ARG E 516 -68.83 -16.24 90.81
C ARG E 516 -69.43 -16.96 92.01
N GLY E 517 -70.75 -17.00 92.06
CA GLY E 517 -71.42 -17.59 93.21
C GLY E 517 -72.77 -18.16 92.85
N TRP E 518 -73.26 -19.04 93.73
CA TRP E 518 -74.59 -19.63 93.63
C TRP E 518 -75.47 -19.04 94.71
N PHE E 519 -76.66 -18.60 94.33
CA PHE E 519 -77.65 -18.07 95.25
C PHE E 519 -78.85 -19.02 95.26
N ALA E 520 -79.15 -19.58 96.42
CA ALA E 520 -80.23 -20.54 96.56
C ALA E 520 -81.20 -20.09 97.66
N TYR E 521 -82.49 -20.08 97.32
CA TYR E 521 -83.53 -19.67 98.25
C TYR E 521 -84.60 -20.76 98.32
N TYR E 522 -85.48 -20.63 99.31
CA TYR E 522 -86.47 -21.66 99.60
C TYR E 522 -87.62 -21.02 100.37
N ARG E 523 -88.84 -21.48 100.10
CA ARG E 523 -90.04 -20.90 100.71
C ARG E 523 -90.91 -22.01 101.28
N MET E 524 -91.43 -21.77 102.49
CA MET E 524 -92.19 -22.80 103.20
C MET E 524 -93.00 -22.13 104.31
N GLY E 525 -94.01 -22.84 104.80
CA GLY E 525 -94.80 -22.37 105.91
C GLY E 525 -95.50 -23.52 106.60
N ALA E 526 -95.72 -23.37 107.91
CA ALA E 526 -96.36 -24.43 108.68
C ALA E 526 -97.04 -23.84 109.91
N ASP E 527 -98.13 -24.49 110.32
CA ASP E 527 -98.87 -24.11 111.50
C ASP E 527 -99.90 -25.20 111.81
N VAL E 528 -100.37 -25.22 113.05
CA VAL E 528 -101.40 -26.17 113.46
C VAL E 528 -102.77 -25.63 113.07
N VAL E 529 -103.79 -26.48 113.12
CA VAL E 529 -105.15 -26.11 112.74
C VAL E 529 -106.13 -26.38 113.88
N ASN E 530 -106.15 -27.60 114.40
CA ASN E 530 -107.04 -27.94 115.51
C ASN E 530 -106.20 -28.19 116.75
N PRO E 531 -106.08 -27.23 117.67
CA PRO E 531 -105.23 -27.42 118.85
C PRO E 531 -105.74 -28.50 119.80
N ASN E 532 -107.01 -28.89 119.71
CA ASN E 532 -107.56 -29.92 120.59
C ASN E 532 -107.32 -31.33 120.06
N ALA E 533 -106.68 -31.46 118.90
CA ALA E 533 -106.41 -32.77 118.31
C ALA E 533 -105.06 -33.33 118.71
N PHE E 534 -104.33 -32.65 119.59
CA PHE E 534 -103.01 -33.06 120.02
C PHE E 534 -102.94 -33.16 121.52
N ARG E 535 -101.95 -33.90 122.01
CA ARG E 535 -101.63 -33.98 123.42
C ARG E 535 -100.13 -33.89 123.61
N LEU E 536 -99.69 -33.10 124.58
CA LEU E 536 -98.27 -32.84 124.80
C LEU E 536 -97.99 -32.88 126.29
N LEU E 537 -97.09 -33.76 126.70
CA LEU E 537 -96.72 -33.86 128.10
C LEU E 537 -95.71 -32.78 128.48
N ASN E 538 -95.91 -32.17 129.64
CA ASN E 538 -95.04 -31.12 130.14
C ASN E 538 -94.63 -31.46 131.57
N VAL E 539 -93.33 -31.68 131.78
CA VAL E 539 -92.81 -31.90 133.12
C VAL E 539 -92.33 -30.58 133.68
N GLU E 540 -93.16 -29.94 134.50
CA GLU E 540 -92.82 -28.65 135.11
C GLU E 540 -91.86 -28.92 136.27
N THR E 541 -90.59 -28.56 136.07
CA THR E 541 -89.58 -28.74 137.11
C THR E 541 -89.44 -27.42 137.88
N ALA E 542 -90.39 -27.19 138.78
CA ALA E 542 -90.37 -25.98 139.58
C ALA E 542 -89.24 -26.05 140.61
N SER E 543 -88.60 -24.90 140.82
CA SER E 543 -87.47 -24.82 141.75
C SER E 543 -87.93 -24.41 143.14
N MET F 251 -215.42 13.72 64.09
CA MET F 251 -216.26 13.01 63.13
C MET F 251 -216.27 11.51 63.43
N GLY F 252 -217.04 11.13 64.45
CA GLY F 252 -217.04 9.77 64.95
C GLY F 252 -218.06 8.89 64.25
N LEU F 253 -218.35 7.76 64.91
CA LEU F 253 -219.28 6.77 64.36
C LEU F 253 -220.75 7.13 64.61
N THR F 254 -221.03 8.17 65.39
CA THR F 254 -222.42 8.55 65.67
C THR F 254 -223.14 8.91 64.38
N LYS F 255 -224.42 8.52 64.31
CA LYS F 255 -225.15 8.58 63.05
C LYS F 255 -225.19 10.01 62.49
N ALA F 256 -225.67 10.96 63.29
CA ALA F 256 -225.83 12.32 62.81
C ALA F 256 -224.50 12.91 62.37
N ASP F 257 -223.43 12.63 63.12
CA ASP F 257 -222.12 13.19 62.84
C ASP F 257 -221.33 12.27 61.90
N GLY F 258 -221.82 12.17 60.66
CA GLY F 258 -221.16 11.42 59.62
C GLY F 258 -221.27 9.92 59.72
N GLY F 259 -222.09 9.39 60.61
CA GLY F 259 -222.19 7.94 60.76
C GLY F 259 -223.04 7.29 59.70
N TYR F 260 -223.93 8.07 59.06
CA TYR F 260 -224.83 7.50 58.06
C TYR F 260 -224.09 6.93 56.85
N LEU F 261 -222.83 7.32 56.66
CA LEU F 261 -222.07 6.78 55.54
C LEU F 261 -221.78 5.30 55.70
N VAL F 262 -221.86 4.77 56.93
CA VAL F 262 -221.56 3.38 57.20
C VAL F 262 -222.67 2.49 56.64
N PRO F 263 -222.34 1.49 55.83
CA PRO F 263 -223.37 0.61 55.28
C PRO F 263 -223.79 -0.46 56.27
N PHE F 264 -224.89 -1.12 55.93
CA PHE F 264 -225.51 -2.13 56.78
C PHE F 264 -225.04 -3.53 56.35
N GLN F 265 -224.73 -4.35 57.35
CA GLN F 265 -224.31 -5.73 57.12
C GLN F 265 -225.31 -6.68 57.75
N LEU F 266 -225.73 -7.69 57.00
CA LEU F 266 -226.73 -8.65 57.45
C LEU F 266 -226.41 -10.03 56.87
N ASP F 267 -226.68 -11.06 57.67
CA ASP F 267 -226.55 -12.43 57.20
C ASP F 267 -227.95 -12.98 56.95
N PRO F 268 -228.36 -13.20 55.70
CA PRO F 268 -229.76 -13.61 55.44
C PRO F 268 -230.13 -14.95 56.06
N THR F 269 -229.18 -15.86 56.22
CA THR F 269 -229.48 -17.18 56.76
C THR F 269 -230.00 -17.05 58.19
N VAL F 270 -230.90 -17.97 58.56
CA VAL F 270 -231.60 -17.91 59.84
C VAL F 270 -230.99 -18.94 60.79
N ILE F 271 -231.12 -18.66 62.08
CA ILE F 271 -230.65 -19.55 63.13
C ILE F 271 -231.87 -19.96 63.95
N ILE F 272 -232.23 -21.23 63.87
CA ILE F 272 -233.46 -21.69 64.51
C ILE F 272 -233.22 -21.96 65.99
N THR F 273 -234.15 -21.54 66.84
CA THR F 273 -234.04 -21.67 68.28
C THR F 273 -234.94 -22.77 68.84
N SER F 274 -235.44 -23.67 68.00
CA SER F 274 -236.30 -24.74 68.48
C SER F 274 -235.47 -25.86 69.10
N ASN F 275 -235.96 -26.39 70.21
CA ASN F 275 -235.24 -27.47 70.89
C ASN F 275 -235.16 -28.72 70.02
N GLY F 276 -236.26 -29.05 69.35
CA GLY F 276 -236.26 -30.25 68.54
C GLY F 276 -236.69 -31.48 69.31
N SER F 277 -236.82 -32.59 68.57
CA SER F 277 -237.16 -33.88 69.13
C SER F 277 -236.83 -34.96 68.12
N LEU F 278 -236.03 -35.93 68.52
CA LEU F 278 -235.56 -36.99 67.64
C LEU F 278 -236.15 -38.31 68.12
N ASN F 279 -236.75 -39.05 67.20
CA ASN F 279 -237.39 -40.33 67.52
C ASN F 279 -236.93 -41.37 66.50
N ASP F 280 -236.74 -42.60 66.96
CA ASP F 280 -236.23 -43.66 66.12
C ASP F 280 -237.28 -44.73 65.79
N ILE F 281 -238.56 -44.44 66.03
CA ILE F 281 -239.59 -45.46 65.82
C ILE F 281 -239.69 -45.84 64.35
N ARG F 282 -239.65 -44.85 63.45
CA ARG F 282 -239.88 -45.12 62.04
C ARG F 282 -238.82 -46.03 61.44
N ARG F 283 -237.67 -46.19 62.10
CA ARG F 283 -236.63 -47.07 61.59
C ARG F 283 -236.78 -48.50 62.11
N PHE F 284 -237.69 -48.72 63.06
CA PHE F 284 -237.99 -50.07 63.54
C PHE F 284 -239.36 -50.58 63.12
N ALA F 285 -240.35 -49.71 62.99
CA ALA F 285 -241.73 -50.14 62.79
C ALA F 285 -241.94 -50.63 61.36
N ARG F 286 -243.16 -51.10 61.10
CA ARG F 286 -243.56 -51.56 59.78
C ARG F 286 -244.38 -50.47 59.09
N GLN F 287 -243.97 -50.09 57.89
CA GLN F 287 -244.62 -49.04 57.13
C GLN F 287 -245.42 -49.66 56.00
N VAL F 288 -246.69 -49.27 55.90
CA VAL F 288 -247.57 -49.74 54.84
C VAL F 288 -248.25 -48.54 54.20
N VAL F 289 -248.45 -48.61 52.89
CA VAL F 289 -249.17 -47.56 52.17
C VAL F 289 -250.66 -47.83 52.29
N ALA F 290 -251.44 -46.76 52.40
CA ALA F 290 -252.88 -46.85 52.51
C ALA F 290 -253.54 -46.39 51.20
N THR F 291 -254.77 -46.83 51.01
CA THR F 291 -255.56 -46.49 49.83
C THR F 291 -256.82 -45.71 50.16
N GLY F 292 -257.49 -46.04 51.26
CA GLY F 292 -258.69 -45.33 51.64
C GLY F 292 -258.56 -44.60 52.96
N ASP F 293 -259.60 -44.67 53.79
CA ASP F 293 -259.60 -44.05 55.10
C ASP F 293 -259.28 -45.00 56.25
N VAL F 294 -259.37 -46.31 56.02
CA VAL F 294 -259.15 -47.30 57.07
C VAL F 294 -258.32 -48.44 56.50
N TRP F 295 -257.37 -48.93 57.29
CA TRP F 295 -256.52 -50.06 56.91
C TRP F 295 -256.97 -51.28 57.70
N HIS F 296 -257.21 -52.38 57.00
CA HIS F 296 -257.68 -53.62 57.61
C HIS F 296 -256.65 -54.73 57.44
N GLY F 297 -256.62 -55.64 58.41
CA GLY F 297 -255.76 -56.79 58.39
C GLY F 297 -256.43 -57.95 59.10
N VAL F 298 -255.70 -59.05 59.23
CA VAL F 298 -256.22 -60.25 59.87
C VAL F 298 -255.15 -60.88 60.74
N SER F 299 -255.58 -61.44 61.87
CA SER F 299 -254.69 -62.14 62.78
C SER F 299 -255.40 -63.39 63.28
N SER F 300 -254.62 -64.43 63.60
CA SER F 300 -255.19 -65.71 63.97
C SER F 300 -254.23 -66.43 64.93
N ALA F 301 -254.54 -67.69 65.22
CA ALA F 301 -253.71 -68.51 66.10
C ALA F 301 -253.45 -69.87 65.49
N ALA F 302 -252.57 -70.65 66.11
CA ALA F 302 -252.12 -71.92 65.56
C ALA F 302 -253.11 -73.03 65.87
N VAL F 303 -253.18 -74.02 64.97
CA VAL F 303 -254.06 -75.16 65.16
C VAL F 303 -253.51 -76.05 66.27
N GLN F 304 -254.37 -76.46 67.19
CA GLN F 304 -253.97 -77.25 68.35
C GLN F 304 -253.95 -78.71 67.97
N TRP F 305 -252.76 -79.24 67.70
CA TRP F 305 -252.61 -80.66 67.42
C TRP F 305 -252.83 -81.46 68.71
N SER F 306 -253.14 -82.75 68.53
CA SER F 306 -253.40 -83.64 69.65
C SER F 306 -252.82 -85.01 69.35
N TRP F 307 -252.58 -85.79 70.40
CA TRP F 307 -252.06 -87.15 70.25
C TRP F 307 -253.23 -88.12 70.27
N ASP F 308 -253.49 -88.75 69.14
CA ASP F 308 -254.61 -89.65 68.96
C ASP F 308 -254.12 -91.08 68.75
N ALA F 309 -254.85 -92.04 69.30
CA ALA F 309 -254.57 -93.44 69.05
C ALA F 309 -255.14 -93.84 67.69
N GLU F 310 -254.95 -95.12 67.34
CA GLU F 310 -255.48 -95.62 66.08
C GLU F 310 -257.01 -95.72 66.15
N PHE F 311 -257.65 -95.46 65.02
CA PHE F 311 -259.12 -95.44 64.93
C PHE F 311 -259.74 -94.51 65.96
N GLU F 312 -259.15 -93.32 66.10
CA GLU F 312 -259.67 -92.30 67.01
C GLU F 312 -260.03 -91.06 66.19
N GLU F 313 -261.27 -90.59 66.35
CA GLU F 313 -261.72 -89.43 65.60
C GLU F 313 -260.97 -88.18 66.04
N VAL F 314 -260.62 -87.34 65.07
CA VAL F 314 -259.89 -86.12 65.36
C VAL F 314 -260.79 -85.12 66.06
N SER F 315 -260.17 -84.23 66.83
CA SER F 315 -260.92 -83.20 67.52
C SER F 315 -261.31 -82.08 66.55
N ASP F 316 -262.31 -81.30 66.95
CA ASP F 316 -262.83 -80.21 66.14
C ASP F 316 -261.91 -79.00 66.29
N ASP F 317 -260.78 -79.05 65.59
CA ASP F 317 -259.77 -78.01 65.67
C ASP F 317 -260.12 -76.92 64.65
N SER F 318 -260.61 -75.79 65.14
CA SER F 318 -261.00 -74.67 64.29
C SER F 318 -260.35 -73.39 64.78
N PRO F 319 -259.52 -72.74 63.97
CA PRO F 319 -258.91 -71.48 64.40
C PRO F 319 -259.87 -70.31 64.24
N GLU F 320 -259.49 -69.18 64.84
CA GLU F 320 -260.28 -67.96 64.80
C GLU F 320 -259.44 -66.83 64.24
N PHE F 321 -260.07 -65.99 63.42
CA PHE F 321 -259.37 -64.89 62.74
C PHE F 321 -259.86 -63.57 63.29
N GLY F 322 -258.92 -62.74 63.73
CA GLY F 322 -259.24 -61.39 64.16
C GLY F 322 -259.14 -60.39 63.02
N GLN F 323 -259.30 -59.12 63.38
CA GLN F 323 -259.28 -58.03 62.40
C GLN F 323 -258.78 -56.76 63.07
N PRO F 324 -257.50 -56.45 62.96
CA PRO F 324 -256.99 -55.16 63.45
C PRO F 324 -257.58 -53.99 62.69
N GLU F 325 -257.75 -52.85 63.37
CA GLU F 325 -258.39 -51.68 62.80
C GLU F 325 -257.45 -50.49 62.93
N ILE F 326 -257.03 -49.94 61.79
CA ILE F 326 -256.11 -48.79 61.80
C ILE F 326 -256.63 -47.72 60.86
N PRO F 327 -257.34 -46.71 61.36
CA PRO F 327 -257.76 -45.59 60.51
C PRO F 327 -256.64 -44.58 60.31
N VAL F 328 -256.81 -43.76 59.28
CA VAL F 328 -255.82 -42.74 58.92
C VAL F 328 -256.41 -41.37 59.24
N LYS F 329 -255.58 -40.49 59.80
CA LYS F 329 -256.01 -39.19 60.28
C LYS F 329 -255.10 -38.11 59.71
N LYS F 330 -255.44 -36.85 59.98
CA LYS F 330 -254.88 -35.73 59.24
C LYS F 330 -254.24 -34.70 60.17
N ALA F 331 -253.16 -34.09 59.67
CA ALA F 331 -252.50 -32.98 60.32
C ALA F 331 -252.20 -31.91 59.28
N GLN F 332 -252.33 -30.64 59.70
CA GLN F 332 -252.21 -29.54 58.76
C GLN F 332 -251.79 -28.28 59.50
N GLY F 333 -251.25 -27.32 58.74
CA GLY F 333 -250.83 -26.05 59.28
C GLY F 333 -250.80 -24.97 58.21
N PHE F 334 -251.21 -23.76 58.54
CA PHE F 334 -251.37 -22.68 57.56
C PHE F 334 -250.72 -21.41 58.08
N VAL F 335 -250.11 -20.65 57.17
CA VAL F 335 -249.50 -19.36 57.49
C VAL F 335 -249.92 -18.36 56.42
N PRO F 336 -250.46 -17.21 56.80
CA PRO F 336 -250.79 -16.17 55.81
C PRO F 336 -249.66 -15.16 55.67
N ILE F 337 -249.55 -14.59 54.47
CA ILE F 337 -248.52 -13.61 54.16
C ILE F 337 -249.13 -12.49 53.33
N SER F 338 -248.64 -11.28 53.54
CA SER F 338 -249.11 -10.12 52.80
C SER F 338 -248.38 -9.98 51.47
N ILE F 339 -248.99 -9.23 50.55
CA ILE F 339 -248.35 -8.98 49.26
C ILE F 339 -247.10 -8.12 49.44
N GLU F 340 -247.20 -7.08 50.26
CA GLU F 340 -246.06 -6.20 50.48
C GLU F 340 -244.90 -6.95 51.10
N ALA F 341 -245.19 -7.79 52.10
CA ALA F 341 -244.14 -8.58 52.73
C ALA F 341 -243.52 -9.56 51.76
N LEU F 342 -244.35 -10.19 50.91
CA LEU F 342 -243.82 -11.14 49.94
C LEU F 342 -242.93 -10.45 48.93
N GLN F 343 -243.28 -9.23 48.51
CA GLN F 343 -242.46 -8.52 47.55
C GLN F 343 -241.16 -8.04 48.17
N ASP F 344 -241.21 -7.49 49.37
CA ASP F 344 -240.02 -6.89 49.97
C ASP F 344 -239.06 -7.94 50.51
N GLU F 345 -239.52 -8.78 51.43
CA GLU F 345 -238.65 -9.73 52.09
C GLU F 345 -238.09 -10.73 51.08
N ALA F 346 -236.81 -11.02 51.20
CA ALA F 346 -236.10 -11.84 50.23
C ALA F 346 -235.88 -13.24 50.78
N ASN F 347 -235.95 -14.23 49.88
CA ASN F 347 -235.71 -15.63 50.21
C ASN F 347 -236.63 -16.10 51.33
N VAL F 348 -237.94 -15.94 51.11
CA VAL F 348 -238.92 -16.28 52.13
C VAL F 348 -239.48 -17.69 51.91
N THR F 349 -239.64 -18.09 50.65
CA THR F 349 -240.29 -19.36 50.35
C THR F 349 -239.51 -20.53 50.93
N GLU F 350 -238.20 -20.59 50.65
CA GLU F 350 -237.40 -21.69 51.18
C GLU F 350 -237.29 -21.60 52.69
N THR F 351 -237.23 -20.38 53.24
CA THR F 351 -237.19 -20.22 54.68
C THR F 351 -238.41 -20.87 55.34
N VAL F 352 -239.60 -20.54 54.86
CA VAL F 352 -240.80 -21.12 55.45
C VAL F 352 -240.91 -22.60 55.10
N ALA F 353 -240.30 -23.05 54.00
CA ALA F 353 -240.28 -24.47 53.71
C ALA F 353 -239.52 -25.24 54.78
N LEU F 354 -238.34 -24.74 55.15
CA LEU F 354 -237.60 -25.36 56.25
C LEU F 354 -238.38 -25.26 57.56
N LEU F 355 -239.04 -24.12 57.80
CA LEU F 355 -239.84 -24.01 59.02
C LEU F 355 -240.95 -25.06 59.05
N PHE F 356 -241.64 -25.27 57.92
CA PHE F 356 -242.69 -26.27 57.85
C PHE F 356 -242.14 -27.67 58.09
N ALA F 357 -240.99 -27.98 57.49
CA ALA F 357 -240.40 -29.31 57.67
C ALA F 357 -240.06 -29.55 59.13
N GLU F 358 -239.43 -28.56 59.77
CA GLU F 358 -239.08 -28.71 61.18
C GLU F 358 -240.33 -28.89 62.02
N GLY F 359 -241.37 -28.11 61.78
CA GLY F 359 -242.59 -28.26 62.56
C GLY F 359 -243.23 -29.63 62.38
N LYS F 360 -243.24 -30.13 61.15
CA LYS F 360 -243.80 -31.45 60.90
C LYS F 360 -243.03 -32.51 61.69
N ASP F 361 -241.71 -32.43 61.68
CA ASP F 361 -240.92 -33.39 62.44
C ASP F 361 -241.20 -33.27 63.94
N GLU F 362 -241.32 -32.04 64.43
CA GLU F 362 -241.63 -31.83 65.84
C GLU F 362 -242.93 -32.51 66.22
N LEU F 363 -243.97 -32.35 65.39
CA LEU F 363 -245.26 -32.94 65.71
C LEU F 363 -245.20 -34.46 65.63
N GLU F 364 -244.61 -34.99 64.55
CA GLU F 364 -244.62 -36.43 64.33
C GLU F 364 -243.83 -37.16 65.41
N ALA F 365 -242.66 -36.64 65.77
CA ALA F 365 -241.83 -37.33 66.76
C ALA F 365 -242.54 -37.48 68.09
N VAL F 366 -243.22 -36.41 68.54
CA VAL F 366 -243.94 -36.48 69.80
C VAL F 366 -245.15 -37.39 69.68
N THR F 367 -245.91 -37.29 68.59
CA THR F 367 -247.18 -37.99 68.53
C THR F 367 -246.99 -39.49 68.29
N LEU F 368 -245.90 -39.89 67.62
CA LEU F 368 -245.64 -41.31 67.45
C LEU F 368 -245.40 -41.98 68.81
N THR F 369 -244.69 -41.30 69.70
CA THR F 369 -244.45 -41.87 71.03
C THR F 369 -245.68 -41.69 71.92
N THR F 370 -246.20 -40.48 71.99
CA THR F 370 -247.34 -40.15 72.85
C THR F 370 -248.50 -39.73 71.96
N GLY F 371 -249.29 -40.70 71.53
CA GLY F 371 -250.49 -40.44 70.76
C GLY F 371 -251.72 -40.92 71.50
N THR F 372 -252.68 -40.03 71.70
CA THR F 372 -253.84 -40.34 72.52
C THR F 372 -254.61 -41.54 71.96
N GLY F 373 -254.78 -41.59 70.65
CA GLY F 373 -255.47 -42.67 70.00
C GLY F 373 -256.97 -42.47 69.87
N GLN F 374 -257.54 -41.57 70.64
CA GLN F 374 -258.96 -41.26 70.55
C GLN F 374 -259.13 -39.89 69.92
N GLY F 375 -260.36 -39.56 69.54
CA GLY F 375 -260.64 -38.26 68.98
C GLY F 375 -259.83 -37.91 67.76
N ASN F 376 -259.01 -36.86 67.88
CA ASN F 376 -258.37 -36.26 66.71
C ASN F 376 -256.87 -36.58 66.70
N GLN F 377 -256.40 -37.45 67.58
CA GLN F 377 -254.98 -37.77 67.55
C GLN F 377 -254.74 -39.25 67.25
N PRO F 378 -253.60 -39.59 66.65
CA PRO F 378 -253.29 -41.00 66.38
C PRO F 378 -252.95 -41.77 67.65
N THR F 379 -252.57 -43.04 67.51
CA THR F 379 -252.25 -43.89 68.64
C THR F 379 -250.74 -44.05 68.75
N GLY F 380 -250.20 -43.81 69.95
CA GLY F 380 -248.79 -44.02 70.21
C GLY F 380 -248.52 -45.32 70.95
N ILE F 381 -247.26 -45.77 70.87
CA ILE F 381 -246.88 -47.02 71.52
C ILE F 381 -247.06 -46.91 73.02
N VAL F 382 -246.65 -45.78 73.60
CA VAL F 382 -246.76 -45.59 75.05
C VAL F 382 -248.22 -45.69 75.48
N THR F 383 -249.13 -45.07 74.73
CA THR F 383 -250.54 -45.13 75.08
C THR F 383 -251.14 -46.50 74.81
N ALA F 384 -250.77 -47.13 73.69
CA ALA F 384 -251.35 -48.41 73.32
C ALA F 384 -250.85 -49.56 74.17
N LEU F 385 -249.75 -49.39 74.89
CA LEU F 385 -249.17 -50.44 75.71
C LEU F 385 -249.35 -50.20 77.20
N ALA F 386 -250.36 -49.42 77.58
CA ALA F 386 -250.61 -49.08 78.97
C ALA F 386 -251.84 -49.83 79.47
N GLY F 387 -251.71 -50.46 80.64
CA GLY F 387 -252.82 -51.17 81.24
C GLY F 387 -253.04 -52.56 80.71
N THR F 388 -252.27 -52.99 79.71
CA THR F 388 -252.40 -54.32 79.16
C THR F 388 -251.45 -55.28 79.89
N ALA F 389 -251.27 -56.47 79.32
CA ALA F 389 -250.35 -57.43 79.92
C ALA F 389 -248.90 -57.00 79.82
N ALA F 390 -248.59 -56.08 78.90
CA ALA F 390 -247.20 -55.68 78.68
C ALA F 390 -246.63 -54.85 79.82
N GLU F 391 -247.45 -54.06 80.50
CA GLU F 391 -246.98 -53.20 81.58
C GLU F 391 -246.50 -54.04 82.75
N ILE F 392 -245.31 -53.73 83.27
CA ILE F 392 -244.73 -54.46 84.38
C ILE F 392 -244.16 -53.47 85.39
N ALA F 393 -243.93 -53.97 86.59
CA ALA F 393 -243.37 -53.22 87.70
C ALA F 393 -241.96 -53.70 88.00
N PRO F 394 -241.12 -52.86 88.59
CA PRO F 394 -239.75 -53.26 88.88
C PRO F 394 -239.67 -54.26 90.02
N VAL F 395 -238.49 -54.85 90.18
CA VAL F 395 -238.27 -55.83 91.25
C VAL F 395 -238.43 -55.17 92.61
N THR F 396 -237.86 -53.98 92.77
CA THR F 396 -237.95 -53.22 94.02
C THR F 396 -238.59 -51.87 93.74
N ALA F 397 -239.42 -51.42 94.69
CA ALA F 397 -240.21 -50.21 94.48
C ALA F 397 -239.34 -48.99 94.28
N GLU F 398 -239.73 -48.16 93.30
CA GLU F 398 -239.11 -46.85 93.07
C GLU F 398 -237.61 -46.96 92.82
N THR F 399 -237.20 -48.03 92.13
CA THR F 399 -235.79 -48.25 91.86
C THR F 399 -235.61 -48.75 90.44
N PHE F 400 -234.45 -48.43 89.85
CA PHE F 400 -234.06 -48.91 88.54
C PHE F 400 -232.70 -49.59 88.67
N ALA F 401 -232.65 -50.88 88.35
CA ALA F 401 -231.42 -51.65 88.52
C ALA F 401 -231.25 -52.58 87.33
N LEU F 402 -230.09 -53.25 87.29
CA LEU F 402 -229.80 -54.18 86.21
C LEU F 402 -230.77 -55.35 86.19
N ALA F 403 -231.26 -55.75 87.37
CA ALA F 403 -232.26 -56.81 87.44
C ALA F 403 -233.52 -56.42 86.67
N ASP F 404 -233.90 -55.15 86.72
CA ASP F 404 -235.06 -54.70 85.98
C ASP F 404 -234.84 -54.83 84.47
N VAL F 405 -233.64 -54.47 83.99
CA VAL F 405 -233.35 -54.62 82.57
C VAL F 405 -233.43 -56.09 82.16
N TYR F 406 -232.85 -56.97 82.98
CA TYR F 406 -232.92 -58.40 82.66
C TYR F 406 -234.37 -58.88 82.65
N ALA F 407 -235.18 -58.43 83.61
CA ALA F 407 -236.57 -58.86 83.66
C ALA F 407 -237.34 -58.39 82.44
N VAL F 408 -237.13 -57.15 82.01
CA VAL F 408 -237.81 -56.64 80.83
C VAL F 408 -237.38 -57.41 79.60
N TYR F 409 -236.11 -57.81 79.53
CA TYR F 409 -235.65 -58.57 78.37
C TYR F 409 -236.17 -60.01 78.35
N GLU F 410 -236.28 -60.66 79.51
CA GLU F 410 -236.48 -62.10 79.54
C GLU F 410 -237.93 -62.54 79.62
N GLN F 411 -238.85 -61.68 80.05
CA GLN F 411 -240.23 -62.09 80.26
C GLN F 411 -241.03 -62.23 78.97
N LEU F 412 -240.36 -62.30 77.82
CA LEU F 412 -241.02 -62.29 76.53
C LEU F 412 -240.63 -63.54 75.74
N ALA F 413 -241.53 -63.98 74.86
CA ALA F 413 -241.37 -65.24 74.16
C ALA F 413 -240.22 -65.17 73.15
N ALA F 414 -239.61 -66.32 72.88
CA ALA F 414 -238.45 -66.35 71.99
C ALA F 414 -238.81 -66.01 70.56
N ARG F 415 -240.09 -66.12 70.19
CA ARG F 415 -240.48 -65.81 68.81
C ARG F 415 -240.25 -64.34 68.50
N HIS F 416 -240.54 -63.45 69.45
CA HIS F 416 -240.34 -62.02 69.28
C HIS F 416 -239.06 -61.51 69.92
N ARG F 417 -238.64 -62.12 71.03
CA ARG F 417 -237.47 -61.61 71.75
C ARG F 417 -236.20 -61.72 70.91
N ARG F 418 -236.12 -62.75 70.06
CA ARG F 418 -234.94 -62.93 69.22
C ARG F 418 -234.83 -61.91 68.11
N GLN F 419 -235.85 -61.07 67.91
CA GLN F 419 -235.77 -59.95 66.96
C GLN F 419 -236.52 -58.78 67.58
N GLY F 420 -235.78 -57.88 68.22
CA GLY F 420 -236.36 -56.73 68.84
C GLY F 420 -235.34 -55.64 69.01
N ALA F 421 -235.73 -54.58 69.73
CA ALA F 421 -234.85 -53.44 69.97
C ALA F 421 -235.34 -52.69 71.19
N TRP F 422 -234.47 -51.81 71.70
CA TRP F 422 -234.80 -50.94 72.82
C TRP F 422 -235.12 -49.54 72.32
N LEU F 423 -235.86 -48.81 73.15
CA LEU F 423 -236.22 -47.43 72.83
C LEU F 423 -236.49 -46.71 74.13
N ALA F 424 -235.59 -45.81 74.53
CA ALA F 424 -235.72 -45.11 75.81
C ALA F 424 -235.03 -43.76 75.71
N ASN F 425 -235.32 -42.90 76.67
CA ASN F 425 -234.73 -41.58 76.71
C ASN F 425 -233.24 -41.68 77.07
N ASN F 426 -232.51 -40.59 76.78
CA ASN F 426 -231.07 -40.61 76.99
C ASN F 426 -230.72 -40.74 78.47
N LEU F 427 -231.57 -40.21 79.35
CA LEU F 427 -231.29 -40.30 80.78
C LEU F 427 -231.25 -41.75 81.25
N ILE F 428 -232.17 -42.57 80.75
CA ILE F 428 -232.22 -43.96 81.18
C ILE F 428 -230.96 -44.70 80.76
N TYR F 429 -230.49 -44.46 79.54
CA TYR F 429 -229.26 -45.10 79.09
C TYR F 429 -228.08 -44.69 79.95
N ASN F 430 -227.99 -43.40 80.28
CA ASN F 430 -226.88 -42.95 81.11
C ASN F 430 -226.97 -43.52 82.52
N LYS F 431 -228.18 -43.75 83.02
CA LYS F 431 -228.33 -44.45 84.29
C LYS F 431 -227.86 -45.89 84.20
N ILE F 432 -228.13 -46.55 83.07
CA ILE F 432 -227.60 -47.90 82.87
C ILE F 432 -226.08 -47.88 82.85
N ARG F 433 -225.49 -46.85 82.26
CA ARG F 433 -224.03 -46.75 82.24
C ARG F 433 -223.43 -46.63 83.63
N GLN F 434 -224.20 -46.15 84.61
CA GLN F 434 -223.70 -45.95 85.96
C GLN F 434 -223.91 -47.15 86.87
N PHE F 435 -224.44 -48.26 86.33
CA PHE F 435 -224.70 -49.43 87.16
C PHE F 435 -223.40 -50.04 87.67
N ASP F 436 -222.44 -50.29 86.78
CA ASP F 436 -221.22 -50.97 87.19
C ASP F 436 -220.31 -50.02 87.94
N THR F 437 -219.72 -50.52 89.02
CA THR F 437 -218.81 -49.71 89.84
C THR F 437 -217.48 -50.41 90.00
N GLN F 438 -217.51 -51.74 90.05
CA GLN F 438 -216.32 -52.54 90.36
C GLN F 438 -215.81 -53.30 89.14
N GLY F 439 -216.19 -52.89 87.94
CA GLY F 439 -215.71 -53.54 86.74
C GLY F 439 -216.25 -54.93 86.51
N GLY F 440 -217.44 -55.24 87.02
CA GLY F 440 -217.98 -56.58 86.90
C GLY F 440 -218.63 -56.85 85.56
N ALA F 441 -219.78 -57.51 85.58
CA ALA F 441 -220.51 -57.86 84.36
C ALA F 441 -221.51 -56.80 83.94
N GLY F 442 -221.31 -55.55 84.37
CA GLY F 442 -222.20 -54.48 83.99
C GLY F 442 -221.48 -53.38 83.23
N LEU F 443 -220.30 -53.69 82.70
CA LEU F 443 -219.51 -52.72 81.94
C LEU F 443 -220.10 -52.59 80.56
N TRP F 444 -221.14 -51.75 80.43
CA TRP F 444 -221.64 -51.42 79.10
C TRP F 444 -220.57 -50.71 78.29
N THR F 445 -220.00 -49.64 78.85
CA THR F 445 -218.88 -48.93 78.27
C THR F 445 -218.38 -47.94 79.32
N THR F 446 -217.06 -47.79 79.40
CA THR F 446 -216.44 -46.87 80.34
C THR F 446 -216.66 -45.44 79.88
N ILE F 447 -216.39 -44.51 80.80
CA ILE F 447 -216.50 -43.09 80.47
C ILE F 447 -215.43 -42.73 79.45
N GLY F 448 -215.68 -41.66 78.69
CA GLY F 448 -214.78 -41.26 77.64
C GLY F 448 -215.08 -41.85 76.27
N ASN F 449 -216.19 -42.57 76.13
CA ASN F 449 -216.59 -43.15 74.86
C ASN F 449 -218.01 -42.71 74.51
N GLY F 450 -218.39 -42.94 73.26
CA GLY F 450 -219.71 -42.58 72.80
C GLY F 450 -220.78 -43.54 73.28
N GLU F 451 -221.98 -43.34 72.77
CA GLU F 451 -223.11 -44.18 73.12
C GLU F 451 -222.91 -45.59 72.58
N PRO F 452 -223.07 -46.63 73.39
CA PRO F 452 -222.84 -48.00 72.89
C PRO F 452 -223.80 -48.35 71.77
N SER F 453 -223.31 -49.15 70.82
CA SER F 453 -224.10 -49.47 69.63
C SER F 453 -225.20 -50.47 69.94
N GLN F 454 -224.89 -51.50 70.74
CA GLN F 454 -225.88 -52.53 71.06
C GLN F 454 -225.94 -52.74 72.56
N LEU F 455 -227.14 -53.11 73.03
CA LEU F 455 -227.35 -53.56 74.40
C LEU F 455 -227.94 -54.96 74.34
N LEU F 456 -227.29 -55.91 75.03
CA LEU F 456 -227.66 -57.32 74.98
C LEU F 456 -227.69 -57.84 73.54
N GLY F 457 -226.76 -57.35 72.73
CA GLY F 457 -226.69 -57.77 71.34
C GLY F 457 -227.84 -57.35 70.47
N ARG F 458 -228.55 -56.29 70.85
CA ARG F 458 -229.71 -55.81 70.11
C ARG F 458 -229.53 -54.34 69.76
N PRO F 459 -230.13 -53.89 68.66
CA PRO F 459 -230.01 -52.47 68.28
C PRO F 459 -230.62 -51.54 69.32
N VAL F 460 -230.06 -50.34 69.40
CA VAL F 460 -230.42 -49.36 70.42
C VAL F 460 -230.89 -48.08 69.73
N GLY F 461 -232.09 -47.63 70.09
CA GLY F 461 -232.62 -46.37 69.61
C GLY F 461 -233.15 -45.51 70.74
N GLU F 462 -233.22 -44.20 70.54
CA GLU F 462 -233.61 -43.29 71.61
C GLU F 462 -234.68 -42.31 71.13
N ALA F 463 -235.50 -41.85 72.07
CA ALA F 463 -236.63 -40.98 71.77
C ALA F 463 -236.79 -39.98 72.90
N GLU F 464 -236.87 -38.70 72.55
CA GLU F 464 -236.94 -37.65 73.55
C GLU F 464 -238.35 -37.42 74.10
N ALA F 465 -239.38 -38.01 73.49
CA ALA F 465 -240.73 -37.87 74.02
C ALA F 465 -241.02 -38.81 75.18
N MET F 466 -240.17 -39.80 75.41
CA MET F 466 -240.39 -40.75 76.49
C MET F 466 -240.17 -40.09 77.84
N ASP F 467 -240.71 -40.72 78.88
CA ASP F 467 -240.57 -40.18 80.23
C ASP F 467 -239.10 -40.22 80.67
N ALA F 468 -238.69 -39.15 81.36
CA ALA F 468 -237.30 -38.96 81.74
C ALA F 468 -237.02 -39.29 83.20
N ASN F 469 -237.73 -38.65 84.13
CA ASN F 469 -237.47 -38.81 85.55
C ASN F 469 -238.74 -39.21 86.27
N TRP F 470 -238.61 -40.08 87.26
CA TRP F 470 -239.69 -40.41 88.16
C TRP F 470 -239.58 -39.67 89.49
N ASN F 471 -238.67 -38.72 89.58
CA ASN F 471 -238.42 -37.99 90.83
C ASN F 471 -238.93 -36.56 90.76
N THR F 472 -238.50 -35.79 89.76
CA THR F 472 -238.99 -34.43 89.61
C THR F 472 -240.40 -34.40 89.02
N SER F 473 -240.70 -35.33 88.11
CA SER F 473 -241.99 -35.32 87.44
C SER F 473 -243.13 -35.59 88.42
N ALA F 474 -244.27 -34.94 88.17
CA ALA F 474 -245.44 -35.05 89.02
C ALA F 474 -246.41 -36.14 88.55
N SER F 475 -246.11 -36.81 87.43
CA SER F 475 -246.98 -37.87 86.96
C SER F 475 -246.83 -39.12 87.83
N ALA F 476 -247.97 -39.71 88.20
CA ALA F 476 -247.92 -40.91 89.03
C ALA F 476 -247.38 -42.12 88.26
N ASP F 477 -247.62 -42.19 86.96
CA ASP F 477 -247.16 -43.28 86.13
C ASP F 477 -246.01 -42.81 85.26
N ASN F 478 -244.92 -43.59 85.24
CA ASN F 478 -243.74 -43.26 84.48
C ASN F 478 -243.28 -44.47 83.69
N PHE F 479 -243.23 -44.34 82.37
CA PHE F 479 -242.77 -45.40 81.48
C PHE F 479 -241.41 -45.01 80.93
N VAL F 480 -240.39 -45.81 81.21
CA VAL F 480 -239.01 -45.43 80.97
C VAL F 480 -238.35 -46.33 79.92
N LEU F 481 -238.60 -47.63 79.99
CA LEU F 481 -237.96 -48.59 79.10
C LEU F 481 -239.02 -49.41 78.37
N LEU F 482 -238.71 -49.77 77.13
CA LEU F 482 -239.67 -50.47 76.28
C LEU F 482 -238.90 -51.32 75.27
N TYR F 483 -238.98 -52.63 75.41
CA TYR F 483 -238.35 -53.58 74.49
C TYR F 483 -239.43 -54.44 73.86
N GLY F 484 -239.32 -54.66 72.56
CA GLY F 484 -240.26 -55.51 71.86
C GLY F 484 -239.97 -55.55 70.38
N ASN F 485 -240.73 -56.38 69.69
CA ASN F 485 -240.64 -56.51 68.24
C ASN F 485 -241.53 -55.46 67.60
N PHE F 486 -240.93 -54.46 66.99
CA PHE F 486 -241.69 -53.34 66.44
C PHE F 486 -242.38 -53.67 65.13
N GLN F 487 -242.13 -54.85 64.56
CA GLN F 487 -242.86 -55.25 63.36
C GLN F 487 -244.35 -55.35 63.64
N ASN F 488 -244.72 -55.63 64.89
CA ASN F 488 -246.12 -55.65 65.28
C ASN F 488 -246.73 -54.26 65.33
N TYR F 489 -245.92 -53.21 65.21
CA TYR F 489 -246.42 -51.84 65.15
C TYR F 489 -246.54 -51.43 63.69
N VAL F 490 -247.75 -51.07 63.27
CA VAL F 490 -248.07 -50.79 61.88
C VAL F 490 -248.39 -49.32 61.73
N ILE F 491 -247.78 -48.68 60.73
CA ILE F 491 -248.00 -47.26 60.42
C ILE F 491 -248.59 -47.16 59.03
N ALA F 492 -249.71 -46.46 58.91
CA ALA F 492 -250.38 -46.26 57.63
C ALA F 492 -250.04 -44.88 57.09
N ASP F 493 -249.56 -44.84 55.84
CA ASP F 493 -249.16 -43.60 55.20
C ASP F 493 -250.04 -43.32 53.99
N ARG F 494 -250.42 -42.06 53.83
CA ARG F 494 -251.25 -41.64 52.71
C ARG F 494 -250.47 -40.75 51.75
N ILE F 495 -250.04 -39.57 52.19
CA ILE F 495 -249.29 -38.63 51.38
C ILE F 495 -248.28 -37.94 52.28
N GLY F 496 -247.08 -37.72 51.76
CA GLY F 496 -246.10 -36.96 52.49
C GLY F 496 -246.46 -35.49 52.57
N MET F 497 -245.59 -34.72 53.21
CA MET F 497 -245.82 -33.30 53.36
C MET F 497 -245.94 -32.62 52.00
N THR F 498 -247.03 -31.89 51.81
CA THR F 498 -247.30 -31.18 50.57
C THR F 498 -247.64 -29.73 50.90
N VAL F 499 -247.01 -28.81 50.17
CA VAL F 499 -247.19 -27.38 50.39
C VAL F 499 -247.99 -26.82 49.23
N GLU F 500 -249.09 -26.14 49.54
CA GLU F 500 -249.96 -25.56 48.53
C GLU F 500 -250.00 -24.05 48.70
N PHE F 501 -249.96 -23.34 47.59
CA PHE F 501 -249.93 -21.87 47.57
C PHE F 501 -251.32 -21.34 47.28
N ILE F 502 -251.79 -20.42 48.12
CA ILE F 502 -253.10 -19.80 47.96
C ILE F 502 -252.88 -18.38 47.44
N PRO F 503 -253.21 -18.08 46.19
CA PRO F 503 -252.86 -16.76 45.63
C PRO F 503 -253.70 -15.62 46.19
N HIS F 504 -254.90 -15.88 46.70
CA HIS F 504 -255.76 -14.79 47.15
C HIS F 504 -256.48 -15.19 48.43
N LEU F 505 -256.49 -14.30 49.41
CA LEU F 505 -257.32 -14.41 50.60
C LEU F 505 -258.41 -13.36 50.57
N PHE F 506 -259.39 -13.51 51.45
CA PHE F 506 -260.54 -12.64 51.47
C PHE F 506 -260.79 -12.16 52.90
N GLY F 507 -261.48 -11.02 53.00
CA GLY F 507 -261.78 -10.41 54.28
C GLY F 507 -263.12 -10.85 54.83
N THR F 508 -263.61 -10.06 55.79
CA THR F 508 -264.90 -10.37 56.42
C THR F 508 -266.03 -10.30 55.41
N ASN F 509 -266.04 -9.29 54.55
CA ASN F 509 -267.10 -9.10 53.57
C ASN F 509 -266.87 -9.86 52.28
N ARG F 510 -266.04 -10.90 52.33
CA ARG F 510 -265.77 -11.74 51.16
C ARG F 510 -265.20 -10.94 50.00
N ARG F 511 -264.27 -10.04 50.30
CA ARG F 511 -263.51 -9.32 49.29
C ARG F 511 -262.02 -9.46 49.59
N PRO F 512 -261.18 -9.41 48.55
CA PRO F 512 -259.74 -9.52 48.76
C PRO F 512 -259.17 -8.45 49.67
N ASN F 513 -258.18 -8.82 50.48
CA ASN F 513 -257.53 -7.89 51.40
C ASN F 513 -256.03 -7.77 51.14
N GLY F 514 -255.56 -8.10 49.94
CA GLY F 514 -254.16 -7.94 49.60
C GLY F 514 -253.19 -8.84 50.34
N SER F 515 -253.51 -10.12 50.49
CA SER F 515 -252.62 -11.07 51.15
C SER F 515 -252.74 -12.42 50.47
N ARG F 516 -251.73 -13.25 50.68
CA ARG F 516 -251.66 -14.57 50.07
C ARG F 516 -251.56 -15.63 51.17
N GLY F 517 -251.44 -16.90 50.77
CA GLY F 517 -251.49 -17.99 51.72
C GLY F 517 -250.60 -19.16 51.33
N TRP F 518 -250.25 -19.93 52.35
CA TRP F 518 -249.39 -21.13 52.25
C TRP F 518 -250.04 -22.24 53.09
N PHE F 519 -250.51 -23.28 52.42
CA PHE F 519 -251.17 -24.41 53.06
C PHE F 519 -250.31 -25.65 52.98
N ALA F 520 -250.36 -26.45 54.04
CA ALA F 520 -249.62 -27.71 54.10
C ALA F 520 -250.41 -28.71 54.91
N TYR F 521 -250.47 -29.96 54.42
CA TYR F 521 -251.24 -30.99 55.11
C TYR F 521 -250.45 -32.29 55.09
N TYR F 522 -250.79 -33.16 56.04
CA TYR F 522 -250.12 -34.42 56.25
C TYR F 522 -251.11 -35.46 56.74
N ARG F 523 -250.96 -36.70 56.25
CA ARG F 523 -251.86 -37.78 56.60
C ARG F 523 -251.07 -38.98 57.09
N MET F 524 -251.50 -39.57 58.19
CA MET F 524 -250.81 -40.73 58.75
C MET F 524 -251.73 -41.43 59.75
N GLY F 525 -251.45 -42.70 59.98
CA GLY F 525 -252.14 -43.46 61.02
C GLY F 525 -251.26 -44.58 61.51
N ALA F 526 -251.46 -44.97 62.76
CA ALA F 526 -250.62 -46.00 63.36
C ALA F 526 -251.34 -46.62 64.56
N ASP F 527 -250.99 -47.87 64.85
CA ASP F 527 -251.58 -48.62 65.95
C ASP F 527 -250.76 -49.89 66.16
N VAL F 528 -251.16 -50.68 67.15
CA VAL F 528 -250.45 -51.88 67.56
C VAL F 528 -251.32 -53.10 67.24
N VAL F 529 -250.70 -54.11 66.64
CA VAL F 529 -251.43 -55.32 66.26
C VAL F 529 -251.38 -56.35 67.37
N ASN F 530 -250.19 -56.65 67.88
CA ASN F 530 -250.00 -57.69 68.89
C ASN F 530 -249.51 -57.07 70.20
N PRO F 531 -250.40 -56.81 71.16
CA PRO F 531 -249.94 -56.24 72.43
C PRO F 531 -248.99 -57.12 73.21
N ASN F 532 -249.11 -58.45 73.07
CA ASN F 532 -248.32 -59.34 73.91
C ASN F 532 -246.86 -59.39 73.49
N ALA F 533 -246.55 -59.00 72.25
CA ALA F 533 -245.18 -59.06 71.76
C ALA F 533 -244.35 -57.85 72.19
N PHE F 534 -244.83 -57.05 73.13
CA PHE F 534 -244.11 -55.90 73.65
C PHE F 534 -243.99 -55.99 75.16
N ARG F 535 -242.92 -55.41 75.69
CA ARG F 535 -242.71 -55.34 77.13
C ARG F 535 -242.38 -53.89 77.49
N LEU F 536 -243.09 -53.36 78.48
CA LEU F 536 -242.98 -51.96 78.87
C LEU F 536 -242.82 -51.86 80.38
N LEU F 537 -241.80 -51.12 80.82
CA LEU F 537 -241.52 -50.97 82.24
C LEU F 537 -242.15 -49.68 82.76
N ASN F 538 -242.89 -49.80 83.86
CA ASN F 538 -243.61 -48.69 84.46
C ASN F 538 -243.19 -48.55 85.92
N VAL F 539 -242.85 -47.34 86.32
CA VAL F 539 -242.51 -47.05 87.71
C VAL F 539 -243.65 -46.23 88.31
N GLU F 540 -244.21 -46.73 89.41
CA GLU F 540 -245.34 -46.11 90.09
C GLU F 540 -244.82 -45.43 91.35
N THR F 541 -244.63 -44.12 91.29
CA THR F 541 -244.17 -43.35 92.44
C THR F 541 -245.37 -42.67 93.09
N ALA F 542 -245.57 -42.95 94.37
CA ALA F 542 -246.68 -42.37 95.11
C ALA F 542 -246.51 -40.87 95.29
N THR G 269 -251.85 -61.43 53.96
CA THR G 269 -251.07 -62.15 54.97
C THR G 269 -251.78 -62.11 56.32
N VAL G 270 -251.25 -62.86 57.28
CA VAL G 270 -251.83 -62.97 58.62
C VAL G 270 -250.73 -62.76 59.65
N ILE G 271 -251.08 -62.16 60.77
CA ILE G 271 -250.15 -61.93 61.88
C ILE G 271 -250.47 -62.94 62.97
N ILE G 272 -249.52 -63.82 63.26
CA ILE G 272 -249.74 -64.86 64.26
C ILE G 272 -249.70 -64.27 65.66
N THR G 273 -250.73 -64.59 66.47
CA THR G 273 -250.84 -64.09 67.82
C THR G 273 -250.45 -65.12 68.87
N SER G 274 -249.94 -66.28 68.46
CA SER G 274 -249.58 -67.34 69.38
C SER G 274 -248.13 -67.21 69.80
N ASN G 275 -247.86 -67.52 71.08
CA ASN G 275 -246.50 -67.45 71.59
C ASN G 275 -245.60 -68.47 70.90
N GLY G 276 -246.10 -69.68 70.71
CA GLY G 276 -245.30 -70.73 70.12
C GLY G 276 -244.29 -71.28 71.10
N SER G 277 -243.37 -72.08 70.57
CA SER G 277 -242.34 -72.69 71.40
C SER G 277 -241.06 -72.86 70.59
N LEU G 278 -239.94 -72.95 71.30
CA LEU G 278 -238.64 -73.18 70.71
C LEU G 278 -237.93 -74.30 71.46
N ASN G 279 -237.25 -75.16 70.73
CA ASN G 279 -236.55 -76.29 71.33
C ASN G 279 -235.30 -76.62 70.50
N ASP G 280 -234.24 -77.06 71.17
CA ASP G 280 -233.00 -77.42 70.51
C ASP G 280 -232.64 -78.89 70.69
N ILE G 281 -233.59 -79.74 71.04
CA ILE G 281 -233.29 -81.16 71.24
C ILE G 281 -232.79 -81.78 69.95
N ARG G 282 -233.47 -81.47 68.83
CA ARG G 282 -233.11 -82.09 67.57
C ARG G 282 -231.74 -81.63 67.09
N ARG G 283 -231.23 -80.53 67.63
CA ARG G 283 -229.89 -80.08 67.26
C ARG G 283 -228.84 -81.05 67.78
N PHE G 284 -229.12 -81.75 68.88
CA PHE G 284 -228.15 -82.66 69.48
C PHE G 284 -228.58 -84.11 69.48
N ALA G 285 -229.88 -84.38 69.51
CA ALA G 285 -230.36 -85.75 69.67
C ALA G 285 -230.01 -86.60 68.45
N ARG G 286 -230.02 -87.91 68.66
CA ARG G 286 -229.72 -88.87 67.61
C ARG G 286 -231.00 -89.30 66.92
N GLN G 287 -231.05 -89.11 65.61
CA GLN G 287 -232.25 -89.39 64.82
C GLN G 287 -231.99 -90.58 63.91
N VAL G 288 -232.86 -91.58 63.99
CA VAL G 288 -232.75 -92.79 63.19
C VAL G 288 -234.09 -93.04 62.53
N VAL G 289 -234.07 -93.54 61.30
CA VAL G 289 -235.27 -93.77 60.52
C VAL G 289 -235.77 -95.19 60.79
N ALA G 290 -236.97 -95.30 61.35
CA ALA G 290 -237.57 -96.59 61.65
C ALA G 290 -238.55 -96.93 60.53
N THR G 291 -238.27 -98.01 59.80
CA THR G 291 -239.18 -98.43 58.74
C THR G 291 -240.48 -98.97 59.29
N GLY G 292 -240.41 -99.80 60.32
CA GLY G 292 -241.59 -100.41 60.91
C GLY G 292 -242.19 -99.57 62.01
N ASP G 293 -243.16 -100.15 62.71
CA ASP G 293 -243.86 -99.44 63.77
C ASP G 293 -243.06 -99.38 65.06
N VAL G 294 -242.11 -100.30 65.24
CA VAL G 294 -241.31 -100.37 66.46
C VAL G 294 -239.84 -100.50 66.07
N TRP G 295 -238.99 -99.72 66.74
CA TRP G 295 -237.55 -99.81 66.54
C TRP G 295 -236.92 -100.57 67.70
N HIS G 296 -235.88 -101.35 67.40
CA HIS G 296 -235.23 -102.19 68.39
C HIS G 296 -233.73 -101.96 68.38
N GLY G 297 -233.10 -102.19 69.53
CA GLY G 297 -231.66 -102.08 69.66
C GLY G 297 -231.15 -103.14 70.61
N VAL G 298 -229.83 -103.14 70.80
CA VAL G 298 -229.18 -104.12 71.66
C VAL G 298 -228.21 -103.39 72.58
N SER G 299 -228.31 -103.65 73.89
CA SER G 299 -227.41 -103.09 74.88
C SER G 299 -226.57 -104.20 75.49
N SER G 300 -225.44 -103.82 76.07
CA SER G 300 -224.51 -104.82 76.62
C SER G 300 -223.68 -104.20 77.74
N ALA G 301 -223.10 -105.07 78.55
CA ALA G 301 -222.16 -104.69 79.59
C ALA G 301 -220.84 -105.41 79.37
N ALA G 302 -219.74 -104.74 79.70
CA ALA G 302 -218.42 -105.28 79.44
C ALA G 302 -218.13 -106.50 80.31
N VAL G 303 -217.21 -107.34 79.83
CA VAL G 303 -216.80 -108.51 80.59
C VAL G 303 -216.00 -108.08 81.81
N GLN G 304 -215.99 -108.93 82.83
CA GLN G 304 -215.31 -108.66 84.08
C GLN G 304 -214.04 -109.50 84.15
N TRP G 305 -212.91 -108.85 84.36
CA TRP G 305 -211.63 -109.52 84.53
C TRP G 305 -211.27 -109.58 86.01
N SER G 306 -210.26 -110.39 86.31
CA SER G 306 -209.81 -110.56 87.69
C SER G 306 -208.32 -110.89 87.70
N TRP G 307 -207.68 -110.62 88.82
CA TRP G 307 -206.27 -110.97 89.03
C TRP G 307 -206.20 -112.39 89.58
N ASP G 308 -205.66 -113.30 88.78
CA ASP G 308 -205.62 -114.71 89.13
C ASP G 308 -204.19 -115.17 89.30
N ALA G 309 -203.99 -116.12 90.21
CA ALA G 309 -202.68 -116.68 90.46
C ALA G 309 -202.42 -117.85 89.50
N GLU G 310 -201.22 -118.43 89.62
CA GLU G 310 -200.84 -119.54 88.76
C GLU G 310 -201.64 -120.79 89.14
N PHE G 311 -202.04 -121.54 88.11
CA PHE G 311 -202.84 -122.76 88.28
C PHE G 311 -204.14 -122.50 89.02
N GLU G 312 -204.81 -121.39 88.71
CA GLU G 312 -206.12 -121.09 89.28
C GLU G 312 -207.16 -121.07 88.18
N GLU G 313 -208.28 -121.74 88.42
CA GLU G 313 -209.36 -121.79 87.43
C GLU G 313 -209.94 -120.40 87.20
N VAL G 314 -210.16 -120.05 85.94
CA VAL G 314 -210.65 -118.73 85.59
C VAL G 314 -212.15 -118.65 85.85
N SER G 315 -212.59 -117.52 86.40
CA SER G 315 -214.00 -117.32 86.71
C SER G 315 -214.81 -117.18 85.43
N ASP G 316 -216.06 -117.64 85.48
CA ASP G 316 -216.97 -117.51 84.36
C ASP G 316 -217.44 -116.06 84.24
N ASP G 317 -217.37 -115.51 83.03
CA ASP G 317 -217.62 -114.10 82.79
C ASP G 317 -218.58 -113.89 81.64
N SER G 318 -219.71 -114.60 81.64
CA SER G 318 -220.66 -114.48 80.55
C SER G 318 -221.31 -113.10 80.58
N PRO G 319 -221.25 -112.35 79.48
CA PRO G 319 -221.90 -111.04 79.44
C PRO G 319 -223.42 -111.15 79.36
N GLU G 320 -224.08 -110.05 79.72
CA GLU G 320 -225.53 -109.93 79.67
C GLU G 320 -225.91 -108.91 78.60
N PHE G 321 -227.03 -109.17 77.93
CA PHE G 321 -227.52 -108.33 76.84
C PHE G 321 -228.92 -107.83 77.16
N GLY G 322 -229.29 -106.74 76.51
CA GLY G 322 -230.60 -106.15 76.67
C GLY G 322 -231.08 -105.58 75.35
N GLN G 323 -232.34 -105.18 75.33
CA GLN G 323 -232.97 -104.66 74.12
C GLN G 323 -233.88 -103.49 74.46
N PRO G 324 -233.50 -102.26 74.11
CA PRO G 324 -234.44 -101.13 74.23
C PRO G 324 -235.56 -101.23 73.21
N GLU G 325 -236.56 -100.36 73.30
CA GLU G 325 -237.71 -100.46 72.41
C GLU G 325 -238.31 -99.08 72.21
N ILE G 326 -238.59 -98.73 70.96
CA ILE G 326 -239.10 -97.41 70.60
C ILE G 326 -240.40 -97.55 69.82
N PRO G 327 -241.56 -97.44 70.46
CA PRO G 327 -242.82 -97.40 69.70
C PRO G 327 -243.01 -96.08 68.98
N VAL G 328 -243.68 -96.15 67.84
CA VAL G 328 -243.96 -94.99 67.00
C VAL G 328 -245.42 -94.59 67.21
N LYS G 329 -245.65 -93.31 67.48
CA LYS G 329 -246.97 -92.83 67.86
C LYS G 329 -247.54 -91.94 66.76
N LYS G 330 -248.71 -91.34 67.02
CA LYS G 330 -249.42 -90.61 65.99
C LYS G 330 -250.04 -89.34 66.56
N ALA G 331 -249.83 -88.23 65.87
CA ALA G 331 -250.45 -86.95 66.21
C ALA G 331 -251.11 -86.40 64.95
N GLN G 332 -252.36 -85.93 65.09
CA GLN G 332 -253.12 -85.48 63.93
C GLN G 332 -254.04 -84.33 64.33
N GLY G 333 -254.33 -83.47 63.36
CA GLY G 333 -255.23 -82.36 63.58
C GLY G 333 -256.01 -82.07 62.31
N PHE G 334 -257.21 -81.52 62.49
CA PHE G 334 -258.16 -81.36 61.39
C PHE G 334 -258.85 -80.02 61.48
N VAL G 335 -258.97 -79.34 60.35
CA VAL G 335 -259.69 -78.08 60.23
C VAL G 335 -260.95 -78.33 59.40
N PRO G 336 -262.15 -78.24 59.98
CA PRO G 336 -263.41 -78.42 59.26
C PRO G 336 -263.61 -77.36 58.19
N THR G 349 -255.24 -71.37 51.48
CA THR G 349 -254.48 -72.60 51.36
C THR G 349 -253.19 -72.52 52.15
N GLU G 350 -252.28 -71.66 51.70
CA GLU G 350 -251.00 -71.49 52.39
C GLU G 350 -251.20 -70.97 53.80
N THR G 351 -252.27 -70.19 54.01
CA THR G 351 -252.62 -69.79 55.37
C THR G 351 -252.88 -71.01 56.25
N VAL G 352 -253.69 -71.94 55.75
CA VAL G 352 -254.00 -73.15 56.51
C VAL G 352 -252.73 -73.97 56.73
N ALA G 353 -251.87 -74.04 55.71
CA ALA G 353 -250.63 -74.80 55.84
C ALA G 353 -249.76 -74.23 56.95
N LEU G 354 -249.62 -72.90 56.99
CA LEU G 354 -248.82 -72.27 58.04
C LEU G 354 -249.44 -72.48 59.41
N LEU G 355 -250.77 -72.36 59.51
CA LEU G 355 -251.42 -72.55 60.80
C LEU G 355 -251.24 -73.99 61.29
N PHE G 356 -251.28 -74.97 60.39
CA PHE G 356 -250.98 -76.34 60.77
C PHE G 356 -249.52 -76.51 61.20
N ALA G 357 -248.60 -75.91 60.45
CA ALA G 357 -247.18 -76.08 60.72
C ALA G 357 -246.77 -75.50 62.07
N GLU G 358 -247.31 -74.33 62.42
CA GLU G 358 -246.96 -73.72 63.70
C GLU G 358 -247.41 -74.60 64.87
N GLY G 359 -248.64 -75.10 64.80
CA GLY G 359 -249.11 -75.99 65.85
C GLY G 359 -248.30 -77.28 65.92
N LYS G 360 -247.96 -77.84 64.76
CA LYS G 360 -247.13 -79.03 64.73
C LYS G 360 -245.79 -78.79 65.41
N ASP G 361 -245.15 -77.67 65.10
CA ASP G 361 -243.84 -77.36 65.68
C ASP G 361 -243.96 -77.19 67.19
N GLU G 362 -244.99 -76.47 67.64
CA GLU G 362 -245.16 -76.24 69.06
C GLU G 362 -245.42 -77.55 69.81
N LEU G 363 -246.28 -78.41 69.26
CA LEU G 363 -246.55 -79.70 69.90
C LEU G 363 -245.30 -80.56 69.95
N GLU G 364 -244.54 -80.61 68.85
CA GLU G 364 -243.33 -81.43 68.85
C GLU G 364 -242.33 -80.92 69.89
N ALA G 365 -242.16 -79.60 69.98
CA ALA G 365 -241.23 -79.05 70.96
C ALA G 365 -241.64 -79.40 72.38
N VAL G 366 -242.92 -79.17 72.71
CA VAL G 366 -243.37 -79.38 74.08
C VAL G 366 -243.32 -80.86 74.44
N THR G 367 -243.59 -81.74 73.48
CA THR G 367 -243.58 -83.17 73.78
C THR G 367 -242.16 -83.73 73.87
N LEU G 368 -241.25 -83.28 73.00
CA LEU G 368 -239.86 -83.71 73.13
C LEU G 368 -239.25 -83.23 74.43
N THR G 369 -239.54 -81.99 74.83
CA THR G 369 -239.05 -81.50 76.10
C THR G 369 -239.60 -82.31 77.26
N THR G 370 -240.89 -82.62 77.23
CA THR G 370 -241.52 -83.41 78.29
C THR G 370 -242.75 -84.10 77.72
N GLY G 371 -242.73 -85.43 77.73
CA GLY G 371 -243.88 -86.22 77.33
C GLY G 371 -244.15 -87.30 78.35
N THR G 372 -245.43 -87.56 78.64
CA THR G 372 -245.76 -88.48 79.72
C THR G 372 -245.29 -89.90 79.43
N GLY G 373 -245.05 -90.23 78.17
CA GLY G 373 -244.57 -91.55 77.81
C GLY G 373 -245.66 -92.59 77.78
N GLN G 374 -246.58 -92.51 78.74
CA GLN G 374 -247.71 -93.43 78.80
C GLN G 374 -248.80 -92.97 77.84
N GLY G 375 -249.79 -93.84 77.64
CA GLY G 375 -250.89 -93.51 76.76
C GLY G 375 -250.42 -93.35 75.32
N ASN G 376 -250.75 -92.21 74.73
CA ASN G 376 -250.52 -91.96 73.32
C ASN G 376 -249.47 -90.87 73.07
N GLN G 377 -248.49 -90.76 73.95
CA GLN G 377 -247.48 -89.72 73.82
C GLN G 377 -246.08 -90.32 73.89
N PRO G 378 -245.14 -89.82 73.09
CA PRO G 378 -243.75 -90.28 73.23
C PRO G 378 -243.13 -89.82 74.54
N THR G 379 -242.10 -90.54 74.98
CA THR G 379 -241.42 -90.20 76.22
C THR G 379 -240.52 -88.99 76.04
N GLY G 380 -240.58 -88.07 77.03
CA GLY G 380 -239.67 -86.94 77.05
C GLY G 380 -238.48 -87.18 77.96
N ILE G 381 -237.43 -86.37 77.77
CA ILE G 381 -236.20 -86.59 78.51
C ILE G 381 -236.39 -86.29 79.99
N VAL G 382 -237.12 -85.22 80.32
CA VAL G 382 -237.34 -84.89 81.72
C VAL G 382 -238.15 -85.97 82.41
N THR G 383 -239.20 -86.46 81.74
CA THR G 383 -240.01 -87.53 82.32
C THR G 383 -239.21 -88.82 82.49
N ALA G 384 -238.38 -89.15 81.50
CA ALA G 384 -237.60 -90.39 81.55
C ALA G 384 -236.44 -90.32 82.52
N LEU G 385 -236.00 -89.13 82.91
CA LEU G 385 -234.87 -89.00 83.82
C LEU G 385 -235.29 -88.88 85.28
N ALA G 386 -236.51 -88.44 85.56
CA ALA G 386 -236.97 -88.33 86.93
C ALA G 386 -237.06 -89.70 87.58
N GLY G 387 -236.56 -89.80 88.81
CA GLY G 387 -236.53 -91.04 89.54
C GLY G 387 -235.29 -91.88 89.29
N THR G 388 -234.56 -91.59 88.22
CA THR G 388 -233.30 -92.27 87.94
C THR G 388 -232.21 -91.71 88.85
N ALA G 389 -231.06 -92.38 88.88
CA ALA G 389 -229.93 -91.89 89.65
C ALA G 389 -229.39 -90.57 89.12
N ALA G 390 -229.81 -90.15 87.93
CA ALA G 390 -229.32 -88.90 87.35
C ALA G 390 -229.79 -87.69 88.14
N GLU G 391 -230.86 -87.81 88.91
CA GLU G 391 -231.41 -86.67 89.63
C GLU G 391 -230.49 -86.28 90.78
N ILE G 392 -230.25 -84.97 90.92
CA ILE G 392 -229.33 -84.43 91.91
C ILE G 392 -229.99 -83.26 92.62
N ALA G 393 -229.82 -83.23 93.94
CA ALA G 393 -230.27 -82.11 94.75
C ALA G 393 -229.22 -81.01 94.78
N PRO G 394 -229.64 -79.75 94.88
CA PRO G 394 -228.67 -78.65 94.95
C PRO G 394 -227.90 -78.66 96.26
N VAL G 395 -226.77 -77.95 96.25
CA VAL G 395 -225.92 -77.89 97.44
C VAL G 395 -226.65 -77.23 98.60
N THR G 396 -227.31 -76.11 98.33
CA THR G 396 -228.10 -75.41 99.33
C THR G 396 -229.58 -75.57 98.97
N ALA G 397 -230.38 -75.97 99.94
CA ALA G 397 -231.79 -76.26 99.71
C ALA G 397 -232.52 -75.03 99.20
N GLU G 398 -233.32 -75.23 98.15
CA GLU G 398 -234.17 -74.18 97.58
C GLU G 398 -233.35 -72.96 97.16
N THR G 399 -232.17 -73.20 96.60
CA THR G 399 -231.29 -72.11 96.22
C THR G 399 -230.50 -72.50 94.98
N PHE G 400 -230.27 -71.53 94.10
CA PHE G 400 -229.50 -71.72 92.88
C PHE G 400 -228.20 -70.93 93.01
N ALA G 401 -227.08 -71.62 92.93
CA ALA G 401 -225.75 -71.01 93.10
C ALA G 401 -224.82 -71.48 91.98
N LEU G 402 -223.58 -70.99 92.04
CA LEU G 402 -222.58 -71.39 91.05
C LEU G 402 -222.07 -72.80 91.28
N ALA G 403 -222.20 -73.32 92.51
CA ALA G 403 -221.74 -74.68 92.77
C ALA G 403 -222.60 -75.71 92.06
N ASP G 404 -223.88 -75.39 91.81
CA ASP G 404 -224.78 -76.35 91.19
C ASP G 404 -224.37 -76.67 89.76
N VAL G 405 -223.96 -75.67 89.00
CA VAL G 405 -223.54 -75.90 87.61
C VAL G 405 -222.35 -76.85 87.57
N TYR G 406 -221.35 -76.58 88.41
CA TYR G 406 -220.18 -77.43 88.46
C TYR G 406 -220.54 -78.83 88.95
N ALA G 407 -221.46 -78.93 89.91
CA ALA G 407 -221.88 -80.25 90.40
C ALA G 407 -222.54 -81.05 89.28
N VAL G 408 -223.39 -80.40 88.49
CA VAL G 408 -224.04 -81.10 87.37
C VAL G 408 -223.00 -81.53 86.34
N TYR G 409 -222.04 -80.66 86.05
CA TYR G 409 -221.04 -81.00 85.03
C TYR G 409 -220.10 -82.11 85.48
N GLU G 410 -219.71 -82.12 86.75
CA GLU G 410 -218.59 -82.94 87.18
C GLU G 410 -218.98 -84.34 87.63
N GLN G 411 -220.24 -84.57 88.00
CA GLN G 411 -220.62 -85.88 88.51
C GLN G 411 -220.82 -86.91 87.40
N LEU G 412 -220.78 -86.50 86.14
CA LEU G 412 -220.95 -87.43 85.04
C LEU G 412 -219.64 -88.15 84.74
N ALA G 413 -219.76 -89.34 84.14
CA ALA G 413 -218.58 -90.10 83.77
C ALA G 413 -217.81 -89.38 82.66
N ALA G 414 -216.49 -89.61 82.63
CA ALA G 414 -215.63 -88.85 81.72
C ALA G 414 -216.00 -89.10 80.26
N ARG G 415 -216.29 -90.34 79.90
CA ARG G 415 -216.58 -90.66 78.50
C ARG G 415 -217.75 -89.83 77.99
N HIS G 416 -218.82 -89.73 78.77
CA HIS G 416 -219.95 -88.90 78.40
C HIS G 416 -219.68 -87.42 78.65
N ARG G 417 -218.89 -87.09 79.68
CA ARG G 417 -218.65 -85.70 80.00
C ARG G 417 -217.91 -84.96 78.89
N ARG G 418 -216.89 -85.61 78.31
CA ARG G 418 -216.10 -84.92 77.29
C ARG G 418 -216.90 -84.66 76.01
N GLN G 419 -218.04 -85.33 75.84
CA GLN G 419 -218.88 -85.12 74.67
C GLN G 419 -220.35 -85.02 75.12
N GLY G 420 -220.84 -83.80 75.26
CA GLY G 420 -222.19 -83.56 75.74
C GLY G 420 -222.59 -82.13 75.47
N ALA G 421 -223.76 -81.76 75.99
CA ALA G 421 -224.30 -80.43 75.76
C ALA G 421 -225.26 -80.07 76.90
N TRP G 422 -225.53 -78.77 77.01
CA TRP G 422 -226.39 -78.23 78.04
C TRP G 422 -227.81 -78.03 77.52
N LEU G 423 -228.73 -77.74 78.43
CA LEU G 423 -230.12 -77.45 78.08
C LEU G 423 -230.81 -76.80 79.27
N ALA G 424 -231.38 -75.62 79.07
CA ALA G 424 -232.09 -74.92 80.13
C ALA G 424 -232.98 -73.85 79.52
N ASN G 425 -233.76 -73.20 80.37
CA ASN G 425 -234.58 -72.07 79.95
C ASN G 425 -233.79 -70.77 80.12
N ASN G 426 -234.17 -69.77 79.31
CA ASN G 426 -233.37 -68.55 79.23
C ASN G 426 -233.28 -67.83 80.58
N LEU G 427 -234.27 -68.03 81.46
CA LEU G 427 -234.19 -67.43 82.78
C LEU G 427 -232.99 -67.96 83.54
N ILE G 428 -232.71 -69.26 83.40
CA ILE G 428 -231.57 -69.85 84.06
C ILE G 428 -230.27 -69.25 83.56
N TYR G 429 -230.15 -69.08 82.23
CA TYR G 429 -228.94 -68.50 81.67
C TYR G 429 -228.77 -67.05 82.11
N ASN G 430 -229.86 -66.30 82.22
CA ASN G 430 -229.76 -64.94 82.72
C ASN G 430 -229.33 -64.91 84.18
N LYS G 431 -229.84 -65.85 84.99
CA LYS G 431 -229.36 -65.95 86.37
C LYS G 431 -227.88 -66.26 86.42
N ILE G 432 -227.40 -67.14 85.53
CA ILE G 432 -225.97 -67.42 85.46
C ILE G 432 -225.20 -66.15 85.11
N ARG G 433 -225.71 -65.38 84.16
CA ARG G 433 -225.10 -64.10 83.83
C ARG G 433 -225.00 -63.21 85.05
N GLN G 434 -226.02 -63.24 85.91
CA GLN G 434 -226.05 -62.39 87.10
C GLN G 434 -225.49 -63.12 88.33
N PHE G 435 -224.27 -63.61 88.20
CA PHE G 435 -223.49 -64.08 89.34
C PHE G 435 -222.24 -63.27 89.63
N ASP G 436 -221.58 -62.74 88.61
CA ASP G 436 -220.35 -61.98 88.81
C ASP G 436 -220.69 -60.52 89.01
N THR G 437 -220.25 -59.96 90.13
CA THR G 437 -220.42 -58.54 90.41
C THR G 437 -219.11 -57.77 90.34
N GLN G 438 -217.98 -58.40 90.66
CA GLN G 438 -216.70 -57.72 90.66
C GLN G 438 -215.78 -58.14 89.53
N GLY G 439 -216.12 -59.17 88.76
CA GLY G 439 -215.32 -59.54 87.61
C GLY G 439 -214.41 -60.73 87.84
N GLY G 440 -214.76 -61.60 88.77
CA GLY G 440 -213.97 -62.77 89.10
C GLY G 440 -214.17 -63.90 88.12
N ALA G 441 -214.18 -65.11 88.65
CA ALA G 441 -214.39 -66.29 87.83
C ALA G 441 -215.88 -66.53 87.60
N GLY G 442 -216.59 -65.51 87.17
CA GLY G 442 -218.00 -65.63 86.86
C GLY G 442 -218.36 -64.76 85.67
N LEU G 443 -217.34 -64.16 85.05
CA LEU G 443 -217.55 -63.26 83.92
C LEU G 443 -217.76 -64.09 82.66
N TRP G 444 -218.96 -64.63 82.52
CA TRP G 444 -219.33 -65.32 81.28
C TRP G 444 -219.29 -64.34 80.11
N THR G 445 -219.99 -63.21 80.25
CA THR G 445 -219.93 -62.13 79.28
C THR G 445 -220.50 -60.88 79.94
N THR G 446 -220.19 -59.73 79.35
CA THR G 446 -220.63 -58.46 79.89
C THR G 446 -221.96 -58.06 79.27
N ILE G 447 -222.58 -57.03 79.87
CA ILE G 447 -223.78 -56.45 79.30
C ILE G 447 -223.44 -55.81 77.95
N GLY G 448 -224.46 -55.66 77.12
CA GLY G 448 -224.23 -55.19 75.77
C GLY G 448 -223.75 -56.25 74.80
N ASN G 449 -223.77 -57.52 75.19
CA ASN G 449 -223.31 -58.60 74.36
C ASN G 449 -224.39 -59.67 74.27
N GLY G 450 -224.37 -60.42 73.17
CA GLY G 450 -225.37 -61.47 72.99
C GLY G 450 -225.10 -62.68 73.86
N GLU G 451 -226.00 -63.64 73.76
CA GLU G 451 -225.91 -64.87 74.53
C GLU G 451 -224.70 -65.68 74.06
N PRO G 452 -223.71 -65.91 74.92
CA PRO G 452 -222.51 -66.64 74.48
C PRO G 452 -222.82 -68.06 74.04
N SER G 453 -222.01 -68.56 73.11
CA SER G 453 -222.26 -69.86 72.50
C SER G 453 -221.85 -71.01 73.42
N GLN G 454 -220.73 -70.90 74.12
CA GLN G 454 -220.18 -71.99 74.91
C GLN G 454 -220.29 -71.70 76.40
N LEU G 455 -220.61 -72.73 77.16
CA LEU G 455 -220.51 -72.71 78.62
C LEU G 455 -219.59 -73.83 79.05
N LEU G 456 -218.48 -73.47 79.71
CA LEU G 456 -217.47 -74.43 80.12
C LEU G 456 -216.97 -75.26 78.93
N GLY G 457 -216.79 -74.60 77.79
CA GLY G 457 -216.30 -75.28 76.61
C GLY G 457 -217.24 -76.33 76.06
N ARG G 458 -218.54 -76.08 76.11
CA ARG G 458 -219.55 -77.01 75.63
C ARG G 458 -220.66 -76.25 74.93
N PRO G 459 -221.33 -76.88 73.96
CA PRO G 459 -222.43 -76.21 73.28
C PRO G 459 -223.59 -75.95 74.23
N VAL G 460 -224.34 -74.90 73.93
CA VAL G 460 -225.46 -74.46 74.76
C VAL G 460 -226.74 -74.53 73.96
N GLY G 461 -227.77 -75.15 74.53
CA GLY G 461 -229.08 -75.16 73.94
C GLY G 461 -230.12 -74.67 74.94
N GLU G 462 -231.24 -74.21 74.41
CA GLU G 462 -232.31 -73.70 75.24
C GLU G 462 -233.65 -74.30 74.80
N ALA G 463 -234.59 -74.31 75.74
CA ALA G 463 -235.93 -74.81 75.49
C ALA G 463 -236.91 -74.04 76.35
N GLU G 464 -237.93 -73.45 75.71
CA GLU G 464 -238.93 -72.67 76.45
C GLU G 464 -239.80 -73.52 77.35
N ALA G 465 -239.77 -74.84 77.20
CA ALA G 465 -240.68 -75.72 77.92
C ALA G 465 -240.04 -76.35 79.16
N MET G 466 -239.10 -75.68 79.81
CA MET G 466 -238.48 -76.16 81.03
C MET G 466 -238.76 -75.20 82.18
N ASP G 467 -238.94 -75.74 83.37
CA ASP G 467 -239.23 -74.91 84.53
C ASP G 467 -238.08 -73.96 84.83
N ALA G 468 -238.40 -72.73 85.21
CA ALA G 468 -237.40 -71.71 85.42
C ALA G 468 -237.58 -70.95 86.72
N ASN G 469 -238.51 -71.36 87.58
CA ASN G 469 -238.69 -70.72 88.88
C ASN G 469 -239.34 -71.71 89.84
N TRP G 470 -239.05 -71.55 91.12
CA TRP G 470 -239.53 -72.45 92.15
C TRP G 470 -240.38 -71.77 93.21
N ASN G 471 -240.45 -70.44 93.21
CA ASN G 471 -241.20 -69.73 94.24
C ASN G 471 -242.69 -69.66 93.90
N THR G 472 -243.02 -69.07 92.75
CA THR G 472 -244.42 -68.97 92.35
C THR G 472 -244.98 -70.30 91.86
N SER G 473 -244.11 -71.22 91.44
CA SER G 473 -244.56 -72.53 90.99
C SER G 473 -245.14 -73.33 92.15
N ALA G 474 -246.20 -74.07 91.86
CA ALA G 474 -246.88 -74.87 92.86
C ALA G 474 -246.44 -76.32 92.89
N SER G 475 -245.48 -76.70 92.04
CA SER G 475 -245.02 -78.08 91.97
C SER G 475 -243.87 -78.31 92.94
N ALA G 476 -243.79 -79.54 93.45
CA ALA G 476 -242.74 -79.89 94.39
C ALA G 476 -241.39 -80.07 93.70
N ASP G 477 -241.38 -80.58 92.47
CA ASP G 477 -240.16 -80.84 91.72
C ASP G 477 -239.96 -79.76 90.67
N ASN G 478 -238.72 -79.28 90.55
CA ASN G 478 -238.38 -78.23 89.59
C ASN G 478 -237.10 -78.62 88.87
N PHE G 479 -237.24 -79.19 87.68
CA PHE G 479 -236.09 -79.57 86.86
C PHE G 479 -235.74 -78.39 85.95
N VAL G 480 -234.58 -77.78 86.18
CA VAL G 480 -234.22 -76.54 85.53
C VAL G 480 -232.99 -76.67 84.64
N LEU G 481 -232.12 -77.64 84.89
CA LEU G 481 -230.88 -77.76 84.13
C LEU G 481 -230.64 -79.21 83.75
N LEU G 482 -229.93 -79.41 82.65
CA LEU G 482 -229.62 -80.75 82.17
C LEU G 482 -228.33 -80.70 81.38
N TYR G 483 -227.55 -81.77 81.49
CA TYR G 483 -226.30 -81.91 80.73
C TYR G 483 -225.98 -83.38 80.61
N GLY G 484 -225.66 -83.81 79.39
CA GLY G 484 -225.29 -85.20 79.18
C GLY G 484 -225.08 -85.47 77.70
N ASN G 485 -224.69 -86.71 77.42
CA ASN G 485 -224.43 -87.17 76.06
C ASN G 485 -225.76 -87.37 75.35
N PHE G 486 -226.09 -86.47 74.43
CA PHE G 486 -227.40 -86.51 73.82
C PHE G 486 -227.50 -87.51 72.68
N GLN G 487 -226.40 -88.14 72.28
CA GLN G 487 -226.51 -89.22 71.31
C GLN G 487 -227.15 -90.47 71.89
N ASN G 488 -227.37 -90.50 73.20
CA ASN G 488 -228.09 -91.59 73.85
C ASN G 488 -229.58 -91.32 74.00
N TYR G 489 -230.07 -90.19 73.47
CA TYR G 489 -231.50 -89.94 73.40
C TYR G 489 -231.93 -90.09 71.94
N VAL G 490 -232.46 -91.27 71.63
CA VAL G 490 -232.78 -91.61 70.25
C VAL G 490 -234.19 -91.15 69.92
N ILE G 491 -234.32 -90.42 68.81
CA ILE G 491 -235.61 -90.04 68.26
C ILE G 491 -235.80 -90.75 66.94
N ALA G 492 -236.85 -91.56 66.84
CA ALA G 492 -237.14 -92.33 65.65
C ALA G 492 -238.30 -91.67 64.91
N ASP G 493 -238.08 -91.33 63.65
CA ASP G 493 -239.09 -90.69 62.82
C ASP G 493 -239.55 -91.64 61.72
N ARG G 494 -240.86 -91.67 61.49
CA ARG G 494 -241.44 -92.58 60.50
C ARG G 494 -242.02 -91.82 59.31
N ILE G 495 -242.96 -90.90 59.54
CA ILE G 495 -243.64 -90.19 58.46
C ILE G 495 -243.70 -88.72 58.82
N GLY G 496 -243.31 -87.86 57.89
CA GLY G 496 -243.30 -86.43 58.12
C GLY G 496 -244.70 -85.86 58.06
N MET G 497 -244.75 -84.53 58.15
CA MET G 497 -246.02 -83.80 58.14
C MET G 497 -246.63 -83.87 56.75
N THR G 498 -247.84 -84.42 56.66
CA THR G 498 -248.56 -84.57 55.41
C THR G 498 -249.94 -83.96 55.52
N VAL G 499 -250.37 -83.24 54.48
CA VAL G 499 -251.64 -82.53 54.45
C VAL G 499 -252.44 -82.99 53.24
N GLU G 500 -253.71 -83.32 53.47
CA GLU G 500 -254.63 -83.69 52.40
C GLU G 500 -255.80 -82.72 52.35
N PHE G 501 -256.61 -82.86 51.31
CA PHE G 501 -257.84 -82.09 51.12
C PHE G 501 -258.97 -83.06 50.84
N ILE G 502 -260.01 -83.02 51.66
CA ILE G 502 -261.18 -83.87 51.50
C ILE G 502 -262.29 -83.06 50.84
N PRO G 503 -262.67 -83.37 49.59
CA PRO G 503 -263.74 -82.64 48.89
C PRO G 503 -265.12 -83.01 49.41
N GLY G 517 -262.90 -80.36 54.29
CA GLY G 517 -261.90 -79.76 55.16
C GLY G 517 -260.48 -80.19 54.84
N TRP G 518 -259.56 -79.89 55.76
CA TRP G 518 -258.16 -80.26 55.63
C TRP G 518 -257.75 -81.19 56.75
N PHE G 519 -257.03 -82.25 56.40
CA PHE G 519 -256.59 -83.27 57.33
C PHE G 519 -255.09 -83.40 57.25
N ALA G 520 -254.44 -83.38 58.41
CA ALA G 520 -252.98 -83.51 58.49
C ALA G 520 -252.61 -84.36 59.69
N TYR G 521 -251.55 -85.13 59.54
CA TYR G 521 -251.08 -86.04 60.59
C TYR G 521 -249.57 -86.20 60.47
N TYR G 522 -248.97 -86.73 61.53
CA TYR G 522 -247.52 -86.83 61.63
C TYR G 522 -247.19 -87.86 62.71
N ARG G 523 -246.12 -88.62 62.49
CA ARG G 523 -245.73 -89.71 63.37
C ARG G 523 -244.27 -89.59 63.78
N MET G 524 -243.98 -89.94 65.04
CA MET G 524 -242.61 -89.99 65.54
C MET G 524 -242.60 -90.82 66.82
N GLY G 525 -241.39 -91.08 67.31
CA GLY G 525 -241.21 -91.79 68.56
C GLY G 525 -239.83 -91.53 69.13
N ALA G 526 -239.75 -91.47 70.46
CA ALA G 526 -238.49 -91.13 71.11
C ALA G 526 -238.48 -91.68 72.53
N ASP G 527 -237.30 -92.09 72.97
CA ASP G 527 -237.06 -92.56 74.34
C ASP G 527 -235.55 -92.59 74.56
N VAL G 528 -235.15 -92.87 75.79
CA VAL G 528 -233.74 -92.82 76.20
C VAL G 528 -233.20 -94.24 76.28
N VAL G 529 -231.98 -94.43 75.80
CA VAL G 529 -231.34 -95.74 75.86
C VAL G 529 -230.58 -95.92 77.16
N ASN G 530 -229.63 -95.02 77.44
CA ASN G 530 -228.80 -95.12 78.62
C ASN G 530 -229.19 -94.04 79.62
N PRO G 531 -229.75 -94.38 80.77
CA PRO G 531 -230.16 -93.36 81.74
C PRO G 531 -229.04 -92.81 82.62
N ASN G 532 -227.83 -93.37 82.55
CA ASN G 532 -226.71 -92.87 83.35
C ASN G 532 -225.73 -92.05 82.53
N ALA G 533 -226.16 -91.52 81.39
CA ALA G 533 -225.36 -90.60 80.60
C ALA G 533 -225.86 -89.16 80.71
N PHE G 534 -226.60 -88.85 81.78
CA PHE G 534 -227.13 -87.53 82.01
C PHE G 534 -227.05 -87.21 83.49
N ARG G 535 -227.11 -85.92 83.81
CA ARG G 535 -227.11 -85.43 85.19
C ARG G 535 -228.14 -84.32 85.29
N LEU G 536 -229.35 -84.68 85.72
CA LEU G 536 -230.43 -83.71 85.82
C LEU G 536 -230.42 -83.04 87.18
N LEU G 537 -230.74 -81.75 87.20
CA LEU G 537 -230.81 -80.98 88.44
C LEU G 537 -232.27 -80.79 88.83
N ASN G 538 -232.53 -80.81 90.13
CA ASN G 538 -233.89 -80.68 90.67
C ASN G 538 -233.85 -79.84 91.94
N VAL G 539 -234.28 -78.58 91.84
CA VAL G 539 -234.51 -77.78 93.04
C VAL G 539 -235.82 -78.23 93.67
N GLU G 540 -235.76 -78.58 94.95
CA GLU G 540 -236.88 -79.18 95.65
C GLU G 540 -237.47 -78.17 96.62
N THR G 541 -238.73 -77.80 96.42
CA THR G 541 -239.41 -76.90 97.32
C THR G 541 -240.43 -77.67 98.16
N ALA G 542 -240.69 -77.15 99.35
CA ALA G 542 -241.62 -77.79 100.28
C ALA G 542 -242.11 -76.79 101.32
N MET H 251 -258.80 -103.46 60.71
CA MET H 251 -257.46 -103.93 60.35
C MET H 251 -256.39 -103.05 60.97
N GLY H 252 -256.10 -103.28 62.24
CA GLY H 252 -255.13 -102.49 62.96
C GLY H 252 -253.73 -103.07 62.91
N LEU H 253 -252.88 -102.57 63.81
CA LEU H 253 -251.53 -103.07 63.97
C LEU H 253 -251.44 -104.24 64.93
N THR H 254 -252.55 -104.67 65.52
CA THR H 254 -252.53 -105.87 66.33
C THR H 254 -252.17 -107.06 65.45
N LYS H 255 -251.53 -108.06 66.07
CA LYS H 255 -250.98 -109.16 65.29
C LYS H 255 -252.05 -109.87 64.46
N ALA H 256 -253.14 -110.28 65.11
CA ALA H 256 -254.18 -111.05 64.42
C ALA H 256 -254.88 -110.24 63.33
N ASP H 257 -254.73 -108.92 63.33
CA ASP H 257 -255.35 -108.06 62.33
C ASP H 257 -254.35 -107.53 61.31
N GLY H 258 -253.38 -108.36 60.93
CA GLY H 258 -252.36 -107.96 59.97
C GLY H 258 -251.06 -107.51 60.57
N GLY H 259 -250.89 -107.64 61.89
CA GLY H 259 -249.64 -107.19 62.51
C GLY H 259 -248.49 -108.12 62.22
N TYR H 260 -248.78 -109.37 61.84
CA TYR H 260 -247.71 -110.31 61.52
C TYR H 260 -246.98 -109.91 60.23
N LEU H 261 -247.56 -109.02 59.44
CA LEU H 261 -246.95 -108.67 58.16
C LEU H 261 -245.74 -107.76 58.35
N VAL H 262 -245.73 -106.94 59.39
CA VAL H 262 -244.65 -105.96 59.54
C VAL H 262 -243.33 -106.67 59.79
N PRO H 263 -242.23 -106.22 59.20
CA PRO H 263 -240.94 -106.90 59.43
C PRO H 263 -240.26 -106.41 60.70
N PHE H 264 -239.56 -107.32 61.36
CA PHE H 264 -238.86 -106.99 62.59
C PHE H 264 -237.61 -106.17 62.28
N GLN H 265 -237.49 -105.02 62.95
CA GLN H 265 -236.40 -104.08 62.69
C GLN H 265 -235.45 -104.05 63.88
N LEU H 266 -234.16 -104.10 63.59
CA LEU H 266 -233.14 -104.17 64.62
C LEU H 266 -231.89 -103.44 64.17
N ASP H 267 -231.25 -102.74 65.10
CA ASP H 267 -229.96 -102.12 64.84
C ASP H 267 -228.86 -103.10 65.27
N PRO H 268 -228.09 -103.65 64.34
CA PRO H 268 -227.09 -104.66 64.73
C PRO H 268 -226.02 -104.15 65.69
N THR H 269 -225.64 -102.88 65.60
CA THR H 269 -224.54 -102.37 66.40
C THR H 269 -224.91 -102.40 67.88
N VAL H 270 -223.89 -102.45 68.73
CA VAL H 270 -224.08 -102.66 70.16
C VAL H 270 -223.78 -101.36 70.90
N ILE H 271 -224.42 -101.20 72.05
CA ILE H 271 -224.23 -100.04 72.92
C ILE H 271 -223.79 -100.55 74.28
N ILE H 272 -222.70 -99.97 74.80
CA ILE H 272 -222.12 -100.38 76.08
C ILE H 272 -222.58 -99.41 77.15
N THR H 273 -223.28 -99.92 78.16
CA THR H 273 -223.82 -99.10 79.23
C THR H 273 -222.89 -98.97 80.43
N SER H 274 -221.75 -99.66 80.42
CA SER H 274 -220.82 -99.56 81.54
C SER H 274 -220.15 -98.20 81.56
N ASN H 275 -219.83 -97.73 82.76
CA ASN H 275 -219.21 -96.41 82.89
C ASN H 275 -217.81 -96.39 82.29
N GLY H 276 -217.03 -97.43 82.51
CA GLY H 276 -215.65 -97.42 82.07
C GLY H 276 -214.79 -96.59 83.01
N SER H 277 -213.57 -96.32 82.56
CA SER H 277 -212.65 -95.52 83.37
C SER H 277 -211.61 -94.88 82.47
N LEU H 278 -211.13 -93.70 82.88
CA LEU H 278 -210.07 -92.99 82.21
C LEU H 278 -208.95 -92.69 83.21
N ASN H 279 -207.71 -92.80 82.76
CA ASN H 279 -206.58 -92.57 83.64
C ASN H 279 -205.42 -91.99 82.84
N ASP H 280 -204.58 -91.20 83.50
CA ASP H 280 -203.44 -90.55 82.86
C ASP H 280 -202.11 -90.88 83.53
N ILE H 281 -202.03 -92.00 84.25
CA ILE H 281 -200.75 -92.41 84.81
C ILE H 281 -199.76 -92.74 83.71
N ARG H 282 -200.22 -93.47 82.68
CA ARG H 282 -199.33 -94.03 81.68
C ARG H 282 -198.65 -92.96 80.81
N ARG H 283 -199.15 -91.73 80.80
CA ARG H 283 -198.49 -90.67 80.05
C ARG H 283 -197.44 -89.94 80.88
N PHE H 284 -197.39 -90.18 82.19
CA PHE H 284 -196.42 -89.53 83.06
C PHE H 284 -195.42 -90.49 83.68
N ALA H 285 -195.81 -91.74 83.90
CA ALA H 285 -194.97 -92.72 84.57
C ALA H 285 -193.87 -93.23 83.65
N ARG H 286 -192.87 -93.85 84.25
CA ARG H 286 -191.78 -94.47 83.51
C ARG H 286 -192.07 -95.94 83.28
N GLN H 287 -191.87 -96.40 82.05
CA GLN H 287 -192.21 -97.76 81.66
C GLN H 287 -190.95 -98.51 81.24
N VAL H 288 -190.87 -99.77 81.66
CA VAL H 288 -189.75 -100.64 81.33
C VAL H 288 -190.29 -101.95 80.80
N VAL H 289 -189.44 -102.67 80.08
CA VAL H 289 -189.81 -103.94 79.46
C VAL H 289 -189.24 -105.07 80.31
N ALA H 290 -190.11 -105.85 80.92
CA ALA H 290 -189.68 -107.00 81.69
C ALA H 290 -189.51 -108.21 80.78
N THR H 291 -188.50 -109.02 81.07
CA THR H 291 -188.23 -110.23 80.31
C THR H 291 -188.41 -111.51 81.10
N GLY H 292 -188.63 -111.42 82.41
CA GLY H 292 -188.80 -112.60 83.24
C GLY H 292 -190.00 -112.47 84.15
N ASP H 293 -189.78 -112.59 85.46
CA ASP H 293 -190.84 -112.46 86.44
C ASP H 293 -190.70 -111.25 87.34
N VAL H 294 -189.48 -110.75 87.53
CA VAL H 294 -189.23 -109.61 88.41
C VAL H 294 -188.30 -108.63 87.72
N TRP H 295 -188.30 -107.39 88.21
CA TRP H 295 -187.44 -106.34 87.69
C TRP H 295 -186.67 -105.74 88.86
N HIS H 296 -185.35 -105.76 88.78
CA HIS H 296 -184.47 -105.33 89.86
C HIS H 296 -183.76 -104.04 89.50
N GLY H 297 -183.38 -103.28 90.52
CA GLY H 297 -182.66 -102.03 90.34
C GLY H 297 -181.79 -101.77 91.55
N VAL H 298 -181.08 -100.64 91.52
CA VAL H 298 -180.19 -100.23 92.60
C VAL H 298 -180.50 -98.80 92.98
N SER H 299 -180.63 -98.56 94.28
CA SER H 299 -180.84 -97.23 94.83
C SER H 299 -179.81 -96.96 95.93
N SER H 300 -179.48 -95.69 96.13
CA SER H 300 -178.46 -95.33 97.11
C SER H 300 -178.69 -93.90 97.58
N ALA H 301 -177.84 -93.47 98.51
CA ALA H 301 -177.89 -92.14 99.10
C ALA H 301 -176.52 -91.50 99.04
N ALA H 302 -176.49 -90.18 99.22
CA ALA H 302 -175.26 -89.42 99.10
C ALA H 302 -174.34 -89.63 100.30
N VAL H 303 -173.05 -89.37 100.08
CA VAL H 303 -172.05 -89.48 101.13
C VAL H 303 -172.14 -88.29 102.07
N GLN H 304 -172.12 -88.57 103.37
CA GLN H 304 -172.28 -87.54 104.39
C GLN H 304 -170.92 -86.88 104.66
N TRP H 305 -170.88 -85.55 104.54
CA TRP H 305 -169.70 -84.76 104.86
C TRP H 305 -169.88 -84.11 106.24
N SER H 306 -168.87 -83.32 106.62
CA SER H 306 -168.92 -82.54 107.85
C SER H 306 -167.79 -81.52 107.79
N TRP H 307 -167.87 -80.52 108.66
CA TRP H 307 -166.82 -79.53 108.81
C TRP H 307 -165.94 -79.94 109.98
N ASP H 308 -164.68 -80.26 109.69
CA ASP H 308 -163.78 -80.87 110.66
C ASP H 308 -162.60 -79.94 110.93
N ALA H 309 -162.07 -80.04 112.15
CA ALA H 309 -161.00 -79.19 112.60
C ALA H 309 -159.64 -79.76 112.20
N GLU H 310 -158.58 -79.17 112.74
CA GLU H 310 -157.23 -79.64 112.49
C GLU H 310 -156.91 -80.83 113.38
N PHE H 311 -156.19 -81.80 112.82
CA PHE H 311 -155.83 -83.03 113.52
C PHE H 311 -157.06 -83.75 114.07
N GLU H 312 -158.13 -83.77 113.28
CA GLU H 312 -159.37 -84.41 113.69
C GLU H 312 -159.62 -85.65 112.85
N GLU H 313 -159.82 -86.78 113.52
CA GLU H 313 -160.10 -88.02 112.81
C GLU H 313 -161.45 -87.96 112.10
N VAL H 314 -161.48 -88.46 110.87
CA VAL H 314 -162.70 -88.48 110.09
C VAL H 314 -163.54 -89.68 110.50
N SER H 315 -164.80 -89.65 110.11
CA SER H 315 -165.73 -90.73 110.39
C SER H 315 -166.10 -91.42 109.08
N ASP H 316 -166.18 -92.74 109.12
CA ASP H 316 -166.60 -93.48 107.94
C ASP H 316 -168.03 -93.11 107.57
N ASP H 317 -168.27 -92.93 106.27
CA ASP H 317 -169.54 -92.47 105.75
C ASP H 317 -169.97 -93.32 104.56
N SER H 318 -169.90 -94.63 104.72
CA SER H 318 -170.19 -95.52 103.60
C SER H 318 -171.66 -95.42 103.22
N PRO H 319 -171.98 -95.12 101.97
CA PRO H 319 -173.39 -95.08 101.55
C PRO H 319 -174.01 -96.46 101.56
N GLU H 320 -175.29 -96.51 101.87
CA GLU H 320 -176.04 -97.75 101.90
C GLU H 320 -176.78 -97.93 100.57
N PHE H 321 -177.05 -99.19 100.22
CA PHE H 321 -177.65 -99.51 98.94
C PHE H 321 -178.93 -100.30 99.14
N GLY H 322 -179.87 -100.13 98.22
CA GLY H 322 -181.11 -100.87 98.24
C GLY H 322 -181.47 -101.36 96.84
N GLN H 323 -182.27 -102.41 96.82
CA GLN H 323 -182.67 -103.07 95.57
C GLN H 323 -184.18 -103.21 95.52
N PRO H 324 -184.89 -102.24 94.97
CA PRO H 324 -186.34 -102.40 94.76
C PRO H 324 -186.62 -103.47 93.71
N GLU H 325 -187.73 -104.18 93.90
CA GLU H 325 -188.09 -105.26 93.00
C GLU H 325 -189.57 -105.16 92.65
N ILE H 326 -189.90 -105.44 91.40
CA ILE H 326 -191.27 -105.32 90.91
C ILE H 326 -191.69 -106.66 90.29
N PRO H 327 -192.59 -107.41 90.93
CA PRO H 327 -193.01 -108.69 90.35
C PRO H 327 -194.03 -108.50 89.24
N VAL H 328 -194.05 -109.46 88.32
CA VAL H 328 -194.99 -109.47 87.21
C VAL H 328 -196.15 -110.38 87.56
N LYS H 329 -197.37 -109.86 87.49
CA LYS H 329 -198.58 -110.60 87.78
C LYS H 329 -199.49 -110.56 86.54
N LYS H 330 -200.44 -111.49 86.50
CA LYS H 330 -201.30 -111.62 85.33
C LYS H 330 -202.77 -111.52 85.72
N ALA H 331 -203.59 -111.14 84.74
CA ALA H 331 -205.03 -111.11 84.89
C ALA H 331 -205.64 -111.79 83.67
N GLN H 332 -206.80 -112.40 83.87
CA GLN H 332 -207.39 -113.21 82.80
C GLN H 332 -208.91 -113.21 82.92
N GLY H 333 -209.56 -113.53 81.80
CA GLY H 333 -210.99 -113.69 81.76
C GLY H 333 -211.37 -114.74 80.74
N PHE H 334 -212.62 -115.23 80.86
CA PHE H 334 -213.06 -116.35 80.05
C PHE H 334 -214.55 -116.22 79.77
N VAL H 335 -214.95 -116.59 78.55
CA VAL H 335 -216.35 -116.54 78.15
C VAL H 335 -216.69 -117.79 77.34
N PRO H 336 -217.58 -118.65 77.83
CA PRO H 336 -218.04 -119.80 77.03
C PRO H 336 -219.08 -119.40 76.00
N ILE H 337 -219.34 -120.31 75.08
CA ILE H 337 -220.35 -120.10 74.05
C ILE H 337 -220.79 -121.45 73.50
N SER H 338 -221.99 -121.49 72.95
CA SER H 338 -222.56 -122.71 72.38
C SER H 338 -222.35 -122.75 70.87
N ILE H 339 -222.49 -123.95 70.31
CA ILE H 339 -222.30 -124.13 68.87
C ILE H 339 -223.38 -123.41 68.08
N GLU H 340 -224.64 -123.57 68.51
CA GLU H 340 -225.74 -122.91 67.83
C GLU H 340 -225.59 -121.40 67.92
N ALA H 341 -225.07 -120.90 69.04
CA ALA H 341 -224.83 -119.46 69.15
C ALA H 341 -223.81 -118.99 68.12
N LEU H 342 -222.75 -119.77 67.90
CA LEU H 342 -221.78 -119.42 66.87
C LEU H 342 -222.39 -119.44 65.48
N GLN H 343 -223.23 -120.44 65.18
CA GLN H 343 -223.81 -120.49 63.85
C GLN H 343 -224.86 -119.41 63.59
N ASP H 344 -225.64 -119.05 64.60
CA ASP H 344 -226.83 -118.22 64.38
C ASP H 344 -226.58 -116.74 64.58
N GLU H 345 -225.83 -116.36 65.61
CA GLU H 345 -225.68 -114.96 65.98
C GLU H 345 -224.59 -114.32 65.14
N ALA H 346 -224.84 -113.09 64.68
CA ALA H 346 -223.97 -112.43 63.73
C ALA H 346 -222.93 -111.57 64.45
N ASN H 347 -221.71 -111.57 63.91
CA ASN H 347 -220.62 -110.72 64.40
C ASN H 347 -220.35 -110.96 65.88
N VAL H 348 -220.35 -112.23 66.27
CA VAL H 348 -220.09 -112.58 67.66
C VAL H 348 -218.63 -112.27 68.03
N THR H 349 -217.70 -112.68 67.17
CA THR H 349 -216.28 -112.59 67.51
C THR H 349 -215.85 -111.15 67.72
N GLU H 350 -216.25 -110.25 66.81
CA GLU H 350 -215.86 -108.85 66.92
C GLU H 350 -216.46 -108.21 68.17
N THR H 351 -217.72 -108.50 68.45
CA THR H 351 -218.36 -107.94 69.64
C THR H 351 -217.67 -108.41 70.91
N VAL H 352 -217.33 -109.70 70.98
CA VAL H 352 -216.64 -110.22 72.16
C VAL H 352 -215.26 -109.61 72.28
N ALA H 353 -214.55 -109.41 71.16
CA ALA H 353 -213.25 -108.76 71.23
C ALA H 353 -213.37 -107.34 71.76
N LEU H 354 -214.38 -106.61 71.31
CA LEU H 354 -214.58 -105.25 71.80
C LEU H 354 -214.88 -105.25 73.30
N LEU H 355 -215.74 -106.18 73.75
CA LEU H 355 -216.05 -106.25 75.17
C LEU H 355 -214.81 -106.59 75.99
N PHE H 356 -213.98 -107.52 75.49
CA PHE H 356 -212.75 -107.86 76.17
C PHE H 356 -211.83 -106.64 76.29
N ALA H 357 -211.69 -105.87 75.21
CA ALA H 357 -210.83 -104.70 75.26
C ALA H 357 -211.34 -103.67 76.27
N GLU H 358 -212.66 -103.43 76.27
CA GLU H 358 -213.22 -102.48 77.23
C GLU H 358 -213.00 -102.95 78.67
N GLY H 359 -213.21 -104.24 78.93
CA GLY H 359 -212.98 -104.75 80.27
C GLY H 359 -211.53 -104.64 80.70
N LYS H 360 -210.61 -104.94 79.78
CA LYS H 360 -209.20 -104.83 80.10
C LYS H 360 -208.82 -103.40 80.44
N ASP H 361 -209.31 -102.45 79.65
CA ASP H 361 -209.01 -101.05 79.92
C ASP H 361 -209.59 -100.62 81.28
N GLU H 362 -210.83 -101.04 81.55
CA GLU H 362 -211.45 -100.66 82.81
C GLU H 362 -210.69 -101.23 84.01
N LEU H 363 -210.24 -102.48 83.91
CA LEU H 363 -209.48 -103.07 85.01
C LEU H 363 -208.13 -102.38 85.18
N GLU H 364 -207.43 -102.13 84.07
CA GLU H 364 -206.09 -101.54 84.14
C GLU H 364 -206.13 -100.13 84.73
N ALA H 365 -207.12 -99.32 84.32
CA ALA H 365 -207.19 -97.96 84.82
C ALA H 365 -207.39 -97.92 86.32
N VAL H 366 -208.28 -98.77 86.85
CA VAL H 366 -208.54 -98.77 88.28
C VAL H 366 -207.34 -99.36 89.03
N THR H 367 -206.72 -100.40 88.48
CA THR H 367 -205.58 -101.00 89.16
C THR H 367 -204.40 -100.04 89.24
N LEU H 368 -204.17 -99.25 88.19
CA LEU H 368 -203.01 -98.35 88.17
C LEU H 368 -203.11 -97.30 89.28
N THR H 369 -204.31 -96.90 89.66
CA THR H 369 -204.48 -95.93 90.73
C THR H 369 -204.48 -96.57 92.10
N THR H 370 -205.26 -97.62 92.30
CA THR H 370 -205.32 -98.34 93.57
C THR H 370 -204.95 -99.80 93.32
N GLY H 371 -203.96 -100.29 94.05
CA GLY H 371 -203.57 -101.68 93.99
C GLY H 371 -203.13 -102.15 95.36
N THR H 372 -203.70 -103.26 95.82
CA THR H 372 -203.45 -103.70 97.18
C THR H 372 -202.00 -104.12 97.38
N GLY H 373 -201.29 -104.45 96.30
CA GLY H 373 -199.89 -104.80 96.39
C GLY H 373 -199.64 -106.20 96.91
N GLN H 374 -200.60 -106.74 97.63
CA GLN H 374 -200.53 -108.09 98.16
C GLN H 374 -201.43 -109.02 97.34
N GLY H 375 -201.35 -110.30 97.64
CA GLY H 375 -202.11 -111.28 96.90
C GLY H 375 -201.66 -111.38 95.46
N ASN H 376 -202.51 -110.93 94.54
CA ASN H 376 -202.23 -111.03 93.12
C ASN H 376 -202.38 -109.69 92.40
N GLN H 377 -202.25 -108.58 93.11
CA GLN H 377 -202.46 -107.29 92.45
C GLN H 377 -201.21 -106.43 92.55
N PRO H 378 -200.85 -105.73 91.47
CA PRO H 378 -199.69 -104.84 91.53
C PRO H 378 -199.94 -103.64 92.43
N THR H 379 -198.86 -103.06 92.92
CA THR H 379 -198.96 -101.90 93.79
C THR H 379 -199.29 -100.65 92.98
N GLY H 380 -200.25 -99.86 93.49
CA GLY H 380 -200.66 -98.64 92.84
C GLY H 380 -200.00 -97.41 93.43
N ILE H 381 -200.20 -96.27 92.77
CA ILE H 381 -199.58 -95.03 93.20
C ILE H 381 -200.16 -94.57 94.54
N VAL H 382 -201.48 -94.71 94.72
CA VAL H 382 -202.10 -94.23 95.94
C VAL H 382 -201.74 -95.12 97.12
N THR H 383 -201.78 -96.45 96.94
CA THR H 383 -201.47 -97.36 98.03
C THR H 383 -200.02 -97.23 98.46
N ALA H 384 -199.10 -97.11 97.50
CA ALA H 384 -197.68 -97.05 97.82
C ALA H 384 -197.30 -95.78 98.57
N LEU H 385 -198.06 -94.69 98.37
CA LEU H 385 -197.73 -93.40 98.98
C LEU H 385 -198.55 -93.11 100.23
N ALA H 386 -199.26 -94.11 100.75
CA ALA H 386 -200.08 -93.93 101.94
C ALA H 386 -199.27 -94.32 103.17
N GLY H 387 -199.24 -93.46 104.18
CA GLY H 387 -198.51 -93.70 105.39
C GLY H 387 -197.03 -93.34 105.33
N THR H 388 -196.53 -92.90 104.18
CA THR H 388 -195.13 -92.56 104.04
C THR H 388 -194.93 -91.08 104.33
N ALA H 389 -193.73 -90.58 104.02
CA ALA H 389 -193.44 -89.16 104.20
C ALA H 389 -194.12 -88.30 103.16
N ALA H 390 -194.69 -88.90 102.12
CA ALA H 390 -195.32 -88.12 101.06
C ALA H 390 -196.63 -87.49 101.53
N GLU H 391 -197.32 -88.14 102.47
CA GLU H 391 -198.62 -87.66 102.92
C GLU H 391 -198.45 -86.45 103.84
N ILE H 392 -199.28 -85.42 103.60
CA ILE H 392 -199.25 -84.18 104.39
C ILE H 392 -200.64 -83.90 104.95
N ALA H 393 -200.78 -82.78 105.65
CA ALA H 393 -202.04 -82.43 106.29
C ALA H 393 -202.48 -81.03 105.88
N PRO H 394 -203.79 -80.79 105.81
CA PRO H 394 -204.28 -79.47 105.42
C PRO H 394 -204.09 -78.44 106.52
N VAL H 395 -204.12 -77.16 106.11
CA VAL H 395 -203.97 -76.06 107.05
C VAL H 395 -205.13 -76.05 108.03
N THR H 396 -206.35 -76.20 107.52
CA THR H 396 -207.56 -76.24 108.34
C THR H 396 -208.19 -77.61 108.22
N ALA H 397 -208.63 -78.16 109.37
CA ALA H 397 -209.19 -79.50 109.38
C ALA H 397 -210.45 -79.56 108.52
N GLU H 398 -210.54 -80.60 107.68
CA GLU H 398 -211.68 -80.84 106.82
C GLU H 398 -211.98 -79.64 105.93
N THR H 399 -210.94 -79.04 105.37
CA THR H 399 -211.10 -77.85 104.54
C THR H 399 -210.08 -77.88 103.41
N PHE H 400 -210.55 -77.56 102.20
CA PHE H 400 -209.69 -77.48 101.03
C PHE H 400 -209.66 -76.02 100.54
N ALA H 401 -208.46 -75.46 100.45
CA ALA H 401 -208.28 -74.05 100.12
C ALA H 401 -207.04 -73.87 99.26
N LEU H 402 -206.83 -72.62 98.82
CA LEU H 402 -205.66 -72.31 97.99
C LEU H 402 -204.36 -72.57 98.73
N ALA H 403 -204.35 -72.34 100.05
CA ALA H 403 -203.15 -72.64 100.83
C ALA H 403 -202.76 -74.11 100.70
N ASP H 404 -203.73 -75.01 100.54
CA ASP H 404 -203.42 -76.43 100.40
C ASP H 404 -202.71 -76.72 99.10
N VAL H 405 -203.20 -76.18 97.98
CA VAL H 405 -202.56 -76.46 96.70
C VAL H 405 -201.19 -75.79 96.64
N TYR H 406 -201.02 -74.67 97.34
CA TYR H 406 -199.68 -74.09 97.41
C TYR H 406 -198.76 -74.95 98.26
N ALA H 407 -199.27 -75.48 99.37
CA ALA H 407 -198.45 -76.30 100.26
C ALA H 407 -197.99 -77.58 99.58
N VAL H 408 -198.89 -78.21 98.82
CA VAL H 408 -198.52 -79.44 98.12
C VAL H 408 -197.35 -79.18 97.18
N TYR H 409 -197.37 -78.05 96.48
CA TYR H 409 -196.33 -77.72 95.51
C TYR H 409 -195.03 -77.26 96.16
N GLU H 410 -195.10 -76.60 97.32
CA GLU H 410 -193.91 -75.99 97.91
C GLU H 410 -193.13 -76.92 98.82
N GLN H 411 -193.78 -77.88 99.47
CA GLN H 411 -193.12 -78.75 100.45
C GLN H 411 -192.48 -79.95 99.77
N LEU H 412 -191.67 -79.66 98.75
CA LEU H 412 -191.03 -80.71 97.96
C LEU H 412 -189.59 -80.30 97.69
N ALA H 413 -188.74 -81.30 97.50
CA ALA H 413 -187.35 -81.03 97.16
C ALA H 413 -187.28 -80.29 95.82
N ALA H 414 -186.34 -79.34 95.73
CA ALA H 414 -186.23 -78.52 94.53
C ALA H 414 -185.86 -79.33 93.30
N ARG H 415 -185.26 -80.50 93.47
CA ARG H 415 -184.87 -81.31 92.31
C ARG H 415 -186.10 -81.88 91.61
N HIS H 416 -187.04 -82.44 92.37
CA HIS H 416 -188.22 -83.05 91.78
C HIS H 416 -189.31 -82.04 91.43
N ARG H 417 -189.33 -80.89 92.10
CA ARG H 417 -190.37 -79.89 91.83
C ARG H 417 -190.27 -79.38 90.39
N ARG H 418 -189.05 -79.23 89.88
CA ARG H 418 -188.85 -78.69 88.54
C ARG H 418 -189.33 -79.62 87.44
N GLN H 419 -189.61 -80.88 87.75
CA GLN H 419 -190.10 -81.82 86.75
C GLN H 419 -191.25 -82.64 87.33
N GLY H 420 -192.17 -81.98 88.03
CA GLY H 420 -193.32 -82.62 88.61
C GLY H 420 -194.54 -82.55 87.69
N ALA H 421 -195.65 -83.06 88.21
CA ALA H 421 -196.92 -83.07 87.48
C ALA H 421 -198.07 -83.22 88.45
N TRP H 422 -199.21 -82.65 88.09
CA TRP H 422 -200.41 -82.68 88.92
C TRP H 422 -201.36 -83.75 88.38
N LEU H 423 -201.96 -84.51 89.30
CA LEU H 423 -202.90 -85.56 88.92
C LEU H 423 -203.91 -85.76 90.03
N ALA H 424 -205.20 -85.60 89.70
CA ALA H 424 -206.27 -85.71 90.67
C ALA H 424 -207.58 -85.90 89.92
N ASN H 425 -208.68 -85.89 90.66
CA ASN H 425 -210.01 -86.03 90.07
C ASN H 425 -210.49 -84.70 89.51
N ASN H 426 -211.47 -84.77 88.61
CA ASN H 426 -211.98 -83.55 87.98
C ASN H 426 -212.70 -82.67 88.98
N LEU H 427 -213.31 -83.26 90.00
CA LEU H 427 -214.05 -82.52 91.01
C LEU H 427 -213.12 -81.59 91.78
N ILE H 428 -211.90 -82.06 92.07
CA ILE H 428 -210.92 -81.22 92.76
C ILE H 428 -210.53 -80.04 91.88
N TYR H 429 -210.30 -80.28 90.59
CA TYR H 429 -209.99 -79.18 89.68
C TYR H 429 -211.13 -78.16 89.65
N ASN H 430 -212.37 -78.64 89.62
CA ASN H 430 -213.51 -77.72 89.59
C ASN H 430 -213.61 -76.91 90.87
N LYS H 431 -213.33 -77.52 92.02
CA LYS H 431 -213.31 -76.76 93.26
C LYS H 431 -212.18 -75.74 93.27
N ILE H 432 -211.05 -76.08 92.66
CA ILE H 432 -209.96 -75.11 92.52
C ILE H 432 -210.42 -73.94 91.65
N ARG H 433 -211.17 -74.22 90.59
CA ARG H 433 -211.66 -73.18 89.70
C ARG H 433 -212.62 -72.22 90.39
N GLN H 434 -213.19 -72.59 91.53
CA GLN H 434 -214.14 -71.75 92.23
C GLN H 434 -213.49 -70.90 93.32
N PHE H 435 -212.17 -70.92 93.43
CA PHE H 435 -211.51 -70.23 94.54
C PHE H 435 -211.59 -68.73 94.42
N ASP H 436 -211.73 -68.19 93.21
CA ASP H 436 -211.69 -66.75 93.01
C ASP H 436 -213.09 -66.23 92.70
N THR H 437 -213.43 -65.11 93.31
CA THR H 437 -214.66 -64.40 93.04
C THR H 437 -214.45 -62.91 92.77
N GLN H 438 -213.44 -62.30 93.39
CA GLN H 438 -213.18 -60.88 93.24
C GLN H 438 -212.20 -60.54 92.13
N GLY H 439 -211.62 -61.53 91.48
CA GLY H 439 -210.72 -61.29 90.37
C GLY H 439 -209.25 -61.13 90.73
N GLY H 440 -208.84 -61.56 91.91
CA GLY H 440 -207.46 -61.43 92.33
C GLY H 440 -206.55 -62.44 91.67
N ALA H 441 -205.53 -62.86 92.41
CA ALA H 441 -204.57 -63.83 91.90
C ALA H 441 -205.17 -65.23 91.76
N GLY H 442 -206.32 -65.48 92.39
CA GLY H 442 -206.91 -66.80 92.35
C GLY H 442 -207.51 -67.17 91.01
N LEU H 443 -207.67 -66.20 90.11
CA LEU H 443 -208.23 -66.49 88.79
C LEU H 443 -207.37 -67.49 88.04
N TRP H 444 -207.98 -68.61 87.65
CA TRP H 444 -207.35 -69.62 86.81
C TRP H 444 -207.89 -69.61 85.40
N THR H 445 -209.21 -69.68 85.25
CA THR H 445 -209.86 -69.61 83.95
C THR H 445 -211.32 -69.27 84.16
N THR H 446 -211.81 -68.29 83.41
CA THR H 446 -213.18 -67.83 83.57
C THR H 446 -214.16 -68.90 83.07
N ILE H 447 -215.42 -68.77 83.52
CA ILE H 447 -216.46 -69.67 83.06
C ILE H 447 -216.70 -69.48 81.57
N GLY H 448 -216.94 -70.58 80.87
CA GLY H 448 -217.12 -70.53 79.44
C GLY H 448 -215.96 -71.04 78.63
N ASN H 449 -214.93 -71.60 79.28
CA ASN H 449 -213.78 -72.15 78.60
C ASN H 449 -213.58 -73.61 79.00
N GLY H 450 -212.71 -74.28 78.26
CA GLY H 450 -212.42 -75.68 78.54
C GLY H 450 -211.46 -75.84 79.70
N GLU H 451 -211.07 -77.10 79.91
CA GLU H 451 -210.19 -77.42 81.03
C GLU H 451 -208.79 -76.87 80.76
N PRO H 452 -208.25 -76.04 81.65
CA PRO H 452 -206.89 -75.54 81.45
C PRO H 452 -205.86 -76.65 81.59
N SER H 453 -204.73 -76.47 80.91
CA SER H 453 -203.70 -77.50 80.83
C SER H 453 -202.52 -77.25 81.74
N GLN H 454 -202.48 -76.14 82.47
CA GLN H 454 -201.37 -75.84 83.36
C GLN H 454 -201.87 -75.32 84.69
N LEU H 455 -201.19 -75.75 85.76
CA LEU H 455 -201.44 -75.26 87.11
C LEU H 455 -200.10 -74.95 87.74
N LEU H 456 -199.86 -73.68 88.03
CA LEU H 456 -198.54 -73.21 88.45
C LEU H 456 -197.47 -73.55 87.42
N GLY H 457 -197.84 -73.45 86.15
CA GLY H 457 -196.91 -73.73 85.07
C GLY H 457 -196.43 -75.16 85.03
N ARG H 458 -197.31 -76.12 85.26
CA ARG H 458 -196.96 -77.52 85.36
C ARG H 458 -198.03 -78.34 84.66
N PRO H 459 -197.65 -79.46 84.04
CA PRO H 459 -198.65 -80.30 83.37
C PRO H 459 -199.71 -80.81 84.34
N VAL H 460 -200.91 -81.01 83.82
CA VAL H 460 -202.06 -81.43 84.60
C VAL H 460 -202.58 -82.75 84.05
N GLY H 461 -202.75 -83.74 84.92
CA GLY H 461 -203.31 -85.02 84.54
C GLY H 461 -204.67 -85.23 85.17
N GLU H 462 -205.29 -86.35 84.83
CA GLU H 462 -206.62 -86.68 85.31
C GLU H 462 -206.68 -88.17 85.66
N ALA H 463 -207.49 -88.50 86.66
CA ALA H 463 -207.68 -89.88 87.07
C ALA H 463 -208.99 -89.99 87.84
N GLU H 464 -209.90 -90.86 87.37
CA GLU H 464 -211.20 -90.97 88.01
C GLU H 464 -211.14 -91.75 89.31
N ALA H 465 -210.27 -92.77 89.40
CA ALA H 465 -210.32 -93.68 90.53
C ALA H 465 -210.00 -93.02 91.87
N MET H 466 -209.38 -91.85 91.86
CA MET H 466 -209.06 -91.17 93.10
C MET H 466 -210.32 -90.59 93.74
N ASP H 467 -210.28 -90.46 95.07
CA ASP H 467 -211.44 -90.02 95.81
C ASP H 467 -211.79 -88.56 95.48
N ALA H 468 -213.08 -88.25 95.56
CA ALA H 468 -213.58 -86.92 95.19
C ALA H 468 -214.13 -86.16 96.38
N ASN H 469 -215.10 -86.71 97.09
CA ASN H 469 -215.79 -86.01 98.17
C ASN H 469 -215.44 -86.65 99.51
N TRP H 470 -215.17 -85.81 100.50
CA TRP H 470 -214.93 -86.27 101.87
C TRP H 470 -216.17 -86.15 102.74
N ASN H 471 -217.30 -85.75 102.18
CA ASN H 471 -218.55 -85.62 102.93
C ASN H 471 -219.47 -86.82 102.72
N THR H 472 -219.82 -87.11 101.46
CA THR H 472 -220.66 -88.26 101.18
C THR H 472 -219.93 -89.58 101.43
N SER H 473 -218.63 -89.61 101.16
CA SER H 473 -217.85 -90.83 101.36
C SER H 473 -217.80 -91.20 102.83
N ALA H 474 -217.83 -92.50 103.11
CA ALA H 474 -217.75 -93.00 104.48
C ALA H 474 -216.33 -93.27 104.94
N SER H 475 -215.35 -93.20 104.04
CA SER H 475 -213.97 -93.50 104.40
C SER H 475 -213.39 -92.41 105.29
N ALA H 476 -212.60 -92.84 106.28
CA ALA H 476 -211.91 -91.89 107.14
C ALA H 476 -210.70 -91.26 106.48
N ASP H 477 -210.10 -91.96 105.51
CA ASP H 477 -208.95 -91.45 104.77
C ASP H 477 -209.41 -91.01 103.38
N ASN H 478 -209.00 -89.80 102.98
CA ASN H 478 -209.40 -89.23 101.71
C ASN H 478 -208.19 -88.53 101.10
N PHE H 479 -207.60 -89.14 100.07
CA PHE H 479 -206.50 -88.53 99.34
C PHE H 479 -207.05 -87.92 98.06
N VAL H 480 -206.87 -86.61 97.90
CA VAL H 480 -207.58 -85.89 96.85
C VAL H 480 -206.62 -85.29 95.83
N LEU H 481 -205.40 -84.96 96.25
CA LEU H 481 -204.44 -84.30 95.37
C LEU H 481 -203.07 -84.94 95.52
N LEU H 482 -202.36 -85.06 94.40
CA LEU H 482 -201.04 -85.68 94.36
C LEU H 482 -200.17 -84.95 93.35
N TYR H 483 -198.97 -84.57 93.76
CA TYR H 483 -198.03 -83.89 92.90
C TYR H 483 -196.63 -84.41 93.17
N GLY H 484 -195.85 -84.61 92.11
CA GLY H 484 -194.47 -85.00 92.28
C GLY H 484 -193.86 -85.44 90.97
N ASN H 485 -192.60 -85.86 91.05
CA ASN H 485 -191.89 -86.41 89.91
C ASN H 485 -192.35 -87.84 89.68
N PHE H 486 -192.94 -88.09 88.52
CA PHE H 486 -193.50 -89.40 88.20
C PHE H 486 -192.47 -90.36 87.65
N GLN H 487 -191.23 -89.92 87.47
CA GLN H 487 -190.18 -90.81 86.96
C GLN H 487 -189.82 -91.91 87.95
N ASN H 488 -190.27 -91.81 89.20
CA ASN H 488 -189.99 -92.82 90.21
C ASN H 488 -191.07 -93.88 90.30
N TYR H 489 -192.06 -93.83 89.40
CA TYR H 489 -193.09 -94.86 89.30
C TYR H 489 -192.82 -95.68 88.04
N VAL H 490 -192.60 -96.97 88.21
CA VAL H 490 -192.19 -97.85 87.11
C VAL H 490 -193.26 -98.90 86.87
N ILE H 491 -193.67 -99.04 85.62
CA ILE H 491 -194.60 -100.07 85.18
C ILE H 491 -193.85 -101.02 84.27
N ALA H 492 -193.86 -102.30 84.62
CA ALA H 492 -193.15 -103.34 83.87
C ALA H 492 -194.18 -104.15 83.09
N ASP H 493 -194.00 -104.23 81.77
CA ASP H 493 -194.91 -104.93 80.89
C ASP H 493 -194.22 -106.15 80.30
N ARG H 494 -194.89 -107.30 80.37
CA ARG H 494 -194.36 -108.55 79.85
C ARG H 494 -195.00 -108.96 78.54
N ILE H 495 -196.33 -109.15 78.54
CA ILE H 495 -197.07 -109.46 77.31
C ILE H 495 -198.35 -108.64 77.31
N GLY H 496 -198.89 -108.41 76.11
CA GLY H 496 -200.15 -107.71 75.97
C GLY H 496 -201.33 -108.67 75.96
N MET H 497 -202.51 -108.09 75.70
CA MET H 497 -203.72 -108.89 75.67
C MET H 497 -203.70 -109.86 74.50
N THR H 498 -203.94 -111.14 74.78
CA THR H 498 -203.96 -112.18 73.75
C THR H 498 -205.19 -113.06 73.96
N VAL H 499 -205.82 -113.46 72.87
CA VAL H 499 -207.04 -114.26 72.89
C VAL H 499 -206.76 -115.59 72.20
N GLU H 500 -207.07 -116.68 72.88
CA GLU H 500 -206.96 -118.02 72.32
C GLU H 500 -208.35 -118.66 72.25
N PHE H 501 -208.59 -119.43 71.20
CA PHE H 501 -209.88 -120.01 70.92
C PHE H 501 -209.83 -121.52 71.16
N ILE H 502 -210.68 -122.01 72.06
CA ILE H 502 -210.72 -123.42 72.44
C ILE H 502 -211.75 -124.12 71.58
N PRO H 503 -211.36 -125.10 70.76
CA PRO H 503 -212.33 -125.75 69.87
C PRO H 503 -213.46 -126.47 70.60
N HIS H 504 -213.15 -127.15 71.70
CA HIS H 504 -214.15 -127.97 72.38
C HIS H 504 -214.00 -127.87 73.89
N LEU H 505 -215.12 -127.96 74.58
CA LEU H 505 -215.17 -128.08 76.03
C LEU H 505 -215.83 -129.40 76.39
N PHE H 506 -215.71 -129.79 77.65
CA PHE H 506 -216.16 -131.10 78.10
C PHE H 506 -217.16 -130.95 79.24
N GLY H 507 -217.88 -132.03 79.49
CA GLY H 507 -218.90 -132.05 80.54
C GLY H 507 -218.48 -132.87 81.74
N THR H 508 -219.45 -133.24 82.56
CA THR H 508 -219.14 -133.96 83.81
C THR H 508 -218.53 -135.32 83.51
N ASN H 509 -219.06 -136.03 82.52
CA ASN H 509 -218.52 -137.35 82.16
C ASN H 509 -217.34 -137.26 81.20
N ARG H 510 -216.68 -136.10 81.12
CA ARG H 510 -215.52 -135.90 80.26
C ARG H 510 -215.84 -136.23 78.81
N ARG H 511 -216.99 -135.76 78.33
CA ARG H 511 -217.34 -135.91 76.93
C ARG H 511 -217.73 -134.56 76.34
N PRO H 512 -217.54 -134.38 75.03
CA PRO H 512 -217.97 -133.14 74.40
C PRO H 512 -219.47 -132.90 74.57
N ASN H 513 -219.84 -131.66 74.85
CA ASN H 513 -221.23 -131.26 75.00
C ASN H 513 -221.64 -130.20 73.99
N GLY H 514 -220.79 -129.94 73.00
CA GLY H 514 -221.09 -128.94 72.00
C GLY H 514 -221.04 -127.52 72.54
N SER H 515 -219.86 -127.08 72.97
CA SER H 515 -219.64 -125.70 73.38
C SER H 515 -218.20 -125.30 73.08
N ARG H 516 -218.00 -124.00 72.90
CA ARG H 516 -216.70 -123.42 72.64
C ARG H 516 -216.51 -122.20 73.54
N GLY H 517 -215.34 -121.58 73.45
CA GLY H 517 -215.07 -120.42 74.27
C GLY H 517 -213.81 -119.69 73.88
N TRP H 518 -213.65 -118.49 74.45
CA TRP H 518 -212.48 -117.65 74.25
C TRP H 518 -211.81 -117.42 75.60
N PHE H 519 -210.49 -117.56 75.63
CA PHE H 519 -209.69 -117.31 76.82
C PHE H 519 -208.71 -116.18 76.56
N ALA H 520 -208.62 -115.23 77.49
CA ALA H 520 -207.78 -114.07 77.32
C ALA H 520 -206.98 -113.82 78.59
N TYR H 521 -205.75 -113.34 78.43
CA TYR H 521 -204.87 -113.11 79.57
C TYR H 521 -203.92 -111.97 79.23
N TYR H 522 -203.24 -111.47 80.27
CA TYR H 522 -202.44 -110.25 80.20
C TYR H 522 -201.56 -110.18 81.44
N ARG H 523 -200.32 -109.73 81.25
CA ARG H 523 -199.34 -109.68 82.33
C ARG H 523 -198.79 -108.27 82.50
N MET H 524 -198.68 -107.82 83.75
CA MET H 524 -198.24 -106.46 84.05
C MET H 524 -197.85 -106.39 85.52
N GLY H 525 -197.00 -105.42 85.86
CA GLY H 525 -196.62 -105.17 87.23
C GLY H 525 -196.04 -103.78 87.42
N ALA H 526 -196.31 -103.15 88.56
CA ALA H 526 -195.85 -101.78 88.79
C ALA H 526 -195.73 -101.51 90.27
N ASP H 527 -194.80 -100.62 90.62
CA ASP H 527 -194.57 -100.23 92.01
C ASP H 527 -193.78 -98.93 92.04
N VAL H 528 -193.82 -98.27 93.20
CA VAL H 528 -193.07 -97.03 93.41
C VAL H 528 -191.66 -97.38 93.87
N VAL H 529 -190.66 -96.80 93.21
CA VAL H 529 -189.27 -97.02 93.58
C VAL H 529 -188.89 -96.13 94.74
N ASN H 530 -188.98 -94.80 94.53
CA ASN H 530 -188.64 -93.83 95.57
C ASN H 530 -189.92 -93.12 96.03
N PRO H 531 -190.32 -93.25 97.29
CA PRO H 531 -191.56 -92.63 97.76
C PRO H 531 -191.42 -91.18 98.21
N ASN H 532 -190.24 -90.57 98.10
CA ASN H 532 -190.01 -89.23 98.62
C ASN H 532 -190.15 -88.15 97.56
N ALA H 533 -190.57 -88.49 96.36
CA ALA H 533 -190.71 -87.54 95.27
C ALA H 533 -192.16 -87.17 94.98
N PHE H 534 -193.05 -87.37 95.96
CA PHE H 534 -194.45 -87.01 95.82
C PHE H 534 -194.91 -86.34 97.11
N ARG H 535 -195.99 -85.57 97.00
CA ARG H 535 -196.59 -84.91 98.17
C ARG H 535 -198.10 -85.13 98.10
N LEU H 536 -198.55 -86.24 98.68
CA LEU H 536 -199.96 -86.59 98.65
C LEU H 536 -200.70 -85.90 99.79
N LEU H 537 -201.87 -85.36 99.49
CA LEU H 537 -202.67 -84.61 100.44
C LEU H 537 -203.78 -85.51 100.97
N ASN H 538 -203.96 -85.52 102.29
CA ASN H 538 -205.00 -86.28 102.94
C ASN H 538 -205.89 -85.34 103.73
N VAL H 539 -207.19 -85.36 103.42
CA VAL H 539 -208.16 -84.61 104.22
C VAL H 539 -208.95 -85.60 105.09
N GLU H 540 -208.45 -85.82 106.29
CA GLU H 540 -209.06 -86.79 107.20
C GLU H 540 -210.27 -86.16 107.88
N THR H 541 -211.33 -86.94 108.02
CA THR H 541 -212.56 -86.49 108.68
C THR H 541 -212.84 -87.38 109.89
N ALA H 542 -213.14 -86.75 111.02
CA ALA H 542 -213.48 -87.50 112.21
C ALA H 542 -214.89 -88.07 112.10
N SER H 543 -215.02 -89.35 112.42
CA SER H 543 -216.31 -90.01 112.35
C SER H 543 -217.16 -89.67 113.58
N MET I 251 -194.44 -128.01 87.31
CA MET I 251 -193.39 -127.16 86.75
C MET I 251 -193.89 -125.75 86.49
N GLY I 252 -193.55 -124.83 87.39
CA GLY I 252 -194.00 -123.46 87.31
C GLY I 252 -192.87 -122.48 87.63
N LEU I 253 -193.26 -121.34 88.18
CA LEU I 253 -192.32 -120.26 88.48
C LEU I 253 -191.58 -120.46 89.79
N THR I 254 -191.94 -121.46 90.58
CA THR I 254 -191.19 -121.76 91.79
C THR I 254 -189.79 -122.23 91.42
N LYS I 255 -188.83 -121.94 92.30
CA LYS I 255 -187.43 -122.18 91.98
C LYS I 255 -187.16 -123.66 91.72
N ALA I 256 -187.55 -124.52 92.66
CA ALA I 256 -187.23 -125.94 92.58
C ALA I 256 -187.96 -126.66 91.44
N ASP I 257 -188.94 -126.02 90.81
CA ASP I 257 -189.72 -126.63 89.74
C ASP I 257 -189.46 -125.95 88.40
N GLY I 258 -188.20 -125.64 88.12
CA GLY I 258 -187.84 -124.98 86.89
C GLY I 258 -187.70 -123.48 86.97
N GLY I 259 -187.65 -122.91 88.16
CA GLY I 259 -187.45 -121.49 88.31
C GLY I 259 -186.00 -121.06 88.31
N TYR I 260 -185.07 -122.00 88.16
CA TYR I 260 -183.64 -121.69 88.14
C TYR I 260 -183.14 -121.34 86.75
N LEU I 261 -184.01 -121.34 85.74
CA LEU I 261 -183.62 -121.04 84.38
C LEU I 261 -184.03 -119.63 83.93
N VAL I 262 -184.83 -118.93 84.71
CA VAL I 262 -185.22 -117.57 84.36
C VAL I 262 -184.01 -116.64 84.51
N PRO I 263 -183.70 -115.83 83.51
CA PRO I 263 -182.55 -114.94 83.62
C PRO I 263 -182.74 -113.92 84.73
N PHE I 264 -181.62 -113.54 85.35
CA PHE I 264 -181.64 -112.46 86.33
C PHE I 264 -181.59 -111.12 85.60
N GLN I 265 -182.64 -110.33 85.74
CA GLN I 265 -182.74 -109.04 85.08
C GLN I 265 -182.50 -107.94 86.11
N LEU I 266 -181.52 -107.08 85.83
CA LEU I 266 -181.14 -106.02 86.74
C LEU I 266 -180.77 -104.78 85.94
N ASP I 267 -181.09 -103.61 86.48
CA ASP I 267 -180.76 -102.35 85.83
C ASP I 267 -179.51 -101.77 86.47
N PRO I 268 -178.39 -101.68 85.73
CA PRO I 268 -177.15 -101.23 86.37
C PRO I 268 -177.19 -99.81 86.93
N THR I 269 -178.03 -98.93 86.39
CA THR I 269 -177.98 -97.52 86.75
C THR I 269 -178.37 -97.33 88.22
N VAL I 270 -177.84 -96.26 88.81
CA VAL I 270 -178.05 -95.96 90.21
C VAL I 270 -179.11 -94.87 90.35
N ILE I 271 -180.08 -95.09 91.23
CA ILE I 271 -181.14 -94.14 91.49
C ILE I 271 -180.82 -93.45 92.80
N ILE I 272 -180.67 -92.13 92.76
CA ILE I 272 -180.31 -91.37 93.95
C ILE I 272 -181.57 -91.07 94.76
N THR I 273 -181.53 -91.33 96.06
CA THR I 273 -182.70 -91.14 96.90
C THR I 273 -182.46 -90.03 97.93
N SER I 274 -181.78 -88.97 97.51
CA SER I 274 -181.47 -87.86 98.40
C SER I 274 -182.05 -86.57 97.84
N ASN I 275 -182.65 -85.76 98.72
CA ASN I 275 -183.27 -84.52 98.29
C ASN I 275 -182.26 -83.55 97.71
N GLY I 276 -181.10 -83.43 98.34
CA GLY I 276 -180.12 -82.46 97.91
C GLY I 276 -180.53 -81.06 98.30
N SER I 277 -179.93 -80.09 97.61
CA SER I 277 -180.20 -78.69 97.90
C SER I 277 -179.98 -77.85 96.65
N LEU I 278 -180.81 -76.83 96.48
CA LEU I 278 -180.63 -75.83 95.43
C LEU I 278 -180.46 -74.47 96.08
N ASN I 279 -179.44 -73.73 95.67
CA ASN I 279 -179.21 -72.41 96.23
C ASN I 279 -178.50 -71.54 95.20
N ASP I 280 -178.54 -70.23 95.42
CA ASP I 280 -178.11 -69.26 94.41
C ASP I 280 -177.16 -68.19 94.94
N ILE I 281 -176.53 -68.36 96.11
CA ILE I 281 -175.53 -67.37 96.53
C ILE I 281 -174.37 -67.35 95.56
N ARG I 282 -173.90 -68.52 95.13
CA ARG I 282 -172.66 -68.57 94.35
C ARG I 282 -172.81 -67.93 92.97
N ARG I 283 -174.03 -67.62 92.56
CA ARG I 283 -174.25 -66.91 91.30
C ARG I 283 -174.27 -65.40 91.46
N PHE I 284 -174.72 -64.89 92.61
CA PHE I 284 -174.78 -63.45 92.83
C PHE I 284 -173.55 -62.90 93.54
N ALA I 285 -172.81 -63.73 94.26
CA ALA I 285 -171.77 -63.24 95.15
C ALA I 285 -170.45 -63.04 94.41
N ARG I 286 -169.50 -62.44 95.11
CA ARG I 286 -168.17 -62.15 94.58
C ARG I 286 -167.17 -63.13 95.18
N GLN I 287 -166.36 -63.74 94.31
CA GLN I 287 -165.42 -64.77 94.72
C GLN I 287 -163.99 -64.28 94.53
N VAL I 288 -163.15 -64.50 95.54
CA VAL I 288 -161.75 -64.09 95.51
C VAL I 288 -160.89 -65.29 95.87
N VAL I 289 -159.72 -65.37 95.26
CA VAL I 289 -158.81 -66.49 95.45
C VAL I 289 -157.88 -66.16 96.62
N ALA I 290 -157.82 -67.06 97.59
CA ALA I 290 -156.97 -66.89 98.76
C ALA I 290 -155.75 -67.80 98.66
N THR I 291 -154.66 -67.37 99.27
CA THR I 291 -153.41 -68.12 99.27
C THR I 291 -153.05 -68.71 100.63
N GLY I 292 -153.17 -67.94 101.70
CA GLY I 292 -152.85 -68.42 103.02
C GLY I 292 -154.07 -68.95 103.75
N ASP I 293 -154.19 -68.63 105.03
CA ASP I 293 -155.35 -69.04 105.82
C ASP I 293 -156.29 -67.89 106.14
N VAL I 294 -155.85 -66.64 106.00
CA VAL I 294 -156.69 -65.49 106.32
C VAL I 294 -156.61 -64.50 105.17
N TRP I 295 -157.77 -63.97 104.78
CA TRP I 295 -157.88 -62.98 103.72
C TRP I 295 -158.26 -61.63 104.31
N HIS I 296 -157.47 -60.59 103.99
CA HIS I 296 -157.67 -59.27 104.53
C HIS I 296 -158.05 -58.29 103.44
N GLY I 297 -158.86 -57.28 103.80
CA GLY I 297 -159.27 -56.25 102.86
C GLY I 297 -159.19 -54.88 103.51
N VAL I 298 -159.50 -53.86 102.72
CA VAL I 298 -159.44 -52.48 103.16
C VAL I 298 -160.73 -51.77 102.80
N SER I 299 -161.28 -51.01 103.75
CA SER I 299 -162.49 -50.24 103.52
C SER I 299 -162.33 -48.86 104.14
N SER I 300 -163.04 -47.88 103.57
CA SER I 300 -162.95 -46.50 104.04
C SER I 300 -164.18 -45.74 103.57
N ALA I 301 -164.16 -44.43 103.78
CA ALA I 301 -165.21 -43.52 103.35
C ALA I 301 -164.58 -42.34 102.63
N ALA I 302 -165.40 -41.59 101.90
CA ALA I 302 -164.91 -40.50 101.08
C ALA I 302 -164.62 -39.26 101.93
N VAL I 303 -163.82 -38.36 101.36
CA VAL I 303 -163.50 -37.11 102.05
C VAL I 303 -164.69 -36.17 102.04
N GLN I 304 -164.66 -35.19 102.93
CA GLN I 304 -165.75 -34.23 103.07
C GLN I 304 -165.28 -32.86 102.61
N TRP I 305 -165.88 -32.35 101.54
CA TRP I 305 -165.56 -31.03 101.04
C TRP I 305 -166.37 -29.97 101.78
N SER I 306 -166.07 -28.72 101.50
CA SER I 306 -166.82 -27.61 102.10
C SER I 306 -166.71 -26.39 101.19
N TRP I 307 -167.76 -25.58 101.18
CA TRP I 307 -167.75 -24.35 100.41
C TRP I 307 -167.00 -23.28 101.20
N ASP I 308 -165.93 -22.76 100.60
CA ASP I 308 -165.08 -21.78 101.27
C ASP I 308 -165.05 -20.49 100.47
N ALA I 309 -164.79 -19.40 101.17
CA ALA I 309 -164.75 -18.07 100.57
C ALA I 309 -163.37 -17.82 99.96
N GLU I 310 -163.12 -16.56 99.62
CA GLU I 310 -161.81 -16.18 99.12
C GLU I 310 -160.85 -15.94 100.28
N PHE I 311 -159.62 -16.43 100.12
CA PHE I 311 -158.59 -16.31 101.15
C PHE I 311 -159.04 -16.91 102.48
N GLU I 312 -159.65 -18.09 102.42
CA GLU I 312 -160.17 -18.76 103.60
C GLU I 312 -159.38 -20.04 103.82
N GLU I 313 -158.86 -20.20 105.04
CA GLU I 313 -158.02 -21.36 105.36
C GLU I 313 -158.82 -22.65 105.27
N VAL I 314 -158.21 -23.67 104.67
CA VAL I 314 -158.88 -24.95 104.49
C VAL I 314 -158.69 -25.80 105.75
N SER I 315 -159.54 -26.82 105.87
CA SER I 315 -159.51 -27.72 107.01
C SER I 315 -159.22 -29.14 106.52
N ASP I 316 -158.37 -29.86 107.26
CA ASP I 316 -157.98 -31.19 106.84
C ASP I 316 -159.16 -32.15 106.92
N ASP I 317 -159.26 -33.02 105.92
CA ASP I 317 -160.39 -33.93 105.78
C ASP I 317 -159.91 -35.36 105.59
N SER I 318 -158.95 -35.79 106.41
CA SER I 318 -158.39 -37.12 106.27
C SER I 318 -159.43 -38.18 106.56
N PRO I 319 -159.54 -39.23 105.75
CA PRO I 319 -160.53 -40.27 105.98
C PRO I 319 -160.05 -41.29 107.00
N GLU I 320 -160.98 -42.18 107.37
CA GLU I 320 -160.70 -43.28 108.28
C GLU I 320 -160.76 -44.60 107.52
N PHE I 321 -160.01 -45.59 108.01
CA PHE I 321 -159.85 -46.84 107.30
C PHE I 321 -160.20 -48.01 108.21
N GLY I 322 -160.71 -49.09 107.59
CA GLY I 322 -161.02 -50.30 108.30
C GLY I 322 -160.51 -51.50 107.53
N GLN I 323 -160.60 -52.67 108.16
CA GLN I 323 -160.07 -53.87 107.55
C GLN I 323 -160.88 -55.10 107.95
N PRO I 324 -161.64 -55.68 107.04
CA PRO I 324 -162.32 -56.94 107.32
C PRO I 324 -161.36 -58.12 107.31
N GLU I 325 -161.83 -59.22 107.89
CA GLU I 325 -161.01 -60.41 108.05
C GLU I 325 -161.87 -61.64 107.76
N ILE I 326 -161.32 -62.57 106.98
CA ILE I 326 -162.06 -63.76 106.57
C ILE I 326 -161.24 -65.02 106.84
N PRO I 327 -161.56 -65.80 107.86
CA PRO I 327 -160.85 -67.06 108.10
C PRO I 327 -161.22 -68.14 107.09
N VAL I 328 -160.35 -69.14 107.00
CA VAL I 328 -160.50 -70.25 106.08
C VAL I 328 -160.55 -71.55 106.88
N LYS I 329 -161.51 -72.41 106.56
CA LYS I 329 -161.74 -73.63 107.31
C LYS I 329 -161.77 -74.83 106.38
N LYS I 330 -161.92 -76.02 106.95
CA LYS I 330 -161.76 -77.27 106.21
C LYS I 330 -162.93 -78.21 106.47
N ALA I 331 -163.30 -78.95 105.42
CA ALA I 331 -164.30 -80.01 105.50
C ALA I 331 -163.77 -81.21 104.73
N GLN I 332 -164.15 -82.41 105.18
CA GLN I 332 -163.57 -83.62 104.61
C GLN I 332 -164.54 -84.78 104.76
N GLY I 333 -164.33 -85.79 103.92
CA GLY I 333 -165.15 -87.00 103.94
C GLY I 333 -164.35 -88.18 103.46
N PHE I 334 -164.70 -89.37 103.97
CA PHE I 334 -163.91 -90.56 103.75
C PHE I 334 -164.81 -91.79 103.74
N VAL I 335 -164.43 -92.79 102.95
CA VAL I 335 -165.16 -94.05 102.88
C VAL I 335 -164.19 -95.19 102.61
N PRO I 336 -164.21 -96.26 103.41
CA PRO I 336 -163.30 -97.38 103.18
C PRO I 336 -163.92 -98.49 102.36
N ILE I 337 -163.10 -99.20 101.57
CA ILE I 337 -163.57 -100.29 100.72
C ILE I 337 -162.64 -101.48 100.89
N SER I 338 -163.15 -102.66 100.58
CA SER I 338 -162.36 -103.88 100.59
C SER I 338 -161.80 -104.17 99.22
N ILE I 339 -160.83 -105.09 99.17
CA ILE I 339 -160.21 -105.43 97.90
C ILE I 339 -161.18 -106.19 97.00
N GLU I 340 -161.84 -107.21 97.56
CA GLU I 340 -162.77 -108.01 96.76
C GLU I 340 -163.98 -107.19 96.33
N ALA I 341 -164.47 -106.30 97.21
CA ALA I 341 -165.56 -105.42 96.82
C ALA I 341 -165.14 -104.49 95.69
N LEU I 342 -163.90 -103.99 95.75
CA LEU I 342 -163.38 -103.15 94.68
C LEU I 342 -163.25 -103.90 93.37
N GLN I 343 -162.86 -105.18 93.43
CA GLN I 343 -162.62 -105.96 92.23
C GLN I 343 -163.89 -106.53 91.62
N ASP I 344 -164.93 -106.77 92.42
CA ASP I 344 -166.14 -107.44 91.93
C ASP I 344 -167.19 -106.44 91.43
N GLU I 345 -167.63 -105.55 92.30
CA GLU I 345 -168.69 -104.61 91.94
C GLU I 345 -168.22 -103.71 90.80
N ALA I 346 -169.07 -103.57 89.80
CA ALA I 346 -168.69 -102.91 88.54
C ALA I 346 -169.04 -101.43 88.58
N ASN I 347 -168.12 -100.61 88.08
CA ASN I 347 -168.31 -99.16 87.98
C ASN I 347 -168.59 -98.55 89.35
N VAL I 348 -167.62 -98.74 90.25
CA VAL I 348 -167.73 -98.19 91.59
C VAL I 348 -167.09 -96.82 91.70
N THR I 349 -165.97 -96.60 90.98
CA THR I 349 -165.26 -95.33 91.10
C THR I 349 -166.11 -94.16 90.65
N GLU I 350 -166.78 -94.30 89.51
CA GLU I 350 -167.64 -93.23 89.02
C GLU I 350 -168.82 -93.01 89.96
N THR I 351 -169.40 -94.10 90.45
CA THR I 351 -170.55 -93.99 91.35
C THR I 351 -170.18 -93.25 92.63
N VAL I 352 -169.05 -93.62 93.24
CA VAL I 352 -168.64 -92.96 94.47
C VAL I 352 -168.20 -91.52 94.21
N ALA I 353 -167.61 -91.25 93.04
CA ALA I 353 -167.28 -89.87 92.70
C ALA I 353 -168.54 -89.02 92.62
N LEU I 354 -169.59 -89.56 92.01
CA LEU I 354 -170.86 -88.84 91.96
C LEU I 354 -171.42 -88.61 93.36
N LEU I 355 -171.36 -89.64 94.21
CA LEU I 355 -171.86 -89.49 95.58
C LEU I 355 -171.09 -88.42 96.35
N PHE I 356 -169.76 -88.40 96.19
CA PHE I 356 -168.95 -87.37 96.81
C PHE I 356 -169.35 -85.98 96.32
N ALA I 357 -169.57 -85.85 95.02
CA ALA I 357 -169.96 -84.55 94.46
C ALA I 357 -171.29 -84.08 95.04
N GLU I 358 -172.27 -84.98 95.12
CA GLU I 358 -173.56 -84.61 95.69
C GLU I 358 -173.42 -84.19 97.15
N GLY I 359 -172.64 -84.95 97.93
CA GLY I 359 -172.43 -84.59 99.31
C GLY I 359 -171.79 -83.23 99.49
N LYS I 360 -170.75 -82.95 98.69
CA LYS I 360 -170.10 -81.65 98.75
C LYS I 360 -171.06 -80.53 98.41
N ASP I 361 -171.84 -80.69 97.33
CA ASP I 361 -172.76 -79.65 96.92
C ASP I 361 -173.80 -79.39 98.00
N GLU I 362 -174.35 -80.46 98.59
CA GLU I 362 -175.35 -80.29 99.63
C GLU I 362 -174.77 -79.58 100.85
N LEU I 363 -173.56 -79.97 101.26
CA LEU I 363 -172.97 -79.33 102.43
C LEU I 363 -172.71 -77.85 102.18
N GLU I 364 -172.16 -77.53 101.00
CA GLU I 364 -171.82 -76.14 100.70
C GLU I 364 -173.07 -75.27 100.61
N ALA I 365 -174.14 -75.80 100.01
CA ALA I 365 -175.36 -75.00 99.86
C ALA I 365 -175.93 -74.61 101.21
N VAL I 366 -175.95 -75.54 102.16
CA VAL I 366 -176.47 -75.23 103.49
C VAL I 366 -175.53 -74.29 104.23
N THR I 367 -174.21 -74.53 104.12
CA THR I 367 -173.27 -73.75 104.89
C THR I 367 -173.21 -72.29 104.45
N LEU I 368 -173.26 -72.02 103.15
CA LEU I 368 -173.22 -70.62 102.72
C LEU I 368 -174.45 -69.84 103.15
N THR I 369 -175.52 -70.52 103.56
CA THR I 369 -176.76 -69.87 103.95
C THR I 369 -176.89 -69.75 105.47
N THR I 370 -176.59 -70.81 106.20
CA THR I 370 -176.77 -70.84 107.65
C THR I 370 -175.50 -71.33 108.32
N GLY I 371 -174.36 -70.77 107.93
CA GLY I 371 -173.12 -71.06 108.61
C GLY I 371 -173.04 -70.31 109.92
N THR I 372 -172.81 -71.02 111.02
CA THR I 372 -172.86 -70.39 112.33
C THR I 372 -171.73 -69.38 112.52
N GLY I 373 -170.63 -69.52 111.79
CA GLY I 373 -169.52 -68.60 111.88
C GLY I 373 -168.60 -68.82 113.05
N GLN I 374 -168.87 -69.81 113.89
CA GLN I 374 -168.05 -70.12 115.05
C GLN I 374 -167.64 -71.58 115.01
N GLY I 375 -166.57 -71.90 115.74
CA GLY I 375 -166.08 -73.25 115.78
C GLY I 375 -165.37 -73.65 114.52
N ASN I 376 -166.00 -74.49 113.70
CA ASN I 376 -165.38 -75.04 112.50
C ASN I 376 -166.20 -74.78 111.24
N GLN I 377 -167.03 -73.76 111.24
CA GLN I 377 -167.84 -73.49 110.06
C GLN I 377 -167.70 -72.05 109.60
N PRO I 378 -167.78 -71.79 108.30
CA PRO I 378 -167.77 -70.40 107.83
C PRO I 378 -169.04 -69.68 108.22
N THR I 379 -169.14 -68.39 107.92
CA THR I 379 -170.26 -67.57 108.33
C THR I 379 -171.25 -67.43 107.18
N GLY I 380 -172.51 -67.77 107.45
CA GLY I 380 -173.54 -67.64 106.44
C GLY I 380 -174.01 -66.21 106.29
N ILE I 381 -174.77 -65.98 105.21
CA ILE I 381 -175.27 -64.64 104.95
C ILE I 381 -176.30 -64.23 106.00
N VAL I 382 -177.18 -65.16 106.38
CA VAL I 382 -178.21 -64.83 107.36
C VAL I 382 -177.60 -64.63 108.73
N THR I 383 -176.65 -65.49 109.12
CA THR I 383 -176.04 -65.39 110.44
C THR I 383 -175.27 -64.09 110.61
N ALA I 384 -174.53 -63.69 109.58
CA ALA I 384 -173.71 -62.48 109.67
C ALA I 384 -174.55 -61.21 109.69
N LEU I 385 -175.82 -61.28 109.29
CA LEU I 385 -176.67 -60.11 109.18
C LEU I 385 -177.65 -59.98 110.34
N ALA I 386 -177.50 -60.79 111.37
CA ALA I 386 -178.42 -60.81 112.50
C ALA I 386 -177.87 -59.93 113.63
N GLY I 387 -178.72 -59.09 114.20
CA GLY I 387 -178.32 -58.20 115.26
C GLY I 387 -177.66 -56.93 114.81
N THR I 388 -177.48 -56.75 113.51
CA THR I 388 -176.85 -55.56 112.97
C THR I 388 -177.94 -54.57 112.53
N ALA I 389 -177.54 -53.41 112.01
CA ALA I 389 -178.49 -52.43 111.54
C ALA I 389 -179.30 -52.92 110.35
N ALA I 390 -178.87 -53.99 109.69
CA ALA I 390 -179.58 -54.50 108.52
C ALA I 390 -180.89 -55.17 108.88
N GLU I 391 -181.06 -55.61 110.12
CA GLU I 391 -182.27 -56.33 110.51
C GLU I 391 -183.45 -55.37 110.65
N ILE I 392 -184.57 -55.71 110.03
CA ILE I 392 -185.76 -54.88 110.05
C ILE I 392 -186.92 -55.70 110.61
N ALA I 393 -187.81 -55.01 111.32
CA ALA I 393 -189.00 -55.58 111.89
C ALA I 393 -190.23 -55.23 111.06
N PRO I 394 -191.24 -56.09 111.03
CA PRO I 394 -192.42 -55.82 110.20
C PRO I 394 -193.23 -54.65 110.74
N VAL I 395 -194.13 -54.14 109.88
CA VAL I 395 -194.98 -53.03 110.26
C VAL I 395 -195.90 -53.43 111.40
N THR I 396 -196.48 -54.63 111.31
CA THR I 396 -197.36 -55.15 112.34
C THR I 396 -196.82 -56.49 112.83
N ALA I 397 -196.89 -56.72 114.14
CA ALA I 397 -196.28 -57.88 114.74
C ALA I 397 -196.88 -59.18 114.19
N GLU I 398 -196.00 -60.13 113.86
CA GLU I 398 -196.37 -61.47 113.41
C GLU I 398 -197.25 -61.46 112.16
N THR I 399 -197.05 -60.51 111.26
CA THR I 399 -197.81 -60.42 110.03
C THR I 399 -196.86 -60.17 108.86
N PHE I 400 -197.05 -60.90 107.78
CA PHE I 400 -196.32 -60.69 106.54
C PHE I 400 -197.26 -60.03 105.55
N ALA I 401 -197.06 -58.74 105.30
CA ALA I 401 -197.94 -57.94 104.46
C ALA I 401 -197.17 -57.42 103.25
N LEU I 402 -197.90 -56.69 102.39
CA LEU I 402 -197.28 -56.13 101.20
C LEU I 402 -196.33 -55.00 101.54
N ALA I 403 -196.62 -54.23 102.59
CA ALA I 403 -195.76 -53.09 102.93
C ALA I 403 -194.37 -53.53 103.34
N ASP I 404 -194.23 -54.75 103.85
CA ASP I 404 -192.93 -55.22 104.33
C ASP I 404 -191.92 -55.35 103.20
N VAL I 405 -192.35 -55.87 102.05
CA VAL I 405 -191.44 -56.02 100.92
C VAL I 405 -190.97 -54.66 100.44
N TYR I 406 -191.90 -53.70 100.31
CA TYR I 406 -191.50 -52.35 99.94
C TYR I 406 -190.55 -51.75 100.96
N ALA I 407 -190.81 -51.97 102.25
CA ALA I 407 -189.95 -51.40 103.28
C ALA I 407 -188.53 -51.94 103.18
N VAL I 408 -188.39 -53.26 103.06
CA VAL I 408 -187.05 -53.83 102.97
C VAL I 408 -186.37 -53.44 101.66
N TYR I 409 -187.14 -53.12 100.62
CA TYR I 409 -186.52 -52.66 99.39
C TYR I 409 -186.02 -51.22 99.51
N GLU I 410 -186.81 -50.36 100.13
CA GLU I 410 -186.58 -48.92 100.02
C GLU I 410 -185.62 -48.36 101.07
N GLN I 411 -185.30 -49.14 102.10
CA GLN I 411 -184.43 -48.61 103.15
C GLN I 411 -182.96 -48.56 102.73
N LEU I 412 -182.61 -49.20 101.61
CA LEU I 412 -181.24 -49.17 101.14
C LEU I 412 -180.91 -47.82 100.50
N ALA I 413 -179.61 -47.56 100.39
CA ALA I 413 -179.14 -46.37 99.69
C ALA I 413 -179.19 -46.60 98.18
N ALA I 414 -179.19 -45.49 97.43
CA ALA I 414 -179.31 -45.58 95.98
C ALA I 414 -178.10 -46.25 95.34
N ARG I 415 -176.95 -46.22 96.00
CA ARG I 415 -175.76 -46.85 95.45
C ARG I 415 -175.92 -48.36 95.37
N HIS I 416 -176.50 -48.97 96.40
CA HIS I 416 -176.68 -50.42 96.43
C HIS I 416 -178.03 -50.85 95.89
N ARG I 417 -179.04 -49.99 95.97
CA ARG I 417 -180.40 -50.38 95.58
C ARG I 417 -180.47 -50.72 94.10
N ARG I 418 -179.81 -49.93 93.26
CA ARG I 418 -179.90 -50.13 91.81
C ARG I 418 -179.20 -51.40 91.34
N GLN I 419 -178.41 -52.05 92.19
CA GLN I 419 -177.78 -53.33 91.87
C GLN I 419 -177.97 -54.27 93.06
N GLY I 420 -179.09 -55.00 93.06
CA GLY I 420 -179.40 -55.90 94.15
C GLY I 420 -180.19 -57.08 93.63
N ALA I 421 -180.41 -58.04 94.52
CA ALA I 421 -181.13 -59.25 94.16
C ALA I 421 -181.87 -59.78 95.38
N TRP I 422 -182.92 -60.55 95.12
CA TRP I 422 -183.77 -61.11 96.16
C TRP I 422 -183.37 -62.56 96.43
N LEU I 423 -183.31 -62.92 97.70
CA LEU I 423 -183.04 -64.29 98.11
C LEU I 423 -184.02 -64.67 99.20
N ALA I 424 -184.77 -65.74 98.98
CA ALA I 424 -185.73 -66.24 99.96
C ALA I 424 -186.10 -67.67 99.57
N ASN I 425 -186.92 -68.30 100.41
CA ASN I 425 -187.44 -69.64 100.16
C ASN I 425 -188.61 -69.57 99.18
N ASN I 426 -188.98 -70.74 98.65
CA ASN I 426 -190.13 -70.80 97.77
C ASN I 426 -191.43 -70.53 98.51
N LEU I 427 -191.51 -70.90 99.79
CA LEU I 427 -192.72 -70.68 100.56
C LEU I 427 -193.02 -69.19 100.71
N ILE I 428 -192.00 -68.38 100.98
CA ILE I 428 -192.21 -66.95 101.11
C ILE I 428 -192.64 -66.34 99.79
N TYR I 429 -192.07 -66.80 98.68
CA TYR I 429 -192.49 -66.32 97.37
C TYR I 429 -193.94 -66.68 97.09
N ASN I 430 -194.34 -67.90 97.46
CA ASN I 430 -195.73 -68.30 97.25
C ASN I 430 -196.67 -67.48 98.13
N LYS I 431 -196.23 -67.13 99.34
CA LYS I 431 -197.02 -66.24 100.18
C LYS I 431 -197.14 -64.85 99.56
N ILE I 432 -196.07 -64.35 98.95
CA ILE I 432 -196.14 -63.09 98.23
C ILE I 432 -197.14 -63.18 97.08
N ARG I 433 -197.20 -64.35 96.44
CA ARG I 433 -198.15 -64.53 95.34
C ARG I 433 -199.59 -64.37 95.81
N GLN I 434 -199.85 -64.49 97.11
CA GLN I 434 -201.21 -64.41 97.63
C GLN I 434 -201.55 -63.08 98.27
N PHE I 435 -200.70 -62.06 98.14
CA PHE I 435 -201.04 -60.74 98.67
C PHE I 435 -202.23 -60.14 97.93
N ASP I 436 -202.25 -60.26 96.61
CA ASP I 436 -203.31 -59.66 95.82
C ASP I 436 -204.61 -60.44 95.99
N THR I 437 -205.68 -59.71 96.27
CA THR I 437 -207.00 -60.29 96.45
C THR I 437 -208.03 -59.77 95.47
N GLN I 438 -207.94 -58.51 95.06
CA GLN I 438 -208.91 -57.89 94.17
C GLN I 438 -208.27 -57.41 92.87
N GLY I 439 -207.13 -57.98 92.49
CA GLY I 439 -206.48 -57.59 91.26
C GLY I 439 -205.96 -56.16 91.25
N GLY I 440 -205.35 -55.73 92.34
CA GLY I 440 -204.85 -54.38 92.44
C GLY I 440 -203.43 -54.24 91.95
N ALA I 441 -202.63 -53.45 92.66
CA ALA I 441 -201.23 -53.24 92.31
C ALA I 441 -200.31 -54.33 92.85
N GLY I 442 -200.84 -55.25 93.66
CA GLY I 442 -200.07 -56.35 94.19
C GLY I 442 -200.09 -57.59 93.33
N LEU I 443 -200.55 -57.48 92.08
CA LEU I 443 -200.61 -58.62 91.19
C LEU I 443 -199.22 -58.95 90.67
N TRP I 444 -198.53 -59.86 91.35
CA TRP I 444 -197.27 -60.36 90.79
C TRP I 444 -197.53 -61.18 89.55
N THR I 445 -198.25 -62.29 89.69
CA THR I 445 -198.72 -63.11 88.59
C THR I 445 -199.88 -63.95 89.08
N THR I 446 -200.68 -64.45 88.15
CA THR I 446 -201.86 -65.23 88.48
C THR I 446 -201.52 -66.71 88.54
N ILE I 447 -202.40 -67.48 89.17
CA ILE I 447 -202.20 -68.92 89.24
C ILE I 447 -202.33 -69.52 87.85
N GLY I 448 -201.57 -70.59 87.60
CA GLY I 448 -201.49 -71.18 86.29
C GLY I 448 -200.24 -70.84 85.51
N ASN I 449 -199.30 -70.13 86.12
CA ASN I 449 -198.03 -69.79 85.48
C ASN I 449 -196.88 -70.10 86.44
N GLY I 450 -195.69 -70.22 85.88
CA GLY I 450 -194.51 -70.46 86.67
C GLY I 450 -194.10 -69.22 87.44
N GLU I 451 -193.06 -69.38 88.24
CA GLU I 451 -192.57 -68.31 89.09
C GLU I 451 -191.93 -67.21 88.24
N PRO I 452 -192.28 -65.94 88.44
CA PRO I 452 -191.62 -64.87 87.70
C PRO I 452 -190.15 -64.78 88.05
N SER I 453 -189.36 -64.32 87.09
CA SER I 453 -187.93 -64.16 87.28
C SER I 453 -187.55 -62.75 87.74
N GLN I 454 -188.52 -61.88 87.99
CA GLN I 454 -188.27 -60.48 88.28
C GLN I 454 -189.23 -60.00 89.36
N LEU I 455 -188.70 -59.18 90.28
CA LEU I 455 -189.52 -58.59 91.34
C LEU I 455 -189.06 -57.15 91.55
N LEU I 456 -189.95 -56.20 91.31
CA LEU I 456 -189.63 -54.77 91.41
C LEU I 456 -188.43 -54.39 90.55
N GLY I 457 -188.33 -54.97 89.36
CA GLY I 457 -187.24 -54.65 88.46
C GLY I 457 -185.91 -55.26 88.81
N ARG I 458 -185.88 -56.24 89.70
CA ARG I 458 -184.64 -56.82 90.20
C ARG I 458 -184.66 -58.34 90.05
N PRO I 459 -183.50 -58.96 89.87
CA PRO I 459 -183.45 -60.42 89.75
C PRO I 459 -183.87 -61.10 91.05
N VAL I 460 -184.36 -62.32 90.90
CA VAL I 460 -184.88 -63.11 92.01
C VAL I 460 -184.09 -64.41 92.10
N GLY I 461 -183.63 -64.72 93.31
CA GLY I 461 -182.94 -65.98 93.57
C GLY I 461 -183.76 -66.86 94.50
N GLU I 462 -183.23 -68.05 94.75
CA GLU I 462 -183.88 -69.01 95.63
C GLU I 462 -182.84 -69.65 96.54
N ALA I 463 -183.27 -70.00 97.75
CA ALA I 463 -182.41 -70.68 98.72
C ALA I 463 -183.31 -71.48 99.64
N GLU I 464 -183.23 -72.81 99.55
CA GLU I 464 -184.14 -73.67 100.30
C GLU I 464 -183.77 -73.82 101.76
N ALA I 465 -182.54 -73.46 102.14
CA ALA I 465 -182.10 -73.59 103.52
C ALA I 465 -182.60 -72.48 104.42
N MET I 466 -183.18 -71.42 103.87
CA MET I 466 -183.64 -70.32 104.68
C MET I 466 -184.93 -70.70 105.42
N ASP I 467 -185.28 -69.89 106.42
CA ASP I 467 -186.48 -70.15 107.20
C ASP I 467 -187.72 -70.05 106.32
N ALA I 468 -188.69 -70.93 106.60
CA ALA I 468 -189.87 -71.06 105.75
C ALA I 468 -191.14 -70.60 106.44
N ASN I 469 -191.48 -71.18 107.59
CA ASN I 469 -192.74 -70.87 108.26
C ASN I 469 -192.48 -70.52 109.72
N TRP I 470 -193.13 -69.46 110.18
CA TRP I 470 -193.02 -69.02 111.56
C TRP I 470 -194.14 -69.53 112.45
N ASN I 471 -195.03 -70.38 111.91
CA ASN I 471 -196.10 -70.97 112.70
C ASN I 471 -195.78 -72.40 113.13
N THR I 472 -195.45 -73.27 112.17
CA THR I 472 -195.08 -74.64 112.52
C THR I 472 -193.80 -74.67 113.33
N SER I 473 -192.81 -73.87 112.95
CA SER I 473 -191.54 -73.87 113.65
C SER I 473 -191.68 -73.27 115.04
N ALA I 474 -190.88 -73.77 115.97
CA ALA I 474 -190.90 -73.32 117.36
C ALA I 474 -189.86 -72.24 117.65
N SER I 475 -189.05 -71.85 116.68
CA SER I 475 -188.04 -70.83 116.91
C SER I 475 -188.70 -69.47 117.12
N ALA I 476 -188.15 -68.70 118.06
CA ALA I 476 -188.73 -67.40 118.38
C ALA I 476 -188.40 -66.37 117.30
N ASP I 477 -187.29 -66.54 116.61
CA ASP I 477 -186.85 -65.61 115.58
C ASP I 477 -186.92 -66.28 114.21
N ASN I 478 -187.43 -65.54 113.22
CA ASN I 478 -187.58 -66.04 111.86
C ASN I 478 -187.07 -64.99 110.88
N PHE I 479 -186.07 -65.36 110.08
CA PHE I 479 -185.57 -64.53 108.99
C PHE I 479 -186.07 -65.12 107.69
N VAL I 480 -186.92 -64.37 106.98
CA VAL I 480 -187.64 -64.93 105.85
C VAL I 480 -187.32 -64.22 104.54
N LEU I 481 -186.96 -62.94 104.61
CA LEU I 481 -186.77 -62.14 103.41
C LEU I 481 -185.45 -61.38 103.48
N LEU I 482 -184.73 -61.38 102.36
CA LEU I 482 -183.42 -60.75 102.26
C LEU I 482 -183.28 -60.07 100.90
N TYR I 483 -182.71 -58.87 100.90
CA TYR I 483 -182.43 -58.16 99.66
C TYR I 483 -181.26 -57.23 99.88
N GLY I 484 -180.36 -57.17 98.91
CA GLY I 484 -179.23 -56.26 99.01
C GLY I 484 -178.26 -56.50 97.87
N ASN I 485 -177.15 -55.77 97.94
CA ASN I 485 -176.07 -55.90 96.96
C ASN I 485 -175.19 -57.07 97.38
N PHE I 486 -175.32 -58.20 96.68
CA PHE I 486 -174.56 -59.38 97.02
C PHE I 486 -173.09 -59.29 96.62
N GLN I 487 -172.68 -58.24 95.91
CA GLN I 487 -171.27 -58.10 95.59
C GLN I 487 -170.41 -57.87 96.82
N ASN I 488 -171.03 -57.55 97.95
CA ASN I 488 -170.31 -57.34 99.21
C ASN I 488 -170.24 -58.60 100.06
N TYR I 489 -170.72 -59.73 99.56
CA TYR I 489 -170.55 -61.02 100.21
C TYR I 489 -169.42 -61.76 99.53
N VAL I 490 -168.37 -62.09 100.28
CA VAL I 490 -167.12 -62.61 99.74
C VAL I 490 -166.96 -64.06 100.16
N ILE I 491 -166.70 -64.93 99.18
CA ILE I 491 -166.37 -66.33 99.41
C ILE I 491 -164.92 -66.52 99.00
N ALA I 492 -164.13 -67.09 99.91
CA ALA I 492 -162.71 -67.33 99.68
C ALA I 492 -162.51 -68.81 99.38
N ASP I 493 -161.94 -69.10 98.21
CA ASP I 493 -161.66 -70.47 97.80
C ASP I 493 -160.16 -70.73 97.84
N ARG I 494 -159.77 -71.84 98.48
CA ARG I 494 -158.38 -72.22 98.62
C ARG I 494 -158.04 -73.46 97.83
N ILE I 495 -158.76 -74.56 98.04
CA ILE I 495 -158.54 -75.81 97.32
C ILE I 495 -159.89 -76.40 96.95
N GLY I 496 -160.03 -76.85 95.71
CA GLY I 496 -161.26 -77.46 95.26
C GLY I 496 -161.37 -78.90 95.73
N MET I 497 -162.38 -79.59 95.22
CA MET I 497 -162.61 -80.98 95.59
C MET I 497 -161.46 -81.86 95.09
N THR I 498 -160.74 -82.47 96.02
CA THR I 498 -159.64 -83.37 95.70
C THR I 498 -159.87 -84.70 96.40
N VAL I 499 -159.73 -85.80 95.64
CA VAL I 499 -159.91 -87.15 96.16
C VAL I 499 -158.57 -87.85 96.11
N GLU I 500 -158.09 -88.31 97.27
CA GLU I 500 -156.84 -89.05 97.35
C GLU I 500 -157.12 -90.54 97.57
N PHE I 501 -156.26 -91.37 97.00
CA PHE I 501 -156.40 -92.81 97.05
C PHE I 501 -155.35 -93.38 98.00
N ILE I 502 -155.80 -94.07 99.03
CA ILE I 502 -154.90 -94.69 100.02
C ILE I 502 -154.76 -96.16 99.65
N PRO I 503 -153.60 -96.60 99.16
CA PRO I 503 -153.48 -97.98 98.67
C PRO I 503 -153.65 -99.04 99.73
N HIS I 504 -153.42 -98.74 101.01
CA HIS I 504 -153.44 -99.79 102.02
C HIS I 504 -153.87 -99.21 103.36
N LEU I 505 -154.84 -99.87 103.99
CA LEU I 505 -155.24 -99.58 105.36
C LEU I 505 -154.87 -100.76 106.24
N PHE I 506 -154.54 -100.46 107.48
CA PHE I 506 -153.99 -101.45 108.40
C PHE I 506 -155.05 -101.91 109.39
N GLY I 507 -154.67 -102.84 110.26
CA GLY I 507 -155.59 -103.43 111.20
C GLY I 507 -155.21 -103.26 112.65
N THR I 508 -155.73 -104.13 113.52
CA THR I 508 -155.50 -104.00 114.96
C THR I 508 -154.02 -104.16 115.28
N ASN I 509 -153.35 -105.13 114.68
CA ASN I 509 -151.96 -105.40 114.97
C ASN I 509 -150.99 -104.65 114.08
N ARG I 510 -151.43 -103.51 113.52
CA ARG I 510 -150.59 -102.65 112.68
C ARG I 510 -150.10 -103.40 111.44
N ARG I 511 -150.98 -104.20 110.84
CA ARG I 511 -150.67 -105.00 109.67
C ARG I 511 -151.78 -104.82 108.64
N PRO I 512 -151.49 -105.02 107.36
CA PRO I 512 -152.53 -104.88 106.34
C PRO I 512 -153.67 -105.87 106.56
N ASN I 513 -154.88 -105.43 106.21
CA ASN I 513 -156.08 -106.25 106.36
C ASN I 513 -156.79 -106.51 105.05
N GLY I 514 -156.36 -105.87 103.95
CA GLY I 514 -157.00 -106.10 102.68
C GLY I 514 -158.10 -105.10 102.37
N SER I 515 -157.79 -103.82 102.52
CA SER I 515 -158.76 -102.76 102.28
C SER I 515 -158.04 -101.53 101.74
N ARG I 516 -158.80 -100.68 101.06
CA ARG I 516 -158.29 -99.45 100.49
C ARG I 516 -159.16 -98.28 100.96
N GLY I 517 -158.67 -97.06 100.73
CA GLY I 517 -159.33 -95.90 101.27
C GLY I 517 -159.44 -94.77 100.26
N TRP I 518 -160.49 -93.97 100.43
CA TRP I 518 -160.88 -92.87 99.55
C TRP I 518 -161.10 -91.63 100.40
N PHE I 519 -160.14 -90.71 100.37
CA PHE I 519 -160.15 -89.52 101.21
C PHE I 519 -160.42 -88.28 100.35
N ALA I 520 -161.39 -87.47 100.77
CA ALA I 520 -161.73 -86.25 100.07
C ALA I 520 -161.88 -85.11 101.07
N TYR I 521 -161.42 -83.93 100.68
CA TYR I 521 -161.46 -82.78 101.57
C TYR I 521 -161.64 -81.50 100.77
N TYR I 522 -162.03 -80.44 101.47
CA TYR I 522 -162.40 -79.17 100.87
C TYR I 522 -161.96 -78.05 101.80
N ARG I 523 -161.49 -76.94 101.21
CA ARG I 523 -161.10 -75.77 101.98
C ARG I 523 -161.76 -74.53 101.37
N MET I 524 -162.45 -73.75 102.20
CA MET I 524 -163.09 -72.52 101.76
C MET I 524 -163.44 -71.68 102.97
N GLY I 525 -163.98 -70.49 102.71
CA GLY I 525 -164.42 -69.60 103.77
C GLY I 525 -165.14 -68.42 103.18
N ALA I 526 -166.03 -67.84 103.97
CA ALA I 526 -166.84 -66.73 103.49
C ALA I 526 -167.31 -65.88 104.66
N ASP I 527 -167.53 -64.60 104.40
CA ASP I 527 -168.03 -63.66 105.41
C ASP I 527 -168.52 -62.41 104.68
N VAL I 528 -168.92 -61.41 105.47
CA VAL I 528 -169.52 -60.18 104.97
C VAL I 528 -168.53 -59.04 105.18
N VAL I 529 -168.42 -58.17 104.18
CA VAL I 529 -167.54 -57.01 104.28
C VAL I 529 -168.28 -55.79 104.84
N ASN I 530 -169.42 -55.43 104.25
CA ASN I 530 -170.18 -54.26 104.65
C ASN I 530 -171.57 -54.66 105.13
N PRO I 531 -171.86 -54.52 106.43
CA PRO I 531 -173.18 -54.89 106.94
C PRO I 531 -174.28 -53.88 106.64
N ASN I 532 -173.95 -52.71 106.11
CA ASN I 532 -174.95 -51.69 105.81
C ASN I 532 -175.47 -51.77 104.37
N ALA I 533 -175.05 -52.76 103.60
CA ALA I 533 -175.46 -52.90 102.21
C ALA I 533 -176.62 -53.87 102.04
N PHE I 534 -177.17 -54.39 103.13
CA PHE I 534 -178.28 -55.33 103.06
C PHE I 534 -179.41 -54.86 103.97
N ARG I 535 -180.57 -55.49 103.79
CA ARG I 535 -181.74 -55.25 104.63
C ARG I 535 -182.47 -56.58 104.76
N LEU I 536 -182.45 -57.15 105.96
CA LEU I 536 -183.11 -58.42 106.20
C LEU I 536 -184.34 -58.24 107.07
N LEU I 537 -185.37 -59.05 106.80
CA LEU I 537 -186.66 -58.96 107.47
C LEU I 537 -186.76 -60.06 108.51
N ASN I 538 -187.08 -59.67 109.75
CA ASN I 538 -187.19 -60.60 110.87
C ASN I 538 -188.62 -60.57 111.39
N VAL I 539 -189.34 -61.67 111.21
CA VAL I 539 -190.70 -61.82 111.71
C VAL I 539 -190.57 -62.58 113.03
N GLU I 540 -190.62 -61.83 114.12
CA GLU I 540 -190.42 -62.40 115.46
C GLU I 540 -191.78 -62.74 116.06
N THR I 541 -191.94 -63.98 116.49
CA THR I 541 -193.16 -64.42 117.14
C THR I 541 -192.93 -64.57 118.63
N ALA I 542 -193.83 -64.01 119.43
CA ALA I 542 -193.75 -64.15 120.87
C ALA I 542 -193.98 -65.59 121.30
N SER I 543 -193.24 -66.03 122.31
CA SER I 543 -193.36 -67.39 122.82
C SER I 543 -194.46 -67.49 123.87
N MET J 251 -147.59 -79.95 114.99
CA MET J 251 -147.25 -78.81 114.16
C MET J 251 -148.37 -78.49 113.18
N GLY J 252 -149.15 -77.46 113.49
CA GLY J 252 -150.29 -77.08 112.70
C GLY J 252 -150.28 -75.61 112.35
N LEU J 253 -151.48 -75.06 112.17
CA LEU J 253 -151.64 -73.66 111.79
C LEU J 253 -151.59 -72.69 112.97
N THR J 254 -151.56 -73.20 114.20
CA THR J 254 -151.41 -72.33 115.35
C THR J 254 -150.04 -71.65 115.28
N LYS J 255 -149.98 -70.43 115.83
CA LYS J 255 -148.80 -69.59 115.62
C LYS J 255 -147.53 -70.25 116.16
N ALA J 256 -147.55 -70.66 117.42
CA ALA J 256 -146.36 -71.21 118.05
C ALA J 256 -145.93 -72.55 117.46
N ASP J 257 -146.76 -73.18 116.65
CA ASP J 257 -146.49 -74.48 116.05
C ASP J 257 -146.17 -74.35 114.56
N GLY J 258 -145.43 -73.31 114.21
CA GLY J 258 -145.08 -73.06 112.82
C GLY J 258 -146.04 -72.17 112.07
N GLY J 259 -147.01 -71.56 112.75
CA GLY J 259 -147.95 -70.70 112.08
C GLY J 259 -147.46 -69.30 111.81
N TYR J 260 -146.25 -68.97 112.27
CA TYR J 260 -145.67 -67.67 111.97
C TYR J 260 -145.16 -67.57 110.55
N LEU J 261 -145.13 -68.67 109.82
CA LEU J 261 -144.56 -68.71 108.47
C LEU J 261 -145.59 -68.47 107.37
N VAL J 262 -146.86 -68.26 107.71
CA VAL J 262 -147.89 -68.02 106.71
C VAL J 262 -147.76 -66.60 106.18
N PRO J 263 -147.70 -66.42 104.86
CA PRO J 263 -147.62 -65.05 104.31
C PRO J 263 -148.93 -64.29 104.53
N PHE J 264 -148.81 -62.99 104.72
CA PHE J 264 -149.97 -62.14 104.93
C PHE J 264 -150.55 -61.70 103.59
N GLN J 265 -151.85 -61.88 103.42
CA GLN J 265 -152.53 -61.56 102.17
C GLN J 265 -153.44 -60.36 102.38
N LEU J 266 -153.24 -59.32 101.57
CA LEU J 266 -154.00 -58.09 101.66
C LEU J 266 -154.39 -57.66 100.25
N ASP J 267 -155.58 -57.08 100.13
CA ASP J 267 -156.09 -56.62 98.84
C ASP J 267 -155.95 -55.11 98.75
N PRO J 268 -155.11 -54.59 97.85
CA PRO J 268 -154.98 -53.13 97.74
C PRO J 268 -156.28 -52.39 97.52
N THR J 269 -157.21 -52.94 96.76
CA THR J 269 -158.44 -52.23 96.43
C THR J 269 -159.24 -51.91 97.68
N VAL J 270 -159.83 -50.73 97.68
CA VAL J 270 -160.60 -50.25 98.83
C VAL J 270 -162.09 -50.35 98.50
N ILE J 271 -162.88 -50.72 99.49
CA ILE J 271 -164.32 -50.84 99.37
C ILE J 271 -164.94 -49.64 100.07
N ILE J 272 -165.64 -48.81 99.31
CA ILE J 272 -166.23 -47.59 99.86
C ILE J 272 -167.41 -47.95 100.74
N THR J 273 -167.50 -47.29 101.89
CA THR J 273 -168.54 -47.57 102.88
C THR J 273 -169.39 -46.35 103.18
N SER J 274 -169.52 -45.45 102.20
CA SER J 274 -170.30 -44.24 102.34
C SER J 274 -171.58 -44.35 101.52
N ASN J 275 -172.64 -43.70 101.98
CA ASN J 275 -173.93 -43.81 101.31
C ASN J 275 -173.87 -43.23 99.90
N GLY J 276 -173.10 -42.17 99.70
CA GLY J 276 -173.09 -41.52 98.42
C GLY J 276 -174.39 -40.74 98.23
N SER J 277 -174.59 -40.31 96.99
CA SER J 277 -175.82 -39.60 96.66
C SER J 277 -176.10 -39.74 95.17
N LEU J 278 -177.39 -39.67 94.82
CA LEU J 278 -177.82 -39.71 93.44
C LEU J 278 -178.74 -38.51 93.21
N ASN J 279 -178.44 -37.72 92.19
CA ASN J 279 -179.22 -36.54 91.86
C ASN J 279 -179.46 -36.50 90.36
N ASP J 280 -180.56 -35.85 89.98
CA ASP J 280 -180.95 -35.76 88.57
C ASP J 280 -181.26 -34.34 88.14
N ILE J 281 -180.68 -33.33 88.79
CA ILE J 281 -180.92 -31.95 88.37
C ILE J 281 -180.28 -31.68 87.02
N ARG J 282 -179.06 -32.18 86.81
CA ARG J 282 -178.28 -31.82 85.64
C ARG J 282 -178.89 -32.32 84.34
N ARG J 283 -179.76 -33.33 84.40
CA ARG J 283 -180.39 -33.84 83.18
C ARG J 283 -181.65 -33.07 82.79
N PHE J 284 -182.10 -32.14 83.62
CA PHE J 284 -183.28 -31.33 83.35
C PHE J 284 -183.01 -29.84 83.35
N ALA J 285 -182.00 -29.38 84.07
CA ALA J 285 -181.74 -27.95 84.23
C ALA J 285 -181.10 -27.40 82.96
N ARG J 286 -180.92 -26.07 82.96
CA ARG J 286 -180.24 -25.37 81.89
C ARG J 286 -178.84 -24.99 82.34
N GLN J 287 -177.83 -25.37 81.57
CA GLN J 287 -176.44 -25.18 81.93
C GLN J 287 -175.79 -24.17 81.00
N VAL J 288 -175.11 -23.18 81.58
CA VAL J 288 -174.42 -22.15 80.82
C VAL J 288 -172.99 -22.06 81.31
N VAL J 289 -172.11 -21.57 80.44
CA VAL J 289 -170.69 -21.47 80.74
C VAL J 289 -170.37 -20.04 81.16
N ALA J 290 -169.72 -19.90 82.30
CA ALA J 290 -169.32 -18.59 82.82
C ALA J 290 -167.86 -18.33 82.48
N THR J 291 -167.61 -17.23 81.77
CA THR J 291 -166.25 -16.86 81.39
C THR J 291 -165.60 -15.90 82.37
N GLY J 292 -166.30 -15.47 83.40
CA GLY J 292 -165.77 -14.51 84.34
C GLY J 292 -166.10 -14.84 85.79
N ASP J 293 -166.70 -13.88 86.48
CA ASP J 293 -167.05 -14.06 87.90
C ASP J 293 -168.56 -14.10 88.15
N VAL J 294 -169.35 -13.36 87.38
CA VAL J 294 -170.79 -13.29 87.57
C VAL J 294 -171.47 -13.44 86.21
N TRP J 295 -172.54 -14.22 86.16
CA TRP J 295 -173.34 -14.37 84.96
C TRP J 295 -174.62 -13.55 85.12
N HIS J 296 -174.89 -12.67 84.15
CA HIS J 296 -176.04 -11.79 84.17
C HIS J 296 -177.04 -12.18 83.08
N GLY J 297 -178.27 -11.71 83.24
CA GLY J 297 -179.32 -11.95 82.29
C GLY J 297 -180.33 -10.82 82.30
N VAL J 298 -181.30 -10.90 81.40
CA VAL J 298 -182.33 -9.88 81.28
C VAL J 298 -183.70 -10.54 81.29
N SER J 299 -184.61 -9.98 82.08
CA SER J 299 -185.98 -10.47 82.17
C SER J 299 -186.94 -9.30 82.05
N SER J 300 -188.16 -9.60 81.62
CA SER J 300 -189.16 -8.57 81.42
C SER J 300 -190.55 -9.15 81.59
N ALA J 301 -191.56 -8.32 81.42
CA ALA J 301 -192.97 -8.69 81.54
C ALA J 301 -193.71 -8.28 80.27
N ALA J 302 -195.03 -8.35 80.32
CA ALA J 302 -195.87 -8.05 79.17
C ALA J 302 -196.44 -6.64 79.26
N VAL J 303 -196.85 -6.13 78.10
CA VAL J 303 -197.48 -4.82 78.01
C VAL J 303 -198.96 -4.95 78.33
N GLN J 304 -199.50 -3.97 79.06
CA GLN J 304 -200.90 -3.97 79.47
C GLN J 304 -201.74 -3.29 78.41
N TRP J 305 -202.72 -4.02 77.88
CA TRP J 305 -203.68 -3.49 76.94
C TRP J 305 -205.01 -3.25 77.66
N SER J 306 -205.86 -2.42 77.05
CA SER J 306 -207.17 -2.13 77.61
C SER J 306 -208.13 -1.76 76.50
N TRP J 307 -209.43 -1.89 76.78
CA TRP J 307 -210.46 -1.52 75.83
C TRP J 307 -210.76 -0.04 75.96
N ASP J 308 -210.63 0.70 74.86
CA ASP J 308 -210.78 2.15 74.87
C ASP J 308 -211.84 2.57 73.85
N ALA J 309 -212.58 3.61 74.20
CA ALA J 309 -213.64 4.12 73.35
C ALA J 309 -213.08 5.07 72.30
N GLU J 310 -213.97 5.64 71.50
CA GLU J 310 -213.56 6.54 70.43
C GLU J 310 -213.16 7.90 71.00
N PHE J 311 -212.11 8.47 70.42
CA PHE J 311 -211.55 9.75 70.86
C PHE J 311 -211.19 9.72 72.34
N GLU J 312 -210.45 8.69 72.74
CA GLU J 312 -209.98 8.52 74.09
C GLU J 312 -208.46 8.50 74.09
N GLU J 313 -207.85 9.29 74.98
CA GLU J 313 -206.40 9.26 75.12
C GLU J 313 -205.95 7.95 75.73
N VAL J 314 -204.83 7.44 75.24
CA VAL J 314 -204.27 6.20 75.73
C VAL J 314 -203.37 6.49 76.92
N SER J 315 -203.06 5.44 77.68
CA SER J 315 -202.17 5.53 78.82
C SER J 315 -200.87 4.79 78.51
N ASP J 316 -199.76 5.35 78.94
CA ASP J 316 -198.46 4.73 78.65
C ASP J 316 -198.36 3.36 79.31
N ASP J 317 -197.82 2.40 78.58
CA ASP J 317 -197.69 1.03 79.04
C ASP J 317 -196.25 0.54 78.97
N SER J 318 -195.30 1.42 79.26
CA SER J 318 -193.90 1.05 79.21
C SER J 318 -193.60 0.01 80.29
N PRO J 319 -193.02 -1.13 79.95
CA PRO J 319 -192.76 -2.17 80.95
C PRO J 319 -191.42 -1.97 81.64
N GLU J 320 -191.21 -2.76 82.69
CA GLU J 320 -189.99 -2.74 83.47
C GLU J 320 -189.08 -3.89 83.08
N PHE J 321 -187.80 -3.76 83.43
CA PHE J 321 -186.81 -4.77 83.13
C PHE J 321 -186.00 -5.10 84.38
N GLY J 322 -185.62 -6.37 84.51
CA GLY J 322 -184.81 -6.82 85.61
C GLY J 322 -183.62 -7.61 85.13
N GLN J 323 -182.59 -7.65 85.97
CA GLN J 323 -181.33 -8.34 85.66
C GLN J 323 -181.09 -9.47 86.65
N PRO J 324 -181.45 -10.70 86.30
CA PRO J 324 -181.09 -11.85 87.14
C PRO J 324 -179.58 -11.97 87.26
N GLU J 325 -179.12 -12.33 88.46
CA GLU J 325 -177.70 -12.35 88.76
C GLU J 325 -177.36 -13.63 89.51
N ILE J 326 -176.26 -14.28 89.11
CA ILE J 326 -175.81 -15.51 89.74
C ILE J 326 -174.32 -15.42 90.01
N PRO J 327 -173.88 -15.39 91.27
CA PRO J 327 -172.45 -15.37 91.56
C PRO J 327 -171.85 -16.77 91.43
N VAL J 328 -170.52 -16.80 91.40
CA VAL J 328 -169.75 -18.03 91.23
C VAL J 328 -168.88 -18.22 92.47
N LYS J 329 -168.98 -19.40 93.09
CA LYS J 329 -168.35 -19.66 94.37
C LYS J 329 -167.42 -20.87 94.24
N LYS J 330 -166.68 -21.14 95.32
CA LYS J 330 -165.59 -22.10 95.28
C LYS J 330 -165.65 -23.04 96.49
N ALA J 331 -165.35 -24.32 96.24
CA ALA J 331 -165.27 -25.33 97.29
C ALA J 331 -163.97 -26.10 97.15
N GLN J 332 -163.40 -26.50 98.28
CA GLN J 332 -162.08 -27.11 98.28
C GLN J 332 -161.98 -28.14 99.40
N GLY J 333 -160.98 -29.01 99.28
CA GLY J 333 -160.70 -30.01 100.29
C GLY J 333 -159.21 -30.24 100.39
N PHE J 334 -158.79 -30.82 101.51
CA PHE J 334 -157.36 -30.99 101.78
C PHE J 334 -157.13 -32.23 102.63
N VAL J 335 -156.07 -32.98 102.29
CA VAL J 335 -155.71 -34.20 103.01
C VAL J 335 -154.20 -34.24 103.20
N PRO J 336 -153.69 -33.82 104.35
CA PRO J 336 -152.24 -33.91 104.59
C PRO J 336 -151.81 -35.34 104.90
N ILE J 337 -150.55 -35.62 104.58
CA ILE J 337 -149.98 -36.95 104.81
C ILE J 337 -148.50 -36.79 105.17
N SER J 338 -147.97 -37.76 105.91
CA SER J 338 -146.59 -37.71 106.35
C SER J 338 -145.67 -38.35 105.32
N ILE J 339 -144.37 -38.09 105.47
CA ILE J 339 -143.39 -38.59 104.50
C ILE J 339 -143.32 -40.11 104.56
N GLU J 340 -143.15 -40.67 105.75
CA GLU J 340 -142.98 -42.11 105.86
C GLU J 340 -144.28 -42.85 105.59
N ALA J 341 -145.43 -42.22 105.82
CA ALA J 341 -146.69 -42.83 105.42
C ALA J 341 -146.75 -42.99 103.90
N LEU J 342 -146.33 -41.96 103.16
CA LEU J 342 -146.29 -42.07 101.71
C LEU J 342 -145.25 -43.09 101.25
N GLN J 343 -144.10 -43.14 101.92
CA GLN J 343 -143.06 -44.09 101.54
C GLN J 343 -143.49 -45.54 101.79
N ASP J 344 -144.25 -45.78 102.87
CA ASP J 344 -144.61 -47.13 103.27
C ASP J 344 -145.91 -47.61 102.62
N GLU J 345 -146.99 -46.86 102.77
CA GLU J 345 -148.28 -47.31 102.28
C GLU J 345 -148.27 -47.40 100.76
N ALA J 346 -148.88 -48.46 100.24
CA ALA J 346 -148.83 -48.76 98.82
C ALA J 346 -150.13 -48.37 98.14
N ASN J 347 -150.01 -47.67 97.00
CA ASN J 347 -151.16 -47.25 96.19
C ASN J 347 -152.11 -46.36 97.01
N VAL J 348 -151.57 -45.24 97.44
CA VAL J 348 -152.35 -44.22 98.14
C VAL J 348 -152.65 -43.04 97.25
N THR J 349 -151.89 -42.86 96.17
CA THR J 349 -152.11 -41.73 95.28
C THR J 349 -153.45 -41.83 94.56
N GLU J 350 -153.73 -42.99 93.96
CA GLU J 350 -154.98 -43.13 93.20
C GLU J 350 -156.17 -43.27 94.12
N THR J 351 -156.00 -43.94 95.26
CA THR J 351 -157.11 -44.12 96.20
C THR J 351 -157.59 -42.78 96.73
N VAL J 352 -156.66 -41.90 97.08
CA VAL J 352 -157.03 -40.58 97.58
C VAL J 352 -157.77 -39.79 96.51
N ALA J 353 -157.34 -39.91 95.25
CA ALA J 353 -158.04 -39.24 94.16
C ALA J 353 -159.45 -39.76 94.00
N LEU J 354 -159.63 -41.08 94.10
CA LEU J 354 -160.97 -41.65 93.99
C LEU J 354 -161.87 -41.15 95.11
N LEU J 355 -161.33 -41.11 96.34
CA LEU J 355 -162.10 -40.60 97.46
C LEU J 355 -162.44 -39.13 97.28
N PHE J 356 -161.51 -38.34 96.72
CA PHE J 356 -161.79 -36.94 96.43
C PHE J 356 -162.93 -36.80 95.44
N ALA J 357 -162.91 -37.60 94.37
CA ALA J 357 -163.97 -37.53 93.38
C ALA J 357 -165.31 -37.89 93.98
N GLU J 358 -165.34 -38.93 94.82
CA GLU J 358 -166.58 -39.33 95.44
C GLU J 358 -167.12 -38.25 96.38
N GLY J 359 -166.22 -37.62 97.15
CA GLY J 359 -166.65 -36.55 98.02
C GLY J 359 -167.17 -35.35 97.26
N LYS J 360 -166.54 -35.04 96.12
CA LYS J 360 -167.01 -33.93 95.30
C LYS J 360 -168.41 -34.21 94.77
N ASP J 361 -168.65 -35.42 94.29
CA ASP J 361 -169.99 -35.77 93.83
C ASP J 361 -171.00 -35.71 94.97
N GLU J 362 -170.61 -36.19 96.14
CA GLU J 362 -171.43 -36.07 97.35
C GLU J 362 -171.81 -34.63 97.66
N LEU J 363 -170.86 -33.71 97.54
CA LEU J 363 -171.15 -32.31 97.84
C LEU J 363 -172.09 -31.71 96.80
N GLU J 364 -171.81 -31.96 95.51
CA GLU J 364 -172.64 -31.36 94.47
C GLU J 364 -174.09 -31.84 94.57
N ALA J 365 -174.29 -33.15 94.79
CA ALA J 365 -175.65 -33.66 94.80
C ALA J 365 -176.47 -33.02 95.90
N VAL J 366 -175.88 -32.83 97.07
CA VAL J 366 -176.59 -32.19 98.18
C VAL J 366 -176.83 -30.71 97.90
N THR J 367 -175.81 -30.01 97.40
CA THR J 367 -175.92 -28.55 97.32
C THR J 367 -176.80 -28.11 96.16
N LEU J 368 -176.91 -28.92 95.10
CA LEU J 368 -177.85 -28.57 94.04
C LEU J 368 -179.30 -28.69 94.49
N THR J 369 -179.54 -29.31 95.64
CA THR J 369 -180.88 -29.48 96.16
C THR J 369 -181.19 -28.58 97.34
N THR J 370 -180.26 -28.44 98.29
CA THR J 370 -180.50 -27.69 99.51
C THR J 370 -179.37 -26.68 99.76
N GLY J 371 -179.04 -25.91 98.73
CA GLY J 371 -178.07 -24.85 98.89
C GLY J 371 -178.70 -23.60 99.47
N THR J 372 -178.20 -23.15 100.64
CA THR J 372 -178.87 -22.06 101.34
C THR J 372 -178.75 -20.75 100.57
N GLY J 373 -177.69 -20.59 99.78
CA GLY J 373 -177.54 -19.43 98.95
C GLY J 373 -177.03 -18.18 99.64
N GLN J 374 -176.79 -18.23 100.94
CA GLN J 374 -176.31 -17.07 101.70
C GLN J 374 -174.96 -17.39 102.28
N GLY J 375 -173.99 -16.51 102.03
CA GLY J 375 -172.65 -16.72 102.53
C GLY J 375 -171.69 -17.26 101.49
N ASN J 376 -171.42 -18.55 101.54
CA ASN J 376 -170.44 -19.17 100.66
C ASN J 376 -171.01 -20.31 99.81
N GLN J 377 -172.29 -20.62 99.92
CA GLN J 377 -172.81 -21.71 99.10
C GLN J 377 -173.83 -21.20 98.11
N PRO J 378 -173.93 -21.82 96.93
CA PRO J 378 -174.93 -21.40 95.95
C PRO J 378 -176.34 -21.75 96.41
N THR J 379 -177.31 -21.37 95.59
CA THR J 379 -178.72 -21.55 95.91
C THR J 379 -179.23 -22.85 95.31
N GLY J 380 -179.88 -23.67 96.15
CA GLY J 380 -180.55 -24.85 95.67
C GLY J 380 -181.96 -24.55 95.21
N ILE J 381 -182.56 -25.54 94.55
CA ILE J 381 -183.91 -25.36 94.02
C ILE J 381 -184.95 -25.31 95.15
N VAL J 382 -184.77 -26.13 96.18
CA VAL J 382 -185.73 -26.17 97.28
C VAL J 382 -185.66 -24.90 98.10
N THR J 383 -184.45 -24.45 98.41
CA THR J 383 -184.29 -23.30 99.30
C THR J 383 -184.73 -22.01 98.64
N ALA J 384 -184.81 -21.98 97.31
CA ALA J 384 -185.27 -20.77 96.64
C ALA J 384 -186.79 -20.69 96.60
N LEU J 385 -187.46 -21.80 96.29
CA LEU J 385 -188.90 -21.79 96.16
C LEU J 385 -189.60 -21.73 97.51
N ALA J 386 -188.95 -22.16 98.58
CA ALA J 386 -189.57 -22.09 99.90
C ALA J 386 -189.83 -20.64 100.27
N GLY J 387 -190.97 -20.41 100.92
CA GLY J 387 -191.35 -19.07 101.31
C GLY J 387 -191.87 -18.20 100.18
N THR J 388 -192.22 -18.80 99.04
CA THR J 388 -192.69 -18.04 97.89
C THR J 388 -194.06 -18.52 97.45
N ALA J 389 -194.52 -18.02 96.30
CA ALA J 389 -195.82 -18.44 95.78
C ALA J 389 -195.82 -19.89 95.35
N ALA J 390 -194.64 -20.46 95.09
CA ALA J 390 -194.56 -21.84 94.63
C ALA J 390 -194.54 -22.81 95.80
N GLU J 391 -195.51 -22.69 96.72
CA GLU J 391 -195.61 -23.57 97.88
C GLU J 391 -197.09 -23.76 98.19
N ILE J 392 -197.61 -24.93 97.85
CA ILE J 392 -199.00 -25.28 98.10
C ILE J 392 -199.09 -26.13 99.36
N ALA J 393 -200.30 -26.25 99.92
CA ALA J 393 -200.52 -27.00 101.14
C ALA J 393 -201.35 -28.25 100.86
N PRO J 394 -201.15 -29.32 101.61
CA PRO J 394 -201.90 -30.55 101.37
C PRO J 394 -203.36 -30.41 101.75
N VAL J 395 -204.17 -31.33 101.22
CA VAL J 395 -205.61 -31.31 101.48
C VAL J 395 -205.89 -31.49 102.96
N THR J 396 -205.22 -32.45 103.59
CA THR J 396 -205.36 -32.71 105.02
C THR J 396 -203.99 -32.58 105.67
N ALA J 397 -203.97 -31.96 106.85
CA ALA J 397 -202.71 -31.70 107.54
C ALA J 397 -201.98 -33.01 107.85
N GLU J 398 -200.67 -33.01 107.62
CA GLU J 398 -199.81 -34.16 107.90
C GLU J 398 -200.33 -35.42 107.20
N THR J 399 -200.72 -35.27 105.94
CA THR J 399 -201.28 -36.37 105.18
C THR J 399 -200.81 -36.27 103.73
N PHE J 400 -200.54 -37.43 103.13
CA PHE J 400 -200.17 -37.53 101.73
C PHE J 400 -201.18 -38.42 101.02
N ALA J 401 -201.68 -37.95 99.87
CA ALA J 401 -202.70 -38.69 99.14
C ALA J 401 -202.57 -38.35 97.66
N LEU J 402 -203.40 -39.00 96.85
CA LEU J 402 -203.38 -38.77 95.41
C LEU J 402 -203.78 -37.34 95.07
N ALA J 403 -204.73 -36.77 95.82
CA ALA J 403 -205.14 -35.39 95.58
C ALA J 403 -203.97 -34.44 95.76
N ASP J 404 -203.09 -34.72 96.72
CA ASP J 404 -201.91 -33.89 96.92
C ASP J 404 -201.01 -33.93 95.70
N VAL J 405 -200.84 -35.11 95.09
CA VAL J 405 -200.03 -35.21 93.88
C VAL J 405 -200.68 -34.44 92.75
N TYR J 406 -202.00 -34.56 92.59
CA TYR J 406 -202.69 -33.84 91.52
C TYR J 406 -202.59 -32.33 91.69
N ALA J 407 -202.58 -31.85 92.94
CA ALA J 407 -202.56 -30.42 93.19
C ALA J 407 -201.30 -29.77 92.63
N VAL J 408 -200.17 -30.45 92.75
CA VAL J 408 -198.92 -29.90 92.21
C VAL J 408 -199.02 -29.75 90.71
N TYR J 409 -199.60 -30.74 90.03
CA TYR J 409 -199.68 -30.69 88.58
C TYR J 409 -200.66 -29.62 88.10
N GLU J 410 -201.84 -29.55 88.70
CA GLU J 410 -202.91 -28.75 88.10
C GLU J 410 -202.73 -27.25 88.32
N GLN J 411 -202.09 -26.84 89.42
CA GLN J 411 -202.02 -25.41 89.73
C GLN J 411 -200.98 -24.66 88.90
N LEU J 412 -200.19 -25.36 88.10
CA LEU J 412 -199.17 -24.70 87.29
C LEU J 412 -199.79 -24.09 86.04
N ALA J 413 -199.18 -23.00 85.57
CA ALA J 413 -199.64 -22.36 84.35
C ALA J 413 -199.36 -23.25 83.14
N ALA J 414 -200.22 -23.11 82.12
CA ALA J 414 -200.14 -24.00 80.96
C ALA J 414 -198.83 -23.87 80.22
N ARG J 415 -198.33 -22.63 80.06
CA ARG J 415 -197.07 -22.43 79.35
C ARG J 415 -195.93 -23.17 80.03
N HIS J 416 -196.00 -23.35 81.35
CA HIS J 416 -194.95 -24.03 82.09
C HIS J 416 -195.30 -25.48 82.40
N ARG J 417 -196.59 -25.80 82.54
CA ARG J 417 -196.98 -27.17 82.86
C ARG J 417 -196.68 -28.11 81.71
N ARG J 418 -196.86 -27.65 80.46
CA ARG J 418 -196.69 -28.53 79.32
C ARG J 418 -195.26 -29.04 79.19
N GLN J 419 -194.28 -28.26 79.64
CA GLN J 419 -192.88 -28.65 79.57
C GLN J 419 -192.26 -28.59 80.97
N GLY J 420 -192.21 -29.74 81.63
CA GLY J 420 -191.69 -29.83 82.98
C GLY J 420 -191.55 -31.29 83.36
N ALA J 421 -191.00 -31.52 84.55
CA ALA J 421 -190.72 -32.87 85.00
C ALA J 421 -190.78 -32.94 86.52
N TRP J 422 -190.99 -34.16 87.02
CA TRP J 422 -191.13 -34.39 88.45
C TRP J 422 -189.78 -34.53 89.13
N LEU J 423 -189.79 -34.39 90.45
CA LEU J 423 -188.59 -34.52 91.27
C LEU J 423 -188.99 -34.86 92.69
N ALA J 424 -188.53 -36.00 93.18
CA ALA J 424 -188.86 -36.44 94.54
C ALA J 424 -187.87 -37.53 94.95
N ASN J 425 -188.11 -38.12 96.12
CA ASN J 425 -187.32 -39.23 96.63
C ASN J 425 -188.04 -40.54 96.36
N ASN J 426 -187.26 -41.64 96.43
CA ASN J 426 -187.83 -42.95 96.12
C ASN J 426 -188.92 -43.35 97.09
N LEU J 427 -188.84 -42.90 98.34
CA LEU J 427 -189.88 -43.24 99.31
C LEU J 427 -191.22 -42.66 98.90
N ILE J 428 -191.22 -41.42 98.40
CA ILE J 428 -192.47 -40.81 97.96
C ILE J 428 -193.05 -41.57 96.78
N TYR J 429 -192.21 -41.99 95.84
CA TYR J 429 -192.71 -42.75 94.71
C TYR J 429 -193.27 -44.10 95.15
N ASN J 430 -192.65 -44.73 96.15
CA ASN J 430 -193.21 -45.97 96.67
C ASN J 430 -194.56 -45.74 97.33
N LYS J 431 -194.69 -44.64 98.07
CA LYS J 431 -195.99 -44.29 98.64
C LYS J 431 -197.03 -44.08 97.55
N ILE J 432 -196.63 -43.45 96.45
CA ILE J 432 -197.55 -43.29 95.32
C ILE J 432 -197.93 -44.64 94.74
N ARG J 433 -196.96 -45.54 94.61
CA ARG J 433 -197.25 -46.87 94.08
C ARG J 433 -198.24 -47.62 94.96
N GLN J 434 -198.16 -47.43 96.27
CA GLN J 434 -199.04 -48.11 97.21
C GLN J 434 -200.43 -47.47 97.30
N PHE J 435 -200.76 -46.54 96.40
CA PHE J 435 -202.08 -45.90 96.46
C PHE J 435 -203.19 -46.80 95.94
N ASP J 436 -202.93 -47.59 94.91
CA ASP J 436 -203.95 -48.43 94.31
C ASP J 436 -204.12 -49.73 95.10
N THR J 437 -205.37 -50.11 95.33
CA THR J 437 -205.69 -51.32 96.06
C THR J 437 -206.53 -52.30 95.27
N GLN J 438 -207.51 -51.80 94.52
CA GLN J 438 -208.43 -52.66 93.77
C GLN J 438 -208.33 -52.46 92.27
N GLY J 439 -207.20 -51.98 91.77
CA GLY J 439 -207.04 -51.77 90.35
C GLY J 439 -207.83 -50.60 89.79
N GLY J 440 -207.93 -49.50 90.53
CA GLY J 440 -208.68 -48.35 90.08
C GLY J 440 -207.89 -47.45 89.15
N ALA J 441 -208.10 -46.15 89.26
CA ALA J 441 -207.40 -45.19 88.42
C ALA J 441 -206.01 -44.88 88.93
N GLY J 442 -205.66 -45.29 90.15
CA GLY J 442 -204.36 -45.08 90.72
C GLY J 442 -203.33 -46.13 90.40
N LEU J 443 -203.64 -47.06 89.50
CA LEU J 443 -202.69 -48.11 89.11
C LEU J 443 -201.58 -47.53 88.25
N TRP J 444 -200.56 -46.96 88.88
CA TRP J 444 -199.43 -46.45 88.14
C TRP J 444 -198.64 -47.58 87.48
N THR J 445 -198.30 -48.61 88.25
CA THR J 445 -197.71 -49.83 87.70
C THR J 445 -197.87 -50.92 88.74
N THR J 446 -197.74 -52.17 88.29
CA THR J 446 -197.93 -53.32 89.14
C THR J 446 -196.61 -53.77 89.76
N ILE J 447 -196.73 -54.57 90.82
CA ILE J 447 -195.54 -55.17 91.43
C ILE J 447 -194.90 -56.10 90.42
N GLY J 448 -193.57 -56.19 90.49
CA GLY J 448 -192.82 -56.96 89.53
C GLY J 448 -192.25 -56.17 88.38
N ASN J 449 -192.30 -54.84 88.44
CA ASN J 449 -191.73 -53.98 87.41
C ASN J 449 -190.93 -52.86 88.05
N GLY J 450 -190.03 -52.28 87.28
CA GLY J 450 -189.23 -51.17 87.75
C GLY J 450 -190.04 -49.88 87.81
N GLU J 451 -189.35 -48.83 88.21
CA GLU J 451 -190.00 -47.53 88.39
C GLU J 451 -190.34 -46.93 87.04
N PRO J 452 -191.60 -46.60 86.78
CA PRO J 452 -191.98 -46.09 85.46
C PRO J 452 -191.32 -44.76 85.15
N SER J 453 -191.07 -44.53 83.86
CA SER J 453 -190.37 -43.34 83.41
C SER J 453 -191.29 -42.15 83.16
N GLN J 454 -192.60 -42.34 83.16
CA GLN J 454 -193.52 -41.24 82.90
C GLN J 454 -194.61 -41.22 83.95
N LEU J 455 -194.89 -40.04 84.49
CA LEU J 455 -195.95 -39.83 85.47
C LEU J 455 -196.82 -38.68 84.99
N LEU J 456 -198.10 -38.97 84.76
CA LEU J 456 -199.03 -38.01 84.19
C LEU J 456 -198.55 -37.51 82.83
N GLY J 457 -197.86 -38.39 82.10
CA GLY J 457 -197.34 -38.04 80.79
C GLY J 457 -196.07 -37.21 80.80
N ARG J 458 -195.45 -37.01 81.95
CA ARG J 458 -194.28 -36.16 82.07
C ARG J 458 -193.07 -36.97 82.55
N PRO J 459 -191.86 -36.50 82.23
CA PRO J 459 -190.66 -37.22 82.68
C PRO J 459 -190.53 -37.20 84.19
N VAL J 460 -189.88 -38.24 84.72
CA VAL J 460 -189.76 -38.46 86.15
C VAL J 460 -188.30 -38.35 86.54
N GLY J 461 -188.03 -37.83 87.73
CA GLY J 461 -186.68 -37.67 88.20
C GLY J 461 -186.56 -38.07 89.66
N GLU J 462 -185.33 -38.40 90.05
CA GLU J 462 -185.02 -38.84 91.40
C GLU J 462 -183.92 -37.96 91.99
N ALA J 463 -184.14 -37.51 93.22
CA ALA J 463 -183.15 -36.72 93.95
C ALA J 463 -183.32 -37.03 95.43
N GLU J 464 -182.52 -37.96 95.93
CA GLU J 464 -182.72 -38.49 97.28
C GLU J 464 -182.22 -37.58 98.38
N ALA J 465 -181.73 -36.37 98.11
CA ALA J 465 -181.26 -35.48 99.17
C ALA J 465 -182.39 -34.73 99.87
N MET J 466 -183.58 -34.71 99.28
CA MET J 466 -184.70 -33.98 99.85
C MET J 466 -185.51 -34.86 100.79
N ASP J 467 -186.35 -34.20 101.59
CA ASP J 467 -187.08 -34.88 102.65
C ASP J 467 -188.09 -35.87 102.09
N ALA J 468 -188.30 -36.97 102.81
CA ALA J 468 -189.29 -37.98 102.42
C ALA J 468 -190.10 -38.47 103.61
N ASN J 469 -189.88 -37.91 104.80
CA ASN J 469 -190.67 -38.28 105.97
C ASN J 469 -190.96 -37.04 106.79
N TRP J 470 -192.07 -37.08 107.52
CA TRP J 470 -192.46 -35.99 108.42
C TRP J 470 -192.71 -36.48 109.84
N ASN J 471 -192.38 -37.74 110.13
CA ASN J 471 -192.55 -38.29 111.47
C ASN J 471 -191.21 -38.49 112.16
N THR J 472 -190.27 -39.20 111.52
CA THR J 472 -188.97 -39.42 112.11
C THR J 472 -188.14 -38.14 112.15
N SER J 473 -188.29 -37.27 111.15
CA SER J 473 -187.57 -36.00 111.17
C SER J 473 -188.27 -35.01 112.09
N ALA J 474 -187.49 -34.09 112.64
CA ALA J 474 -187.99 -33.10 113.59
C ALA J 474 -187.70 -31.71 113.03
N SER J 475 -188.63 -31.21 112.20
CA SER J 475 -188.57 -29.85 111.68
C SER J 475 -189.97 -29.43 111.29
N ALA J 476 -190.19 -28.12 111.26
CA ALA J 476 -191.51 -27.59 110.97
C ALA J 476 -191.93 -27.91 109.54
N ASP J 477 -191.02 -27.77 108.59
CA ASP J 477 -191.32 -27.87 107.18
C ASP J 477 -190.71 -29.13 106.58
N ASN J 478 -191.46 -29.77 105.68
CA ASN J 478 -191.01 -30.99 105.02
C ASN J 478 -191.46 -30.96 103.57
N PHE J 479 -190.58 -30.50 102.68
CA PHE J 479 -190.88 -30.49 101.26
C PHE J 479 -190.58 -31.86 100.66
N VAL J 480 -191.56 -32.44 99.99
CA VAL J 480 -191.46 -33.85 99.59
C VAL J 480 -191.62 -34.02 98.08
N LEU J 481 -192.35 -33.11 97.44
CA LEU J 481 -192.61 -33.22 96.02
C LEU J 481 -192.30 -31.89 95.35
N LEU J 482 -191.87 -31.96 94.09
CA LEU J 482 -191.49 -30.78 93.35
C LEU J 482 -191.63 -31.03 91.86
N TYR J 483 -192.50 -30.26 91.21
CA TYR J 483 -192.69 -30.35 89.78
C TYR J 483 -192.72 -28.95 89.20
N GLY J 484 -192.07 -28.77 88.05
CA GLY J 484 -192.05 -27.48 87.41
C GLY J 484 -191.14 -27.49 86.20
N ASN J 485 -191.10 -26.34 85.54
CA ASN J 485 -190.25 -26.15 84.37
C ASN J 485 -188.83 -25.91 84.82
N PHE J 486 -187.97 -26.92 84.67
CA PHE J 486 -186.60 -26.81 85.11
C PHE J 486 -185.73 -26.01 84.16
N GLN J 487 -186.26 -25.59 83.02
CA GLN J 487 -185.50 -24.76 82.09
C GLN J 487 -185.16 -23.41 82.69
N ASN J 488 -185.86 -23.00 83.76
CA ASN J 488 -185.59 -21.74 84.45
C ASN J 488 -184.65 -21.91 85.63
N TYR J 489 -183.99 -23.06 85.75
CA TYR J 489 -182.97 -23.30 86.76
C TYR J 489 -181.62 -23.29 86.06
N VAL J 490 -180.84 -22.24 86.28
CA VAL J 490 -179.59 -22.03 85.55
C VAL J 490 -178.42 -22.37 86.45
N ILE J 491 -177.51 -23.19 85.95
CA ILE J 491 -176.30 -23.58 86.67
C ILE J 491 -175.11 -23.07 85.88
N ALA J 492 -174.32 -22.20 86.50
CA ALA J 492 -173.15 -21.62 85.86
C ALA J 492 -171.91 -22.43 86.24
N ASP J 493 -171.18 -22.88 85.24
CA ASP J 493 -169.97 -23.67 85.43
C ASP J 493 -168.76 -22.82 85.08
N ARG J 494 -167.74 -22.87 85.94
CA ARG J 494 -166.53 -22.09 85.71
C ARG J 494 -165.31 -22.97 85.46
N ILE J 495 -164.98 -23.87 86.39
CA ILE J 495 -163.81 -24.74 86.25
C ILE J 495 -164.17 -26.11 86.79
N GLY J 496 -163.45 -27.12 86.32
CA GLY J 496 -163.66 -28.48 86.76
C GLY J 496 -162.85 -28.83 87.99
N MET J 497 -162.87 -30.11 88.32
CA MET J 497 -162.13 -30.63 89.46
C MET J 497 -160.65 -30.73 89.11
N THR J 498 -159.81 -30.04 89.88
CA THR J 498 -158.36 -30.10 89.72
C THR J 498 -157.72 -30.44 91.06
N VAL J 499 -156.73 -31.31 91.02
CA VAL J 499 -155.99 -31.73 92.20
C VAL J 499 -154.53 -31.33 92.04
N GLU J 500 -154.00 -30.62 93.02
CA GLU J 500 -152.61 -30.20 93.01
C GLU J 500 -151.89 -30.85 94.19
N PHE J 501 -150.60 -31.12 93.99
CA PHE J 501 -149.79 -31.84 94.95
C PHE J 501 -148.82 -30.87 95.61
N ILE J 502 -148.91 -30.73 96.92
CA ILE J 502 -148.01 -29.85 97.68
C ILE J 502 -146.84 -30.68 98.21
N PRO J 503 -145.62 -30.43 97.75
CA PRO J 503 -144.49 -31.27 98.16
C PRO J 503 -143.95 -30.98 99.54
N HIS J 504 -144.29 -29.85 100.15
CA HIS J 504 -143.66 -29.50 101.43
C HIS J 504 -144.64 -28.68 102.26
N LEU J 505 -144.91 -29.15 103.47
CA LEU J 505 -145.68 -28.40 104.45
C LEU J 505 -144.77 -27.91 105.57
N PHE J 506 -145.26 -26.93 106.32
CA PHE J 506 -144.49 -26.30 107.37
C PHE J 506 -145.24 -26.47 108.70
N GLY J 507 -144.59 -26.06 109.78
CA GLY J 507 -145.17 -26.18 111.10
C GLY J 507 -145.36 -24.85 111.79
N THR J 508 -145.46 -24.87 113.13
CA THR J 508 -145.74 -23.66 113.88
C THR J 508 -144.56 -22.71 113.97
N ASN J 509 -143.37 -23.14 113.57
CA ASN J 509 -142.18 -22.30 113.63
C ASN J 509 -141.58 -22.06 112.25
N ARG J 510 -142.39 -22.20 111.20
CA ARG J 510 -141.96 -21.94 109.82
C ARG J 510 -140.78 -22.82 109.42
N ARG J 511 -140.77 -24.06 109.89
CA ARG J 511 -139.79 -25.04 109.48
C ARG J 511 -140.49 -26.32 109.04
N PRO J 512 -139.88 -27.10 108.16
CA PRO J 512 -140.52 -28.33 107.68
C PRO J 512 -140.80 -29.29 108.83
N ASN J 513 -141.94 -29.98 108.75
CA ASN J 513 -142.33 -30.95 109.75
C ASN J 513 -142.53 -32.33 109.14
N GLY J 514 -141.93 -32.59 107.99
CA GLY J 514 -141.95 -33.90 107.38
C GLY J 514 -143.32 -34.38 106.96
N SER J 515 -144.09 -33.51 106.28
CA SER J 515 -145.42 -33.88 105.84
C SER J 515 -145.70 -33.27 104.48
N ARG J 516 -146.60 -33.90 103.74
CA ARG J 516 -147.05 -33.39 102.45
C ARG J 516 -148.57 -33.39 102.41
N GLY J 517 -149.17 -33.03 101.27
CA GLY J 517 -150.60 -33.00 101.20
C GLY J 517 -151.12 -32.85 99.79
N TRP J 518 -152.41 -33.07 99.64
CA TRP J 518 -153.11 -32.97 98.35
C TRP J 518 -154.15 -31.88 98.44
N PHE J 519 -154.16 -30.98 97.47
CA PHE J 519 -155.10 -29.88 97.41
C PHE J 519 -156.04 -30.05 96.22
N ALA J 520 -157.33 -29.87 96.46
CA ALA J 520 -158.32 -29.94 95.40
C ALA J 520 -159.30 -28.79 95.56
N TYR J 521 -159.80 -28.28 94.44
CA TYR J 521 -160.78 -27.21 94.49
C TYR J 521 -161.69 -27.30 93.27
N TYR J 522 -162.78 -26.54 93.32
CA TYR J 522 -163.87 -26.63 92.36
C TYR J 522 -164.64 -25.32 92.36
N ARG J 523 -165.25 -24.99 91.23
CA ARG J 523 -166.00 -23.75 91.09
C ARG J 523 -167.31 -24.00 90.35
N MET J 524 -168.40 -23.48 90.89
CA MET J 524 -169.73 -23.62 90.28
C MET J 524 -170.66 -22.61 90.96
N GLY J 525 -171.76 -22.30 90.29
CA GLY J 525 -172.75 -21.41 90.87
C GLY J 525 -174.09 -21.59 90.17
N ALA J 526 -175.16 -21.37 90.93
CA ALA J 526 -176.50 -21.59 90.41
C ALA J 526 -177.51 -20.80 91.23
N ASP J 527 -178.65 -20.52 90.60
CA ASP J 527 -179.74 -19.82 91.25
C ASP J 527 -181.00 -19.97 90.40
N VAL J 528 -182.14 -19.66 91.00
CA VAL J 528 -183.43 -19.69 90.32
C VAL J 528 -183.74 -18.30 89.77
N VAL J 529 -184.16 -18.25 88.51
CA VAL J 529 -184.48 -16.98 87.87
C VAL J 529 -185.96 -16.64 88.02
N ASN J 530 -186.84 -17.58 87.69
CA ASN J 530 -188.28 -17.34 87.72
C ASN J 530 -188.91 -18.22 88.79
N PRO J 531 -189.29 -17.67 89.95
CA PRO J 531 -189.85 -18.51 91.02
C PRO J 531 -191.23 -19.07 90.75
N ASN J 532 -191.98 -18.51 89.81
CA ASN J 532 -193.35 -18.95 89.55
C ASN J 532 -193.44 -20.04 88.50
N ALA J 533 -192.31 -20.55 88.01
CA ALA J 533 -192.31 -21.66 87.07
C ALA J 533 -192.20 -23.01 87.76
N PHE J 534 -192.51 -23.06 89.06
CA PHE J 534 -192.41 -24.29 89.84
C PHE J 534 -193.60 -24.37 90.79
N ARG J 535 -193.81 -25.55 91.34
CA ARG J 535 -194.76 -25.76 92.42
C ARG J 535 -194.19 -26.78 93.38
N LEU J 536 -194.17 -26.44 94.67
CA LEU J 536 -193.54 -27.25 95.69
C LEU J 536 -194.56 -27.56 96.78
N LEU J 537 -194.57 -28.81 97.24
CA LEU J 537 -195.54 -29.26 98.22
C LEU J 537 -194.88 -29.41 99.58
N ASN J 538 -195.47 -28.81 100.60
CA ASN J 538 -194.92 -28.80 101.95
C ASN J 538 -195.89 -29.50 102.89
N VAL J 539 -195.43 -30.56 103.55
CA VAL J 539 -196.20 -31.23 104.58
C VAL J 539 -195.63 -30.78 105.93
N GLU J 540 -196.22 -29.74 106.49
CA GLU J 540 -195.76 -29.17 107.74
C GLU J 540 -196.55 -29.75 108.91
N THR J 541 -195.83 -30.18 109.93
CA THR J 541 -196.41 -30.82 111.10
C THR J 541 -196.46 -29.83 112.25
N ALA J 542 -197.65 -29.62 112.81
CA ALA J 542 -197.79 -28.74 113.96
C ALA J 542 -197.25 -29.41 115.21
N SER J 543 -196.66 -28.61 116.09
CA SER J 543 -196.13 -29.12 117.36
C SER J 543 -197.24 -29.55 118.30
N MET K 251 -154.24 -8.87 96.22
CA MET K 251 -154.93 -8.77 94.94
C MET K 251 -156.00 -9.83 94.81
N GLY K 252 -157.26 -9.43 94.95
CA GLY K 252 -158.38 -10.34 94.92
C GLY K 252 -159.38 -9.97 93.85
N LEU K 253 -160.62 -10.37 94.07
CA LEU K 253 -161.70 -10.12 93.13
C LEU K 253 -162.44 -8.82 93.40
N THR K 254 -162.14 -8.13 94.49
CA THR K 254 -162.75 -6.83 94.73
C THR K 254 -162.30 -5.85 93.66
N LYS K 255 -163.16 -4.87 93.37
CA LYS K 255 -162.91 -3.97 92.26
C LYS K 255 -161.60 -3.21 92.43
N ALA K 256 -161.41 -2.58 93.59
CA ALA K 256 -160.22 -1.77 93.84
C ALA K 256 -158.94 -2.59 93.91
N ASP K 257 -159.03 -3.91 93.99
CA ASP K 257 -157.87 -4.79 94.06
C ASP K 257 -157.72 -5.60 92.79
N GLY K 258 -157.94 -4.96 91.64
CA GLY K 258 -157.81 -5.62 90.36
C GLY K 258 -159.09 -6.19 89.80
N GLY K 259 -160.24 -5.88 90.41
CA GLY K 259 -161.50 -6.41 89.91
C GLY K 259 -162.07 -5.69 88.72
N TYR K 260 -161.41 -4.63 88.28
CA TYR K 260 -161.87 -3.86 87.12
C TYR K 260 -161.44 -4.47 85.81
N LEU K 261 -160.70 -5.58 85.82
CA LEU K 261 -160.18 -6.17 84.61
C LEU K 261 -161.01 -7.33 84.08
N VAL K 262 -161.98 -7.82 84.86
CA VAL K 262 -162.79 -8.95 84.40
C VAL K 262 -163.77 -8.47 83.34
N PRO K 263 -164.09 -9.27 82.33
CA PRO K 263 -165.09 -8.86 81.34
C PRO K 263 -166.49 -8.86 81.94
N PHE K 264 -167.44 -8.39 81.14
CA PHE K 264 -168.85 -8.41 81.50
C PHE K 264 -169.56 -9.45 80.64
N GLN K 265 -170.23 -10.40 81.29
CA GLN K 265 -170.94 -11.47 80.61
C GLN K 265 -172.44 -11.21 80.70
N LEU K 266 -173.12 -11.23 79.56
CA LEU K 266 -174.54 -10.93 79.52
C LEU K 266 -175.22 -11.80 78.47
N ASP K 267 -176.51 -12.07 78.70
CA ASP K 267 -177.33 -12.80 77.75
C ASP K 267 -178.31 -11.83 77.10
N PRO K 268 -178.13 -11.49 75.83
CA PRO K 268 -179.01 -10.47 75.22
C PRO K 268 -180.47 -10.89 75.14
N THR K 269 -180.76 -12.17 74.95
CA THR K 269 -182.14 -12.60 74.78
C THR K 269 -182.93 -12.42 76.07
N VAL K 270 -184.12 -11.85 75.95
CA VAL K 270 -184.98 -11.60 77.11
C VAL K 270 -185.78 -12.85 77.41
N ILE K 271 -186.37 -12.91 78.60
CA ILE K 271 -187.21 -14.03 79.02
C ILE K 271 -188.50 -13.45 79.58
N ILE K 272 -189.63 -14.01 79.16
CA ILE K 272 -190.93 -13.51 79.59
C ILE K 272 -191.27 -14.12 80.95
N THR K 273 -191.66 -13.27 81.89
CA THR K 273 -191.97 -13.73 83.24
C THR K 273 -193.42 -13.42 83.59
N SER K 274 -194.34 -13.68 82.65
CA SER K 274 -195.76 -13.53 82.88
C SER K 274 -196.45 -14.86 82.68
N ASN K 275 -197.49 -15.09 83.48
CA ASN K 275 -198.16 -16.40 83.47
C ASN K 275 -198.81 -16.68 82.13
N GLY K 276 -199.45 -15.68 81.53
CA GLY K 276 -200.15 -15.90 80.29
C GLY K 276 -201.51 -16.53 80.52
N SER K 277 -202.18 -16.83 79.41
CA SER K 277 -203.47 -17.50 79.46
C SER K 277 -203.70 -18.24 78.16
N LEU K 278 -204.48 -19.31 78.25
CA LEU K 278 -204.75 -20.20 77.12
C LEU K 278 -206.25 -20.41 77.00
N ASN K 279 -206.76 -20.40 75.77
CA ASN K 279 -208.17 -20.66 75.49
C ASN K 279 -208.28 -21.44 74.19
N ASP K 280 -209.09 -22.50 74.19
CA ASP K 280 -209.40 -23.25 73.00
C ASP K 280 -210.73 -22.82 72.37
N ILE K 281 -211.31 -21.72 72.83
CA ILE K 281 -212.62 -21.29 72.32
C ILE K 281 -212.54 -21.00 70.83
N ARG K 282 -211.49 -20.29 70.41
CA ARG K 282 -211.36 -19.93 69.00
C ARG K 282 -211.33 -21.17 68.10
N ARG K 283 -210.87 -22.30 68.65
CA ARG K 283 -210.86 -23.53 67.87
C ARG K 283 -212.28 -24.02 67.57
N PHE K 284 -213.18 -23.93 68.56
CA PHE K 284 -214.56 -24.38 68.37
C PHE K 284 -215.52 -23.27 67.98
N ALA K 285 -215.17 -22.01 68.22
CA ALA K 285 -216.11 -20.93 67.96
C ALA K 285 -216.25 -20.68 66.46
N ARG K 286 -217.30 -19.95 66.10
CA ARG K 286 -217.59 -19.61 64.72
C ARG K 286 -217.10 -18.20 64.44
N GLN K 287 -216.28 -18.05 63.41
CA GLN K 287 -215.57 -16.81 63.12
C GLN K 287 -216.15 -16.18 61.87
N VAL K 288 -216.53 -14.90 61.97
CA VAL K 288 -217.10 -14.16 60.85
C VAL K 288 -216.46 -12.78 60.80
N VAL K 289 -216.19 -12.32 59.59
CA VAL K 289 -215.60 -11.00 59.37
C VAL K 289 -216.70 -9.97 59.24
N ALA K 290 -216.40 -8.74 59.67
CA ALA K 290 -217.34 -7.64 59.62
C ALA K 290 -216.80 -6.53 58.72
N THR K 291 -217.72 -5.84 58.03
CA THR K 291 -217.36 -4.75 57.13
C THR K 291 -217.89 -3.42 57.63
N GLY K 292 -218.09 -3.28 58.94
CA GLY K 292 -218.67 -2.07 59.47
C GLY K 292 -218.62 -2.04 60.97
N ASP K 293 -219.39 -1.12 61.55
CA ASP K 293 -219.39 -0.96 62.99
C ASP K 293 -220.13 -2.10 63.69
N VAL K 294 -221.28 -2.50 63.16
CA VAL K 294 -222.15 -3.46 63.82
C VAL K 294 -222.50 -4.57 62.83
N TRP K 295 -222.58 -5.80 63.35
CA TRP K 295 -222.96 -6.97 62.57
C TRP K 295 -224.31 -7.49 63.06
N HIS K 296 -225.25 -7.65 62.14
CA HIS K 296 -226.60 -8.06 62.49
C HIS K 296 -226.93 -9.40 61.84
N GLY K 297 -227.76 -10.17 62.55
CA GLY K 297 -228.23 -11.45 62.03
C GLY K 297 -229.70 -11.62 62.37
N VAL K 298 -230.31 -12.64 61.77
CA VAL K 298 -231.74 -12.88 61.89
C VAL K 298 -231.97 -14.30 62.39
N SER K 299 -232.87 -14.44 63.36
CA SER K 299 -233.22 -15.74 63.94
C SER K 299 -234.73 -15.84 64.08
N SER K 300 -235.22 -17.09 64.14
CA SER K 300 -236.65 -17.34 64.22
C SER K 300 -236.87 -18.68 64.92
N ALA K 301 -238.08 -19.21 64.79
CA ALA K 301 -238.45 -20.49 65.39
C ALA K 301 -239.19 -21.35 64.39
N ALA K 302 -239.81 -22.43 64.85
CA ALA K 302 -240.51 -23.36 63.97
C ALA K 302 -242.00 -23.11 63.95
N VAL K 303 -242.63 -23.53 62.86
CA VAL K 303 -244.07 -23.37 62.68
C VAL K 303 -244.78 -24.48 63.42
N GLN K 304 -245.81 -24.13 64.18
CA GLN K 304 -246.58 -25.09 64.95
C GLN K 304 -247.63 -25.73 64.06
N TRP K 305 -247.65 -27.06 64.03
CA TRP K 305 -248.68 -27.82 63.35
C TRP K 305 -249.72 -28.28 64.37
N SER K 306 -250.69 -29.06 63.89
CA SER K 306 -251.67 -29.69 64.76
C SER K 306 -252.35 -30.81 64.00
N TRP K 307 -252.91 -31.75 64.75
CA TRP K 307 -253.79 -32.76 64.18
C TRP K 307 -255.21 -32.22 64.21
N ASP K 308 -255.78 -32.00 63.03
CA ASP K 308 -257.08 -31.37 62.90
C ASP K 308 -258.09 -32.34 62.32
N ALA K 309 -259.36 -32.05 62.60
CA ALA K 309 -260.47 -32.85 62.10
C ALA K 309 -260.82 -32.41 60.68
N GLU K 310 -261.87 -32.98 60.13
CA GLU K 310 -262.35 -32.60 58.81
C GLU K 310 -263.29 -31.41 58.92
N PHE K 311 -263.22 -30.53 57.93
CA PHE K 311 -264.11 -29.35 57.86
C PHE K 311 -263.95 -28.45 59.08
N GLU K 312 -262.71 -28.22 59.49
CA GLU K 312 -262.39 -27.27 60.55
C GLU K 312 -261.55 -26.14 59.94
N GLU K 313 -261.84 -24.91 60.32
CA GLU K 313 -261.00 -23.81 59.87
C GLU K 313 -259.72 -23.77 60.68
N VAL K 314 -258.59 -23.70 59.98
CA VAL K 314 -257.27 -23.81 60.59
C VAL K 314 -256.91 -22.52 61.31
N SER K 315 -255.85 -22.57 62.11
CA SER K 315 -255.37 -21.43 62.87
C SER K 315 -254.04 -20.97 62.30
N ASP K 316 -253.84 -19.66 62.23
CA ASP K 316 -252.59 -19.12 61.71
C ASP K 316 -251.43 -19.47 62.63
N ASP K 317 -250.30 -19.82 62.02
CA ASP K 317 -249.14 -20.33 62.75
C ASP K 317 -247.88 -19.59 62.36
N SER K 318 -247.99 -18.29 62.13
CA SER K 318 -246.84 -17.52 61.66
C SER K 318 -245.81 -17.39 62.78
N PRO K 319 -244.55 -17.75 62.51
CA PRO K 319 -243.52 -17.63 63.53
C PRO K 319 -242.96 -16.22 63.64
N GLU K 320 -242.38 -15.93 64.81
CA GLU K 320 -241.78 -14.63 65.07
C GLU K 320 -240.28 -14.67 64.80
N PHE K 321 -239.72 -13.50 64.53
CA PHE K 321 -238.34 -13.36 64.14
C PHE K 321 -237.60 -12.47 65.13
N GLY K 322 -236.41 -12.91 65.55
CA GLY K 322 -235.56 -12.11 66.38
C GLY K 322 -234.30 -11.71 65.64
N GLN K 323 -233.71 -10.58 66.00
CA GLN K 323 -232.53 -10.06 65.31
C GLN K 323 -231.37 -9.94 66.28
N PRO K 324 -230.54 -10.96 66.42
CA PRO K 324 -229.32 -10.82 67.22
C PRO K 324 -228.39 -9.78 66.62
N GLU K 325 -227.71 -9.05 67.49
CA GLU K 325 -226.87 -7.93 67.09
C GLU K 325 -225.58 -7.94 67.89
N ILE K 326 -224.47 -7.70 67.21
CA ILE K 326 -223.17 -7.66 67.87
C ILE K 326 -222.41 -6.40 67.45
N PRO K 327 -221.96 -5.58 68.40
CA PRO K 327 -221.13 -4.43 68.05
C PRO K 327 -219.65 -4.79 68.04
N VAL K 328 -218.86 -3.88 67.50
CA VAL K 328 -217.41 -4.06 67.37
C VAL K 328 -216.72 -3.02 68.22
N LYS K 329 -215.84 -3.47 69.10
CA LYS K 329 -215.08 -2.62 69.99
C LYS K 329 -213.61 -2.65 69.60
N LYS K 330 -212.81 -1.79 70.23
CA LYS K 330 -211.39 -1.70 69.92
C LYS K 330 -210.55 -1.59 71.18
N ALA K 331 -209.32 -2.11 71.10
CA ALA K 331 -208.36 -2.06 72.19
C ALA K 331 -207.03 -1.55 71.68
N GLN K 332 -206.31 -0.78 72.50
CA GLN K 332 -205.09 -0.12 72.06
C GLN K 332 -204.09 -0.02 73.20
N GLY K 333 -202.84 0.20 72.82
CA GLY K 333 -201.76 0.38 73.78
C GLY K 333 -200.74 1.35 73.25
N PHE K 334 -199.90 1.86 74.16
CA PHE K 334 -198.90 2.86 73.81
C PHE K 334 -197.63 2.64 74.61
N VAL K 335 -196.49 2.89 73.96
CA VAL K 335 -195.18 2.76 74.58
C VAL K 335 -194.28 3.90 74.09
N PRO K 336 -193.98 4.88 74.93
CA PRO K 336 -193.08 5.95 74.50
C PRO K 336 -191.62 5.58 74.73
N ILE K 337 -190.76 6.00 73.82
CA ILE K 337 -189.34 5.69 73.86
C ILE K 337 -188.55 6.97 73.63
N SER K 338 -187.50 7.17 74.43
CA SER K 338 -186.63 8.32 74.25
C SER K 338 -185.71 8.13 73.07
N ILE K 339 -185.27 9.24 72.47
CA ILE K 339 -184.42 9.16 71.29
C ILE K 339 -183.05 8.57 71.66
N GLU K 340 -182.49 8.99 72.78
CA GLU K 340 -181.19 8.47 73.19
C GLU K 340 -181.28 6.97 73.51
N ALA K 341 -182.32 6.57 74.24
CA ALA K 341 -182.52 5.16 74.49
C ALA K 341 -182.76 4.40 73.19
N LEU K 342 -183.48 5.02 72.24
CA LEU K 342 -183.71 4.37 70.97
C LEU K 342 -182.40 4.10 70.24
N GLN K 343 -181.48 5.07 70.27
CA GLN K 343 -180.20 4.89 69.60
C GLN K 343 -179.34 3.85 70.30
N ASP K 344 -179.18 3.95 71.62
CA ASP K 344 -178.19 3.11 72.30
C ASP K 344 -178.71 1.69 72.49
N GLU K 345 -179.92 1.54 73.01
CA GLU K 345 -180.43 0.20 73.32
C GLU K 345 -180.52 -0.63 72.05
N ALA K 346 -180.05 -1.87 72.14
CA ALA K 346 -179.94 -2.75 70.99
C ALA K 346 -181.12 -3.70 70.93
N ASN K 347 -181.61 -3.93 69.71
CA ASN K 347 -182.73 -4.83 69.45
C ASN K 347 -183.94 -4.42 70.28
N VAL K 348 -184.43 -3.22 70.02
CA VAL K 348 -185.56 -2.68 70.77
C VAL K 348 -186.88 -2.93 70.06
N THR K 349 -186.90 -2.76 68.74
CA THR K 349 -188.15 -2.91 68.00
C THR K 349 -188.69 -4.34 68.14
N GLU K 350 -187.82 -5.33 68.02
CA GLU K 350 -188.25 -6.72 68.16
C GLU K 350 -188.77 -7.00 69.57
N THR K 351 -188.06 -6.50 70.59
CA THR K 351 -188.48 -6.72 71.96
C THR K 351 -189.85 -6.10 72.22
N VAL K 352 -190.05 -4.87 71.77
CA VAL K 352 -191.33 -4.19 72.01
C VAL K 352 -192.44 -4.85 71.21
N ALA K 353 -192.17 -5.29 69.97
CA ALA K 353 -193.19 -5.98 69.21
C ALA K 353 -193.60 -7.28 69.87
N LEU K 354 -192.63 -8.04 70.38
CA LEU K 354 -192.95 -9.28 71.07
C LEU K 354 -193.77 -9.02 72.33
N LEU K 355 -193.42 -7.97 73.08
CA LEU K 355 -194.18 -7.63 74.28
C LEU K 355 -195.60 -7.20 73.93
N PHE K 356 -195.76 -6.43 72.84
CA PHE K 356 -197.09 -6.05 72.38
C PHE K 356 -197.91 -7.30 72.04
N ALA K 357 -197.30 -8.25 71.33
CA ALA K 357 -198.02 -9.46 70.97
C ALA K 357 -198.44 -10.24 72.20
N GLU K 358 -197.56 -10.36 73.18
CA GLU K 358 -197.90 -11.09 74.41
C GLU K 358 -199.07 -10.42 75.12
N GLY K 359 -199.04 -9.10 75.24
CA GLY K 359 -200.14 -8.40 75.89
C GLY K 359 -201.45 -8.57 75.15
N LYS K 360 -201.41 -8.48 73.82
CA LYS K 360 -202.61 -8.66 73.01
C LYS K 360 -203.19 -10.06 73.22
N ASP K 361 -202.34 -11.08 73.22
CA ASP K 361 -202.81 -12.44 73.41
C ASP K 361 -203.44 -12.59 74.79
N GLU K 362 -202.80 -12.04 75.82
CA GLU K 362 -203.38 -12.09 77.17
C GLU K 362 -204.77 -11.46 77.20
N LEU K 363 -204.90 -10.26 76.64
CA LEU K 363 -206.18 -9.57 76.71
C LEU K 363 -207.27 -10.33 75.97
N GLU K 364 -206.96 -10.81 74.77
CA GLU K 364 -207.95 -11.59 74.01
C GLU K 364 -208.35 -12.84 74.77
N ALA K 365 -207.37 -13.56 75.33
CA ALA K 365 -207.67 -14.81 76.02
C ALA K 365 -208.58 -14.57 77.22
N VAL K 366 -208.33 -13.49 77.97
CA VAL K 366 -209.18 -13.22 79.12
C VAL K 366 -210.58 -12.81 78.66
N THR K 367 -210.66 -11.95 77.64
CA THR K 367 -211.93 -11.32 77.31
C THR K 367 -212.88 -12.26 76.57
N LEU K 368 -212.35 -13.19 75.78
CA LEU K 368 -213.26 -14.14 75.14
C LEU K 368 -213.99 -15.01 76.15
N THR K 369 -213.49 -15.10 77.38
CA THR K 369 -214.11 -15.90 78.43
C THR K 369 -214.95 -15.04 79.37
N THR K 370 -214.36 -14.01 79.97
CA THR K 370 -215.03 -13.25 81.02
C THR K 370 -215.24 -11.79 80.65
N GLY K 371 -215.44 -11.51 79.36
CA GLY K 371 -215.80 -10.17 78.94
C GLY K 371 -217.13 -9.73 79.52
N THR K 372 -217.16 -8.56 80.15
CA THR K 372 -218.39 -8.12 80.83
C THR K 372 -219.46 -7.71 79.84
N GLY K 373 -219.09 -7.41 78.61
CA GLY K 373 -220.07 -6.99 77.61
C GLY K 373 -220.47 -5.55 77.68
N GLN K 374 -220.71 -5.05 78.88
CA GLN K 374 -221.09 -3.66 79.07
C GLN K 374 -219.88 -2.74 78.89
N GLY K 375 -220.15 -1.45 78.80
CA GLY K 375 -219.07 -0.49 78.64
C GLY K 375 -218.44 -0.60 77.27
N ASN K 376 -217.12 -0.78 77.24
CA ASN K 376 -216.36 -0.84 75.99
C ASN K 376 -215.79 -2.23 75.72
N GLN K 377 -216.35 -3.26 76.34
CA GLN K 377 -215.80 -4.59 76.19
C GLN K 377 -216.76 -5.50 75.44
N PRO K 378 -216.25 -6.48 74.71
CA PRO K 378 -217.13 -7.49 74.11
C PRO K 378 -217.74 -8.40 75.18
N THR K 379 -218.63 -9.29 74.78
CA THR K 379 -219.32 -10.16 75.71
C THR K 379 -218.62 -11.51 75.76
N GLY K 380 -218.25 -11.94 76.96
CA GLY K 380 -217.71 -13.27 77.13
C GLY K 380 -218.79 -14.33 77.07
N ILE K 381 -218.37 -15.56 76.79
CA ILE K 381 -219.33 -16.65 76.68
C ILE K 381 -219.96 -16.96 78.03
N VAL K 382 -219.14 -16.98 79.10
CA VAL K 382 -219.68 -17.26 80.43
C VAL K 382 -220.62 -16.15 80.87
N THR K 383 -220.27 -14.90 80.56
CA THR K 383 -221.13 -13.79 80.94
C THR K 383 -222.48 -13.87 80.26
N ALA K 384 -222.51 -14.25 78.99
CA ALA K 384 -223.75 -14.33 78.23
C ALA K 384 -224.61 -15.52 78.60
N LEU K 385 -224.08 -16.47 79.38
CA LEU K 385 -224.82 -17.66 79.77
C LEU K 385 -225.11 -17.72 81.25
N ALA K 386 -225.04 -16.59 81.95
CA ALA K 386 -225.28 -16.52 83.38
C ALA K 386 -226.68 -15.97 83.62
N GLY K 387 -227.48 -16.70 84.40
CA GLY K 387 -228.84 -16.33 84.65
C GLY K 387 -229.82 -16.74 83.57
N THR K 388 -229.34 -17.34 82.49
CA THR K 388 -230.20 -17.80 81.41
C THR K 388 -230.69 -19.22 81.74
N ALA K 389 -231.59 -19.75 80.90
CA ALA K 389 -232.08 -21.11 81.10
C ALA K 389 -230.96 -22.14 80.97
N ALA K 390 -229.82 -21.77 80.40
CA ALA K 390 -228.70 -22.69 80.26
C ALA K 390 -228.04 -23.04 81.59
N GLU K 391 -228.30 -22.29 82.65
CA GLU K 391 -227.64 -22.53 83.93
C GLU K 391 -228.28 -23.72 84.63
N ILE K 392 -227.42 -24.61 85.16
CA ILE K 392 -227.87 -25.85 85.79
C ILE K 392 -227.29 -25.92 87.19
N ALA K 393 -228.07 -26.49 88.11
CA ALA K 393 -227.65 -26.65 89.49
C ALA K 393 -227.34 -28.11 89.79
N PRO K 394 -226.36 -28.38 90.64
CA PRO K 394 -225.98 -29.77 90.92
C PRO K 394 -227.04 -30.48 91.76
N VAL K 395 -226.96 -31.82 91.72
CA VAL K 395 -227.94 -32.65 92.43
C VAL K 395 -227.88 -32.39 93.93
N THR K 396 -226.67 -32.25 94.49
CA THR K 396 -226.49 -31.94 95.90
C THR K 396 -225.61 -30.71 96.02
N ALA K 397 -225.93 -29.87 97.01
CA ALA K 397 -225.30 -28.57 97.11
C ALA K 397 -223.82 -28.70 97.45
N GLU K 398 -223.00 -27.84 96.83
CA GLU K 398 -221.59 -27.70 97.15
C GLU K 398 -220.84 -29.02 96.98
N THR K 399 -221.18 -29.76 95.93
CA THR K 399 -220.56 -31.05 95.68
C THR K 399 -220.53 -31.33 94.19
N PHE K 400 -219.41 -31.84 93.70
CA PHE K 400 -219.24 -32.24 92.31
C PHE K 400 -219.09 -33.75 92.26
N ALA K 401 -219.95 -34.42 91.52
CA ALA K 401 -220.00 -35.87 91.49
C ALA K 401 -220.00 -36.36 90.04
N LEU K 402 -219.91 -37.67 89.88
CA LEU K 402 -219.90 -38.25 88.54
C LEU K 402 -221.23 -38.04 87.84
N ALA K 403 -222.33 -37.95 88.60
CA ALA K 403 -223.64 -37.72 88.00
C ALA K 403 -223.77 -36.32 87.42
N ASP K 404 -222.92 -35.38 87.84
CA ASP K 404 -223.05 -34.00 87.39
C ASP K 404 -222.71 -33.83 85.92
N VAL K 405 -221.62 -34.45 85.46
CA VAL K 405 -221.27 -34.36 84.05
C VAL K 405 -222.35 -35.02 83.19
N TYR K 406 -222.92 -36.12 83.68
CA TYR K 406 -224.02 -36.77 82.97
C TYR K 406 -225.23 -35.86 82.91
N ALA K 407 -225.50 -35.13 84.01
CA ALA K 407 -226.60 -34.19 84.02
C ALA K 407 -226.39 -33.08 83.01
N VAL K 408 -225.16 -32.58 82.91
CA VAL K 408 -224.86 -31.55 81.91
C VAL K 408 -225.06 -32.09 80.50
N TYR K 409 -224.61 -33.32 80.26
CA TYR K 409 -224.67 -33.89 78.91
C TYR K 409 -226.10 -34.21 78.50
N GLU K 410 -226.92 -34.69 79.43
CA GLU K 410 -228.27 -35.13 79.09
C GLU K 410 -229.17 -33.98 78.72
N GLN K 411 -229.18 -32.92 79.53
CA GLN K 411 -230.26 -31.94 79.48
C GLN K 411 -230.26 -31.15 78.18
N LEU K 412 -229.11 -31.07 77.51
CA LEU K 412 -229.08 -30.41 76.21
C LEU K 412 -229.87 -31.22 75.19
N ALA K 413 -230.58 -30.51 74.32
CA ALA K 413 -231.36 -31.19 73.28
C ALA K 413 -230.44 -31.97 72.35
N ALA K 414 -230.94 -33.09 71.86
CA ALA K 414 -230.14 -33.96 70.99
C ALA K 414 -229.82 -33.31 69.64
N ARG K 415 -230.51 -32.23 69.28
CA ARG K 415 -230.19 -31.53 68.04
C ARG K 415 -228.77 -30.98 68.07
N HIS K 416 -228.34 -30.43 69.20
CA HIS K 416 -227.00 -29.90 69.35
C HIS K 416 -226.06 -30.83 70.11
N ARG K 417 -226.59 -31.84 70.79
CA ARG K 417 -225.74 -32.75 71.55
C ARG K 417 -224.79 -33.53 70.65
N ARG K 418 -225.11 -33.67 69.37
CA ARG K 418 -224.29 -34.42 68.44
C ARG K 418 -223.24 -33.56 67.75
N GLN K 419 -223.17 -32.27 68.09
CA GLN K 419 -222.11 -31.40 67.60
C GLN K 419 -221.48 -30.64 68.76
N GLY K 420 -221.63 -31.16 69.98
CA GLY K 420 -221.18 -30.47 71.16
C GLY K 420 -219.72 -30.72 71.48
N ALA K 421 -219.17 -29.83 72.31
CA ALA K 421 -217.78 -29.94 72.75
C ALA K 421 -217.69 -29.44 74.18
N TRP K 422 -216.82 -30.06 74.96
CA TRP K 422 -216.61 -29.68 76.35
C TRP K 422 -215.61 -28.55 76.45
N LEU K 423 -215.67 -27.82 77.57
CA LEU K 423 -214.70 -26.76 77.84
C LEU K 423 -214.72 -26.46 79.33
N ALA K 424 -213.56 -26.51 79.97
CA ALA K 424 -213.44 -26.24 81.40
C ALA K 424 -211.97 -26.00 81.72
N ASN K 425 -211.70 -25.66 82.98
CA ASN K 425 -210.35 -25.48 83.45
C ASN K 425 -209.71 -26.85 83.68
N ASN K 426 -208.39 -26.87 83.88
CA ASN K 426 -207.69 -28.15 84.07
C ASN K 426 -207.97 -28.77 85.42
N LEU K 427 -208.23 -27.95 86.44
CA LEU K 427 -208.55 -28.49 87.75
C LEU K 427 -209.82 -29.35 87.71
N ILE K 428 -210.83 -28.90 86.96
CA ILE K 428 -212.07 -29.64 86.87
C ILE K 428 -211.84 -30.99 86.17
N TYR K 429 -211.02 -30.99 85.12
CA TYR K 429 -210.69 -32.25 84.46
C TYR K 429 -209.97 -33.20 85.40
N ASN K 430 -209.03 -32.69 86.19
CA ASN K 430 -208.33 -33.55 87.13
C ASN K 430 -209.28 -34.08 88.20
N LYS K 431 -210.25 -33.27 88.60
CA LYS K 431 -211.25 -33.77 89.55
C LYS K 431 -212.12 -34.85 88.93
N ILE K 432 -212.40 -34.73 87.62
CA ILE K 432 -213.04 -35.83 86.90
C ILE K 432 -212.18 -37.07 86.97
N ARG K 433 -210.86 -36.89 86.87
CA ARG K 433 -209.95 -38.02 86.88
C ARG K 433 -210.00 -38.79 88.20
N GLN K 434 -210.36 -38.12 89.29
CA GLN K 434 -210.31 -38.72 90.62
C GLN K 434 -211.65 -39.29 91.08
N PHE K 435 -212.52 -39.71 90.15
CA PHE K 435 -213.79 -40.30 90.57
C PHE K 435 -213.65 -41.76 90.94
N ASP K 436 -213.27 -42.61 89.99
CA ASP K 436 -213.28 -44.04 90.24
C ASP K 436 -212.14 -44.43 91.18
N THR K 437 -212.45 -45.34 92.10
CA THR K 437 -211.46 -45.93 92.98
C THR K 437 -211.39 -47.45 92.86
N GLN K 438 -212.38 -48.10 92.27
CA GLN K 438 -212.38 -49.54 92.08
C GLN K 438 -212.13 -49.96 90.64
N GLY K 439 -212.13 -49.01 89.70
CA GLY K 439 -211.73 -49.31 88.34
C GLY K 439 -212.83 -49.89 87.47
N GLY K 440 -213.94 -49.20 87.33
CA GLY K 440 -215.02 -49.67 86.48
C GLY K 440 -216.05 -48.60 86.17
N ALA K 441 -216.38 -48.45 84.88
CA ALA K 441 -217.36 -47.51 84.36
C ALA K 441 -216.98 -46.05 84.60
N GLY K 442 -215.83 -45.78 85.21
CA GLY K 442 -215.39 -44.42 85.45
C GLY K 442 -213.91 -44.27 85.15
N LEU K 443 -213.33 -45.30 84.52
CA LEU K 443 -211.91 -45.28 84.17
C LEU K 443 -211.73 -44.46 82.91
N TRP K 444 -211.71 -43.13 83.08
CA TRP K 444 -211.35 -42.25 81.98
C TRP K 444 -209.94 -42.57 81.51
N THR K 445 -209.01 -42.70 82.44
CA THR K 445 -207.63 -43.07 82.16
C THR K 445 -206.97 -43.39 83.50
N THR K 446 -205.74 -43.87 83.43
CA THR K 446 -204.97 -44.23 84.61
C THR K 446 -203.84 -43.24 84.81
N ILE K 447 -203.40 -43.10 86.07
CA ILE K 447 -202.27 -42.24 86.37
C ILE K 447 -201.04 -42.77 85.64
N GLY K 448 -200.18 -41.86 85.19
CA GLY K 448 -199.08 -42.21 84.33
C GLY K 448 -199.36 -42.04 82.85
N ASN K 449 -200.44 -41.36 82.48
CA ASN K 449 -200.79 -41.11 81.10
C ASN K 449 -201.27 -39.68 80.93
N GLY K 450 -201.17 -39.17 79.70
CA GLY K 450 -201.52 -37.80 79.42
C GLY K 450 -203.02 -37.57 79.45
N GLU K 451 -203.38 -36.30 79.22
CA GLU K 451 -204.78 -35.91 79.29
C GLU K 451 -205.53 -36.45 78.07
N PRO K 452 -206.64 -37.16 78.27
CA PRO K 452 -207.42 -37.64 77.12
C PRO K 452 -207.95 -36.49 76.30
N SER K 453 -207.99 -36.69 74.99
CA SER K 453 -208.52 -35.68 74.08
C SER K 453 -209.98 -35.89 73.73
N GLN K 454 -210.64 -36.88 74.35
CA GLN K 454 -212.02 -37.21 74.05
C GLN K 454 -212.74 -37.57 75.34
N LEU K 455 -213.86 -36.90 75.59
CA LEU K 455 -214.69 -37.19 76.75
C LEU K 455 -216.11 -37.44 76.28
N LEU K 456 -216.65 -38.61 76.62
CA LEU K 456 -218.01 -39.00 76.22
C LEU K 456 -218.17 -38.98 74.71
N GLY K 457 -217.09 -39.22 73.97
CA GLY K 457 -217.13 -39.19 72.52
C GLY K 457 -217.01 -37.83 71.90
N ARG K 458 -216.77 -36.78 72.69
CA ARG K 458 -216.75 -35.42 72.20
C ARG K 458 -215.38 -34.78 72.39
N PRO K 459 -215.05 -33.75 71.61
CA PRO K 459 -213.78 -33.04 71.81
C PRO K 459 -213.75 -32.31 73.14
N VAL K 460 -212.53 -32.02 73.61
CA VAL K 460 -212.29 -31.47 74.93
C VAL K 460 -211.41 -30.23 74.79
N GLY K 461 -211.81 -29.14 75.45
CA GLY K 461 -211.05 -27.91 75.40
C GLY K 461 -210.66 -27.44 76.79
N GLU K 462 -209.77 -26.46 76.83
CA GLU K 462 -209.25 -25.92 78.07
C GLU K 462 -209.32 -24.39 78.05
N ALA K 463 -209.65 -23.81 79.20
CA ALA K 463 -209.72 -22.37 79.37
C ALA K 463 -209.29 -22.00 80.78
N GLU K 464 -208.12 -21.38 80.91
CA GLU K 464 -207.65 -21.00 82.24
C GLU K 464 -208.44 -19.85 82.85
N ALA K 465 -209.08 -19.02 82.02
CA ALA K 465 -209.81 -17.88 82.55
C ALA K 465 -211.08 -18.29 83.30
N MET K 466 -211.47 -19.56 83.24
CA MET K 466 -212.65 -20.02 83.96
C MET K 466 -212.33 -20.20 85.44
N ASP K 467 -213.34 -20.59 86.20
CA ASP K 467 -213.18 -20.84 87.63
C ASP K 467 -212.67 -22.25 87.88
N ALA K 468 -211.92 -22.41 88.96
CA ALA K 468 -211.37 -23.70 89.34
C ALA K 468 -211.92 -24.19 90.68
N ASN K 469 -211.79 -23.39 91.73
CA ASN K 469 -212.19 -23.80 93.07
C ASN K 469 -213.46 -23.06 93.49
N TRP K 470 -214.39 -23.80 94.09
CA TRP K 470 -215.58 -23.21 94.67
C TRP K 470 -215.48 -23.01 96.17
N ASN K 471 -214.35 -23.35 96.78
CA ASN K 471 -214.16 -23.17 98.21
C ASN K 471 -213.17 -22.08 98.56
N THR K 472 -212.06 -21.99 97.83
CA THR K 472 -211.07 -20.95 98.12
C THR K 472 -211.58 -19.57 97.75
N SER K 473 -212.27 -19.44 96.62
CA SER K 473 -212.75 -18.14 96.18
C SER K 473 -213.89 -17.65 97.07
N ALA K 474 -214.04 -16.33 97.12
CA ALA K 474 -215.09 -15.68 97.90
C ALA K 474 -216.33 -15.39 97.06
N SER K 475 -216.34 -15.74 95.78
CA SER K 475 -217.51 -15.52 94.96
C SER K 475 -218.65 -16.43 95.39
N ALA K 476 -219.88 -15.92 95.28
CA ALA K 476 -221.05 -16.71 95.67
C ALA K 476 -221.24 -17.91 94.75
N ASP K 477 -221.05 -17.72 93.44
CA ASP K 477 -221.31 -18.75 92.45
C ASP K 477 -220.06 -19.04 91.64
N ASN K 478 -219.97 -20.28 91.14
CA ASN K 478 -218.82 -20.75 90.38
C ASN K 478 -219.31 -21.54 89.18
N PHE K 479 -218.97 -21.09 87.98
CA PHE K 479 -219.29 -21.80 86.75
C PHE K 479 -218.04 -22.55 86.31
N VAL K 480 -218.06 -23.88 86.43
CA VAL K 480 -216.86 -24.68 86.29
C VAL K 480 -216.87 -25.55 85.04
N LEU K 481 -218.04 -25.91 84.52
CA LEU K 481 -218.12 -26.83 83.39
C LEU K 481 -219.11 -26.31 82.36
N LEU K 482 -218.77 -26.49 81.08
CA LEU K 482 -219.61 -26.04 80.00
C LEU K 482 -219.55 -27.06 78.86
N TYR K 483 -220.70 -27.25 78.20
CA TYR K 483 -220.78 -28.16 77.06
C TYR K 483 -221.94 -27.72 76.19
N GLY K 484 -221.70 -27.60 74.89
CA GLY K 484 -222.75 -27.16 73.99
C GLY K 484 -222.23 -27.02 72.58
N ASN K 485 -223.10 -26.52 71.70
CA ASN K 485 -222.78 -26.32 70.29
C ASN K 485 -222.18 -24.93 70.13
N PHE K 486 -220.87 -24.87 69.90
CA PHE K 486 -220.16 -23.61 69.85
C PHE K 486 -220.38 -22.86 68.54
N GLN K 487 -221.07 -23.46 67.57
CA GLN K 487 -221.41 -22.73 66.35
C GLN K 487 -222.35 -21.55 66.61
N ASN K 488 -223.00 -21.51 67.77
CA ASN K 488 -223.84 -20.39 68.13
C ASN K 488 -223.08 -19.28 68.85
N TYR K 489 -221.76 -19.36 68.91
CA TYR K 489 -220.91 -18.30 69.41
C TYR K 489 -220.19 -17.67 68.23
N VAL K 490 -220.34 -16.36 68.06
CA VAL K 490 -219.86 -15.65 66.88
C VAL K 490 -218.85 -14.59 67.31
N ILE K 491 -217.74 -14.49 66.58
CA ILE K 491 -216.72 -13.49 66.82
C ILE K 491 -216.59 -12.64 65.56
N ALA K 492 -216.68 -11.32 65.72
CA ALA K 492 -216.62 -10.38 64.61
C ALA K 492 -215.22 -9.79 64.54
N ASP K 493 -214.53 -10.00 63.42
CA ASP K 493 -213.19 -9.46 63.21
C ASP K 493 -213.25 -8.30 62.22
N ARG K 494 -212.64 -7.18 62.61
CA ARG K 494 -212.61 -5.99 61.78
C ARG K 494 -211.21 -5.67 61.28
N ILE K 495 -210.22 -5.69 62.16
CA ILE K 495 -208.84 -5.45 61.79
C ILE K 495 -207.95 -6.24 62.74
N GLY K 496 -206.79 -6.67 62.24
CA GLY K 496 -205.83 -7.41 63.03
C GLY K 496 -205.08 -6.50 63.98
N MET K 497 -203.82 -6.83 64.21
CA MET K 497 -202.93 -6.00 65.02
C MET K 497 -202.08 -5.15 64.10
N THR K 498 -202.15 -3.83 64.29
CA THR K 498 -201.38 -2.88 63.51
C THR K 498 -200.57 -2.00 64.43
N VAL K 499 -199.36 -1.67 64.01
CA VAL K 499 -198.44 -0.83 64.77
C VAL K 499 -198.04 0.36 63.92
N GLU K 500 -198.19 1.55 64.47
CA GLU K 500 -197.78 2.78 63.81
C GLU K 500 -196.67 3.44 64.61
N PHE K 501 -195.78 4.12 63.91
CA PHE K 501 -194.60 4.75 64.52
C PHE K 501 -194.79 6.26 64.49
N ILE K 502 -194.94 6.86 65.67
CA ILE K 502 -195.08 8.31 65.78
C ILE K 502 -193.69 8.91 65.90
N PRO K 503 -193.22 9.68 64.90
CA PRO K 503 -191.83 10.13 64.91
C PRO K 503 -191.55 11.25 65.90
N HIS K 504 -192.56 11.98 66.37
CA HIS K 504 -192.30 13.11 67.26
C HIS K 504 -193.40 13.20 68.31
N LEU K 505 -193.03 12.94 69.56
CA LEU K 505 -193.87 13.32 70.67
C LEU K 505 -193.57 14.76 71.08
N PHE K 506 -194.60 15.47 71.50
CA PHE K 506 -194.46 16.88 71.85
C PHE K 506 -194.46 17.05 73.36
N GLY K 507 -194.11 18.26 73.79
CA GLY K 507 -193.96 18.58 75.18
C GLY K 507 -195.07 19.45 75.72
N THR K 508 -194.82 20.05 76.88
CA THR K 508 -195.84 20.85 77.54
C THR K 508 -196.19 22.09 76.73
N ASN K 509 -195.19 22.75 76.15
CA ASN K 509 -195.37 24.01 75.45
C ASN K 509 -195.44 23.84 73.95
N ARG K 510 -195.87 22.68 73.46
CA ARG K 510 -196.01 22.41 72.03
C ARG K 510 -194.67 22.52 71.29
N ARG K 511 -193.58 22.23 71.98
CA ARG K 511 -192.28 22.16 71.34
C ARG K 511 -191.68 20.77 71.55
N PRO K 512 -190.89 20.28 70.60
CA PRO K 512 -190.37 18.91 70.70
C PRO K 512 -189.55 18.70 71.97
N ASN K 513 -189.68 17.51 72.55
CA ASN K 513 -188.95 17.15 73.76
C ASN K 513 -187.92 16.05 73.53
N GLY K 514 -187.87 15.47 72.34
CA GLY K 514 -186.87 14.46 72.04
C GLY K 514 -187.26 13.06 72.47
N SER K 515 -188.41 12.60 71.99
CA SER K 515 -188.87 11.25 72.28
C SER K 515 -189.72 10.74 71.12
N ARG K 516 -189.98 9.44 71.13
CA ARG K 516 -190.73 8.79 70.07
C ARG K 516 -191.67 7.77 70.71
N GLY K 517 -192.61 7.26 69.91
CA GLY K 517 -193.61 6.36 70.45
C GLY K 517 -194.00 5.27 69.47
N TRP K 518 -194.76 4.31 69.99
CA TRP K 518 -195.28 3.19 69.20
C TRP K 518 -196.75 3.02 69.55
N PHE K 519 -197.61 3.23 68.56
CA PHE K 519 -199.05 3.12 68.75
C PHE K 519 -199.56 1.83 68.11
N ALA K 520 -200.36 1.09 68.87
CA ALA K 520 -200.91 -0.18 68.40
C ALA K 520 -202.37 -0.29 68.81
N TYR K 521 -203.21 -0.80 67.91
CA TYR K 521 -204.62 -0.94 68.21
C TYR K 521 -205.15 -2.22 67.59
N TYR K 522 -206.32 -2.64 68.06
CA TYR K 522 -206.90 -3.94 67.74
C TYR K 522 -208.41 -3.82 67.88
N ARG K 523 -209.15 -4.39 66.92
CA ARG K 523 -210.61 -4.30 66.91
C ARG K 523 -211.21 -5.69 66.83
N MET K 524 -212.22 -5.95 67.67
CA MET K 524 -212.89 -7.24 67.71
C MET K 524 -214.24 -7.09 68.40
N GLY K 525 -215.12 -8.05 68.14
CA GLY K 525 -216.42 -8.07 68.78
C GLY K 525 -217.01 -9.46 68.76
N ALA K 526 -217.80 -9.78 69.79
CA ALA K 526 -218.35 -11.13 69.92
C ALA K 526 -219.54 -11.11 70.87
N ASP K 527 -220.41 -12.11 70.72
CA ASP K 527 -221.58 -12.29 71.56
C ASP K 527 -222.15 -13.67 71.25
N VAL K 528 -223.12 -14.10 72.06
CA VAL K 528 -223.76 -15.41 71.92
C VAL K 528 -225.10 -15.21 71.24
N VAL K 529 -225.39 -16.03 70.24
CA VAL K 529 -226.62 -15.91 69.48
C VAL K 529 -227.75 -16.74 70.08
N ASN K 530 -227.51 -18.04 70.29
CA ASN K 530 -228.54 -18.95 70.78
C ASN K 530 -228.18 -19.43 72.17
N PRO K 531 -228.82 -18.94 73.22
CA PRO K 531 -228.48 -19.35 74.59
C PRO K 531 -229.02 -20.72 74.99
N ASN K 532 -229.84 -21.36 74.15
CA ASN K 532 -230.37 -22.68 74.45
C ASN K 532 -229.51 -23.80 73.90
N ALA K 533 -228.41 -23.48 73.22
CA ALA K 533 -227.51 -24.49 72.68
C ALA K 533 -226.36 -24.82 73.62
N PHE K 534 -226.33 -24.24 74.80
CA PHE K 534 -225.29 -24.53 75.79
C PHE K 534 -225.94 -24.93 77.11
N ARG K 535 -225.17 -25.64 77.93
CA ARG K 535 -225.62 -26.03 79.27
C ARG K 535 -224.45 -25.78 80.22
N LEU K 536 -224.61 -24.76 81.06
CA LEU K 536 -223.58 -24.38 82.01
C LEU K 536 -223.95 -24.86 83.40
N LEU K 537 -222.94 -25.31 84.15
CA LEU K 537 -223.12 -25.82 85.49
C LEU K 537 -222.62 -24.81 86.51
N ASN K 538 -223.43 -24.52 87.52
CA ASN K 538 -223.10 -23.54 88.54
C ASN K 538 -223.13 -24.22 89.90
N VAL K 539 -222.02 -24.13 90.64
CA VAL K 539 -221.94 -24.70 91.99
C VAL K 539 -222.16 -23.53 92.95
N GLU K 540 -223.39 -23.41 93.44
CA GLU K 540 -223.76 -22.31 94.31
C GLU K 540 -223.28 -22.61 95.72
N THR K 541 -222.35 -21.79 96.22
CA THR K 541 -221.82 -21.95 97.57
C THR K 541 -222.23 -20.75 98.42
N ALA K 542 -222.83 -21.03 99.57
CA ALA K 542 -223.25 -19.98 100.49
C ALA K 542 -222.26 -19.83 101.64
N MET L 251 -125.93 101.79 26.79
CA MET L 251 -127.10 101.01 26.44
C MET L 251 -127.02 99.61 27.05
N GLY L 252 -127.63 99.45 28.22
CA GLY L 252 -127.53 98.19 28.93
C GLY L 252 -128.85 97.50 29.15
N LEU L 253 -128.94 96.72 30.24
CA LEU L 253 -130.12 95.93 30.56
C LEU L 253 -131.12 96.67 31.43
N THR L 254 -130.79 97.87 31.89
CA THR L 254 -131.75 98.68 32.62
C THR L 254 -132.85 99.15 31.68
N LYS L 255 -134.03 99.41 32.27
CA LYS L 255 -135.22 99.62 31.46
C LYS L 255 -135.08 100.84 30.54
N ALA L 256 -134.87 102.01 31.12
CA ALA L 256 -134.84 103.26 30.36
C ALA L 256 -133.61 103.40 29.47
N ASP L 257 -132.74 102.40 29.42
CA ASP L 257 -131.53 102.44 28.60
C ASP L 257 -131.58 101.37 27.51
N GLY L 258 -132.72 101.24 26.85
CA GLY L 258 -132.91 100.23 25.83
C GLY L 258 -133.35 98.88 26.36
N GLY L 259 -133.71 98.78 27.63
CA GLY L 259 -134.15 97.53 28.21
C GLY L 259 -135.62 97.25 28.08
N TYR L 260 -136.37 98.10 27.37
CA TYR L 260 -137.79 97.86 27.16
C TYR L 260 -138.07 96.92 26.00
N LEU L 261 -137.04 96.48 25.29
CA LEU L 261 -137.22 95.63 24.12
C LEU L 261 -137.17 94.14 24.45
N VAL L 262 -136.95 93.76 25.70
CA VAL L 262 -136.88 92.35 26.08
C VAL L 262 -138.28 91.76 26.08
N PRO L 263 -138.51 90.69 25.33
CA PRO L 263 -139.84 90.04 25.39
C PRO L 263 -140.07 89.40 26.75
N PHE L 264 -141.35 89.34 27.13
CA PHE L 264 -141.73 88.73 28.40
C PHE L 264 -141.84 87.23 28.22
N GLN L 265 -141.20 86.48 29.11
CA GLN L 265 -141.21 85.02 29.06
C GLN L 265 -142.07 84.49 30.20
N LEU L 266 -142.98 83.58 29.86
CA LEU L 266 -143.93 83.03 30.82
C LEU L 266 -144.02 81.52 30.62
N ASP L 267 -144.29 80.80 31.70
CA ASP L 267 -144.49 79.35 31.62
C ASP L 267 -145.96 79.04 31.83
N PRO L 268 -146.70 78.68 30.77
CA PRO L 268 -148.14 78.44 30.94
C PRO L 268 -148.49 77.40 31.98
N THR L 269 -147.71 76.32 32.09
CA THR L 269 -148.04 75.24 33.02
C THR L 269 -147.98 75.73 34.46
N VAL L 270 -148.75 75.09 35.31
CA VAL L 270 -148.92 75.53 36.69
C VAL L 270 -148.05 74.69 37.61
N ILE L 271 -147.70 75.26 38.76
CA ILE L 271 -146.98 74.57 39.82
C ILE L 271 -147.89 74.54 41.03
N ILE L 272 -148.49 73.38 41.31
CA ILE L 272 -149.42 73.27 42.43
C ILE L 272 -148.67 73.38 43.74
N THR L 273 -149.29 74.05 44.72
CA THR L 273 -148.70 74.21 46.04
C THR L 273 -149.52 73.60 47.16
N SER L 274 -150.75 73.16 46.89
CA SER L 274 -151.56 72.55 47.94
C SER L 274 -150.95 71.23 48.40
N ASN L 275 -151.05 70.96 49.69
CA ASN L 275 -150.46 69.75 50.25
C ASN L 275 -151.13 68.50 49.70
N GLY L 276 -152.45 68.51 49.61
CA GLY L 276 -153.17 67.32 49.19
C GLY L 276 -153.27 66.30 50.32
N SER L 277 -153.74 65.11 49.96
CA SER L 277 -153.85 64.03 50.93
C SER L 277 -153.72 62.70 50.21
N LEU L 278 -153.12 61.73 50.90
CA LEU L 278 -152.96 60.37 50.40
C LEU L 278 -153.76 59.44 51.30
N ASN L 279 -154.52 58.54 50.70
CA ASN L 279 -155.34 57.61 51.45
C ASN L 279 -155.26 56.23 50.81
N ASP L 280 -155.46 55.19 51.63
CA ASP L 280 -155.34 53.82 51.17
C ASP L 280 -156.53 52.98 51.57
N ILE L 281 -157.68 53.60 51.85
CA ILE L 281 -158.87 52.84 52.22
C ILE L 281 -159.40 52.06 51.04
N ARG L 282 -159.36 52.66 49.83
CA ARG L 282 -159.88 51.96 48.66
C ARG L 282 -159.08 50.71 48.33
N ARG L 283 -157.88 50.58 48.86
CA ARG L 283 -157.08 49.38 48.64
C ARG L 283 -157.53 48.21 49.50
N PHE L 284 -158.18 48.48 50.64
CA PHE L 284 -158.62 47.44 51.55
C PHE L 284 -160.13 47.33 51.72
N ALA L 285 -160.88 48.39 51.43
CA ALA L 285 -162.31 48.36 51.68
C ALA L 285 -163.03 47.55 50.61
N ARG L 286 -164.28 47.18 50.91
CA ARG L 286 -165.14 46.46 49.98
C ARG L 286 -165.98 47.47 49.22
N GLN L 287 -165.95 47.37 47.90
CA GLN L 287 -166.54 48.38 47.02
C GLN L 287 -167.69 47.78 46.23
N VAL L 288 -168.81 48.49 46.19
CA VAL L 288 -169.99 48.09 45.42
C VAL L 288 -170.45 49.28 44.60
N VAL L 289 -171.27 48.99 43.60
CA VAL L 289 -171.86 50.02 42.74
C VAL L 289 -173.34 50.15 43.09
N ALA L 290 -173.78 51.36 43.34
CA ALA L 290 -175.17 51.61 43.66
C ALA L 290 -175.92 52.06 42.40
N THR L 291 -177.21 51.77 42.38
CA THR L 291 -178.07 52.12 41.24
C THR L 291 -179.13 53.14 41.59
N GLY L 292 -179.70 53.08 42.79
CA GLY L 292 -180.70 54.04 43.20
C GLY L 292 -180.16 55.06 44.16
N ASP L 293 -180.76 55.14 45.36
CA ASP L 293 -180.29 56.06 46.39
C ASP L 293 -179.74 55.38 47.62
N VAL L 294 -180.22 54.18 47.95
CA VAL L 294 -179.82 53.49 49.17
C VAL L 294 -179.45 52.05 48.81
N TRP L 295 -178.38 51.56 49.42
CA TRP L 295 -177.94 50.18 49.30
C TRP L 295 -178.35 49.42 50.55
N HIS L 296 -179.03 48.29 50.36
CA HIS L 296 -179.57 47.52 51.47
C HIS L 296 -178.87 46.16 51.56
N GLY L 297 -178.79 45.65 52.79
CA GLY L 297 -178.24 44.33 53.05
C GLY L 297 -179.00 43.65 54.17
N VAL L 298 -178.61 42.42 54.47
CA VAL L 298 -179.25 41.64 55.53
C VAL L 298 -178.16 41.10 56.45
N SER L 299 -178.36 41.26 57.76
CA SER L 299 -177.44 40.75 58.76
C SER L 299 -178.21 39.89 59.75
N SER L 300 -177.50 38.98 60.42
CA SER L 300 -178.14 38.06 61.34
C SER L 300 -177.18 37.71 62.46
N ALA L 301 -177.62 36.82 63.36
CA ALA L 301 -176.80 36.34 64.46
C ALA L 301 -176.99 34.84 64.61
N ALA L 302 -175.98 34.20 65.20
CA ALA L 302 -175.95 32.74 65.30
C ALA L 302 -177.04 32.25 66.23
N VAL L 303 -177.57 31.07 65.91
CA VAL L 303 -178.53 30.42 66.80
C VAL L 303 -177.82 29.95 68.07
N GLN L 304 -178.54 29.97 69.18
CA GLN L 304 -178.00 29.60 70.48
C GLN L 304 -178.50 28.22 70.88
N TRP L 305 -177.57 27.33 71.20
CA TRP L 305 -177.88 25.98 71.62
C TRP L 305 -177.80 25.89 73.14
N SER L 306 -178.09 24.70 73.67
CA SER L 306 -178.04 24.47 75.11
C SER L 306 -177.92 22.97 75.36
N TRP L 307 -177.48 22.64 76.57
CA TRP L 307 -177.35 21.25 76.99
C TRP L 307 -178.62 20.84 77.72
N ASP L 308 -179.30 19.82 77.22
CA ASP L 308 -180.55 19.35 77.78
C ASP L 308 -180.44 17.90 78.22
N ALA L 309 -181.19 17.56 79.26
CA ALA L 309 -181.24 16.20 79.77
C ALA L 309 -182.29 15.40 79.02
N GLU L 310 -182.60 14.20 79.50
CA GLU L 310 -183.62 13.37 78.88
C GLU L 310 -185.00 13.97 79.12
N PHE L 311 -185.86 13.89 78.10
CA PHE L 311 -187.25 14.34 78.20
C PHE L 311 -187.34 15.80 78.61
N GLU L 312 -186.43 16.63 78.13
CA GLU L 312 -186.41 18.05 78.44
C GLU L 312 -186.89 18.84 77.24
N GLU L 313 -187.86 19.72 77.46
CA GLU L 313 -188.39 20.54 76.39
C GLU L 313 -187.33 21.50 75.87
N VAL L 314 -187.34 21.71 74.56
CA VAL L 314 -186.35 22.56 73.89
C VAL L 314 -186.88 23.99 73.86
N SER L 315 -185.97 24.95 73.91
CA SER L 315 -186.36 26.35 74.00
C SER L 315 -186.57 26.93 72.60
N ASP L 316 -187.07 28.17 72.57
CA ASP L 316 -187.26 28.90 71.33
C ASP L 316 -185.96 29.61 70.98
N ASP L 317 -185.43 29.35 69.79
CA ASP L 317 -184.14 29.86 69.37
C ASP L 317 -184.21 30.51 67.99
N SER L 318 -185.22 31.34 67.77
CA SER L 318 -185.37 32.01 66.49
C SER L 318 -184.24 33.02 66.31
N PRO L 319 -183.56 33.03 65.16
CA PRO L 319 -182.52 34.03 64.93
C PRO L 319 -183.10 35.42 64.73
N GLU L 320 -182.23 36.41 64.87
CA GLU L 320 -182.59 37.81 64.74
C GLU L 320 -181.96 38.37 63.47
N PHE L 321 -182.68 39.25 62.79
CA PHE L 321 -182.27 39.79 61.50
C PHE L 321 -182.23 41.32 61.54
N GLY L 322 -181.33 41.89 60.75
CA GLY L 322 -181.22 43.33 60.63
C GLY L 322 -180.90 43.73 59.21
N GLN L 323 -181.26 44.98 58.87
CA GLN L 323 -181.07 45.47 57.51
C GLN L 323 -180.32 46.79 57.51
N PRO L 324 -179.03 46.80 57.21
CA PRO L 324 -178.29 48.06 57.11
C PRO L 324 -178.69 48.82 55.85
N GLU L 325 -178.45 50.13 55.91
CA GLU L 325 -178.71 51.02 54.78
C GLU L 325 -177.49 51.89 54.53
N ILE L 326 -177.23 52.20 53.27
CA ILE L 326 -176.13 53.08 52.89
C ILE L 326 -176.64 54.12 51.91
N PRO L 327 -176.94 55.34 52.36
CA PRO L 327 -177.43 56.37 51.44
C PRO L 327 -176.33 56.94 50.56
N VAL L 328 -176.75 57.62 49.51
CA VAL L 328 -175.85 58.19 48.50
C VAL L 328 -175.99 59.70 48.55
N LYS L 329 -174.85 60.39 48.68
CA LYS L 329 -174.83 61.85 48.82
C LYS L 329 -174.16 62.48 47.60
N LYS L 330 -174.13 63.81 47.60
CA LYS L 330 -173.67 64.58 46.44
C LYS L 330 -172.74 65.69 46.87
N ALA L 331 -171.74 65.96 46.03
CA ALA L 331 -170.81 67.07 46.22
C ALA L 331 -170.63 67.77 44.89
N GLN L 332 -170.30 69.07 44.94
CA GLN L 332 -170.22 69.86 43.73
C GLN L 332 -169.32 71.07 43.94
N GLY L 333 -168.89 71.66 42.82
CA GLY L 333 -168.03 72.83 42.84
C GLY L 333 -168.35 73.73 41.67
N PHE L 334 -167.86 74.97 41.76
CA PHE L 334 -168.21 76.00 40.79
C PHE L 334 -167.09 77.01 40.70
N VAL L 335 -166.69 77.35 39.47
CA VAL L 335 -165.65 78.34 39.23
C VAL L 335 -166.13 79.33 38.18
N PRO L 336 -166.76 80.44 38.57
CA PRO L 336 -167.18 81.44 37.59
C PRO L 336 -166.00 82.22 37.04
N ILE L 337 -166.14 82.65 35.78
CA ILE L 337 -165.11 83.41 35.09
C ILE L 337 -165.79 84.45 34.21
N SER L 338 -165.01 85.46 33.81
CA SER L 338 -165.51 86.54 32.98
C SER L 338 -165.23 86.26 31.51
N ILE L 339 -165.95 86.95 30.63
CA ILE L 339 -165.74 86.77 29.20
C ILE L 339 -164.37 87.29 28.80
N GLU L 340 -164.01 88.49 29.22
CA GLU L 340 -162.71 89.05 28.89
C GLU L 340 -161.59 88.21 29.48
N ALA L 341 -161.78 87.71 30.71
CA ALA L 341 -160.80 86.82 31.30
C ALA L 341 -160.66 85.53 30.50
N LEU L 342 -161.76 84.99 30.03
CA LEU L 342 -161.72 83.80 29.19
C LEU L 342 -161.00 84.04 27.88
N GLN L 343 -161.16 85.23 27.28
CA GLN L 343 -160.54 85.51 26.00
C GLN L 343 -159.07 85.89 26.11
N ASP L 344 -158.65 86.52 27.21
CA ASP L 344 -157.28 87.01 27.32
C ASP L 344 -156.35 85.94 27.90
N GLU L 345 -156.68 85.39 29.06
CA GLU L 345 -155.83 84.38 29.68
C GLU L 345 -155.74 83.14 28.79
N ALA L 346 -154.53 82.63 28.65
CA ALA L 346 -154.24 81.52 27.76
C ALA L 346 -154.07 80.25 28.58
N ASN L 347 -154.62 79.14 28.07
CA ASN L 347 -154.49 77.83 28.72
C ASN L 347 -155.16 77.83 30.08
N VAL L 348 -156.48 78.12 30.09
CA VAL L 348 -157.22 78.11 31.34
C VAL L 348 -158.05 76.85 31.49
N THR L 349 -158.48 76.25 30.37
CA THR L 349 -159.44 75.16 30.41
C THR L 349 -158.88 73.97 31.19
N GLU L 350 -157.82 73.35 30.68
CA GLU L 350 -157.29 72.16 31.33
C GLU L 350 -156.61 72.50 32.65
N THR L 351 -156.16 73.74 32.83
CA THR L 351 -155.65 74.16 34.14
C THR L 351 -156.75 74.07 35.20
N VAL L 352 -157.91 74.66 34.91
CA VAL L 352 -159.03 74.56 35.84
C VAL L 352 -159.50 73.12 35.95
N ALA L 353 -159.39 72.33 34.88
CA ALA L 353 -159.77 70.93 34.94
C ALA L 353 -158.93 70.16 35.95
N LEU L 354 -157.61 70.33 35.89
CA LEU L 354 -156.75 69.64 36.84
C LEU L 354 -156.92 70.18 38.25
N LEU L 355 -157.24 71.47 38.38
CA LEU L 355 -157.54 72.01 39.70
C LEU L 355 -158.81 71.36 40.28
N PHE L 356 -159.83 71.17 39.44
CA PHE L 356 -161.02 70.44 39.86
C PHE L 356 -160.68 69.04 40.31
N ALA L 357 -159.82 68.35 39.53
CA ALA L 357 -159.45 66.99 39.88
C ALA L 357 -158.73 66.93 41.22
N GLU L 358 -157.81 67.86 41.47
CA GLU L 358 -157.11 67.90 42.75
C GLU L 358 -158.08 68.15 43.90
N GLY L 359 -159.02 69.08 43.70
CA GLY L 359 -160.00 69.33 44.75
C GLY L 359 -160.82 68.10 45.07
N LYS L 360 -161.30 67.41 44.04
CA LYS L 360 -162.08 66.20 44.27
C LYS L 360 -161.25 65.15 45.00
N ASP L 361 -159.99 64.98 44.60
CA ASP L 361 -159.15 63.98 45.22
C ASP L 361 -158.93 64.26 46.70
N GLU L 362 -158.63 65.51 47.05
CA GLU L 362 -158.39 65.82 48.45
C GLU L 362 -159.67 65.69 49.26
N LEU L 363 -160.81 66.12 48.70
CA LEU L 363 -162.07 65.98 49.42
C LEU L 363 -162.40 64.51 49.68
N GLU L 364 -162.23 63.67 48.65
CA GLU L 364 -162.53 62.25 48.82
C GLU L 364 -161.58 61.61 49.83
N ALA L 365 -160.30 61.98 49.79
CA ALA L 365 -159.34 61.42 50.73
C ALA L 365 -159.67 61.81 52.17
N VAL L 366 -160.07 63.06 52.38
CA VAL L 366 -160.31 63.49 53.75
C VAL L 366 -161.66 63.01 54.28
N THR L 367 -162.66 62.84 53.41
CA THR L 367 -163.98 62.44 53.89
C THR L 367 -164.06 60.96 54.23
N LEU L 368 -163.33 60.12 53.49
CA LEU L 368 -163.35 58.69 53.77
C LEU L 368 -162.78 58.36 55.15
N THR L 369 -162.00 59.25 55.74
CA THR L 369 -161.39 59.01 57.04
C THR L 369 -162.20 59.61 58.19
N THR L 370 -162.47 60.92 58.14
CA THR L 370 -163.21 61.61 59.19
C THR L 370 -164.35 62.40 58.55
N GLY L 371 -165.48 61.75 58.38
CA GLY L 371 -166.69 62.41 57.90
C GLY L 371 -167.77 62.30 58.95
N THR L 372 -168.50 63.40 59.16
CA THR L 372 -169.46 63.44 60.26
C THR L 372 -170.57 62.42 60.06
N GLY L 373 -171.07 62.27 58.84
CA GLY L 373 -172.15 61.36 58.57
C GLY L 373 -173.53 61.90 58.86
N GLN L 374 -173.64 63.05 59.51
CA GLN L 374 -174.90 63.70 59.78
C GLN L 374 -175.04 64.91 58.86
N GLY L 375 -176.15 65.00 58.16
CA GLY L 375 -176.36 66.07 57.22
C GLY L 375 -176.28 65.62 55.78
N ASN L 376 -175.19 65.97 55.10
CA ASN L 376 -175.02 65.65 53.68
C ASN L 376 -173.73 64.91 53.40
N GLN L 377 -173.07 64.38 54.43
CA GLN L 377 -171.78 63.73 54.28
C GLN L 377 -171.90 62.24 54.55
N PRO L 378 -171.09 61.43 53.88
CA PRO L 378 -171.05 60.00 54.22
C PRO L 378 -170.44 59.77 55.59
N THR L 379 -170.42 58.52 56.03
CA THR L 379 -169.89 58.16 57.34
C THR L 379 -168.45 57.67 57.19
N GLY L 380 -167.53 58.34 57.87
CA GLY L 380 -166.14 57.96 57.85
C GLY L 380 -165.86 56.76 58.74
N ILE L 381 -164.72 56.12 58.48
CA ILE L 381 -164.36 54.93 59.25
C ILE L 381 -164.11 55.29 60.71
N VAL L 382 -163.48 56.43 60.97
CA VAL L 382 -163.21 56.82 62.35
C VAL L 382 -164.51 57.24 63.04
N THR L 383 -165.41 57.91 62.33
CA THR L 383 -166.67 58.34 62.92
C THR L 383 -167.52 57.18 63.35
N ALA L 384 -167.61 56.13 62.53
CA ALA L 384 -168.42 54.97 62.85
C ALA L 384 -167.80 54.07 63.89
N LEU L 385 -166.63 54.45 64.44
CA LEU L 385 -165.98 53.64 65.46
C LEU L 385 -165.65 54.47 66.70
N ALA L 386 -166.26 55.63 66.86
CA ALA L 386 -166.00 56.51 68.00
C ALA L 386 -167.12 56.37 69.01
N GLY L 387 -166.78 56.02 70.24
CA GLY L 387 -167.74 55.83 71.30
C GLY L 387 -168.35 54.45 71.38
N THR L 388 -168.08 53.59 70.40
CA THR L 388 -168.64 52.24 70.40
C THR L 388 -167.71 51.32 71.20
N ALA L 389 -167.98 50.01 71.14
CA ALA L 389 -167.16 49.07 71.89
C ALA L 389 -165.74 48.97 71.34
N ALA L 390 -165.53 49.38 70.08
CA ALA L 390 -164.21 49.32 69.47
C ALA L 390 -163.47 50.62 69.77
N GLU L 391 -163.04 50.75 71.02
CA GLU L 391 -162.25 51.91 71.43
C GLU L 391 -161.28 51.44 72.52
N ILE L 392 -160.02 51.32 72.16
CA ILE L 392 -158.99 50.84 73.08
C ILE L 392 -158.34 52.03 73.78
N ALA L 393 -158.16 51.89 75.09
CA ALA L 393 -157.46 52.91 75.86
C ALA L 393 -156.01 52.50 76.07
N PRO L 394 -155.08 53.45 76.09
CA PRO L 394 -153.67 53.09 76.26
C PRO L 394 -153.38 52.58 77.66
N VAL L 395 -152.29 51.81 77.78
CA VAL L 395 -151.90 51.26 79.07
C VAL L 395 -151.61 52.37 80.06
N THR L 396 -150.86 53.38 79.64
CA THR L 396 -150.59 54.56 80.43
C THR L 396 -151.16 55.78 79.72
N ALA L 397 -151.86 56.62 80.47
CA ALA L 397 -152.54 57.77 79.88
C ALA L 397 -151.54 58.71 79.21
N GLU L 398 -151.96 59.26 78.06
CA GLU L 398 -151.19 60.29 77.36
C GLU L 398 -149.83 59.76 76.91
N THR L 399 -149.78 58.47 76.61
CA THR L 399 -148.53 57.85 76.19
C THR L 399 -148.78 56.92 75.02
N PHE L 400 -147.74 56.72 74.21
CA PHE L 400 -147.76 55.76 73.11
C PHE L 400 -146.55 54.85 73.27
N ALA L 401 -146.80 53.59 73.66
CA ALA L 401 -145.74 52.61 73.85
C ALA L 401 -145.95 51.44 72.91
N LEU L 402 -144.95 50.56 72.85
CA LEU L 402 -145.00 49.43 71.96
C LEU L 402 -146.11 48.46 72.35
N ALA L 403 -146.44 48.39 73.64
CA ALA L 403 -147.50 47.49 74.09
C ALA L 403 -148.86 47.86 73.51
N ASP L 404 -149.04 49.12 73.10
CA ASP L 404 -150.31 49.54 72.53
C ASP L 404 -150.60 48.86 71.20
N VAL L 405 -149.56 48.57 70.41
CA VAL L 405 -149.78 47.88 69.14
C VAL L 405 -150.35 46.50 69.37
N TYR L 406 -149.75 45.73 70.29
CA TYR L 406 -150.30 44.43 70.63
C TYR L 406 -151.67 44.55 71.26
N ALA L 407 -151.89 45.59 72.07
CA ALA L 407 -153.21 45.78 72.68
C ALA L 407 -154.28 45.95 71.61
N VAL L 408 -153.99 46.74 70.58
CA VAL L 408 -154.93 46.90 69.47
C VAL L 408 -155.10 45.60 68.72
N TYR L 409 -153.99 44.90 68.47
CA TYR L 409 -154.03 43.72 67.59
C TYR L 409 -154.79 42.56 68.23
N GLU L 410 -154.54 42.28 69.50
CA GLU L 410 -155.00 41.02 70.09
C GLU L 410 -156.46 41.04 70.52
N GLN L 411 -157.04 42.22 70.73
CA GLN L 411 -158.41 42.33 71.23
C GLN L 411 -159.45 42.21 70.12
N LEU L 412 -159.08 41.63 68.99
CA LEU L 412 -159.96 41.46 67.85
C LEU L 412 -160.23 39.97 67.63
N ALA L 413 -161.45 39.65 67.19
CA ALA L 413 -161.85 38.26 67.05
C ALA L 413 -160.99 37.56 66.00
N ALA L 414 -160.77 36.27 66.23
CA ALA L 414 -159.86 35.50 65.36
C ALA L 414 -160.40 35.37 63.94
N ARG L 415 -161.72 35.44 63.76
CA ARG L 415 -162.27 35.38 62.41
C ARG L 415 -161.92 36.64 61.62
N HIS L 416 -161.76 37.77 62.32
CA HIS L 416 -161.40 39.01 61.65
C HIS L 416 -159.93 39.34 61.79
N ARG L 417 -159.27 38.86 62.85
CA ARG L 417 -157.84 39.13 63.00
C ARG L 417 -157.03 38.51 61.87
N ARG L 418 -157.40 37.30 61.44
CA ARG L 418 -156.66 36.63 60.38
C ARG L 418 -156.81 37.31 59.02
N GLN L 419 -157.74 38.25 58.88
CA GLN L 419 -157.91 39.00 57.64
C GLN L 419 -158.15 40.46 57.99
N GLY L 420 -157.06 41.23 58.03
CA GLY L 420 -157.15 42.64 58.36
C GLY L 420 -155.87 43.35 57.99
N ALA L 421 -155.90 44.67 58.13
CA ALA L 421 -154.74 45.48 57.79
C ALA L 421 -154.70 46.70 58.71
N TRP L 422 -153.52 47.29 58.81
CA TRP L 422 -153.31 48.46 59.64
C TRP L 422 -153.56 49.73 58.83
N LEU L 423 -153.83 50.82 59.55
CA LEU L 423 -154.10 52.10 58.90
C LEU L 423 -153.86 53.21 59.91
N ALA L 424 -152.88 54.07 59.65
CA ALA L 424 -152.54 55.16 60.55
C ALA L 424 -151.84 56.25 59.75
N ASN L 425 -151.24 57.20 60.45
CA ASN L 425 -150.49 58.28 59.83
C ASN L 425 -149.00 57.99 59.90
N ASN L 426 -148.23 58.74 59.09
CA ASN L 426 -146.80 58.46 58.94
C ASN L 426 -146.06 58.67 60.27
N LEU L 427 -146.46 59.67 61.04
CA LEU L 427 -145.76 59.94 62.30
C LEU L 427 -145.85 58.76 63.25
N ILE L 428 -147.01 58.08 63.26
CA ILE L 428 -147.17 56.92 64.12
C ILE L 428 -146.24 55.78 63.69
N TYR L 429 -146.13 55.54 62.39
CA TYR L 429 -145.21 54.51 61.91
C TYR L 429 -143.78 54.85 62.26
N ASN L 430 -143.40 56.12 62.14
CA ASN L 430 -142.04 56.52 62.49
C ASN L 430 -141.80 56.35 63.99
N LYS L 431 -142.81 56.64 64.80
CA LYS L 431 -142.68 56.38 66.23
C LYS L 431 -142.50 54.90 66.51
N ILE L 432 -143.22 54.04 65.78
CA ILE L 432 -143.00 52.60 65.90
C ILE L 432 -141.56 52.24 65.55
N ARG L 433 -141.05 52.84 64.47
CA ARG L 433 -139.65 52.66 64.13
C ARG L 433 -138.74 53.01 65.29
N GLN L 434 -138.99 54.13 65.95
CA GLN L 434 -138.15 54.58 67.06
C GLN L 434 -138.55 53.92 68.38
N PHE L 435 -138.66 52.59 68.39
CA PHE L 435 -138.90 51.86 69.62
C PHE L 435 -137.76 50.92 69.99
N ASP L 436 -136.82 50.69 69.09
CA ASP L 436 -135.72 49.77 69.34
C ASP L 436 -134.41 50.54 69.36
N THR L 437 -133.59 50.27 70.36
CA THR L 437 -132.28 50.88 70.50
C THR L 437 -131.15 49.87 70.43
N GLN L 438 -131.26 48.76 71.16
CA GLN L 438 -130.18 47.78 71.27
C GLN L 438 -130.43 46.52 70.45
N GLY L 439 -131.42 46.54 69.57
CA GLY L 439 -131.67 45.40 68.71
C GLY L 439 -132.43 44.28 69.38
N GLY L 440 -133.58 44.60 69.96
CA GLY L 440 -134.42 43.64 70.64
C GLY L 440 -135.56 43.15 69.78
N ALA L 441 -136.68 42.84 70.43
CA ALA L 441 -137.86 42.38 69.69
C ALA L 441 -138.54 43.52 68.95
N GLY L 442 -138.28 44.77 69.33
CA GLY L 442 -138.91 45.89 68.67
C GLY L 442 -138.30 46.29 67.35
N LEU L 443 -137.24 45.59 66.91
CA LEU L 443 -136.59 45.92 65.65
C LEU L 443 -137.53 45.64 64.49
N TRP L 444 -137.97 46.70 63.82
CA TRP L 444 -138.83 46.57 62.65
C TRP L 444 -138.03 46.64 61.36
N THR L 445 -137.24 47.70 61.18
CA THR L 445 -136.38 47.85 60.02
C THR L 445 -135.30 48.86 60.36
N THR L 446 -134.06 48.56 59.96
CA THR L 446 -132.96 49.46 60.24
C THR L 446 -133.06 50.73 59.40
N ILE L 447 -132.31 51.75 59.82
CA ILE L 447 -132.29 52.98 59.06
C ILE L 447 -131.57 52.75 57.73
N GLY L 448 -131.96 53.51 56.72
CA GLY L 448 -131.46 53.31 55.37
C GLY L 448 -132.37 52.53 54.47
N ASN L 449 -133.55 52.12 54.95
CA ASN L 449 -134.51 51.39 54.17
C ASN L 449 -135.85 52.11 54.18
N GLY L 450 -136.70 51.76 53.21
CA GLY L 450 -138.01 52.36 53.11
C GLY L 450 -138.97 51.83 54.16
N GLU L 451 -140.19 52.35 54.10
CA GLU L 451 -141.21 51.93 55.05
C GLU L 451 -141.54 50.44 54.84
N PRO L 452 -141.63 49.66 55.91
CA PRO L 452 -141.89 48.22 55.74
C PRO L 452 -143.26 47.96 55.13
N SER L 453 -143.38 46.82 54.46
CA SER L 453 -144.60 46.46 53.76
C SER L 453 -145.59 45.68 54.60
N GLN L 454 -145.22 45.23 55.80
CA GLN L 454 -146.13 44.46 56.63
C GLN L 454 -145.80 44.66 58.10
N LEU L 455 -146.82 44.62 58.94
CA LEU L 455 -146.70 44.78 60.38
C LEU L 455 -147.31 43.57 61.05
N LEU L 456 -146.50 42.83 61.80
CA LEU L 456 -146.97 41.62 62.48
C LEU L 456 -147.59 40.64 61.48
N GLY L 457 -147.01 40.59 60.29
CA GLY L 457 -147.55 39.75 59.23
C GLY L 457 -148.90 40.19 58.72
N ARG L 458 -149.13 41.50 58.65
CA ARG L 458 -150.38 42.04 58.15
C ARG L 458 -150.12 43.25 57.28
N PRO L 459 -150.97 43.51 56.29
CA PRO L 459 -150.74 44.64 55.38
C PRO L 459 -150.79 45.98 56.09
N VAL L 460 -150.07 46.94 55.53
CA VAL L 460 -149.93 48.28 56.11
C VAL L 460 -150.40 49.30 55.09
N GLY L 461 -151.26 50.23 55.53
CA GLY L 461 -151.71 51.31 54.69
C GLY L 461 -151.44 52.65 55.36
N GLU L 462 -151.63 53.72 54.58
CA GLU L 462 -151.34 55.07 55.03
C GLU L 462 -152.51 56.00 54.76
N ALA L 463 -152.71 56.96 55.66
CA ALA L 463 -153.72 58.00 55.49
C ALA L 463 -153.33 59.17 56.37
N GLU L 464 -152.98 60.30 55.75
CA GLU L 464 -152.52 61.46 56.52
C GLU L 464 -153.67 62.28 57.08
N ALA L 465 -154.92 61.94 56.77
CA ALA L 465 -156.05 62.64 57.36
C ALA L 465 -156.27 62.26 58.81
N MET L 466 -155.61 61.21 59.30
CA MET L 466 -155.76 60.78 60.68
C MET L 466 -154.96 61.66 61.63
N ASP L 467 -155.32 61.59 62.90
CA ASP L 467 -154.63 62.36 63.94
C ASP L 467 -153.38 61.60 64.37
N ALA L 468 -152.24 62.30 64.37
CA ALA L 468 -150.97 61.69 64.74
C ALA L 468 -150.41 62.29 66.04
N ASN L 469 -150.26 63.61 66.09
CA ASN L 469 -149.71 64.28 67.26
C ASN L 469 -150.84 64.83 68.12
N TRP L 470 -150.74 64.62 69.44
CA TRP L 470 -151.81 64.96 70.36
C TRP L 470 -151.50 66.10 71.31
N ASN L 471 -150.24 66.25 71.74
CA ASN L 471 -149.92 67.26 72.74
C ASN L 471 -150.16 68.67 72.23
N THR L 472 -149.77 68.94 70.97
CA THR L 472 -149.92 70.30 70.45
C THR L 472 -151.37 70.59 70.05
N SER L 473 -152.13 69.57 69.67
CA SER L 473 -153.49 69.78 69.23
C SER L 473 -154.40 70.12 70.41
N ALA L 474 -155.42 70.95 70.15
CA ALA L 474 -156.38 71.35 71.17
C ALA L 474 -157.50 70.34 71.35
N SER L 475 -157.56 69.30 70.53
CA SER L 475 -158.60 68.29 70.68
C SER L 475 -158.29 67.36 71.83
N ALA L 476 -159.33 67.01 72.59
CA ALA L 476 -159.15 66.07 73.70
C ALA L 476 -159.15 64.63 73.23
N ASP L 477 -159.57 64.36 71.99
CA ASP L 477 -159.67 63.01 71.46
C ASP L 477 -158.68 62.82 70.33
N ASN L 478 -157.96 61.70 70.36
CA ASN L 478 -156.93 61.42 69.36
C ASN L 478 -157.02 59.95 68.97
N PHE L 479 -157.47 59.70 67.74
CA PHE L 479 -157.53 58.34 67.20
C PHE L 479 -156.35 58.18 66.26
N VAL L 480 -155.35 57.42 66.69
CA VAL L 480 -154.07 57.38 66.00
C VAL L 480 -153.83 56.07 65.25
N LEU L 481 -154.29 54.94 65.76
CA LEU L 481 -154.02 53.64 65.17
C LEU L 481 -155.32 52.87 64.99
N LEU L 482 -155.44 52.17 63.86
CA LEU L 482 -156.65 51.43 63.56
C LEU L 482 -156.29 50.18 62.79
N TYR L 483 -156.72 49.03 63.30
CA TYR L 483 -156.50 47.75 62.64
C TYR L 483 -157.78 46.95 62.73
N GLY L 484 -158.20 46.38 61.60
CA GLY L 484 -159.40 45.57 61.60
C GLY L 484 -159.69 45.04 60.21
N ASN L 485 -160.71 44.21 60.13
CA ASN L 485 -161.14 43.62 58.87
C ASN L 485 -161.89 44.68 58.07
N PHE L 486 -161.28 45.16 56.98
CA PHE L 486 -161.85 46.22 56.19
C PHE L 486 -162.87 45.73 55.17
N GLN L 487 -163.10 44.42 55.08
CA GLN L 487 -164.10 43.92 54.16
C GLN L 487 -165.51 44.29 54.58
N ASN L 488 -165.68 44.81 55.79
CA ASN L 488 -166.98 45.27 56.28
C ASN L 488 -167.20 46.75 56.05
N TYR L 489 -166.26 47.44 55.41
CA TYR L 489 -166.42 48.85 55.06
C TYR L 489 -166.89 48.94 53.61
N VAL L 490 -168.15 49.33 53.42
CA VAL L 490 -168.77 49.34 52.11
C VAL L 490 -168.77 50.76 51.57
N ILE L 491 -168.37 50.91 50.31
CA ILE L 491 -168.33 52.20 49.63
C ILE L 491 -169.28 52.10 48.44
N ALA L 492 -170.23 53.03 48.35
CA ALA L 492 -171.18 53.04 47.26
C ALA L 492 -170.76 54.06 46.21
N ASP L 493 -170.57 53.61 44.98
CA ASP L 493 -170.16 54.45 43.88
C ASP L 493 -171.28 54.51 42.85
N ARG L 494 -171.70 55.73 42.50
CA ARG L 494 -172.82 55.93 41.59
C ARG L 494 -172.40 56.66 40.32
N ILE L 495 -171.64 57.75 40.41
CA ILE L 495 -171.20 58.49 39.24
C ILE L 495 -169.86 59.12 39.53
N GLY L 496 -169.03 59.26 38.50
CA GLY L 496 -167.72 59.84 38.63
C GLY L 496 -167.75 61.36 38.52
N MET L 497 -166.56 61.92 38.35
CA MET L 497 -166.41 63.37 38.23
C MET L 497 -166.78 63.81 36.82
N THR L 498 -167.84 64.60 36.71
CA THR L 498 -168.30 65.13 35.44
C THR L 498 -168.33 66.65 35.49
N VAL L 499 -167.94 67.30 34.39
CA VAL L 499 -167.80 68.74 34.33
C VAL L 499 -168.68 69.28 33.21
N GLU L 500 -169.50 70.28 33.52
CA GLU L 500 -170.33 70.96 32.54
C GLU L 500 -169.92 72.43 32.46
N PHE L 501 -170.13 73.02 31.30
CA PHE L 501 -169.74 74.40 31.03
C PHE L 501 -170.98 75.23 30.74
N ILE L 502 -171.30 76.16 31.64
CA ILE L 502 -172.43 77.07 31.46
C ILE L 502 -171.99 78.21 30.56
N PRO L 503 -172.66 78.43 29.43
CA PRO L 503 -172.21 79.48 28.51
C PRO L 503 -172.65 80.89 28.89
N HIS L 504 -173.61 81.05 29.81
CA HIS L 504 -174.14 82.37 30.10
C HIS L 504 -174.61 82.42 31.55
N LEU L 505 -174.07 83.36 32.32
CA LEU L 505 -174.55 83.63 33.67
C LEU L 505 -175.39 84.88 33.68
N PHE L 506 -176.22 85.02 34.71
CA PHE L 506 -177.15 86.13 34.82
C PHE L 506 -176.86 86.96 36.07
N GLY L 507 -177.33 88.20 36.04
CA GLY L 507 -177.09 89.15 37.10
C GLY L 507 -178.24 89.24 38.08
N THR L 508 -178.23 90.33 38.86
CA THR L 508 -179.22 90.49 39.92
C THR L 508 -180.62 90.77 39.36
N ASN L 509 -180.71 91.19 38.10
CA ASN L 509 -181.98 91.54 37.49
C ASN L 509 -182.35 90.61 36.34
N ARG L 510 -181.80 89.39 36.33
CA ARG L 510 -182.06 88.41 35.29
C ARG L 510 -181.68 88.93 33.91
N ARG L 511 -180.54 89.62 33.85
CA ARG L 511 -179.94 90.08 32.60
C ARG L 511 -178.48 89.65 32.56
N PRO L 512 -177.92 89.44 31.38
CA PRO L 512 -176.54 88.94 31.29
C PRO L 512 -175.56 89.89 31.96
N ASN L 513 -174.54 89.30 32.60
CA ASN L 513 -173.50 90.07 33.28
C ASN L 513 -172.11 89.81 32.72
N GLY L 514 -172.01 89.16 31.56
CA GLY L 514 -170.72 88.88 30.97
C GLY L 514 -169.86 87.91 31.75
N SER L 515 -170.45 86.83 32.22
CA SER L 515 -169.73 85.84 33.01
C SER L 515 -170.00 84.44 32.48
N ARG L 516 -169.05 83.54 32.70
CA ARG L 516 -169.16 82.14 32.34
C ARG L 516 -168.54 81.31 33.44
N GLY L 517 -168.84 80.00 33.46
CA GLY L 517 -168.35 79.17 34.53
C GLY L 517 -168.42 77.70 34.23
N TRP L 518 -167.79 76.91 35.09
CA TRP L 518 -167.74 75.47 34.99
C TRP L 518 -168.42 74.86 36.20
N PHE L 519 -169.19 73.79 35.98
CA PHE L 519 -169.91 73.09 37.05
C PHE L 519 -169.50 71.63 37.04
N ALA L 520 -169.11 71.12 38.21
CA ALA L 520 -168.70 69.74 38.35
C ALA L 520 -169.29 69.13 39.62
N TYR L 521 -169.72 67.88 39.52
CA TYR L 521 -170.32 67.20 40.66
C TYR L 521 -169.82 65.77 40.73
N TYR L 522 -170.22 65.08 41.81
CA TYR L 522 -169.73 63.75 42.14
C TYR L 522 -170.61 63.16 43.23
N ARG L 523 -170.97 61.88 43.07
CA ARG L 523 -171.86 61.20 44.00
C ARG L 523 -171.20 59.96 44.57
N MET L 524 -171.41 59.73 45.86
CA MET L 524 -170.71 58.66 46.58
C MET L 524 -171.33 58.52 47.97
N GLY L 525 -171.23 57.31 48.52
CA GLY L 525 -171.69 57.05 49.87
C GLY L 525 -170.96 55.87 50.48
N ALA L 526 -170.90 55.84 51.80
CA ALA L 526 -170.20 54.76 52.50
C ALA L 526 -170.73 54.63 53.91
N ASP L 527 -170.52 53.45 54.50
CA ASP L 527 -170.91 53.17 55.87
C ASP L 527 -170.21 51.91 56.36
N VAL L 528 -170.26 51.70 57.67
CA VAL L 528 -169.73 50.51 58.32
C VAL L 528 -170.91 49.61 58.68
N VAL L 529 -170.81 48.34 58.32
CA VAL L 529 -171.92 47.42 58.55
C VAL L 529 -171.69 46.54 59.78
N ASN L 530 -170.46 46.47 60.28
CA ASN L 530 -170.17 45.67 61.47
C ASN L 530 -169.14 46.38 62.35
N PRO L 531 -169.55 46.97 63.46
CA PRO L 531 -168.61 47.70 64.32
C PRO L 531 -167.65 46.81 65.10
N ASN L 532 -167.89 45.50 65.17
CA ASN L 532 -167.06 44.59 65.94
C ASN L 532 -165.94 43.97 65.12
N ALA L 533 -165.73 44.44 63.90
CA ALA L 533 -164.63 43.97 63.06
C ALA L 533 -163.44 44.92 63.09
N PHE L 534 -163.42 45.86 64.03
CA PHE L 534 -162.37 46.86 64.08
C PHE L 534 -161.99 47.09 65.54
N ARG L 535 -160.81 47.69 65.72
CA ARG L 535 -160.30 48.08 67.04
C ARG L 535 -159.56 49.39 66.88
N LEU L 536 -160.22 50.48 67.22
CA LEU L 536 -159.62 51.82 67.12
C LEU L 536 -159.01 52.22 68.45
N LEU L 537 -157.88 52.90 68.38
CA LEU L 537 -157.15 53.36 69.55
C LEU L 537 -157.46 54.82 69.80
N ASN L 538 -157.72 55.17 71.06
CA ASN L 538 -158.01 56.55 71.46
C ASN L 538 -157.02 56.95 72.53
N VAL L 539 -156.26 58.01 72.27
CA VAL L 539 -155.28 58.52 73.24
C VAL L 539 -155.88 59.81 73.82
N GLU L 540 -156.57 59.67 74.94
CA GLU L 540 -157.12 60.83 75.64
C GLU L 540 -156.00 61.68 76.22
N THR L 541 -156.19 63.00 76.16
CA THR L 541 -155.21 63.97 76.67
C THR L 541 -155.92 65.03 77.50
N ALA L 542 -156.90 64.60 78.30
CA ALA L 542 -157.67 65.53 79.10
C ALA L 542 -156.79 66.24 80.11
N SER L 543 -156.96 67.56 80.21
CA SER L 543 -156.16 68.40 81.11
C SER L 543 -154.67 68.25 80.84
N MET M 251 -190.04 68.41 41.73
CA MET M 251 -189.95 66.97 41.48
C MET M 251 -188.57 66.43 41.80
N GLY M 252 -188.43 65.87 43.00
CA GLY M 252 -187.15 65.33 43.42
C GLY M 252 -187.17 63.84 43.70
N LEU M 253 -186.38 63.39 44.67
CA LEU M 253 -186.31 61.98 45.04
C LEU M 253 -187.29 61.59 46.13
N THR M 254 -188.06 62.54 46.66
CA THR M 254 -189.06 62.19 47.67
C THR M 254 -190.13 61.30 47.05
N LYS M 255 -190.70 60.44 47.90
CA LYS M 255 -191.60 59.40 47.40
C LYS M 255 -192.81 60.00 46.71
N ALA M 256 -193.39 61.05 47.28
CA ALA M 256 -194.59 61.66 46.70
C ALA M 256 -194.29 62.47 45.46
N ASP M 257 -193.02 62.76 45.16
CA ASP M 257 -192.65 63.63 44.05
C ASP M 257 -191.78 62.90 43.04
N GLY M 258 -192.14 61.67 42.72
CA GLY M 258 -191.37 60.88 41.78
C GLY M 258 -190.38 59.92 42.38
N GLY M 259 -190.44 59.69 43.69
CA GLY M 259 -189.59 58.73 44.35
C GLY M 259 -190.07 57.30 44.31
N TYR M 260 -191.19 57.04 43.64
CA TYR M 260 -191.71 55.68 43.52
C TYR M 260 -191.22 54.98 42.26
N LEU M 261 -190.44 55.66 41.42
CA LEU M 261 -189.91 55.06 40.20
C LEU M 261 -188.47 54.59 40.36
N VAL M 262 -187.91 54.66 41.56
CA VAL M 262 -186.54 54.23 41.80
C VAL M 262 -186.54 52.75 42.16
N PRO M 263 -185.72 51.93 41.49
CA PRO M 263 -185.67 50.50 41.81
C PRO M 263 -185.10 50.26 43.20
N PHE M 264 -185.49 49.13 43.77
CA PHE M 264 -185.05 48.71 45.10
C PHE M 264 -183.85 47.80 44.95
N GLN M 265 -182.73 48.18 45.57
CA GLN M 265 -181.51 47.37 45.54
C GLN M 265 -181.32 46.66 46.87
N LEU M 266 -180.94 45.37 46.79
CA LEU M 266 -180.79 44.55 47.98
C LEU M 266 -179.76 43.46 47.70
N ASP M 267 -178.95 43.17 48.71
CA ASP M 267 -177.97 42.09 48.62
C ASP M 267 -178.52 40.86 49.34
N PRO M 268 -178.82 39.77 48.63
CA PRO M 268 -179.40 38.61 49.32
C PRO M 268 -178.46 37.92 50.28
N THR M 269 -177.15 38.08 50.12
CA THR M 269 -176.20 37.41 51.00
C THR M 269 -176.33 37.94 52.42
N VAL M 270 -176.08 37.07 53.39
CA VAL M 270 -176.25 37.38 54.80
C VAL M 270 -174.90 37.61 55.45
N ILE M 271 -174.81 38.66 56.25
CA ILE M 271 -173.60 39.01 56.98
C ILE M 271 -173.77 38.55 58.42
N ILE M 272 -172.83 37.74 58.90
CA ILE M 272 -172.86 37.24 60.27
C ILE M 272 -172.13 38.22 61.16
N THR M 273 -172.77 38.63 62.26
CA THR M 273 -172.19 39.57 63.21
C THR M 273 -171.92 38.88 64.54
N SER M 274 -171.36 37.67 64.49
CA SER M 274 -171.02 36.90 65.67
C SER M 274 -169.51 36.69 65.70
N ASN M 275 -168.94 36.84 66.90
CA ASN M 275 -167.49 36.72 67.04
C ASN M 275 -167.01 35.30 66.74
N GLY M 276 -167.75 34.30 67.20
CA GLY M 276 -167.30 32.93 67.04
C GLY M 276 -166.30 32.52 68.09
N SER M 277 -165.71 31.35 67.89
CA SER M 277 -164.68 30.84 68.78
C SER M 277 -163.79 29.88 68.02
N LEU M 278 -162.48 30.02 68.23
CA LEU M 278 -161.48 29.17 67.61
C LEU M 278 -160.79 28.36 68.70
N ASN M 279 -160.68 27.06 68.49
CA ASN M 279 -160.07 26.18 69.48
C ASN M 279 -159.21 25.17 68.74
N ASP M 280 -158.12 24.74 69.39
CA ASP M 280 -157.18 23.80 68.81
C ASP M 280 -157.01 22.54 69.63
N ILE M 281 -157.81 22.36 70.68
CA ILE M 281 -157.66 21.18 71.53
C ILE M 281 -158.02 19.92 70.76
N ARG M 282 -158.90 20.05 69.76
CA ARG M 282 -159.28 18.90 68.95
C ARG M 282 -158.13 18.36 68.12
N ARG M 283 -157.08 19.16 67.91
CA ARG M 283 -155.91 18.67 67.20
C ARG M 283 -154.94 17.92 68.10
N PHE M 284 -154.96 18.18 69.41
CA PHE M 284 -154.01 17.56 70.32
C PHE M 284 -154.64 16.51 71.23
N ALA M 285 -155.92 16.63 71.56
CA ALA M 285 -156.56 15.69 72.46
C ALA M 285 -156.83 14.37 71.76
N ARG M 286 -157.14 13.34 72.55
CA ARG M 286 -157.35 11.99 72.04
C ARG M 286 -158.82 11.76 71.77
N GLN M 287 -159.14 11.23 70.60
CA GLN M 287 -160.50 11.06 70.15
C GLN M 287 -160.84 9.58 70.01
N VAL M 288 -161.95 9.17 70.62
CA VAL M 288 -162.47 7.82 70.51
C VAL M 288 -163.95 7.89 70.22
N VAL M 289 -164.49 6.78 69.73
CA VAL M 289 -165.91 6.66 69.41
C VAL M 289 -166.58 5.88 70.54
N ALA M 290 -167.70 6.39 71.02
CA ALA M 290 -168.47 5.73 72.05
C ALA M 290 -169.66 5.01 71.43
N THR M 291 -169.86 3.75 71.82
CA THR M 291 -170.91 2.92 71.25
C THR M 291 -172.07 2.71 72.22
N GLY M 292 -172.14 3.53 73.27
CA GLY M 292 -173.21 3.37 74.25
C GLY M 292 -173.47 4.62 75.04
N ASP M 293 -173.72 4.48 76.34
CA ASP M 293 -174.03 5.61 77.19
C ASP M 293 -172.79 6.20 77.86
N VAL M 294 -171.85 5.36 78.28
CA VAL M 294 -170.63 5.82 78.95
C VAL M 294 -169.44 5.09 78.36
N TRP M 295 -168.26 5.68 78.51
CA TRP M 295 -167.01 5.08 78.07
C TRP M 295 -166.16 4.75 79.28
N HIS M 296 -165.80 3.49 79.44
CA HIS M 296 -165.07 3.02 80.61
C HIS M 296 -163.61 2.75 80.26
N GLY M 297 -162.77 2.75 81.29
CA GLY M 297 -161.35 2.50 81.14
C GLY M 297 -160.75 2.02 82.44
N VAL M 298 -159.48 1.62 82.37
CA VAL M 298 -158.78 1.05 83.51
C VAL M 298 -157.48 1.82 83.73
N SER M 299 -157.13 2.02 85.00
CA SER M 299 -155.93 2.75 85.37
C SER M 299 -155.26 2.04 86.54
N SER M 300 -153.96 2.26 86.69
CA SER M 300 -153.20 1.59 87.74
C SER M 300 -151.97 2.43 88.07
N ALA M 301 -151.12 1.89 88.93
CA ALA M 301 -149.86 2.52 89.28
C ALA M 301 -148.72 1.52 89.17
N ALA M 302 -147.54 1.86 89.65
CA ALA M 302 -146.38 0.98 89.59
C ALA M 302 -146.13 0.31 90.93
N VAL M 303 -145.44 -0.83 90.88
CA VAL M 303 -145.10 -1.58 92.07
C VAL M 303 -143.91 -0.91 92.76
N GLN M 304 -143.97 -0.82 94.09
CA GLN M 304 -142.96 -0.14 94.87
C GLN M 304 -141.92 -1.15 95.37
N TRP M 305 -140.67 -0.97 94.96
CA TRP M 305 -139.57 -1.80 95.42
C TRP M 305 -138.89 -1.14 96.62
N SER M 306 -137.98 -1.89 97.24
CA SER M 306 -137.22 -1.37 98.37
C SER M 306 -135.96 -2.20 98.54
N TRP M 307 -134.99 -1.63 99.25
CA TRP M 307 -133.73 -2.31 99.54
C TRP M 307 -133.85 -3.04 100.87
N ASP M 308 -133.83 -4.36 100.82
CA ASP M 308 -134.03 -5.19 102.00
C ASP M 308 -132.73 -5.87 102.39
N ALA M 309 -132.54 -6.02 103.70
CA ALA M 309 -131.35 -6.66 104.24
C ALA M 309 -131.45 -8.17 104.05
N GLU M 310 -130.43 -8.89 104.48
CA GLU M 310 -130.44 -10.35 104.42
C GLU M 310 -131.42 -10.88 105.46
N PHE M 311 -132.18 -11.91 105.07
CA PHE M 311 -133.18 -12.53 105.95
C PHE M 311 -134.21 -11.51 106.43
N GLU M 312 -134.62 -10.63 105.53
CA GLU M 312 -135.62 -9.61 105.84
C GLU M 312 -136.90 -9.90 105.06
N GLU M 313 -138.01 -9.95 105.77
CA GLU M 313 -139.28 -10.32 105.17
C GLU M 313 -139.80 -9.18 104.28
N VAL M 314 -140.38 -9.57 103.15
CA VAL M 314 -140.84 -8.60 102.17
C VAL M 314 -142.25 -8.15 102.52
N SER M 315 -142.66 -7.04 101.93
CA SER M 315 -143.99 -6.47 102.12
C SER M 315 -144.80 -6.64 100.85
N ASP M 316 -146.09 -6.93 100.99
CA ASP M 316 -146.95 -7.03 99.82
C ASP M 316 -147.05 -5.68 99.13
N ASP M 317 -146.99 -5.71 97.80
CA ASP M 317 -146.93 -4.49 96.99
C ASP M 317 -147.99 -4.51 95.90
N SER M 318 -149.19 -4.98 96.22
CA SER M 318 -150.26 -5.04 95.23
C SER M 318 -150.70 -3.61 94.88
N PRO M 319 -150.73 -3.25 93.61
CA PRO M 319 -151.20 -1.91 93.24
C PRO M 319 -152.70 -1.85 93.09
N GLU M 320 -153.26 -0.70 93.45
CA GLU M 320 -154.70 -0.47 93.38
C GLU M 320 -155.08 0.03 92.00
N PHE M 321 -156.27 -0.33 91.55
CA PHE M 321 -156.73 0.00 90.21
C PHE M 321 -157.86 1.01 90.25
N GLY M 322 -158.00 1.77 89.17
CA GLY M 322 -159.06 2.75 89.07
C GLY M 322 -159.75 2.65 87.72
N GLN M 323 -160.96 3.21 87.68
CA GLN M 323 -161.81 3.14 86.49
C GLN M 323 -162.31 4.54 86.13
N PRO M 324 -161.63 5.25 85.24
CA PRO M 324 -162.18 6.51 84.74
C PRO M 324 -163.45 6.28 83.92
N GLU M 325 -164.34 7.27 83.96
CA GLU M 325 -165.66 7.14 83.35
C GLU M 325 -165.97 8.40 82.54
N ILE M 326 -166.57 8.23 81.37
CA ILE M 326 -166.88 9.34 80.48
C ILE M 326 -168.37 9.35 80.15
N PRO M 327 -169.18 10.18 80.81
CA PRO M 327 -170.60 10.25 80.44
C PRO M 327 -170.81 10.98 79.13
N VAL M 328 -171.90 10.61 78.44
CA VAL M 328 -172.27 11.21 77.15
C VAL M 328 -173.51 12.06 77.34
N LYS M 329 -173.46 13.30 76.88
CA LYS M 329 -174.52 14.26 77.08
C LYS M 329 -175.06 14.74 75.74
N LYS M 330 -176.22 15.41 75.80
CA LYS M 330 -176.95 15.82 74.61
C LYS M 330 -177.14 17.33 74.59
N ALA M 331 -177.17 17.88 73.37
CA ALA M 331 -177.37 19.30 73.16
C ALA M 331 -178.24 19.49 71.92
N GLN M 332 -179.11 20.49 71.95
CA GLN M 332 -180.08 20.63 70.88
C GLN M 332 -180.53 22.08 70.74
N GLY M 333 -181.09 22.39 69.56
CA GLY M 333 -181.68 23.68 69.31
C GLY M 333 -182.84 23.53 68.35
N PHE M 334 -183.80 24.47 68.45
CA PHE M 334 -185.05 24.35 67.72
C PHE M 334 -185.49 25.72 67.23
N VAL M 335 -185.95 25.78 65.98
CA VAL M 335 -186.35 27.04 65.35
C VAL M 335 -187.67 26.87 64.60
N PRO M 336 -188.75 27.48 65.06
CA PRO M 336 -190.02 27.42 64.32
C PRO M 336 -190.02 28.39 63.15
N ILE M 337 -190.96 28.16 62.24
CA ILE M 337 -191.13 29.01 61.06
C ILE M 337 -192.59 28.98 60.65
N SER M 338 -193.10 30.12 60.21
CA SER M 338 -194.48 30.19 59.75
C SER M 338 -194.58 29.79 58.29
N ILE M 339 -195.78 29.35 57.90
CA ILE M 339 -195.99 28.90 56.52
C ILE M 339 -195.78 30.04 55.54
N GLU M 340 -196.31 31.23 55.85
CA GLU M 340 -196.15 32.37 54.96
C GLU M 340 -194.68 32.73 54.77
N ALA M 341 -193.92 32.73 55.87
CA ALA M 341 -192.49 33.01 55.76
C ALA M 341 -191.78 31.93 54.96
N LEU M 342 -192.15 30.67 55.16
CA LEU M 342 -191.50 29.59 54.43
C LEU M 342 -191.76 29.70 52.93
N GLN M 343 -192.97 30.12 52.55
CA GLN M 343 -193.29 30.23 51.13
C GLN M 343 -192.79 31.52 50.49
N ASP M 344 -192.63 32.59 51.26
CA ASP M 344 -192.35 33.90 50.70
C ASP M 344 -190.90 34.35 50.82
N GLU M 345 -190.11 33.73 51.69
CA GLU M 345 -188.73 34.15 51.90
C GLU M 345 -187.79 33.15 51.23
N ALA M 346 -186.79 33.68 50.54
CA ALA M 346 -185.94 32.88 49.68
C ALA M 346 -184.72 32.38 50.43
N ASN M 347 -184.30 31.14 50.12
CA ASN M 347 -183.06 30.55 50.63
C ASN M 347 -183.07 30.50 52.16
N VAL M 348 -184.24 30.20 52.72
CA VAL M 348 -184.36 30.13 54.18
C VAL M 348 -183.67 28.88 54.71
N THR M 349 -183.87 27.74 54.04
CA THR M 349 -183.42 26.47 54.61
C THR M 349 -181.91 26.44 54.80
N GLU M 350 -181.14 26.76 53.75
CA GLU M 350 -179.69 26.71 53.88
C GLU M 350 -179.17 27.81 54.79
N THR M 351 -179.82 28.97 54.80
CA THR M 351 -179.41 30.01 55.73
C THR M 351 -179.53 29.53 57.17
N VAL M 352 -180.67 28.94 57.52
CA VAL M 352 -180.84 28.44 58.88
C VAL M 352 -179.91 27.28 59.17
N ALA M 353 -179.62 26.45 58.16
CA ALA M 353 -178.67 25.36 58.36
C ALA M 353 -177.28 25.90 58.70
N LEU M 354 -176.84 26.93 57.97
CA LEU M 354 -175.59 27.59 58.32
C LEU M 354 -175.63 28.13 59.74
N LEU M 355 -176.72 28.81 60.09
CA LEU M 355 -176.82 29.41 61.42
C LEU M 355 -176.70 28.34 62.51
N PHE M 356 -177.37 27.20 62.32
CA PHE M 356 -177.12 26.06 63.19
C PHE M 356 -175.65 25.68 63.23
N ALA M 357 -174.97 25.72 62.07
CA ALA M 357 -173.58 25.30 62.04
C ALA M 357 -172.72 26.15 62.96
N GLU M 358 -172.79 27.47 62.83
CA GLU M 358 -171.91 28.26 63.71
C GLU M 358 -172.43 28.28 65.14
N GLY M 359 -173.73 28.09 65.35
CA GLY M 359 -174.21 27.94 66.71
C GLY M 359 -173.62 26.73 67.42
N LYS M 360 -173.62 25.59 66.72
CA LYS M 360 -173.00 24.39 67.27
C LYS M 360 -171.52 24.61 67.51
N ASP M 361 -170.85 25.30 66.57
CA ASP M 361 -169.43 25.57 66.76
C ASP M 361 -169.18 26.43 68.00
N GLU M 362 -169.97 27.48 68.18
CA GLU M 362 -169.85 28.32 69.37
C GLU M 362 -170.01 27.51 70.64
N LEU M 363 -171.06 26.68 70.70
CA LEU M 363 -171.29 25.91 71.92
C LEU M 363 -170.15 24.93 72.17
N GLU M 364 -169.73 24.20 71.13
CA GLU M 364 -168.77 23.13 71.30
C GLU M 364 -167.39 23.66 71.66
N ALA M 365 -166.94 24.72 70.99
CA ALA M 365 -165.62 25.27 71.27
C ALA M 365 -165.53 25.77 72.71
N VAL M 366 -166.57 26.44 73.18
CA VAL M 366 -166.54 26.96 74.55
C VAL M 366 -166.63 25.83 75.56
N THR M 367 -167.49 24.84 75.32
CA THR M 367 -167.65 23.79 76.33
C THR M 367 -166.43 22.89 76.39
N LEU M 368 -165.65 22.81 75.30
CA LEU M 368 -164.42 22.03 75.36
C LEU M 368 -163.41 22.65 76.32
N THR M 369 -163.42 23.97 76.48
CA THR M 369 -162.47 24.63 77.36
C THR M 369 -163.01 24.82 78.77
N THR M 370 -164.21 25.37 78.90
CA THR M 370 -164.80 25.64 80.21
C THR M 370 -166.14 24.92 80.29
N GLY M 371 -166.10 23.65 80.69
CA GLY M 371 -167.29 22.88 80.97
C GLY M 371 -167.35 22.54 82.44
N THR M 372 -168.49 22.83 83.06
CA THR M 372 -168.59 22.67 84.51
C THR M 372 -168.55 21.21 84.92
N GLY M 373 -169.03 20.32 84.05
CA GLY M 373 -169.09 18.91 84.39
C GLY M 373 -170.24 18.51 85.27
N GLN M 374 -171.10 19.44 85.67
CA GLN M 374 -172.26 19.15 86.49
C GLN M 374 -173.53 19.37 85.69
N GLY M 375 -174.57 18.62 86.06
CA GLY M 375 -175.83 18.69 85.34
C GLY M 375 -175.77 17.98 84.01
N ASN M 376 -175.77 18.74 82.91
CA ASN M 376 -175.80 18.17 81.58
C ASN M 376 -174.61 18.58 80.72
N GLN M 377 -173.50 19.01 81.32
CA GLN M 377 -172.38 19.50 80.53
C GLN M 377 -171.22 18.51 80.58
N PRO M 378 -170.54 18.29 79.46
CA PRO M 378 -169.28 17.54 79.51
C PRO M 378 -168.23 18.32 80.28
N THR M 379 -167.35 17.58 80.95
CA THR M 379 -166.29 18.20 81.73
C THR M 379 -165.23 18.81 80.82
N GLY M 380 -164.84 20.04 81.11
CA GLY M 380 -163.85 20.75 80.33
C GLY M 380 -162.44 20.54 80.85
N ILE M 381 -161.47 20.88 80.00
CA ILE M 381 -160.07 20.67 80.34
C ILE M 381 -159.65 21.53 81.52
N VAL M 382 -160.09 22.79 81.56
CA VAL M 382 -159.66 23.69 82.62
C VAL M 382 -160.29 23.30 83.95
N THR M 383 -161.58 22.95 83.93
CA THR M 383 -162.26 22.59 85.18
C THR M 383 -161.67 21.34 85.80
N ALA M 384 -161.36 20.33 84.96
CA ALA M 384 -160.85 19.08 85.48
C ALA M 384 -159.41 19.16 85.97
N LEU M 385 -158.68 20.21 85.62
CA LEU M 385 -157.29 20.38 86.02
C LEU M 385 -157.12 21.47 87.07
N ALA M 386 -158.21 21.87 87.72
CA ALA M 386 -158.19 22.95 88.70
C ALA M 386 -158.35 22.34 90.09
N GLY M 387 -157.46 22.74 91.01
CA GLY M 387 -157.48 22.25 92.36
C GLY M 387 -156.66 21.00 92.59
N THR M 388 -156.13 20.39 91.53
CA THR M 388 -155.29 19.20 91.66
C THR M 388 -153.83 19.64 91.77
N ALA M 389 -152.91 18.68 91.67
CA ALA M 389 -151.49 18.99 91.69
C ALA M 389 -151.03 19.68 90.41
N ALA M 390 -151.89 19.73 89.39
CA ALA M 390 -151.49 20.35 88.13
C ALA M 390 -151.35 21.87 88.26
N GLU M 391 -152.07 22.48 89.19
CA GLU M 391 -152.10 23.94 89.28
C GLU M 391 -150.90 24.44 90.09
N ILE M 392 -150.18 25.40 89.52
CA ILE M 392 -149.01 25.98 90.17
C ILE M 392 -149.21 27.48 90.33
N ALA M 393 -148.24 28.15 90.95
CA ALA M 393 -148.35 29.55 91.28
C ALA M 393 -147.16 30.32 90.73
N PRO M 394 -147.34 31.61 90.41
CA PRO M 394 -146.22 32.41 89.89
C PRO M 394 -145.16 32.64 90.95
N VAL M 395 -143.93 32.85 90.48
CA VAL M 395 -142.82 33.11 91.39
C VAL M 395 -143.03 34.46 92.09
N THR M 396 -143.60 35.44 91.40
CA THR M 396 -143.95 36.72 91.98
C THR M 396 -145.46 36.88 91.94
N ALA M 397 -146.04 37.27 93.07
CA ALA M 397 -147.49 37.39 93.16
C ALA M 397 -148.01 38.42 92.18
N GLU M 398 -149.10 38.09 91.48
CA GLU M 398 -149.77 38.99 90.56
C GLU M 398 -148.81 39.50 89.48
N THR M 399 -147.96 38.60 88.97
CA THR M 399 -146.94 39.00 88.01
C THR M 399 -146.65 37.83 87.08
N PHE M 400 -146.50 38.13 85.80
CA PHE M 400 -146.17 37.14 84.77
C PHE M 400 -144.82 37.49 84.17
N ALA M 401 -143.89 36.53 84.19
CA ALA M 401 -142.54 36.75 83.69
C ALA M 401 -142.05 35.51 82.98
N LEU M 402 -140.87 35.62 82.36
CA LEU M 402 -140.29 34.50 81.64
C LEU M 402 -139.97 33.33 82.57
N ALA M 403 -139.69 33.63 83.84
CA ALA M 403 -139.43 32.56 84.80
C ALA M 403 -140.62 31.63 84.93
N ASP M 404 -141.84 32.18 84.92
CA ASP M 404 -143.03 31.34 84.98
C ASP M 404 -143.18 30.48 83.73
N VAL M 405 -142.85 31.05 82.56
CA VAL M 405 -142.93 30.30 81.31
C VAL M 405 -141.97 29.12 81.35
N TYR M 406 -140.79 29.31 81.94
CA TYR M 406 -139.89 28.19 82.12
C TYR M 406 -140.42 27.20 83.16
N ALA M 407 -140.99 27.72 84.25
CA ALA M 407 -141.39 26.87 85.37
C ALA M 407 -142.53 25.92 84.99
N VAL M 408 -143.48 26.40 84.19
CA VAL M 408 -144.60 25.55 83.81
C VAL M 408 -144.10 24.37 82.98
N TYR M 409 -143.07 24.58 82.16
CA TYR M 409 -142.52 23.50 81.35
C TYR M 409 -141.66 22.56 82.18
N GLU M 410 -140.87 23.11 83.10
CA GLU M 410 -139.86 22.32 83.79
C GLU M 410 -140.40 21.57 85.01
N GLN M 411 -141.60 21.90 85.49
CA GLN M 411 -142.20 21.14 86.59
C GLN M 411 -143.10 20.03 86.08
N LEU M 412 -142.59 19.20 85.19
CA LEU M 412 -143.37 18.11 84.61
C LEU M 412 -142.47 16.90 84.49
N ALA M 413 -143.05 15.71 84.62
CA ALA M 413 -142.28 14.49 84.46
C ALA M 413 -141.75 14.37 83.05
N ALA M 414 -140.54 13.84 82.91
CA ALA M 414 -139.92 13.71 81.60
C ALA M 414 -140.69 12.75 80.70
N ARG M 415 -141.49 11.84 81.28
CA ARG M 415 -142.28 10.93 80.47
C ARG M 415 -143.30 11.69 79.61
N HIS M 416 -143.95 12.69 80.18
CA HIS M 416 -144.99 13.44 79.47
C HIS M 416 -144.48 14.71 78.83
N ARG M 417 -143.35 15.25 79.30
CA ARG M 417 -142.84 16.50 78.76
C ARG M 417 -142.44 16.34 77.29
N ARG M 418 -141.92 15.18 76.92
CA ARG M 418 -141.52 14.95 75.53
C ARG M 418 -142.72 14.94 74.59
N GLN M 419 -143.92 14.68 75.10
CA GLN M 419 -145.14 14.73 74.31
C GLN M 419 -146.00 15.91 74.71
N GLY M 420 -145.37 17.04 75.01
CA GLY M 420 -146.10 18.20 75.47
C GLY M 420 -146.63 19.08 74.35
N ALA M 421 -147.48 20.03 74.72
CA ALA M 421 -148.02 21.01 73.80
C ALA M 421 -148.49 22.22 74.58
N TRP M 422 -148.37 23.39 73.96
CA TRP M 422 -148.76 24.65 74.57
C TRP M 422 -150.13 25.06 74.07
N LEU M 423 -151.02 25.41 74.99
CA LEU M 423 -152.34 25.92 74.63
C LEU M 423 -152.71 27.07 75.56
N ALA M 424 -152.92 28.25 74.99
CA ALA M 424 -153.27 29.44 75.75
C ALA M 424 -153.92 30.44 74.81
N ASN M 425 -154.14 31.65 75.30
CA ASN M 425 -154.78 32.70 74.52
C ASN M 425 -153.73 33.50 73.75
N ASN M 426 -154.19 34.26 72.74
CA ASN M 426 -153.29 35.11 71.98
C ASN M 426 -152.66 36.19 72.84
N LEU M 427 -153.41 36.70 73.82
CA LEU M 427 -152.89 37.77 74.66
C LEU M 427 -151.66 37.31 75.43
N ILE M 428 -151.69 36.09 75.96
CA ILE M 428 -150.56 35.57 76.73
C ILE M 428 -149.34 35.39 75.84
N TYR M 429 -149.54 34.87 74.62
CA TYR M 429 -148.44 34.76 73.68
C TYR M 429 -147.85 36.13 73.37
N ASN M 430 -148.71 37.13 73.20
CA ASN M 430 -148.21 38.47 72.93
C ASN M 430 -147.40 39.02 74.09
N LYS M 431 -147.86 38.78 75.32
CA LYS M 431 -147.07 39.21 76.48
C LYS M 431 -145.72 38.50 76.53
N ILE M 432 -145.70 37.21 76.19
CA ILE M 432 -144.42 36.49 76.10
C ILE M 432 -143.54 37.12 75.04
N ARG M 433 -144.15 37.60 73.95
CA ARG M 433 -143.40 38.20 72.86
C ARG M 433 -142.75 39.52 73.25
N GLN M 434 -143.17 40.12 74.37
CA GLN M 434 -142.60 41.38 74.84
C GLN M 434 -141.46 41.20 75.84
N PHE M 435 -141.14 39.96 76.22
CA PHE M 435 -140.14 39.76 77.26
C PHE M 435 -138.77 40.26 76.83
N ASP M 436 -138.39 40.03 75.57
CA ASP M 436 -137.10 40.47 75.09
C ASP M 436 -137.13 41.97 74.80
N THR M 437 -136.09 42.67 75.25
CA THR M 437 -135.98 44.11 75.02
C THR M 437 -134.62 44.45 74.43
N GLN M 438 -133.59 43.69 74.80
CA GLN M 438 -132.22 43.96 74.37
C GLN M 438 -131.69 42.88 73.44
N GLY M 439 -132.56 42.05 72.88
CA GLY M 439 -132.12 41.05 71.92
C GLY M 439 -131.24 39.96 72.51
N GLY M 440 -131.52 39.53 73.73
CA GLY M 440 -130.78 38.46 74.36
C GLY M 440 -131.27 37.10 73.93
N ALA M 441 -131.18 36.14 74.84
CA ALA M 441 -131.69 34.78 74.56
C ALA M 441 -133.17 34.68 74.92
N GLY M 442 -133.95 35.64 74.43
CA GLY M 442 -135.38 35.66 74.64
C GLY M 442 -136.07 36.16 73.39
N LEU M 443 -135.32 36.25 72.30
CA LEU M 443 -135.82 36.75 71.02
C LEU M 443 -136.63 35.64 70.35
N TRP M 444 -137.92 35.57 70.70
CA TRP M 444 -138.79 34.62 70.03
C TRP M 444 -138.98 34.99 68.57
N THR M 445 -139.32 36.25 68.30
CA THR M 445 -139.46 36.77 66.94
C THR M 445 -139.54 38.29 67.02
N THR M 446 -139.39 38.93 65.87
CA THR M 446 -139.39 40.38 65.80
C THR M 446 -140.71 40.90 65.24
N ILE M 447 -140.82 42.22 65.20
CA ILE M 447 -141.97 42.86 64.56
C ILE M 447 -141.97 42.55 63.07
N GLY M 448 -143.16 42.35 62.52
CA GLY M 448 -143.30 42.10 61.10
C GLY M 448 -143.33 40.64 60.71
N ASN M 449 -143.59 39.74 61.64
CA ASN M 449 -143.69 38.31 61.36
C ASN M 449 -144.92 37.73 62.04
N GLY M 450 -145.40 36.62 61.50
CA GLY M 450 -146.56 35.96 62.06
C GLY M 450 -146.23 35.23 63.34
N GLU M 451 -147.26 34.60 63.89
CA GLU M 451 -147.09 33.88 65.15
C GLU M 451 -146.16 32.69 64.95
N PRO M 452 -145.17 32.51 65.82
CA PRO M 452 -144.26 31.37 65.68
C PRO M 452 -144.99 30.05 65.91
N SER M 453 -144.48 29.00 65.27
CA SER M 453 -145.12 27.69 65.30
C SER M 453 -144.45 26.73 66.27
N GLN M 454 -143.50 27.21 67.07
CA GLN M 454 -142.81 26.36 68.03
C GLN M 454 -142.36 27.20 69.20
N LEU M 455 -142.67 26.75 70.41
CA LEU M 455 -142.18 27.38 71.63
C LEU M 455 -141.46 26.31 72.45
N LEU M 456 -140.17 26.53 72.69
CA LEU M 456 -139.31 25.54 73.36
C LEU M 456 -139.30 24.22 72.60
N GLY M 457 -139.47 24.28 71.28
CA GLY M 457 -139.49 23.09 70.46
C GLY M 457 -140.78 22.31 70.46
N ARG M 458 -141.85 22.84 71.04
CA ARG M 458 -143.09 22.10 71.14
C ARG M 458 -144.19 22.76 70.33
N PRO M 459 -145.19 21.99 69.88
CA PRO M 459 -146.30 22.59 69.15
C PRO M 459 -147.08 23.58 70.00
N VAL M 460 -147.63 24.59 69.33
CA VAL M 460 -148.30 25.70 69.99
C VAL M 460 -149.74 25.76 69.51
N GLY M 461 -150.67 26.00 70.44
CA GLY M 461 -152.07 26.08 70.10
C GLY M 461 -152.70 27.32 70.70
N GLU M 462 -153.80 27.73 70.08
CA GLU M 462 -154.53 28.93 70.48
C GLU M 462 -156.00 28.60 70.68
N ALA M 463 -156.59 29.18 71.73
CA ALA M 463 -158.01 29.00 72.01
C ALA M 463 -158.47 30.20 72.84
N GLU M 464 -159.33 31.03 72.27
CA GLU M 464 -159.74 32.26 72.95
C GLU M 464 -160.84 32.05 73.97
N ALA M 465 -161.19 30.80 74.29
CA ALA M 465 -162.13 30.54 75.36
C ALA M 465 -161.48 30.61 76.74
N MET M 466 -160.15 30.64 76.81
CA MET M 466 -159.46 30.74 78.09
C MET M 466 -159.44 32.17 78.58
N ASP M 467 -158.99 32.36 79.82
CA ASP M 467 -158.88 33.68 80.40
C ASP M 467 -157.83 34.50 79.66
N ALA M 468 -158.03 35.81 79.61
CA ALA M 468 -157.17 36.70 78.86
C ALA M 468 -156.31 37.58 79.75
N ASN M 469 -156.91 38.39 80.62
CA ASN M 469 -156.17 39.34 81.45
C ASN M 469 -156.69 39.26 82.88
N TRP M 470 -155.78 39.50 83.83
CA TRP M 470 -156.10 39.26 85.24
C TRP M 470 -156.48 40.52 86.00
N ASN M 471 -155.90 41.65 85.65
CA ASN M 471 -156.20 42.90 86.35
C ASN M 471 -157.63 43.33 86.08
N THR M 472 -157.99 43.45 84.82
CA THR M 472 -159.33 43.91 84.46
C THR M 472 -160.41 42.91 84.88
N SER M 473 -160.07 41.63 84.93
CA SER M 473 -161.04 40.62 85.33
C SER M 473 -161.41 40.77 86.79
N ALA M 474 -162.69 40.52 87.08
CA ALA M 474 -163.18 40.53 88.46
C ALA M 474 -163.05 39.16 89.14
N SER M 475 -162.67 38.13 88.41
CA SER M 475 -162.48 36.81 89.00
C SER M 475 -161.18 36.76 89.78
N ALA M 476 -161.21 36.08 90.92
CA ALA M 476 -160.00 35.97 91.74
C ALA M 476 -159.00 34.96 91.16
N ASP M 477 -159.49 33.94 90.46
CA ASP M 477 -158.65 32.89 89.91
C ASP M 477 -158.50 33.11 88.41
N ASN M 478 -157.26 32.99 87.92
CA ASN M 478 -156.96 33.23 86.51
C ASN M 478 -156.07 32.09 86.01
N PHE M 479 -156.61 31.29 85.10
CA PHE M 479 -155.86 30.23 84.44
C PHE M 479 -155.47 30.71 83.05
N VAL M 480 -154.20 31.04 82.85
CA VAL M 480 -153.75 31.70 81.64
C VAL M 480 -152.84 30.83 80.78
N LEU M 481 -152.13 29.87 81.36
CA LEU M 481 -151.19 29.06 80.61
C LEU M 481 -151.36 27.60 80.97
N LEU M 482 -151.27 26.72 79.98
CA LEU M 482 -151.49 25.29 80.20
C LEU M 482 -150.60 24.51 79.26
N TYR M 483 -149.88 23.54 79.81
CA TYR M 483 -148.96 22.70 79.06
C TYR M 483 -149.07 21.26 79.56
N GLY M 484 -148.96 20.30 78.65
CA GLY M 484 -149.00 18.91 79.06
C GLY M 484 -149.25 18.00 77.87
N ASN M 485 -149.28 16.71 78.18
CA ASN M 485 -149.52 15.66 77.20
C ASN M 485 -151.02 15.51 77.00
N PHE M 486 -151.53 16.00 75.86
CA PHE M 486 -152.97 16.07 75.64
C PHE M 486 -153.60 14.72 75.34
N GLN M 487 -152.82 13.65 75.22
CA GLN M 487 -153.40 12.33 75.00
C GLN M 487 -154.21 11.86 76.19
N ASN M 488 -154.08 12.51 77.34
CA ASN M 488 -154.83 12.15 78.54
C ASN M 488 -156.17 12.86 78.62
N TYR M 489 -156.52 13.68 77.63
CA TYR M 489 -157.83 14.32 77.55
C TYR M 489 -158.62 13.61 76.44
N VAL M 490 -159.54 12.75 76.84
CA VAL M 490 -160.28 11.89 75.92
C VAL M 490 -161.64 12.50 75.65
N ILE M 491 -161.99 12.63 74.38
CA ILE M 491 -163.28 13.15 73.95
C ILE M 491 -164.07 11.99 73.38
N ALA M 492 -165.16 11.62 74.03
CA ALA M 492 -166.00 10.51 73.59
C ALA M 492 -167.12 11.05 72.71
N ASP M 493 -167.15 10.63 71.46
CA ASP M 493 -168.11 11.12 70.49
C ASP M 493 -169.05 9.98 70.10
N ARG M 494 -170.34 10.31 70.03
CA ARG M 494 -171.37 9.32 69.73
C ARG M 494 -172.05 9.57 68.39
N ILE M 495 -172.61 10.76 68.17
CA ILE M 495 -173.35 11.05 66.95
C ILE M 495 -173.05 12.49 66.54
N GLY M 496 -173.09 12.74 65.24
CA GLY M 496 -172.87 14.07 64.71
C GLY M 496 -174.16 14.89 64.66
N MET M 497 -174.04 16.06 64.06
CA MET M 497 -175.18 16.97 63.96
C MET M 497 -176.20 16.42 62.96
N THR M 498 -177.47 16.43 63.36
CA THR M 498 -178.57 16.04 62.50
C THR M 498 -179.59 17.17 62.47
N VAL M 499 -180.11 17.48 61.29
CA VAL M 499 -181.16 18.48 61.12
C VAL M 499 -182.39 17.78 60.59
N GLU M 500 -183.49 17.85 61.34
CA GLU M 500 -184.70 17.12 61.04
C GLU M 500 -185.89 18.07 61.00
N PHE M 501 -186.83 17.80 60.10
CA PHE M 501 -187.87 18.75 59.74
C PHE M 501 -189.21 18.32 60.35
N ILE M 502 -189.81 19.22 61.14
CA ILE M 502 -191.14 19.00 61.71
C ILE M 502 -192.19 19.42 60.68
N PRO M 503 -193.13 18.55 60.31
CA PRO M 503 -194.12 18.93 59.29
C PRO M 503 -195.22 19.84 59.80
N HIS M 504 -195.55 19.80 61.08
CA HIS M 504 -196.72 20.51 61.58
C HIS M 504 -196.54 20.81 63.06
N LEU M 505 -196.99 21.98 63.48
CA LEU M 505 -197.01 22.36 64.89
C LEU M 505 -198.44 22.70 65.31
N PHE M 506 -198.80 22.26 66.51
CA PHE M 506 -200.16 22.39 67.01
C PHE M 506 -200.26 23.54 68.00
N GLY M 507 -201.49 24.02 68.21
CA GLY M 507 -201.78 25.08 69.12
C GLY M 507 -202.26 24.60 70.47
N THR M 508 -202.85 25.53 71.22
CA THR M 508 -203.32 25.21 72.56
C THR M 508 -204.44 24.17 72.53
N ASN M 509 -205.35 24.28 71.57
CA ASN M 509 -206.47 23.36 71.44
C ASN M 509 -206.11 22.12 70.64
N ARG M 510 -204.82 21.82 70.49
CA ARG M 510 -204.34 20.65 69.75
C ARG M 510 -204.86 20.64 68.32
N ARG M 511 -204.80 21.80 67.68
CA ARG M 511 -205.16 21.94 66.29
C ARG M 511 -204.05 22.70 65.56
N PRO M 512 -203.89 22.47 64.26
CA PRO M 512 -202.84 23.17 63.52
C PRO M 512 -203.04 24.68 63.54
N ASN M 513 -201.91 25.40 63.61
CA ASN M 513 -201.93 26.86 63.50
C ASN M 513 -201.24 27.36 62.25
N GLY M 514 -200.45 26.53 61.58
CA GLY M 514 -199.78 26.96 60.36
C GLY M 514 -198.33 27.34 60.57
N SER M 515 -197.59 26.51 61.30
CA SER M 515 -196.16 26.71 61.49
C SER M 515 -195.44 25.37 61.44
N ARG M 516 -194.18 25.42 61.02
CA ARG M 516 -193.34 24.24 60.92
C ARG M 516 -192.06 24.48 61.70
N GLY M 517 -191.31 23.38 61.95
CA GLY M 517 -190.18 23.42 62.84
C GLY M 517 -188.91 22.81 62.25
N TRP M 518 -187.82 23.00 63.00
CA TRP M 518 -186.49 22.53 62.61
C TRP M 518 -185.78 22.06 63.87
N PHE M 519 -185.52 20.76 63.95
CA PHE M 519 -184.91 20.15 65.13
C PHE M 519 -183.47 19.75 64.82
N ALA M 520 -182.60 19.89 65.81
CA ALA M 520 -181.20 19.51 65.66
C ALA M 520 -180.66 19.09 67.01
N TYR M 521 -180.02 17.93 67.08
CA TYR M 521 -179.46 17.44 68.33
C TYR M 521 -178.07 16.88 68.06
N TYR M 522 -177.27 16.80 69.12
CA TYR M 522 -175.85 16.47 69.00
C TYR M 522 -175.37 15.94 70.34
N ARG M 523 -174.50 14.92 70.31
CA ARG M 523 -174.05 14.25 71.51
C ARG M 523 -172.53 14.17 71.54
N MET M 524 -171.95 14.34 72.72
CA MET M 524 -170.51 14.34 72.92
C MET M 524 -170.22 14.36 74.42
N GLY M 525 -169.07 13.83 74.79
CA GLY M 525 -168.62 13.88 76.18
C GLY M 525 -167.12 13.80 76.25
N ALA M 526 -166.56 14.36 77.33
CA ALA M 526 -165.11 14.38 77.51
C ALA M 526 -164.77 14.63 78.97
N ASP M 527 -163.62 14.11 79.38
CA ASP M 527 -163.07 14.30 80.72
C ASP M 527 -161.60 13.92 80.66
N VAL M 528 -160.88 14.22 81.74
CA VAL M 528 -159.44 13.98 81.81
C VAL M 528 -159.20 12.67 82.54
N VAL M 529 -158.55 11.73 81.86
CA VAL M 529 -158.25 10.44 82.48
C VAL M 529 -157.18 10.60 83.56
N ASN M 530 -156.11 11.32 83.26
CA ASN M 530 -154.98 11.48 84.18
C ASN M 530 -154.74 12.96 84.42
N PRO M 531 -155.20 13.50 85.56
CA PRO M 531 -155.00 14.91 85.88
C PRO M 531 -153.65 15.17 86.54
N ASN M 532 -152.59 14.57 86.01
CA ASN M 532 -151.24 14.75 86.52
C ASN M 532 -150.20 14.96 85.44
N ALA M 533 -150.54 14.77 84.17
CA ALA M 533 -149.60 15.02 83.08
C ALA M 533 -149.67 16.44 82.55
N PHE M 534 -150.49 17.29 83.14
CA PHE M 534 -150.60 18.69 82.75
C PHE M 534 -150.10 19.58 83.87
N ARG M 535 -149.64 20.78 83.49
CA ARG M 535 -149.26 21.79 84.46
C ARG M 535 -149.94 23.10 84.07
N LEU M 536 -150.74 23.65 84.98
CA LEU M 536 -151.52 24.84 84.72
C LEU M 536 -151.05 25.94 85.66
N LEU M 537 -150.91 27.15 85.12
CA LEU M 537 -150.44 28.31 85.87
C LEU M 537 -151.62 29.15 86.32
N ASN M 538 -151.65 29.49 87.60
CA ASN M 538 -152.78 30.21 88.20
C ASN M 538 -152.28 31.55 88.72
N VAL M 539 -152.71 32.63 88.07
CA VAL M 539 -152.36 33.98 88.49
C VAL M 539 -153.52 34.47 89.36
N GLU M 540 -153.41 34.23 90.66
CA GLU M 540 -154.49 34.54 91.59
C GLU M 540 -154.29 35.96 92.11
N THR M 541 -155.18 36.86 91.70
CA THR M 541 -155.09 38.26 92.11
C THR M 541 -155.81 38.44 93.45
N ALA M 542 -155.14 39.07 94.40
CA ALA M 542 -155.74 39.33 95.70
C ALA M 542 -156.90 40.31 95.57
N SER M 543 -158.00 39.99 96.22
CA SER M 543 -159.20 40.82 96.16
C SER M 543 -159.09 42.03 97.09
N MET N 251 -189.88 5.14 79.10
CA MET N 251 -188.71 4.32 78.83
C MET N 251 -187.52 5.17 78.38
N GLY N 252 -186.54 5.34 79.25
CA GLY N 252 -185.35 6.10 78.93
C GLY N 252 -184.08 5.29 79.02
N LEU N 253 -182.99 5.94 79.43
CA LEU N 253 -181.70 5.28 79.59
C LEU N 253 -181.48 4.71 80.98
N THR N 254 -182.41 4.93 81.90
CA THR N 254 -182.26 4.39 83.25
C THR N 254 -182.36 2.87 83.23
N LYS N 255 -181.76 2.24 84.24
CA LYS N 255 -181.67 0.79 84.26
C LYS N 255 -183.04 0.14 84.29
N ALA N 256 -183.88 0.53 85.25
CA ALA N 256 -185.17 -0.11 85.45
C ALA N 256 -186.16 0.12 84.33
N ASP N 257 -185.86 1.04 83.41
CA ASP N 257 -186.71 1.33 82.26
C ASP N 257 -186.03 0.91 80.97
N GLY N 258 -185.46 -0.29 80.98
CA GLY N 258 -184.85 -0.84 79.79
C GLY N 258 -183.37 -0.59 79.63
N GLY N 259 -182.71 -0.02 80.63
CA GLY N 259 -181.29 0.26 80.51
C GLY N 259 -180.40 -0.95 80.58
N TYR N 260 -180.97 -2.11 80.90
CA TYR N 260 -180.22 -3.34 80.96
C TYR N 260 -179.82 -3.87 79.58
N LEU N 261 -180.33 -3.26 78.51
CA LEU N 261 -179.99 -3.67 77.16
C LEU N 261 -178.81 -2.90 76.58
N VAL N 262 -178.20 -2.00 77.36
CA VAL N 262 -177.03 -1.24 76.90
C VAL N 262 -175.79 -2.13 76.97
N PRO N 263 -175.06 -2.32 75.87
CA PRO N 263 -173.81 -3.06 75.94
C PRO N 263 -172.78 -2.33 76.79
N PHE N 264 -171.95 -3.11 77.49
CA PHE N 264 -170.90 -2.56 78.33
C PHE N 264 -169.63 -2.38 77.50
N GLN N 265 -169.15 -1.15 77.41
CA GLN N 265 -167.95 -0.83 76.64
C GLN N 265 -166.78 -0.59 77.58
N LEU N 266 -165.69 -1.33 77.37
CA LEU N 266 -164.51 -1.24 78.21
C LEU N 266 -163.27 -1.26 77.32
N ASP N 267 -162.24 -0.53 77.75
CA ASP N 267 -160.98 -0.50 77.03
C ASP N 267 -159.95 -1.30 77.81
N PRO N 268 -159.54 -2.48 77.33
CA PRO N 268 -158.67 -3.34 78.14
C PRO N 268 -157.31 -2.74 78.46
N THR N 269 -156.75 -1.93 77.57
CA THR N 269 -155.41 -1.41 77.78
C THR N 269 -155.36 -0.51 79.01
N VAL N 270 -154.28 -0.62 79.77
CA VAL N 270 -154.16 0.08 81.04
C VAL N 270 -153.44 1.40 80.81
N ILE N 271 -153.68 2.34 81.73
CA ILE N 271 -153.02 3.63 81.75
C ILE N 271 -152.15 3.69 83.00
N ILE N 272 -150.85 3.87 82.81
CA ILE N 272 -149.91 4.01 83.92
C ILE N 272 -149.94 5.45 84.40
N THR N 273 -150.18 5.64 85.69
CA THR N 273 -150.30 6.96 86.29
C THR N 273 -149.17 7.23 87.26
N SER N 274 -147.94 6.85 86.89
CA SER N 274 -146.76 7.07 87.70
C SER N 274 -145.81 7.99 86.95
N ASN N 275 -145.19 8.92 87.68
CA ASN N 275 -144.29 9.87 87.05
C ASN N 275 -143.06 9.18 86.48
N GLY N 276 -142.46 8.25 87.23
CA GLY N 276 -141.24 7.62 86.79
C GLY N 276 -140.04 8.54 86.98
N SER N 277 -138.91 8.12 86.40
CA SER N 277 -137.68 8.90 86.47
C SER N 277 -136.80 8.54 85.30
N LEU N 278 -136.22 9.55 84.66
CA LEU N 278 -135.30 9.37 83.55
C LEU N 278 -133.88 9.65 84.02
N ASN N 279 -132.98 8.72 83.78
CA ASN N 279 -131.59 8.84 84.22
C ASN N 279 -130.67 8.39 83.10
N ASP N 280 -129.64 9.19 82.83
CA ASP N 280 -128.63 8.87 81.83
C ASP N 280 -127.30 8.45 82.46
N ILE N 281 -127.28 8.21 83.77
CA ILE N 281 -126.02 7.88 84.44
C ILE N 281 -125.52 6.52 83.98
N ARG N 282 -126.43 5.63 83.59
CA ARG N 282 -126.01 4.31 83.12
C ARG N 282 -125.42 4.37 81.72
N ARG N 283 -125.68 5.44 80.97
CA ARG N 283 -125.11 5.57 79.64
C ARG N 283 -123.68 6.07 79.65
N PHE N 284 -123.21 6.61 80.77
CA PHE N 284 -121.85 7.12 80.87
C PHE N 284 -120.97 6.31 81.81
N ALA N 285 -121.56 5.62 82.78
CA ALA N 285 -120.78 4.90 83.77
C ALA N 285 -120.15 3.66 83.14
N ARG N 286 -119.13 3.15 83.83
CA ARG N 286 -118.43 1.94 83.42
C ARG N 286 -118.99 0.75 84.20
N GLN N 287 -119.34 -0.31 83.49
CA GLN N 287 -119.99 -1.46 84.10
C GLN N 287 -119.02 -2.63 84.16
N VAL N 288 -119.12 -3.40 85.26
CA VAL N 288 -118.30 -4.58 85.48
C VAL N 288 -119.21 -5.73 85.87
N VAL N 289 -118.72 -6.95 85.74
CA VAL N 289 -119.46 -8.13 86.15
C VAL N 289 -118.96 -8.57 87.53
N ALA N 290 -119.89 -8.81 88.43
CA ALA N 290 -119.57 -9.28 89.78
C ALA N 290 -119.88 -10.75 89.92
N THR N 291 -119.13 -11.42 90.78
CA THR N 291 -119.33 -12.83 91.06
C THR N 291 -119.53 -13.15 92.52
N GLY N 292 -118.85 -12.43 93.42
CA GLY N 292 -119.00 -12.68 94.84
C GLY N 292 -119.79 -11.58 95.53
N ASP N 293 -119.32 -11.15 96.69
CA ASP N 293 -119.99 -10.09 97.43
C ASP N 293 -119.46 -8.71 97.08
N VAL N 294 -118.16 -8.57 96.88
CA VAL N 294 -117.54 -7.27 96.64
C VAL N 294 -116.62 -7.38 95.43
N TRP N 295 -116.31 -6.23 94.85
CA TRP N 295 -115.41 -6.13 93.70
C TRP N 295 -114.23 -5.25 94.07
N HIS N 296 -113.02 -5.76 93.87
CA HIS N 296 -111.81 -5.03 94.22
C HIS N 296 -111.06 -4.60 92.96
N GLY N 297 -110.43 -3.42 93.05
CA GLY N 297 -109.59 -2.92 91.99
C GLY N 297 -108.28 -2.41 92.54
N VAL N 298 -107.38 -2.04 91.63
CA VAL N 298 -106.06 -1.56 91.99
C VAL N 298 -105.79 -0.24 91.27
N SER N 299 -105.23 0.72 92.01
CA SER N 299 -104.89 2.02 91.45
C SER N 299 -103.53 2.43 91.96
N SER N 300 -102.83 3.25 91.17
CA SER N 300 -101.49 3.69 91.54
C SER N 300 -101.18 5.00 90.83
N ALA N 301 -99.95 5.50 91.01
CA ALA N 301 -99.49 6.74 90.42
C ALA N 301 -98.30 6.45 89.52
N ALA N 302 -97.80 7.49 88.85
CA ALA N 302 -96.76 7.34 87.86
C ALA N 302 -95.37 7.40 88.48
N VAL N 303 -94.39 6.83 87.77
CA VAL N 303 -93.03 6.79 88.24
C VAL N 303 -92.37 8.15 88.03
N GLN N 304 -91.56 8.57 89.00
CA GLN N 304 -90.90 9.88 88.98
C GLN N 304 -89.56 9.75 88.26
N TRP N 305 -89.43 10.38 87.10
CA TRP N 305 -88.17 10.41 86.37
C TRP N 305 -87.40 11.68 86.71
N SER N 306 -86.13 11.73 86.31
CA SER N 306 -85.29 12.88 86.59
C SER N 306 -84.12 12.90 85.61
N TRP N 307 -83.49 14.05 85.49
CA TRP N 307 -82.34 14.25 84.60
C TRP N 307 -81.06 14.06 85.38
N ASP N 308 -80.17 13.21 84.87
CA ASP N 308 -78.96 12.85 85.58
C ASP N 308 -77.75 13.04 84.68
N ALA N 309 -76.59 13.22 85.32
CA ALA N 309 -75.34 13.43 84.62
C ALA N 309 -74.63 12.09 84.38
N GLU N 310 -73.43 12.16 83.80
CA GLU N 310 -72.68 10.95 83.50
C GLU N 310 -72.14 10.31 84.77
N PHE N 311 -72.14 8.97 84.80
CA PHE N 311 -71.67 8.22 85.95
C PHE N 311 -72.38 8.63 87.23
N GLU N 312 -73.69 8.87 87.12
CA GLU N 312 -74.51 9.26 88.26
C GLU N 312 -75.48 8.14 88.59
N GLU N 313 -75.49 7.72 89.85
CA GLU N 313 -76.41 6.68 90.28
C GLU N 313 -77.85 7.21 90.26
N VAL N 314 -78.80 6.30 90.25
CA VAL N 314 -80.21 6.64 90.16
C VAL N 314 -80.85 6.50 91.53
N SER N 315 -82.07 7.02 91.65
CA SER N 315 -82.85 6.96 92.87
C SER N 315 -84.05 6.05 92.66
N ASP N 316 -84.31 5.18 93.63
CA ASP N 316 -85.44 4.27 93.50
C ASP N 316 -86.75 5.04 93.51
N ASP N 317 -87.67 4.65 92.62
CA ASP N 317 -88.90 5.39 92.40
C ASP N 317 -90.11 4.48 92.45
N SER N 318 -90.15 3.57 93.42
CA SER N 318 -91.28 2.67 93.55
C SER N 318 -92.54 3.46 93.89
N PRO N 319 -93.63 3.25 93.16
CA PRO N 319 -94.86 3.99 93.47
C PRO N 319 -95.72 3.31 94.53
N GLU N 320 -96.76 3.99 95.00
CA GLU N 320 -97.69 3.43 95.96
C GLU N 320 -98.95 2.95 95.25
N PHE N 321 -99.74 2.14 95.96
CA PHE N 321 -100.90 1.49 95.39
C PHE N 321 -102.11 1.66 96.28
N GLY N 322 -103.29 1.63 95.66
CA GLY N 322 -104.54 1.71 96.39
C GLY N 322 -105.51 0.64 95.91
N GLN N 323 -106.60 0.49 96.66
CA GLN N 323 -107.60 -0.53 96.34
C GLN N 323 -109.01 -0.05 96.67
N PRO N 324 -109.84 0.20 95.66
CA PRO N 324 -111.26 0.49 95.93
C PRO N 324 -112.06 -0.77 96.19
N GLU N 325 -113.18 -0.59 96.88
CA GLU N 325 -114.07 -1.69 97.26
C GLU N 325 -115.51 -1.30 96.95
N ILE N 326 -116.28 -2.24 96.44
CA ILE N 326 -117.67 -1.99 96.06
C ILE N 326 -118.56 -3.12 96.58
N PRO N 327 -119.31 -2.92 97.66
CA PRO N 327 -120.26 -3.93 98.10
C PRO N 327 -121.49 -3.98 97.21
N VAL N 328 -122.18 -5.12 97.23
CA VAL N 328 -123.36 -5.37 96.43
C VAL N 328 -124.54 -5.62 97.36
N LYS N 329 -125.63 -4.90 97.15
CA LYS N 329 -126.82 -5.00 97.99
C LYS N 329 -127.96 -5.64 97.20
N LYS N 330 -129.13 -5.73 97.83
CA LYS N 330 -130.27 -6.43 97.26
C LYS N 330 -131.54 -5.60 97.38
N ALA N 331 -132.40 -5.71 96.36
CA ALA N 331 -133.71 -5.09 96.36
C ALA N 331 -134.73 -6.09 95.83
N GLN N 332 -135.96 -6.01 96.35
CA GLN N 332 -136.96 -7.01 96.02
C GLN N 332 -138.36 -6.44 96.21
N GLY N 333 -139.32 -7.07 95.53
CA GLY N 333 -140.72 -6.72 95.68
C GLY N 333 -141.57 -7.95 95.47
N PHE N 334 -142.76 -7.94 96.04
CA PHE N 334 -143.62 -9.11 96.07
C PHE N 334 -145.08 -8.72 95.94
N VAL N 335 -145.84 -9.53 95.22
CA VAL N 335 -147.26 -9.28 94.97
C VAL N 335 -148.03 -10.60 95.07
N PRO N 336 -148.93 -10.75 96.03
CA PRO N 336 -149.75 -11.97 96.08
C PRO N 336 -151.09 -11.77 95.38
N ILE N 337 -151.58 -12.86 94.77
CA ILE N 337 -152.83 -12.84 94.03
C ILE N 337 -153.69 -14.01 94.50
N SER N 338 -154.99 -13.87 94.28
CA SER N 338 -155.95 -14.92 94.62
C SER N 338 -156.03 -15.96 93.52
N ILE N 339 -156.52 -17.14 93.88
CA ILE N 339 -156.57 -18.24 92.92
C ILE N 339 -157.63 -17.97 91.84
N GLU N 340 -158.77 -17.40 92.23
CA GLU N 340 -159.80 -17.10 91.25
C GLU N 340 -159.37 -15.98 90.31
N ALA N 341 -158.73 -14.95 90.86
CA ALA N 341 -158.37 -13.78 90.06
C ALA N 341 -157.40 -14.15 88.95
N LEU N 342 -156.56 -15.16 89.17
CA LEU N 342 -155.63 -15.57 88.13
C LEU N 342 -156.37 -16.10 86.91
N GLN N 343 -157.58 -16.60 87.09
CA GLN N 343 -158.34 -17.16 85.98
C GLN N 343 -159.42 -16.23 85.45
N ASP N 344 -159.94 -15.33 86.29
CA ASP N 344 -161.10 -14.53 85.87
C ASP N 344 -160.70 -13.41 84.92
N GLU N 345 -159.88 -12.48 85.39
CA GLU N 345 -159.50 -11.35 84.56
C GLU N 345 -158.33 -11.72 83.65
N ALA N 346 -158.38 -11.20 82.42
CA ALA N 346 -157.43 -11.58 81.40
C ALA N 346 -156.22 -10.66 81.39
N ASN N 347 -155.10 -11.18 80.90
CA ASN N 347 -153.85 -10.43 80.77
C ASN N 347 -153.43 -9.84 82.11
N VAL N 348 -153.15 -10.72 83.06
CA VAL N 348 -152.68 -10.33 84.37
C VAL N 348 -151.17 -10.43 84.47
N THR N 349 -150.60 -11.51 83.94
CA THR N 349 -149.16 -11.73 84.04
C THR N 349 -148.39 -10.62 83.34
N GLU N 350 -148.80 -10.27 82.12
CA GLU N 350 -148.07 -9.24 81.37
C GLU N 350 -148.17 -7.88 82.05
N THR N 351 -149.35 -7.54 82.54
CA THR N 351 -149.53 -6.26 83.21
C THR N 351 -148.65 -6.15 84.44
N VAL N 352 -148.65 -7.19 85.27
CA VAL N 352 -147.85 -7.17 86.49
C VAL N 352 -146.37 -7.19 86.16
N ALA N 353 -145.96 -7.88 85.10
CA ALA N 353 -144.56 -7.86 84.69
C ALA N 353 -144.13 -6.45 84.30
N LEU N 354 -144.99 -5.75 83.55
CA LEU N 354 -144.68 -4.37 83.21
C LEU N 354 -144.59 -3.49 84.45
N LEU N 355 -145.50 -3.71 85.41
CA LEU N 355 -145.47 -2.93 86.64
C LEU N 355 -144.18 -3.15 87.41
N PHE N 356 -143.74 -4.41 87.50
CA PHE N 356 -142.45 -4.71 88.13
C PHE N 356 -141.32 -3.99 87.41
N ALA N 357 -141.33 -4.01 86.07
CA ALA N 357 -140.26 -3.37 85.31
C ALA N 357 -140.20 -1.87 85.59
N GLU N 358 -141.36 -1.21 85.59
CA GLU N 358 -141.37 0.23 85.83
C GLU N 358 -140.93 0.56 87.25
N GLY N 359 -141.38 -0.24 88.23
CA GLY N 359 -140.94 -0.01 89.59
C GLY N 359 -139.44 -0.15 89.75
N LYS N 360 -138.87 -1.18 89.12
CA LYS N 360 -137.43 -1.38 89.16
C LYS N 360 -136.70 -0.19 88.55
N ASP N 361 -137.17 0.26 87.39
CA ASP N 361 -136.49 1.38 86.72
C ASP N 361 -136.53 2.64 87.59
N GLU N 362 -137.70 2.94 88.16
CA GLU N 362 -137.81 4.13 88.99
C GLU N 362 -136.90 4.05 90.21
N LEU N 363 -136.87 2.89 90.87
CA LEU N 363 -136.01 2.75 92.04
C LEU N 363 -134.54 2.89 91.65
N GLU N 364 -134.14 2.25 90.56
CA GLU N 364 -132.72 2.27 90.18
C GLU N 364 -132.26 3.66 89.81
N ALA N 365 -133.09 4.43 89.11
CA ALA N 365 -132.69 5.78 88.73
C ALA N 365 -132.40 6.64 89.96
N VAL N 366 -133.32 6.64 90.92
CA VAL N 366 -133.16 7.44 92.12
C VAL N 366 -131.94 6.99 92.91
N THR N 367 -131.76 5.68 93.06
CA THR N 367 -130.65 5.20 93.86
C THR N 367 -129.30 5.52 93.22
N LEU N 368 -129.20 5.34 91.89
CA LEU N 368 -127.95 5.66 91.23
C LEU N 368 -127.63 7.14 91.28
N THR N 369 -128.63 8.01 91.08
CA THR N 369 -128.34 9.43 91.09
C THR N 369 -128.09 9.95 92.51
N THR N 370 -128.73 9.32 93.51
CA THR N 370 -128.56 9.71 94.91
C THR N 370 -128.83 8.49 95.78
N GLY N 371 -127.77 7.82 96.22
CA GLY N 371 -127.87 6.70 97.14
C GLY N 371 -127.15 7.04 98.44
N THR N 372 -127.80 6.72 99.56
CA THR N 372 -127.23 7.04 100.87
C THR N 372 -125.95 6.27 101.14
N GLY N 373 -125.75 5.12 100.52
CA GLY N 373 -124.55 4.33 100.75
C GLY N 373 -124.53 3.52 102.03
N GLN N 374 -124.89 4.15 103.15
CA GLN N 374 -124.96 3.44 104.41
C GLN N 374 -126.16 2.50 104.44
N GLY N 375 -126.11 1.53 105.35
CA GLY N 375 -127.23 0.61 105.48
C GLY N 375 -127.33 -0.33 104.30
N ASN N 376 -128.52 -0.43 103.72
CA ASN N 376 -128.81 -1.38 102.65
C ASN N 376 -128.88 -0.72 101.29
N GLN N 377 -128.28 0.46 101.14
CA GLN N 377 -128.40 1.16 99.88
C GLN N 377 -127.03 1.35 99.22
N PRO N 378 -126.94 1.20 97.90
CA PRO N 378 -125.69 1.51 97.21
C PRO N 378 -125.36 3.00 97.28
N THR N 379 -124.13 3.37 96.97
CA THR N 379 -123.68 4.75 97.09
C THR N 379 -123.89 5.47 95.76
N GLY N 380 -124.68 6.53 95.79
CA GLY N 380 -124.89 7.33 94.60
C GLY N 380 -123.71 8.23 94.30
N ILE N 381 -123.72 8.80 93.09
CA ILE N 381 -122.60 9.62 92.65
C ILE N 381 -122.53 10.90 93.46
N VAL N 382 -123.67 11.47 93.83
CA VAL N 382 -123.67 12.72 94.59
C VAL N 382 -123.16 12.49 95.99
N THR N 383 -123.61 11.42 96.65
CA THR N 383 -123.20 11.16 98.03
C THR N 383 -121.73 10.80 98.11
N ALA N 384 -121.22 10.04 97.14
CA ALA N 384 -119.81 9.65 97.18
C ALA N 384 -118.87 10.82 96.95
N LEU N 385 -119.38 11.95 96.43
CA LEU N 385 -118.58 13.12 96.14
C LEU N 385 -118.79 14.25 97.15
N ALA N 386 -119.39 13.95 98.29
CA ALA N 386 -119.66 14.94 99.33
C ALA N 386 -118.55 14.92 100.36
N GLY N 387 -118.03 16.09 100.70
CA GLY N 387 -116.89 16.18 101.59
C GLY N 387 -115.57 15.88 100.93
N THR N 388 -115.56 15.64 99.64
CA THR N 388 -114.37 15.30 98.87
C THR N 388 -113.72 16.58 98.34
N ALA N 389 -112.49 16.45 97.83
CA ALA N 389 -111.84 17.57 97.17
C ALA N 389 -112.57 17.97 95.90
N ALA N 390 -113.48 17.14 95.40
CA ALA N 390 -114.23 17.46 94.19
C ALA N 390 -115.28 18.55 94.40
N GLU N 391 -115.64 18.85 95.65
CA GLU N 391 -116.70 19.81 95.91
C GLU N 391 -116.20 21.23 95.70
N ILE N 392 -116.99 22.03 95.01
CA ILE N 392 -116.63 23.41 94.69
C ILE N 392 -117.76 24.32 95.19
N ALA N 393 -117.39 25.54 95.55
CA ALA N 393 -118.34 26.56 95.96
C ALA N 393 -118.33 27.71 94.97
N PRO N 394 -119.47 28.37 94.77
CA PRO N 394 -119.55 29.44 93.76
C PRO N 394 -118.73 30.66 94.15
N VAL N 395 -118.48 31.50 93.14
CA VAL N 395 -117.69 32.72 93.36
C VAL N 395 -118.41 33.65 94.32
N THR N 396 -119.71 33.85 94.12
CA THR N 396 -120.54 34.68 94.98
C THR N 396 -121.53 33.81 95.71
N ALA N 397 -121.68 34.04 97.01
CA ALA N 397 -122.52 33.19 97.84
C ALA N 397 -123.98 33.24 97.39
N GLU N 398 -124.60 32.07 97.33
CA GLU N 398 -126.03 31.93 97.08
C GLU N 398 -126.44 32.54 95.73
N THR N 399 -125.57 32.40 94.74
CA THR N 399 -125.87 32.83 93.37
C THR N 399 -125.34 31.80 92.40
N PHE N 400 -126.09 31.59 91.31
CA PHE N 400 -125.64 30.77 90.20
C PHE N 400 -125.34 31.68 89.02
N ALA N 401 -124.07 31.82 88.68
CA ALA N 401 -123.62 32.78 87.69
C ALA N 401 -122.90 32.07 86.56
N LEU N 402 -122.58 32.83 85.51
CA LEU N 402 -121.91 32.26 84.35
C LEU N 402 -120.52 31.77 84.68
N ALA N 403 -119.84 32.45 85.62
CA ALA N 403 -118.50 32.04 86.00
C ALA N 403 -118.47 30.65 86.63
N ASP N 404 -119.61 30.16 87.14
CA ASP N 404 -119.64 28.90 87.86
C ASP N 404 -119.40 27.71 86.94
N VAL N 405 -120.03 27.71 85.77
CA VAL N 405 -119.84 26.59 84.84
C VAL N 405 -118.41 26.56 84.33
N TYR N 406 -117.84 27.73 84.06
CA TYR N 406 -116.43 27.79 83.67
C TYR N 406 -115.53 27.30 84.80
N ALA N 407 -115.83 27.68 86.05
CA ALA N 407 -115.02 27.23 87.17
C ALA N 407 -115.08 25.72 87.32
N VAL N 408 -116.26 25.13 87.14
CA VAL N 408 -116.39 23.68 87.18
C VAL N 408 -115.58 23.03 86.06
N TYR N 409 -115.63 23.63 84.87
CA TYR N 409 -114.97 23.01 83.72
C TYR N 409 -113.45 23.10 83.82
N GLU N 410 -112.92 24.24 84.24
CA GLU N 410 -111.47 24.47 84.19
C GLU N 410 -110.72 23.75 85.30
N GLN N 411 -111.34 23.55 86.46
CA GLN N 411 -110.66 22.85 87.55
C GLN N 411 -110.71 21.34 87.29
N LEU N 412 -110.01 20.91 86.25
CA LEU N 412 -109.94 19.49 85.94
C LEU N 412 -108.75 19.25 85.01
N ALA N 413 -108.14 18.09 85.17
CA ALA N 413 -106.98 17.74 84.36
C ALA N 413 -107.39 17.43 82.93
N ALA N 414 -106.43 17.52 82.01
CA ALA N 414 -106.74 17.37 80.59
C ALA N 414 -107.28 15.98 80.27
N ARG N 415 -106.66 14.93 80.82
CA ARG N 415 -107.04 13.57 80.45
C ARG N 415 -108.48 13.26 80.82
N HIS N 416 -109.05 13.97 81.79
CA HIS N 416 -110.45 13.84 82.13
C HIS N 416 -111.30 14.98 81.61
N ARG N 417 -110.69 16.14 81.32
CA ARG N 417 -111.45 17.24 80.73
C ARG N 417 -111.85 16.93 79.29
N ARG N 418 -110.99 16.25 78.54
CA ARG N 418 -111.32 15.93 77.16
C ARG N 418 -112.32 14.77 77.04
N GLN N 419 -112.65 14.10 78.13
CA GLN N 419 -113.65 13.03 78.11
C GLN N 419 -114.79 13.31 79.09
N GLY N 420 -115.09 14.57 79.37
CA GLY N 420 -116.09 14.91 80.35
C GLY N 420 -117.51 14.73 79.84
N ALA N 421 -118.45 14.94 80.75
CA ALA N 421 -119.87 14.83 80.43
C ALA N 421 -120.65 15.61 81.49
N TRP N 422 -121.71 16.29 81.05
CA TRP N 422 -122.53 17.09 81.94
C TRP N 422 -123.75 16.29 82.38
N LEU N 423 -124.00 16.25 83.68
CA LEU N 423 -125.17 15.59 84.24
C LEU N 423 -125.78 16.49 85.32
N ALA N 424 -126.97 17.01 85.06
CA ALA N 424 -127.63 17.92 85.98
C ALA N 424 -129.13 17.85 85.74
N ASN N 425 -129.87 18.67 86.49
CA ASN N 425 -131.33 18.72 86.41
C ASN N 425 -131.78 19.75 85.38
N ASN N 426 -133.06 19.66 85.00
CA ASN N 426 -133.59 20.55 83.98
C ASN N 426 -133.72 21.98 84.48
N LEU N 427 -133.96 22.18 85.77
CA LEU N 427 -134.03 23.53 86.30
C LEU N 427 -132.70 24.25 86.11
N ILE N 428 -131.60 23.55 86.35
CA ILE N 428 -130.27 24.14 86.19
C ILE N 428 -130.03 24.52 84.74
N TYR N 429 -130.38 23.63 83.81
CA TYR N 429 -130.19 23.95 82.39
C TYR N 429 -131.03 25.14 81.97
N ASN N 430 -132.28 25.19 82.45
CA ASN N 430 -133.15 26.32 82.11
C ASN N 430 -132.58 27.63 82.67
N LYS N 431 -132.06 27.59 83.90
CA LYS N 431 -131.44 28.79 84.46
C LYS N 431 -130.21 29.19 83.68
N ILE N 432 -129.42 28.22 83.20
CA ILE N 432 -128.28 28.54 82.36
C ILE N 432 -128.75 29.21 81.07
N ARG N 433 -129.89 28.76 80.53
CA ARG N 433 -130.40 29.37 79.31
C ARG N 433 -130.72 30.85 79.49
N GLN N 434 -130.94 31.29 80.72
CA GLN N 434 -131.33 32.66 81.01
C GLN N 434 -130.13 33.54 81.37
N PHE N 435 -128.90 33.05 81.22
CA PHE N 435 -127.74 33.83 81.60
C PHE N 435 -127.57 35.06 80.72
N ASP N 436 -127.75 34.91 79.42
CA ASP N 436 -127.51 36.01 78.50
C ASP N 436 -128.68 36.98 78.50
N THR N 437 -128.37 38.28 78.47
CA THR N 437 -129.38 39.31 78.36
C THR N 437 -129.03 40.26 77.22
N GLN N 438 -127.73 40.51 77.03
CA GLN N 438 -127.26 41.41 75.99
C GLN N 438 -127.06 40.73 74.65
N GLY N 439 -127.20 39.41 74.58
CA GLY N 439 -127.00 38.71 73.32
C GLY N 439 -125.56 38.55 72.90
N GLY N 440 -124.64 38.40 73.86
CA GLY N 440 -123.24 38.33 73.54
C GLY N 440 -122.69 36.94 73.35
N ALA N 441 -121.77 36.53 74.22
CA ALA N 441 -121.15 35.21 74.17
C ALA N 441 -121.81 34.21 75.10
N GLY N 442 -122.86 34.61 75.80
CA GLY N 442 -123.50 33.76 76.79
C GLY N 442 -124.78 33.10 76.38
N LEU N 443 -125.28 33.33 75.17
CA LEU N 443 -126.54 32.70 74.77
C LEU N 443 -126.26 31.27 74.34
N TRP N 444 -126.77 30.32 75.12
CA TRP N 444 -126.70 28.92 74.70
C TRP N 444 -127.58 28.68 73.48
N THR N 445 -128.83 29.13 73.54
CA THR N 445 -129.77 29.02 72.45
C THR N 445 -130.92 29.97 72.74
N THR N 446 -131.75 30.19 71.73
CA THR N 446 -132.89 31.10 71.84
C THR N 446 -134.16 30.33 72.21
N ILE N 447 -135.14 31.08 72.73
CA ILE N 447 -136.43 30.48 73.01
C ILE N 447 -137.08 30.06 71.69
N GLY N 448 -137.95 29.06 71.76
CA GLY N 448 -138.53 28.48 70.57
C GLY N 448 -137.74 27.33 69.99
N ASN N 449 -136.60 26.99 70.58
CA ASN N 449 -135.78 25.86 70.17
C ASN N 449 -135.66 24.87 71.32
N GLY N 450 -135.42 23.61 70.97
CA GLY N 450 -135.29 22.58 71.98
C GLY N 450 -133.98 22.70 72.74
N GLU N 451 -133.86 21.86 73.76
CA GLU N 451 -132.67 21.88 74.59
C GLU N 451 -131.45 21.47 73.76
N PRO N 452 -130.35 22.21 73.84
CA PRO N 452 -129.18 21.87 73.02
C PRO N 452 -128.55 20.56 73.45
N SER N 453 -127.91 19.91 72.49
CA SER N 453 -127.30 18.61 72.71
C SER N 453 -125.86 18.68 73.21
N GLN N 454 -125.25 19.86 73.21
CA GLN N 454 -123.88 20.00 73.66
C GLN N 454 -123.74 21.23 74.55
N LEU N 455 -122.83 21.16 75.51
CA LEU N 455 -122.47 22.29 76.35
C LEU N 455 -120.95 22.34 76.44
N LEU N 456 -120.36 23.42 75.93
CA LEU N 456 -118.91 23.56 75.84
C LEU N 456 -118.29 22.41 75.06
N GLY N 457 -119.02 21.95 74.03
CA GLY N 457 -118.55 20.87 73.20
C GLY N 457 -118.66 19.49 73.80
N ARG N 458 -119.38 19.33 74.89
CA ARG N 458 -119.45 18.04 75.56
C ARG N 458 -120.89 17.52 75.62
N PRO N 459 -121.08 16.21 75.71
CA PRO N 459 -122.44 15.67 75.79
C PRO N 459 -123.15 16.09 77.07
N VAL N 460 -124.47 16.19 76.98
CA VAL N 460 -125.31 16.69 78.05
C VAL N 460 -126.33 15.62 78.41
N GLY N 461 -126.43 15.32 79.71
CA GLY N 461 -127.40 14.36 80.20
C GLY N 461 -128.39 14.97 81.17
N GLU N 462 -129.40 14.22 81.57
CA GLU N 462 -130.43 14.72 82.47
C GLU N 462 -130.70 13.71 83.57
N ALA N 463 -130.91 14.22 84.79
CA ALA N 463 -131.31 13.39 85.92
C ALA N 463 -132.31 14.18 86.75
N GLU N 464 -133.54 13.67 86.85
CA GLU N 464 -134.61 14.42 87.50
C GLU N 464 -134.51 14.43 89.01
N ALA N 465 -133.87 13.44 89.62
CA ALA N 465 -133.88 13.31 91.07
C ALA N 465 -132.77 14.08 91.76
N MET N 466 -131.97 14.85 91.02
CA MET N 466 -131.00 15.72 91.64
C MET N 466 -131.67 17.01 92.11
N ASP N 467 -130.95 17.76 92.94
CA ASP N 467 -131.51 18.95 93.56
C ASP N 467 -131.89 19.99 92.51
N ALA N 468 -132.96 20.74 92.78
CA ALA N 468 -133.54 21.66 91.81
C ALA N 468 -133.43 23.12 92.24
N ASN N 469 -133.96 23.48 93.41
CA ASN N 469 -133.95 24.86 93.87
C ASN N 469 -133.25 24.95 95.23
N TRP N 470 -132.44 26.00 95.40
CA TRP N 470 -131.76 26.24 96.66
C TRP N 470 -132.55 27.11 97.61
N ASN N 471 -133.65 27.72 97.17
CA ASN N 471 -134.41 28.63 98.02
C ASN N 471 -135.73 28.00 98.48
N THR N 472 -136.54 27.50 97.53
CA THR N 472 -137.80 26.88 97.91
C THR N 472 -137.58 25.64 98.75
N SER N 473 -136.58 24.84 98.41
CA SER N 473 -136.23 23.69 99.22
C SER N 473 -135.66 24.14 100.56
N ALA N 474 -135.87 23.32 101.59
CA ALA N 474 -135.37 23.60 102.93
C ALA N 474 -133.98 23.02 103.17
N SER N 475 -133.39 22.35 102.20
CA SER N 475 -132.08 21.75 102.38
C SER N 475 -131.02 22.83 102.51
N ALA N 476 -130.07 22.61 103.42
CA ALA N 476 -128.98 23.56 103.61
C ALA N 476 -127.94 23.46 102.52
N ASP N 477 -127.69 22.26 102.00
CA ASP N 477 -126.72 22.04 100.95
C ASP N 477 -127.45 21.68 99.66
N ASN N 478 -126.96 22.20 98.54
CA ASN N 478 -127.60 22.00 97.24
C ASN N 478 -126.53 21.69 96.20
N PHE N 479 -126.41 20.41 95.84
CA PHE N 479 -125.49 19.98 94.78
C PHE N 479 -126.29 19.97 93.48
N VAL N 480 -125.95 20.87 92.56
CA VAL N 480 -126.77 21.08 91.37
C VAL N 480 -126.02 20.76 90.08
N LEU N 481 -124.69 20.93 90.03
CA LEU N 481 -123.97 20.77 88.78
C LEU N 481 -122.81 19.80 88.96
N LEU N 482 -122.71 18.84 88.04
CA LEU N 482 -121.67 17.82 88.11
C LEU N 482 -121.07 17.64 86.73
N TYR N 483 -119.74 17.50 86.68
CA TYR N 483 -119.05 17.30 85.41
C TYR N 483 -117.76 16.55 85.69
N GLY N 484 -117.49 15.53 84.87
CA GLY N 484 -116.26 14.79 85.01
C GLY N 484 -116.28 13.57 84.12
N ASN N 485 -115.15 12.87 84.12
CA ASN N 485 -114.98 11.65 83.35
C ASN N 485 -115.67 10.51 84.08
N PHE N 486 -116.77 10.01 83.53
CA PHE N 486 -117.58 9.00 84.21
C PHE N 486 -116.99 7.61 84.14
N GLN N 487 -115.87 7.43 83.44
CA GLN N 487 -115.26 6.10 83.38
C GLN N 487 -114.73 5.64 84.74
N ASN N 488 -114.63 6.54 85.70
CA ASN N 488 -114.23 6.18 87.06
C ASN N 488 -115.41 5.89 87.97
N TYR N 489 -116.63 5.86 87.43
CA TYR N 489 -117.82 5.49 88.18
C TYR N 489 -118.21 4.08 87.74
N VAL N 490 -118.16 3.13 88.67
CA VAL N 490 -118.28 1.72 88.36
C VAL N 490 -119.63 1.21 88.84
N ILE N 491 -120.36 0.55 87.94
CA ILE N 491 -121.62 -0.11 88.27
C ILE N 491 -121.34 -1.61 88.32
N ALA N 492 -121.49 -2.21 89.49
CA ALA N 492 -121.23 -3.62 89.68
C ALA N 492 -122.56 -4.37 89.62
N ASP N 493 -122.71 -5.23 88.61
CA ASP N 493 -123.93 -5.98 88.38
C ASP N 493 -123.69 -7.43 88.73
N ARG N 494 -124.61 -8.02 89.50
CA ARG N 494 -124.52 -9.42 89.89
C ARG N 494 -125.55 -10.28 89.17
N ILE N 495 -126.84 -9.94 89.29
CA ILE N 495 -127.89 -10.62 88.56
C ILE N 495 -128.95 -9.61 88.16
N GLY N 496 -129.58 -9.86 87.03
CA GLY N 496 -130.62 -8.98 86.52
C GLY N 496 -131.91 -9.14 87.30
N MET N 497 -133.02 -8.77 86.65
CA MET N 497 -134.32 -8.90 87.27
C MET N 497 -134.90 -10.28 87.01
N THR N 498 -135.17 -11.02 88.07
CA THR N 498 -135.73 -12.36 87.98
C THR N 498 -137.04 -12.42 88.75
N VAL N 499 -138.01 -13.13 88.19
CA VAL N 499 -139.32 -13.31 88.81
C VAL N 499 -139.53 -14.80 89.06
N GLU N 500 -139.77 -15.17 90.31
CA GLU N 500 -140.08 -16.54 90.68
C GLU N 500 -141.56 -16.63 91.02
N PHE N 501 -142.22 -17.66 90.50
CA PHE N 501 -143.65 -17.85 90.66
C PHE N 501 -143.88 -18.84 91.78
N ILE N 502 -144.31 -18.32 92.93
CA ILE N 502 -144.58 -19.16 94.11
C ILE N 502 -145.87 -19.92 93.87
N PRO N 503 -145.86 -21.26 93.96
CA PRO N 503 -147.05 -22.04 93.59
C PRO N 503 -148.17 -21.99 94.62
N HIS N 504 -147.86 -21.80 95.90
CA HIS N 504 -148.89 -21.93 96.93
C HIS N 504 -148.50 -21.10 98.14
N LEU N 505 -149.47 -20.42 98.73
CA LEU N 505 -149.27 -19.73 100.00
C LEU N 505 -149.92 -20.52 101.13
N PHE N 506 -149.80 -20.00 102.35
CA PHE N 506 -150.27 -20.70 103.54
C PHE N 506 -151.00 -19.74 104.46
N GLY N 507 -151.80 -20.32 105.35
CA GLY N 507 -152.60 -19.54 106.29
C GLY N 507 -152.08 -19.62 107.71
N THR N 508 -152.93 -19.27 108.67
CA THR N 508 -152.51 -19.23 110.07
C THR N 508 -152.16 -20.62 110.58
N ASN N 509 -152.98 -21.63 110.23
CA ASN N 509 -152.77 -22.99 110.68
C ASN N 509 -151.88 -23.79 109.74
N ARG N 510 -151.04 -23.11 108.96
CA ARG N 510 -150.11 -23.75 108.03
C ARG N 510 -150.85 -24.61 107.00
N ARG N 511 -151.98 -24.11 106.51
CA ARG N 511 -152.74 -24.77 105.48
C ARG N 511 -153.03 -23.81 104.34
N PRO N 512 -153.13 -24.31 103.11
CA PRO N 512 -153.32 -23.42 101.96
C PRO N 512 -154.64 -22.67 102.04
N ASN N 513 -154.64 -21.44 101.51
CA ASN N 513 -155.82 -20.60 101.50
C ASN N 513 -156.30 -20.26 100.09
N GLY N 514 -155.68 -20.81 99.06
CA GLY N 514 -156.11 -20.54 97.70
C GLY N 514 -155.56 -19.23 97.17
N SER N 515 -154.23 -19.10 97.17
CA SER N 515 -153.58 -17.89 96.72
C SER N 515 -152.22 -18.24 96.14
N ARG N 516 -151.68 -17.31 95.36
CA ARG N 516 -150.38 -17.49 94.71
C ARG N 516 -149.56 -16.22 94.93
N GLY N 517 -148.37 -16.19 94.35
CA GLY N 517 -147.50 -15.04 94.55
C GLY N 517 -146.52 -14.84 93.41
N TRP N 518 -145.91 -13.66 93.41
CA TRP N 518 -144.92 -13.25 92.40
C TRP N 518 -143.78 -12.55 93.12
N PHE N 519 -142.70 -13.28 93.34
CA PHE N 519 -141.52 -12.77 94.04
C PHE N 519 -140.42 -12.43 93.05
N ALA N 520 -139.95 -11.18 93.11
CA ALA N 520 -138.87 -10.73 92.25
C ALA N 520 -137.81 -10.03 93.07
N TYR N 521 -136.56 -10.18 92.69
CA TYR N 521 -135.45 -9.59 93.42
C TYR N 521 -134.38 -9.13 92.44
N TYR N 522 -133.46 -8.31 92.95
CA TYR N 522 -132.44 -7.68 92.12
C TYR N 522 -131.23 -7.35 93.00
N ARG N 523 -130.04 -7.51 92.41
CA ARG N 523 -128.79 -7.29 93.13
C ARG N 523 -127.88 -6.39 92.31
N MET N 524 -127.28 -5.40 92.96
CA MET N 524 -126.46 -4.40 92.27
C MET N 524 -125.60 -3.69 93.30
N GLY N 525 -124.56 -3.01 92.81
CA GLY N 525 -123.72 -2.18 93.66
C GLY N 525 -122.95 -1.19 92.82
N ALA N 526 -122.62 -0.06 93.44
CA ALA N 526 -121.96 1.00 92.71
C ALA N 526 -121.19 1.90 93.68
N ASP N 527 -120.15 2.56 93.16
CA ASP N 527 -119.34 3.48 93.94
C ASP N 527 -118.44 4.26 92.98
N VAL N 528 -117.58 5.10 93.55
CA VAL N 528 -116.62 5.91 92.79
C VAL N 528 -115.23 5.44 93.16
N VAL N 529 -114.42 5.14 92.15
CA VAL N 529 -113.08 4.63 92.41
C VAL N 529 -112.02 5.74 92.40
N ASN N 530 -112.26 6.84 91.69
CA ASN N 530 -111.32 7.95 91.62
C ASN N 530 -112.05 9.24 91.95
N PRO N 531 -111.89 9.75 93.18
CA PRO N 531 -112.64 10.95 93.58
C PRO N 531 -112.12 12.25 92.98
N ASN N 532 -110.97 12.23 92.31
CA ASN N 532 -110.38 13.46 91.77
C ASN N 532 -110.75 13.69 90.30
N ALA N 533 -111.61 12.86 89.73
CA ALA N 533 -111.97 12.98 88.32
C ALA N 533 -113.27 13.74 88.10
N PHE N 534 -113.89 14.27 89.15
CA PHE N 534 -115.13 15.00 89.04
C PHE N 534 -115.04 16.33 89.78
N ARG N 535 -116.00 17.21 89.52
CA ARG N 535 -116.08 18.51 90.18
C ARG N 535 -117.55 18.87 90.37
N LEU N 536 -118.01 18.82 91.60
CA LEU N 536 -119.40 19.09 91.94
C LEU N 536 -119.54 20.48 92.53
N LEU N 537 -120.62 21.17 92.16
CA LEU N 537 -120.89 22.53 92.63
C LEU N 537 -121.97 22.50 93.69
N ASN N 538 -121.70 23.13 94.83
CA ASN N 538 -122.62 23.16 95.96
C ASN N 538 -122.95 24.59 96.32
N VAL N 539 -124.24 24.91 96.40
CA VAL N 539 -124.70 26.24 96.78
C VAL N 539 -125.20 26.21 98.21
N GLU N 540 -124.42 26.77 99.13
CA GLU N 540 -124.75 26.75 100.55
C GLU N 540 -125.58 27.98 100.89
N THR N 541 -126.82 27.77 101.29
CA THR N 541 -127.71 28.85 101.70
C THR N 541 -127.84 28.86 103.22
N ALA N 542 -127.77 30.06 103.81
CA ALA N 542 -127.89 30.18 105.25
C ALA N 542 -129.33 29.94 105.67
N SER N 543 -129.50 29.11 106.70
CA SER N 543 -130.83 28.77 107.20
C SER N 543 -131.23 29.68 108.35
N MET O 251 -127.18 -19.01 108.29
CA MET O 251 -126.09 -19.24 107.35
C MET O 251 -126.21 -18.33 106.14
N GLY O 252 -125.57 -17.17 106.22
CA GLY O 252 -125.65 -16.15 105.19
C GLY O 252 -124.29 -15.61 104.82
N LEU O 253 -124.23 -14.29 104.63
CA LEU O 253 -123.02 -13.63 104.16
C LEU O 253 -122.08 -13.21 105.28
N THR O 254 -122.49 -13.31 106.54
CA THR O 254 -121.57 -13.03 107.62
C THR O 254 -120.46 -14.08 107.63
N LYS O 255 -119.27 -13.65 108.06
CA LYS O 255 -118.10 -14.52 107.94
C LYS O 255 -118.26 -15.81 108.72
N ALA O 256 -118.61 -15.71 110.01
CA ALA O 256 -118.69 -16.87 110.88
C ALA O 256 -119.83 -17.81 110.54
N ASP O 257 -120.74 -17.42 109.65
CA ASP O 257 -121.89 -18.23 109.26
C ASP O 257 -121.77 -18.69 107.81
N GLY O 258 -120.55 -19.04 107.40
CA GLY O 258 -120.31 -19.48 106.05
C GLY O 258 -119.78 -18.44 105.09
N GLY O 259 -119.44 -17.25 105.58
CA GLY O 259 -118.95 -16.20 104.71
C GLY O 259 -117.50 -16.32 104.32
N TYR O 260 -116.79 -17.31 104.84
CA TYR O 260 -115.40 -17.54 104.50
C TYR O 260 -115.24 -18.30 103.20
N LEU O 261 -116.33 -18.71 102.56
CA LEU O 261 -116.28 -19.48 101.33
C LEU O 261 -116.31 -18.62 100.08
N VAL O 262 -116.52 -17.32 100.21
CA VAL O 262 -116.64 -16.47 99.01
C VAL O 262 -115.25 -16.18 98.45
N PRO O 263 -114.99 -16.47 97.18
CA PRO O 263 -113.66 -16.22 96.63
C PRO O 263 -113.40 -14.73 96.45
N PHE O 264 -112.12 -14.37 96.50
CA PHE O 264 -111.68 -12.99 96.29
C PHE O 264 -111.73 -12.66 94.81
N GLN O 265 -112.31 -11.51 94.47
CA GLN O 265 -112.39 -11.04 93.09
C GLN O 265 -111.56 -9.78 92.96
N LEU O 266 -110.53 -9.82 92.12
CA LEU O 266 -109.59 -8.72 91.97
C LEU O 266 -109.51 -8.32 90.50
N ASP O 267 -109.36 -7.03 90.24
CA ASP O 267 -109.19 -6.53 88.88
C ASP O 267 -107.71 -6.24 88.63
N PRO O 268 -107.02 -7.03 87.81
CA PRO O 268 -105.59 -6.77 87.57
C PRO O 268 -105.32 -5.40 86.95
N THR O 269 -106.23 -4.89 86.13
CA THR O 269 -105.99 -3.62 85.43
C THR O 269 -105.81 -2.48 86.43
N VAL O 270 -104.79 -1.65 86.18
CA VAL O 270 -104.44 -0.56 87.06
C VAL O 270 -105.17 0.71 86.63
N ILE O 271 -105.52 1.54 87.61
CA ILE O 271 -106.17 2.82 87.38
C ILE O 271 -105.19 3.91 87.77
N ILE O 272 -104.82 4.76 86.80
CA ILE O 272 -103.85 5.82 87.08
C ILE O 272 -104.58 7.01 87.68
N THR O 273 -104.07 7.50 88.82
CA THR O 273 -104.68 8.60 89.55
C THR O 273 -103.78 9.83 89.55
N SER O 274 -102.96 9.97 88.52
CA SER O 274 -102.05 11.09 88.40
C SER O 274 -102.59 12.08 87.36
N ASN O 275 -102.33 13.36 87.60
CA ASN O 275 -102.80 14.39 86.68
C ASN O 275 -102.13 14.26 85.32
N GLY O 276 -100.82 13.98 85.31
CA GLY O 276 -100.13 13.94 84.04
C GLY O 276 -99.88 15.34 83.51
N SER O 277 -99.56 15.41 82.22
CA SER O 277 -99.29 16.67 81.56
C SER O 277 -99.53 16.53 80.07
N LEU O 278 -100.09 17.58 79.46
CA LEU O 278 -100.35 17.62 78.03
C LEU O 278 -99.67 18.84 77.43
N ASN O 279 -98.92 18.63 76.35
CA ASN O 279 -98.18 19.70 75.71
C ASN O 279 -98.36 19.61 74.20
N ASP O 280 -98.26 20.77 73.53
CA ASP O 280 -98.37 20.84 72.09
C ASP O 280 -97.14 21.47 71.44
N ILE O 281 -96.05 21.66 72.17
CA ILE O 281 -94.85 22.25 71.58
C ILE O 281 -94.31 21.36 70.48
N ARG O 282 -94.30 20.04 70.71
CA ARG O 282 -93.77 19.09 69.74
C ARG O 282 -94.50 19.15 68.40
N ARG O 283 -95.76 19.56 68.39
CA ARG O 283 -96.53 19.67 67.15
C ARG O 283 -96.17 20.92 66.35
N PHE O 284 -95.52 21.91 66.97
CA PHE O 284 -95.11 23.13 66.29
C PHE O 284 -93.61 23.25 66.11
N ALA O 285 -92.80 22.55 66.91
CA ALA O 285 -91.37 22.78 66.91
C ALA O 285 -90.73 22.17 65.67
N ARG O 286 -89.46 22.51 65.47
CA ARG O 286 -88.64 21.95 64.41
C ARG O 286 -87.85 20.79 64.99
N GLN O 287 -87.89 19.65 64.32
CA GLN O 287 -87.33 18.41 64.85
C GLN O 287 -86.14 17.98 64.01
N VAL O 288 -85.00 17.76 64.66
CA VAL O 288 -83.80 17.29 64.01
C VAL O 288 -83.26 16.09 64.77
N VAL O 289 -82.55 15.24 64.06
CA VAL O 289 -81.97 14.02 64.64
C VAL O 289 -80.47 14.19 64.73
N ALA O 290 -79.92 13.86 65.90
CA ALA O 290 -78.51 14.02 66.18
C ALA O 290 -77.83 12.66 66.20
N THR O 291 -76.74 12.52 65.45
CA THR O 291 -75.96 11.30 65.43
C THR O 291 -74.91 11.25 66.52
N GLY O 292 -74.68 12.35 67.24
CA GLY O 292 -73.68 12.39 68.28
C GLY O 292 -74.19 13.00 69.57
N ASP O 293 -73.42 13.92 70.15
CA ASP O 293 -73.78 14.54 71.41
C ASP O 293 -74.11 16.02 71.31
N VAL O 294 -73.65 16.71 70.28
CA VAL O 294 -73.87 18.14 70.12
C VAL O 294 -74.34 18.41 68.71
N TRP O 295 -75.34 19.27 68.56
CA TRP O 295 -75.86 19.69 67.27
C TRP O 295 -75.40 21.13 67.00
N HIS O 296 -74.80 21.34 65.83
CA HIS O 296 -74.22 22.62 65.48
C HIS O 296 -74.96 23.25 64.31
N GLY O 297 -74.90 24.59 64.25
CA GLY O 297 -75.54 25.35 63.19
C GLY O 297 -74.85 26.68 63.03
N VAL O 298 -75.28 27.42 62.01
CA VAL O 298 -74.67 28.72 61.69
C VAL O 298 -75.77 29.75 61.53
N SER O 299 -75.45 31.00 61.85
CA SER O 299 -76.35 32.13 61.67
C SER O 299 -75.55 33.38 61.35
N SER O 300 -76.20 34.35 60.73
CA SER O 300 -75.53 35.59 60.34
C SER O 300 -76.56 36.72 60.31
N ALA O 301 -76.15 37.87 59.77
CA ALA O 301 -77.01 39.04 59.64
C ALA O 301 -76.80 39.64 58.26
N ALA O 302 -77.66 40.57 57.89
CA ALA O 302 -77.62 41.18 56.57
C ALA O 302 -76.57 42.29 56.53
N VAL O 303 -75.97 42.46 55.35
CA VAL O 303 -74.95 43.50 55.17
C VAL O 303 -75.60 44.87 55.27
N GLN O 304 -74.76 45.87 55.57
CA GLN O 304 -75.23 47.23 55.79
C GLN O 304 -74.85 48.10 54.60
N TRP O 305 -75.87 48.50 53.83
CA TRP O 305 -75.68 49.41 52.72
C TRP O 305 -75.73 50.86 53.22
N SER O 306 -75.44 51.79 52.31
CA SER O 306 -75.48 53.20 52.65
C SER O 306 -75.65 54.01 51.38
N TRP O 307 -76.21 55.21 51.53
CA TRP O 307 -76.36 56.16 50.43
C TRP O 307 -75.08 56.98 50.35
N ASP O 308 -74.24 56.68 49.36
CA ASP O 308 -72.94 57.33 49.22
C ASP O 308 -73.01 58.43 48.19
N ALA O 309 -72.06 59.35 48.27
CA ALA O 309 -72.01 60.52 47.40
C ALA O 309 -71.20 60.20 46.15
N GLU O 310 -70.86 61.23 45.40
CA GLU O 310 -70.04 61.08 44.19
C GLU O 310 -68.57 60.97 44.57
N PHE O 311 -67.87 60.04 43.92
CA PHE O 311 -66.43 59.85 44.12
C PHE O 311 -66.09 59.63 45.60
N GLU O 312 -66.92 58.86 46.29
CA GLU O 312 -66.73 58.59 47.70
C GLU O 312 -66.42 57.12 47.91
N GLU O 313 -65.36 56.86 48.67
CA GLU O 313 -64.94 55.50 48.95
C GLU O 313 -65.99 54.76 49.77
N VAL O 314 -66.24 53.51 49.41
CA VAL O 314 -67.19 52.69 50.15
C VAL O 314 -66.54 52.18 51.43
N SER O 315 -67.37 51.68 52.33
CA SER O 315 -66.93 51.21 53.64
C SER O 315 -67.05 49.69 53.73
N ASP O 316 -66.15 49.09 54.51
CA ASP O 316 -66.17 47.65 54.71
C ASP O 316 -67.46 47.21 55.38
N ASP O 317 -68.09 46.17 54.84
CA ASP O 317 -69.38 45.71 55.33
C ASP O 317 -69.40 44.20 55.54
N SER O 318 -68.27 43.62 55.94
CA SER O 318 -68.23 42.19 56.19
C SER O 318 -69.10 41.84 57.38
N PRO O 319 -69.98 40.85 57.26
CA PRO O 319 -70.92 40.53 58.34
C PRO O 319 -70.30 39.65 59.42
N GLU O 320 -71.04 39.51 60.51
CA GLU O 320 -70.67 38.66 61.63
C GLU O 320 -71.30 37.28 61.47
N PHE O 321 -70.64 36.28 62.04
CA PHE O 321 -71.10 34.89 61.97
C PHE O 321 -71.12 34.29 63.36
N GLY O 322 -72.12 33.46 63.62
CA GLY O 322 -72.25 32.81 64.91
C GLY O 322 -72.57 31.32 64.73
N GLN O 323 -72.35 30.58 65.81
CA GLN O 323 -72.56 29.13 65.83
C GLN O 323 -73.49 28.76 66.98
N PRO O 324 -74.79 28.70 66.73
CA PRO O 324 -75.71 28.16 67.74
C PRO O 324 -75.35 26.71 68.06
N GLU O 325 -75.48 26.36 69.34
CA GLU O 325 -75.04 25.06 69.82
C GLU O 325 -76.11 24.48 70.74
N ILE O 326 -76.33 23.17 70.62
CA ILE O 326 -77.36 22.50 71.42
C ILE O 326 -76.80 21.21 71.99
N PRO O 327 -76.61 21.12 73.31
CA PRO O 327 -76.14 19.87 73.91
C PRO O 327 -77.26 18.86 74.04
N VAL O 328 -76.87 17.60 74.26
CA VAL O 328 -77.80 16.49 74.43
C VAL O 328 -77.55 15.87 75.79
N LYS O 329 -78.61 15.74 76.59
CA LYS O 329 -78.51 15.26 77.96
C LYS O 329 -79.36 13.99 78.14
N LYS O 330 -79.37 13.46 79.36
CA LYS O 330 -79.94 12.15 79.61
C LYS O 330 -80.83 12.17 80.85
N ALA O 331 -81.93 11.42 80.79
CA ALA O 331 -82.82 11.22 81.91
C ALA O 331 -83.05 9.73 82.12
N GLN O 332 -83.28 9.33 83.37
CA GLN O 332 -83.40 7.92 83.69
C GLN O 332 -84.27 7.75 84.94
N GLY O 333 -84.77 6.53 85.12
CA GLY O 333 -85.57 6.19 86.27
C GLY O 333 -85.36 4.74 86.66
N PHE O 334 -85.65 4.44 87.92
CA PHE O 334 -85.37 3.14 88.49
C PHE O 334 -86.54 2.68 89.35
N VAL O 335 -86.71 1.36 89.43
CA VAL O 335 -87.69 0.77 90.35
C VAL O 335 -87.20 -0.61 90.79
N PRO O 336 -86.89 -0.79 92.06
CA PRO O 336 -86.48 -2.11 92.55
C PRO O 336 -87.67 -2.96 92.95
N ILE O 337 -87.46 -4.27 92.97
CA ILE O 337 -88.48 -5.22 93.36
C ILE O 337 -87.81 -6.48 93.88
N SER O 338 -88.44 -7.11 94.86
CA SER O 338 -87.87 -8.28 95.52
C SER O 338 -88.22 -9.55 94.74
N ILE O 339 -87.57 -10.65 95.13
CA ILE O 339 -87.80 -11.91 94.45
C ILE O 339 -89.19 -12.46 94.72
N GLU O 340 -89.71 -12.31 95.95
CA GLU O 340 -91.04 -12.83 96.25
C GLU O 340 -92.12 -12.10 95.44
N ALA O 341 -91.98 -10.79 95.31
CA ALA O 341 -93.01 -10.00 94.64
C ALA O 341 -93.11 -10.37 93.16
N LEU O 342 -91.98 -10.66 92.54
CA LEU O 342 -92.00 -10.96 91.10
C LEU O 342 -92.81 -12.22 90.81
N GLN O 343 -92.72 -13.23 91.68
CA GLN O 343 -93.41 -14.49 91.45
C GLN O 343 -94.78 -14.56 92.10
N ASP O 344 -95.08 -13.71 93.08
CA ASP O 344 -96.40 -13.74 93.69
C ASP O 344 -97.37 -12.75 93.05
N GLU O 345 -96.99 -11.48 92.95
CA GLU O 345 -97.84 -10.49 92.32
C GLU O 345 -97.97 -10.79 90.82
N ALA O 346 -99.11 -10.41 90.27
CA ALA O 346 -99.47 -10.75 88.89
C ALA O 346 -99.45 -9.51 88.02
N ASN O 347 -99.03 -9.69 86.76
CA ASN O 347 -99.03 -8.62 85.76
C ASN O 347 -98.20 -7.42 86.22
N VAL O 348 -97.07 -7.71 86.87
CA VAL O 348 -96.21 -6.64 87.37
C VAL O 348 -95.53 -5.92 86.21
N THR O 349 -95.01 -6.69 85.26
CA THR O 349 -94.13 -6.12 84.24
C THR O 349 -94.86 -5.10 83.37
N GLU O 350 -96.05 -5.45 82.89
CA GLU O 350 -96.79 -4.55 82.01
C GLU O 350 -97.22 -3.29 82.74
N THR O 351 -97.67 -3.42 83.98
CA THR O 351 -98.04 -2.24 84.76
C THR O 351 -96.83 -1.34 84.98
N VAL O 352 -95.67 -1.93 85.26
CA VAL O 352 -94.46 -1.15 85.43
C VAL O 352 -94.11 -0.43 84.14
N ALA O 353 -94.28 -1.11 83.00
CA ALA O 353 -93.99 -0.47 81.72
C ALA O 353 -94.90 0.72 81.47
N LEU O 354 -96.20 0.57 81.77
CA LEU O 354 -97.12 1.68 81.60
C LEU O 354 -96.76 2.85 82.51
N LEU O 355 -96.39 2.54 83.76
CA LEU O 355 -95.98 3.59 84.68
C LEU O 355 -94.73 4.31 84.17
N PHE O 356 -93.78 3.56 83.62
CA PHE O 356 -92.58 4.16 83.05
C PHE O 356 -92.93 5.09 81.90
N ALA O 357 -93.84 4.66 81.02
CA ALA O 357 -94.23 5.49 79.89
C ALA O 357 -94.90 6.78 80.37
N GLU O 358 -95.77 6.67 81.37
CA GLU O 358 -96.43 7.86 81.92
C GLU O 358 -95.39 8.82 82.52
N GLY O 359 -94.42 8.27 83.24
CA GLY O 359 -93.39 9.12 83.82
C GLY O 359 -92.58 9.85 82.78
N LYS O 360 -92.20 9.14 81.71
CA LYS O 360 -91.43 9.80 80.65
C LYS O 360 -92.24 10.90 79.99
N ASP O 361 -93.52 10.62 79.70
CA ASP O 361 -94.35 11.63 79.06
C ASP O 361 -94.48 12.87 79.94
N GLU O 362 -94.73 12.67 81.23
CA GLU O 362 -94.88 13.80 82.14
C GLU O 362 -93.59 14.61 82.23
N LEU O 363 -92.45 13.93 82.39
CA LEU O 363 -91.18 14.65 82.52
C LEU O 363 -90.86 15.43 81.25
N GLU O 364 -91.05 14.81 80.09
CA GLU O 364 -90.76 15.49 78.83
C GLU O 364 -91.66 16.69 78.65
N ALA O 365 -92.95 16.55 78.95
CA ALA O 365 -93.88 17.67 78.80
C ALA O 365 -93.50 18.83 79.72
N VAL O 366 -93.12 18.52 80.95
CA VAL O 366 -92.74 19.60 81.87
C VAL O 366 -91.44 20.26 81.43
N THR O 367 -90.43 19.48 81.05
CA THR O 367 -89.11 20.05 80.77
C THR O 367 -89.04 20.76 79.43
N LEU O 368 -89.88 20.38 78.47
CA LEU O 368 -89.92 21.12 77.22
C LEU O 368 -90.50 22.52 77.40
N THR O 369 -91.10 22.80 78.56
CA THR O 369 -91.65 24.11 78.86
C THR O 369 -90.85 24.89 79.88
N THR O 370 -90.44 24.28 80.99
CA THR O 370 -89.77 25.00 82.06
C THR O 370 -88.37 24.45 82.31
N GLY O 371 -87.75 23.90 81.28
CA GLY O 371 -86.40 23.38 81.40
C GLY O 371 -85.38 24.48 81.68
N THR O 372 -84.67 24.36 82.81
CA THR O 372 -83.75 25.42 83.20
C THR O 372 -82.61 25.61 82.21
N GLY O 373 -82.07 24.52 81.69
CA GLY O 373 -80.97 24.62 80.75
C GLY O 373 -79.60 24.77 81.38
N GLN O 374 -79.51 24.77 82.71
CA GLN O 374 -78.25 24.89 83.42
C GLN O 374 -78.06 23.67 84.31
N GLY O 375 -76.89 23.05 84.21
CA GLY O 375 -76.61 21.84 84.96
C GLY O 375 -76.80 20.58 84.13
N ASN O 376 -77.92 19.89 84.35
CA ASN O 376 -78.21 18.66 83.63
C ASN O 376 -79.56 18.67 82.92
N GLN O 377 -80.22 19.81 82.83
CA GLN O 377 -81.53 19.83 82.20
C GLN O 377 -81.48 20.54 80.85
N PRO O 378 -82.28 20.10 79.89
CA PRO O 378 -82.39 20.84 78.63
C PRO O 378 -83.09 22.17 78.85
N THR O 379 -82.89 23.08 77.91
CA THR O 379 -83.45 24.42 78.00
C THR O 379 -84.89 24.39 77.49
N GLY O 380 -85.81 24.91 78.28
CA GLY O 380 -87.18 25.12 77.84
C GLY O 380 -87.30 26.41 77.05
N ILE O 381 -88.53 26.66 76.58
CA ILE O 381 -88.79 27.86 75.79
C ILE O 381 -89.11 29.06 76.67
N VAL O 382 -89.86 28.85 77.76
CA VAL O 382 -90.17 29.94 78.66
C VAL O 382 -88.92 30.44 79.37
N THR O 383 -88.06 29.51 79.80
CA THR O 383 -86.84 29.91 80.49
C THR O 383 -85.88 30.65 79.57
N ALA O 384 -85.77 30.22 78.31
CA ALA O 384 -84.86 30.87 77.37
C ALA O 384 -85.29 32.27 76.99
N LEU O 385 -86.58 32.60 77.15
CA LEU O 385 -87.10 33.90 76.80
C LEU O 385 -87.24 34.83 77.99
N ALA O 386 -86.86 34.38 79.18
CA ALA O 386 -86.96 35.20 80.37
C ALA O 386 -85.73 36.10 80.50
N GLY O 387 -85.98 37.36 80.82
CA GLY O 387 -84.90 38.32 80.92
C GLY O 387 -84.23 38.64 79.59
N THR O 388 -85.03 38.75 78.54
CA THR O 388 -84.50 39.15 77.23
C THR O 388 -85.33 40.28 76.66
N ALA O 389 -85.07 40.65 75.41
CA ALA O 389 -85.87 41.68 74.76
C ALA O 389 -87.28 41.18 74.47
N ALA O 390 -87.49 39.87 74.43
CA ALA O 390 -88.81 39.29 74.13
C ALA O 390 -89.59 39.06 75.42
N GLU O 391 -89.91 40.16 76.10
CA GLU O 391 -90.69 40.09 77.34
C GLU O 391 -91.52 41.35 77.44
N ILE O 392 -92.84 41.21 77.34
CA ILE O 392 -93.75 42.33 77.37
C ILE O 392 -94.44 42.39 78.71
N ALA O 393 -94.64 43.60 79.22
CA ALA O 393 -95.41 43.79 80.43
C ALA O 393 -96.83 44.23 80.10
N PRO O 394 -97.82 43.84 80.90
CA PRO O 394 -99.20 44.23 80.60
C PRO O 394 -99.41 45.73 80.76
N VAL O 395 -100.48 46.22 80.14
CA VAL O 395 -100.78 47.65 80.17
C VAL O 395 -101.01 48.11 81.60
N THR O 396 -101.79 47.35 82.36
CA THR O 396 -102.11 47.67 83.75
C THR O 396 -101.56 46.58 84.65
N ALA O 397 -100.91 46.98 85.73
CA ALA O 397 -100.23 46.05 86.61
C ALA O 397 -101.21 45.11 87.29
N GLU O 398 -100.79 43.85 87.45
CA GLU O 398 -101.67 42.74 87.85
C GLU O 398 -103.04 42.82 87.18
N THR O 399 -103.04 43.02 85.86
CA THR O 399 -104.28 43.03 85.10
C THR O 399 -104.06 42.35 83.75
N PHE O 400 -105.00 41.49 83.39
CA PHE O 400 -105.00 40.82 82.10
C PHE O 400 -106.23 41.24 81.33
N ALA O 401 -106.04 41.77 80.14
CA ALA O 401 -107.14 42.31 79.35
C ALA O 401 -106.85 42.06 77.87
N LEU O 402 -107.84 42.39 77.04
CA LEU O 402 -107.70 42.20 75.59
C LEU O 402 -106.57 43.05 75.03
N ALA O 403 -106.24 44.16 75.69
CA ALA O 403 -105.12 44.99 75.23
C ALA O 403 -103.82 44.21 75.25
N ASP O 404 -103.58 43.43 76.31
CA ASP O 404 -102.35 42.65 76.38
C ASP O 404 -102.34 41.54 75.34
N VAL O 405 -103.49 40.92 75.10
CA VAL O 405 -103.59 39.86 74.09
C VAL O 405 -103.24 40.43 72.71
N TYR O 406 -103.74 41.62 72.40
CA TYR O 406 -103.36 42.24 71.14
C TYR O 406 -101.90 42.63 71.14
N ALA O 407 -101.39 43.14 72.26
CA ALA O 407 -100.04 43.68 72.32
C ALA O 407 -99.00 42.59 72.07
N VAL O 408 -99.22 41.40 72.63
CA VAL O 408 -98.25 40.32 72.41
C VAL O 408 -98.20 39.95 70.92
N TYR O 409 -99.24 40.30 70.18
CA TYR O 409 -99.26 40.03 68.74
C TYR O 409 -98.63 41.17 67.95
N GLU O 410 -98.90 42.42 68.36
CA GLU O 410 -98.45 43.58 67.58
C GLU O 410 -96.93 43.69 67.57
N GLN O 411 -96.31 43.64 68.75
CA GLN O 411 -94.88 43.93 68.88
C GLN O 411 -94.07 42.73 68.38
N LEU O 412 -94.12 42.53 67.06
CA LEU O 412 -93.37 41.44 66.44
C LEU O 412 -93.06 41.82 65.01
N ALA O 413 -91.94 41.32 64.51
CA ALA O 413 -91.55 41.60 63.13
C ALA O 413 -92.50 40.94 62.15
N ALA O 414 -92.65 41.58 60.98
CA ALA O 414 -93.56 41.04 59.97
C ALA O 414 -93.09 39.68 59.47
N ARG O 415 -91.78 39.49 59.35
CA ARG O 415 -91.25 38.23 58.85
C ARG O 415 -91.69 37.04 59.70
N HIS O 416 -91.82 37.25 61.01
CA HIS O 416 -92.20 36.18 61.92
C HIS O 416 -93.69 36.14 62.22
N ARG O 417 -94.36 37.30 62.18
CA ARG O 417 -95.77 37.35 62.54
C ARG O 417 -96.64 36.55 61.57
N ARG O 418 -96.33 36.64 60.27
CA ARG O 418 -97.17 36.00 59.26
C ARG O 418 -97.18 34.48 59.41
N GLN O 419 -96.19 33.92 60.11
CA GLN O 419 -96.09 32.48 60.33
C GLN O 419 -95.79 32.26 61.81
N GLY O 420 -96.83 32.18 62.62
CA GLY O 420 -96.68 32.01 64.05
C GLY O 420 -97.86 31.25 64.61
N ALA O 421 -97.77 30.93 65.90
CA ALA O 421 -98.82 30.18 66.57
C ALA O 421 -98.86 30.59 68.04
N TRP O 422 -100.02 30.36 68.65
CA TRP O 422 -100.24 30.70 70.05
C TRP O 422 -99.95 29.50 70.93
N LEU O 423 -99.49 29.76 72.14
CA LEU O 423 -99.26 28.71 73.13
C LEU O 423 -99.53 29.27 74.52
N ALA O 424 -100.47 28.68 75.24
CA ALA O 424 -100.81 29.13 76.58
C ALA O 424 -101.55 27.98 77.28
N ASN O 425 -102.02 28.25 78.50
CA ASN O 425 -102.75 27.29 79.29
C ASN O 425 -104.24 27.48 79.07
N ASN O 426 -105.01 26.43 79.36
CA ASN O 426 -106.44 26.46 79.08
C ASN O 426 -107.13 27.54 79.91
N LEU O 427 -106.60 27.85 81.09
CA LEU O 427 -107.22 28.89 81.91
C LEU O 427 -107.18 30.24 81.23
N ILE O 428 -106.05 30.57 80.60
CA ILE O 428 -105.94 31.83 79.88
C ILE O 428 -106.95 31.87 78.73
N TYR O 429 -107.10 30.75 78.02
CA TYR O 429 -108.08 30.70 76.94
C TYR O 429 -109.50 30.91 77.45
N ASN O 430 -109.84 30.28 78.58
CA ASN O 430 -111.17 30.45 79.14
C ASN O 430 -111.40 31.88 79.60
N LYS O 431 -110.38 32.50 80.19
CA LYS O 431 -110.48 33.92 80.54
C LYS O 431 -110.70 34.77 79.31
N ILE O 432 -110.02 34.44 78.20
CA ILE O 432 -110.23 35.17 76.95
C ILE O 432 -111.67 35.02 76.48
N ARG O 433 -112.24 33.81 76.63
CA ARG O 433 -113.60 33.57 76.17
C ARG O 433 -114.62 34.42 76.91
N GLN O 434 -114.30 34.88 78.12
CA GLN O 434 -115.23 35.61 78.96
C GLN O 434 -115.02 37.12 78.90
N PHE O 435 -114.36 37.62 77.87
CA PHE O 435 -114.14 39.05 77.76
C PHE O 435 -115.29 39.78 77.08
N ASP O 436 -116.07 39.09 76.25
CA ASP O 436 -117.18 39.69 75.52
C ASP O 436 -118.49 39.28 76.15
N THR O 437 -119.30 40.27 76.55
CA THR O 437 -120.60 40.03 77.13
C THR O 437 -121.75 40.48 76.24
N GLN O 438 -121.55 41.53 75.44
CA GLN O 438 -122.59 42.08 74.59
C GLN O 438 -122.34 41.80 73.12
N GLY O 439 -121.47 40.84 72.81
CA GLY O 439 -121.17 40.52 71.43
C GLY O 439 -120.43 41.60 70.68
N GLY O 440 -119.45 42.23 71.31
CA GLY O 440 -118.67 43.26 70.66
C GLY O 440 -117.56 42.68 69.80
N ALA O 441 -116.35 43.20 69.95
CA ALA O 441 -115.22 42.74 69.15
C ALA O 441 -114.56 41.49 69.71
N GLY O 442 -114.88 41.10 70.94
CA GLY O 442 -114.27 39.95 71.56
C GLY O 442 -115.03 38.65 71.43
N LEU O 443 -115.98 38.57 70.49
CA LEU O 443 -116.79 37.37 70.34
C LEU O 443 -115.96 36.27 69.68
N TRP O 444 -115.12 35.62 70.48
CA TRP O 444 -114.36 34.49 69.95
C TRP O 444 -115.27 33.33 69.60
N THR O 445 -116.14 32.94 70.53
CA THR O 445 -117.13 31.89 70.30
C THR O 445 -118.17 31.98 71.41
N THR O 446 -119.29 31.33 71.18
CA THR O 446 -120.41 31.33 72.12
C THR O 446 -120.37 30.07 72.98
N ILE O 447 -121.10 30.13 74.10
CA ILE O 447 -121.17 28.97 74.98
C ILE O 447 -121.88 27.84 74.25
N GLY O 448 -121.52 26.60 74.59
CA GLY O 448 -122.02 25.44 73.90
C GLY O 448 -121.12 24.95 72.78
N ASN O 449 -120.05 25.67 72.47
CA ASN O 449 -119.08 25.26 71.48
C ASN O 449 -117.73 24.98 72.14
N GLY O 450 -116.94 24.12 71.50
CA GLY O 450 -115.66 23.74 72.04
C GLY O 450 -114.63 24.84 71.92
N GLU O 451 -113.42 24.51 72.34
CA GLU O 451 -112.32 25.45 72.28
C GLU O 451 -111.97 25.71 70.83
N PRO O 452 -112.04 26.95 70.34
CA PRO O 452 -111.68 27.21 68.94
C PRO O 452 -110.23 26.87 68.68
N SER O 453 -109.98 26.34 67.48
CA SER O 453 -108.64 25.98 67.06
C SER O 453 -107.91 27.11 66.35
N GLN O 454 -108.52 28.28 66.27
CA GLN O 454 -107.98 29.40 65.53
C GLN O 454 -108.14 30.68 66.34
N LEU O 455 -107.10 31.51 66.35
CA LEU O 455 -107.12 32.77 67.09
C LEU O 455 -106.31 33.81 66.32
N LEU O 456 -106.99 34.86 65.87
CA LEU O 456 -106.37 35.96 65.12
C LEU O 456 -105.65 35.46 63.87
N GLY O 457 -106.20 34.43 63.24
CA GLY O 457 -105.60 33.89 62.03
C GLY O 457 -104.42 32.97 62.24
N ARG O 458 -104.04 32.68 63.50
CA ARG O 458 -102.87 31.85 63.75
C ARG O 458 -103.25 30.64 64.60
N PRO O 459 -102.57 29.51 64.41
CA PRO O 459 -102.97 28.28 65.11
C PRO O 459 -102.83 28.41 66.63
N VAL O 460 -103.58 27.59 67.34
CA VAL O 460 -103.74 27.67 68.79
C VAL O 460 -103.20 26.40 69.41
N GLY O 461 -102.39 26.56 70.47
CA GLY O 461 -101.82 25.43 71.16
C GLY O 461 -102.07 25.50 72.65
N GLU O 462 -101.84 24.37 73.31
CA GLU O 462 -102.07 24.21 74.74
C GLU O 462 -100.86 23.57 75.41
N ALA O 463 -100.62 23.97 76.66
CA ALA O 463 -99.54 23.37 77.45
C ALA O 463 -99.87 23.62 78.92
N GLU O 464 -100.15 22.54 79.67
CA GLU O 464 -100.51 22.69 81.06
C GLU O 464 -99.34 23.11 81.94
N ALA O 465 -98.10 22.92 81.48
CA ALA O 465 -96.96 23.21 82.32
C ALA O 465 -96.79 24.70 82.62
N MET O 466 -97.42 25.57 81.82
CA MET O 466 -97.33 27.01 82.06
C MET O 466 -98.31 27.43 83.14
N ASP O 467 -97.85 28.27 84.06
CA ASP O 467 -98.71 28.74 85.12
C ASP O 467 -99.78 29.69 84.58
N ALA O 468 -100.88 29.80 85.31
CA ALA O 468 -102.03 30.56 84.84
C ALA O 468 -102.72 31.40 85.90
N ASN O 469 -102.22 31.44 87.12
CA ASN O 469 -102.80 32.28 88.15
C ASN O 469 -101.69 33.03 88.88
N TRP O 470 -101.95 34.30 89.19
CA TRP O 470 -100.97 35.16 89.86
C TRP O 470 -101.47 35.66 91.20
N ASN O 471 -102.47 35.00 91.78
CA ASN O 471 -103.08 35.45 93.02
C ASN O 471 -102.75 34.53 94.19
N THR O 472 -103.06 33.24 94.06
CA THR O 472 -102.75 32.28 95.12
C THR O 472 -101.30 31.82 95.11
N SER O 473 -100.59 32.03 94.01
CA SER O 473 -99.18 31.65 93.96
C SER O 473 -98.30 32.72 94.61
N ALA O 474 -97.06 32.33 94.90
CA ALA O 474 -96.10 33.23 95.51
C ALA O 474 -94.97 33.65 94.57
N SER O 475 -94.91 33.11 93.36
CA SER O 475 -93.86 33.49 92.43
C SER O 475 -94.04 34.93 91.97
N ALA O 476 -92.92 35.66 91.92
CA ALA O 476 -92.97 37.06 91.54
C ALA O 476 -93.37 37.24 90.09
N ASP O 477 -92.85 36.38 89.20
CA ASP O 477 -93.10 36.48 87.78
C ASP O 477 -93.98 35.33 87.32
N ASN O 478 -94.95 35.65 86.46
CA ASN O 478 -95.93 34.67 85.98
C ASN O 478 -96.04 34.80 84.46
N PHE O 479 -95.53 33.80 83.74
CA PHE O 479 -95.54 33.79 82.28
C PHE O 479 -96.74 32.98 81.81
N VAL O 480 -97.73 33.66 81.25
CA VAL O 480 -99.01 33.02 80.93
C VAL O 480 -99.28 32.91 79.45
N LEU O 481 -98.71 33.77 78.61
CA LEU O 481 -99.04 33.79 77.20
C LEU O 481 -97.76 33.77 76.37
N LEU O 482 -97.84 33.14 75.20
CA LEU O 482 -96.69 33.05 74.31
C LEU O 482 -97.17 33.03 72.87
N TYR O 483 -96.43 33.73 72.00
CA TYR O 483 -96.72 33.72 70.57
C TYR O 483 -95.43 34.02 69.83
N GLY O 484 -95.05 33.13 68.92
CA GLY O 484 -93.85 33.34 68.13
C GLY O 484 -93.71 32.24 67.10
N ASN O 485 -92.68 32.38 66.27
CA ASN O 485 -92.38 31.41 65.22
C ASN O 485 -91.63 30.24 65.84
N PHE O 486 -92.30 29.10 65.96
CA PHE O 486 -91.74 27.96 66.68
C PHE O 486 -90.71 27.18 65.90
N GLN O 487 -90.54 27.47 64.61
CA GLN O 487 -89.46 26.83 63.84
C GLN O 487 -88.08 27.20 64.35
N ASN O 488 -87.98 28.24 65.17
CA ASN O 488 -86.72 28.64 65.78
C ASN O 488 -86.50 27.97 67.13
N TYR O 489 -87.37 27.04 67.51
CA TYR O 489 -87.17 26.23 68.71
C TYR O 489 -86.80 24.83 68.24
N VAL O 490 -85.55 24.44 68.48
CA VAL O 490 -85.02 23.17 67.98
C VAL O 490 -85.08 22.12 69.08
N ILE O 491 -85.60 20.95 68.75
CA ILE O 491 -85.62 19.81 69.65
C ILE O 491 -84.75 18.73 69.02
N ALA O 492 -83.64 18.41 69.67
CA ALA O 492 -82.75 17.35 69.20
C ALA O 492 -83.15 16.03 69.82
N ASP O 493 -83.37 15.03 68.97
CA ASP O 493 -83.77 13.69 69.41
C ASP O 493 -82.68 12.69 69.06
N ARG O 494 -82.27 11.90 70.05
CA ARG O 494 -81.18 10.95 69.88
C ARG O 494 -81.66 9.51 70.01
N ILE O 495 -82.29 9.15 71.12
CA ILE O 495 -82.75 7.79 71.36
C ILE O 495 -84.03 7.83 72.19
N GLY O 496 -84.95 6.94 71.88
CA GLY O 496 -86.19 6.85 72.61
C GLY O 496 -86.05 6.01 73.87
N MET O 497 -87.17 5.81 74.55
CA MET O 497 -87.17 5.08 75.80
C MET O 497 -86.83 3.61 75.58
N THR O 498 -85.97 3.07 76.45
CA THR O 498 -85.62 1.65 76.45
C THR O 498 -85.74 1.13 77.87
N VAL O 499 -86.07 -0.16 78.00
CA VAL O 499 -86.22 -0.81 79.29
C VAL O 499 -85.29 -2.01 79.34
N GLU O 500 -84.49 -2.09 80.41
CA GLU O 500 -83.62 -3.23 80.65
C GLU O 500 -83.92 -3.80 82.02
N PHE O 501 -83.79 -5.11 82.15
CA PHE O 501 -84.10 -5.83 83.37
C PHE O 501 -82.79 -6.32 83.99
N ILE O 502 -82.52 -5.88 85.22
CA ILE O 502 -81.34 -6.33 85.94
C ILE O 502 -81.67 -7.61 86.69
N PRO O 503 -81.06 -8.74 86.33
CA PRO O 503 -81.45 -10.01 86.97
C PRO O 503 -81.08 -10.11 88.43
N HIS O 504 -80.14 -9.30 88.92
CA HIS O 504 -79.65 -9.47 90.28
C HIS O 504 -79.14 -8.15 90.82
N LEU O 505 -79.56 -7.79 92.03
CA LEU O 505 -79.11 -6.60 92.73
C LEU O 505 -78.32 -6.99 93.97
N PHE O 506 -77.40 -6.11 94.37
CA PHE O 506 -76.44 -6.41 95.42
C PHE O 506 -76.67 -5.52 96.63
N GLY O 507 -76.22 -5.99 97.78
CA GLY O 507 -76.34 -5.27 99.03
C GLY O 507 -75.07 -4.54 99.42
N THR O 508 -74.99 -4.17 100.70
CA THR O 508 -73.86 -3.41 101.19
C THR O 508 -72.57 -4.23 101.19
N ASN O 509 -72.66 -5.49 101.58
CA ASN O 509 -71.50 -6.37 101.63
C ASN O 509 -71.23 -7.09 100.32
N ARG O 510 -71.76 -6.56 99.21
CA ARG O 510 -71.48 -7.08 97.87
C ARG O 510 -71.84 -8.57 97.75
N ARG O 511 -72.96 -8.93 98.36
CA ARG O 511 -73.51 -10.28 98.29
C ARG O 511 -74.94 -10.18 97.77
N PRO O 512 -75.47 -11.27 97.21
CA PRO O 512 -76.84 -11.24 96.69
C PRO O 512 -77.83 -10.83 97.76
N ASN O 513 -78.76 -9.95 97.37
CA ASN O 513 -79.67 -9.32 98.32
C ASN O 513 -81.09 -9.87 98.23
N GLY O 514 -81.47 -10.47 97.10
CA GLY O 514 -82.79 -11.02 96.94
C GLY O 514 -83.76 -10.04 96.33
N SER O 515 -83.33 -9.34 95.28
CA SER O 515 -84.19 -8.35 94.62
C SER O 515 -83.71 -8.16 93.19
N ARG O 516 -84.58 -7.55 92.39
CA ARG O 516 -84.30 -7.24 91.00
C ARG O 516 -84.71 -5.79 90.74
N GLY O 517 -84.62 -5.37 89.49
CA GLY O 517 -85.00 -4.01 89.16
C GLY O 517 -85.11 -3.78 87.66
N TRP O 518 -85.75 -2.68 87.32
CA TRP O 518 -85.95 -2.24 85.94
C TRP O 518 -85.25 -0.92 85.75
N PHE O 519 -84.47 -0.80 84.67
CA PHE O 519 -83.76 0.43 84.35
C PHE O 519 -84.26 0.98 83.02
N ALA O 520 -84.44 2.30 82.97
CA ALA O 520 -84.86 2.96 81.75
C ALA O 520 -84.12 4.27 81.61
N TYR O 521 -83.89 4.68 80.37
CA TYR O 521 -83.17 5.92 80.10
C TYR O 521 -83.66 6.52 78.78
N TYR O 522 -83.40 7.81 78.63
CA TYR O 522 -83.93 8.60 77.53
C TYR O 522 -83.02 9.80 77.31
N ARG O 523 -82.76 10.14 76.05
CA ARG O 523 -81.87 11.24 75.72
C ARG O 523 -82.53 12.17 74.70
N MET O 524 -82.42 13.47 74.95
CA MET O 524 -82.91 14.49 74.03
C MET O 524 -82.26 15.81 74.39
N GLY O 525 -82.48 16.81 73.56
CA GLY O 525 -81.93 18.14 73.80
C GLY O 525 -82.73 19.19 73.07
N ALA O 526 -82.74 20.40 73.62
CA ALA O 526 -83.51 21.49 73.04
C ALA O 526 -82.92 22.82 73.46
N ASP O 527 -83.13 23.84 72.64
CA ASP O 527 -82.69 25.21 72.91
C ASP O 527 -83.36 26.12 71.90
N VAL O 528 -83.09 27.41 72.02
CA VAL O 528 -83.64 28.44 71.14
C VAL O 528 -82.50 29.05 70.34
N VAL O 529 -82.66 29.10 69.02
CA VAL O 529 -81.61 29.65 68.17
C VAL O 529 -81.77 31.16 68.01
N ASN O 530 -83.00 31.62 67.81
CA ASN O 530 -83.28 33.04 67.61
C ASN O 530 -84.23 33.54 68.68
N PRO O 531 -83.76 34.24 69.71
CA PRO O 531 -84.66 34.72 70.77
C PRO O 531 -85.48 35.94 70.37
N ASN O 532 -85.24 36.52 69.19
CA ASN O 532 -85.93 37.73 68.76
C ASN O 532 -87.16 37.42 67.91
N ALA O 533 -87.54 36.16 67.77
CA ALA O 533 -88.72 35.76 67.02
C ALA O 533 -89.86 35.29 67.91
N PHE O 534 -89.93 35.82 69.13
CA PHE O 534 -90.97 35.43 70.08
C PHE O 534 -91.39 36.65 70.89
N ARG O 535 -92.52 36.51 71.57
CA ARG O 535 -92.99 37.51 72.53
C ARG O 535 -93.66 36.79 73.69
N LEU O 536 -93.25 37.15 74.91
CA LEU O 536 -93.71 36.47 76.11
C LEU O 536 -94.26 37.50 77.09
N LEU O 537 -95.44 37.23 77.62
CA LEU O 537 -96.11 38.14 78.53
C LEU O 537 -95.91 37.69 79.97
N ASN O 538 -95.49 38.62 80.84
CA ASN O 538 -95.21 38.33 82.24
C ASN O 538 -96.03 39.28 83.10
N VAL O 539 -96.97 38.72 83.87
CA VAL O 539 -97.79 39.51 84.79
C VAL O 539 -97.07 39.50 86.13
N GLU O 540 -96.14 40.44 86.29
CA GLU O 540 -95.33 40.49 87.50
C GLU O 540 -96.10 41.15 88.63
N THR O 541 -96.12 40.49 89.79
CA THR O 541 -96.86 40.99 90.94
C THR O 541 -95.91 41.75 91.86
N ALA O 542 -96.33 42.94 92.29
CA ALA O 542 -95.54 43.72 93.23
C ALA O 542 -95.67 43.17 94.64
N SER O 543 -94.58 43.22 95.39
CA SER O 543 -94.57 42.72 96.75
C SER O 543 -95.23 43.71 97.71
N MET P 251 -63.88 6.17 81.04
CA MET P 251 -63.98 6.42 79.60
C MET P 251 -65.37 6.94 79.23
N GLY P 252 -65.51 8.27 79.19
CA GLY P 252 -66.77 8.92 78.94
C GLY P 252 -66.71 9.81 77.72
N LEU P 253 -67.50 10.88 77.77
CA LEU P 253 -67.62 11.81 76.65
C LEU P 253 -66.58 12.91 76.66
N THR P 254 -65.74 13.00 77.70
CA THR P 254 -64.71 14.01 77.74
C THR P 254 -63.71 13.76 76.61
N LYS P 255 -63.15 14.86 76.08
CA LYS P 255 -62.33 14.77 74.88
C LYS P 255 -61.15 13.83 75.10
N ALA P 256 -60.38 14.04 76.16
CA ALA P 256 -59.19 13.25 76.42
C ALA P 256 -59.49 11.78 76.72
N ASP P 257 -60.72 11.43 77.02
CA ASP P 257 -61.10 10.05 77.31
C ASP P 257 -61.92 9.45 76.18
N GLY P 258 -61.54 9.75 74.94
CA GLY P 258 -62.19 9.18 73.77
C GLY P 258 -63.18 10.09 73.08
N GLY P 259 -63.30 11.34 73.51
CA GLY P 259 -64.24 12.22 72.85
C GLY P 259 -63.87 12.63 71.44
N TYR P 260 -62.63 12.35 71.02
CA TYR P 260 -62.19 12.69 69.67
C TYR P 260 -62.79 11.80 68.61
N LEU P 261 -63.44 10.70 68.99
CA LEU P 261 -64.01 9.76 68.04
C LEU P 261 -65.42 10.11 67.61
N VAL P 262 -66.05 11.10 68.24
CA VAL P 262 -67.43 11.45 67.88
C VAL P 262 -67.42 12.30 66.62
N PRO P 263 -68.12 11.91 65.56
CA PRO P 263 -68.13 12.72 64.34
C PRO P 263 -68.79 14.07 64.55
N PHE P 264 -68.31 15.05 63.79
CA PHE P 264 -68.89 16.39 63.83
C PHE P 264 -70.14 16.46 62.98
N GLN P 265 -71.19 17.08 63.52
CA GLN P 265 -72.46 17.25 62.83
C GLN P 265 -72.81 18.72 62.73
N LEU P 266 -73.18 19.15 61.52
CA LEU P 266 -73.44 20.55 61.26
C LEU P 266 -74.37 20.70 60.06
N ASP P 267 -75.25 21.70 60.11
CA ASP P 267 -76.09 22.06 58.98
C ASP P 267 -75.54 23.32 58.33
N PRO P 268 -75.13 23.26 57.06
CA PRO P 268 -74.54 24.45 56.42
C PRO P 268 -75.53 25.58 56.16
N THR P 269 -76.83 25.32 56.25
CA THR P 269 -77.81 26.36 55.94
C THR P 269 -77.69 27.53 56.91
N VAL P 270 -77.86 28.73 56.38
CA VAL P 270 -77.67 29.96 57.14
C VAL P 270 -79.00 30.44 57.68
N ILE P 271 -79.01 30.82 58.95
CA ILE P 271 -80.20 31.35 59.62
C ILE P 271 -80.02 32.86 59.75
N ILE P 272 -80.89 33.61 59.08
CA ILE P 272 -80.80 35.07 59.11
C ILE P 272 -81.37 35.58 60.43
N THR P 273 -80.60 36.41 61.12
CA THR P 273 -80.98 36.93 62.42
C THR P 273 -81.21 38.44 62.38
N SER P 274 -81.79 38.94 61.30
CA SER P 274 -82.10 40.35 61.14
C SER P 274 -83.60 40.51 60.95
N ASN P 275 -84.18 41.49 61.65
CA ASN P 275 -85.62 41.67 61.62
C ASN P 275 -86.12 42.07 60.24
N GLY P 276 -85.42 43.01 59.59
CA GLY P 276 -85.89 43.53 58.33
C GLY P 276 -87.12 44.40 58.50
N SER P 277 -87.80 44.64 57.39
CA SER P 277 -89.03 45.43 57.42
C SER P 277 -89.88 45.11 56.20
N LEU P 278 -91.18 45.34 56.33
CA LEU P 278 -92.14 45.13 55.26
C LEU P 278 -92.76 46.47 54.87
N ASN P 279 -92.83 46.74 53.57
CA ASN P 279 -93.35 48.00 53.07
C ASN P 279 -94.33 47.74 51.94
N ASP P 280 -95.32 48.63 51.82
CA ASP P 280 -96.32 48.54 50.77
C ASP P 280 -96.38 49.78 49.88
N ILE P 281 -95.46 50.73 50.07
CA ILE P 281 -95.47 51.94 49.25
C ILE P 281 -95.24 51.59 47.79
N ARG P 282 -94.32 50.67 47.52
CA ARG P 282 -94.01 50.29 46.15
C ARG P 282 -95.23 49.70 45.44
N ARG P 283 -96.19 49.16 46.18
CA ARG P 283 -97.40 48.61 45.59
C ARG P 283 -98.39 49.69 45.16
N PHE P 284 -98.39 50.85 45.82
CA PHE P 284 -99.34 51.91 45.53
C PHE P 284 -98.74 53.10 44.78
N ALA P 285 -97.44 53.34 44.92
CA ALA P 285 -96.83 54.54 44.39
C ALA P 285 -96.82 54.50 42.86
N ARG P 286 -96.40 55.61 42.25
CA ARG P 286 -96.33 55.74 40.80
C ARG P 286 -94.87 55.59 40.38
N GLN P 287 -94.64 54.75 39.38
CA GLN P 287 -93.30 54.40 38.94
C GLN P 287 -93.03 55.03 37.58
N VAL P 288 -91.85 55.62 37.42
CA VAL P 288 -91.43 56.21 36.17
C VAL P 288 -90.02 55.73 35.85
N VAL P 289 -89.72 55.68 34.56
CA VAL P 289 -88.38 55.29 34.10
C VAL P 289 -87.55 56.56 33.89
N ALA P 290 -86.35 56.58 34.46
CA ALA P 290 -85.48 57.73 34.40
C ALA P 290 -84.30 57.45 33.47
N THR P 291 -83.90 58.46 32.72
CA THR P 291 -82.79 58.36 31.77
C THR P 291 -81.76 59.45 32.06
N GLY P 292 -81.47 59.66 33.34
CA GLY P 292 -80.53 60.70 33.73
C GLY P 292 -80.45 60.81 35.23
N ASP P 293 -79.86 61.92 35.68
CA ASP P 293 -79.69 62.15 37.11
C ASP P 293 -80.86 62.88 37.74
N VAL P 294 -81.74 63.48 36.93
CA VAL P 294 -82.88 64.23 37.44
C VAL P 294 -84.11 63.87 36.62
N TRP P 295 -85.29 64.11 37.22
CA TRP P 295 -86.57 63.92 36.56
C TRP P 295 -87.42 65.15 36.80
N HIS P 296 -87.96 65.73 35.73
CA HIS P 296 -88.70 66.98 35.80
C HIS P 296 -90.17 66.75 35.51
N GLY P 297 -90.95 67.82 35.58
CA GLY P 297 -92.38 67.75 35.35
C GLY P 297 -92.97 69.14 35.35
N VAL P 298 -94.27 69.20 35.07
CA VAL P 298 -94.99 70.46 35.00
C VAL P 298 -96.21 70.39 35.91
N SER P 299 -96.42 71.44 36.71
CA SER P 299 -97.56 71.53 37.61
C SER P 299 -98.20 72.90 37.44
N SER P 300 -99.49 72.98 37.73
CA SER P 300 -100.24 74.21 37.53
C SER P 300 -101.45 74.22 38.46
N ALA P 301 -102.27 75.26 38.33
CA ALA P 301 -103.51 75.41 39.09
C ALA P 301 -104.62 75.82 38.13
N ALA P 302 -105.79 76.11 38.68
CA ALA P 302 -106.97 76.40 37.89
C ALA P 302 -107.19 77.91 37.78
N VAL P 303 -107.90 78.31 36.72
CA VAL P 303 -108.22 79.71 36.48
C VAL P 303 -109.36 80.14 37.38
N GLN P 304 -109.24 81.31 37.97
CA GLN P 304 -110.23 81.85 38.91
C GLN P 304 -111.23 82.71 38.14
N TRP P 305 -112.51 82.35 38.22
CA TRP P 305 -113.58 83.11 37.63
C TRP P 305 -114.18 84.04 38.69
N SER P 306 -115.13 84.87 38.26
CA SER P 306 -115.80 85.79 39.18
C SER P 306 -117.13 86.20 38.56
N TRP P 307 -118.01 86.73 39.41
CA TRP P 307 -119.30 87.24 38.96
C TRP P 307 -119.21 88.75 38.80
N ASP P 308 -119.42 89.23 37.59
CA ASP P 308 -119.23 90.63 37.27
C ASP P 308 -120.54 91.26 36.82
N ALA P 309 -120.70 92.53 37.14
CA ALA P 309 -121.90 93.28 36.77
C ALA P 309 -121.81 93.69 35.30
N GLU P 310 -122.78 94.46 34.84
CA GLU P 310 -122.82 94.93 33.47
C GLU P 310 -121.81 96.07 33.31
N PHE P 311 -121.03 96.01 32.23
CA PHE P 311 -119.94 96.95 31.98
C PHE P 311 -118.94 96.96 33.13
N GLU P 312 -118.45 95.79 33.49
CA GLU P 312 -117.44 95.65 34.52
C GLU P 312 -116.15 95.11 33.92
N GLU P 313 -115.04 95.80 34.19
CA GLU P 313 -113.74 95.37 33.70
C GLU P 313 -113.33 94.07 34.37
N VAL P 314 -112.73 93.18 33.59
CA VAL P 314 -112.37 91.85 34.07
C VAL P 314 -110.93 91.86 34.55
N SER P 315 -110.65 91.03 35.54
CA SER P 315 -109.32 90.93 36.13
C SER P 315 -108.58 89.75 35.51
N ASP P 316 -107.28 89.95 35.27
CA ASP P 316 -106.48 88.90 34.66
C ASP P 316 -106.36 87.71 35.60
N ASP P 317 -106.45 86.50 35.04
CA ASP P 317 -106.47 85.27 35.81
C ASP P 317 -105.38 84.29 35.34
N SER P 318 -104.22 84.81 34.99
CA SER P 318 -103.16 83.95 34.49
C SER P 318 -102.65 83.05 35.60
N PRO P 319 -102.63 81.74 35.40
CA PRO P 319 -102.16 80.82 36.45
C PRO P 319 -100.64 80.80 36.50
N GLU P 320 -100.13 80.25 37.61
CA GLU P 320 -98.71 80.09 37.81
C GLU P 320 -98.34 78.61 37.78
N PHE P 321 -97.14 78.33 37.28
CA PHE P 321 -96.70 76.97 37.02
C PHE P 321 -95.51 76.61 37.92
N GLY P 322 -95.31 75.31 38.09
CA GLY P 322 -94.21 74.83 38.89
C GLY P 322 -93.57 73.62 38.25
N GLN P 323 -92.31 73.38 38.61
CA GLN P 323 -91.53 72.29 38.05
C GLN P 323 -91.04 71.38 39.17
N PRO P 324 -91.70 70.26 39.41
CA PRO P 324 -91.19 69.28 40.38
C PRO P 324 -89.93 68.60 39.87
N GLU P 325 -88.95 68.46 40.76
CA GLU P 325 -87.66 67.88 40.42
C GLU P 325 -87.35 66.72 41.36
N ILE P 326 -86.95 65.59 40.78
CA ILE P 326 -86.63 64.40 41.56
C ILE P 326 -85.20 63.98 41.25
N PRO P 327 -84.21 64.39 42.05
CA PRO P 327 -82.84 63.94 41.82
C PRO P 327 -82.69 62.44 42.06
N VAL P 328 -81.72 61.85 41.37
CA VAL P 328 -81.41 60.43 41.50
C VAL P 328 -80.14 60.30 42.35
N LYS P 329 -80.24 59.55 43.44
CA LYS P 329 -79.12 59.30 44.34
C LYS P 329 -78.62 57.88 44.15
N LYS P 330 -77.49 57.58 44.78
CA LYS P 330 -76.80 56.31 44.61
C LYS P 330 -76.51 55.67 45.96
N ALA P 331 -76.74 54.36 46.06
CA ALA P 331 -76.41 53.57 47.23
C ALA P 331 -75.57 52.38 46.80
N GLN P 332 -74.61 52.00 47.64
CA GLN P 332 -73.70 50.93 47.28
C GLN P 332 -73.18 50.23 48.53
N GLY P 333 -72.68 49.02 48.34
CA GLY P 333 -72.09 48.25 49.42
C GLY P 333 -70.94 47.43 48.90
N PHE P 334 -70.05 47.02 49.81
CA PHE P 334 -68.83 46.31 49.43
C PHE P 334 -68.43 45.34 50.54
N VAL P 335 -67.82 44.23 50.15
CA VAL P 335 -67.32 43.24 51.09
C VAL P 335 -66.09 42.53 50.51
N PRO P 336 -64.95 42.56 51.19
CA PRO P 336 -63.78 41.83 50.72
C PRO P 336 -63.77 40.40 51.24
N ILE P 337 -62.78 39.63 50.77
CA ILE P 337 -62.59 38.26 51.20
C ILE P 337 -61.17 37.84 50.85
N SER P 338 -60.66 36.84 51.56
CA SER P 338 -59.32 36.34 51.33
C SER P 338 -59.32 35.23 50.28
N ILE P 339 -58.11 34.85 49.86
CA ILE P 339 -57.97 33.75 48.91
C ILE P 339 -58.38 32.43 49.56
N GLU P 340 -57.80 32.13 50.72
CA GLU P 340 -58.11 30.88 51.41
C GLU P 340 -59.57 30.85 51.84
N ALA P 341 -60.09 31.98 52.32
CA ALA P 341 -61.51 32.04 52.64
C ALA P 341 -62.37 31.74 51.43
N LEU P 342 -61.93 32.15 50.23
CA LEU P 342 -62.71 31.89 49.04
C LEU P 342 -62.69 30.42 48.65
N GLN P 343 -61.51 29.80 48.63
CA GLN P 343 -61.45 28.41 48.15
C GLN P 343 -61.94 27.42 49.20
N ASP P 344 -61.69 27.68 50.48
CA ASP P 344 -61.97 26.69 51.52
C ASP P 344 -63.42 26.71 51.97
N GLU P 345 -63.94 27.89 52.31
CA GLU P 345 -65.30 27.99 52.78
C GLU P 345 -66.28 27.63 51.67
N ALA P 346 -67.35 26.94 52.04
CA ALA P 346 -68.28 26.33 51.09
C ALA P 346 -69.45 27.26 50.82
N ASN P 347 -69.76 27.46 49.55
CA ASN P 347 -70.94 28.23 49.11
C ASN P 347 -70.94 29.64 49.69
N VAL P 348 -69.79 30.32 49.56
CA VAL P 348 -69.70 31.71 50.00
C VAL P 348 -70.46 32.62 49.03
N THR P 349 -70.43 32.32 47.74
CA THR P 349 -71.02 33.22 46.75
C THR P 349 -72.51 33.39 46.98
N GLU P 350 -73.24 32.28 47.09
CA GLU P 350 -74.69 32.35 47.26
C GLU P 350 -75.06 33.00 48.58
N THR P 351 -74.34 32.68 49.66
CA THR P 351 -74.63 33.28 50.95
C THR P 351 -74.42 34.78 50.92
N VAL P 352 -73.34 35.23 50.30
CA VAL P 352 -73.08 36.66 50.21
C VAL P 352 -74.11 37.34 49.33
N ALA P 353 -74.56 36.69 48.26
CA ALA P 353 -75.62 37.26 47.44
C ALA P 353 -76.91 37.41 48.23
N LEU P 354 -77.24 36.41 49.04
CA LEU P 354 -78.43 36.49 49.88
C LEU P 354 -78.32 37.63 50.87
N LEU P 355 -77.16 37.77 51.50
CA LEU P 355 -76.96 38.86 52.46
C LEU P 355 -77.07 40.22 51.76
N PHE P 356 -76.51 40.32 50.56
CA PHE P 356 -76.62 41.56 49.78
C PHE P 356 -78.07 41.90 49.49
N ALA P 357 -78.87 40.93 49.06
CA ALA P 357 -80.26 41.19 48.76
C ALA P 357 -81.02 41.61 50.01
N GLU P 358 -80.77 40.92 51.13
CA GLU P 358 -81.45 41.29 52.38
C GLU P 358 -81.11 42.72 52.79
N GLY P 359 -79.83 43.09 52.72
CA GLY P 359 -79.45 44.45 53.06
C GLY P 359 -80.07 45.48 52.13
N LYS P 360 -80.13 45.17 50.84
CA LYS P 360 -80.73 46.08 49.87
C LYS P 360 -82.19 46.34 50.20
N ASP P 361 -82.97 45.28 50.42
CA ASP P 361 -84.39 45.47 50.74
C ASP P 361 -84.55 46.20 52.07
N GLU P 362 -83.75 45.81 53.07
CA GLU P 362 -83.86 46.44 54.39
C GLU P 362 -83.59 47.93 54.32
N LEU P 363 -82.60 48.35 53.54
CA LEU P 363 -82.31 49.78 53.42
C LEU P 363 -83.39 50.49 52.63
N GLU P 364 -83.80 49.92 51.49
CA GLU P 364 -84.72 50.62 50.60
C GLU P 364 -86.07 50.82 51.26
N ALA P 365 -86.59 49.78 51.93
CA ALA P 365 -87.92 49.90 52.55
C ALA P 365 -87.93 50.98 53.62
N VAL P 366 -86.88 51.04 54.45
CA VAL P 366 -86.87 52.00 55.55
C VAL P 366 -86.64 53.41 55.02
N THR P 367 -85.82 53.57 53.97
CA THR P 367 -85.57 54.92 53.46
C THR P 367 -86.74 55.45 52.64
N LEU P 368 -87.50 54.59 51.99
CA LEU P 368 -88.59 55.08 51.15
C LEU P 368 -89.71 55.70 51.97
N THR P 369 -89.84 55.31 53.24
CA THR P 369 -90.83 55.88 54.14
C THR P 369 -90.30 57.10 54.88
N THR P 370 -89.10 56.98 55.46
CA THR P 370 -88.49 58.07 56.23
C THR P 370 -87.14 58.39 55.61
N GLY P 371 -87.15 59.27 54.62
CA GLY P 371 -85.93 59.77 54.01
C GLY P 371 -85.76 61.25 54.29
N THR P 372 -84.55 61.64 54.68
CA THR P 372 -84.31 63.03 55.05
C THR P 372 -84.54 63.96 53.87
N GLY P 373 -84.19 63.53 52.66
CA GLY P 373 -84.35 64.33 51.48
C GLY P 373 -83.22 65.29 51.20
N GLN P 374 -82.22 65.35 52.07
CA GLN P 374 -81.07 66.22 51.91
C GLN P 374 -79.80 65.37 51.91
N GLY P 375 -78.77 65.89 51.27
CA GLY P 375 -77.52 65.17 51.14
C GLY P 375 -77.62 64.06 50.11
N ASN P 376 -77.53 62.80 50.57
CA ASN P 376 -77.48 61.65 49.67
C ASN P 376 -78.74 60.79 49.74
N GLN P 377 -79.78 61.24 50.44
CA GLN P 377 -80.93 60.37 50.60
C GLN P 377 -82.15 60.94 49.86
N PRO P 378 -83.04 60.07 49.38
CA PRO P 378 -84.29 60.56 48.80
C PRO P 378 -85.21 61.14 49.86
N THR P 379 -86.37 61.61 49.42
CA THR P 379 -87.37 62.19 50.32
C THR P 379 -88.40 61.13 50.67
N GLY P 380 -88.59 60.91 51.96
CA GLY P 380 -89.63 60.00 52.41
C GLY P 380 -91.01 60.63 52.36
N ILE P 381 -92.03 59.78 52.39
CA ILE P 381 -93.41 60.26 52.31
C ILE P 381 -93.75 61.09 53.54
N VAL P 382 -93.30 60.65 54.72
CA VAL P 382 -93.62 61.40 55.93
C VAL P 382 -92.80 62.69 56.01
N THR P 383 -91.56 62.66 55.50
CA THR P 383 -90.73 63.86 55.55
C THR P 383 -91.31 64.98 54.71
N ALA P 384 -91.81 64.66 53.53
CA ALA P 384 -92.40 65.66 52.65
C ALA P 384 -93.78 66.12 53.12
N LEU P 385 -94.41 65.40 54.04
CA LEU P 385 -95.72 65.77 54.56
C LEU P 385 -95.65 66.38 55.95
N ALA P 386 -94.46 66.67 56.45
CA ALA P 386 -94.30 67.29 57.76
C ALA P 386 -94.25 68.80 57.58
N GLY P 387 -95.14 69.50 58.28
CA GLY P 387 -95.21 70.94 58.22
C GLY P 387 -96.12 71.50 57.15
N THR P 388 -96.60 70.67 56.23
CA THR P 388 -97.48 71.14 55.19
C THR P 388 -98.94 71.04 55.63
N ALA P 389 -99.84 71.43 54.72
CA ALA P 389 -101.27 71.42 55.02
C ALA P 389 -101.81 70.01 55.21
N ALA P 390 -101.06 68.97 54.79
CA ALA P 390 -101.53 67.61 54.95
C ALA P 390 -101.58 67.17 56.41
N GLU P 391 -100.84 67.84 57.29
CA GLU P 391 -100.79 67.47 58.70
C GLU P 391 -101.96 68.09 59.44
N ILE P 392 -102.68 67.27 60.21
CA ILE P 392 -103.81 67.74 61.01
C ILE P 392 -103.59 67.35 62.46
N ALA P 393 -104.57 67.67 63.31
CA ALA P 393 -104.48 67.39 64.73
C ALA P 393 -105.70 66.60 65.20
N PRO P 394 -105.54 65.76 66.22
CA PRO P 394 -106.68 64.99 66.71
C PRO P 394 -107.71 65.88 67.39
N VAL P 395 -108.94 65.36 67.47
CA VAL P 395 -110.01 66.11 68.12
C VAL P 395 -109.71 66.32 69.59
N THR P 396 -109.18 65.29 70.26
CA THR P 396 -108.77 65.37 71.65
C THR P 396 -107.27 65.14 71.74
N ALA P 397 -106.62 65.88 72.63
CA ALA P 397 -105.17 65.86 72.71
C ALA P 397 -104.68 64.53 73.27
N GLU P 398 -103.61 64.01 72.66
CA GLU P 398 -102.90 62.82 73.17
C GLU P 398 -103.83 61.62 73.32
N THR P 399 -104.72 61.44 72.36
CA THR P 399 -105.65 60.32 72.39
C THR P 399 -106.11 60.00 70.98
N PHE P 400 -105.98 58.74 70.58
CA PHE P 400 -106.40 58.27 69.27
C PHE P 400 -107.76 57.60 69.43
N ALA P 401 -108.81 58.28 69.02
CA ALA P 401 -110.17 57.79 69.12
C ALA P 401 -110.69 57.41 67.74
N LEU P 402 -111.91 56.87 67.72
CA LEU P 402 -112.51 56.45 66.46
C LEU P 402 -112.81 57.65 65.56
N ALA P 403 -113.17 58.79 66.15
CA ALA P 403 -113.46 59.97 65.36
C ALA P 403 -112.26 60.49 64.59
N ASP P 404 -111.04 60.13 65.02
CA ASP P 404 -109.85 60.63 64.33
C ASP P 404 -109.72 60.05 62.93
N VAL P 405 -110.03 58.76 62.76
CA VAL P 405 -109.97 58.14 61.44
C VAL P 405 -110.98 58.81 60.51
N TYR P 406 -112.19 59.04 61.02
CA TYR P 406 -113.20 59.74 60.23
C TYR P 406 -112.74 61.14 59.87
N ALA P 407 -112.11 61.84 60.82
CA ALA P 407 -111.62 63.19 60.55
C ALA P 407 -110.56 63.19 59.46
N VAL P 408 -109.66 62.22 59.48
CA VAL P 408 -108.66 62.10 58.42
C VAL P 408 -109.33 61.85 57.09
N TYR P 409 -110.34 60.97 57.07
CA TYR P 409 -110.98 60.61 55.81
C TYR P 409 -111.76 61.78 55.22
N GLU P 410 -112.46 62.55 56.05
CA GLU P 410 -113.39 63.57 55.54
C GLU P 410 -112.65 64.74 54.91
N GLN P 411 -111.62 65.27 55.59
CA GLN P 411 -111.06 66.55 55.21
C GLN P 411 -110.42 66.51 53.82
N LEU P 412 -110.03 65.33 53.37
CA LEU P 412 -109.41 65.21 52.05
C LEU P 412 -110.47 65.41 50.96
N ALA P 413 -110.06 66.00 49.84
CA ALA P 413 -110.98 66.37 48.79
C ALA P 413 -111.56 65.15 48.10
N ALA P 414 -112.78 65.32 47.58
CA ALA P 414 -113.48 64.21 46.93
C ALA P 414 -112.82 63.77 45.63
N ARG P 415 -112.04 64.64 44.98
CA ARG P 415 -111.34 64.24 43.78
C ARG P 415 -110.32 63.14 44.08
N HIS P 416 -109.62 63.26 45.21
CA HIS P 416 -108.64 62.26 45.61
C HIS P 416 -109.18 61.24 46.59
N ARG P 417 -110.33 61.52 47.23
CA ARG P 417 -110.85 60.60 48.23
C ARG P 417 -111.31 59.29 47.60
N ARG P 418 -111.79 59.33 46.37
CA ARG P 418 -112.18 58.12 45.66
C ARG P 418 -110.99 57.38 45.06
N GLN P 419 -109.78 57.91 45.21
CA GLN P 419 -108.57 57.31 44.66
C GLN P 419 -107.50 57.21 45.73
N GLY P 420 -107.90 56.96 46.97
CA GLY P 420 -107.00 56.97 48.10
C GLY P 420 -106.65 55.58 48.57
N ALA P 421 -105.70 55.53 49.50
CA ALA P 421 -105.29 54.28 50.12
C ALA P 421 -104.79 54.58 51.53
N TRP P 422 -104.82 53.56 52.39
CA TRP P 422 -104.43 53.68 53.78
C TRP P 422 -103.05 53.09 54.00
N LEU P 423 -102.28 53.70 54.90
CA LEU P 423 -100.96 53.18 55.25
C LEU P 423 -100.65 53.52 56.70
N ALA P 424 -100.31 52.49 57.49
CA ALA P 424 -99.95 52.68 58.89
C ALA P 424 -99.31 51.40 59.40
N ASN P 425 -98.81 51.48 60.63
CA ASN P 425 -98.26 50.32 61.32
C ASN P 425 -99.38 49.44 61.87
N ASN P 426 -99.01 48.22 62.29
CA ASN P 426 -100.01 47.27 62.77
C ASN P 426 -100.67 47.72 64.06
N LEU P 427 -99.96 48.53 64.86
CA LEU P 427 -100.51 48.98 66.13
C LEU P 427 -101.80 49.76 65.94
N ILE P 428 -101.82 50.65 64.95
CA ILE P 428 -103.00 51.49 64.73
C ILE P 428 -104.17 50.65 64.25
N TYR P 429 -103.91 49.69 63.36
CA TYR P 429 -104.98 48.81 62.89
C TYR P 429 -105.55 48.00 64.05
N ASN P 430 -104.68 47.50 64.94
CA ASN P 430 -105.18 46.73 66.06
C ASN P 430 -105.99 47.60 67.02
N LYS P 431 -105.57 48.86 67.21
CA LYS P 431 -106.37 49.75 68.05
C LYS P 431 -107.74 50.04 67.43
N ILE P 432 -107.77 50.26 66.11
CA ILE P 432 -109.05 50.44 65.43
C ILE P 432 -109.92 49.21 65.61
N ARG P 433 -109.31 48.03 65.56
CA ARG P 433 -110.03 46.80 65.87
C ARG P 433 -110.61 46.84 67.28
N GLN P 434 -109.83 47.30 68.26
CA GLN P 434 -110.28 47.34 69.65
C GLN P 434 -111.28 48.44 69.93
N PHE P 435 -111.52 49.37 68.99
CA PHE P 435 -112.44 50.47 69.26
C PHE P 435 -113.81 49.98 69.69
N ASP P 436 -114.35 48.98 69.00
CA ASP P 436 -115.72 48.54 69.30
C ASP P 436 -115.73 47.68 70.56
N THR P 437 -116.68 47.96 71.43
CA THR P 437 -116.95 47.15 72.61
C THR P 437 -118.40 46.72 72.71
N GLN P 438 -119.33 47.60 72.33
CA GLN P 438 -120.76 47.26 72.43
C GLN P 438 -121.17 46.30 71.34
N GLY P 439 -120.64 46.48 70.12
CA GLY P 439 -120.95 45.58 69.03
C GLY P 439 -121.87 46.15 67.97
N GLY P 440 -121.69 47.43 67.62
CA GLY P 440 -122.49 48.04 66.60
C GLY P 440 -121.84 49.23 65.93
N ALA P 441 -121.85 49.25 64.59
CA ALA P 441 -121.36 50.32 63.74
C ALA P 441 -119.86 50.56 63.86
N GLY P 442 -119.16 49.79 64.69
CA GLY P 442 -117.72 49.93 64.83
C GLY P 442 -117.05 48.59 64.78
N LEU P 443 -117.83 47.57 64.45
CA LEU P 443 -117.34 46.19 64.41
C LEU P 443 -116.66 45.94 63.08
N TRP P 444 -115.36 46.28 63.02
CA TRP P 444 -114.58 45.95 61.84
C TRP P 444 -114.53 44.45 61.62
N THR P 445 -114.13 43.70 62.65
CA THR P 445 -114.13 42.26 62.65
C THR P 445 -113.91 41.80 64.09
N THR P 446 -114.17 40.53 64.33
CA THR P 446 -114.03 39.94 65.65
C THR P 446 -112.68 39.23 65.75
N ILE P 447 -112.27 38.96 66.99
CA ILE P 447 -111.05 38.20 67.20
C ILE P 447 -111.24 36.79 66.66
N GLY P 448 -110.14 36.14 66.31
CA GLY P 448 -110.20 34.87 65.63
C GLY P 448 -110.18 34.98 64.12
N ASN P 449 -109.93 36.17 63.58
CA ASN P 449 -109.92 36.40 62.14
C ASN P 449 -108.69 37.20 61.75
N GLY P 450 -108.31 37.08 60.48
CA GLY P 450 -107.17 37.80 59.96
C GLY P 450 -107.47 39.27 59.72
N GLU P 451 -106.45 39.96 59.24
CA GLU P 451 -106.57 41.41 59.02
C GLU P 451 -107.49 41.69 57.85
N PRO P 452 -108.55 42.47 58.03
CA PRO P 452 -109.41 42.80 56.89
C PRO P 452 -108.66 43.60 55.84
N SER P 453 -109.06 43.39 54.59
CA SER P 453 -108.38 44.01 53.45
C SER P 453 -108.96 45.36 53.04
N GLN P 454 -110.06 45.79 53.67
CA GLN P 454 -110.67 47.06 53.33
C GLN P 454 -111.02 47.83 54.60
N LEU P 455 -110.96 49.15 54.50
CA LEU P 455 -111.37 50.04 55.58
C LEU P 455 -112.04 51.26 54.95
N LEU P 456 -113.31 51.49 55.30
CA LEU P 456 -114.11 52.53 54.69
C LEU P 456 -114.20 52.36 53.17
N GLY P 457 -114.13 51.12 52.70
CA GLY P 457 -114.23 50.83 51.29
C GLY P 457 -112.99 51.08 50.48
N ARG P 458 -111.83 51.23 51.12
CA ARG P 458 -110.59 51.57 50.46
C ARG P 458 -109.50 50.56 50.78
N PRO P 459 -108.48 50.45 49.93
CA PRO P 459 -107.40 49.49 50.19
C PRO P 459 -106.61 49.84 51.43
N VAL P 460 -106.03 48.81 52.05
CA VAL P 460 -105.27 48.95 53.29
C VAL P 460 -103.90 48.32 53.09
N GLY P 461 -102.85 49.06 53.49
CA GLY P 461 -101.51 48.55 53.46
C GLY P 461 -100.81 48.81 54.79
N GLU P 462 -99.60 48.29 54.90
CA GLU P 462 -98.82 48.45 56.12
C GLU P 462 -97.39 48.81 55.77
N ALA P 463 -96.74 49.50 56.71
CA ALA P 463 -95.33 49.87 56.57
C ALA P 463 -94.74 49.95 57.97
N GLU P 464 -93.81 49.04 58.30
CA GLU P 464 -93.28 48.97 59.65
C GLU P 464 -92.43 50.18 60.02
N ALA P 465 -92.00 50.98 59.03
CA ALA P 465 -91.13 52.11 59.33
C ALA P 465 -91.85 53.26 60.02
N MET P 466 -93.18 53.24 60.07
CA MET P 466 -93.92 54.34 60.67
C MET P 466 -93.86 54.25 62.20
N ASP P 467 -94.28 55.33 62.84
CA ASP P 467 -94.28 55.39 64.30
C ASP P 467 -95.32 54.43 64.87
N ALA P 468 -95.07 53.97 66.09
CA ALA P 468 -95.93 52.99 66.75
C ALA P 468 -96.64 53.55 67.98
N ASN P 469 -95.89 54.04 68.96
CA ASN P 469 -96.45 54.45 70.23
C ASN P 469 -96.03 55.86 70.57
N TRP P 470 -96.97 56.63 71.13
CA TRP P 470 -96.71 57.99 71.57
C TRP P 470 -96.48 58.09 73.07
N ASN P 471 -96.44 56.97 73.79
CA ASN P 471 -96.21 56.96 75.23
C ASN P 471 -94.75 56.69 75.59
N THR P 472 -94.22 55.55 75.16
CA THR P 472 -92.83 55.22 75.49
C THR P 472 -91.85 56.07 74.70
N SER P 473 -92.26 56.55 73.54
CA SER P 473 -91.38 57.36 72.70
C SER P 473 -91.22 58.77 73.29
N ALA P 474 -90.01 59.31 73.16
CA ALA P 474 -89.73 60.67 73.59
C ALA P 474 -89.89 61.70 72.48
N SER P 475 -90.25 61.27 71.27
CA SER P 475 -90.44 62.21 70.17
C SER P 475 -91.68 63.05 70.40
N ALA P 476 -91.57 64.35 70.10
CA ALA P 476 -92.72 65.24 70.23
C ALA P 476 -93.76 64.96 69.15
N ASP P 477 -93.32 64.62 67.94
CA ASP P 477 -94.21 64.36 66.82
C ASP P 477 -94.30 62.86 66.57
N ASN P 478 -95.53 62.36 66.40
CA ASN P 478 -95.77 60.95 66.16
C ASN P 478 -96.81 60.81 65.04
N PHE P 479 -96.33 60.61 63.82
CA PHE P 479 -97.19 60.39 62.68
C PHE P 479 -97.59 58.92 62.64
N VAL P 480 -98.88 58.65 62.81
CA VAL P 480 -99.35 57.28 62.99
C VAL P 480 -100.29 56.81 61.90
N LEU P 481 -101.02 57.70 61.23
CA LEU P 481 -101.96 57.30 60.20
C LEU P 481 -101.78 58.17 58.96
N LEU P 482 -101.92 57.55 57.80
CA LEU P 482 -101.76 58.25 56.54
C LEU P 482 -102.83 57.80 55.56
N TYR P 483 -103.40 58.75 54.83
CA TYR P 483 -104.35 58.45 53.77
C TYR P 483 -104.25 59.51 52.69
N GLY P 484 -104.39 59.09 51.45
CA GLY P 484 -104.36 60.03 50.34
C GLY P 484 -104.18 59.32 49.03
N ASN P 485 -104.21 60.12 47.97
CA ASN P 485 -104.02 59.61 46.61
C ASN P 485 -102.54 59.37 46.37
N PHE P 486 -102.15 58.10 46.28
CA PHE P 486 -100.75 57.74 46.19
C PHE P 486 -100.19 57.77 44.77
N GLN P 487 -101.01 58.14 43.79
CA GLN P 487 -100.46 58.36 42.46
C GLN P 487 -99.57 59.59 42.40
N ASN P 488 -99.55 60.41 43.44
CA ASN P 488 -98.75 61.62 43.47
C ASN P 488 -97.41 61.44 44.19
N TYR P 489 -97.11 60.23 44.66
CA TYR P 489 -95.80 59.92 45.21
C TYR P 489 -95.03 59.15 44.14
N VAL P 490 -94.04 59.82 43.54
CA VAL P 490 -93.37 59.30 42.35
C VAL P 490 -92.02 58.73 42.75
N ILE P 491 -91.72 57.54 42.25
CA ILE P 491 -90.44 56.89 42.46
C ILE P 491 -89.79 56.73 41.09
N ALA P 492 -88.60 57.33 40.94
CA ALA P 492 -87.86 57.27 39.69
C ALA P 492 -86.63 56.41 39.89
N ASP P 493 -86.48 55.38 39.07
CA ASP P 493 -85.36 54.44 39.16
C ASP P 493 -84.55 54.46 37.87
N ARG P 494 -83.24 54.24 38.00
CA ARG P 494 -82.33 54.29 36.88
C ARG P 494 -81.66 52.95 36.62
N ILE P 495 -80.99 52.38 37.62
CA ILE P 495 -80.27 51.12 37.49
C ILE P 495 -80.67 50.22 38.64
N GLY P 496 -80.94 48.96 38.34
CA GLY P 496 -81.28 47.98 39.35
C GLY P 496 -80.05 47.53 40.13
N MET P 497 -80.22 46.46 40.88
CA MET P 497 -79.14 45.89 41.68
C MET P 497 -78.14 45.18 40.78
N THR P 498 -76.91 45.68 40.74
CA THR P 498 -75.83 45.07 39.97
C THR P 498 -74.65 44.79 40.88
N VAL P 499 -73.97 43.67 40.61
CA VAL P 499 -72.85 43.21 41.42
C VAL P 499 -71.66 42.96 40.51
N GLU P 500 -70.49 43.47 40.90
CA GLU P 500 -69.27 43.30 40.13
C GLU P 500 -68.20 42.64 41.00
N PHE P 501 -67.32 41.87 40.35
CA PHE P 501 -66.30 41.09 41.02
C PHE P 501 -64.95 41.78 40.84
N ILE P 502 -64.32 42.14 41.96
CA ILE P 502 -62.95 42.67 41.95
C ILE P 502 -61.99 41.50 42.03
N PRO P 503 -61.11 41.30 41.06
CA PRO P 503 -60.24 40.13 41.07
C PRO P 503 -58.96 40.32 41.87
N HIS P 504 -58.61 41.57 42.19
CA HIS P 504 -57.35 41.83 42.87
C HIS P 504 -57.44 43.15 43.64
N LEU P 505 -57.31 43.07 44.96
CA LEU P 505 -57.11 44.25 45.79
C LEU P 505 -55.63 44.38 46.13
N PHE P 506 -55.19 45.61 46.32
CA PHE P 506 -53.78 45.92 46.53
C PHE P 506 -53.52 46.23 47.99
N GLY P 507 -52.25 46.49 48.31
CA GLY P 507 -51.85 46.80 49.66
C GLY P 507 -51.29 48.20 49.82
N THR P 508 -50.61 48.46 50.93
CA THR P 508 -50.05 49.78 51.18
C THR P 508 -48.99 50.12 50.13
N ASN P 509 -48.15 49.15 49.78
CA ASN P 509 -47.08 49.35 48.81
C ASN P 509 -47.57 49.18 47.38
N ARG P 510 -48.87 49.26 47.14
CA ARG P 510 -49.46 49.10 45.80
C ARG P 510 -49.05 47.77 45.17
N ARG P 511 -49.06 46.72 45.99
CA ARG P 511 -48.80 45.37 45.55
C ARG P 511 -49.89 44.45 46.10
N PRO P 512 -50.15 43.33 45.43
CA PRO P 512 -51.22 42.44 45.88
C PRO P 512 -50.98 41.90 47.28
N ASN P 513 -52.07 41.74 48.03
CA ASN P 513 -52.02 41.11 49.35
C ASN P 513 -52.79 39.80 49.41
N GLY P 514 -53.41 39.38 48.32
CA GLY P 514 -54.13 38.12 48.30
C GLY P 514 -55.55 38.23 48.81
N SER P 515 -56.34 39.11 48.20
CA SER P 515 -57.73 39.31 48.61
C SER P 515 -58.57 39.66 47.39
N ARG P 516 -59.87 39.42 47.50
CA ARG P 516 -60.83 39.74 46.46
C ARG P 516 -62.05 40.39 47.08
N GLY P 517 -62.77 41.16 46.28
CA GLY P 517 -63.90 41.93 46.77
C GLY P 517 -65.14 41.74 45.91
N TRP P 518 -66.25 42.25 46.44
CA TRP P 518 -67.56 42.14 45.79
C TRP P 518 -68.21 43.52 45.85
N PHE P 519 -68.39 44.15 44.70
CA PHE P 519 -68.93 45.50 44.65
C PHE P 519 -70.36 45.47 44.10
N ALA P 520 -71.26 46.12 44.83
CA ALA P 520 -72.66 46.23 44.42
C ALA P 520 -73.13 47.66 44.66
N TYR P 521 -74.00 48.14 43.77
CA TYR P 521 -74.47 49.52 43.84
C TYR P 521 -75.89 49.59 43.31
N TYR P 522 -76.52 50.74 43.54
CA TYR P 522 -77.94 50.94 43.26
C TYR P 522 -78.19 52.42 43.02
N ARG P 523 -79.05 52.74 42.06
CA ARG P 523 -79.43 54.12 41.79
C ARG P 523 -80.95 54.23 41.73
N MET P 524 -81.50 55.16 42.51
CA MET P 524 -82.95 55.35 42.61
C MET P 524 -83.21 56.73 43.20
N GLY P 525 -84.40 57.25 42.92
CA GLY P 525 -84.80 58.53 43.46
C GLY P 525 -86.29 58.59 43.67
N ALA P 526 -86.71 59.41 44.63
CA ALA P 526 -88.12 59.51 44.96
C ALA P 526 -88.41 60.87 45.58
N ASP P 527 -89.63 61.35 45.36
CA ASP P 527 -90.11 62.60 45.94
C ASP P 527 -91.62 62.68 45.69
N VAL P 528 -92.24 63.69 46.30
CA VAL P 528 -93.67 63.93 46.15
C VAL P 528 -93.88 65.00 45.10
N VAL P 529 -95.14 65.19 44.70
CA VAL P 529 -95.52 66.23 43.75
C VAL P 529 -96.60 67.14 44.33
N ASN P 530 -97.71 66.56 44.75
CA ASN P 530 -98.83 67.35 45.27
C ASN P 530 -98.98 67.10 46.76
N PRO P 531 -98.61 68.04 47.64
CA PRO P 531 -98.76 67.83 49.08
C PRO P 531 -100.19 67.98 49.57
N ASN P 532 -101.12 68.44 48.74
CA ASN P 532 -102.51 68.61 49.13
C ASN P 532 -103.35 67.38 48.86
N ALA P 533 -102.74 66.28 48.41
CA ALA P 533 -103.45 65.05 48.11
C ALA P 533 -103.31 64.01 49.22
N PHE P 534 -102.82 64.40 50.39
CA PHE P 534 -102.67 63.51 51.51
C PHE P 534 -103.21 64.18 52.77
N ARG P 535 -103.45 63.36 53.80
CA ARG P 535 -103.87 63.84 55.10
C ARG P 535 -103.18 62.97 56.16
N LEU P 536 -102.09 63.48 56.73
CA LEU P 536 -101.30 62.75 57.71
C LEU P 536 -101.64 63.22 59.11
N LEU P 537 -101.91 62.26 60.00
CA LEU P 537 -102.31 62.56 61.36
C LEU P 537 -101.09 62.59 62.27
N ASN P 538 -101.00 63.60 63.12
CA ASN P 538 -99.90 63.77 64.06
C ASN P 538 -100.44 63.85 65.47
N VAL P 539 -99.79 63.14 66.40
CA VAL P 539 -100.15 63.19 67.81
C VAL P 539 -99.01 63.83 68.59
N GLU P 540 -99.15 65.11 68.90
CA GLU P 540 -98.12 65.83 69.64
C GLU P 540 -98.27 65.56 71.13
N THR P 541 -97.22 65.03 71.75
CA THR P 541 -97.23 64.74 73.18
C THR P 541 -96.49 65.84 73.93
N ALA P 542 -97.19 66.51 74.84
CA ALA P 542 -96.59 67.61 75.58
C ALA P 542 -95.49 67.11 76.50
N SER P 543 -94.43 67.89 76.62
CA SER P 543 -93.31 67.54 77.48
C SER P 543 -93.34 68.34 78.78
N MET Q 251 -63.66 64.12 35.93
CA MET Q 251 -64.77 64.20 34.99
C MET Q 251 -65.99 63.44 35.52
N GLY Q 252 -67.00 64.19 35.97
CA GLY Q 252 -68.17 63.58 36.55
C GLY Q 252 -69.48 64.16 36.05
N LEU Q 253 -70.44 64.37 36.96
CA LEU Q 253 -71.76 64.87 36.61
C LEU Q 253 -71.87 66.38 36.65
N THR Q 254 -70.85 67.09 37.14
CA THR Q 254 -70.90 68.54 37.14
C THR Q 254 -70.88 69.07 35.71
N LYS Q 255 -71.51 70.24 35.52
CA LYS Q 255 -71.67 70.77 34.17
C LYS Q 255 -70.32 71.04 33.51
N ALA Q 256 -69.39 71.63 34.25
CA ALA Q 256 -68.10 72.00 33.67
C ALA Q 256 -67.24 70.80 33.34
N ASP Q 257 -67.48 69.64 33.97
CA ASP Q 257 -66.65 68.47 33.80
C ASP Q 257 -67.43 67.32 33.17
N GLY Q 258 -68.21 67.62 32.14
CA GLY Q 258 -68.98 66.61 31.47
C GLY Q 258 -70.38 66.45 32.03
N GLY Q 259 -71.12 67.54 32.09
CA GLY Q 259 -72.49 67.48 32.57
C GLY Q 259 -73.48 68.03 31.56
N TYR Q 260 -72.96 68.65 30.50
CA TYR Q 260 -73.79 69.24 29.47
C TYR Q 260 -74.24 68.23 28.42
N LEU Q 261 -73.84 66.97 28.55
CA LEU Q 261 -74.17 65.95 27.56
C LEU Q 261 -75.33 65.07 27.96
N VAL Q 262 -75.81 65.16 29.20
CA VAL Q 262 -76.97 64.37 29.60
C VAL Q 262 -78.24 64.96 28.99
N PRO Q 263 -79.14 64.14 28.46
CA PRO Q 263 -80.37 64.69 27.88
C PRO Q 263 -81.31 65.24 28.94
N PHE Q 264 -82.19 66.12 28.51
CA PHE Q 264 -83.20 66.71 29.38
C PHE Q 264 -84.49 65.89 29.26
N GLN Q 265 -84.94 65.34 30.38
CA GLN Q 265 -86.16 64.53 30.42
C GLN Q 265 -87.27 65.33 31.10
N LEU Q 266 -88.37 65.52 30.40
CA LEU Q 266 -89.50 66.27 30.92
C LEU Q 266 -90.79 65.55 30.54
N ASP Q 267 -91.79 65.65 31.41
CA ASP Q 267 -93.11 65.07 31.15
C ASP Q 267 -94.06 66.17 30.69
N PRO Q 268 -94.48 66.18 29.42
CA PRO Q 268 -95.35 67.27 28.95
C PRO Q 268 -96.66 67.40 29.70
N THR Q 269 -97.19 66.34 30.29
CA THR Q 269 -98.52 66.41 30.89
C THR Q 269 -98.51 67.30 32.13
N VAL Q 270 -99.63 67.98 32.36
CA VAL Q 270 -99.76 68.92 33.46
C VAL Q 270 -100.42 68.22 34.64
N ILE Q 271 -100.20 68.77 35.84
CA ILE Q 271 -100.74 68.25 37.08
C ILE Q 271 -101.51 69.38 37.74
N ILE Q 272 -102.82 69.20 37.93
CA ILE Q 272 -103.63 70.22 38.58
C ILE Q 272 -103.58 70.02 40.08
N THR Q 273 -103.26 71.09 40.81
CA THR Q 273 -103.16 71.05 42.26
C THR Q 273 -104.26 71.88 42.91
N SER Q 274 -105.46 71.80 42.37
CA SER Q 274 -106.61 72.51 42.91
C SER Q 274 -107.60 71.52 43.47
N ASN Q 275 -108.16 71.84 44.65
CA ASN Q 275 -109.07 70.91 45.32
C ASN Q 275 -110.32 70.66 44.49
N GLY Q 276 -110.87 71.70 43.88
CA GLY Q 276 -112.12 71.56 43.18
C GLY Q 276 -113.29 71.43 44.13
N SER Q 277 -114.42 70.97 43.59
CA SER Q 277 -115.62 70.79 44.38
C SER Q 277 -116.56 69.85 43.65
N LEU Q 278 -117.21 68.96 44.39
CA LEU Q 278 -118.16 68.00 43.83
C LEU Q 278 -119.56 68.34 44.33
N ASN Q 279 -120.48 68.51 43.41
CA ASN Q 279 -121.85 68.86 43.74
C ASN Q 279 -122.82 68.00 42.95
N ASP Q 280 -123.96 67.68 43.57
CA ASP Q 280 -124.99 66.87 42.93
C ASP Q 280 -126.30 67.62 42.75
N ILE Q 281 -126.29 68.94 42.87
CA ILE Q 281 -127.52 69.71 42.72
C ILE Q 281 -128.06 69.57 41.30
N ARG Q 282 -127.18 69.64 40.30
CA ARG Q 282 -127.62 69.55 38.91
C ARG Q 282 -128.25 68.19 38.58
N ARG Q 283 -127.96 67.16 39.39
CA ARG Q 283 -128.53 65.84 39.13
C ARG Q 283 -129.99 65.75 39.56
N PHE Q 284 -130.40 66.53 40.56
CA PHE Q 284 -131.77 66.49 41.05
C PHE Q 284 -132.62 67.69 40.66
N ALA Q 285 -132.00 68.84 40.40
CA ALA Q 285 -132.74 70.07 40.20
C ALA Q 285 -133.53 70.02 38.88
N ARG Q 286 -134.27 71.09 38.61
CA ARG Q 286 -135.07 71.20 37.39
C ARG Q 286 -134.45 72.26 36.49
N GLN Q 287 -134.24 71.90 35.24
CA GLN Q 287 -133.53 72.76 34.29
C GLN Q 287 -134.48 73.23 33.21
N VAL Q 288 -134.53 74.55 33.02
CA VAL Q 288 -135.31 75.16 31.95
C VAL Q 288 -134.43 76.18 31.24
N VAL Q 289 -134.76 76.46 30.00
CA VAL Q 289 -133.99 77.40 29.20
C VAL Q 289 -134.73 78.73 29.12
N ALA Q 290 -133.99 79.82 29.26
CA ALA Q 290 -134.54 81.17 29.18
C ALA Q 290 -134.16 81.81 27.86
N THR Q 291 -134.82 82.92 27.56
CA THR Q 291 -134.58 83.64 26.31
C THR Q 291 -134.20 85.09 26.53
N GLY Q 292 -134.67 85.72 27.60
CA GLY Q 292 -134.30 87.09 27.91
C GLY Q 292 -133.39 87.18 29.12
N ASP Q 293 -133.82 87.93 30.12
CA ASP Q 293 -133.08 88.04 31.37
C ASP Q 293 -133.86 87.61 32.59
N VAL Q 294 -135.17 87.38 32.47
CA VAL Q 294 -136.00 86.94 33.57
C VAL Q 294 -136.90 85.81 33.09
N TRP Q 295 -137.27 84.93 34.03
CA TRP Q 295 -138.16 83.81 33.75
C TRP Q 295 -139.28 83.82 34.78
N HIS Q 296 -140.52 83.72 34.30
CA HIS Q 296 -141.70 83.84 35.15
C HIS Q 296 -142.50 82.55 35.11
N GLY Q 297 -143.04 82.16 36.26
CA GLY Q 297 -143.93 81.03 36.35
C GLY Q 297 -145.22 81.42 37.04
N VAL Q 298 -146.19 80.51 36.99
CA VAL Q 298 -147.51 80.73 37.60
C VAL Q 298 -147.82 79.55 38.50
N SER Q 299 -148.22 79.83 39.74
CA SER Q 299 -148.56 78.82 40.72
C SER Q 299 -149.90 79.17 41.36
N SER Q 300 -150.62 78.14 41.80
CA SER Q 300 -151.94 78.34 42.38
C SER Q 300 -152.22 77.19 43.34
N ALA Q 301 -153.48 77.08 43.77
CA ALA Q 301 -153.90 76.01 44.66
C ALA Q 301 -155.12 75.29 44.10
N ALA Q 302 -155.71 74.39 44.88
CA ALA Q 302 -156.80 73.54 44.41
C ALA Q 302 -158.14 74.23 44.61
N VAL Q 303 -159.10 73.84 43.76
CA VAL Q 303 -160.48 74.32 43.91
C VAL Q 303 -161.14 73.58 45.06
N GLN Q 304 -161.81 74.34 45.93
CA GLN Q 304 -162.39 73.79 47.16
C GLN Q 304 -163.80 73.28 46.88
N TRP Q 305 -164.03 72.01 47.16
CA TRP Q 305 -165.34 71.40 47.00
C TRP Q 305 -166.09 71.44 48.34
N SER Q 306 -167.35 71.01 48.31
CA SER Q 306 -168.15 70.93 49.52
C SER Q 306 -169.31 69.98 49.28
N TRP Q 307 -169.87 69.46 50.37
CA TRP Q 307 -171.01 68.55 50.28
C TRP Q 307 -172.30 69.36 50.31
N ASP Q 308 -173.16 69.13 49.32
CA ASP Q 308 -174.40 69.87 49.19
C ASP Q 308 -175.58 68.92 49.10
N ALA Q 309 -176.72 69.37 49.58
CA ALA Q 309 -177.95 68.61 49.51
C ALA Q 309 -178.64 68.87 48.18
N GLU Q 310 -179.86 68.36 48.01
CA GLU Q 310 -180.62 68.59 46.79
C GLU Q 310 -181.16 70.01 46.78
N PHE Q 311 -181.19 70.61 45.58
CA PHE Q 311 -181.73 71.95 45.39
C PHE Q 311 -181.02 72.99 46.26
N GLU Q 312 -179.69 72.87 46.33
CA GLU Q 312 -178.86 73.80 47.07
C GLU Q 312 -177.92 74.53 46.11
N GLU Q 313 -177.95 75.85 46.14
CA GLU Q 313 -177.06 76.64 45.31
C GLU Q 313 -175.62 76.49 45.77
N VAL Q 314 -174.70 76.52 44.83
CA VAL Q 314 -173.30 76.26 45.09
C VAL Q 314 -172.58 77.58 45.36
N SER Q 315 -171.39 77.46 45.92
CA SER Q 315 -170.54 78.61 46.23
C SER Q 315 -169.42 78.72 45.21
N ASP Q 316 -169.14 79.94 44.77
CA ASP Q 316 -168.02 80.17 43.87
C ASP Q 316 -166.71 79.79 44.55
N ASP Q 317 -165.87 79.06 43.84
CA ASP Q 317 -164.64 78.52 44.41
C ASP Q 317 -163.43 78.88 43.55
N SER Q 318 -163.38 80.11 43.07
CA SER Q 318 -162.28 80.53 42.22
C SER Q 318 -160.99 80.58 43.05
N PRO Q 319 -159.91 79.94 42.58
CA PRO Q 319 -158.66 79.96 43.35
C PRO Q 319 -157.82 81.19 43.05
N GLU Q 320 -156.82 81.45 43.88
CA GLU Q 320 -155.90 82.56 43.69
C GLU Q 320 -154.58 82.06 43.11
N PHE Q 321 -153.88 82.95 42.42
CA PHE Q 321 -152.67 82.60 41.67
C PHE Q 321 -151.46 83.35 42.21
N GLY Q 322 -150.28 82.81 41.88
CA GLY Q 322 -149.03 83.44 42.24
C GLY Q 322 -148.07 83.42 41.06
N GLN Q 323 -146.93 84.09 41.25
CA GLN Q 323 -145.93 84.21 40.19
C GLN Q 323 -144.53 84.22 40.79
N PRO Q 324 -143.82 83.09 40.77
CA PRO Q 324 -142.41 83.09 41.16
C PRO Q 324 -141.56 83.83 40.12
N GLU Q 325 -140.42 84.33 40.59
CA GLU Q 325 -139.54 85.15 39.77
C GLU Q 325 -138.10 84.67 39.91
N ILE Q 326 -137.34 84.77 38.83
CA ILE Q 326 -135.94 84.34 38.79
C ILE Q 326 -135.15 85.22 37.83
N PRO Q 327 -134.04 85.81 38.25
CA PRO Q 327 -133.21 86.61 37.35
C PRO Q 327 -132.16 85.75 36.66
N VAL Q 328 -131.41 86.41 35.77
CA VAL Q 328 -130.30 85.80 35.05
C VAL Q 328 -129.07 86.68 35.23
N LYS Q 329 -127.96 86.08 35.63
CA LYS Q 329 -126.73 86.83 35.90
C LYS Q 329 -125.58 86.24 35.11
N LYS Q 330 -124.41 86.85 35.23
CA LYS Q 330 -123.28 86.54 34.35
C LYS Q 330 -121.99 86.42 35.14
N ALA Q 331 -121.12 85.53 34.67
CA ALA Q 331 -119.77 85.35 35.21
C ALA Q 331 -118.79 85.29 34.05
N GLN Q 332 -117.55 85.71 34.31
CA GLN Q 332 -116.57 85.75 33.25
C GLN Q 332 -115.16 85.67 33.82
N GLY Q 333 -114.22 85.26 32.98
CA GLY Q 333 -112.82 85.18 33.33
C GLY Q 333 -111.95 85.43 32.12
N PHE Q 334 -110.79 86.03 32.37
CA PHE Q 334 -109.93 86.51 31.30
C PHE Q 334 -108.49 86.06 31.53
N VAL Q 335 -107.81 85.70 30.43
CA VAL Q 335 -106.42 85.25 30.49
C VAL Q 335 -105.65 85.84 29.32
N PRO Q 336 -104.67 86.71 29.57
CA PRO Q 336 -103.86 87.26 28.47
C PRO Q 336 -102.67 86.36 28.16
N ILE Q 337 -102.07 86.62 27.00
CA ILE Q 337 -100.98 85.79 26.50
C ILE Q 337 -100.15 86.61 25.52
N SER Q 338 -98.86 86.30 25.44
CA SER Q 338 -97.94 86.98 24.53
C SER Q 338 -97.90 86.26 23.18
N ILE Q 339 -97.49 87.01 22.15
CA ILE Q 339 -97.46 86.44 20.81
C ILE Q 339 -96.38 85.36 20.69
N GLU Q 340 -95.16 85.65 21.15
CA GLU Q 340 -94.10 84.66 21.03
C GLU Q 340 -94.29 83.52 22.01
N ALA Q 341 -94.94 83.77 23.16
CA ALA Q 341 -95.24 82.69 24.08
C ALA Q 341 -96.27 81.73 23.49
N LEU Q 342 -97.19 82.24 22.69
CA LEU Q 342 -98.21 81.38 22.08
C LEU Q 342 -97.63 80.45 21.03
N GLN Q 343 -96.49 80.80 20.44
CA GLN Q 343 -95.89 79.96 19.40
C GLN Q 343 -94.66 79.20 19.88
N ASP Q 344 -94.06 79.59 21.00
CA ASP Q 344 -92.92 78.84 21.52
C ASP Q 344 -93.38 77.66 22.39
N GLU Q 345 -94.29 77.92 23.31
CA GLU Q 345 -94.76 76.87 24.21
C GLU Q 345 -95.63 75.87 23.44
N ALA Q 346 -95.63 74.63 23.91
CA ALA Q 346 -96.30 73.53 23.23
C ALA Q 346 -97.62 73.20 23.92
N ASN Q 347 -98.68 73.10 23.13
CA ASN Q 347 -100.02 72.78 23.61
C ASN Q 347 -100.47 73.78 24.67
N VAL Q 348 -100.59 75.03 24.22
CA VAL Q 348 -100.98 76.12 25.11
C VAL Q 348 -102.49 76.30 25.12
N THR Q 349 -103.13 76.21 23.96
CA THR Q 349 -104.56 76.43 23.88
C THR Q 349 -105.34 75.39 24.69
N GLU Q 350 -105.00 74.12 24.51
CA GLU Q 350 -105.74 73.04 25.17
C GLU Q 350 -105.57 73.10 26.69
N THR Q 351 -104.36 73.37 27.16
CA THR Q 351 -104.13 73.44 28.60
C THR Q 351 -104.97 74.55 29.23
N VAL Q 352 -104.99 75.71 28.59
CA VAL Q 352 -105.77 76.83 29.12
C VAL Q 352 -107.26 76.54 29.04
N ALA Q 353 -107.71 75.83 27.99
CA ALA Q 353 -109.12 75.44 27.92
C ALA Q 353 -109.49 74.51 29.07
N LEU Q 354 -108.61 73.55 29.38
CA LEU Q 354 -108.85 72.66 30.50
C LEU Q 354 -108.91 73.43 31.82
N LEU Q 355 -108.00 74.39 32.00
CA LEU Q 355 -108.01 75.20 33.21
C LEU Q 355 -109.27 76.03 33.31
N PHE Q 356 -109.74 76.58 32.18
CA PHE Q 356 -111.00 77.32 32.17
C PHE Q 356 -112.16 76.44 32.59
N ALA Q 357 -112.22 75.22 32.07
CA ALA Q 357 -113.31 74.32 32.43
C ALA Q 357 -113.27 73.99 33.92
N GLU Q 358 -112.08 73.72 34.45
CA GLU Q 358 -111.94 73.40 35.86
C GLU Q 358 -112.39 74.57 36.74
N GLY Q 359 -111.97 75.79 36.40
CA GLY Q 359 -112.39 76.95 37.16
C GLY Q 359 -113.89 77.17 37.09
N LYS Q 360 -114.47 76.97 35.90
CA LYS Q 360 -115.92 77.06 35.75
C LYS Q 360 -116.63 76.10 36.69
N ASP Q 361 -116.22 74.83 36.71
CA ASP Q 361 -116.89 73.86 37.56
C ASP Q 361 -116.74 74.21 39.03
N GLU Q 362 -115.54 74.63 39.43
CA GLU Q 362 -115.31 74.96 40.84
C GLU Q 362 -116.17 76.15 41.26
N LEU Q 363 -116.32 77.15 40.39
CA LEU Q 363 -117.19 78.28 40.72
C LEU Q 363 -118.65 77.85 40.79
N GLU Q 364 -119.10 77.09 39.80
CA GLU Q 364 -120.53 76.76 39.70
C GLU Q 364 -120.98 75.93 40.89
N ALA Q 365 -120.17 74.96 41.32
CA ALA Q 365 -120.57 74.12 42.44
C ALA Q 365 -120.83 74.97 43.69
N VAL Q 366 -119.87 75.84 44.04
CA VAL Q 366 -120.02 76.67 45.23
C VAL Q 366 -121.20 77.60 45.09
N THR Q 367 -121.39 78.20 43.91
CA THR Q 367 -122.48 79.15 43.74
C THR Q 367 -123.84 78.49 43.85
N LEU Q 368 -124.01 77.32 43.22
CA LEU Q 368 -125.28 76.62 43.32
C LEU Q 368 -125.55 76.17 44.74
N THR Q 369 -124.52 75.70 45.45
CA THR Q 369 -124.73 75.23 46.82
C THR Q 369 -125.18 76.36 47.73
N THR Q 370 -124.33 77.38 47.90
CA THR Q 370 -124.64 78.53 48.76
C THR Q 370 -124.24 79.81 48.04
N GLY Q 371 -125.25 80.52 47.52
CA GLY Q 371 -125.06 81.81 46.90
C GLY Q 371 -125.67 82.89 47.77
N THR Q 372 -125.10 84.10 47.70
CA THR Q 372 -125.63 85.21 48.48
C THR Q 372 -127.04 85.57 48.03
N GLY Q 373 -127.28 85.55 46.71
CA GLY Q 373 -128.54 85.96 46.15
C GLY Q 373 -128.60 87.43 45.80
N GLN Q 374 -128.09 88.30 46.67
CA GLN Q 374 -128.04 89.73 46.42
C GLN Q 374 -126.85 90.05 45.53
N GLY Q 375 -126.70 91.34 45.21
CA GLY Q 375 -125.58 91.76 44.38
C GLY Q 375 -125.67 91.15 43.00
N ASN Q 376 -124.63 90.43 42.61
CA ASN Q 376 -124.56 89.82 41.29
C ASN Q 376 -124.59 88.30 41.32
N GLN Q 377 -124.81 87.70 42.48
CA GLN Q 377 -124.76 86.26 42.65
C GLN Q 377 -126.17 85.67 42.57
N PRO Q 378 -126.36 84.55 41.87
CA PRO Q 378 -127.65 83.87 41.91
C PRO Q 378 -127.92 83.28 43.29
N THR Q 379 -129.20 83.14 43.61
CA THR Q 379 -129.59 82.57 44.89
C THR Q 379 -129.31 81.07 44.93
N GLY Q 380 -128.76 80.61 46.05
CA GLY Q 380 -128.50 79.21 46.27
C GLY Q 380 -129.66 78.52 46.99
N ILE Q 381 -129.51 77.21 47.18
CA ILE Q 381 -130.56 76.42 47.82
C ILE Q 381 -130.69 76.80 49.30
N VAL Q 382 -129.56 77.00 49.98
CA VAL Q 382 -129.61 77.28 51.41
C VAL Q 382 -130.15 78.69 51.66
N THR Q 383 -129.70 79.65 50.86
CA THR Q 383 -130.09 81.05 51.12
C THR Q 383 -131.59 81.25 50.99
N ALA Q 384 -132.20 80.64 49.97
CA ALA Q 384 -133.64 80.78 49.79
C ALA Q 384 -134.43 80.00 50.84
N LEU Q 385 -133.80 79.03 51.50
CA LEU Q 385 -134.47 78.19 52.49
C LEU Q 385 -134.10 78.59 53.92
N ALA Q 386 -133.48 79.73 54.11
CA ALA Q 386 -133.07 80.21 55.44
C ALA Q 386 -134.04 81.28 55.91
N GLY Q 387 -134.59 81.08 57.10
CA GLY Q 387 -135.55 82.01 57.66
C GLY Q 387 -136.99 81.78 57.25
N THR Q 388 -137.25 80.83 56.37
CA THR Q 388 -138.60 80.53 55.94
C THR Q 388 -139.20 79.46 56.83
N ALA Q 389 -140.33 78.88 56.42
CA ALA Q 389 -140.93 77.79 57.17
C ALA Q 389 -140.15 76.49 57.00
N ALA Q 390 -139.27 76.40 56.00
CA ALA Q 390 -138.52 75.18 55.77
C ALA Q 390 -137.39 74.98 56.77
N GLU Q 391 -136.99 76.02 57.50
CA GLU Q 391 -135.92 75.88 58.48
C GLU Q 391 -136.50 75.49 59.83
N ILE Q 392 -135.98 74.40 60.40
CA ILE Q 392 -136.46 73.87 61.67
C ILE Q 392 -135.28 73.83 62.65
N ALA Q 393 -135.57 73.40 63.87
CA ALA Q 393 -134.60 73.38 64.95
C ALA Q 393 -134.50 71.98 65.55
N PRO Q 394 -133.33 71.62 66.10
CA PRO Q 394 -133.18 70.28 66.67
C PRO Q 394 -134.00 70.13 67.95
N VAL Q 395 -134.28 68.87 68.28
CA VAL Q 395 -135.00 68.57 69.52
C VAL Q 395 -134.17 69.00 70.72
N THR Q 396 -132.87 68.72 70.69
CA THR Q 396 -131.94 69.09 71.74
C THR Q 396 -131.06 70.22 71.25
N ALA Q 397 -130.89 71.25 72.09
CA ALA Q 397 -130.10 72.40 71.72
C ALA Q 397 -128.65 71.99 71.45
N GLU Q 398 -128.06 72.56 70.40
CA GLU Q 398 -126.66 72.36 70.02
C GLU Q 398 -126.26 70.89 70.04
N THR Q 399 -127.11 70.03 69.48
CA THR Q 399 -126.84 68.61 69.42
C THR Q 399 -127.53 68.01 68.20
N PHE Q 400 -126.80 67.16 67.47
CA PHE Q 400 -127.33 66.47 66.30
C PHE Q 400 -127.55 65.01 66.66
N ALA Q 401 -128.79 64.54 66.51
CA ALA Q 401 -129.18 63.22 66.96
C ALA Q 401 -129.95 62.50 65.86
N LEU Q 402 -130.23 61.22 66.12
CA LEU Q 402 -130.99 60.41 65.15
C LEU Q 402 -132.42 60.87 65.03
N ALA Q 403 -132.99 61.44 66.10
CA ALA Q 403 -134.37 61.90 66.05
C ALA Q 403 -134.53 63.06 65.07
N ASP Q 404 -133.48 63.86 64.89
CA ASP Q 404 -133.57 65.00 63.97
C ASP Q 404 -133.73 64.54 62.53
N VAL Q 405 -133.05 63.46 62.14
CA VAL Q 405 -133.18 62.95 60.78
C VAL Q 405 -134.61 62.50 60.52
N TYR Q 406 -135.19 61.75 61.46
CA TYR Q 406 -136.57 61.31 61.32
C TYR Q 406 -137.52 62.49 61.27
N ALA Q 407 -137.28 63.51 62.10
CA ALA Q 407 -138.14 64.69 62.08
C ALA Q 407 -138.08 65.39 60.72
N VAL Q 408 -136.87 65.55 60.17
CA VAL Q 408 -136.73 66.19 58.87
C VAL Q 408 -137.46 65.40 57.80
N TYR Q 409 -137.32 64.07 57.84
CA TYR Q 409 -138.02 63.24 56.85
C TYR Q 409 -139.54 63.35 56.98
N GLU Q 410 -140.04 63.35 58.21
CA GLU Q 410 -141.48 63.16 58.40
C GLU Q 410 -142.28 64.44 58.34
N GLN Q 411 -141.68 65.58 58.71
CA GLN Q 411 -142.46 66.82 58.74
C GLN Q 411 -142.88 67.26 57.34
N LEU Q 412 -142.22 66.75 56.30
CA LEU Q 412 -142.57 67.11 54.94
C LEU Q 412 -143.89 66.46 54.55
N ALA Q 413 -144.66 67.17 53.71
CA ALA Q 413 -145.93 66.65 53.23
C ALA Q 413 -145.71 65.42 52.36
N ALA Q 414 -146.67 64.50 52.41
CA ALA Q 414 -146.50 63.22 51.73
C ALA Q 414 -146.40 63.34 50.22
N ARG Q 415 -146.91 64.42 49.63
CA ARG Q 415 -146.82 64.59 48.19
C ARG Q 415 -145.36 64.71 47.75
N HIS Q 416 -144.56 65.46 48.49
CA HIS Q 416 -143.15 65.63 48.17
C HIS Q 416 -142.25 64.68 48.93
N ARG Q 417 -142.69 64.20 50.10
CA ARG Q 417 -141.86 63.34 50.92
C ARG Q 417 -141.50 62.05 50.19
N ARG Q 418 -142.37 61.59 49.29
CA ARG Q 418 -142.13 60.37 48.53
C ARG Q 418 -141.33 60.62 47.26
N GLN Q 419 -140.93 61.86 47.00
CA GLN Q 419 -140.14 62.20 45.82
C GLN Q 419 -138.99 63.10 46.19
N GLY Q 420 -138.35 62.84 47.34
CA GLY Q 420 -137.32 63.70 47.86
C GLY Q 420 -135.93 63.10 47.73
N ALA Q 421 -134.94 63.88 48.16
CA ALA Q 421 -133.55 63.47 48.10
C ALA Q 421 -132.78 64.14 49.23
N TRP Q 422 -131.66 63.55 49.59
CA TRP Q 422 -130.82 64.04 50.67
C TRP Q 422 -129.58 64.70 50.10
N LEU Q 423 -129.29 65.92 50.56
CA LEU Q 423 -128.09 66.65 50.17
C LEU Q 423 -127.40 67.14 51.44
N ALA Q 424 -126.16 66.70 51.64
CA ALA Q 424 -125.41 67.07 52.83
C ALA Q 424 -123.92 66.94 52.51
N ASN Q 425 -123.09 67.20 53.52
CA ASN Q 425 -121.64 67.05 53.40
C ASN Q 425 -121.24 65.66 53.88
N ASN Q 426 -119.99 65.31 53.58
CA ASN Q 426 -119.47 64.02 54.02
C ASN Q 426 -119.38 63.94 55.54
N LEU Q 427 -119.04 65.05 56.21
CA LEU Q 427 -118.90 65.03 57.65
C LEU Q 427 -120.22 64.70 58.33
N ILE Q 428 -121.31 65.29 57.84
CA ILE Q 428 -122.62 65.02 58.44
C ILE Q 428 -123.02 63.56 58.24
N TYR Q 429 -122.78 63.03 57.03
CA TYR Q 429 -123.10 61.62 56.79
C TYR Q 429 -122.30 60.71 57.71
N ASN Q 430 -121.01 60.98 57.86
CA ASN Q 430 -120.18 60.13 58.71
C ASN Q 430 -120.58 60.26 60.17
N LYS Q 431 -121.02 61.45 60.59
CA LYS Q 431 -121.52 61.60 61.96
C LYS Q 431 -122.84 60.85 62.13
N ILE Q 432 -123.65 60.76 61.08
CA ILE Q 432 -124.82 59.91 61.12
C ILE Q 432 -124.42 58.45 61.29
N ARG Q 433 -123.32 58.04 60.66
CA ARG Q 433 -122.86 56.67 60.79
C ARG Q 433 -122.44 56.32 62.21
N GLN Q 434 -122.22 57.33 63.05
CA GLN Q 434 -121.78 57.10 64.43
C GLN Q 434 -122.93 57.08 65.43
N PHE Q 435 -124.18 57.17 64.98
CA PHE Q 435 -125.30 57.20 65.91
C PHE Q 435 -125.43 55.89 66.68
N ASP Q 436 -125.44 54.76 65.97
CA ASP Q 436 -125.67 53.48 66.62
C ASP Q 436 -124.49 53.12 67.51
N THR Q 437 -124.79 52.65 68.72
CA THR Q 437 -123.76 52.24 69.65
C THR Q 437 -123.81 50.75 69.96
N GLN Q 438 -124.97 50.22 70.30
CA GLN Q 438 -125.10 48.83 70.72
C GLN Q 438 -125.60 47.92 69.61
N GLY Q 439 -125.79 48.42 68.41
CA GLY Q 439 -126.22 47.58 67.31
C GLY Q 439 -127.73 47.40 67.23
N GLY Q 440 -128.46 48.51 67.12
CA GLY Q 440 -129.90 48.44 67.04
C GLY Q 440 -130.44 48.77 65.67
N ALA Q 441 -131.51 49.57 65.62
CA ALA Q 441 -132.16 49.95 64.38
C ALA Q 441 -131.47 51.10 63.66
N GLY Q 442 -130.46 51.70 64.28
CA GLY Q 442 -129.72 52.79 63.68
C GLY Q 442 -128.56 52.36 62.81
N LEU Q 443 -128.39 51.06 62.57
CA LEU Q 443 -127.31 50.57 61.74
C LEU Q 443 -127.52 51.02 60.29
N TRP Q 444 -126.76 52.02 59.87
CA TRP Q 444 -126.68 52.34 58.45
C TRP Q 444 -125.67 51.42 57.77
N THR Q 445 -124.47 51.33 58.34
CA THR Q 445 -123.42 50.41 57.89
C THR Q 445 -122.32 50.45 58.93
N THR Q 446 -121.28 49.65 58.70
CA THR Q 446 -120.13 49.58 59.59
C THR Q 446 -118.88 50.07 58.86
N ILE Q 447 -117.79 50.20 59.62
CA ILE Q 447 -116.52 50.52 59.00
C ILE Q 447 -116.08 49.31 58.17
N GLY Q 448 -115.31 49.59 57.12
CA GLY Q 448 -114.95 48.57 56.16
C GLY Q 448 -115.86 48.48 54.95
N ASN Q 449 -116.94 49.25 54.93
CA ASN Q 449 -117.86 49.31 53.80
C ASN Q 449 -117.91 50.73 53.26
N GLY Q 450 -118.26 50.85 51.98
CA GLY Q 450 -118.36 52.15 51.35
C GLY Q 450 -119.61 52.89 51.78
N GLU Q 451 -119.86 53.98 51.07
CA GLU Q 451 -121.02 54.82 51.37
C GLU Q 451 -122.30 54.11 50.97
N PRO Q 452 -123.27 53.97 51.87
CA PRO Q 452 -124.56 53.41 51.47
C PRO Q 452 -125.25 54.29 50.43
N SER Q 453 -125.93 53.64 49.50
CA SER Q 453 -126.52 54.33 48.36
C SER Q 453 -127.90 54.91 48.65
N GLN Q 454 -128.49 54.58 49.81
CA GLN Q 454 -129.82 55.05 50.14
C GLN Q 454 -129.87 55.45 51.60
N LEU Q 455 -130.77 56.38 51.92
CA LEU Q 455 -131.04 56.76 53.30
C LEU Q 455 -132.53 56.93 53.46
N LEU Q 456 -133.13 56.11 54.31
CA LEU Q 456 -134.57 56.08 54.50
C LEU Q 456 -135.29 55.82 53.17
N GLY Q 457 -134.69 54.97 52.35
CA GLY Q 457 -135.25 54.63 51.06
C GLY Q 457 -135.19 55.71 50.01
N ARG Q 458 -134.31 56.71 50.18
CA ARG Q 458 -134.26 57.83 49.26
C ARG Q 458 -132.85 58.03 48.73
N PRO Q 459 -132.71 58.61 47.53
CA PRO Q 459 -131.37 58.85 46.99
C PRO Q 459 -130.60 59.85 47.83
N VAL Q 460 -129.27 59.70 47.81
CA VAL Q 460 -128.38 60.48 48.64
C VAL Q 460 -127.43 61.27 47.73
N GLY Q 461 -127.33 62.57 47.99
CA GLY Q 461 -126.41 63.43 47.26
C GLY Q 461 -125.37 64.04 48.20
N GLU Q 462 -124.38 64.67 47.59
CA GLU Q 462 -123.27 65.27 48.34
C GLU Q 462 -122.99 66.68 47.81
N ALA Q 463 -122.64 67.58 48.73
CA ALA Q 463 -122.20 68.93 48.39
C ALA Q 463 -121.20 69.38 49.43
N GLU Q 464 -119.96 69.64 48.99
CA GLU Q 464 -118.90 70.00 49.93
C GLU Q 464 -119.00 71.43 50.44
N ALA Q 465 -119.76 72.29 49.77
CA ALA Q 465 -119.73 73.71 50.08
C ALA Q 465 -120.62 74.09 51.26
N MET Q 466 -121.47 73.20 51.75
CA MET Q 466 -122.28 73.56 52.91
C MET Q 466 -121.45 73.43 54.18
N ASP Q 467 -122.06 73.86 55.29
CA ASP Q 467 -121.39 73.82 56.57
C ASP Q 467 -121.10 72.37 56.98
N ALA Q 468 -119.96 72.18 57.63
CA ALA Q 468 -119.50 70.85 58.01
C ALA Q 468 -119.48 70.64 59.52
N ASN Q 469 -118.78 71.51 60.25
CA ASN Q 469 -118.63 71.37 61.70
C ASN Q 469 -119.08 72.66 62.36
N TRP Q 470 -119.95 72.55 63.36
CA TRP Q 470 -120.42 73.71 64.10
C TRP Q 470 -119.56 74.02 65.32
N ASN Q 471 -118.54 73.20 65.59
CA ASN Q 471 -117.66 73.41 66.73
C ASN Q 471 -116.45 74.27 66.36
N THR Q 472 -115.76 73.93 65.28
CA THR Q 472 -114.62 74.73 64.84
C THR Q 472 -115.07 76.02 64.16
N SER Q 473 -116.26 76.03 63.57
CA SER Q 473 -116.72 77.20 62.84
C SER Q 473 -117.11 78.32 63.79
N ALA Q 474 -116.90 79.56 63.34
CA ALA Q 474 -117.31 80.74 64.09
C ALA Q 474 -118.67 81.27 63.65
N SER Q 475 -119.34 80.59 62.72
CA SER Q 475 -120.64 81.03 62.27
C SER Q 475 -121.68 80.85 63.37
N ALA Q 476 -122.62 81.79 63.46
CA ALA Q 476 -123.69 81.68 64.43
C ALA Q 476 -124.66 80.57 64.08
N ASP Q 477 -124.96 80.41 62.79
CA ASP Q 477 -125.91 79.41 62.32
C ASP Q 477 -125.19 78.37 61.47
N ASN Q 478 -125.58 77.11 61.62
CA ASN Q 478 -125.01 76.01 60.84
C ASN Q 478 -126.15 75.22 60.22
N PHE Q 479 -126.28 75.30 58.90
CA PHE Q 479 -127.29 74.55 58.15
C PHE Q 479 -126.60 73.34 57.55
N VAL Q 480 -126.90 72.16 58.08
CA VAL Q 480 -126.13 70.96 57.77
C VAL Q 480 -126.94 69.88 57.08
N LEU Q 481 -128.27 69.90 57.13
CA LEU Q 481 -129.06 68.83 56.54
C LEU Q 481 -130.15 69.42 55.67
N LEU Q 482 -130.43 68.74 54.56
CA LEU Q 482 -131.41 69.19 53.60
C LEU Q 482 -132.14 67.99 53.02
N TYR Q 483 -133.45 68.13 52.82
CA TYR Q 483 -134.24 67.09 52.19
C TYR Q 483 -135.52 67.72 51.65
N GLY Q 484 -135.85 67.40 50.40
CA GLY Q 484 -137.08 67.91 49.83
C GLY Q 484 -137.19 67.50 48.38
N ASN Q 485 -138.30 67.90 47.77
CA ASN Q 485 -138.55 67.63 46.35
C ASN Q 485 -137.75 68.64 45.53
N PHE Q 486 -136.62 68.19 44.99
CA PHE Q 486 -135.71 69.08 44.27
C PHE Q 486 -136.27 69.56 42.94
N GLN Q 487 -137.39 68.99 42.48
CA GLN Q 487 -138.01 69.45 41.25
C GLN Q 487 -138.45 70.90 41.32
N ASN Q 488 -138.59 71.46 42.52
CA ASN Q 488 -139.00 72.84 42.71
C ASN Q 488 -137.84 73.82 42.71
N TYR Q 489 -136.61 73.35 42.54
CA TYR Q 489 -135.45 74.22 42.42
C TYR Q 489 -135.17 74.41 40.94
N VAL Q 490 -135.52 75.59 40.42
CA VAL Q 490 -135.46 75.87 39.00
C VAL Q 490 -134.16 76.57 38.67
N ILE Q 491 -133.40 76.01 37.73
CA ILE Q 491 -132.16 76.60 37.25
C ILE Q 491 -132.39 77.05 35.82
N ALA Q 492 -132.25 78.35 35.58
CA ALA Q 492 -132.46 78.94 34.27
C ALA Q 492 -131.10 79.28 33.66
N ASP Q 493 -130.69 78.53 32.65
CA ASP Q 493 -129.46 78.77 31.94
C ASP Q 493 -129.76 79.53 30.65
N ARG Q 494 -128.84 80.42 30.27
CA ARG Q 494 -129.01 81.24 29.07
C ARG Q 494 -127.97 80.91 28.01
N ILE Q 495 -126.70 80.98 28.34
CA ILE Q 495 -125.62 80.70 27.41
C ILE Q 495 -124.55 79.88 28.14
N GLY Q 496 -124.06 78.83 27.48
CA GLY Q 496 -123.01 78.02 28.05
C GLY Q 496 -121.67 78.71 27.98
N MET Q 497 -120.62 77.92 28.25
CA MET Q 497 -119.27 78.46 28.26
C MET Q 497 -118.81 78.72 26.85
N THR Q 498 -118.56 79.99 26.52
CA THR Q 498 -118.04 80.40 25.23
C THR Q 498 -116.74 81.15 25.44
N VAL Q 499 -115.73 80.83 24.62
CA VAL Q 499 -114.42 81.46 24.70
C VAL Q 499 -114.19 82.23 23.41
N GLU Q 500 -113.82 83.50 23.54
CA GLU Q 500 -113.53 84.35 22.40
C GLU Q 500 -112.07 84.74 22.40
N PHE Q 501 -111.45 84.70 21.22
CA PHE Q 501 -110.03 84.93 21.05
C PHE Q 501 -109.83 86.34 20.48
N ILE Q 502 -109.31 87.24 21.30
CA ILE Q 502 -109.06 88.61 20.88
C ILE Q 502 -107.80 88.67 20.04
N PRO Q 503 -107.88 89.16 18.80
CA PRO Q 503 -106.70 89.15 17.92
C PRO Q 503 -105.56 90.03 18.41
N HIS Q 504 -105.84 91.10 19.16
CA HIS Q 504 -104.80 92.07 19.48
C HIS Q 504 -105.18 92.83 20.74
N LEU Q 505 -104.22 93.03 21.63
CA LEU Q 505 -104.39 93.90 22.77
C LEU Q 505 -103.68 95.23 22.51
N PHE Q 506 -103.86 96.18 23.41
CA PHE Q 506 -103.33 97.53 23.22
C PHE Q 506 -102.56 97.97 24.44
N GLY Q 507 -101.75 99.01 24.27
CA GLY Q 507 -100.88 99.48 25.33
C GLY Q 507 -101.28 100.84 25.88
N THR Q 508 -100.39 101.46 26.63
CA THR Q 508 -100.69 102.75 27.24
C THR Q 508 -100.92 103.83 26.19
N ASN Q 509 -100.10 103.82 25.12
CA ASN Q 509 -100.22 104.82 24.06
C ASN Q 509 -101.17 104.40 22.96
N ARG Q 510 -102.11 103.49 23.25
CA ARG Q 510 -103.14 103.06 22.30
C ARG Q 510 -102.53 102.47 21.04
N ARG Q 511 -101.47 101.68 21.20
CA ARG Q 511 -100.80 101.01 20.11
C ARG Q 511 -100.56 99.55 20.50
N PRO Q 512 -100.43 98.66 19.51
CA PRO Q 512 -100.19 97.26 19.83
C PRO Q 512 -98.90 97.07 20.62
N ASN Q 513 -98.93 96.12 21.55
CA ASN Q 513 -97.76 95.81 22.37
C ASN Q 513 -97.28 94.38 22.22
N GLY Q 514 -97.98 93.55 21.44
CA GLY Q 514 -97.54 92.18 21.24
C GLY Q 514 -98.14 91.17 22.19
N SER Q 515 -99.45 91.18 22.35
CA SER Q 515 -100.14 90.25 23.22
C SER Q 515 -101.52 89.95 22.67
N ARG Q 516 -102.08 88.83 23.11
CA ARG Q 516 -103.40 88.39 22.69
C ARG Q 516 -104.21 88.00 23.91
N GLY Q 517 -105.52 87.86 23.72
CA GLY Q 517 -106.42 87.67 24.84
C GLY Q 517 -107.37 86.52 24.62
N TRP Q 518 -107.88 86.00 25.74
CA TRP Q 518 -108.86 84.91 25.79
C TRP Q 518 -109.96 85.30 26.75
N PHE Q 519 -111.12 85.64 26.20
CA PHE Q 519 -112.28 86.04 27.00
C PHE Q 519 -113.32 84.93 27.01
N ALA Q 520 -113.81 84.62 28.20
CA ALA Q 520 -114.84 83.60 28.38
C ALA Q 520 -115.89 84.11 29.35
N TYR Q 521 -117.16 83.87 29.02
CA TYR Q 521 -118.26 84.34 29.86
C TYR Q 521 -119.36 83.28 29.91
N TYR Q 522 -120.25 83.45 30.88
CA TYR Q 522 -121.25 82.44 31.21
C TYR Q 522 -122.43 83.12 31.90
N ARG Q 523 -123.64 82.68 31.57
CA ARG Q 523 -124.85 83.23 32.17
C ARG Q 523 -125.72 82.10 32.72
N MET Q 524 -126.27 82.30 33.91
CA MET Q 524 -127.02 81.27 34.60
C MET Q 524 -127.90 81.93 35.66
N GLY Q 525 -128.98 81.25 36.02
CA GLY Q 525 -129.87 81.75 37.04
C GLY Q 525 -130.52 80.61 37.80
N ALA Q 526 -130.66 80.79 39.12
CA ALA Q 526 -131.22 79.76 39.97
C ALA Q 526 -132.02 80.41 41.09
N ASP Q 527 -133.06 79.71 41.53
CA ASP Q 527 -133.93 80.18 42.60
C ASP Q 527 -134.79 79.01 43.07
N VAL Q 528 -135.60 79.28 44.10
CA VAL Q 528 -136.50 78.28 44.68
C VAL Q 528 -137.93 78.75 44.45
N VAL Q 529 -138.76 77.86 43.92
CA VAL Q 529 -140.14 78.21 43.60
C VAL Q 529 -141.05 77.97 44.78
N ASN Q 530 -141.07 76.75 45.30
CA ASN Q 530 -141.94 76.39 46.41
C ASN Q 530 -141.12 76.18 47.67
N PRO Q 531 -141.15 77.11 48.64
CA PRO Q 531 -140.32 76.95 49.84
C PRO Q 531 -140.84 75.94 50.83
N ASN Q 532 -142.06 75.44 50.66
CA ASN Q 532 -142.68 74.52 51.60
C ASN Q 532 -142.42 73.07 51.23
N ALA Q 533 -141.74 72.83 50.11
CA ALA Q 533 -141.44 71.47 49.66
C ALA Q 533 -140.13 70.95 50.22
N PHE Q 534 -139.39 71.75 50.96
CA PHE Q 534 -138.12 71.35 51.55
C PHE Q 534 -138.17 71.51 53.07
N ARG Q 535 -137.17 70.94 53.73
CA ARG Q 535 -136.99 71.09 55.17
C ARG Q 535 -135.50 71.17 55.46
N LEU Q 536 -135.07 72.27 56.07
CA LEU Q 536 -133.67 72.50 56.36
C LEU Q 536 -133.45 72.50 57.87
N LEU Q 537 -132.45 71.76 58.32
CA LEU Q 537 -132.13 71.66 59.73
C LEU Q 537 -131.06 72.68 60.08
N ASN Q 538 -131.32 73.46 61.13
CA ASN Q 538 -130.42 74.56 61.53
C ASN Q 538 -129.95 74.31 62.96
N VAL Q 539 -128.66 74.03 63.11
CA VAL Q 539 -128.05 73.81 64.41
C VAL Q 539 -127.35 75.12 64.77
N GLU Q 540 -128.05 75.98 65.50
CA GLU Q 540 -127.51 77.27 65.90
C GLU Q 540 -126.80 77.09 67.24
N THR Q 541 -125.59 77.62 67.34
CA THR Q 541 -124.79 77.49 68.56
C THR Q 541 -124.74 78.83 69.28
N ALA Q 542 -124.95 78.79 70.60
CA ALA Q 542 -124.78 80.00 71.41
C ALA Q 542 -123.32 80.37 71.48
N SER Q 543 -123.02 81.64 71.22
CA SER Q 543 -121.64 82.11 71.20
C SER Q 543 -121.31 82.90 72.47
N MET R 251 -6.37 50.33 10.19
CA MET R 251 -7.79 50.03 10.22
C MET R 251 -8.03 48.59 10.66
N GLY R 252 -8.24 48.40 11.97
CA GLY R 252 -8.38 47.07 12.52
C GLY R 252 -9.66 46.83 13.30
N LEU R 253 -9.54 46.25 14.49
CA LEU R 253 -10.69 45.93 15.32
C LEU R 253 -11.10 47.06 16.25
N THR R 254 -10.35 48.16 16.29
CA THR R 254 -10.79 49.32 17.06
C THR R 254 -12.12 49.83 16.52
N LYS R 255 -12.99 50.25 17.43
CA LYS R 255 -14.38 50.52 17.05
C LYS R 255 -14.45 51.61 15.99
N ALA R 256 -13.85 52.77 16.26
CA ALA R 256 -13.90 53.90 15.35
C ALA R 256 -12.99 53.72 14.14
N ASP R 257 -12.25 52.62 14.06
CA ASP R 257 -11.36 52.36 12.93
C ASP R 257 -11.87 51.17 12.13
N GLY R 258 -13.17 51.13 11.87
CA GLY R 258 -13.78 50.06 11.13
C GLY R 258 -14.38 48.96 11.96
N GLY R 259 -14.33 49.07 13.28
CA GLY R 259 -14.86 48.02 14.14
C GLY R 259 -16.36 48.04 14.31
N TYR R 260 -17.05 49.01 13.71
CA TYR R 260 -18.49 49.05 13.77
C TYR R 260 -19.15 48.08 12.81
N LEU R 261 -18.40 47.46 11.91
CA LEU R 261 -18.98 46.61 10.88
C LEU R 261 -19.14 45.15 11.30
N VAL R 262 -18.58 44.75 12.44
CA VAL R 262 -18.73 43.38 12.91
C VAL R 262 -20.15 43.17 13.42
N PRO R 263 -20.79 42.05 13.09
CA PRO R 263 -22.14 41.80 13.62
C PRO R 263 -22.11 41.47 15.10
N PHE R 264 -23.28 41.31 15.70
CA PHE R 264 -23.39 41.02 17.13
C PHE R 264 -23.86 39.58 17.31
N GLN R 265 -23.08 38.80 18.05
CA GLN R 265 -23.40 37.40 18.32
C GLN R 265 -23.89 37.26 19.76
N LEU R 266 -25.06 36.66 19.93
CA LEU R 266 -25.66 36.48 21.24
C LEU R 266 -26.27 35.10 21.34
N ASP R 267 -26.21 34.52 22.53
CA ASP R 267 -26.86 33.23 22.80
C ASP R 267 -28.07 33.48 23.69
N PRO R 268 -29.29 33.41 23.16
CA PRO R 268 -30.46 33.78 23.96
C PRO R 268 -30.72 32.87 25.16
N THR R 269 -30.19 31.65 25.15
CA THR R 269 -30.45 30.72 26.24
C THR R 269 -29.87 31.26 27.55
N VAL R 270 -30.66 31.17 28.61
CA VAL R 270 -30.27 31.67 29.92
C VAL R 270 -29.56 30.56 30.69
N ILE R 271 -28.49 30.93 31.39
CA ILE R 271 -27.71 29.99 32.18
C ILE R 271 -28.00 30.28 33.64
N ILE R 272 -28.59 29.32 34.33
CA ILE R 272 -28.96 29.48 35.73
C ILE R 272 -27.69 29.45 36.57
N THR R 273 -27.55 30.42 37.47
CA THR R 273 -26.37 30.55 38.33
C THR R 273 -26.74 30.34 39.79
N SER R 274 -27.70 29.46 40.05
CA SER R 274 -28.11 29.12 41.40
C SER R 274 -27.71 27.68 41.69
N ASN R 275 -27.16 27.45 42.89
CA ASN R 275 -26.68 26.11 43.23
C ASN R 275 -27.81 25.09 43.23
N GLY R 276 -28.99 25.47 43.72
CA GLY R 276 -30.10 24.55 43.79
C GLY R 276 -30.03 23.66 45.01
N SER R 277 -31.07 22.84 45.18
CA SER R 277 -31.15 21.92 46.31
C SER R 277 -31.98 20.71 45.93
N LEU R 278 -31.53 19.54 46.35
CA LEU R 278 -32.19 18.27 46.07
C LEU R 278 -32.63 17.65 47.38
N ASN R 279 -33.85 17.13 47.43
CA ASN R 279 -34.37 16.49 48.63
C ASN R 279 -35.10 15.22 48.26
N ASP R 280 -35.13 14.26 49.19
CA ASP R 280 -35.85 13.00 49.02
C ASP R 280 -36.89 12.77 50.10
N ILE R 281 -37.36 13.83 50.75
CA ILE R 281 -38.33 13.67 51.83
C ILE R 281 -39.66 13.18 51.27
N ARG R 282 -40.02 13.62 50.06
CA ARG R 282 -41.29 13.21 49.47
C ARG R 282 -41.29 11.76 49.03
N ARG R 283 -40.14 11.14 48.83
CA ARG R 283 -40.10 9.76 48.40
C ARG R 283 -40.50 8.80 49.52
N PHE R 284 -40.27 9.18 50.77
CA PHE R 284 -40.54 8.30 51.90
C PHE R 284 -41.69 8.76 52.78
N ALA R 285 -42.02 10.06 52.79
CA ALA R 285 -43.06 10.56 53.67
C ALA R 285 -44.44 10.18 53.14
N ARG R 286 -45.44 10.43 53.97
CA ARG R 286 -46.83 10.11 53.66
C ARG R 286 -47.56 11.39 53.27
N GLN R 287 -48.27 11.35 52.14
CA GLN R 287 -48.94 12.51 51.60
C GLN R 287 -50.45 12.30 51.62
N VAL R 288 -51.18 13.31 52.08
CA VAL R 288 -52.63 13.28 52.18
C VAL R 288 -53.18 14.52 51.50
N VAL R 289 -54.46 14.45 51.11
CA VAL R 289 -55.12 15.57 50.44
C VAL R 289 -55.96 16.32 51.46
N ALA R 290 -55.79 17.63 51.51
CA ALA R 290 -56.54 18.50 52.41
C ALA R 290 -57.60 19.25 51.63
N THR R 291 -58.83 19.26 52.14
CA THR R 291 -59.94 19.97 51.53
C THR R 291 -60.38 21.17 52.34
N GLY R 292 -59.53 21.61 53.27
CA GLY R 292 -59.86 22.72 54.13
C GLY R 292 -58.66 23.36 54.78
N ASP R 293 -58.81 23.80 56.02
CA ASP R 293 -57.74 24.50 56.74
C ASP R 293 -56.86 23.58 57.56
N VAL R 294 -57.45 22.63 58.28
CA VAL R 294 -56.72 21.79 59.22
C VAL R 294 -57.06 20.33 58.96
N TRP R 295 -56.06 19.47 58.97
CA TRP R 295 -56.24 18.03 58.83
C TRP R 295 -56.09 17.38 60.20
N HIS R 296 -57.13 16.68 60.64
CA HIS R 296 -57.18 16.13 61.99
C HIS R 296 -57.09 14.61 61.95
N GLY R 297 -56.62 14.04 63.06
CA GLY R 297 -56.45 12.60 63.18
C GLY R 297 -56.60 12.19 64.63
N VAL R 298 -56.54 10.87 64.85
CA VAL R 298 -56.73 10.29 66.18
C VAL R 298 -55.58 9.35 66.50
N SER R 299 -55.06 9.48 67.72
CA SER R 299 -53.96 8.63 68.18
C SER R 299 -54.25 8.21 69.62
N SER R 300 -53.68 7.08 70.01
CA SER R 300 -53.96 6.50 71.32
C SER R 300 -52.79 5.60 71.72
N ALA R 301 -53.01 4.82 72.79
CA ALA R 301 -52.02 3.86 73.28
C ALA R 301 -52.68 2.51 73.52
N ALA R 302 -51.98 1.59 74.18
CA ALA R 302 -52.47 0.26 74.45
C ALA R 302 -52.99 0.15 75.88
N VAL R 303 -53.83 -0.85 76.12
CA VAL R 303 -54.38 -1.12 77.44
C VAL R 303 -53.34 -1.86 78.28
N GLN R 304 -53.09 -1.37 79.48
CA GLN R 304 -52.06 -1.91 80.35
C GLN R 304 -52.64 -3.07 81.14
N TRP R 305 -52.16 -4.29 80.86
CA TRP R 305 -52.58 -5.46 81.62
C TRP R 305 -51.75 -5.58 82.89
N SER R 306 -52.07 -6.59 83.70
CA SER R 306 -51.33 -6.82 84.93
C SER R 306 -51.58 -8.25 85.39
N TRP R 307 -50.62 -8.80 86.10
CA TRP R 307 -50.76 -10.14 86.66
C TRP R 307 -51.43 -10.03 88.02
N ASP R 308 -52.63 -10.60 88.15
CA ASP R 308 -53.45 -10.45 89.33
C ASP R 308 -53.63 -11.80 90.01
N ALA R 309 -53.71 -11.77 91.34
CA ALA R 309 -53.88 -12.97 92.14
C ALA R 309 -55.34 -13.36 92.17
N GLU R 310 -55.68 -14.36 93.00
CA GLU R 310 -57.04 -14.83 93.14
C GLU R 310 -57.83 -13.87 94.03
N PHE R 311 -59.07 -13.62 93.65
CA PHE R 311 -59.97 -12.74 94.39
C PHE R 311 -59.41 -11.33 94.51
N GLU R 312 -58.69 -10.86 93.51
CA GLU R 312 -58.06 -9.55 93.52
C GLU R 312 -58.81 -8.61 92.58
N GLU R 313 -59.11 -7.41 93.06
CA GLU R 313 -59.81 -6.42 92.27
C GLU R 313 -58.96 -5.98 91.07
N VAL R 314 -59.61 -5.76 89.94
CA VAL R 314 -58.93 -5.37 88.71
C VAL R 314 -58.82 -3.86 88.67
N SER R 315 -57.64 -3.38 88.30
CA SER R 315 -57.37 -1.94 88.24
C SER R 315 -58.16 -1.31 87.09
N ASP R 316 -58.30 0.01 87.15
CA ASP R 316 -58.97 0.78 86.11
C ASP R 316 -57.96 1.06 85.00
N ASP R 317 -58.23 0.53 83.81
CA ASP R 317 -57.30 0.59 82.70
C ASP R 317 -58.03 1.19 81.50
N SER R 318 -58.01 2.52 81.40
CA SER R 318 -58.66 3.21 80.30
C SER R 318 -57.61 3.99 79.52
N PRO R 319 -57.49 3.76 78.22
CA PRO R 319 -56.45 4.43 77.43
C PRO R 319 -56.80 5.84 77.02
N GLU R 320 -55.78 6.70 77.03
CA GLU R 320 -55.95 8.08 76.64
C GLU R 320 -55.89 8.22 75.12
N PHE R 321 -56.36 9.38 74.63
CA PHE R 321 -56.46 9.66 73.21
C PHE R 321 -55.86 11.02 72.90
N GLY R 322 -55.30 11.14 71.70
CA GLY R 322 -54.74 12.41 71.25
C GLY R 322 -55.16 12.70 69.83
N GLN R 323 -55.18 14.00 69.51
CA GLN R 323 -55.62 14.48 68.20
C GLN R 323 -54.50 15.29 67.55
N PRO R 324 -53.72 14.67 66.67
CA PRO R 324 -52.72 15.44 65.92
C PRO R 324 -53.37 16.48 65.03
N GLU R 325 -52.69 17.62 64.90
CA GLU R 325 -53.24 18.78 64.20
C GLU R 325 -52.21 19.26 63.18
N ILE R 326 -52.64 19.46 61.95
CA ILE R 326 -51.74 19.93 60.89
C ILE R 326 -52.36 21.13 60.17
N PRO R 327 -51.83 22.32 60.34
CA PRO R 327 -52.35 23.50 59.62
C PRO R 327 -51.72 23.66 58.26
N VAL R 328 -52.35 24.51 57.45
CA VAL R 328 -51.93 24.77 56.08
C VAL R 328 -51.52 26.24 55.96
N LYS R 329 -50.34 26.48 55.40
CA LYS R 329 -49.81 27.82 55.24
C LYS R 329 -49.72 28.18 53.76
N LYS R 330 -49.28 29.41 53.48
CA LYS R 330 -49.26 29.94 52.12
C LYS R 330 -47.93 30.62 51.85
N ALA R 331 -47.44 30.45 50.62
CA ALA R 331 -46.21 31.09 50.17
C ALA R 331 -46.46 31.69 48.79
N GLN R 332 -45.94 32.90 48.58
CA GLN R 332 -46.24 33.64 47.37
C GLN R 332 -45.06 34.48 46.94
N GLY R 333 -45.00 34.78 45.65
CA GLY R 333 -43.98 35.66 45.10
C GLY R 333 -44.56 36.50 44.00
N PHE R 334 -43.91 37.64 43.74
CA PHE R 334 -44.43 38.62 42.80
C PHE R 334 -43.29 39.30 42.06
N VAL R 335 -43.49 39.51 40.76
CA VAL R 335 -42.48 40.13 39.91
C VAL R 335 -43.10 41.22 39.05
N PRO R 336 -42.87 42.49 39.35
CA PRO R 336 -43.34 43.55 38.44
C PRO R 336 -42.51 43.61 37.18
N ILE R 337 -43.13 44.11 36.11
CA ILE R 337 -42.46 44.30 34.83
C ILE R 337 -43.08 45.49 34.11
N SER R 338 -42.25 46.28 33.46
CA SER R 338 -42.71 47.44 32.70
C SER R 338 -43.21 47.02 31.32
N ILE R 339 -44.02 47.89 30.71
CA ILE R 339 -44.64 47.57 29.43
C ILE R 339 -43.59 47.43 28.34
N GLU R 340 -42.63 48.36 28.30
CA GLU R 340 -41.60 48.30 27.26
C GLU R 340 -40.79 47.02 27.36
N ALA R 341 -40.49 46.58 28.58
CA ALA R 341 -39.79 45.31 28.76
C ALA R 341 -40.63 44.15 28.24
N LEU R 342 -41.94 44.19 28.45
CA LEU R 342 -42.81 43.14 27.95
C LEU R 342 -42.81 43.08 26.44
N GLN R 343 -42.87 44.24 25.77
CA GLN R 343 -43.01 44.28 24.33
C GLN R 343 -41.69 44.47 23.59
N ASP R 344 -40.56 44.40 24.28
CA ASP R 344 -39.26 44.55 23.63
C ASP R 344 -38.32 43.37 23.83
N GLU R 345 -38.41 42.67 24.96
CA GLU R 345 -37.52 41.55 25.26
C GLU R 345 -38.20 40.26 24.85
N ALA R 346 -37.42 39.32 24.32
CA ALA R 346 -37.95 38.09 23.75
C ALA R 346 -38.07 37.00 24.81
N ASN R 347 -39.19 36.28 24.78
CA ASN R 347 -39.41 35.11 25.63
C ASN R 347 -39.25 35.45 27.11
N VAL R 348 -39.86 36.56 27.53
CA VAL R 348 -39.81 36.94 28.94
C VAL R 348 -40.66 35.99 29.78
N THR R 349 -41.85 35.65 29.28
CA THR R 349 -42.81 34.91 30.09
C THR R 349 -42.29 33.52 30.44
N GLU R 350 -41.71 32.81 29.47
CA GLU R 350 -41.18 31.49 29.74
C GLU R 350 -40.03 31.54 30.74
N THR R 351 -39.15 32.54 30.59
CA THR R 351 -38.02 32.67 31.51
C THR R 351 -38.51 32.94 32.93
N VAL R 352 -39.50 33.81 33.08
CA VAL R 352 -40.02 34.10 34.41
C VAL R 352 -40.72 32.89 35.00
N ALA R 353 -41.43 32.11 34.16
CA ALA R 353 -42.05 30.89 34.65
C ALA R 353 -41.01 29.90 35.16
N LEU R 354 -39.91 29.74 34.40
CA LEU R 354 -38.85 28.84 34.83
C LEU R 354 -38.24 29.31 36.15
N LEU R 355 -38.02 30.62 36.28
CA LEU R 355 -37.46 31.15 37.52
C LEU R 355 -38.41 30.92 38.69
N PHE R 356 -39.72 31.07 38.44
CA PHE R 356 -40.71 30.80 39.49
C PHE R 356 -40.66 29.34 39.92
N ALA R 357 -40.58 28.42 38.96
CA ALA R 357 -40.52 27.00 39.31
C ALA R 357 -39.26 26.69 40.12
N GLU R 358 -38.13 27.26 39.71
CA GLU R 358 -36.88 27.03 40.45
C GLU R 358 -36.97 27.59 41.86
N GLY R 359 -37.55 28.77 42.02
CA GLY R 359 -37.70 29.34 43.35
C GLY R 359 -38.62 28.51 44.24
N LYS R 360 -39.71 28.01 43.67
CA LYS R 360 -40.60 27.15 44.45
C LYS R 360 -39.88 25.88 44.89
N ASP R 361 -39.11 25.27 44.01
CA ASP R 361 -38.36 24.09 44.38
C ASP R 361 -37.35 24.40 45.48
N GLU R 362 -36.63 25.52 45.35
CA GLU R 362 -35.64 25.90 46.33
C GLU R 362 -36.25 26.13 47.70
N LEU R 363 -37.42 26.79 47.75
CA LEU R 363 -38.07 27.02 49.03
C LEU R 363 -38.60 25.73 49.63
N GLU R 364 -39.28 24.92 48.82
CA GLU R 364 -39.94 23.73 49.36
C GLU R 364 -38.93 22.69 49.85
N ALA R 365 -37.84 22.50 49.11
CA ALA R 365 -36.85 21.49 49.52
C ALA R 365 -36.23 21.85 50.86
N VAL R 366 -35.90 23.12 51.07
CA VAL R 366 -35.29 23.54 52.32
C VAL R 366 -36.30 23.48 53.47
N THR R 367 -37.51 23.99 53.24
CA THR R 367 -38.47 24.11 54.34
C THR R 367 -38.90 22.75 54.87
N LEU R 368 -39.12 21.78 54.00
CA LEU R 368 -39.51 20.45 54.46
C LEU R 368 -38.44 19.79 55.31
N THR R 369 -37.20 20.26 55.25
CA THR R 369 -36.13 19.75 56.09
C THR R 369 -35.97 20.55 57.38
N THR R 370 -35.92 21.87 57.29
CA THR R 370 -35.75 22.75 58.45
C THR R 370 -36.89 23.77 58.43
N GLY R 371 -38.01 23.40 59.03
CA GLY R 371 -39.16 24.28 59.18
C GLY R 371 -39.36 24.63 60.64
N THR R 372 -39.42 25.93 60.93
CA THR R 372 -39.51 26.37 62.32
C THR R 372 -40.79 25.89 62.98
N GLY R 373 -41.90 25.92 62.25
CA GLY R 373 -43.18 25.51 62.80
C GLY R 373 -43.91 26.60 63.55
N GLN R 374 -43.31 27.77 63.74
CA GLN R 374 -43.93 28.92 64.33
C GLN R 374 -44.05 30.02 63.29
N GLY R 375 -44.76 31.09 63.64
CA GLY R 375 -44.99 32.15 62.69
C GLY R 375 -45.86 31.72 61.53
N ASN R 376 -45.25 31.55 60.35
CA ASN R 376 -46.00 31.19 59.16
C ASN R 376 -45.36 30.04 58.39
N GLN R 377 -44.55 29.22 59.06
CA GLN R 377 -43.83 28.19 58.32
C GLN R 377 -44.28 26.80 58.77
N PRO R 378 -44.38 25.85 57.83
CA PRO R 378 -44.72 24.47 58.21
C PRO R 378 -43.61 23.83 59.01
N THR R 379 -43.99 22.85 59.82
CA THR R 379 -43.02 22.18 60.67
C THR R 379 -42.17 21.21 59.85
N GLY R 380 -40.85 21.27 60.06
CA GLY R 380 -39.94 20.34 59.43
C GLY R 380 -39.62 19.16 60.33
N ILE R 381 -39.13 18.08 59.72
CA ILE R 381 -38.87 16.86 60.47
C ILE R 381 -37.74 17.07 61.47
N VAL R 382 -36.74 17.88 61.11
CA VAL R 382 -35.60 18.09 62.01
C VAL R 382 -36.03 18.90 63.23
N THR R 383 -36.79 19.96 63.03
CA THR R 383 -37.23 20.77 64.16
C THR R 383 -38.19 20.00 65.06
N ALA R 384 -39.08 19.20 64.46
CA ALA R 384 -40.03 18.42 65.25
C ALA R 384 -39.35 17.32 66.07
N LEU R 385 -38.11 16.98 65.74
CA LEU R 385 -37.37 15.94 66.46
C LEU R 385 -36.22 16.51 67.27
N ALA R 386 -36.30 17.77 67.66
CA ALA R 386 -35.28 18.42 68.47
C ALA R 386 -35.80 18.57 69.89
N GLY R 387 -35.10 17.98 70.85
CA GLY R 387 -35.53 17.95 72.23
C GLY R 387 -36.46 16.82 72.59
N THR R 388 -36.87 16.02 71.61
CA THR R 388 -37.76 14.90 71.84
C THR R 388 -36.93 13.68 72.23
N ALA R 389 -37.60 12.59 72.61
CA ALA R 389 -36.90 11.37 72.97
C ALA R 389 -36.12 10.77 71.81
N ALA R 390 -36.40 11.19 70.57
CA ALA R 390 -35.71 10.64 69.43
C ALA R 390 -34.22 11.00 69.40
N GLU R 391 -33.82 12.03 70.14
CA GLU R 391 -32.44 12.51 70.09
C GLU R 391 -31.53 11.62 70.94
N ILE R 392 -30.36 11.30 70.39
CA ILE R 392 -29.35 10.50 71.08
C ILE R 392 -28.01 11.23 70.98
N ALA R 393 -27.00 10.67 71.64
CA ALA R 393 -25.68 11.27 71.71
C ALA R 393 -24.62 10.25 71.32
N PRO R 394 -23.51 10.70 70.75
CA PRO R 394 -22.48 9.75 70.31
C PRO R 394 -21.76 9.11 71.49
N VAL R 395 -21.09 7.99 71.20
CA VAL R 395 -20.38 7.26 72.24
C VAL R 395 -19.23 8.09 72.79
N THR R 396 -18.57 8.88 71.95
CA THR R 396 -17.50 9.77 72.37
C THR R 396 -17.83 11.17 71.88
N ALA R 397 -17.58 12.16 72.75
CA ALA R 397 -17.99 13.54 72.46
C ALA R 397 -17.23 14.09 71.25
N GLU R 398 -17.95 14.81 70.40
CA GLU R 398 -17.38 15.52 69.25
C GLU R 398 -16.66 14.58 68.30
N THR R 399 -17.18 13.36 68.18
CA THR R 399 -16.58 12.36 67.29
C THR R 399 -17.66 11.64 66.52
N PHE R 400 -17.27 11.08 65.37
CA PHE R 400 -18.14 10.25 64.55
C PHE R 400 -17.44 8.92 64.34
N ALA R 401 -18.12 7.83 64.65
CA ALA R 401 -17.55 6.49 64.58
C ALA R 401 -18.53 5.54 63.91
N LEU R 402 -18.05 4.34 63.60
CA LEU R 402 -18.91 3.32 63.02
C LEU R 402 -20.01 2.91 64.00
N ALA R 403 -19.69 2.87 65.29
CA ALA R 403 -20.67 2.49 66.29
C ALA R 403 -21.87 3.42 66.34
N ASP R 404 -21.70 4.68 65.90
CA ASP R 404 -22.81 5.62 65.91
C ASP R 404 -23.91 5.19 64.95
N VAL R 405 -23.53 4.70 63.77
CA VAL R 405 -24.54 4.24 62.80
C VAL R 405 -25.33 3.08 63.38
N TYR R 406 -24.63 2.13 64.01
CA TYR R 406 -25.32 1.01 64.63
C TYR R 406 -26.23 1.47 65.75
N ALA R 407 -25.76 2.45 66.55
CA ALA R 407 -26.58 2.97 67.64
C ALA R 407 -27.86 3.62 67.10
N VAL R 408 -27.74 4.36 66.01
CA VAL R 408 -28.93 4.95 65.39
C VAL R 408 -29.87 3.86 64.92
N TYR R 409 -29.34 2.82 64.29
CA TYR R 409 -30.21 1.78 63.73
C TYR R 409 -30.90 0.97 64.80
N GLU R 410 -30.21 0.66 65.91
CA GLU R 410 -30.70 -0.33 66.86
C GLU R 410 -31.59 0.23 67.95
N GLN R 411 -31.44 1.51 68.32
CA GLN R 411 -32.20 2.05 69.43
C GLN R 411 -33.66 2.29 69.08
N LEU R 412 -34.05 2.12 67.82
CA LEU R 412 -35.43 2.23 67.42
C LEU R 412 -36.19 0.94 67.70
N ALA R 413 -37.50 1.06 67.87
CA ALA R 413 -38.34 -0.12 68.05
C ALA R 413 -38.39 -0.94 66.77
N ALA R 414 -38.59 -2.25 66.93
CA ALA R 414 -38.59 -3.15 65.79
C ALA R 414 -39.76 -2.86 64.84
N ARG R 415 -40.92 -2.51 65.40
CA ARG R 415 -42.08 -2.20 64.56
C ARG R 415 -41.77 -1.09 63.56
N HIS R 416 -40.95 -0.11 63.97
CA HIS R 416 -40.54 0.96 63.09
C HIS R 416 -39.23 0.66 62.38
N ARG R 417 -38.35 -0.12 63.01
CA ARG R 417 -37.06 -0.46 62.40
C ARG R 417 -37.26 -1.29 61.13
N ARG R 418 -38.23 -2.21 61.15
CA ARG R 418 -38.42 -3.11 60.02
C ARG R 418 -38.77 -2.38 58.74
N GLN R 419 -39.36 -1.19 58.83
CA GLN R 419 -39.82 -0.44 57.67
C GLN R 419 -39.36 1.00 57.73
N GLY R 420 -38.07 1.22 58.00
CA GLY R 420 -37.48 2.53 58.06
C GLY R 420 -36.65 2.85 56.82
N ALA R 421 -36.11 4.06 56.83
CA ALA R 421 -35.25 4.53 55.75
C ALA R 421 -34.28 5.58 56.29
N TRP R 422 -33.12 5.66 55.65
CA TRP R 422 -32.09 6.61 56.03
C TRP R 422 -32.33 7.94 55.33
N LEU R 423 -31.90 9.02 55.98
CA LEU R 423 -31.94 10.34 55.37
C LEU R 423 -30.84 11.20 55.98
N ALA R 424 -29.86 11.57 55.18
CA ALA R 424 -28.74 12.38 55.64
C ALA R 424 -28.14 13.10 54.45
N ASN R 425 -27.13 13.91 54.72
CA ASN R 425 -26.43 14.67 53.71
C ASN R 425 -25.34 13.83 53.04
N ASN R 426 -24.80 14.36 51.94
CA ASN R 426 -23.79 13.62 51.19
C ASN R 426 -22.50 13.47 52.00
N LEU R 427 -22.16 14.47 52.81
CA LEU R 427 -20.93 14.42 53.59
C LEU R 427 -20.95 13.27 54.57
N ILE R 428 -22.09 13.02 55.21
CA ILE R 428 -22.18 11.94 56.18
C ILE R 428 -21.97 10.59 55.49
N TYR R 429 -22.58 10.41 54.31
CA TYR R 429 -22.40 9.17 53.56
C TYR R 429 -20.94 8.99 53.17
N ASN R 430 -20.29 10.06 52.73
CA ASN R 430 -18.87 9.97 52.38
C ASN R 430 -18.02 9.64 53.59
N LYS R 431 -18.36 10.20 54.75
CA LYS R 431 -17.64 9.86 55.97
C LYS R 431 -17.81 8.39 56.33
N ILE R 432 -19.01 7.86 56.16
CA ILE R 432 -19.24 6.44 56.39
C ILE R 432 -18.43 5.60 55.41
N ARG R 433 -18.28 6.11 54.18
CA ARG R 433 -17.52 5.37 53.17
C ARG R 433 -16.05 5.25 53.54
N GLN R 434 -15.57 6.07 54.47
CA GLN R 434 -14.17 6.06 54.86
C GLN R 434 -13.90 5.26 56.14
N PHE R 435 -14.91 4.59 56.69
CA PHE R 435 -14.72 3.85 57.93
C PHE R 435 -13.74 2.70 57.75
N ASP R 436 -13.87 1.94 56.67
CA ASP R 436 -13.04 0.75 56.51
C ASP R 436 -11.66 1.12 55.98
N THR R 437 -10.63 0.55 56.61
CA THR R 437 -9.25 0.70 56.18
C THR R 437 -8.58 -0.63 55.87
N GLN R 438 -8.86 -1.68 56.65
CA GLN R 438 -8.24 -2.99 56.46
C GLN R 438 -9.15 -3.95 55.73
N GLY R 439 -10.23 -3.48 55.12
CA GLY R 439 -11.15 -4.35 54.41
C GLY R 439 -11.89 -5.32 55.31
N GLY R 440 -12.31 -4.88 56.49
CA GLY R 440 -13.02 -5.74 57.40
C GLY R 440 -14.49 -5.85 57.07
N ALA R 441 -15.36 -5.81 58.08
CA ALA R 441 -16.79 -5.86 57.88
C ALA R 441 -17.40 -4.49 57.60
N GLY R 442 -16.63 -3.41 57.78
CA GLY R 442 -17.10 -2.07 57.53
C GLY R 442 -17.03 -1.61 56.10
N LEU R 443 -16.59 -2.47 55.19
CA LEU R 443 -16.47 -2.08 53.78
C LEU R 443 -17.86 -1.95 53.17
N TRP R 444 -18.22 -0.72 52.80
CA TRP R 444 -19.47 -0.46 52.10
C TRP R 444 -19.32 -0.63 50.60
N THR R 445 -18.37 0.08 49.99
CA THR R 445 -18.05 -0.07 48.59
C THR R 445 -16.67 0.52 48.34
N THR R 446 -15.97 -0.02 47.36
CA THR R 446 -14.62 0.43 47.06
C THR R 446 -14.64 1.80 46.40
N ILE R 447 -13.50 2.48 46.44
CA ILE R 447 -13.34 3.73 45.70
C ILE R 447 -13.37 3.40 44.21
N GLY R 448 -13.95 4.31 43.43
CA GLY R 448 -14.14 4.08 42.03
C GLY R 448 -15.52 3.59 41.63
N ASN R 449 -16.47 3.55 42.56
CA ASN R 449 -17.83 3.14 42.29
C ASN R 449 -18.80 4.26 42.60
N GLY R 450 -20.05 4.07 42.20
CA GLY R 450 -21.09 5.03 42.48
C GLY R 450 -21.61 4.92 43.90
N GLU R 451 -22.61 5.73 44.19
CA GLU R 451 -23.21 5.74 45.51
C GLU R 451 -24.01 4.46 45.73
N PRO R 452 -23.88 3.80 46.87
CA PRO R 452 -24.66 2.58 47.13
C PRO R 452 -26.14 2.91 47.27
N SER R 453 -26.96 1.91 46.95
CA SER R 453 -28.41 2.08 46.93
C SER R 453 -29.08 1.72 48.24
N GLN R 454 -28.40 1.06 49.18
CA GLN R 454 -29.01 0.71 50.45
C GLN R 454 -27.95 0.61 51.53
N LEU R 455 -28.37 0.84 52.77
CA LEU R 455 -27.50 0.74 53.94
C LEU R 455 -28.18 -0.15 54.97
N LEU R 456 -27.49 -1.22 55.37
CA LEU R 456 -28.01 -2.18 56.35
C LEU R 456 -29.36 -2.74 55.92
N GLY R 457 -29.51 -2.96 54.61
CA GLY R 457 -30.74 -3.52 54.08
C GLY R 457 -31.89 -2.54 53.94
N ARG R 458 -31.66 -1.24 54.13
CA ARG R 458 -32.74 -0.28 54.06
C ARG R 458 -32.46 0.78 52.99
N PRO R 459 -33.50 1.38 52.41
CA PRO R 459 -33.28 2.42 51.40
C PRO R 459 -32.57 3.63 51.97
N VAL R 460 -31.89 4.36 51.09
CA VAL R 460 -31.05 5.49 51.44
C VAL R 460 -31.53 6.73 50.68
N GLY R 461 -31.71 7.84 51.41
CA GLY R 461 -32.13 9.09 50.82
C GLY R 461 -31.11 10.19 51.04
N GLU R 462 -31.33 11.32 50.37
CA GLU R 462 -30.40 12.44 50.41
C GLU R 462 -31.14 13.74 50.66
N ALA R 463 -30.52 14.64 51.41
CA ALA R 463 -31.06 15.97 51.64
C ALA R 463 -29.89 16.92 51.88
N GLU R 464 -29.73 17.91 51.00
CA GLU R 464 -28.59 18.81 51.12
C GLU R 464 -28.80 19.88 52.18
N ALA R 465 -30.02 20.04 52.68
CA ALA R 465 -30.31 21.09 53.65
C ALA R 465 -29.90 20.72 55.07
N MET R 466 -29.54 19.47 55.33
CA MET R 466 -29.16 19.07 56.68
C MET R 466 -27.72 19.51 56.97
N ASP R 467 -27.33 19.36 58.24
CA ASP R 467 -25.98 19.74 58.66
C ASP R 467 -24.95 18.85 57.99
N ALA R 468 -23.80 19.45 57.67
CA ALA R 468 -22.78 18.78 56.87
C ALA R 468 -21.51 18.50 57.68
N ASN R 469 -20.88 19.54 58.23
CA ASN R 469 -19.62 19.38 58.93
C ASN R 469 -19.68 20.14 60.25
N TRP R 470 -19.61 19.40 61.35
CA TRP R 470 -19.67 20.03 62.67
C TRP R 470 -18.37 20.71 63.04
N ASN R 471 -17.25 20.28 62.46
CA ASN R 471 -15.97 20.90 62.77
C ASN R 471 -15.94 22.35 62.32
N THR R 472 -16.43 22.64 61.11
CA THR R 472 -16.49 24.00 60.60
C THR R 472 -17.82 24.67 60.86
N SER R 473 -18.73 24.00 61.58
CA SER R 473 -20.03 24.59 61.87
C SER R 473 -19.89 25.75 62.85
N ALA R 474 -20.94 26.55 62.94
CA ALA R 474 -21.02 27.68 63.87
C ALA R 474 -22.27 27.54 64.72
N SER R 475 -22.50 26.34 65.24
CA SER R 475 -23.69 26.06 66.04
C SER R 475 -23.30 25.13 67.18
N ALA R 476 -24.06 25.22 68.27
CA ALA R 476 -23.85 24.30 69.39
C ALA R 476 -24.30 22.89 69.05
N ASP R 477 -25.39 22.76 68.29
CA ASP R 477 -25.93 21.47 67.91
C ASP R 477 -25.79 21.24 66.41
N ASN R 478 -25.50 19.99 66.03
CA ASN R 478 -25.33 19.61 64.63
C ASN R 478 -26.00 18.24 64.43
N PHE R 479 -27.23 18.26 63.91
CA PHE R 479 -27.96 17.04 63.61
C PHE R 479 -27.52 16.53 62.25
N VAL R 480 -26.88 15.36 62.22
CA VAL R 480 -26.20 14.89 61.03
C VAL R 480 -26.84 13.66 60.41
N LEU R 481 -27.46 12.80 61.20
CA LEU R 481 -28.02 11.54 60.70
C LEU R 481 -29.43 11.35 61.22
N LEU R 482 -30.29 10.80 60.37
CA LEU R 482 -31.69 10.57 60.73
C LEU R 482 -32.16 9.27 60.12
N TYR R 483 -32.84 8.46 60.93
CA TYR R 483 -33.38 7.19 60.47
C TYR R 483 -34.67 6.90 61.23
N GLY R 484 -35.64 6.32 60.53
CA GLY R 484 -36.89 5.97 61.18
C GLY R 484 -37.97 5.65 60.16
N ASN R 485 -39.15 5.33 60.70
CA ASN R 485 -40.30 4.97 59.89
C ASN R 485 -40.98 6.24 59.40
N PHE R 486 -40.87 6.51 58.09
CA PHE R 486 -41.30 7.78 57.52
C PHE R 486 -42.79 7.82 57.22
N GLN R 487 -43.54 6.76 57.51
CA GLN R 487 -44.99 6.86 57.39
C GLN R 487 -45.59 7.77 58.44
N ASN R 488 -44.82 8.18 59.45
CA ASN R 488 -45.29 9.06 60.49
C ASN R 488 -45.01 10.53 60.21
N TYR R 489 -44.44 10.86 59.06
CA TYR R 489 -44.30 12.25 58.63
C TYR R 489 -45.34 12.51 57.55
N VAL R 490 -46.30 13.36 57.87
CA VAL R 490 -47.50 13.57 57.05
C VAL R 490 -47.41 14.94 56.40
N ILE R 491 -47.66 15.00 55.09
CA ILE R 491 -47.66 16.23 54.33
C ILE R 491 -49.01 16.39 53.67
N ALA R 492 -49.64 17.55 53.87
CA ALA R 492 -50.96 17.84 53.31
C ALA R 492 -50.86 18.99 52.32
N ASP R 493 -51.47 18.83 51.15
CA ASP R 493 -51.43 19.81 50.08
C ASP R 493 -52.83 20.28 49.74
N ARG R 494 -52.96 21.56 49.38
CA ARG R 494 -54.25 22.13 48.99
C ARG R 494 -54.27 22.52 47.52
N ILE R 495 -53.37 23.40 47.09
CA ILE R 495 -53.33 23.87 45.71
C ILE R 495 -51.88 23.96 45.27
N GLY R 496 -51.63 23.55 44.03
CA GLY R 496 -50.30 23.66 43.45
C GLY R 496 -49.97 25.08 43.05
N MET R 497 -48.83 25.22 42.37
CA MET R 497 -48.36 26.54 41.97
C MET R 497 -49.22 27.07 40.84
N THR R 498 -49.90 28.19 41.09
CA THR R 498 -50.75 28.85 40.11
C THR R 498 -50.27 30.29 39.91
N VAL R 499 -50.24 30.73 38.66
CA VAL R 499 -49.74 32.04 38.29
C VAL R 499 -50.85 32.81 37.60
N GLU R 500 -51.11 34.03 38.06
CA GLU R 500 -52.11 34.91 37.46
C GLU R 500 -51.46 36.23 37.08
N PHE R 501 -51.90 36.78 35.96
CA PHE R 501 -51.30 37.97 35.37
C PHE R 501 -52.13 39.20 35.71
N ILE R 502 -51.47 40.25 36.21
CA ILE R 502 -52.13 41.50 36.58
C ILE R 502 -51.96 42.53 35.48
N PRO R 503 -53.04 43.04 34.89
CA PRO R 503 -52.90 43.92 33.72
C PRO R 503 -52.35 45.30 34.04
N HIS R 504 -52.57 45.83 35.24
CA HIS R 504 -52.15 47.20 35.54
C HIS R 504 -51.73 47.30 36.99
N LEU R 505 -50.67 48.07 37.24
CA LEU R 505 -50.28 48.44 38.59
C LEU R 505 -50.41 49.95 38.75
N PHE R 506 -50.63 50.38 39.99
CA PHE R 506 -50.93 51.77 40.29
C PHE R 506 -49.80 52.43 41.07
N GLY R 507 -49.71 53.75 40.93
CA GLY R 507 -48.72 54.54 41.64
C GLY R 507 -49.25 55.06 42.95
N THR R 508 -48.52 56.03 43.50
CA THR R 508 -48.89 56.61 44.80
C THR R 508 -50.24 57.32 44.72
N ASN R 509 -50.48 58.07 43.65
CA ASN R 509 -51.70 58.86 43.51
C ASN R 509 -52.84 58.06 42.89
N ARG R 510 -52.79 56.73 42.99
CA ARG R 510 -53.85 55.87 42.48
C ARG R 510 -54.10 56.07 40.98
N ARG R 511 -53.01 56.24 40.23
CA ARG R 511 -53.09 56.36 38.79
C ARG R 511 -52.14 55.38 38.13
N PRO R 512 -52.45 54.92 36.92
CA PRO R 512 -51.58 53.94 36.26
C PRO R 512 -50.22 54.54 35.93
N ASN R 513 -49.20 53.69 35.98
CA ASN R 513 -47.84 54.08 35.65
C ASN R 513 -47.21 53.22 34.56
N GLY R 514 -47.95 52.31 33.96
CA GLY R 514 -47.42 51.50 32.89
C GLY R 514 -46.52 50.37 33.35
N SER R 515 -47.02 49.54 34.26
CA SER R 515 -46.26 48.41 34.77
C SER R 515 -47.20 47.24 35.02
N ARG R 516 -46.67 46.03 34.89
CA ARG R 516 -47.45 44.81 35.00
C ARG R 516 -46.69 43.81 35.87
N GLY R 517 -47.40 42.78 36.34
CA GLY R 517 -46.82 41.79 37.20
C GLY R 517 -47.40 40.40 37.00
N TRP R 518 -46.75 39.43 37.65
CA TRP R 518 -47.25 38.06 37.76
C TRP R 518 -47.42 37.76 39.24
N PHE R 519 -48.58 37.24 39.62
CA PHE R 519 -48.80 36.77 40.97
C PHE R 519 -48.84 35.25 41.01
N ALA R 520 -48.14 34.69 41.99
CA ALA R 520 -48.04 33.24 42.14
C ALA R 520 -48.09 32.89 43.61
N TYR R 521 -48.78 31.79 43.93
CA TYR R 521 -48.95 31.36 45.30
C TYR R 521 -49.03 29.84 45.36
N TYR R 522 -48.89 29.30 46.57
CA TYR R 522 -48.74 27.86 46.78
C TYR R 522 -49.05 27.56 48.24
N ARG R 523 -49.84 26.52 48.48
CA ARG R 523 -50.31 26.18 49.82
C ARG R 523 -49.97 24.75 50.17
N MET R 524 -49.38 24.54 51.34
CA MET R 524 -48.91 23.23 51.78
C MET R 524 -48.67 23.27 53.28
N GLY R 525 -48.63 22.10 53.91
CA GLY R 525 -48.37 22.01 55.33
C GLY R 525 -48.02 20.59 55.73
N ALA R 526 -47.27 20.46 56.82
CA ALA R 526 -46.82 19.16 57.27
C ALA R 526 -46.44 19.23 58.75
N ASP R 527 -46.42 18.06 59.40
CA ASP R 527 -46.05 17.94 60.81
C ASP R 527 -45.82 16.45 61.08
N VAL R 528 -45.19 16.15 62.21
CA VAL R 528 -44.88 14.78 62.62
C VAL R 528 -45.91 14.34 63.64
N VAL R 529 -46.58 13.22 63.36
CA VAL R 529 -47.65 12.76 64.24
C VAL R 529 -47.08 11.91 65.38
N ASN R 530 -46.02 11.16 65.10
CA ASN R 530 -45.42 10.29 66.11
C ASN R 530 -43.92 10.50 66.20
N PRO R 531 -43.42 11.09 67.28
CA PRO R 531 -41.99 11.40 67.39
C PRO R 531 -41.13 10.31 68.01
N ASN R 532 -41.71 9.15 68.35
CA ASN R 532 -40.95 8.06 68.94
C ASN R 532 -40.54 7.02 67.90
N ALA R 533 -40.80 7.27 66.63
CA ALA R 533 -40.46 6.34 65.55
C ALA R 533 -39.24 6.79 64.77
N PHE R 534 -38.39 7.63 65.36
CA PHE R 534 -37.17 8.09 64.72
C PHE R 534 -36.04 8.14 65.74
N ARG R 535 -34.81 8.19 65.24
CA ARG R 535 -33.61 8.14 66.07
C ARG R 535 -32.61 9.19 65.61
N LEU R 536 -33.07 10.43 65.48
CA LEU R 536 -32.19 11.53 65.08
C LEU R 536 -31.00 11.64 66.03
N LEU R 537 -29.81 11.84 65.46
CA LEU R 537 -28.56 11.89 66.20
C LEU R 537 -28.00 13.30 66.16
N ASN R 538 -27.51 13.78 67.31
CA ASN R 538 -26.94 15.10 67.43
C ASN R 538 -25.51 14.99 67.97
N VAL R 539 -24.56 15.59 67.24
CA VAL R 539 -23.17 15.67 67.71
C VAL R 539 -23.02 17.08 68.28
N GLU R 540 -23.18 17.18 69.60
CA GLU R 540 -23.12 18.47 70.29
C GLU R 540 -21.66 18.84 70.49
N THR R 541 -21.22 19.89 69.79
CA THR R 541 -19.85 20.38 69.93
C THR R 541 -19.83 21.55 70.89
N ALA R 542 -18.88 21.55 71.81
CA ALA R 542 -18.76 22.62 72.78
C ALA R 542 -18.07 23.83 72.16
N SER R 543 -18.18 24.97 72.85
CA SER R 543 -17.54 26.20 72.41
C SER R 543 -16.04 26.14 72.66
N MET S 251 -63.52 39.37 55.78
CA MET S 251 -63.97 37.98 55.79
C MET S 251 -62.83 37.03 55.43
N GLY S 252 -62.13 36.54 56.45
CA GLY S 252 -61.02 35.64 56.29
C GLY S 252 -61.29 34.26 56.84
N LEU S 253 -60.24 33.61 57.32
CA LEU S 253 -60.34 32.27 57.91
C LEU S 253 -60.59 32.31 59.41
N THR S 254 -60.68 33.49 60.01
CA THR S 254 -61.02 33.59 61.42
C THR S 254 -62.44 33.08 61.63
N LYS S 255 -62.68 32.51 62.82
CA LYS S 255 -63.95 31.84 63.06
C LYS S 255 -65.13 32.79 62.90
N ALA S 256 -65.11 33.92 63.61
CA ALA S 256 -66.22 34.86 63.58
C ALA S 256 -66.34 35.59 62.25
N ASP S 257 -65.36 35.49 61.36
CA ASP S 257 -65.37 36.18 60.08
C ASP S 257 -65.59 35.21 58.92
N GLY S 258 -66.46 34.21 59.13
CA GLY S 258 -66.74 33.22 58.12
C GLY S 258 -66.05 31.90 58.30
N GLY S 259 -65.31 31.71 59.39
CA GLY S 259 -64.62 30.46 59.60
C GLY S 259 -65.49 29.32 60.05
N TYR S 260 -66.77 29.56 60.27
CA TYR S 260 -67.69 28.52 60.69
C TYR S 260 -68.23 27.68 59.53
N LEU S 261 -67.90 28.04 58.30
CA LEU S 261 -68.41 27.31 57.14
C LEU S 261 -67.47 26.22 56.64
N VAL S 262 -66.23 26.20 57.11
CA VAL S 262 -65.28 25.19 56.61
C VAL S 262 -65.67 23.82 57.17
N PRO S 263 -65.77 22.79 56.32
CA PRO S 263 -66.08 21.45 56.84
C PRO S 263 -64.94 20.92 57.69
N PHE S 264 -65.30 20.10 58.67
CA PHE S 264 -64.33 19.48 59.55
C PHE S 264 -63.80 18.20 58.91
N GLN S 265 -62.48 18.12 58.75
CA GLN S 265 -61.84 16.96 58.14
C GLN S 265 -61.16 16.14 59.24
N LEU S 266 -61.44 14.85 59.26
CA LEU S 266 -60.93 13.96 60.29
C LEU S 266 -60.54 12.63 59.66
N ASP S 267 -59.52 12.01 60.24
CA ASP S 267 -59.12 10.66 59.86
C ASP S 267 -59.61 9.69 60.92
N PRO S 268 -60.63 8.89 60.64
CA PRO S 268 -61.19 8.04 61.70
C PRO S 268 -60.23 7.01 62.26
N THR S 269 -59.29 6.51 61.45
CA THR S 269 -58.41 5.45 61.90
C THR S 269 -57.50 5.93 63.03
N VAL S 270 -57.12 5.00 63.91
CA VAL S 270 -56.27 5.31 65.06
C VAL S 270 -54.82 5.04 64.68
N ILE S 271 -53.92 5.74 65.35
CA ILE S 271 -52.48 5.55 65.19
C ILE S 271 -51.93 5.09 66.54
N ILE S 272 -51.39 3.88 66.59
CA ILE S 272 -50.88 3.33 67.83
C ILE S 272 -49.53 3.96 68.15
N THR S 273 -49.40 4.47 69.38
CA THR S 273 -48.20 5.16 69.82
C THR S 273 -47.51 4.41 70.96
N SER S 274 -47.42 3.09 70.82
CA SER S 274 -46.74 2.26 71.80
C SER S 274 -45.65 1.45 71.11
N ASN S 275 -44.50 1.32 71.77
CA ASN S 275 -43.38 0.60 71.18
C ASN S 275 -43.70 -0.87 70.98
N GLY S 276 -44.34 -1.49 71.97
CA GLY S 276 -44.56 -2.93 71.90
C GLY S 276 -43.28 -3.69 72.15
N SER S 277 -43.32 -4.98 71.80
CA SER S 277 -42.16 -5.84 71.95
C SER S 277 -42.27 -7.01 70.99
N LEU S 278 -41.13 -7.42 70.45
CA LEU S 278 -41.05 -8.56 69.55
C LEU S 278 -40.28 -9.68 70.24
N ASN S 279 -40.88 -10.86 70.30
CA ASN S 279 -40.27 -12.02 70.94
C ASN S 279 -40.46 -13.25 70.06
N ASP S 280 -39.45 -14.11 70.05
CA ASP S 280 -39.46 -15.32 69.23
C ASP S 280 -39.31 -16.59 70.05
N ILE S 281 -39.53 -16.53 71.37
CA ILE S 281 -39.45 -17.74 72.17
C ILE S 281 -40.55 -18.71 71.76
N ARG S 282 -41.74 -18.20 71.49
CA ARG S 282 -42.88 -19.05 71.18
C ARG S 282 -42.69 -19.84 69.89
N ARG S 283 -41.77 -19.43 69.03
CA ARG S 283 -41.55 -20.17 67.79
C ARG S 283 -40.51 -21.26 67.95
N PHE S 284 -39.82 -21.32 69.09
CA PHE S 284 -38.88 -22.39 69.39
C PHE S 284 -39.35 -23.32 70.51
N ALA S 285 -40.14 -22.82 71.45
CA ALA S 285 -40.46 -23.57 72.65
C ALA S 285 -41.42 -24.72 72.34
N ARG S 286 -41.78 -25.45 73.38
CA ARG S 286 -42.70 -26.59 73.29
C ARG S 286 -43.97 -26.24 74.03
N GLN S 287 -45.11 -26.33 73.34
CA GLN S 287 -46.40 -25.95 73.89
C GLN S 287 -47.21 -27.20 74.21
N VAL S 288 -47.75 -27.27 75.43
CA VAL S 288 -48.58 -28.38 75.86
C VAL S 288 -49.81 -27.82 76.55
N VAL S 289 -50.91 -28.58 76.47
CA VAL S 289 -52.20 -28.16 77.00
C VAL S 289 -52.37 -28.72 78.41
N ALA S 290 -52.70 -27.86 79.35
CA ALA S 290 -52.95 -28.25 80.73
C ALA S 290 -54.44 -28.20 81.03
N THR S 291 -54.86 -29.08 81.93
CA THR S 291 -56.27 -29.19 82.30
C THR S 291 -56.56 -28.75 83.73
N GLY S 292 -55.64 -28.94 84.66
CA GLY S 292 -55.82 -28.51 86.02
C GLY S 292 -55.05 -27.25 86.33
N ASP S 293 -54.60 -27.11 87.58
CA ASP S 293 -53.83 -25.94 87.97
C ASP S 293 -52.33 -26.13 87.89
N VAL S 294 -51.85 -27.38 87.80
CA VAL S 294 -50.43 -27.66 87.68
C VAL S 294 -50.22 -28.71 86.59
N TRP S 295 -49.03 -28.73 86.03
CA TRP S 295 -48.66 -29.69 85.00
C TRP S 295 -47.45 -30.49 85.49
N HIS S 296 -47.57 -31.81 85.47
CA HIS S 296 -46.54 -32.70 85.98
C HIS S 296 -45.92 -33.52 84.84
N GLY S 297 -44.60 -33.69 84.93
CA GLY S 297 -43.89 -34.54 84.00
C GLY S 297 -42.90 -35.42 84.75
N VAL S 298 -42.23 -36.28 84.00
CA VAL S 298 -41.27 -37.22 84.57
C VAL S 298 -39.96 -37.14 83.79
N SER S 299 -38.87 -37.49 84.46
CA SER S 299 -37.55 -37.52 83.84
C SER S 299 -36.72 -38.60 84.51
N SER S 300 -35.70 -39.07 83.81
CA SER S 300 -34.85 -40.14 84.32
C SER S 300 -33.48 -40.05 83.66
N ALA S 301 -32.69 -41.10 83.84
CA ALA S 301 -31.39 -41.27 83.20
C ALA S 301 -31.36 -42.61 82.48
N ALA S 302 -30.19 -42.96 81.94
CA ALA S 302 -30.04 -44.16 81.14
C ALA S 302 -29.55 -45.33 81.99
N VAL S 303 -29.81 -46.54 81.49
CA VAL S 303 -29.38 -47.76 82.17
C VAL S 303 -27.87 -47.90 82.02
N GLN S 304 -27.20 -48.23 83.12
CA GLN S 304 -25.75 -48.37 83.13
C GLN S 304 -25.37 -49.83 82.86
N TRP S 305 -24.71 -50.06 81.73
CA TRP S 305 -24.31 -51.41 81.34
C TRP S 305 -22.91 -51.70 81.87
N SER S 306 -22.40 -52.90 81.59
CA SER S 306 -21.05 -53.29 81.99
C SER S 306 -20.61 -54.44 81.10
N TRP S 307 -19.29 -54.61 81.02
CA TRP S 307 -18.69 -55.71 80.26
C TRP S 307 -18.46 -56.87 81.22
N ASP S 308 -19.09 -58.01 80.94
CA ASP S 308 -19.01 -59.17 81.81
C ASP S 308 -18.40 -60.36 81.09
N ALA S 309 -17.76 -61.22 81.87
CA ALA S 309 -17.19 -62.45 81.36
C ALA S 309 -18.27 -63.53 81.31
N GLU S 310 -17.92 -64.73 80.85
CA GLU S 310 -18.89 -65.81 80.76
C GLU S 310 -19.15 -66.39 82.14
N PHE S 311 -20.40 -66.77 82.39
CA PHE S 311 -20.83 -67.29 83.69
C PHE S 311 -20.57 -66.29 84.80
N GLU S 312 -21.15 -65.10 84.65
CA GLU S 312 -20.99 -64.02 85.62
C GLU S 312 -22.35 -63.39 85.90
N GLU S 313 -22.65 -63.19 87.19
CA GLU S 313 -23.90 -62.57 87.58
C GLU S 313 -23.93 -61.10 87.18
N VAL S 314 -25.13 -60.59 86.94
CA VAL S 314 -25.34 -59.25 86.41
C VAL S 314 -25.74 -58.33 87.55
N SER S 315 -25.14 -57.15 87.61
CA SER S 315 -25.42 -56.21 88.66
C SER S 315 -26.81 -55.57 88.48
N ASP S 316 -27.37 -55.10 89.58
CA ASP S 316 -28.64 -54.39 89.56
C ASP S 316 -28.45 -52.99 89.00
N ASP S 317 -29.27 -52.62 88.02
CA ASP S 317 -29.10 -51.37 87.29
C ASP S 317 -30.40 -50.57 87.19
N SER S 318 -31.13 -50.46 88.30
CA SER S 318 -32.37 -49.68 88.29
C SER S 318 -32.06 -48.20 88.11
N PRO S 319 -32.87 -47.48 87.33
CA PRO S 319 -32.63 -46.03 87.16
C PRO S 319 -33.39 -45.19 88.19
N GLU S 320 -33.06 -43.91 88.26
CA GLU S 320 -33.76 -42.98 89.13
C GLU S 320 -34.74 -42.14 88.32
N PHE S 321 -35.56 -41.37 89.02
CA PHE S 321 -36.63 -40.63 88.37
C PHE S 321 -36.84 -39.29 89.07
N GLY S 322 -37.42 -38.35 88.32
CA GLY S 322 -37.72 -37.03 88.84
C GLY S 322 -39.10 -36.59 88.38
N GLN S 323 -39.48 -35.39 88.80
CA GLN S 323 -40.82 -34.87 88.52
C GLN S 323 -40.78 -33.35 88.42
N PRO S 324 -40.63 -32.81 87.23
CA PRO S 324 -40.83 -31.36 87.05
C PRO S 324 -42.29 -30.98 87.26
N GLU S 325 -42.48 -29.74 87.70
CA GLU S 325 -43.82 -29.24 88.02
C GLU S 325 -43.94 -27.80 87.55
N ILE S 326 -45.09 -27.47 86.98
CA ILE S 326 -45.30 -26.14 86.40
C ILE S 326 -46.65 -25.58 86.86
N PRO S 327 -46.66 -24.55 87.70
CA PRO S 327 -47.92 -23.92 88.09
C PRO S 327 -48.45 -23.00 86.99
N VAL S 328 -49.70 -22.58 87.16
CA VAL S 328 -50.39 -21.74 86.19
C VAL S 328 -50.88 -20.49 86.89
N LYS S 329 -50.63 -19.33 86.29
CA LYS S 329 -51.00 -18.04 86.84
C LYS S 329 -51.96 -17.32 85.89
N LYS S 330 -52.50 -16.19 86.35
CA LYS S 330 -53.57 -15.51 85.65
C LYS S 330 -53.29 -14.01 85.56
N ALA S 331 -53.76 -13.40 84.47
CA ALA S 331 -53.70 -11.96 84.27
C ALA S 331 -55.00 -11.49 83.66
N GLN S 332 -55.36 -10.23 83.90
CA GLN S 332 -56.65 -9.73 83.47
C GLN S 332 -56.61 -8.21 83.33
N GLY S 333 -57.59 -7.69 82.59
CA GLY S 333 -57.72 -6.26 82.38
C GLY S 333 -59.18 -5.89 82.27
N PHE S 334 -59.45 -4.59 82.44
CA PHE S 334 -60.82 -4.10 82.53
C PHE S 334 -60.92 -2.70 81.94
N VAL S 335 -62.04 -2.41 81.29
CA VAL S 335 -62.30 -1.11 80.68
C VAL S 335 -63.74 -0.72 80.94
N PRO S 336 -64.00 0.30 81.76
CA PRO S 336 -65.39 0.75 81.96
C PRO S 336 -65.81 1.82 80.96
N ILE S 337 -66.96 1.63 80.32
CA ILE S 337 -67.44 2.50 79.25
C ILE S 337 -68.82 3.00 79.61
N SER S 338 -69.07 4.28 79.35
CA SER S 338 -70.36 4.90 79.62
C SER S 338 -71.35 4.61 78.50
N ILE S 339 -72.64 4.76 78.82
CA ILE S 339 -73.69 4.49 77.84
C ILE S 339 -73.65 5.50 76.70
N GLU S 340 -73.59 6.80 77.05
CA GLU S 340 -73.55 7.84 76.03
C GLU S 340 -72.31 7.70 75.16
N ALA S 341 -71.17 7.44 75.77
CA ALA S 341 -69.95 7.25 74.99
C ALA S 341 -70.05 6.03 74.09
N LEU S 342 -70.62 4.94 74.60
CA LEU S 342 -70.74 3.74 73.78
C LEU S 342 -71.64 3.95 72.57
N GLN S 343 -72.77 4.63 72.73
CA GLN S 343 -73.68 4.81 71.61
C GLN S 343 -73.45 6.07 70.80
N ASP S 344 -72.48 6.91 71.17
CA ASP S 344 -72.12 8.07 70.38
C ASP S 344 -70.83 7.88 69.59
N GLU S 345 -69.77 7.39 70.23
CA GLU S 345 -68.52 7.13 69.55
C GLU S 345 -68.70 6.04 68.51
N ALA S 346 -67.96 6.15 67.41
CA ALA S 346 -68.09 5.24 66.28
C ALA S 346 -66.96 4.23 66.30
N ASN S 347 -67.29 2.97 66.07
CA ASN S 347 -66.31 1.88 66.00
C ASN S 347 -65.50 1.77 67.29
N VAL S 348 -66.21 1.48 68.38
CA VAL S 348 -65.57 1.41 69.69
C VAL S 348 -65.19 -0.03 70.04
N THR S 349 -66.04 -0.99 69.72
CA THR S 349 -65.82 -2.36 70.17
C THR S 349 -64.53 -2.95 69.59
N GLU S 350 -64.36 -2.87 68.27
CA GLU S 350 -63.20 -3.49 67.66
C GLU S 350 -61.92 -2.71 67.95
N THR S 351 -62.03 -1.39 68.11
CA THR S 351 -60.87 -0.61 68.50
C THR S 351 -60.36 -1.04 69.87
N VAL S 352 -61.28 -1.20 70.83
CA VAL S 352 -60.89 -1.66 72.16
C VAL S 352 -60.40 -3.09 72.11
N ALA S 353 -60.96 -3.91 71.22
CA ALA S 353 -60.44 -5.26 71.05
C ALA S 353 -59.00 -5.25 70.58
N LEU S 354 -58.68 -4.38 69.62
CA LEU S 354 -57.29 -4.26 69.17
C LEU S 354 -56.38 -3.78 70.28
N LEU S 355 -56.84 -2.82 71.08
CA LEU S 355 -56.04 -2.34 72.20
C LEU S 355 -55.78 -3.46 73.20
N PHE S 356 -56.81 -4.25 73.51
CA PHE S 356 -56.66 -5.39 74.40
C PHE S 356 -55.65 -6.40 73.85
N ALA S 357 -55.75 -6.69 72.55
CA ALA S 357 -54.84 -7.67 71.95
C ALA S 357 -53.39 -7.19 72.01
N GLU S 358 -53.17 -5.92 71.68
CA GLU S 358 -51.82 -5.38 71.75
C GLU S 358 -51.28 -5.40 73.18
N GLY S 359 -52.11 -5.04 74.15
CA GLY S 359 -51.66 -5.10 75.53
C GLY S 359 -51.30 -6.50 75.96
N LYS S 360 -52.13 -7.48 75.59
CA LYS S 360 -51.84 -8.87 75.93
C LYS S 360 -50.55 -9.33 75.31
N ASP S 361 -50.34 -9.01 74.03
CA ASP S 361 -49.11 -9.43 73.36
C ASP S 361 -47.89 -8.81 74.01
N GLU S 362 -47.97 -7.51 74.34
CA GLU S 362 -46.85 -6.83 74.97
C GLU S 362 -46.54 -7.43 76.33
N LEU S 363 -47.56 -7.76 77.12
CA LEU S 363 -47.31 -8.36 78.43
C LEU S 363 -46.71 -9.75 78.29
N GLU S 364 -47.25 -10.57 77.39
CA GLU S 364 -46.77 -11.93 77.23
C GLU S 364 -45.34 -11.98 76.75
N ALA S 365 -44.99 -11.11 75.79
CA ALA S 365 -43.63 -11.11 75.25
C ALA S 365 -42.60 -10.79 76.34
N VAL S 366 -42.93 -9.82 77.20
CA VAL S 366 -42.01 -9.45 78.26
C VAL S 366 -41.93 -10.55 79.31
N THR S 367 -43.06 -11.16 79.66
CA THR S 367 -43.05 -12.13 80.76
C THR S 367 -42.45 -13.46 80.35
N LEU S 368 -42.53 -13.82 79.06
CA LEU S 368 -41.89 -15.04 78.61
C LEU S 368 -40.37 -14.95 78.72
N THR S 369 -39.82 -13.74 78.73
CA THR S 369 -38.37 -13.56 78.81
C THR S 369 -37.90 -13.51 80.26
N THR S 370 -38.42 -12.55 81.03
CA THR S 370 -38.02 -12.36 82.42
C THR S 370 -39.29 -12.39 83.28
N GLY S 371 -39.65 -13.59 83.73
CA GLY S 371 -40.71 -13.77 84.71
C GLY S 371 -40.09 -14.17 86.04
N THR S 372 -40.47 -13.44 87.09
CA THR S 372 -39.84 -13.65 88.39
C THR S 372 -40.09 -15.06 88.92
N GLY S 373 -41.31 -15.56 88.76
CA GLY S 373 -41.67 -16.89 89.22
C GLY S 373 -42.42 -16.90 90.54
N GLN S 374 -41.98 -16.09 91.50
CA GLN S 374 -42.69 -15.96 92.75
C GLN S 374 -43.81 -14.92 92.62
N GLY S 375 -44.71 -14.93 93.59
CA GLY S 375 -45.81 -13.98 93.59
C GLY S 375 -46.92 -14.37 92.65
N ASN S 376 -47.14 -13.57 91.60
CA ASN S 376 -48.23 -13.78 90.66
C ASN S 376 -47.73 -13.84 89.22
N GLN S 377 -46.48 -14.26 89.02
CA GLN S 377 -45.91 -14.26 87.69
C GLN S 377 -45.35 -15.63 87.35
N PRO S 378 -45.42 -16.02 86.07
CA PRO S 378 -44.74 -17.24 85.64
C PRO S 378 -43.22 -17.04 85.63
N THR S 379 -42.51 -18.12 85.35
CA THR S 379 -41.06 -18.11 85.34
C THR S 379 -40.56 -18.03 83.90
N GLY S 380 -39.75 -17.02 83.60
CA GLY S 380 -39.18 -16.88 82.28
C GLY S 380 -37.95 -17.75 82.09
N ILE S 381 -37.46 -17.74 80.84
CA ILE S 381 -36.29 -18.55 80.51
C ILE S 381 -35.04 -18.00 81.19
N VAL S 382 -34.93 -16.68 81.29
CA VAL S 382 -33.73 -16.08 81.85
C VAL S 382 -33.66 -16.33 83.35
N THR S 383 -34.78 -16.15 84.06
CA THR S 383 -34.77 -16.30 85.50
C THR S 383 -34.46 -17.74 85.92
N ALA S 384 -34.98 -18.72 85.19
CA ALA S 384 -34.76 -20.11 85.55
C ALA S 384 -33.32 -20.54 85.33
N LEU S 385 -32.53 -19.76 84.60
CA LEU S 385 -31.14 -20.11 84.30
C LEU S 385 -30.14 -19.25 85.04
N ALA S 386 -30.60 -18.52 86.06
CA ALA S 386 -29.74 -17.65 86.84
C ALA S 386 -29.31 -18.37 88.11
N GLY S 387 -28.00 -18.46 88.34
CA GLY S 387 -27.46 -19.22 89.44
C GLY S 387 -27.33 -20.70 89.18
N THR S 388 -27.72 -21.17 88.00
CA THR S 388 -27.67 -22.57 87.65
C THR S 388 -26.30 -22.89 87.04
N ALA S 389 -25.98 -24.18 86.91
CA ALA S 389 -24.75 -24.57 86.24
C ALA S 389 -24.72 -24.15 84.78
N ALA S 390 -25.88 -23.85 84.19
CA ALA S 390 -25.91 -23.39 82.81
C ALA S 390 -25.34 -21.99 82.64
N GLU S 391 -25.19 -21.24 83.72
CA GLU S 391 -24.62 -19.90 83.66
C GLU S 391 -23.10 -19.98 83.61
N ILE S 392 -22.50 -19.23 82.68
CA ILE S 392 -21.05 -19.19 82.53
C ILE S 392 -20.58 -17.74 82.58
N ALA S 393 -19.27 -17.57 82.49
CA ALA S 393 -18.61 -16.27 82.57
C ALA S 393 -17.66 -16.09 81.40
N PRO S 394 -17.40 -14.85 81.00
CA PRO S 394 -16.49 -14.63 79.86
C PRO S 394 -15.06 -15.00 80.21
N VAL S 395 -14.29 -15.30 79.16
CA VAL S 395 -12.88 -15.62 79.35
C VAL S 395 -12.10 -14.42 79.87
N THR S 396 -12.45 -13.22 79.40
CA THR S 396 -11.85 -11.99 79.87
C THR S 396 -12.93 -11.17 80.56
N ALA S 397 -12.60 -10.61 81.72
CA ALA S 397 -13.61 -10.05 82.60
C ALA S 397 -14.23 -8.77 82.02
N GLU S 398 -15.54 -8.62 82.24
CA GLU S 398 -16.37 -7.53 81.70
C GLU S 398 -16.00 -7.15 80.27
N THR S 399 -15.74 -8.14 79.43
CA THR S 399 -15.51 -7.90 78.01
C THR S 399 -16.24 -8.94 77.19
N PHE S 400 -16.78 -8.50 76.05
CA PHE S 400 -17.45 -9.38 75.10
C PHE S 400 -16.52 -9.61 73.93
N ALA S 401 -16.01 -10.82 73.79
CA ALA S 401 -15.09 -11.18 72.72
C ALA S 401 -15.66 -12.36 71.93
N LEU S 402 -15.03 -12.63 70.78
CA LEU S 402 -15.49 -13.71 69.92
C LEU S 402 -15.35 -15.08 70.59
N ALA S 403 -14.40 -15.24 71.51
CA ALA S 403 -14.24 -16.51 72.19
C ALA S 403 -15.44 -16.85 73.06
N ASP S 404 -16.18 -15.83 73.51
CA ASP S 404 -17.32 -16.08 74.39
C ASP S 404 -18.45 -16.78 73.67
N VAL S 405 -18.76 -16.35 72.44
CA VAL S 405 -19.79 -17.01 71.65
C VAL S 405 -19.40 -18.45 71.37
N TYR S 406 -18.13 -18.67 71.03
CA TYR S 406 -17.65 -20.02 70.79
C TYR S 406 -17.78 -20.88 72.03
N ALA S 407 -17.44 -20.33 73.20
CA ALA S 407 -17.58 -21.10 74.43
C ALA S 407 -19.04 -21.45 74.71
N VAL S 408 -19.95 -20.50 74.47
CA VAL S 408 -21.36 -20.76 74.69
C VAL S 408 -21.85 -21.89 73.81
N TYR S 409 -21.47 -21.85 72.53
CA TYR S 409 -21.87 -22.92 71.62
C TYR S 409 -21.10 -24.22 71.87
N GLU S 410 -19.99 -24.13 72.59
CA GLU S 410 -19.02 -25.22 72.73
C GLU S 410 -19.31 -26.11 73.94
N GLN S 411 -19.64 -25.50 75.08
CA GLN S 411 -19.74 -26.28 76.31
C GLN S 411 -20.99 -27.15 76.35
N LEU S 412 -21.94 -26.96 75.44
CA LEU S 412 -23.17 -27.73 75.45
C LEU S 412 -22.94 -29.14 74.91
N ALA S 413 -23.80 -30.07 75.33
CA ALA S 413 -23.73 -31.44 74.85
C ALA S 413 -24.31 -31.55 73.44
N ALA S 414 -23.92 -32.63 72.74
CA ALA S 414 -24.23 -32.73 71.32
C ALA S 414 -25.71 -32.95 71.06
N ARG S 415 -26.40 -33.69 71.94
CA ARG S 415 -27.81 -33.98 71.71
C ARG S 415 -28.64 -32.70 71.66
N HIS S 416 -28.20 -31.67 72.39
CA HIS S 416 -28.85 -30.36 72.34
C HIS S 416 -28.14 -29.37 71.45
N ARG S 417 -26.81 -29.49 71.31
CA ARG S 417 -26.06 -28.57 70.46
C ARG S 417 -26.50 -28.67 69.00
N ARG S 418 -26.76 -29.88 68.51
CA ARG S 418 -27.17 -30.05 67.13
C ARG S 418 -28.58 -29.56 66.85
N GLN S 419 -29.40 -29.37 67.88
CA GLN S 419 -30.77 -28.90 67.74
C GLN S 419 -30.98 -27.77 68.75
N GLY S 420 -30.67 -26.54 68.34
CA GLY S 420 -30.80 -25.40 69.21
C GLY S 420 -30.82 -24.12 68.39
N ALA S 421 -31.04 -23.01 69.10
CA ALA S 421 -31.13 -21.71 68.46
C ALA S 421 -30.65 -20.63 69.42
N TRP S 422 -30.31 -19.48 68.86
CA TRP S 422 -29.83 -18.34 69.63
C TRP S 422 -30.99 -17.41 69.97
N LEU S 423 -30.82 -16.66 71.06
CA LEU S 423 -31.81 -15.68 71.48
C LEU S 423 -31.12 -14.53 72.18
N ALA S 424 -31.22 -13.34 71.61
CA ALA S 424 -30.57 -12.16 72.17
C ALA S 424 -31.24 -10.92 71.61
N ASN S 425 -30.88 -9.76 72.17
CA ASN S 425 -31.34 -8.48 71.68
C ASN S 425 -30.60 -8.10 70.40
N ASN S 426 -31.09 -7.07 69.72
CA ASN S 426 -30.44 -6.62 68.51
C ASN S 426 -29.08 -5.99 68.78
N LEU S 427 -28.91 -5.37 69.96
CA LEU S 427 -27.64 -4.75 70.29
C LEU S 427 -26.52 -5.78 70.33
N ILE S 428 -26.78 -6.96 70.92
CA ILE S 428 -25.75 -7.98 71.01
C ILE S 428 -25.36 -8.48 69.62
N TYR S 429 -26.35 -8.66 68.74
CA TYR S 429 -26.04 -9.08 67.38
C TYR S 429 -25.22 -8.02 66.66
N ASN S 430 -25.54 -6.75 66.87
CA ASN S 430 -24.77 -5.67 66.25
C ASN S 430 -23.35 -5.65 66.78
N LYS S 431 -23.16 -5.89 68.08
CA LYS S 431 -21.82 -5.97 68.64
C LYS S 431 -21.05 -7.13 68.04
N ILE S 432 -21.72 -8.27 67.83
CA ILE S 432 -21.08 -9.41 67.18
C ILE S 432 -20.67 -9.06 65.76
N ARG S 433 -21.50 -8.29 65.05
CA ARG S 433 -21.13 -7.88 63.70
C ARG S 433 -19.84 -7.05 63.68
N GLN S 434 -19.51 -6.41 64.80
CA GLN S 434 -18.34 -5.54 64.86
C GLN S 434 -17.09 -6.25 65.37
N PHE S 435 -17.14 -7.57 65.58
CA PHE S 435 -15.93 -8.28 65.99
C PHE S 435 -14.86 -8.22 64.90
N ASP S 436 -15.25 -8.45 63.66
CA ASP S 436 -14.29 -8.50 62.57
C ASP S 436 -13.69 -7.12 62.31
N THR S 437 -12.38 -7.10 62.10
CA THR S 437 -11.66 -5.87 61.82
C THR S 437 -10.84 -5.97 60.54
N GLN S 438 -10.29 -7.15 60.24
CA GLN S 438 -9.39 -7.33 59.11
C GLN S 438 -9.92 -8.35 58.11
N GLY S 439 -11.23 -8.57 58.11
CA GLY S 439 -11.83 -9.52 57.18
C GLY S 439 -11.40 -10.95 57.39
N GLY S 440 -11.30 -11.38 58.65
CA GLY S 440 -10.84 -12.71 58.96
C GLY S 440 -11.95 -13.73 59.12
N ALA S 441 -11.73 -14.72 59.99
CA ALA S 441 -12.75 -15.74 60.21
C ALA S 441 -13.93 -15.20 61.00
N GLY S 442 -13.72 -14.19 61.83
CA GLY S 442 -14.79 -13.63 62.63
C GLY S 442 -15.64 -12.63 61.86
N LEU S 443 -15.78 -12.86 60.55
CA LEU S 443 -16.56 -11.98 59.68
C LEU S 443 -17.94 -12.61 59.47
N TRP S 444 -18.96 -11.99 60.07
CA TRP S 444 -20.32 -12.46 59.86
C TRP S 444 -20.86 -12.01 58.51
N THR S 445 -20.98 -10.70 58.32
CA THR S 445 -21.45 -10.15 57.06
C THR S 445 -21.03 -8.69 56.98
N THR S 446 -21.09 -8.15 55.78
CA THR S 446 -20.61 -6.80 55.54
C THR S 446 -21.68 -5.76 55.85
N ILE S 447 -21.26 -4.51 55.97
CA ILE S 447 -22.20 -3.41 56.08
C ILE S 447 -22.93 -3.25 54.75
N GLY S 448 -24.15 -2.76 54.81
CA GLY S 448 -25.01 -2.71 53.64
C GLY S 448 -25.85 -3.95 53.43
N ASN S 449 -25.79 -4.90 54.35
CA ASN S 449 -26.57 -6.13 54.26
C ASN S 449 -27.46 -6.27 55.49
N GLY S 450 -28.56 -7.01 55.32
CA GLY S 450 -29.50 -7.23 56.39
C GLY S 450 -29.00 -8.24 57.41
N GLU S 451 -29.78 -8.39 58.47
CA GLU S 451 -29.39 -9.30 59.54
C GLU S 451 -29.37 -10.74 59.03
N PRO S 452 -28.30 -11.49 59.27
CA PRO S 452 -28.24 -12.87 58.79
C PRO S 452 -29.26 -13.76 59.49
N SER S 453 -29.68 -14.80 58.79
CA SER S 453 -30.66 -15.73 59.32
C SER S 453 -30.04 -16.90 60.06
N GLN S 454 -28.70 -17.04 60.03
CA GLN S 454 -28.03 -18.15 60.69
C GLN S 454 -26.81 -17.63 61.44
N LEU S 455 -26.44 -18.35 62.50
CA LEU S 455 -25.20 -18.11 63.22
C LEU S 455 -24.59 -19.45 63.57
N LEU S 456 -23.41 -19.73 63.01
CA LEU S 456 -22.72 -21.00 63.19
C LEU S 456 -23.58 -22.18 62.76
N GLY S 457 -24.44 -21.97 61.76
CA GLY S 457 -25.28 -23.02 61.23
C GLY S 457 -26.57 -23.27 61.95
N ARG S 458 -26.98 -22.39 62.86
CA ARG S 458 -28.19 -22.56 63.65
C ARG S 458 -29.15 -21.40 63.45
N PRO S 459 -30.44 -21.61 63.68
CA PRO S 459 -31.40 -20.50 63.53
C PRO S 459 -31.16 -19.40 64.54
N VAL S 460 -31.58 -18.19 64.19
CA VAL S 460 -31.34 -16.99 64.99
C VAL S 460 -32.68 -16.45 65.45
N GLY S 461 -32.80 -16.25 66.76
CA GLY S 461 -33.99 -15.66 67.34
C GLY S 461 -33.71 -14.32 68.00
N GLU S 462 -34.72 -13.46 68.07
CA GLU S 462 -34.54 -12.10 68.58
C GLU S 462 -35.60 -11.81 69.63
N ALA S 463 -35.17 -11.15 70.71
CA ALA S 463 -36.05 -10.75 71.79
C ALA S 463 -35.64 -9.38 72.30
N GLU S 464 -36.61 -8.51 72.54
CA GLU S 464 -36.30 -7.15 72.97
C GLU S 464 -36.19 -7.02 74.48
N ALA S 465 -36.73 -7.98 75.24
CA ALA S 465 -36.77 -7.86 76.69
C ALA S 465 -35.46 -8.23 77.37
N MET S 466 -34.52 -8.83 76.65
CA MET S 466 -33.25 -9.19 77.26
C MET S 466 -32.40 -7.96 77.51
N ASP S 467 -31.40 -8.12 78.37
CA ASP S 467 -30.48 -7.03 78.67
C ASP S 467 -29.68 -6.64 77.43
N ALA S 468 -29.39 -5.36 77.30
CA ALA S 468 -28.75 -4.82 76.11
C ALA S 468 -27.33 -4.33 76.38
N ASN S 469 -27.17 -3.38 77.30
CA ASN S 469 -25.89 -2.73 77.53
C ASN S 469 -25.50 -2.85 78.99
N TRP S 470 -24.24 -3.24 79.24
CA TRP S 470 -23.74 -3.42 80.59
C TRP S 470 -22.95 -2.22 81.10
N ASN S 471 -22.81 -1.18 80.28
CA ASN S 471 -22.09 0.04 80.69
C ASN S 471 -23.03 1.11 81.20
N THR S 472 -24.03 1.50 80.40
CA THR S 472 -24.97 2.52 80.84
C THR S 472 -25.89 2.00 81.94
N SER S 473 -26.19 0.71 81.93
CA SER S 473 -27.06 0.13 82.95
C SER S 473 -26.28 -0.09 84.26
N ALA S 474 -26.97 0.12 85.37
CA ALA S 474 -26.39 -0.01 86.69
C ALA S 474 -26.61 -1.38 87.32
N SER S 475 -27.25 -2.30 86.60
CA SER S 475 -27.43 -3.64 87.12
C SER S 475 -26.11 -4.38 87.18
N ALA S 476 -25.87 -5.09 88.29
CA ALA S 476 -24.60 -5.78 88.47
C ALA S 476 -24.45 -6.94 87.50
N ASP S 477 -25.53 -7.66 87.23
CA ASP S 477 -25.51 -8.83 86.35
C ASP S 477 -26.24 -8.50 85.06
N ASN S 478 -25.61 -8.84 83.94
CA ASN S 478 -26.18 -8.57 82.62
C ASN S 478 -26.15 -9.86 81.80
N PHE S 479 -27.32 -10.47 81.61
CA PHE S 479 -27.45 -11.67 80.79
C PHE S 479 -27.73 -11.22 79.36
N VAL S 480 -26.76 -11.46 78.47
CA VAL S 480 -26.81 -10.88 77.13
C VAL S 480 -26.98 -11.93 76.03
N LEU S 481 -26.53 -13.16 76.23
CA LEU S 481 -26.60 -14.17 75.19
C LEU S 481 -27.16 -15.46 75.76
N LEU S 482 -27.90 -16.19 74.92
CA LEU S 482 -28.55 -17.42 75.34
C LEU S 482 -28.66 -18.36 74.15
N TYR S 483 -28.28 -19.61 74.37
CA TYR S 483 -28.36 -20.62 73.32
C TYR S 483 -28.63 -21.97 73.95
N GLY S 484 -29.46 -22.77 73.29
CA GLY S 484 -29.75 -24.10 73.77
C GLY S 484 -30.91 -24.71 73.02
N ASN S 485 -31.26 -25.93 73.43
CA ASN S 485 -32.39 -26.65 72.85
C ASN S 485 -33.66 -26.19 73.53
N PHE S 486 -34.40 -25.29 72.87
CA PHE S 486 -35.58 -24.70 73.48
C PHE S 486 -36.76 -25.67 73.56
N GLN S 487 -36.62 -26.89 73.03
CA GLN S 487 -37.65 -27.89 73.23
C GLN S 487 -37.78 -28.31 74.68
N ASN S 488 -36.79 -28.00 75.51
CA ASN S 488 -36.84 -28.29 76.94
C ASN S 488 -37.41 -27.15 77.75
N TYR S 489 -37.87 -26.08 77.10
CA TYR S 489 -38.58 -24.99 77.76
C TYR S 489 -40.05 -25.11 77.40
N VAL S 490 -40.87 -25.51 78.36
CA VAL S 490 -42.27 -25.85 78.14
C VAL S 490 -43.15 -24.68 78.50
N ILE S 491 -44.04 -24.29 77.58
CA ILE S 491 -45.04 -23.26 77.82
C ILE S 491 -46.38 -23.95 77.97
N ALA S 492 -46.94 -23.93 79.17
CA ALA S 492 -48.19 -24.61 79.47
C ALA S 492 -49.33 -23.62 79.32
N ASP S 493 -50.12 -23.80 78.26
CA ASP S 493 -51.22 -22.89 77.94
C ASP S 493 -52.52 -23.53 78.43
N ARG S 494 -53.27 -22.78 79.25
CA ARG S 494 -54.52 -23.27 79.81
C ARG S 494 -55.73 -22.77 79.05
N ILE S 495 -55.89 -21.44 78.96
CA ILE S 495 -57.02 -20.84 78.25
C ILE S 495 -56.52 -19.60 77.54
N GLY S 496 -56.94 -19.44 76.27
CA GLY S 496 -56.55 -18.28 75.50
C GLY S 496 -57.30 -17.03 75.88
N MET S 497 -57.25 -16.01 75.02
CA MET S 497 -57.86 -14.73 75.33
C MET S 497 -59.38 -14.82 75.19
N THR S 498 -60.09 -14.52 76.27
CA THR S 498 -61.55 -14.46 76.29
C THR S 498 -61.98 -13.12 76.86
N VAL S 499 -62.89 -12.45 76.16
CA VAL S 499 -63.38 -11.13 76.57
C VAL S 499 -64.84 -11.29 76.99
N GLU S 500 -65.16 -10.81 78.19
CA GLU S 500 -66.50 -10.87 78.73
C GLU S 500 -67.07 -9.45 78.84
N PHE S 501 -68.37 -9.32 78.59
CA PHE S 501 -69.05 -8.03 78.50
C PHE S 501 -69.98 -7.88 79.70
N ILE S 502 -69.63 -6.97 80.60
CA ILE S 502 -70.44 -6.70 81.79
C ILE S 502 -71.64 -5.86 81.42
N PRO S 503 -72.86 -6.32 81.71
CA PRO S 503 -74.04 -5.55 81.28
C PRO S 503 -74.27 -4.27 82.05
N HIS S 504 -73.99 -4.24 83.35
CA HIS S 504 -74.35 -3.08 84.15
C HIS S 504 -73.42 -2.99 85.35
N LEU S 505 -72.92 -1.79 85.62
CA LEU S 505 -72.12 -1.52 86.80
C LEU S 505 -72.91 -0.65 87.78
N PHE S 506 -72.57 -0.75 89.06
CA PHE S 506 -73.36 -0.14 90.11
C PHE S 506 -72.55 0.95 90.82
N GLY S 507 -73.28 1.86 91.46
CA GLY S 507 -72.70 3.01 92.09
C GLY S 507 -72.55 2.87 93.59
N THR S 508 -72.44 4.02 94.26
CA THR S 508 -72.17 4.01 95.71
C THR S 508 -73.33 3.42 96.48
N ASN S 509 -74.57 3.75 96.11
CA ASN S 509 -75.75 3.30 96.83
C ASN S 509 -76.27 1.95 96.33
N ARG S 510 -75.41 1.14 95.72
CA ARG S 510 -75.77 -0.18 95.22
C ARG S 510 -76.91 -0.11 94.21
N ARG S 511 -76.91 0.93 93.38
CA ARG S 511 -77.88 1.09 92.30
C ARG S 511 -77.15 1.36 90.99
N PRO S 512 -77.78 1.06 89.86
CA PRO S 512 -77.12 1.28 88.56
C PRO S 512 -76.76 2.75 88.36
N ASN S 513 -75.62 2.99 87.73
CA ASN S 513 -75.15 4.34 87.43
C ASN S 513 -75.07 4.64 85.94
N GLY S 514 -75.47 3.70 85.08
CA GLY S 514 -75.48 3.94 83.65
C GLY S 514 -74.13 3.76 83.00
N SER S 515 -73.53 2.58 83.17
CA SER S 515 -72.21 2.31 82.61
C SER S 515 -72.08 0.82 82.32
N ARG S 516 -71.14 0.49 81.45
CA ARG S 516 -70.85 -0.89 81.08
C ARG S 516 -69.36 -1.13 81.18
N GLY S 517 -68.97 -2.40 81.05
CA GLY S 517 -67.58 -2.78 81.26
C GLY S 517 -67.12 -3.80 80.24
N TRP S 518 -65.84 -4.16 80.35
CA TRP S 518 -65.18 -5.11 79.47
C TRP S 518 -64.17 -5.89 80.29
N PHE S 519 -64.31 -7.20 80.34
CA PHE S 519 -63.48 -8.07 81.16
C PHE S 519 -62.74 -9.07 80.27
N ALA S 520 -61.43 -9.13 80.40
CA ALA S 520 -60.60 -10.04 79.63
C ALA S 520 -59.59 -10.72 80.54
N TYR S 521 -59.34 -11.99 80.29
CA TYR S 521 -58.45 -12.78 81.13
C TYR S 521 -57.99 -14.01 80.38
N TYR S 522 -56.86 -14.57 80.81
CA TYR S 522 -56.38 -15.85 80.31
C TYR S 522 -55.40 -16.42 81.31
N ARG S 523 -55.09 -17.71 81.15
CA ARG S 523 -54.21 -18.42 82.07
C ARG S 523 -53.16 -19.19 81.29
N MET S 524 -51.92 -19.17 81.80
CA MET S 524 -50.82 -19.91 81.20
C MET S 524 -49.72 -20.10 82.24
N GLY S 525 -48.66 -20.78 81.84
CA GLY S 525 -47.52 -21.02 82.72
C GLY S 525 -46.36 -21.64 81.98
N ALA S 526 -45.15 -21.50 82.53
CA ALA S 526 -43.96 -22.02 81.87
C ALA S 526 -42.85 -22.20 82.90
N ASP S 527 -41.86 -23.02 82.53
CA ASP S 527 -40.69 -23.28 83.36
C ASP S 527 -39.67 -24.02 82.50
N VAL S 528 -38.54 -24.34 83.11
CA VAL S 528 -37.47 -25.10 82.47
C VAL S 528 -37.39 -26.46 83.14
N VAL S 529 -37.50 -27.53 82.34
CA VAL S 529 -37.48 -28.87 82.90
C VAL S 529 -36.09 -29.49 82.90
N ASN S 530 -35.19 -28.99 82.06
CA ASN S 530 -33.82 -29.50 81.99
C ASN S 530 -32.85 -28.34 81.87
N PRO S 531 -32.15 -27.95 82.93
CA PRO S 531 -31.27 -26.78 82.87
C PRO S 531 -29.95 -27.02 82.14
N ASN S 532 -29.59 -28.26 81.86
CA ASN S 532 -28.34 -28.56 81.17
C ASN S 532 -28.46 -28.53 79.66
N ALA S 533 -29.65 -28.25 79.13
CA ALA S 533 -29.84 -28.13 77.70
C ALA S 533 -29.66 -26.70 77.20
N PHE S 534 -29.30 -25.77 78.08
CA PHE S 534 -29.11 -24.38 77.72
C PHE S 534 -27.77 -23.89 78.27
N ARG S 535 -27.26 -22.82 77.66
CA ARG S 535 -26.02 -22.18 78.11
C ARG S 535 -26.22 -20.69 78.01
N LEU S 536 -26.16 -20.01 79.15
CA LEU S 536 -26.35 -18.57 79.22
C LEU S 536 -25.05 -17.88 79.64
N LEU S 537 -24.80 -16.73 79.05
CA LEU S 537 -23.58 -15.96 79.33
C LEU S 537 -23.93 -14.75 80.18
N ASN S 538 -23.19 -14.58 81.28
CA ASN S 538 -23.39 -13.47 82.19
C ASN S 538 -22.12 -12.63 82.25
N VAL S 539 -22.27 -11.34 82.00
CA VAL S 539 -21.14 -10.40 82.04
C VAL S 539 -21.30 -9.61 83.34
N GLU S 540 -20.66 -10.09 84.39
CA GLU S 540 -20.76 -9.46 85.71
C GLU S 540 -19.87 -8.22 85.71
N THR S 541 -20.44 -7.08 85.35
CA THR S 541 -19.72 -5.81 85.35
C THR S 541 -19.75 -5.20 86.75
N ALA S 542 -19.08 -5.89 87.67
CA ALA S 542 -19.05 -5.44 89.05
C ALA S 542 -18.27 -4.14 89.16
N SER S 543 -18.75 -3.27 90.05
CA SER S 543 -18.14 -1.97 90.26
C SER S 543 -16.78 -2.11 90.94
N MET T 251 -63.82 -19.96 98.31
CA MET T 251 -63.74 -21.25 97.65
C MET T 251 -62.95 -21.14 96.34
N GLY T 252 -61.67 -21.51 96.39
CA GLY T 252 -60.78 -21.38 95.25
C GLY T 252 -59.91 -22.61 95.09
N LEU T 253 -58.69 -22.38 94.63
CA LEU T 253 -57.72 -23.45 94.41
C LEU T 253 -56.93 -23.81 95.65
N THR T 254 -57.11 -23.09 96.76
CA THR T 254 -56.48 -23.47 98.00
C THR T 254 -56.95 -24.87 98.40
N LYS T 255 -56.01 -25.69 98.87
CA LYS T 255 -56.28 -27.11 99.02
C LYS T 255 -57.44 -27.36 99.98
N ALA T 256 -57.38 -26.77 101.17
CA ALA T 256 -58.44 -26.98 102.16
C ALA T 256 -59.78 -26.45 101.68
N ASP T 257 -59.79 -25.29 101.04
CA ASP T 257 -61.03 -24.69 100.56
C ASP T 257 -61.26 -25.11 99.09
N GLY T 258 -61.61 -26.38 98.93
CA GLY T 258 -62.05 -26.88 97.65
C GLY T 258 -60.96 -27.26 96.67
N GLY T 259 -59.70 -27.29 97.11
CA GLY T 259 -58.63 -27.67 96.19
C GLY T 259 -58.46 -29.16 95.99
N TYR T 260 -59.17 -29.97 96.77
CA TYR T 260 -59.04 -31.42 96.65
C TYR T 260 -59.76 -31.97 95.42
N LEU T 261 -60.65 -31.18 94.82
CA LEU T 261 -61.40 -31.64 93.65
C LEU T 261 -60.61 -31.53 92.36
N VAL T 262 -59.43 -30.92 92.39
CA VAL T 262 -58.66 -30.73 91.14
C VAL T 262 -58.11 -32.07 90.68
N PRO T 263 -58.36 -32.49 89.46
CA PRO T 263 -57.75 -33.72 88.95
C PRO T 263 -56.25 -33.53 88.77
N PHE T 264 -55.55 -34.66 88.80
CA PHE T 264 -54.09 -34.69 88.69
C PHE T 264 -53.71 -35.03 87.25
N GLN T 265 -52.92 -34.15 86.63
CA GLN T 265 -52.48 -34.32 85.26
C GLN T 265 -51.02 -34.73 85.24
N LEU T 266 -50.71 -35.79 84.49
CA LEU T 266 -49.35 -36.31 84.40
C LEU T 266 -49.07 -36.65 82.95
N ASP T 267 -47.87 -36.32 82.48
CA ASP T 267 -47.50 -36.70 81.13
C ASP T 267 -46.65 -37.95 81.17
N PRO T 268 -47.15 -39.08 80.65
CA PRO T 268 -46.42 -40.35 80.80
C PRO T 268 -45.05 -40.36 80.15
N THR T 269 -44.84 -39.66 79.04
CA THR T 269 -43.55 -39.72 78.37
C THR T 269 -42.45 -39.13 79.25
N VAL T 270 -41.23 -39.61 79.06
CA VAL T 270 -40.12 -39.34 79.95
C VAL T 270 -39.11 -38.47 79.23
N ILE T 271 -38.43 -37.62 79.97
CA ILE T 271 -37.38 -36.75 79.43
C ILE T 271 -36.04 -37.30 79.88
N ILE T 272 -35.13 -37.50 78.93
CA ILE T 272 -33.80 -38.05 79.22
C ILE T 272 -32.88 -36.90 79.58
N THR T 273 -32.34 -36.94 80.80
CA THR T 273 -31.45 -35.89 81.30
C THR T 273 -29.98 -36.25 81.21
N SER T 274 -29.65 -37.43 80.71
CA SER T 274 -28.26 -37.86 80.61
C SER T 274 -27.62 -37.28 79.36
N ASN T 275 -26.33 -36.97 79.46
CA ASN T 275 -25.62 -36.36 78.33
C ASN T 275 -25.53 -37.31 77.15
N GLY T 276 -25.32 -38.60 77.41
CA GLY T 276 -25.14 -39.54 76.31
C GLY T 276 -23.78 -39.38 75.67
N SER T 277 -23.63 -40.02 74.51
CA SER T 277 -22.38 -39.98 73.76
C SER T 277 -22.66 -40.21 72.29
N LEU T 278 -22.04 -39.40 71.44
CA LEU T 278 -22.16 -39.52 69.99
C LEU T 278 -20.77 -39.75 69.41
N ASN T 279 -20.65 -40.73 68.53
CA ASN T 279 -19.38 -41.07 67.91
C ASN T 279 -19.60 -41.27 66.42
N ASP T 280 -18.52 -41.08 65.66
CA ASP T 280 -18.59 -41.13 64.20
C ASP T 280 -17.56 -42.11 63.64
N ILE T 281 -17.12 -43.06 64.46
CA ILE T 281 -16.10 -44.01 64.03
C ILE T 281 -16.65 -44.96 62.99
N ARG T 282 -17.87 -45.46 63.19
CA ARG T 282 -18.43 -46.49 62.32
C ARG T 282 -18.55 -46.02 60.88
N ARG T 283 -18.62 -44.70 60.66
CA ARG T 283 -18.69 -44.19 59.30
C ARG T 283 -17.38 -44.31 58.55
N PHE T 284 -16.27 -44.51 59.25
CA PHE T 284 -14.96 -44.61 58.63
C PHE T 284 -14.31 -45.98 58.77
N ALA T 285 -14.46 -46.63 59.92
CA ALA T 285 -13.76 -47.87 60.18
C ALA T 285 -14.35 -49.03 59.38
N ARG T 286 -13.55 -50.07 59.22
CA ARG T 286 -13.96 -51.25 58.47
C ARG T 286 -14.74 -52.21 59.36
N GLN T 287 -15.89 -52.65 58.89
CA GLN T 287 -16.79 -53.51 59.65
C GLN T 287 -16.85 -54.90 59.02
N VAL T 288 -16.76 -55.93 59.86
CA VAL T 288 -16.80 -57.31 59.42
C VAL T 288 -17.84 -58.05 60.25
N VAL T 289 -18.23 -59.23 59.77
CA VAL T 289 -19.18 -60.09 60.45
C VAL T 289 -18.44 -61.33 60.92
N ALA T 290 -18.53 -61.62 62.21
CA ALA T 290 -17.88 -62.78 62.80
C ALA T 290 -18.91 -63.89 62.97
N THR T 291 -18.61 -65.06 62.41
CA THR T 291 -19.52 -66.20 62.46
C THR T 291 -19.26 -67.13 63.64
N GLY T 292 -18.25 -66.84 64.45
CA GLY T 292 -17.91 -67.71 65.57
C GLY T 292 -17.58 -66.96 66.84
N ASP T 293 -16.43 -67.27 67.42
CA ASP T 293 -15.97 -66.63 68.65
C ASP T 293 -14.81 -65.66 68.43
N VAL T 294 -13.85 -66.01 67.57
CA VAL T 294 -12.67 -65.19 67.36
C VAL T 294 -12.44 -65.06 65.86
N TRP T 295 -12.11 -63.85 65.43
CA TRP T 295 -11.81 -63.54 64.04
C TRP T 295 -10.30 -63.47 63.87
N HIS T 296 -9.78 -64.24 62.91
CA HIS T 296 -8.34 -64.35 62.66
C HIS T 296 -7.99 -63.78 61.29
N GLY T 297 -6.79 -63.20 61.21
CA GLY T 297 -6.26 -62.71 59.95
C GLY T 297 -4.79 -63.02 59.84
N VAL T 298 -4.19 -62.59 58.73
CA VAL T 298 -2.78 -62.82 58.45
C VAL T 298 -2.13 -61.50 58.06
N SER T 299 -0.92 -61.27 58.54
CA SER T 299 -0.14 -60.08 58.20
C SER T 299 1.30 -60.48 57.88
N SER T 300 1.95 -59.65 57.09
CA SER T 300 3.33 -59.90 56.70
C SER T 300 3.98 -58.57 56.34
N ALA T 301 5.24 -58.63 55.89
CA ALA T 301 5.99 -57.45 55.52
C ALA T 301 6.67 -57.70 54.19
N ALA T 302 7.30 -56.66 53.64
CA ALA T 302 7.95 -56.75 52.35
C ALA T 302 9.26 -57.53 52.48
N VAL T 303 9.90 -57.81 51.35
CA VAL T 303 11.13 -58.58 51.30
C VAL T 303 12.28 -57.61 51.06
N GLN T 304 13.29 -57.66 51.94
CA GLN T 304 14.40 -56.72 51.84
C GLN T 304 15.39 -57.16 50.76
N TRP T 305 15.59 -56.32 49.77
CA TRP T 305 16.59 -56.53 48.74
C TRP T 305 17.92 -55.96 49.21
N SER T 306 18.94 -56.09 48.38
CA SER T 306 20.26 -55.57 48.71
C SER T 306 21.02 -55.32 47.42
N TRP T 307 22.07 -54.50 47.52
CA TRP T 307 23.00 -54.27 46.42
C TRP T 307 24.24 -55.11 46.69
N ASP T 308 24.49 -56.08 45.81
CA ASP T 308 25.55 -57.06 46.02
C ASP T 308 26.60 -56.96 44.93
N ALA T 309 27.83 -57.28 45.29
CA ALA T 309 28.93 -57.29 44.35
C ALA T 309 28.92 -58.58 43.54
N GLU T 310 29.86 -58.69 42.61
CA GLU T 310 29.96 -59.88 41.78
C GLU T 310 30.42 -61.07 42.61
N PHE T 311 29.83 -62.24 42.34
CA PHE T 311 30.16 -63.49 43.03
C PHE T 311 29.98 -63.38 44.54
N GLU T 312 28.92 -62.74 44.98
CA GLU T 312 28.62 -62.59 46.40
C GLU T 312 27.30 -63.28 46.71
N GLU T 313 27.24 -64.00 47.82
CA GLU T 313 26.05 -64.76 48.18
C GLU T 313 24.88 -63.83 48.51
N VAL T 314 23.68 -64.41 48.49
CA VAL T 314 22.47 -63.70 48.86
C VAL T 314 22.24 -63.85 50.36
N SER T 315 21.67 -62.82 50.97
CA SER T 315 21.19 -62.93 52.34
C SER T 315 19.83 -63.60 52.35
N ASP T 316 19.61 -64.48 53.33
CA ASP T 316 18.33 -65.16 53.45
C ASP T 316 17.25 -64.14 53.82
N ASP T 317 16.30 -63.94 52.92
CA ASP T 317 15.33 -62.85 53.02
C ASP T 317 13.91 -63.40 53.11
N SER T 318 13.71 -64.41 53.93
CA SER T 318 12.38 -64.98 54.10
C SER T 318 11.53 -64.06 54.97
N PRO T 319 10.38 -63.61 54.50
CA PRO T 319 9.54 -62.74 55.33
C PRO T 319 8.92 -63.52 56.48
N GLU T 320 8.67 -62.81 57.59
CA GLU T 320 8.01 -63.40 58.75
C GLU T 320 6.55 -62.96 58.77
N PHE T 321 5.68 -63.89 59.16
CA PHE T 321 4.24 -63.70 59.11
C PHE T 321 3.67 -63.59 60.52
N GLY T 322 2.49 -62.97 60.60
CA GLY T 322 1.82 -62.81 61.88
C GLY T 322 0.33 -62.94 61.71
N GLN T 323 -0.34 -63.29 62.81
CA GLN T 323 -1.78 -63.54 62.81
C GLN T 323 -2.49 -62.60 63.78
N PRO T 324 -3.08 -61.51 63.30
CA PRO T 324 -3.92 -60.68 64.18
C PRO T 324 -5.11 -61.49 64.70
N GLU T 325 -5.47 -61.24 65.95
CA GLU T 325 -6.51 -62.01 66.63
C GLU T 325 -7.44 -61.06 67.37
N ILE T 326 -8.74 -61.23 67.15
CA ILE T 326 -9.73 -60.33 67.74
C ILE T 326 -10.83 -61.13 68.43
N PRO T 327 -10.86 -61.13 69.77
CA PRO T 327 -11.93 -61.84 70.48
C PRO T 327 -13.21 -61.03 70.51
N VAL T 328 -14.29 -61.69 70.95
CA VAL T 328 -15.61 -61.11 71.04
C VAL T 328 -16.06 -61.14 72.49
N LYS T 329 -16.44 -59.98 73.02
CA LYS T 329 -16.87 -59.83 74.42
C LYS T 329 -18.38 -59.61 74.47
N LYS T 330 -18.91 -59.61 75.68
CA LYS T 330 -20.35 -59.52 75.90
C LYS T 330 -20.65 -58.50 76.99
N ALA T 331 -21.69 -57.69 76.75
CA ALA T 331 -22.15 -56.70 77.71
C ALA T 331 -23.62 -56.94 78.01
N GLN T 332 -24.01 -56.75 79.27
CA GLN T 332 -25.38 -57.04 79.67
C GLN T 332 -25.85 -56.03 80.70
N GLY T 333 -27.16 -55.90 80.80
CA GLY T 333 -27.78 -55.03 81.78
C GLY T 333 -29.05 -55.64 82.30
N PHE T 334 -29.37 -55.35 83.56
CA PHE T 334 -30.50 -55.98 84.25
C PHE T 334 -31.27 -54.93 85.03
N VAL T 335 -32.59 -54.95 84.90
CA VAL T 335 -33.46 -54.03 85.63
C VAL T 335 -34.62 -54.81 86.24
N PRO T 336 -34.56 -55.18 87.51
CA PRO T 336 -35.69 -55.86 88.14
C PRO T 336 -36.81 -54.91 88.49
N ILE T 337 -38.03 -55.45 88.46
CA ILE T 337 -39.23 -54.69 88.81
C ILE T 337 -40.12 -55.57 89.69
N SER T 338 -40.88 -54.91 90.56
CA SER T 338 -41.81 -55.61 91.44
C SER T 338 -43.15 -55.80 90.75
N ILE T 339 -43.92 -56.75 91.25
CA ILE T 339 -45.24 -57.02 90.67
C ILE T 339 -46.13 -55.79 90.79
N GLU T 340 -46.14 -55.16 91.97
CA GLU T 340 -46.97 -53.97 92.17
C GLU T 340 -46.53 -52.84 91.24
N ALA T 341 -45.23 -52.64 91.10
CA ALA T 341 -44.74 -51.61 90.19
C ALA T 341 -45.12 -51.92 88.75
N LEU T 342 -45.07 -53.20 88.37
CA LEU T 342 -45.48 -53.58 87.02
C LEU T 342 -46.95 -53.32 86.78
N GLN T 343 -47.80 -53.58 87.78
CA GLN T 343 -49.24 -53.45 87.61
C GLN T 343 -49.73 -52.02 87.72
N ASP T 344 -49.06 -51.17 88.50
CA ASP T 344 -49.58 -49.83 88.75
C ASP T 344 -49.03 -48.79 87.78
N GLU T 345 -47.71 -48.76 87.59
CA GLU T 345 -47.11 -47.76 86.73
C GLU T 345 -47.52 -47.96 85.29
N ALA T 346 -47.65 -46.86 84.55
CA ALA T 346 -48.18 -46.87 83.20
C ALA T 346 -47.06 -46.68 82.18
N ASN T 347 -47.11 -47.46 81.11
CA ASN T 347 -46.13 -47.38 80.02
C ASN T 347 -44.71 -47.58 80.55
N VAL T 348 -44.48 -48.75 81.13
CA VAL T 348 -43.20 -49.06 81.74
C VAL T 348 -42.28 -49.79 80.78
N THR T 349 -42.82 -50.78 80.06
CA THR T 349 -42.00 -51.56 79.14
C THR T 349 -41.42 -50.67 78.04
N GLU T 350 -42.23 -49.79 77.47
CA GLU T 350 -41.75 -48.90 76.41
C GLU T 350 -40.66 -47.97 76.93
N THR T 351 -40.83 -47.44 78.14
CA THR T 351 -39.79 -46.60 78.73
C THR T 351 -38.50 -47.38 78.95
N VAL T 352 -38.62 -48.59 79.48
CA VAL T 352 -37.44 -49.40 79.79
C VAL T 352 -36.71 -49.77 78.51
N ALA T 353 -37.44 -50.03 77.42
CA ALA T 353 -36.79 -50.39 76.17
C ALA T 353 -35.89 -49.27 75.65
N LEU T 354 -36.41 -48.05 75.63
CA LEU T 354 -35.60 -46.94 75.14
C LEU T 354 -34.49 -46.58 76.12
N LEU T 355 -34.71 -46.78 77.42
CA LEU T 355 -33.60 -46.58 78.37
C LEU T 355 -32.48 -47.57 78.10
N PHE T 356 -32.83 -48.83 77.85
CA PHE T 356 -31.82 -49.84 77.50
C PHE T 356 -31.10 -49.44 76.23
N ALA T 357 -31.84 -48.95 75.23
CA ALA T 357 -31.22 -48.55 73.97
C ALA T 357 -30.22 -47.42 74.17
N GLU T 358 -30.61 -46.41 74.96
CA GLU T 358 -29.70 -45.29 75.23
C GLU T 358 -28.45 -45.76 75.96
N GLY T 359 -28.62 -46.63 76.97
CA GLY T 359 -27.47 -47.15 77.67
C GLY T 359 -26.54 -47.93 76.76
N LYS T 360 -27.11 -48.76 75.89
CA LYS T 360 -26.31 -49.53 74.94
C LYS T 360 -25.52 -48.61 74.02
N ASP T 361 -26.17 -47.58 73.49
CA ASP T 361 -25.49 -46.67 72.58
C ASP T 361 -24.35 -45.94 73.27
N GLU T 362 -24.60 -45.46 74.49
CA GLU T 362 -23.56 -44.73 75.22
C GLU T 362 -22.37 -45.64 75.50
N LEU T 363 -22.64 -46.86 75.97
CA LEU T 363 -21.55 -47.79 76.26
C LEU T 363 -20.76 -48.13 75.00
N GLU T 364 -21.46 -48.37 73.89
CA GLU T 364 -20.77 -48.73 72.66
C GLU T 364 -19.87 -47.60 72.19
N ALA T 365 -20.38 -46.36 72.23
CA ALA T 365 -19.57 -45.22 71.81
C ALA T 365 -18.33 -45.09 72.70
N VAL T 366 -18.51 -45.17 74.02
CA VAL T 366 -17.40 -44.97 74.93
C VAL T 366 -16.36 -46.07 74.76
N THR T 367 -16.80 -47.32 74.57
CA THR T 367 -15.83 -48.40 74.45
C THR T 367 -15.15 -48.39 73.08
N LEU T 368 -15.84 -47.92 72.03
CA LEU T 368 -15.18 -47.80 70.74
C LEU T 368 -14.10 -46.73 70.77
N THR T 369 -14.40 -45.58 71.38
CA THR T 369 -13.39 -44.52 71.45
C THR T 369 -12.31 -44.86 72.48
N THR T 370 -12.65 -45.64 73.51
CA THR T 370 -11.69 -45.98 74.55
C THR T 370 -12.13 -47.30 75.18
N GLY T 371 -11.45 -48.38 74.83
CA GLY T 371 -11.66 -49.67 75.46
C GLY T 371 -10.35 -50.27 75.92
N THR T 372 -10.25 -50.60 77.20
CA THR T 372 -8.96 -50.99 77.77
C THR T 372 -8.37 -52.19 77.05
N GLY T 373 -9.20 -53.18 76.72
CA GLY T 373 -8.74 -54.37 76.06
C GLY T 373 -8.20 -55.43 76.99
N GLN T 374 -8.08 -55.13 78.28
CA GLN T 374 -7.64 -56.09 79.28
C GLN T 374 -8.82 -56.48 80.16
N GLY T 375 -9.05 -57.78 80.29
CA GLY T 375 -10.17 -58.24 81.09
C GLY T 375 -11.34 -58.69 80.24
N ASN T 376 -12.39 -57.87 80.19
CA ASN T 376 -13.61 -58.23 79.48
C ASN T 376 -14.05 -57.14 78.50
N GLN T 377 -13.17 -56.23 78.14
CA GLN T 377 -13.57 -55.16 77.23
C GLN T 377 -12.82 -55.23 75.91
N PRO T 378 -13.44 -54.81 74.82
CA PRO T 378 -12.70 -54.69 73.56
C PRO T 378 -11.66 -53.58 73.65
N THR T 379 -10.86 -53.48 72.60
CA THR T 379 -9.77 -52.50 72.55
C THR T 379 -10.20 -51.27 71.77
N GLY T 380 -10.04 -50.10 72.38
CA GLY T 380 -10.34 -48.85 71.72
C GLY T 380 -9.22 -48.42 70.81
N ILE T 381 -9.48 -47.33 70.09
CA ILE T 381 -8.51 -46.83 69.13
C ILE T 381 -7.47 -45.92 69.78
N VAL T 382 -7.88 -45.10 70.76
CA VAL T 382 -6.94 -44.19 71.39
C VAL T 382 -5.96 -44.95 72.26
N THR T 383 -6.45 -45.91 73.05
CA THR T 383 -5.57 -46.65 73.94
C THR T 383 -4.63 -47.57 73.18
N ALA T 384 -5.03 -48.04 72.00
CA ALA T 384 -4.18 -48.92 71.22
C ALA T 384 -2.99 -48.20 70.59
N LEU T 385 -3.06 -46.89 70.44
CA LEU T 385 -1.99 -46.11 69.83
C LEU T 385 -1.05 -45.50 70.85
N ALA T 386 -1.39 -45.52 72.13
CA ALA T 386 -0.53 -44.94 73.15
C ALA T 386 0.69 -45.82 73.38
N GLY T 387 1.83 -45.16 73.60
CA GLY T 387 3.08 -45.89 73.82
C GLY T 387 3.58 -46.65 72.61
N THR T 388 3.35 -46.12 71.42
CA THR T 388 3.86 -46.72 70.19
C THR T 388 4.46 -45.59 69.34
N ALA T 389 4.75 -45.91 68.08
CA ALA T 389 5.28 -44.92 67.16
C ALA T 389 4.24 -43.91 66.70
N ALA T 390 2.97 -44.12 67.03
CA ALA T 390 1.90 -43.26 66.55
C ALA T 390 1.67 -42.03 67.43
N GLU T 391 2.44 -41.87 68.50
CA GLU T 391 2.28 -40.76 69.43
C GLU T 391 3.24 -39.64 69.06
N ILE T 392 2.75 -38.42 68.99
CA ILE T 392 3.53 -37.25 68.59
C ILE T 392 3.49 -36.23 69.72
N ALA T 393 4.67 -35.76 70.13
CA ALA T 393 4.71 -34.62 71.03
C ALA T 393 4.47 -33.32 70.27
N PRO T 394 3.83 -32.34 70.89
CA PRO T 394 3.57 -31.08 70.20
C PRO T 394 4.85 -30.29 69.97
N VAL T 395 4.74 -29.26 69.14
CA VAL T 395 5.88 -28.40 68.86
C VAL T 395 6.38 -27.74 70.15
N THR T 396 5.44 -27.23 70.95
CA THR T 396 5.75 -26.65 72.24
C THR T 396 4.83 -27.25 73.29
N ALA T 397 5.34 -27.41 74.50
CA ALA T 397 4.59 -28.07 75.56
C ALA T 397 3.47 -27.18 76.08
N GLU T 398 2.37 -27.82 76.50
CA GLU T 398 1.16 -27.14 76.99
C GLU T 398 0.66 -26.09 76.01
N THR T 399 0.62 -26.43 74.72
CA THR T 399 -0.01 -25.56 73.74
C THR T 399 -0.44 -26.38 72.53
N PHE T 400 -1.31 -25.80 71.72
CA PHE T 400 -1.89 -26.47 70.56
C PHE T 400 -2.11 -25.40 69.48
N ALA T 401 -1.23 -25.37 68.49
CA ALA T 401 -1.30 -24.39 67.42
C ALA T 401 -1.52 -25.10 66.08
N LEU T 402 -1.57 -24.30 65.01
CA LEU T 402 -1.78 -24.86 63.68
C LEU T 402 -0.64 -25.76 63.27
N ALA T 403 0.56 -25.52 63.81
CA ALA T 403 1.70 -26.37 63.50
C ALA T 403 1.45 -27.82 63.92
N ASP T 404 0.81 -28.02 65.07
CA ASP T 404 0.51 -29.37 65.51
C ASP T 404 -0.48 -30.06 64.58
N VAL T 405 -1.50 -29.32 64.12
CA VAL T 405 -2.47 -29.87 63.18
C VAL T 405 -1.78 -30.30 61.90
N TYR T 406 -0.88 -29.46 61.38
CA TYR T 406 -0.13 -29.85 60.20
C TYR T 406 0.76 -31.05 60.48
N ALA T 407 1.41 -31.07 61.65
CA ALA T 407 2.38 -32.13 61.97
C ALA T 407 1.71 -33.50 62.04
N VAL T 408 0.52 -33.56 62.63
CA VAL T 408 -0.19 -34.85 62.70
C VAL T 408 -0.45 -35.38 61.29
N TYR T 409 -0.83 -34.49 60.37
CA TYR T 409 -1.17 -34.91 59.01
C TYR T 409 0.08 -35.32 58.23
N GLU T 410 1.14 -34.53 58.30
CA GLU T 410 2.27 -34.69 57.41
C GLU T 410 3.19 -35.85 57.76
N GLN T 411 3.23 -36.26 59.03
CA GLN T 411 4.17 -37.32 59.43
C GLN T 411 3.75 -38.70 58.96
N LEU T 412 2.53 -38.86 58.45
CA LEU T 412 2.07 -40.16 58.00
C LEU T 412 2.72 -40.52 56.66
N ALA T 413 2.76 -41.83 56.38
CA ALA T 413 3.33 -42.31 55.12
C ALA T 413 2.42 -41.97 53.95
N ALA T 414 2.99 -42.01 52.75
CA ALA T 414 2.27 -41.59 51.55
C ALA T 414 1.06 -42.47 51.28
N ARG T 415 1.20 -43.79 51.43
CA ARG T 415 0.10 -44.68 51.10
C ARG T 415 -1.07 -44.53 52.07
N HIS T 416 -0.79 -44.20 53.33
CA HIS T 416 -1.84 -44.04 54.32
C HIS T 416 -2.33 -42.61 54.41
N ARG T 417 -1.52 -41.64 54.00
CA ARG T 417 -1.98 -40.25 53.97
C ARG T 417 -3.05 -40.05 52.90
N ARG T 418 -2.97 -40.82 51.81
CA ARG T 418 -3.86 -40.61 50.67
C ARG T 418 -5.32 -40.89 51.04
N GLN T 419 -5.58 -41.93 51.83
CA GLN T 419 -6.92 -42.21 52.33
C GLN T 419 -6.88 -42.21 53.85
N GLY T 420 -7.73 -41.38 54.46
CA GLY T 420 -7.74 -41.26 55.90
C GLY T 420 -8.79 -40.27 56.34
N ALA T 421 -8.88 -40.08 57.65
CA ALA T 421 -9.87 -39.19 58.22
C ALA T 421 -9.40 -38.71 59.58
N TRP T 422 -10.03 -37.64 60.06
CA TRP T 422 -9.69 -37.03 61.34
C TRP T 422 -10.72 -37.41 62.40
N LEU T 423 -10.27 -37.45 63.65
CA LEU T 423 -11.16 -37.65 64.78
C LEU T 423 -10.75 -36.72 65.90
N ALA T 424 -11.68 -35.89 66.34
CA ALA T 424 -11.43 -34.95 67.43
C ALA T 424 -12.77 -34.51 68.00
N ASN T 425 -12.72 -33.93 69.20
CA ASN T 425 -13.92 -33.38 69.82
C ASN T 425 -14.23 -32.01 69.24
N ASN T 426 -15.48 -31.59 69.41
CA ASN T 426 -15.92 -30.30 68.85
C ASN T 426 -15.11 -29.14 69.43
N LEU T 427 -14.58 -29.31 70.65
CA LEU T 427 -13.75 -28.28 71.25
C LEU T 427 -12.51 -28.01 70.39
N ILE T 428 -11.84 -29.07 69.95
CA ILE T 428 -10.64 -28.91 69.15
C ILE T 428 -10.96 -28.32 67.79
N TYR T 429 -12.10 -28.70 67.21
CA TYR T 429 -12.49 -28.12 65.93
C TYR T 429 -12.75 -26.63 66.07
N ASN T 430 -13.41 -26.21 67.15
CA ASN T 430 -13.62 -24.79 67.38
C ASN T 430 -12.29 -24.07 67.60
N LYS T 431 -11.36 -24.70 68.32
CA LYS T 431 -10.05 -24.10 68.53
C LYS T 431 -9.33 -23.91 67.19
N ILE T 432 -9.42 -24.89 66.30
CA ILE T 432 -8.83 -24.74 64.97
C ILE T 432 -9.49 -23.61 64.21
N ARG T 433 -10.82 -23.51 64.29
CA ARG T 433 -11.51 -22.42 63.62
C ARG T 433 -11.06 -21.06 64.14
N GLN T 434 -10.73 -20.98 65.43
CA GLN T 434 -10.33 -19.70 66.01
C GLN T 434 -8.93 -19.25 65.58
N PHE T 435 -8.14 -20.09 64.91
CA PHE T 435 -6.76 -19.72 64.61
C PHE T 435 -6.68 -18.50 63.70
N ASP T 436 -7.53 -18.44 62.68
CA ASP T 436 -7.46 -17.34 61.72
C ASP T 436 -8.09 -16.08 62.30
N THR T 437 -7.38 -14.96 62.14
CA THR T 437 -7.87 -13.66 62.59
C THR T 437 -7.72 -12.57 61.55
N GLN T 438 -6.79 -12.68 60.61
CA GLN T 438 -6.55 -11.65 59.61
C GLN T 438 -6.93 -12.10 58.20
N GLY T 439 -7.67 -13.20 58.09
CA GLY T 439 -8.05 -13.71 56.77
C GLY T 439 -6.90 -14.23 55.95
N GLY T 440 -5.97 -14.96 56.57
CA GLY T 440 -4.84 -15.51 55.86
C GLY T 440 -5.10 -16.89 55.30
N ALA T 441 -4.15 -17.80 55.46
CA ALA T 441 -4.30 -19.17 55.00
C ALA T 441 -4.92 -20.08 56.04
N GLY T 442 -5.18 -19.58 57.25
CA GLY T 442 -5.76 -20.39 58.29
C GLY T 442 -7.27 -20.31 58.32
N LEU T 443 -7.87 -19.71 57.29
CA LEU T 443 -9.32 -19.52 57.23
C LEU T 443 -9.96 -20.84 56.82
N TRP T 444 -10.33 -21.63 57.83
CA TRP T 444 -11.08 -22.85 57.57
C TRP T 444 -12.49 -22.53 57.07
N THR T 445 -13.18 -21.64 57.77
CA THR T 445 -14.51 -21.19 57.37
C THR T 445 -14.81 -19.92 58.15
N THR T 446 -15.89 -19.26 57.78
CA THR T 446 -16.30 -18.01 58.41
C THR T 446 -17.38 -18.25 59.44
N ILE T 447 -17.49 -17.34 60.39
CA ILE T 447 -18.54 -17.44 61.40
C ILE T 447 -19.90 -17.28 60.72
N GLY T 448 -20.85 -18.10 61.12
CA GLY T 448 -22.15 -18.14 60.48
C GLY T 448 -22.37 -19.32 59.55
N ASN T 449 -21.41 -20.24 59.48
CA ASN T 449 -21.54 -21.44 58.66
C ASN T 449 -21.37 -22.68 59.53
N GLY T 450 -21.94 -23.78 59.07
CA GLY T 450 -21.87 -25.03 59.78
C GLY T 450 -20.46 -25.60 59.77
N GLU T 451 -20.30 -26.70 60.49
CA GLU T 451 -19.01 -27.35 60.59
C GLU T 451 -18.61 -27.92 59.23
N PRO T 452 -17.49 -27.51 58.65
CA PRO T 452 -17.11 -28.03 57.33
C PRO T 452 -16.73 -29.49 57.40
N SER T 453 -16.93 -30.18 56.27
CA SER T 453 -16.76 -31.62 56.18
C SER T 453 -15.42 -32.03 55.57
N GLN T 454 -14.55 -31.06 55.27
CA GLN T 454 -13.23 -31.37 54.72
C GLN T 454 -12.17 -30.57 55.46
N LEU T 455 -11.08 -31.24 55.82
CA LEU T 455 -9.91 -30.59 56.40
C LEU T 455 -8.70 -31.06 55.60
N LEU T 456 -8.03 -30.12 54.93
CA LEU T 456 -6.90 -30.43 54.07
C LEU T 456 -7.30 -31.42 52.97
N GLY T 457 -8.56 -31.35 52.55
CA GLY T 457 -9.07 -32.22 51.51
C GLY T 457 -9.49 -33.61 51.96
N ARG T 458 -9.54 -33.86 53.26
CA ARG T 458 -9.84 -35.18 53.80
C ARG T 458 -11.12 -35.13 54.63
N PRO T 459 -11.80 -36.27 54.80
CA PRO T 459 -13.03 -36.29 55.58
C PRO T 459 -12.78 -35.95 57.04
N VAL T 460 -13.81 -35.39 57.67
CA VAL T 460 -13.75 -34.89 59.04
C VAL T 460 -14.75 -35.66 59.89
N GLY T 461 -14.29 -36.17 61.03
CA GLY T 461 -15.14 -36.88 61.95
C GLY T 461 -15.08 -36.27 63.33
N GLU T 462 -16.09 -36.60 64.15
CA GLU T 462 -16.24 -36.01 65.46
C GLU T 462 -16.50 -37.11 66.48
N ALA T 463 -16.02 -36.88 67.71
CA ALA T 463 -16.22 -37.83 68.80
C ALA T 463 -16.03 -37.06 70.11
N GLU T 464 -17.10 -36.94 70.89
CA GLU T 464 -17.03 -36.19 72.15
C GLU T 464 -16.22 -36.89 73.22
N ALA T 465 -16.29 -38.22 73.30
CA ALA T 465 -15.70 -38.92 74.43
C ALA T 465 -14.18 -38.85 74.47
N MET T 466 -13.54 -38.38 73.42
CA MET T 466 -12.12 -38.10 73.46
C MET T 466 -11.85 -36.89 74.35
N ASP T 467 -10.65 -36.83 74.92
CA ASP T 467 -10.29 -35.71 75.78
C ASP T 467 -10.22 -34.42 74.98
N ALA T 468 -10.61 -33.31 75.61
CA ALA T 468 -10.66 -32.04 74.93
C ALA T 468 -10.16 -30.86 75.75
N ASN T 469 -9.67 -31.07 76.97
CA ASN T 469 -9.12 -29.98 77.76
C ASN T 469 -7.96 -30.51 78.58
N TRP T 470 -6.88 -29.71 78.64
CA TRP T 470 -5.68 -30.10 79.37
C TRP T 470 -5.36 -29.13 80.50
N ASN T 471 -6.33 -28.32 80.92
CA ASN T 471 -6.14 -27.35 81.97
C ASN T 471 -6.85 -27.73 83.25
N THR T 472 -8.17 -27.93 83.19
CA THR T 472 -8.91 -28.38 84.37
C THR T 472 -8.72 -29.87 84.64
N SER T 473 -8.28 -30.63 83.64
CA SER T 473 -8.08 -32.05 83.83
C SER T 473 -6.89 -32.32 84.74
N ALA T 474 -6.95 -33.43 85.47
CA ALA T 474 -5.88 -33.83 86.36
C ALA T 474 -5.04 -34.96 85.81
N SER T 475 -5.42 -35.55 84.67
CA SER T 475 -4.65 -36.62 84.07
C SER T 475 -3.31 -36.10 83.55
N ALA T 476 -2.28 -36.94 83.66
CA ALA T 476 -0.95 -36.52 83.26
C ALA T 476 -0.86 -36.25 81.77
N ASP T 477 -1.51 -37.10 80.95
CA ASP T 477 -1.41 -37.01 79.50
C ASP T 477 -2.79 -36.88 78.89
N ASN T 478 -2.86 -36.17 77.75
CA ASN T 478 -4.11 -35.88 77.08
C ASN T 478 -3.94 -36.07 75.59
N PHE T 479 -4.90 -36.75 74.96
CA PHE T 479 -4.91 -36.96 73.52
C PHE T 479 -6.08 -36.20 72.91
N VAL T 480 -5.79 -35.36 71.91
CA VAL T 480 -6.78 -34.40 71.42
C VAL T 480 -7.09 -34.59 69.93
N LEU T 481 -6.14 -35.11 69.17
CA LEU T 481 -6.27 -35.18 67.72
C LEU T 481 -5.84 -36.55 67.22
N LEU T 482 -6.37 -36.93 66.07
CA LEU T 482 -6.07 -38.23 65.48
C LEU T 482 -6.26 -38.18 63.97
N TYR T 483 -5.39 -38.88 63.25
CA TYR T 483 -5.52 -39.02 61.81
C TYR T 483 -4.85 -40.32 61.38
N GLY T 484 -5.52 -41.04 60.48
CA GLY T 484 -4.95 -42.27 59.96
C GLY T 484 -5.93 -42.96 59.05
N ASN T 485 -5.46 -44.05 58.45
CA ASN T 485 -6.30 -44.88 57.59
C ASN T 485 -7.11 -45.81 58.47
N PHE T 486 -8.43 -45.62 58.49
CA PHE T 486 -9.29 -46.36 59.41
C PHE T 486 -9.72 -47.71 58.87
N GLN T 487 -9.32 -48.08 57.65
CA GLN T 487 -9.56 -49.43 57.19
C GLN T 487 -8.80 -50.47 58.01
N ASN T 488 -7.81 -50.05 58.77
CA ASN T 488 -7.03 -50.93 59.63
C ASN T 488 -7.63 -51.08 61.02
N TYR T 489 -8.78 -50.46 61.27
CA TYR T 489 -9.52 -50.64 62.51
C TYR T 489 -10.66 -51.61 62.22
N VAL T 490 -10.64 -52.77 62.86
CA VAL T 490 -11.53 -53.87 62.54
C VAL T 490 -12.57 -54.00 63.64
N ILE T 491 -13.85 -53.99 63.24
CA ILE T 491 -14.97 -54.13 64.16
C ILE T 491 -15.74 -55.38 63.78
N ALA T 492 -15.91 -56.29 64.74
CA ALA T 492 -16.64 -57.52 64.51
C ALA T 492 -17.98 -57.44 65.24
N ASP T 493 -19.06 -57.69 64.51
CA ASP T 493 -20.40 -57.70 65.07
C ASP T 493 -20.97 -59.11 64.99
N ARG T 494 -21.41 -59.64 66.13
CA ARG T 494 -21.92 -61.00 66.20
C ARG T 494 -23.42 -61.03 66.52
N ILE T 495 -23.84 -60.42 67.62
CA ILE T 495 -25.24 -60.39 68.00
C ILE T 495 -25.61 -58.98 68.43
N GLY T 496 -26.74 -58.49 67.94
CA GLY T 496 -27.25 -57.20 68.34
C GLY T 496 -27.93 -57.24 69.70
N MET T 497 -28.53 -56.11 70.07
CA MET T 497 -29.21 -56.04 71.35
C MET T 497 -30.48 -56.89 71.33
N THR T 498 -30.60 -57.78 72.32
CA THR T 498 -31.77 -58.63 72.47
C THR T 498 -32.28 -58.50 73.90
N VAL T 499 -33.60 -58.43 74.05
CA VAL T 499 -34.23 -58.21 75.34
C VAL T 499 -35.10 -59.42 75.67
N GLU T 500 -34.94 -59.95 76.88
CA GLU T 500 -35.74 -61.06 77.38
C GLU T 500 -36.52 -60.62 78.60
N PHE T 501 -37.54 -61.39 78.95
CA PHE T 501 -38.41 -61.11 80.09
C PHE T 501 -38.38 -62.30 81.04
N ILE T 502 -37.96 -62.07 82.28
CA ILE T 502 -37.94 -63.09 83.31
C ILE T 502 -39.23 -62.98 84.11
N PRO T 503 -40.09 -64.00 84.11
CA PRO T 503 -41.37 -63.88 84.83
C PRO T 503 -41.25 -63.96 86.35
N HIS T 504 -40.17 -64.54 86.87
CA HIS T 504 -40.11 -64.80 88.31
C HIS T 504 -38.67 -64.81 88.77
N LEU T 505 -38.35 -63.94 89.73
CA LEU T 505 -37.08 -64.02 90.43
C LEU T 505 -37.22 -64.79 91.73
N PHE T 506 -36.09 -65.10 92.35
CA PHE T 506 -36.06 -65.94 93.54
C PHE T 506 -35.32 -65.24 94.66
N GLY T 507 -35.64 -65.64 95.90
CA GLY T 507 -35.08 -65.04 97.08
C GLY T 507 -33.90 -65.80 97.63
N THR T 508 -33.53 -65.46 98.87
CA THR T 508 -32.35 -66.07 99.49
C THR T 508 -32.58 -67.55 99.76
N ASN T 509 -33.77 -67.91 100.23
CA ASN T 509 -34.08 -69.29 100.58
C ASN T 509 -34.70 -70.06 99.42
N ARG T 510 -34.41 -69.65 98.20
CA ARG T 510 -34.85 -70.35 96.98
C ARG T 510 -36.37 -70.47 96.91
N ARG T 511 -37.05 -69.37 97.19
CA ARG T 511 -38.50 -69.25 97.05
C ARG T 511 -38.82 -67.92 96.38
N PRO T 512 -39.94 -67.86 95.65
CA PRO T 512 -40.30 -66.61 94.96
C PRO T 512 -40.52 -65.46 95.93
N ASN T 513 -40.12 -64.26 95.51
CA ASN T 513 -40.26 -63.06 96.32
C ASN T 513 -41.20 -62.03 95.72
N GLY T 514 -41.74 -62.26 94.53
CA GLY T 514 -42.72 -61.36 93.96
C GLY T 514 -42.15 -60.24 93.12
N SER T 515 -41.30 -60.59 92.15
CA SER T 515 -40.66 -59.58 91.32
C SER T 515 -40.37 -60.15 89.94
N ARG T 516 -40.13 -59.26 88.99
CA ARG T 516 -39.79 -59.63 87.63
C ARG T 516 -38.60 -58.78 87.18
N GLY T 517 -38.03 -59.13 86.01
CA GLY T 517 -36.88 -58.43 85.51
C GLY T 517 -36.79 -58.49 84.00
N TRP T 518 -35.87 -57.67 83.47
CA TRP T 518 -35.57 -57.64 82.05
C TRP T 518 -34.09 -57.91 81.84
N PHE T 519 -33.76 -58.73 80.86
CA PHE T 519 -32.39 -59.06 80.51
C PHE T 519 -32.07 -58.58 79.11
N ALA T 520 -30.87 -58.03 78.93
CA ALA T 520 -30.45 -57.49 77.64
C ALA T 520 -28.96 -57.67 77.47
N TYR T 521 -28.55 -57.97 76.24
CA TYR T 521 -27.15 -58.25 75.95
C TYR T 521 -26.89 -58.12 74.46
N TYR T 522 -25.61 -57.98 74.11
CA TYR T 522 -25.16 -58.08 72.73
C TYR T 522 -23.70 -58.50 72.75
N ARG T 523 -23.19 -58.94 71.60
CA ARG T 523 -21.82 -59.40 71.51
C ARG T 523 -21.11 -58.73 70.33
N MET T 524 -19.90 -58.24 70.58
CA MET T 524 -19.12 -57.56 69.57
C MET T 524 -17.66 -57.52 70.02
N GLY T 525 -16.79 -57.07 69.11
CA GLY T 525 -15.38 -56.92 69.42
C GLY T 525 -14.65 -56.09 68.39
N ALA T 526 -13.58 -55.41 68.81
CA ALA T 526 -12.84 -54.53 67.91
C ALA T 526 -11.40 -54.43 68.36
N ASP T 527 -10.51 -54.21 67.40
CA ASP T 527 -9.09 -54.05 67.65
C ASP T 527 -8.44 -53.49 66.39
N VAL T 528 -7.21 -53.01 66.55
CA VAL T 528 -6.42 -52.48 65.45
C VAL T 528 -5.38 -53.52 65.04
N VAL T 529 -5.12 -53.59 63.74
CA VAL T 529 -4.17 -54.56 63.20
C VAL T 529 -2.86 -53.91 62.79
N ASN T 530 -2.91 -52.65 62.37
CA ASN T 530 -1.72 -51.91 61.96
C ASN T 530 -1.61 -50.64 62.79
N PRO T 531 -0.75 -50.61 63.81
CA PRO T 531 -0.61 -49.41 64.63
C PRO T 531 0.21 -48.32 63.96
N ASN T 532 0.82 -48.66 62.81
CA ASN T 532 1.67 -47.71 62.11
C ASN T 532 0.95 -46.93 61.03
N ALA T 533 -0.35 -47.15 60.84
CA ALA T 533 -1.14 -46.41 59.88
C ALA T 533 -1.83 -45.19 60.48
N PHE T 534 -1.59 -44.91 61.76
CA PHE T 534 -2.23 -43.82 62.46
C PHE T 534 -1.18 -42.93 63.10
N ARG T 535 -1.56 -41.69 63.37
CA ARG T 535 -0.74 -40.76 64.14
C ARG T 535 -1.64 -40.06 65.15
N LEU T 536 -1.20 -40.02 66.40
CA LEU T 536 -2.00 -39.50 67.49
C LEU T 536 -1.19 -38.46 68.25
N LEU T 537 -1.86 -37.36 68.62
CA LEU T 537 -1.21 -36.24 69.29
C LEU T 537 -1.42 -36.33 70.79
N ASN T 538 -0.35 -36.14 71.55
CA ASN T 538 -0.38 -36.21 73.01
C ASN T 538 0.15 -34.91 73.58
N VAL T 539 -0.64 -34.29 74.46
CA VAL T 539 -0.24 -33.06 75.15
C VAL T 539 -0.05 -33.43 76.62
N GLU T 540 1.19 -33.54 77.05
CA GLU T 540 1.51 -33.97 78.41
C GLU T 540 1.67 -32.75 79.31
N THR T 541 0.81 -32.65 80.32
CA THR T 541 0.95 -31.61 81.32
C THR T 541 1.87 -32.05 82.44
N ALA T 542 2.35 -31.08 83.21
CA ALA T 542 3.22 -31.37 84.34
C ALA T 542 2.48 -32.11 85.43
N SER T 543 2.83 -33.37 85.66
CA SER T 543 2.17 -34.19 86.67
C SER T 543 2.59 -33.75 88.07
N MET U 251 -21.00 -77.02 79.92
CA MET U 251 -20.58 -76.61 78.59
C MET U 251 -20.12 -75.16 78.60
N GLY U 252 -19.31 -74.79 77.62
CA GLY U 252 -18.82 -73.43 77.55
C GLY U 252 -18.00 -73.22 76.31
N LEU U 253 -17.26 -72.10 76.29
CA LEU U 253 -16.36 -71.80 75.19
C LEU U 253 -14.99 -72.43 75.33
N THR U 254 -14.68 -73.03 76.48
CA THR U 254 -13.42 -73.73 76.64
C THR U 254 -13.38 -74.96 75.75
N LYS U 255 -12.18 -75.31 75.28
CA LYS U 255 -12.04 -76.36 74.27
C LYS U 255 -12.54 -77.69 74.80
N ALA U 256 -12.19 -78.02 76.04
CA ALA U 256 -12.60 -79.31 76.62
C ALA U 256 -14.12 -79.38 76.76
N ASP U 257 -14.74 -78.29 77.19
CA ASP U 257 -16.19 -78.28 77.41
C ASP U 257 -16.92 -77.79 76.15
N GLY U 258 -16.90 -78.64 75.13
CA GLY U 258 -17.64 -78.37 73.90
C GLY U 258 -17.17 -77.15 73.14
N GLY U 259 -15.87 -76.89 73.15
CA GLY U 259 -15.33 -75.76 72.41
C GLY U 259 -14.72 -76.17 71.09
N TYR U 260 -14.63 -77.48 70.85
CA TYR U 260 -14.05 -77.97 69.59
C TYR U 260 -15.04 -77.91 68.44
N LEU U 261 -16.31 -77.63 68.71
CA LEU U 261 -17.31 -77.57 67.66
C LEU U 261 -17.40 -76.22 66.98
N VAL U 262 -16.73 -75.20 67.49
CA VAL U 262 -16.81 -73.87 66.85
C VAL U 262 -16.04 -73.90 65.54
N PRO U 263 -16.55 -73.26 64.48
CA PRO U 263 -15.79 -73.17 63.25
C PRO U 263 -14.61 -72.23 63.40
N PHE U 264 -13.65 -72.35 62.49
CA PHE U 264 -12.49 -71.49 62.43
C PHE U 264 -12.66 -70.51 61.28
N GLN U 265 -12.59 -69.22 61.58
CA GLN U 265 -12.75 -68.18 60.57
C GLN U 265 -11.41 -67.50 60.35
N LEU U 266 -10.96 -67.46 59.09
CA LEU U 266 -9.68 -66.88 58.74
C LEU U 266 -9.84 -66.04 57.49
N ASP U 267 -9.04 -64.98 57.39
CA ASP U 267 -9.04 -64.12 56.22
C ASP U 267 -7.85 -64.46 55.36
N PRO U 268 -8.03 -64.99 54.16
CA PRO U 268 -6.86 -65.43 53.37
C PRO U 268 -6.04 -64.27 52.82
N THR U 269 -6.64 -63.11 52.55
CA THR U 269 -5.89 -62.00 52.00
C THR U 269 -4.87 -61.49 53.02
N VAL U 270 -3.72 -61.06 52.51
CA VAL U 270 -2.60 -60.66 53.35
C VAL U 270 -2.66 -59.17 53.63
N ILE U 271 -2.07 -58.78 54.75
CA ILE U 271 -1.98 -57.37 55.15
C ILE U 271 -0.51 -56.98 55.11
N ILE U 272 -0.19 -56.01 54.28
CA ILE U 272 1.19 -55.51 54.21
C ILE U 272 1.42 -54.51 55.32
N THR U 273 2.45 -54.72 56.12
CA THR U 273 2.74 -53.90 57.28
C THR U 273 4.05 -53.13 57.11
N SER U 274 4.27 -52.59 55.92
CA SER U 274 5.46 -51.82 55.62
C SER U 274 5.07 -50.42 55.16
N ASN U 275 5.82 -49.42 55.63
CA ASN U 275 5.52 -48.04 55.24
C ASN U 275 5.73 -47.81 53.76
N GLY U 276 6.79 -48.39 53.20
CA GLY U 276 7.10 -48.17 51.80
C GLY U 276 7.75 -46.83 51.56
N SER U 277 7.88 -46.50 50.28
CA SER U 277 8.49 -45.23 49.88
C SER U 277 7.92 -44.81 48.53
N LEU U 278 7.60 -43.53 48.41
CA LEU U 278 7.03 -42.96 47.19
C LEU U 278 7.98 -41.91 46.66
N ASN U 279 8.34 -42.02 45.38
CA ASN U 279 9.28 -41.09 44.75
C ASN U 279 8.81 -40.78 43.34
N ASP U 280 8.96 -39.51 42.95
CA ASP U 280 8.59 -39.08 41.60
C ASP U 280 9.80 -38.69 40.76
N ILE U 281 11.02 -39.01 41.20
CA ILE U 281 12.20 -38.62 40.44
C ILE U 281 12.25 -39.35 39.11
N ARG U 282 11.72 -40.57 39.05
CA ARG U 282 11.65 -41.29 37.80
C ARG U 282 10.72 -40.63 36.79
N ARG U 283 9.80 -39.78 37.25
CA ARG U 283 8.87 -39.09 36.35
C ARG U 283 9.48 -37.87 35.67
N PHE U 284 10.64 -37.40 36.14
CA PHE U 284 11.31 -36.26 35.54
C PHE U 284 12.66 -36.61 34.91
N ALA U 285 13.35 -37.59 35.45
CA ALA U 285 14.70 -37.89 35.01
C ALA U 285 14.70 -38.46 33.60
N ARG U 286 15.89 -38.51 33.01
CA ARG U 286 16.07 -39.00 31.65
C ARG U 286 16.70 -40.39 31.69
N GLN U 287 16.06 -41.34 31.01
CA GLN U 287 16.45 -42.74 31.05
C GLN U 287 17.07 -43.14 29.71
N VAL U 288 18.23 -43.77 29.76
CA VAL U 288 18.91 -44.29 28.58
C VAL U 288 19.18 -45.77 28.79
N VAL U 289 19.02 -46.55 27.71
CA VAL U 289 19.32 -47.98 27.80
C VAL U 289 20.82 -48.20 27.69
N ALA U 290 21.33 -49.07 28.54
CA ALA U 290 22.74 -49.44 28.55
C ALA U 290 22.88 -50.85 27.99
N THR U 291 23.74 -51.00 26.99
CA THR U 291 23.94 -52.27 26.31
C THR U 291 25.32 -52.86 26.65
N GLY U 292 25.73 -52.70 27.90
CA GLY U 292 27.04 -53.16 28.31
C GLY U 292 27.26 -53.00 29.81
N ASP U 293 28.44 -52.52 30.18
CA ASP U 293 28.80 -52.34 31.58
C ASP U 293 28.78 -50.89 32.03
N VAL U 294 29.36 -49.99 31.23
CA VAL U 294 29.50 -48.59 31.61
C VAL U 294 28.95 -47.72 30.47
N TRP U 295 28.12 -46.75 30.83
CA TRP U 295 27.57 -45.79 29.88
C TRP U 295 28.43 -44.53 29.89
N HIS U 296 28.82 -44.06 28.70
CA HIS U 296 29.69 -42.91 28.56
C HIS U 296 28.94 -41.76 27.87
N GLY U 297 29.50 -40.57 27.98
CA GLY U 297 28.91 -39.40 27.37
C GLY U 297 29.96 -38.32 27.21
N VAL U 298 29.59 -37.27 26.48
CA VAL U 298 30.50 -36.19 26.13
C VAL U 298 29.90 -34.87 26.57
N SER U 299 30.71 -34.03 27.20
CA SER U 299 30.30 -32.69 27.61
C SER U 299 31.37 -31.69 27.22
N SER U 300 30.95 -30.50 26.83
CA SER U 300 31.89 -29.46 26.42
C SER U 300 31.34 -28.10 26.87
N ALA U 301 32.06 -27.04 26.52
CA ALA U 301 31.66 -25.68 26.86
C ALA U 301 31.77 -24.81 25.60
N ALA U 302 31.39 -23.54 25.74
CA ALA U 302 31.37 -22.64 24.60
C ALA U 302 32.74 -22.01 24.38
N VAL U 303 32.83 -21.17 23.34
CA VAL U 303 34.06 -20.49 22.96
C VAL U 303 33.92 -19.02 23.31
N GLN U 304 34.89 -18.49 24.06
CA GLN U 304 34.81 -17.14 24.57
C GLN U 304 35.22 -16.15 23.49
N TRP U 305 34.27 -15.36 23.01
CA TRP U 305 34.57 -14.29 22.07
C TRP U 305 35.06 -13.05 22.83
N SER U 306 35.52 -12.05 22.07
CA SER U 306 35.96 -10.81 22.66
C SER U 306 35.84 -9.71 21.61
N TRP U 307 35.66 -8.48 22.08
CA TRP U 307 35.54 -7.33 21.19
C TRP U 307 36.94 -6.77 20.97
N ASP U 308 37.49 -7.05 19.79
CA ASP U 308 38.86 -6.69 19.49
C ASP U 308 38.91 -5.41 18.65
N ALA U 309 40.12 -4.84 18.58
CA ALA U 309 40.38 -3.64 17.81
C ALA U 309 40.96 -4.01 16.46
N GLU U 310 41.44 -3.00 15.74
CA GLU U 310 42.00 -3.22 14.42
C GLU U 310 43.50 -3.51 14.53
N PHE U 311 43.96 -4.51 13.79
CA PHE U 311 45.36 -4.91 13.75
C PHE U 311 45.86 -5.34 15.13
N GLU U 312 45.23 -6.37 15.69
CA GLU U 312 45.70 -6.98 16.92
C GLU U 312 45.41 -8.47 16.92
N GLU U 313 46.14 -9.19 17.77
CA GLU U 313 46.02 -10.64 17.86
C GLU U 313 44.65 -11.04 18.41
N VAL U 314 44.29 -12.29 18.14
CA VAL U 314 43.12 -12.92 18.73
C VAL U 314 43.59 -13.93 19.76
N SER U 315 42.95 -13.91 20.92
CA SER U 315 43.32 -14.79 22.03
C SER U 315 43.03 -16.24 21.69
N ASP U 316 43.73 -17.14 22.39
CA ASP U 316 43.53 -18.57 22.23
C ASP U 316 42.23 -18.95 22.95
N ASP U 317 41.29 -19.53 22.21
CA ASP U 317 39.93 -19.76 22.68
C ASP U 317 39.57 -21.23 22.62
N SER U 318 40.46 -22.09 23.09
CA SER U 318 40.24 -23.54 22.98
C SER U 318 39.21 -23.99 24.01
N PRO U 319 38.09 -24.58 23.59
CA PRO U 319 37.15 -25.14 24.57
C PRO U 319 37.68 -26.45 25.14
N GLU U 320 37.16 -26.79 26.32
CA GLU U 320 37.57 -27.98 27.04
C GLU U 320 36.41 -28.96 27.16
N PHE U 321 36.74 -30.25 27.24
CA PHE U 321 35.77 -31.32 27.22
C PHE U 321 35.80 -32.10 28.53
N GLY U 322 34.87 -33.04 28.67
CA GLY U 322 34.81 -33.89 29.85
C GLY U 322 33.87 -35.04 29.60
N GLN U 323 34.06 -36.11 30.37
CA GLN U 323 33.29 -37.32 30.16
C GLN U 323 32.62 -37.80 31.44
N PRO U 324 31.29 -37.84 31.49
CA PRO U 324 30.61 -38.48 32.62
C PRO U 324 30.41 -39.98 32.38
N GLU U 325 30.65 -40.79 33.41
CA GLU U 325 30.49 -42.24 33.32
C GLU U 325 29.43 -42.69 34.31
N ILE U 326 28.59 -43.62 33.88
CA ILE U 326 27.52 -44.15 34.72
C ILE U 326 27.68 -45.67 34.87
N PRO U 327 28.37 -46.14 35.91
CA PRO U 327 28.50 -47.59 36.11
C PRO U 327 27.14 -48.22 36.41
N VAL U 328 27.00 -49.47 35.99
CA VAL U 328 25.77 -50.23 36.18
C VAL U 328 26.01 -51.29 37.24
N LYS U 329 25.17 -51.30 38.26
CA LYS U 329 25.30 -52.22 39.39
C LYS U 329 24.02 -53.04 39.53
N LYS U 330 24.05 -54.01 40.43
CA LYS U 330 22.98 -55.00 40.52
C LYS U 330 22.39 -55.03 41.92
N ALA U 331 21.08 -55.28 41.97
CA ALA U 331 20.35 -55.50 43.21
C ALA U 331 19.83 -56.93 43.21
N GLN U 332 19.90 -57.57 44.38
CA GLN U 332 19.74 -59.01 44.44
C GLN U 332 18.89 -59.38 45.64
N GLY U 333 18.12 -60.46 45.51
CA GLY U 333 17.24 -60.91 46.57
C GLY U 333 16.76 -62.34 46.41
N PHE U 334 16.67 -63.08 47.51
CA PHE U 334 16.40 -64.50 47.49
C PHE U 334 15.46 -64.90 48.63
N VAL U 335 14.69 -65.95 48.40
CA VAL U 335 13.80 -66.50 49.42
C VAL U 335 13.57 -67.98 49.17
N PRO U 336 14.03 -68.87 50.05
CA PRO U 336 13.77 -70.30 49.88
C PRO U 336 12.47 -70.74 50.54
N ILE U 337 11.98 -71.89 50.10
CA ILE U 337 10.76 -72.48 50.65
C ILE U 337 10.92 -74.00 50.66
N SER U 338 10.15 -74.65 51.51
CA SER U 338 10.14 -76.10 51.59
C SER U 338 9.15 -76.69 50.57
N ILE U 339 9.32 -77.97 50.27
CA ILE U 339 8.40 -78.63 49.36
C ILE U 339 7.02 -78.75 49.99
N GLU U 340 6.95 -78.97 51.30
CA GLU U 340 5.68 -79.16 51.98
C GLU U 340 4.85 -77.89 51.94
N ALA U 341 5.49 -76.73 52.03
CA ALA U 341 4.78 -75.46 52.06
C ALA U 341 4.07 -75.21 50.73
N LEU U 342 4.70 -75.57 49.62
CA LEU U 342 4.07 -75.36 48.32
C LEU U 342 2.79 -76.18 48.20
N GLN U 343 2.81 -77.43 48.65
CA GLN U 343 1.62 -78.26 48.54
C GLN U 343 0.56 -77.87 49.56
N ASP U 344 0.97 -77.39 50.73
CA ASP U 344 0.04 -77.10 51.82
C ASP U 344 -0.48 -75.67 51.76
N GLU U 345 0.40 -74.70 51.82
CA GLU U 345 -0.01 -73.29 51.86
C GLU U 345 -0.55 -72.86 50.50
N ALA U 346 -1.64 -72.12 50.51
CA ALA U 346 -2.31 -71.74 49.27
C ALA U 346 -1.90 -70.34 48.82
N ASN U 347 -1.76 -70.18 47.50
CA ASN U 347 -1.46 -68.88 46.88
C ASN U 347 -0.16 -68.28 47.42
N VAL U 348 0.86 -69.13 47.58
CA VAL U 348 2.16 -68.64 48.04
C VAL U 348 2.84 -67.83 46.95
N THR U 349 2.78 -68.31 45.71
CA THR U 349 3.57 -67.71 44.64
C THR U 349 3.18 -66.25 44.41
N GLU U 350 1.88 -65.97 44.35
CA GLU U 350 1.43 -64.60 44.12
C GLU U 350 1.82 -63.69 45.28
N THR U 351 1.68 -64.18 46.51
CA THR U 351 2.04 -63.38 47.68
C THR U 351 3.54 -63.03 47.65
N VAL U 352 4.38 -64.01 47.33
CA VAL U 352 5.80 -63.75 47.30
C VAL U 352 6.17 -62.82 46.14
N ALA U 353 5.48 -62.95 45.00
CA ALA U 353 5.71 -62.03 43.90
C ALA U 353 5.38 -60.61 44.30
N LEU U 354 4.26 -60.42 44.99
CA LEU U 354 3.93 -59.09 45.50
C LEU U 354 5.03 -58.57 46.41
N LEU U 355 5.39 -59.35 47.43
CA LEU U 355 6.39 -58.91 48.39
C LEU U 355 7.69 -58.52 47.67
N PHE U 356 8.08 -59.29 46.66
CA PHE U 356 9.21 -58.92 45.82
C PHE U 356 8.98 -57.55 45.18
N ALA U 357 7.76 -57.31 44.69
CA ALA U 357 7.48 -56.04 44.00
C ALA U 357 7.66 -54.85 44.93
N GLU U 358 7.03 -54.89 46.11
CA GLU U 358 7.21 -53.76 47.02
C GLU U 358 8.64 -53.64 47.51
N GLY U 359 9.34 -54.78 47.70
CA GLY U 359 10.74 -54.69 48.08
C GLY U 359 11.58 -53.94 47.04
N LYS U 360 11.41 -54.31 45.76
CA LYS U 360 12.15 -53.62 44.72
C LYS U 360 11.76 -52.16 44.62
N ASP U 361 10.47 -51.85 44.76
CA ASP U 361 10.03 -50.47 44.65
C ASP U 361 10.67 -49.63 45.76
N GLU U 362 10.65 -50.14 46.99
CA GLU U 362 11.25 -49.42 48.11
C GLU U 362 12.73 -49.21 47.89
N LEU U 363 13.44 -50.26 47.47
CA LEU U 363 14.87 -50.14 47.27
C LEU U 363 15.21 -49.14 46.18
N GLU U 364 14.48 -49.19 45.06
CA GLU U 364 14.75 -48.25 43.97
C GLU U 364 14.50 -46.82 44.40
N ALA U 365 13.40 -46.58 45.11
CA ALA U 365 13.11 -45.23 45.57
C ALA U 365 14.21 -44.71 46.49
N VAL U 366 14.60 -45.52 47.48
CA VAL U 366 15.56 -45.05 48.46
C VAL U 366 16.94 -44.86 47.84
N THR U 367 17.29 -45.69 46.84
CA THR U 367 18.60 -45.52 46.22
C THR U 367 18.61 -44.35 45.24
N LEU U 368 17.49 -44.09 44.55
CA LEU U 368 17.44 -42.94 43.66
C LEU U 368 17.50 -41.64 44.45
N THR U 369 16.79 -41.56 45.57
CA THR U 369 16.80 -40.33 46.34
C THR U 369 18.13 -40.14 47.07
N THR U 370 18.76 -41.22 47.51
CA THR U 370 20.00 -41.12 48.28
C THR U 370 20.86 -42.35 47.95
N GLY U 371 21.80 -42.19 47.04
CA GLY U 371 22.76 -43.22 46.75
C GLY U 371 24.17 -42.74 47.01
N THR U 372 24.93 -43.48 47.82
CA THR U 372 26.28 -43.06 48.17
C THR U 372 27.18 -43.02 46.94
N GLY U 373 27.00 -43.96 46.02
CA GLY U 373 27.87 -44.09 44.88
C GLY U 373 29.14 -44.87 45.14
N GLN U 374 29.35 -45.33 46.36
CA GLN U 374 30.53 -46.09 46.74
C GLN U 374 30.16 -47.54 46.97
N GLY U 375 31.13 -48.42 46.70
CA GLY U 375 30.91 -49.84 46.87
C GLY U 375 30.00 -50.44 45.83
N ASN U 376 28.80 -50.86 46.24
CA ASN U 376 27.87 -51.54 45.33
C ASN U 376 26.63 -50.70 45.04
N GLN U 377 26.65 -49.41 45.37
CA GLN U 377 25.44 -48.61 45.26
C GLN U 377 25.57 -47.58 44.14
N PRO U 378 24.48 -47.26 43.46
CA PRO U 378 24.50 -46.16 42.48
C PRO U 378 24.63 -44.81 43.17
N THR U 379 24.69 -43.74 42.39
CA THR U 379 24.86 -42.39 42.91
C THR U 379 23.51 -41.69 42.96
N GLY U 380 23.13 -41.21 44.13
CA GLY U 380 21.92 -40.44 44.27
C GLY U 380 22.11 -38.99 43.88
N ILE U 381 20.99 -38.33 43.58
CA ILE U 381 21.05 -36.95 43.13
C ILE U 381 21.49 -36.03 44.28
N VAL U 382 20.94 -36.24 45.48
CA VAL U 382 21.28 -35.39 46.61
C VAL U 382 22.74 -35.61 47.00
N THR U 383 23.20 -36.86 46.99
CA THR U 383 24.60 -37.13 47.33
C THR U 383 25.54 -36.50 46.32
N ALA U 384 25.22 -36.60 45.03
CA ALA U 384 26.09 -36.01 44.01
C ALA U 384 26.12 -34.50 44.11
N LEU U 385 24.96 -33.87 44.33
CA LEU U 385 24.92 -32.40 44.34
C LEU U 385 25.51 -31.82 45.61
N ALA U 386 25.48 -32.57 46.72
CA ALA U 386 26.04 -32.06 47.96
C ALA U 386 27.53 -31.83 47.82
N GLY U 387 28.02 -30.70 48.35
CA GLY U 387 29.40 -30.31 48.23
C GLY U 387 29.71 -29.54 46.96
N THR U 388 28.93 -29.74 45.91
CA THR U 388 29.12 -29.01 44.67
C THR U 388 28.73 -27.55 44.87
N ALA U 389 29.23 -26.69 43.97
CA ALA U 389 28.92 -25.26 44.02
C ALA U 389 27.43 -24.98 43.82
N ALA U 390 26.66 -25.96 43.33
CA ALA U 390 25.22 -25.76 43.19
C ALA U 390 24.54 -25.52 44.54
N GLU U 391 25.15 -26.01 45.62
CA GLU U 391 24.57 -25.83 46.94
C GLU U 391 24.60 -24.36 47.35
N ILE U 392 23.51 -23.90 47.98
CA ILE U 392 23.38 -22.53 48.45
C ILE U 392 22.98 -22.55 49.92
N ALA U 393 22.86 -21.37 50.51
CA ALA U 393 22.54 -21.21 51.92
C ALA U 393 21.39 -20.25 52.09
N PRO U 394 20.60 -20.40 53.17
CA PRO U 394 19.46 -19.52 53.38
C PRO U 394 19.90 -18.10 53.73
N VAL U 395 18.95 -17.17 53.62
CA VAL U 395 19.24 -15.76 53.91
C VAL U 395 19.65 -15.58 55.36
N THR U 396 18.89 -16.17 56.28
CA THR U 396 19.18 -16.11 57.70
C THR U 396 19.42 -17.53 58.20
N ALA U 397 20.48 -17.71 58.98
CA ALA U 397 20.89 -19.05 59.39
C ALA U 397 19.82 -19.73 60.22
N GLU U 398 19.63 -21.03 59.96
CA GLU U 398 18.74 -21.89 60.74
C GLU U 398 17.29 -21.40 60.69
N THR U 399 16.93 -20.76 59.58
CA THR U 399 15.57 -20.33 59.35
C THR U 399 15.17 -20.60 57.92
N PHE U 400 13.95 -21.10 57.73
CA PHE U 400 13.37 -21.34 56.42
C PHE U 400 12.31 -20.27 56.20
N ALA U 401 12.59 -19.29 55.35
CA ALA U 401 11.74 -18.15 55.13
C ALA U 401 11.17 -18.16 53.72
N LEU U 402 10.33 -17.17 53.44
CA LEU U 402 9.74 -17.06 52.11
C LEU U 402 10.77 -16.70 51.05
N ALA U 403 11.80 -15.93 51.42
CA ALA U 403 12.83 -15.56 50.47
C ALA U 403 13.69 -16.76 50.04
N ASP U 404 13.71 -17.82 50.85
CA ASP U 404 14.54 -18.98 50.50
C ASP U 404 14.02 -19.70 49.27
N VAL U 405 12.70 -19.89 49.18
CA VAL U 405 12.11 -20.51 47.99
C VAL U 405 12.42 -19.67 46.75
N TYR U 406 12.28 -18.35 46.88
CA TYR U 406 12.55 -17.46 45.76
C TYR U 406 14.01 -17.54 45.35
N ALA U 407 14.92 -17.63 46.33
CA ALA U 407 16.34 -17.76 46.02
C ALA U 407 16.63 -19.06 45.29
N VAL U 408 16.03 -20.16 45.73
CA VAL U 408 16.26 -21.45 45.07
C VAL U 408 15.78 -21.40 43.64
N TYR U 409 14.57 -20.86 43.42
CA TYR U 409 14.07 -20.70 42.06
C TYR U 409 14.82 -19.64 41.27
N GLU U 410 15.59 -18.79 41.93
CA GLU U 410 15.97 -17.49 41.41
C GLU U 410 17.40 -17.41 40.89
N GLN U 411 18.31 -18.17 41.47
CA GLN U 411 19.72 -18.11 41.10
C GLN U 411 20.07 -19.01 39.92
N LEU U 412 19.10 -19.70 39.35
CA LEU U 412 19.32 -20.65 38.28
C LEU U 412 19.40 -19.92 36.95
N ALA U 413 20.13 -20.50 36.00
CA ALA U 413 20.28 -19.90 34.68
C ALA U 413 18.96 -19.98 33.91
N ALA U 414 18.86 -19.15 32.87
CA ALA U 414 17.61 -19.08 32.09
C ALA U 414 17.28 -20.38 31.38
N ARG U 415 18.29 -21.06 30.79
CA ARG U 415 18.00 -22.21 29.96
C ARG U 415 17.46 -23.38 30.78
N HIS U 416 17.76 -23.42 32.07
CA HIS U 416 17.24 -24.48 32.94
C HIS U 416 16.07 -24.04 33.81
N ARG U 417 15.92 -22.74 34.07
CA ARG U 417 14.84 -22.28 34.93
C ARG U 417 13.47 -22.52 34.30
N ARG U 418 13.40 -22.49 32.96
CA ARG U 418 12.13 -22.60 32.27
C ARG U 418 11.68 -24.05 32.08
N GLN U 419 12.48 -25.03 32.49
CA GLN U 419 12.07 -26.43 32.44
C GLN U 419 12.46 -27.14 33.72
N GLY U 420 12.30 -26.47 34.87
CA GLY U 420 12.63 -27.04 36.15
C GLY U 420 11.44 -27.73 36.81
N ALA U 421 11.74 -28.40 37.92
CA ALA U 421 10.70 -29.08 38.69
C ALA U 421 11.16 -29.20 40.14
N TRP U 422 10.20 -29.05 41.06
CA TRP U 422 10.47 -29.11 42.48
C TRP U 422 10.53 -30.56 42.94
N LEU U 423 11.28 -30.80 44.02
CA LEU U 423 11.37 -32.14 44.60
C LEU U 423 11.74 -32.01 46.06
N ALA U 424 10.79 -32.28 46.95
CA ALA U 424 11.01 -32.19 48.38
C ALA U 424 9.97 -33.02 49.10
N ASN U 425 10.13 -33.13 50.42
CA ASN U 425 9.21 -33.87 51.26
C ASN U 425 8.01 -33.01 51.63
N ASN U 426 6.99 -33.65 52.21
CA ASN U 426 5.78 -32.93 52.58
C ASN U 426 6.02 -31.93 53.69
N LEU U 427 7.00 -32.18 54.56
CA LEU U 427 7.29 -31.23 55.63
C LEU U 427 7.60 -29.85 55.07
N ILE U 428 8.49 -29.78 54.09
CA ILE U 428 8.90 -28.48 53.53
C ILE U 428 7.74 -27.81 52.82
N TYR U 429 6.94 -28.60 52.07
CA TYR U 429 5.79 -28.02 51.40
C TYR U 429 4.80 -27.45 52.41
N ASN U 430 4.63 -28.12 53.55
CA ASN U 430 3.71 -27.61 54.55
C ASN U 430 4.27 -26.37 55.25
N LYS U 431 5.58 -26.32 55.46
CA LYS U 431 6.17 -25.08 55.99
C LYS U 431 5.97 -23.93 55.01
N ILE U 432 6.05 -24.22 53.71
CA ILE U 432 5.73 -23.21 52.71
C ILE U 432 4.27 -22.79 52.83
N ARG U 433 3.37 -23.77 53.03
CA ARG U 433 1.96 -23.47 53.20
C ARG U 433 1.70 -22.58 54.40
N GLN U 434 2.49 -22.75 55.46
CA GLN U 434 2.36 -21.95 56.68
C GLN U 434 2.95 -20.56 56.55
N PHE U 435 3.60 -20.24 55.43
CA PHE U 435 4.27 -18.95 55.30
C PHE U 435 3.28 -17.80 55.37
N ASP U 436 2.04 -18.00 54.95
CA ASP U 436 1.07 -16.93 54.82
C ASP U 436 0.34 -16.73 56.13
N THR U 437 0.27 -15.48 56.58
CA THR U 437 -0.44 -15.10 57.79
C THR U 437 -1.55 -14.09 57.55
N GLN U 438 -1.36 -13.16 56.62
CA GLN U 438 -2.33 -12.10 56.38
C GLN U 438 -2.92 -12.16 54.97
N GLY U 439 -2.86 -13.31 54.32
CA GLY U 439 -3.46 -13.50 53.02
C GLY U 439 -2.88 -12.62 51.93
N GLY U 440 -1.56 -12.50 51.90
CA GLY U 440 -0.91 -11.65 50.93
C GLY U 440 -0.51 -12.38 49.67
N ALA U 441 0.70 -12.14 49.19
CA ALA U 441 1.16 -12.78 47.96
C ALA U 441 1.41 -14.26 48.17
N GLY U 442 1.95 -14.62 49.34
CA GLY U 442 2.31 -16.01 49.59
C GLY U 442 1.16 -16.90 49.99
N LEU U 443 0.01 -16.73 49.35
CA LEU U 443 -1.17 -17.55 49.62
C LEU U 443 -1.21 -18.69 48.61
N TRP U 444 -0.49 -19.77 48.93
CA TRP U 444 -0.51 -20.94 48.06
C TRP U 444 -1.90 -21.54 47.98
N THR U 445 -2.51 -21.83 49.12
CA THR U 445 -3.87 -22.34 49.21
C THR U 445 -4.29 -22.26 50.67
N THR U 446 -5.57 -22.52 50.92
CA THR U 446 -6.15 -22.38 52.24
C THR U 446 -6.35 -23.75 52.86
N ILE U 447 -6.55 -23.76 54.17
CA ILE U 447 -6.92 -25.00 54.86
C ILE U 447 -8.27 -25.46 54.35
N GLY U 448 -8.40 -26.76 54.15
CA GLY U 448 -9.58 -27.32 53.52
C GLY U 448 -9.42 -27.61 52.05
N ASN U 449 -8.20 -27.54 51.52
CA ASN U 449 -7.93 -27.83 50.13
C ASN U 449 -6.72 -28.76 50.04
N GLY U 450 -6.66 -29.52 48.96
CA GLY U 450 -5.58 -30.43 48.74
C GLY U 450 -4.29 -29.69 48.39
N GLU U 451 -3.21 -30.47 48.31
CA GLU U 451 -1.92 -29.89 47.99
C GLU U 451 -1.93 -29.38 46.55
N PRO U 452 -1.43 -28.16 46.30
CA PRO U 452 -1.37 -27.67 44.93
C PRO U 452 -0.39 -28.49 44.11
N SER U 453 -0.73 -28.66 42.83
CA SER U 453 0.13 -29.37 41.89
C SER U 453 1.08 -28.43 41.16
N GLN U 454 1.10 -27.15 41.52
CA GLN U 454 1.86 -26.14 40.81
C GLN U 454 2.52 -25.22 41.82
N LEU U 455 3.77 -24.84 41.56
CA LEU U 455 4.51 -23.93 42.41
C LEU U 455 5.32 -22.98 41.54
N LEU U 456 5.04 -21.69 41.64
CA LEU U 456 5.69 -20.67 40.82
C LEU U 456 5.55 -20.98 39.33
N GLY U 457 4.44 -21.59 38.94
CA GLY U 457 4.22 -22.00 37.58
C GLY U 457 4.93 -23.28 37.17
N ARG U 458 5.55 -23.99 38.11
CA ARG U 458 6.35 -25.16 37.80
C ARG U 458 5.75 -26.42 38.42
N PRO U 459 6.03 -27.59 37.84
CA PRO U 459 5.52 -28.83 38.43
C PRO U 459 6.11 -29.10 39.80
N VAL U 460 5.37 -29.88 40.60
CA VAL U 460 5.72 -30.19 41.97
C VAL U 460 5.93 -31.69 42.10
N GLY U 461 7.05 -32.08 42.69
CA GLY U 461 7.36 -33.48 42.93
C GLY U 461 7.51 -33.77 44.42
N GLU U 462 7.51 -35.06 44.75
CA GLU U 462 7.58 -35.50 46.13
C GLU U 462 8.62 -36.61 46.26
N ALA U 463 9.31 -36.61 47.39
CA ALA U 463 10.30 -37.64 47.69
C ALA U 463 10.36 -37.81 49.20
N GLU U 464 9.94 -38.98 49.69
CA GLU U 464 9.80 -39.16 51.13
C GLU U 464 11.14 -39.27 51.84
N ALA U 465 12.12 -39.94 51.24
CA ALA U 465 13.34 -40.26 51.95
C ALA U 465 14.32 -39.10 52.02
N MET U 466 13.95 -37.91 51.55
CA MET U 466 14.81 -36.74 51.72
C MET U 466 14.86 -36.32 53.18
N ASP U 467 15.71 -35.34 53.47
CA ASP U 467 15.84 -34.84 54.82
C ASP U 467 14.55 -34.22 55.31
N ALA U 468 14.30 -34.35 56.60
CA ALA U 468 13.00 -34.01 57.19
C ALA U 468 13.02 -32.69 57.95
N ASN U 469 13.89 -32.56 58.95
CA ASN U 469 13.92 -31.38 59.79
C ASN U 469 15.35 -31.05 60.17
N TRP U 470 15.59 -29.77 60.48
CA TRP U 470 16.89 -29.32 60.93
C TRP U 470 16.98 -29.21 62.44
N ASN U 471 15.92 -29.59 63.16
CA ASN U 471 15.90 -29.53 64.61
C ASN U 471 15.82 -30.91 65.24
N THR U 472 14.86 -31.73 64.84
CA THR U 472 14.73 -33.07 65.40
C THR U 472 15.88 -33.97 64.96
N SER U 473 16.26 -33.90 63.68
CA SER U 473 17.32 -34.74 63.16
C SER U 473 18.67 -34.32 63.74
N ALA U 474 19.53 -35.30 63.97
CA ALA U 474 20.85 -35.06 64.54
C ALA U 474 21.91 -34.78 63.49
N SER U 475 21.55 -34.75 62.21
CA SER U 475 22.52 -34.47 61.16
C SER U 475 22.96 -33.02 61.19
N ALA U 476 24.23 -32.79 60.86
CA ALA U 476 24.72 -31.42 60.75
C ALA U 476 24.26 -30.78 59.45
N ASP U 477 24.08 -31.56 58.40
CA ASP U 477 23.67 -31.08 57.09
C ASP U 477 22.24 -31.52 56.81
N ASN U 478 21.41 -30.59 56.35
CA ASN U 478 20.01 -30.85 56.05
C ASN U 478 19.68 -30.27 54.69
N PHE U 479 19.54 -31.14 53.70
CA PHE U 479 19.15 -30.73 52.35
C PHE U 479 17.64 -30.91 52.21
N VAL U 480 16.90 -29.81 52.16
CA VAL U 480 15.46 -29.87 52.30
C VAL U 480 14.72 -29.52 51.01
N LEU U 481 15.28 -28.68 50.14
CA LEU U 481 14.58 -28.25 48.94
C LEU U 481 15.51 -28.33 47.74
N LEU U 482 15.01 -28.91 46.65
CA LEU U 482 15.80 -29.07 45.44
C LEU U 482 14.95 -28.68 44.24
N TYR U 483 15.57 -28.01 43.28
CA TYR U 483 14.86 -27.58 42.07
C TYR U 483 15.88 -27.40 40.95
N GLY U 484 15.52 -27.82 39.75
CA GLY U 484 16.38 -27.66 38.61
C GLY U 484 15.87 -28.43 37.42
N ASN U 485 16.68 -28.41 36.36
CA ASN U 485 16.39 -29.16 35.13
C ASN U 485 16.78 -30.61 35.37
N PHE U 486 15.78 -31.47 35.56
CA PHE U 486 16.05 -32.88 35.85
C PHE U 486 16.56 -33.65 34.64
N GLN U 487 16.53 -33.06 33.45
CA GLN U 487 17.01 -33.75 32.27
C GLN U 487 18.49 -34.09 32.36
N ASN U 488 19.24 -33.41 33.21
CA ASN U 488 20.67 -33.67 33.38
C ASN U 488 20.95 -34.76 34.40
N TYR U 489 19.93 -35.37 34.98
CA TYR U 489 20.08 -36.54 35.84
C TYR U 489 19.69 -37.76 35.04
N VAL U 490 20.67 -38.58 34.68
CA VAL U 490 20.46 -39.70 33.76
C VAL U 490 20.44 -40.99 34.56
N ILE U 491 19.43 -41.82 34.31
CA ILE U 491 19.30 -43.14 34.91
C ILE U 491 19.55 -44.17 33.82
N ALA U 492 20.57 -44.99 34.00
CA ALA U 492 20.92 -46.05 33.05
C ALA U 492 20.38 -47.38 33.57
N ASP U 493 19.49 -48.00 32.80
CA ASP U 493 18.91 -49.27 33.19
C ASP U 493 19.38 -50.37 32.22
N ARG U 494 19.70 -51.53 32.79
CA ARG U 494 20.24 -52.64 32.02
C ARG U 494 19.22 -53.76 31.84
N ILE U 495 18.62 -54.26 32.92
CA ILE U 495 17.64 -55.33 32.84
C ILE U 495 16.64 -55.15 33.97
N GLY U 496 15.41 -55.54 33.72
CA GLY U 496 14.34 -55.40 34.69
C GLY U 496 14.33 -56.53 35.71
N MET U 497 13.22 -56.63 36.42
CA MET U 497 13.08 -57.67 37.43
C MET U 497 12.79 -59.02 36.76
N THR U 498 13.63 -60.01 37.05
CA THR U 498 13.45 -61.37 36.58
C THR U 498 13.53 -62.32 37.76
N VAL U 499 12.62 -63.28 37.80
CA VAL U 499 12.58 -64.28 38.86
C VAL U 499 12.84 -65.66 38.26
N GLU U 500 13.73 -66.41 38.88
CA GLU U 500 14.08 -67.75 38.43
C GLU U 500 13.63 -68.77 39.47
N PHE U 501 13.00 -69.83 38.99
CA PHE U 501 12.48 -70.90 39.85
C PHE U 501 13.54 -71.99 39.97
N ILE U 502 14.29 -71.97 41.07
CA ILE U 502 15.27 -73.01 41.33
C ILE U 502 14.54 -74.27 41.76
N PRO U 503 14.70 -75.38 41.06
CA PRO U 503 13.86 -76.55 41.32
C PRO U 503 14.34 -77.43 42.47
N HIS U 504 15.62 -77.36 42.84
CA HIS U 504 16.15 -78.28 43.84
C HIS U 504 17.31 -77.63 44.58
N LEU U 505 17.18 -77.52 45.89
CA LEU U 505 18.30 -77.13 46.74
C LEU U 505 18.96 -78.37 47.35
N PHE U 506 20.13 -78.18 47.93
CA PHE U 506 20.93 -79.28 48.46
C PHE U 506 21.22 -79.05 49.93
N GLY U 507 21.88 -80.03 50.55
CA GLY U 507 22.13 -80.01 51.98
C GLY U 507 23.59 -80.08 52.38
N THR U 508 23.84 -80.47 53.62
CA THR U 508 25.20 -80.52 54.14
C THR U 508 26.04 -81.54 53.38
N ASN U 509 25.47 -82.69 53.06
CA ASN U 509 26.17 -83.74 52.33
C ASN U 509 25.97 -83.63 50.82
N ARG U 510 25.61 -82.43 50.35
CA ARG U 510 25.40 -82.17 48.92
C ARG U 510 24.36 -83.12 48.33
N ARG U 511 23.28 -83.34 49.07
CA ARG U 511 22.16 -84.16 48.66
C ARG U 511 20.88 -83.37 48.85
N PRO U 512 19.82 -83.70 48.11
CA PRO U 512 18.57 -82.95 48.24
C PRO U 512 18.00 -83.01 49.65
N ASN U 513 17.40 -81.90 50.08
CA ASN U 513 16.78 -81.80 51.40
C ASN U 513 15.32 -81.38 51.32
N GLY U 514 14.66 -81.62 50.18
CA GLY U 514 13.25 -81.32 50.05
C GLY U 514 12.90 -79.86 50.19
N SER U 515 13.60 -78.99 49.46
CA SER U 515 13.32 -77.56 49.50
C SER U 515 13.55 -76.96 48.13
N ARG U 516 12.99 -75.77 47.92
CA ARG U 516 13.13 -75.04 46.67
C ARG U 516 13.45 -73.58 46.99
N GLY U 517 13.71 -72.81 45.93
CA GLY U 517 14.08 -71.42 46.10
C GLY U 517 13.63 -70.57 44.92
N TRP U 518 13.41 -69.29 45.21
CA TRP U 518 12.99 -68.30 44.22
C TRP U 518 14.01 -67.18 44.20
N PHE U 519 14.66 -66.99 43.06
CA PHE U 519 15.77 -66.06 42.91
C PHE U 519 15.40 -64.90 41.99
N ALA U 520 15.74 -63.69 42.42
CA ALA U 520 15.42 -62.48 41.66
C ALA U 520 16.61 -61.53 41.69
N TYR U 521 16.72 -60.71 40.66
CA TYR U 521 17.77 -59.70 40.60
C TYR U 521 17.33 -58.54 39.71
N TYR U 522 18.08 -57.46 39.78
CA TYR U 522 17.76 -56.22 39.09
C TYR U 522 19.05 -55.43 38.87
N ARG U 523 19.20 -54.86 37.67
CA ARG U 523 20.39 -54.09 37.34
C ARG U 523 20.01 -52.71 36.85
N MET U 524 20.72 -51.70 37.35
CA MET U 524 20.41 -50.30 37.06
C MET U 524 21.62 -49.44 37.42
N GLY U 525 21.61 -48.20 36.94
CA GLY U 525 22.65 -47.26 37.28
C GLY U 525 22.20 -45.84 37.00
N ALA U 526 22.79 -44.89 37.73
CA ALA U 526 22.44 -43.48 37.56
C ALA U 526 23.57 -42.61 38.12
N ASP U 527 23.61 -41.37 37.65
CA ASP U 527 24.57 -40.36 38.11
C ASP U 527 24.11 -39.03 37.54
N VAL U 528 24.74 -37.94 37.98
CA VAL U 528 24.43 -36.59 37.53
C VAL U 528 25.44 -36.17 36.49
N VAL U 529 24.97 -35.91 35.27
CA VAL U 529 25.85 -35.49 34.19
C VAL U 529 26.34 -34.07 34.44
N ASN U 530 25.44 -33.18 34.83
CA ASN U 530 25.75 -31.75 35.00
C ASN U 530 25.23 -31.28 36.35
N PRO U 531 26.09 -30.91 37.28
CA PRO U 531 25.63 -30.43 38.59
C PRO U 531 25.30 -28.95 38.66
N ASN U 532 25.44 -28.19 37.57
CA ASN U 532 25.19 -26.77 37.58
C ASN U 532 23.75 -26.41 37.20
N ALA U 533 22.92 -27.39 36.90
CA ALA U 533 21.53 -27.15 36.55
C ALA U 533 20.58 -27.24 37.73
N PHE U 534 21.11 -27.42 38.94
CA PHE U 534 20.29 -27.55 40.13
C PHE U 534 20.72 -26.53 41.17
N ARG U 535 19.81 -26.24 42.10
CA ARG U 535 20.03 -25.22 43.12
C ARG U 535 19.61 -25.74 44.49
N LEU U 536 20.09 -26.93 44.85
CA LEU U 536 19.77 -27.52 46.15
C LEU U 536 20.15 -26.58 47.28
N LEU U 537 19.28 -26.49 48.28
CA LEU U 537 19.44 -25.62 49.43
C LEU U 537 19.82 -26.43 50.66
N ASN U 538 20.87 -26.00 51.35
CA ASN U 538 21.36 -26.65 52.57
C ASN U 538 21.10 -25.74 53.76
N VAL U 539 20.43 -26.27 54.78
CA VAL U 539 20.13 -25.52 55.98
C VAL U 539 21.16 -25.93 57.03
N GLU U 540 22.26 -25.18 57.09
CA GLU U 540 23.29 -25.46 58.06
C GLU U 540 22.79 -25.16 59.47
N THR U 541 23.14 -26.04 60.41
CA THR U 541 22.71 -25.91 61.80
C THR U 541 23.93 -25.92 62.72
N ALA U 542 23.78 -25.28 63.87
CA ALA U 542 24.86 -25.21 64.85
C ALA U 542 25.04 -26.56 65.53
N SER U 543 26.29 -26.85 65.90
CA SER U 543 26.62 -28.09 66.58
C SER U 543 26.47 -27.94 68.09
N MET V 251 35.32 -65.99 35.66
CA MET V 251 35.27 -65.07 34.53
C MET V 251 34.22 -63.99 34.74
N GLY V 252 34.61 -62.91 35.41
CA GLY V 252 33.69 -61.84 35.73
C GLY V 252 33.86 -60.61 34.88
N LEU V 253 33.57 -59.44 35.45
CA LEU V 253 33.65 -58.18 34.73
C LEU V 253 35.00 -57.50 34.85
N THR V 254 35.90 -58.02 35.67
CA THR V 254 37.24 -57.45 35.75
C THR V 254 37.97 -57.65 34.43
N LYS V 255 38.86 -56.71 34.11
CA LYS V 255 39.47 -56.68 32.79
C LYS V 255 40.23 -57.97 32.50
N ALA V 256 41.14 -58.36 33.39
CA ALA V 256 41.95 -59.54 33.15
C ALA V 256 41.11 -60.81 33.07
N ASP V 257 39.99 -60.84 33.79
CA ASP V 257 39.11 -62.02 33.81
C ASP V 257 38.02 -61.85 32.75
N GLY V 258 38.47 -61.68 31.51
CA GLY V 258 37.54 -61.61 30.39
C GLY V 258 36.77 -60.32 30.24
N GLY V 259 37.21 -59.24 30.88
CA GLY V 259 36.49 -57.98 30.78
C GLY V 259 36.77 -57.17 29.54
N TYR V 260 37.63 -57.67 28.64
CA TYR V 260 37.99 -56.92 27.45
C TYR V 260 37.01 -57.11 26.30
N LEU V 261 36.02 -57.99 26.43
CA LEU V 261 35.12 -58.30 25.34
C LEU V 261 33.84 -57.47 25.37
N VAL V 262 33.68 -56.56 26.33
CA VAL V 262 32.50 -55.72 26.38
C VAL V 262 32.66 -54.56 25.41
N PRO V 263 31.68 -54.32 24.53
CA PRO V 263 31.77 -53.17 23.62
C PRO V 263 31.79 -51.86 24.38
N PHE V 264 32.47 -50.87 23.81
CA PHE V 264 32.59 -49.55 24.41
C PHE V 264 31.44 -48.69 23.91
N GLN V 265 30.47 -48.42 24.78
CA GLN V 265 29.33 -47.60 24.43
C GLN V 265 29.65 -46.13 24.69
N LEU V 266 29.34 -45.28 23.71
CA LEU V 266 29.61 -43.86 23.83
C LEU V 266 28.52 -43.09 23.10
N ASP V 267 28.04 -42.02 23.73
CA ASP V 267 27.05 -41.15 23.12
C ASP V 267 27.77 -40.00 22.43
N PRO V 268 27.68 -39.87 21.11
CA PRO V 268 28.42 -38.79 20.42
C PRO V 268 27.88 -37.40 20.71
N THR V 269 26.67 -37.28 21.24
CA THR V 269 26.08 -35.96 21.44
C THR V 269 26.80 -35.20 22.55
N VAL V 270 27.13 -33.95 22.28
CA VAL V 270 27.81 -33.11 23.26
C VAL V 270 26.77 -32.44 24.14
N ILE V 271 27.12 -32.22 25.41
CA ILE V 271 26.25 -31.56 26.37
C ILE V 271 26.83 -30.19 26.67
N ILE V 272 26.07 -29.14 26.38
CA ILE V 272 26.53 -27.80 26.67
C ILE V 272 26.40 -27.54 28.17
N THR V 273 27.50 -27.12 28.79
CA THR V 273 27.55 -26.86 30.22
C THR V 273 27.79 -25.37 30.49
N SER V 274 27.14 -24.51 29.73
CA SER V 274 27.27 -23.08 29.86
C SER V 274 25.95 -22.48 30.32
N ASN V 275 26.04 -21.43 31.14
CA ASN V 275 24.84 -20.77 31.65
C ASN V 275 23.99 -20.19 30.54
N GLY V 276 24.63 -19.60 29.52
CA GLY V 276 23.89 -18.89 28.49
C GLY V 276 23.51 -17.51 28.95
N SER V 277 22.70 -16.85 28.11
CA SER V 277 22.21 -15.52 28.45
C SER V 277 20.91 -15.26 27.69
N LEU V 278 19.87 -14.87 28.41
CA LEU V 278 18.57 -14.56 27.82
C LEU V 278 18.41 -13.06 27.75
N ASN V 279 17.91 -12.58 26.62
CA ASN V 279 17.75 -11.14 26.40
C ASN V 279 16.57 -10.90 25.49
N ASP V 280 15.93 -9.74 25.65
CA ASP V 280 14.79 -9.35 24.82
C ASP V 280 14.97 -7.95 24.23
N ILE V 281 16.17 -7.38 24.31
CA ILE V 281 16.37 -6.05 23.75
C ILE V 281 16.18 -6.06 22.24
N ARG V 282 16.71 -7.09 21.57
CA ARG V 282 16.56 -7.18 20.12
C ARG V 282 15.09 -7.31 19.71
N ARG V 283 14.24 -7.80 20.61
CA ARG V 283 12.82 -7.87 20.31
C ARG V 283 12.17 -6.49 20.30
N PHE V 284 12.61 -5.59 21.18
CA PHE V 284 12.00 -4.27 21.28
C PHE V 284 12.75 -3.19 20.50
N ALA V 285 14.05 -3.33 20.30
CA ALA V 285 14.85 -2.26 19.73
C ALA V 285 14.64 -2.16 18.23
N ARG V 286 15.18 -1.10 17.64
CA ARG V 286 15.05 -0.82 16.22
C ARG V 286 16.32 -1.22 15.50
N GLN V 287 16.19 -2.08 14.50
CA GLN V 287 17.32 -2.63 13.77
C GLN V 287 17.44 -1.96 12.41
N VAL V 288 18.62 -1.45 12.11
CA VAL V 288 18.90 -0.75 10.86
C VAL V 288 20.14 -1.36 10.22
N VAL V 289 20.04 -1.70 8.94
CA VAL V 289 21.20 -2.18 8.19
C VAL V 289 22.07 -0.98 7.81
N ALA V 290 23.37 -1.12 7.97
CA ALA V 290 24.31 -0.04 7.74
C ALA V 290 25.39 -0.47 6.76
N THR V 291 25.73 0.42 5.83
CA THR V 291 26.84 0.20 4.91
C THR V 291 27.95 1.19 5.25
N GLY V 292 29.14 0.67 5.49
CA GLY V 292 30.24 1.50 5.94
C GLY V 292 30.58 1.25 7.39
N ASP V 293 31.19 2.26 8.00
CA ASP V 293 31.69 2.16 9.37
C ASP V 293 30.92 3.00 10.37
N VAL V 294 30.35 4.13 9.93
CA VAL V 294 29.60 5.02 10.81
C VAL V 294 28.24 5.28 10.20
N TRP V 295 27.20 5.22 11.03
CA TRP V 295 25.82 5.48 10.62
C TRP V 295 25.38 6.81 11.20
N HIS V 296 24.73 7.64 10.38
CA HIS V 296 24.34 8.98 10.77
C HIS V 296 22.84 9.17 10.63
N GLY V 297 22.31 10.10 11.41
CA GLY V 297 20.89 10.44 11.36
C GLY V 297 20.72 11.91 11.71
N VAL V 298 19.48 12.37 11.66
CA VAL V 298 19.15 13.76 11.95
C VAL V 298 17.97 13.81 12.92
N SER V 299 18.02 14.76 13.83
CA SER V 299 16.93 15.00 14.78
C SER V 299 16.67 16.50 14.88
N SER V 300 15.44 16.85 15.24
CA SER V 300 15.05 18.25 15.30
C SER V 300 14.03 18.45 16.41
N ALA V 301 13.92 19.70 16.87
CA ALA V 301 12.94 20.09 17.86
C ALA V 301 11.68 20.59 17.16
N ALA V 302 10.80 21.25 17.90
CA ALA V 302 9.55 21.76 17.36
C ALA V 302 9.54 23.28 17.38
N VAL V 303 8.78 23.86 16.44
CA VAL V 303 8.66 25.31 16.36
C VAL V 303 7.96 25.84 17.59
N GLN V 304 8.48 26.94 18.15
CA GLN V 304 7.95 27.52 19.37
C GLN V 304 7.06 28.70 19.01
N TRP V 305 5.74 28.52 19.18
CA TRP V 305 4.78 29.55 18.85
C TRP V 305 4.71 30.59 19.97
N SER V 306 3.85 31.59 19.78
CA SER V 306 3.62 32.61 20.80
C SER V 306 2.27 33.27 20.52
N TRP V 307 1.73 33.90 21.55
CA TRP V 307 0.49 34.66 21.43
C TRP V 307 0.82 36.11 21.13
N ASP V 308 0.24 36.63 20.05
CA ASP V 308 0.52 37.99 19.59
C ASP V 308 -0.77 38.77 19.45
N ALA V 309 -0.67 40.08 19.65
CA ALA V 309 -1.80 40.98 19.49
C ALA V 309 -1.89 41.42 18.03
N GLU V 310 -2.76 42.38 17.75
CA GLU V 310 -2.96 42.90 16.39
C GLU V 310 -1.87 43.91 16.06
N PHE V 311 -1.35 43.82 14.84
CA PHE V 311 -0.22 44.64 14.39
C PHE V 311 0.98 44.50 15.32
N GLU V 312 1.20 43.28 15.78
CA GLU V 312 2.33 42.99 16.66
C GLU V 312 3.33 42.14 15.89
N GLU V 313 4.61 42.46 16.07
CA GLU V 313 5.67 41.84 15.31
C GLU V 313 5.84 40.37 15.71
N VAL V 314 6.26 39.54 14.76
CA VAL V 314 6.43 38.11 14.97
C VAL V 314 7.91 37.83 15.21
N SER V 315 8.19 37.06 16.25
CA SER V 315 9.57 36.71 16.59
C SER V 315 10.12 35.66 15.63
N ASP V 316 11.43 35.50 15.67
CA ASP V 316 12.11 34.46 14.90
C ASP V 316 12.13 33.17 15.71
N ASP V 317 11.65 32.08 15.11
CA ASP V 317 11.51 30.81 15.82
C ASP V 317 12.12 29.66 15.03
N SER V 318 13.33 29.83 14.54
CA SER V 318 13.99 28.78 13.76
C SER V 318 14.30 27.58 14.62
N PRO V 319 13.88 26.37 14.24
CA PRO V 319 14.18 25.18 15.04
C PRO V 319 15.65 24.80 14.94
N GLU V 320 16.07 23.94 15.86
CA GLU V 320 17.44 23.47 15.95
C GLU V 320 17.52 22.01 15.52
N PHE V 321 18.67 21.62 14.98
CA PHE V 321 18.88 20.28 14.46
C PHE V 321 20.12 19.65 15.08
N GLY V 322 20.11 18.31 15.15
CA GLY V 322 21.25 17.57 15.66
C GLY V 322 21.51 16.35 14.81
N GLN V 323 22.68 15.75 15.02
CA GLN V 323 23.13 14.60 14.23
C GLN V 323 23.62 13.49 15.14
N PRO V 324 22.80 12.49 15.41
CA PRO V 324 23.29 11.30 16.11
C PRO V 324 24.29 10.54 15.25
N GLU V 325 25.23 9.88 15.93
CA GLU V 325 26.34 9.21 15.27
C GLU V 325 26.58 7.87 15.92
N ILE V 326 26.72 6.82 15.11
CA ILE V 326 26.88 5.46 15.61
C ILE V 326 28.07 4.80 14.95
N PRO V 327 29.15 4.51 15.67
CA PRO V 327 30.25 3.74 15.11
C PRO V 327 29.95 2.25 15.09
N VAL V 328 30.78 1.52 14.36
CA VAL V 328 30.66 0.07 14.21
C VAL V 328 31.98 -0.56 14.66
N LYS V 329 31.89 -1.54 15.54
CA LYS V 329 33.06 -2.19 16.14
C LYS V 329 33.17 -3.62 15.63
N LYS V 330 34.18 -4.34 16.13
CA LYS V 330 34.49 -5.68 15.65
C LYS V 330 34.80 -6.61 16.81
N ALA V 331 34.31 -7.86 16.70
CA ALA V 331 34.59 -8.90 17.67
C ALA V 331 34.97 -10.17 16.92
N GLN V 332 36.01 -10.86 17.41
CA GLN V 332 36.54 -12.01 16.71
C GLN V 332 37.01 -13.06 17.70
N GLY V 333 37.04 -14.31 17.25
CA GLY V 333 37.52 -15.40 18.06
C GLY V 333 38.23 -16.43 17.20
N PHE V 334 39.24 -17.07 17.79
CA PHE V 334 40.10 -17.99 17.06
C PHE V 334 40.32 -19.26 17.87
N VAL V 335 40.25 -20.41 17.21
CA VAL V 335 40.44 -21.70 17.87
C VAL V 335 41.40 -22.56 17.05
N PRO V 336 42.62 -22.79 17.52
CA PRO V 336 43.54 -23.66 16.79
C PRO V 336 43.20 -25.13 17.00
N ILE V 337 43.76 -25.96 16.10
CA ILE V 337 43.58 -27.41 16.19
C ILE V 337 44.77 -28.06 15.50
N SER V 338 45.20 -29.20 16.04
CA SER V 338 46.28 -29.96 15.43
C SER V 338 45.75 -30.77 14.26
N ILE V 339 46.68 -31.31 13.47
CA ILE V 339 46.28 -32.03 12.26
C ILE V 339 45.54 -33.31 12.61
N GLU V 340 46.10 -34.10 13.51
CA GLU V 340 45.51 -35.41 13.80
C GLU V 340 44.19 -35.26 14.55
N ALA V 341 44.03 -34.14 15.26
CA ALA V 341 42.74 -33.88 15.91
C ALA V 341 41.66 -33.63 14.88
N LEU V 342 42.01 -32.92 13.81
CA LEU V 342 41.04 -32.67 12.75
C LEU V 342 40.79 -33.91 11.90
N GLN V 343 41.80 -34.79 11.81
CA GLN V 343 41.70 -35.94 10.92
C GLN V 343 41.22 -37.21 11.63
N ASP V 344 41.22 -37.21 12.97
CA ASP V 344 40.86 -38.39 13.73
C ASP V 344 39.54 -38.20 14.49
N GLU V 345 39.40 -37.09 15.21
CA GLU V 345 38.15 -36.82 15.91
C GLU V 345 37.02 -36.65 14.92
N ALA V 346 35.87 -37.26 15.22
CA ALA V 346 34.76 -37.33 14.30
C ALA V 346 33.80 -36.17 14.53
N ASN V 347 33.45 -35.46 13.46
CA ASN V 347 32.46 -34.39 13.48
C ASN V 347 32.84 -33.29 14.46
N VAL V 348 33.96 -32.63 14.16
CA VAL V 348 34.43 -31.51 14.97
C VAL V 348 34.07 -30.20 14.28
N THR V 349 33.89 -30.25 12.96
CA THR V 349 33.54 -29.04 12.23
C THR V 349 32.21 -28.48 12.70
N GLU V 350 31.17 -29.31 12.70
CA GLU V 350 29.86 -28.85 13.16
C GLU V 350 29.87 -28.56 14.64
N THR V 351 30.61 -29.37 15.41
CA THR V 351 30.68 -29.14 16.85
C THR V 351 31.28 -27.77 17.16
N VAL V 352 32.42 -27.46 16.55
CA VAL V 352 33.05 -26.17 16.81
C VAL V 352 32.23 -25.03 16.24
N ALA V 353 31.53 -25.26 15.12
CA ALA V 353 30.64 -24.24 14.59
C ALA V 353 29.52 -23.92 15.59
N LEU V 354 28.95 -24.95 16.20
CA LEU V 354 27.92 -24.73 17.22
C LEU V 354 28.49 -24.02 18.44
N LEU V 355 29.71 -24.38 18.83
CA LEU V 355 30.36 -23.68 19.93
C LEU V 355 30.56 -22.21 19.62
N PHE V 356 30.97 -21.90 18.39
CA PHE V 356 31.11 -20.51 17.96
C PHE V 356 29.78 -19.77 18.03
N ALA V 357 28.70 -20.42 17.57
CA ALA V 357 27.39 -19.78 17.63
C ALA V 357 26.98 -19.49 19.06
N GLU V 358 27.20 -20.46 19.96
CA GLU V 358 26.87 -20.24 21.37
C GLU V 358 27.69 -19.11 21.95
N GLY V 359 28.98 -19.02 21.61
CA GLY V 359 29.79 -17.92 22.09
C GLY V 359 29.31 -16.57 21.60
N LYS V 360 28.94 -16.49 20.31
CA LYS V 360 28.42 -15.23 19.78
C LYS V 360 27.14 -14.82 20.48
N ASP V 361 26.24 -15.77 20.70
CA ASP V 361 25.00 -15.45 21.40
C ASP V 361 25.26 -15.07 22.85
N GLU V 362 26.26 -15.68 23.48
CA GLU V 362 26.64 -15.31 24.84
C GLU V 362 27.12 -13.87 24.90
N LEU V 363 27.97 -13.47 23.96
CA LEU V 363 28.58 -12.15 24.00
C LEU V 363 27.63 -11.03 23.57
N GLU V 364 26.78 -11.29 22.57
CA GLU V 364 25.95 -10.22 22.02
C GLU V 364 24.98 -9.68 23.06
N ALA V 365 24.37 -10.55 23.85
CA ALA V 365 23.38 -10.11 24.83
C ALA V 365 24.02 -9.20 25.87
N VAL V 366 25.14 -9.63 26.45
CA VAL V 366 25.78 -8.84 27.51
C VAL V 366 26.31 -7.53 26.94
N THR V 367 26.81 -7.54 25.69
CA THR V 367 27.36 -6.30 25.15
C THR V 367 26.28 -5.33 24.73
N LEU V 368 25.12 -5.81 24.29
CA LEU V 368 23.99 -4.91 24.08
C LEU V 368 23.46 -4.36 25.40
N THR V 369 23.41 -5.18 26.43
CA THR V 369 22.81 -4.71 27.68
C THR V 369 23.71 -3.72 28.40
N THR V 370 24.98 -4.07 28.60
CA THR V 370 25.85 -3.26 29.45
C THR V 370 27.22 -3.07 28.79
N GLY V 371 27.23 -2.89 27.49
CA GLY V 371 28.48 -2.55 26.81
C GLY V 371 29.02 -1.22 27.29
N THR V 372 30.35 -1.10 27.27
CA THR V 372 30.99 0.07 27.85
C THR V 372 30.82 1.32 26.99
N GLY V 373 31.00 1.19 25.68
CA GLY V 373 30.96 2.31 24.78
C GLY V 373 32.31 2.97 24.56
N GLN V 374 33.28 2.69 25.42
CA GLN V 374 34.63 3.19 25.27
C GLN V 374 35.57 2.09 24.77
N GLY V 375 36.71 2.50 24.26
CA GLY V 375 37.68 1.53 23.78
C GLY V 375 37.20 0.86 22.51
N ASN V 376 37.06 -0.46 22.55
CA ASN V 376 36.72 -1.26 21.38
C ASN V 376 35.37 -1.95 21.55
N GLN V 377 34.42 -1.28 22.18
CA GLN V 377 33.13 -1.91 22.46
C GLN V 377 31.99 -1.00 22.03
N PRO V 378 30.87 -1.57 21.61
CA PRO V 378 29.68 -0.76 21.35
C PRO V 378 29.09 -0.21 22.63
N THR V 379 28.04 0.62 22.53
CA THR V 379 27.44 1.25 23.68
C THR V 379 26.14 0.53 24.04
N GLY V 380 26.02 0.10 25.29
CA GLY V 380 24.81 -0.52 25.75
C GLY V 380 23.74 0.48 26.14
N ILE V 381 22.54 -0.04 26.38
CA ILE V 381 21.44 0.84 26.79
C ILE V 381 21.68 1.39 28.19
N VAL V 382 22.19 0.56 29.09
CA VAL V 382 22.38 0.99 30.47
C VAL V 382 23.51 2.01 30.56
N THR V 383 24.61 1.78 29.85
CA THR V 383 25.74 2.69 29.92
C THR V 383 25.44 4.02 29.24
N ALA V 384 24.61 4.01 28.20
CA ALA V 384 24.27 5.25 27.51
C ALA V 384 23.35 6.16 28.34
N LEU V 385 22.71 5.62 29.37
CA LEU V 385 21.78 6.38 30.20
C LEU V 385 22.35 6.72 31.57
N ALA V 386 23.64 6.50 31.77
CA ALA V 386 24.27 6.72 33.06
C ALA V 386 24.81 8.13 33.15
N GLY V 387 24.44 8.83 34.23
CA GLY V 387 24.87 10.19 34.45
C GLY V 387 24.07 11.24 33.73
N THR V 388 23.07 10.85 32.95
CA THR V 388 22.25 11.77 32.20
C THR V 388 21.09 12.27 33.07
N ALA V 389 20.15 12.97 32.44
CA ALA V 389 18.95 13.42 33.16
C ALA V 389 18.00 12.28 33.44
N ALA V 390 18.12 11.15 32.72
CA ALA V 390 17.21 10.04 32.91
C ALA V 390 17.46 9.28 34.20
N GLU V 391 18.63 9.47 34.83
CA GLU V 391 18.94 8.74 36.05
C GLU V 391 18.08 9.22 37.20
N ILE V 392 17.55 8.28 37.98
CA ILE V 392 16.67 8.59 39.10
C ILE V 392 17.24 7.95 40.36
N ALA V 393 17.00 8.58 41.50
CA ALA V 393 17.44 8.10 42.79
C ALA V 393 16.24 7.68 43.62
N PRO V 394 16.40 6.67 44.48
CA PRO V 394 15.28 6.22 45.31
C PRO V 394 14.89 7.27 46.33
N VAL V 395 13.63 7.19 46.77
CA VAL V 395 13.13 8.13 47.77
C VAL V 395 13.90 7.98 49.07
N THR V 396 14.13 6.74 49.49
CA THR V 396 14.93 6.45 50.66
C THR V 396 16.20 5.73 50.24
N ALA V 397 17.34 6.15 50.79
CA ALA V 397 18.62 5.65 50.35
C ALA V 397 18.80 4.17 50.72
N GLU V 398 19.47 3.42 49.84
CA GLU V 398 19.65 1.97 49.97
C GLU V 398 18.32 1.25 50.22
N THR V 399 17.27 1.65 49.50
CA THR V 399 15.98 0.99 49.58
C THR V 399 15.39 0.86 48.19
N PHE V 400 14.47 -0.10 48.05
CA PHE V 400 13.74 -0.31 46.80
C PHE V 400 12.30 -0.64 47.18
N ALA V 401 11.42 0.35 47.02
CA ALA V 401 10.01 0.22 47.37
C ALA V 401 9.15 0.44 46.13
N LEU V 402 7.84 0.22 46.27
CA LEU V 402 6.92 0.40 45.16
C LEU V 402 6.86 1.86 44.70
N ALA V 403 7.15 2.79 45.61
CA ALA V 403 7.23 4.19 45.23
C ALA V 403 8.27 4.40 44.14
N ASP V 404 9.38 3.66 44.21
CA ASP V 404 10.43 3.80 43.21
C ASP V 404 9.95 3.34 41.83
N VAL V 405 9.23 2.22 41.77
CA VAL V 405 8.71 1.74 40.49
C VAL V 405 7.68 2.73 39.94
N TYR V 406 6.81 3.23 40.80
CA TYR V 406 5.83 4.22 40.34
C TYR V 406 6.53 5.46 39.82
N ALA V 407 7.60 5.89 40.48
CA ALA V 407 8.34 7.06 40.03
C ALA V 407 8.99 6.82 38.68
N VAL V 408 9.63 5.66 38.51
CA VAL V 408 10.32 5.40 37.24
C VAL V 408 9.30 5.29 36.11
N TYR V 409 8.07 4.88 36.43
CA TYR V 409 7.04 4.85 35.41
C TYR V 409 6.51 6.23 35.07
N GLU V 410 6.27 7.06 36.09
CA GLU V 410 5.47 8.27 35.87
C GLU V 410 6.29 9.45 35.36
N GLN V 411 7.60 9.48 35.60
CA GLN V 411 8.39 10.65 35.25
C GLN V 411 8.54 10.84 33.74
N LEU V 412 8.18 9.84 32.94
CA LEU V 412 8.27 9.95 31.50
C LEU V 412 7.07 10.73 30.94
N ALA V 413 7.26 11.29 29.75
CA ALA V 413 6.19 11.98 29.06
C ALA V 413 5.22 10.98 28.44
N ALA V 414 3.99 11.44 28.19
CA ALA V 414 2.96 10.55 27.68
C ALA V 414 3.25 10.10 26.25
N ARG V 415 3.94 10.94 25.48
CA ARG V 415 4.29 10.53 24.11
C ARG V 415 5.11 9.25 24.11
N HIS V 416 5.93 9.03 25.13
CA HIS V 416 6.68 7.79 25.27
C HIS V 416 6.06 6.83 26.28
N ARG V 417 5.27 7.32 27.23
CA ARG V 417 4.73 6.44 28.26
C ARG V 417 3.77 5.42 27.66
N ARG V 418 2.93 5.85 26.71
CA ARG V 418 1.94 4.95 26.14
C ARG V 418 2.55 3.90 25.22
N GLN V 419 3.84 4.01 24.90
CA GLN V 419 4.51 3.01 24.07
C GLN V 419 5.89 2.75 24.68
N GLY V 420 5.98 1.76 25.54
CA GLY V 420 7.23 1.44 26.21
C GLY V 420 7.15 0.08 26.85
N ALA V 421 8.25 -0.31 27.50
CA ALA V 421 8.32 -1.61 28.13
C ALA V 421 9.32 -1.57 29.27
N TRP V 422 9.18 -2.50 30.18
CA TRP V 422 10.09 -2.65 31.31
C TRP V 422 11.23 -3.59 30.94
N LEU V 423 12.33 -3.47 31.67
CA LEU V 423 13.50 -4.31 31.46
C LEU V 423 14.27 -4.43 32.76
N ALA V 424 14.32 -5.64 33.32
CA ALA V 424 14.96 -5.85 34.61
C ALA V 424 15.42 -7.29 34.70
N ASN V 425 16.27 -7.56 35.68
CA ASN V 425 16.69 -8.92 35.99
C ASN V 425 15.59 -9.63 36.75
N ASN V 426 15.72 -10.95 36.88
CA ASN V 426 14.67 -11.73 37.55
C ASN V 426 14.57 -11.37 39.02
N LEU V 427 15.69 -11.00 39.64
CA LEU V 427 15.67 -10.68 41.06
C LEU V 427 14.77 -9.48 41.34
N ILE V 428 14.84 -8.46 40.48
CA ILE V 428 14.02 -7.27 40.69
C ILE V 428 12.55 -7.61 40.56
N TYR V 429 12.19 -8.42 39.57
CA TYR V 429 10.80 -8.83 39.41
C TYR V 429 10.33 -9.62 40.62
N ASN V 430 11.17 -10.50 41.15
CA ASN V 430 10.79 -11.26 42.34
C ASN V 430 10.60 -10.36 43.54
N LYS V 431 11.46 -9.35 43.70
CA LYS V 431 11.26 -8.39 44.78
C LYS V 431 9.95 -7.64 44.62
N ILE V 432 9.63 -7.22 43.39
CA ILE V 432 8.35 -6.57 43.14
C ILE V 432 7.21 -7.49 43.53
N ARG V 433 7.35 -8.79 43.23
CA ARG V 433 6.31 -9.74 43.62
C ARG V 433 6.21 -9.85 45.14
N GLN V 434 7.33 -9.73 45.84
CA GLN V 434 7.34 -9.84 47.30
C GLN V 434 6.95 -8.55 47.99
N PHE V 435 6.73 -7.45 47.26
CA PHE V 435 6.38 -6.19 47.92
C PHE V 435 5.15 -6.34 48.81
N ASP V 436 4.07 -6.91 48.30
CA ASP V 436 2.82 -6.95 49.04
C ASP V 436 2.88 -7.97 50.16
N THR V 437 2.37 -7.58 51.33
CA THR V 437 2.23 -8.47 52.47
C THR V 437 0.80 -8.54 52.98
N GLN V 438 0.10 -7.41 53.02
CA GLN V 438 -1.28 -7.37 53.48
C GLN V 438 -2.28 -7.75 52.40
N GLY V 439 -1.82 -8.02 51.19
CA GLY V 439 -2.72 -8.32 50.09
C GLY V 439 -3.54 -7.12 49.64
N GLY V 440 -2.93 -5.94 49.58
CA GLY V 440 -3.62 -4.75 49.15
C GLY V 440 -3.50 -4.49 47.66
N ALA V 441 -3.05 -3.28 47.30
CA ALA V 441 -2.94 -2.87 45.91
C ALA V 441 -1.56 -3.14 45.33
N GLY V 442 -0.65 -3.69 46.13
CA GLY V 442 0.66 -4.06 45.62
C GLY V 442 0.71 -5.53 45.26
N LEU V 443 -0.46 -6.15 45.18
CA LEU V 443 -0.57 -7.58 44.88
C LEU V 443 -0.47 -7.78 43.38
N TRP V 444 0.77 -7.89 42.90
CA TRP V 444 0.99 -8.16 41.48
C TRP V 444 0.42 -9.51 41.09
N THR V 445 0.79 -10.55 41.83
CA THR V 445 0.33 -11.90 41.55
C THR V 445 0.56 -12.76 42.79
N THR V 446 -0.05 -13.93 42.78
CA THR V 446 -0.01 -14.83 43.93
C THR V 446 1.06 -15.89 43.73
N ILE V 447 1.61 -16.37 44.85
CA ILE V 447 2.55 -17.48 44.79
C ILE V 447 1.84 -18.70 44.19
N GLY V 448 2.63 -19.58 43.60
CA GLY V 448 2.08 -20.71 42.88
C GLY V 448 1.72 -20.43 41.44
N ASN V 449 1.91 -19.20 40.97
CA ASN V 449 1.64 -18.83 39.59
C ASN V 449 2.91 -18.28 38.95
N GLY V 450 3.01 -18.45 37.65
CA GLY V 450 4.20 -18.05 36.92
C GLY V 450 4.36 -16.55 36.82
N GLU V 451 5.40 -16.15 36.09
CA GLU V 451 5.68 -14.74 35.92
C GLU V 451 4.57 -14.07 35.11
N PRO V 452 3.98 -12.99 35.62
CA PRO V 452 2.91 -12.32 34.88
C PRO V 452 3.43 -11.65 33.61
N SER V 453 2.54 -11.52 32.64
CA SER V 453 2.93 -11.07 31.31
C SER V 453 2.98 -9.56 31.17
N GLN V 454 2.52 -8.80 32.15
CA GLN V 454 2.49 -7.35 32.02
C GLN V 454 2.55 -6.71 33.39
N LEU V 455 3.06 -5.48 33.41
CA LEU V 455 3.19 -4.69 34.63
C LEU V 455 2.70 -3.28 34.35
N LEU V 456 1.69 -2.84 35.11
CA LEU V 456 1.02 -1.57 34.89
C LEU V 456 0.49 -1.44 33.46
N GLY V 457 0.01 -2.56 32.90
CA GLY V 457 -0.56 -2.56 31.58
C GLY V 457 0.45 -2.52 30.45
N ARG V 458 1.74 -2.55 30.75
CA ARG V 458 2.76 -2.44 29.72
C ARG V 458 3.54 -3.75 29.59
N PRO V 459 4.14 -4.01 28.43
CA PRO V 459 4.91 -5.25 28.25
C PRO V 459 6.09 -5.31 29.20
N VAL V 460 6.48 -6.53 29.53
CA VAL V 460 7.55 -6.79 30.48
C VAL V 460 8.72 -7.40 29.70
N GLY V 461 9.93 -6.90 29.98
CA GLY V 461 11.14 -7.41 29.35
C GLY V 461 12.10 -7.97 30.38
N GLU V 462 12.96 -8.86 29.91
CA GLU V 462 13.88 -9.58 30.78
C GLU V 462 15.28 -9.51 30.20
N ALA V 463 16.27 -9.37 31.08
CA ALA V 463 17.68 -9.33 30.67
C ALA V 463 18.53 -9.75 31.86
N GLU V 464 19.35 -10.79 31.67
CA GLU V 464 20.18 -11.32 32.73
C GLU V 464 21.51 -10.58 32.91
N ALA V 465 21.80 -9.59 32.07
CA ALA V 465 23.10 -8.94 32.11
C ALA V 465 23.13 -7.69 32.97
N MET V 466 22.02 -7.30 33.60
CA MET V 466 22.01 -6.12 34.45
C MET V 466 22.30 -6.48 35.90
N ASP V 467 22.34 -5.46 36.75
CA ASP V 467 22.73 -5.62 38.14
C ASP V 467 21.71 -6.46 38.89
N ALA V 468 22.19 -7.24 39.85
CA ALA V 468 21.38 -8.19 40.58
C ALA V 468 21.12 -7.75 42.02
N ASN V 469 22.19 -7.46 42.77
CA ASN V 469 22.05 -7.06 44.16
C ASN V 469 22.91 -5.83 44.42
N TRP V 470 22.43 -4.98 45.32
CA TRP V 470 23.15 -3.81 45.79
C TRP V 470 23.79 -4.03 47.16
N ASN V 471 23.70 -5.24 47.71
CA ASN V 471 24.22 -5.53 49.03
C ASN V 471 25.47 -6.40 48.96
N THR V 472 25.40 -7.55 48.28
CA THR V 472 26.58 -8.39 48.14
C THR V 472 27.58 -7.82 47.13
N SER V 473 27.10 -7.08 46.13
CA SER V 473 27.98 -6.45 45.17
C SER V 473 28.66 -5.23 45.80
N ALA V 474 29.92 -5.02 45.47
CA ALA V 474 30.71 -3.95 46.03
C ALA V 474 30.69 -2.67 45.19
N SER V 475 29.98 -2.68 44.06
CA SER V 475 29.93 -1.50 43.22
C SER V 475 29.15 -0.38 43.90
N ALA V 476 29.68 0.84 43.78
CA ALA V 476 29.05 2.00 44.43
C ALA V 476 27.72 2.37 43.79
N ASP V 477 27.60 2.19 42.48
CA ASP V 477 26.38 2.50 41.75
C ASP V 477 25.76 1.22 41.20
N ASN V 478 24.45 1.09 41.37
CA ASN V 478 23.72 -0.10 40.95
C ASN V 478 22.47 0.33 40.20
N PHE V 479 22.38 -0.01 38.93
CA PHE V 479 21.22 0.28 38.10
C PHE V 479 20.38 -0.99 38.01
N VAL V 480 19.15 -0.93 38.52
CA VAL V 480 18.34 -2.12 38.69
C VAL V 480 17.07 -2.14 37.84
N LEU V 481 16.48 -0.99 37.52
CA LEU V 481 15.22 -0.97 36.80
C LEU V 481 15.28 0.06 35.69
N LEU V 482 14.60 -0.25 34.58
CA LEU V 482 14.62 0.61 33.41
C LEU V 482 13.28 0.53 32.70
N TYR V 483 12.81 1.68 32.20
CA TYR V 483 11.57 1.74 31.44
C TYR V 483 11.65 2.89 30.46
N GLY V 484 11.11 2.68 29.26
CA GLY V 484 11.10 3.73 28.27
C GLY V 484 10.72 3.16 26.92
N ASN V 485 10.58 4.08 25.96
CA ASN V 485 10.27 3.69 24.58
C ASN V 485 11.54 3.20 23.91
N PHE V 486 11.53 1.96 23.45
CA PHE V 486 12.73 1.30 22.96
C PHE V 486 12.99 1.55 21.48
N GLN V 487 12.12 2.29 20.81
CA GLN V 487 12.36 2.63 19.40
C GLN V 487 13.49 3.65 19.23
N ASN V 488 13.97 4.22 20.32
CA ASN V 488 15.11 5.14 20.27
C ASN V 488 16.43 4.45 20.60
N TYR V 489 16.46 3.13 20.67
CA TYR V 489 17.69 2.35 20.81
C TYR V 489 17.93 1.65 19.49
N VAL V 490 19.00 2.04 18.80
CA VAL V 490 19.27 1.58 17.44
C VAL V 490 20.45 0.62 17.46
N ILE V 491 20.29 -0.51 16.79
CA ILE V 491 21.37 -1.49 16.60
C ILE V 491 21.66 -1.56 15.10
N ALA V 492 22.90 -1.21 14.73
CA ALA V 492 23.33 -1.24 13.35
C ALA V 492 24.25 -2.41 13.10
N ASP V 493 23.95 -3.18 12.06
CA ASP V 493 24.70 -4.39 11.73
C ASP V 493 25.34 -4.25 10.36
N ARG V 494 26.59 -4.70 10.25
CA ARG V 494 27.35 -4.63 9.01
C ARG V 494 27.51 -5.99 8.34
N ILE V 495 28.05 -6.97 9.06
CA ILE V 495 28.27 -8.29 8.49
C ILE V 495 27.96 -9.35 9.54
N GLY V 496 27.40 -10.46 9.09
CA GLY V 496 27.10 -11.57 9.97
C GLY V 496 28.33 -12.42 10.25
N MET V 497 28.12 -13.47 11.04
CA MET V 497 29.23 -14.33 11.43
C MET V 497 29.75 -15.11 10.24
N THR V 498 31.06 -15.01 10.00
CA THR V 498 31.72 -15.73 8.93
C THR V 498 32.93 -16.46 9.50
N VAL V 499 33.17 -17.67 9.01
CA VAL V 499 34.25 -18.53 9.51
C VAL V 499 35.18 -18.85 8.34
N GLU V 500 36.48 -18.71 8.57
CA GLU V 500 37.49 -19.07 7.59
C GLU V 500 38.35 -20.21 8.13
N PHE V 501 39.13 -20.81 7.23
CA PHE V 501 39.96 -21.97 7.52
C PHE V 501 41.41 -21.59 7.29
N ILE V 502 42.15 -21.38 8.37
CA ILE V 502 43.60 -21.15 8.28
C ILE V 502 44.26 -22.49 7.99
N PRO V 503 44.96 -22.64 6.88
CA PRO V 503 45.50 -23.96 6.53
C PRO V 503 46.80 -24.29 7.26
N HIS V 504 47.47 -23.28 7.82
CA HIS V 504 48.81 -23.51 8.34
C HIS V 504 49.11 -22.50 9.43
N LEU V 505 49.58 -22.98 10.59
CA LEU V 505 50.15 -22.11 11.61
C LEU V 505 51.64 -22.40 11.78
N PHE V 506 52.32 -21.47 12.46
CA PHE V 506 53.77 -21.45 12.50
C PHE V 506 54.26 -21.51 13.94
N GLY V 507 55.58 -21.74 14.08
CA GLY V 507 56.22 -21.84 15.36
C GLY V 507 57.12 -20.65 15.66
N THR V 508 57.85 -20.77 16.77
CA THR V 508 58.68 -19.66 17.23
C THR V 508 59.75 -19.32 16.22
N ASN V 509 60.37 -20.32 15.60
CA ASN V 509 61.39 -20.11 14.58
C ASN V 509 60.79 -19.92 13.19
N ARG V 510 59.51 -19.53 13.12
CA ARG V 510 58.82 -19.26 11.85
C ARG V 510 58.79 -20.48 10.94
N ARG V 511 58.63 -21.67 11.51
CA ARG V 511 58.45 -22.86 10.70
C ARG V 511 57.18 -23.59 11.12
N PRO V 512 56.56 -24.36 10.23
CA PRO V 512 55.31 -25.04 10.57
C PRO V 512 55.49 -26.00 11.73
N ASN V 513 54.46 -26.09 12.56
CA ASN V 513 54.44 -26.98 13.72
C ASN V 513 53.37 -28.05 13.63
N GLY V 514 52.65 -28.12 12.51
CA GLY V 514 51.63 -29.14 12.33
C GLY V 514 50.33 -28.79 13.04
N SER V 515 49.76 -27.64 12.70
CA SER V 515 48.53 -27.20 13.34
C SER V 515 47.73 -26.37 12.33
N ARG V 516 46.43 -26.27 12.60
CA ARG V 516 45.53 -25.47 11.79
C ARG V 516 44.66 -24.63 12.73
N GLY V 517 43.94 -23.67 12.16
CA GLY V 517 43.12 -22.78 12.95
C GLY V 517 41.87 -22.36 12.20
N TRP V 518 40.85 -22.00 12.98
CA TRP V 518 39.58 -21.51 12.45
C TRP V 518 39.35 -20.11 12.97
N PHE V 519 39.00 -19.20 12.07
CA PHE V 519 38.86 -17.78 12.39
C PHE V 519 37.42 -17.33 12.16
N ALA V 520 36.91 -16.53 13.08
CA ALA V 520 35.56 -15.98 12.97
C ALA V 520 35.57 -14.53 13.41
N TYR V 521 34.63 -13.75 12.87
CA TYR V 521 34.49 -12.35 13.28
C TYR V 521 33.05 -11.91 13.06
N TYR V 522 32.76 -10.72 13.59
CA TYR V 522 31.41 -10.18 13.60
C TYR V 522 31.49 -8.67 13.80
N ARG V 523 30.79 -7.93 12.95
CA ARG V 523 30.80 -6.47 13.01
C ARG V 523 29.40 -5.96 13.30
N MET V 524 29.32 -5.05 14.27
CA MET V 524 28.04 -4.54 14.76
C MET V 524 28.32 -3.40 15.73
N GLY V 525 27.35 -2.49 15.83
CA GLY V 525 27.46 -1.35 16.73
C GLY V 525 26.11 -0.76 17.06
N ALA V 526 25.97 -0.16 18.24
CA ALA V 526 24.68 0.35 18.69
C ALA V 526 24.89 1.55 19.61
N ASP V 527 23.86 2.38 19.71
CA ASP V 527 23.90 3.57 20.55
C ASP V 527 22.46 4.07 20.75
N VAL V 528 22.30 5.10 21.57
CA VAL V 528 21.01 5.69 21.91
C VAL V 528 20.91 7.04 21.21
N VAL V 529 19.79 7.29 20.56
CA VAL V 529 19.60 8.54 19.83
C VAL V 529 18.93 9.60 20.69
N ASN V 530 17.96 9.22 21.54
CA ASN V 530 17.25 10.19 22.37
C ASN V 530 17.37 9.80 23.84
N PRO V 531 18.17 10.52 24.63
CA PRO V 531 18.33 10.18 26.05
C PRO V 531 17.16 10.51 26.95
N ASN V 532 16.16 11.25 26.48
CA ASN V 532 15.03 11.66 27.29
C ASN V 532 13.82 10.75 27.12
N ALA V 533 13.96 9.66 26.38
CA ALA V 533 12.87 8.71 26.20
C ALA V 533 12.95 7.52 27.15
N PHE V 534 13.86 7.55 28.11
CA PHE V 534 14.06 6.46 29.07
C PHE V 534 14.13 7.03 30.48
N ARG V 535 14.02 6.14 31.45
CA ARG V 535 14.16 6.50 32.86
C ARG V 535 14.83 5.35 33.58
N LEU V 536 16.01 5.60 34.13
CA LEU V 536 16.78 4.57 34.82
C LEU V 536 16.87 4.90 36.30
N LEU V 537 16.70 3.88 37.14
CA LEU V 537 16.78 4.03 38.59
C LEU V 537 18.12 3.51 39.07
N ASN V 538 18.86 4.37 39.77
CA ASN V 538 20.17 4.02 40.30
C ASN V 538 20.09 3.97 41.81
N VAL V 539 20.39 2.81 42.38
CA VAL V 539 20.38 2.62 43.83
C VAL V 539 21.84 2.73 44.28
N GLU V 540 22.24 3.93 44.63
CA GLU V 540 23.62 4.21 45.04
C GLU V 540 23.76 3.81 46.51
N THR V 541 24.72 2.93 46.79
CA THR V 541 25.00 2.51 48.15
C THR V 541 26.14 3.34 48.72
N ALA V 542 25.92 3.91 49.91
CA ALA V 542 26.93 4.73 50.55
C ALA V 542 28.13 3.88 50.95
N SER V 543 29.31 4.49 50.90
CA SER V 543 30.55 3.81 51.23
C SER V 543 30.64 3.55 52.73
N MET W 251 47.14 0.27 5.95
CA MET W 251 45.90 0.70 5.32
C MET W 251 44.68 0.22 6.10
N GLY W 252 44.10 1.11 6.90
CA GLY W 252 42.98 0.78 7.75
C GLY W 252 41.79 1.69 7.51
N LEU W 253 40.93 1.78 8.51
CA LEU W 253 39.72 2.59 8.44
C LEU W 253 39.97 4.05 8.78
N THR W 254 41.15 4.40 9.26
CA THR W 254 41.46 5.79 9.55
C THR W 254 41.48 6.60 8.26
N LYS W 255 41.18 7.90 8.39
CA LYS W 255 41.01 8.75 7.22
C LYS W 255 42.28 8.80 6.39
N ALA W 256 43.40 9.16 7.02
CA ALA W 256 44.65 9.41 6.30
C ALA W 256 45.29 8.15 5.75
N ASP W 257 44.83 6.96 6.12
CA ASP W 257 45.36 5.71 5.62
C ASP W 257 44.39 5.05 4.66
N GLY W 258 43.72 5.84 3.83
CA GLY W 258 42.79 5.34 2.86
C GLY W 258 41.34 5.37 3.27
N GLY W 259 41.01 5.97 4.40
CA GLY W 259 39.64 6.02 4.88
C GLY W 259 38.79 7.12 4.29
N TYR W 260 39.33 7.85 3.32
CA TYR W 260 38.58 8.90 2.64
C TYR W 260 37.72 8.36 1.51
N LEU W 261 37.74 7.06 1.26
CA LEU W 261 36.99 6.45 0.18
C LEU W 261 35.63 5.91 0.63
N VAL W 262 35.39 5.78 1.93
CA VAL W 262 34.16 5.17 2.42
C VAL W 262 33.00 6.13 2.17
N PRO W 263 31.86 5.64 1.69
CA PRO W 263 30.71 6.54 1.49
C PRO W 263 30.12 7.01 2.80
N PHE W 264 29.43 8.14 2.74
CA PHE W 264 28.73 8.69 3.89
C PHE W 264 27.30 8.17 3.92
N GLN W 265 26.88 7.60 5.05
CA GLN W 265 25.54 7.07 5.22
C GLN W 265 24.72 8.01 6.08
N LEU W 266 23.54 8.37 5.60
CA LEU W 266 22.70 9.34 6.27
C LEU W 266 21.25 8.89 6.24
N ASP W 267 20.51 9.24 7.28
CA ASP W 267 19.08 8.94 7.36
C ASP W 267 18.29 10.20 7.11
N PRO W 268 17.61 10.33 5.98
CA PRO W 268 16.90 11.59 5.67
C PRO W 268 15.80 11.93 6.66
N THR W 269 15.10 10.93 7.21
CA THR W 269 13.97 11.19 8.08
C THR W 269 14.43 11.82 9.40
N VAL W 270 13.55 12.65 9.96
CA VAL W 270 13.86 13.38 11.17
C VAL W 270 13.22 12.68 12.36
N ILE W 271 13.77 12.94 13.54
CA ILE W 271 13.26 12.40 14.79
C ILE W 271 12.88 13.56 15.69
N ILE W 272 11.65 13.58 16.18
CA ILE W 272 11.17 14.67 17.00
C ILE W 272 11.68 14.46 18.43
N THR W 273 12.38 15.47 18.95
CA THR W 273 12.91 15.42 20.30
C THR W 273 12.10 16.23 21.30
N SER W 274 11.00 16.85 20.88
CA SER W 274 10.17 17.61 21.80
C SER W 274 9.32 16.67 22.65
N ASN W 275 8.98 17.15 23.85
CA ASN W 275 8.18 16.35 24.76
C ASN W 275 6.71 16.30 24.35
N GLY W 276 6.20 17.38 23.79
CA GLY W 276 4.78 17.49 23.50
C GLY W 276 3.98 17.76 24.75
N SER W 277 2.66 17.66 24.61
CA SER W 277 1.77 17.83 25.75
C SER W 277 0.45 17.11 25.49
N LEU W 278 -0.09 16.49 26.52
CA LEU W 278 -1.35 15.78 26.45
C LEU W 278 -2.39 16.54 27.27
N ASN W 279 -3.55 16.78 26.67
CA ASN W 279 -4.64 17.48 27.33
C ASN W 279 -5.96 16.85 26.95
N ASP W 280 -6.93 16.89 27.87
CA ASP W 280 -8.22 16.24 27.68
C ASP W 280 -9.40 17.16 27.95
N ILE W 281 -9.19 18.48 27.97
CA ILE W 281 -10.30 19.39 28.24
C ILE W 281 -11.32 19.33 27.11
N ARG W 282 -10.86 19.20 25.86
CA ARG W 282 -11.77 19.19 24.73
C ARG W 282 -12.72 18.01 24.75
N ARG W 283 -12.37 16.94 25.45
CA ARG W 283 -13.25 15.78 25.53
C ARG W 283 -14.47 16.02 26.40
N PHE W 284 -14.43 17.01 27.30
CA PHE W 284 -15.53 17.29 28.20
C PHE W 284 -16.15 18.67 28.01
N ALA W 285 -15.39 19.65 27.52
CA ALA W 285 -15.85 21.03 27.50
C ALA W 285 -16.84 21.26 26.36
N ARG W 286 -17.47 22.43 26.38
CA ARG W 286 -18.46 22.82 25.39
C ARG W 286 -17.80 23.72 24.37
N GLN W 287 -17.78 23.30 23.11
CA GLN W 287 -17.12 24.02 22.03
C GLN W 287 -18.16 24.71 21.18
N VAL W 288 -17.99 26.01 20.97
CA VAL W 288 -18.91 26.82 20.20
C VAL W 288 -18.16 27.48 19.06
N VAL W 289 -18.89 27.91 18.04
CA VAL W 289 -18.32 28.57 16.88
C VAL W 289 -18.74 30.04 16.91
N ALA W 290 -17.77 30.93 16.92
CA ALA W 290 -18.04 32.36 16.91
C ALA W 290 -17.99 32.91 15.50
N THR W 291 -18.52 34.12 15.33
CA THR W 291 -18.55 34.78 14.03
C THR W 291 -17.78 36.09 13.98
N GLY W 292 -17.84 36.89 15.04
CA GLY W 292 -17.12 38.16 15.05
C GLY W 292 -15.84 38.09 15.85
N ASP W 293 -15.74 38.88 16.91
CA ASP W 293 -14.57 38.87 17.76
C ASP W 293 -14.89 38.57 19.22
N VAL W 294 -16.16 38.57 19.62
CA VAL W 294 -16.55 38.28 20.99
C VAL W 294 -17.77 37.37 20.98
N TRP W 295 -18.00 36.70 22.11
CA TRP W 295 -19.17 35.85 22.32
C TRP W 295 -19.87 36.29 23.60
N HIS W 296 -21.19 36.47 23.51
CA HIS W 296 -21.98 36.93 24.64
C HIS W 296 -23.04 35.90 25.01
N GLY W 297 -23.39 35.89 26.30
CA GLY W 297 -24.41 35.02 26.82
C GLY W 297 -25.17 35.71 27.93
N VAL W 298 -26.24 35.08 28.38
CA VAL W 298 -27.13 35.64 29.40
C VAL W 298 -27.20 34.69 30.58
N SER W 299 -27.03 35.23 31.79
CA SER W 299 -27.06 34.45 33.01
C SER W 299 -27.93 35.15 34.04
N SER W 300 -28.64 34.35 34.85
CA SER W 300 -29.50 34.90 35.88
C SER W 300 -29.71 33.86 36.97
N ALA W 301 -30.13 34.35 38.14
CA ALA W 301 -30.51 33.50 39.26
C ALA W 301 -32.03 33.29 39.23
N ALA W 302 -32.58 32.72 40.30
CA ALA W 302 -33.99 32.39 40.36
C ALA W 302 -34.71 33.32 41.34
N VAL W 303 -36.04 33.33 41.24
CA VAL W 303 -36.87 34.20 42.06
C VAL W 303 -36.91 33.68 43.49
N GLN W 304 -36.91 34.60 44.45
CA GLN W 304 -36.97 34.27 45.87
C GLN W 304 -38.42 34.31 46.34
N TRP W 305 -38.86 33.23 46.99
CA TRP W 305 -40.19 33.13 47.57
C TRP W 305 -40.12 33.32 49.08
N SER W 306 -41.28 33.47 49.69
CA SER W 306 -41.37 33.63 51.14
C SER W 306 -42.72 33.09 51.60
N TRP W 307 -42.77 32.69 52.87
CA TRP W 307 -44.00 32.18 53.48
C TRP W 307 -44.75 33.37 54.09
N ASP W 308 -45.92 33.67 53.56
CA ASP W 308 -46.70 34.82 53.96
C ASP W 308 -47.99 34.38 54.64
N ALA W 309 -48.46 35.22 55.55
CA ALA W 309 -49.70 34.96 56.28
C ALA W 309 -50.87 35.57 55.53
N GLU W 310 -52.06 35.53 56.13
CA GLU W 310 -53.25 36.07 55.50
C GLU W 310 -53.21 37.58 55.49
N PHE W 311 -53.63 38.17 54.36
CA PHE W 311 -53.62 39.62 54.17
C PHE W 311 -52.22 40.20 54.43
N GLU W 312 -51.21 39.54 53.88
CA GLU W 312 -49.82 39.97 54.04
C GLU W 312 -49.28 40.45 52.70
N GLU W 313 -48.54 41.55 52.74
CA GLU W 313 -47.99 42.15 51.53
C GLU W 313 -46.92 41.26 50.93
N VAL W 314 -46.92 41.17 49.59
CA VAL W 314 -45.86 40.44 48.90
C VAL W 314 -44.65 41.35 48.77
N SER W 315 -43.50 40.77 48.47
CA SER W 315 -42.26 41.51 48.35
C SER W 315 -41.81 41.57 46.90
N ASP W 316 -41.09 42.62 46.55
CA ASP W 316 -40.57 42.78 45.20
C ASP W 316 -39.48 41.74 44.95
N ASP W 317 -39.68 40.90 43.94
CA ASP W 317 -38.81 39.75 43.69
C ASP W 317 -38.25 39.78 42.28
N SER W 318 -37.81 40.95 41.81
CA SER W 318 -37.24 41.06 40.48
C SER W 318 -35.90 40.33 40.43
N PRO W 319 -35.69 39.44 39.46
CA PRO W 319 -34.40 38.74 39.36
C PRO W 319 -33.27 39.65 38.93
N GLU W 320 -32.05 39.14 38.92
CA GLU W 320 -30.88 39.88 38.49
C GLU W 320 -30.19 39.13 37.36
N PHE W 321 -29.58 39.86 36.45
CA PHE W 321 -29.00 39.29 35.24
C PHE W 321 -27.51 39.61 35.16
N GLY W 322 -26.89 39.13 34.08
CA GLY W 322 -25.49 39.35 33.79
C GLY W 322 -25.19 38.93 32.37
N GLN W 323 -23.97 39.22 31.95
CA GLN W 323 -23.58 38.87 30.59
C GLN W 323 -22.08 38.58 30.49
N PRO W 324 -21.70 37.30 30.41
CA PRO W 324 -20.29 36.98 30.17
C PRO W 324 -19.88 37.30 28.74
N GLU W 325 -18.58 37.54 28.57
CA GLU W 325 -18.02 37.86 27.27
C GLU W 325 -16.82 36.97 27.00
N ILE W 326 -16.72 36.47 25.77
CA ILE W 326 -15.62 35.59 25.38
C ILE W 326 -14.83 36.23 24.26
N PRO W 327 -13.74 36.94 24.55
CA PRO W 327 -12.94 37.54 23.47
C PRO W 327 -12.14 36.49 22.72
N VAL W 328 -11.74 36.86 21.50
CA VAL W 328 -10.99 35.99 20.60
C VAL W 328 -9.61 36.58 20.41
N LYS W 329 -8.59 35.75 20.58
CA LYS W 329 -7.20 36.17 20.47
C LYS W 329 -6.52 35.45 19.31
N LYS W 330 -5.25 35.79 19.08
CA LYS W 330 -4.53 35.33 17.90
C LYS W 330 -3.14 34.85 18.29
N ALA W 331 -2.70 33.76 17.67
CA ALA W 331 -1.35 33.24 17.82
C ALA W 331 -0.77 32.98 16.44
N GLN W 332 0.56 33.12 16.33
CA GLN W 332 1.20 33.03 15.03
C GLN W 332 2.65 32.61 15.21
N GLY W 333 3.27 32.23 14.10
CA GLY W 333 4.66 31.82 14.08
C GLY W 333 5.31 32.14 12.75
N PHE W 334 6.64 32.08 12.74
CA PHE W 334 7.41 32.46 11.56
C PHE W 334 8.74 31.69 11.55
N VAL W 335 9.10 31.16 10.38
CA VAL W 335 10.35 30.45 10.20
C VAL W 335 11.01 30.90 8.91
N PRO W 336 11.97 31.83 8.96
CA PRO W 336 12.66 32.25 7.73
C PRO W 336 13.63 31.18 7.26
N ILE W 337 13.83 31.14 5.94
CA ILE W 337 14.73 30.19 5.30
C ILE W 337 15.57 30.93 4.26
N SER W 338 16.67 30.30 3.85
CA SER W 338 17.57 30.84 2.84
C SER W 338 17.36 30.14 1.51
N ILE W 339 17.82 30.81 0.44
CA ILE W 339 17.68 30.24 -0.90
C ILE W 339 18.52 28.98 -1.03
N GLU W 340 19.77 29.03 -0.56
CA GLU W 340 20.62 27.85 -0.60
C GLU W 340 20.01 26.70 0.19
N ALA W 341 19.33 27.04 1.30
CA ALA W 341 18.65 26.01 2.07
C ALA W 341 17.55 25.35 1.24
N LEU W 342 16.79 26.15 0.49
CA LEU W 342 15.74 25.58 -0.35
C LEU W 342 16.32 24.70 -1.45
N GLN W 343 17.41 25.12 -2.09
CA GLN W 343 17.95 24.35 -3.20
C GLN W 343 18.73 23.12 -2.78
N ASP W 344 19.46 23.17 -1.67
CA ASP W 344 20.34 22.07 -1.29
C ASP W 344 19.59 20.98 -0.53
N GLU W 345 18.99 21.33 0.59
CA GLU W 345 18.32 20.33 1.43
C GLU W 345 17.07 19.83 0.73
N ALA W 346 16.79 18.55 0.91
CA ALA W 346 15.66 17.89 0.24
C ALA W 346 14.54 17.63 1.25
N ASN W 347 13.31 17.87 0.82
CA ASN W 347 12.12 17.64 1.63
C ASN W 347 12.17 18.45 2.93
N VAL W 348 12.18 19.76 2.77
CA VAL W 348 12.17 20.67 3.92
C VAL W 348 10.75 21.14 4.24
N THR W 349 9.92 21.32 3.21
CA THR W 349 8.57 21.82 3.43
C THR W 349 7.75 20.90 4.32
N GLU W 350 7.84 19.59 4.08
CA GLU W 350 7.11 18.65 4.93
C GLU W 350 7.61 18.71 6.37
N THR W 351 8.93 18.80 6.55
CA THR W 351 9.49 18.92 7.89
C THR W 351 8.98 20.17 8.58
N VAL W 352 8.96 21.29 7.86
CA VAL W 352 8.49 22.54 8.43
C VAL W 352 7.02 22.46 8.80
N ALA W 353 6.20 21.85 7.95
CA ALA W 353 4.78 21.71 8.26
C ALA W 353 4.57 20.85 9.49
N LEU W 354 5.30 19.74 9.60
CA LEU W 354 5.20 18.90 10.79
C LEU W 354 5.60 19.67 12.04
N LEU W 355 6.68 20.44 11.96
CA LEU W 355 7.12 21.21 13.12
C LEU W 355 6.09 22.25 13.51
N PHE W 356 5.48 22.89 12.51
CA PHE W 356 4.43 23.88 12.79
C PHE W 356 3.25 23.24 13.50
N ALA W 357 2.83 22.07 13.03
CA ALA W 357 1.71 21.38 13.66
C ALA W 357 2.05 21.00 15.10
N GLU W 358 3.27 20.49 15.33
CA GLU W 358 3.67 20.13 16.69
C GLU W 358 3.68 21.35 17.59
N GLY W 359 4.20 22.47 17.11
CA GLY W 359 4.21 23.68 17.91
C GLY W 359 2.82 24.18 18.23
N LYS W 360 1.91 24.13 17.26
CA LYS W 360 0.55 24.57 17.51
C LYS W 360 -0.12 23.70 18.58
N ASP W 361 0.07 22.38 18.49
CA ASP W 361 -0.49 21.48 19.49
C ASP W 361 0.09 21.77 20.87
N GLU W 362 1.40 21.96 20.94
CA GLU W 362 2.06 22.25 22.21
C GLU W 362 1.54 23.55 22.82
N LEU W 363 1.37 24.59 22.00
CA LEU W 363 0.88 25.86 22.52
C LEU W 363 -0.57 25.74 23.00
N GLU W 364 -1.42 25.09 22.20
CA GLU W 364 -2.83 25.00 22.55
C GLU W 364 -3.04 24.19 23.83
N ALA W 365 -2.31 23.09 23.99
CA ALA W 365 -2.49 22.25 25.18
C ALA W 365 -2.18 23.03 26.45
N VAL W 366 -1.10 23.80 26.44
CA VAL W 366 -0.72 24.57 27.63
C VAL W 366 -1.70 25.72 27.85
N THR W 367 -2.09 26.41 26.77
CA THR W 367 -2.95 27.58 26.93
C THR W 367 -4.35 27.22 27.41
N LEU W 368 -4.88 26.08 26.95
CA LEU W 368 -6.22 25.67 27.33
C LEU W 368 -6.33 25.37 28.82
N THR W 369 -5.22 25.19 29.52
CA THR W 369 -5.23 24.87 30.94
C THR W 369 -4.66 26.00 31.79
N THR W 370 -3.44 26.45 31.52
CA THR W 370 -2.74 27.36 32.41
C THR W 370 -2.72 28.80 31.88
N GLY W 371 -3.11 29.01 30.63
CA GLY W 371 -3.01 30.34 30.05
C GLY W 371 -3.82 31.36 30.85
N THR W 372 -3.26 32.56 30.97
CA THR W 372 -3.84 33.63 31.78
C THR W 372 -4.74 34.49 30.92
N GLY W 373 -5.89 34.88 31.47
CA GLY W 373 -6.80 35.74 30.73
C GLY W 373 -6.22 37.12 30.47
N GLN W 374 -5.45 37.64 31.41
CA GLN W 374 -4.87 38.97 31.27
C GLN W 374 -3.85 38.98 30.14
N GLY W 375 -3.87 40.05 29.36
CA GLY W 375 -2.90 40.23 28.29
C GLY W 375 -3.51 39.86 26.94
N ASN W 376 -2.82 38.99 26.20
CA ASN W 376 -3.29 38.50 24.92
C ASN W 376 -3.64 37.02 24.93
N GLN W 377 -3.44 36.33 26.04
CA GLN W 377 -3.74 34.91 26.09
C GLN W 377 -5.19 34.68 26.52
N PRO W 378 -5.80 33.59 26.05
CA PRO W 378 -7.12 33.21 26.57
C PRO W 378 -7.03 32.79 28.03
N THR W 379 -8.20 32.64 28.65
CA THR W 379 -8.30 32.33 30.07
C THR W 379 -8.37 30.82 30.25
N GLY W 380 -7.41 30.26 31.00
CA GLY W 380 -7.41 28.84 31.28
C GLY W 380 -8.37 28.48 32.39
N ILE W 381 -8.57 27.17 32.55
CA ILE W 381 -9.47 26.69 33.59
C ILE W 381 -8.92 26.99 34.97
N VAL W 382 -7.62 26.82 35.19
CA VAL W 382 -7.06 27.00 36.52
C VAL W 382 -6.84 28.49 36.81
N THR W 383 -6.65 29.29 35.77
CA THR W 383 -6.42 30.71 35.98
C THR W 383 -7.67 31.41 36.49
N ALA W 384 -8.82 31.10 35.92
CA ALA W 384 -10.07 31.76 36.31
C ALA W 384 -10.65 31.22 37.61
N LEU W 385 -10.14 30.09 38.10
CA LEU W 385 -10.64 29.46 39.30
C LEU W 385 -9.79 29.77 40.52
N ALA W 386 -8.90 30.76 40.42
CA ALA W 386 -8.02 31.14 41.51
C ALA W 386 -8.57 32.38 42.21
N GLY W 387 -8.74 32.28 43.53
CA GLY W 387 -9.26 33.37 44.32
C GLY W 387 -10.76 33.42 44.43
N THR W 388 -11.49 32.58 43.69
CA THR W 388 -12.94 32.57 43.75
C THR W 388 -13.38 31.54 44.81
N ALA W 389 -14.67 31.22 44.82
CA ALA W 389 -15.22 30.29 45.80
C ALA W 389 -15.04 28.83 45.39
N ALA W 390 -14.28 28.55 44.34
CA ALA W 390 -14.04 27.20 43.89
C ALA W 390 -12.74 26.61 44.43
N GLU W 391 -12.06 27.33 45.30
CA GLU W 391 -10.78 26.89 45.85
C GLU W 391 -10.98 26.29 47.23
N ILE W 392 -10.41 25.11 47.46
CA ILE W 392 -10.55 24.38 48.70
C ILE W 392 -9.16 24.09 49.26
N ALA W 393 -9.03 24.19 50.57
CA ALA W 393 -7.76 23.90 51.21
C ALA W 393 -7.76 22.48 51.78
N PRO W 394 -6.61 21.81 51.79
CA PRO W 394 -6.56 20.44 52.32
C PRO W 394 -6.77 20.41 53.82
N VAL W 395 -7.14 19.23 54.31
CA VAL W 395 -7.42 19.06 55.74
C VAL W 395 -6.17 19.31 56.56
N THR W 396 -5.05 18.72 56.16
CA THR W 396 -3.77 18.88 56.84
C THR W 396 -2.81 19.60 55.90
N ALA W 397 -2.15 20.63 56.43
CA ALA W 397 -1.30 21.47 55.60
C ALA W 397 -0.15 20.67 55.00
N GLU W 398 0.15 20.96 53.72
CA GLU W 398 1.28 20.36 53.02
C GLU W 398 1.18 18.83 53.00
N THR W 399 -0.03 18.33 52.75
CA THR W 399 -0.25 16.88 52.72
C THR W 399 -1.45 16.57 51.84
N PHE W 400 -1.26 15.62 50.92
CA PHE W 400 -2.33 15.09 50.09
C PHE W 400 -2.75 13.73 50.65
N ALA W 401 -3.98 13.64 51.14
CA ALA W 401 -4.49 12.43 51.75
C ALA W 401 -5.72 11.94 50.99
N LEU W 402 -6.21 10.76 51.38
CA LEU W 402 -7.39 10.20 50.74
C LEU W 402 -8.62 11.07 50.98
N ALA W 403 -8.75 11.62 52.20
CA ALA W 403 -9.90 12.46 52.51
C ALA W 403 -9.97 13.70 51.64
N ASP W 404 -8.85 14.14 51.08
CA ASP W 404 -8.87 15.33 50.21
C ASP W 404 -9.70 15.09 48.97
N VAL W 405 -9.59 13.90 48.37
CA VAL W 405 -10.38 13.59 47.18
C VAL W 405 -11.86 13.61 47.49
N TYR W 406 -12.25 13.00 48.62
CA TYR W 406 -13.65 13.02 49.02
C TYR W 406 -14.12 14.44 49.30
N ALA W 407 -13.27 15.26 49.93
CA ALA W 407 -13.65 16.65 50.19
C ALA W 407 -13.87 17.41 48.89
N VAL W 408 -13.01 17.17 47.90
CA VAL W 408 -13.20 17.80 46.59
C VAL W 408 -14.53 17.36 45.98
N TYR W 409 -14.83 16.07 46.08
CA TYR W 409 -16.04 15.55 45.41
C TYR W 409 -17.32 16.04 46.06
N GLU W 410 -17.37 16.06 47.40
CA GLU W 410 -18.64 16.23 48.09
C GLU W 410 -19.07 17.68 48.28
N GLN W 411 -18.19 18.65 48.02
CA GLN W 411 -18.49 20.05 48.30
C GLN W 411 -19.05 20.79 47.09
N LEU W 412 -19.82 20.10 46.27
CA LEU W 412 -20.40 20.67 45.06
C LEU W 412 -21.90 20.43 45.05
N ALA W 413 -22.64 21.33 44.40
CA ALA W 413 -24.09 21.21 44.36
C ALA W 413 -24.50 19.95 43.59
N ALA W 414 -25.67 19.43 43.96
CA ALA W 414 -26.12 18.15 43.40
C ALA W 414 -26.47 18.28 41.92
N ARG W 415 -26.78 19.49 41.46
CA ARG W 415 -27.04 19.68 40.04
C ARG W 415 -25.82 19.37 39.20
N HIS W 416 -24.64 19.80 39.65
CA HIS W 416 -23.41 19.57 38.90
C HIS W 416 -22.66 18.33 39.36
N ARG W 417 -22.88 17.88 40.61
CA ARG W 417 -22.15 16.72 41.11
C ARG W 417 -22.51 15.46 40.35
N ARG W 418 -23.68 15.43 39.71
CA ARG W 418 -24.10 14.29 38.93
C ARG W 418 -23.58 14.34 37.49
N GLN W 419 -22.98 15.46 37.09
CA GLN W 419 -22.45 15.61 35.74
C GLN W 419 -20.98 15.94 35.69
N GLY W 420 -20.28 16.00 36.83
CA GLY W 420 -18.91 16.45 36.83
C GLY W 420 -17.95 15.44 36.26
N ALA W 421 -16.72 15.90 36.03
CA ALA W 421 -15.64 15.07 35.53
C ALA W 421 -14.34 15.46 36.23
N TRP W 422 -13.45 14.49 36.36
CA TRP W 422 -12.17 14.70 37.01
C TRP W 422 -11.12 15.14 35.99
N LEU W 423 -10.15 15.92 36.47
CA LEU W 423 -9.06 16.39 35.63
C LEU W 423 -7.85 16.66 36.51
N ALA W 424 -6.76 15.96 36.24
CA ALA W 424 -5.53 16.13 37.02
C ALA W 424 -4.38 15.50 36.26
N ASN W 425 -3.17 15.76 36.74
CA ASN W 425 -1.98 15.14 36.16
C ASN W 425 -1.93 13.65 36.50
N ASN W 426 -1.18 12.91 35.68
CA ASN W 426 -1.04 11.48 35.89
C ASN W 426 -0.33 11.15 37.18
N LEU W 427 0.61 12.00 37.61
CA LEU W 427 1.37 11.74 38.82
C LEU W 427 0.48 11.78 40.05
N ILE W 428 -0.46 12.73 40.10
CA ILE W 428 -1.41 12.77 41.20
C ILE W 428 -2.29 11.54 41.19
N TYR W 429 -2.65 11.06 40.01
CA TYR W 429 -3.43 9.82 39.91
C TYR W 429 -2.65 8.65 40.47
N ASN W 430 -1.34 8.59 40.18
CA ASN W 430 -0.52 7.52 40.73
C ASN W 430 -0.42 7.62 42.25
N LYS W 431 -0.32 8.83 42.79
CA LYS W 431 -0.37 8.99 44.24
C LYS W 431 -1.69 8.48 44.81
N ILE W 432 -2.79 8.77 44.12
CA ILE W 432 -4.08 8.21 44.55
C ILE W 432 -4.02 6.69 44.53
N ARG W 433 -3.34 6.13 43.52
CA ARG W 433 -3.26 4.69 43.35
C ARG W 433 -2.50 4.00 44.48
N GLN W 434 -1.74 4.75 45.28
CA GLN W 434 -0.94 4.17 46.36
C GLN W 434 -1.59 4.32 47.73
N PHE W 435 -2.80 4.87 47.81
CA PHE W 435 -3.43 5.06 49.12
C PHE W 435 -3.80 3.77 49.82
N ASP W 436 -3.81 2.64 49.11
CA ASP W 436 -4.21 1.36 49.68
C ASP W 436 -2.99 0.52 49.99
N THR W 437 -3.00 -0.09 51.18
CA THR W 437 -1.91 -0.95 51.60
C THR W 437 -2.44 -2.30 52.05
N GLN W 438 -3.64 -2.32 52.61
CA GLN W 438 -4.20 -3.52 53.20
C GLN W 438 -5.46 -4.01 52.50
N GLY W 439 -5.95 -3.30 51.48
CA GLY W 439 -7.09 -3.75 50.73
C GLY W 439 -8.42 -3.26 51.29
N GLY W 440 -8.44 -2.01 51.76
CA GLY W 440 -9.65 -1.46 52.33
C GLY W 440 -10.54 -0.77 51.31
N ALA W 441 -11.07 0.39 51.66
CA ALA W 441 -11.91 1.15 50.76
C ALA W 441 -11.10 1.98 49.76
N GLY W 442 -9.80 2.10 49.97
CA GLY W 442 -8.96 2.85 49.07
C GLY W 442 -8.44 2.10 47.88
N LEU W 443 -8.86 0.85 47.70
CA LEU W 443 -8.37 0.05 46.58
C LEU W 443 -9.01 0.55 45.29
N TRP W 444 -8.19 1.10 44.40
CA TRP W 444 -8.64 1.50 43.07
C TRP W 444 -8.44 0.39 42.05
N THR W 445 -7.20 -0.06 41.88
CA THR W 445 -6.89 -1.21 41.03
C THR W 445 -5.53 -1.75 41.44
N THR W 446 -5.39 -3.07 41.33
CA THR W 446 -4.15 -3.72 41.72
C THR W 446 -3.03 -3.37 40.74
N ILE W 447 -1.79 -3.47 41.23
CA ILE W 447 -0.65 -3.21 40.36
C ILE W 447 -0.60 -4.25 39.26
N GLY W 448 -0.25 -3.81 38.05
CA GLY W 448 -0.32 -4.65 36.88
C GLY W 448 -1.47 -4.36 35.96
N ASN W 449 -2.30 -3.36 36.27
CA ASN W 449 -3.43 -2.97 35.43
C ASN W 449 -3.29 -1.51 35.05
N GLY W 450 -3.90 -1.16 33.92
CA GLY W 450 -3.81 0.20 33.41
C GLY W 450 -4.59 1.19 34.25
N GLU W 451 -4.53 2.45 33.83
CA GLU W 451 -5.20 3.51 34.55
C GLU W 451 -6.71 3.31 34.47
N PRO W 452 -7.43 3.33 35.59
CA PRO W 452 -8.88 3.17 35.54
C PRO W 452 -9.55 4.31 34.79
N SER W 453 -10.67 4.00 34.17
CA SER W 453 -11.42 4.98 33.39
C SER W 453 -12.50 5.68 34.19
N GLN W 454 -12.75 5.27 35.44
CA GLN W 454 -13.74 5.95 36.27
C GLN W 454 -13.22 6.05 37.68
N LEU W 455 -13.45 7.20 38.31
CA LEU W 455 -13.17 7.44 39.71
C LEU W 455 -14.44 7.91 40.38
N LEU W 456 -14.86 7.21 41.43
CA LEU W 456 -16.14 7.47 42.09
C LEU W 456 -17.29 7.38 41.09
N GLY W 457 -17.15 6.48 40.11
CA GLY W 457 -18.15 6.32 39.08
C GLY W 457 -18.32 7.52 38.18
N ARG W 458 -17.26 8.27 37.94
CA ARG W 458 -17.29 9.44 37.07
C ARG W 458 -16.10 9.39 36.12
N PRO W 459 -16.22 10.01 34.95
CA PRO W 459 -15.13 9.93 33.96
C PRO W 459 -13.84 10.58 34.44
N VAL W 460 -12.75 10.14 33.84
CA VAL W 460 -11.39 10.53 34.23
C VAL W 460 -10.73 11.24 33.05
N GLY W 461 -10.04 12.34 33.35
CA GLY W 461 -9.29 13.06 32.35
C GLY W 461 -7.86 13.29 32.81
N GLU W 462 -7.00 13.60 31.85
CA GLU W 462 -5.59 13.85 32.11
C GLU W 462 -5.14 15.11 31.39
N ALA W 463 -4.20 15.83 32.01
CA ALA W 463 -3.65 17.05 31.42
C ALA W 463 -2.25 17.25 31.98
N GLU W 464 -1.24 17.18 31.12
CA GLU W 464 0.13 17.30 31.58
C GLU W 464 0.43 18.70 32.11
N ALA W 465 -0.15 19.73 31.48
CA ALA W 465 0.17 21.09 31.86
C ALA W 465 -0.52 21.49 33.16
N MET W 466 -0.28 20.72 34.22
CA MET W 466 -0.84 20.99 35.53
C MET W 466 0.21 20.62 36.57
N ASP W 467 0.18 21.33 37.70
CA ASP W 467 1.18 21.12 38.75
C ASP W 467 1.10 19.69 39.29
N ALA W 468 2.25 19.14 39.61
CA ALA W 468 2.31 17.75 40.10
C ALA W 468 3.14 17.57 41.36
N ASN W 469 3.97 18.54 41.76
CA ASN W 469 4.83 18.38 42.91
C ASN W 469 4.84 19.68 43.70
N TRP W 470 4.27 19.65 44.90
CA TRP W 470 4.29 20.81 45.78
C TRP W 470 5.59 20.90 46.57
N ASN W 471 6.47 19.92 46.45
CA ASN W 471 7.74 19.91 47.17
C ASN W 471 8.89 20.48 46.34
N THR W 472 9.09 19.96 45.13
CA THR W 472 10.18 20.46 44.29
C THR W 472 9.88 21.86 43.77
N SER W 473 8.61 22.15 43.50
CA SER W 473 8.25 23.46 42.97
C SER W 473 8.47 24.54 44.01
N ALA W 474 8.81 25.74 43.54
CA ALA W 474 9.02 26.89 44.40
C ALA W 474 7.83 27.85 44.38
N SER W 475 6.67 27.37 43.94
CA SER W 475 5.46 28.18 43.86
C SER W 475 4.54 27.85 45.02
N ALA W 476 4.01 28.89 45.68
CA ALA W 476 3.10 28.69 46.79
C ALA W 476 1.82 27.99 46.33
N ASP W 477 1.27 28.41 45.20
CA ASP W 477 0.06 27.82 44.66
C ASP W 477 0.38 26.51 43.96
N ASN W 478 -0.28 25.43 44.38
CA ASN W 478 0.02 24.09 43.88
C ASN W 478 -1.27 23.35 43.55
N PHE W 479 -2.14 23.98 42.76
CA PHE W 479 -3.38 23.36 42.33
C PHE W 479 -3.09 22.02 41.64
N VAL W 480 -3.70 20.96 42.14
CA VAL W 480 -3.40 19.60 41.72
C VAL W 480 -4.63 18.86 41.19
N LEU W 481 -5.76 18.94 41.90
CA LEU W 481 -6.94 18.18 41.57
C LEU W 481 -8.11 19.12 41.28
N LEU W 482 -8.87 18.79 40.24
CA LEU W 482 -10.01 19.59 39.83
C LEU W 482 -11.17 18.69 39.44
N TYR W 483 -12.38 19.10 39.78
CA TYR W 483 -13.58 18.35 39.48
C TYR W 483 -14.76 19.31 39.37
N GLY W 484 -15.67 19.00 38.46
CA GLY W 484 -16.86 19.82 38.30
C GLY W 484 -17.47 19.65 36.93
N ASN W 485 -18.57 20.38 36.71
CA ASN W 485 -19.29 20.33 35.45
C ASN W 485 -18.55 21.14 34.40
N PHE W 486 -17.99 20.46 33.41
CA PHE W 486 -17.19 21.12 32.38
C PHE W 486 -18.03 21.74 31.28
N GLN W 487 -19.35 21.55 31.30
CA GLN W 487 -20.21 22.22 30.33
C GLN W 487 -20.19 23.73 30.51
N ASN W 488 -19.72 24.23 31.65
CA ASN W 488 -19.65 25.66 31.91
C ASN W 488 -18.37 26.28 31.37
N TYR W 489 -17.50 25.50 30.74
CA TYR W 489 -16.30 26.03 30.10
C TYR W 489 -16.54 26.06 28.60
N VAL W 490 -16.47 27.25 28.02
CA VAL W 490 -16.84 27.48 26.62
C VAL W 490 -15.59 27.87 25.84
N ILE W 491 -15.38 27.21 24.71
CA ILE W 491 -14.29 27.53 23.80
C ILE W 491 -14.88 27.94 22.46
N ALA W 492 -14.50 29.12 21.97
CA ALA W 492 -14.96 29.64 20.71
C ALA W 492 -13.84 29.55 19.68
N ASP W 493 -14.15 28.97 18.52
CA ASP W 493 -13.19 28.80 17.44
C ASP W 493 -13.58 29.70 16.28
N ARG W 494 -12.64 30.50 15.80
CA ARG W 494 -12.89 31.40 14.69
C ARG W 494 -12.29 30.96 13.37
N ILE W 495 -11.07 30.44 13.37
CA ILE W 495 -10.43 29.99 12.14
C ILE W 495 -9.35 28.97 12.50
N GLY W 496 -9.12 28.04 11.58
CA GLY W 496 -8.14 26.99 11.80
C GLY W 496 -6.73 27.44 11.45
N MET W 497 -5.79 26.50 11.60
CA MET W 497 -4.40 26.79 11.32
C MET W 497 -4.16 26.91 9.82
N THR W 498 -3.71 28.08 9.38
CA THR W 498 -3.43 28.36 7.98
C THR W 498 -1.99 28.80 7.85
N VAL W 499 -1.31 28.34 6.80
CA VAL W 499 0.09 28.67 6.54
C VAL W 499 0.18 29.37 5.20
N GLU W 500 0.87 30.51 5.17
CA GLU W 500 1.06 31.28 3.95
C GLU W 500 2.55 31.41 3.66
N PHE W 501 2.88 31.39 2.38
CA PHE W 501 4.27 31.37 1.92
C PHE W 501 4.60 32.73 1.31
N ILE W 502 5.50 33.46 1.96
CA ILE W 502 5.97 34.74 1.45
C ILE W 502 7.16 34.47 0.53
N PRO W 503 7.13 34.94 -0.72
CA PRO W 503 8.18 34.56 -1.67
C PRO W 503 9.44 35.41 -1.58
N HIS W 504 9.45 36.51 -0.85
CA HIS W 504 10.61 37.37 -0.78
C HIS W 504 10.65 38.10 0.55
N LEU W 505 11.82 38.13 1.18
CA LEU W 505 12.07 38.96 2.34
C LEU W 505 13.11 40.02 2.00
N PHE W 506 12.96 41.19 2.61
CA PHE W 506 13.80 42.34 2.31
C PHE W 506 14.76 42.62 3.45
N GLY W 507 15.80 43.39 3.13
CA GLY W 507 16.82 43.78 4.09
C GLY W 507 16.51 45.09 4.75
N THR W 508 17.54 45.68 5.38
CA THR W 508 17.36 46.94 6.08
C THR W 508 16.98 48.06 5.11
N ASN W 509 17.68 48.15 3.98
CA ASN W 509 17.39 49.21 3.01
C ASN W 509 16.41 48.75 1.94
N ARG W 510 15.33 48.11 2.36
CA ARG W 510 14.20 47.77 1.50
C ARG W 510 14.66 47.04 0.23
N ARG W 511 15.62 46.14 0.37
CA ARG W 511 16.13 45.39 -0.76
C ARG W 511 16.21 43.91 -0.42
N PRO W 512 16.14 43.04 -1.43
CA PRO W 512 16.19 41.60 -1.18
C PRO W 512 17.52 41.19 -0.56
N ASN W 513 17.46 40.17 0.31
CA ASN W 513 18.65 39.57 0.88
C ASN W 513 18.79 38.09 0.52
N GLY W 514 17.86 37.54 -0.25
CA GLY W 514 17.93 36.15 -0.64
C GLY W 514 17.42 35.20 0.42
N SER W 515 16.23 35.49 0.96
CA SER W 515 15.64 34.66 1.99
C SER W 515 14.14 34.54 1.74
N ARG W 516 13.57 33.47 2.30
CA ARG W 516 12.14 33.20 2.20
C ARG W 516 11.65 32.75 3.57
N GLY W 517 10.33 32.79 3.77
CA GLY W 517 9.76 32.43 5.05
C GLY W 517 8.38 31.83 4.95
N TRP W 518 7.94 31.23 6.04
CA TRP W 518 6.60 30.68 6.18
C TRP W 518 5.88 31.40 7.31
N PHE W 519 4.65 31.82 7.04
CA PHE W 519 3.83 32.52 8.02
C PHE W 519 2.57 31.70 8.31
N ALA W 520 2.34 31.41 9.59
CA ALA W 520 1.18 30.65 10.01
C ALA W 520 0.55 31.32 11.23
N TYR W 521 -0.78 31.31 11.28
CA TYR W 521 -1.49 31.93 12.37
C TYR W 521 -2.77 31.15 12.66
N TYR W 522 -3.32 31.36 13.84
CA TYR W 522 -4.47 30.59 14.31
C TYR W 522 -5.14 31.35 15.46
N ARG W 523 -6.47 31.37 15.45
CA ARG W 523 -7.24 32.18 16.38
C ARG W 523 -8.20 31.29 17.18
N MET W 524 -8.32 31.60 18.46
CA MET W 524 -9.18 30.84 19.38
C MET W 524 -9.43 31.72 20.60
N GLY W 525 -10.44 31.36 21.40
CA GLY W 525 -10.71 32.03 22.65
C GLY W 525 -11.50 31.13 23.57
N ALA W 526 -11.27 31.29 24.87
CA ALA W 526 -11.90 30.41 25.84
C ALA W 526 -11.98 31.09 27.20
N ASP W 527 -13.01 30.74 27.96
CA ASP W 527 -13.20 31.20 29.33
C ASP W 527 -14.28 30.39 30.02
N VAL W 528 -14.47 30.61 31.32
CA VAL W 528 -15.48 29.91 32.11
C VAL W 528 -16.58 30.89 32.48
N VAL W 529 -17.82 30.43 32.39
CA VAL W 529 -18.98 31.31 32.58
C VAL W 529 -19.55 31.15 33.97
N ASN W 530 -19.29 30.00 34.62
CA ASN W 530 -19.82 29.72 35.95
C ASN W 530 -18.68 29.30 36.87
N PRO W 531 -18.19 30.20 37.73
CA PRO W 531 -17.06 29.86 38.62
C PRO W 531 -17.42 28.95 39.77
N ASN W 532 -18.71 28.77 40.08
CA ASN W 532 -19.13 27.98 41.23
C ASN W 532 -19.44 26.54 40.88
N ALA W 533 -19.26 26.13 39.62
CA ALA W 533 -19.56 24.78 39.20
C ALA W 533 -18.37 23.83 39.30
N PHE W 534 -17.25 24.30 39.84
CA PHE W 534 -16.05 23.47 39.97
C PHE W 534 -15.56 23.50 41.41
N ARG W 535 -14.57 22.67 41.69
CA ARG W 535 -13.95 22.63 43.02
C ARG W 535 -12.47 22.34 42.83
N LEU W 536 -11.64 23.36 43.03
CA LEU W 536 -10.20 23.24 42.86
C LEU W 536 -9.51 23.15 44.21
N LEU W 537 -8.51 22.28 44.29
CA LEU W 537 -7.77 22.03 45.52
C LEU W 537 -6.39 22.67 45.41
N ASN W 538 -6.04 23.49 46.39
CA ASN W 538 -4.75 24.18 46.41
C ASN W 538 -3.96 23.69 47.62
N VAL W 539 -2.90 22.94 47.36
CA VAL W 539 -2.01 22.47 48.43
C VAL W 539 -0.94 23.54 48.58
N GLU W 540 -1.29 24.59 49.32
CA GLU W 540 -0.38 25.71 49.50
C GLU W 540 0.76 25.28 50.43
N THR W 541 1.99 25.63 50.06
CA THR W 541 3.19 25.14 50.73
C THR W 541 4.09 26.30 51.14
N ALA W 542 3.52 27.29 51.83
CA ALA W 542 4.31 28.40 52.35
C ALA W 542 5.36 27.89 53.34
N SER W 543 6.64 28.15 53.04
CA SER W 543 7.77 27.74 53.87
C SER W 543 7.72 26.24 54.20
N MET X 251 -60.27 125.76 -81.56
CA MET X 251 -61.43 124.97 -81.16
C MET X 251 -61.07 124.07 -79.98
N GLY X 252 -61.37 124.51 -78.77
CA GLY X 252 -61.01 123.79 -77.56
C GLY X 252 -62.20 123.61 -76.63
N LEU X 253 -61.94 123.77 -75.35
CA LEU X 253 -62.96 123.61 -74.32
C LEU X 253 -63.73 124.89 -74.02
N THR X 254 -63.32 126.02 -74.59
CA THR X 254 -64.06 127.26 -74.43
C THR X 254 -65.46 127.10 -75.02
N LYS X 255 -66.46 127.64 -74.32
CA LYS X 255 -67.84 127.46 -74.72
C LYS X 255 -68.07 127.91 -76.15
N ALA X 256 -67.66 129.14 -76.48
CA ALA X 256 -67.86 129.66 -77.83
C ALA X 256 -67.11 128.83 -78.86
N ASP X 257 -65.91 128.35 -78.52
CA ASP X 257 -65.10 127.55 -79.43
C ASP X 257 -65.53 126.09 -79.37
N GLY X 258 -66.80 125.86 -79.71
CA GLY X 258 -67.33 124.50 -79.76
C GLY X 258 -67.28 123.77 -78.44
N GLY X 259 -67.48 124.48 -77.33
CA GLY X 259 -67.50 123.88 -76.02
C GLY X 259 -68.89 123.64 -75.45
N TYR X 260 -69.94 123.92 -76.23
CA TYR X 260 -71.29 123.62 -75.81
C TYR X 260 -71.68 122.17 -76.06
N LEU X 261 -70.81 121.40 -76.70
CA LEU X 261 -71.12 120.02 -77.07
C LEU X 261 -70.73 119.01 -75.99
N VAL X 262 -70.03 119.42 -74.94
CA VAL X 262 -69.64 118.48 -73.89
C VAL X 262 -70.87 118.16 -73.03
N PRO X 263 -71.06 116.91 -72.61
CA PRO X 263 -72.18 116.60 -71.71
C PRO X 263 -71.96 117.17 -70.33
N PHE X 264 -73.07 117.33 -69.60
CA PHE X 264 -73.02 117.75 -68.20
C PHE X 264 -73.07 116.54 -67.29
N GLN X 265 -72.14 116.46 -66.35
CA GLN X 265 -72.06 115.34 -65.42
C GLN X 265 -72.34 115.81 -64.00
N LEU X 266 -73.22 115.10 -63.31
CA LEU X 266 -73.58 115.43 -61.93
C LEU X 266 -74.15 114.19 -61.27
N ASP X 267 -73.78 113.97 -60.01
CA ASP X 267 -74.32 112.86 -59.25
C ASP X 267 -75.45 113.36 -58.35
N PRO X 268 -76.65 112.82 -58.48
CA PRO X 268 -77.79 113.38 -57.72
C PRO X 268 -77.66 113.23 -56.22
N THR X 269 -76.82 112.33 -55.72
CA THR X 269 -76.70 112.15 -54.28
C THR X 269 -76.14 113.40 -53.63
N VAL X 270 -76.60 113.67 -52.41
CA VAL X 270 -76.25 114.87 -51.67
C VAL X 270 -75.29 114.51 -50.54
N ILE X 271 -74.36 115.41 -50.25
CA ILE X 271 -73.39 115.23 -49.18
C ILE X 271 -73.79 116.15 -48.04
N ILE X 272 -74.06 115.56 -46.87
CA ILE X 272 -74.43 116.35 -45.70
C ILE X 272 -73.16 116.91 -45.07
N THR X 273 -73.14 118.21 -44.83
CA THR X 273 -71.99 118.91 -44.27
C THR X 273 -72.31 119.45 -42.88
N SER X 274 -73.01 118.67 -42.07
CA SER X 274 -73.31 119.02 -40.70
C SER X 274 -72.63 118.03 -39.76
N ASN X 275 -72.01 118.56 -38.71
CA ASN X 275 -71.32 117.70 -37.77
C ASN X 275 -72.28 116.79 -37.02
N GLY X 276 -73.40 117.34 -36.56
CA GLY X 276 -74.34 116.57 -35.76
C GLY X 276 -73.80 116.29 -34.38
N SER X 277 -74.52 115.44 -33.65
CA SER X 277 -74.09 115.02 -32.33
C SER X 277 -74.56 113.60 -32.08
N LEU X 278 -73.71 112.81 -31.42
CA LEU X 278 -74.01 111.43 -31.08
C LEU X 278 -74.16 111.32 -29.58
N ASN X 279 -75.28 110.77 -29.13
CA ASN X 279 -75.57 110.68 -27.71
C ASN X 279 -76.06 109.28 -27.38
N ASP X 280 -75.69 108.80 -26.20
CA ASP X 280 -76.11 107.49 -25.72
C ASP X 280 -77.09 107.57 -24.56
N ILE X 281 -77.65 108.75 -24.29
CA ILE X 281 -78.48 108.92 -23.10
C ILE X 281 -79.79 108.15 -23.26
N ARG X 282 -80.35 108.14 -24.47
CA ARG X 282 -81.65 107.49 -24.66
C ARG X 282 -81.57 105.97 -24.52
N ARG X 283 -80.38 105.39 -24.64
CA ARG X 283 -80.23 103.95 -24.48
C ARG X 283 -80.22 103.51 -23.02
N PHE X 284 -79.88 104.43 -22.10
CA PHE X 284 -79.83 104.10 -20.68
C PHE X 284 -80.99 104.66 -19.88
N ALA X 285 -81.60 105.76 -20.32
CA ALA X 285 -82.66 106.41 -19.56
C ALA X 285 -83.94 105.58 -19.61
N ARG X 286 -84.95 106.07 -18.89
CA ARG X 286 -86.25 105.43 -18.83
C ARG X 286 -87.28 106.31 -19.53
N GLN X 287 -87.99 105.73 -20.49
CA GLN X 287 -88.95 106.47 -21.31
C GLN X 287 -90.37 106.12 -20.89
N VAL X 288 -91.20 107.15 -20.75
CA VAL X 288 -92.60 107.00 -20.39
C VAL X 288 -93.44 107.81 -21.37
N VAL X 289 -94.72 107.46 -21.46
CA VAL X 289 -95.66 108.14 -22.34
C VAL X 289 -96.49 109.10 -21.51
N ALA X 290 -96.73 110.28 -22.06
CA ALA X 290 -97.54 111.31 -21.41
C ALA X 290 -98.90 111.41 -22.08
N THR X 291 -99.88 111.86 -21.31
CA THR X 291 -101.24 112.04 -21.80
C THR X 291 -101.71 113.49 -21.84
N GLY X 292 -101.22 114.33 -20.93
CA GLY X 292 -101.59 115.73 -20.92
C GLY X 292 -100.40 116.64 -21.16
N ASP X 293 -100.05 117.47 -20.18
CA ASP X 293 -98.91 118.35 -20.29
C ASP X 293 -97.89 118.20 -19.17
N VAL X 294 -98.28 117.63 -18.03
CA VAL X 294 -97.37 117.46 -16.89
C VAL X 294 -97.51 116.02 -16.38
N TRP X 295 -96.39 115.38 -16.09
CA TRP X 295 -96.36 114.01 -15.60
C TRP X 295 -95.98 114.00 -14.13
N HIS X 296 -96.84 113.43 -13.30
CA HIS X 296 -96.65 113.44 -11.85
C HIS X 296 -96.39 112.02 -11.35
N GLY X 297 -95.39 111.89 -10.48
CA GLY X 297 -95.08 110.63 -9.87
C GLY X 297 -94.94 110.79 -8.36
N VAL X 298 -94.70 109.68 -7.68
CA VAL X 298 -94.64 109.67 -6.22
C VAL X 298 -93.37 108.96 -5.77
N SER X 299 -92.77 109.47 -4.69
CA SER X 299 -91.58 108.88 -4.10
C SER X 299 -91.74 108.85 -2.58
N SER X 300 -91.03 107.92 -1.95
CA SER X 300 -91.15 107.75 -0.50
C SER X 300 -89.88 107.11 0.04
N ALA X 301 -89.91 106.73 1.31
CA ALA X 301 -88.79 106.06 1.96
C ALA X 301 -89.28 104.77 2.63
N ALA X 302 -88.40 104.13 3.39
CA ALA X 302 -88.69 102.84 4.00
C ALA X 302 -89.27 103.00 5.40
N VAL X 303 -90.07 102.02 5.81
CA VAL X 303 -90.62 102.01 7.16
C VAL X 303 -89.53 101.65 8.15
N GLN X 304 -89.45 102.42 9.23
CA GLN X 304 -88.40 102.25 10.23
C GLN X 304 -88.81 101.21 11.26
N TRP X 305 -88.01 100.16 11.41
CA TRP X 305 -88.27 99.11 12.37
C TRP X 305 -87.41 99.34 13.62
N SER X 306 -87.65 98.52 14.65
CA SER X 306 -86.86 98.57 15.86
C SER X 306 -87.00 97.24 16.59
N TRP X 307 -86.02 96.97 17.46
CA TRP X 307 -86.01 95.74 18.25
C TRP X 307 -86.61 96.04 19.62
N ASP X 308 -87.70 95.36 19.95
CA ASP X 308 -88.41 95.56 21.20
C ASP X 308 -88.43 94.27 22.02
N ALA X 309 -88.56 94.44 23.33
CA ALA X 309 -88.63 93.30 24.24
C ALA X 309 -90.08 92.80 24.31
N GLU X 310 -90.34 91.90 25.26
CA GLU X 310 -91.69 91.37 25.44
C GLU X 310 -92.56 92.40 26.14
N PHE X 311 -93.82 92.48 25.70
CA PHE X 311 -94.82 93.39 26.29
C PHE X 311 -94.37 94.84 26.22
N GLU X 312 -93.88 95.25 25.05
CA GLU X 312 -93.54 96.64 24.79
C GLU X 312 -94.35 97.15 23.60
N GLU X 313 -94.89 98.36 23.73
CA GLU X 313 -95.68 98.95 22.67
C GLU X 313 -94.79 99.44 21.54
N VAL X 314 -95.35 99.48 20.34
CA VAL X 314 -94.61 99.88 19.16
C VAL X 314 -94.59 101.40 19.04
N SER X 315 -93.74 101.89 18.15
CA SER X 315 -93.65 103.32 17.86
C SER X 315 -94.37 103.62 16.54
N ASP X 316 -94.71 104.89 16.37
CA ASP X 316 -95.34 105.35 15.14
C ASP X 316 -94.29 105.48 14.05
N ASP X 317 -94.45 104.75 12.96
CA ASP X 317 -93.43 104.63 11.93
C ASP X 317 -93.98 104.99 10.55
N SER X 318 -94.75 106.06 10.47
CA SER X 318 -95.32 106.47 9.19
C SER X 318 -94.23 107.04 8.29
N PRO X 319 -94.17 106.63 7.03
CA PRO X 319 -93.14 107.14 6.12
C PRO X 319 -93.55 108.50 5.57
N GLU X 320 -92.62 109.11 4.83
CA GLU X 320 -92.83 110.43 4.23
C GLU X 320 -92.79 110.31 2.71
N PHE X 321 -93.64 111.09 2.04
CA PHE X 321 -93.85 110.98 0.61
C PHE X 321 -93.45 112.25 -0.12
N GLY X 322 -92.98 112.07 -1.36
CA GLY X 322 -92.66 113.19 -2.23
C GLY X 322 -93.30 112.98 -3.59
N GLN X 323 -93.21 114.02 -4.42
CA GLN X 323 -93.88 114.02 -5.72
C GLN X 323 -93.03 114.79 -6.73
N PRO X 324 -92.29 114.09 -7.58
CA PRO X 324 -91.61 114.77 -8.69
C PRO X 324 -92.60 115.25 -9.74
N GLU X 325 -92.16 116.23 -10.52
CA GLU X 325 -93.01 116.86 -11.52
C GLU X 325 -92.20 117.13 -12.78
N ILE X 326 -92.81 116.88 -13.94
CA ILE X 326 -92.14 117.07 -15.22
C ILE X 326 -93.05 117.80 -16.20
N PRO X 327 -92.66 118.98 -16.68
CA PRO X 327 -93.44 119.67 -17.71
C PRO X 327 -93.05 119.21 -19.11
N VAL X 328 -93.85 119.63 -20.09
CA VAL X 328 -93.69 119.25 -21.48
C VAL X 328 -93.57 120.51 -22.33
N LYS X 329 -92.60 120.53 -23.24
CA LYS X 329 -92.34 121.67 -24.10
C LYS X 329 -92.55 121.27 -25.56
N LYS X 330 -92.25 122.19 -26.47
CA LYS X 330 -92.48 121.99 -27.90
C LYS X 330 -91.35 122.56 -28.73
N ALA X 331 -91.09 121.93 -29.87
CA ALA X 331 -90.12 122.43 -30.84
C ALA X 331 -90.74 122.29 -32.22
N GLN X 332 -90.31 123.15 -33.14
CA GLN X 332 -90.90 123.14 -34.48
C GLN X 332 -89.96 123.80 -35.48
N GLY X 333 -90.19 123.49 -36.75
CA GLY X 333 -89.43 124.09 -37.84
C GLY X 333 -90.25 124.06 -39.11
N PHE X 334 -89.97 125.03 -39.98
CA PHE X 334 -90.83 125.24 -41.14
C PHE X 334 -89.98 125.63 -42.35
N VAL X 335 -90.36 125.11 -43.52
CA VAL X 335 -89.66 125.39 -44.77
C VAL X 335 -90.67 125.68 -45.86
N PRO X 336 -90.73 126.90 -46.38
CA PRO X 336 -91.64 127.20 -47.50
C PRO X 336 -90.95 127.00 -48.85
N ILE X 337 -91.68 126.36 -49.77
CA ILE X 337 -91.16 126.04 -51.09
C ILE X 337 -92.13 126.54 -52.14
N SER X 338 -91.61 126.77 -53.34
CA SER X 338 -92.41 127.21 -54.47
C SER X 338 -92.94 126.00 -55.25
N ILE X 339 -94.03 126.23 -55.97
CA ILE X 339 -94.62 125.18 -56.79
C ILE X 339 -93.67 124.78 -57.90
N GLU X 340 -93.04 125.77 -58.55
CA GLU X 340 -92.17 125.51 -59.68
C GLU X 340 -90.98 124.66 -59.25
N ALA X 341 -90.34 125.03 -58.15
CA ALA X 341 -89.22 124.22 -57.65
C ALA X 341 -89.69 122.84 -57.21
N LEU X 342 -90.90 122.77 -56.64
CA LEU X 342 -91.41 121.48 -56.19
C LEU X 342 -91.61 120.52 -57.35
N GLN X 343 -92.12 121.00 -58.49
CA GLN X 343 -92.34 120.11 -59.63
C GLN X 343 -91.13 119.97 -60.53
N ASP X 344 -90.12 120.83 -60.39
CA ASP X 344 -88.95 120.73 -61.27
C ASP X 344 -87.80 119.98 -60.61
N GLU X 345 -87.39 120.40 -59.41
CA GLU X 345 -86.28 119.73 -58.74
C GLU X 345 -86.65 118.29 -58.41
N ALA X 346 -85.72 117.37 -58.65
CA ALA X 346 -86.00 115.95 -58.57
C ALA X 346 -85.72 115.43 -57.17
N ASN X 347 -86.66 114.65 -56.64
CA ASN X 347 -86.50 113.95 -55.36
C ASN X 347 -86.17 114.93 -54.23
N VAL X 348 -87.09 115.85 -53.98
CA VAL X 348 -86.90 116.83 -52.92
C VAL X 348 -87.61 116.42 -51.64
N THR X 349 -88.70 115.66 -51.75
CA THR X 349 -89.45 115.25 -50.57
C THR X 349 -88.60 114.39 -49.65
N GLU X 350 -87.95 113.36 -50.20
CA GLU X 350 -87.11 112.50 -49.38
C GLU X 350 -85.89 113.26 -48.86
N THR X 351 -85.34 114.16 -49.69
CA THR X 351 -84.18 114.93 -49.27
C THR X 351 -84.51 115.79 -48.05
N VAL X 352 -85.64 116.49 -48.10
CA VAL X 352 -86.01 117.35 -46.98
C VAL X 352 -86.45 116.52 -45.78
N ALA X 353 -87.04 115.35 -46.00
CA ALA X 353 -87.36 114.48 -44.87
C ALA X 353 -86.10 114.05 -44.14
N LEU X 354 -85.05 113.70 -44.90
CA LEU X 354 -83.78 113.35 -44.28
C LEU X 354 -83.17 114.54 -43.56
N LEU X 355 -83.25 115.72 -44.15
CA LEU X 355 -82.73 116.92 -43.47
C LEU X 355 -83.48 117.19 -42.18
N PHE X 356 -84.81 117.05 -42.20
CA PHE X 356 -85.62 117.24 -40.99
C PHE X 356 -85.21 116.25 -39.91
N ALA X 357 -85.05 114.98 -40.29
CA ALA X 357 -84.68 113.96 -39.31
C ALA X 357 -83.31 114.27 -38.70
N GLU X 358 -82.34 114.65 -39.52
CA GLU X 358 -81.02 114.99 -39.00
C GLU X 358 -81.09 116.16 -38.04
N GLY X 359 -81.84 117.20 -38.41
CA GLY X 359 -81.95 118.36 -37.54
C GLY X 359 -82.60 118.04 -36.22
N LYS X 360 -83.68 117.25 -36.26
CA LYS X 360 -84.36 116.86 -35.03
C LYS X 360 -83.43 116.06 -34.13
N ASP X 361 -82.71 115.11 -34.70
CA ASP X 361 -81.79 114.30 -33.91
C ASP X 361 -80.71 115.16 -33.28
N GLU X 362 -80.14 116.08 -34.07
CA GLU X 362 -79.07 116.93 -33.56
C GLU X 362 -79.56 117.82 -32.43
N LEU X 363 -80.75 118.40 -32.57
CA LEU X 363 -81.29 119.25 -31.51
C LEU X 363 -81.59 118.43 -30.26
N GLU X 364 -82.21 117.26 -30.43
CA GLU X 364 -82.62 116.47 -29.27
C GLU X 364 -81.41 115.99 -28.48
N ALA X 365 -80.36 115.52 -29.17
CA ALA X 365 -79.19 115.02 -28.46
C ALA X 365 -78.52 116.12 -27.66
N VAL X 366 -78.40 117.32 -28.24
CA VAL X 366 -77.76 118.42 -27.53
C VAL X 366 -78.61 118.86 -26.35
N THR X 367 -79.93 118.93 -26.52
CA THR X 367 -80.77 119.42 -25.43
C THR X 367 -80.86 118.44 -24.28
N LEU X 368 -80.86 117.13 -24.57
CA LEU X 368 -80.93 116.15 -23.50
C LEU X 368 -79.69 116.14 -22.63
N THR X 369 -78.52 116.45 -23.20
CA THR X 369 -77.29 116.46 -22.41
C THR X 369 -77.23 117.66 -21.47
N THR X 370 -77.58 118.85 -21.97
CA THR X 370 -77.57 120.06 -21.16
C THR X 370 -78.73 120.97 -21.58
N GLY X 371 -79.83 120.86 -20.85
CA GLY X 371 -80.98 121.73 -21.06
C GLY X 371 -81.18 122.64 -19.87
N THR X 372 -81.39 123.93 -20.11
CA THR X 372 -81.42 124.90 -19.02
C THR X 372 -82.53 124.59 -18.03
N GLY X 373 -83.73 124.29 -18.51
CA GLY X 373 -84.86 124.02 -17.67
C GLY X 373 -85.81 125.19 -17.47
N GLN X 374 -85.36 126.41 -17.73
CA GLN X 374 -86.26 127.56 -17.76
C GLN X 374 -86.64 127.88 -19.20
N GLY X 375 -87.60 128.77 -19.36
CA GLY X 375 -88.00 129.17 -20.69
C GLY X 375 -88.71 128.04 -21.42
N ASN X 376 -88.23 127.73 -22.62
CA ASN X 376 -88.94 126.86 -23.55
C ASN X 376 -88.19 125.54 -23.76
N GLN X 377 -87.44 125.09 -22.76
CA GLN X 377 -86.57 123.93 -22.94
C GLN X 377 -86.77 122.94 -21.81
N PRO X 378 -86.56 121.66 -22.09
CA PRO X 378 -86.53 120.66 -21.00
C PRO X 378 -85.30 120.80 -20.14
N THR X 379 -85.13 119.91 -19.16
CA THR X 379 -84.00 119.97 -18.24
C THR X 379 -83.06 118.80 -18.53
N GLY X 380 -81.78 119.10 -18.72
CA GLY X 380 -80.80 118.08 -19.00
C GLY X 380 -80.29 117.39 -17.75
N ILE X 381 -79.53 116.31 -17.98
CA ILE X 381 -78.95 115.56 -16.87
C ILE X 381 -77.88 116.37 -16.16
N VAL X 382 -77.08 117.14 -16.92
CA VAL X 382 -76.03 117.93 -16.30
C VAL X 382 -76.61 119.08 -15.51
N THR X 383 -77.61 119.77 -16.08
CA THR X 383 -78.18 120.93 -15.40
C THR X 383 -78.92 120.52 -14.13
N ALA X 384 -79.66 119.42 -14.18
CA ALA X 384 -80.44 118.98 -13.02
C ALA X 384 -79.58 118.45 -11.89
N LEU X 385 -78.32 118.13 -12.14
CA LEU X 385 -77.42 117.60 -11.12
C LEU X 385 -76.34 118.59 -10.71
N ALA X 386 -76.52 119.86 -11.04
CA ALA X 386 -75.56 120.90 -10.70
C ALA X 386 -76.05 121.61 -9.44
N GLY X 387 -75.20 121.64 -8.41
CA GLY X 387 -75.55 122.24 -7.15
C GLY X 387 -76.24 121.33 -6.17
N THR X 388 -76.56 120.10 -6.57
CA THR X 388 -77.21 119.15 -5.69
C THR X 388 -76.15 118.35 -4.94
N ALA X 389 -76.59 117.30 -4.24
CA ALA X 389 -75.65 116.46 -3.50
C ALA X 389 -74.82 115.56 -4.41
N ALA X 390 -75.17 115.49 -5.69
CA ALA X 390 -74.43 114.61 -6.60
C ALA X 390 -73.04 115.16 -6.91
N GLU X 391 -72.89 116.49 -6.92
CA GLU X 391 -71.63 117.09 -7.34
C GLU X 391 -70.50 116.69 -6.41
N ILE X 392 -69.33 116.44 -7.01
CA ILE X 392 -68.13 116.04 -6.29
C ILE X 392 -66.97 116.93 -6.75
N ALA X 393 -66.00 117.12 -5.87
CA ALA X 393 -64.79 117.86 -6.16
C ALA X 393 -63.60 116.91 -6.19
N PRO X 394 -62.59 117.21 -7.01
CA PRO X 394 -61.43 116.31 -7.08
C PRO X 394 -60.61 116.35 -5.81
N VAL X 395 -59.80 115.31 -5.62
CA VAL X 395 -58.92 115.25 -4.46
C VAL X 395 -57.93 116.41 -4.47
N THR X 396 -57.32 116.67 -5.62
CA THR X 396 -56.38 117.77 -5.78
C THR X 396 -56.97 118.77 -6.76
N ALA X 397 -56.89 120.05 -6.41
CA ALA X 397 -57.55 121.09 -7.17
C ALA X 397 -57.01 121.17 -8.59
N GLU X 398 -57.94 121.30 -9.55
CA GLU X 398 -57.62 121.53 -10.96
C GLU X 398 -56.77 120.39 -11.55
N THR X 399 -56.96 119.17 -11.07
CA THR X 399 -56.23 118.02 -11.59
C THR X 399 -57.18 116.86 -11.76
N PHE X 400 -56.98 116.09 -12.82
CA PHE X 400 -57.73 114.87 -13.07
C PHE X 400 -56.80 113.68 -12.88
N ALA X 401 -57.11 112.83 -11.91
CA ALA X 401 -56.27 111.69 -11.57
C ALA X 401 -57.10 110.42 -11.52
N LEU X 402 -56.43 109.31 -11.18
CA LEU X 402 -57.11 108.02 -11.14
C LEU X 402 -58.07 107.93 -9.96
N ALA X 403 -57.74 108.58 -8.86
CA ALA X 403 -58.56 108.50 -7.66
C ALA X 403 -59.95 109.07 -7.86
N ASP X 404 -60.12 110.02 -8.78
CA ASP X 404 -61.44 110.63 -8.99
C ASP X 404 -62.45 109.62 -9.53
N VAL X 405 -62.03 108.80 -10.50
CA VAL X 405 -62.92 107.78 -11.06
C VAL X 405 -63.33 106.80 -9.98
N TYR X 406 -62.37 106.36 -9.18
CA TYR X 406 -62.67 105.45 -8.09
C TYR X 406 -63.64 106.08 -7.10
N ALA X 407 -63.44 107.35 -6.75
CA ALA X 407 -64.34 108.01 -5.81
C ALA X 407 -65.75 108.10 -6.36
N VAL X 408 -65.88 108.45 -7.65
CA VAL X 408 -67.20 108.55 -8.27
C VAL X 408 -67.90 107.20 -8.24
N TYR X 409 -67.16 106.12 -8.52
CA TYR X 409 -67.76 104.78 -8.42
C TYR X 409 -68.13 104.45 -6.97
N GLU X 410 -67.27 104.81 -6.02
CA GLU X 410 -67.45 104.36 -4.64
C GLU X 410 -68.66 105.02 -3.99
N GLN X 411 -68.76 106.35 -4.09
CA GLN X 411 -69.66 107.09 -3.21
C GLN X 411 -71.13 106.76 -3.45
N LEU X 412 -71.46 106.10 -4.56
CA LEU X 412 -72.83 105.74 -4.82
C LEU X 412 -73.20 104.46 -4.05
N ALA X 413 -74.48 104.27 -3.82
CA ALA X 413 -74.97 103.12 -3.06
C ALA X 413 -74.98 101.86 -3.93
N ALA X 414 -74.99 100.71 -3.26
CA ALA X 414 -74.92 99.43 -3.97
C ALA X 414 -76.16 99.19 -4.82
N ARG X 415 -77.34 99.56 -4.30
CA ARG X 415 -78.57 99.34 -5.07
C ARG X 415 -78.54 100.09 -6.40
N HIS X 416 -77.71 101.13 -6.51
CA HIS X 416 -77.57 101.89 -7.74
C HIS X 416 -76.31 101.55 -8.51
N ARG X 417 -75.16 101.44 -7.83
CA ARG X 417 -73.91 101.25 -8.55
C ARG X 417 -73.88 99.91 -9.28
N ARG X 418 -74.54 98.89 -8.73
CA ARG X 418 -74.59 97.60 -9.40
C ARG X 418 -75.46 97.62 -10.65
N GLN X 419 -76.23 98.67 -10.87
CA GLN X 419 -77.03 98.83 -12.09
C GLN X 419 -76.84 100.27 -12.57
N GLY X 420 -75.79 100.50 -13.37
CA GLY X 420 -75.50 101.84 -13.82
C GLY X 420 -74.60 101.81 -15.03
N ALA X 421 -74.32 103.00 -15.55
CA ALA X 421 -73.47 103.13 -16.73
C ALA X 421 -72.77 104.48 -16.68
N TRP X 422 -71.69 104.57 -17.44
CA TRP X 422 -70.88 105.78 -17.53
C TRP X 422 -71.34 106.60 -18.73
N LEU X 423 -71.15 107.92 -18.66
CA LEU X 423 -71.49 108.80 -19.75
C LEU X 423 -70.62 110.05 -19.68
N ALA X 424 -69.78 110.25 -20.68
CA ALA X 424 -68.89 111.40 -20.74
C ALA X 424 -68.45 111.60 -22.18
N ASN X 425 -67.63 112.63 -22.40
CA ASN X 425 -67.09 112.90 -23.73
C ASN X 425 -65.87 112.03 -23.99
N ASN X 426 -65.35 112.11 -25.21
CA ASN X 426 -64.20 111.27 -25.59
C ASN X 426 -62.91 111.77 -24.98
N LEU X 427 -62.79 113.06 -24.68
CA LEU X 427 -61.57 113.58 -24.08
C LEU X 427 -61.30 112.94 -22.73
N ILE X 428 -62.34 112.77 -21.92
CA ILE X 428 -62.15 112.17 -20.60
C ILE X 428 -61.71 110.71 -20.74
N TYR X 429 -62.32 109.97 -21.67
CA TYR X 429 -61.93 108.59 -21.88
C TYR X 429 -60.47 108.50 -22.33
N ASN X 430 -60.07 109.38 -23.25
CA ASN X 430 -58.70 109.36 -23.73
C ASN X 430 -57.72 109.71 -22.61
N LYS X 431 -58.06 110.70 -21.77
CA LYS X 431 -57.19 111.00 -20.64
C LYS X 431 -57.12 109.84 -19.65
N ILE X 432 -58.22 109.11 -19.49
CA ILE X 432 -58.18 107.90 -18.66
C ILE X 432 -57.25 106.87 -19.25
N ARG X 433 -57.25 106.74 -20.59
CA ARG X 433 -56.30 105.84 -21.23
C ARG X 433 -54.86 106.23 -20.97
N GLN X 434 -54.59 107.52 -20.77
CA GLN X 434 -53.23 108.02 -20.58
C GLN X 434 -52.77 107.95 -19.13
N PHE X 435 -53.63 107.50 -18.20
CA PHE X 435 -53.24 107.46 -16.80
C PHE X 435 -52.06 106.52 -16.59
N ASP X 436 -52.14 105.32 -17.12
CA ASP X 436 -51.08 104.34 -16.92
C ASP X 436 -49.86 104.67 -17.77
N THR X 437 -48.70 104.66 -17.13
CA THR X 437 -47.45 104.91 -17.82
C THR X 437 -46.45 103.80 -17.49
N GLN X 438 -46.61 103.20 -16.33
CA GLN X 438 -45.69 102.18 -15.84
C GLN X 438 -46.25 100.77 -15.96
N GLY X 439 -47.35 100.59 -16.71
CA GLY X 439 -47.91 99.28 -16.94
C GLY X 439 -48.45 98.60 -15.70
N GLY X 440 -49.17 99.35 -14.86
CA GLY X 440 -49.69 98.81 -13.63
C GLY X 440 -51.14 98.38 -13.72
N ALA X 441 -51.95 98.77 -12.73
CA ALA X 441 -53.36 98.43 -12.71
C ALA X 441 -54.21 99.41 -13.50
N GLY X 442 -53.62 100.52 -13.96
CA GLY X 442 -54.37 101.50 -14.73
C GLY X 442 -54.33 101.22 -16.21
N LEU X 443 -53.86 100.02 -16.58
CA LEU X 443 -53.72 99.62 -17.97
C LEU X 443 -55.10 99.30 -18.52
N TRP X 444 -55.85 100.34 -18.91
CA TRP X 444 -57.17 100.14 -19.46
C TRP X 444 -57.11 99.50 -20.84
N THR X 445 -56.24 100.02 -21.71
CA THR X 445 -56.00 99.44 -23.02
C THR X 445 -54.71 100.02 -23.56
N THR X 446 -54.16 99.35 -24.57
CA THR X 446 -52.94 99.81 -25.22
C THR X 446 -53.28 100.58 -26.49
N ILE X 447 -52.35 101.44 -26.91
CA ILE X 447 -52.52 102.18 -28.15
C ILE X 447 -52.55 101.20 -29.31
N GLY X 448 -53.39 101.48 -30.30
CA GLY X 448 -53.60 100.56 -31.39
C GLY X 448 -54.85 99.72 -31.30
N ASN X 449 -55.70 99.96 -30.31
CA ASN X 449 -56.95 99.25 -30.15
C ASN X 449 -58.10 100.23 -30.06
N GLY X 450 -59.30 99.77 -30.39
CA GLY X 450 -60.49 100.60 -30.33
C GLY X 450 -60.93 100.84 -28.89
N GLU X 451 -61.99 101.62 -28.77
CA GLU X 451 -62.53 101.94 -27.45
C GLU X 451 -63.09 100.68 -26.80
N PRO X 452 -62.72 100.37 -25.57
CA PRO X 452 -63.28 99.19 -24.89
C PRO X 452 -64.74 99.41 -24.52
N SER X 453 -65.43 98.29 -24.31
CA SER X 453 -66.86 98.30 -24.03
C SER X 453 -67.19 98.32 -22.53
N GLN X 454 -66.20 98.23 -21.67
CA GLN X 454 -66.44 98.17 -20.23
C GLN X 454 -65.47 99.07 -19.49
N LEU X 455 -65.95 99.63 -18.38
CA LEU X 455 -65.11 100.41 -17.47
C LEU X 455 -65.51 100.02 -16.06
N LEU X 456 -64.61 99.34 -15.35
CA LEU X 456 -64.91 98.74 -14.06
C LEU X 456 -66.10 97.79 -14.14
N GLY X 457 -66.17 97.01 -15.21
CA GLY X 457 -67.22 96.03 -15.38
C GLY X 457 -68.59 96.61 -15.67
N ARG X 458 -68.68 97.88 -16.06
CA ARG X 458 -69.96 98.53 -16.26
C ARG X 458 -70.08 99.06 -17.68
N PRO X 459 -71.30 99.22 -18.20
CA PRO X 459 -71.47 99.76 -19.55
C PRO X 459 -70.95 101.18 -19.66
N VAL X 460 -70.50 101.53 -20.86
CA VAL X 460 -69.87 102.82 -21.13
C VAL X 460 -70.69 103.55 -22.19
N GLY X 461 -70.86 104.86 -22.00
CA GLY X 461 -71.60 105.67 -22.94
C GLY X 461 -70.81 106.92 -23.30
N GLU X 462 -71.24 107.56 -24.38
CA GLU X 462 -70.57 108.74 -24.92
C GLU X 462 -71.57 109.85 -25.18
N ALA X 463 -71.14 111.09 -24.93
CA ALA X 463 -71.94 112.27 -25.21
C ALA X 463 -71.03 113.35 -25.76
N GLU X 464 -71.36 113.88 -26.95
CA GLU X 464 -70.51 114.90 -27.56
C GLU X 464 -70.80 116.29 -27.03
N ALA X 465 -71.89 116.49 -26.30
CA ALA X 465 -72.29 117.82 -25.86
C ALA X 465 -71.74 118.19 -24.49
N MET X 466 -71.08 117.28 -23.79
CA MET X 466 -70.60 117.58 -22.45
C MET X 466 -69.34 118.44 -22.52
N ASP X 467 -69.04 119.08 -21.39
CA ASP X 467 -67.80 119.84 -21.26
C ASP X 467 -66.60 118.90 -21.32
N ALA X 468 -65.59 119.30 -22.09
CA ALA X 468 -64.44 118.45 -22.33
C ALA X 468 -63.17 118.98 -21.71
N ASN X 469 -62.75 120.19 -22.03
CA ASN X 469 -61.48 120.73 -21.57
C ASN X 469 -61.72 121.78 -20.50
N TRP X 470 -60.96 121.69 -19.41
CA TRP X 470 -61.01 122.69 -18.37
C TRP X 470 -59.95 123.77 -18.55
N ASN X 471 -59.23 123.73 -19.67
CA ASN X 471 -58.20 124.71 -19.97
C ASN X 471 -58.60 125.64 -21.10
N THR X 472 -58.97 125.10 -22.26
CA THR X 472 -59.40 125.94 -23.37
C THR X 472 -60.68 126.69 -23.04
N SER X 473 -61.64 126.01 -22.43
CA SER X 473 -62.89 126.66 -22.04
C SER X 473 -62.64 127.63 -20.90
N ALA X 474 -63.28 128.80 -20.97
CA ALA X 474 -63.14 129.83 -19.96
C ALA X 474 -64.18 129.73 -18.85
N SER X 475 -65.04 128.71 -18.90
CA SER X 475 -66.09 128.57 -17.91
C SER X 475 -65.50 128.28 -16.54
N ALA X 476 -66.14 128.84 -15.51
CA ALA X 476 -65.69 128.61 -14.14
C ALA X 476 -65.86 127.15 -13.74
N ASP X 477 -66.97 126.53 -14.13
CA ASP X 477 -67.31 125.18 -13.72
C ASP X 477 -67.37 124.28 -14.95
N ASN X 478 -66.74 123.11 -14.86
CA ASN X 478 -66.70 122.15 -15.96
C ASN X 478 -67.12 120.78 -15.43
N PHE X 479 -68.26 120.28 -15.90
CA PHE X 479 -68.77 118.98 -15.50
C PHE X 479 -68.36 117.95 -16.54
N VAL X 480 -67.52 117.00 -16.14
CA VAL X 480 -66.80 116.17 -17.09
C VAL X 480 -67.11 114.68 -16.96
N LEU X 481 -67.44 114.18 -15.77
CA LEU X 481 -67.63 112.74 -15.60
C LEU X 481 -68.91 112.47 -14.85
N LEU X 482 -69.69 111.51 -15.35
CA LEU X 482 -70.98 111.18 -14.77
C LEU X 482 -71.16 109.67 -14.73
N TYR X 483 -71.77 109.19 -13.65
CA TYR X 483 -72.07 107.76 -13.51
C TYR X 483 -73.18 107.61 -12.49
N GLY X 484 -74.14 106.74 -12.80
CA GLY X 484 -75.24 106.51 -11.89
C GLY X 484 -76.32 105.68 -12.56
N ASN X 485 -77.29 105.29 -11.74
CA ASN X 485 -78.43 104.49 -12.21
C ASN X 485 -79.34 105.38 -13.03
N PHE X 486 -79.33 105.17 -14.35
CA PHE X 486 -80.05 106.04 -15.28
C PHE X 486 -81.55 105.84 -15.23
N GLN X 487 -82.05 104.83 -14.52
CA GLN X 487 -83.49 104.63 -14.44
C GLN X 487 -84.20 105.74 -13.68
N ASN X 488 -83.47 106.58 -12.95
CA ASN X 488 -84.05 107.73 -12.28
C ASN X 488 -84.06 108.98 -13.15
N TYR X 489 -83.61 108.87 -14.39
CA TYR X 489 -83.79 109.93 -15.37
C TYR X 489 -84.94 109.54 -16.28
N VAL X 490 -85.99 110.34 -16.28
CA VAL X 490 -87.25 110.00 -16.95
C VAL X 490 -87.45 110.95 -18.11
N ILE X 491 -87.74 110.39 -19.28
CA ILE X 491 -88.01 111.16 -20.49
C ILE X 491 -89.48 110.97 -20.84
N ALA X 492 -90.24 112.05 -20.79
CA ALA X 492 -91.68 112.01 -21.07
C ALA X 492 -91.91 112.39 -22.53
N ASP X 493 -92.33 111.42 -23.33
CA ASP X 493 -92.56 111.62 -24.75
C ASP X 493 -94.05 111.69 -25.02
N ARG X 494 -94.47 112.74 -25.73
CA ARG X 494 -95.89 112.98 -25.99
C ARG X 494 -96.24 112.71 -27.44
N ILE X 495 -95.59 113.39 -28.38
CA ILE X 495 -95.83 113.20 -29.81
C ILE X 495 -94.49 113.21 -30.52
N GLY X 496 -94.29 112.24 -31.41
CA GLY X 496 -93.08 112.19 -32.21
C GLY X 496 -93.12 113.21 -33.33
N MET X 497 -92.06 113.20 -34.14
CA MET X 497 -91.94 114.15 -35.24
C MET X 497 -93.03 113.89 -36.26
N THR X 498 -93.90 114.88 -36.46
CA THR X 498 -94.94 114.82 -37.48
C THR X 498 -94.76 115.98 -38.44
N VAL X 499 -94.81 115.69 -39.73
CA VAL X 499 -94.69 116.71 -40.77
C VAL X 499 -96.07 116.97 -41.37
N GLU X 500 -96.40 118.24 -41.54
CA GLU X 500 -97.64 118.63 -42.18
C GLU X 500 -97.33 119.40 -43.46
N PHE X 501 -98.12 119.16 -44.49
CA PHE X 501 -97.93 119.76 -45.80
C PHE X 501 -99.00 120.83 -45.99
N ILE X 502 -98.60 122.09 -45.83
CA ILE X 502 -99.50 123.21 -46.07
C ILE X 502 -99.74 123.31 -47.57
N PRO X 503 -100.98 123.23 -48.03
CA PRO X 503 -101.24 123.22 -49.48
C PRO X 503 -101.10 124.57 -50.15
N HIS X 504 -101.17 125.67 -49.40
CA HIS X 504 -101.15 127.00 -50.02
C HIS X 504 -100.62 128.02 -49.03
N LEU X 505 -99.71 128.87 -49.49
CA LEU X 505 -99.26 130.02 -48.72
C LEU X 505 -99.77 131.31 -49.37
N PHE X 506 -99.94 132.33 -48.53
CA PHE X 506 -100.54 133.59 -48.95
C PHE X 506 -99.52 134.72 -48.91
N GLY X 507 -99.87 135.82 -49.58
CA GLY X 507 -98.98 136.95 -49.69
C GLY X 507 -99.45 138.19 -48.96
N THR X 508 -99.09 139.36 -49.48
CA THR X 508 -99.42 140.62 -48.82
C THR X 508 -100.91 140.93 -48.91
N ASN X 509 -101.51 140.71 -50.08
CA ASN X 509 -102.91 141.03 -50.31
C ASN X 509 -103.84 139.87 -49.96
N ARG X 510 -103.38 138.93 -49.13
CA ARG X 510 -104.18 137.78 -48.71
C ARG X 510 -104.67 136.96 -49.91
N ARG X 511 -103.80 136.76 -50.89
CA ARG X 511 -104.09 135.99 -52.09
C ARG X 511 -102.98 134.99 -52.33
N PRO X 512 -103.27 133.89 -53.03
CA PRO X 512 -102.24 132.87 -53.28
C PRO X 512 -101.06 133.45 -54.07
N ASN X 513 -99.86 132.96 -53.77
CA ASN X 513 -98.65 133.41 -54.42
C ASN X 513 -97.90 132.29 -55.13
N GLY X 514 -98.39 131.07 -55.11
CA GLY X 514 -97.75 129.98 -55.80
C GLY X 514 -96.63 129.33 -55.01
N SER X 515 -96.88 129.03 -53.74
CA SER X 515 -95.87 128.40 -52.90
C SER X 515 -96.57 127.49 -51.89
N ARG X 516 -95.79 126.58 -51.31
CA ARG X 516 -96.32 125.61 -50.38
C ARG X 516 -95.35 125.45 -49.21
N GLY X 517 -95.87 124.94 -48.09
CA GLY X 517 -95.10 124.93 -46.87
C GLY X 517 -95.04 123.55 -46.24
N TRP X 518 -93.99 123.35 -45.45
CA TRP X 518 -93.65 122.09 -44.80
C TRP X 518 -93.40 122.37 -43.33
N PHE X 519 -94.26 121.83 -42.47
CA PHE X 519 -94.28 122.14 -41.05
C PHE X 519 -94.00 120.87 -40.25
N ALA X 520 -93.11 120.98 -39.26
CA ALA X 520 -92.76 119.83 -38.43
C ALA X 520 -92.70 120.25 -36.96
N TYR X 521 -93.02 119.32 -36.07
CA TYR X 521 -93.01 119.61 -34.64
C TYR X 521 -93.04 118.30 -33.85
N TYR X 522 -92.69 118.40 -32.57
CA TYR X 522 -92.87 117.29 -31.64
C TYR X 522 -92.86 117.88 -30.23
N ARG X 523 -93.32 117.10 -29.26
CA ARG X 523 -93.37 117.54 -27.87
C ARG X 523 -92.83 116.43 -26.96
N MET X 524 -91.99 116.83 -26.01
CA MET X 524 -91.39 115.90 -25.06
C MET X 524 -90.82 116.71 -23.89
N GLY X 525 -90.27 115.99 -22.92
CA GLY X 525 -89.68 116.63 -21.76
C GLY X 525 -88.94 115.60 -20.93
N ALA X 526 -88.08 116.11 -20.05
CA ALA X 526 -87.23 115.26 -19.23
C ALA X 526 -86.84 115.98 -17.96
N ASP X 527 -86.44 115.19 -16.96
CA ASP X 527 -86.00 115.70 -15.67
C ASP X 527 -85.39 114.55 -14.88
N VAL X 528 -84.97 114.85 -13.65
CA VAL X 528 -84.41 113.86 -12.73
C VAL X 528 -85.33 113.76 -11.53
N VAL X 529 -85.70 112.54 -11.15
CA VAL X 529 -86.64 112.34 -10.06
C VAL X 529 -85.89 112.07 -8.75
N ASN X 530 -84.65 111.61 -8.86
CA ASN X 530 -83.84 111.25 -7.71
C ASN X 530 -82.42 111.78 -7.89
N PRO X 531 -82.04 112.86 -7.22
CA PRO X 531 -80.70 113.42 -7.40
C PRO X 531 -79.60 112.69 -6.67
N ASN X 532 -79.93 111.78 -5.76
CA ASN X 532 -78.93 111.08 -4.95
C ASN X 532 -78.46 109.78 -5.58
N ALA X 533 -78.94 109.43 -6.77
CA ALA X 533 -78.54 108.20 -7.45
C ALA X 533 -77.47 108.44 -8.51
N PHE X 534 -76.91 109.65 -8.58
CA PHE X 534 -75.84 109.96 -9.51
C PHE X 534 -74.71 110.64 -8.76
N ARG X 535 -73.53 110.65 -9.40
CA ARG X 535 -72.35 111.31 -8.83
C ARG X 535 -71.64 112.03 -9.96
N LEU X 536 -71.92 113.32 -10.12
CA LEU X 536 -71.24 114.14 -11.11
C LEU X 536 -69.95 114.70 -10.52
N LEU X 537 -68.94 114.84 -11.37
CA LEU X 537 -67.64 115.35 -10.96
C LEU X 537 -67.41 116.71 -11.60
N ASN X 538 -67.11 117.71 -10.77
CA ASN X 538 -66.88 119.07 -11.23
C ASN X 538 -65.46 119.49 -10.86
N VAL X 539 -64.74 120.04 -11.83
CA VAL X 539 -63.38 120.52 -11.64
C VAL X 539 -63.44 122.04 -11.71
N GLU X 540 -63.39 122.71 -10.56
CA GLU X 540 -63.49 124.17 -10.49
C GLU X 540 -62.12 124.77 -10.79
N THR X 541 -61.94 125.23 -12.02
CA THR X 541 -60.69 125.80 -12.47
C THR X 541 -60.71 127.31 -12.54
N ALA X 542 -61.73 127.96 -11.97
CA ALA X 542 -61.85 129.41 -12.04
C ALA X 542 -60.76 130.09 -11.23
N SER X 543 -59.75 130.61 -11.91
CA SER X 543 -58.62 131.29 -11.28
C SER X 543 -57.97 130.43 -10.19
N MET Y 251 -107.02 130.92 -26.51
CA MET Y 251 -107.39 129.69 -25.83
C MET Y 251 -106.27 128.66 -25.92
N GLY Y 252 -105.46 128.58 -24.86
CA GLY Y 252 -104.31 127.70 -24.86
C GLY Y 252 -104.13 126.91 -23.59
N LEU Y 253 -102.89 126.82 -23.10
CA LEU Y 253 -102.56 126.03 -21.92
C LEU Y 253 -102.64 126.83 -20.63
N THR Y 254 -102.87 128.13 -20.70
CA THR Y 254 -103.06 128.91 -19.48
C THR Y 254 -104.34 128.50 -18.79
N LYS Y 255 -104.29 128.44 -17.45
CA LYS Y 255 -105.43 127.91 -16.70
C LYS Y 255 -106.69 128.72 -16.94
N ALA Y 256 -106.58 130.05 -16.91
CA ALA Y 256 -107.75 130.89 -17.10
C ALA Y 256 -108.34 130.74 -18.49
N ASP Y 257 -107.50 130.43 -19.48
CA ASP Y 257 -107.92 130.29 -20.87
C ASP Y 257 -107.80 128.84 -21.28
N GLY Y 258 -108.83 128.06 -20.99
CA GLY Y 258 -108.88 126.66 -21.40
C GLY Y 258 -107.78 125.80 -20.83
N GLY Y 259 -107.46 125.97 -19.55
CA GLY Y 259 -106.42 125.17 -18.93
C GLY Y 259 -106.93 124.20 -17.89
N TYR Y 260 -108.22 124.31 -17.55
CA TYR Y 260 -108.82 123.43 -16.55
C TYR Y 260 -109.40 122.17 -17.15
N LEU Y 261 -109.27 121.95 -18.45
CA LEU Y 261 -109.82 120.78 -19.11
C LEU Y 261 -108.81 119.66 -19.29
N VAL Y 262 -107.58 119.83 -18.83
CA VAL Y 262 -106.54 118.81 -18.97
C VAL Y 262 -106.61 117.87 -17.76
N PRO Y 263 -106.65 116.56 -17.97
CA PRO Y 263 -106.61 115.64 -16.83
C PRO Y 263 -105.26 115.64 -16.14
N PHE Y 264 -105.27 115.22 -14.88
CA PHE Y 264 -104.08 115.18 -14.04
C PHE Y 264 -103.51 113.77 -14.09
N GLN Y 265 -102.41 113.60 -14.83
CA GLN Y 265 -101.77 112.29 -14.95
C GLN Y 265 -100.93 112.00 -13.72
N LEU Y 266 -101.04 110.78 -13.21
CA LEU Y 266 -100.33 110.37 -12.01
C LEU Y 266 -99.96 108.91 -12.14
N ASP Y 267 -98.76 108.57 -11.66
CA ASP Y 267 -98.26 107.20 -11.73
C ASP Y 267 -98.34 106.56 -10.35
N PRO Y 268 -99.20 105.56 -10.15
CA PRO Y 268 -99.38 105.00 -8.80
C PRO Y 268 -98.11 104.39 -8.21
N THR Y 269 -97.24 103.80 -9.03
CA THR Y 269 -96.06 103.14 -8.49
C THR Y 269 -95.14 104.14 -7.80
N VAL Y 270 -94.48 103.69 -6.74
CA VAL Y 270 -93.66 104.57 -5.92
C VAL Y 270 -92.21 104.45 -6.33
N ILE Y 271 -91.43 105.46 -5.95
CA ILE Y 271 -89.98 105.47 -6.17
C ILE Y 271 -89.32 105.51 -4.80
N ILE Y 272 -88.56 104.46 -4.48
CA ILE Y 272 -87.92 104.34 -3.19
C ILE Y 272 -86.66 105.21 -3.19
N THR Y 273 -86.54 106.06 -2.17
CA THR Y 273 -85.43 107.01 -2.07
C THR Y 273 -84.59 106.75 -0.82
N SER Y 274 -84.42 105.48 -0.47
CA SER Y 274 -83.61 105.09 0.67
C SER Y 274 -82.39 104.32 0.21
N ASN Y 275 -81.25 104.56 0.87
CA ASN Y 275 -80.02 103.91 0.47
C ASN Y 275 -80.08 102.40 0.67
N GLY Y 276 -80.64 101.95 1.79
CA GLY Y 276 -80.69 100.54 2.08
C GLY Y 276 -79.34 100.02 2.54
N SER Y 277 -79.26 98.70 2.68
CA SER Y 277 -78.04 98.05 3.10
C SER Y 277 -77.96 96.67 2.49
N LEU Y 278 -76.75 96.27 2.09
CA LEU Y 278 -76.49 94.97 1.47
C LEU Y 278 -75.51 94.19 2.34
N ASN Y 279 -75.81 92.90 2.54
CA ASN Y 279 -74.96 92.03 3.33
C ASN Y 279 -74.82 90.69 2.64
N ASP Y 280 -73.67 90.03 2.83
CA ASP Y 280 -73.42 88.70 2.30
C ASP Y 280 -73.02 87.70 3.36
N ILE Y 281 -73.36 87.97 4.63
CA ILE Y 281 -72.93 87.07 5.71
C ILE Y 281 -73.65 85.73 5.61
N ARG Y 282 -74.93 85.75 5.21
CA ARG Y 282 -75.70 84.51 5.15
C ARG Y 282 -75.10 83.51 4.17
N ARG Y 283 -74.39 83.97 3.14
CA ARG Y 283 -73.76 83.08 2.20
C ARG Y 283 -72.62 82.28 2.82
N PHE Y 284 -72.04 82.77 3.91
CA PHE Y 284 -70.89 82.12 4.53
C PHE Y 284 -71.18 81.58 5.93
N ALA Y 285 -72.09 82.21 6.67
CA ALA Y 285 -72.35 81.79 8.03
C ALA Y 285 -73.25 80.57 8.05
N ARG Y 286 -73.43 80.02 9.26
CA ARG Y 286 -74.18 78.78 9.45
C ARG Y 286 -75.60 79.12 9.90
N GLN Y 287 -76.58 78.48 9.28
CA GLN Y 287 -78.00 78.73 9.55
C GLN Y 287 -78.61 77.51 10.21
N VAL Y 288 -79.31 77.72 11.32
CA VAL Y 288 -80.02 76.65 12.01
C VAL Y 288 -81.44 77.12 12.32
N VAL Y 289 -82.33 76.16 12.50
CA VAL Y 289 -83.73 76.43 12.79
C VAL Y 289 -83.97 76.25 14.29
N ALA Y 290 -84.66 77.20 14.89
CA ALA Y 290 -84.94 77.19 16.32
C ALA Y 290 -86.40 76.82 16.56
N THR Y 291 -86.62 75.86 17.44
CA THR Y 291 -87.97 75.44 17.81
C THR Y 291 -88.49 76.12 19.08
N GLY Y 292 -87.63 76.87 19.78
CA GLY Y 292 -88.01 77.50 21.03
C GLY Y 292 -87.49 78.92 21.09
N ASP Y 293 -87.11 79.34 22.30
CA ASP Y 293 -86.61 80.69 22.52
C ASP Y 293 -85.09 80.77 22.65
N VAL Y 294 -84.42 79.67 22.95
CA VAL Y 294 -82.97 79.65 23.07
C VAL Y 294 -82.43 78.42 22.35
N TRP Y 295 -81.15 78.48 21.99
CA TRP Y 295 -80.45 77.42 21.29
C TRP Y 295 -79.17 77.09 22.03
N HIS Y 296 -78.96 75.81 22.32
CA HIS Y 296 -77.82 75.36 23.11
C HIS Y 296 -76.90 74.43 22.32
N GLY Y 297 -75.61 74.52 22.64
CA GLY Y 297 -74.62 73.65 22.03
C GLY Y 297 -73.57 73.25 23.04
N VAL Y 298 -72.66 72.37 22.61
CA VAL Y 298 -71.62 71.83 23.47
C VAL Y 298 -70.27 72.06 22.82
N SER Y 299 -69.30 72.55 23.60
CA SER Y 299 -67.95 72.77 23.13
C SER Y 299 -66.97 72.20 24.15
N SER Y 300 -65.78 71.85 23.66
CA SER Y 300 -64.76 71.23 24.50
C SER Y 300 -63.39 71.47 23.87
N ALA Y 301 -62.37 70.94 24.52
CA ALA Y 301 -60.99 71.03 24.05
C ALA Y 301 -60.35 69.65 24.09
N ALA Y 302 -59.17 69.54 23.50
CA ALA Y 302 -58.48 68.26 23.38
C ALA Y 302 -57.83 67.90 24.70
N VAL Y 303 -57.07 66.80 24.72
CA VAL Y 303 -56.48 66.23 25.92
C VAL Y 303 -54.98 66.48 25.88
N GLN Y 304 -54.43 66.99 26.99
CA GLN Y 304 -53.02 67.28 27.07
C GLN Y 304 -52.24 65.98 27.30
N TRP Y 305 -51.28 65.69 26.42
CA TRP Y 305 -50.40 64.55 26.56
C TRP Y 305 -49.06 64.99 27.14
N SER Y 306 -48.26 64.02 27.53
CA SER Y 306 -46.96 64.29 28.13
C SER Y 306 -46.01 63.15 27.81
N TRP Y 307 -44.72 63.48 27.74
CA TRP Y 307 -43.67 62.50 27.54
C TRP Y 307 -43.18 62.03 28.91
N ASP Y 308 -43.61 60.84 29.30
CA ASP Y 308 -43.28 60.28 30.61
C ASP Y 308 -42.25 59.17 30.48
N ALA Y 309 -41.44 59.01 31.51
CA ALA Y 309 -40.39 58.03 31.51
C ALA Y 309 -40.93 56.67 31.98
N GLU Y 310 -40.03 55.73 32.24
CA GLU Y 310 -40.41 54.43 32.74
C GLU Y 310 -40.72 54.52 34.23
N PHE Y 311 -41.84 53.90 34.63
CA PHE Y 311 -42.30 53.91 36.03
C PHE Y 311 -42.58 55.33 36.52
N GLU Y 312 -43.37 56.07 35.76
CA GLU Y 312 -43.87 57.38 36.18
C GLU Y 312 -45.38 57.45 36.04
N GLU Y 313 -46.03 58.05 37.05
CA GLU Y 313 -47.47 58.19 37.03
C GLU Y 313 -47.91 59.13 35.91
N VAL Y 314 -49.16 58.99 35.50
CA VAL Y 314 -49.71 59.87 34.48
C VAL Y 314 -50.44 61.03 35.14
N SER Y 315 -50.33 62.19 34.51
CA SER Y 315 -51.00 63.39 34.98
C SER Y 315 -52.48 63.33 34.61
N ASP Y 316 -53.35 63.66 35.57
CA ASP Y 316 -54.78 63.68 35.32
C ASP Y 316 -55.13 64.79 34.34
N ASP Y 317 -55.83 64.44 33.27
CA ASP Y 317 -56.14 65.36 32.17
C ASP Y 317 -57.62 65.27 31.86
N SER Y 318 -58.41 66.12 32.52
CA SER Y 318 -59.86 66.14 32.33
C SER Y 318 -60.25 67.31 31.46
N PRO Y 319 -60.83 67.08 30.28
CA PRO Y 319 -61.22 68.22 29.42
C PRO Y 319 -62.48 68.90 29.94
N GLU Y 320 -62.40 70.22 30.09
CA GLU Y 320 -63.56 71.00 30.51
C GLU Y 320 -64.42 71.37 29.31
N PHE Y 321 -65.71 71.55 29.57
CA PHE Y 321 -66.70 71.77 28.53
C PHE Y 321 -67.27 73.18 28.61
N GLY Y 322 -68.08 73.52 27.62
CA GLY Y 322 -68.79 74.78 27.60
C GLY Y 322 -70.10 74.63 26.87
N GLN Y 323 -71.03 75.53 27.16
CA GLN Y 323 -72.38 75.49 26.60
C GLN Y 323 -72.75 76.85 26.03
N PRO Y 324 -72.36 77.13 24.79
CA PRO Y 324 -72.79 78.37 24.14
C PRO Y 324 -74.30 78.40 23.96
N GLU Y 325 -74.87 79.60 24.10
CA GLU Y 325 -76.31 79.78 24.03
C GLU Y 325 -76.65 81.02 23.23
N ILE Y 326 -77.68 80.93 22.41
CA ILE Y 326 -78.11 82.00 21.53
C ILE Y 326 -79.59 82.27 21.79
N PRO Y 327 -79.92 83.36 22.49
CA PRO Y 327 -81.33 83.72 22.68
C PRO Y 327 -81.95 84.26 21.39
N VAL Y 328 -83.28 84.19 21.34
CA VAL Y 328 -84.05 84.62 20.18
C VAL Y 328 -84.85 85.85 20.57
N LYS Y 329 -84.79 86.89 19.74
CA LYS Y 329 -85.42 88.17 20.03
C LYS Y 329 -86.40 88.54 18.92
N LYS Y 330 -87.08 89.67 19.09
CA LYS Y 330 -88.20 90.04 18.24
C LYS Y 330 -88.10 91.50 17.83
N ALA Y 331 -88.41 91.76 16.56
CA ALA Y 331 -88.46 93.09 15.99
C ALA Y 331 -89.83 93.34 15.38
N GLN Y 332 -90.27 94.59 15.42
CA GLN Y 332 -91.64 94.91 15.04
C GLN Y 332 -91.78 96.37 14.67
N GLY Y 333 -92.82 96.68 13.90
CA GLY Y 333 -93.06 98.03 13.43
C GLY Y 333 -94.52 98.25 13.10
N PHE Y 334 -94.94 99.51 13.13
CA PHE Y 334 -96.36 99.86 13.07
C PHE Y 334 -96.57 101.06 12.17
N VAL Y 335 -97.65 101.02 11.39
CA VAL Y 335 -98.01 102.10 10.48
C VAL Y 335 -99.51 102.35 10.54
N PRO Y 336 -99.99 103.32 11.29
CA PRO Y 336 -101.42 103.61 11.32
C PRO Y 336 -101.85 104.49 10.14
N ILE Y 337 -103.14 104.43 9.84
CA ILE Y 337 -103.72 105.19 8.73
C ILE Y 337 -105.12 105.63 9.14
N SER Y 338 -105.64 106.64 8.47
CA SER Y 338 -106.99 107.13 8.70
C SER Y 338 -107.93 106.57 7.64
N ILE Y 339 -109.23 106.53 7.99
CA ILE Y 339 -110.21 105.90 7.11
C ILE Y 339 -110.30 106.64 5.78
N GLU Y 340 -110.29 107.97 5.82
CA GLU Y 340 -110.37 108.75 4.59
C GLU Y 340 -109.17 108.46 3.70
N ALA Y 341 -107.98 108.36 4.31
CA ALA Y 341 -106.78 108.06 3.55
C ALA Y 341 -106.88 106.70 2.87
N LEU Y 342 -107.38 105.69 3.59
CA LEU Y 342 -107.48 104.36 3.02
C LEU Y 342 -108.54 104.28 1.95
N GLN Y 343 -109.63 105.03 2.09
CA GLN Y 343 -110.69 105.01 1.08
C GLN Y 343 -110.33 105.82 -0.16
N ASP Y 344 -109.49 106.84 -0.03
CA ASP Y 344 -109.19 107.70 -1.17
C ASP Y 344 -107.92 107.29 -1.89
N GLU Y 345 -106.83 107.07 -1.15
CA GLU Y 345 -105.56 106.75 -1.78
C GLU Y 345 -105.62 105.39 -2.47
N ALA Y 346 -104.99 105.29 -3.63
CA ALA Y 346 -105.10 104.12 -4.49
C ALA Y 346 -103.84 103.26 -4.37
N ASN Y 347 -104.03 101.96 -4.21
CA ASN Y 347 -102.96 100.97 -4.18
C ASN Y 347 -101.94 101.28 -3.08
N VAL Y 348 -102.44 101.26 -1.85
CA VAL Y 348 -101.57 101.56 -0.71
C VAL Y 348 -101.18 100.30 0.05
N THR Y 349 -101.95 99.22 -0.07
CA THR Y 349 -101.65 98.00 0.69
C THR Y 349 -100.31 97.40 0.27
N GLU Y 350 -100.13 97.15 -1.02
CA GLU Y 350 -98.89 96.54 -1.47
C GLU Y 350 -97.74 97.54 -1.38
N THR Y 351 -98.03 98.83 -1.54
CA THR Y 351 -97.00 99.84 -1.33
C THR Y 351 -96.45 99.77 0.09
N VAL Y 352 -97.35 99.70 1.08
CA VAL Y 352 -96.90 99.61 2.47
C VAL Y 352 -96.21 98.28 2.72
N ALA Y 353 -96.65 97.20 2.06
CA ALA Y 353 -95.96 95.93 2.20
C ALA Y 353 -94.52 96.01 1.70
N LEU Y 354 -94.32 96.65 0.54
CA LEU Y 354 -92.97 96.83 0.02
C LEU Y 354 -92.13 97.69 0.95
N LEU Y 355 -92.72 98.75 1.49
CA LEU Y 355 -91.99 99.59 2.43
C LEU Y 355 -91.62 98.81 3.69
N PHE Y 356 -92.50 97.93 4.16
CA PHE Y 356 -92.16 97.07 5.30
C PHE Y 356 -91.00 96.15 4.96
N ALA Y 357 -91.03 95.54 3.78
CA ALA Y 357 -89.98 94.59 3.40
C ALA Y 357 -88.62 95.29 3.31
N GLU Y 358 -88.59 96.49 2.72
CA GLU Y 358 -87.34 97.22 2.62
C GLU Y 358 -86.76 97.52 3.99
N GLY Y 359 -87.60 97.99 4.91
CA GLY Y 359 -87.13 98.29 6.25
C GLY Y 359 -86.63 97.06 6.98
N LYS Y 360 -87.35 95.94 6.84
CA LYS Y 360 -86.92 94.70 7.48
C LYS Y 360 -85.55 94.28 6.95
N ASP Y 361 -85.36 94.36 5.64
CA ASP Y 361 -84.07 93.97 5.06
C ASP Y 361 -82.95 94.87 5.57
N GLU Y 362 -83.19 96.18 5.59
CA GLU Y 362 -82.16 97.11 6.06
C GLU Y 362 -81.81 96.84 7.51
N LEU Y 363 -82.82 96.66 8.36
CA LEU Y 363 -82.56 96.42 9.78
C LEU Y 363 -81.80 95.11 9.98
N GLU Y 364 -82.20 94.05 9.27
CA GLU Y 364 -81.52 92.77 9.42
C GLU Y 364 -80.07 92.86 8.99
N ALA Y 365 -79.80 93.53 7.86
CA ALA Y 365 -78.42 93.67 7.40
C ALA Y 365 -77.58 94.43 8.40
N VAL Y 366 -78.10 95.57 8.89
CA VAL Y 366 -77.33 96.39 9.83
C VAL Y 366 -77.05 95.62 11.11
N THR Y 367 -78.06 94.92 11.64
CA THR Y 367 -77.89 94.21 12.89
C THR Y 367 -76.99 92.99 12.77
N LEU Y 368 -77.10 92.24 11.68
CA LEU Y 368 -76.18 91.12 11.47
C LEU Y 368 -74.74 91.62 11.36
N THR Y 369 -74.53 92.72 10.63
CA THR Y 369 -73.18 93.27 10.54
C THR Y 369 -72.71 93.80 11.89
N THR Y 370 -73.57 94.54 12.59
CA THR Y 370 -73.23 95.16 13.87
C THR Y 370 -74.43 95.10 14.79
N GLY Y 371 -74.43 94.12 15.68
CA GLY Y 371 -75.46 94.00 16.70
C GLY Y 371 -74.91 94.22 18.09
N THR Y 372 -75.58 95.04 18.89
CA THR Y 372 -75.04 95.37 20.22
C THR Y 372 -74.91 94.14 21.09
N GLY Y 373 -75.92 93.26 21.07
CA GLY Y 373 -75.92 92.07 21.89
C GLY Y 373 -76.39 92.26 23.31
N GLN Y 374 -76.54 93.50 23.78
CA GLN Y 374 -77.01 93.80 25.12
C GLN Y 374 -78.33 94.54 25.01
N GLY Y 375 -79.32 94.09 25.78
CA GLY Y 375 -80.64 94.70 25.75
C GLY Y 375 -81.63 93.91 24.94
N ASN Y 376 -82.03 94.42 23.78
CA ASN Y 376 -83.00 93.75 22.92
C ASN Y 376 -82.43 93.43 21.54
N GLN Y 377 -81.14 93.63 21.32
CA GLN Y 377 -80.58 93.41 20.00
C GLN Y 377 -79.69 92.17 19.99
N PRO Y 378 -79.64 91.44 18.88
CA PRO Y 378 -78.76 90.28 18.77
C PRO Y 378 -77.30 90.70 18.76
N THR Y 379 -76.44 89.68 18.75
CA THR Y 379 -74.99 89.88 18.76
C THR Y 379 -74.46 89.83 17.34
N GLY Y 380 -73.79 90.89 16.91
CA GLY Y 380 -73.17 90.93 15.61
C GLY Y 380 -71.77 90.35 15.62
N ILE Y 381 -71.22 90.17 14.43
CA ILE Y 381 -69.87 89.62 14.31
C ILE Y 381 -68.83 90.62 14.80
N VAL Y 382 -68.97 91.89 14.43
CA VAL Y 382 -67.99 92.89 14.83
C VAL Y 382 -68.00 93.10 16.34
N THR Y 383 -69.20 93.22 16.92
CA THR Y 383 -69.28 93.44 18.37
C THR Y 383 -68.72 92.26 19.15
N ALA Y 384 -69.04 91.04 18.73
CA ALA Y 384 -68.53 89.85 19.41
C ALA Y 384 -67.03 89.64 19.18
N LEU Y 385 -66.47 90.17 18.10
CA LEU Y 385 -65.06 90.01 17.81
C LEU Y 385 -64.21 91.15 18.38
N ALA Y 386 -64.83 92.16 18.97
CA ALA Y 386 -64.08 93.30 19.50
C ALA Y 386 -63.53 92.99 20.88
N GLY Y 387 -62.32 93.47 21.15
CA GLY Y 387 -61.71 93.28 22.45
C GLY Y 387 -61.43 91.84 22.81
N THR Y 388 -61.02 91.03 21.83
CA THR Y 388 -60.71 89.62 22.07
C THR Y 388 -59.42 89.25 21.37
N ALA Y 389 -59.14 87.94 21.26
CA ALA Y 389 -57.92 87.49 20.62
C ALA Y 389 -57.89 87.77 19.13
N ALA Y 390 -59.04 88.11 18.53
CA ALA Y 390 -59.10 88.34 17.09
C ALA Y 390 -58.74 89.75 16.67
N GLU Y 391 -58.54 90.67 17.61
CA GLU Y 391 -58.23 92.05 17.30
C GLU Y 391 -56.72 92.24 17.20
N ILE Y 392 -56.26 92.76 16.06
CA ILE Y 392 -54.84 92.95 15.79
C ILE Y 392 -54.60 94.39 15.36
N ALA Y 393 -53.48 94.95 15.81
CA ALA Y 393 -53.08 96.30 15.43
C ALA Y 393 -52.33 96.29 14.11
N PRO Y 394 -52.42 97.37 13.33
CA PRO Y 394 -51.72 97.44 12.06
C PRO Y 394 -50.23 97.67 12.25
N VAL Y 395 -49.48 97.53 11.16
CA VAL Y 395 -48.04 97.70 11.20
C VAL Y 395 -47.69 99.14 11.56
N THR Y 396 -48.35 100.10 10.92
CA THR Y 396 -48.11 101.51 11.15
C THR Y 396 -49.43 102.20 11.49
N ALA Y 397 -49.38 103.10 12.47
CA ALA Y 397 -50.58 103.76 12.95
C ALA Y 397 -51.19 104.63 11.84
N GLU Y 398 -52.52 104.57 11.73
CA GLU Y 398 -53.28 105.30 10.71
C GLU Y 398 -52.76 104.99 9.30
N THR Y 399 -52.42 103.73 9.05
CA THR Y 399 -51.91 103.31 7.76
C THR Y 399 -52.56 102.01 7.35
N PHE Y 400 -52.88 101.90 6.06
CA PHE Y 400 -53.44 100.67 5.50
C PHE Y 400 -52.59 100.30 4.28
N ALA Y 401 -51.79 99.25 4.42
CA ALA Y 401 -50.90 98.79 3.35
C ALA Y 401 -51.10 97.30 3.15
N LEU Y 402 -50.33 96.73 2.21
CA LEU Y 402 -50.42 95.30 1.94
C LEU Y 402 -50.02 94.46 3.14
N ALA Y 403 -49.22 95.03 4.04
CA ALA Y 403 -48.75 94.27 5.20
C ALA Y 403 -49.92 93.81 6.06
N ASP Y 404 -50.87 94.70 6.34
CA ASP Y 404 -52.01 94.32 7.15
C ASP Y 404 -52.89 93.29 6.44
N VAL Y 405 -53.08 93.46 5.13
CA VAL Y 405 -53.91 92.52 4.38
C VAL Y 405 -53.30 91.13 4.41
N TYR Y 406 -51.98 91.03 4.24
CA TYR Y 406 -51.33 89.73 4.38
C TYR Y 406 -51.42 89.21 5.80
N ALA Y 407 -51.25 90.08 6.79
CA ALA Y 407 -51.21 89.64 8.19
C ALA Y 407 -52.55 89.06 8.64
N VAL Y 408 -53.65 89.64 8.16
CA VAL Y 408 -54.97 89.12 8.54
C VAL Y 408 -55.12 87.67 8.10
N TYR Y 409 -54.74 87.37 6.85
CA TYR Y 409 -54.79 85.99 6.38
C TYR Y 409 -53.76 85.12 7.09
N GLU Y 410 -52.63 85.72 7.46
CA GLU Y 410 -51.51 84.95 8.01
C GLU Y 410 -51.81 84.46 9.42
N GLN Y 411 -52.09 85.37 10.34
CA GLN Y 411 -52.07 85.04 11.76
C GLN Y 411 -53.15 84.04 12.17
N LEU Y 412 -54.15 83.82 11.31
CA LEU Y 412 -55.18 82.83 11.60
C LEU Y 412 -54.60 81.43 11.60
N ALA Y 413 -55.19 80.55 12.40
CA ALA Y 413 -54.73 79.17 12.50
C ALA Y 413 -54.93 78.44 11.18
N ALA Y 414 -54.09 77.42 10.96
CA ALA Y 414 -54.12 76.70 9.69
C ALA Y 414 -55.43 75.94 9.50
N ARG Y 415 -55.98 75.39 10.58
CA ARG Y 415 -57.23 74.62 10.46
C ARG Y 415 -58.37 75.50 9.97
N HIS Y 416 -58.49 76.72 10.48
CA HIS Y 416 -59.55 77.63 10.06
C HIS Y 416 -59.18 78.42 8.82
N ARG Y 417 -57.88 78.48 8.48
CA ARG Y 417 -57.47 79.25 7.30
C ARG Y 417 -57.99 78.62 6.02
N ARG Y 418 -58.05 77.28 5.96
CA ARG Y 418 -58.47 76.60 4.74
C ARG Y 418 -59.94 76.80 4.43
N GLN Y 419 -60.76 77.15 5.42
CA GLN Y 419 -62.19 77.43 5.22
C GLN Y 419 -62.43 78.85 5.71
N GLY Y 420 -62.32 79.83 4.81
CA GLY Y 420 -62.47 81.21 5.21
C GLY Y 420 -62.98 82.08 4.08
N ALA Y 421 -63.32 83.32 4.43
CA ALA Y 421 -63.81 84.29 3.48
C ALA Y 421 -63.56 85.69 4.01
N TRP Y 422 -63.58 86.67 3.12
CA TRP Y 422 -63.30 88.05 3.45
C TRP Y 422 -64.61 88.85 3.48
N LEU Y 423 -64.73 89.75 4.45
CA LEU Y 423 -65.83 90.70 4.52
C LEU Y 423 -65.29 92.09 4.80
N ALA Y 424 -65.70 93.05 3.97
CA ALA Y 424 -65.30 94.45 4.14
C ALA Y 424 -66.20 95.31 3.27
N ASN Y 425 -66.15 96.61 3.51
CA ASN Y 425 -66.87 97.56 2.68
C ASN Y 425 -66.16 97.71 1.33
N ASN Y 426 -66.93 98.16 0.33
CA ASN Y 426 -66.38 98.27 -1.01
C ASN Y 426 -65.25 99.29 -1.07
N LEU Y 427 -65.25 100.26 -0.16
CA LEU Y 427 -64.17 101.23 -0.11
C LEU Y 427 -62.83 100.55 0.13
N ILE Y 428 -62.79 99.60 1.07
CA ILE Y 428 -61.55 98.91 1.38
C ILE Y 428 -61.06 98.10 0.18
N TYR Y 429 -61.97 97.41 -0.50
CA TYR Y 429 -61.58 96.66 -1.68
C TYR Y 429 -61.01 97.58 -2.75
N ASN Y 430 -61.63 98.75 -2.93
CA ASN Y 430 -61.15 99.68 -3.94
C ASN Y 430 -59.77 100.24 -3.57
N LYS Y 431 -59.53 100.49 -2.28
CA LYS Y 431 -58.20 100.89 -1.87
C LYS Y 431 -57.19 99.78 -2.13
N ILE Y 432 -57.59 98.53 -1.91
CA ILE Y 432 -56.71 97.40 -2.21
C ILE Y 432 -56.36 97.39 -3.69
N ARG Y 433 -57.34 97.64 -4.55
CA ARG Y 433 -57.09 97.66 -5.99
C ARG Y 433 -56.13 98.79 -6.38
N GLN Y 434 -55.96 99.79 -5.51
CA GLN Y 434 -55.11 100.93 -5.80
C GLN Y 434 -53.67 100.77 -5.30
N PHE Y 435 -53.35 99.67 -4.62
CA PHE Y 435 -52.00 99.50 -4.10
C PHE Y 435 -50.95 99.49 -5.20
N ASP Y 436 -51.03 98.52 -6.10
CA ASP Y 436 -49.97 98.35 -7.09
C ASP Y 436 -50.00 99.44 -8.13
N THR Y 437 -48.83 99.89 -8.54
CA THR Y 437 -48.68 100.94 -9.54
C THR Y 437 -47.78 100.57 -10.69
N GLN Y 438 -46.71 99.80 -10.45
CA GLN Y 438 -45.72 99.48 -11.48
C GLN Y 438 -45.89 98.07 -12.04
N GLY Y 439 -47.11 97.52 -11.96
CA GLY Y 439 -47.32 96.18 -12.50
C GLY Y 439 -46.56 95.10 -11.77
N GLY Y 440 -46.57 95.12 -10.44
CA GLY Y 440 -45.80 94.17 -9.67
C GLY Y 440 -46.58 92.94 -9.22
N ALA Y 441 -46.52 92.64 -7.94
CA ALA Y 441 -47.21 91.50 -7.36
C ALA Y 441 -48.59 91.84 -6.81
N GLY Y 442 -49.04 93.07 -7.00
CA GLY Y 442 -50.33 93.51 -6.52
C GLY Y 442 -51.44 93.56 -7.54
N LEU Y 443 -51.27 92.94 -8.70
CA LEU Y 443 -52.33 92.94 -9.72
C LEU Y 443 -53.46 92.01 -9.27
N TRP Y 444 -54.29 92.52 -8.36
CA TRP Y 444 -55.54 91.84 -8.08
C TRP Y 444 -56.40 91.82 -9.33
N THR Y 445 -56.49 92.95 -10.01
CA THR Y 445 -57.13 93.07 -11.31
C THR Y 445 -56.75 94.43 -11.88
N THR Y 446 -57.05 94.63 -13.15
CA THR Y 446 -56.79 95.90 -13.81
C THR Y 446 -58.07 96.72 -13.88
N ILE Y 447 -57.92 98.00 -14.22
CA ILE Y 447 -59.08 98.83 -14.47
C ILE Y 447 -59.81 98.33 -15.71
N GLY Y 448 -61.08 98.71 -15.82
CA GLY Y 448 -61.90 98.20 -16.90
C GLY Y 448 -62.48 96.83 -16.66
N ASN Y 449 -62.29 96.27 -15.46
CA ASN Y 449 -62.84 94.97 -15.10
C ASN Y 449 -63.62 95.10 -13.81
N GLY Y 450 -64.54 94.16 -13.59
CA GLY Y 450 -65.39 94.19 -12.43
C GLY Y 450 -64.64 93.75 -11.18
N GLU Y 451 -65.41 93.64 -10.10
CA GLU Y 451 -64.85 93.26 -8.81
C GLU Y 451 -64.42 91.79 -8.85
N PRO Y 452 -63.20 91.47 -8.44
CA PRO Y 452 -62.74 90.08 -8.43
C PRO Y 452 -63.53 89.24 -7.44
N SER Y 453 -63.65 87.96 -7.77
CA SER Y 453 -64.40 87.01 -6.94
C SER Y 453 -63.52 86.23 -5.98
N GLN Y 454 -62.21 86.41 -6.01
CA GLN Y 454 -61.32 85.71 -5.08
C GLN Y 454 -60.20 86.63 -4.64
N LEU Y 455 -59.69 86.39 -3.45
CA LEU Y 455 -58.54 87.09 -2.90
C LEU Y 455 -57.68 86.07 -2.16
N LEU Y 456 -56.46 85.85 -2.64
CA LEU Y 456 -55.56 84.83 -2.10
C LEU Y 456 -56.20 83.45 -2.12
N GLY Y 457 -57.01 83.18 -3.13
CA GLY Y 457 -57.64 81.87 -3.27
C GLY Y 457 -58.86 81.65 -2.41
N ARG Y 458 -59.37 82.69 -1.74
CA ARG Y 458 -60.52 82.56 -0.86
C ARG Y 458 -61.68 83.38 -1.37
N PRO Y 459 -62.92 83.00 -1.01
CA PRO Y 459 -64.08 83.78 -1.44
C PRO Y 459 -64.07 85.18 -0.84
N VAL Y 460 -64.69 86.11 -1.56
CA VAL Y 460 -64.72 87.52 -1.18
C VAL Y 460 -66.16 87.94 -0.99
N GLY Y 461 -66.45 88.57 0.15
CA GLY Y 461 -67.77 89.10 0.42
C GLY Y 461 -67.67 90.58 0.80
N GLU Y 462 -68.83 91.24 0.78
CA GLU Y 462 -68.89 92.66 1.05
C GLU Y 462 -70.05 92.96 1.99
N ALA Y 463 -69.92 94.05 2.73
CA ALA Y 463 -70.95 94.50 3.66
C ALA Y 463 -70.84 96.01 3.80
N GLU Y 464 -71.96 96.71 3.58
CA GLU Y 464 -71.94 98.17 3.61
C GLU Y 464 -71.83 98.74 5.01
N ALA Y 465 -72.28 98.01 6.02
CA ALA Y 465 -72.45 98.59 7.35
C ALA Y 465 -71.15 98.70 8.14
N MET Y 466 -70.06 98.10 7.66
CA MET Y 466 -68.80 98.16 8.39
C MET Y 466 -68.11 99.50 8.15
N ASP Y 467 -67.26 99.87 9.11
CA ASP Y 467 -66.51 101.12 9.00
C ASP Y 467 -65.54 101.05 7.82
N ALA Y 468 -65.37 102.19 7.14
CA ALA Y 468 -64.47 102.24 6.00
C ALA Y 468 -63.63 103.51 5.93
N ASN Y 469 -63.79 104.44 6.86
CA ASN Y 469 -62.98 105.65 6.83
C ASN Y 469 -62.65 106.05 8.26
N TRP Y 470 -61.39 106.45 8.47
CA TRP Y 470 -60.90 106.84 9.78
C TRP Y 470 -60.46 108.30 9.84
N ASN Y 471 -60.89 109.11 8.88
CA ASN Y 471 -60.55 110.52 8.84
C ASN Y 471 -61.77 111.40 9.08
N THR Y 472 -62.83 111.24 8.29
CA THR Y 472 -64.06 111.99 8.53
C THR Y 472 -64.80 111.43 9.73
N SER Y 473 -64.62 110.15 10.03
CA SER Y 473 -65.29 109.55 11.18
C SER Y 473 -64.66 110.03 12.48
N ALA Y 474 -65.50 110.30 13.47
CA ALA Y 474 -65.05 110.76 14.77
C ALA Y 474 -64.90 109.65 15.79
N SER Y 475 -65.13 108.40 15.40
CA SER Y 475 -65.03 107.28 16.33
C SER Y 475 -63.58 107.00 16.68
N ALA Y 476 -63.35 106.56 17.92
CA ALA Y 476 -61.99 106.28 18.37
C ALA Y 476 -61.43 105.03 17.72
N ASP Y 477 -62.27 104.02 17.50
CA ASP Y 477 -61.84 102.75 16.93
C ASP Y 477 -62.56 102.51 15.60
N ASN Y 478 -61.85 101.89 14.66
CA ASN Y 478 -62.38 101.64 13.34
C ASN Y 478 -61.98 100.24 12.90
N PHE Y 479 -62.97 99.42 12.57
CA PHE Y 479 -62.74 98.05 12.10
C PHE Y 479 -63.11 98.01 10.61
N VAL Y 480 -62.17 97.58 9.78
CA VAL Y 480 -62.33 97.70 8.34
C VAL Y 480 -62.20 96.37 7.60
N LEU Y 481 -61.46 95.40 8.12
CA LEU Y 481 -61.24 94.15 7.40
C LEU Y 481 -61.46 92.97 8.34
N LEU Y 482 -61.98 91.88 7.78
CA LEU Y 482 -62.27 90.69 8.56
C LEU Y 482 -62.14 89.46 7.67
N TYR Y 483 -61.51 88.42 8.21
CA TYR Y 483 -61.38 87.15 7.52
C TYR Y 483 -61.36 86.04 8.56
N GLY Y 484 -62.09 84.96 8.29
CA GLY Y 484 -62.13 83.85 9.22
C GLY Y 484 -63.09 82.78 8.76
N ASN Y 485 -63.21 81.74 9.59
CA ASN Y 485 -64.06 80.60 9.30
C ASN Y 485 -65.48 80.92 9.77
N PHE Y 486 -66.37 81.19 8.82
CA PHE Y 486 -67.71 81.64 9.16
C PHE Y 486 -68.63 80.51 9.64
N GLN Y 487 -68.18 79.27 9.57
CA GLN Y 487 -68.99 78.17 10.08
C GLN Y 487 -69.22 78.25 11.58
N ASN Y 488 -68.44 79.06 12.29
CA ASN Y 488 -68.57 79.21 13.73
C ASN Y 488 -69.46 80.39 14.12
N TYR Y 489 -70.05 81.09 13.16
CA TYR Y 489 -71.01 82.16 13.42
C TYR Y 489 -72.40 81.64 13.08
N VAL Y 490 -73.25 81.52 14.10
CA VAL Y 490 -74.55 80.85 13.95
C VAL Y 490 -75.66 81.89 13.98
N ILE Y 491 -76.64 81.72 13.09
CA ILE Y 491 -77.85 82.53 13.07
C ILE Y 491 -79.02 81.58 13.27
N ALA Y 492 -79.83 81.84 14.30
CA ALA Y 492 -80.99 81.03 14.61
C ALA Y 492 -82.25 81.78 14.17
N ASP Y 493 -83.09 81.11 13.39
CA ASP Y 493 -84.29 81.71 12.82
C ASP Y 493 -85.51 80.95 13.30
N ARG Y 494 -86.56 81.71 13.67
CA ARG Y 494 -87.80 81.13 14.17
C ARG Y 494 -88.98 81.40 13.25
N ILE Y 495 -89.28 82.66 12.96
CA ILE Y 495 -90.40 83.02 12.09
C ILE Y 495 -89.96 84.09 11.10
N GLY Y 496 -90.70 84.20 10.01
CA GLY Y 496 -90.46 85.20 9.00
C GLY Y 496 -91.28 86.46 9.24
N MET Y 497 -91.26 87.34 8.24
CA MET Y 497 -92.00 88.58 8.33
C MET Y 497 -93.48 88.33 8.03
N THR Y 498 -94.34 88.63 9.01
CA THR Y 498 -95.77 88.46 8.86
C THR Y 498 -96.48 89.76 9.24
N VAL Y 499 -97.55 90.06 8.53
CA VAL Y 499 -98.29 91.31 8.70
C VAL Y 499 -99.73 90.98 9.07
N GLU Y 500 -100.29 91.77 9.98
CA GLU Y 500 -101.68 91.63 10.39
C GLU Y 500 -102.37 92.98 10.28
N PHE Y 501 -103.66 92.94 9.98
CA PHE Y 501 -104.45 94.14 9.73
C PHE Y 501 -105.40 94.37 10.90
N ILE Y 502 -105.17 95.45 11.65
CA ILE Y 502 -106.02 95.80 12.78
C ILE Y 502 -107.20 96.62 12.27
N PRO Y 503 -108.43 96.14 12.43
CA PRO Y 503 -109.59 96.83 11.87
C PRO Y 503 -109.99 98.11 12.58
N HIS Y 504 -109.63 98.31 13.85
CA HIS Y 504 -110.20 99.42 14.61
C HIS Y 504 -109.22 99.84 15.69
N LEU Y 505 -108.84 101.12 15.69
CA LEU Y 505 -108.01 101.72 16.73
C LEU Y 505 -108.86 102.65 17.58
N PHE Y 506 -108.47 102.77 18.85
CA PHE Y 506 -109.26 103.49 19.83
C PHE Y 506 -108.59 104.80 20.22
N GLY Y 507 -109.35 105.66 20.89
CA GLY Y 507 -108.90 106.95 21.30
C GLY Y 507 -108.61 107.03 22.79
N THR Y 508 -108.43 108.27 23.26
CA THR Y 508 -108.03 108.47 24.66
C THR Y 508 -109.11 107.98 25.62
N ASN Y 509 -110.37 108.26 25.31
CA ASN Y 509 -111.49 107.84 26.17
C ASN Y 509 -111.98 106.44 25.83
N ARG Y 510 -111.14 105.62 25.20
CA ARG Y 510 -111.49 104.27 24.80
C ARG Y 510 -112.71 104.26 23.87
N ARG Y 511 -112.75 105.21 22.96
CA ARG Y 511 -113.78 105.26 21.93
C ARG Y 511 -113.12 105.33 20.56
N PRO Y 512 -113.76 104.80 19.53
CA PRO Y 512 -113.15 104.81 18.20
C PRO Y 512 -112.90 106.23 17.70
N ASN Y 513 -111.79 106.40 16.99
CA ASN Y 513 -111.43 107.69 16.42
C ASN Y 513 -111.29 107.65 14.90
N GLY Y 514 -111.60 106.51 14.28
CA GLY Y 514 -111.56 106.41 12.84
C GLY Y 514 -110.17 106.25 12.26
N SER Y 515 -109.50 105.16 12.63
CA SER Y 515 -108.15 104.90 12.13
C SER Y 515 -107.94 103.39 12.04
N ARG Y 516 -106.94 103.01 11.23
CA ARG Y 516 -106.53 101.62 11.09
C ARG Y 516 -105.02 101.58 10.97
N GLY Y 517 -104.45 100.39 11.24
CA GLY Y 517 -103.02 100.23 11.26
C GLY Y 517 -102.58 98.88 10.71
N TRP Y 518 -101.27 98.71 10.61
CA TRP Y 518 -100.66 97.47 10.16
C TRP Y 518 -99.58 97.06 11.15
N PHE Y 519 -99.60 95.81 11.57
CA PHE Y 519 -98.65 95.26 12.51
C PHE Y 519 -97.79 94.20 11.84
N ALA Y 520 -96.48 94.35 11.98
CA ALA Y 520 -95.54 93.40 11.37
C ALA Y 520 -94.47 93.05 12.38
N TYR Y 521 -93.98 91.81 12.30
CA TYR Y 521 -92.95 91.34 13.21
C TYR Y 521 -92.27 90.11 12.63
N TYR Y 522 -91.08 89.82 13.15
CA TYR Y 522 -90.36 88.60 12.86
C TYR Y 522 -89.34 88.38 13.97
N ARG Y 523 -88.79 87.17 14.03
CA ARG Y 523 -87.88 86.81 15.11
C ARG Y 523 -86.64 86.13 14.55
N MET Y 524 -85.51 86.37 15.20
CA MET Y 524 -84.23 85.76 14.83
C MET Y 524 -83.24 86.04 15.95
N GLY Y 525 -82.05 85.46 15.82
CA GLY Y 525 -80.97 85.69 16.77
C GLY Y 525 -79.65 85.13 16.28
N ALA Y 526 -78.54 85.68 16.75
CA ALA Y 526 -77.23 85.24 16.28
C ALA Y 526 -76.18 85.55 17.34
N ASP Y 527 -75.07 84.82 17.27
CA ASP Y 527 -73.93 84.99 18.16
C ASP Y 527 -72.75 84.20 17.60
N VAL Y 528 -71.59 84.43 18.18
CA VAL Y 528 -70.35 83.78 17.78
C VAL Y 528 -70.05 82.64 18.73
N VAL Y 529 -69.76 81.47 18.18
CA VAL Y 529 -69.42 80.33 19.01
C VAL Y 529 -67.94 80.29 19.35
N ASN Y 530 -67.07 80.47 18.35
CA ASN Y 530 -65.63 80.43 18.56
C ASN Y 530 -64.99 81.73 18.10
N PRO Y 531 -64.54 82.60 19.00
CA PRO Y 531 -63.85 83.83 18.60
C PRO Y 531 -62.40 83.63 18.15
N ASN Y 532 -61.86 82.41 18.24
CA ASN Y 532 -60.50 82.13 17.80
C ASN Y 532 -60.43 81.67 16.35
N ALA Y 533 -61.55 81.66 15.64
CA ALA Y 533 -61.58 81.29 14.23
C ALA Y 533 -61.67 82.51 13.32
N PHE Y 534 -61.38 83.70 13.83
CA PHE Y 534 -61.45 84.92 13.05
C PHE Y 534 -60.24 85.78 13.37
N ARG Y 535 -59.92 86.67 12.44
CA ARG Y 535 -58.91 87.69 12.66
C ARG Y 535 -59.44 89.00 12.10
N LEU Y 536 -59.54 90.01 12.96
CA LEU Y 536 -60.18 91.28 12.63
C LEU Y 536 -59.16 92.40 12.76
N LEU Y 537 -59.14 93.30 11.78
CA LEU Y 537 -58.18 94.39 11.74
C LEU Y 537 -58.81 95.65 12.33
N ASN Y 538 -58.08 96.27 13.26
CA ASN Y 538 -58.54 97.50 13.91
C ASN Y 538 -57.56 98.61 13.59
N VAL Y 539 -58.07 99.69 13.01
CA VAL Y 539 -57.29 100.90 12.75
C VAL Y 539 -57.75 101.96 13.72
N GLU Y 540 -56.89 102.32 14.67
CA GLU Y 540 -57.24 103.23 15.75
C GLU Y 540 -56.64 104.60 15.48
N THR Y 541 -57.40 105.64 15.80
CA THR Y 541 -56.95 107.02 15.66
C THR Y 541 -56.83 107.67 17.04
N ALA Y 542 -55.81 108.50 17.18
CA ALA Y 542 -55.54 109.19 18.43
C ALA Y 542 -56.02 110.63 18.36
N SER Y 543 -56.37 111.17 19.53
CA SER Y 543 -56.85 112.53 19.62
C SER Y 543 -56.34 113.20 20.90
N MET Z 251 -99.29 86.21 31.30
CA MET Z 251 -98.53 85.01 30.96
C MET Z 251 -97.49 85.32 29.90
N GLY Z 252 -96.22 85.03 30.22
CA GLY Z 252 -95.14 85.32 29.30
C GLY Z 252 -94.15 84.19 29.11
N LEU Z 253 -92.90 84.54 28.80
CA LEU Z 253 -91.84 83.57 28.63
C LEU Z 253 -91.04 83.32 29.90
N THR Z 254 -91.29 84.07 30.97
CA THR Z 254 -90.59 83.84 32.23
C THR Z 254 -90.98 82.49 32.81
N LYS Z 255 -90.03 81.87 33.51
CA LYS Z 255 -90.24 80.51 34.01
C LYS Z 255 -91.43 80.46 34.97
N ALA Z 256 -91.53 81.43 35.87
CA ALA Z 256 -92.63 81.44 36.84
C ALA Z 256 -93.98 81.58 36.13
N ASP Z 257 -94.05 82.45 35.13
CA ASP Z 257 -95.31 82.71 34.43
C ASP Z 257 -95.44 81.82 33.19
N GLY Z 258 -95.44 80.52 33.42
CA GLY Z 258 -95.60 79.55 32.36
C GLY Z 258 -94.47 79.51 31.35
N GLY Z 259 -93.22 79.50 31.83
CA GLY Z 259 -92.09 79.38 30.94
C GLY Z 259 -91.55 77.97 30.85
N TYR Z 260 -92.09 77.07 31.67
CA TYR Z 260 -91.60 75.70 31.74
C TYR Z 260 -92.12 74.83 30.61
N LEU Z 261 -93.12 75.30 29.85
CA LEU Z 261 -93.74 74.46 28.84
C LEU Z 261 -92.91 74.36 27.56
N VAL Z 262 -91.99 75.29 27.33
CA VAL Z 262 -91.21 75.26 26.10
C VAL Z 262 -90.25 74.07 26.13
N PRO Z 263 -89.97 73.43 25.01
CA PRO Z 263 -89.00 72.33 25.01
C PRO Z 263 -87.58 72.85 25.11
N PHE Z 264 -86.65 71.91 25.19
CA PHE Z 264 -85.23 72.19 25.27
C PHE Z 264 -84.57 71.76 23.96
N GLN Z 265 -83.83 72.68 23.34
CA GLN Z 265 -83.16 72.41 22.07
C GLN Z 265 -81.66 72.37 22.28
N LEU Z 266 -81.03 71.28 21.86
CA LEU Z 266 -79.62 71.06 22.08
C LEU Z 266 -79.02 70.31 20.90
N ASP Z 267 -77.79 70.66 20.54
CA ASP Z 267 -77.06 69.93 19.52
C ASP Z 267 -76.05 69.01 20.17
N PRO Z 268 -76.22 67.69 20.06
CA PRO Z 268 -75.30 66.77 20.75
C PRO Z 268 -73.87 66.87 20.27
N THR Z 269 -73.64 67.23 19.01
CA THR Z 269 -72.28 67.27 18.49
C THR Z 269 -71.46 68.34 19.18
N VAL Z 270 -70.16 68.10 19.27
CA VAL Z 270 -69.24 68.94 20.03
C VAL Z 270 -68.41 69.78 19.06
N ILE Z 271 -68.02 70.97 19.52
CA ILE Z 271 -67.15 71.87 18.76
C ILE Z 271 -65.81 71.91 19.48
N ILE Z 272 -64.75 71.51 18.78
CA ILE Z 272 -63.41 71.55 19.35
C ILE Z 272 -62.90 72.99 19.31
N THR Z 273 -62.47 73.49 20.47
CA THR Z 273 -62.02 74.87 20.61
C THR Z 273 -60.51 74.96 20.77
N SER Z 274 -59.78 74.06 20.13
CA SER Z 274 -58.32 74.07 20.13
C SER Z 274 -57.81 74.25 18.72
N ASN Z 275 -56.80 75.10 18.57
CA ASN Z 275 -56.28 75.41 17.24
C ASN Z 275 -55.62 74.20 16.60
N GLY Z 276 -54.92 73.40 17.39
CA GLY Z 276 -54.19 72.28 16.83
C GLY Z 276 -52.90 72.72 16.18
N SER Z 277 -52.28 71.79 15.46
CA SER Z 277 -51.01 72.06 14.80
C SER Z 277 -50.94 71.32 13.48
N LEU Z 278 -50.44 71.99 12.45
CA LEU Z 278 -50.25 71.39 11.14
C LEU Z 278 -48.76 71.26 10.87
N ASN Z 279 -48.32 70.06 10.52
CA ASN Z 279 -46.92 69.80 10.26
C ASN Z 279 -46.79 68.95 8.99
N ASP Z 280 -45.62 69.03 8.36
CA ASP Z 280 -45.39 68.38 7.08
C ASP Z 280 -44.07 67.62 7.05
N ILE Z 281 -43.42 67.46 8.19
CA ILE Z 281 -42.13 66.76 8.23
C ILE Z 281 -42.30 65.30 7.81
N ARG Z 282 -43.39 64.67 8.25
CA ARG Z 282 -43.61 63.26 7.97
C ARG Z 282 -43.76 62.97 6.49
N ARG Z 283 -44.03 63.97 5.66
CA ARG Z 283 -44.13 63.78 4.22
C ARG Z 283 -42.77 63.73 3.53
N PHE Z 284 -41.71 64.20 4.20
CA PHE Z 284 -40.39 64.25 3.58
C PHE Z 284 -39.35 63.41 4.30
N ALA Z 285 -39.54 63.12 5.58
CA ALA Z 285 -38.54 62.41 6.36
C ALA Z 285 -38.48 60.94 5.95
N ARG Z 286 -37.51 60.23 6.52
CA ARG Z 286 -37.34 58.80 6.28
C ARG Z 286 -37.78 58.04 7.53
N GLN Z 287 -38.69 57.09 7.35
CA GLN Z 287 -39.27 56.35 8.46
C GLN Z 287 -38.76 54.91 8.43
N VAL Z 288 -38.35 54.40 9.60
CA VAL Z 288 -37.87 53.05 9.75
C VAL Z 288 -38.59 52.40 10.92
N VAL Z 289 -38.80 51.09 10.83
CA VAL Z 289 -39.41 50.34 11.92
C VAL Z 289 -38.35 50.01 12.96
N ALA Z 290 -38.64 50.34 14.22
CA ALA Z 290 -37.76 50.04 15.33
C ALA Z 290 -38.30 48.83 16.09
N THR Z 291 -37.41 47.88 16.39
CA THR Z 291 -37.77 46.66 17.09
C THR Z 291 -37.12 46.58 18.46
N GLY Z 292 -36.77 47.73 19.03
CA GLY Z 292 -36.09 47.75 20.31
C GLY Z 292 -36.04 49.16 20.84
N ASP Z 293 -35.32 49.32 21.95
CA ASP Z 293 -35.22 50.62 22.59
C ASP Z 293 -34.32 51.58 21.82
N VAL Z 294 -33.37 51.08 21.04
CA VAL Z 294 -32.40 51.94 20.37
C VAL Z 294 -32.23 51.45 18.94
N TRP Z 295 -32.13 52.38 18.00
CA TRP Z 295 -31.87 52.10 16.59
C TRP Z 295 -30.45 52.53 16.26
N HIS Z 296 -29.75 51.71 15.48
CA HIS Z 296 -28.35 51.95 15.13
C HIS Z 296 -28.16 52.03 13.63
N GLY Z 297 -27.03 52.60 13.24
CA GLY Z 297 -26.66 52.75 11.84
C GLY Z 297 -25.17 52.96 11.72
N VAL Z 298 -24.70 53.08 10.48
CA VAL Z 298 -23.27 53.22 10.19
C VAL Z 298 -23.06 54.43 9.30
N SER Z 299 -22.06 55.25 9.64
CA SER Z 299 -21.69 56.42 8.87
C SER Z 299 -20.19 56.42 8.64
N SER Z 300 -19.76 56.97 7.51
CA SER Z 300 -18.36 56.95 7.13
C SER Z 300 -18.06 58.17 6.27
N ALA Z 301 -16.83 58.23 5.75
CA ALA Z 301 -16.38 59.34 4.92
C ALA Z 301 -15.58 58.77 3.75
N ALA Z 302 -15.04 59.65 2.92
CA ALA Z 302 -14.31 59.25 1.73
C ALA Z 302 -12.81 59.13 2.03
N VAL Z 303 -12.05 58.72 1.02
CA VAL Z 303 -10.61 58.51 1.13
C VAL Z 303 -9.90 59.66 0.44
N GLN Z 304 -8.94 60.27 1.13
CA GLN Z 304 -8.20 61.39 0.57
C GLN Z 304 -7.02 60.91 -0.25
N TRP Z 305 -6.92 61.41 -1.48
CA TRP Z 305 -5.81 61.10 -2.36
C TRP Z 305 -4.83 62.27 -2.37
N SER Z 306 -3.76 62.14 -3.18
CA SER Z 306 -2.77 63.19 -3.28
C SER Z 306 -1.98 62.99 -4.57
N TRP Z 307 -1.41 64.08 -5.07
CA TRP Z 307 -0.57 64.05 -6.27
C TRP Z 307 0.87 63.86 -5.83
N ASP Z 308 1.45 62.70 -6.15
CA ASP Z 308 2.77 62.33 -5.68
C ASP Z 308 3.75 62.26 -6.84
N ALA Z 309 5.03 62.36 -6.51
CA ALA Z 309 6.11 62.23 -7.47
C ALA Z 309 6.58 60.78 -7.53
N GLU Z 310 7.67 60.54 -8.24
CA GLU Z 310 8.23 59.19 -8.32
C GLU Z 310 9.04 58.87 -7.08
N PHE Z 311 9.03 57.58 -6.71
CA PHE Z 311 9.75 57.09 -5.53
C PHE Z 311 9.36 57.88 -4.28
N GLU Z 312 8.07 58.21 -4.19
CA GLU Z 312 7.52 58.93 -3.06
C GLU Z 312 6.56 58.00 -2.32
N GLU Z 313 6.81 57.81 -1.03
CA GLU Z 313 6.00 56.89 -0.24
C GLU Z 313 4.61 57.47 -0.03
N VAL Z 314 3.62 56.60 -0.03
CA VAL Z 314 2.22 57.01 0.07
C VAL Z 314 1.87 57.32 1.51
N SER Z 315 0.88 58.17 1.68
CA SER Z 315 0.35 58.47 3.00
C SER Z 315 -0.62 57.39 3.44
N ASP Z 316 -0.86 57.32 4.75
CA ASP Z 316 -1.75 56.32 5.34
C ASP Z 316 -3.15 56.91 5.39
N ASP Z 317 -3.97 56.53 4.40
CA ASP Z 317 -5.30 57.11 4.22
C ASP Z 317 -6.40 56.27 4.86
N SER Z 318 -6.30 56.04 6.17
CA SER Z 318 -7.33 55.25 6.84
C SER Z 318 -8.57 56.11 7.07
N PRO Z 319 -9.74 55.68 6.61
CA PRO Z 319 -10.96 56.45 6.83
C PRO Z 319 -11.47 56.32 8.27
N GLU Z 320 -12.47 57.14 8.58
CA GLU Z 320 -13.09 57.17 9.90
C GLU Z 320 -14.56 56.77 9.79
N PHE Z 321 -15.06 56.10 10.82
CA PHE Z 321 -16.44 55.64 10.87
C PHE Z 321 -17.17 56.28 12.06
N GLY Z 322 -18.43 55.93 12.21
CA GLY Z 322 -19.25 56.45 13.29
C GLY Z 322 -20.56 55.71 13.36
N GLN Z 323 -21.29 55.97 14.44
CA GLN Z 323 -22.56 55.29 14.67
C GLN Z 323 -23.57 56.22 15.34
N PRO Z 324 -24.69 56.52 14.68
CA PRO Z 324 -25.75 57.30 15.31
C PRO Z 324 -26.73 56.43 16.07
N GLU Z 325 -27.31 57.02 17.12
CA GLU Z 325 -28.24 56.33 18.01
C GLU Z 325 -29.54 57.09 18.07
N ILE Z 326 -30.66 56.37 18.03
CA ILE Z 326 -32.00 56.95 18.11
C ILE Z 326 -32.73 56.29 19.27
N PRO Z 327 -32.68 56.88 20.46
CA PRO Z 327 -33.46 56.34 21.58
C PRO Z 327 -34.96 56.49 21.33
N VAL Z 328 -35.72 55.58 21.94
CA VAL Z 328 -37.17 55.52 21.77
C VAL Z 328 -37.82 55.84 23.10
N LYS Z 329 -38.74 56.81 23.09
CA LYS Z 329 -39.42 57.26 24.29
C LYS Z 329 -40.92 57.05 24.11
N LYS Z 330 -41.68 57.45 25.13
CA LYS Z 330 -43.12 57.17 25.16
C LYS Z 330 -43.90 58.36 25.69
N ALA Z 331 -45.17 58.42 25.30
CA ALA Z 331 -46.10 59.46 25.72
C ALA Z 331 -47.34 58.82 26.32
N GLN Z 332 -48.05 59.59 27.14
CA GLN Z 332 -49.17 59.05 27.89
C GLN Z 332 -50.30 60.06 27.99
N GLY Z 333 -51.51 59.54 28.24
CA GLY Z 333 -52.68 60.35 28.50
C GLY Z 333 -53.72 59.56 29.28
N PHE Z 334 -54.34 60.17 30.29
CA PHE Z 334 -55.24 59.47 31.18
C PHE Z 334 -56.48 60.30 31.43
N VAL Z 335 -57.64 59.65 31.37
CA VAL Z 335 -58.92 60.32 31.63
C VAL Z 335 -59.77 59.44 32.55
N PRO Z 336 -59.84 59.73 33.83
CA PRO Z 336 -60.76 58.99 34.71
C PRO Z 336 -62.20 59.39 34.48
N ILE Z 337 -63.10 58.42 34.65
CA ILE Z 337 -64.52 58.62 34.41
C ILE Z 337 -65.31 57.97 35.53
N SER Z 338 -66.41 58.61 35.94
CA SER Z 338 -67.25 58.06 36.98
C SER Z 338 -68.26 57.08 36.39
N ILE Z 339 -68.74 56.18 37.25
CA ILE Z 339 -69.69 55.16 36.79
C ILE Z 339 -71.03 55.80 36.41
N GLU Z 340 -71.45 56.84 37.13
CA GLU Z 340 -72.69 57.52 36.79
C GLU Z 340 -72.58 58.19 35.43
N ALA Z 341 -71.45 58.84 35.15
CA ALA Z 341 -71.29 59.56 33.89
C ALA Z 341 -71.32 58.61 32.70
N LEU Z 342 -70.73 57.41 32.84
CA LEU Z 342 -70.73 56.46 31.75
C LEU Z 342 -72.14 56.02 31.37
N GLN Z 343 -73.06 55.97 32.32
CA GLN Z 343 -74.43 55.56 32.04
C GLN Z 343 -75.36 56.72 31.71
N ASP Z 344 -75.02 57.93 32.12
CA ASP Z 344 -75.89 59.09 31.91
C ASP Z 344 -75.65 59.75 30.55
N GLU Z 345 -74.42 60.21 30.31
CA GLU Z 345 -74.13 60.91 29.06
C GLU Z 345 -74.14 59.95 27.89
N ALA Z 346 -74.42 60.48 26.70
CA ALA Z 346 -74.49 59.69 25.50
C ALA Z 346 -73.25 59.90 24.64
N ASN Z 347 -72.74 58.80 24.08
CA ASN Z 347 -71.61 58.82 23.16
C ASN Z 347 -70.38 59.45 23.81
N VAL Z 348 -70.06 58.98 25.02
CA VAL Z 348 -68.86 59.44 25.70
C VAL Z 348 -67.60 58.88 25.06
N THR Z 349 -67.63 57.58 24.71
CA THR Z 349 -66.43 56.90 24.25
C THR Z 349 -65.90 57.49 22.96
N GLU Z 350 -66.80 57.79 22.01
CA GLU Z 350 -66.37 58.38 20.74
C GLU Z 350 -65.75 59.76 20.96
N THR Z 351 -66.35 60.56 21.85
CA THR Z 351 -65.81 61.87 22.14
C THR Z 351 -64.42 61.76 22.76
N VAL Z 352 -64.25 60.83 23.70
CA VAL Z 352 -62.94 60.65 24.33
C VAL Z 352 -61.91 60.20 23.31
N ALA Z 353 -62.30 59.30 22.40
CA ALA Z 353 -61.37 58.85 21.37
C ALA Z 353 -60.96 59.99 20.46
N LEU Z 354 -61.92 60.84 20.07
CA LEU Z 354 -61.60 62.00 19.25
C LEU Z 354 -60.62 62.93 19.97
N LEU Z 355 -60.86 63.17 21.25
CA LEU Z 355 -59.98 64.07 22.00
C LEU Z 355 -58.58 63.49 22.12
N PHE Z 356 -58.47 62.19 22.37
CA PHE Z 356 -57.16 61.54 22.38
C PHE Z 356 -56.46 61.71 21.04
N ALA Z 357 -57.19 61.51 19.94
CA ALA Z 357 -56.57 61.63 18.62
C ALA Z 357 -56.03 63.04 18.40
N GLU Z 358 -56.83 64.06 18.71
CA GLU Z 358 -56.37 65.43 18.53
C GLU Z 358 -55.16 65.72 19.38
N GLY Z 359 -55.18 65.30 20.65
CA GLY Z 359 -54.04 65.57 21.52
C GLY Z 359 -52.78 64.92 21.03
N LYS Z 360 -52.87 63.64 20.64
CA LYS Z 360 -51.69 62.94 20.16
C LYS Z 360 -51.13 63.58 18.90
N ASP Z 361 -52.02 63.96 17.96
CA ASP Z 361 -51.54 64.58 16.73
C ASP Z 361 -50.85 65.91 17.02
N GLU Z 362 -51.44 66.73 17.90
CA GLU Z 362 -50.83 68.02 18.22
C GLU Z 362 -49.46 67.82 18.86
N LEU Z 363 -49.36 66.90 19.82
CA LEU Z 363 -48.08 66.66 20.48
C LEU Z 363 -47.03 66.16 19.50
N GLU Z 364 -47.41 65.22 18.62
CA GLU Z 364 -46.44 64.69 17.67
C GLU Z 364 -45.96 65.77 16.72
N ALA Z 365 -46.86 66.61 16.22
CA ALA Z 365 -46.44 67.68 15.32
C ALA Z 365 -45.48 68.64 16.02
N VAL Z 366 -45.81 69.04 17.25
CA VAL Z 366 -44.95 69.97 17.97
C VAL Z 366 -43.58 69.35 18.21
N THR Z 367 -43.53 68.09 18.64
CA THR Z 367 -42.26 67.46 18.97
C THR Z 367 -41.41 67.22 17.72
N LEU Z 368 -42.04 66.83 16.61
CA LEU Z 368 -41.29 66.68 15.37
C LEU Z 368 -40.71 68.01 14.91
N THR Z 369 -41.48 69.09 15.04
CA THR Z 369 -40.94 70.40 14.66
C THR Z 369 -39.81 70.81 15.59
N THR Z 370 -40.03 70.74 16.91
CA THR Z 370 -39.03 71.19 17.88
C THR Z 370 -39.22 70.40 19.18
N GLY Z 371 -38.30 69.49 19.45
CA GLY Z 371 -38.24 68.79 20.72
C GLY Z 371 -37.01 69.24 21.48
N THR Z 372 -37.03 69.10 22.81
CA THR Z 372 -35.88 69.51 23.59
C THR Z 372 -34.69 68.60 23.34
N GLY Z 373 -34.93 67.39 22.85
CA GLY Z 373 -33.86 66.45 22.56
C GLY Z 373 -33.27 65.81 23.80
N GLN Z 374 -32.90 66.64 24.77
CA GLN Z 374 -32.37 66.15 26.03
C GLN Z 374 -33.51 65.72 26.95
N GLY Z 375 -33.15 65.26 28.14
CA GLY Z 375 -34.14 64.89 29.12
C GLY Z 375 -34.99 63.70 28.73
N ASN Z 376 -36.27 63.94 28.46
CA ASN Z 376 -37.22 62.86 28.22
C ASN Z 376 -38.10 63.20 27.01
N GLN Z 377 -37.50 63.72 25.96
CA GLN Z 377 -38.20 64.00 24.71
C GLN Z 377 -37.32 63.64 23.54
N PRO Z 378 -37.90 63.28 22.39
CA PRO Z 378 -37.09 63.05 21.20
C PRO Z 378 -36.42 64.33 20.71
N THR Z 379 -35.64 64.22 19.64
CA THR Z 379 -34.92 65.35 19.10
C THR Z 379 -35.60 65.85 17.83
N GLY Z 380 -35.90 67.14 17.78
CA GLY Z 380 -36.47 67.74 16.61
C GLY Z 380 -35.43 68.13 15.59
N ILE Z 381 -35.91 68.57 14.41
CA ILE Z 381 -34.99 68.93 13.35
C ILE Z 381 -34.28 70.24 13.68
N VAL Z 382 -35.02 71.23 14.19
CA VAL Z 382 -34.44 72.56 14.41
C VAL Z 382 -33.43 72.52 15.55
N THR Z 383 -33.77 71.82 16.64
CA THR Z 383 -32.84 71.74 17.77
C THR Z 383 -31.56 71.01 17.39
N ALA Z 384 -31.67 69.98 16.54
CA ALA Z 384 -30.47 69.28 16.10
C ALA Z 384 -29.64 70.15 15.17
N LEU Z 385 -30.29 70.91 14.30
CA LEU Z 385 -29.54 71.75 13.36
C LEU Z 385 -28.94 72.96 14.05
N ALA Z 386 -29.55 73.43 15.14
CA ALA Z 386 -29.06 74.63 15.81
C ALA Z 386 -27.68 74.40 16.40
N GLY Z 387 -26.79 75.38 16.26
CA GLY Z 387 -25.44 75.30 16.73
C GLY Z 387 -24.49 74.59 15.77
N THR Z 388 -25.02 73.76 14.89
CA THR Z 388 -24.21 73.01 13.94
C THR Z 388 -23.70 73.95 12.85
N ALA Z 389 -22.75 73.46 12.05
CA ALA Z 389 -22.23 74.24 10.94
C ALA Z 389 -23.30 74.53 9.89
N ALA Z 390 -24.43 73.81 9.95
CA ALA Z 390 -25.54 74.10 9.04
C ALA Z 390 -26.13 75.48 9.26
N GLU Z 391 -26.02 76.02 10.48
CA GLU Z 391 -26.55 77.34 10.78
C GLU Z 391 -25.76 78.43 10.07
N ILE Z 392 -26.48 79.40 9.51
CA ILE Z 392 -25.89 80.54 8.82
C ILE Z 392 -26.54 81.81 9.35
N ALA Z 393 -26.07 82.95 8.86
CA ALA Z 393 -26.56 84.24 9.29
C ALA Z 393 -26.92 85.10 8.08
N PRO Z 394 -27.87 86.01 8.24
CA PRO Z 394 -28.26 86.86 7.10
C PRO Z 394 -27.16 87.83 6.72
N VAL Z 395 -27.24 88.29 5.47
CA VAL Z 395 -26.22 89.20 4.93
C VAL Z 395 -26.25 90.53 5.67
N THR Z 396 -27.43 91.00 6.06
CA THR Z 396 -27.59 92.24 6.80
C THR Z 396 -28.32 91.96 8.11
N ALA Z 397 -27.82 92.54 9.19
CA ALA Z 397 -28.32 92.20 10.52
C ALA Z 397 -29.78 92.60 10.69
N GLU Z 398 -30.55 91.72 11.34
CA GLU Z 398 -31.94 91.99 11.72
C GLU Z 398 -32.82 92.30 10.52
N THR Z 399 -32.51 91.71 9.37
CA THR Z 399 -33.27 91.97 8.16
C THR Z 399 -33.47 90.67 7.39
N PHE Z 400 -34.64 90.54 6.76
CA PHE Z 400 -34.95 89.42 5.88
C PHE Z 400 -35.08 89.96 4.46
N ALA Z 401 -34.12 89.63 3.61
CA ALA Z 401 -34.06 90.14 2.25
C ALA Z 401 -34.12 88.97 1.26
N LEU Z 402 -34.16 89.31 -0.02
CA LEU Z 402 -34.25 88.30 -1.07
C LEU Z 402 -32.97 87.48 -1.16
N ALA Z 403 -31.83 88.08 -0.79
CA ALA Z 403 -30.56 87.37 -0.89
C ALA Z 403 -30.45 86.23 0.12
N ASP Z 404 -31.22 86.26 1.21
CA ASP Z 404 -31.12 85.21 2.21
C ASP Z 404 -31.59 83.87 1.66
N VAL Z 405 -32.67 83.87 0.86
CA VAL Z 405 -33.16 82.63 0.29
C VAL Z 405 -32.10 82.02 -0.63
N TYR Z 406 -31.50 82.85 -1.49
CA TYR Z 406 -30.47 82.35 -2.39
C TYR Z 406 -29.26 81.85 -1.61
N ALA Z 407 -28.90 82.54 -0.54
CA ALA Z 407 -27.77 82.10 0.29
C ALA Z 407 -28.06 80.73 0.90
N VAL Z 408 -29.29 80.54 1.40
CA VAL Z 408 -29.66 79.25 1.96
C VAL Z 408 -29.59 78.16 0.88
N TYR Z 409 -30.08 78.46 -0.31
CA TYR Z 409 -30.13 77.45 -1.37
C TYR Z 409 -28.74 77.07 -1.88
N GLU Z 410 -27.91 78.06 -2.17
CA GLU Z 410 -26.68 77.79 -2.93
C GLU Z 410 -25.61 77.14 -2.06
N GLN Z 411 -25.53 77.51 -0.78
CA GLN Z 411 -24.41 77.07 0.04
C GLN Z 411 -24.42 75.55 0.25
N LEU Z 412 -25.59 74.93 0.14
CA LEU Z 412 -25.66 73.48 0.26
C LEU Z 412 -24.96 72.82 -0.92
N ALA Z 413 -24.26 71.71 -0.64
CA ALA Z 413 -23.50 71.00 -1.66
C ALA Z 413 -24.42 70.41 -2.71
N ALA Z 414 -23.89 70.19 -3.91
CA ALA Z 414 -24.71 69.71 -5.02
C ALA Z 414 -25.21 68.29 -4.84
N ARG Z 415 -24.59 67.52 -3.95
CA ARG Z 415 -25.04 66.14 -3.72
C ARG Z 415 -26.44 66.13 -3.11
N HIS Z 416 -26.72 67.04 -2.19
CA HIS Z 416 -28.03 67.12 -1.54
C HIS Z 416 -28.93 68.21 -2.10
N ARG Z 417 -28.36 69.21 -2.78
CA ARG Z 417 -29.17 70.32 -3.25
C ARG Z 417 -30.23 69.88 -4.25
N ARG Z 418 -29.93 68.85 -5.05
CA ARG Z 418 -30.85 68.41 -6.08
C ARG Z 418 -31.95 67.51 -5.56
N GLN Z 419 -31.93 67.16 -4.28
CA GLN Z 419 -32.98 66.34 -3.66
C GLN Z 419 -33.48 66.99 -2.38
N GLY Z 420 -33.68 68.30 -2.40
CA GLY Z 420 -34.07 69.01 -1.20
C GLY Z 420 -35.49 69.54 -1.21
N ALA Z 421 -35.99 69.94 -0.04
CA ALA Z 421 -37.32 70.50 0.08
C ALA Z 421 -37.28 71.66 1.07
N TRP Z 422 -38.26 72.55 0.94
CA TRP Z 422 -38.35 73.75 1.77
C TRP Z 422 -39.28 73.50 2.95
N LEU Z 423 -39.00 74.19 4.06
CA LEU Z 423 -39.81 74.08 5.26
C LEU Z 423 -39.78 75.42 6.01
N ALA Z 424 -40.92 76.09 6.09
CA ALA Z 424 -41.01 77.38 6.77
C ALA Z 424 -42.47 77.61 7.17
N ASN Z 425 -42.66 78.61 8.02
CA ASN Z 425 -43.98 78.99 8.49
C ASN Z 425 -44.65 79.94 7.48
N ASN Z 426 -45.95 80.17 7.67
CA ASN Z 426 -46.70 80.98 6.72
C ASN Z 426 -46.19 82.42 6.67
N LEU Z 427 -45.71 82.93 7.81
CA LEU Z 427 -45.14 84.28 7.83
C LEU Z 427 -44.01 84.41 6.83
N ILE Z 428 -43.09 83.43 6.81
CA ILE Z 428 -41.93 83.50 5.94
C ILE Z 428 -42.34 83.46 4.48
N TYR Z 429 -43.29 82.58 4.14
CA TYR Z 429 -43.74 82.49 2.76
C TYR Z 429 -44.41 83.78 2.32
N ASN Z 430 -45.24 84.38 3.18
CA ASN Z 430 -45.86 85.65 2.82
C ASN Z 430 -44.84 86.76 2.69
N LYS Z 431 -43.82 86.77 3.55
CA LYS Z 431 -42.77 87.79 3.45
C LYS Z 431 -42.00 87.64 2.15
N ILE Z 432 -41.72 86.40 1.73
CA ILE Z 432 -41.08 86.18 0.44
C ILE Z 432 -42.00 86.65 -0.68
N ARG Z 433 -43.30 86.38 -0.56
CA ARG Z 433 -44.28 86.84 -1.53
C ARG Z 433 -44.28 88.35 -1.67
N GLN Z 434 -44.02 89.07 -0.59
CA GLN Z 434 -44.02 90.53 -0.61
C GLN Z 434 -42.71 91.12 -1.11
N PHE Z 435 -41.70 90.30 -1.40
CA PHE Z 435 -40.40 90.83 -1.81
C PHE Z 435 -40.45 91.59 -3.13
N ASP Z 436 -41.40 91.30 -4.00
CA ASP Z 436 -41.44 91.92 -5.32
C ASP Z 436 -42.45 93.05 -5.36
N THR Z 437 -42.08 94.14 -6.00
CA THR Z 437 -42.92 95.32 -6.10
C THR Z 437 -43.11 95.80 -7.54
N GLN Z 438 -42.09 95.69 -8.39
CA GLN Z 438 -42.15 96.18 -9.74
C GLN Z 438 -42.23 95.07 -10.77
N GLY Z 439 -42.59 93.86 -10.35
CA GLY Z 439 -42.71 92.74 -11.27
C GLY Z 439 -41.40 92.29 -11.88
N GLY Z 440 -40.34 92.19 -11.08
CA GLY Z 440 -39.06 91.75 -11.59
C GLY Z 440 -38.90 90.25 -11.59
N ALA Z 441 -37.69 89.77 -11.27
CA ALA Z 441 -37.44 88.33 -11.29
C ALA Z 441 -38.07 87.64 -10.09
N GLY Z 442 -38.18 88.32 -8.97
CA GLY Z 442 -38.72 87.71 -7.76
C GLY Z 442 -40.23 87.72 -7.69
N LEU Z 443 -40.90 87.58 -8.82
CA LEU Z 443 -42.35 87.58 -8.88
C LEU Z 443 -42.80 86.13 -8.71
N TRP Z 444 -42.94 85.69 -7.46
CA TRP Z 444 -43.33 84.32 -7.20
C TRP Z 444 -44.74 84.04 -7.72
N THR Z 445 -45.70 84.87 -7.34
CA THR Z 445 -47.07 84.76 -7.82
C THR Z 445 -47.73 86.10 -7.56
N THR Z 446 -48.98 86.23 -8.01
CA THR Z 446 -49.71 87.48 -7.91
C THR Z 446 -50.74 87.38 -6.78
N ILE Z 447 -51.11 88.54 -6.25
CA ILE Z 447 -52.15 88.57 -5.23
C ILE Z 447 -53.47 88.13 -5.85
N GLY Z 448 -54.26 87.42 -5.06
CA GLY Z 448 -55.48 86.83 -5.57
C GLY Z 448 -55.36 85.39 -6.00
N ASN Z 449 -54.22 84.75 -5.76
CA ASN Z 449 -54.00 83.35 -6.12
C ASN Z 449 -53.50 82.59 -4.90
N GLY Z 450 -53.69 81.28 -4.93
CA GLY Z 450 -53.32 80.44 -3.82
C GLY Z 450 -51.82 80.27 -3.71
N GLU Z 451 -51.43 79.52 -2.68
CA GLU Z 451 -50.02 79.31 -2.39
C GLU Z 451 -49.38 78.48 -3.49
N PRO Z 452 -48.32 78.96 -4.14
CA PRO Z 452 -47.62 78.14 -5.12
C PRO Z 452 -46.96 76.94 -4.46
N SER Z 453 -46.87 75.85 -5.21
CA SER Z 453 -46.38 74.58 -4.68
C SER Z 453 -44.90 74.35 -4.94
N GLN Z 454 -44.20 75.28 -5.58
CA GLN Z 454 -42.79 75.13 -5.88
C GLN Z 454 -42.04 76.41 -5.59
N LEU Z 455 -40.82 76.27 -5.10
CA LEU Z 455 -39.91 77.39 -4.91
C LEU Z 455 -38.53 76.97 -5.41
N LEU Z 456 -38.04 77.68 -6.43
CA LEU Z 456 -36.80 77.32 -7.13
C LEU Z 456 -36.88 75.90 -7.67
N GLY Z 457 -38.06 75.48 -8.09
CA GLY Z 457 -38.25 74.15 -8.63
C GLY Z 457 -38.25 73.03 -7.62
N ARG Z 458 -38.51 73.31 -6.35
CA ARG Z 458 -38.50 72.31 -5.30
C ARG Z 458 -39.82 72.32 -4.54
N PRO Z 459 -40.21 71.19 -3.96
CA PRO Z 459 -41.46 71.16 -3.19
C PRO Z 459 -41.38 72.04 -1.96
N VAL Z 460 -42.54 72.49 -1.51
CA VAL Z 460 -42.66 73.43 -0.41
C VAL Z 460 -43.48 72.80 0.70
N GLY Z 461 -42.96 72.84 1.92
CA GLY Z 461 -43.67 72.32 3.08
C GLY Z 461 -43.82 73.39 4.15
N GLU Z 462 -44.76 73.14 5.05
CA GLU Z 462 -45.09 74.10 6.10
C GLU Z 462 -45.12 73.43 7.46
N ALA Z 463 -44.58 74.13 8.46
CA ALA Z 463 -44.61 73.69 9.84
C ALA Z 463 -45.02 74.86 10.70
N GLU Z 464 -46.18 74.76 11.35
CA GLU Z 464 -46.74 75.90 12.07
C GLU Z 464 -45.98 76.21 13.36
N ALA Z 465 -45.14 75.30 13.84
CA ALA Z 465 -44.50 75.46 15.13
C ALA Z 465 -43.14 76.12 15.06
N MET Z 466 -42.67 76.50 13.87
CA MET Z 466 -41.39 77.19 13.79
C MET Z 466 -41.56 78.69 14.02
N ASP Z 467 -40.44 79.35 14.30
CA ASP Z 467 -40.47 80.76 14.65
C ASP Z 467 -40.95 81.61 13.48
N ALA Z 468 -41.71 82.66 13.82
CA ALA Z 468 -42.28 83.55 12.80
C ALA Z 468 -41.77 84.98 12.91
N ASN Z 469 -41.90 85.60 14.08
CA ASN Z 469 -41.53 87.00 14.26
C ASN Z 469 -40.24 87.08 15.08
N TRP Z 470 -39.32 87.93 14.62
CA TRP Z 470 -38.06 88.15 15.32
C TRP Z 470 -38.03 89.47 16.08
N ASN Z 471 -39.08 90.28 15.97
CA ASN Z 471 -39.13 91.58 16.63
C ASN Z 471 -40.07 91.58 17.84
N THR Z 472 -41.25 90.98 17.71
CA THR Z 472 -42.15 90.87 18.85
C THR Z 472 -41.70 89.83 19.86
N SER Z 473 -41.17 88.71 19.38
CA SER Z 473 -40.76 87.63 20.28
C SER Z 473 -39.54 88.05 21.10
N ALA Z 474 -39.47 87.54 22.32
CA ALA Z 474 -38.36 87.81 23.23
C ALA Z 474 -37.24 86.79 23.12
N SER Z 475 -37.34 85.83 22.20
CA SER Z 475 -36.29 84.85 22.01
C SER Z 475 -35.02 85.52 21.51
N ALA Z 476 -33.87 85.04 22.01
CA ALA Z 476 -32.60 85.64 21.62
C ALA Z 476 -32.31 85.44 20.15
N ASP Z 477 -32.58 84.25 19.62
CA ASP Z 477 -32.38 83.94 18.22
C ASP Z 477 -33.64 83.36 17.61
N ASN Z 478 -33.75 83.46 16.29
CA ASN Z 478 -34.95 83.03 15.56
C ASN Z 478 -34.54 82.20 14.36
N PHE Z 479 -35.06 80.99 14.28
CA PHE Z 479 -34.87 80.11 13.13
C PHE Z 479 -36.14 80.15 12.28
N VAL Z 480 -36.02 80.70 11.07
CA VAL Z 480 -37.20 81.00 10.28
C VAL Z 480 -37.26 80.22 8.96
N LEU Z 481 -36.13 79.80 8.40
CA LEU Z 481 -36.14 79.15 7.10
C LEU Z 481 -35.26 77.91 7.17
N LEU Z 482 -35.69 76.85 6.47
CA LEU Z 482 -34.98 75.58 6.49
C LEU Z 482 -35.06 74.96 5.10
N TYR Z 483 -33.95 74.38 4.67
CA TYR Z 483 -33.89 73.71 3.38
C TYR Z 483 -32.78 72.66 3.41
N GLY Z 484 -33.05 71.51 2.81
CA GLY Z 484 -32.05 70.46 2.73
C GLY Z 484 -32.67 69.15 2.31
N ASN Z 485 -31.81 68.12 2.29
CA ASN Z 485 -32.23 66.77 1.95
C ASN Z 485 -32.82 66.11 3.19
N PHE Z 486 -34.14 65.95 3.20
CA PHE Z 486 -34.83 65.42 4.37
C PHE Z 486 -34.66 63.92 4.54
N GLN Z 487 -34.08 63.22 3.57
CA GLN Z 487 -33.83 61.80 3.74
C GLN Z 487 -32.81 61.52 4.85
N ASN Z 488 -32.08 62.54 5.29
CA ASN Z 488 -31.12 62.40 6.38
C ASN Z 488 -31.77 62.56 7.75
N TYR Z 489 -33.07 62.82 7.79
CA TYR Z 489 -33.84 62.88 9.03
C TYR Z 489 -34.59 61.57 9.18
N VAL Z 490 -34.33 60.84 10.26
CA VAL Z 490 -34.84 59.50 10.47
C VAL Z 490 -35.83 59.51 11.64
N ILE Z 491 -37.02 58.96 11.42
CA ILE Z 491 -38.04 58.83 12.45
C ILE Z 491 -38.28 57.34 12.65
N ALA Z 492 -38.05 56.86 13.86
CA ALA Z 492 -38.26 55.47 14.20
C ALA Z 492 -39.49 55.34 15.10
N ASP Z 493 -40.42 54.49 14.71
CA ASP Z 493 -41.65 54.27 15.47
C ASP Z 493 -41.69 52.84 15.98
N ARG Z 494 -42.30 52.66 17.15
CA ARG Z 494 -42.39 51.36 17.81
C ARG Z 494 -43.81 50.82 17.79
N ILE Z 495 -44.79 51.61 18.22
CA ILE Z 495 -46.18 51.17 18.28
C ILE Z 495 -47.07 52.41 18.19
N GLY Z 496 -48.19 52.27 17.49
CA GLY Z 496 -49.12 53.37 17.33
C GLY Z 496 -49.94 53.62 18.57
N MET Z 497 -50.98 54.46 18.46
CA MET Z 497 -51.81 54.77 19.61
C MET Z 497 -52.67 53.58 19.98
N THR Z 498 -52.66 53.23 21.27
CA THR Z 498 -53.47 52.15 21.80
C THR Z 498 -54.21 52.64 23.03
N VAL Z 499 -55.50 52.35 23.09
CA VAL Z 499 -56.35 52.76 24.22
C VAL Z 499 -56.92 51.50 24.87
N GLU Z 500 -56.77 51.41 26.19
CA GLU Z 500 -57.30 50.29 26.95
C GLU Z 500 -58.17 50.81 28.08
N PHE Z 501 -59.15 49.99 28.46
CA PHE Z 501 -60.18 50.38 29.43
C PHE Z 501 -59.85 49.74 30.78
N ILE Z 502 -59.68 50.59 31.80
CA ILE Z 502 -59.47 50.13 33.17
C ILE Z 502 -60.83 50.13 33.86
N PRO Z 503 -61.31 48.98 34.34
CA PRO Z 503 -62.69 48.89 34.80
C PRO Z 503 -62.92 49.24 36.26
N HIS Z 504 -61.87 49.50 37.04
CA HIS Z 504 -62.05 49.72 38.48
C HIS Z 504 -60.89 50.56 38.98
N LEU Z 505 -61.19 51.78 39.46
CA LEU Z 505 -60.20 52.63 40.10
C LEU Z 505 -60.43 52.66 41.60
N PHE Z 506 -59.35 52.54 42.36
CA PHE Z 506 -59.45 52.41 43.80
C PHE Z 506 -59.35 53.77 44.47
N GLY Z 507 -59.58 53.79 45.78
CA GLY Z 507 -59.54 55.02 46.55
C GLY Z 507 -58.37 55.10 47.51
N THR Z 508 -58.44 56.04 48.46
CA THR Z 508 -57.34 56.25 49.38
C THR Z 508 -57.09 55.03 50.25
N ASN Z 509 -58.14 54.39 50.74
CA ASN Z 509 -58.02 53.27 51.68
C ASN Z 509 -58.12 51.93 50.99
N ARG Z 510 -57.64 51.84 49.74
CA ARG Z 510 -57.60 50.58 48.99
C ARG Z 510 -58.98 49.94 48.86
N ARG Z 511 -59.99 50.78 48.64
CA ARG Z 511 -61.36 50.33 48.45
C ARG Z 511 -61.93 50.96 47.19
N PRO Z 512 -62.96 50.37 46.60
CA PRO Z 512 -63.52 50.91 45.35
C PRO Z 512 -63.99 52.34 45.51
N ASN Z 513 -63.78 53.13 44.46
CA ASN Z 513 -64.14 54.54 44.44
C ASN Z 513 -65.31 54.84 43.50
N GLY Z 514 -65.88 53.82 42.87
CA GLY Z 514 -66.97 54.02 41.94
C GLY Z 514 -66.59 54.83 40.72
N SER Z 515 -65.44 54.52 40.14
CA SER Z 515 -64.96 55.23 38.96
C SER Z 515 -64.13 54.30 38.10
N ARG Z 516 -63.99 54.67 36.82
CA ARG Z 516 -63.19 53.93 35.86
C ARG Z 516 -62.33 54.93 35.09
N GLY Z 517 -61.64 54.44 34.06
CA GLY Z 517 -60.80 55.34 33.29
C GLY Z 517 -60.32 54.70 32.00
N TRP Z 518 -59.68 55.54 31.18
CA TRP Z 518 -59.08 55.13 29.91
C TRP Z 518 -57.61 55.49 29.92
N PHE Z 519 -56.77 54.55 29.51
CA PHE Z 519 -55.32 54.71 29.47
C PHE Z 519 -54.83 54.59 28.05
N ALA Z 520 -53.96 55.52 27.63
CA ALA Z 520 -53.41 55.49 26.29
C ALA Z 520 -51.90 55.77 26.35
N TYR Z 521 -51.17 55.17 25.42
CA TYR Z 521 -49.73 55.37 25.35
C TYR Z 521 -49.27 55.23 23.90
N TYR Z 522 -48.07 55.76 23.63
CA TYR Z 522 -47.56 55.88 22.28
C TYR Z 522 -46.05 56.04 22.33
N ARG Z 523 -45.35 55.29 21.48
CA ARG Z 523 -43.88 55.28 21.48
C ARG Z 523 -43.35 55.67 20.11
N MET Z 524 -42.32 56.52 20.11
CA MET Z 524 -41.72 57.03 18.87
C MET Z 524 -40.35 57.61 19.22
N GLY Z 525 -39.50 57.76 18.22
CA GLY Z 525 -38.19 58.36 18.39
C GLY Z 525 -37.63 58.81 17.07
N ALA Z 526 -36.82 59.88 17.13
CA ALA Z 526 -36.28 60.46 15.92
C ALA Z 526 -35.06 61.30 16.27
N ASP Z 527 -34.23 61.55 15.25
CA ASP Z 527 -33.03 62.38 15.37
C ASP Z 527 -32.52 62.68 13.96
N VAL Z 528 -31.38 63.36 13.90
CA VAL Z 528 -30.74 63.72 12.64
C VAL Z 528 -29.44 62.93 12.55
N VAL Z 529 -29.24 62.26 11.42
CA VAL Z 529 -28.03 61.46 11.24
C VAL Z 529 -26.89 62.31 10.71
N ASN Z 530 -27.10 62.96 9.57
CA ASN Z 530 -26.08 63.79 8.93
C ASN Z 530 -26.48 65.25 9.03
N PRO Z 531 -25.78 66.05 9.83
CA PRO Z 531 -26.19 67.45 10.04
C PRO Z 531 -25.68 68.44 9.00
N ASN Z 532 -24.94 67.99 7.98
CA ASN Z 532 -24.37 68.87 6.99
C ASN Z 532 -25.18 68.93 5.70
N ALA Z 533 -26.37 68.33 5.69
CA ALA Z 533 -27.23 68.35 4.51
C ALA Z 533 -28.29 69.44 4.58
N PHE Z 534 -28.20 70.34 5.54
CA PHE Z 534 -29.20 71.38 5.77
C PHE Z 534 -28.53 72.73 5.91
N ARG Z 535 -29.31 73.79 5.72
CA ARG Z 535 -28.83 75.16 5.81
C ARG Z 535 -29.82 76.04 6.56
N LEU Z 536 -30.23 75.59 7.74
CA LEU Z 536 -31.14 76.36 8.60
C LEU Z 536 -30.60 77.76 8.84
N LEU Z 537 -31.48 78.75 8.73
CA LEU Z 537 -31.12 80.16 8.83
C LEU Z 537 -31.50 80.72 10.19
N ASN Z 538 -30.57 81.43 10.81
CA ASN Z 538 -30.79 82.03 12.12
C ASN Z 538 -30.73 83.55 11.99
N VAL Z 539 -31.77 84.22 12.42
CA VAL Z 539 -31.84 85.68 12.38
C VAL Z 539 -31.71 86.16 13.83
N GLU Z 540 -30.48 86.45 14.24
CA GLU Z 540 -30.22 86.87 15.61
C GLU Z 540 -30.49 88.36 15.75
N THR Z 541 -31.31 88.72 16.72
CA THR Z 541 -31.61 90.12 17.00
C THR Z 541 -30.81 90.61 18.21
N ALA Z 542 -30.82 91.93 18.42
CA ALA Z 542 -30.09 92.54 19.53
C ALA Z 542 -30.96 92.51 20.78
N SER Z 543 -31.16 91.31 21.30
CA SER Z 543 -31.98 91.11 22.48
C SER Z 543 -31.18 91.38 23.75
N MET AA 251 -38.16 45.11 37.09
CA MET AA 251 -37.59 44.68 35.81
C MET AA 251 -37.96 45.65 34.70
N GLY AA 252 -36.99 46.47 34.30
CA GLY AA 252 -37.22 47.47 33.27
C GLY AA 252 -36.33 47.32 32.07
N LEU AA 253 -36.01 48.44 31.41
CA LEU AA 253 -35.16 48.43 30.23
C LEU AA 253 -33.69 48.57 30.56
N THR AA 254 -33.33 48.79 31.82
CA THR AA 254 -31.92 48.85 32.19
C THR AA 254 -31.26 47.50 31.93
N LYS AA 255 -29.99 47.55 31.55
CA LYS AA 255 -29.31 46.34 31.09
C LYS AA 255 -29.29 45.26 32.17
N ALA AA 256 -28.83 45.62 33.37
CA ALA AA 256 -28.70 44.63 34.44
C ALA AA 256 -30.05 44.05 34.83
N ASP AA 257 -31.11 44.86 34.83
CA ASP AA 257 -32.44 44.40 35.19
C ASP AA 257 -33.18 43.86 33.96
N GLY AA 258 -32.65 42.78 33.41
CA GLY AA 258 -33.32 42.09 32.33
C GLY AA 258 -33.21 42.76 30.97
N GLY AA 259 -32.40 43.80 30.85
CA GLY AA 259 -32.23 44.48 29.58
C GLY AA 259 -31.28 43.82 28.63
N TYR AA 260 -30.70 42.68 29.01
CA TYR AA 260 -29.80 41.93 28.16
C TYR AA 260 -30.52 41.04 27.16
N LEU AA 261 -31.84 40.91 27.28
CA LEU AA 261 -32.62 40.05 26.39
C LEU AA 261 -33.13 40.80 25.17
N VAL AA 262 -32.90 42.10 25.08
CA VAL AA 262 -33.38 42.89 23.94
C VAL AA 262 -32.49 42.59 22.73
N PRO AA 263 -33.05 42.46 21.53
CA PRO AA 263 -32.21 42.27 20.35
C PRO AA 263 -31.45 43.53 19.98
N PHE AA 264 -30.33 43.33 19.29
CA PHE AA 264 -29.51 44.41 18.76
C PHE AA 264 -29.83 44.61 17.28
N GLN AA 265 -30.32 45.79 16.94
CA GLN AA 265 -30.73 46.10 15.56
C GLN AA 265 -29.75 47.09 14.96
N LEU AA 266 -29.17 46.72 13.82
CA LEU AA 266 -28.16 47.53 13.16
C LEU AA 266 -28.44 47.56 11.66
N ASP AA 267 -28.12 48.69 11.03
CA ASP AA 267 -28.28 48.84 9.58
C ASP AA 267 -26.93 48.70 8.91
N PRO AA 268 -26.70 47.64 8.12
CA PRO AA 268 -25.38 47.48 7.47
C PRO AA 268 -25.07 48.52 6.41
N THR AA 269 -26.08 49.23 5.88
CA THR AA 269 -25.83 50.21 4.84
C THR AA 269 -25.09 51.42 5.41
N VAL AA 270 -24.04 51.84 4.71
CA VAL AA 270 -23.21 52.94 5.15
C VAL AA 270 -23.72 54.24 4.55
N ILE AA 271 -23.45 55.34 5.24
CA ILE AA 271 -23.87 56.68 4.80
C ILE AA 271 -22.61 57.50 4.61
N ILE AA 272 -22.48 58.13 3.44
CA ILE AA 272 -21.32 58.96 3.15
C ILE AA 272 -21.56 60.37 3.66
N THR AA 273 -20.57 60.91 4.38
CA THR AA 273 -20.64 62.25 4.95
C THR AA 273 -19.61 63.17 4.31
N SER AA 274 -19.44 63.06 2.99
CA SER AA 274 -18.50 63.88 2.24
C SER AA 274 -19.25 64.65 1.16
N ASN AA 275 -18.94 65.94 1.03
CA ASN AA 275 -19.64 66.78 0.06
C ASN AA 275 -19.30 66.39 -1.36
N GLY AA 276 -18.03 66.11 -1.64
CA GLY AA 276 -17.62 65.80 -2.99
C GLY AA 276 -17.52 67.06 -3.84
N SER AA 277 -17.56 66.86 -5.16
CA SER AA 277 -17.49 67.97 -6.09
C SER AA 277 -18.10 67.53 -7.43
N LEU AA 278 -18.92 68.40 -8.01
CA LEU AA 278 -19.54 68.14 -9.30
C LEU AA 278 -18.94 69.09 -10.32
N ASN AA 279 -18.43 68.54 -11.42
CA ASN AA 279 -17.75 69.33 -12.44
C ASN AA 279 -18.24 68.94 -13.83
N ASP AA 280 -18.14 69.89 -14.77
CA ASP AA 280 -18.57 69.69 -16.14
C ASP AA 280 -17.46 69.94 -17.15
N ILE AA 281 -16.21 70.11 -16.70
CA ILE AA 281 -15.12 70.39 -17.63
C ILE AA 281 -14.90 69.22 -18.57
N ARG AA 282 -14.99 67.99 -18.06
CA ARG AA 282 -14.76 66.82 -18.91
C ARG AA 282 -15.77 66.73 -20.05
N ARG AA 283 -16.97 67.28 -19.87
CA ARG AA 283 -17.98 67.20 -20.92
C ARG AA 283 -17.66 68.10 -22.10
N PHE AA 284 -16.97 69.22 -21.86
CA PHE AA 284 -16.67 70.18 -22.91
C PHE AA 284 -15.22 70.15 -23.37
N ALA AA 285 -14.31 69.63 -22.56
CA ALA AA 285 -12.90 69.65 -22.92
C ALA AA 285 -12.60 68.56 -23.96
N ARG AA 286 -11.43 68.65 -24.56
CA ARG AA 286 -10.97 67.70 -25.56
C ARG AA 286 -10.04 66.69 -24.89
N GLN AA 287 -10.40 65.42 -24.97
CA GLN AA 287 -9.64 64.35 -24.34
C GLN AA 287 -8.88 63.56 -25.39
N VAL AA 288 -7.58 63.41 -25.18
CA VAL AA 288 -6.71 62.67 -26.10
C VAL AA 288 -5.90 61.66 -25.30
N VAL AA 289 -5.73 60.48 -25.86
CA VAL AA 289 -4.94 59.44 -25.22
C VAL AA 289 -3.46 59.70 -25.52
N ALA AA 290 -2.67 59.81 -24.46
CA ALA AA 290 -1.25 60.12 -24.57
C ALA AA 290 -0.43 58.92 -24.09
N THR AA 291 0.52 58.50 -24.91
CA THR AA 291 1.46 57.45 -24.54
C THR AA 291 2.81 58.06 -24.25
N GLY AA 292 3.56 57.44 -23.34
CA GLY AA 292 4.84 57.98 -22.96
C GLY AA 292 4.72 59.01 -21.85
N ASP AA 293 5.75 59.85 -21.76
CA ASP AA 293 5.82 60.83 -20.68
C ASP AA 293 4.97 62.05 -20.99
N VAL AA 294 5.21 62.69 -22.12
CA VAL AA 294 4.63 63.99 -22.45
C VAL AA 294 3.99 63.93 -23.82
N TRP AA 295 3.08 64.86 -24.08
CA TRP AA 295 2.38 64.96 -25.35
C TRP AA 295 2.77 66.28 -26.02
N HIS AA 296 3.04 66.23 -27.31
CA HIS AA 296 3.49 67.40 -28.05
C HIS AA 296 2.53 67.73 -29.19
N GLY AA 297 2.53 69.01 -29.59
CA GLY AA 297 1.71 69.46 -30.68
C GLY AA 297 2.42 70.57 -31.43
N VAL AA 298 1.73 71.12 -32.42
CA VAL AA 298 2.25 72.19 -33.27
C VAL AA 298 1.21 73.29 -33.38
N SER AA 299 1.65 74.54 -33.27
CA SER AA 299 0.79 75.70 -33.45
C SER AA 299 1.44 76.66 -34.44
N SER AA 300 0.62 77.41 -35.17
CA SER AA 300 1.13 78.32 -36.17
C SER AA 300 0.16 79.46 -36.38
N ALA AA 301 0.66 80.54 -36.99
CA ALA AA 301 -0.13 81.71 -37.34
C ALA AA 301 -0.57 81.59 -38.80
N ALA AA 302 -1.09 82.69 -39.34
CA ALA AA 302 -1.53 82.75 -40.72
C ALA AA 302 -0.63 83.69 -41.52
N VAL AA 303 -0.45 83.39 -42.80
CA VAL AA 303 0.36 84.22 -43.67
C VAL AA 303 -0.33 85.56 -43.89
N GLN AA 304 0.42 86.64 -43.73
CA GLN AA 304 -0.11 87.99 -43.81
C GLN AA 304 -0.01 88.48 -45.25
N TRP AA 305 -1.15 88.68 -45.90
CA TRP AA 305 -1.17 89.19 -47.25
C TRP AA 305 -1.06 90.71 -47.23
N SER AA 306 -1.00 91.32 -48.43
CA SER AA 306 -0.85 92.75 -48.55
C SER AA 306 -1.32 93.20 -49.92
N TRP AA 307 -1.67 94.49 -50.02
CA TRP AA 307 -2.05 95.10 -51.29
C TRP AA 307 -0.84 95.79 -51.89
N ASP AA 308 -0.48 95.43 -53.12
CA ASP AA 308 0.69 95.96 -53.78
C ASP AA 308 0.32 96.51 -55.15
N ALA AA 309 1.10 97.50 -55.60
CA ALA AA 309 0.91 98.12 -56.90
C ALA AA 309 1.73 97.38 -57.95
N GLU AA 310 1.61 97.83 -59.20
CA GLU AA 310 2.33 97.19 -60.29
C GLU AA 310 3.83 97.42 -60.15
N PHE AA 311 4.60 96.36 -60.40
CA PHE AA 311 6.07 96.40 -60.33
C PHE AA 311 6.56 96.80 -58.94
N GLU AA 312 6.11 96.05 -57.95
CA GLU AA 312 6.47 96.29 -56.55
C GLU AA 312 6.89 94.98 -55.93
N GLU AA 313 8.10 94.93 -55.37
CA GLU AA 313 8.60 93.69 -54.79
C GLU AA 313 7.83 93.35 -53.52
N VAL AA 314 7.45 92.10 -53.41
CA VAL AA 314 6.60 91.63 -52.32
C VAL AA 314 7.41 91.58 -51.03
N SER AA 315 6.77 91.98 -49.94
CA SER AA 315 7.39 91.93 -48.63
C SER AA 315 7.56 90.48 -48.18
N ASP AA 316 8.36 90.30 -47.14
CA ASP AA 316 8.64 88.98 -46.58
C ASP AA 316 7.56 88.65 -45.55
N ASP AA 317 6.86 87.54 -45.76
CA ASP AA 317 5.76 87.10 -44.90
C ASP AA 317 6.07 85.69 -44.41
N SER AA 318 6.78 85.59 -43.28
CA SER AA 318 7.20 84.30 -42.76
C SER AA 318 6.34 83.90 -41.58
N PRO AA 319 5.57 82.82 -41.68
CA PRO AA 319 4.76 82.38 -40.54
C PRO AA 319 5.63 81.88 -39.39
N GLU AA 320 5.10 82.02 -38.17
CA GLU AA 320 5.81 81.62 -36.96
C GLU AA 320 5.12 80.42 -36.33
N PHE AA 321 5.91 79.45 -35.89
CA PHE AA 321 5.39 78.20 -35.34
C PHE AA 321 5.69 78.11 -33.85
N GLY AA 322 4.90 77.28 -33.16
CA GLY AA 322 5.06 77.04 -31.74
C GLY AA 322 4.61 75.63 -31.40
N GLN AA 323 4.98 75.20 -30.20
CA GLN AA 323 4.72 73.82 -29.81
C GLN AA 323 4.27 73.72 -28.36
N PRO AA 324 3.03 73.30 -28.12
CA PRO AA 324 2.59 73.05 -26.73
C PRO AA 324 3.15 71.75 -26.19
N GLU AA 325 3.18 71.66 -24.87
CA GLU AA 325 3.72 70.48 -24.20
C GLU AA 325 2.79 70.07 -23.07
N ILE AA 326 2.52 68.78 -22.97
CA ILE AA 326 1.57 68.25 -21.99
C ILE AA 326 2.25 67.21 -21.11
N PRO AA 327 2.82 67.60 -19.97
CA PRO AA 327 3.40 66.61 -19.05
C PRO AA 327 2.32 65.83 -18.31
N VAL AA 328 2.71 64.64 -17.87
CA VAL AA 328 1.79 63.71 -17.21
C VAL AA 328 2.30 63.45 -15.79
N LYS AA 329 1.40 63.59 -14.83
CA LYS AA 329 1.68 63.35 -13.42
C LYS AA 329 0.96 62.10 -12.95
N LYS AA 330 1.05 61.82 -11.65
CA LYS AA 330 0.49 60.61 -11.08
C LYS AA 330 -0.04 60.87 -9.68
N ALA AA 331 -1.18 60.25 -9.37
CA ALA AA 331 -1.79 60.32 -8.04
C ALA AA 331 -2.05 58.90 -7.55
N GLN AA 332 -2.09 58.75 -6.23
CA GLN AA 332 -2.21 57.42 -5.65
C GLN AA 332 -2.83 57.50 -4.25
N GLY AA 333 -3.33 56.35 -3.78
CA GLY AA 333 -3.85 56.24 -2.44
C GLY AA 333 -3.52 54.88 -1.86
N PHE AA 334 -3.74 54.73 -0.55
CA PHE AA 334 -3.35 53.51 0.13
C PHE AA 334 -4.22 53.32 1.37
N VAL AA 335 -4.76 52.12 1.54
CA VAL AA 335 -5.56 51.77 2.72
C VAL AA 335 -5.16 50.38 3.20
N PRO AA 336 -4.47 50.27 4.34
CA PRO AA 336 -4.14 48.95 4.90
C PRO AA 336 -5.33 48.33 5.61
N ILE AA 337 -5.17 47.07 5.99
CA ILE AA 337 -6.20 46.30 6.67
C ILE AA 337 -5.52 45.19 7.46
N SER AA 338 -6.08 44.87 8.62
CA SER AA 338 -5.57 43.79 9.44
C SER AA 338 -6.22 42.46 9.04
N ILE AA 339 -5.59 41.37 9.49
CA ILE AA 339 -6.12 40.05 9.18
C ILE AA 339 -7.45 39.85 9.90
N GLU AA 340 -7.48 40.14 11.19
CA GLU AA 340 -8.69 39.93 12.00
C GLU AA 340 -9.84 40.78 11.49
N ALA AA 341 -9.57 42.05 11.18
CA ALA AA 341 -10.62 42.92 10.65
C ALA AA 341 -11.09 42.44 9.29
N LEU AA 342 -10.17 42.04 8.43
CA LEU AA 342 -10.55 41.57 7.10
C LEU AA 342 -11.37 40.31 7.16
N GLN AA 343 -11.17 39.47 8.18
CA GLN AA 343 -11.92 38.23 8.31
C GLN AA 343 -13.26 38.40 9.02
N ASP AA 344 -13.31 39.21 10.08
CA ASP AA 344 -14.53 39.30 10.89
C ASP AA 344 -15.55 40.28 10.33
N GLU AA 345 -15.12 41.47 9.91
CA GLU AA 345 -16.05 42.46 9.40
C GLU AA 345 -16.64 42.00 8.07
N ALA AA 346 -17.91 42.34 7.86
CA ALA AA 346 -18.67 41.88 6.71
C ALA AA 346 -18.67 42.92 5.62
N ASN AA 347 -18.34 42.50 4.40
CA ASN AA 347 -18.39 43.34 3.20
C ASN AA 347 -17.50 44.57 3.36
N VAL AA 348 -16.20 44.32 3.50
CA VAL AA 348 -15.24 45.41 3.61
C VAL AA 348 -14.64 45.77 2.25
N THR AA 349 -14.55 44.82 1.33
CA THR AA 349 -13.93 45.10 0.03
C THR AA 349 -14.75 46.11 -0.75
N GLU AA 350 -16.05 45.87 -0.88
CA GLU AA 350 -16.90 46.77 -1.66
C GLU AA 350 -17.00 48.14 -1.02
N THR AA 351 -17.07 48.21 0.32
CA THR AA 351 -17.14 49.50 0.99
C THR AA 351 -15.92 50.34 0.69
N VAL AA 352 -14.73 49.75 0.83
CA VAL AA 352 -13.51 50.50 0.59
C VAL AA 352 -13.38 50.84 -0.89
N ALA AA 353 -13.82 49.96 -1.78
CA ALA AA 353 -13.80 50.28 -3.21
C ALA AA 353 -14.68 51.49 -3.51
N LEU AA 354 -15.87 51.54 -2.90
CA LEU AA 354 -16.74 52.69 -3.08
C LEU AA 354 -16.09 53.96 -2.54
N LEU AA 355 -15.44 53.86 -1.38
CA LEU AA 355 -14.76 55.03 -0.83
C LEU AA 355 -13.63 55.49 -1.73
N PHE AA 356 -12.87 54.56 -2.30
CA PHE AA 356 -11.80 54.90 -3.23
C PHE AA 356 -12.35 55.62 -4.45
N ALA AA 357 -13.45 55.10 -5.02
CA ALA AA 357 -14.03 55.73 -6.20
C ALA AA 357 -14.52 57.14 -5.89
N GLU AA 358 -15.18 57.30 -4.74
CA GLU AA 358 -15.66 58.64 -4.37
C GLU AA 358 -14.50 59.60 -4.17
N GLY AA 359 -13.43 59.16 -3.52
CA GLY AA 359 -12.29 60.02 -3.33
C GLY AA 359 -11.63 60.43 -4.64
N LYS AA 360 -11.51 59.48 -5.58
CA LYS AA 360 -10.95 59.80 -6.89
C LYS AA 360 -11.81 60.82 -7.61
N ASP AA 361 -13.13 60.62 -7.61
CA ASP AA 361 -14.01 61.58 -8.28
C ASP AA 361 -13.91 62.96 -7.65
N GLU AA 362 -13.85 63.01 -6.32
CA GLU AA 362 -13.70 64.30 -5.65
C GLU AA 362 -12.38 64.98 -5.98
N LEU AA 363 -11.28 64.23 -6.03
CA LEU AA 363 -9.97 64.84 -6.28
C LEU AA 363 -9.85 65.34 -7.71
N GLU AA 364 -10.35 64.56 -8.67
CA GLU AA 364 -10.11 64.90 -10.07
C GLU AA 364 -10.75 66.23 -10.45
N ALA AA 365 -11.96 66.49 -9.97
CA ALA AA 365 -12.66 67.72 -10.32
C ALA AA 365 -11.90 68.94 -9.82
N VAL AA 366 -11.51 68.93 -8.55
CA VAL AA 366 -10.83 70.09 -7.98
C VAL AA 366 -9.44 70.27 -8.61
N THR AA 367 -8.75 69.15 -8.91
CA THR AA 367 -7.46 69.27 -9.58
C THR AA 367 -7.59 69.85 -10.97
N LEU AA 368 -8.59 69.41 -11.75
CA LEU AA 368 -8.77 69.97 -13.07
C LEU AA 368 -9.21 71.43 -13.02
N THR AA 369 -9.98 71.80 -12.00
CA THR AA 369 -10.42 73.19 -11.90
C THR AA 369 -9.29 74.12 -11.51
N THR AA 370 -8.50 73.74 -10.51
CA THR AA 370 -7.50 74.65 -9.96
C THR AA 370 -6.16 73.95 -9.78
N GLY AA 371 -5.69 73.26 -10.82
CA GLY AA 371 -4.34 72.72 -10.78
C GLY AA 371 -3.30 73.82 -10.67
N THR AA 372 -2.34 73.61 -9.79
CA THR AA 372 -1.33 74.64 -9.52
C THR AA 372 -0.36 74.78 -10.68
N GLY AA 373 -0.14 73.70 -11.43
CA GLY AA 373 0.73 73.71 -12.57
C GLY AA 373 2.19 73.46 -12.25
N GLN AA 374 2.56 73.45 -10.98
CA GLN AA 374 3.92 73.21 -10.55
C GLN AA 374 3.98 71.95 -9.70
N GLY AA 375 5.20 71.54 -9.36
CA GLY AA 375 5.37 70.39 -8.49
C GLY AA 375 4.92 69.11 -9.17
N ASN AA 376 3.99 68.41 -8.52
CA ASN AA 376 3.51 67.12 -9.01
C ASN AA 376 2.05 67.20 -9.44
N GLN AA 377 1.58 68.38 -9.81
CA GLN AA 377 0.17 68.56 -10.11
C GLN AA 377 -0.03 68.98 -11.55
N PRO AA 378 -1.15 68.61 -12.17
CA PRO AA 378 -1.50 69.12 -13.49
C PRO AA 378 -1.83 70.60 -13.43
N THR AA 379 -2.18 71.15 -14.59
CA THR AA 379 -2.51 72.56 -14.72
C THR AA 379 -4.02 72.70 -14.92
N GLY AA 380 -4.66 73.46 -14.04
CA GLY AA 380 -6.07 73.74 -14.20
C GLY AA 380 -6.33 74.85 -15.19
N ILE AA 381 -7.60 75.00 -15.56
CA ILE AA 381 -7.98 76.03 -16.51
C ILE AA 381 -7.79 77.41 -15.90
N VAL AA 382 -8.07 77.55 -14.60
CA VAL AA 382 -8.06 78.87 -13.97
C VAL AA 382 -6.63 79.39 -13.84
N THR AA 383 -5.70 78.55 -13.40
CA THR AA 383 -4.32 78.99 -13.22
C THR AA 383 -3.67 79.30 -14.56
N ALA AA 384 -3.99 78.53 -15.59
CA ALA AA 384 -3.43 78.78 -16.91
C ALA AA 384 -3.94 80.07 -17.53
N LEU AA 385 -4.99 80.65 -16.95
CA LEU AA 385 -5.59 81.88 -17.46
C LEU AA 385 -5.39 83.05 -16.51
N ALA AA 386 -4.29 83.04 -15.75
CA ALA AA 386 -3.95 84.11 -14.84
C ALA AA 386 -2.70 84.83 -15.37
N GLY AA 387 -2.78 86.16 -15.48
CA GLY AA 387 -1.72 86.94 -16.04
C GLY AA 387 -1.69 86.97 -17.56
N THR AA 388 -2.55 86.20 -18.20
CA THR AA 388 -2.67 86.19 -19.65
C THR AA 388 -3.61 87.31 -20.09
N ALA AA 389 -3.54 87.67 -21.37
CA ALA AA 389 -4.44 88.69 -21.92
C ALA AA 389 -5.90 88.27 -21.86
N ALA AA 390 -6.19 86.98 -21.65
CA ALA AA 390 -7.57 86.53 -21.54
C ALA AA 390 -8.28 87.11 -20.32
N GLU AA 391 -7.52 87.48 -19.29
CA GLU AA 391 -8.11 88.02 -18.07
C GLU AA 391 -8.72 89.40 -18.33
N ILE AA 392 -9.93 89.61 -17.81
CA ILE AA 392 -10.64 90.88 -17.95
C ILE AA 392 -11.00 91.40 -16.57
N ALA AA 393 -11.13 92.73 -16.47
CA ALA AA 393 -11.47 93.40 -15.23
C ALA AA 393 -12.84 94.07 -15.35
N PRO AA 394 -13.57 94.21 -14.26
CA PRO AA 394 -14.92 94.78 -14.33
C PRO AA 394 -14.90 96.26 -14.64
N VAL AA 395 -16.05 96.76 -15.07
CA VAL AA 395 -16.19 98.18 -15.37
C VAL AA 395 -16.00 99.00 -14.10
N THR AA 396 -16.61 98.58 -13.00
CA THR AA 396 -16.49 99.26 -11.71
C THR AA 396 -15.85 98.32 -10.70
N ALA AA 397 -14.90 98.87 -9.93
CA ALA AA 397 -14.15 98.06 -8.99
C ALA AA 397 -15.05 97.50 -7.91
N GLU AA 398 -14.79 96.26 -7.51
CA GLU AA 398 -15.53 95.58 -6.44
C GLU AA 398 -17.03 95.56 -6.73
N THR AA 399 -17.39 95.33 -7.99
CA THR AA 399 -18.79 95.25 -8.39
C THR AA 399 -18.92 94.32 -9.59
N PHE AA 400 -19.92 93.46 -9.55
CA PHE AA 400 -20.20 92.51 -10.63
C PHE AA 400 -21.60 92.81 -11.16
N ALA AA 401 -21.66 93.42 -12.33
CA ALA AA 401 -22.91 93.84 -12.94
C ALA AA 401 -23.13 93.11 -14.27
N LEU AA 402 -24.25 93.43 -14.93
CA LEU AA 402 -24.56 92.81 -16.21
C LEU AA 402 -23.56 93.22 -17.28
N ALA AA 403 -22.97 94.41 -17.15
CA ALA AA 403 -21.98 94.87 -18.12
C ALA AA 403 -20.79 93.92 -18.17
N ASP AA 404 -20.37 93.41 -17.02
CA ASP AA 404 -19.26 92.45 -17.00
C ASP AA 404 -19.63 91.18 -17.76
N VAL AA 405 -20.86 90.69 -17.56
CA VAL AA 405 -21.29 89.47 -18.25
C VAL AA 405 -21.28 89.68 -19.75
N TYR AA 406 -21.79 90.83 -20.21
CA TYR AA 406 -21.77 91.11 -21.64
C TYR AA 406 -20.34 91.24 -22.18
N ALA AA 407 -19.49 91.95 -21.43
CA ALA AA 407 -18.12 92.21 -21.88
C ALA AA 407 -17.34 90.91 -22.03
N VAL AA 408 -17.49 89.99 -21.07
CA VAL AA 408 -16.78 88.72 -21.17
C VAL AA 408 -17.18 87.99 -22.45
N TYR AA 409 -18.48 87.96 -22.76
CA TYR AA 409 -18.95 87.27 -23.95
C TYR AA 409 -18.43 87.90 -25.22
N GLU AA 410 -18.45 89.24 -25.28
CA GLU AA 410 -18.17 89.90 -26.56
C GLU AA 410 -16.70 90.09 -26.87
N GLN AA 411 -15.83 90.13 -25.85
CA GLN AA 411 -14.43 90.42 -26.11
C GLN AA 411 -13.74 89.31 -26.89
N LEU AA 412 -14.36 88.14 -26.97
CA LEU AA 412 -13.75 87.01 -27.65
C LEU AA 412 -13.87 87.15 -29.17
N ALA AA 413 -13.07 86.37 -29.88
CA ALA AA 413 -13.13 86.35 -31.34
C ALA AA 413 -14.37 85.59 -31.81
N ALA AA 414 -14.81 85.91 -33.03
CA ALA AA 414 -16.05 85.33 -33.56
C ALA AA 414 -15.92 83.82 -33.76
N ARG AA 415 -14.75 83.35 -34.18
CA ARG AA 415 -14.57 81.93 -34.46
C ARG AA 415 -14.83 81.08 -33.23
N HIS AA 416 -14.33 81.50 -32.07
CA HIS AA 416 -14.54 80.77 -30.84
C HIS AA 416 -15.83 81.15 -30.12
N ARG AA 417 -16.36 82.35 -30.39
CA ARG AA 417 -17.58 82.78 -29.72
C ARG AA 417 -18.76 81.93 -30.13
N ARG AA 418 -18.87 81.58 -31.41
CA ARG AA 418 -20.00 80.80 -31.90
C ARG AA 418 -19.99 79.36 -31.41
N GLN AA 419 -18.91 78.92 -30.76
CA GLN AA 419 -18.81 77.58 -30.17
C GLN AA 419 -18.10 77.70 -28.83
N GLY AA 420 -18.88 77.90 -27.77
CA GLY AA 420 -18.30 78.05 -26.44
C GLY AA 420 -19.34 77.78 -25.39
N ALA AA 421 -18.87 77.68 -24.14
CA ALA AA 421 -19.73 77.33 -23.02
C ALA AA 421 -19.29 78.09 -21.78
N TRP AA 422 -20.23 78.28 -20.86
CA TRP AA 422 -19.97 78.98 -19.62
C TRP AA 422 -19.47 78.00 -18.56
N LEU AA 423 -18.81 78.54 -17.55
CA LEU AA 423 -18.34 77.74 -16.41
C LEU AA 423 -18.17 78.66 -15.22
N ALA AA 424 -18.97 78.44 -14.17
CA ALA AA 424 -18.89 79.24 -12.96
C ALA AA 424 -19.51 78.44 -11.82
N ASN AA 425 -19.54 79.06 -10.63
CA ASN AA 425 -20.12 78.44 -9.46
C ASN AA 425 -21.63 78.68 -9.42
N ASN AA 426 -22.32 78.00 -8.52
CA ASN AA 426 -23.74 78.21 -8.34
C ASN AA 426 -24.05 79.60 -7.82
N LEU AA 427 -23.20 80.14 -6.95
CA LEU AA 427 -23.46 81.45 -6.37
C LEU AA 427 -23.45 82.53 -7.44
N ILE AA 428 -22.53 82.44 -8.40
CA ILE AA 428 -22.47 83.44 -9.47
C ILE AA 428 -23.72 83.39 -10.33
N TYR AA 429 -24.18 82.17 -10.66
CA TYR AA 429 -25.41 82.06 -11.45
C TYR AA 429 -26.60 82.62 -10.68
N ASN AA 430 -26.65 82.35 -9.38
CA ASN AA 430 -27.75 82.89 -8.57
C ASN AA 430 -27.73 84.40 -8.57
N LYS AA 431 -26.54 85.00 -8.42
CA LYS AA 431 -26.46 86.45 -8.48
C LYS AA 431 -26.80 86.99 -9.87
N ILE AA 432 -26.57 86.20 -10.93
CA ILE AA 432 -27.07 86.59 -12.24
C ILE AA 432 -28.59 86.58 -12.26
N ARG AA 433 -29.21 85.62 -11.56
CA ARG AA 433 -30.66 85.60 -11.47
C ARG AA 433 -31.21 86.83 -10.78
N GLN AA 434 -30.40 87.49 -9.95
CA GLN AA 434 -30.88 88.61 -9.14
C GLN AA 434 -30.66 89.97 -9.78
N PHE AA 435 -30.12 90.03 -11.00
CA PHE AA 435 -29.82 91.33 -11.60
C PHE AA 435 -31.11 92.08 -11.95
N ASP AA 436 -32.09 91.39 -12.51
CA ASP AA 436 -33.30 92.04 -12.97
C ASP AA 436 -34.23 92.29 -11.79
N THR AA 437 -34.60 93.55 -11.59
CA THR AA 437 -35.51 93.93 -10.52
C THR AA 437 -36.73 94.70 -11.00
N GLN AA 438 -36.70 95.24 -12.22
CA GLN AA 438 -37.84 95.96 -12.78
C GLN AA 438 -38.47 95.22 -13.95
N GLY AA 439 -38.15 93.94 -14.11
CA GLY AA 439 -38.74 93.15 -15.18
C GLY AA 439 -38.36 93.61 -16.56
N GLY AA 440 -37.10 94.00 -16.77
CA GLY AA 440 -36.68 94.49 -18.07
C GLY AA 440 -36.12 93.41 -18.97
N ALA AA 441 -34.97 93.68 -19.58
CA ALA AA 441 -34.31 92.73 -20.48
C ALA AA 441 -33.29 91.87 -19.78
N GLY AA 442 -33.14 92.01 -18.46
CA GLY AA 442 -32.17 91.22 -17.72
C GLY AA 442 -32.80 90.07 -16.98
N LEU AA 443 -34.05 89.75 -17.31
CA LEU AA 443 -34.80 88.70 -16.62
C LEU AA 443 -34.39 87.35 -17.20
N TRP AA 444 -33.44 86.69 -16.54
CA TRP AA 444 -33.06 85.34 -16.95
C TRP AA 444 -34.23 84.39 -16.79
N THR AA 445 -34.82 84.36 -15.60
CA THR AA 445 -35.98 83.53 -15.29
C THR AA 445 -36.58 84.03 -13.98
N THR AA 446 -37.83 83.68 -13.76
CA THR AA 446 -38.53 84.12 -12.56
C THR AA 446 -38.22 83.19 -11.39
N ILE AA 447 -38.46 83.70 -10.18
CA ILE AA 447 -38.29 82.88 -9.00
C ILE AA 447 -39.38 81.80 -8.98
N GLY AA 448 -39.07 80.68 -8.32
CA GLY AA 448 -39.95 79.54 -8.34
C GLY AA 448 -39.65 78.53 -9.43
N ASN AA 449 -38.66 78.79 -10.28
CA ASN AA 449 -38.28 77.86 -11.34
C ASN AA 449 -36.83 77.41 -11.15
N GLY AA 450 -36.45 76.41 -11.94
CA GLY AA 450 -35.13 75.83 -11.85
C GLY AA 450 -34.08 76.61 -12.62
N GLU AA 451 -32.88 76.04 -12.65
CA GLU AA 451 -31.76 76.68 -13.33
C GLU AA 451 -31.99 76.65 -14.84
N PRO AA 452 -31.85 77.78 -15.53
CA PRO AA 452 -31.94 77.77 -16.99
C PRO AA 452 -30.80 76.97 -17.61
N SER AA 453 -31.10 76.36 -18.76
CA SER AA 453 -30.16 75.46 -19.40
C SER AA 453 -29.21 76.18 -20.37
N GLN AA 454 -29.43 77.46 -20.65
CA GLN AA 454 -28.58 78.19 -21.57
C GLN AA 454 -28.52 79.66 -21.17
N LEU AA 455 -27.42 80.31 -21.52
CA LEU AA 455 -27.23 81.73 -21.28
C LEU AA 455 -26.79 82.38 -22.59
N LEU AA 456 -27.52 83.42 -23.00
CA LEU AA 456 -27.25 84.13 -24.24
C LEU AA 456 -27.25 83.18 -25.44
N GLY AA 457 -28.05 82.12 -25.36
CA GLY AA 457 -28.12 81.15 -26.42
C GLY AA 457 -26.99 80.14 -26.45
N ARG AA 458 -26.16 80.08 -25.42
CA ARG AA 458 -25.05 79.14 -25.40
C ARG AA 458 -25.18 78.15 -24.26
N PRO AA 459 -24.59 76.97 -24.37
CA PRO AA 459 -24.66 75.99 -23.28
C PRO AA 459 -23.99 76.52 -22.03
N VAL AA 460 -24.48 76.06 -20.88
CA VAL AA 460 -24.01 76.53 -19.59
C VAL AA 460 -23.48 75.34 -18.80
N GLY AA 461 -22.47 75.58 -17.96
CA GLY AA 461 -21.90 74.53 -17.15
C GLY AA 461 -21.63 75.03 -15.74
N GLU AA 462 -21.43 74.07 -14.83
CA GLU AA 462 -21.21 74.38 -13.43
C GLU AA 462 -19.95 73.69 -12.94
N ALA AA 463 -19.20 74.41 -12.10
CA ALA AA 463 -18.00 73.88 -11.45
C ALA AA 463 -18.02 74.34 -10.01
N GLU AA 464 -18.16 73.39 -9.08
CA GLU AA 464 -18.37 73.73 -7.68
C GLU AA 464 -17.10 74.16 -6.97
N ALA AA 465 -15.93 74.01 -7.59
CA ALA AA 465 -14.66 74.33 -6.95
C ALA AA 465 -14.18 75.74 -7.26
N MET AA 466 -14.90 76.50 -8.07
CA MET AA 466 -14.48 77.86 -8.39
C MET AA 466 -14.81 78.80 -7.24
N ASP AA 467 -14.20 80.00 -7.28
CA ASP AA 467 -14.42 80.97 -6.21
C ASP AA 467 -15.85 81.49 -6.25
N ALA AA 468 -16.42 81.71 -5.06
CA ALA AA 468 -17.83 82.05 -4.94
C ALA AA 468 -18.06 83.47 -4.46
N ASN AA 469 -17.51 83.83 -3.30
CA ASN AA 469 -17.74 85.15 -2.71
C ASN AA 469 -16.42 85.86 -2.55
N TRP AA 470 -16.37 87.10 -3.02
CA TRP AA 470 -15.19 87.95 -2.87
C TRP AA 470 -15.26 88.82 -1.63
N ASN AA 471 -16.31 88.68 -0.82
CA ASN AA 471 -16.45 89.43 0.41
C ASN AA 471 -15.90 88.66 1.61
N THR AA 472 -16.42 87.45 1.85
CA THR AA 472 -15.96 86.66 2.98
C THR AA 472 -14.56 86.09 2.74
N SER AA 473 -14.22 85.79 1.49
CA SER AA 473 -12.91 85.23 1.19
C SER AA 473 -11.81 86.28 1.39
N ALA AA 474 -10.65 85.81 1.84
CA ALA AA 474 -9.53 86.68 2.14
C ALA AA 474 -8.56 86.82 0.98
N SER AA 475 -8.82 86.17 -0.16
CA SER AA 475 -7.94 86.27 -1.30
C SER AA 475 -8.09 87.64 -1.99
N ALA AA 476 -6.97 88.16 -2.48
CA ALA AA 476 -6.99 89.45 -3.16
C ALA AA 476 -7.58 89.34 -4.57
N ASP AA 477 -7.28 88.25 -5.27
CA ASP AA 477 -7.77 88.04 -6.63
C ASP AA 477 -8.82 86.94 -6.62
N ASN AA 478 -9.92 87.18 -7.34
CA ASN AA 478 -11.04 86.25 -7.40
C ASN AA 478 -11.46 86.07 -8.86
N PHE AA 479 -11.33 84.85 -9.37
CA PHE AA 479 -11.77 84.51 -10.72
C PHE AA 479 -13.13 83.85 -10.60
N VAL AA 480 -14.18 84.52 -11.09
CA VAL AA 480 -15.54 84.10 -10.81
C VAL AA 480 -16.29 83.62 -12.04
N LEU AA 481 -15.96 84.11 -13.23
CA LEU AA 481 -16.71 83.76 -14.43
C LEU AA 481 -15.74 83.36 -15.53
N LEU AA 482 -16.17 82.41 -16.37
CA LEU AA 482 -15.31 81.89 -17.43
C LEU AA 482 -16.16 81.56 -18.65
N TYR AA 483 -15.62 81.85 -19.83
CA TYR AA 483 -16.29 81.55 -21.08
C TYR AA 483 -15.25 81.38 -22.17
N GLY AA 484 -15.46 80.41 -23.05
CA GLY AA 484 -14.57 80.21 -24.17
C GLY AA 484 -14.77 78.85 -24.79
N ASN AA 485 -14.06 78.66 -25.90
CA ASN AA 485 -14.11 77.41 -26.65
C ASN AA 485 -13.29 76.37 -25.90
N PHE AA 486 -13.96 75.45 -25.23
CA PHE AA 486 -13.28 74.48 -24.38
C PHE AA 486 -12.58 73.38 -25.16
N GLN AA 487 -12.75 73.34 -26.49
CA GLN AA 487 -12.03 72.34 -27.28
C GLN AA 487 -10.52 72.56 -27.26
N ASN AA 488 -10.06 73.72 -26.80
CA ASN AA 488 -8.65 74.00 -26.65
C ASN AA 488 -8.11 73.60 -25.28
N TYR AA 489 -8.92 72.98 -24.44
CA TYR AA 489 -8.45 72.41 -23.19
C TYR AA 489 -8.25 70.91 -23.40
N VAL AA 490 -7.02 70.45 -23.23
CA VAL AA 490 -6.62 69.10 -23.59
C VAL AA 490 -6.45 68.27 -22.32
N ILE AA 491 -7.07 67.10 -22.29
CA ILE AA 491 -6.93 66.15 -21.20
C ILE AA 491 -6.20 64.93 -21.73
N ALA AA 492 -5.03 64.65 -21.19
CA ALA AA 492 -4.20 63.55 -21.65
C ALA AA 492 -4.26 62.41 -20.62
N ASP AA 493 -4.81 61.27 -21.03
CA ASP AA 493 -5.00 60.14 -20.15
C ASP AA 493 -4.01 59.04 -20.50
N ARG AA 494 -3.31 58.52 -19.49
CA ARG AA 494 -2.34 57.45 -19.67
C ARG AA 494 -2.83 56.12 -19.12
N ILE AA 495 -3.43 56.12 -17.93
CA ILE AA 495 -3.96 54.90 -17.33
C ILE AA 495 -5.10 55.30 -16.40
N GLY AA 496 -6.08 54.41 -16.30
CA GLY AA 496 -7.24 54.65 -15.45
C GLY AA 496 -6.99 54.24 -14.02
N MET AA 497 -8.09 54.02 -13.30
CA MET AA 497 -8.01 53.60 -11.91
C MET AA 497 -7.71 52.10 -11.84
N THR AA 498 -6.63 51.75 -11.15
CA THR AA 498 -6.25 50.37 -10.95
C THR AA 498 -5.97 50.15 -9.46
N VAL AA 499 -6.32 48.96 -8.98
CA VAL AA 499 -6.16 48.60 -7.57
C VAL AA 499 -5.28 47.36 -7.48
N GLU AA 500 -4.25 47.42 -6.63
CA GLU AA 500 -3.33 46.31 -6.42
C GLU AA 500 -3.50 45.80 -5.00
N PHE AA 501 -3.51 44.48 -4.85
CA PHE AA 501 -3.67 43.83 -3.56
C PHE AA 501 -2.32 43.35 -3.07
N ILE AA 502 -1.96 43.72 -1.84
CA ILE AA 502 -0.65 43.40 -1.28
C ILE AA 502 -0.86 42.27 -0.27
N PRO AA 503 -0.37 41.06 -0.55
CA PRO AA 503 -0.63 39.94 0.36
C PRO AA 503 -0.07 40.13 1.75
N HIS AA 504 1.06 40.82 1.89
CA HIS AA 504 1.75 40.87 3.18
C HIS AA 504 2.42 42.23 3.36
N LEU AA 505 2.53 42.65 4.61
CA LEU AA 505 3.29 43.84 4.99
C LEU AA 505 4.27 43.48 6.09
N PHE AA 506 5.32 44.29 6.21
CA PHE AA 506 6.44 43.98 7.10
C PHE AA 506 6.52 45.00 8.24
N GLY AA 507 7.18 44.58 9.32
CA GLY AA 507 7.38 45.41 10.47
C GLY AA 507 8.75 46.06 10.50
N THR AA 508 9.13 46.52 11.69
CA THR AA 508 10.42 47.20 11.85
C THR AA 508 11.57 46.27 11.55
N ASN AA 509 11.48 45.01 12.00
CA ASN AA 509 12.57 44.05 11.83
C ASN AA 509 12.50 43.30 10.52
N ARG AA 510 11.84 43.87 9.51
CA ARG AA 510 11.75 43.27 8.18
C ARG AA 510 11.15 41.87 8.23
N ARG AA 511 10.13 41.70 9.07
CA ARG AA 511 9.43 40.43 9.20
C ARG AA 511 7.93 40.69 9.22
N PRO AA 512 7.12 39.72 8.79
CA PRO AA 512 5.68 39.96 8.69
C PRO AA 512 5.05 40.31 10.02
N ASN AA 513 4.03 41.17 9.97
CA ASN AA 513 3.33 41.63 11.16
C ASN AA 513 1.83 41.36 11.11
N GLY AA 514 1.35 40.59 10.13
CA GLY AA 514 -0.05 40.25 10.03
C GLY AA 514 -0.91 41.38 9.52
N SER AA 515 -0.63 41.85 8.31
CA SER AA 515 -1.38 42.95 7.73
C SER AA 515 -1.39 42.82 6.21
N ARG AA 516 -2.36 43.48 5.59
CA ARG AA 516 -2.47 43.53 4.14
C ARG AA 516 -2.70 44.97 3.71
N GLY AA 517 -2.61 45.21 2.40
CA GLY AA 517 -2.70 46.55 1.85
C GLY AA 517 -3.52 46.60 0.58
N TRP AA 518 -3.90 47.83 0.22
CA TRP AA 518 -4.60 48.12 -1.02
C TRP AA 518 -3.96 49.34 -1.64
N PHE AA 519 -3.45 49.19 -2.86
CA PHE AA 519 -2.74 50.25 -3.56
C PHE AA 519 -3.48 50.61 -4.85
N ALA AA 520 -3.72 51.90 -5.04
CA ALA AA 520 -4.38 52.40 -6.23
C ALA AA 520 -3.61 53.60 -6.77
N TYR AA 521 -3.67 53.79 -8.09
CA TYR AA 521 -2.96 54.90 -8.70
C TYR AA 521 -3.70 55.34 -9.96
N TYR AA 522 -3.34 56.54 -10.43
CA TYR AA 522 -4.00 57.19 -11.56
C TYR AA 522 -3.01 58.13 -12.21
N ARG AA 523 -2.99 58.16 -13.54
CA ARG AA 523 -2.06 59.00 -14.29
C ARG AA 523 -2.83 59.84 -15.29
N MET AA 524 -2.63 61.16 -15.25
CA MET AA 524 -3.34 62.08 -16.12
C MET AA 524 -2.59 63.41 -16.14
N GLY AA 525 -2.63 64.08 -17.30
CA GLY AA 525 -2.02 65.38 -17.44
C GLY AA 525 -2.87 66.26 -18.33
N ALA AA 526 -2.78 67.58 -18.10
CA ALA AA 526 -3.58 68.53 -18.85
C ALA AA 526 -2.94 69.91 -18.82
N ASP AA 527 -3.17 70.67 -19.89
CA ASP AA 527 -2.69 72.04 -20.01
C ASP AA 527 -3.43 72.69 -21.19
N VAL AA 528 -3.26 74.01 -21.33
CA VAL AA 528 -3.96 74.81 -22.31
C VAL AA 528 -3.07 75.05 -23.51
N VAL AA 529 -3.61 74.87 -24.71
CA VAL AA 529 -2.83 75.05 -25.93
C VAL AA 529 -3.02 76.47 -26.48
N ASN AA 530 -4.24 76.99 -26.41
CA ASN AA 530 -4.54 78.32 -26.94
C ASN AA 530 -5.16 79.18 -25.84
N PRO AA 531 -4.44 80.16 -25.30
CA PRO AA 531 -5.00 81.00 -24.24
C PRO AA 531 -5.86 82.16 -24.74
N ASN AA 532 -5.95 82.37 -26.04
CA ASN AA 532 -6.68 83.50 -26.60
C ASN AA 532 -8.10 83.10 -26.99
N ALA AA 533 -8.50 81.87 -26.71
CA ALA AA 533 -9.84 81.39 -27.02
C ALA AA 533 -10.77 81.43 -25.82
N PHE AA 534 -10.32 82.03 -24.71
CA PHE AA 534 -11.13 82.17 -23.50
C PHE AA 534 -11.10 83.62 -23.05
N ARG AA 535 -12.07 83.96 -22.20
CA ARG AA 535 -12.13 85.28 -21.58
C ARG AA 535 -12.51 85.08 -20.12
N LEU AA 536 -11.58 85.35 -19.22
CA LEU AA 536 -11.80 85.19 -17.79
C LEU AA 536 -11.98 86.55 -17.13
N LEU AA 537 -12.85 86.60 -16.12
CA LEU AA 537 -13.15 87.82 -15.40
C LEU AA 537 -12.59 87.75 -13.99
N ASN AA 538 -11.90 88.80 -13.59
CA ASN AA 538 -11.26 88.88 -12.27
C ASN AA 538 -11.85 90.05 -11.50
N VAL AA 539 -12.35 89.77 -10.30
CA VAL AA 539 -12.89 90.80 -9.42
C VAL AA 539 -11.94 90.89 -8.23
N GLU AA 540 -10.96 91.79 -8.33
CA GLU AA 540 -9.94 91.93 -7.31
C GLU AA 540 -10.43 92.88 -6.23
N THR AA 541 -10.16 92.53 -4.97
CA THR AA 541 -10.62 93.28 -3.82
C THR AA 541 -9.43 93.95 -3.16
N ALA AA 542 -9.49 95.27 -3.02
CA ALA AA 542 -8.43 96.01 -2.36
C ALA AA 542 -8.40 95.67 -0.87
N SER AA 543 -7.20 95.51 -0.33
CA SER AA 543 -7.03 95.18 1.08
C SER AA 543 -6.60 96.41 1.87
N MET BA 251 16.31 53.69 -11.47
CA MET BA 251 15.94 53.70 -12.88
C MET BA 251 14.52 54.23 -13.07
N GLY BA 252 14.39 55.53 -13.24
CA GLY BA 252 13.10 56.19 -13.37
C GLY BA 252 12.92 56.79 -14.75
N LEU BA 253 12.17 57.88 -14.80
CA LEU BA 253 11.88 58.56 -16.06
C LEU BA 253 12.87 59.65 -16.41
N THR BA 254 13.85 59.93 -15.55
CA THR BA 254 14.89 60.87 -15.89
C THR BA 254 15.70 60.34 -17.07
N LYS BA 255 16.25 61.26 -17.87
CA LYS BA 255 16.92 60.85 -19.10
C LYS BA 255 18.10 59.94 -18.82
N ALA BA 256 19.02 60.35 -17.93
CA ALA BA 256 20.24 59.60 -17.68
C ALA BA 256 19.98 58.26 -17.00
N ASP BA 257 18.77 58.00 -16.52
CA ASP BA 257 18.46 56.75 -15.84
C ASP BA 257 17.54 55.89 -16.69
N GLY BA 258 17.80 55.84 -17.99
CA GLY BA 258 16.99 55.06 -18.90
C GLY BA 258 15.87 55.80 -19.58
N GLY BA 259 15.82 57.12 -19.44
CA GLY BA 259 14.75 57.91 -20.01
C GLY BA 259 14.88 58.22 -21.48
N TYR BA 260 15.93 57.73 -22.13
CA TYR BA 260 16.11 57.96 -23.56
C TYR BA 260 15.39 56.93 -24.41
N LEU BA 261 14.69 55.98 -23.80
CA LEU BA 261 13.98 54.95 -24.52
C LEU BA 261 12.52 55.27 -24.76
N VAL BA 262 12.05 56.43 -24.31
CA VAL BA 262 10.63 56.81 -24.48
C VAL BA 262 10.41 57.24 -25.92
N PRO BA 263 9.39 56.71 -26.60
CA PRO BA 263 9.13 57.15 -27.99
C PRO BA 263 8.62 58.58 -28.01
N PHE BA 264 9.12 59.35 -28.98
CA PHE BA 264 8.67 60.71 -29.17
C PHE BA 264 7.25 60.70 -29.76
N GLN BA 265 6.37 61.51 -29.18
CA GLN BA 265 5.00 61.62 -29.66
C GLN BA 265 4.75 63.03 -30.17
N LEU BA 266 4.24 63.12 -31.39
CA LEU BA 266 3.95 64.40 -32.01
C LEU BA 266 2.61 64.31 -32.72
N ASP BA 267 1.87 65.42 -32.69
CA ASP BA 267 0.58 65.49 -33.36
C ASP BA 267 0.77 66.15 -34.72
N PRO BA 268 0.54 65.43 -35.83
CA PRO BA 268 0.73 66.06 -37.14
C PRO BA 268 -0.15 67.26 -37.41
N THR BA 269 -1.38 67.27 -36.86
CA THR BA 269 -2.29 68.36 -37.14
C THR BA 269 -1.78 69.67 -36.55
N VAL BA 270 -2.22 70.77 -37.15
CA VAL BA 270 -1.72 72.11 -36.84
C VAL BA 270 -2.84 72.94 -36.23
N ILE BA 271 -2.52 73.65 -35.16
CA ILE BA 271 -3.43 74.57 -34.51
C ILE BA 271 -3.11 75.98 -35.01
N ILE BA 272 -4.11 76.66 -35.56
CA ILE BA 272 -3.92 78.01 -36.08
C ILE BA 272 -4.41 79.01 -35.04
N THR BA 273 -3.49 79.86 -34.59
CA THR BA 273 -3.79 80.87 -33.56
C THR BA 273 -4.09 82.22 -34.21
N SER BA 274 -5.10 82.23 -35.08
CA SER BA 274 -5.50 83.42 -35.80
C SER BA 274 -6.94 83.76 -35.44
N ASN BA 275 -7.17 85.03 -35.09
CA ASN BA 275 -8.52 85.48 -34.77
C ASN BA 275 -9.43 85.40 -35.98
N GLY BA 276 -8.91 85.79 -37.15
CA GLY BA 276 -9.72 85.81 -38.35
C GLY BA 276 -10.68 86.98 -38.38
N SER BA 277 -11.66 86.88 -39.28
CA SER BA 277 -12.68 87.92 -39.42
C SER BA 277 -13.92 87.31 -40.03
N LEU BA 278 -15.07 87.47 -39.37
CA LEU BA 278 -16.35 87.00 -39.88
C LEU BA 278 -17.07 88.17 -40.54
N ASN BA 279 -16.86 88.29 -41.86
CA ASN BA 279 -17.53 89.32 -42.62
C ASN BA 279 -18.75 88.75 -43.32
N ASP BA 280 -19.78 89.60 -43.47
CA ASP BA 280 -21.05 89.17 -44.04
C ASP BA 280 -21.50 90.09 -45.17
N ILE BA 281 -20.56 90.85 -45.76
CA ILE BA 281 -20.93 91.74 -46.85
C ILE BA 281 -21.27 90.96 -48.11
N ARG BA 282 -20.49 89.91 -48.40
CA ARG BA 282 -20.66 89.17 -49.64
C ARG BA 282 -22.04 88.54 -49.77
N ARG BA 283 -22.71 88.26 -48.65
CA ARG BA 283 -24.04 87.66 -48.70
C ARG BA 283 -25.11 88.64 -49.15
N PHE BA 284 -24.92 89.94 -48.89
CA PHE BA 284 -25.86 90.96 -49.29
C PHE BA 284 -25.45 91.72 -50.54
N ALA BA 285 -24.16 91.86 -50.81
CA ALA BA 285 -23.70 92.67 -51.91
C ALA BA 285 -23.91 91.96 -53.25
N ARG BA 286 -23.81 92.74 -54.32
CA ARG BA 286 -23.94 92.24 -55.68
C ARG BA 286 -22.55 92.12 -56.30
N GLN BA 287 -22.22 90.92 -56.79
CA GLN BA 287 -20.90 90.66 -57.36
C GLN BA 287 -21.05 90.39 -58.85
N VAL BA 288 -20.09 90.90 -59.63
CA VAL BA 288 -20.06 90.75 -61.08
C VAL BA 288 -18.68 90.26 -61.48
N VAL BA 289 -18.55 89.85 -62.73
CA VAL BA 289 -17.31 89.34 -63.28
C VAL BA 289 -16.69 90.41 -64.16
N ALA BA 290 -15.38 90.61 -64.00
CA ALA BA 290 -14.62 91.57 -64.80
C ALA BA 290 -13.81 90.85 -65.86
N THR BA 291 -13.61 91.53 -66.98
CA THR BA 291 -12.85 90.97 -68.09
C THR BA 291 -11.54 91.70 -68.33
N GLY BA 292 -11.53 93.02 -68.21
CA GLY BA 292 -10.30 93.78 -68.39
C GLY BA 292 -9.71 94.22 -67.06
N ASP BA 293 -9.74 95.53 -66.81
CA ASP BA 293 -9.25 96.07 -65.55
C ASP BA 293 -10.18 97.11 -64.94
N VAL BA 294 -11.17 97.61 -65.67
CA VAL BA 294 -12.16 98.55 -65.14
C VAL BA 294 -13.54 98.10 -65.60
N TRP BA 295 -14.52 98.19 -64.71
CA TRP BA 295 -15.90 97.85 -65.02
C TRP BA 295 -16.73 99.12 -65.10
N HIS BA 296 -17.52 99.25 -66.16
CA HIS BA 296 -18.30 100.45 -66.41
C HIS BA 296 -19.78 100.11 -66.50
N GLY BA 297 -20.61 101.04 -66.03
CA GLY BA 297 -22.05 100.94 -66.13
C GLY BA 297 -22.63 102.30 -66.43
N VAL BA 298 -23.95 102.37 -66.51
CA VAL BA 298 -24.66 103.61 -66.80
C VAL BA 298 -25.77 103.79 -65.78
N SER BA 299 -26.00 105.04 -65.38
CA SER BA 299 -27.09 105.39 -64.49
C SER BA 299 -27.80 106.63 -65.04
N SER BA 300 -29.06 106.79 -64.66
CA SER BA 300 -29.84 107.92 -65.15
C SER BA 300 -30.88 108.30 -64.11
N ALA BA 301 -31.39 109.51 -64.25
CA ALA BA 301 -32.44 110.05 -63.39
C ALA BA 301 -33.79 109.91 -64.09
N ALA BA 302 -34.82 110.50 -63.50
CA ALA BA 302 -36.18 110.40 -64.04
C ALA BA 302 -36.44 111.54 -65.01
N VAL BA 303 -37.67 111.63 -65.51
CA VAL BA 303 -38.10 112.66 -66.45
C VAL BA 303 -39.06 113.59 -65.73
N GLN BA 304 -38.80 114.89 -65.82
CA GLN BA 304 -39.59 115.88 -65.10
C GLN BA 304 -40.80 116.28 -65.92
N TRP BA 305 -41.99 115.96 -65.39
CA TRP BA 305 -43.24 116.34 -66.01
C TRP BA 305 -43.68 117.69 -65.48
N SER BA 306 -44.78 118.20 -66.02
CA SER BA 306 -45.32 119.47 -65.57
C SER BA 306 -46.80 119.53 -65.93
N TRP BA 307 -47.53 120.40 -65.24
CA TRP BA 307 -48.95 120.58 -65.47
C TRP BA 307 -49.15 121.75 -66.43
N ASP BA 308 -49.43 121.44 -67.69
CA ASP BA 308 -49.58 122.45 -68.72
C ASP BA 308 -51.05 122.65 -69.06
N ALA BA 309 -51.35 123.82 -69.62
CA ALA BA 309 -52.70 124.20 -70.00
C ALA BA 309 -52.95 123.79 -71.45
N GLU BA 310 -54.19 124.03 -71.89
CA GLU BA 310 -54.54 123.69 -73.26
C GLU BA 310 -53.86 124.62 -74.24
N PHE BA 311 -53.45 124.07 -75.38
CA PHE BA 311 -52.74 124.82 -76.42
C PHE BA 311 -51.48 125.50 -75.88
N GLU BA 312 -50.73 124.75 -75.07
CA GLU BA 312 -49.49 125.24 -74.47
C GLU BA 312 -48.32 124.43 -75.00
N GLU BA 313 -47.26 125.11 -75.42
CA GLU BA 313 -46.09 124.43 -75.96
C GLU BA 313 -45.36 123.66 -74.87
N VAL BA 314 -44.98 122.43 -75.18
CA VAL BA 314 -44.33 121.54 -74.23
C VAL BA 314 -42.86 121.95 -74.12
N SER BA 315 -42.19 121.50 -73.06
CA SER BA 315 -40.80 121.87 -72.81
C SER BA 315 -39.90 120.65 -72.91
N ASP BA 316 -38.63 120.91 -73.24
CA ASP BA 316 -37.64 119.85 -73.34
C ASP BA 316 -37.36 119.24 -71.97
N ASP BA 317 -37.36 117.90 -71.91
CA ASP BA 317 -37.13 117.18 -70.67
C ASP BA 317 -36.11 116.06 -70.87
N SER BA 318 -35.00 116.36 -71.52
CA SER BA 318 -33.99 115.33 -71.78
C SER BA 318 -33.31 114.93 -70.47
N PRO BA 319 -33.24 113.64 -70.15
CA PRO BA 319 -32.59 113.19 -68.92
C PRO BA 319 -31.07 113.28 -69.04
N GLU BA 320 -30.40 113.14 -67.91
CA GLU BA 320 -28.95 113.15 -67.82
C GLU BA 320 -28.43 111.80 -67.36
N PHE BA 321 -27.27 111.40 -67.89
CA PHE BA 321 -26.73 110.08 -67.65
C PHE BA 321 -25.39 110.16 -66.93
N GLY BA 322 -25.04 109.07 -66.26
CA GLY BA 322 -23.78 109.00 -65.53
C GLY BA 322 -23.18 107.62 -65.65
N GLN BA 323 -21.84 107.58 -65.62
CA GLN BA 323 -21.10 106.34 -65.83
C GLN BA 323 -20.25 106.01 -64.60
N PRO BA 324 -20.74 105.12 -63.73
CA PRO BA 324 -19.91 104.68 -62.61
C PRO BA 324 -18.69 103.90 -63.09
N GLU BA 325 -17.61 104.03 -62.33
CA GLU BA 325 -16.32 103.44 -62.67
C GLU BA 325 -15.80 102.62 -61.50
N ILE BA 326 -15.36 101.39 -61.78
CA ILE BA 326 -14.77 100.53 -60.77
C ILE BA 326 -13.48 99.91 -61.30
N PRO BA 327 -12.32 100.25 -60.74
CA PRO BA 327 -11.07 99.65 -61.17
C PRO BA 327 -10.77 98.34 -60.46
N VAL BA 328 -9.82 97.60 -61.02
CA VAL BA 328 -9.38 96.32 -60.47
C VAL BA 328 -7.95 96.45 -59.99
N LYS BA 329 -7.68 95.97 -58.79
CA LYS BA 329 -6.37 96.09 -58.16
C LYS BA 329 -5.85 94.72 -57.76
N LYS BA 330 -4.59 94.69 -57.31
CA LYS BA 330 -3.89 93.42 -57.09
C LYS BA 330 -3.36 93.35 -55.67
N ALA BA 331 -3.39 92.14 -55.11
CA ALA BA 331 -2.78 91.84 -53.82
C ALA BA 331 -1.97 90.56 -53.95
N GLN BA 332 -0.91 90.45 -53.16
CA GLN BA 332 0.00 89.32 -53.32
C GLN BA 332 0.72 89.03 -52.00
N GLY BA 333 1.22 87.81 -51.89
CA GLY BA 333 2.00 87.39 -50.74
C GLY BA 333 3.06 86.41 -51.18
N PHE BA 334 4.13 86.33 -50.39
CA PHE BA 334 5.29 85.54 -50.77
C PHE BA 334 5.95 84.97 -49.52
N VAL BA 335 6.33 83.70 -49.59
CA VAL BA 335 6.94 83.00 -48.45
C VAL BA 335 8.19 82.25 -48.91
N PRO BA 336 9.38 82.72 -48.54
CA PRO BA 336 10.60 81.99 -48.89
C PRO BA 336 10.86 80.83 -47.93
N ILE BA 337 11.57 79.83 -48.45
CA ILE BA 337 11.95 78.65 -47.68
C ILE BA 337 13.33 78.20 -48.13
N SER BA 338 13.97 77.38 -47.31
CA SER BA 338 15.31 76.87 -47.59
C SER BA 338 15.22 75.43 -48.09
N ILE BA 339 16.30 75.00 -48.77
CA ILE BA 339 16.30 73.68 -49.41
C ILE BA 339 16.19 72.58 -48.37
N GLU BA 340 17.04 72.64 -47.34
CA GLU BA 340 17.03 71.60 -46.32
C GLU BA 340 15.72 71.59 -45.54
N ALA BA 341 15.17 72.77 -45.25
CA ALA BA 341 13.85 72.83 -44.64
C ALA BA 341 12.80 72.26 -45.59
N LEU BA 342 12.95 72.48 -46.89
CA LEU BA 342 11.99 71.97 -47.86
C LEU BA 342 11.98 70.45 -47.88
N GLN BA 343 13.15 69.82 -47.83
CA GLN BA 343 13.22 68.37 -47.96
C GLN BA 343 13.34 67.64 -46.62
N ASP BA 344 13.33 68.36 -45.50
CA ASP BA 344 13.44 67.73 -44.19
C ASP BA 344 12.16 67.85 -43.36
N GLU BA 345 11.58 69.04 -43.27
CA GLU BA 345 10.29 69.17 -42.62
C GLU BA 345 9.24 68.38 -43.39
N ALA BA 346 8.36 67.71 -42.66
CA ALA BA 346 7.47 66.71 -43.23
C ALA BA 346 6.11 67.30 -43.58
N ASN BA 347 5.66 67.04 -44.82
CA ASN BA 347 4.32 67.38 -45.27
C ASN BA 347 4.05 68.88 -45.13
N VAL BA 348 4.81 69.64 -45.90
CA VAL BA 348 4.91 71.07 -45.69
C VAL BA 348 3.99 71.87 -46.61
N THR BA 349 3.80 71.43 -47.86
CA THR BA 349 3.23 72.30 -48.88
C THR BA 349 1.80 72.70 -48.56
N GLU BA 350 0.94 71.71 -48.27
CA GLU BA 350 -0.47 72.03 -48.06
C GLU BA 350 -0.69 72.83 -46.79
N THR BA 351 0.21 72.69 -45.80
CA THR BA 351 0.15 73.58 -44.64
C THR BA 351 0.28 75.04 -45.06
N VAL BA 352 1.28 75.33 -45.88
CA VAL BA 352 1.48 76.71 -46.33
C VAL BA 352 0.33 77.16 -47.23
N ALA BA 353 -0.23 76.23 -48.01
CA ALA BA 353 -1.39 76.57 -48.84
C ALA BA 353 -2.58 76.98 -47.98
N LEU BA 354 -2.84 76.22 -46.90
CA LEU BA 354 -3.92 76.57 -45.99
C LEU BA 354 -3.66 77.92 -45.33
N LEU BA 355 -2.43 78.19 -44.94
CA LEU BA 355 -2.11 79.48 -44.34
C LEU BA 355 -2.35 80.62 -45.34
N PHE BA 356 -1.98 80.39 -46.61
CA PHE BA 356 -2.24 81.39 -47.64
C PHE BA 356 -3.73 81.66 -47.79
N ALA BA 357 -4.54 80.59 -47.82
CA ALA BA 357 -5.98 80.76 -47.95
C ALA BA 357 -6.54 81.56 -46.77
N GLU BA 358 -6.09 81.23 -45.55
CA GLU BA 358 -6.58 81.94 -44.38
C GLU BA 358 -6.21 83.43 -44.44
N GLY BA 359 -4.96 83.72 -44.82
CA GLY BA 359 -4.55 85.11 -44.94
C GLY BA 359 -5.38 85.87 -45.95
N LYS BA 360 -5.68 85.22 -47.08
CA LYS BA 360 -6.56 85.86 -48.07
C LYS BA 360 -7.93 86.13 -47.45
N ASP BA 361 -8.43 85.19 -46.64
CA ASP BA 361 -9.73 85.40 -46.02
C ASP BA 361 -9.75 86.64 -45.15
N GLU BA 362 -8.79 86.77 -44.23
CA GLU BA 362 -8.83 87.96 -43.36
C GLU BA 362 -8.61 89.23 -44.16
N LEU BA 363 -7.70 89.22 -45.12
CA LEU BA 363 -7.47 90.45 -45.89
C LEU BA 363 -8.71 90.86 -46.65
N GLU BA 364 -9.40 89.90 -47.28
CA GLU BA 364 -10.62 90.23 -48.00
C GLU BA 364 -11.69 90.76 -47.05
N ALA BA 365 -11.83 90.14 -45.88
CA ALA BA 365 -12.85 90.58 -44.93
C ALA BA 365 -12.59 92.01 -44.47
N VAL BA 366 -11.32 92.34 -44.22
CA VAL BA 366 -10.99 93.69 -43.77
C VAL BA 366 -11.17 94.69 -44.91
N THR BA 367 -10.73 94.32 -46.11
CA THR BA 367 -10.75 95.27 -47.23
C THR BA 367 -12.18 95.59 -47.67
N LEU BA 368 -13.05 94.58 -47.72
CA LEU BA 368 -14.43 94.83 -48.13
C LEU BA 368 -15.18 95.75 -47.17
N THR BA 369 -14.67 95.95 -45.95
CA THR BA 369 -15.33 96.81 -44.98
C THR BA 369 -14.67 98.16 -44.83
N THR BA 370 -13.34 98.21 -44.69
CA THR BA 370 -12.64 99.46 -44.43
C THR BA 370 -11.44 99.59 -45.37
N GLY BA 371 -11.67 99.35 -46.66
CA GLY BA 371 -10.62 99.61 -47.64
C GLY BA 371 -10.67 101.05 -48.11
N THR BA 372 -9.48 101.64 -48.25
CA THR BA 372 -9.35 103.03 -48.66
C THR BA 372 -9.26 103.10 -50.18
N GLY BA 373 -10.11 103.94 -50.79
CA GLY BA 373 -10.14 104.00 -52.23
C GLY BA 373 -8.85 104.47 -52.84
N GLN BA 374 -8.23 105.50 -52.25
CA GLN BA 374 -7.01 106.05 -52.80
C GLN BA 374 -5.83 105.10 -52.58
N GLY BA 375 -4.83 105.25 -53.42
CA GLY BA 375 -3.65 104.40 -53.37
C GLY BA 375 -3.79 103.19 -54.27
N ASN BA 376 -3.50 102.00 -53.73
CA ASN BA 376 -3.62 100.76 -54.47
C ASN BA 376 -4.55 99.79 -53.74
N GLN BA 377 -5.64 100.30 -53.17
CA GLN BA 377 -6.62 99.50 -52.46
C GLN BA 377 -8.01 99.73 -53.02
N PRO BA 378 -8.89 98.73 -52.93
CA PRO BA 378 -10.29 98.94 -53.31
C PRO BA 378 -10.99 99.85 -52.32
N THR BA 379 -12.17 100.32 -52.71
CA THR BA 379 -12.96 101.24 -51.90
C THR BA 379 -13.88 100.43 -51.00
N GLY BA 380 -13.70 100.59 -49.68
CA GLY BA 380 -14.57 99.93 -48.74
C GLY BA 380 -15.90 100.65 -48.59
N ILE BA 381 -16.88 99.92 -48.05
CA ILE BA 381 -18.22 100.48 -47.93
C ILE BA 381 -18.23 101.65 -46.95
N VAL BA 382 -17.46 101.54 -45.86
CA VAL BA 382 -17.44 102.61 -44.87
C VAL BA 382 -16.76 103.84 -45.44
N THR BA 383 -15.66 103.66 -46.19
CA THR BA 383 -14.95 104.79 -46.76
C THR BA 383 -15.79 105.52 -47.79
N ALA BA 384 -16.56 104.80 -48.60
CA ALA BA 384 -17.36 105.46 -49.63
C ALA BA 384 -18.49 106.29 -49.04
N LEU BA 385 -18.86 106.04 -47.79
CA LEU BA 385 -19.98 106.71 -47.15
C LEU BA 385 -19.54 107.79 -46.17
N ALA BA 386 -18.24 108.11 -46.14
CA ALA BA 386 -17.70 109.11 -45.23
C ALA BA 386 -17.45 110.39 -46.01
N GLY BA 387 -17.98 111.50 -45.51
CA GLY BA 387 -17.89 112.77 -46.19
C GLY BA 387 -18.96 113.01 -47.22
N THR BA 388 -19.83 112.03 -47.47
CA THR BA 388 -20.91 112.17 -48.43
C THR BA 388 -22.15 112.68 -47.72
N ALA BA 389 -23.30 112.61 -48.39
CA ALA BA 389 -24.56 113.02 -47.79
C ALA BA 389 -25.24 111.90 -47.04
N ALA BA 390 -24.62 110.72 -46.94
CA ALA BA 390 -25.19 109.58 -46.24
C ALA BA 390 -24.70 109.48 -44.79
N GLU BA 391 -23.98 110.49 -44.31
CA GLU BA 391 -23.48 110.51 -42.94
C GLU BA 391 -24.49 111.19 -42.03
N ILE BA 392 -24.77 110.57 -40.89
CA ILE BA 392 -25.71 111.09 -39.91
C ILE BA 392 -24.98 111.34 -38.61
N ALA BA 393 -25.51 112.28 -37.82
CA ALA BA 393 -24.93 112.60 -36.53
C ALA BA 393 -25.91 112.28 -35.41
N PRO BA 394 -25.43 111.83 -34.26
CA PRO BA 394 -26.33 111.49 -33.16
C PRO BA 394 -27.00 112.74 -32.60
N VAL BA 395 -28.11 112.49 -31.90
CA VAL BA 395 -28.90 113.60 -31.33
C VAL BA 395 -28.06 114.39 -30.34
N THR BA 396 -27.34 113.69 -29.46
CA THR BA 396 -26.41 114.32 -28.53
C THR BA 396 -25.01 113.74 -28.77
N ALA BA 397 -24.01 114.61 -28.69
CA ALA BA 397 -22.66 114.21 -29.05
C ALA BA 397 -22.08 113.20 -28.07
N GLU BA 398 -21.22 112.32 -28.60
CA GLU BA 398 -20.47 111.36 -27.80
C GLU BA 398 -21.39 110.46 -26.99
N THR BA 399 -22.52 110.05 -27.57
CA THR BA 399 -23.47 109.20 -26.87
C THR BA 399 -24.27 108.41 -27.89
N PHE BA 400 -24.41 107.11 -27.65
CA PHE BA 400 -25.23 106.24 -28.49
C PHE BA 400 -26.54 105.95 -27.75
N ALA BA 401 -27.64 106.50 -28.26
CA ALA BA 401 -28.95 106.34 -27.66
C ALA BA 401 -29.83 105.49 -28.57
N LEU BA 402 -31.04 105.21 -28.10
CA LEU BA 402 -31.97 104.42 -28.89
C LEU BA 402 -32.42 105.14 -30.16
N ALA BA 403 -32.61 106.46 -30.07
CA ALA BA 403 -33.15 107.20 -31.21
C ALA BA 403 -32.23 107.14 -32.42
N ASP BA 404 -30.94 106.86 -32.21
CA ASP BA 404 -30.00 106.79 -33.32
C ASP BA 404 -30.31 105.62 -34.24
N VAL BA 405 -30.68 104.48 -33.66
CA VAL BA 405 -31.03 103.31 -34.46
C VAL BA 405 -32.25 103.61 -35.33
N TYR BA 406 -33.25 104.28 -34.76
CA TYR BA 406 -34.40 104.70 -35.55
C TYR BA 406 -33.98 105.69 -36.64
N ALA BA 407 -33.08 106.62 -36.31
CA ALA BA 407 -32.69 107.65 -37.27
C ALA BA 407 -31.99 107.05 -38.47
N VAL BA 408 -31.12 106.07 -38.25
CA VAL BA 408 -30.41 105.45 -39.37
C VAL BA 408 -31.38 104.78 -40.32
N TYR BA 409 -32.34 104.02 -39.78
CA TYR BA 409 -33.32 103.33 -40.62
C TYR BA 409 -34.32 104.30 -41.22
N GLU BA 410 -34.40 105.51 -40.67
CA GLU BA 410 -35.53 106.38 -40.94
C GLU BA 410 -35.29 107.38 -42.07
N GLN BA 411 -34.08 107.92 -42.18
CA GLN BA 411 -33.80 109.00 -43.12
C GLN BA 411 -33.49 108.50 -44.51
N LEU BA 412 -33.87 107.26 -44.83
CA LEU BA 412 -33.62 106.67 -46.13
C LEU BA 412 -34.88 106.78 -47.00
N ALA BA 413 -34.68 106.70 -48.31
CA ALA BA 413 -35.79 106.78 -49.25
C ALA BA 413 -36.69 105.56 -49.13
N ALA BA 414 -37.96 105.74 -49.50
CA ALA BA 414 -38.94 104.67 -49.38
C ALA BA 414 -38.56 103.47 -50.26
N ARG BA 415 -38.03 103.73 -51.45
CA ARG BA 415 -37.71 102.64 -52.37
C ARG BA 415 -36.66 101.71 -51.79
N HIS BA 416 -35.60 102.27 -51.21
CA HIS BA 416 -34.50 101.46 -50.68
C HIS BA 416 -34.76 100.97 -49.27
N ARG BA 417 -35.68 101.61 -48.55
CA ARG BA 417 -35.95 101.19 -47.16
C ARG BA 417 -36.55 99.79 -47.10
N ARG BA 418 -37.34 99.41 -48.09
CA ARG BA 418 -38.00 98.12 -48.11
C ARG BA 418 -37.13 97.01 -48.68
N GLN BA 419 -35.84 97.27 -48.89
CA GLN BA 419 -34.90 96.26 -49.34
C GLN BA 419 -33.59 96.26 -48.58
N GLY BA 420 -33.43 97.14 -47.58
CA GLY BA 420 -32.18 97.29 -46.89
C GLY BA 420 -31.92 96.20 -45.86
N ALA BA 421 -30.72 96.24 -45.29
CA ALA BA 421 -30.31 95.30 -44.27
C ALA BA 421 -29.29 95.98 -43.36
N TRP BA 422 -29.16 95.45 -42.15
CA TRP BA 422 -28.30 96.04 -41.14
C TRP BA 422 -26.94 95.33 -41.13
N LEU BA 423 -25.88 96.13 -41.07
CA LEU BA 423 -24.51 95.62 -40.97
C LEU BA 423 -23.76 96.45 -39.94
N ALA BA 424 -23.27 95.79 -38.90
CA ALA BA 424 -22.52 96.47 -37.84
C ALA BA 424 -21.77 95.43 -37.03
N ASN BA 425 -20.96 95.91 -36.10
CA ASN BA 425 -20.20 95.04 -35.23
C ASN BA 425 -21.09 94.44 -34.15
N ASN BA 426 -20.60 93.35 -33.55
CA ASN BA 426 -21.37 92.70 -32.49
C ASN BA 426 -21.50 93.61 -31.27
N LEU BA 427 -20.43 94.35 -30.94
CA LEU BA 427 -20.46 95.25 -29.79
C LEU BA 427 -21.63 96.21 -29.86
N ILE BA 428 -21.88 96.78 -31.04
CA ILE BA 428 -23.00 97.69 -31.22
C ILE BA 428 -24.32 96.97 -31.03
N TYR BA 429 -24.40 95.72 -31.51
CA TYR BA 429 -25.64 94.97 -31.36
C TYR BA 429 -25.97 94.74 -29.89
N ASN BA 430 -24.96 94.38 -29.08
CA ASN BA 430 -25.26 94.16 -27.67
C ASN BA 430 -25.46 95.48 -26.93
N LYS BA 431 -24.86 96.56 -27.41
CA LYS BA 431 -25.17 97.87 -26.87
C LYS BA 431 -26.64 98.21 -27.08
N ILE BA 432 -27.16 97.89 -28.27
CA ILE BA 432 -28.60 98.03 -28.51
C ILE BA 432 -29.38 97.10 -27.60
N ARG BA 433 -28.83 95.90 -27.36
CA ARG BA 433 -29.53 94.89 -26.56
C ARG BA 433 -29.76 95.35 -25.12
N GLN BA 434 -28.94 96.27 -24.63
CA GLN BA 434 -29.04 96.73 -23.25
C GLN BA 434 -29.85 98.02 -23.09
N PHE BA 435 -30.44 98.53 -24.17
CA PHE BA 435 -31.15 99.80 -24.09
C PHE BA 435 -32.39 99.74 -23.19
N ASP BA 436 -32.98 98.56 -23.01
CA ASP BA 436 -34.21 98.41 -22.26
C ASP BA 436 -33.91 97.98 -20.84
N THR BA 437 -34.61 98.58 -19.88
CA THR BA 437 -34.38 98.30 -18.47
C THR BA 437 -35.69 97.94 -17.77
N GLN BA 438 -36.81 98.45 -18.29
CA GLN BA 438 -38.10 98.25 -17.65
C GLN BA 438 -39.12 97.59 -18.57
N GLY BA 439 -38.68 96.87 -19.59
CA GLY BA 439 -39.60 96.16 -20.47
C GLY BA 439 -40.51 97.05 -21.29
N GLY BA 440 -39.99 98.15 -21.82
CA GLY BA 440 -40.79 99.03 -22.63
C GLY BA 440 -40.74 98.71 -24.11
N ALA BA 441 -40.60 99.75 -24.93
CA ALA BA 441 -40.51 99.57 -26.38
C ALA BA 441 -39.11 99.22 -26.86
N GLY BA 442 -38.12 99.29 -25.97
CA GLY BA 442 -36.76 98.91 -26.32
C GLY BA 442 -36.44 97.45 -26.12
N LEU BA 443 -37.42 96.63 -25.80
CA LEU BA 443 -37.21 95.20 -25.58
C LEU BA 443 -36.94 94.53 -26.92
N TRP BA 444 -35.68 94.22 -27.19
CA TRP BA 444 -35.32 93.47 -28.38
C TRP BA 444 -35.40 91.96 -28.13
N THR BA 445 -34.70 91.49 -27.11
CA THR BA 445 -34.77 90.09 -26.72
C THR BA 445 -34.37 89.97 -25.26
N THR BA 446 -34.70 88.83 -24.67
CA THR BA 446 -34.46 88.58 -23.26
C THR BA 446 -33.13 87.86 -23.08
N ILE BA 447 -32.42 88.19 -22.00
CA ILE BA 447 -31.17 87.52 -21.71
C ILE BA 447 -31.43 86.03 -21.54
N GLY BA 448 -30.48 85.21 -22.00
CA GLY BA 448 -30.66 83.77 -22.05
C GLY BA 448 -31.00 83.24 -23.42
N ASN BA 449 -31.10 84.11 -24.43
CA ASN BA 449 -31.38 83.70 -25.79
C ASN BA 449 -30.29 84.24 -26.72
N GLY BA 450 -30.17 83.61 -27.88
CA GLY BA 450 -29.18 84.02 -28.85
C GLY BA 450 -29.57 85.31 -29.54
N GLU BA 451 -28.69 85.77 -30.43
CA GLU BA 451 -28.93 87.01 -31.13
C GLU BA 451 -30.15 86.87 -32.03
N PRO BA 452 -31.07 87.84 -32.02
CA PRO BA 452 -32.25 87.74 -32.89
C PRO BA 452 -31.88 87.76 -34.35
N SER BA 453 -32.69 87.07 -35.16
CA SER BA 453 -32.43 86.94 -36.58
C SER BA 453 -32.82 88.17 -37.39
N GLN BA 454 -33.57 89.10 -36.81
CA GLN BA 454 -34.01 90.27 -37.56
C GLN BA 454 -34.19 91.45 -36.62
N LEU BA 455 -34.00 92.64 -37.16
CA LEU BA 455 -34.21 93.89 -36.44
C LEU BA 455 -35.05 94.81 -37.29
N LEU BA 456 -36.15 95.32 -36.73
CA LEU BA 456 -37.08 96.19 -37.43
C LEU BA 456 -37.57 95.54 -38.72
N GLY BA 457 -37.78 94.24 -38.69
CA GLY BA 457 -38.23 93.51 -39.86
C GLY BA 457 -37.20 93.43 -40.97
N ARG BA 458 -35.93 93.61 -40.66
CA ARG BA 458 -34.87 93.62 -41.65
C ARG BA 458 -33.76 92.68 -41.23
N PRO BA 459 -33.00 92.16 -42.19
CA PRO BA 459 -31.92 91.22 -41.84
C PRO BA 459 -30.80 91.90 -41.07
N VAL BA 460 -30.04 91.06 -40.36
CA VAL BA 460 -28.92 91.53 -39.53
C VAL BA 460 -27.66 90.77 -39.93
N GLY BA 461 -26.59 91.53 -40.14
CA GLY BA 461 -25.31 90.93 -40.52
C GLY BA 461 -24.20 91.44 -39.63
N GLU BA 462 -23.08 90.73 -39.66
CA GLU BA 462 -21.93 91.02 -38.80
C GLU BA 462 -20.69 91.32 -39.65
N ALA BA 463 -19.86 92.23 -39.15
CA ALA BA 463 -18.58 92.53 -39.78
C ALA BA 463 -17.62 92.94 -38.66
N GLU BA 464 -16.70 92.04 -38.31
CA GLU BA 464 -15.79 92.29 -37.19
C GLU BA 464 -14.87 93.47 -37.44
N ALA BA 465 -14.64 93.85 -38.70
CA ALA BA 465 -13.70 94.91 -39.02
C ALA BA 465 -14.36 96.28 -39.03
N MET BA 466 -15.07 96.61 -37.95
CA MET BA 466 -15.73 97.89 -37.82
C MET BA 466 -15.40 98.50 -36.46
N ASP BA 467 -15.27 99.82 -36.43
CA ASP BA 467 -14.96 100.53 -35.19
C ASP BA 467 -16.10 100.36 -34.20
N ALA BA 468 -15.75 100.14 -32.93
CA ALA BA 468 -16.78 99.86 -31.93
C ALA BA 468 -16.67 100.67 -30.65
N ASN BA 469 -15.50 101.20 -30.29
CA ASN BA 469 -15.33 101.99 -29.08
C ASN BA 469 -14.95 103.41 -29.47
N TRP BA 470 -15.74 104.38 -29.02
CA TRP BA 470 -15.47 105.78 -29.29
C TRP BA 470 -14.76 106.48 -28.13
N ASN BA 471 -14.38 105.75 -27.09
CA ASN BA 471 -13.72 106.34 -25.93
C ASN BA 471 -12.25 105.93 -25.85
N THR BA 472 -11.95 104.64 -25.87
CA THR BA 472 -10.56 104.20 -25.78
C THR BA 472 -9.80 104.41 -27.07
N SER BA 473 -10.51 104.54 -28.20
CA SER BA 473 -9.85 104.79 -29.47
C SER BA 473 -9.34 106.22 -29.55
N ALA BA 474 -8.33 106.42 -30.38
CA ALA BA 474 -7.75 107.74 -30.63
C ALA BA 474 -8.15 108.30 -31.99
N SER BA 475 -9.34 107.97 -32.47
CA SER BA 475 -9.83 108.42 -33.77
C SER BA 475 -11.02 109.34 -33.58
N ALA BA 476 -11.07 110.41 -34.38
CA ALA BA 476 -12.21 111.32 -34.32
C ALA BA 476 -13.49 110.65 -34.80
N ASP BA 477 -13.44 110.02 -35.97
CA ASP BA 477 -14.63 109.39 -36.54
C ASP BA 477 -14.77 107.97 -36.00
N ASN BA 478 -16.00 107.60 -35.64
CA ASN BA 478 -16.28 106.32 -34.99
C ASN BA 478 -17.49 105.64 -35.61
N PHE BA 479 -17.49 105.53 -36.94
CA PHE BA 479 -18.59 104.88 -37.65
C PHE BA 479 -18.89 103.51 -37.06
N VAL BA 480 -20.14 103.30 -36.65
CA VAL BA 480 -20.55 102.08 -35.97
C VAL BA 480 -21.71 101.39 -36.67
N LEU BA 481 -22.76 102.13 -37.00
CA LEU BA 481 -23.99 101.53 -37.51
C LEU BA 481 -24.21 101.92 -38.96
N LEU BA 482 -24.76 100.97 -39.73
CA LEU BA 482 -24.96 101.16 -41.16
C LEU BA 482 -26.20 100.39 -41.59
N TYR BA 483 -26.94 100.95 -42.56
CA TYR BA 483 -28.13 100.32 -43.10
C TYR BA 483 -28.37 100.87 -44.49
N GLY BA 484 -28.82 100.00 -45.40
CA GLY BA 484 -29.15 100.44 -46.73
C GLY BA 484 -29.28 99.28 -47.69
N ASN BA 485 -29.79 99.60 -48.87
CA ASN BA 485 -29.98 98.60 -49.92
C ASN BA 485 -28.63 98.17 -50.47
N PHE BA 486 -28.28 96.91 -50.25
CA PHE BA 486 -26.95 96.42 -50.56
C PHE BA 486 -26.80 95.96 -52.01
N GLN BA 487 -27.86 96.06 -52.81
CA GLN BA 487 -27.73 95.74 -54.23
C GLN BA 487 -26.92 96.77 -54.99
N ASN BA 488 -26.59 97.89 -54.36
CA ASN BA 488 -25.82 98.96 -55.00
C ASN BA 488 -24.34 98.91 -54.62
N TYR BA 489 -23.88 97.80 -54.06
CA TYR BA 489 -22.47 97.59 -53.79
C TYR BA 489 -21.97 96.52 -54.76
N VAL BA 490 -21.09 96.90 -55.67
CA VAL BA 490 -20.63 96.04 -56.75
C VAL BA 490 -19.23 95.55 -56.43
N ILE BA 491 -19.01 94.25 -56.58
CA ILE BA 491 -17.70 93.63 -56.38
C ILE BA 491 -17.30 92.99 -57.70
N ALA BA 492 -16.12 93.35 -58.21
CA ALA BA 492 -15.63 92.84 -59.49
C ALA BA 492 -14.49 91.86 -59.22
N ASP BA 493 -14.66 90.62 -59.67
CA ASP BA 493 -13.68 89.57 -59.48
C ASP BA 493 -13.02 89.25 -60.81
N ARG BA 494 -11.69 89.12 -60.81
CA ARG BA 494 -10.96 88.80 -62.03
C ARG BA 494 -10.27 87.45 -61.95
N ILE BA 495 -9.40 87.23 -60.98
CA ILE BA 495 -8.61 86.01 -60.89
C ILE BA 495 -8.60 85.52 -59.46
N GLY BA 496 -8.80 84.22 -59.28
CA GLY BA 496 -8.78 83.63 -57.95
C GLY BA 496 -7.37 83.55 -57.38
N MET BA 497 -7.20 82.79 -56.31
CA MET BA 497 -5.90 82.67 -55.66
C MET BA 497 -5.06 81.65 -56.42
N THR BA 498 -4.00 82.12 -57.07
CA THR BA 498 -3.09 81.28 -57.82
C THR BA 498 -1.69 81.37 -57.22
N VAL BA 499 -1.13 80.22 -56.86
CA VAL BA 499 0.22 80.13 -56.32
C VAL BA 499 1.06 79.27 -57.25
N GLU BA 500 2.23 79.78 -57.62
CA GLU BA 500 3.21 79.05 -58.40
C GLU BA 500 4.52 78.96 -57.64
N PHE BA 501 5.47 78.21 -58.20
CA PHE BA 501 6.67 77.82 -57.48
C PHE BA 501 7.89 78.46 -58.12
N ILE BA 502 8.74 79.07 -57.31
CA ILE BA 502 9.95 79.73 -57.77
C ILE BA 502 11.11 78.76 -57.57
N PRO BA 503 11.71 78.24 -58.65
CA PRO BA 503 12.75 77.21 -58.47
C PRO BA 503 13.96 77.69 -57.70
N HIS BA 504 14.33 78.96 -57.81
CA HIS BA 504 15.57 79.44 -57.24
C HIS BA 504 15.42 80.89 -56.78
N LEU BA 505 16.25 81.27 -55.81
CA LEU BA 505 16.35 82.64 -55.33
C LEU BA 505 17.81 83.03 -55.25
N PHE BA 506 18.08 84.32 -55.37
CA PHE BA 506 19.43 84.85 -55.38
C PHE BA 506 19.67 85.66 -54.10
N GLY BA 507 20.89 86.17 -53.96
CA GLY BA 507 21.30 86.87 -52.77
C GLY BA 507 21.79 88.27 -53.09
N THR BA 508 22.69 88.76 -52.24
CA THR BA 508 23.17 90.13 -52.37
C THR BA 508 24.01 90.32 -53.62
N ASN BA 509 24.91 89.38 -53.91
CA ASN BA 509 25.82 89.49 -55.04
C ASN BA 509 25.33 88.72 -56.26
N ARG BA 510 24.00 88.54 -56.39
CA ARG BA 510 23.41 87.89 -57.55
C ARG BA 510 23.93 86.47 -57.74
N ARG BA 511 24.06 85.75 -56.64
CA ARG BA 511 24.48 84.35 -56.65
C ARG BA 511 23.48 83.53 -55.86
N PRO BA 512 23.33 82.25 -56.18
CA PRO BA 512 22.31 81.42 -55.52
C PRO BA 512 22.51 81.38 -54.01
N ASN BA 513 21.40 81.41 -53.29
CA ASN BA 513 21.41 81.44 -51.84
C ASN BA 513 20.97 80.12 -51.22
N GLY BA 514 20.73 79.09 -52.02
CA GLY BA 514 20.24 77.84 -51.48
C GLY BA 514 18.86 77.95 -50.88
N SER BA 515 17.93 78.59 -51.58
CA SER BA 515 16.58 78.79 -51.07
C SER BA 515 15.59 78.82 -52.22
N ARG BA 516 14.32 78.57 -51.88
CA ARG BA 516 13.20 78.65 -52.82
C ARG BA 516 12.11 79.51 -52.19
N GLY BA 517 10.96 79.56 -52.85
CA GLY BA 517 9.86 80.35 -52.34
C GLY BA 517 8.56 80.04 -53.04
N TRP BA 518 7.47 80.51 -52.44
CA TRP BA 518 6.13 80.43 -53.01
C TRP BA 518 5.57 81.84 -53.22
N PHE BA 519 4.99 82.07 -54.38
CA PHE BA 519 4.45 83.38 -54.74
C PHE BA 519 2.97 83.21 -55.11
N ALA BA 520 2.11 84.03 -54.51
CA ALA BA 520 0.68 83.97 -54.76
C ALA BA 520 0.13 85.38 -54.94
N TYR BA 521 -0.93 85.49 -55.75
CA TYR BA 521 -1.53 86.79 -56.02
C TYR BA 521 -3.02 86.62 -56.25
N TYR BA 522 -3.74 87.74 -56.17
CA TYR BA 522 -5.19 87.74 -56.20
C TYR BA 522 -5.69 89.13 -56.57
N ARG BA 523 -6.65 89.19 -57.50
CA ARG BA 523 -7.12 90.47 -58.02
C ARG BA 523 -8.62 90.60 -57.82
N MET BA 524 -9.07 91.82 -57.52
CA MET BA 524 -10.48 92.12 -57.34
C MET BA 524 -10.65 93.64 -57.34
N GLY BA 525 -11.86 94.09 -57.02
CA GLY BA 525 -12.16 95.50 -56.93
C GLY BA 525 -13.62 95.75 -56.59
N ALA BA 526 -13.90 96.77 -55.78
CA ALA BA 526 -15.26 97.02 -55.34
C ALA BA 526 -15.46 98.52 -55.10
N ASP BA 527 -16.71 98.95 -55.23
CA ASP BA 527 -17.08 100.35 -55.03
C ASP BA 527 -18.60 100.44 -54.97
N VAL BA 528 -19.09 101.67 -54.77
CA VAL BA 528 -20.51 101.95 -54.69
C VAL BA 528 -20.95 102.61 -55.99
N VAL BA 529 -22.24 102.48 -56.30
CA VAL BA 529 -22.78 103.05 -57.53
C VAL BA 529 -23.78 104.15 -57.20
N ASN BA 530 -24.34 104.10 -55.99
CA ASN BA 530 -25.32 105.09 -55.54
C ASN BA 530 -25.08 105.38 -54.06
N PRO BA 531 -24.51 106.53 -53.72
CA PRO BA 531 -24.30 106.88 -52.31
C PRO BA 531 -25.57 107.16 -51.52
N ASN BA 532 -26.70 107.34 -52.18
CA ASN BA 532 -27.95 107.70 -51.50
C ASN BA 532 -28.80 106.50 -51.12
N ALA BA 533 -28.28 105.29 -51.30
CA ALA BA 533 -28.99 104.08 -50.92
C ALA BA 533 -28.64 103.59 -49.52
N PHE BA 534 -27.77 104.30 -48.81
CA PHE BA 534 -27.33 103.88 -47.49
C PHE BA 534 -27.43 105.05 -46.52
N ARG BA 535 -27.26 104.74 -45.24
CA ARG BA 535 -27.24 105.76 -44.19
C ARG BA 535 -26.25 105.31 -43.13
N LEU BA 536 -25.14 106.02 -43.02
CA LEU BA 536 -24.08 105.69 -42.06
C LEU BA 536 -24.12 106.67 -40.89
N LEU BA 537 -23.90 106.14 -39.70
CA LEU BA 537 -23.91 106.93 -38.47
C LEU BA 537 -22.49 107.11 -37.97
N ASN BA 538 -22.14 108.34 -37.61
CA ASN BA 538 -20.80 108.67 -37.14
C ASN BA 538 -20.89 109.29 -35.76
N VAL BA 539 -20.18 108.70 -34.80
CA VAL BA 539 -20.15 109.22 -33.43
C VAL BA 539 -18.86 110.03 -33.30
N GLU BA 540 -18.96 111.32 -33.60
CA GLU BA 540 -17.81 112.21 -33.48
C GLU BA 540 -17.46 112.43 -32.01
N THR BA 541 -16.18 112.30 -31.69
CA THR BA 541 -15.69 112.45 -30.33
C THR BA 541 -14.49 113.39 -30.30
N ALA BA 542 -14.62 114.54 -30.96
CA ALA BA 542 -13.55 115.51 -31.04
C ALA BA 542 -13.19 116.05 -29.67
N SER BA 543 -11.92 115.93 -29.28
CA SER BA 543 -11.41 116.42 -28.00
C SER BA 543 -12.20 115.87 -26.83
N MET CA 251 6.26 97.95 -69.85
CA MET CA 251 5.02 97.76 -70.59
C MET CA 251 3.91 97.27 -69.69
N GLY CA 252 3.21 98.19 -69.04
CA GLY CA 252 2.18 97.84 -68.09
C GLY CA 252 0.76 98.05 -68.60
N LEU CA 253 -0.13 98.49 -67.71
CA LEU CA 253 -1.53 98.71 -68.07
C LEU CA 253 -1.82 100.16 -68.46
N THR CA 254 -0.83 101.04 -68.44
CA THR CA 254 -1.07 102.41 -68.88
C THR CA 254 -1.34 102.44 -70.38
N LYS CA 255 -2.13 103.42 -70.80
CA LYS CA 255 -2.61 103.46 -72.18
C LYS CA 255 -1.44 103.55 -73.17
N ALA CA 256 -0.47 104.41 -72.87
CA ALA CA 256 0.65 104.61 -73.78
C ALA CA 256 1.66 103.47 -73.77
N ASP CA 257 1.54 102.54 -72.82
CA ASP CA 257 2.48 101.43 -72.70
C ASP CA 257 1.77 100.09 -72.84
N GLY CA 258 0.91 99.98 -73.83
CA GLY CA 258 0.19 98.74 -74.08
C GLY CA 258 -1.21 98.69 -73.52
N GLY CA 259 -1.71 99.80 -72.97
CA GLY CA 259 -3.07 99.85 -72.46
C GLY CA 259 -4.12 100.16 -73.51
N TYR CA 260 -3.71 100.33 -74.76
CA TYR CA 260 -4.65 100.54 -75.85
C TYR CA 260 -5.19 99.24 -76.42
N LEU CA 261 -4.71 98.10 -75.92
CA LEU CA 261 -5.09 96.80 -76.44
C LEU CA 261 -6.21 96.14 -75.63
N VAL CA 262 -6.46 96.59 -74.42
CA VAL CA 262 -7.49 95.98 -73.57
C VAL CA 262 -8.86 96.35 -74.13
N PRO CA 263 -9.84 95.45 -74.08
CA PRO CA 263 -11.17 95.78 -74.57
C PRO CA 263 -11.90 96.73 -73.63
N PHE CA 264 -13.13 97.10 -73.98
CA PHE CA 264 -13.96 97.98 -73.16
C PHE CA 264 -15.14 97.17 -72.64
N GLN CA 265 -15.34 97.20 -71.33
CA GLN CA 265 -16.43 96.48 -70.68
C GLN CA 265 -17.53 97.45 -70.29
N LEU CA 266 -18.76 97.13 -70.66
CA LEU CA 266 -19.89 98.01 -70.40
C LEU CA 266 -21.12 97.17 -70.09
N ASP CA 267 -21.92 97.66 -69.13
CA ASP CA 267 -23.17 97.00 -68.76
C ASP CA 267 -24.33 97.82 -69.30
N PRO CA 268 -25.06 97.33 -70.31
CA PRO CA 268 -26.12 98.15 -70.92
C PRO CA 268 -27.26 98.51 -69.99
N THR CA 269 -27.50 97.73 -68.95
CA THR CA 269 -28.64 97.98 -68.07
C THR CA 269 -28.46 99.30 -67.33
N VAL CA 270 -29.59 99.95 -67.03
CA VAL CA 270 -29.60 101.26 -66.39
C VAL CA 270 -30.07 101.11 -64.95
N ILE CA 271 -29.39 101.81 -64.05
CA ILE CA 271 -29.76 101.84 -62.64
C ILE CA 271 -30.21 103.26 -62.30
N ILE CA 272 -31.44 103.38 -61.80
CA ILE CA 272 -32.03 104.68 -61.55
C ILE CA 272 -31.56 105.20 -60.20
N THR CA 273 -31.24 106.49 -60.14
CA THR CA 273 -30.76 107.14 -58.92
C THR CA 273 -31.74 108.21 -58.46
N SER CA 274 -33.03 107.91 -58.49
CA SER CA 274 -34.06 108.81 -58.03
C SER CA 274 -34.68 108.26 -56.75
N ASN CA 275 -34.97 109.15 -55.80
CA ASN CA 275 -35.54 108.72 -54.52
C ASN CA 275 -36.92 108.12 -54.70
N GLY CA 276 -37.74 108.70 -55.57
CA GLY CA 276 -39.10 108.25 -55.72
C GLY CA 276 -40.01 108.86 -54.67
N SER CA 277 -41.28 108.46 -54.74
CA SER CA 277 -42.27 108.91 -53.76
C SER CA 277 -43.36 107.85 -53.65
N LEU CA 278 -43.70 107.51 -52.41
CA LEU CA 278 -44.70 106.50 -52.12
C LEU CA 278 -45.93 107.19 -51.54
N ASN CA 279 -47.10 106.87 -52.08
CA ASN CA 279 -48.33 107.51 -51.68
C ASN CA 279 -49.41 106.46 -51.42
N ASP CA 280 -50.30 106.78 -50.48
CA ASP CA 280 -51.36 105.86 -50.09
C ASP CA 280 -52.73 106.54 -50.10
N ILE CA 281 -52.82 107.77 -50.61
CA ILE CA 281 -54.12 108.44 -50.65
C ILE CA 281 -55.05 107.71 -51.60
N ARG CA 282 -54.53 107.15 -52.69
CA ARG CA 282 -55.37 106.37 -53.60
C ARG CA 282 -55.96 105.14 -52.93
N ARG CA 283 -55.38 104.69 -51.81
CA ARG CA 283 -55.92 103.54 -51.09
C ARG CA 283 -57.05 103.91 -50.14
N PHE CA 284 -57.27 105.19 -49.87
CA PHE CA 284 -58.32 105.62 -48.97
C PHE CA 284 -59.37 106.52 -49.62
N ALA CA 285 -59.00 107.30 -50.63
CA ALA CA 285 -59.91 108.27 -51.20
C ALA CA 285 -60.96 107.59 -52.06
N ARG CA 286 -61.94 108.39 -52.49
CA ARG CA 286 -63.02 107.92 -53.35
C ARG CA 286 -62.68 108.26 -54.80
N GLN CA 287 -62.77 107.28 -55.68
CA GLN CA 287 -62.38 107.42 -57.07
C GLN CA 287 -63.62 107.37 -57.96
N VAL CA 288 -63.75 108.35 -58.84
CA VAL CA 288 -64.87 108.43 -59.78
C VAL CA 288 -64.32 108.74 -61.17
N VAL CA 289 -64.88 108.08 -62.17
CA VAL CA 289 -64.47 108.31 -63.55
C VAL CA 289 -65.15 109.57 -64.07
N ALA CA 290 -64.46 110.31 -64.93
CA ALA CA 290 -64.96 111.55 -65.50
C ALA CA 290 -65.33 111.34 -66.95
N THR CA 291 -66.42 111.96 -67.38
CA THR CA 291 -66.90 111.88 -68.76
C THR CA 291 -66.91 113.25 -69.41
N GLY CA 292 -66.01 114.13 -68.99
CA GLY CA 292 -65.94 115.46 -69.56
C GLY CA 292 -64.77 116.28 -69.04
N ASP CA 293 -64.94 117.59 -68.98
CA ASP CA 293 -63.90 118.49 -68.50
C ASP CA 293 -64.02 118.81 -67.02
N VAL CA 294 -65.22 118.72 -66.46
CA VAL CA 294 -65.45 119.04 -65.06
C VAL CA 294 -66.44 118.05 -64.47
N TRP CA 295 -66.35 117.84 -63.15
CA TRP CA 295 -67.22 116.93 -62.42
C TRP CA 295 -67.94 117.73 -61.34
N HIS CA 296 -69.24 117.49 -61.19
CA HIS CA 296 -70.08 118.26 -60.28
C HIS CA 296 -70.66 117.38 -59.19
N GLY CA 297 -71.02 118.01 -58.08
CA GLY CA 297 -71.70 117.35 -56.98
C GLY CA 297 -72.58 118.35 -56.26
N VAL CA 298 -73.49 117.82 -55.44
CA VAL CA 298 -74.44 118.65 -54.70
C VAL CA 298 -74.31 118.34 -53.22
N SER CA 299 -74.24 119.40 -52.40
CA SER CA 299 -74.10 119.27 -50.96
C SER CA 299 -74.97 120.31 -50.27
N SER CA 300 -75.31 120.03 -49.01
CA SER CA 300 -76.18 120.92 -48.23
C SER CA 300 -75.90 120.69 -46.76
N ALA CA 301 -76.75 121.27 -45.91
CA ALA CA 301 -76.67 121.12 -44.47
C ALA CA 301 -78.05 120.76 -43.92
N ALA CA 302 -78.11 120.49 -42.61
CA ALA CA 302 -79.35 120.10 -41.99
C ALA CA 302 -80.24 121.32 -41.72
N VAL CA 303 -81.51 121.05 -41.41
CA VAL CA 303 -82.47 122.09 -41.09
C VAL CA 303 -82.41 122.35 -39.59
N GLN CA 304 -82.25 123.62 -39.22
CA GLN CA 304 -82.03 124.01 -37.83
C GLN CA 304 -83.38 124.19 -37.15
N TRP CA 305 -83.69 123.30 -36.20
CA TRP CA 305 -84.89 123.39 -35.39
C TRP CA 305 -84.66 124.31 -34.20
N SER CA 306 -85.76 124.70 -33.56
CA SER CA 306 -85.69 125.57 -32.39
C SER CA 306 -86.82 125.22 -31.43
N TRP CA 307 -86.62 125.57 -30.16
CA TRP CA 307 -87.62 125.33 -29.12
C TRP CA 307 -88.49 126.57 -29.01
N ASP CA 308 -89.56 126.60 -29.78
CA ASP CA 308 -90.47 127.73 -29.78
C ASP CA 308 -91.51 127.61 -28.68
N ALA CA 309 -92.10 128.73 -28.32
CA ALA CA 309 -93.16 128.80 -27.32
C ALA CA 309 -94.52 128.79 -28.00
N GLU CA 310 -95.57 128.77 -27.19
CA GLU CA 310 -96.92 128.74 -27.72
C GLU CA 310 -97.25 130.05 -28.41
N PHE CA 311 -97.96 129.96 -29.54
CA PHE CA 311 -98.40 131.12 -30.31
C PHE CA 311 -97.22 131.97 -30.78
N GLU CA 312 -96.20 131.30 -31.32
CA GLU CA 312 -95.01 131.97 -31.84
C GLU CA 312 -94.80 131.58 -33.30
N GLU CA 313 -94.56 132.57 -34.14
CA GLU CA 313 -94.30 132.30 -35.55
C GLU CA 313 -92.99 131.55 -35.73
N VAL CA 314 -92.99 130.58 -36.64
CA VAL CA 314 -91.83 129.72 -36.84
C VAL CA 314 -90.86 130.40 -37.78
N SER CA 315 -89.57 130.37 -37.43
CA SER CA 315 -88.53 131.00 -38.23
C SER CA 315 -88.34 130.25 -39.54
N ASP CA 316 -88.02 130.99 -40.59
CA ASP CA 316 -87.73 130.38 -41.89
C ASP CA 316 -86.48 129.52 -41.79
N ASP CA 317 -86.57 128.28 -42.31
CA ASP CA 317 -85.51 127.30 -42.15
C ASP CA 317 -85.06 126.70 -43.47
N SER CA 318 -85.19 127.42 -44.57
CA SER CA 318 -84.80 126.88 -45.87
C SER CA 318 -83.28 126.73 -45.93
N PRO CA 319 -82.76 125.54 -46.18
CA PRO CA 319 -81.31 125.36 -46.19
C PRO CA 319 -80.68 125.90 -47.46
N GLU CA 320 -79.37 126.10 -47.39
CA GLU CA 320 -78.60 126.65 -48.50
C GLU CA 320 -77.77 125.54 -49.14
N PHE CA 321 -77.89 125.40 -50.45
CA PHE CA 321 -77.25 124.33 -51.19
C PHE CA 321 -75.95 124.79 -51.82
N GLY CA 322 -74.99 123.87 -51.90
CA GLY CA 322 -73.71 124.12 -52.52
C GLY CA 322 -73.42 123.11 -53.61
N GLN CA 323 -72.38 123.41 -54.39
CA GLN CA 323 -71.98 122.57 -55.52
C GLN CA 323 -70.45 122.54 -55.60
N PRO CA 324 -69.82 121.51 -55.06
CA PRO CA 324 -68.38 121.34 -55.29
C PRO CA 324 -68.10 121.09 -56.76
N GLU CA 325 -66.97 121.62 -57.23
CA GLU CA 325 -66.63 121.58 -58.65
C GLU CA 325 -65.18 121.14 -58.80
N ILE CA 326 -64.96 120.05 -59.52
CA ILE CA 326 -63.64 119.47 -59.69
C ILE CA 326 -63.29 119.48 -61.17
N PRO CA 327 -62.43 120.40 -61.61
CA PRO CA 327 -61.98 120.41 -63.00
C PRO CA 327 -60.92 119.35 -63.26
N VAL CA 328 -60.71 119.08 -64.55
CA VAL CA 328 -59.75 118.09 -65.01
C VAL CA 328 -58.56 118.82 -65.62
N LYS CA 329 -57.36 118.54 -65.12
CA LYS CA 329 -56.14 119.17 -65.58
C LYS CA 329 -55.31 118.20 -66.40
N LYS CA 330 -54.25 118.73 -67.02
CA LYS CA 330 -53.43 117.98 -67.95
C LYS CA 330 -51.96 118.05 -67.56
N ALA CA 331 -51.26 116.93 -67.73
CA ALA CA 331 -49.83 116.85 -67.52
C ALA CA 331 -49.20 116.15 -68.71
N GLN CA 332 -48.03 116.63 -69.12
CA GLN CA 332 -47.42 116.11 -70.33
C GLN CA 332 -45.91 116.23 -70.27
N GLY CA 333 -45.23 115.37 -71.02
CA GLY CA 333 -43.79 115.39 -71.11
C GLY CA 333 -43.34 115.14 -72.54
N PHE CA 334 -42.08 115.44 -72.80
CA PHE CA 334 -41.55 115.38 -74.15
C PHE CA 334 -40.04 115.22 -74.10
N VAL CA 335 -39.52 114.35 -74.96
CA VAL CA 335 -38.08 114.09 -75.05
C VAL CA 335 -37.67 113.95 -76.50
N PRO CA 336 -36.91 114.89 -77.05
CA PRO CA 336 -36.42 114.76 -78.43
C PRO CA 336 -35.14 113.96 -78.50
N ILE CA 337 -34.98 113.25 -79.61
CA ILE CA 337 -33.78 112.45 -79.86
C ILE CA 337 -33.39 112.61 -81.32
N SER CA 338 -32.09 112.62 -81.57
CA SER CA 338 -31.58 112.73 -82.94
C SER CA 338 -31.68 111.38 -83.64
N ILE CA 339 -31.66 111.42 -84.97
CA ILE CA 339 -31.77 110.19 -85.75
C ILE CA 339 -30.55 109.31 -85.54
N GLU CA 340 -29.38 109.91 -85.38
CA GLU CA 340 -28.15 109.14 -85.21
C GLU CA 340 -28.18 108.32 -83.92
N ALA CA 341 -28.63 108.94 -82.83
CA ALA CA 341 -28.66 108.25 -81.54
C ALA CA 341 -29.62 107.07 -81.57
N LEU CA 342 -30.71 107.19 -82.33
CA LEU CA 342 -31.69 106.13 -82.45
C LEU CA 342 -31.07 104.87 -83.03
N GLN CA 343 -30.25 105.03 -84.07
CA GLN CA 343 -29.66 103.89 -84.75
C GLN CA 343 -28.30 103.48 -84.19
N ASP CA 344 -27.71 104.27 -83.31
CA ASP CA 344 -26.43 103.92 -82.70
C ASP CA 344 -26.58 103.33 -81.31
N GLU CA 345 -27.30 103.99 -80.42
CA GLU CA 345 -27.50 103.46 -79.07
C GLU CA 345 -28.39 102.22 -79.11
N ALA CA 346 -28.17 101.32 -78.16
CA ALA CA 346 -28.86 100.04 -78.12
C ALA CA 346 -29.96 100.05 -77.06
N ASN CA 347 -31.15 99.63 -77.46
CA ASN CA 347 -32.31 99.50 -76.56
C ASN CA 347 -32.59 100.82 -75.84
N VAL CA 348 -32.95 101.83 -76.62
CA VAL CA 348 -33.16 103.17 -76.10
C VAL CA 348 -34.63 103.45 -75.82
N THR CA 349 -35.54 102.79 -76.55
CA THR CA 349 -36.96 103.12 -76.41
C THR CA 349 -37.50 102.66 -75.06
N GLU CA 350 -37.21 101.42 -74.68
CA GLU CA 350 -37.74 100.90 -73.42
C GLU CA 350 -37.21 101.67 -72.23
N THR CA 351 -35.96 102.11 -72.27
CA THR CA 351 -35.41 102.91 -71.18
C THR CA 351 -36.21 104.20 -71.02
N VAL CA 352 -36.50 104.87 -72.13
CA VAL CA 352 -37.25 106.12 -72.06
C VAL CA 352 -38.67 105.87 -71.58
N ALA CA 353 -39.28 104.75 -71.99
CA ALA CA 353 -40.62 104.42 -71.51
C ALA CA 353 -40.62 104.22 -70.00
N LEU CA 354 -39.61 103.51 -69.49
CA LEU CA 354 -39.49 103.34 -68.04
C LEU CA 354 -39.31 104.66 -67.32
N LEU CA 355 -38.47 105.54 -67.89
CA LEU CA 355 -38.25 106.84 -67.25
C LEU CA 355 -39.53 107.68 -67.26
N PHE CA 356 -40.31 107.61 -68.33
CA PHE CA 356 -41.61 108.29 -68.35
C PHE CA 356 -42.54 107.74 -67.29
N ALA CA 357 -42.58 106.42 -67.13
CA ALA CA 357 -43.44 105.84 -66.10
C ALA CA 357 -43.03 106.33 -64.71
N GLU CA 358 -41.73 106.31 -64.44
CA GLU CA 358 -41.24 106.77 -63.13
C GLU CA 358 -41.55 108.24 -62.92
N GLY CA 359 -41.38 109.07 -63.95
CA GLY CA 359 -41.69 110.49 -63.80
C GLY CA 359 -43.16 110.74 -63.56
N LYS CA 360 -44.02 110.00 -64.25
CA LYS CA 360 -45.46 110.12 -64.04
C LYS CA 360 -45.82 109.77 -62.61
N ASP CA 361 -45.25 108.67 -62.09
CA ASP CA 361 -45.53 108.31 -60.70
C ASP CA 361 -45.01 109.37 -59.73
N GLU CA 362 -43.81 109.89 -59.99
CA GLU CA 362 -43.25 110.95 -59.15
C GLU CA 362 -44.18 112.16 -59.11
N LEU CA 363 -44.63 112.64 -60.27
CA LEU CA 363 -45.47 113.82 -60.30
C LEU CA 363 -46.82 113.56 -59.61
N GLU CA 364 -47.43 112.42 -59.88
CA GLU CA 364 -48.75 112.15 -59.31
C GLU CA 364 -48.69 112.05 -57.79
N ALA CA 365 -47.70 111.31 -57.27
CA ALA CA 365 -47.62 111.13 -55.83
C ALA CA 365 -47.41 112.45 -55.11
N VAL CA 366 -46.54 113.31 -55.66
CA VAL CA 366 -46.27 114.60 -55.03
C VAL CA 366 -47.47 115.52 -55.13
N THR CA 367 -48.17 115.53 -56.27
CA THR CA 367 -49.27 116.46 -56.45
C THR CA 367 -50.52 116.07 -55.67
N LEU CA 368 -50.77 114.77 -55.50
CA LEU CA 368 -51.93 114.38 -54.70
C LEU CA 368 -51.79 114.85 -53.25
N THR CA 369 -50.59 114.71 -52.68
CA THR CA 369 -50.38 115.15 -51.30
C THR CA 369 -50.51 116.66 -51.18
N THR CA 370 -49.81 117.41 -52.02
CA THR CA 370 -49.86 118.87 -51.98
C THR CA 370 -50.02 119.41 -53.39
N GLY CA 371 -50.95 120.33 -53.57
CA GLY CA 371 -51.18 120.95 -54.86
C GLY CA 371 -51.72 122.34 -54.68
N THR CA 372 -51.16 123.28 -55.43
CA THR CA 372 -51.52 124.69 -55.27
C THR CA 372 -53.01 124.92 -55.53
N GLY CA 373 -53.56 124.27 -56.56
CA GLY CA 373 -54.98 124.35 -56.84
C GLY CA 373 -55.37 125.41 -57.85
N GLN CA 374 -54.54 126.41 -58.09
CA GLN CA 374 -54.78 127.37 -59.15
C GLN CA 374 -53.78 127.14 -60.28
N GLY CA 375 -53.87 127.97 -61.31
CA GLY CA 375 -53.05 127.76 -62.49
C GLY CA 375 -53.48 126.51 -63.23
N ASN CA 376 -52.65 125.46 -63.16
CA ASN CA 376 -52.98 124.22 -63.85
C ASN CA 376 -52.79 122.99 -62.94
N GLN CA 377 -52.60 123.20 -61.65
CA GLN CA 377 -52.34 122.07 -60.76
C GLN CA 377 -53.58 121.72 -59.95
N PRO CA 378 -53.94 120.45 -59.86
CA PRO CA 378 -55.08 120.06 -59.04
C PRO CA 378 -54.81 120.28 -57.55
N THR CA 379 -55.89 120.48 -56.81
CA THR CA 379 -55.79 120.76 -55.39
C THR CA 379 -55.30 119.54 -54.63
N GLY CA 380 -54.36 119.77 -53.70
CA GLY CA 380 -53.85 118.72 -52.85
C GLY CA 380 -54.56 118.72 -51.51
N ILE CA 381 -54.52 117.57 -50.83
CA ILE CA 381 -55.25 117.44 -49.57
C ILE CA 381 -54.61 118.32 -48.49
N VAL CA 382 -53.29 118.35 -48.44
CA VAL CA 382 -52.62 119.17 -47.42
C VAL CA 382 -52.91 120.65 -47.66
N THR CA 383 -52.89 121.08 -48.93
CA THR CA 383 -53.20 122.47 -49.25
C THR CA 383 -54.64 122.82 -48.94
N ALA CA 384 -55.58 121.91 -49.21
CA ALA CA 384 -56.99 122.21 -49.02
C ALA CA 384 -57.35 122.44 -47.56
N LEU CA 385 -56.51 122.00 -46.63
CA LEU CA 385 -56.76 122.14 -45.20
C LEU CA 385 -55.87 123.20 -44.56
N ALA CA 386 -55.51 124.24 -45.32
CA ALA CA 386 -54.72 125.33 -44.78
C ALA CA 386 -55.63 126.52 -44.53
N GLY CA 387 -55.63 127.01 -43.29
CA GLY CA 387 -56.47 128.13 -42.91
C GLY CA 387 -57.88 127.76 -42.50
N THR CA 388 -58.30 126.53 -42.75
CA THR CA 388 -59.64 126.09 -42.39
C THR CA 388 -59.65 125.69 -40.91
N ALA CA 389 -60.84 125.55 -40.33
CA ALA CA 389 -60.95 125.20 -38.92
C ALA CA 389 -60.42 123.80 -38.63
N ALA CA 390 -60.18 122.99 -39.66
CA ALA CA 390 -59.61 121.66 -39.43
C ALA CA 390 -58.19 121.74 -38.89
N GLU CA 391 -57.51 122.86 -39.10
CA GLU CA 391 -56.17 123.05 -38.55
C GLU CA 391 -56.26 123.22 -37.03
N ILE CA 392 -55.38 122.54 -36.31
CA ILE CA 392 -55.34 122.63 -34.85
C ILE CA 392 -53.95 123.02 -34.41
N ALA CA 393 -53.73 123.09 -33.10
CA ALA CA 393 -52.43 123.46 -32.54
C ALA CA 393 -52.01 122.42 -31.50
N PRO CA 394 -50.70 122.23 -31.33
CA PRO CA 394 -50.22 121.30 -30.30
C PRO CA 394 -50.48 121.84 -28.90
N VAL CA 395 -50.52 120.90 -27.95
CA VAL CA 395 -50.82 121.27 -26.57
C VAL CA 395 -49.70 122.14 -25.99
N THR CA 396 -48.46 121.87 -26.40
CA THR CA 396 -47.30 122.66 -25.99
C THR CA 396 -46.54 123.11 -27.23
N ALA CA 397 -46.00 124.33 -27.16
CA ALA CA 397 -45.44 124.96 -28.34
C ALA CA 397 -44.15 124.28 -28.78
N GLU CA 398 -44.04 124.05 -30.09
CA GLU CA 398 -42.82 123.53 -30.71
C GLU CA 398 -42.38 122.21 -30.08
N THR CA 399 -43.35 121.33 -29.82
CA THR CA 399 -43.05 120.04 -29.22
C THR CA 399 -44.13 119.05 -29.58
N PHE CA 400 -43.73 117.83 -29.90
CA PHE CA 400 -44.63 116.73 -30.23
C PHE CA 400 -44.68 115.75 -29.07
N ALA CA 401 -45.88 115.47 -28.58
CA ALA CA 401 -46.07 114.59 -27.44
C ALA CA 401 -47.15 113.57 -27.76
N LEU CA 402 -47.41 112.68 -26.81
CA LEU CA 402 -48.45 111.68 -26.99
C LEU CA 402 -49.84 112.31 -27.06
N ALA CA 403 -50.08 113.37 -26.29
CA ALA CA 403 -51.38 114.01 -26.26
C ALA CA 403 -51.79 114.58 -27.61
N ASP CA 404 -50.81 114.91 -28.47
CA ASP CA 404 -51.14 115.45 -29.78
C ASP CA 404 -51.87 114.43 -30.64
N VAL CA 405 -51.42 113.17 -30.60
CA VAL CA 405 -52.08 112.13 -31.38
C VAL CA 405 -53.53 111.96 -30.92
N TYR CA 406 -53.74 111.90 -29.61
CA TYR CA 406 -55.09 111.77 -29.07
C TYR CA 406 -55.93 112.97 -29.47
N ALA CA 407 -55.37 114.18 -29.40
CA ALA CA 407 -56.11 115.38 -29.74
C ALA CA 407 -56.53 115.36 -31.20
N VAL CA 408 -55.63 114.95 -32.09
CA VAL CA 408 -56.01 114.82 -33.50
C VAL CA 408 -57.13 113.81 -33.66
N TYR CA 409 -57.05 112.69 -32.93
CA TYR CA 409 -58.08 111.65 -33.06
C TYR CA 409 -59.45 112.14 -32.60
N GLU CA 410 -59.50 112.85 -31.48
CA GLU CA 410 -60.77 113.07 -30.79
C GLU CA 410 -61.50 114.33 -31.23
N GLN CA 411 -60.78 115.35 -31.69
CA GLN CA 411 -61.45 116.59 -32.09
C GLN CA 411 -62.34 116.41 -33.30
N LEU CA 412 -62.20 115.30 -34.04
CA LEU CA 412 -63.08 114.99 -35.14
C LEU CA 412 -64.45 114.53 -34.62
N ALA CA 413 -65.48 114.77 -35.42
CA ALA CA 413 -66.83 114.42 -35.02
C ALA CA 413 -66.99 112.90 -34.94
N ALA CA 414 -67.95 112.46 -34.13
CA ALA CA 414 -68.18 111.04 -33.95
C ALA CA 414 -68.68 110.36 -35.22
N ARG CA 415 -69.37 111.12 -36.08
CA ARG CA 415 -69.86 110.53 -37.32
C ARG CA 415 -68.72 110.12 -38.24
N HIS CA 416 -67.63 110.89 -38.25
CA HIS CA 416 -66.49 110.60 -39.11
C HIS CA 416 -65.42 109.75 -38.44
N ARG CA 417 -65.38 109.70 -37.11
CA ARG CA 417 -64.33 108.94 -36.42
C ARG CA 417 -64.42 107.46 -36.75
N ARG CA 418 -65.63 106.95 -36.99
CA ARG CA 418 -65.79 105.53 -37.26
C ARG CA 418 -65.43 105.14 -38.68
N GLN CA 419 -65.17 106.09 -39.56
CA GLN CA 419 -64.74 105.82 -40.92
C GLN CA 419 -63.51 106.65 -41.27
N GLY CA 420 -62.60 106.81 -40.30
CA GLY CA 420 -61.42 107.59 -40.48
C GLY CA 420 -60.18 106.74 -40.74
N ALA CA 421 -59.11 107.41 -41.14
CA ALA CA 421 -57.84 106.74 -41.42
C ALA CA 421 -56.70 107.72 -41.18
N TRP CA 422 -55.53 107.17 -40.91
CA TRP CA 422 -54.35 107.97 -40.62
C TRP CA 422 -53.46 108.08 -41.86
N LEU CA 423 -52.67 109.14 -41.90
CA LEU CA 423 -51.78 109.40 -43.03
C LEU CA 423 -50.68 110.33 -42.58
N ALA CA 424 -49.45 109.82 -42.52
CA ALA CA 424 -48.32 110.63 -42.06
C ALA CA 424 -47.04 110.02 -42.64
N ASN CA 425 -45.94 110.76 -42.45
CA ASN CA 425 -44.62 110.30 -42.85
C ASN CA 425 -44.07 109.29 -41.85
N ASN CA 426 -43.01 108.59 -42.26
CA ASN CA 426 -42.41 107.59 -41.39
C ASN CA 426 -41.84 108.22 -40.13
N LEU CA 427 -41.38 109.48 -40.24
CA LEU CA 427 -40.85 110.18 -39.08
C LEU CA 427 -41.87 110.23 -37.94
N ILE CA 428 -43.10 110.59 -38.24
CA ILE CA 428 -44.12 110.73 -37.20
C ILE CA 428 -44.43 109.38 -36.57
N TYR CA 429 -44.52 108.33 -37.40
CA TYR CA 429 -44.80 107.01 -36.87
C TYR CA 429 -43.70 106.55 -35.94
N ASN CA 430 -42.44 106.81 -36.30
CA ASN CA 430 -41.34 106.37 -35.44
C ASN CA 430 -41.27 107.19 -34.17
N LYS CA 431 -41.60 108.49 -34.24
CA LYS CA 431 -41.68 109.28 -33.01
C LYS CA 431 -42.79 108.77 -32.10
N ILE CA 432 -43.90 108.32 -32.67
CA ILE CA 432 -44.94 107.67 -31.86
C ILE CA 432 -44.41 106.39 -31.24
N ARG CA 433 -43.62 105.64 -32.02
CA ARG CA 433 -43.12 104.35 -31.54
C ARG CA 433 -42.18 104.50 -30.36
N GLN CA 434 -41.56 105.66 -30.19
CA GLN CA 434 -40.62 105.88 -29.11
C GLN CA 434 -41.27 106.46 -27.86
N PHE CA 435 -42.58 106.67 -27.86
CA PHE CA 435 -43.23 107.33 -26.73
C PHE CA 435 -43.11 106.50 -25.45
N ASP CA 436 -43.33 105.19 -25.55
CA ASP CA 436 -43.30 104.35 -24.36
C ASP CA 436 -41.87 103.97 -24.00
N THR CA 437 -41.55 104.11 -22.72
CA THR CA 437 -40.25 103.72 -22.19
C THR CA 437 -40.33 102.81 -20.99
N GLN CA 438 -41.51 102.55 -20.45
CA GLN CA 438 -41.67 101.74 -19.25
C GLN CA 438 -42.65 100.59 -19.44
N GLY CA 439 -43.20 100.42 -20.65
CA GLY CA 439 -44.14 99.35 -20.90
C GLY CA 439 -45.56 99.64 -20.53
N GLY CA 440 -45.95 100.92 -20.47
CA GLY CA 440 -47.29 101.29 -20.07
C GLY CA 440 -48.32 101.14 -21.18
N ALA CA 441 -49.26 102.08 -21.25
CA ALA CA 441 -50.31 102.04 -22.25
C ALA CA 441 -49.87 102.56 -23.62
N GLY CA 442 -48.71 103.20 -23.69
CA GLY CA 442 -48.21 103.72 -24.95
C GLY CA 442 -47.42 102.74 -25.78
N LEU CA 443 -47.34 101.48 -25.36
CA LEU CA 443 -46.59 100.48 -26.10
C LEU CA 443 -47.32 100.14 -27.40
N TRP CA 444 -46.81 100.65 -28.52
CA TRP CA 444 -47.41 100.31 -29.80
C TRP CA 444 -46.92 98.95 -30.27
N THR CA 445 -45.60 98.79 -30.42
CA THR CA 445 -45.00 97.51 -30.75
C THR CA 445 -43.54 97.53 -30.31
N THR CA 446 -43.02 96.35 -30.00
CA THR CA 446 -41.65 96.25 -29.56
C THR CA 446 -40.68 96.42 -30.72
N ILE CA 447 -39.45 96.80 -30.39
CA ILE CA 447 -38.40 96.88 -31.40
C ILE CA 447 -38.13 95.49 -31.97
N GLY CA 448 -37.66 95.47 -33.22
CA GLY CA 448 -37.46 94.23 -33.93
C GLY CA 448 -38.65 93.77 -34.73
N ASN CA 449 -39.77 94.48 -34.67
CA ASN CA 449 -40.96 94.13 -35.42
C ASN CA 449 -41.27 95.21 -36.43
N GLY CA 450 -41.92 94.82 -37.52
CA GLY CA 450 -42.17 95.71 -38.64
C GLY CA 450 -43.16 96.82 -38.35
N GLU CA 451 -43.42 97.65 -39.35
CA GLU CA 451 -44.31 98.78 -39.16
C GLU CA 451 -45.72 98.28 -38.86
N PRO CA 452 -46.33 98.71 -37.76
CA PRO CA 452 -47.69 98.27 -37.44
C PRO CA 452 -48.70 98.77 -38.46
N SER CA 453 -49.79 98.01 -38.64
CA SER CA 453 -50.81 98.34 -39.62
C SER CA 453 -52.06 98.95 -39.03
N GLN CA 454 -52.12 99.17 -37.72
CA GLN CA 454 -53.35 99.60 -37.07
C GLN CA 454 -53.00 100.48 -35.88
N LEU CA 455 -53.52 101.71 -35.89
CA LEU CA 455 -53.33 102.67 -34.81
C LEU CA 455 -54.69 103.16 -34.34
N LEU CA 456 -54.96 102.99 -33.04
CA LEU CA 456 -56.24 103.36 -32.45
C LEU CA 456 -57.41 102.66 -33.17
N GLY CA 457 -57.16 101.44 -33.62
CA GLY CA 457 -58.18 100.65 -34.28
C GLY CA 457 -58.54 101.10 -35.68
N ARG CA 458 -57.68 101.85 -36.35
CA ARG CA 458 -57.94 102.39 -37.67
C ARG CA 458 -56.79 102.06 -38.62
N PRO CA 459 -57.06 102.02 -39.92
CA PRO CA 459 -55.97 101.75 -40.88
C PRO CA 459 -54.91 102.84 -40.87
N VAL CA 460 -53.70 102.43 -41.24
CA VAL CA 460 -52.52 103.29 -41.19
C VAL CA 460 -51.95 103.44 -42.59
N GLY CA 461 -51.68 104.69 -42.99
CA GLY CA 461 -51.13 104.96 -44.30
C GLY CA 461 -49.83 105.75 -44.20
N GLU CA 462 -49.07 105.72 -45.29
CA GLU CA 462 -47.76 106.34 -45.35
C GLU CA 462 -47.64 107.22 -46.59
N ALA CA 463 -47.03 108.38 -46.43
CA ALA CA 463 -46.78 109.30 -47.54
C ALA CA 463 -45.67 110.25 -47.12
N GLU CA 464 -44.53 110.19 -47.81
CA GLU CA 464 -43.37 110.97 -47.46
C GLU CA 464 -43.34 112.34 -48.11
N ALA CA 465 -44.38 112.70 -48.86
CA ALA CA 465 -44.44 114.03 -49.47
C ALA CA 465 -44.76 115.13 -48.47
N MET CA 466 -45.27 114.79 -47.29
CA MET CA 466 -45.54 115.79 -46.27
C MET CA 466 -44.28 116.12 -45.49
N ASP CA 467 -44.38 117.16 -44.67
CA ASP CA 467 -43.24 117.63 -43.89
C ASP CA 467 -42.84 116.58 -42.86
N ALA CA 468 -41.52 116.50 -42.62
CA ALA CA 468 -40.96 115.45 -41.77
C ALA CA 468 -40.45 115.97 -40.44
N ASN CA 469 -39.53 116.94 -40.47
CA ASN CA 469 -38.90 117.44 -39.25
C ASN CA 469 -39.04 118.95 -39.23
N TRP CA 470 -39.68 119.48 -38.19
CA TRP CA 470 -39.94 120.92 -38.13
C TRP CA 470 -38.69 121.70 -37.80
N ASN CA 471 -37.76 121.09 -37.06
CA ASN CA 471 -36.54 121.79 -36.68
C ASN CA 471 -35.68 122.13 -37.90
N THR CA 472 -35.53 121.18 -38.82
CA THR CA 472 -34.66 121.37 -39.98
C THR CA 472 -35.37 122.02 -41.16
N SER CA 473 -36.70 122.07 -41.15
CA SER CA 473 -37.43 122.72 -42.23
C SER CA 473 -37.43 124.23 -42.04
N ALA CA 474 -37.02 124.95 -43.08
CA ALA CA 474 -36.98 126.42 -43.03
C ALA CA 474 -38.35 126.99 -43.44
N SER CA 475 -39.35 126.61 -42.65
CA SER CA 475 -40.72 127.08 -42.87
C SER CA 475 -41.43 127.18 -41.54
N ALA CA 476 -42.31 128.18 -41.42
CA ALA CA 476 -43.04 128.38 -40.17
C ALA CA 476 -44.05 127.26 -39.93
N ASP CA 477 -44.84 126.95 -40.95
CA ASP CA 477 -45.86 125.92 -40.83
C ASP CA 477 -45.30 124.55 -41.18
N ASN CA 478 -45.81 123.52 -40.49
CA ASN CA 478 -45.36 122.13 -40.65
C ASN CA 478 -46.54 121.22 -40.35
N PHE CA 479 -47.14 120.66 -41.39
CA PHE CA 479 -48.23 119.69 -41.23
C PHE CA 479 -47.62 118.29 -41.19
N VAL CA 480 -47.76 117.62 -40.06
CA VAL CA 480 -47.09 116.34 -39.83
C VAL CA 480 -48.04 115.17 -39.67
N LEU CA 481 -49.31 115.40 -39.33
CA LEU CA 481 -50.23 114.31 -39.08
C LEU CA 481 -51.60 114.68 -39.62
N LEU CA 482 -52.31 113.68 -40.12
CA LEU CA 482 -53.64 113.91 -40.69
C LEU CA 482 -54.52 112.71 -40.40
N TYR CA 483 -55.78 112.98 -40.07
CA TYR CA 483 -56.75 111.94 -39.80
C TYR CA 483 -58.12 112.45 -40.19
N GLY CA 484 -58.91 111.59 -40.83
CA GLY CA 484 -60.27 111.96 -41.20
C GLY CA 484 -60.88 110.93 -42.12
N ASN CA 485 -62.13 111.19 -42.48
CA ASN CA 485 -62.87 110.32 -43.40
C ASN CA 485 -62.45 110.69 -44.82
N PHE CA 486 -61.76 109.76 -45.48
CA PHE CA 486 -61.20 110.06 -46.80
C PHE CA 486 -62.21 109.88 -47.92
N GLN CA 487 -63.44 109.48 -47.62
CA GLN CA 487 -64.47 109.42 -48.65
C GLN CA 487 -64.85 110.79 -49.15
N ASN CA 488 -64.42 111.85 -48.48
CA ASN CA 488 -64.71 113.22 -48.90
C ASN CA 488 -63.60 113.80 -49.78
N TYR CA 489 -62.59 113.00 -50.12
CA TYR CA 489 -61.57 113.40 -51.09
C TYR CA 489 -61.87 112.66 -52.39
N VAL CA 490 -62.13 113.41 -53.45
CA VAL CA 490 -62.61 112.85 -54.71
C VAL CA 490 -61.54 113.08 -55.77
N ILE CA 491 -61.15 112.00 -56.45
CA ILE CA 491 -60.17 112.04 -57.52
C ILE CA 491 -60.85 111.60 -58.80
N ALA CA 492 -60.78 112.43 -59.84
CA ALA CA 492 -61.40 112.15 -61.12
C ALA CA 492 -60.31 111.77 -62.12
N ASP CA 493 -60.52 110.64 -62.80
CA ASP CA 493 -59.57 110.14 -63.79
C ASP CA 493 -60.22 110.17 -65.17
N ARG CA 494 -59.50 110.72 -66.15
CA ARG CA 494 -60.03 110.85 -67.51
C ARG CA 494 -59.32 109.94 -68.49
N ILE CA 495 -57.99 109.99 -68.55
CA ILE CA 495 -57.23 109.15 -69.46
C ILE CA 495 -55.89 108.83 -68.82
N GLY CA 496 -55.38 107.62 -69.10
CA GLY CA 496 -54.11 107.20 -68.56
C GLY CA 496 -52.94 107.72 -69.37
N MET CA 497 -51.75 107.29 -68.96
CA MET CA 497 -50.53 107.70 -69.65
C MET CA 497 -50.45 107.04 -71.02
N THR CA 498 -50.49 107.85 -72.07
CA THR CA 498 -50.38 107.38 -73.45
C THR CA 498 -49.20 108.08 -74.10
N VAL CA 499 -48.44 107.32 -74.90
CA VAL CA 499 -47.20 107.80 -75.49
C VAL CA 499 -47.37 107.86 -77.00
N GLU CA 500 -47.13 109.03 -77.58
CA GLU CA 500 -47.22 109.25 -79.03
C GLU CA 500 -45.83 109.50 -79.57
N PHE CA 501 -45.49 108.81 -80.66
CA PHE CA 501 -44.16 108.88 -81.26
C PHE CA 501 -44.21 109.83 -82.45
N ILE CA 502 -43.60 111.00 -82.30
CA ILE CA 502 -43.49 111.97 -83.38
C ILE CA 502 -42.40 111.50 -84.34
N PRO CA 503 -42.71 111.25 -85.61
CA PRO CA 503 -41.69 110.75 -86.53
C PRO CA 503 -40.75 111.81 -87.07
N HIS CA 504 -41.12 113.09 -87.02
CA HIS CA 504 -40.33 114.12 -87.69
C HIS CA 504 -40.52 115.44 -86.98
N LEU CA 505 -39.42 116.09 -86.61
CA LEU CA 505 -39.44 117.42 -86.05
C LEU CA 505 -39.07 118.44 -87.12
N PHE CA 506 -39.16 119.72 -86.76
CA PHE CA 506 -38.90 120.80 -87.69
C PHE CA 506 -38.00 121.85 -87.04
N GLY CA 507 -37.29 122.58 -87.89
CA GLY CA 507 -36.41 123.65 -87.46
C GLY CA 507 -37.09 125.00 -87.47
N THR CA 508 -36.26 126.05 -87.45
CA THR CA 508 -36.80 127.41 -87.45
C THR CA 508 -37.31 127.83 -88.82
N ASN CA 509 -36.83 127.18 -89.89
CA ASN CA 509 -37.27 127.50 -91.24
C ASN CA 509 -38.28 126.50 -91.77
N ARG CA 510 -38.99 125.80 -90.88
CA ARG CA 510 -40.02 124.84 -91.28
C ARG CA 510 -39.46 123.75 -92.18
N ARG CA 511 -38.25 123.28 -91.87
CA ARG CA 511 -37.62 122.19 -92.59
C ARG CA 511 -37.12 121.15 -91.61
N PRO CA 512 -37.17 119.87 -92.00
CA PRO CA 512 -36.71 118.80 -91.09
C PRO CA 512 -35.23 118.93 -90.76
N ASN CA 513 -34.89 118.56 -89.53
CA ASN CA 513 -33.51 118.67 -89.04
C ASN CA 513 -32.93 117.33 -88.58
N GLY CA 514 -33.61 116.22 -88.87
CA GLY CA 514 -33.08 114.92 -88.53
C GLY CA 514 -33.16 114.59 -87.05
N SER CA 515 -34.36 114.58 -86.50
CA SER CA 515 -34.56 114.27 -85.09
C SER CA 515 -35.97 113.74 -84.88
N ARG CA 516 -36.18 113.08 -83.74
CA ARG CA 516 -37.46 112.52 -83.37
C ARG CA 516 -37.71 112.77 -81.89
N GLY CA 517 -38.99 112.66 -81.49
CA GLY CA 517 -39.37 112.89 -80.12
C GLY CA 517 -40.40 111.89 -79.66
N TRP CA 518 -40.74 111.99 -78.36
CA TRP CA 518 -41.74 111.15 -77.72
C TRP CA 518 -42.70 112.05 -76.96
N PHE CA 519 -43.95 112.07 -77.39
CA PHE CA 519 -44.98 112.81 -76.67
C PHE CA 519 -45.75 111.89 -75.73
N ALA CA 520 -46.12 112.44 -74.58
CA ALA CA 520 -46.92 111.69 -73.61
C ALA CA 520 -47.74 112.67 -72.79
N TYR CA 521 -48.95 112.25 -72.44
CA TYR CA 521 -49.86 113.12 -71.69
C TYR CA 521 -50.79 112.27 -70.85
N TYR CA 522 -51.38 112.89 -69.83
CA TYR CA 522 -52.16 112.19 -68.82
C TYR CA 522 -53.02 113.18 -68.03
N ARG CA 523 -54.31 112.87 -67.87
CA ARG CA 523 -55.29 113.80 -67.32
C ARG CA 523 -55.84 113.30 -66.00
N MET CA 524 -56.06 114.22 -65.07
CA MET CA 524 -56.53 113.89 -63.72
C MET CA 524 -57.10 115.15 -63.08
N GLY CA 525 -57.87 114.95 -62.01
CA GLY CA 525 -58.41 116.06 -61.25
C GLY CA 525 -58.83 115.62 -59.87
N ALA CA 526 -58.56 116.46 -58.88
CA ALA CA 526 -58.84 116.10 -57.50
C ALA CA 526 -59.09 117.36 -56.67
N ASP CA 527 -59.93 117.21 -55.65
CA ASP CA 527 -60.29 118.30 -54.75
C ASP CA 527 -61.03 117.70 -53.56
N VAL CA 528 -61.23 118.52 -52.53
CA VAL CA 528 -61.93 118.13 -51.31
C VAL CA 528 -63.34 118.70 -51.36
N VAL CA 529 -64.33 117.85 -51.09
CA VAL CA 529 -65.71 118.31 -51.13
C VAL CA 529 -66.20 118.81 -49.77
N ASN CA 530 -65.59 118.35 -48.68
CA ASN CA 530 -66.02 118.74 -47.34
C ASN CA 530 -64.80 118.88 -46.44
N PRO CA 531 -64.39 120.11 -46.11
CA PRO CA 531 -63.16 120.32 -45.33
C PRO CA 531 -63.31 120.14 -43.83
N ASN CA 532 -64.50 119.84 -43.31
CA ASN CA 532 -64.71 119.71 -41.89
C ASN CA 532 -64.69 118.26 -41.43
N ALA CA 533 -64.21 117.34 -42.27
CA ALA CA 533 -64.15 115.93 -41.94
C ALA CA 533 -62.73 115.48 -41.58
N PHE CA 534 -61.83 116.41 -41.30
CA PHE CA 534 -60.44 116.08 -41.02
C PHE CA 534 -59.96 116.88 -39.81
N ARG CA 535 -58.83 116.45 -39.26
CA ARG CA 535 -58.22 117.09 -38.10
C ARG CA 535 -56.71 117.25 -38.30
N LEU CA 536 -56.32 117.83 -39.42
CA LEU CA 536 -54.92 118.01 -39.75
C LEU CA 536 -54.19 118.75 -38.62
N LEU CA 537 -53.01 118.24 -38.27
CA LEU CA 537 -52.17 118.80 -37.22
C LEU CA 537 -51.14 119.74 -37.84
N ASN CA 538 -50.88 120.85 -37.16
CA ASN CA 538 -49.89 121.82 -37.61
C ASN CA 538 -49.08 122.32 -36.42
N VAL CA 539 -47.79 121.99 -36.38
CA VAL CA 539 -46.86 122.55 -35.40
C VAL CA 539 -46.26 123.82 -36.01
N GLU CA 540 -46.39 124.93 -35.30
CA GLU CA 540 -45.94 126.23 -35.80
C GLU CA 540 -44.56 126.52 -35.23
N THR CA 541 -43.53 126.42 -36.08
CA THR CA 541 -42.16 126.73 -35.67
C THR CA 541 -41.92 128.22 -35.91
N ALA CA 542 -41.75 128.97 -34.83
CA ALA CA 542 -41.55 130.40 -34.93
C ALA CA 542 -40.14 130.71 -35.43
N SER CA 543 -39.92 131.96 -35.81
CA SER CA 543 -38.63 132.42 -36.31
C SER CA 543 -37.55 132.36 -35.22
N MET DA 251 99.89 -17.88 -24.60
CA MET DA 251 98.44 -18.04 -24.63
C MET DA 251 98.05 -19.51 -24.50
N GLY DA 252 97.59 -19.89 -23.31
CA GLY DA 252 97.25 -21.27 -23.00
C GLY DA 252 95.84 -21.38 -22.47
N LEU DA 253 95.66 -22.26 -21.48
CA LEU DA 253 94.35 -22.52 -20.90
C LEU DA 253 94.06 -21.69 -19.66
N THR DA 254 94.98 -20.85 -19.23
CA THR DA 254 94.69 -19.96 -18.11
C THR DA 254 93.61 -18.97 -18.50
N LYS DA 255 92.86 -18.50 -17.50
CA LYS DA 255 91.70 -17.66 -17.77
C LYS DA 255 92.09 -16.40 -18.53
N ALA DA 256 93.02 -15.62 -17.98
CA ALA DA 256 93.37 -14.34 -18.58
C ALA DA 256 94.01 -14.47 -19.94
N ASP DA 257 94.44 -15.67 -20.34
CA ASP DA 257 95.12 -15.85 -21.61
C ASP DA 257 94.25 -16.66 -22.57
N GLY DA 258 92.95 -16.36 -22.60
CA GLY DA 258 92.05 -17.04 -23.49
C GLY DA 258 91.25 -18.17 -22.89
N GLY DA 259 91.28 -18.32 -21.56
CA GLY DA 259 90.56 -19.39 -20.91
C GLY DA 259 89.06 -19.20 -20.81
N TYR DA 260 88.56 -18.01 -21.08
CA TYR DA 260 87.11 -17.77 -21.04
C TYR DA 260 86.42 -18.20 -22.31
N LEU DA 261 87.10 -18.90 -23.20
CA LEU DA 261 86.53 -19.27 -24.49
C LEU DA 261 85.98 -20.69 -24.53
N VAL DA 262 86.47 -21.57 -23.66
CA VAL DA 262 86.04 -22.96 -23.63
C VAL DA 262 84.61 -23.04 -23.10
N PRO DA 263 83.80 -23.99 -23.57
CA PRO DA 263 82.46 -24.15 -23.02
C PRO DA 263 82.52 -24.80 -21.63
N PHE DA 264 81.36 -24.86 -21.00
CA PHE DA 264 81.21 -25.42 -19.66
C PHE DA 264 80.45 -26.74 -19.76
N GLN DA 265 81.04 -27.81 -19.24
CA GLN DA 265 80.45 -29.14 -19.31
C GLN DA 265 79.89 -29.51 -17.95
N LEU DA 266 78.63 -29.95 -17.92
CA LEU DA 266 77.95 -30.21 -16.66
C LEU DA 266 76.96 -31.36 -16.87
N ASP DA 267 76.86 -32.22 -15.86
CA ASP DA 267 75.90 -33.32 -15.89
C ASP DA 267 74.73 -32.98 -14.98
N PRO DA 268 73.56 -32.66 -15.52
CA PRO DA 268 72.44 -32.24 -14.66
C PRO DA 268 71.93 -33.32 -13.72
N THR DA 269 72.18 -34.60 -14.01
CA THR DA 269 71.72 -35.66 -13.13
C THR DA 269 72.45 -35.61 -11.80
N VAL DA 270 71.74 -35.95 -10.72
CA VAL DA 270 72.30 -35.91 -9.37
C VAL DA 270 72.73 -37.31 -8.98
N ILE DA 271 73.78 -37.37 -8.16
CA ILE DA 271 74.31 -38.63 -7.65
C ILE DA 271 74.08 -38.65 -6.15
N ILE DA 272 73.26 -39.58 -5.68
CA ILE DA 272 72.96 -39.68 -4.26
C ILE DA 272 74.13 -40.36 -3.57
N THR DA 273 74.66 -39.71 -2.54
CA THR DA 273 75.85 -40.19 -1.83
C THR DA 273 75.52 -40.63 -0.42
N SER DA 274 74.38 -41.30 -0.25
CA SER DA 274 73.94 -41.82 1.04
C SER DA 274 73.84 -43.33 0.97
N ASN DA 275 74.25 -43.99 2.06
CA ASN DA 275 74.23 -45.45 2.07
C ASN DA 275 72.81 -45.99 1.98
N GLY DA 276 71.87 -45.39 2.69
CA GLY DA 276 70.52 -45.92 2.77
C GLY DA 276 70.47 -47.14 3.66
N SER DA 277 69.33 -47.85 3.57
CA SER DA 277 69.14 -49.05 4.37
C SER DA 277 68.12 -49.95 3.70
N LEU DA 278 68.36 -51.25 3.77
CA LEU DA 278 67.48 -52.25 3.18
C LEU DA 278 66.85 -53.09 4.28
N ASN DA 279 65.53 -53.22 4.23
CA ASN DA 279 64.78 -53.96 5.25
C ASN DA 279 63.67 -54.74 4.57
N ASP DA 280 63.34 -55.91 5.14
CA ASP DA 280 62.34 -56.80 4.57
C ASP DA 280 61.25 -57.18 5.57
N ILE DA 281 61.06 -56.40 6.63
CA ILE DA 281 60.03 -56.73 7.61
C ILE DA 281 58.64 -56.59 7.00
N ARG DA 282 58.42 -55.55 6.18
CA ARG DA 282 57.09 -55.33 5.61
C ARG DA 282 56.64 -56.50 4.76
N ARG DA 283 57.56 -57.23 4.15
CA ARG DA 283 57.18 -58.38 3.34
C ARG DA 283 56.64 -59.51 4.19
N PHE DA 284 57.04 -59.59 5.46
CA PHE DA 284 56.57 -60.63 6.37
C PHE DA 284 55.58 -60.12 7.41
N ALA DA 285 55.67 -58.85 7.80
CA ALA DA 285 54.81 -58.35 8.87
C ALA DA 285 53.36 -58.25 8.40
N ARG DA 286 52.46 -58.11 9.37
CA ARG DA 286 51.03 -58.07 9.12
C ARG DA 286 50.56 -56.63 9.23
N GLN DA 287 49.90 -56.14 8.19
CA GLN DA 287 49.44 -54.75 8.12
C GLN DA 287 47.95 -54.69 8.41
N VAL DA 288 47.56 -53.78 9.29
CA VAL DA 288 46.16 -53.50 9.58
C VAL DA 288 45.96 -51.99 9.54
N VAL DA 289 44.80 -51.56 9.06
CA VAL DA 289 44.51 -50.14 8.94
C VAL DA 289 43.96 -49.63 10.26
N ALA DA 290 44.42 -48.45 10.68
CA ALA DA 290 43.95 -47.80 11.89
C ALA DA 290 43.09 -46.60 11.51
N THR DA 291 41.86 -46.56 12.03
CA THR DA 291 40.93 -45.47 11.78
C THR DA 291 40.90 -44.48 12.94
N GLY DA 292 41.81 -44.62 13.89
CA GLY DA 292 41.83 -43.77 15.05
C GLY DA 292 43.22 -43.51 15.58
N ASP DA 293 43.40 -43.59 16.89
CA ASP DA 293 44.68 -43.32 17.52
C ASP DA 293 45.37 -44.55 18.08
N VAL DA 294 44.62 -45.53 18.58
CA VAL DA 294 45.20 -46.74 19.17
C VAL DA 294 44.49 -47.95 18.58
N TRP DA 295 45.27 -48.95 18.17
CA TRP DA 295 44.74 -50.20 17.67
C TRP DA 295 44.72 -51.20 18.82
N HIS DA 296 43.54 -51.72 19.13
CA HIS DA 296 43.33 -52.64 20.25
C HIS DA 296 43.06 -54.04 19.75
N GLY DA 297 43.42 -55.04 20.57
CA GLY DA 297 43.15 -56.42 20.26
C GLY DA 297 42.87 -57.19 21.53
N VAL DA 298 42.49 -58.46 21.36
CA VAL DA 298 42.20 -59.35 22.47
C VAL DA 298 42.95 -60.65 22.28
N SER DA 299 43.51 -61.17 23.37
CA SER DA 299 44.25 -62.43 23.33
C SER DA 299 43.94 -63.21 24.61
N SER DA 300 43.94 -64.53 24.49
CA SER DA 300 43.61 -65.40 25.61
C SER DA 300 44.37 -66.71 25.47
N ALA DA 301 44.16 -67.61 26.42
CA ALA DA 301 44.82 -68.92 26.39
C ALA DA 301 43.77 -70.03 26.33
N ALA DA 302 44.21 -71.28 26.38
CA ALA DA 302 43.32 -72.42 26.34
C ALA DA 302 43.02 -72.92 27.75
N VAL DA 303 41.92 -73.65 27.87
CA VAL DA 303 41.50 -74.20 29.16
C VAL DA 303 42.33 -75.44 29.48
N GLN DA 304 42.48 -75.72 30.77
CA GLN DA 304 43.31 -76.82 31.25
C GLN DA 304 42.42 -78.02 31.57
N TRP DA 305 42.45 -79.02 30.70
CA TRP DA 305 41.75 -80.26 30.97
C TRP DA 305 42.61 -81.16 31.83
N SER DA 306 41.99 -82.19 32.41
CA SER DA 306 42.70 -83.13 33.26
C SER DA 306 41.86 -84.39 33.41
N TRP DA 307 42.54 -85.52 33.65
CA TRP DA 307 41.86 -86.80 33.82
C TRP DA 307 41.41 -86.95 35.26
N ASP DA 308 40.12 -87.17 35.44
CA ASP DA 308 39.52 -87.24 36.77
C ASP DA 308 38.89 -88.60 36.97
N ALA DA 309 38.93 -89.08 38.21
CA ALA DA 309 38.27 -90.33 38.56
C ALA DA 309 36.76 -90.14 38.65
N GLU DA 310 36.04 -91.25 38.74
CA GLU DA 310 34.60 -91.20 38.93
C GLU DA 310 34.27 -90.61 40.29
N PHE DA 311 33.24 -89.76 40.31
CA PHE DA 311 32.83 -89.03 41.52
C PHE DA 311 33.98 -88.16 42.05
N GLU DA 312 34.46 -87.27 41.19
CA GLU DA 312 35.51 -86.32 41.55
C GLU DA 312 35.07 -84.92 41.13
N GLU DA 313 35.24 -83.95 42.03
CA GLU DA 313 34.87 -82.58 41.72
C GLU DA 313 35.84 -81.97 40.72
N VAL DA 314 35.31 -81.16 39.81
CA VAL DA 314 36.12 -80.55 38.78
C VAL DA 314 36.76 -79.28 39.31
N SER DA 315 37.94 -78.95 38.78
CA SER DA 315 38.69 -77.78 39.20
C SER DA 315 38.07 -76.53 38.58
N ASP DA 316 38.71 -75.38 38.82
CA ASP DA 316 38.25 -74.07 38.33
C ASP DA 316 39.20 -73.63 37.22
N ASP DA 317 38.88 -74.01 35.98
CA ASP DA 317 39.75 -73.79 34.84
C ASP DA 317 39.26 -72.58 34.05
N SER DA 318 39.59 -71.39 34.55
CA SER DA 318 39.15 -70.16 33.93
C SER DA 318 40.27 -69.57 33.07
N PRO DA 319 40.08 -69.42 31.77
CA PRO DA 319 41.11 -68.80 30.94
C PRO DA 319 41.28 -67.33 31.26
N GLU DA 320 42.49 -66.82 31.01
CA GLU DA 320 42.82 -65.41 31.22
C GLU DA 320 42.86 -64.67 29.90
N PHE DA 321 42.78 -63.35 29.98
CA PHE DA 321 42.68 -62.50 28.79
C PHE DA 321 43.67 -61.34 28.88
N GLY DA 322 43.94 -60.73 27.72
CA GLY DA 322 44.82 -59.59 27.64
C GLY DA 322 44.41 -58.70 26.49
N GLN DA 323 45.09 -57.56 26.38
CA GLN DA 323 44.80 -56.59 25.34
C GLN DA 323 46.06 -55.90 24.83
N PRO DA 324 46.58 -56.29 23.67
CA PRO DA 324 47.70 -55.55 23.08
C PRO DA 324 47.28 -54.16 22.66
N GLU DA 325 48.19 -53.19 22.86
CA GLU DA 325 47.88 -51.78 22.66
C GLU DA 325 48.95 -51.16 21.77
N ILE DA 326 48.52 -50.50 20.70
CA ILE DA 326 49.43 -49.92 19.72
C ILE DA 326 49.08 -48.45 19.49
N PRO DA 327 49.91 -47.51 19.95
CA PRO DA 327 49.67 -46.10 19.64
C PRO DA 327 50.33 -45.70 18.33
N VAL DA 328 49.67 -44.82 17.60
CA VAL DA 328 50.17 -44.34 16.31
C VAL DA 328 50.93 -43.04 16.55
N LYS DA 329 52.01 -42.84 15.78
CA LYS DA 329 52.90 -41.71 15.97
C LYS DA 329 53.21 -41.09 14.62
N LYS DA 330 53.95 -39.97 14.64
CA LYS DA 330 54.12 -39.12 13.47
C LYS DA 330 55.59 -38.79 13.26
N ALA DA 331 56.00 -38.77 11.99
CA ALA DA 331 57.31 -38.28 11.58
C ALA DA 331 57.13 -37.32 10.43
N GLN DA 332 57.91 -36.23 10.44
CA GLN DA 332 57.70 -35.16 9.47
C GLN DA 332 59.01 -34.49 9.14
N GLY DA 333 59.04 -33.84 7.98
CA GLY DA 333 60.21 -33.10 7.54
C GLY DA 333 59.78 -31.92 6.68
N PHE DA 334 60.72 -30.99 6.50
CA PHE DA 334 60.40 -29.72 5.87
C PHE DA 334 61.64 -29.15 5.19
N VAL DA 335 61.46 -28.52 4.03
CA VAL DA 335 62.55 -27.93 3.28
C VAL DA 335 62.16 -26.52 2.82
N PRO DA 336 62.78 -25.48 3.37
CA PRO DA 336 62.55 -24.12 2.86
C PRO DA 336 63.32 -23.88 1.57
N ILE DA 337 62.85 -22.89 0.81
CA ILE DA 337 63.51 -22.52 -0.44
C ILE DA 337 63.02 -21.15 -0.88
N SER DA 338 63.94 -20.34 -1.37
CA SER DA 338 63.61 -19.00 -1.84
C SER DA 338 63.04 -19.04 -3.25
N ILE DA 339 62.43 -17.93 -3.66
CA ILE DA 339 61.79 -17.86 -4.97
C ILE DA 339 62.83 -17.90 -6.08
N GLU DA 340 64.04 -17.37 -5.82
CA GLU DA 340 65.08 -17.37 -6.84
C GLU DA 340 65.46 -18.79 -7.24
N ALA DA 341 65.60 -19.68 -6.25
CA ALA DA 341 65.92 -21.07 -6.56
C ALA DA 341 64.79 -21.73 -7.34
N LEU DA 342 63.53 -21.42 -7.00
CA LEU DA 342 62.41 -21.94 -7.78
C LEU DA 342 62.52 -21.52 -9.23
N GLN DA 343 62.82 -20.24 -9.48
CA GLN DA 343 62.78 -19.74 -10.84
C GLN DA 343 63.99 -20.18 -11.66
N ASP DA 344 65.16 -20.23 -11.04
CA ASP DA 344 66.40 -20.41 -11.78
C ASP DA 344 66.81 -21.88 -11.89
N GLU DA 345 66.93 -22.57 -10.76
CA GLU DA 345 67.40 -23.94 -10.77
C GLU DA 345 66.40 -24.85 -11.47
N ALA DA 346 66.92 -25.91 -12.09
CA ALA DA 346 66.13 -26.76 -12.96
C ALA DA 346 65.73 -28.04 -12.23
N ASN DA 347 64.46 -28.39 -12.32
CA ASN DA 347 63.93 -29.64 -11.78
C ASN DA 347 64.18 -29.76 -10.28
N VAL DA 348 63.93 -28.66 -9.56
CA VAL DA 348 64.04 -28.71 -8.10
C VAL DA 348 62.93 -29.54 -7.49
N THR DA 349 61.73 -29.46 -8.03
CA THR DA 349 60.60 -30.16 -7.42
C THR DA 349 60.81 -31.67 -7.46
N GLU DA 350 61.22 -32.19 -8.62
CA GLU DA 350 61.44 -33.62 -8.75
C GLU DA 350 62.59 -34.09 -7.86
N THR DA 351 63.68 -33.32 -7.81
CA THR DA 351 64.82 -33.68 -6.99
C THR DA 351 64.44 -33.72 -5.52
N VAL DA 352 63.69 -32.71 -5.06
CA VAL DA 352 63.29 -32.68 -3.66
C VAL DA 352 62.31 -33.80 -3.35
N ALA DA 353 61.40 -34.12 -4.27
CA ALA DA 353 60.49 -35.24 -4.03
C ALA DA 353 61.26 -36.55 -3.92
N LEU DA 354 62.24 -36.76 -4.80
CA LEU DA 354 63.07 -37.95 -4.72
C LEU DA 354 63.82 -38.01 -3.39
N LEU DA 355 64.41 -36.89 -2.97
CA LEU DA 355 65.15 -36.86 -1.71
C LEU DA 355 64.23 -37.16 -0.53
N PHE DA 356 63.01 -36.61 -0.54
CA PHE DA 356 62.03 -36.94 0.48
C PHE DA 356 61.74 -38.44 0.49
N ALA DA 357 61.64 -39.04 -0.70
CA ALA DA 357 61.36 -40.47 -0.79
C ALA DA 357 62.45 -41.29 -0.10
N GLU DA 358 63.71 -41.01 -0.44
CA GLU DA 358 64.78 -41.79 0.20
C GLU DA 358 64.87 -41.52 1.69
N GLY DA 359 64.65 -40.27 2.11
CA GLY DA 359 64.67 -39.99 3.53
C GLY DA 359 63.61 -40.77 4.30
N LYS DA 360 62.39 -40.78 3.77
CA LYS DA 360 61.31 -41.52 4.42
C LYS DA 360 61.59 -43.01 4.44
N ASP DA 361 62.10 -43.55 3.34
CA ASP DA 361 62.41 -44.98 3.30
C ASP DA 361 63.49 -45.33 4.31
N GLU DA 362 64.55 -44.52 4.39
CA GLU DA 362 65.62 -44.80 5.34
C GLU DA 362 65.11 -44.73 6.77
N LEU DA 363 64.29 -43.73 7.08
CA LEU DA 363 63.75 -43.60 8.43
C LEU DA 363 62.89 -44.81 8.79
N GLU DA 364 62.02 -45.23 7.87
CA GLU DA 364 61.16 -46.37 8.16
C GLU DA 364 61.98 -47.65 8.34
N ALA DA 365 62.98 -47.85 7.47
CA ALA DA 365 63.79 -49.05 7.57
C ALA DA 365 64.55 -49.10 8.89
N VAL DA 366 65.11 -47.97 9.33
CA VAL DA 366 65.84 -48.00 10.59
C VAL DA 366 64.88 -48.12 11.78
N THR DA 367 63.69 -47.51 11.71
CA THR DA 367 62.81 -47.52 12.88
C THR DA 367 62.10 -48.85 13.05
N LEU DA 368 61.83 -49.57 11.96
CA LEU DA 368 61.15 -50.85 12.11
C LEU DA 368 62.05 -51.92 12.73
N THR DA 369 63.36 -51.73 12.66
CA THR DA 369 64.29 -52.70 13.21
C THR DA 369 64.54 -52.49 14.70
N THR DA 370 64.97 -51.28 15.07
CA THR DA 370 65.26 -50.95 16.47
C THR DA 370 64.69 -49.55 16.75
N GLY DA 371 63.45 -49.52 17.20
CA GLY DA 371 62.82 -48.29 17.68
C GLY DA 371 62.74 -48.34 19.19
N THR DA 372 63.04 -47.21 19.83
CA THR DA 372 63.14 -47.18 21.28
C THR DA 372 61.82 -47.55 21.95
N GLY DA 373 60.70 -47.26 21.30
CA GLY DA 373 59.40 -47.53 21.87
C GLY DA 373 58.94 -46.50 22.88
N GLN DA 374 59.74 -45.49 23.15
CA GLN DA 374 59.40 -44.43 24.10
C GLN DA 374 59.48 -43.09 23.40
N GLY DA 375 58.77 -42.11 23.96
CA GLY DA 375 58.73 -40.79 23.36
C GLY DA 375 57.85 -40.75 22.13
N ASN DA 376 58.46 -40.64 20.96
CA ASN DA 376 57.72 -40.50 19.71
C ASN DA 376 58.11 -41.57 18.70
N GLN DA 377 58.63 -42.70 19.17
CA GLN DA 377 59.08 -43.74 18.26
C GLN DA 377 58.27 -45.01 18.46
N PRO DA 378 57.71 -45.57 17.39
CA PRO DA 378 56.98 -46.82 17.52
C PRO DA 378 57.89 -47.97 17.91
N THR DA 379 57.31 -48.97 18.57
CA THR DA 379 58.08 -50.08 19.07
C THR DA 379 58.67 -50.89 17.92
N GLY DA 380 59.95 -51.26 18.06
CA GLY DA 380 60.62 -52.09 17.09
C GLY DA 380 60.55 -53.56 17.45
N ILE DA 381 60.85 -54.40 16.48
CA ILE DA 381 60.75 -55.85 16.70
C ILE DA 381 61.83 -56.31 17.66
N VAL DA 382 63.02 -55.72 17.58
CA VAL DA 382 64.12 -56.16 18.43
C VAL DA 382 63.89 -55.74 19.88
N THR DA 383 63.44 -54.50 20.10
CA THR DA 383 63.31 -54.01 21.47
C THR DA 383 62.16 -54.71 22.19
N ALA DA 384 61.12 -55.10 21.45
CA ALA DA 384 59.98 -55.77 22.07
C ALA DA 384 60.30 -57.20 22.48
N LEU DA 385 61.46 -57.72 22.10
CA LEU DA 385 61.88 -59.07 22.42
C LEU DA 385 63.01 -59.10 23.45
N ALA DA 386 63.29 -57.98 24.09
CA ALA DA 386 64.38 -57.88 25.06
C ALA DA 386 63.83 -58.12 26.45
N GLY DA 387 64.38 -59.10 27.15
CA GLY DA 387 63.90 -59.50 28.46
C GLY DA 387 62.74 -60.47 28.42
N THR DA 388 62.24 -60.80 27.24
CA THR DA 388 61.15 -61.73 27.06
C THR DA 388 61.70 -63.15 26.97
N ALA DA 389 60.82 -64.14 27.16
CA ALA DA 389 61.23 -65.53 27.02
C ALA DA 389 61.71 -65.85 25.61
N ALA DA 390 61.40 -65.00 24.63
CA ALA DA 390 61.90 -65.21 23.27
C ALA DA 390 63.41 -65.18 23.23
N GLU DA 391 64.05 -64.39 24.09
CA GLU DA 391 65.50 -64.32 24.14
C GLU DA 391 66.10 -65.64 24.63
N ILE DA 392 67.16 -66.08 23.97
CA ILE DA 392 67.88 -67.28 24.34
C ILE DA 392 69.38 -66.98 24.28
N ALA DA 393 70.17 -67.84 24.92
CA ALA DA 393 71.61 -67.64 25.08
C ALA DA 393 72.38 -68.65 24.23
N PRO DA 394 73.60 -68.29 23.79
CA PRO DA 394 74.39 -69.22 22.99
C PRO DA 394 74.92 -70.38 23.83
N VAL DA 395 75.26 -71.47 23.13
CA VAL DA 395 75.77 -72.65 23.79
C VAL DA 395 77.10 -72.36 24.48
N THR DA 396 78.01 -71.66 23.79
CA THR DA 396 79.31 -71.33 24.32
C THR DA 396 79.43 -69.82 24.45
N ALA DA 397 80.07 -69.37 25.53
CA ALA DA 397 80.18 -67.95 25.81
C ALA DA 397 81.01 -67.25 24.75
N GLU DA 398 80.48 -66.13 24.24
CA GLU DA 398 81.11 -65.35 23.17
C GLU DA 398 81.54 -66.25 22.01
N THR DA 399 80.62 -67.11 21.56
CA THR DA 399 80.90 -68.00 20.45
C THR DA 399 79.64 -68.23 19.64
N PHE DA 400 79.75 -68.18 18.32
CA PHE DA 400 78.65 -68.49 17.41
C PHE DA 400 78.99 -69.81 16.71
N ALA DA 401 78.20 -70.83 16.96
CA ALA DA 401 78.43 -72.16 16.44
C ALA DA 401 77.24 -72.62 15.60
N LEU DA 402 77.40 -73.79 14.97
CA LEU DA 402 76.32 -74.35 14.18
C LEU DA 402 75.15 -74.77 15.06
N ALA DA 403 75.44 -75.21 16.29
CA ALA DA 403 74.37 -75.63 17.20
C ALA DA 403 73.44 -74.48 17.55
N ASP DA 404 73.93 -73.24 17.52
CA ASP DA 404 73.09 -72.10 17.88
C ASP DA 404 71.93 -71.92 16.89
N VAL DA 405 72.21 -72.09 15.60
CA VAL DA 405 71.14 -71.96 14.60
C VAL DA 405 70.09 -73.02 14.80
N TYR DA 406 70.53 -74.27 15.00
CA TYR DA 406 69.59 -75.35 15.24
C TYR DA 406 68.78 -75.12 16.51
N ALA DA 407 69.43 -74.59 17.55
CA ALA DA 407 68.74 -74.28 18.79
C ALA DA 407 67.64 -73.24 18.55
N VAL DA 408 67.99 -72.13 17.91
CA VAL DA 408 66.99 -71.10 17.63
C VAL DA 408 65.86 -71.67 16.79
N TYR DA 409 66.16 -72.60 15.91
CA TYR DA 409 65.12 -73.21 15.08
C TYR DA 409 64.19 -74.10 15.91
N GLU DA 410 64.73 -74.85 16.87
CA GLU DA 410 63.94 -75.90 17.50
C GLU DA 410 63.15 -75.39 18.70
N GLN DA 411 63.66 -74.38 19.42
CA GLN DA 411 63.02 -73.96 20.66
C GLN DA 411 61.60 -73.47 20.42
N LEU DA 412 61.32 -72.98 19.21
CA LEU DA 412 59.98 -72.47 18.90
C LEU DA 412 58.97 -73.61 18.87
N ALA DA 413 57.74 -73.30 19.26
CA ALA DA 413 56.67 -74.30 19.25
C ALA DA 413 56.31 -74.66 17.83
N ALA DA 414 55.70 -75.85 17.67
CA ALA DA 414 55.43 -76.38 16.34
C ALA DA 414 54.38 -75.58 15.59
N ARG DA 415 53.49 -74.89 16.30
CA ARG DA 415 52.45 -74.11 15.63
C ARG DA 415 53.06 -72.99 14.80
N HIS DA 416 54.04 -72.28 15.35
CA HIS DA 416 54.68 -71.17 14.66
C HIS DA 416 55.93 -71.57 13.89
N ARG DA 417 56.51 -72.73 14.21
CA ARG DA 417 57.73 -73.15 13.52
C ARG DA 417 57.47 -73.38 12.03
N ARG DA 418 56.28 -73.87 11.69
CA ARG DA 418 55.97 -74.19 10.31
C ARG DA 418 55.61 -72.97 9.48
N GLN DA 419 55.55 -71.78 10.08
CA GLN DA 419 55.21 -70.56 9.35
C GLN DA 419 56.23 -69.46 9.65
N GLY DA 420 57.49 -69.83 9.86
CA GLY DA 420 58.50 -68.89 10.27
C GLY DA 420 59.27 -68.27 9.12
N ALA DA 421 60.12 -67.32 9.47
CA ALA DA 421 60.99 -66.65 8.51
C ALA DA 421 62.20 -66.11 9.25
N TRP DA 422 63.34 -66.09 8.58
CA TRP DA 422 64.59 -65.66 9.19
C TRP DA 422 64.83 -64.17 8.91
N LEU DA 423 65.61 -63.55 9.81
CA LEU DA 423 65.89 -62.11 9.70
C LEU DA 423 67.20 -61.83 10.41
N ALA DA 424 68.20 -61.36 9.66
CA ALA DA 424 69.51 -61.05 10.23
C ALA DA 424 70.27 -60.16 9.25
N ASN DA 425 71.46 -59.76 9.65
CA ASN DA 425 72.35 -58.98 8.80
C ASN DA 425 73.19 -59.91 7.92
N ASN DA 426 73.72 -59.36 6.83
CA ASN DA 426 74.52 -60.18 5.91
C ASN DA 426 75.78 -60.71 6.57
N LEU DA 427 76.29 -59.99 7.58
CA LEU DA 427 77.45 -60.48 8.32
C LEU DA 427 77.15 -61.81 8.99
N ILE DA 428 75.98 -61.94 9.61
CA ILE DA 428 75.64 -63.18 10.29
C ILE DA 428 75.52 -64.32 9.28
N TYR DA 429 74.92 -64.05 8.12
CA TYR DA 429 74.82 -65.07 7.09
C TYR DA 429 76.21 -65.51 6.63
N ASN DA 430 77.12 -64.55 6.45
CA ASN DA 430 78.47 -64.90 6.02
C ASN DA 430 79.20 -65.72 7.07
N LYS DA 431 79.03 -65.38 8.36
CA LYS DA 431 79.60 -66.20 9.41
C LYS DA 431 79.00 -67.61 9.40
N ILE DA 432 77.72 -67.73 9.05
CA ILE DA 432 77.11 -69.06 8.90
C ILE DA 432 77.80 -69.81 7.76
N ARG DA 433 78.08 -69.13 6.66
CA ARG DA 433 78.68 -69.79 5.50
C ARG DA 433 80.09 -70.30 5.79
N GLN DA 434 80.74 -69.75 6.82
CA GLN DA 434 82.10 -70.14 7.16
C GLN DA 434 82.16 -71.28 8.18
N PHE DA 435 81.02 -71.82 8.57
CA PHE DA 435 81.02 -72.94 9.51
C PHE DA 435 81.61 -74.19 8.89
N ASP DA 436 81.17 -74.54 7.68
CA ASP DA 436 81.62 -75.77 7.05
C ASP DA 436 83.07 -75.65 6.58
N THR DA 437 83.88 -76.64 6.93
CA THR DA 437 85.27 -76.66 6.55
C THR DA 437 85.62 -78.00 5.93
N GLN DA 438 84.83 -79.02 6.26
CA GLN DA 438 85.10 -80.39 5.84
C GLN DA 438 84.07 -80.93 4.86
N GLY DA 439 83.14 -80.08 4.42
CA GLY DA 439 82.11 -80.51 3.48
C GLY DA 439 81.14 -81.53 4.03
N GLY DA 440 80.68 -81.34 5.26
CA GLY DA 440 79.72 -82.26 5.87
C GLY DA 440 78.29 -81.79 5.76
N ALA DA 441 77.57 -81.83 6.87
CA ALA DA 441 76.18 -81.38 6.89
C ALA DA 441 76.04 -79.86 6.93
N GLY DA 442 77.10 -79.15 7.32
CA GLY DA 442 77.06 -77.70 7.40
C GLY DA 442 77.27 -76.98 6.11
N LEU DA 443 77.45 -77.70 5.00
CA LEU DA 443 77.65 -77.06 3.71
C LEU DA 443 76.34 -76.44 3.24
N TRP DA 444 76.23 -75.12 3.38
CA TRP DA 444 75.06 -74.39 2.90
C TRP DA 444 75.20 -74.04 1.43
N THR DA 445 76.29 -73.38 1.06
CA THR DA 445 76.59 -73.08 -0.33
C THR DA 445 78.09 -72.81 -0.44
N THR DA 446 78.63 -73.07 -1.63
CA THR DA 446 80.06 -72.92 -1.84
C THR DA 446 80.41 -71.48 -2.16
N ILE DA 447 81.70 -71.16 -2.07
CA ILE DA 447 82.17 -69.85 -2.47
C ILE DA 447 82.04 -69.72 -3.99
N GLY DA 448 81.65 -68.53 -4.44
CA GLY DA 448 81.43 -68.30 -5.86
C GLY DA 448 79.99 -68.33 -6.28
N ASN DA 449 79.05 -68.48 -5.34
CA ASN DA 449 77.64 -68.50 -5.65
C ASN DA 449 76.91 -67.41 -4.87
N GLY DA 450 75.74 -67.04 -5.37
CA GLY DA 450 74.95 -65.99 -4.76
C GLY DA 450 74.36 -66.40 -3.43
N GLU DA 451 73.74 -65.43 -2.77
CA GLU DA 451 73.14 -65.69 -1.48
C GLU DA 451 72.00 -66.70 -1.61
N PRO DA 452 71.96 -67.72 -0.76
CA PRO DA 452 70.90 -68.72 -0.86
C PRO DA 452 69.53 -68.13 -0.54
N SER DA 453 68.51 -68.72 -1.14
CA SER DA 453 67.15 -68.24 -1.00
C SER DA 453 66.38 -68.88 0.15
N GLN DA 454 66.94 -69.91 0.79
CA GLN DA 454 66.25 -70.53 1.92
C GLN DA 454 67.27 -71.16 2.85
N LEU DA 455 66.93 -71.19 4.13
CA LEU DA 455 67.75 -71.83 5.15
C LEU DA 455 66.85 -72.75 5.97
N LEU DA 456 67.27 -74.01 6.13
CA LEU DA 456 66.47 -75.03 6.79
C LEU DA 456 65.09 -75.16 6.17
N GLY DA 457 65.01 -74.89 4.87
CA GLY DA 457 63.75 -74.96 4.15
C GLY DA 457 62.84 -73.76 4.32
N ARG DA 458 63.28 -72.73 5.04
CA ARG DA 458 62.43 -71.59 5.31
C ARG DA 458 63.00 -70.33 4.66
N PRO DA 459 62.14 -69.34 4.38
CA PRO DA 459 62.61 -68.14 3.68
C PRO DA 459 63.65 -67.38 4.50
N VAL DA 460 64.49 -66.64 3.79
CA VAL DA 460 65.59 -65.89 4.38
C VAL DA 460 65.35 -64.40 4.14
N GLY DA 461 65.41 -63.61 5.22
CA GLY DA 461 65.23 -62.19 5.13
C GLY DA 461 66.49 -61.46 5.57
N GLU DA 462 66.58 -60.20 5.17
CA GLU DA 462 67.75 -59.37 5.45
C GLU DA 462 67.31 -58.03 6.02
N ALA DA 463 68.06 -57.55 7.02
CA ALA DA 463 67.86 -56.22 7.59
C ALA DA 463 69.24 -55.64 7.93
N GLU DA 464 69.55 -54.48 7.38
CA GLU DA 464 70.87 -53.88 7.60
C GLU DA 464 71.00 -53.16 8.93
N ALA DA 465 69.90 -52.92 9.65
CA ALA DA 465 69.99 -52.16 10.89
C ALA DA 465 70.22 -53.01 12.12
N MET DA 466 70.34 -54.33 11.97
CA MET DA 466 70.58 -55.17 13.13
C MET DA 466 72.06 -55.20 13.49
N ASP DA 467 72.35 -55.73 14.67
CA ASP DA 467 73.73 -55.84 15.13
C ASP DA 467 74.51 -56.78 14.22
N ALA DA 468 75.75 -56.41 13.91
CA ALA DA 468 76.56 -57.15 12.95
C ALA DA 468 77.73 -57.87 13.59
N ASN DA 469 78.60 -57.15 14.30
CA ASN DA 469 79.83 -57.73 14.84
C ASN DA 469 79.91 -57.42 16.33
N TRP DA 470 79.86 -58.46 17.15
CA TRP DA 470 79.97 -58.26 18.59
C TRP DA 470 81.41 -58.01 19.03
N ASN DA 471 82.38 -58.56 18.30
CA ASN DA 471 83.77 -58.41 18.69
C ASN DA 471 84.21 -56.95 18.66
N THR DA 472 83.80 -56.22 17.63
CA THR DA 472 84.14 -54.81 17.50
C THR DA 472 83.11 -53.90 18.14
N SER DA 473 81.97 -54.43 18.58
CA SER DA 473 80.93 -53.60 19.17
C SER DA 473 81.34 -53.17 20.58
N ALA DA 474 80.72 -52.10 21.04
CA ALA DA 474 80.97 -51.53 22.37
C ALA DA 474 79.75 -51.69 23.27
N SER DA 475 79.00 -52.78 23.07
CA SER DA 475 77.80 -53.04 23.84
C SER DA 475 77.84 -54.47 24.36
N ALA DA 476 77.37 -54.65 25.59
CA ALA DA 476 77.37 -55.98 26.20
C ALA DA 476 76.43 -56.93 25.47
N ASP DA 477 75.25 -56.44 25.09
CA ASP DA 477 74.26 -57.26 24.39
C ASP DA 477 74.37 -57.05 22.89
N ASN DA 478 74.25 -58.16 22.15
CA ASN DA 478 74.36 -58.13 20.69
C ASN DA 478 73.35 -59.12 20.11
N PHE DA 479 72.17 -58.61 19.74
CA PHE DA 479 71.14 -59.44 19.11
C PHE DA 479 71.49 -59.61 17.64
N VAL DA 480 71.78 -60.85 17.24
CA VAL DA 480 72.31 -61.11 15.92
C VAL DA 480 71.38 -61.93 15.03
N LEU DA 481 70.58 -62.85 15.58
CA LEU DA 481 69.76 -63.73 14.77
C LEU DA 481 68.36 -63.77 15.35
N LEU DA 482 67.37 -63.87 14.46
CA LEU DA 482 65.97 -63.80 14.87
C LEU DA 482 65.14 -64.70 13.95
N TYR DA 483 64.44 -65.65 14.56
CA TYR DA 483 63.57 -66.56 13.81
C TYR DA 483 62.23 -66.65 14.53
N GLY DA 484 61.15 -66.63 13.76
CA GLY DA 484 59.83 -66.72 14.35
C GLY DA 484 58.76 -66.44 13.32
N ASN DA 485 57.52 -66.59 13.77
CA ASN DA 485 56.35 -66.34 12.93
C ASN DA 485 56.06 -64.84 12.93
N PHE DA 486 56.28 -64.20 11.80
CA PHE DA 486 56.13 -62.74 11.70
C PHE DA 486 54.70 -62.29 11.57
N GLN DA 487 53.70 -63.14 11.81
CA GLN DA 487 52.32 -62.66 11.77
C GLN DA 487 51.92 -61.93 13.04
N ASN DA 488 52.74 -62.00 14.09
CA ASN DA 488 52.44 -61.35 15.36
C ASN DA 488 53.04 -59.95 15.45
N TYR DA 489 53.73 -59.50 14.41
CA TYR DA 489 54.28 -58.15 14.35
C TYR DA 489 53.33 -57.32 13.50
N VAL DA 490 52.47 -56.55 14.16
CA VAL DA 490 51.41 -55.81 13.49
C VAL DA 490 51.84 -54.37 13.31
N ILE DA 491 51.81 -53.89 12.07
CA ILE DA 491 52.11 -52.51 11.74
C ILE DA 491 50.81 -51.83 11.34
N ALA DA 492 50.45 -50.78 12.05
CA ALA DA 492 49.22 -50.04 11.80
C ALA DA 492 49.53 -48.85 10.89
N ASP DA 493 48.91 -48.83 9.72
CA ASP DA 493 49.11 -47.75 8.76
C ASP DA 493 47.90 -46.82 8.76
N ARG DA 494 48.17 -45.53 8.92
CA ARG DA 494 47.12 -44.51 8.97
C ARG DA 494 47.16 -43.60 7.76
N ILE DA 495 48.31 -42.98 7.49
CA ILE DA 495 48.45 -42.02 6.39
C ILE DA 495 49.78 -42.28 5.70
N GLY DA 496 49.77 -42.21 4.37
CA GLY DA 496 50.98 -42.31 3.59
C GLY DA 496 51.76 -41.01 3.59
N MET DA 497 52.79 -40.97 2.75
CA MET DA 497 53.56 -39.74 2.61
C MET DA 497 52.76 -38.71 1.82
N THR DA 498 52.51 -37.57 2.45
CA THR DA 498 51.81 -36.46 1.82
C THR DA 498 52.70 -35.24 1.85
N VAL DA 499 52.77 -34.53 0.73
CA VAL DA 499 53.60 -33.34 0.57
C VAL DA 499 52.69 -32.16 0.31
N GLU DA 500 52.85 -31.10 1.09
CA GLU DA 500 52.07 -29.88 0.95
C GLU DA 500 52.99 -28.71 0.64
N PHE DA 501 52.56 -27.86 -0.28
CA PHE DA 501 53.35 -26.73 -0.74
C PHE DA 501 52.84 -25.47 -0.05
N ILE DA 502 53.70 -24.84 0.74
CA ILE DA 502 53.35 -23.62 1.47
C ILE DA 502 53.75 -22.43 0.61
N PRO DA 503 52.83 -21.53 0.26
CA PRO DA 503 53.16 -20.46 -0.68
C PRO DA 503 54.09 -19.39 -0.10
N HIS DA 504 54.02 -19.11 1.20
CA HIS DA 504 54.75 -17.97 1.75
C HIS DA 504 55.27 -18.30 3.13
N LEU DA 505 56.51 -17.88 3.41
CA LEU DA 505 57.10 -17.91 4.73
C LEU DA 505 57.41 -16.49 5.18
N PHE DA 506 57.22 -16.24 6.47
CA PHE DA 506 57.30 -14.90 7.01
C PHE DA 506 58.55 -14.71 7.86
N GLY DA 507 59.03 -13.47 7.90
CA GLY DA 507 60.23 -13.14 8.63
C GLY DA 507 59.96 -12.83 10.09
N THR DA 508 60.97 -12.28 10.74
CA THR DA 508 60.87 -12.01 12.17
C THR DA 508 59.90 -10.87 12.47
N ASN DA 509 59.59 -10.03 11.49
CA ASN DA 509 58.65 -8.92 11.67
C ASN DA 509 57.32 -9.13 10.96
N ARG DA 510 56.87 -10.39 10.84
CA ARG DA 510 55.51 -10.72 10.39
C ARG DA 510 55.27 -10.27 8.95
N ARG DA 511 56.31 -10.32 8.12
CA ARG DA 511 56.19 -9.83 6.76
C ARG DA 511 56.89 -10.77 5.78
N PRO DA 512 56.45 -10.81 4.52
CA PRO DA 512 57.05 -11.73 3.55
C PRO DA 512 58.52 -11.40 3.30
N ASN DA 513 59.28 -12.44 2.93
CA ASN DA 513 60.67 -12.27 2.51
C ASN DA 513 60.99 -12.97 1.21
N GLY DA 514 59.98 -13.52 0.53
CA GLY DA 514 60.21 -14.22 -0.73
C GLY DA 514 60.75 -15.62 -0.53
N SER DA 515 59.99 -16.45 0.19
CA SER DA 515 60.43 -17.81 0.49
C SER DA 515 59.22 -18.74 0.44
N ARG DA 516 59.49 -20.00 0.09
CA ARG DA 516 58.48 -21.05 0.06
C ARG DA 516 59.09 -22.32 0.62
N GLY DA 517 58.25 -23.31 0.90
CA GLY DA 517 58.71 -24.55 1.48
C GLY DA 517 57.81 -25.71 1.16
N TRP DA 518 58.36 -26.91 1.34
CA TRP DA 518 57.63 -28.16 1.19
C TRP DA 518 57.51 -28.84 2.54
N PHE DA 519 56.29 -29.12 2.95
CA PHE DA 519 56.02 -29.80 4.21
C PHE DA 519 55.62 -31.24 3.93
N ALA DA 520 56.22 -32.17 4.66
CA ALA DA 520 55.92 -33.59 4.49
C ALA DA 520 55.77 -34.22 5.86
N TYR DA 521 54.79 -35.11 6.00
CA TYR DA 521 54.53 -35.80 7.26
C TYR DA 521 53.99 -37.19 6.97
N TYR DA 522 54.08 -38.05 7.98
CA TYR DA 522 53.75 -39.47 7.82
C TYR DA 522 53.39 -40.03 9.19
N ARG DA 523 52.41 -40.95 9.20
CA ARG DA 523 51.90 -41.52 10.44
C ARG DA 523 51.82 -43.03 10.33
N MET DA 524 52.32 -43.73 11.34
CA MET DA 524 52.23 -45.18 11.41
C MET DA 524 52.49 -45.63 12.85
N GLY DA 525 52.29 -46.91 13.10
CA GLY DA 525 52.58 -47.49 14.39
C GLY DA 525 52.73 -48.99 14.28
N ALA DA 526 53.55 -49.56 15.16
CA ALA DA 526 53.81 -50.99 15.13
C ALA DA 526 54.25 -51.46 16.50
N ASP DA 527 54.02 -52.74 16.77
CA ASP DA 527 54.37 -53.37 18.03
C ASP DA 527 54.18 -54.88 17.84
N VAL DA 528 54.55 -55.65 18.86
CA VAL DA 528 54.46 -57.11 18.83
C VAL DA 528 53.20 -57.52 19.59
N VAL DA 529 52.44 -58.45 19.01
CA VAL DA 529 51.21 -58.91 19.64
C VAL DA 529 51.48 -60.03 20.62
N ASN DA 530 52.03 -61.15 20.14
CA ASN DA 530 52.31 -62.31 20.98
C ASN DA 530 53.81 -62.54 21.03
N PRO DA 531 54.45 -62.34 22.18
CA PRO DA 531 55.92 -62.34 22.25
C PRO DA 531 56.57 -63.71 22.38
N ASN DA 532 55.81 -64.80 22.37
CA ASN DA 532 56.38 -66.13 22.52
C ASN DA 532 56.56 -66.84 21.19
N ALA DA 533 56.37 -66.15 20.08
CA ALA DA 533 56.49 -66.73 18.75
C ALA DA 533 57.80 -66.38 18.07
N PHE DA 534 58.82 -66.00 18.84
CA PHE DA 534 60.13 -65.65 18.28
C PHE DA 534 61.22 -66.22 19.18
N ARG DA 535 62.43 -66.33 18.63
CA ARG DA 535 63.56 -66.96 19.32
C ARG DA 535 64.82 -66.13 19.14
N LEU DA 536 64.74 -64.84 19.44
CA LEU DA 536 65.88 -63.95 19.28
C LEU DA 536 67.07 -64.44 20.11
N LEU DA 537 68.27 -64.24 19.56
CA LEU DA 537 69.53 -64.69 20.15
C LEU DA 537 70.45 -63.50 20.39
N ASN DA 538 71.11 -63.47 21.54
CA ASN DA 538 72.10 -62.45 21.86
C ASN DA 538 73.39 -63.12 22.28
N VAL DA 539 74.52 -62.58 21.82
CA VAL DA 539 75.84 -63.06 22.24
C VAL DA 539 76.34 -62.10 23.30
N GLU DA 540 76.03 -62.41 24.56
CA GLU DA 540 76.36 -61.56 25.70
C GLU DA 540 77.87 -61.57 25.90
N THR DA 541 78.53 -60.48 25.53
CA THR DA 541 79.96 -60.35 25.68
C THR DA 541 80.30 -59.59 26.95
N ALA DA 542 81.31 -60.07 27.68
CA ALA DA 542 81.75 -59.40 28.89
C ALA DA 542 82.64 -58.22 28.56
N SER DA 543 82.86 -57.36 29.55
CA SER DA 543 83.70 -56.18 29.38
C SER DA 543 85.17 -56.57 29.37
N MET EA 251 44.02 -27.76 21.05
CA MET EA 251 42.99 -28.76 20.83
C MET EA 251 43.52 -29.93 20.01
N GLY EA 252 44.17 -30.88 20.68
CA GLY EA 252 44.75 -32.02 19.99
C GLY EA 252 44.35 -33.35 20.57
N LEU EA 253 45.33 -34.23 20.80
CA LEU EA 253 45.09 -35.56 21.32
C LEU EA 253 45.02 -35.61 22.84
N THR EA 254 45.32 -34.51 23.53
CA THR EA 254 45.15 -34.50 24.97
C THR EA 254 43.70 -34.83 25.30
N LYS EA 255 43.52 -35.75 26.25
CA LYS EA 255 42.21 -36.36 26.44
C LYS EA 255 41.14 -35.33 26.76
N ALA EA 256 41.38 -34.50 27.77
CA ALA EA 256 40.43 -33.46 28.15
C ALA EA 256 40.35 -32.33 27.14
N ASP EA 257 41.29 -32.26 26.18
CA ASP EA 257 41.31 -31.20 25.18
C ASP EA 257 40.65 -31.63 23.88
N GLY EA 258 39.70 -32.55 23.93
CA GLY EA 258 38.98 -33.00 22.75
C GLY EA 258 39.20 -34.45 22.38
N GLY EA 259 39.96 -35.23 23.14
CA GLY EA 259 40.19 -36.62 22.79
C GLY EA 259 39.01 -37.52 23.02
N TYR EA 260 37.97 -37.02 23.69
CA TYR EA 260 36.78 -37.81 23.94
C TYR EA 260 35.93 -38.00 22.69
N LEU EA 261 36.24 -37.31 21.60
CA LEU EA 261 35.44 -37.44 20.39
C LEU EA 261 35.92 -38.56 19.47
N VAL EA 262 37.08 -39.14 19.73
CA VAL EA 262 37.58 -40.20 18.85
C VAL EA 262 36.83 -41.50 19.13
N PRO EA 263 36.52 -42.30 18.12
CA PRO EA 263 35.88 -43.60 18.38
C PRO EA 263 36.89 -44.64 18.85
N PHE EA 264 36.36 -45.75 19.32
CA PHE EA 264 37.16 -46.85 19.84
C PHE EA 264 37.32 -47.95 18.80
N GLN EA 265 38.56 -48.34 18.54
CA GLN EA 265 38.88 -49.40 17.60
C GLN EA 265 39.15 -50.69 18.36
N LEU EA 266 38.54 -51.79 17.92
CA LEU EA 266 38.69 -53.06 18.59
C LEU EA 266 38.61 -54.18 17.55
N ASP EA 267 39.48 -55.18 17.70
CA ASP EA 267 39.45 -56.35 16.84
C ASP EA 267 38.84 -57.51 17.62
N PRO EA 268 37.62 -57.94 17.29
CA PRO EA 268 36.98 -58.99 18.09
C PRO EA 268 37.71 -60.32 18.08
N THR EA 269 38.40 -60.66 17.00
CA THR EA 269 39.07 -61.95 16.90
C THR EA 269 40.16 -62.07 17.96
N VAL EA 270 40.16 -63.19 18.67
CA VAL EA 270 41.07 -63.41 19.79
C VAL EA 270 42.34 -64.07 19.29
N ILE EA 271 43.46 -63.76 19.92
CA ILE EA 271 44.76 -64.31 19.58
C ILE EA 271 45.11 -65.38 20.61
N ILE EA 272 45.29 -66.61 20.14
CA ILE EA 272 45.65 -67.71 21.03
C ILE EA 272 47.14 -67.64 21.34
N THR EA 273 47.48 -67.57 22.62
CA THR EA 273 48.88 -67.50 23.02
C THR EA 273 49.27 -68.75 23.81
N SER EA 274 48.82 -69.91 23.34
CA SER EA 274 49.16 -71.18 23.94
C SER EA 274 50.06 -71.97 23.01
N ASN EA 275 51.05 -72.65 23.58
CA ASN EA 275 51.97 -73.44 22.77
C ASN EA 275 51.23 -74.57 22.06
N GLY EA 276 50.31 -75.23 22.75
CA GLY EA 276 49.63 -76.35 22.13
C GLY EA 276 50.56 -77.55 22.02
N SER EA 277 50.17 -78.50 21.18
CA SER EA 277 50.98 -79.68 20.95
C SER EA 277 50.61 -80.32 19.62
N LEU EA 278 51.59 -80.95 19.00
CA LEU EA 278 51.42 -81.65 17.73
C LEU EA 278 51.80 -83.11 17.93
N ASN EA 279 51.02 -84.03 17.36
CA ASN EA 279 51.26 -85.44 17.55
C ASN EA 279 51.04 -86.18 16.24
N ASP EA 280 51.62 -87.37 16.14
CA ASP EA 280 51.45 -88.24 14.98
C ASP EA 280 51.04 -89.66 15.36
N ILE EA 281 50.81 -89.93 16.64
CA ILE EA 281 50.46 -91.29 17.06
C ILE EA 281 49.13 -91.70 16.43
N ARG EA 282 48.15 -90.80 16.41
CA ARG EA 282 46.85 -91.14 15.84
C ARG EA 282 46.93 -91.52 14.37
N ARG EA 283 47.87 -90.94 13.62
CA ARG EA 283 47.97 -91.24 12.19
C ARG EA 283 48.49 -92.66 11.95
N PHE EA 284 49.31 -93.19 12.86
CA PHE EA 284 49.88 -94.52 12.69
C PHE EA 284 49.19 -95.60 13.51
N ALA EA 285 48.29 -95.24 14.41
CA ALA EA 285 47.73 -96.20 15.36
C ALA EA 285 46.48 -96.85 14.81
N ARG EA 286 46.09 -97.96 15.46
CA ARG EA 286 44.83 -98.61 15.17
C ARG EA 286 43.72 -98.04 16.06
N GLN EA 287 42.57 -97.79 15.45
CA GLN EA 287 41.47 -97.12 16.11
C GLN EA 287 40.28 -98.08 16.20
N VAL EA 288 39.71 -98.20 17.39
CA VAL EA 288 38.62 -99.15 17.67
C VAL EA 288 37.50 -98.41 18.39
N VAL EA 289 36.27 -98.75 18.03
CA VAL EA 289 35.07 -98.17 18.64
C VAL EA 289 34.64 -99.04 19.80
N ALA EA 290 34.61 -98.46 21.00
CA ALA EA 290 34.26 -99.18 22.22
C ALA EA 290 32.80 -98.94 22.55
N THR EA 291 32.08 -100.03 22.84
CA THR EA 291 30.65 -99.96 23.12
C THR EA 291 30.35 -99.98 24.61
N GLY EA 292 31.34 -100.14 25.47
CA GLY EA 292 31.11 -100.29 26.89
C GLY EA 292 32.32 -99.92 27.73
N ASP EA 293 32.44 -100.56 28.89
CA ASP EA 293 33.50 -100.20 29.84
C ASP EA 293 34.87 -100.61 29.33
N VAL EA 294 35.03 -101.86 28.88
CA VAL EA 294 36.33 -102.43 28.57
C VAL EA 294 36.26 -103.13 27.22
N TRP EA 295 37.32 -102.99 26.43
CA TRP EA 295 37.47 -103.69 25.17
C TRP EA 295 38.46 -104.83 25.34
N HIS EA 296 38.05 -106.03 24.89
CA HIS EA 296 38.83 -107.24 25.08
C HIS EA 296 39.27 -107.80 23.74
N GLY EA 297 40.43 -108.47 23.74
CA GLY EA 297 40.98 -109.03 22.54
C GLY EA 297 41.54 -110.42 22.80
N VAL EA 298 42.03 -111.05 21.74
CA VAL EA 298 42.58 -112.40 21.80
C VAL EA 298 43.96 -112.40 21.16
N SER EA 299 44.92 -113.05 21.82
CA SER EA 299 46.28 -113.15 21.30
C SER EA 299 46.74 -114.60 21.43
N SER EA 300 47.65 -115.00 20.54
CA SER EA 300 48.09 -116.40 20.51
C SER EA 300 49.49 -116.50 19.93
N ALA EA 301 50.15 -117.61 20.25
CA ALA EA 301 51.41 -118.00 19.63
C ALA EA 301 51.12 -118.95 18.47
N ALA EA 302 52.17 -119.61 17.95
CA ALA EA 302 52.04 -120.51 16.82
C ALA EA 302 52.36 -121.94 17.23
N VAL EA 303 51.88 -122.90 16.43
CA VAL EA 303 52.09 -124.31 16.70
C VAL EA 303 53.56 -124.65 16.47
N GLN EA 304 54.14 -125.43 17.39
CA GLN EA 304 55.54 -125.83 17.32
C GLN EA 304 55.62 -127.20 16.65
N TRP EA 305 56.26 -127.22 15.47
CA TRP EA 305 56.48 -128.47 14.75
C TRP EA 305 57.74 -129.17 15.28
N SER EA 306 58.01 -130.35 14.73
CA SER EA 306 59.20 -131.10 15.12
C SER EA 306 59.52 -132.11 14.03
N TRP EA 307 60.77 -132.58 14.01
CA TRP EA 307 61.22 -133.56 13.06
C TRP EA 307 61.15 -134.94 13.70
N ASP EA 308 60.37 -135.83 13.10
CA ASP EA 308 60.13 -137.16 13.63
C ASP EA 308 60.55 -138.22 12.61
N ALA EA 309 60.88 -139.40 13.13
CA ALA EA 309 61.28 -140.52 12.29
C ALA EA 309 60.03 -141.31 11.89
N GLU EA 310 60.24 -142.47 11.28
CA GLU EA 310 59.13 -143.31 10.86
C GLU EA 310 58.58 -144.10 12.04
N PHE EA 311 57.26 -144.22 12.11
CA PHE EA 311 56.58 -144.97 13.16
C PHE EA 311 56.94 -144.45 14.55
N GLU EA 312 56.70 -143.16 14.76
CA GLU EA 312 56.94 -142.51 16.04
C GLU EA 312 55.76 -141.63 16.40
N GLU EA 313 55.27 -141.77 17.63
CA GLU EA 313 54.12 -141.01 18.07
C GLU EA 313 54.45 -139.52 18.11
N VAL EA 314 53.48 -138.70 17.71
CA VAL EA 314 53.69 -137.26 17.60
C VAL EA 314 53.55 -136.63 18.97
N SER EA 315 54.11 -135.43 19.11
CA SER EA 315 54.04 -134.69 20.35
C SER EA 315 52.73 -133.91 20.44
N ASP EA 316 52.40 -133.47 21.66
CA ASP EA 316 51.20 -132.70 21.91
C ASP EA 316 51.57 -131.22 21.79
N ASP EA 317 50.99 -130.54 20.81
CA ASP EA 317 51.39 -129.19 20.44
C ASP EA 317 50.23 -128.20 20.56
N SER EA 318 49.53 -128.23 21.70
CA SER EA 318 48.42 -127.32 21.90
C SER EA 318 48.93 -125.88 22.03
N PRO EA 319 48.29 -124.92 21.35
CA PRO EA 319 48.72 -123.53 21.45
C PRO EA 319 48.06 -122.79 22.61
N GLU EA 320 48.75 -121.73 23.05
CA GLU EA 320 48.35 -120.96 24.21
C GLU EA 320 47.66 -119.67 23.76
N PHE EA 321 46.75 -119.16 24.59
CA PHE EA 321 45.94 -118.00 24.22
C PHE EA 321 45.94 -116.99 25.36
N GLY EA 322 45.75 -115.73 24.98
CA GLY EA 322 45.77 -114.64 25.94
C GLY EA 322 44.68 -113.63 25.63
N GLN EA 323 44.34 -112.84 26.65
CA GLN EA 323 43.25 -111.86 26.59
C GLN EA 323 43.78 -110.47 26.93
N PRO EA 324 44.17 -109.67 25.93
CA PRO EA 324 44.50 -108.27 26.20
C PRO EA 324 43.28 -107.49 26.66
N GLU EA 325 43.54 -106.47 27.49
CA GLU EA 325 42.48 -105.71 28.15
C GLU EA 325 42.76 -104.22 28.00
N ILE EA 326 41.71 -103.44 27.71
CA ILE EA 326 41.86 -102.00 27.52
C ILE EA 326 40.77 -101.26 28.28
N PRO EA 327 41.10 -100.57 29.37
CA PRO EA 327 40.09 -99.80 30.10
C PRO EA 327 39.76 -98.50 29.38
N VAL EA 328 38.67 -97.88 29.83
CA VAL EA 328 38.21 -96.60 29.31
C VAL EA 328 38.09 -95.63 30.48
N LYS EA 329 38.72 -94.46 30.35
CA LYS EA 329 38.77 -93.46 31.41
C LYS EA 329 38.22 -92.14 30.92
N LYS EA 330 38.04 -91.20 31.85
CA LYS EA 330 37.29 -89.98 31.62
C LYS EA 330 38.07 -88.76 32.09
N ALA EA 331 37.97 -87.68 31.31
CA ALA EA 331 38.60 -86.40 31.61
C ALA EA 331 37.58 -85.29 31.41
N GLN EA 332 37.72 -84.20 32.19
CA GLN EA 332 36.71 -83.17 32.19
C GLN EA 332 37.33 -81.82 32.53
N GLY EA 333 36.63 -80.76 32.13
CA GLY EA 333 37.03 -79.40 32.48
C GLY EA 333 35.80 -78.52 32.61
N PHE EA 334 35.88 -77.53 33.49
CA PHE EA 334 34.73 -76.73 33.85
C PHE EA 334 35.11 -75.25 33.89
N VAL EA 335 34.23 -74.41 33.37
CA VAL EA 335 34.46 -72.96 33.30
C VAL EA 335 33.30 -72.22 33.93
N PRO EA 336 33.48 -71.60 35.10
CA PRO EA 336 32.38 -70.86 35.71
C PRO EA 336 32.36 -69.39 35.29
N ILE EA 337 31.18 -68.87 35.00
CA ILE EA 337 31.02 -67.50 34.54
C ILE EA 337 29.96 -66.81 35.41
N SER EA 338 29.94 -65.49 35.34
CA SER EA 338 28.96 -64.69 36.05
C SER EA 338 27.81 -64.30 35.12
N ILE EA 339 26.69 -63.90 35.73
CA ILE EA 339 25.55 -63.44 34.94
C ILE EA 339 25.90 -62.16 34.20
N GLU EA 340 26.56 -61.23 34.90
CA GLU EA 340 26.91 -59.96 34.26
C GLU EA 340 27.85 -60.18 33.08
N ALA EA 341 28.84 -61.05 33.25
CA ALA EA 341 29.75 -61.35 32.16
C ALA EA 341 29.02 -62.01 31.00
N LEU EA 342 28.09 -62.91 31.31
CA LEU EA 342 27.30 -63.57 30.28
C LEU EA 342 26.43 -62.59 29.50
N GLN EA 343 25.90 -61.56 30.15
CA GLN EA 343 25.00 -60.63 29.49
C GLN EA 343 25.70 -59.45 28.83
N ASP EA 344 26.88 -59.07 29.29
CA ASP EA 344 27.59 -57.93 28.73
C ASP EA 344 28.63 -58.33 27.69
N GLU EA 345 29.52 -59.27 28.04
CA GLU EA 345 30.56 -59.68 27.11
C GLU EA 345 29.94 -60.42 25.92
N ALA EA 346 30.42 -60.11 24.73
CA ALA EA 346 29.81 -60.60 23.50
C ALA EA 346 30.54 -61.83 22.98
N ASN EA 347 29.76 -62.76 22.40
CA ASN EA 347 30.30 -63.95 21.76
C ASN EA 347 31.15 -64.78 22.72
N VAL EA 348 30.70 -64.86 23.97
CA VAL EA 348 31.44 -65.65 24.97
C VAL EA 348 31.33 -67.13 24.68
N THR EA 349 30.15 -67.60 24.26
CA THR EA 349 29.92 -69.04 24.15
C THR EA 349 30.82 -69.67 23.10
N GLU EA 350 30.89 -69.05 21.91
CA GLU EA 350 31.73 -69.60 20.85
C GLU EA 350 33.20 -69.57 21.23
N THR EA 351 33.64 -68.48 21.85
CA THR EA 351 35.04 -68.39 22.28
C THR EA 351 35.38 -69.46 23.30
N VAL EA 352 34.48 -69.68 24.26
CA VAL EA 352 34.70 -70.72 25.26
C VAL EA 352 34.72 -72.09 24.61
N ALA EA 353 33.86 -72.32 23.61
CA ALA EA 353 33.89 -73.59 22.90
C ALA EA 353 35.21 -73.80 22.17
N LEU EA 354 35.73 -72.74 21.55
CA LEU EA 354 37.03 -72.83 20.88
C LEU EA 354 38.13 -73.15 21.87
N LEU EA 355 38.12 -72.49 23.04
CA LEU EA 355 39.13 -72.76 24.05
C LEU EA 355 39.01 -74.19 24.56
N PHE EA 356 37.79 -74.68 24.73
CA PHE EA 356 37.59 -76.07 25.14
C PHE EA 356 38.17 -77.04 24.11
N ALA EA 357 37.92 -76.78 22.83
CA ALA EA 357 38.47 -77.64 21.79
C ALA EA 357 39.99 -77.64 21.81
N GLU EA 358 40.59 -76.45 21.93
CA GLU EA 358 42.05 -76.37 21.99
C GLU EA 358 42.61 -77.13 23.18
N GLY EA 359 41.98 -76.98 24.34
CA GLY EA 359 42.46 -77.68 25.52
C GLY EA 359 42.33 -79.18 25.39
N LYS EA 360 41.21 -79.66 24.84
CA LYS EA 360 41.05 -81.09 24.65
C LYS EA 360 42.11 -81.63 23.70
N ASP EA 361 42.38 -80.92 22.61
CA ASP EA 361 43.39 -81.37 21.68
C ASP EA 361 44.76 -81.43 22.34
N GLU EA 362 45.09 -80.41 23.12
CA GLU EA 362 46.39 -80.39 23.80
C GLU EA 362 46.51 -81.56 24.78
N LEU EA 363 45.45 -81.81 25.56
CA LEU EA 363 45.50 -82.90 26.54
C LEU EA 363 45.63 -84.25 25.85
N GLU EA 364 44.84 -84.48 24.79
CA GLU EA 364 44.92 -85.77 24.12
C GLU EA 364 46.30 -85.97 23.48
N ALA EA 365 46.85 -84.92 22.87
CA ALA EA 365 48.16 -85.03 22.26
C ALA EA 365 49.24 -85.35 23.29
N VAL EA 366 49.20 -84.68 24.45
CA VAL EA 366 50.24 -84.92 25.44
C VAL EA 366 50.07 -86.29 26.09
N THR EA 367 48.83 -86.77 26.22
CA THR EA 367 48.60 -88.01 26.95
C THR EA 367 48.73 -89.24 26.07
N LEU EA 368 48.57 -89.11 24.75
CA LEU EA 368 48.81 -90.25 23.88
C LEU EA 368 50.26 -90.70 23.92
N THR EA 369 51.19 -89.79 24.23
CA THR EA 369 52.61 -90.11 24.26
C THR EA 369 53.04 -90.62 25.63
N THR EA 370 52.74 -89.88 26.70
CA THR EA 370 53.12 -90.26 28.06
C THR EA 370 51.85 -90.37 28.89
N GLY EA 371 51.23 -91.55 28.85
CA GLY EA 371 50.09 -91.85 29.70
C GLY EA 371 50.56 -92.64 30.91
N THR EA 372 50.13 -92.19 32.08
CA THR EA 372 50.63 -92.77 33.33
C THR EA 372 50.29 -94.26 33.44
N GLY EA 373 49.06 -94.63 33.07
CA GLY EA 373 48.64 -96.01 33.22
C GLY EA 373 47.96 -96.25 34.55
N GLN EA 374 48.65 -95.95 35.64
CA GLN EA 374 48.03 -96.03 36.95
C GLN EA 374 47.14 -94.80 37.18
N GLY EA 375 46.42 -94.81 38.29
CA GLY EA 375 45.54 -93.69 38.60
C GLY EA 375 44.38 -93.62 37.63
N ASN EA 376 44.14 -92.42 37.11
CA ASN EA 376 42.99 -92.15 36.26
C ASN EA 376 43.37 -91.88 34.81
N GLN EA 377 44.62 -92.13 34.43
CA GLN EA 377 45.06 -91.79 33.08
C GLN EA 377 45.25 -93.05 32.23
N PRO EA 378 45.04 -92.95 30.93
CA PRO EA 378 45.27 -94.10 30.05
C PRO EA 378 46.74 -94.46 29.94
N THR EA 379 47.06 -95.45 29.12
CA THR EA 379 48.43 -95.92 28.95
C THR EA 379 49.01 -95.29 27.69
N GLY EA 380 50.15 -94.62 27.83
CA GLY EA 380 50.83 -94.04 26.71
C GLY EA 380 51.74 -95.03 26.02
N ILE EA 381 52.25 -94.62 24.86
CA ILE EA 381 53.17 -95.47 24.11
C ILE EA 381 54.51 -95.58 24.82
N VAL EA 382 54.98 -94.48 25.40
CA VAL EA 382 56.30 -94.49 26.04
C VAL EA 382 56.27 -95.30 27.33
N THR EA 383 55.23 -95.11 28.14
CA THR EA 383 55.20 -95.76 29.45
C THR EA 383 55.06 -97.27 29.32
N ALA EA 384 54.26 -97.74 28.36
CA ALA EA 384 54.05 -99.17 28.19
C ALA EA 384 55.32 -99.88 27.76
N LEU EA 385 56.34 -99.15 27.33
CA LEU EA 385 57.60 -99.74 26.88
C LEU EA 385 58.75 -99.45 27.84
N ALA EA 386 58.43 -99.01 29.06
CA ALA EA 386 59.43 -98.78 30.09
C ALA EA 386 59.43 -99.96 31.04
N GLY EA 387 60.61 -100.54 31.26
CA GLY EA 387 60.74 -101.74 32.06
C GLY EA 387 60.52 -103.02 31.31
N THR EA 388 59.98 -102.95 30.09
CA THR EA 388 59.77 -104.11 29.24
C THR EA 388 61.07 -104.41 28.49
N ALA EA 389 61.15 -105.61 27.91
CA ALA EA 389 62.34 -106.00 27.15
C ALA EA 389 62.58 -105.10 25.96
N ALA EA 390 61.58 -104.32 25.54
CA ALA EA 390 61.77 -103.38 24.44
C ALA EA 390 62.73 -102.25 24.78
N GLU EA 391 62.97 -102.00 26.07
CA GLU EA 391 63.87 -100.94 26.47
C GLU EA 391 65.31 -101.29 26.14
N ILE EA 392 66.02 -100.36 25.49
CA ILE EA 392 67.40 -100.57 25.08
C ILE EA 392 68.28 -99.48 25.68
N ALA EA 393 69.52 -99.86 25.99
CA ALA EA 393 70.50 -98.95 26.57
C ALA EA 393 71.53 -98.54 25.51
N PRO EA 394 72.06 -97.32 25.60
CA PRO EA 394 73.04 -96.86 24.61
C PRO EA 394 74.34 -97.64 24.73
N VAL EA 395 75.09 -97.63 23.62
CA VAL EA 395 76.35 -98.36 23.56
C VAL EA 395 77.31 -97.85 24.63
N THR EA 396 77.42 -96.53 24.76
CA THR EA 396 78.17 -95.89 25.82
C THR EA 396 77.23 -95.06 26.68
N ALA EA 397 77.53 -94.99 27.98
CA ALA EA 397 76.64 -94.35 28.93
C ALA EA 397 76.60 -92.84 28.71
N GLU EA 398 75.43 -92.25 28.95
CA GLU EA 398 75.25 -90.80 28.98
C GLU EA 398 75.62 -90.14 27.66
N THR EA 399 75.40 -90.85 26.55
CA THR EA 399 75.79 -90.33 25.25
C THR EA 399 74.88 -90.90 24.17
N PHE EA 400 74.48 -90.03 23.24
CA PHE EA 400 73.67 -90.41 22.09
C PHE EA 400 74.54 -90.31 20.84
N ALA EA 401 74.86 -91.46 20.25
CA ALA EA 401 75.70 -91.52 19.06
C ALA EA 401 74.90 -92.10 17.90
N LEU EA 402 75.58 -92.28 16.76
CA LEU EA 402 74.89 -92.81 15.58
C LEU EA 402 74.51 -94.27 15.77
N ALA EA 403 75.35 -95.06 16.44
CA ALA EA 403 75.12 -96.49 16.55
C ALA EA 403 73.81 -96.81 17.27
N ASP EA 404 73.32 -95.88 18.10
CA ASP EA 404 72.08 -96.12 18.83
C ASP EA 404 70.89 -96.23 17.89
N VAL EA 405 70.86 -95.41 16.83
CA VAL EA 405 69.78 -95.46 15.86
C VAL EA 405 69.74 -96.83 15.19
N TYR EA 406 70.90 -97.30 14.74
CA TYR EA 406 70.97 -98.62 14.12
C TYR EA 406 70.58 -99.71 15.09
N ALA EA 407 71.02 -99.59 16.35
CA ALA EA 407 70.68 -100.60 17.34
C ALA EA 407 69.18 -100.67 17.56
N VAL EA 408 68.52 -99.52 17.63
CA VAL EA 408 67.07 -99.51 17.78
C VAL EA 408 66.41 -100.14 16.57
N TYR EA 409 66.91 -99.83 15.37
CA TYR EA 409 66.24 -100.31 14.16
C TYR EA 409 66.45 -101.81 13.94
N GLU EA 410 67.57 -102.36 14.38
CA GLU EA 410 68.00 -103.68 13.93
C GLU EA 410 67.58 -104.83 14.84
N GLN EA 411 67.39 -104.57 16.14
CA GLN EA 411 67.07 -105.66 17.06
C GLN EA 411 65.65 -106.16 16.91
N LEU EA 412 64.79 -105.44 16.20
CA LEU EA 412 63.38 -105.77 16.09
C LEU EA 412 63.16 -106.76 14.93
N ALA EA 413 62.17 -107.62 15.10
CA ALA EA 413 61.95 -108.72 14.17
C ALA EA 413 61.52 -108.21 12.80
N ALA EA 414 61.89 -108.95 11.76
CA ALA EA 414 61.66 -108.51 10.39
C ALA EA 414 60.17 -108.46 10.07
N ARG EA 415 59.36 -109.29 10.73
CA ARG EA 415 57.93 -109.27 10.46
C ARG EA 415 57.32 -107.91 10.76
N HIS EA 416 57.87 -107.19 11.74
CA HIS EA 416 57.42 -105.85 12.06
C HIS EA 416 58.42 -104.77 11.64
N ARG EA 417 59.68 -105.13 11.41
CA ARG EA 417 60.66 -104.14 11.01
C ARG EA 417 60.37 -103.62 9.60
N ARG EA 418 59.84 -104.47 8.73
CA ARG EA 418 59.44 -104.04 7.40
C ARG EA 418 58.19 -103.18 7.41
N GLN EA 419 57.46 -103.12 8.53
CA GLN EA 419 56.31 -102.23 8.69
C GLN EA 419 56.50 -101.47 10.00
N GLY EA 420 57.23 -100.36 9.95
CA GLY EA 420 57.47 -99.57 11.14
C GLY EA 420 57.66 -98.12 10.79
N ALA EA 421 57.70 -97.28 11.84
CA ALA EA 421 57.86 -95.85 11.64
C ALA EA 421 58.64 -95.28 12.81
N TRP EA 422 59.27 -94.14 12.56
CA TRP EA 422 60.03 -93.43 13.57
C TRP EA 422 59.16 -92.36 14.22
N LEU EA 423 59.34 -92.17 15.52
CA LEU EA 423 58.59 -91.18 16.28
C LEU EA 423 59.48 -90.63 17.38
N ALA EA 424 59.85 -89.35 17.25
CA ALA EA 424 60.72 -88.72 18.23
C ALA EA 424 60.54 -87.21 18.13
N ASN EA 425 61.15 -86.50 19.08
CA ASN EA 425 61.08 -85.05 19.17
C ASN EA 425 61.94 -84.41 18.10
N ASN EA 426 61.65 -83.14 17.81
CA ASN EA 426 62.41 -82.41 16.80
C ASN EA 426 63.86 -82.21 17.19
N LEU EA 427 64.13 -82.06 18.49
CA LEU EA 427 65.51 -81.93 18.94
C LEU EA 427 66.32 -83.16 18.60
N ILE EA 428 65.72 -84.35 18.76
CA ILE EA 428 66.43 -85.59 18.43
C ILE EA 428 66.77 -85.64 16.96
N TYR EA 429 65.81 -85.27 16.09
CA TYR EA 429 66.09 -85.27 14.66
C TYR EA 429 67.18 -84.26 14.32
N ASN EA 430 67.15 -83.09 14.96
CA ASN EA 430 68.19 -82.10 14.72
C ASN EA 430 69.56 -82.61 15.14
N LYS EA 431 69.64 -83.31 16.27
CA LYS EA 431 70.92 -83.89 16.68
C LYS EA 431 71.36 -84.97 15.71
N ILE EA 432 70.41 -85.72 15.14
CA ILE EA 432 70.75 -86.71 14.14
C ILE EA 432 71.36 -86.05 12.91
N ARG EA 433 70.81 -84.89 12.51
CA ARG EA 433 71.37 -84.17 11.39
C ARG EA 433 72.79 -83.68 11.65
N GLN EA 434 73.23 -83.65 12.91
CA GLN EA 434 74.52 -83.10 13.29
C GLN EA 434 75.60 -84.16 13.48
N PHE EA 435 75.28 -85.43 13.21
CA PHE EA 435 76.24 -86.51 13.49
C PHE EA 435 77.51 -86.39 12.64
N ASP EA 436 77.37 -86.26 11.33
CA ASP EA 436 78.53 -86.35 10.46
C ASP EA 436 79.08 -84.96 10.13
N THR EA 437 80.39 -84.90 9.96
CA THR EA 437 81.09 -83.67 9.65
C THR EA 437 81.96 -83.74 8.40
N GLN EA 438 82.43 -84.92 8.00
CA GLN EA 438 83.29 -85.06 6.84
C GLN EA 438 82.52 -85.46 5.58
N GLY EA 439 81.20 -85.34 5.60
CA GLY EA 439 80.42 -85.69 4.43
C GLY EA 439 80.44 -87.16 4.09
N GLY EA 440 80.31 -88.02 5.10
CA GLY EA 440 80.33 -89.46 4.88
C GLY EA 440 78.96 -90.08 4.74
N ALA EA 441 78.70 -91.14 5.50
CA ALA EA 441 77.43 -91.87 5.42
C ALA EA 441 76.40 -91.38 6.42
N GLY EA 442 76.73 -90.39 7.25
CA GLY EA 442 75.78 -89.91 8.24
C GLY EA 442 74.94 -88.76 7.74
N LEU EA 443 74.97 -88.52 6.43
CA LEU EA 443 74.26 -87.39 5.83
C LEU EA 443 72.79 -87.75 5.65
N TRP EA 444 71.95 -87.27 6.55
CA TRP EA 444 70.51 -87.31 6.30
C TRP EA 444 70.15 -86.28 5.25
N THR EA 445 70.41 -85.00 5.52
CA THR EA 445 70.25 -83.94 4.54
C THR EA 445 71.10 -82.75 5.00
N THR EA 446 71.66 -82.04 4.02
CA THR EA 446 72.49 -80.88 4.32
C THR EA 446 71.64 -79.76 4.89
N ILE EA 447 72.31 -78.77 5.49
CA ILE EA 447 71.62 -77.58 5.95
C ILE EA 447 71.03 -76.84 4.75
N GLY EA 448 69.92 -76.15 4.97
CA GLY EA 448 69.23 -75.44 3.92
C GLY EA 448 68.06 -76.16 3.31
N ASN EA 449 67.75 -77.38 3.77
CA ASN EA 449 66.61 -78.13 3.28
C ASN EA 449 65.67 -78.43 4.44
N GLY EA 450 64.42 -78.76 4.10
CA GLY EA 450 63.39 -78.98 5.09
C GLY EA 450 63.59 -80.30 5.83
N GLU EA 451 62.61 -80.59 6.67
CA GLU EA 451 62.66 -81.83 7.44
C GLU EA 451 62.46 -83.01 6.52
N PRO EA 452 63.42 -83.94 6.46
CA PRO EA 452 63.27 -85.09 5.56
C PRO EA 452 62.09 -85.96 5.97
N SER EA 453 61.49 -86.60 4.97
CA SER EA 453 60.30 -87.43 5.19
C SER EA 453 60.63 -88.88 5.48
N GLN EA 454 61.84 -89.34 5.21
CA GLN EA 454 62.19 -90.74 5.40
C GLN EA 454 63.50 -90.86 6.17
N LEU EA 455 63.57 -91.89 7.00
CA LEU EA 455 64.81 -92.32 7.65
C LEU EA 455 64.93 -93.83 7.47
N LEU EA 456 66.02 -94.27 6.85
CA LEU EA 456 66.24 -95.68 6.55
C LEU EA 456 65.11 -96.23 5.66
N GLY EA 457 64.52 -95.35 4.84
CA GLY EA 457 63.44 -95.74 3.97
C GLY EA 457 62.09 -95.89 4.63
N ARG EA 458 61.97 -95.49 5.88
CA ARG EA 458 60.76 -95.61 6.68
C ARG EA 458 60.14 -94.25 6.93
N PRO EA 459 58.83 -94.20 7.20
CA PRO EA 459 58.19 -92.91 7.50
C PRO EA 459 58.72 -92.33 8.80
N VAL EA 460 58.50 -91.03 8.96
CA VAL EA 460 58.99 -90.27 10.10
C VAL EA 460 57.81 -89.57 10.76
N GLY EA 461 57.73 -89.67 12.09
CA GLY EA 461 56.69 -89.01 12.84
C GLY EA 461 57.26 -87.95 13.77
N GLU EA 462 56.36 -87.15 14.34
CA GLU EA 462 56.74 -86.06 15.23
C GLU EA 462 55.87 -86.09 16.47
N ALA EA 463 56.51 -85.98 17.63
CA ALA EA 463 55.78 -85.93 18.90
C ALA EA 463 56.69 -85.25 19.92
N GLU EA 464 56.33 -84.02 20.30
CA GLU EA 464 57.17 -83.22 21.18
C GLU EA 464 56.86 -83.46 22.66
N ALA EA 465 55.92 -84.32 22.99
CA ALA EA 465 55.67 -84.64 24.39
C ALA EA 465 56.80 -85.46 24.99
N MET EA 466 57.65 -86.08 24.18
CA MET EA 466 58.76 -86.87 24.67
C MET EA 466 59.85 -85.97 25.24
N ASP EA 467 60.77 -86.60 25.97
CA ASP EA 467 61.88 -85.85 26.55
C ASP EA 467 62.78 -85.29 25.45
N ALA EA 468 63.27 -84.07 25.68
CA ALA EA 468 64.03 -83.34 24.68
C ALA EA 468 65.54 -83.47 24.89
N ASN EA 469 66.04 -83.07 26.05
CA ASN EA 469 67.47 -83.16 26.34
C ASN EA 469 67.67 -83.76 27.72
N TRP EA 470 68.81 -84.41 27.91
CA TRP EA 470 69.13 -85.13 29.13
C TRP EA 470 70.21 -84.43 29.95
N ASN EA 471 70.62 -83.23 29.56
CA ASN EA 471 71.67 -82.51 30.28
C ASN EA 471 71.10 -81.67 31.42
N THR EA 472 70.24 -80.71 31.09
CA THR EA 472 69.65 -79.87 32.13
C THR EA 472 68.49 -80.56 32.83
N SER EA 473 67.94 -81.61 32.22
CA SER EA 473 66.82 -82.32 32.83
C SER EA 473 67.29 -83.06 34.09
N ALA EA 474 66.43 -83.06 35.10
CA ALA EA 474 66.74 -83.68 36.38
C ALA EA 474 66.23 -85.11 36.49
N SER EA 475 65.55 -85.62 35.46
CA SER EA 475 65.05 -86.98 35.51
C SER EA 475 66.20 -87.99 35.46
N ALA EA 476 66.05 -89.08 36.20
CA ALA EA 476 67.07 -90.12 36.19
C ALA EA 476 67.16 -90.81 34.83
N ASP EA 477 66.04 -90.91 34.13
CA ASP EA 477 65.97 -91.58 32.85
C ASP EA 477 65.44 -90.63 31.77
N ASN EA 478 65.77 -90.93 30.53
CA ASN EA 478 65.32 -90.14 29.38
C ASN EA 478 65.04 -91.08 28.21
N PHE EA 479 63.82 -91.03 27.69
CA PHE EA 479 63.45 -91.79 26.51
C PHE EA 479 63.43 -90.84 25.31
N VAL EA 480 64.22 -91.16 24.29
CA VAL EA 480 64.44 -90.22 23.19
C VAL EA 480 64.11 -90.79 21.82
N LEU EA 481 64.17 -92.09 21.62
CA LEU EA 481 63.95 -92.65 20.28
C LEU EA 481 63.05 -93.87 20.37
N LEU EA 482 62.17 -94.03 19.39
CA LEU EA 482 61.25 -95.15 19.36
C LEU EA 482 60.94 -95.51 17.92
N TYR EA 483 60.94 -96.82 17.63
CA TYR EA 483 60.61 -97.32 16.31
C TYR EA 483 59.95 -98.68 16.45
N GLY EA 484 58.83 -98.86 15.77
CA GLY EA 484 58.14 -100.13 15.82
C GLY EA 484 56.88 -100.09 14.99
N ASN EA 485 56.20 -101.23 14.95
CA ASN EA 485 54.94 -101.37 14.23
C ASN EA 485 53.82 -100.79 15.08
N PHE EA 486 53.21 -99.71 14.60
CA PHE EA 486 52.18 -99.03 15.36
C PHE EA 486 50.80 -99.68 15.22
N GLN EA 487 50.66 -100.71 14.39
CA GLN EA 487 49.39 -101.41 14.31
C GLN EA 487 49.06 -102.18 15.58
N ASN EA 488 50.03 -102.36 16.48
CA ASN EA 488 49.80 -103.02 17.75
C ASN EA 488 49.45 -102.05 18.87
N TYR EA 489 49.30 -100.77 18.56
CA TYR EA 489 48.89 -99.77 19.54
C TYR EA 489 47.44 -99.40 19.21
N VAL EA 490 46.54 -99.67 20.15
CA VAL EA 490 45.10 -99.55 19.92
C VAL EA 490 44.57 -98.39 20.75
N ILE EA 491 43.79 -97.52 20.11
CA ILE EA 491 43.11 -96.40 20.77
C ILE EA 491 41.62 -96.67 20.72
N ALA EA 492 40.97 -96.62 21.89
CA ALA EA 492 39.55 -96.89 22.02
C ALA EA 492 38.79 -95.59 22.20
N ASP EA 493 37.81 -95.33 21.35
CA ASP EA 493 36.99 -94.14 21.41
C ASP EA 493 35.57 -94.50 21.83
N ARG EA 494 35.06 -93.79 22.84
CA ARG EA 494 33.73 -94.06 23.38
C ARG EA 494 32.76 -92.91 23.14
N ILE EA 495 33.09 -91.71 23.61
CA ILE EA 495 32.23 -90.54 23.44
C ILE EA 495 33.11 -89.34 23.14
N GLY EA 496 32.71 -88.56 22.13
CA GLY EA 496 33.43 -87.35 21.79
C GLY EA 496 33.14 -86.22 22.75
N MET EA 497 33.60 -85.04 22.37
CA MET EA 497 33.39 -83.86 23.21
C MET EA 497 31.91 -83.53 23.32
N THR EA 498 31.45 -83.33 24.55
CA THR EA 498 30.09 -82.90 24.84
C THR EA 498 30.15 -81.76 25.85
N VAL EA 499 29.23 -80.80 25.72
CA VAL EA 499 29.19 -79.62 26.59
C VAL EA 499 27.79 -79.51 27.17
N GLU EA 500 27.71 -79.34 28.50
CA GLU EA 500 26.46 -79.08 29.19
C GLU EA 500 26.55 -77.72 29.88
N PHE EA 501 25.39 -77.09 30.05
CA PHE EA 501 25.30 -75.74 30.62
C PHE EA 501 24.57 -75.83 31.95
N ILE EA 502 25.30 -75.59 33.04
CA ILE EA 502 24.72 -75.60 34.38
C ILE EA 502 23.99 -74.27 34.61
N PRO EA 503 22.69 -74.30 34.90
CA PRO EA 503 21.94 -73.03 35.00
C PRO EA 503 22.19 -72.27 36.28
N HIS EA 504 22.66 -72.92 37.35
CA HIS EA 504 22.73 -72.26 38.64
C HIS EA 504 23.87 -72.86 39.46
N LEU EA 505 24.72 -72.00 40.00
CA LEU EA 505 25.76 -72.41 40.93
C LEU EA 505 25.46 -71.86 42.33
N PHE EA 506 26.03 -72.53 43.33
CA PHE EA 506 25.75 -72.22 44.72
C PHE EA 506 27.02 -71.75 45.42
N GLY EA 507 26.84 -71.15 46.58
CA GLY EA 507 27.95 -70.62 47.35
C GLY EA 507 28.31 -71.46 48.55
N THR EA 508 29.04 -70.87 49.49
CA THR EA 508 29.50 -71.62 50.66
C THR EA 508 28.38 -71.89 51.65
N ASN EA 509 27.29 -71.12 51.59
CA ASN EA 509 26.14 -71.34 52.46
C ASN EA 509 24.95 -71.89 51.70
N ARG EA 510 25.19 -72.65 50.63
CA ARG EA 510 24.13 -73.38 49.91
C ARG EA 510 23.08 -72.43 49.34
N ARG EA 511 23.49 -71.22 48.97
CA ARG EA 511 22.58 -70.27 48.37
C ARG EA 511 23.17 -69.75 47.07
N PRO EA 512 22.32 -69.34 46.12
CA PRO EA 512 22.83 -68.84 44.84
C PRO EA 512 23.68 -67.59 45.02
N ASN EA 513 24.68 -67.46 44.16
CA ASN EA 513 25.57 -66.30 44.15
C ASN EA 513 25.56 -65.58 42.81
N GLY EA 514 24.68 -65.97 41.88
CA GLY EA 514 24.59 -65.31 40.60
C GLY EA 514 25.72 -65.67 39.66
N SER EA 515 25.83 -66.94 39.30
CA SER EA 515 26.88 -67.39 38.40
C SER EA 515 26.39 -68.62 37.64
N ARG EA 516 27.07 -68.90 36.52
CA ARG EA 516 26.73 -70.02 35.66
C ARG EA 516 28.02 -70.64 35.16
N GLY EA 517 27.92 -71.87 34.64
CA GLY EA 517 29.09 -72.62 34.25
C GLY EA 517 28.87 -73.41 32.97
N TRP EA 518 29.99 -73.86 32.41
CA TRP EA 518 30.01 -74.77 31.27
C TRP EA 518 30.72 -76.04 31.70
N PHE EA 519 30.06 -77.18 31.50
CA PHE EA 519 30.62 -78.47 31.86
C PHE EA 519 30.83 -79.33 30.62
N ALA EA 520 32.06 -79.83 30.45
CA ALA EA 520 32.41 -80.65 29.31
C ALA EA 520 33.20 -81.86 29.80
N TYR EA 521 33.02 -82.99 29.12
CA TYR EA 521 33.70 -84.21 29.50
C TYR EA 521 34.01 -85.04 28.26
N TYR EA 522 34.97 -85.96 28.42
CA TYR EA 522 35.51 -86.73 27.32
C TYR EA 522 35.96 -88.09 27.84
N ARG EA 523 35.79 -89.13 27.04
CA ARG EA 523 36.13 -90.49 27.43
C ARG EA 523 36.85 -91.21 26.30
N MET EA 524 37.91 -91.94 26.65
CA MET EA 524 38.67 -92.73 25.70
C MET EA 524 39.55 -93.70 26.49
N GLY EA 525 40.45 -94.38 25.79
CA GLY EA 525 41.38 -95.33 26.39
C GLY EA 525 42.33 -95.91 25.37
N ALA EA 526 43.55 -96.23 25.80
CA ALA EA 526 44.55 -96.77 24.89
C ALA EA 526 45.52 -97.64 25.67
N ASP EA 527 46.16 -98.56 24.96
CA ASP EA 527 47.13 -99.48 25.53
C ASP EA 527 47.89 -100.15 24.39
N VAL EA 528 48.95 -100.87 24.74
CA VAL EA 528 49.76 -101.62 23.80
C VAL EA 528 49.35 -103.08 23.86
N VAL EA 529 49.10 -103.67 22.69
CA VAL EA 529 48.69 -105.08 22.66
C VAL EA 529 49.91 -105.99 22.72
N ASN EA 530 50.91 -105.75 21.87
CA ASN EA 530 52.11 -106.59 21.80
C ASN EA 530 53.33 -105.75 22.16
N PRO EA 531 54.04 -106.06 23.25
CA PRO EA 531 55.20 -105.25 23.65
C PRO EA 531 56.48 -105.56 22.88
N ASN EA 532 56.54 -106.66 22.15
CA ASN EA 532 57.76 -107.05 21.43
C ASN EA 532 57.79 -106.53 20.01
N ALA EA 533 56.85 -105.68 19.62
CA ALA EA 533 56.85 -105.06 18.30
C ALA EA 533 57.38 -103.64 18.31
N PHE EA 534 57.96 -103.20 19.43
CA PHE EA 534 58.55 -101.88 19.53
C PHE EA 534 59.95 -102.00 20.12
N ARG EA 535 60.74 -100.93 19.95
CA ARG EA 535 62.11 -100.88 20.47
C ARG EA 535 62.37 -99.45 20.93
N LEU EA 536 62.37 -99.24 22.25
CA LEU EA 536 62.57 -97.93 22.82
C LEU EA 536 64.01 -97.76 23.31
N LEU EA 537 64.57 -96.58 23.10
CA LEU EA 537 65.92 -96.25 23.51
C LEU EA 537 65.86 -95.38 24.76
N ASN EA 538 66.59 -95.80 25.80
CA ASN EA 538 66.61 -95.10 27.07
C ASN EA 538 68.02 -94.63 27.37
N VAL EA 539 68.21 -93.31 27.39
CA VAL EA 539 69.49 -92.70 27.73
C VAL EA 539 69.39 -92.34 29.20
N GLU EA 540 69.86 -93.25 30.05
CA GLU EA 540 69.77 -93.08 31.50
C GLU EA 540 70.97 -92.26 31.94
N THR EA 541 70.70 -91.07 32.48
CA THR EA 541 71.75 -90.17 32.95
C THR EA 541 71.84 -90.27 34.46
N ALA EA 542 72.71 -91.14 34.93
CA ALA EA 542 72.91 -91.33 36.36
C ALA EA 542 73.81 -90.22 36.92
N SER EA 543 74.01 -90.27 38.23
CA SER EA 543 74.87 -89.30 38.90
C SER EA 543 76.35 -89.63 38.69
N MET FA 251 25.36 -95.89 42.61
CA MET FA 251 25.58 -96.71 41.43
C MET FA 251 26.72 -96.17 40.58
N GLY FA 252 27.62 -97.05 40.18
CA GLY FA 252 28.77 -96.69 39.37
C GLY FA 252 29.19 -97.83 38.48
N LEU FA 253 30.45 -97.81 38.07
CA LEU FA 253 30.99 -98.89 37.24
C LEU FA 253 31.54 -100.05 38.05
N THR FA 254 31.56 -99.93 39.38
CA THR FA 254 31.95 -101.06 40.21
C THR FA 254 30.98 -102.22 39.98
N LYS FA 255 31.53 -103.44 39.91
CA LYS FA 255 30.71 -104.59 39.58
C LYS FA 255 29.58 -104.78 40.59
N ALA FA 256 29.92 -104.87 41.87
CA ALA FA 256 28.90 -105.11 42.89
C ALA FA 256 27.89 -103.98 42.95
N ASP FA 257 28.36 -102.74 42.80
CA ASP FA 257 27.49 -101.56 42.89
C ASP FA 257 26.85 -101.26 41.53
N GLY FA 258 26.18 -102.27 40.98
CA GLY FA 258 25.41 -102.09 39.78
C GLY FA 258 26.19 -102.08 38.47
N GLY FA 259 27.31 -102.80 38.41
CA GLY FA 259 28.08 -102.85 37.19
C GLY FA 259 27.85 -104.07 36.31
N TYR FA 260 27.04 -105.03 36.77
CA TYR FA 260 26.82 -106.25 36.02
C TYR FA 260 25.99 -106.05 34.77
N LEU FA 261 25.38 -104.88 34.59
CA LEU FA 261 24.48 -104.67 33.48
C LEU FA 261 25.17 -104.33 32.17
N VAL FA 262 26.48 -104.12 32.19
CA VAL FA 262 27.22 -103.79 30.97
C VAL FA 262 27.42 -105.06 30.15
N PRO FA 263 27.35 -104.98 28.82
CA PRO FA 263 27.65 -106.15 27.99
C PRO FA 263 29.14 -106.38 27.90
N PHE FA 264 29.51 -107.50 27.28
CA PHE FA 264 30.90 -107.88 27.10
C PHE FA 264 31.29 -107.70 25.63
N GLN FA 265 32.44 -107.09 25.39
CA GLN FA 265 32.95 -106.85 24.05
C GLN FA 265 34.10 -107.81 23.79
N LEU FA 266 34.10 -108.43 22.60
CA LEU FA 266 35.14 -109.37 22.23
C LEU FA 266 35.50 -109.16 20.76
N ASP FA 267 36.80 -109.24 20.45
CA ASP FA 267 37.25 -109.14 19.08
C ASP FA 267 37.68 -110.51 18.59
N PRO FA 268 36.93 -111.14 17.67
CA PRO FA 268 37.28 -112.51 17.24
C PRO FA 268 38.63 -112.60 16.54
N THR FA 269 39.12 -111.54 15.92
CA THR FA 269 40.39 -111.60 15.21
C THR FA 269 41.52 -111.93 16.18
N VAL FA 270 42.39 -112.84 15.76
CA VAL FA 270 43.44 -113.40 16.60
C VAL FA 270 44.73 -112.65 16.32
N ILE FA 271 45.46 -112.31 17.39
CA ILE FA 271 46.73 -111.61 17.29
C ILE FA 271 47.85 -112.62 17.47
N ILE FA 272 48.79 -112.64 16.52
CA ILE FA 272 49.96 -113.50 16.61
C ILE FA 272 51.07 -112.73 17.32
N THR FA 273 51.67 -113.35 18.33
CA THR FA 273 52.79 -112.77 19.06
C THR FA 273 54.07 -113.58 18.86
N SER FA 274 54.21 -114.19 17.69
CA SER FA 274 55.37 -114.99 17.34
C SER FA 274 56.25 -114.22 16.36
N ASN FA 275 57.55 -114.18 16.64
CA ASN FA 275 58.46 -113.43 15.80
C ASN FA 275 58.54 -114.02 14.40
N GLY FA 276 58.56 -115.34 14.29
CA GLY FA 276 58.79 -115.98 13.01
C GLY FA 276 60.24 -115.91 12.60
N SER FA 277 60.48 -116.22 11.33
CA SER FA 277 61.83 -116.16 10.78
C SER FA 277 61.77 -115.89 9.29
N LEU FA 278 62.69 -115.06 8.81
CA LEU FA 278 62.81 -114.75 7.39
C LEU FA 278 64.13 -115.32 6.89
N ASN FA 279 64.06 -116.14 5.84
CA ASN FA 279 65.23 -116.74 5.24
C ASN FA 279 65.07 -116.71 3.72
N ASP FA 280 66.17 -116.44 3.02
CA ASP FA 280 66.13 -116.24 1.57
C ASP FA 280 67.04 -117.20 0.82
N ILE FA 281 67.35 -118.36 1.40
CA ILE FA 281 68.28 -119.27 0.74
C ILE FA 281 67.62 -119.90 -0.48
N ARG FA 282 66.29 -120.04 -0.47
CA ARG FA 282 65.60 -120.65 -1.60
C ARG FA 282 65.72 -119.83 -2.87
N ARG FA 283 65.87 -118.51 -2.75
CA ARG FA 283 66.01 -117.68 -3.94
C ARG FA 283 67.37 -117.88 -4.61
N PHE FA 284 68.34 -118.43 -3.90
CA PHE FA 284 69.66 -118.70 -4.47
C PHE FA 284 69.96 -120.19 -4.63
N ALA FA 285 69.47 -121.03 -3.74
CA ALA FA 285 69.86 -122.43 -3.75
C ALA FA 285 69.23 -123.17 -4.94
N ARG FA 286 69.76 -124.35 -5.22
CA ARG FA 286 69.28 -125.19 -6.30
C ARG FA 286 68.25 -126.18 -5.76
N GLN FA 287 67.08 -126.23 -6.38
CA GLN FA 287 65.99 -127.08 -5.93
C GLN FA 287 65.74 -128.18 -6.95
N VAL FA 288 65.60 -129.40 -6.47
CA VAL FA 288 65.29 -130.55 -7.31
C VAL FA 288 64.08 -131.25 -6.71
N VAL FA 289 63.33 -131.93 -7.57
CA VAL FA 289 62.13 -132.66 -7.17
C VAL FA 289 62.52 -134.09 -6.85
N ALA FA 290 62.20 -134.54 -5.64
CA ALA FA 290 62.52 -135.88 -5.19
C ALA FA 290 61.42 -136.85 -5.62
N THR FA 291 61.81 -138.01 -6.12
CA THR FA 291 60.88 -139.02 -6.56
C THR FA 291 60.76 -140.18 -5.58
N GLY FA 292 61.83 -140.50 -4.85
CA GLY FA 292 61.79 -141.57 -3.88
C GLY FA 292 62.08 -141.10 -2.46
N ASP FA 293 63.08 -141.72 -1.83
CA ASP FA 293 63.47 -141.36 -0.47
C ASP FA 293 64.87 -140.76 -0.38
N VAL FA 294 65.72 -140.98 -1.38
CA VAL FA 294 67.06 -140.40 -1.41
C VAL FA 294 67.32 -139.86 -2.81
N TRP FA 295 68.27 -138.94 -2.88
CA TRP FA 295 68.67 -138.32 -4.15
C TRP FA 295 70.16 -138.54 -4.34
N HIS FA 296 70.53 -139.09 -5.49
CA HIS FA 296 71.93 -139.44 -5.77
C HIS FA 296 72.47 -138.58 -6.90
N GLY FA 297 73.79 -138.38 -6.88
CA GLY FA 297 74.50 -137.64 -7.91
C GLY FA 297 75.92 -138.16 -8.01
N VAL FA 298 76.68 -137.57 -8.92
CA VAL FA 298 78.08 -137.95 -9.11
C VAL FA 298 78.95 -136.71 -9.11
N SER FA 299 80.21 -136.90 -8.73
CA SER FA 299 81.20 -135.83 -8.71
C SER FA 299 82.57 -136.44 -8.93
N SER FA 300 83.49 -135.61 -9.43
CA SER FA 300 84.83 -136.10 -9.76
C SER FA 300 85.80 -134.92 -9.66
N ALA FA 301 87.05 -135.17 -10.06
CA ALA FA 301 88.11 -134.18 -10.05
C ALA FA 301 88.84 -134.23 -11.39
N ALA FA 302 89.72 -133.26 -11.61
CA ALA FA 302 90.43 -133.15 -12.88
C ALA FA 302 91.60 -134.13 -12.92
N VAL FA 303 92.33 -134.14 -14.03
CA VAL FA 303 93.45 -135.05 -14.26
C VAL FA 303 94.74 -134.31 -13.97
N GLN FA 304 95.63 -134.95 -13.19
CA GLN FA 304 96.91 -134.35 -12.84
C GLN FA 304 97.91 -134.55 -13.98
N TRP FA 305 98.43 -133.45 -14.51
CA TRP FA 305 99.43 -133.51 -15.56
C TRP FA 305 100.83 -133.31 -14.97
N SER FA 306 101.84 -133.47 -15.82
CA SER FA 306 103.22 -133.24 -15.43
C SER FA 306 104.05 -133.00 -16.69
N TRP FA 307 105.21 -132.41 -16.50
CA TRP FA 307 106.18 -132.22 -17.58
C TRP FA 307 107.20 -133.35 -17.50
N ASP FA 308 107.30 -134.13 -18.56
CA ASP FA 308 108.10 -135.34 -18.56
C ASP FA 308 109.19 -135.23 -19.61
N ALA FA 309 110.37 -135.76 -19.29
CA ALA FA 309 111.43 -135.84 -20.27
C ALA FA 309 111.13 -136.94 -21.29
N GLU FA 310 111.83 -136.89 -22.41
CA GLU FA 310 111.65 -137.92 -23.43
C GLU FA 310 112.11 -139.27 -22.92
N PHE FA 311 111.44 -140.33 -23.38
CA PHE FA 311 111.69 -141.70 -22.92
C PHE FA 311 111.46 -141.83 -21.41
N GLU FA 312 110.26 -141.45 -20.97
CA GLU FA 312 109.86 -141.54 -19.57
C GLU FA 312 108.45 -142.08 -19.48
N GLU FA 313 108.23 -143.03 -18.56
CA GLU FA 313 106.91 -143.57 -18.35
C GLU FA 313 106.00 -142.52 -17.72
N VAL FA 314 104.75 -142.50 -18.17
CA VAL FA 314 103.79 -141.50 -17.70
C VAL FA 314 103.11 -142.02 -16.44
N SER FA 315 103.06 -141.18 -15.42
CA SER FA 315 102.45 -141.55 -14.16
C SER FA 315 100.95 -141.79 -14.34
N ASP FA 316 100.43 -142.77 -13.61
CA ASP FA 316 99.00 -143.08 -13.67
C ASP FA 316 98.19 -141.90 -13.13
N ASP FA 317 97.12 -141.57 -13.85
CA ASP FA 317 96.32 -140.39 -13.56
C ASP FA 317 94.84 -140.72 -13.54
N SER FA 318 94.48 -141.77 -12.82
CA SER FA 318 93.08 -142.17 -12.74
C SER FA 318 92.31 -141.22 -11.83
N PRO FA 319 91.23 -140.59 -12.31
CA PRO FA 319 90.40 -139.76 -11.42
C PRO FA 319 89.42 -140.62 -10.64
N GLU FA 320 89.21 -140.27 -9.37
CA GLU FA 320 88.24 -140.99 -8.56
C GLU FA 320 86.95 -140.20 -8.46
N PHE FA 321 85.84 -140.93 -8.30
CA PHE FA 321 84.51 -140.35 -8.34
C PHE FA 321 83.88 -140.37 -6.95
N GLY FA 322 82.84 -139.57 -6.80
CA GLY FA 322 82.12 -139.50 -5.54
C GLY FA 322 80.62 -139.42 -5.77
N GLN FA 323 79.87 -139.99 -4.83
CA GLN FA 323 78.41 -140.04 -4.90
C GLN FA 323 77.80 -139.39 -3.68
N PRO FA 324 77.38 -138.13 -3.77
CA PRO FA 324 76.64 -137.53 -2.66
C PRO FA 324 75.27 -138.16 -2.48
N GLU FA 325 74.81 -138.19 -1.23
CA GLU FA 325 73.51 -138.74 -0.88
C GLU FA 325 72.72 -137.71 -0.09
N ILE FA 326 71.42 -137.59 -0.39
CA ILE FA 326 70.55 -136.66 0.31
C ILE FA 326 69.28 -137.39 0.74
N PRO FA 327 69.18 -137.79 2.01
CA PRO FA 327 67.96 -138.46 2.47
C PRO FA 327 66.82 -137.47 2.66
N VAL FA 328 65.61 -138.01 2.67
CA VAL FA 328 64.39 -137.22 2.82
C VAL FA 328 63.84 -137.46 4.22
N LYS FA 329 63.65 -136.38 4.98
CA LYS FA 329 63.17 -136.45 6.35
C LYS FA 329 61.76 -135.90 6.44
N LYS FA 330 61.10 -136.18 7.57
CA LYS FA 330 59.70 -135.89 7.75
C LYS FA 330 59.49 -135.07 9.02
N ALA FA 331 58.62 -134.06 8.93
CA ALA FA 331 58.23 -133.23 10.06
C ALA FA 331 56.72 -133.20 10.17
N GLN FA 332 56.21 -133.28 11.39
CA GLN FA 332 54.77 -133.36 11.60
C GLN FA 332 54.38 -132.60 12.86
N GLY FA 333 53.09 -132.26 12.93
CA GLY FA 333 52.54 -131.60 14.08
C GLY FA 333 51.14 -132.10 14.35
N PHE FA 334 50.70 -131.90 15.59
CA PHE FA 334 49.44 -132.45 16.06
C PHE FA 334 48.85 -131.53 17.12
N VAL FA 335 47.54 -131.37 17.10
CA VAL FA 335 46.84 -130.56 18.10
C VAL FA 335 45.45 -131.13 18.37
N PRO FA 336 45.25 -131.79 19.50
CA PRO FA 336 43.93 -132.33 19.82
C PRO FA 336 43.00 -131.24 20.34
N ILE FA 337 41.71 -131.45 20.09
CA ILE FA 337 40.65 -130.56 20.56
C ILE FA 337 39.53 -131.40 21.15
N SER FA 338 38.70 -130.75 21.96
CA SER FA 338 37.56 -131.39 22.59
C SER FA 338 36.30 -131.12 21.80
N ILE FA 339 35.37 -132.07 21.82
CA ILE FA 339 34.15 -131.93 21.04
C ILE FA 339 33.34 -130.73 21.51
N GLU FA 340 33.25 -130.52 22.82
CA GLU FA 340 32.59 -129.34 23.35
C GLU FA 340 33.35 -128.07 22.98
N ALA FA 341 34.68 -128.13 23.04
CA ALA FA 341 35.49 -126.97 22.65
C ALA FA 341 35.29 -126.65 21.18
N LEU FA 342 35.21 -127.68 20.34
CA LEU FA 342 34.91 -127.47 18.93
C LEU FA 342 33.52 -126.90 18.71
N GLN FA 343 32.54 -127.34 19.49
CA GLN FA 343 31.16 -126.91 19.32
C GLN FA 343 30.92 -125.47 19.75
N ASP FA 344 31.44 -125.07 20.91
CA ASP FA 344 31.15 -123.72 21.42
C ASP FA 344 32.05 -122.66 20.80
N GLU FA 345 33.37 -122.88 20.81
CA GLU FA 345 34.28 -121.91 20.22
C GLU FA 345 34.05 -121.82 18.71
N ALA FA 346 34.07 -120.59 18.20
CA ALA FA 346 33.68 -120.34 16.82
C ALA FA 346 34.89 -119.96 15.97
N ASN FA 347 34.90 -120.45 14.73
CA ASN FA 347 35.94 -120.15 13.74
C ASN FA 347 37.32 -120.53 14.29
N VAL FA 348 37.48 -121.82 14.55
CA VAL FA 348 38.71 -122.34 15.14
C VAL FA 348 39.58 -123.05 14.11
N THR FA 349 38.96 -123.69 13.11
CA THR FA 349 39.71 -124.46 12.13
C THR FA 349 40.70 -123.58 11.37
N GLU FA 350 40.25 -122.41 10.94
CA GLU FA 350 41.12 -121.51 10.18
C GLU FA 350 42.26 -120.97 11.04
N THR FA 351 41.95 -120.64 12.29
CA THR FA 351 42.99 -120.19 13.21
C THR FA 351 44.05 -121.27 13.39
N VAL FA 352 43.61 -122.52 13.57
CA VAL FA 352 44.54 -123.63 13.69
C VAL FA 352 45.37 -123.79 12.42
N ALA FA 353 44.73 -123.63 11.25
CA ALA FA 353 45.46 -123.78 9.99
C ALA FA 353 46.55 -122.74 9.84
N LEU FA 354 46.23 -121.48 10.17
CA LEU FA 354 47.25 -120.45 10.07
C LEU FA 354 48.36 -120.64 11.11
N LEU FA 355 48.01 -121.14 12.30
CA LEU FA 355 49.04 -121.47 13.27
C LEU FA 355 49.98 -122.54 12.74
N PHE FA 356 49.42 -123.57 12.10
CA PHE FA 356 50.25 -124.61 11.49
C PHE FA 356 51.16 -124.03 10.41
N ALA FA 357 50.64 -123.12 9.59
CA ALA FA 357 51.45 -122.51 8.54
C ALA FA 357 52.63 -121.75 9.14
N GLU FA 358 52.36 -120.95 10.17
CA GLU FA 358 53.44 -120.19 10.81
C GLU FA 358 54.48 -121.12 11.41
N GLY FA 359 54.04 -122.18 12.09
CA GLY FA 359 54.99 -123.11 12.67
C GLY FA 359 55.84 -123.81 11.64
N LYS FA 360 55.22 -124.26 10.54
CA LYS FA 360 55.98 -124.90 9.48
C LYS FA 360 57.02 -123.96 8.89
N ASP FA 361 56.63 -122.70 8.65
CA ASP FA 361 57.57 -121.75 8.09
C ASP FA 361 58.75 -121.52 9.03
N GLU FA 362 58.46 -121.36 10.33
CA GLU FA 362 59.53 -121.15 11.29
C GLU FA 362 60.49 -122.33 11.32
N LEU FA 363 59.95 -123.55 11.38
CA LEU FA 363 60.81 -124.72 11.44
C LEU FA 363 61.66 -124.84 10.18
N GLU FA 364 61.04 -124.63 9.01
CA GLU FA 364 61.78 -124.74 7.75
C GLU FA 364 62.92 -123.73 7.69
N ALA FA 365 62.64 -122.48 8.05
CA ALA FA 365 63.70 -121.46 7.99
C ALA FA 365 64.83 -121.81 8.94
N VAL FA 366 64.49 -122.17 10.19
CA VAL FA 366 65.52 -122.44 11.18
C VAL FA 366 66.38 -123.63 10.75
N THR FA 367 65.75 -124.69 10.22
CA THR FA 367 66.51 -125.88 9.88
C THR FA 367 67.34 -125.68 8.62
N LEU FA 368 66.80 -124.98 7.62
CA LEU FA 368 67.59 -124.70 6.42
C LEU FA 368 68.80 -123.84 6.76
N THR FA 369 68.62 -122.82 7.60
CA THR FA 369 69.76 -121.98 7.98
C THR FA 369 70.75 -122.77 8.82
N THR FA 370 70.28 -123.53 9.80
CA THR FA 370 71.14 -124.28 10.73
C THR FA 370 70.45 -125.58 11.09
N GLY FA 371 70.88 -126.67 10.44
CA GLY FA 371 70.38 -127.99 10.75
C GLY FA 371 71.49 -128.91 11.17
N THR FA 372 71.26 -129.71 12.23
CA THR FA 372 72.31 -130.58 12.74
C THR FA 372 72.74 -131.62 11.70
N GLY FA 373 71.77 -132.23 11.02
CA GLY FA 373 72.06 -133.26 10.04
C GLY FA 373 72.24 -134.65 10.62
N GLN FA 374 72.42 -134.77 11.93
CA GLN FA 374 72.54 -136.06 12.59
C GLN FA 374 71.20 -136.38 13.26
N GLY FA 375 70.58 -137.48 12.85
CA GLY FA 375 69.29 -137.84 13.38
C GLY FA 375 68.17 -137.71 12.37
N ASN FA 376 67.16 -136.90 12.69
CA ASN FA 376 65.97 -136.78 11.87
C ASN FA 376 65.90 -135.45 11.12
N GLN FA 377 66.97 -134.66 11.14
CA GLN FA 377 66.92 -133.33 10.59
C GLN FA 377 67.79 -133.20 9.35
N PRO FA 378 67.30 -132.56 8.29
CA PRO FA 378 68.14 -132.32 7.12
C PRO FA 378 69.31 -131.40 7.46
N THR FA 379 70.41 -131.60 6.75
CA THR FA 379 71.63 -130.84 6.98
C THR FA 379 71.43 -129.39 6.58
N GLY FA 380 71.91 -128.47 7.41
CA GLY FA 380 71.83 -127.06 7.12
C GLY FA 380 73.00 -126.62 6.26
N ILE FA 381 73.13 -125.30 6.10
CA ILE FA 381 74.22 -124.71 5.35
C ILE FA 381 75.38 -124.32 6.26
N VAL FA 382 75.07 -123.78 7.44
CA VAL FA 382 76.14 -123.37 8.35
C VAL FA 382 76.84 -124.58 8.93
N THR FA 383 76.08 -125.59 9.37
CA THR FA 383 76.69 -126.77 9.98
C THR FA 383 77.45 -127.60 8.96
N ALA FA 384 76.97 -127.64 7.70
CA ALA FA 384 77.67 -128.41 6.68
C ALA FA 384 79.07 -127.86 6.43
N LEU FA 385 79.30 -126.59 6.71
CA LEU FA 385 80.59 -125.95 6.48
C LEU FA 385 81.46 -125.89 7.73
N ALA FA 386 80.95 -126.32 8.88
CA ALA FA 386 81.68 -126.16 10.12
C ALA FA 386 82.93 -127.05 10.13
N GLY FA 387 84.06 -126.47 10.51
CA GLY FA 387 85.31 -127.21 10.61
C GLY FA 387 85.76 -127.82 9.31
N THR FA 388 85.64 -127.07 8.22
CA THR FA 388 86.05 -127.53 6.90
C THR FA 388 86.99 -126.49 6.30
N ALA FA 389 87.30 -126.65 5.02
CA ALA FA 389 88.18 -125.71 4.33
C ALA FA 389 87.52 -124.35 4.14
N ALA FA 390 86.21 -124.24 4.32
CA ALA FA 390 85.50 -122.99 4.07
C ALA FA 390 85.54 -122.03 5.25
N GLU FA 391 85.97 -122.47 6.43
CA GLU FA 391 85.96 -121.63 7.62
C GLU FA 391 87.18 -120.73 7.60
N ILE FA 392 86.96 -119.42 7.77
CA ILE FA 392 88.02 -118.42 7.68
C ILE FA 392 88.09 -117.66 8.99
N ALA FA 393 89.30 -117.53 9.53
CA ALA FA 393 89.54 -116.76 10.73
C ALA FA 393 89.71 -115.28 10.41
N PRO FA 394 89.27 -114.39 11.29
CA PRO FA 394 89.43 -112.96 11.05
C PRO FA 394 90.87 -112.52 11.24
N VAL FA 395 91.18 -111.35 10.66
CA VAL FA 395 92.54 -110.82 10.73
C VAL FA 395 92.89 -110.43 12.16
N THR FA 396 91.92 -109.91 12.91
CA THR FA 396 92.12 -109.51 14.30
C THR FA 396 91.14 -110.27 15.19
N ALA FA 397 91.62 -110.65 16.37
CA ALA FA 397 90.80 -111.45 17.27
C ALA FA 397 89.62 -110.65 17.80
N GLU FA 398 88.43 -111.25 17.75
CA GLU FA 398 87.21 -110.66 18.32
C GLU FA 398 86.92 -109.30 17.72
N THR FA 399 87.12 -109.17 16.41
CA THR FA 399 86.92 -107.90 15.73
C THR FA 399 86.35 -108.14 14.34
N PHE FA 400 85.45 -107.27 13.92
CA PHE FA 400 84.87 -107.30 12.58
C PHE FA 400 85.16 -105.97 11.90
N ALA FA 401 85.86 -106.02 10.78
CA ALA FA 401 86.23 -104.82 10.04
C ALA FA 401 85.98 -105.04 8.54
N LEU FA 402 86.24 -104.01 7.76
CA LEU FA 402 86.09 -104.11 6.30
C LEU FA 402 87.08 -105.12 5.71
N ALA FA 403 88.26 -105.24 6.33
CA ALA FA 403 89.23 -106.23 5.87
C ALA FA 403 88.66 -107.64 5.92
N ASP FA 404 87.76 -107.91 6.87
CA ASP FA 404 87.15 -109.25 6.93
C ASP FA 404 86.28 -109.51 5.71
N VAL FA 405 85.44 -108.56 5.32
CA VAL FA 405 84.62 -108.73 4.13
C VAL FA 405 85.50 -108.90 2.90
N TYR FA 406 86.51 -108.04 2.77
CA TYR FA 406 87.39 -108.15 1.60
C TYR FA 406 88.09 -109.50 1.55
N ALA FA 407 88.57 -109.98 2.71
CA ALA FA 407 89.26 -111.26 2.74
C ALA FA 407 88.32 -112.41 2.40
N VAL FA 408 87.11 -112.41 2.96
CA VAL FA 408 86.18 -113.51 2.68
C VAL FA 408 85.78 -113.49 1.21
N TYR FA 409 85.86 -112.32 0.57
CA TYR FA 409 85.66 -112.30 -0.88
C TYR FA 409 86.86 -112.83 -1.63
N GLU FA 410 88.07 -112.52 -1.16
CA GLU FA 410 89.27 -112.88 -1.90
C GLU FA 410 89.49 -114.39 -1.93
N GLN FA 411 89.41 -115.05 -0.76
CA GLN FA 411 89.92 -116.39 -0.60
C GLN FA 411 89.12 -117.43 -1.38
N LEU FA 412 87.96 -117.07 -1.92
CA LEU FA 412 87.17 -118.00 -2.71
C LEU FA 412 87.84 -118.24 -4.06
N ALA FA 413 87.55 -119.40 -4.64
CA ALA FA 413 88.05 -119.72 -5.97
C ALA FA 413 87.46 -118.77 -7.01
N ALA FA 414 88.25 -118.49 -8.05
CA ALA FA 414 87.81 -117.56 -9.08
C ALA FA 414 86.63 -118.09 -9.87
N ARG FA 415 86.66 -119.38 -10.22
CA ARG FA 415 85.59 -119.94 -11.06
C ARG FA 415 84.24 -119.81 -10.38
N HIS FA 416 84.20 -120.00 -9.06
CA HIS FA 416 82.96 -119.81 -8.32
C HIS FA 416 82.64 -118.33 -8.10
N ARG FA 417 83.68 -117.49 -8.05
CA ARG FA 417 83.50 -116.13 -7.55
C ARG FA 417 82.57 -115.30 -8.43
N ARG FA 418 82.53 -115.57 -9.75
CA ARG FA 418 81.55 -114.89 -10.59
C ARG FA 418 80.12 -115.21 -10.18
N GLN FA 419 79.90 -116.31 -9.47
CA GLN FA 419 78.55 -116.78 -9.17
C GLN FA 419 78.44 -116.98 -7.67
N GLY FA 420 78.05 -115.93 -6.97
CA GLY FA 420 77.95 -116.01 -5.52
C GLY FA 420 77.00 -114.98 -4.98
N ALA FA 421 76.65 -115.15 -3.70
CA ALA FA 421 75.74 -114.25 -3.03
C ALA FA 421 76.11 -114.17 -1.57
N TRP FA 422 75.73 -113.07 -0.93
CA TRP FA 422 76.03 -112.85 0.47
C TRP FA 422 74.83 -113.23 1.33
N LEU FA 423 75.10 -113.96 2.42
CA LEU FA 423 74.06 -114.39 3.35
C LEU FA 423 74.50 -114.05 4.76
N ALA FA 424 73.72 -113.22 5.43
CA ALA FA 424 74.00 -112.84 6.81
C ALA FA 424 72.74 -112.28 7.43
N ASN FA 425 72.82 -111.95 8.72
CA ASN FA 425 71.75 -111.28 9.43
C ASN FA 425 71.87 -109.77 9.23
N ASN FA 426 70.74 -109.08 9.41
CA ASN FA 426 70.72 -107.64 9.16
C ASN FA 426 71.67 -106.90 10.09
N LEU FA 427 72.01 -107.50 11.23
CA LEU FA 427 72.96 -106.87 12.15
C LEU FA 427 74.33 -106.72 11.49
N ILE FA 428 74.79 -107.74 10.75
CA ILE FA 428 76.08 -107.66 10.10
C ILE FA 428 76.09 -106.61 8.99
N TYR FA 429 75.01 -106.55 8.21
CA TYR FA 429 74.91 -105.52 7.18
C TYR FA 429 74.94 -104.13 7.81
N ASN FA 430 74.21 -103.95 8.91
CA ASN FA 430 74.19 -102.64 9.56
C ASN FA 430 75.56 -102.30 10.15
N LYS FA 431 76.30 -103.30 10.63
CA LYS FA 431 77.68 -103.07 11.03
C LYS FA 431 78.54 -102.64 9.86
N ILE FA 432 78.30 -103.24 8.69
CA ILE FA 432 79.04 -102.84 7.49
C ILE FA 432 78.75 -101.39 7.15
N ARG FA 433 77.49 -100.97 7.24
CA ARG FA 433 77.13 -99.61 6.86
C ARG FA 433 77.81 -98.55 7.72
N GLN FA 434 78.20 -98.88 8.94
CA GLN FA 434 78.81 -97.91 9.85
C GLN FA 434 80.31 -97.76 9.64
N PHE FA 435 80.91 -98.53 8.73
CA PHE FA 435 82.36 -98.53 8.59
C PHE FA 435 82.87 -97.17 8.10
N ASP FA 436 82.19 -96.58 7.13
CA ASP FA 436 82.66 -95.34 6.52
C ASP FA 436 82.14 -94.14 7.30
N THR FA 437 83.06 -93.29 7.76
CA THR FA 437 82.71 -92.09 8.49
C THR FA 437 83.19 -90.81 7.82
N GLN FA 438 83.92 -90.92 6.71
CA GLN FA 438 84.46 -89.75 6.02
C GLN FA 438 84.20 -89.78 4.52
N GLY FA 439 83.28 -90.62 4.06
CA GLY FA 439 82.98 -90.71 2.64
C GLY FA 439 84.11 -91.27 1.80
N GLY FA 440 84.76 -92.33 2.27
CA GLY FA 440 85.86 -92.91 1.52
C GLY FA 440 85.42 -93.98 0.55
N ALA FA 441 86.11 -95.11 0.56
CA ALA FA 441 85.79 -96.23 -0.33
C ALA FA 441 84.77 -97.18 0.26
N GLY FA 442 84.41 -97.02 1.53
CA GLY FA 442 83.44 -97.89 2.15
C GLY FA 442 82.04 -97.29 2.16
N LEU FA 443 81.83 -96.26 1.36
CA LEU FA 443 80.54 -95.59 1.29
C LEU FA 443 79.55 -96.46 0.52
N TRP FA 444 79.03 -97.47 1.21
CA TRP FA 444 78.02 -98.32 0.58
C TRP FA 444 76.74 -97.55 0.31
N THR FA 445 76.24 -96.82 1.29
CA THR FA 445 75.04 -96.00 1.13
C THR FA 445 74.99 -95.03 2.31
N THR FA 446 74.07 -94.08 2.23
CA THR FA 446 73.90 -93.06 3.27
C THR FA 446 72.71 -93.41 4.16
N ILE FA 447 72.70 -92.82 5.35
CA ILE FA 447 71.56 -92.96 6.23
C ILE FA 447 70.35 -92.28 5.59
N GLY FA 448 69.17 -92.78 5.88
CA GLY FA 448 67.97 -92.30 5.24
C GLY FA 448 67.60 -93.02 3.96
N ASN FA 449 68.35 -94.03 3.56
CA ASN FA 449 68.07 -94.81 2.36
C ASN FA 449 67.66 -96.22 2.73
N GLY FA 450 67.09 -96.93 1.77
CA GLY FA 450 66.69 -98.30 1.96
C GLY FA 450 67.88 -99.23 2.07
N GLU FA 451 67.58 -100.52 1.91
CA GLU FA 451 68.61 -101.54 2.01
C GLU FA 451 69.18 -101.84 0.62
N PRO FA 452 70.45 -101.52 0.36
CA PRO FA 452 71.03 -101.84 -0.94
C PRO FA 452 71.05 -103.34 -1.21
N SER FA 453 70.85 -103.69 -2.47
CA SER FA 453 70.85 -105.08 -2.91
C SER FA 453 72.17 -105.51 -3.51
N GLN FA 454 73.18 -104.65 -3.52
CA GLN FA 454 74.49 -104.98 -4.08
C GLN FA 454 75.58 -104.73 -3.07
N LEU FA 455 76.44 -105.72 -2.91
CA LEU FA 455 77.61 -105.63 -2.03
C LEU FA 455 78.78 -106.23 -2.79
N LEU FA 456 79.75 -105.38 -3.14
CA LEU FA 456 80.90 -105.78 -3.96
C LEU FA 456 80.44 -106.34 -5.31
N GLY FA 457 79.35 -105.77 -5.83
CA GLY FA 457 78.87 -106.12 -7.15
C GLY FA 457 78.16 -107.45 -7.26
N ARG FA 458 77.67 -108.00 -6.15
CA ARG FA 458 76.98 -109.28 -6.16
C ARG FA 458 75.66 -109.21 -5.41
N PRO FA 459 74.72 -110.10 -5.72
CA PRO FA 459 73.42 -110.07 -5.03
C PRO FA 459 73.55 -110.31 -3.53
N VAL FA 460 72.60 -109.74 -2.79
CA VAL FA 460 72.64 -109.72 -1.33
C VAL FA 460 71.34 -110.31 -0.79
N GLY FA 461 71.47 -111.19 0.21
CA GLY FA 461 70.31 -111.80 0.83
C GLY FA 461 70.36 -111.64 2.34
N GLU FA 462 69.25 -112.01 2.98
CA GLU FA 462 69.09 -111.86 4.42
C GLU FA 462 68.64 -113.17 5.04
N ALA FA 463 69.06 -113.41 6.28
CA ALA FA 463 68.66 -114.60 7.03
C ALA FA 463 68.80 -114.29 8.51
N GLU FA 464 67.68 -114.29 9.24
CA GLU FA 464 67.71 -113.96 10.66
C GLU FA 464 68.28 -115.06 11.53
N ALA FA 465 68.14 -116.33 11.14
CA ALA FA 465 68.52 -117.43 12.01
C ALA FA 465 70.03 -117.53 12.23
N MET FA 466 70.83 -116.82 11.44
CA MET FA 466 72.27 -116.84 11.64
C MET FA 466 72.67 -116.01 12.86
N ASP FA 467 73.80 -116.36 13.45
CA ASP FA 467 74.29 -115.64 14.62
C ASP FA 467 74.67 -114.21 14.24
N ALA FA 468 74.48 -113.30 15.19
CA ALA FA 468 74.74 -111.89 14.94
C ALA FA 468 75.56 -111.19 16.01
N ASN FA 469 75.76 -111.81 17.18
CA ASN FA 469 76.55 -111.17 18.22
C ASN FA 469 77.52 -112.18 18.80
N TRP FA 470 78.71 -111.70 19.14
CA TRP FA 470 79.73 -112.50 19.80
C TRP FA 470 80.02 -112.01 21.21
N ASN FA 471 79.22 -111.09 21.72
CA ASN FA 471 79.40 -110.54 23.06
C ASN FA 471 78.30 -110.97 24.02
N THR FA 472 77.04 -110.78 23.65
CA THR FA 472 75.94 -111.21 24.51
C THR FA 472 75.76 -112.73 24.45
N SER FA 473 76.15 -113.37 23.35
CA SER FA 473 76.01 -114.80 23.24
C SER FA 473 77.08 -115.52 24.06
N ALA FA 474 76.72 -116.72 24.52
CA ALA FA 474 77.64 -117.57 25.26
C ALA FA 474 78.33 -118.60 24.38
N SER FA 475 78.06 -118.58 23.08
CA SER FA 475 78.64 -119.57 22.18
C SER FA 475 80.14 -119.35 22.02
N ALA FA 476 80.89 -120.45 22.01
CA ALA FA 476 82.33 -120.37 21.75
C ALA FA 476 82.61 -119.98 20.31
N ASP FA 477 81.81 -120.48 19.37
CA ASP FA 477 81.97 -120.20 17.96
C ASP FA 477 80.79 -119.37 17.47
N ASN FA 478 81.08 -118.45 16.53
CA ASN FA 478 80.08 -117.54 15.99
C ASN FA 478 80.32 -117.38 14.51
N PHE FA 479 79.38 -117.85 13.70
CA PHE FA 479 79.44 -117.72 12.25
C PHE FA 479 78.55 -116.54 11.84
N VAL FA 480 79.17 -115.49 11.32
CA VAL FA 480 78.47 -114.23 11.12
C VAL FA 480 78.29 -113.86 9.65
N LEU FA 481 79.20 -114.27 8.75
CA LEU FA 481 79.11 -113.88 7.37
C LEU FA 481 79.36 -115.10 6.49
N LEU FA 482 78.64 -115.18 5.37
CA LEU FA 482 78.76 -116.29 4.45
C LEU FA 482 78.65 -115.78 3.02
N TYR FA 483 79.49 -116.32 2.15
CA TYR FA 483 79.47 -115.99 0.73
C TYR FA 483 80.01 -117.17 -0.06
N GLY FA 484 79.28 -117.56 -1.09
CA GLY FA 484 79.69 -118.72 -1.86
C GLY FA 484 78.73 -118.98 -3.00
N ASN FA 485 79.07 -119.97 -3.81
CA ASN FA 485 78.28 -120.34 -4.99
C ASN FA 485 77.11 -121.19 -4.53
N PHE FA 486 75.92 -120.60 -4.51
CA PHE FA 486 74.76 -121.30 -3.98
C PHE FA 486 74.17 -122.31 -4.96
N GLN FA 487 74.70 -122.42 -6.17
CA GLN FA 487 74.25 -123.44 -7.09
C GLN FA 487 74.57 -124.86 -6.58
N ASN FA 488 75.43 -124.98 -5.59
CA ASN FA 488 75.80 -126.27 -5.02
C ASN FA 488 75.05 -126.58 -3.73
N TYR FA 489 73.94 -125.92 -3.46
CA TYR FA 489 73.08 -126.25 -2.32
C TYR FA 489 71.81 -126.88 -2.87
N VAL FA 490 71.64 -128.18 -2.62
CA VAL FA 490 70.55 -128.95 -3.20
C VAL FA 490 69.47 -129.17 -2.14
N ILE FA 491 68.24 -128.78 -2.47
CA ILE FA 491 67.07 -128.99 -1.62
C ILE FA 491 66.07 -129.83 -2.40
N ALA FA 492 65.64 -130.94 -1.82
CA ALA FA 492 64.71 -131.86 -2.46
C ALA FA 492 63.35 -131.74 -1.80
N ASP FA 493 62.32 -131.50 -2.60
CA ASP FA 493 60.95 -131.37 -2.12
C ASP FA 493 60.13 -132.56 -2.61
N ARG FA 494 59.46 -133.24 -1.68
CA ARG FA 494 58.68 -134.43 -2.01
C ARG FA 494 57.18 -134.20 -1.83
N ILE FA 495 56.73 -133.84 -0.64
CA ILE FA 495 55.33 -133.62 -0.36
C ILE FA 495 55.17 -132.35 0.46
N GLY FA 496 54.26 -131.48 0.04
CA GLY FA 496 54.00 -130.24 0.74
C GLY FA 496 53.13 -130.46 1.97
N MET FA 497 52.74 -129.36 2.59
CA MET FA 497 51.91 -129.41 3.78
C MET FA 497 50.53 -129.96 3.45
N THR FA 498 50.09 -130.95 4.22
CA THR FA 498 48.75 -131.50 4.13
C THR FA 498 48.19 -131.64 5.54
N VAL FA 499 46.90 -131.36 5.68
CA VAL FA 499 46.22 -131.40 6.97
C VAL FA 499 45.14 -132.47 6.91
N GLU FA 500 45.13 -133.35 7.91
CA GLU FA 500 44.13 -134.41 8.03
C GLU FA 500 43.33 -134.22 9.31
N PHE FA 501 42.06 -134.60 9.24
CA PHE FA 501 41.13 -134.45 10.36
C PHE FA 501 40.75 -135.85 10.85
N ILE FA 502 41.18 -136.18 12.07
CA ILE FA 502 40.82 -137.45 12.69
C ILE FA 502 39.53 -137.26 13.48
N PRO FA 503 38.43 -137.89 13.08
CA PRO FA 503 37.15 -137.64 13.76
C PRO FA 503 37.08 -138.16 15.19
N HIS FA 504 37.93 -139.10 15.60
CA HIS FA 504 37.80 -139.69 16.92
C HIS FA 504 39.15 -140.05 17.48
N LEU FA 505 39.48 -139.50 18.64
CA LEU FA 505 40.60 -139.99 19.44
C LEU FA 505 40.10 -141.04 20.43
N PHE FA 506 41.04 -141.72 21.07
CA PHE FA 506 40.72 -142.79 22.01
C PHE FA 506 41.45 -142.57 23.33
N GLY FA 507 41.11 -143.39 24.31
CA GLY FA 507 41.68 -143.26 25.64
C GLY FA 507 42.58 -144.42 26.02
N THR FA 508 42.83 -144.56 27.33
CA THR FA 508 43.70 -145.63 27.79
C THR FA 508 43.10 -147.01 27.54
N ASN FA 509 41.79 -147.14 27.77
CA ASN FA 509 41.12 -148.44 27.68
C ASN FA 509 40.53 -148.69 26.30
N ARG FA 510 41.12 -148.11 25.26
CA ARG FA 510 40.69 -148.32 23.88
C ARG FA 510 39.22 -147.97 23.69
N ARG FA 511 38.78 -146.90 24.35
CA ARG FA 511 37.40 -146.43 24.27
C ARG FA 511 37.39 -144.95 23.95
N PRO FA 512 36.35 -144.47 23.26
CA PRO FA 512 36.28 -143.05 22.94
C PRO FA 512 36.24 -142.18 24.19
N ASN FA 513 36.87 -141.02 24.11
CA ASN FA 513 36.90 -140.06 25.20
C ASN FA 513 36.29 -138.71 24.85
N GLY FA 514 35.77 -138.56 23.63
CA GLY FA 514 35.11 -137.33 23.23
C GLY FA 514 36.07 -136.24 22.83
N SER FA 515 36.96 -136.52 21.89
CA SER FA 515 37.95 -135.55 21.45
C SER FA 515 38.26 -135.80 19.97
N ARG FA 516 38.83 -134.78 19.34
CA ARG FA 516 39.21 -134.83 17.93
C ARG FA 516 40.58 -134.20 17.77
N GLY FA 517 41.15 -134.36 16.57
CA GLY FA 517 42.48 -133.84 16.34
C GLY FA 517 42.71 -133.45 14.89
N TRP FA 518 43.86 -132.82 14.66
CA TRP FA 518 44.32 -132.46 13.33
C TRP FA 518 45.74 -132.98 13.15
N PHE FA 519 46.03 -133.53 11.96
CA PHE FA 519 47.34 -134.07 11.64
C PHE FA 519 47.91 -133.33 10.45
N ALA FA 520 49.17 -132.90 10.56
CA ALA FA 520 49.83 -132.15 9.49
C ALA FA 520 51.26 -132.64 9.35
N TYR FA 521 51.75 -132.70 8.11
CA TYR FA 521 53.10 -133.18 7.84
C TYR FA 521 53.54 -132.71 6.46
N TYR FA 522 54.85 -132.78 6.24
CA TYR FA 522 55.43 -132.58 4.92
C TYR FA 522 56.82 -133.20 4.93
N ARG FA 523 57.41 -133.34 3.75
CA ARG FA 523 58.69 -134.03 3.63
C ARG FA 523 59.62 -133.27 2.68
N MET FA 524 60.89 -133.18 3.07
CA MET FA 524 61.91 -132.53 2.26
C MET FA 524 63.28 -132.95 2.79
N GLY FA 525 64.33 -132.40 2.16
CA GLY FA 525 65.69 -132.68 2.59
C GLY FA 525 66.70 -131.81 1.88
N ALA FA 526 67.86 -131.57 2.49
CA ALA FA 526 68.85 -130.68 1.91
C ALA FA 526 70.23 -131.04 2.43
N ASP FA 527 71.24 -130.67 1.65
CA ASP FA 527 72.63 -130.91 1.99
C ASP FA 527 73.51 -130.12 1.03
N VAL FA 528 74.82 -130.17 1.27
CA VAL FA 528 75.81 -129.51 0.45
C VAL FA 528 76.60 -130.56 -0.32
N VAL FA 529 76.73 -130.36 -1.63
CA VAL FA 529 77.42 -131.32 -2.48
C VAL FA 529 78.89 -130.98 -2.64
N ASN FA 530 79.27 -129.71 -2.51
CA ASN FA 530 80.65 -129.28 -2.69
C ASN FA 530 81.03 -128.34 -1.56
N PRO FA 531 81.95 -128.71 -0.67
CA PRO FA 531 82.31 -127.84 0.46
C PRO FA 531 83.18 -126.64 0.09
N ASN FA 532 83.84 -126.65 -1.07
CA ASN FA 532 84.77 -125.58 -1.43
C ASN FA 532 84.14 -124.47 -2.26
N ALA FA 533 82.84 -124.56 -2.55
CA ALA FA 533 82.15 -123.51 -3.30
C ALA FA 533 81.63 -122.41 -2.41
N PHE FA 534 82.00 -122.41 -1.13
CA PHE FA 534 81.53 -121.44 -0.16
C PHE FA 534 82.69 -120.97 0.70
N ARG FA 535 82.52 -119.80 1.31
CA ARG FA 535 83.45 -119.31 2.31
C ARG FA 535 82.65 -118.80 3.50
N LEU FA 536 83.13 -119.09 4.71
CA LEU FA 536 82.42 -118.76 5.94
C LEU FA 536 83.36 -118.10 6.92
N LEU FA 537 82.85 -117.10 7.63
CA LEU FA 537 83.63 -116.35 8.61
C LEU FA 537 83.23 -116.75 10.02
N ASN FA 538 84.22 -117.08 10.83
CA ASN FA 538 84.00 -117.52 12.21
C ASN FA 538 84.72 -116.57 13.15
N VAL FA 539 83.98 -115.98 14.08
CA VAL FA 539 84.54 -115.10 15.10
C VAL FA 539 84.62 -115.91 16.39
N GLU FA 540 85.81 -116.41 16.70
CA GLU FA 540 86.02 -117.24 17.89
C GLU FA 540 86.41 -116.35 19.06
N THR FA 541 85.59 -116.36 20.11
CA THR FA 541 85.88 -115.60 21.32
C THR FA 541 86.49 -116.51 22.38
N ALA FA 542 86.99 -115.89 23.44
CA ALA FA 542 87.55 -116.65 24.55
C ALA FA 542 86.45 -117.43 25.25
N SER FA 543 86.69 -118.71 25.49
CA SER FA 543 85.68 -119.56 26.11
C SER FA 543 86.10 -119.95 27.53
N MET GA 251 55.81 -152.81 7.79
CA MET GA 251 56.11 -152.46 6.40
C MET GA 251 56.50 -150.99 6.27
N GLY GA 252 57.77 -150.75 6.01
CA GLY GA 252 58.28 -149.40 5.92
C GLY GA 252 59.33 -149.26 4.85
N LEU GA 253 60.30 -148.38 5.09
CA LEU GA 253 61.33 -148.08 4.10
C LEU GA 253 62.58 -148.94 4.24
N THR GA 254 62.63 -149.83 5.22
CA THR GA 254 63.77 -150.73 5.33
C THR GA 254 63.79 -151.69 4.15
N LYS GA 255 65.01 -152.06 3.73
CA LYS GA 255 65.17 -152.80 2.50
C LYS GA 255 64.46 -154.15 2.55
N ALA GA 256 64.66 -154.90 3.64
CA ALA GA 256 64.05 -156.22 3.74
C ALA GA 256 62.53 -156.14 3.81
N ASP GA 257 62.01 -155.17 4.54
CA ASP GA 257 60.56 -155.04 4.74
C ASP GA 257 59.99 -154.08 3.71
N GLY GA 258 59.91 -154.55 2.49
CA GLY GA 258 59.29 -153.79 1.41
C GLY GA 258 60.00 -152.51 1.05
N GLY GA 259 61.33 -152.52 1.01
CA GLY GA 259 62.08 -151.34 0.62
C GLY GA 259 62.72 -151.48 -0.74
N TYR GA 260 62.68 -152.69 -1.30
CA TYR GA 260 63.33 -152.94 -2.58
C TYR GA 260 62.50 -152.44 -3.76
N LEU GA 261 61.23 -152.10 -3.54
CA LEU GA 261 60.38 -151.64 -4.63
C LEU GA 261 60.58 -150.16 -4.95
N VAL GA 262 61.35 -149.43 -4.15
CA VAL GA 262 61.53 -148.00 -4.38
C VAL GA 262 62.46 -147.80 -5.58
N PRO GA 263 62.05 -147.00 -6.57
CA PRO GA 263 62.92 -146.79 -7.74
C PRO GA 263 64.17 -146.00 -7.36
N PHE GA 264 65.21 -146.20 -8.15
CA PHE GA 264 66.51 -145.57 -7.95
C PHE GA 264 66.60 -144.30 -8.79
N GLN GA 265 67.00 -143.20 -8.15
CA GLN GA 265 67.12 -141.91 -8.81
C GLN GA 265 68.57 -141.45 -8.73
N LEU GA 266 69.10 -140.98 -9.85
CA LEU GA 266 70.48 -140.54 -9.95
C LEU GA 266 70.58 -139.38 -10.94
N ASP GA 267 71.57 -138.52 -10.71
CA ASP GA 267 71.82 -137.38 -11.58
C ASP GA 267 73.03 -137.65 -12.47
N PRO GA 268 72.85 -137.77 -13.79
CA PRO GA 268 73.99 -138.13 -14.65
C PRO GA 268 75.10 -137.10 -14.69
N THR GA 269 74.79 -135.81 -14.56
CA THR GA 269 75.80 -134.77 -14.76
C THR GA 269 76.86 -134.81 -13.68
N VAL GA 270 78.10 -134.61 -14.08
CA VAL GA 270 79.25 -134.67 -13.18
C VAL GA 270 79.53 -133.29 -12.63
N ILE GA 271 79.77 -133.21 -11.33
CA ILE GA 271 80.10 -131.97 -10.65
C ILE GA 271 81.61 -131.99 -10.36
N ILE GA 272 82.34 -131.09 -11.01
CA ILE GA 272 83.78 -131.04 -10.83
C ILE GA 272 84.09 -130.34 -9.51
N THR GA 273 84.86 -131.01 -8.65
CA THR GA 273 85.17 -130.52 -7.32
C THR GA 273 86.58 -129.97 -7.25
N SER GA 274 87.07 -129.41 -8.36
CA SER GA 274 88.40 -128.85 -8.44
C SER GA 274 88.31 -127.34 -8.64
N ASN GA 275 89.18 -126.61 -7.95
CA ASN GA 275 89.17 -125.15 -8.04
C ASN GA 275 89.52 -124.68 -9.44
N GLY GA 276 90.48 -125.34 -10.09
CA GLY GA 276 90.96 -124.86 -11.37
C GLY GA 276 91.91 -123.68 -11.17
N SER GA 277 92.10 -122.94 -12.26
CA SER GA 277 92.95 -121.75 -12.21
C SER GA 277 92.54 -120.78 -13.32
N LEU GA 278 92.77 -119.50 -13.05
CA LEU GA 278 92.48 -118.43 -13.99
C LEU GA 278 93.77 -117.70 -14.30
N ASN GA 279 94.02 -117.43 -15.58
CA ASN GA 279 95.22 -116.72 -15.99
C ASN GA 279 94.90 -115.77 -17.13
N ASP GA 280 95.66 -114.69 -17.21
CA ASP GA 280 95.48 -113.68 -18.25
C ASP GA 280 96.78 -113.39 -19.00
N ILE GA 281 97.82 -114.18 -18.80
CA ILE GA 281 99.08 -113.94 -19.51
C ILE GA 281 98.90 -114.11 -21.01
N ARG GA 282 98.17 -115.15 -21.42
CA ARG GA 282 98.04 -115.45 -22.85
C ARG GA 282 97.34 -114.32 -23.60
N ARG GA 283 96.53 -113.52 -22.92
CA ARG GA 283 95.88 -112.39 -23.58
C ARG GA 283 96.82 -111.21 -23.78
N PHE GA 284 97.93 -111.16 -23.05
CA PHE GA 284 98.89 -110.07 -23.19
C PHE GA 284 100.24 -110.51 -23.73
N ALA GA 285 100.60 -111.78 -23.59
CA ALA GA 285 101.90 -112.24 -24.06
C ALA GA 285 101.91 -112.33 -25.58
N ARG GA 286 103.10 -112.54 -26.14
CA ARG GA 286 103.31 -112.61 -27.57
C ARG GA 286 103.51 -114.06 -27.98
N GLN GA 287 102.77 -114.50 -28.99
CA GLN GA 287 102.78 -115.89 -29.44
C GLN GA 287 103.42 -115.98 -30.82
N VAL GA 288 104.44 -116.82 -30.94
CA VAL GA 288 105.12 -117.06 -32.20
C VAL GA 288 105.26 -118.58 -32.37
N VAL GA 289 105.00 -119.06 -33.58
CA VAL GA 289 105.04 -120.49 -33.83
C VAL GA 289 106.49 -120.93 -34.02
N ALA GA 290 106.81 -122.11 -33.48
CA ALA GA 290 108.14 -122.68 -33.59
C ALA GA 290 108.08 -123.96 -34.42
N THR GA 291 109.02 -124.09 -35.37
CA THR GA 291 109.07 -125.22 -36.28
C THR GA 291 110.29 -126.10 -36.02
N GLY GA 292 110.70 -126.20 -34.76
CA GLY GA 292 111.89 -126.96 -34.43
C GLY GA 292 112.08 -127.03 -32.93
N ASP GA 293 113.28 -127.45 -32.53
CA ASP GA 293 113.57 -127.67 -31.12
C ASP GA 293 113.61 -126.36 -30.35
N VAL GA 294 114.36 -125.38 -30.84
CA VAL GA 294 114.64 -124.16 -30.11
C VAL GA 294 114.41 -122.96 -31.02
N TRP GA 295 113.77 -121.92 -30.48
CA TRP GA 295 113.51 -120.69 -31.21
C TRP GA 295 114.55 -119.65 -30.81
N HIS GA 296 115.26 -119.12 -31.80
CA HIS GA 296 116.35 -118.18 -31.58
C HIS GA 296 115.96 -116.79 -32.07
N GLY GA 297 116.64 -115.78 -31.52
CA GLY GA 297 116.37 -114.40 -31.87
C GLY GA 297 117.59 -113.56 -31.62
N VAL GA 298 117.51 -112.29 -32.03
CA VAL GA 298 118.63 -111.36 -31.91
C VAL GA 298 118.14 -110.08 -31.24
N SER GA 299 118.95 -109.55 -30.32
CA SER GA 299 118.67 -108.29 -29.65
C SER GA 299 119.96 -107.47 -29.60
N SER GA 300 119.80 -106.16 -29.68
CA SER GA 300 120.95 -105.26 -29.71
C SER GA 300 120.58 -103.97 -29.01
N ALA GA 301 121.51 -103.01 -29.01
CA ALA GA 301 121.34 -101.74 -28.31
C ALA GA 301 121.68 -100.59 -29.26
N ALA GA 302 121.51 -99.37 -28.76
CA ALA GA 302 121.72 -98.18 -29.57
C ALA GA 302 123.20 -97.84 -29.66
N VAL GA 303 123.51 -96.82 -30.45
CA VAL GA 303 124.88 -96.35 -30.67
C VAL GA 303 125.07 -95.05 -29.90
N GLN GA 304 126.16 -94.98 -29.14
CA GLN GA 304 126.43 -93.80 -28.31
C GLN GA 304 127.05 -92.70 -29.16
N TRP GA 305 126.35 -91.57 -29.26
CA TRP GA 305 126.87 -90.40 -29.96
C TRP GA 305 127.57 -89.47 -28.97
N SER GA 306 128.18 -88.42 -29.50
CA SER GA 306 128.89 -87.46 -28.65
C SER GA 306 128.97 -86.12 -29.38
N TRP GA 307 129.20 -85.07 -28.61
CA TRP GA 307 129.39 -83.72 -29.15
C TRP GA 307 130.87 -83.41 -29.20
N ASP GA 308 131.46 -83.50 -30.38
CA ASP GA 308 132.86 -83.23 -30.59
C ASP GA 308 133.06 -81.83 -31.19
N ALA GA 309 134.30 -81.37 -31.13
CA ALA GA 309 134.69 -80.07 -31.66
C ALA GA 309 135.46 -80.26 -32.96
N GLU GA 310 135.97 -79.16 -33.50
CA GLU GA 310 136.72 -79.21 -34.75
C GLU GA 310 138.03 -79.97 -34.54
N PHE GA 311 138.35 -80.85 -35.49
CA PHE GA 311 139.58 -81.61 -35.48
C PHE GA 311 139.72 -82.42 -34.18
N GLU GA 312 138.77 -83.31 -33.96
CA GLU GA 312 138.75 -84.12 -32.75
C GLU GA 312 138.51 -85.59 -33.11
N GLU GA 313 139.14 -86.48 -32.35
CA GLU GA 313 138.94 -87.91 -32.54
C GLU GA 313 137.48 -88.29 -32.28
N VAL GA 314 137.05 -89.35 -32.95
CA VAL GA 314 135.75 -89.94 -32.70
C VAL GA 314 135.95 -91.18 -31.84
N SER GA 315 134.97 -91.45 -30.99
CA SER GA 315 135.02 -92.58 -30.06
C SER GA 315 134.47 -93.84 -30.73
N ASP GA 316 135.08 -94.97 -30.43
CA ASP GA 316 134.62 -96.25 -30.96
C ASP GA 316 133.28 -96.61 -30.33
N ASP GA 317 132.27 -96.83 -31.17
CA ASP GA 317 130.90 -97.01 -30.73
C ASP GA 317 130.30 -98.27 -31.30
N SER GA 318 131.04 -99.37 -31.24
CA SER GA 318 130.53 -100.64 -31.74
C SER GA 318 129.46 -101.18 -30.79
N PRO GA 319 128.25 -101.45 -31.26
CA PRO GA 319 127.20 -101.98 -30.39
C PRO GA 319 127.45 -103.45 -30.06
N GLU GA 320 126.79 -103.92 -29.02
CA GLU GA 320 126.86 -105.32 -28.61
C GLU GA 320 125.52 -105.99 -28.85
N PHE GA 321 125.58 -107.29 -29.17
CA PHE GA 321 124.40 -108.05 -29.56
C PHE GA 321 124.12 -109.15 -28.55
N GLY GA 322 122.98 -109.81 -28.74
CA GLY GA 322 122.58 -110.89 -27.86
C GLY GA 322 121.66 -111.84 -28.59
N GLN GA 323 121.60 -113.07 -28.08
CA GLN GA 323 120.77 -114.13 -28.68
C GLN GA 323 120.02 -114.89 -27.60
N PRO GA 324 118.74 -114.61 -27.37
CA PRO GA 324 117.97 -115.42 -26.43
C PRO GA 324 117.55 -116.75 -27.05
N GLU GA 325 117.38 -117.75 -26.19
CA GLU GA 325 116.98 -119.09 -26.59
C GLU GA 325 115.74 -119.52 -25.81
N ILE GA 326 114.81 -120.17 -26.50
CA ILE GA 326 113.59 -120.66 -25.88
C ILE GA 326 113.43 -122.14 -26.18
N PRO GA 327 113.97 -123.02 -25.33
CA PRO GA 327 113.76 -124.46 -25.54
C PRO GA 327 112.29 -124.82 -25.38
N VAL GA 328 111.89 -125.88 -26.08
CA VAL GA 328 110.51 -126.36 -26.09
C VAL GA 328 110.46 -127.69 -25.35
N LYS GA 329 109.49 -127.82 -24.45
CA LYS GA 329 109.39 -128.98 -23.55
C LYS GA 329 108.01 -129.61 -23.70
N LYS GA 330 107.83 -130.78 -23.08
CA LYS GA 330 106.67 -131.63 -23.32
C LYS GA 330 105.97 -131.99 -22.02
N ALA GA 331 104.64 -131.95 -22.05
CA ALA GA 331 103.79 -132.38 -20.95
C ALA GA 331 102.97 -133.58 -21.39
N GLN GA 332 102.54 -134.39 -20.41
CA GLN GA 332 101.89 -135.66 -20.71
C GLN GA 332 100.86 -135.98 -19.65
N GLY GA 333 99.97 -136.90 -19.99
CA GLY GA 333 98.95 -137.39 -19.07
C GLY GA 333 98.32 -138.69 -19.56
N PHE GA 334 98.20 -139.68 -18.68
CA PHE GA 334 97.74 -141.01 -19.05
C PHE GA 334 96.55 -141.43 -18.21
N VAL GA 335 95.56 -142.04 -18.86
CA VAL GA 335 94.40 -142.60 -18.18
C VAL GA 335 94.07 -143.96 -18.77
N PRO GA 336 94.43 -145.06 -18.11
CA PRO GA 336 94.00 -146.38 -18.57
C PRO GA 336 92.59 -146.71 -18.10
N ILE GA 337 91.95 -147.60 -18.83
CA ILE GA 337 90.58 -148.00 -18.52
C ILE GA 337 90.36 -149.42 -19.02
N SER GA 338 89.64 -150.22 -18.23
CA SER GA 338 89.41 -151.61 -18.55
C SER GA 338 88.36 -151.75 -19.64
N ILE GA 339 88.29 -152.95 -20.23
CA ILE GA 339 87.29 -153.22 -21.26
C ILE GA 339 85.89 -153.15 -20.68
N GLU GA 340 85.68 -153.72 -19.50
CA GLU GA 340 84.35 -153.78 -18.92
C GLU GA 340 83.83 -152.40 -18.52
N ALA GA 341 84.67 -151.37 -18.50
CA ALA GA 341 84.22 -150.03 -18.17
C ALA GA 341 83.77 -149.25 -19.40
N LEU GA 342 84.37 -149.54 -20.56
CA LEU GA 342 84.00 -148.87 -21.80
C LEU GA 342 82.53 -149.12 -22.14
N GLN GA 343 82.11 -150.36 -22.10
CA GLN GA 343 80.78 -150.76 -22.57
C GLN GA 343 79.74 -150.80 -21.46
N ASP GA 344 80.11 -150.52 -20.22
CA ASP GA 344 79.18 -150.52 -19.11
C ASP GA 344 78.82 -149.12 -18.64
N GLU GA 345 79.81 -148.31 -18.28
CA GLU GA 345 79.54 -146.95 -17.84
C GLU GA 345 79.18 -146.08 -19.04
N ALA GA 346 78.42 -145.02 -18.76
CA ALA GA 346 77.84 -144.18 -19.80
C ALA GA 346 78.60 -142.87 -19.93
N ASN GA 347 78.82 -142.45 -21.18
CA ASN GA 347 79.42 -141.15 -21.49
C ASN GA 347 80.78 -140.98 -20.82
N VAL GA 348 81.57 -142.05 -20.82
CA VAL GA 348 82.88 -142.00 -20.18
C VAL GA 348 83.84 -141.14 -20.99
N THR GA 349 83.83 -141.27 -22.32
CA THR GA 349 84.82 -140.60 -23.15
C THR GA 349 84.72 -139.09 -23.03
N GLU GA 350 83.51 -138.55 -23.10
CA GLU GA 350 83.32 -137.11 -23.01
C GLU GA 350 83.76 -136.58 -21.65
N THR GA 351 83.39 -137.29 -20.58
CA THR GA 351 83.77 -136.86 -19.25
C THR GA 351 85.29 -136.86 -19.09
N VAL GA 352 85.95 -137.90 -19.58
CA VAL GA 352 87.41 -137.96 -19.46
C VAL GA 352 88.07 -136.87 -20.29
N ALA GA 353 87.50 -136.57 -21.47
CA ALA GA 353 88.03 -135.48 -22.28
C ALA GA 353 87.93 -134.16 -21.54
N LEU GA 354 86.79 -133.91 -20.88
CA LEU GA 354 86.65 -132.70 -20.10
C LEU GA 354 87.67 -132.66 -18.96
N LEU GA 355 87.87 -133.79 -18.28
CA LEU GA 355 88.83 -133.82 -17.19
C LEU GA 355 90.25 -133.53 -17.70
N PHE GA 356 90.59 -134.08 -18.87
CA PHE GA 356 91.88 -133.78 -19.49
C PHE GA 356 92.00 -132.30 -19.79
N ALA GA 357 90.93 -131.69 -20.29
CA ALA GA 357 90.97 -130.26 -20.61
C ALA GA 357 91.23 -129.43 -19.37
N GLU GA 358 90.52 -129.74 -18.27
CA GLU GA 358 90.76 -129.00 -17.03
C GLU GA 358 92.17 -129.18 -16.53
N GLY GA 359 92.70 -130.41 -16.57
CA GLY GA 359 94.07 -130.63 -16.13
C GLY GA 359 95.07 -129.84 -16.94
N LYS GA 360 94.91 -129.86 -18.28
CA LYS GA 360 95.83 -129.11 -19.14
C LYS GA 360 95.75 -127.62 -18.86
N ASP GA 361 94.54 -127.09 -18.69
CA ASP GA 361 94.40 -125.66 -18.41
C ASP GA 361 95.07 -125.29 -17.10
N GLU GA 362 94.86 -126.10 -16.06
CA GLU GA 362 95.49 -125.82 -14.76
C GLU GA 362 97.00 -125.82 -14.89
N LEU GA 363 97.56 -126.83 -15.56
CA LEU GA 363 99.01 -126.91 -15.70
C LEU GA 363 99.56 -125.72 -16.47
N GLU GA 364 98.89 -125.35 -17.56
CA GLU GA 364 99.36 -124.24 -18.37
C GLU GA 364 99.35 -122.94 -17.58
N ALA GA 365 98.25 -122.67 -16.86
CA ALA GA 365 98.18 -121.43 -16.09
C ALA GA 365 99.26 -121.39 -15.01
N VAL GA 366 99.42 -122.49 -14.28
CA VAL GA 366 100.40 -122.51 -13.20
C VAL GA 366 101.80 -122.30 -13.74
N THR GA 367 102.15 -123.00 -14.83
CA THR GA 367 103.49 -122.85 -15.40
C THR GA 367 103.72 -121.45 -15.93
N LEU GA 368 102.73 -120.89 -16.65
CA LEU GA 368 102.92 -119.56 -17.22
C LEU GA 368 103.10 -118.51 -16.14
N THR GA 369 102.31 -118.59 -15.06
CA THR GA 369 102.46 -117.60 -13.99
C THR GA 369 103.80 -117.74 -13.29
N THR GA 370 104.21 -118.99 -12.98
CA THR GA 370 105.47 -119.23 -12.28
C THR GA 370 106.00 -120.59 -12.70
N GLY GA 371 107.12 -120.60 -13.38
CA GLY GA 371 107.79 -121.83 -13.81
C GLY GA 371 109.25 -121.79 -13.41
N THR GA 372 109.76 -122.94 -12.97
CA THR GA 372 111.13 -123.00 -12.47
C THR GA 372 112.15 -122.66 -13.55
N GLY GA 373 111.95 -123.15 -14.77
CA GLY GA 373 112.89 -122.96 -15.84
C GLY GA 373 114.01 -123.98 -15.90
N GLN GA 374 114.11 -124.87 -14.92
CA GLN GA 374 115.10 -125.92 -14.91
C GLN GA 374 114.40 -127.27 -15.05
N GLY GA 375 115.21 -128.30 -15.29
CA GLY GA 375 114.69 -129.65 -15.47
C GLY GA 375 113.81 -129.78 -16.70
N ASN GA 376 112.52 -130.05 -16.49
CA ASN GA 376 111.58 -130.24 -17.59
C ASN GA 376 110.51 -129.16 -17.61
N GLN GA 377 110.71 -128.07 -16.88
CA GLN GA 377 109.70 -127.02 -16.78
C GLN GA 377 110.15 -125.77 -17.52
N PRO GA 378 109.24 -125.12 -18.24
CA PRO GA 378 109.57 -123.83 -18.85
C PRO GA 378 109.77 -122.76 -17.78
N THR GA 379 110.12 -121.56 -18.24
CA THR GA 379 110.44 -120.45 -17.36
C THR GA 379 109.23 -119.54 -17.21
N GLY GA 380 108.83 -119.30 -15.96
CA GLY GA 380 107.74 -118.39 -15.70
C GLY GA 380 108.19 -116.94 -15.70
N ILE GA 381 107.20 -116.04 -15.76
CA ILE GA 381 107.48 -114.61 -15.84
C ILE GA 381 108.11 -114.12 -14.53
N VAL GA 382 107.51 -114.49 -13.39
CA VAL GA 382 108.00 -114.00 -12.11
C VAL GA 382 109.36 -114.61 -11.79
N THR GA 383 109.55 -115.88 -12.15
CA THR GA 383 110.85 -116.51 -11.93
C THR GA 383 111.92 -115.88 -12.80
N ALA GA 384 111.59 -115.58 -14.05
CA ALA GA 384 112.55 -114.94 -14.94
C ALA GA 384 112.91 -113.55 -14.44
N LEU GA 385 111.92 -112.80 -13.96
CA LEU GA 385 112.17 -111.44 -13.49
C LEU GA 385 112.84 -111.39 -12.13
N ALA GA 386 112.77 -112.47 -11.35
CA ALA GA 386 113.33 -112.46 -10.00
C ALA GA 386 114.86 -112.38 -10.06
N GLY GA 387 115.42 -111.49 -9.24
CA GLY GA 387 116.85 -111.28 -9.21
C GLY GA 387 117.37 -110.31 -10.24
N THR GA 388 116.57 -110.01 -11.25
CA THR GA 388 116.96 -109.10 -12.32
C THR GA 388 116.85 -107.65 -11.82
N ALA GA 389 117.37 -106.71 -12.61
CA ALA GA 389 117.24 -105.30 -12.29
C ALA GA 389 115.80 -104.85 -12.23
N ALA GA 390 114.86 -105.62 -12.79
CA ALA GA 390 113.45 -105.28 -12.72
C ALA GA 390 112.90 -105.29 -11.31
N GLU GA 391 113.54 -106.02 -10.39
CA GLU GA 391 113.03 -106.14 -9.03
C GLU GA 391 113.29 -104.87 -8.24
N ILE GA 392 112.25 -104.37 -7.59
CA ILE GA 392 112.35 -103.15 -6.78
C ILE GA 392 111.81 -103.42 -5.39
N ALA GA 393 111.86 -102.43 -4.51
CA ALA GA 393 111.50 -102.58 -3.11
C ALA GA 393 110.50 -101.50 -2.71
N PRO GA 394 109.67 -101.77 -1.70
CA PRO GA 394 108.69 -100.77 -1.27
C PRO GA 394 109.37 -99.58 -0.61
N VAL GA 395 108.64 -98.46 -0.58
CA VAL GA 395 109.13 -97.25 0.08
C VAL GA 395 109.35 -97.51 1.56
N THR GA 396 108.39 -98.15 2.21
CA THR GA 396 108.48 -98.51 3.62
C THR GA 396 108.68 -100.01 3.73
N ALA GA 397 109.63 -100.42 4.57
CA ALA GA 397 109.97 -101.83 4.69
C ALA GA 397 108.79 -102.63 5.27
N GLU GA 398 108.63 -103.86 4.76
CA GLU GA 398 107.47 -104.73 5.05
C GLU GA 398 106.17 -103.94 5.18
N THR GA 399 105.88 -103.12 4.17
CA THR GA 399 104.66 -102.33 4.14
C THR GA 399 104.26 -102.11 2.68
N PHE GA 400 102.97 -102.27 2.39
CA PHE GA 400 102.42 -101.97 1.08
C PHE GA 400 101.56 -100.71 1.21
N ALA GA 401 101.89 -99.69 0.43
CA ALA GA 401 101.22 -98.41 0.52
C ALA GA 401 100.72 -97.98 -0.87
N LEU GA 402 100.11 -96.80 -0.92
CA LEU GA 402 99.67 -96.24 -2.20
C LEU GA 402 100.87 -95.83 -3.06
N ALA GA 403 101.92 -95.30 -2.42
CA ALA GA 403 103.07 -94.83 -3.17
C ALA GA 403 103.79 -95.93 -3.92
N ASP GA 404 103.64 -97.19 -3.49
CA ASP GA 404 104.30 -98.29 -4.18
C ASP GA 404 103.79 -98.46 -5.61
N VAL GA 405 102.48 -98.28 -5.80
CA VAL GA 405 101.92 -98.40 -7.15
C VAL GA 405 102.46 -97.31 -8.05
N TYR GA 406 102.51 -96.07 -7.54
CA TYR GA 406 103.07 -94.98 -8.33
C TYR GA 406 104.54 -95.25 -8.64
N ALA GA 407 105.28 -95.77 -7.66
CA ALA GA 407 106.69 -96.07 -7.88
C ALA GA 407 106.86 -97.11 -8.98
N VAL GA 408 106.16 -98.24 -8.88
CA VAL GA 408 106.31 -99.30 -9.86
C VAL GA 408 105.89 -98.81 -11.24
N TYR GA 409 104.97 -97.86 -11.29
CA TYR GA 409 104.60 -97.28 -12.59
C TYR GA 409 105.70 -96.36 -13.13
N GLU GA 410 106.37 -95.62 -12.25
CA GLU GA 410 107.24 -94.55 -12.72
C GLU GA 410 108.51 -95.06 -13.39
N GLN GA 411 109.20 -96.04 -12.78
CA GLN GA 411 110.54 -96.37 -13.24
C GLN GA 411 110.57 -96.86 -14.69
N LEU GA 412 109.47 -97.47 -15.15
CA LEU GA 412 109.44 -97.99 -16.51
C LEU GA 412 109.57 -96.85 -17.51
N ALA GA 413 110.44 -97.03 -18.49
CA ALA GA 413 110.70 -95.98 -19.48
C ALA GA 413 109.48 -95.75 -20.36
N ALA GA 414 109.36 -94.53 -20.88
CA ALA GA 414 108.21 -94.16 -21.68
C ALA GA 414 108.10 -94.97 -22.96
N ARG GA 415 109.19 -95.62 -23.39
CA ARG GA 415 109.11 -96.51 -24.54
C ARG GA 415 108.14 -97.65 -24.29
N HIS GA 416 108.19 -98.25 -23.10
CA HIS GA 416 107.28 -99.33 -22.73
C HIS GA 416 106.14 -98.88 -21.83
N ARG GA 417 106.30 -97.76 -21.12
CA ARG GA 417 105.29 -97.34 -20.16
C ARG GA 417 103.96 -97.03 -20.84
N ARG GA 418 104.00 -96.54 -22.07
CA ARG GA 418 102.79 -96.17 -22.79
C ARG GA 418 102.11 -97.35 -23.46
N GLN GA 419 102.69 -98.54 -23.40
CA GLN GA 419 102.10 -99.73 -24.01
C GLN GA 419 102.21 -100.93 -23.08
N GLY GA 420 101.97 -100.70 -21.79
CA GLY GA 420 102.06 -101.74 -20.79
C GLY GA 420 100.70 -102.14 -20.24
N ALA GA 421 100.73 -103.11 -19.32
CA ALA GA 421 99.52 -103.60 -18.68
C ALA GA 421 99.86 -104.10 -17.29
N TRP GA 422 98.85 -104.13 -16.42
CA TRP GA 422 99.01 -104.57 -15.05
C TRP GA 422 98.58 -106.02 -14.91
N LEU GA 423 99.19 -106.72 -13.94
CA LEU GA 423 98.89 -108.12 -13.70
C LEU GA 423 99.24 -108.45 -12.26
N ALA GA 424 98.28 -108.97 -11.50
CA ALA GA 424 98.51 -109.36 -10.12
C ALA GA 424 97.35 -110.23 -9.66
N ASN GA 425 97.44 -110.70 -8.42
CA ASN GA 425 96.39 -111.51 -7.81
C ASN GA 425 95.23 -110.63 -7.35
N ASN GA 426 94.09 -111.27 -7.10
CA ASN GA 426 92.90 -110.53 -6.69
C ASN GA 426 93.10 -109.87 -5.33
N LEU GA 427 93.84 -110.53 -4.44
CA LEU GA 427 94.04 -109.99 -3.10
C LEU GA 427 94.76 -108.65 -3.15
N ILE GA 428 95.78 -108.53 -4.00
CA ILE GA 428 96.51 -107.27 -4.12
C ILE GA 428 95.59 -106.17 -4.65
N TYR GA 429 94.75 -106.51 -5.63
CA TYR GA 429 93.82 -105.52 -6.15
C TYR GA 429 92.86 -105.04 -5.06
N ASN GA 430 92.35 -105.96 -4.26
CA ASN GA 430 91.43 -105.56 -3.20
C ASN GA 430 92.14 -104.76 -2.11
N LYS GA 431 93.41 -105.07 -1.85
CA LYS GA 431 94.19 -104.23 -0.93
C LYS GA 431 94.35 -102.82 -1.48
N ILE GA 432 94.61 -102.70 -2.79
CA ILE GA 432 94.67 -101.38 -3.42
C ILE GA 432 93.32 -100.67 -3.27
N ARG GA 433 92.23 -101.43 -3.34
CA ARG GA 433 90.89 -100.86 -3.22
C ARG GA 433 90.66 -100.18 -1.88
N GLN GA 434 91.47 -100.49 -0.86
CA GLN GA 434 91.28 -99.96 0.48
C GLN GA 434 92.25 -98.83 0.82
N PHE GA 435 93.00 -98.31 -0.16
CA PHE GA 435 93.94 -97.24 0.14
C PHE GA 435 93.24 -95.94 0.53
N ASP GA 436 92.01 -95.74 0.06
CA ASP GA 436 91.29 -94.50 0.32
C ASP GA 436 90.26 -94.70 1.42
N THR GA 437 90.32 -93.83 2.42
CA THR GA 437 89.33 -93.78 3.48
C THR GA 437 88.61 -92.45 3.59
N GLN GA 438 89.08 -91.42 2.89
CA GLN GA 438 88.52 -90.08 2.99
C GLN GA 438 87.96 -89.57 1.67
N GLY GA 439 87.87 -90.42 0.66
CA GLY GA 439 87.36 -89.99 -0.63
C GLY GA 439 88.25 -88.98 -1.35
N GLY GA 440 89.55 -89.23 -1.36
CA GLY GA 440 90.50 -88.33 -1.98
C GLY GA 440 90.90 -88.74 -3.38
N ALA GA 441 92.20 -88.68 -3.66
CA ALA GA 441 92.68 -89.05 -5.00
C ALA GA 441 92.64 -90.56 -5.19
N GLY GA 442 92.91 -91.33 -4.14
CA GLY GA 442 93.04 -92.77 -4.27
C GLY GA 442 91.74 -93.54 -4.26
N LEU GA 443 90.65 -92.94 -4.70
CA LEU GA 443 89.35 -93.61 -4.74
C LEU GA 443 89.23 -94.35 -6.06
N TRP GA 444 89.69 -95.60 -6.09
CA TRP GA 444 89.53 -96.42 -7.28
C TRP GA 444 88.05 -96.69 -7.56
N THR GA 445 87.33 -97.20 -6.57
CA THR GA 445 85.91 -97.46 -6.67
C THR GA 445 85.37 -97.69 -5.26
N THR GA 446 84.06 -97.85 -5.16
CA THR GA 446 83.39 -97.92 -3.87
C THR GA 446 82.80 -99.31 -3.64
N ILE GA 447 82.32 -99.52 -2.42
CA ILE GA 447 81.65 -100.77 -2.08
C ILE GA 447 80.37 -100.90 -2.87
N GLY GA 448 80.13 -102.08 -3.43
CA GLY GA 448 78.97 -102.33 -4.23
C GLY GA 448 79.19 -102.30 -5.73
N ASN GA 449 80.44 -102.19 -6.18
CA ASN GA 449 80.75 -102.21 -7.60
C ASN GA 449 81.75 -103.33 -7.87
N GLY GA 450 81.76 -103.79 -9.13
CA GLY GA 450 82.63 -104.86 -9.55
C GLY GA 450 84.07 -104.39 -9.73
N GLU GA 451 84.89 -105.31 -10.21
CA GLU GA 451 86.31 -105.02 -10.40
C GLU GA 451 86.48 -104.01 -11.53
N PRO GA 452 87.17 -102.90 -11.30
CA PRO GA 452 87.42 -101.94 -12.38
C PRO GA 452 88.21 -102.58 -13.51
N SER GA 453 87.94 -102.13 -14.73
CA SER GA 453 88.55 -102.70 -15.92
C SER GA 453 89.91 -102.09 -16.23
N GLN GA 454 90.29 -101.00 -15.58
CA GLN GA 454 91.55 -100.33 -15.89
C GLN GA 454 92.05 -99.58 -14.66
N LEU GA 455 93.37 -99.42 -14.61
CA LEU GA 455 94.03 -98.72 -13.52
C LEU GA 455 95.09 -97.80 -14.10
N LEU GA 456 95.07 -96.53 -13.69
CA LEU GA 456 95.96 -95.51 -14.22
C LEU GA 456 95.83 -95.38 -15.73
N GLY GA 457 94.62 -95.67 -16.23
CA GLY GA 457 94.38 -95.62 -17.65
C GLY GA 457 94.99 -96.74 -18.45
N ARG GA 458 95.32 -97.86 -17.82
CA ARG GA 458 95.96 -98.98 -18.48
C ARG GA 458 95.23 -100.27 -18.17
N PRO GA 459 95.28 -101.24 -19.08
CA PRO GA 459 94.57 -102.50 -18.85
C PRO GA 459 95.15 -103.27 -17.67
N VAL GA 460 94.28 -104.09 -17.05
CA VAL GA 460 94.64 -104.84 -15.85
C VAL GA 460 94.20 -106.30 -16.04
N GLY GA 461 95.02 -107.23 -15.53
CA GLY GA 461 94.72 -108.64 -15.67
C GLY GA 461 94.75 -109.34 -14.33
N GLU GA 462 94.44 -110.64 -14.37
CA GLU GA 462 94.32 -111.46 -13.18
C GLU GA 462 95.16 -112.73 -13.30
N ALA GA 463 95.79 -113.11 -12.19
CA ALA GA 463 96.57 -114.35 -12.13
C ALA GA 463 96.49 -114.88 -10.70
N GLU GA 464 95.89 -116.06 -10.54
CA GLU GA 464 95.72 -116.62 -9.20
C GLU GA 464 96.99 -117.22 -8.64
N ALA GA 465 97.91 -117.67 -9.48
CA ALA GA 465 99.09 -118.38 -9.00
C ALA GA 465 100.17 -117.45 -8.48
N MET GA 466 99.99 -116.13 -8.58
CA MET GA 466 100.92 -115.20 -7.97
C MET GA 466 100.78 -115.22 -6.45
N ASP GA 467 101.73 -114.59 -5.78
CA ASP GA 467 101.69 -114.51 -4.33
C ASP GA 467 100.50 -113.68 -3.86
N ALA GA 468 99.92 -114.07 -2.72
CA ALA GA 468 98.72 -113.42 -2.22
C ALA GA 468 98.98 -112.63 -0.95
N ASN GA 469 99.50 -113.27 0.10
CA ASN GA 469 99.67 -112.62 1.39
C ASN GA 469 101.12 -112.73 1.83
N TRP GA 470 101.71 -111.61 2.23
CA TRP GA 470 103.10 -111.57 2.65
C TRP GA 470 103.28 -111.74 4.15
N ASN GA 471 102.19 -111.78 4.91
CA ASN GA 471 102.26 -111.93 6.36
C ASN GA 471 102.02 -113.37 6.80
N THR GA 472 100.97 -114.01 6.25
CA THR GA 472 100.69 -115.40 6.58
C THR GA 472 101.72 -116.34 5.97
N SER GA 473 102.16 -116.07 4.74
CA SER GA 473 103.10 -116.96 4.07
C SER GA 473 104.47 -116.92 4.76
N ALA GA 474 105.15 -118.06 4.74
CA ALA GA 474 106.46 -118.19 5.35
C ALA GA 474 107.61 -117.91 4.38
N SER GA 475 107.31 -117.60 3.12
CA SER GA 475 108.36 -117.29 2.16
C SER GA 475 109.04 -115.98 2.51
N ALA GA 476 110.35 -115.91 2.27
CA ALA GA 476 111.09 -114.68 2.54
C ALA GA 476 110.75 -113.60 1.52
N ASP GA 477 110.61 -113.98 0.25
CA ASP GA 477 110.37 -113.05 -0.83
C ASP GA 477 108.91 -113.12 -1.28
N ASN GA 478 108.30 -111.95 -1.51
CA ASN GA 478 106.91 -111.86 -1.92
C ASN GA 478 106.81 -110.98 -3.16
N PHE GA 479 106.59 -111.61 -4.31
CA PHE GA 479 106.39 -110.89 -5.56
C PHE GA 479 104.89 -110.75 -5.79
N VAL GA 480 104.36 -109.55 -5.54
CA VAL GA 480 102.93 -109.37 -5.44
C VAL GA 480 102.35 -108.53 -6.57
N LEU GA 481 103.12 -107.61 -7.15
CA LEU GA 481 102.62 -106.72 -8.19
C LEU GA 481 103.55 -106.75 -9.39
N LEU GA 482 102.97 -106.58 -10.57
CA LEU GA 482 103.72 -106.66 -11.81
C LEU GA 482 103.14 -105.69 -12.82
N TYR GA 483 104.01 -104.94 -13.49
CA TYR GA 483 103.58 -104.05 -14.57
C TYR GA 483 104.72 -103.91 -15.56
N GLY GA 484 104.39 -103.90 -16.84
CA GLY GA 484 105.40 -103.77 -17.87
C GLY GA 484 104.84 -104.06 -19.23
N ASN GA 485 105.73 -104.11 -20.21
CA ASN GA 485 105.35 -104.40 -21.60
C ASN GA 485 105.35 -105.91 -21.79
N PHE GA 486 104.15 -106.51 -21.81
CA PHE GA 486 104.05 -107.95 -21.95
C PHE GA 486 104.40 -108.43 -23.34
N GLN GA 487 104.57 -107.54 -24.32
CA GLN GA 487 104.94 -107.96 -25.66
C GLN GA 487 106.35 -108.54 -25.73
N ASN GA 488 107.14 -108.36 -24.67
CA ASN GA 488 108.47 -108.94 -24.61
C ASN GA 488 108.48 -110.31 -23.95
N TYR GA 489 107.32 -110.87 -23.63
CA TYR GA 489 107.21 -112.23 -23.15
C TYR GA 489 106.76 -113.11 -24.31
N VAL GA 490 107.62 -114.04 -24.72
CA VAL GA 490 107.42 -114.83 -25.93
C VAL GA 490 107.05 -116.25 -25.53
N ILE GA 491 105.96 -116.75 -26.11
CA ILE GA 491 105.51 -118.13 -25.90
C ILE GA 491 105.63 -118.85 -27.24
N ALA GA 492 106.45 -119.91 -27.27
CA ALA GA 492 106.66 -120.68 -28.47
C ALA GA 492 105.92 -122.00 -28.34
N ASP GA 493 105.03 -122.27 -29.29
CA ASP GA 493 104.22 -123.48 -29.28
C ASP GA 493 104.60 -124.40 -30.44
N ARG GA 494 104.56 -125.71 -30.17
CA ARG GA 494 104.93 -126.72 -31.13
C ARG GA 494 103.75 -127.61 -31.52
N ILE GA 495 103.13 -128.28 -30.55
CA ILE GA 495 102.01 -129.18 -30.80
C ILE GA 495 100.95 -128.92 -29.75
N GLY GA 496 99.70 -128.79 -30.19
CA GLY GA 496 98.59 -128.59 -29.27
C GLY GA 496 98.21 -129.84 -28.51
N MET GA 497 96.94 -129.93 -28.12
CA MET GA 497 96.44 -131.09 -27.39
C MET GA 497 96.05 -132.19 -28.37
N THR GA 498 96.70 -133.35 -28.25
CA THR GA 498 96.40 -134.51 -29.06
C THR GA 498 96.11 -135.70 -28.15
N VAL GA 499 95.09 -136.48 -28.50
CA VAL GA 499 94.68 -137.65 -27.74
C VAL GA 499 94.80 -138.88 -28.64
N GLU GA 500 95.46 -139.91 -28.15
CA GLU GA 500 95.68 -141.16 -28.88
C GLU GA 500 94.94 -142.29 -28.19
N PHE GA 501 94.33 -143.16 -28.99
CA PHE GA 501 93.59 -144.32 -28.48
C PHE GA 501 94.48 -145.55 -28.53
N ILE GA 502 95.10 -145.87 -27.40
CA ILE GA 502 95.85 -147.11 -27.28
C ILE GA 502 94.84 -148.24 -27.11
N PRO GA 503 94.79 -149.22 -28.01
CA PRO GA 503 93.72 -150.22 -27.99
C PRO GA 503 94.05 -151.49 -27.23
N HIS GA 504 95.29 -151.68 -26.78
CA HIS GA 504 95.66 -152.92 -26.11
C HIS GA 504 96.81 -152.62 -25.15
N LEU GA 505 96.59 -152.84 -23.86
CA LEU GA 505 97.67 -152.87 -22.90
C LEU GA 505 98.05 -154.31 -22.59
N PHE GA 506 99.23 -154.48 -22.00
CA PHE GA 506 99.78 -155.81 -21.73
C PHE GA 506 100.05 -155.97 -20.24
N GLY GA 507 99.98 -157.22 -19.79
CA GLY GA 507 100.26 -157.55 -18.41
C GLY GA 507 101.74 -157.78 -18.17
N THR GA 508 102.04 -158.34 -17.00
CA THR GA 508 103.43 -158.59 -16.64
C THR GA 508 104.06 -159.64 -17.56
N ASN GA 509 103.28 -160.64 -17.95
CA ASN GA 509 103.77 -161.73 -18.79
C ASN GA 509 103.64 -161.43 -20.28
N ARG GA 510 103.58 -160.16 -20.66
CA ARG GA 510 103.52 -159.74 -22.07
C ARG GA 510 102.33 -160.36 -22.79
N ARG GA 511 101.20 -160.44 -22.11
CA ARG GA 511 99.96 -160.94 -22.68
C ARG GA 511 98.85 -159.94 -22.41
N PRO GA 512 97.81 -159.93 -23.24
CA PRO GA 512 96.73 -158.95 -23.06
C PRO GA 512 96.08 -159.06 -21.69
N ASN GA 513 95.72 -157.90 -21.15
CA ASN GA 513 95.13 -157.77 -19.82
C ASN GA 513 93.67 -157.32 -19.86
N GLY GA 514 93.11 -157.13 -21.05
CA GLY GA 514 91.75 -156.63 -21.15
C GLY GA 514 91.59 -155.21 -20.66
N SER GA 515 92.50 -154.33 -21.07
CA SER GA 515 92.42 -152.92 -20.71
C SER GA 515 92.86 -152.07 -21.90
N ARG GA 516 92.45 -150.81 -21.87
CA ARG GA 516 92.77 -149.85 -22.92
C ARG GA 516 93.23 -148.56 -22.29
N GLY GA 517 93.99 -147.77 -23.07
CA GLY GA 517 94.63 -146.59 -22.54
C GLY GA 517 94.34 -145.36 -23.39
N TRP GA 518 94.44 -144.20 -22.73
CA TRP GA 518 94.23 -142.89 -23.35
C TRP GA 518 95.46 -142.03 -23.05
N PHE GA 519 96.17 -141.64 -24.09
CA PHE GA 519 97.43 -140.91 -23.98
C PHE GA 519 97.26 -139.51 -24.57
N ALA GA 520 97.70 -138.51 -23.82
CA ALA GA 520 97.62 -137.12 -24.25
C ALA GA 520 98.94 -136.42 -23.96
N TYR GA 521 99.35 -135.55 -24.90
CA TYR GA 521 100.60 -134.82 -24.73
C TYR GA 521 100.47 -133.43 -25.34
N TYR GA 522 101.38 -132.56 -24.94
CA TYR GA 522 101.33 -131.14 -25.29
C TYR GA 522 102.73 -130.55 -25.19
N ARG GA 523 103.07 -129.68 -26.12
CA ARG GA 523 104.40 -129.08 -26.19
C ARG GA 523 104.27 -127.56 -26.22
N MET GA 524 105.12 -126.89 -25.44
CA MET GA 524 105.10 -125.43 -25.35
C MET GA 524 106.40 -124.96 -24.74
N GLY GA 525 106.76 -123.71 -25.01
CA GLY GA 525 107.91 -123.08 -24.38
C GLY GA 525 107.71 -121.59 -24.29
N ALA GA 526 108.26 -121.00 -23.24
CA ALA GA 526 108.12 -119.56 -23.04
C ALA GA 526 109.27 -119.06 -22.18
N ASP GA 527 109.57 -117.77 -22.33
CA ASP GA 527 110.68 -117.13 -21.63
C ASP GA 527 110.57 -115.63 -21.83
N VAL GA 528 111.58 -114.90 -21.34
CA VAL GA 528 111.64 -113.45 -21.41
C VAL GA 528 112.86 -113.06 -22.22
N VAL GA 529 112.66 -112.21 -23.23
CA VAL GA 529 113.77 -111.80 -24.09
C VAL GA 529 114.44 -110.54 -23.55
N ASN GA 530 113.64 -109.57 -23.12
CA ASN GA 530 114.16 -108.31 -22.60
C ASN GA 530 113.70 -108.12 -21.16
N PRO GA 531 114.56 -108.35 -20.16
CA PRO GA 531 114.13 -108.24 -18.76
C PRO GA 531 114.14 -106.83 -18.20
N ASN GA 532 114.34 -105.81 -19.03
CA ASN GA 532 114.30 -104.43 -18.59
C ASN GA 532 112.99 -103.75 -18.93
N ALA GA 533 111.98 -104.50 -19.36
CA ALA GA 533 110.68 -103.97 -19.70
C ALA GA 533 109.63 -104.23 -18.62
N PHE GA 534 110.07 -104.56 -17.41
CA PHE GA 534 109.16 -104.85 -16.31
C PHE GA 534 109.73 -104.24 -15.02
N ARG GA 535 108.86 -104.07 -14.04
CA ARG GA 535 109.26 -103.50 -12.76
C ARG GA 535 108.61 -104.27 -11.61
N LEU GA 536 108.71 -105.60 -11.66
CA LEU GA 536 108.08 -106.44 -10.63
C LEU GA 536 108.54 -106.02 -9.23
N LEU GA 537 107.59 -105.95 -8.32
CA LEU GA 537 107.82 -105.47 -6.96
C LEU GA 537 107.94 -106.63 -5.99
N ASN GA 538 108.93 -106.53 -5.10
CA ASN GA 538 109.16 -107.54 -4.08
C ASN GA 538 109.03 -106.90 -2.70
N VAL GA 539 108.13 -107.42 -1.89
CA VAL GA 539 107.96 -106.96 -0.51
C VAL GA 539 108.63 -108.02 0.37
N GLU GA 540 109.92 -107.82 0.63
CA GLU GA 540 110.66 -108.76 1.46
C GLU GA 540 110.16 -108.69 2.90
N THR GA 541 110.19 -109.83 3.57
CA THR GA 541 109.77 -109.93 4.96
C THR GA 541 110.97 -110.28 5.83
N ALA GA 542 110.88 -109.89 7.10
CA ALA GA 542 111.98 -110.15 8.03
C ALA GA 542 112.13 -111.65 8.26
N SER GA 543 113.38 -112.08 8.44
CA SER GA 543 113.68 -113.50 8.66
C SER GA 543 113.11 -113.98 9.98
N MET HA 251 117.52 -143.63 -30.30
CA MET HA 251 117.55 -142.49 -31.20
C MET HA 251 116.69 -141.35 -30.67
N GLY HA 252 117.26 -140.55 -29.78
CA GLY HA 252 116.51 -139.48 -29.14
C GLY HA 252 116.71 -138.12 -29.78
N LEU HA 253 116.85 -137.08 -28.96
CA LEU HA 253 116.93 -135.71 -29.43
C LEU HA 253 118.27 -135.05 -29.16
N THR HA 254 119.14 -135.66 -28.37
CA THR HA 254 120.46 -135.09 -28.14
C THR HA 254 121.26 -135.06 -29.44
N LYS HA 255 122.32 -134.25 -29.44
CA LYS HA 255 123.06 -133.99 -30.66
C LYS HA 255 123.65 -135.26 -31.26
N ALA HA 256 124.27 -136.09 -30.42
CA ALA HA 256 124.91 -137.31 -30.92
C ALA HA 256 123.88 -138.31 -31.45
N ASP HA 257 122.70 -138.36 -30.85
CA ASP HA 257 121.66 -139.31 -31.26
C ASP HA 257 120.73 -138.67 -32.28
N GLY HA 258 121.32 -138.26 -33.40
CA GLY HA 258 120.54 -137.66 -34.48
C GLY HA 258 119.90 -136.34 -34.14
N GLY HA 259 120.59 -135.49 -33.40
CA GLY HA 259 120.07 -134.17 -33.11
C GLY HA 259 120.65 -133.13 -34.04
N TYR HA 260 121.54 -133.56 -34.93
CA TYR HA 260 122.16 -132.66 -35.90
C TYR HA 260 121.29 -132.43 -37.12
N LEU HA 261 120.21 -133.18 -37.27
CA LEU HA 261 119.36 -133.09 -38.46
C LEU HA 261 118.28 -132.02 -38.34
N VAL HA 262 118.08 -131.45 -37.16
CA VAL HA 262 117.00 -130.47 -36.98
C VAL HA 262 117.45 -129.14 -37.57
N PRO HA 263 116.61 -128.48 -38.35
CA PRO HA 263 116.99 -127.18 -38.92
C PRO HA 263 117.12 -126.11 -37.84
N PHE HA 264 117.91 -125.09 -38.15
CA PHE HA 264 118.14 -123.98 -37.24
C PHE HA 264 117.15 -122.87 -37.55
N GLN HA 265 116.40 -122.45 -36.55
CA GLN HA 265 115.39 -121.41 -36.69
C GLN HA 265 115.87 -120.13 -36.02
N LEU HA 266 115.76 -119.01 -36.74
CA LEU HA 266 116.25 -117.73 -36.24
C LEU HA 266 115.35 -116.63 -36.75
N ASP HA 267 115.00 -115.70 -35.87
CA ASP HA 267 114.21 -114.53 -36.26
C ASP HA 267 115.16 -113.36 -36.51
N PRO HA 268 115.30 -112.87 -37.74
CA PRO HA 268 116.32 -111.86 -38.03
C PRO HA 268 115.97 -110.47 -37.55
N THR HA 269 114.74 -110.22 -37.14
CA THR HA 269 114.37 -108.89 -36.65
C THR HA 269 115.05 -108.60 -35.32
N VAL HA 270 115.71 -107.44 -35.24
CA VAL HA 270 116.43 -107.06 -34.04
C VAL HA 270 115.46 -106.53 -33.00
N ILE HA 271 115.79 -106.74 -31.73
CA ILE HA 271 115.03 -106.20 -30.61
C ILE HA 271 115.93 -105.20 -29.92
N ILE HA 272 115.58 -103.91 -30.03
CA ILE HA 272 116.37 -102.87 -29.40
C ILE HA 272 116.08 -102.84 -27.91
N THR HA 273 117.13 -102.90 -27.10
CA THR HA 273 117.01 -102.94 -25.65
C THR HA 273 117.59 -101.68 -25.01
N SER HA 274 117.33 -100.53 -25.62
CA SER HA 274 117.77 -99.25 -25.10
C SER HA 274 116.55 -98.48 -24.59
N ASN HA 275 116.71 -97.85 -23.43
CA ASN HA 275 115.60 -97.08 -22.87
C ASN HA 275 115.23 -95.91 -23.76
N GLY HA 276 116.22 -95.24 -24.34
CA GLY HA 276 115.96 -94.08 -25.16
C GLY HA 276 115.57 -92.88 -24.30
N SER HA 277 115.07 -91.86 -24.97
CA SER HA 277 114.62 -90.65 -24.27
C SER HA 277 113.45 -90.05 -25.02
N LEU HA 278 112.41 -89.69 -24.28
CA LEU HA 278 111.26 -88.98 -24.81
C LEU HA 278 111.34 -87.53 -24.37
N ASN HA 279 111.26 -86.61 -25.33
CA ASN HA 279 111.33 -85.19 -25.04
C ASN HA 279 110.22 -84.49 -25.82
N ASP HA 280 109.73 -83.39 -25.26
CA ASP HA 280 108.63 -82.64 -25.85
C ASP HA 280 109.00 -81.18 -26.08
N ILE HA 281 110.28 -80.85 -26.02
CA ILE HA 281 110.70 -79.47 -26.20
C ILE HA 281 110.49 -79.03 -27.63
N ARG HA 282 110.72 -79.93 -28.59
CA ARG HA 282 110.69 -79.56 -30.00
C ARG HA 282 109.33 -79.04 -30.44
N ARG HA 283 108.24 -79.67 -29.99
CA ARG HA 283 106.93 -79.25 -30.49
C ARG HA 283 106.57 -77.85 -30.02
N PHE HA 284 106.95 -77.50 -28.79
CA PHE HA 284 106.63 -76.19 -28.25
C PHE HA 284 107.61 -75.11 -28.66
N ALA HA 285 108.84 -75.48 -29.01
CA ALA HA 285 109.89 -74.51 -29.25
C ALA HA 285 109.70 -73.83 -30.60
N ARG HA 286 110.63 -72.93 -30.93
CA ARG HA 286 110.62 -72.21 -32.20
C ARG HA 286 111.80 -72.69 -33.04
N GLN HA 287 111.51 -73.17 -34.24
CA GLN HA 287 112.51 -73.73 -35.13
C GLN HA 287 112.77 -72.79 -36.29
N VAL HA 288 114.04 -72.47 -36.52
CA VAL HA 288 114.45 -71.62 -37.63
C VAL HA 288 115.69 -72.23 -38.27
N VAL HA 289 115.74 -72.18 -39.60
CA VAL HA 289 116.88 -72.70 -40.34
C VAL HA 289 117.98 -71.65 -40.36
N ALA HA 290 119.22 -72.09 -40.15
CA ALA HA 290 120.37 -71.20 -40.06
C ALA HA 290 121.35 -71.53 -41.17
N THR HA 291 121.82 -70.48 -41.86
CA THR HA 291 122.87 -70.60 -42.86
C THR HA 291 124.14 -69.98 -42.29
N GLY HA 292 125.23 -70.74 -42.31
CA GLY HA 292 126.45 -70.28 -41.69
C GLY HA 292 126.72 -71.01 -40.39
N ASP HA 293 127.34 -70.32 -39.43
CA ASP HA 293 127.65 -70.94 -38.15
C ASP HA 293 127.02 -70.24 -36.96
N VAL HA 294 126.69 -68.96 -37.07
CA VAL HA 294 126.11 -68.20 -35.97
C VAL HA 294 124.82 -67.54 -36.45
N TRP HA 295 123.79 -67.58 -35.61
CA TRP HA 295 122.50 -66.97 -35.91
C TRP HA 295 122.34 -65.74 -35.04
N HIS HA 296 121.93 -64.63 -35.65
CA HIS HA 296 121.81 -63.34 -34.96
C HIS HA 296 120.38 -62.82 -35.03
N GLY HA 297 119.97 -62.17 -33.94
CA GLY HA 297 118.65 -61.55 -33.87
C GLY HA 297 118.75 -60.25 -33.10
N VAL HA 298 117.65 -59.50 -33.11
CA VAL HA 298 117.58 -58.19 -32.48
C VAL HA 298 116.40 -58.14 -31.53
N SER HA 299 116.63 -57.58 -30.34
CA SER HA 299 115.59 -57.35 -29.36
C SER HA 299 115.67 -55.92 -28.86
N SER HA 300 114.54 -55.40 -28.37
CA SER HA 300 114.48 -54.01 -27.94
C SER HA 300 113.50 -53.86 -26.80
N ALA HA 301 113.65 -52.75 -26.07
CA ALA HA 301 112.75 -52.37 -25.00
C ALA HA 301 111.62 -51.49 -25.56
N ALA HA 302 110.86 -50.85 -24.69
CA ALA HA 302 109.74 -50.02 -25.08
C ALA HA 302 109.96 -48.57 -24.68
N VAL HA 303 109.28 -47.67 -25.39
CA VAL HA 303 109.38 -46.24 -25.10
C VAL HA 303 108.68 -45.92 -23.78
N GLN HA 304 109.34 -45.13 -22.94
CA GLN HA 304 108.81 -44.77 -21.63
C GLN HA 304 108.17 -43.40 -21.71
N TRP HA 305 106.84 -43.35 -21.59
CA TRP HA 305 106.09 -42.11 -21.62
C TRP HA 305 106.12 -41.44 -20.24
N SER HA 306 105.64 -40.20 -20.18
CA SER HA 306 105.56 -39.49 -18.91
C SER HA 306 104.48 -38.41 -19.03
N TRP HA 307 103.86 -38.10 -17.89
CA TRP HA 307 102.80 -37.11 -17.84
C TRP HA 307 103.40 -35.73 -17.65
N ASP HA 308 103.20 -34.85 -18.64
CA ASP HA 308 103.83 -33.55 -18.66
C ASP HA 308 102.78 -32.46 -18.64
N ALA HA 309 103.15 -31.32 -18.04
CA ALA HA 309 102.24 -30.18 -17.93
C ALA HA 309 102.23 -29.40 -19.24
N GLU HA 310 101.52 -28.28 -19.25
CA GLU HA 310 101.46 -27.44 -20.44
C GLU HA 310 102.72 -26.59 -20.53
N PHE HA 311 103.24 -26.45 -21.75
CA PHE HA 311 104.50 -25.75 -22.01
C PHE HA 311 105.64 -26.36 -21.21
N GLU HA 312 105.82 -27.67 -21.38
CA GLU HA 312 106.86 -28.41 -20.68
C GLU HA 312 107.69 -29.19 -21.68
N GLU HA 313 109.01 -29.08 -21.56
CA GLU HA 313 109.93 -29.77 -22.45
C GLU HA 313 109.85 -31.27 -22.25
N VAL HA 314 109.97 -32.02 -23.36
CA VAL HA 314 109.80 -33.46 -23.36
C VAL HA 314 111.15 -34.14 -23.11
N SER HA 315 111.10 -35.22 -22.35
CA SER HA 315 112.30 -36.00 -22.04
C SER HA 315 112.66 -36.93 -23.18
N ASP HA 316 113.96 -37.18 -23.33
CA ASP HA 316 114.44 -38.10 -24.36
C ASP HA 316 114.02 -39.52 -24.01
N ASP HA 317 113.47 -40.24 -24.99
CA ASP HA 317 112.92 -41.56 -24.75
C ASP HA 317 113.44 -42.58 -25.75
N SER HA 318 114.70 -42.44 -26.15
CA SER HA 318 115.26 -43.35 -27.15
C SER HA 318 115.40 -44.75 -26.58
N PRO HA 319 114.90 -45.79 -27.26
CA PRO HA 319 114.97 -47.15 -26.71
C PRO HA 319 116.35 -47.76 -26.78
N GLU HA 320 116.50 -48.96 -26.23
CA GLU HA 320 117.78 -49.67 -26.16
C GLU HA 320 117.64 -51.04 -26.78
N PHE HA 321 118.64 -51.45 -27.56
CA PHE HA 321 118.60 -52.66 -28.35
C PHE HA 321 119.68 -53.65 -27.92
N GLY HA 322 119.38 -54.93 -28.10
CA GLY HA 322 120.34 -55.99 -27.87
C GLY HA 322 120.42 -56.93 -29.07
N GLN HA 323 121.36 -57.87 -28.99
CA GLN HA 323 121.60 -58.81 -30.07
C GLN HA 323 121.98 -60.17 -29.51
N PRO HA 324 121.01 -61.07 -29.34
CA PRO HA 324 121.34 -62.45 -28.98
C PRO HA 324 121.98 -63.18 -30.14
N GLU HA 325 122.77 -64.19 -29.82
CA GLU HA 325 123.45 -65.00 -30.82
C GLU HA 325 123.35 -66.47 -30.43
N ILE HA 326 123.35 -67.33 -31.44
CA ILE HA 326 123.24 -68.76 -31.22
C ILE HA 326 124.26 -69.49 -32.09
N PRO HA 327 125.33 -70.02 -31.51
CA PRO HA 327 126.32 -70.76 -32.30
C PRO HA 327 125.82 -72.15 -32.67
N VAL HA 328 126.52 -72.76 -33.62
CA VAL HA 328 126.20 -74.09 -34.11
C VAL HA 328 127.37 -75.01 -33.82
N LYS HA 329 127.08 -76.15 -33.19
CA LYS HA 329 128.09 -77.13 -32.84
C LYS HA 329 127.89 -78.40 -33.66
N LYS HA 330 128.73 -79.40 -33.40
CA LYS HA 330 128.78 -80.61 -34.20
C LYS HA 330 128.77 -81.84 -33.32
N ALA HA 331 128.08 -82.88 -33.78
CA ALA HA 331 128.02 -84.17 -33.10
C ALA HA 331 128.29 -85.27 -34.12
N GLN HA 332 128.96 -86.34 -33.70
CA GLN HA 332 129.36 -87.39 -34.62
C GLN HA 332 129.45 -88.73 -33.91
N GLY HA 333 129.36 -89.79 -34.70
CA GLY HA 333 129.52 -91.14 -34.19
C GLY HA 333 130.18 -92.01 -35.24
N PHE HA 334 130.84 -93.06 -34.78
CA PHE HA 334 131.66 -93.88 -35.67
C PHE HA 334 131.53 -95.35 -35.28
N VAL HA 335 131.36 -96.21 -36.29
CA VAL HA 335 131.20 -97.65 -36.08
C VAL HA 335 132.09 -98.41 -37.07
N PRO HA 336 133.27 -98.85 -36.67
CA PRO HA 336 134.12 -99.62 -37.58
C PRO HA 336 133.60 -101.04 -37.76
N ILE HA 337 133.94 -101.63 -38.89
CA ILE HA 337 133.52 -102.99 -39.23
C ILE HA 337 134.63 -103.67 -40.02
N SER HA 338 134.79 -104.97 -39.78
CA SER HA 338 135.78 -105.76 -40.49
C SER HA 338 135.22 -106.27 -41.80
N ILE HA 339 136.10 -106.51 -42.77
CA ILE HA 339 135.67 -106.95 -44.09
C ILE HA 339 135.01 -108.31 -44.01
N GLU HA 340 135.51 -109.19 -43.14
CA GLU HA 340 134.93 -110.52 -42.99
C GLU HA 340 133.49 -110.44 -42.51
N ALA HA 341 133.23 -109.62 -41.47
CA ALA HA 341 131.87 -109.45 -40.99
C ALA HA 341 131.02 -108.74 -42.03
N LEU HA 342 131.59 -107.77 -42.74
CA LEU HA 342 130.84 -107.04 -43.75
C LEU HA 342 130.40 -107.93 -44.89
N GLN HA 343 131.18 -108.96 -45.22
CA GLN HA 343 130.82 -109.87 -46.30
C GLN HA 343 129.97 -111.05 -45.85
N ASP HA 344 130.15 -111.52 -44.61
CA ASP HA 344 129.41 -112.70 -44.15
C ASP HA 344 128.06 -112.33 -43.54
N GLU HA 345 128.05 -111.41 -42.59
CA GLU HA 345 126.81 -111.04 -41.92
C GLU HA 345 125.87 -110.34 -42.90
N ALA HA 346 124.59 -110.68 -42.81
CA ALA HA 346 123.60 -110.24 -43.78
C ALA HA 346 122.79 -109.06 -43.23
N ASN HA 347 122.60 -108.04 -44.06
CA ASN HA 347 121.78 -106.88 -43.73
C ASN HA 347 122.30 -106.17 -42.49
N VAL HA 348 123.56 -105.73 -42.57
CA VAL HA 348 124.18 -105.00 -41.47
C VAL HA 348 124.08 -103.50 -41.69
N THR HA 349 124.04 -103.05 -42.94
CA THR HA 349 123.97 -101.63 -43.22
C THR HA 349 122.69 -101.01 -42.68
N GLU HA 350 121.56 -101.68 -42.91
CA GLU HA 350 120.29 -101.17 -42.40
C GLU HA 350 120.23 -101.25 -40.89
N THR HA 351 120.78 -102.30 -40.29
CA THR HA 351 120.79 -102.42 -38.84
C THR HA 351 121.56 -101.27 -38.22
N VAL HA 352 122.76 -100.98 -38.73
CA VAL HA 352 123.53 -99.90 -38.16
C VAL HA 352 122.92 -98.54 -38.49
N ALA HA 353 122.23 -98.42 -39.63
CA ALA HA 353 121.53 -97.17 -39.91
C ALA HA 353 120.43 -96.93 -38.87
N LEU HA 354 119.67 -97.98 -38.54
CA LEU HA 354 118.66 -97.85 -37.50
C LEU HA 354 119.31 -97.48 -36.17
N LEU HA 355 120.42 -98.14 -35.82
CA LEU HA 355 121.08 -97.85 -34.56
C LEU HA 355 121.60 -96.41 -34.52
N PHE HA 356 122.12 -95.93 -35.65
CA PHE HA 356 122.56 -94.54 -35.75
C PHE HA 356 121.40 -93.59 -35.51
N ALA HA 357 120.24 -93.88 -36.12
CA ALA HA 357 119.10 -92.99 -35.94
C ALA HA 357 118.64 -92.97 -34.49
N GLU HA 358 118.56 -94.13 -33.85
CA GLU HA 358 118.14 -94.15 -32.45
C GLU HA 358 119.14 -93.42 -31.57
N GLY HA 359 120.44 -93.60 -31.83
CA GLY HA 359 121.44 -92.89 -31.04
C GLY HA 359 121.34 -91.38 -31.20
N LYS HA 360 121.15 -90.92 -32.43
CA LYS HA 360 120.99 -89.48 -32.67
C LYS HA 360 119.79 -88.94 -31.93
N ASP HA 361 118.65 -89.64 -32.02
CA ASP HA 361 117.45 -89.18 -31.33
C ASP HA 361 117.67 -89.18 -29.83
N GLU HA 362 118.33 -90.19 -29.29
CA GLU HA 362 118.57 -90.27 -27.85
C GLU HA 362 119.45 -89.13 -27.38
N LEU HA 363 120.48 -88.79 -28.16
CA LEU HA 363 121.37 -87.70 -27.76
C LEU HA 363 120.67 -86.35 -27.85
N GLU HA 364 119.84 -86.17 -28.88
CA GLU HA 364 119.20 -84.87 -29.10
C GLU HA 364 118.30 -84.49 -27.93
N ALA HA 365 117.49 -85.44 -27.44
CA ALA HA 365 116.57 -85.13 -26.36
C ALA HA 365 117.32 -84.72 -25.10
N VAL HA 366 118.35 -85.50 -24.73
CA VAL HA 366 119.10 -85.23 -23.51
C VAL HA 366 119.78 -83.88 -23.61
N THR HA 367 120.39 -83.58 -24.76
CA THR HA 367 121.12 -82.32 -24.87
C THR HA 367 120.19 -81.12 -25.03
N LEU HA 368 118.99 -81.31 -25.58
CA LEU HA 368 118.00 -80.23 -25.57
C LEU HA 368 117.53 -79.95 -24.15
N THR HA 369 117.33 -80.99 -23.35
CA THR HA 369 116.83 -80.78 -21.99
C THR HA 369 117.91 -80.18 -21.09
N THR HA 370 119.12 -80.71 -21.14
CA THR HA 370 120.14 -80.33 -20.16
C THR HA 370 121.52 -80.15 -20.81
N GLY HA 371 121.55 -79.51 -21.98
CA GLY HA 371 122.83 -79.18 -22.58
C GLY HA 371 123.57 -78.14 -21.77
N THR HA 372 124.90 -78.31 -21.70
CA THR HA 372 125.70 -77.46 -20.83
C THR HA 372 125.84 -76.05 -21.38
N GLY HA 373 126.14 -75.92 -22.67
CA GLY HA 373 126.31 -74.63 -23.31
C GLY HA 373 127.75 -74.16 -23.38
N GLN HA 374 128.65 -74.74 -22.61
CA GLN HA 374 130.06 -74.39 -22.63
C GLN HA 374 130.83 -75.38 -23.48
N GLY HA 375 132.02 -74.97 -23.89
CA GLY HA 375 132.86 -75.85 -24.70
C GLY HA 375 132.23 -76.10 -26.06
N ASN HA 376 131.94 -77.36 -26.35
CA ASN HA 376 131.40 -77.78 -27.64
C ASN HA 376 130.04 -78.46 -27.47
N GLN HA 377 129.16 -77.86 -26.68
CA GLN HA 377 127.80 -78.35 -26.51
C GLN HA 377 126.80 -77.22 -26.68
N PRO HA 378 125.59 -77.53 -27.18
CA PRO HA 378 124.55 -76.50 -27.23
C PRO HA 378 124.05 -76.14 -25.84
N THR HA 379 123.18 -75.14 -25.76
CA THR HA 379 122.67 -74.64 -24.48
C THR HA 379 121.30 -75.24 -24.24
N GLY HA 380 121.16 -76.01 -23.16
CA GLY HA 380 119.89 -76.57 -22.80
C GLY HA 380 118.94 -75.53 -22.25
N ILE HA 381 117.65 -75.91 -22.21
CA ILE HA 381 116.63 -75.01 -21.68
C ILE HA 381 116.84 -74.75 -20.20
N VAL HA 382 117.17 -75.79 -19.44
CA VAL HA 382 117.33 -75.63 -18.00
C VAL HA 382 118.62 -74.85 -17.69
N THR HA 383 119.71 -75.20 -18.36
CA THR HA 383 121.00 -74.57 -18.05
C THR HA 383 120.97 -73.08 -18.35
N ALA HA 384 120.29 -72.67 -19.42
CA ALA HA 384 120.20 -71.26 -19.74
C ALA HA 384 119.40 -70.48 -18.70
N LEU HA 385 118.58 -71.17 -17.90
CA LEU HA 385 117.73 -70.54 -16.91
C LEU HA 385 118.27 -70.68 -15.49
N ALA HA 386 119.52 -71.10 -15.35
CA ALA HA 386 120.13 -71.31 -14.05
C ALA HA 386 120.99 -70.10 -13.70
N GLY HA 387 120.75 -69.52 -12.52
CA GLY HA 387 121.47 -68.35 -12.06
C GLY HA 387 120.85 -67.03 -12.43
N THR HA 388 119.85 -67.03 -13.31
CA THR HA 388 119.17 -65.82 -13.70
C THR HA 388 117.96 -65.58 -12.79
N ALA HA 389 117.12 -64.61 -13.14
CA ALA HA 389 115.95 -64.30 -12.33
C ALA HA 389 114.87 -65.37 -12.44
N ALA HA 390 114.97 -66.27 -13.41
CA ALA HA 390 113.93 -67.29 -13.60
C ALA HA 390 113.91 -68.29 -12.45
N GLU HA 391 115.05 -68.51 -11.80
CA GLU HA 391 115.12 -69.50 -10.74
C GLU HA 391 114.28 -69.07 -9.54
N ILE HA 392 113.55 -70.01 -8.97
CA ILE HA 392 112.71 -69.77 -7.80
C ILE HA 392 113.05 -70.80 -6.74
N ALA HA 393 113.11 -70.36 -5.49
CA ALA HA 393 113.34 -71.25 -4.38
C ALA HA 393 112.02 -71.63 -3.73
N PRO HA 394 111.90 -72.84 -3.19
CA PRO HA 394 110.65 -73.25 -2.55
C PRO HA 394 110.41 -72.48 -1.27
N VAL HA 395 109.14 -72.45 -0.86
CA VAL HA 395 108.78 -71.75 0.39
C VAL HA 395 109.43 -72.42 1.58
N THR HA 396 109.55 -73.74 1.56
CA THR HA 396 110.23 -74.49 2.60
C THR HA 396 111.34 -75.33 1.99
N ALA HA 397 112.45 -75.44 2.71
CA ALA HA 397 113.62 -76.10 2.17
C ALA HA 397 113.41 -77.61 2.08
N GLU HA 398 113.92 -78.19 0.98
CA GLU HA 398 113.92 -79.65 0.78
C GLU HA 398 112.52 -80.24 0.84
N THR HA 399 111.56 -79.52 0.26
CA THR HA 399 110.18 -80.02 0.21
C THR HA 399 109.47 -79.34 -0.94
N PHE HA 400 108.66 -80.12 -1.66
CA PHE HA 400 107.99 -79.67 -2.88
C PHE HA 400 106.49 -79.86 -2.69
N ALA HA 401 105.74 -78.76 -2.62
CA ALA HA 401 104.31 -78.78 -2.34
C ALA HA 401 103.55 -78.01 -3.42
N LEU HA 402 102.22 -77.99 -3.28
CA LEU HA 402 101.37 -77.32 -4.26
C LEU HA 402 101.56 -75.81 -4.23
N ALA HA 403 101.83 -75.25 -3.06
CA ALA HA 403 102.14 -73.83 -2.96
C ALA HA 403 103.27 -73.46 -3.91
N ASP HA 404 104.23 -74.36 -4.09
CA ASP HA 404 105.30 -74.13 -5.06
C ASP HA 404 104.76 -74.10 -6.48
N VAL HA 405 103.77 -74.94 -6.78
CA VAL HA 405 103.20 -74.96 -8.13
C VAL HA 405 102.55 -73.62 -8.45
N TYR HA 406 101.69 -73.13 -7.55
CA TYR HA 406 101.10 -71.82 -7.78
C TYR HA 406 102.15 -70.72 -7.75
N ALA HA 407 103.19 -70.86 -6.93
CA ALA HA 407 104.24 -69.84 -6.90
C ALA HA 407 104.94 -69.74 -8.24
N VAL HA 408 105.28 -70.87 -8.84
CA VAL HA 408 105.92 -70.84 -10.16
C VAL HA 408 104.97 -70.28 -11.20
N TYR HA 409 103.70 -70.67 -11.15
CA TYR HA 409 102.76 -70.25 -12.19
C TYR HA 409 102.48 -68.74 -12.11
N GLU HA 410 102.34 -68.20 -10.91
CA GLU HA 410 101.83 -66.84 -10.76
C GLU HA 410 102.88 -65.77 -11.08
N GLN HA 411 104.15 -66.02 -10.79
CA GLN HA 411 105.16 -64.97 -10.82
C GLN HA 411 105.45 -64.48 -12.23
N LEU HA 412 105.00 -65.20 -13.26
CA LEU HA 412 105.24 -64.80 -14.63
C LEU HA 412 104.33 -63.65 -15.03
N ALA HA 413 104.78 -62.88 -16.04
CA ALA HA 413 103.97 -61.79 -16.56
C ALA HA 413 102.78 -62.34 -17.35
N ALA HA 414 101.73 -61.51 -17.44
CA ALA HA 414 100.49 -61.95 -18.09
C ALA HA 414 100.69 -62.19 -19.58
N ARG HA 415 101.53 -61.39 -20.23
CA ARG HA 415 101.76 -61.57 -21.66
C ARG HA 415 102.31 -62.97 -21.96
N HIS HA 416 103.01 -63.57 -21.01
CA HIS HA 416 103.54 -64.92 -21.18
C HIS HA 416 102.73 -65.98 -20.47
N ARG HA 417 101.98 -65.61 -19.42
CA ARG HA 417 101.22 -66.61 -18.67
C ARG HA 417 100.16 -67.27 -19.55
N ARG HA 418 99.46 -66.48 -20.36
CA ARG HA 418 98.43 -67.03 -21.22
C ARG HA 418 98.98 -67.77 -22.42
N GLN HA 419 100.29 -67.66 -22.69
CA GLN HA 419 100.94 -68.40 -23.77
C GLN HA 419 102.12 -69.14 -23.17
N GLY HA 420 101.87 -70.32 -22.62
CA GLY HA 420 102.93 -71.11 -22.02
C GLY HA 420 102.47 -72.52 -21.75
N ALA HA 421 103.42 -73.37 -21.37
CA ALA HA 421 103.11 -74.76 -21.12
C ALA HA 421 104.06 -75.31 -20.06
N TRP HA 422 103.64 -76.39 -19.41
CA TRP HA 422 104.41 -77.04 -18.38
C TRP HA 422 105.33 -78.10 -18.98
N LEU HA 423 106.44 -78.37 -18.31
CA LEU HA 423 107.39 -79.37 -18.77
C LEU HA 423 108.18 -79.89 -17.58
N ALA HA 424 107.96 -81.16 -17.24
CA ALA HA 424 108.66 -81.79 -16.13
C ALA HA 424 108.63 -83.30 -16.33
N ASN HA 425 109.37 -84.01 -15.47
CA ASN HA 425 109.44 -85.46 -15.56
C ASN HA 425 108.15 -86.09 -15.06
N ASN HA 426 107.99 -87.39 -15.34
CA ASN HA 426 106.78 -88.10 -14.96
C ASN HA 426 106.66 -88.23 -13.44
N LEU HA 427 107.78 -88.39 -12.74
CA LEU HA 427 107.72 -88.52 -11.29
C LEU HA 427 107.17 -87.26 -10.63
N ILE HA 428 107.55 -86.09 -11.15
CA ILE HA 428 107.04 -84.84 -10.60
C ILE HA 428 105.52 -84.78 -10.75
N TYR HA 429 105.03 -85.15 -11.93
CA TYR HA 429 103.58 -85.15 -12.16
C TYR HA 429 102.88 -86.15 -11.24
N ASN HA 430 103.47 -87.32 -11.05
CA ASN HA 430 102.86 -88.32 -10.19
C ASN HA 430 102.83 -87.86 -8.74
N LYS HA 431 103.90 -87.21 -8.28
CA LYS HA 431 103.89 -86.68 -6.92
C LYS HA 431 102.94 -85.50 -6.77
N ILE HA 432 102.71 -84.75 -7.84
CA ILE HA 432 101.65 -83.74 -7.81
C ILE HA 432 100.29 -84.41 -7.65
N ARG HA 433 100.10 -85.56 -8.32
CA ARG HA 433 98.84 -86.28 -8.19
C ARG HA 433 98.59 -86.74 -6.75
N GLN HA 434 99.65 -86.94 -5.97
CA GLN HA 434 99.53 -87.41 -4.61
C GLN HA 434 99.35 -86.30 -3.59
N PHE HA 435 99.36 -85.04 -4.03
CA PHE HA 435 99.22 -83.93 -3.09
C PHE HA 435 97.87 -83.97 -2.38
N ASP HA 436 96.80 -84.19 -3.15
CA ASP HA 436 95.47 -84.22 -2.55
C ASP HA 436 95.21 -85.57 -1.89
N THR HA 437 94.64 -85.52 -0.70
CA THR HA 437 94.34 -86.72 0.07
C THR HA 437 92.89 -86.80 0.50
N GLN HA 438 92.28 -85.66 0.82
CA GLN HA 438 90.92 -85.62 1.35
C GLN HA 438 89.91 -85.09 0.36
N GLY HA 439 90.22 -85.12 -0.93
CA GLY HA 439 89.29 -84.64 -1.94
C GLY HA 439 89.03 -83.15 -1.88
N GLY HA 440 90.08 -82.35 -1.69
CA GLY HA 440 89.91 -80.92 -1.56
C GLY HA 440 89.99 -80.17 -2.88
N ALA HA 441 90.73 -79.06 -2.88
CA ALA HA 441 90.87 -78.23 -4.07
C ALA HA 441 92.13 -78.56 -4.86
N GLY HA 442 92.96 -79.47 -4.36
CA GLY HA 442 94.16 -79.86 -5.05
C GLY HA 442 94.02 -81.18 -5.78
N LEU HA 443 92.78 -81.60 -6.01
CA LEU HA 443 92.49 -82.90 -6.62
C LEU HA 443 92.64 -82.77 -8.13
N TRP HA 444 93.76 -83.24 -8.67
CA TRP HA 444 93.95 -83.21 -10.11
C TRP HA 444 93.13 -84.29 -10.80
N THR HA 445 93.42 -85.56 -10.51
CA THR HA 445 92.65 -86.67 -11.05
C THR HA 445 92.77 -87.85 -10.10
N THR HA 446 91.68 -88.61 -10.01
CA THR HA 446 91.63 -89.79 -9.16
C THR HA 446 92.42 -90.93 -9.79
N ILE HA 447 92.79 -91.91 -8.96
CA ILE HA 447 93.46 -93.08 -9.46
C ILE HA 447 92.52 -93.86 -10.38
N GLY HA 448 93.09 -94.49 -11.39
CA GLY HA 448 92.30 -95.20 -12.38
C GLY HA 448 92.09 -94.45 -13.68
N ASN HA 449 92.68 -93.27 -13.82
CA ASN HA 449 92.63 -92.49 -15.05
C ASN HA 449 94.04 -92.18 -15.52
N GLY HA 450 94.17 -91.95 -16.82
CA GLY HA 450 95.45 -91.68 -17.42
C GLY HA 450 95.98 -90.30 -17.05
N GLU HA 451 97.12 -89.97 -17.64
CA GLU HA 451 97.73 -88.67 -17.39
C GLU HA 451 96.83 -87.56 -17.94
N PRO HA 452 96.52 -86.54 -17.15
CA PRO HA 452 95.66 -85.46 -17.63
C PRO HA 452 96.31 -84.68 -18.75
N SER HA 453 95.46 -84.10 -19.60
CA SER HA 453 95.93 -83.35 -20.77
C SER HA 453 96.14 -81.87 -20.51
N GLN HA 454 95.85 -81.38 -19.30
CA GLN HA 454 96.04 -79.97 -19.00
C GLN HA 454 96.26 -79.79 -17.51
N LEU HA 455 96.95 -78.69 -17.17
CA LEU HA 455 97.21 -78.31 -15.78
C LEU HA 455 96.99 -76.81 -15.67
N LEU HA 456 96.08 -76.41 -14.77
CA LEU HA 456 95.69 -75.01 -14.62
C LEU HA 456 95.17 -74.43 -15.93
N GLY HA 457 94.61 -75.28 -16.78
CA GLY HA 457 94.16 -74.86 -18.09
C GLY HA 457 95.24 -74.71 -19.13
N ARG HA 458 96.46 -75.16 -18.86
CA ARG HA 458 97.58 -75.01 -19.77
C ARG HA 458 98.08 -76.37 -20.27
N PRO HA 459 98.73 -76.42 -21.43
CA PRO HA 459 99.25 -77.69 -21.94
C PRO HA 459 100.32 -78.28 -21.03
N VAL HA 460 100.46 -79.59 -21.10
CA VAL HA 460 101.36 -80.35 -20.26
C VAL HA 460 102.34 -81.12 -21.15
N GLY HA 461 103.63 -81.03 -20.82
CA GLY HA 461 104.65 -81.72 -21.58
C GLY HA 461 105.50 -82.59 -20.67
N GLU HA 462 106.25 -83.49 -21.31
CA GLU HA 462 107.04 -84.49 -20.60
C GLU HA 462 108.47 -84.50 -21.15
N ALA HA 463 109.42 -84.72 -20.25
CA ALA HA 463 110.82 -84.83 -20.63
C ALA HA 463 111.53 -85.70 -19.60
N GLU HA 464 111.95 -86.90 -20.00
CA GLU HA 464 112.57 -87.84 -19.07
C GLU HA 464 113.96 -87.42 -18.62
N ALA HA 465 114.61 -86.49 -19.31
CA ALA HA 465 115.97 -86.12 -18.97
C ALA HA 465 116.05 -85.18 -17.77
N MET HA 466 114.94 -84.58 -17.34
CA MET HA 466 114.98 -83.70 -16.19
C MET HA 466 115.17 -84.49 -14.90
N ASP HA 467 115.63 -83.80 -13.87
CA ASP HA 467 115.79 -84.43 -12.57
C ASP HA 467 114.43 -84.83 -12.00
N ALA HA 468 114.42 -85.94 -11.26
CA ALA HA 468 113.20 -86.51 -10.73
C ALA HA 468 113.12 -86.44 -9.20
N ASN HA 469 114.11 -86.98 -8.50
CA ASN HA 469 114.11 -87.02 -7.05
C ASN HA 469 115.31 -86.26 -6.50
N TRP HA 470 115.11 -85.62 -5.36
CA TRP HA 470 116.16 -84.88 -4.67
C TRP HA 470 116.68 -85.60 -3.44
N ASN HA 471 116.28 -86.85 -3.24
CA ASN HA 471 116.72 -87.64 -2.09
C ASN HA 471 117.85 -88.57 -2.46
N THR HA 472 117.63 -89.47 -3.41
CA THR HA 472 118.69 -90.39 -3.83
C THR HA 472 119.78 -89.66 -4.61
N SER HA 473 119.41 -88.66 -5.41
CA SER HA 473 120.39 -87.90 -6.16
C SER HA 473 121.28 -87.09 -5.21
N ALA HA 474 122.58 -87.10 -5.49
CA ALA HA 474 123.56 -86.44 -4.64
C ALA HA 474 123.92 -85.03 -5.11
N SER HA 475 123.25 -84.53 -6.15
CA SER HA 475 123.55 -83.19 -6.65
C SER HA 475 123.11 -82.15 -5.65
N ALA HA 476 123.89 -81.07 -5.54
CA ALA HA 476 123.58 -80.03 -4.57
C ALA HA 476 122.26 -79.33 -4.88
N ASP HA 477 122.03 -79.00 -6.14
CA ASP HA 477 120.79 -78.35 -6.56
C ASP HA 477 120.04 -79.25 -7.53
N ASN HA 478 118.71 -79.14 -7.53
CA ASN HA 478 117.86 -80.03 -8.30
C ASN HA 478 116.73 -79.22 -8.92
N PHE HA 479 116.66 -79.22 -10.24
CA PHE HA 479 115.61 -78.52 -10.98
C PHE HA 479 114.56 -79.53 -11.40
N VAL HA 480 113.32 -79.30 -11.00
CA VAL HA 480 112.26 -80.29 -11.20
C VAL HA 480 111.08 -79.77 -12.01
N LEU HA 481 110.82 -78.46 -12.01
CA LEU HA 481 109.63 -77.94 -12.67
C LEU HA 481 109.99 -76.75 -13.52
N LEU HA 482 109.25 -76.56 -14.61
CA LEU HA 482 109.52 -75.49 -15.55
C LEU HA 482 108.22 -75.08 -16.23
N TYR HA 483 108.01 -73.77 -16.35
CA TYR HA 483 106.85 -73.23 -17.03
C TYR HA 483 107.21 -71.88 -17.63
N GLY HA 484 106.79 -71.66 -18.86
CA GLY HA 484 107.07 -70.40 -19.52
C GLY HA 484 106.62 -70.43 -20.97
N ASN HA 485 106.89 -69.33 -21.65
CA ASN HA 485 106.53 -69.16 -23.07
C ASN HA 485 107.63 -69.78 -23.92
N PHE HA 486 107.36 -70.96 -24.48
CA PHE HA 486 108.38 -71.67 -25.25
C PHE HA 486 108.68 -71.03 -26.59
N GLN HA 487 107.90 -70.04 -27.02
CA GLN HA 487 108.23 -69.35 -28.27
C GLN HA 487 109.52 -68.57 -28.19
N ASN HA 488 110.06 -68.35 -26.99
CA ASN HA 488 111.33 -67.65 -26.83
C ASN HA 488 112.52 -68.59 -26.73
N TYR HA 489 112.29 -69.89 -26.90
CA TYR HA 489 113.38 -70.86 -27.00
C TYR HA 489 113.53 -71.25 -28.46
N VAL HA 490 114.67 -70.91 -29.04
CA VAL HA 490 114.90 -71.02 -30.48
C VAL HA 490 115.92 -72.12 -30.73
N ILE HA 491 115.60 -73.03 -31.64
CA ILE HA 491 116.49 -74.11 -32.04
C ILE HA 491 116.88 -73.85 -33.48
N ALA HA 492 118.19 -73.81 -33.75
CA ALA HA 492 118.71 -73.54 -35.08
C ALA HA 492 119.24 -74.83 -35.69
N ASP HA 493 118.83 -75.11 -36.91
CA ASP HA 493 119.23 -76.31 -37.64
C ASP HA 493 120.15 -75.93 -38.79
N ARG HA 494 121.19 -76.73 -39.01
CA ARG HA 494 122.12 -76.50 -40.11
C ARG HA 494 122.07 -77.60 -41.16
N ILE HA 495 122.27 -78.85 -40.77
CA ILE HA 495 122.26 -79.96 -41.70
C ILE HA 495 121.79 -81.20 -40.95
N GLY HA 496 121.09 -82.08 -41.66
CA GLY HA 496 120.56 -83.29 -41.07
C GLY HA 496 121.62 -84.36 -40.91
N MET HA 497 121.16 -85.52 -40.44
CA MET HA 497 122.04 -86.66 -40.24
C MET HA 497 122.56 -87.18 -41.57
N THR HA 498 123.87 -87.37 -41.67
CA THR HA 498 124.50 -87.92 -42.85
C THR HA 498 125.41 -89.08 -42.44
N VAL HA 499 125.60 -90.03 -43.35
CA VAL HA 499 126.43 -91.20 -43.12
C VAL HA 499 127.39 -91.36 -44.29
N GLU HA 500 128.64 -91.67 -43.99
CA GLU HA 500 129.66 -91.87 -45.01
C GLU HA 500 130.36 -93.20 -44.80
N PHE HA 501 130.86 -93.76 -45.89
CA PHE HA 501 131.45 -95.10 -45.93
C PHE HA 501 132.93 -94.97 -46.26
N ILE HA 502 133.79 -95.24 -45.29
CA ILE HA 502 135.24 -95.19 -45.48
C ILE HA 502 135.74 -96.51 -46.03
N PRO HA 503 136.37 -96.53 -47.21
CA PRO HA 503 136.74 -97.80 -47.83
C PRO HA 503 137.90 -98.52 -47.15
N HIS HA 504 138.83 -97.81 -46.54
CA HIS HA 504 140.05 -98.46 -46.04
C HIS HA 504 140.47 -97.80 -44.74
N LEU HA 505 140.70 -98.63 -43.72
CA LEU HA 505 141.26 -98.19 -42.45
C LEU HA 505 142.73 -98.59 -42.36
N PHE HA 506 143.42 -98.03 -41.38
CA PHE HA 506 144.86 -98.21 -41.25
C PHE HA 506 145.18 -98.71 -39.85
N GLY HA 507 146.35 -99.35 -39.74
CA GLY HA 507 146.82 -99.90 -38.49
C GLY HA 507 147.83 -99.00 -37.80
N THR HA 508 148.48 -99.57 -36.79
CA THR HA 508 149.45 -98.80 -36.01
C THR HA 508 150.65 -98.39 -36.86
N ASN HA 509 151.12 -99.28 -37.72
CA ASN HA 509 152.28 -99.03 -38.56
C ASN HA 509 151.92 -98.37 -39.88
N ARG HA 510 150.81 -97.66 -39.94
CA ARG HA 510 150.35 -96.96 -41.14
C ARG HA 510 150.18 -97.89 -42.33
N ARG HA 511 149.70 -99.10 -42.09
CA ARG HA 511 149.43 -100.07 -43.13
C ARG HA 511 147.98 -100.53 -43.05
N PRO HA 512 147.39 -101.00 -44.16
CA PRO HA 512 146.00 -101.44 -44.12
C PRO HA 512 145.78 -102.53 -43.09
N ASN HA 513 144.61 -102.48 -42.44
CA ASN HA 513 144.29 -103.40 -41.35
C ASN HA 513 143.26 -104.45 -41.71
N GLY HA 514 142.51 -104.24 -42.80
CA GLY HA 514 141.47 -105.19 -43.17
C GLY HA 514 140.15 -104.87 -42.50
N SER HA 515 139.78 -103.60 -42.48
CA SER HA 515 138.53 -103.16 -41.90
C SER HA 515 138.04 -101.92 -42.62
N ARG HA 516 136.76 -101.63 -42.47
CA ARG HA 516 136.13 -100.47 -43.07
C ARG HA 516 135.39 -99.68 -42.02
N GLY HA 517 134.92 -98.49 -42.40
CA GLY HA 517 134.37 -97.56 -41.44
C GLY HA 517 133.07 -96.95 -41.92
N TRP HA 518 132.37 -96.37 -40.94
CA TRP HA 518 131.06 -95.71 -41.14
C TRP HA 518 131.06 -94.43 -40.31
N PHE HA 519 131.16 -93.29 -40.99
CA PHE HA 519 131.19 -91.99 -40.35
C PHE HA 519 129.83 -91.33 -40.43
N ALA HA 520 129.45 -90.62 -39.36
CA ALA HA 520 128.20 -89.89 -39.34
C ALA HA 520 128.40 -88.62 -38.53
N TYR HA 521 127.73 -87.55 -38.95
CA TYR HA 521 127.87 -86.28 -38.25
C TYR HA 521 126.57 -85.48 -38.36
N TYR HA 522 126.44 -84.49 -37.47
CA TYR HA 522 125.22 -83.71 -37.34
C TYR HA 522 125.58 -82.34 -36.78
N ARG HA 523 124.84 -81.30 -37.20
CA ARG HA 523 125.08 -79.94 -36.77
C ARG HA 523 123.80 -79.32 -36.27
N MET HA 524 123.86 -78.71 -35.08
CA MET HA 524 122.69 -78.09 -34.47
C MET HA 524 123.14 -77.16 -33.35
N GLY HA 525 122.34 -76.11 -33.12
CA GLY HA 525 122.57 -75.21 -32.00
C GLY HA 525 121.25 -74.66 -31.51
N ALA HA 526 121.21 -74.37 -30.22
CA ALA HA 526 119.99 -73.86 -29.61
C ALA HA 526 120.35 -73.04 -28.38
N ASP HA 527 119.52 -72.03 -28.10
CA ASP HA 527 119.73 -71.14 -26.96
C ASP HA 527 118.45 -70.34 -26.76
N VAL HA 528 118.32 -69.73 -25.58
CA VAL HA 528 117.16 -68.92 -25.23
C VAL HA 528 117.35 -67.50 -25.74
N VAL HA 529 116.25 -66.80 -25.93
CA VAL HA 529 116.27 -65.41 -26.36
C VAL HA 529 115.89 -64.47 -25.21
N ASN HA 530 114.77 -64.75 -24.55
CA ASN HA 530 114.28 -63.90 -23.46
C ASN HA 530 114.29 -64.70 -22.16
N PRO HA 531 115.28 -64.50 -21.29
CA PRO HA 531 115.32 -65.26 -20.03
C PRO HA 531 114.27 -64.84 -19.01
N ASN HA 532 113.53 -63.77 -19.28
CA ASN HA 532 112.49 -63.30 -18.38
C ASN HA 532 111.12 -63.90 -18.68
N ALA HA 533 111.03 -64.81 -19.65
CA ALA HA 533 109.77 -65.42 -20.03
C ALA HA 533 109.65 -66.86 -19.54
N PHE HA 534 110.45 -67.24 -18.54
CA PHE HA 534 110.37 -68.57 -17.96
C PHE HA 534 110.53 -68.46 -16.44
N ARG HA 535 110.07 -69.51 -15.75
CA ARG HA 535 110.27 -69.61 -14.31
C ARG HA 535 110.61 -71.07 -13.99
N LEU HA 536 111.75 -71.28 -13.32
CA LEU HA 536 112.25 -72.61 -13.02
C LEU HA 536 112.34 -72.80 -11.51
N LEU HA 537 111.97 -73.99 -11.05
CA LEU HA 537 111.94 -74.31 -9.63
C LEU HA 537 113.18 -75.13 -9.28
N ASN HA 538 113.88 -74.72 -8.22
CA ASN HA 538 115.09 -75.37 -7.78
C ASN HA 538 114.95 -75.74 -6.30
N VAL HA 539 115.12 -77.02 -5.99
CA VAL HA 539 115.07 -77.50 -4.61
C VAL HA 539 116.51 -77.80 -4.20
N GLU HA 540 117.10 -76.86 -3.45
CA GLU HA 540 118.48 -77.00 -2.99
C GLU HA 540 118.49 -77.79 -1.69
N THR HA 541 119.25 -78.89 -1.67
CA THR HA 541 119.32 -79.73 -0.48
C THR HA 541 120.58 -79.39 0.31
N ALA HA 542 120.40 -79.11 1.59
CA ALA HA 542 121.52 -78.70 2.44
C ALA HA 542 122.54 -79.82 2.56
N SER HA 543 123.81 -79.45 2.65
CA SER HA 543 124.90 -80.42 2.81
C SER HA 543 124.78 -81.15 4.13
N MET IA 251 143.14 -74.80 -41.59
CA MET IA 251 142.11 -73.81 -41.88
C MET IA 251 140.74 -74.33 -41.48
N GLY IA 252 140.10 -73.65 -40.52
CA GLY IA 252 138.83 -74.08 -39.98
C GLY IA 252 137.81 -72.95 -39.98
N LEU IA 253 137.00 -72.91 -38.92
CA LEU IA 253 135.95 -71.91 -38.77
C LEU IA 253 136.43 -70.65 -38.08
N THR IA 254 137.64 -70.64 -37.51
CA THR IA 254 138.15 -69.46 -36.85
C THR IA 254 138.35 -68.33 -37.86
N LYS IA 255 138.21 -67.09 -37.38
CA LYS IA 255 138.17 -65.96 -38.29
C LYS IA 255 139.45 -65.84 -39.11
N ALA IA 256 140.60 -65.80 -38.45
CA ALA IA 256 141.87 -65.60 -39.13
C ALA IA 256 142.30 -66.79 -39.96
N ASP IA 257 141.61 -67.92 -39.86
CA ASP IA 257 141.97 -69.12 -40.61
C ASP IA 257 140.87 -69.46 -41.61
N GLY IA 258 140.35 -68.45 -42.30
CA GLY IA 258 139.34 -68.64 -43.31
C GLY IA 258 137.93 -68.34 -42.86
N GLY IA 259 137.74 -67.86 -41.64
CA GLY IA 259 136.40 -67.60 -41.15
C GLY IA 259 135.79 -66.30 -41.61
N TYR IA 260 136.50 -65.51 -42.40
CA TYR IA 260 135.99 -64.26 -42.92
C TYR IA 260 135.17 -64.44 -44.19
N LEU IA 261 135.10 -65.66 -44.73
CA LEU IA 261 134.37 -65.91 -45.97
C LEU IA 261 132.92 -66.30 -45.73
N VAL IA 262 132.51 -66.49 -44.49
CA VAL IA 262 131.13 -66.89 -44.20
C VAL IA 262 130.25 -65.65 -44.13
N PRO IA 263 129.07 -65.66 -44.76
CA PRO IA 263 128.20 -64.49 -44.69
C PRO IA 263 127.61 -64.29 -43.31
N PHE IA 264 127.23 -63.05 -43.03
CA PHE IA 264 126.58 -62.70 -41.77
C PHE IA 264 125.07 -62.83 -41.93
N GLN IA 265 124.45 -63.61 -41.04
CA GLN IA 265 123.01 -63.84 -41.06
C GLN IA 265 122.36 -63.08 -39.91
N LEU IA 266 121.33 -62.30 -40.22
CA LEU IA 266 120.64 -61.50 -39.24
C LEU IA 266 119.14 -61.63 -39.45
N ASP IA 267 118.39 -61.51 -38.34
CA ASP IA 267 116.94 -61.60 -38.38
C ASP IA 267 116.34 -60.22 -38.13
N PRO IA 268 115.80 -59.56 -39.16
CA PRO IA 268 115.30 -58.19 -38.99
C PRO IA 268 114.17 -58.06 -37.97
N THR IA 269 113.39 -59.10 -37.74
CA THR IA 269 112.28 -59.01 -36.80
C THR IA 269 112.80 -58.80 -35.38
N VAL IA 270 112.12 -57.93 -34.64
CA VAL IA 270 112.52 -57.55 -33.29
C VAL IA 270 111.67 -58.32 -32.29
N ILE IA 271 112.21 -58.49 -31.09
CA ILE IA 271 111.53 -59.18 -29.99
C ILE IA 271 111.45 -58.22 -28.82
N ILE IA 272 110.24 -58.06 -28.28
CA ILE IA 272 110.02 -57.13 -27.17
C ILE IA 272 110.48 -57.78 -25.88
N THR IA 273 111.31 -57.07 -25.12
CA THR IA 273 111.83 -57.56 -23.85
C THR IA 273 111.20 -56.90 -22.64
N SER IA 274 110.16 -56.09 -22.84
CA SER IA 274 109.48 -55.43 -21.74
C SER IA 274 108.34 -56.30 -21.22
N ASN IA 275 107.81 -55.91 -20.05
CA ASN IA 275 106.75 -56.68 -19.41
C ASN IA 275 105.36 -56.15 -19.74
N GLY IA 276 105.15 -54.85 -19.57
CA GLY IA 276 103.83 -54.29 -19.75
C GLY IA 276 102.92 -54.55 -18.57
N SER IA 277 101.67 -54.15 -18.71
CA SER IA 277 100.69 -54.32 -17.64
C SER IA 277 99.33 -54.67 -18.25
N LEU IA 278 98.61 -55.54 -17.56
CA LEU IA 278 97.26 -55.94 -17.95
C LEU IA 278 96.28 -55.42 -16.92
N ASN IA 279 95.26 -54.71 -17.37
CA ASN IA 279 94.27 -54.11 -16.48
C ASN IA 279 92.88 -54.27 -17.08
N ASP IA 280 91.88 -54.25 -16.20
CA ASP IA 280 90.48 -54.35 -16.62
C ASP IA 280 89.62 -53.26 -16.00
N ILE IA 281 90.24 -52.10 -15.69
CA ILE IA 281 89.45 -50.99 -15.18
C ILE IA 281 88.41 -50.55 -16.19
N ARG IA 282 88.81 -50.42 -17.46
CA ARG IA 282 87.92 -49.89 -18.48
C ARG IA 282 86.72 -50.78 -18.75
N ARG IA 283 86.79 -52.06 -18.40
CA ARG IA 283 85.64 -52.95 -18.58
C ARG IA 283 84.67 -52.89 -17.41
N PHE IA 284 84.98 -52.10 -16.39
CA PHE IA 284 84.03 -51.83 -15.32
C PHE IA 284 83.77 -50.35 -15.08
N ALA IA 285 84.71 -49.46 -15.42
CA ALA IA 285 84.54 -48.05 -15.11
C ALA IA 285 83.52 -47.40 -16.05
N ARG IA 286 83.04 -46.24 -15.63
CA ARG IA 286 82.08 -45.46 -16.40
C ARG IA 286 82.84 -44.50 -17.31
N GLN IA 287 82.71 -44.69 -18.61
CA GLN IA 287 83.47 -43.94 -19.60
C GLN IA 287 82.60 -42.83 -20.17
N VAL IA 288 83.12 -41.60 -20.14
CA VAL IA 288 82.44 -40.44 -20.68
C VAL IA 288 83.42 -39.69 -21.58
N VAL IA 289 82.87 -38.98 -22.55
CA VAL IA 289 83.65 -38.20 -23.52
C VAL IA 289 83.56 -36.73 -23.13
N ALA IA 290 84.71 -36.08 -23.05
CA ALA IA 290 84.79 -34.67 -22.67
C ALA IA 290 84.90 -33.80 -23.91
N THR IA 291 84.62 -32.51 -23.72
CA THR IA 291 84.72 -31.52 -24.78
C THR IA 291 85.68 -30.39 -24.44
N GLY IA 292 85.76 -29.99 -23.18
CA GLY IA 292 86.70 -28.98 -22.76
C GLY IA 292 87.88 -29.57 -22.02
N ASP IA 293 88.26 -28.97 -20.91
CA ASP IA 293 89.37 -29.46 -20.10
C ASP IA 293 88.95 -29.93 -18.72
N VAL IA 294 87.73 -29.63 -18.29
CA VAL IA 294 87.24 -30.01 -16.97
C VAL IA 294 85.85 -30.59 -17.12
N TRP IA 295 85.58 -31.67 -16.39
CA TRP IA 295 84.27 -32.31 -16.36
C TRP IA 295 83.66 -32.16 -14.97
N HIS IA 296 82.46 -31.58 -14.90
CA HIS IA 296 81.80 -31.30 -13.64
C HIS IA 296 80.60 -32.23 -13.47
N GLY IA 297 80.16 -32.35 -12.22
CA GLY IA 297 79.02 -33.18 -11.88
C GLY IA 297 78.31 -32.61 -10.67
N VAL IA 298 77.16 -33.19 -10.36
CA VAL IA 298 76.33 -32.75 -9.24
C VAL IA 298 76.04 -33.92 -8.33
N SER IA 299 76.24 -33.74 -7.03
CA SER IA 299 75.97 -34.77 -6.04
C SER IA 299 75.30 -34.14 -4.84
N SER IA 300 74.51 -34.94 -4.12
CA SER IA 300 73.77 -34.44 -2.98
C SER IA 300 73.45 -35.59 -2.04
N ALA IA 301 73.11 -35.23 -0.80
CA ALA IA 301 72.67 -36.19 0.19
C ALA IA 301 71.15 -36.21 0.24
N ALA IA 302 70.57 -36.91 1.20
CA ALA IA 302 69.14 -37.02 1.35
C ALA IA 302 68.66 -36.25 2.57
N VAL IA 303 67.39 -35.88 2.55
CA VAL IA 303 66.78 -35.16 3.67
C VAL IA 303 66.66 -36.10 4.85
N GLN IA 304 66.77 -35.55 6.06
CA GLN IA 304 66.76 -36.35 7.28
C GLN IA 304 65.46 -36.09 8.04
N TRP IA 305 64.56 -37.07 8.02
CA TRP IA 305 63.30 -36.96 8.75
C TRP IA 305 63.55 -37.20 10.24
N SER IA 306 62.49 -37.03 11.02
CA SER IA 306 62.59 -37.22 12.47
C SER IA 306 61.20 -37.47 13.02
N TRP IA 307 61.13 -38.25 14.11
CA TRP IA 307 59.88 -38.48 14.81
C TRP IA 307 59.65 -37.34 15.79
N ASP IA 308 58.54 -36.63 15.62
CA ASP IA 308 58.23 -35.46 16.44
C ASP IA 308 57.04 -35.73 17.33
N ALA IA 309 56.90 -34.89 18.35
CA ALA IA 309 55.73 -34.89 19.21
C ALA IA 309 54.68 -33.96 18.60
N GLU IA 310 53.68 -33.57 19.38
CA GLU IA 310 52.68 -32.65 18.88
C GLU IA 310 53.01 -31.20 19.22
N PHE IA 311 52.62 -30.30 18.31
CA PHE IA 311 52.95 -28.89 18.40
C PHE IA 311 54.46 -28.69 18.52
N GLU IA 312 55.21 -29.55 17.83
CA GLU IA 312 56.67 -29.49 17.79
C GLU IA 312 57.09 -28.92 16.45
N GLU IA 313 57.88 -27.86 16.48
CA GLU IA 313 58.30 -27.20 15.25
C GLU IA 313 59.34 -28.04 14.53
N VAL IA 314 59.17 -28.16 13.22
CA VAL IA 314 60.09 -28.93 12.39
C VAL IA 314 61.42 -28.20 12.30
N SER IA 315 62.44 -28.89 11.79
CA SER IA 315 63.78 -28.35 11.69
C SER IA 315 64.09 -27.97 10.24
N ASP IA 316 65.13 -27.17 10.06
CA ASP IA 316 65.61 -26.80 8.73
C ASP IA 316 66.37 -27.96 8.13
N ASP IA 317 65.72 -28.70 7.22
CA ASP IA 317 66.26 -29.94 6.69
C ASP IA 317 66.70 -29.80 5.24
N SER IA 318 67.27 -28.64 4.88
CA SER IA 318 67.69 -28.41 3.50
C SER IA 318 68.86 -29.32 3.15
N PRO IA 319 68.92 -29.83 1.93
CA PRO IA 319 70.02 -30.70 1.52
C PRO IA 319 71.29 -29.90 1.23
N GLU IA 320 72.39 -30.63 1.06
CA GLU IA 320 73.69 -30.05 0.74
C GLU IA 320 74.17 -30.65 -0.57
N PHE IA 321 74.80 -29.83 -1.40
CA PHE IA 321 75.22 -30.24 -2.73
C PHE IA 321 76.74 -30.15 -2.87
N GLY IA 322 77.27 -30.91 -3.83
CA GLY IA 322 78.69 -30.94 -4.10
C GLY IA 322 78.95 -31.16 -5.57
N GLN IA 323 80.11 -30.69 -6.01
CA GLN IA 323 80.49 -30.76 -7.43
C GLN IA 323 81.77 -31.58 -7.60
N PRO IA 324 81.66 -32.84 -8.01
CA PRO IA 324 82.86 -33.58 -8.41
C PRO IA 324 83.49 -32.98 -9.65
N GLU IA 325 84.81 -33.07 -9.75
CA GLU IA 325 85.58 -32.42 -10.80
C GLU IA 325 86.56 -33.40 -11.41
N ILE IA 326 86.68 -33.39 -12.73
CA ILE IA 326 87.55 -34.28 -13.47
C ILE IA 326 88.47 -33.44 -14.35
N PRO IA 327 89.64 -33.04 -13.85
CA PRO IA 327 90.61 -32.36 -14.72
C PRO IA 327 91.20 -33.33 -15.74
N VAL IA 328 91.63 -32.78 -16.86
CA VAL IA 328 92.15 -33.54 -17.98
C VAL IA 328 93.64 -33.26 -18.11
N LYS IA 329 94.44 -34.32 -18.16
CA LYS IA 329 95.89 -34.22 -18.21
C LYS IA 329 96.42 -34.80 -19.50
N LYS IA 330 97.71 -34.58 -19.74
CA LYS IA 330 98.35 -34.95 -20.99
C LYS IA 330 99.70 -35.60 -20.73
N ALA IA 331 100.01 -36.63 -21.52
CA ALA IA 331 101.30 -37.31 -21.47
C ALA IA 331 101.88 -37.36 -22.87
N GLN IA 332 103.20 -37.32 -22.95
CA GLN IA 332 103.87 -37.21 -24.25
C GLN IA 332 105.20 -37.93 -24.21
N GLY IA 333 105.69 -38.27 -25.39
CA GLY IA 333 106.98 -38.92 -25.54
C GLY IA 333 107.66 -38.44 -26.81
N PHE IA 334 108.97 -38.64 -26.86
CA PHE IA 334 109.78 -38.11 -27.94
C PHE IA 334 110.93 -39.07 -28.22
N VAL IA 335 111.27 -39.20 -29.50
CA VAL IA 335 112.40 -40.02 -29.92
C VAL IA 335 113.11 -39.37 -31.09
N PRO IA 336 114.34 -38.89 -30.90
CA PRO IA 336 115.07 -38.29 -32.03
C PRO IA 336 115.81 -39.34 -32.83
N ILE IA 337 115.90 -39.09 -34.14
CA ILE IA 337 116.58 -39.97 -35.07
C ILE IA 337 117.51 -39.13 -35.94
N SER IA 338 118.68 -39.69 -36.24
CA SER IA 338 119.64 -39.00 -37.08
C SER IA 338 119.41 -39.35 -38.56
N ILE IA 339 119.96 -38.51 -39.43
CA ILE IA 339 119.75 -38.70 -40.86
C ILE IA 339 120.39 -40.00 -41.33
N GLU IA 340 121.64 -40.24 -40.94
CA GLU IA 340 122.31 -41.46 -41.35
C GLU IA 340 121.59 -42.69 -40.79
N ALA IA 341 121.10 -42.60 -39.56
CA ALA IA 341 120.35 -43.70 -38.98
C ALA IA 341 119.04 -43.95 -39.73
N LEU IA 342 118.37 -42.87 -40.13
CA LEU IA 342 117.13 -43.04 -40.88
C LEU IA 342 117.37 -43.60 -42.27
N GLN IA 343 118.53 -43.33 -42.87
CA GLN IA 343 118.84 -43.84 -44.20
C GLN IA 343 119.44 -45.24 -44.17
N ASP IA 344 120.07 -45.64 -43.07
CA ASP IA 344 120.95 -46.81 -43.09
C ASP IA 344 120.19 -48.09 -42.74
N GLU IA 345 119.68 -48.19 -41.52
CA GLU IA 345 118.83 -49.32 -41.17
C GLU IA 345 117.37 -49.00 -41.45
N ALA IA 346 116.63 -50.00 -41.93
CA ALA IA 346 115.32 -49.79 -42.49
C ALA IA 346 114.24 -50.34 -41.58
N ASN IA 347 112.98 -50.07 -41.94
CA ASN IA 347 111.81 -50.52 -41.19
C ASN IA 347 111.80 -49.94 -39.78
N VAL IA 348 112.46 -48.81 -39.61
CA VAL IA 348 112.52 -48.19 -38.29
C VAL IA 348 111.18 -47.57 -37.92
N THR IA 349 110.44 -47.05 -38.90
CA THR IA 349 109.21 -46.31 -38.60
C THR IA 349 108.18 -47.22 -37.94
N GLU IA 350 107.97 -48.42 -38.51
CA GLU IA 350 106.99 -49.34 -37.93
C GLU IA 350 107.43 -49.81 -36.55
N THR IA 351 108.72 -50.08 -36.37
CA THR IA 351 109.21 -50.49 -35.06
C THR IA 351 108.97 -49.40 -34.03
N VAL IA 352 109.25 -48.15 -34.38
CA VAL IA 352 109.05 -47.05 -33.45
C VAL IA 352 107.56 -46.87 -33.15
N ALA IA 353 106.70 -47.06 -34.15
CA ALA IA 353 105.27 -46.97 -33.92
C ALA IA 353 104.81 -48.04 -32.94
N LEU IA 354 105.31 -49.27 -33.11
CA LEU IA 354 104.96 -50.34 -32.18
C LEU IA 354 105.45 -50.03 -30.76
N LEU IA 355 106.66 -49.48 -30.64
CA LEU IA 355 107.18 -49.13 -29.33
C LEU IA 355 106.33 -48.04 -28.67
N PHE IA 356 105.91 -47.04 -29.46
CA PHE IA 356 105.04 -45.99 -28.94
C PHE IA 356 103.72 -46.59 -28.46
N ALA IA 357 103.13 -47.47 -29.26
CA ALA IA 357 101.87 -48.08 -28.88
C ALA IA 357 102.01 -48.87 -27.60
N GLU IA 358 103.10 -49.63 -27.46
CA GLU IA 358 103.33 -50.38 -26.23
C GLU IA 358 103.48 -49.46 -25.03
N GLY IA 359 104.28 -48.40 -25.17
CA GLY IA 359 104.48 -47.49 -24.07
C GLY IA 359 103.20 -46.81 -23.62
N LYS IA 360 102.31 -46.50 -24.57
CA LYS IA 360 101.08 -45.81 -24.21
C LYS IA 360 100.27 -46.61 -23.19
N ASP IA 361 99.99 -47.88 -23.47
CA ASP IA 361 99.20 -48.65 -22.51
C ASP IA 361 100.03 -49.04 -21.29
N GLU IA 362 101.34 -49.26 -21.46
CA GLU IA 362 102.17 -49.52 -20.29
C GLU IA 362 102.12 -48.39 -19.29
N LEU IA 363 101.92 -47.16 -19.75
CA LEU IA 363 101.74 -46.04 -18.83
C LEU IA 363 100.29 -45.91 -18.36
N GLU IA 364 99.33 -46.05 -19.27
CA GLU IA 364 97.94 -45.80 -18.93
C GLU IA 364 97.42 -46.80 -17.92
N ALA IA 365 97.79 -48.07 -18.06
CA ALA IA 365 97.31 -49.08 -17.11
C ALA IA 365 97.82 -48.80 -15.71
N VAL IA 366 99.09 -48.42 -15.58
CA VAL IA 366 99.66 -48.13 -14.27
C VAL IA 366 99.00 -46.88 -13.68
N THR IA 367 98.77 -45.86 -14.51
CA THR IA 367 98.25 -44.60 -13.98
C THR IA 367 96.76 -44.70 -13.64
N LEU IA 368 96.02 -45.58 -14.30
CA LEU IA 368 94.62 -45.77 -13.94
C LEU IA 368 94.46 -46.43 -12.58
N THR IA 369 95.51 -46.99 -12.02
CA THR IA 369 95.45 -47.68 -10.73
C THR IA 369 96.19 -46.94 -9.63
N THR IA 370 97.46 -46.60 -9.86
CA THR IA 370 98.29 -45.97 -8.83
C THR IA 370 98.53 -44.49 -9.13
N GLY IA 371 97.81 -43.93 -10.11
CA GLY IA 371 98.00 -42.53 -10.44
C GLY IA 371 97.65 -41.63 -9.27
N THR IA 372 98.46 -40.60 -9.08
CA THR IA 372 98.30 -39.66 -7.98
C THR IA 372 97.72 -38.36 -8.51
N GLY IA 373 96.69 -37.85 -7.84
CA GLY IA 373 96.08 -36.60 -8.26
C GLY IA 373 97.04 -35.43 -8.22
N GLN IA 374 97.96 -35.43 -7.26
CA GLN IA 374 98.93 -34.35 -7.15
C GLN IA 374 99.87 -34.35 -8.35
N GLY IA 375 100.25 -33.15 -8.78
CA GLY IA 375 101.17 -33.01 -9.90
C GLY IA 375 100.42 -32.92 -11.21
N ASN IA 376 100.89 -33.67 -12.21
CA ASN IA 376 100.26 -33.69 -13.51
C ASN IA 376 99.57 -35.01 -13.84
N GLN IA 377 99.62 -35.96 -12.96
CA GLN IA 377 99.03 -37.26 -13.22
C GLN IA 377 97.56 -37.27 -12.85
N PRO IA 378 96.76 -38.13 -13.49
CA PRO IA 378 95.38 -38.33 -13.04
C PRO IA 378 95.33 -39.03 -11.70
N THR IA 379 94.13 -39.14 -11.15
CA THR IA 379 93.90 -39.75 -9.85
C THR IA 379 93.55 -41.23 -10.05
N GLY IA 380 94.41 -42.11 -9.53
CA GLY IA 380 94.13 -43.53 -9.60
C GLY IA 380 93.08 -43.96 -8.59
N ILE IA 381 92.51 -45.13 -8.82
CA ILE IA 381 91.44 -45.62 -7.97
C ILE IA 381 91.98 -45.96 -6.58
N VAL IA 382 93.17 -46.54 -6.50
CA VAL IA 382 93.72 -46.95 -5.21
C VAL IA 382 94.08 -45.73 -4.37
N THR IA 383 94.74 -44.75 -4.98
CA THR IA 383 95.14 -43.56 -4.25
C THR IA 383 93.95 -42.70 -3.84
N ALA IA 384 92.85 -42.76 -4.59
CA ALA IA 384 91.67 -41.99 -4.24
C ALA IA 384 90.89 -42.65 -3.11
N LEU IA 385 91.16 -43.92 -2.83
CA LEU IA 385 90.49 -44.66 -1.76
C LEU IA 385 91.41 -44.93 -0.57
N ALA IA 386 92.53 -44.22 -0.47
CA ALA IA 386 93.48 -44.42 0.62
C ALA IA 386 93.25 -43.35 1.67
N GLY IA 387 93.09 -43.78 2.93
CA GLY IA 387 92.85 -42.87 4.02
C GLY IA 387 91.42 -42.46 4.20
N THR IA 388 90.51 -42.91 3.34
CA THR IA 388 89.10 -42.56 3.44
C THR IA 388 88.37 -43.62 4.25
N ALA IA 389 87.04 -43.58 4.23
CA ALA IA 389 86.21 -44.51 4.97
C ALA IA 389 86.03 -45.85 4.27
N ALA IA 390 86.86 -46.14 3.27
CA ALA IA 390 86.75 -47.39 2.51
C ALA IA 390 87.89 -48.36 2.79
N GLU IA 391 88.76 -48.06 3.75
CA GLU IA 391 89.91 -48.88 4.05
C GLU IA 391 89.60 -49.81 5.21
N ILE IA 392 89.91 -51.10 5.03
CA ILE IA 392 89.57 -52.13 6.00
C ILE IA 392 90.84 -52.82 6.48
N ALA IA 393 90.84 -53.19 7.75
CA ALA IA 393 91.95 -53.90 8.38
C ALA IA 393 91.67 -55.39 8.44
N PRO IA 394 92.71 -56.22 8.38
CA PRO IA 394 92.50 -57.67 8.41
C PRO IA 394 92.04 -58.16 9.78
N VAL IA 395 91.51 -59.38 9.78
CA VAL IA 395 91.06 -60.00 11.02
C VAL IA 395 92.23 -60.22 11.97
N THR IA 396 93.35 -60.73 11.45
CA THR IA 396 94.57 -60.92 12.21
C THR IA 396 95.70 -60.20 11.51
N ALA IA 397 96.55 -59.52 12.29
CA ALA IA 397 97.58 -58.67 11.70
C ALA IA 397 98.56 -59.48 10.85
N GLU IA 398 98.91 -58.91 9.70
CA GLU IA 398 99.90 -59.49 8.79
C GLU IA 398 99.50 -60.89 8.33
N THR IA 399 98.20 -61.11 8.17
CA THR IA 399 97.70 -62.39 7.70
C THR IA 399 96.58 -62.16 6.71
N PHE IA 400 96.53 -62.99 5.67
CA PHE IA 400 95.42 -63.00 4.71
C PHE IA 400 94.64 -64.29 4.94
N ALA IA 401 93.45 -64.15 5.50
CA ALA IA 401 92.59 -65.29 5.81
C ALA IA 401 91.34 -65.24 4.94
N LEU IA 402 90.60 -66.35 4.94
CA LEU IA 402 89.37 -66.42 4.17
C LEU IA 402 88.31 -65.47 4.71
N ALA IA 403 88.41 -65.07 5.98
CA ALA IA 403 87.45 -64.12 6.53
C ALA IA 403 87.60 -62.75 5.89
N ASP IA 404 88.79 -62.42 5.40
CA ASP IA 404 89.05 -61.07 4.85
C ASP IA 404 88.32 -60.85 3.53
N VAL IA 405 88.33 -61.85 2.64
CA VAL IA 405 87.67 -61.70 1.35
C VAL IA 405 86.18 -61.50 1.53
N TYR IA 406 85.61 -62.03 2.62
CA TYR IA 406 84.24 -61.69 2.98
C TYR IA 406 84.16 -60.29 3.56
N ALA IA 407 85.00 -59.99 4.55
CA ALA IA 407 84.90 -58.73 5.29
C ALA IA 407 84.96 -57.54 4.36
N VAL IA 408 85.66 -57.69 3.23
CA VAL IA 408 85.55 -56.69 2.17
C VAL IA 408 84.12 -56.63 1.65
N TYR IA 409 83.45 -57.77 1.58
CA TYR IA 409 82.18 -57.86 0.86
C TYR IA 409 80.97 -57.44 1.69
N GLU IA 410 80.82 -57.92 2.93
CA GLU IA 410 79.54 -57.63 3.58
C GLU IA 410 79.52 -56.28 4.28
N GLN IA 411 80.63 -55.53 4.29
CA GLN IA 411 80.66 -54.21 4.90
C GLN IA 411 80.31 -53.11 3.91
N LEU IA 412 79.53 -53.43 2.88
CA LEU IA 412 79.15 -52.49 1.85
C LEU IA 412 77.63 -52.34 1.85
N ALA IA 413 77.18 -51.16 1.45
CA ALA IA 413 75.74 -50.91 1.35
C ALA IA 413 75.14 -51.81 0.28
N ALA IA 414 73.89 -52.20 0.49
CA ALA IA 414 73.24 -53.13 -0.43
C ALA IA 414 73.14 -52.54 -1.83
N ARG IA 415 72.78 -51.26 -1.93
CA ARG IA 415 72.65 -50.61 -3.23
C ARG IA 415 73.93 -50.69 -4.03
N HIS IA 416 75.10 -50.60 -3.38
CA HIS IA 416 76.37 -50.77 -4.06
C HIS IA 416 76.85 -52.21 -4.07
N ARG IA 417 76.42 -53.03 -3.10
CA ARG IA 417 76.86 -54.41 -3.06
C ARG IA 417 76.27 -55.23 -4.21
N ARG IA 418 75.01 -54.98 -4.55
CA ARG IA 418 74.40 -55.74 -5.65
C ARG IA 418 74.94 -55.36 -7.02
N GLN IA 419 75.74 -54.30 -7.12
CA GLN IA 419 76.33 -53.89 -8.39
C GLN IA 419 77.85 -53.92 -8.37
N GLY IA 420 78.45 -54.63 -7.41
CA GLY IA 420 79.88 -54.57 -7.24
C GLY IA 420 80.65 -55.42 -8.24
N ALA IA 421 81.97 -55.28 -8.19
CA ALA IA 421 82.87 -56.09 -9.00
C ALA IA 421 84.20 -56.23 -8.28
N TRP IA 422 84.79 -57.42 -8.39
CA TRP IA 422 86.07 -57.70 -7.76
C TRP IA 422 87.21 -57.32 -8.69
N LEU IA 423 88.35 -56.96 -8.11
CA LEU IA 423 89.51 -56.55 -8.90
C LEU IA 423 90.75 -56.63 -8.04
N ALA IA 424 91.69 -57.49 -8.42
CA ALA IA 424 92.93 -57.66 -7.68
C ALA IA 424 93.94 -58.36 -8.59
N ASN IA 425 95.13 -58.60 -8.04
CA ASN IA 425 96.17 -59.31 -8.78
C ASN IA 425 95.89 -60.81 -8.82
N ASN IA 426 96.49 -61.48 -9.79
CA ASN IA 426 96.30 -62.92 -9.93
C ASN IA 426 96.87 -63.69 -8.75
N LEU IA 427 97.93 -63.15 -8.13
CA LEU IA 427 98.51 -63.80 -6.96
C LEU IA 427 97.51 -63.89 -5.81
N ILE IA 428 96.77 -62.80 -5.58
CA ILE IA 428 95.75 -62.81 -4.53
C ILE IA 428 94.68 -63.85 -4.84
N TYR IA 429 94.27 -63.95 -6.11
CA TYR IA 429 93.29 -64.97 -6.47
C TYR IA 429 93.85 -66.37 -6.26
N ASN IA 430 95.15 -66.55 -6.47
CA ASN IA 430 95.75 -67.85 -6.22
C ASN IA 430 95.71 -68.21 -4.74
N LYS IA 431 96.02 -67.27 -3.85
CA LYS IA 431 95.84 -67.55 -2.43
C LYS IA 431 94.37 -67.80 -2.09
N ILE IA 432 93.45 -67.10 -2.75
CA ILE IA 432 92.03 -67.40 -2.55
C ILE IA 432 91.73 -68.84 -2.91
N ARG IA 433 92.31 -69.30 -4.02
CA ARG IA 433 92.13 -70.69 -4.44
C ARG IA 433 92.71 -71.67 -3.43
N GLN IA 434 93.84 -71.32 -2.82
CA GLN IA 434 94.54 -72.22 -1.92
C GLN IA 434 93.85 -72.39 -0.56
N PHE IA 435 92.73 -71.72 -0.32
CA PHE IA 435 92.12 -71.75 1.00
C PHE IA 435 91.35 -73.04 1.30
N ASP IA 436 91.17 -73.92 0.32
CA ASP IA 436 90.51 -75.20 0.53
C ASP IA 436 91.53 -76.32 0.45
N THR IA 437 91.49 -77.22 1.42
CA THR IA 437 92.39 -78.36 1.45
C THR IA 437 91.62 -79.66 1.59
N GLN IA 438 90.34 -79.57 1.93
CA GLN IA 438 89.52 -80.75 2.16
C GLN IA 438 88.18 -80.75 1.43
N GLY IA 439 87.80 -79.64 0.81
CA GLY IA 439 86.59 -79.59 0.03
C GLY IA 439 85.37 -78.99 0.71
N GLY IA 440 85.56 -78.02 1.60
CA GLY IA 440 84.44 -77.41 2.29
C GLY IA 440 83.76 -76.32 1.48
N ALA IA 441 83.45 -75.19 2.15
CA ALA IA 441 82.84 -74.06 1.48
C ALA IA 441 83.84 -73.20 0.71
N GLY IA 442 85.13 -73.39 0.95
CA GLY IA 442 86.16 -72.65 0.26
C GLY IA 442 86.55 -73.21 -1.09
N LEU IA 443 85.89 -74.27 -1.54
CA LEU IA 443 86.20 -74.89 -2.83
C LEU IA 443 85.75 -73.97 -3.95
N TRP IA 444 86.70 -73.29 -4.57
CA TRP IA 444 86.39 -72.44 -5.71
C TRP IA 444 86.45 -73.24 -7.01
N THR IA 445 87.60 -73.82 -7.31
CA THR IA 445 87.79 -74.67 -8.47
C THR IA 445 89.03 -75.53 -8.25
N THR IA 446 88.94 -76.80 -8.64
CA THR IA 446 90.04 -77.71 -8.45
C THR IA 446 91.21 -77.38 -9.37
N ILE IA 447 92.41 -77.81 -8.97
CA ILE IA 447 93.58 -77.61 -9.81
C ILE IA 447 93.40 -78.35 -11.12
N GLY IA 448 93.80 -77.71 -12.21
CA GLY IA 448 93.64 -78.27 -13.54
C GLY IA 448 92.70 -77.50 -14.43
N ASN IA 449 92.07 -76.43 -13.93
CA ASN IA 449 91.20 -75.59 -14.73
C ASN IA 449 91.70 -74.15 -14.70
N GLY IA 450 91.14 -73.33 -15.58
CA GLY IA 450 91.50 -71.93 -15.63
C GLY IA 450 90.93 -71.16 -14.48
N GLU IA 451 91.20 -69.85 -14.49
CA GLU IA 451 90.70 -68.98 -13.44
C GLU IA 451 89.18 -68.91 -13.52
N PRO IA 452 88.47 -68.98 -12.39
CA PRO IA 452 87.02 -68.84 -12.42
C PRO IA 452 86.63 -67.44 -12.84
N SER IA 453 85.45 -67.35 -13.46
CA SER IA 453 84.92 -66.07 -13.92
C SER IA 453 83.98 -65.42 -12.92
N GLN IA 454 83.71 -66.07 -11.79
CA GLN IA 454 82.79 -65.55 -10.80
C GLN IA 454 83.37 -65.71 -9.41
N LEU IA 455 83.08 -64.73 -8.55
CA LEU IA 455 83.44 -64.80 -7.14
C LEU IA 455 82.26 -64.29 -6.32
N LEU IA 456 81.69 -65.17 -5.50
CA LEU IA 456 80.50 -64.86 -4.70
C LEU IA 456 79.36 -64.36 -5.57
N GLY IA 457 79.24 -64.93 -6.77
CA GLY IA 457 78.19 -64.53 -7.68
C GLY IA 457 78.38 -63.16 -8.32
N ARG IA 458 79.61 -62.68 -8.37
CA ARG IA 458 79.94 -61.36 -8.91
C ARG IA 458 81.06 -61.48 -9.93
N PRO IA 459 81.14 -60.55 -10.87
CA PRO IA 459 82.21 -60.60 -11.88
C PRO IA 459 83.59 -60.39 -11.26
N VAL IA 460 84.60 -60.86 -11.97
CA VAL IA 460 85.98 -60.87 -11.49
C VAL IA 460 86.85 -60.07 -12.45
N GLY IA 461 87.70 -59.21 -11.89
CA GLY IA 461 88.64 -58.44 -12.67
C GLY IA 461 90.06 -58.67 -12.21
N GLU IA 462 91.01 -58.25 -13.05
CA GLU IA 462 92.42 -58.46 -12.79
C GLU IA 462 93.20 -57.19 -13.09
N ALA IA 463 94.32 -57.01 -12.38
CA ALA IA 463 95.17 -55.85 -12.57
C ALA IA 463 96.55 -56.16 -12.00
N GLU IA 464 97.58 -56.09 -12.84
CA GLU IA 464 98.94 -56.35 -12.37
C GLU IA 464 99.43 -55.27 -11.41
N ALA IA 465 99.07 -54.01 -11.65
CA ALA IA 465 99.69 -52.91 -10.94
C ALA IA 465 99.09 -52.73 -9.55
N MET IA 466 99.06 -53.81 -8.76
CA MET IA 466 98.59 -53.75 -7.38
C MET IA 466 99.54 -54.56 -6.52
N ASP IA 467 99.57 -54.24 -5.23
CA ASP IA 467 100.47 -54.91 -4.31
C ASP IA 467 100.14 -56.38 -4.22
N ALA IA 468 101.19 -57.22 -4.23
CA ALA IA 468 101.00 -58.66 -4.21
C ALA IA 468 101.72 -59.37 -3.08
N ASN IA 469 102.81 -58.83 -2.55
CA ASN IA 469 103.56 -59.48 -1.49
C ASN IA 469 103.90 -58.45 -0.42
N TRP IA 470 103.48 -58.72 0.82
CA TRP IA 470 103.72 -57.81 1.93
C TRP IA 470 104.92 -58.23 2.77
N ASN IA 471 105.73 -59.16 2.28
CA ASN IA 471 106.95 -59.57 2.95
C ASN IA 471 108.18 -58.93 2.33
N THR IA 472 108.36 -59.06 1.02
CA THR IA 472 109.51 -58.46 0.36
C THR IA 472 109.35 -56.95 0.22
N SER IA 473 108.12 -56.46 0.17
CA SER IA 473 107.91 -55.04 -0.02
C SER IA 473 108.34 -54.26 1.21
N ALA IA 474 108.89 -53.06 0.98
CA ALA IA 474 109.34 -52.18 2.04
C ALA IA 474 108.33 -51.10 2.37
N SER IA 475 107.13 -51.17 1.81
CA SER IA 475 106.08 -50.20 2.06
C SER IA 475 105.10 -50.75 3.08
N ALA IA 476 104.76 -49.94 4.08
CA ALA IA 476 103.85 -50.39 5.13
C ALA IA 476 102.48 -50.70 4.56
N ASP IA 477 101.96 -49.85 3.69
CA ASP IA 477 100.64 -50.06 3.10
C ASP IA 477 100.70 -51.12 2.01
N ASN IA 478 99.80 -52.09 2.08
CA ASN IA 478 99.81 -53.23 1.17
C ASN IA 478 98.41 -53.52 0.66
N PHE IA 479 97.74 -52.49 0.13
CA PHE IA 479 96.44 -52.68 -0.48
C PHE IA 479 96.48 -53.77 -1.55
N VAL IA 480 95.74 -54.84 -1.33
CA VAL IA 480 95.80 -56.03 -2.17
C VAL IA 480 94.49 -56.28 -2.90
N LEU IA 481 93.35 -56.14 -2.22
CA LEU IA 481 92.06 -56.53 -2.80
C LEU IA 481 91.08 -55.37 -2.71
N LEU IA 482 90.27 -55.22 -3.75
CA LEU IA 482 89.26 -54.17 -3.83
C LEU IA 482 87.96 -54.75 -4.36
N TYR IA 483 86.85 -54.22 -3.87
CA TYR IA 483 85.53 -54.61 -4.37
C TYR IA 483 84.57 -53.46 -4.13
N GLY IA 484 83.69 -53.22 -5.09
CA GLY IA 484 82.71 -52.16 -4.96
C GLY IA 484 82.06 -51.85 -6.29
N ASN IA 485 81.13 -50.90 -6.22
CA ASN IA 485 80.37 -50.47 -7.40
C ASN IA 485 81.27 -49.58 -8.25
N PHE IA 486 81.59 -50.04 -9.46
CA PHE IA 486 82.56 -49.35 -10.29
C PHE IA 486 81.95 -48.26 -11.17
N GLN IA 487 80.63 -48.03 -11.08
CA GLN IA 487 80.03 -46.97 -11.87
C GLN IA 487 80.33 -45.58 -11.31
N ASN IA 488 80.91 -45.49 -10.12
CA ASN IA 488 81.26 -44.22 -9.53
C ASN IA 488 82.69 -43.79 -9.81
N TYR IA 489 83.44 -44.57 -10.58
CA TYR IA 489 84.78 -44.21 -11.01
C TYR IA 489 84.73 -43.89 -12.50
N VAL IA 490 84.96 -42.62 -12.84
CA VAL IA 490 84.74 -42.13 -14.19
C VAL IA 490 86.08 -41.75 -14.80
N ILE IA 491 86.26 -42.09 -16.08
CA ILE IA 491 87.44 -41.73 -16.84
C ILE IA 491 86.99 -40.90 -18.04
N ALA IA 492 87.68 -39.79 -18.28
CA ALA IA 492 87.33 -38.85 -19.33
C ALA IA 492 88.33 -38.97 -20.48
N ASP IA 493 87.83 -39.27 -21.66
CA ASP IA 493 88.64 -39.42 -22.86
C ASP IA 493 88.44 -38.19 -23.75
N ARG IA 494 89.55 -37.57 -24.15
CA ARG IA 494 89.49 -36.38 -25.00
C ARG IA 494 90.05 -36.66 -26.38
N ILE IA 495 91.30 -37.12 -26.48
CA ILE IA 495 91.90 -37.42 -27.78
C ILE IA 495 92.87 -38.58 -27.60
N GLY IA 496 92.88 -39.49 -28.56
CA GLY IA 496 93.77 -40.63 -28.50
C GLY IA 496 95.19 -40.27 -28.87
N MET IA 497 96.04 -41.28 -28.89
CA MET IA 497 97.44 -41.08 -29.25
C MET IA 497 97.58 -40.72 -30.72
N THR IA 498 98.42 -39.73 -31.00
CA THR IA 498 98.72 -39.30 -32.36
C THR IA 498 100.23 -39.13 -32.49
N VAL IA 499 100.78 -39.60 -33.60
CA VAL IA 499 102.22 -39.53 -33.85
C VAL IA 499 102.46 -38.48 -34.93
N GLU IA 500 103.32 -37.52 -34.64
CA GLU IA 500 103.75 -36.52 -35.61
C GLU IA 500 105.24 -36.67 -35.90
N PHE IA 501 105.63 -36.17 -37.07
CA PHE IA 501 107.00 -36.33 -37.57
C PHE IA 501 107.61 -34.95 -37.77
N ILE IA 502 108.61 -34.62 -36.98
CA ILE IA 502 109.34 -33.36 -37.09
C ILE IA 502 110.47 -33.55 -38.09
N PRO IA 503 110.47 -32.86 -39.22
CA PRO IA 503 111.47 -33.13 -40.26
C PRO IA 503 112.84 -32.54 -39.98
N HIS IA 504 112.98 -31.65 -39.00
CA HIS IA 504 114.23 -30.93 -38.82
C HIS IA 504 114.38 -30.51 -37.36
N LEU IA 505 115.39 -31.04 -36.69
CA LEU IA 505 115.79 -30.58 -35.38
C LEU IA 505 116.93 -29.58 -35.52
N PHE IA 506 117.15 -28.78 -34.48
CA PHE IA 506 118.15 -27.73 -34.50
C PHE IA 506 119.17 -27.92 -33.39
N GLY IA 507 120.33 -27.30 -33.57
CA GLY IA 507 121.39 -27.33 -32.60
C GLY IA 507 121.28 -26.21 -31.58
N THR IA 508 122.34 -26.05 -30.79
CA THR IA 508 122.35 -25.04 -29.75
C THR IA 508 122.26 -23.63 -30.33
N ASN IA 509 123.05 -23.36 -31.38
CA ASN IA 509 123.06 -22.03 -31.97
C ASN IA 509 122.08 -21.92 -33.14
N ARG IA 510 120.85 -22.37 -32.92
CA ARG IA 510 119.74 -22.19 -33.83
C ARG IA 510 120.10 -22.57 -35.28
N ARG IA 511 120.80 -23.68 -35.42
CA ARG IA 511 121.22 -24.20 -36.71
C ARG IA 511 120.92 -25.70 -36.76
N PRO IA 512 120.70 -26.24 -37.96
CA PRO IA 512 120.47 -27.69 -38.07
C PRO IA 512 121.68 -28.48 -37.63
N ASN IA 513 121.42 -29.66 -37.05
CA ASN IA 513 122.47 -30.59 -36.69
C ASN IA 513 122.43 -31.89 -37.49
N GLY IA 514 121.37 -32.11 -38.26
CA GLY IA 514 121.26 -33.33 -39.04
C GLY IA 514 120.53 -34.44 -38.33
N SER IA 515 119.31 -34.14 -37.86
CA SER IA 515 118.53 -35.11 -37.11
C SER IA 515 117.05 -34.90 -37.42
N ARG IA 516 116.26 -35.91 -37.05
CA ARG IA 516 114.80 -35.85 -37.14
C ARG IA 516 114.23 -36.42 -35.85
N GLY IA 517 112.91 -36.47 -35.76
CA GLY IA 517 112.29 -37.01 -34.56
C GLY IA 517 110.81 -37.25 -34.74
N TRP IA 518 110.27 -38.04 -33.82
CA TRP IA 518 108.82 -38.31 -33.74
C TRP IA 518 108.29 -37.76 -32.42
N PHE IA 519 107.17 -37.05 -32.49
CA PHE IA 519 106.53 -36.49 -31.32
C PHE IA 519 105.13 -37.07 -31.19
N ALA IA 520 104.79 -37.55 -30.00
CA ALA IA 520 103.50 -38.17 -29.75
C ALA IA 520 102.95 -37.68 -28.42
N TYR IA 521 101.63 -37.68 -28.30
CA TYR IA 521 100.96 -37.19 -27.10
C TYR IA 521 99.60 -37.87 -26.98
N TYR IA 522 98.98 -37.69 -25.81
CA TYR IA 522 97.75 -38.37 -25.48
C TYR IA 522 97.14 -37.72 -24.24
N ARG IA 523 95.83 -37.57 -24.21
CA ARG IA 523 95.15 -36.80 -23.17
C ARG IA 523 94.01 -37.61 -22.54
N MET IA 524 93.90 -37.51 -21.22
CA MET IA 524 92.76 -38.03 -20.48
C MET IA 524 92.82 -37.52 -19.05
N GLY IA 525 91.83 -37.92 -18.26
CA GLY IA 525 91.81 -37.62 -16.84
C GLY IA 525 90.76 -38.46 -16.15
N ALA IA 526 91.00 -38.76 -14.87
CA ALA IA 526 90.12 -39.67 -14.16
C ALA IA 526 90.17 -39.38 -12.66
N ASP IA 527 89.04 -39.63 -12.00
CA ASP IA 527 88.93 -39.54 -10.55
C ASP IA 527 87.66 -40.26 -10.13
N VAL IA 528 87.55 -40.53 -8.83
CA VAL IA 528 86.38 -41.20 -8.27
C VAL IA 528 85.37 -40.14 -7.83
N VAL IA 529 84.10 -40.49 -7.91
CA VAL IA 529 83.03 -39.58 -7.54
C VAL IA 529 82.53 -39.83 -6.12
N ASN IA 530 82.27 -41.08 -5.78
CA ASN IA 530 81.76 -41.45 -4.47
C ASN IA 530 82.72 -42.42 -3.80
N PRO IA 531 83.44 -42.01 -2.75
CA PRO IA 531 84.39 -42.92 -2.10
C PRO IA 531 83.75 -43.97 -1.19
N ASN IA 532 82.45 -43.90 -0.96
CA ASN IA 532 81.77 -44.86 -0.09
C ASN IA 532 81.20 -46.05 -0.85
N ALA IA 533 81.40 -46.11 -2.16
CA ALA IA 533 80.92 -47.22 -2.97
C ALA IA 533 81.96 -48.31 -3.14
N PHE IA 534 83.11 -48.19 -2.47
CA PHE IA 534 84.18 -49.16 -2.56
C PHE IA 534 84.63 -49.59 -1.18
N ARG IA 535 85.28 -50.75 -1.13
CA ARG IA 535 85.86 -51.27 0.11
C ARG IA 535 87.24 -51.82 -0.20
N LEU IA 536 88.27 -51.15 0.29
CA LEU IA 536 89.65 -51.54 0.05
C LEU IA 536 90.25 -52.17 1.30
N LEU IA 537 91.03 -53.22 1.10
CA LEU IA 537 91.66 -53.95 2.19
C LEU IA 537 93.14 -53.62 2.24
N ASN IA 538 93.63 -53.29 3.44
CA ASN IA 538 95.02 -52.90 3.64
C ASN IA 538 95.63 -53.82 4.70
N VAL IA 539 96.74 -54.47 4.33
CA VAL IA 539 97.48 -55.32 5.26
C VAL IA 539 98.68 -54.51 5.73
N GLU IA 540 98.51 -53.77 6.81
CA GLU IA 540 99.61 -52.97 7.34
C GLU IA 540 100.71 -53.87 7.87
N THR IA 541 101.96 -53.49 7.59
CA THR IA 541 103.13 -54.27 7.95
C THR IA 541 104.14 -53.41 8.69
N ALA IA 542 103.66 -52.68 9.71
CA ALA IA 542 104.51 -51.81 10.51
C ALA IA 542 105.61 -52.61 11.17
N SER IA 543 106.86 -52.34 10.79
CA SER IA 543 108.03 -53.06 11.28
C SER IA 543 107.92 -54.55 11.01
N MET JA 251 62.11 84.51 -95.99
CA MET JA 251 60.88 83.74 -95.83
C MET JA 251 61.08 82.62 -94.80
N GLY JA 252 60.93 82.97 -93.53
CA GLY JA 252 61.09 82.02 -92.44
C GLY JA 252 59.79 81.64 -91.77
N LEU JA 253 59.90 81.18 -90.53
CA LEU JA 253 58.74 80.84 -89.72
C LEU JA 253 58.13 82.04 -89.03
N THR JA 254 58.72 83.23 -89.17
CA THR JA 254 58.10 84.44 -88.67
C THR JA 254 56.76 84.65 -89.38
N LYS JA 255 55.79 85.19 -88.64
CA LYS JA 255 54.42 85.24 -89.15
C LYS JA 255 54.36 85.98 -90.49
N ALA JA 256 54.88 87.21 -90.53
CA ALA JA 256 54.79 88.02 -91.73
C ALA JA 256 55.60 87.44 -92.89
N ASP JA 257 56.57 86.58 -92.62
CA ASP JA 257 57.40 85.98 -93.64
C ASP JA 257 56.86 84.64 -94.13
N GLY JA 258 55.55 84.46 -94.10
CA GLY JA 258 54.94 83.21 -94.51
C GLY JA 258 54.57 82.27 -93.39
N GLY JA 259 54.70 82.70 -92.13
CA GLY JA 259 54.36 81.83 -91.02
C GLY JA 259 52.89 81.67 -90.78
N TYR JA 260 52.06 82.51 -91.40
CA TYR JA 260 50.62 82.41 -91.23
C TYR JA 260 50.07 81.14 -91.87
N LEU JA 261 50.85 80.50 -92.74
CA LEU JA 261 50.41 79.28 -93.39
C LEU JA 261 50.55 78.04 -92.50
N VAL JA 262 51.24 78.15 -91.38
CA VAL JA 262 51.46 76.99 -90.52
C VAL JA 262 50.14 76.60 -89.84
N PRO JA 263 49.73 75.34 -89.91
CA PRO JA 263 48.51 74.93 -89.19
C PRO JA 263 48.73 74.99 -87.69
N PHE JA 264 47.61 75.07 -86.97
CA PHE JA 264 47.59 75.10 -85.51
C PHE JA 264 47.32 73.69 -85.01
N GLN JA 265 48.15 73.22 -84.07
CA GLN JA 265 48.02 71.89 -83.50
C GLN JA 265 47.70 72.01 -82.01
N LEU JA 266 46.68 71.28 -81.57
CA LEU JA 266 46.20 71.39 -80.20
C LEU JA 266 45.63 70.06 -79.75
N ASP JA 267 45.86 69.72 -78.48
CA ASP JA 267 45.27 68.54 -77.87
C ASP JA 267 44.08 68.96 -77.02
N PRO JA 268 42.84 68.61 -77.40
CA PRO JA 268 41.69 69.08 -76.62
C PRO JA 268 41.61 68.50 -75.22
N THR JA 269 42.26 67.37 -74.95
CA THR JA 269 42.18 66.77 -73.63
C THR JA 269 42.78 67.68 -72.57
N VAL JA 270 42.09 67.79 -71.44
CA VAL JA 270 42.48 68.69 -70.37
C VAL JA 270 43.31 67.91 -69.36
N ILE JA 271 44.45 68.48 -68.97
CA ILE JA 271 45.36 67.86 -68.03
C ILE JA 271 45.10 68.45 -66.65
N ILE JA 272 44.64 67.62 -65.72
CA ILE JA 272 44.33 68.09 -64.37
C ILE JA 272 45.63 68.31 -63.60
N THR JA 273 45.78 69.49 -63.03
CA THR JA 273 46.97 69.86 -62.28
C THR JA 273 46.66 69.98 -60.79
N SER JA 274 45.83 69.08 -60.29
CA SER JA 274 45.41 69.08 -58.90
C SER JA 274 45.98 67.85 -58.20
N ASN JA 275 46.50 68.05 -56.99
CA ASN JA 275 47.08 66.94 -56.24
C ASN JA 275 46.03 65.88 -55.92
N GLY JA 276 44.85 66.30 -55.50
CA GLY JA 276 43.83 65.35 -55.10
C GLY JA 276 44.13 64.75 -53.74
N SER JA 277 43.13 64.17 -53.09
CA SER JA 277 43.32 63.53 -51.80
C SER JA 277 42.79 62.11 -51.85
N LEU JA 278 43.60 61.15 -51.43
CA LEU JA 278 43.21 59.75 -51.33
C LEU JA 278 42.91 59.44 -49.88
N ASN JA 279 41.69 58.98 -49.62
CA ASN JA 279 41.24 58.70 -48.27
C ASN JA 279 40.47 57.39 -48.27
N ASP JA 280 40.58 56.66 -47.17
CA ASP JA 280 39.99 55.33 -47.09
C ASP JA 280 39.09 55.17 -45.87
N ILE JA 281 38.77 56.25 -45.16
CA ILE JA 281 37.91 56.16 -43.98
C ILE JA 281 36.54 55.63 -44.37
N ARG JA 282 36.04 55.97 -45.55
CA ARG JA 282 34.72 55.55 -45.97
C ARG JA 282 34.61 54.05 -46.19
N ARG JA 283 35.73 53.32 -46.20
CA ARG JA 283 35.68 51.88 -46.38
C ARG JA 283 35.57 51.13 -45.06
N PHE JA 284 36.10 51.69 -43.98
CA PHE JA 284 36.04 51.02 -42.68
C PHE JA 284 34.88 51.48 -41.81
N ALA JA 285 34.36 52.68 -42.04
CA ALA JA 285 33.37 53.26 -41.13
C ALA JA 285 32.01 52.59 -41.32
N ARG JA 286 31.03 53.08 -40.57
CA ARG JA 286 29.66 52.57 -40.61
C ARG JA 286 28.75 53.64 -41.18
N GLN JA 287 27.94 53.27 -42.16
CA GLN JA 287 27.09 54.21 -42.88
C GLN JA 287 25.63 54.03 -42.48
N VAL JA 288 24.96 55.14 -42.19
CA VAL JA 288 23.54 55.13 -41.88
C VAL JA 288 22.87 56.19 -42.73
N VAL JA 289 21.56 56.03 -42.92
CA VAL JA 289 20.75 56.94 -43.72
C VAL JA 289 19.85 57.72 -42.78
N ALA JA 290 19.87 59.05 -42.92
CA ALA JA 290 19.08 59.93 -42.10
C ALA JA 290 17.89 60.46 -42.88
N THR JA 291 16.83 60.81 -42.14
CA THR JA 291 15.62 61.37 -42.74
C THR JA 291 15.44 62.84 -42.42
N GLY JA 292 15.66 63.24 -41.17
CA GLY JA 292 15.54 64.63 -40.81
C GLY JA 292 16.86 65.37 -40.88
N ASP JA 293 17.26 65.98 -39.77
CA ASP JA 293 18.51 66.71 -39.72
C ASP JA 293 19.42 66.27 -38.58
N VAL JA 294 18.91 65.56 -37.59
CA VAL JA 294 19.71 65.05 -36.49
C VAL JA 294 19.39 63.57 -36.30
N TRP JA 295 20.42 62.75 -36.13
CA TRP JA 295 20.28 61.31 -35.93
C TRP JA 295 20.62 60.97 -34.50
N HIS JA 296 19.73 60.25 -33.83
CA HIS JA 296 19.85 59.96 -32.41
C HIS JA 296 19.98 58.46 -32.17
N GLY JA 297 20.69 58.10 -31.10
CA GLY JA 297 20.91 56.72 -30.75
C GLY JA 297 20.83 56.56 -29.23
N VAL JA 298 21.23 55.38 -28.76
CA VAL JA 298 21.25 55.07 -27.33
C VAL JA 298 22.52 54.31 -27.01
N SER JA 299 23.18 54.68 -25.91
CA SER JA 299 24.35 53.96 -25.43
C SER JA 299 24.23 53.73 -23.93
N SER JA 300 24.78 52.62 -23.46
CA SER JA 300 24.72 52.28 -22.04
C SER JA 300 25.92 51.43 -21.66
N ALA JA 301 26.21 51.41 -20.37
CA ALA JA 301 27.26 50.56 -19.81
C ALA JA 301 26.63 49.24 -19.36
N ALA JA 302 27.39 48.45 -18.60
CA ALA JA 302 26.95 47.15 -18.12
C ALA JA 302 26.61 47.24 -16.63
N VAL JA 303 25.92 46.20 -16.16
CA VAL JA 303 25.52 46.10 -14.76
C VAL JA 303 26.60 45.37 -13.97
N GLN JA 304 26.95 45.90 -12.82
CA GLN JA 304 28.02 45.36 -11.99
C GLN JA 304 27.44 44.41 -10.95
N TRP JA 305 27.87 43.16 -10.97
CA TRP JA 305 27.49 42.16 -9.99
C TRP JA 305 28.47 42.16 -8.83
N SER JA 306 28.20 41.30 -7.85
CA SER JA 306 29.07 41.18 -6.69
C SER JA 306 28.82 39.85 -6.00
N TRP JA 307 29.84 39.34 -5.33
CA TRP JA 307 29.74 38.08 -4.60
C TRP JA 307 29.28 38.37 -3.18
N ASP JA 308 28.12 37.85 -2.81
CA ASP JA 308 27.49 38.14 -1.54
C ASP JA 308 27.37 36.87 -0.71
N ALA JA 309 27.39 37.05 0.61
CA ALA JA 309 27.27 35.94 1.54
C ALA JA 309 25.78 35.64 1.79
N GLU JA 310 25.54 34.66 2.64
CA GLU JA 310 24.17 34.31 3.01
C GLU JA 310 23.54 35.43 3.83
N PHE JA 311 22.26 35.70 3.56
CA PHE JA 311 21.50 36.73 4.26
C PHE JA 311 22.18 38.10 4.16
N GLU JA 312 22.57 38.46 2.94
CA GLU JA 312 23.22 39.73 2.66
C GLU JA 312 22.41 40.52 1.64
N GLU JA 313 22.33 41.83 1.84
CA GLU JA 313 21.58 42.70 0.94
C GLU JA 313 22.31 42.85 -0.39
N VAL JA 314 21.56 43.23 -1.40
CA VAL JA 314 22.11 43.52 -2.72
C VAL JA 314 22.36 45.02 -2.82
N SER JA 315 23.36 45.38 -3.61
CA SER JA 315 23.67 46.78 -3.87
C SER JA 315 22.85 47.28 -5.04
N ASP JA 316 22.66 48.59 -5.10
CA ASP JA 316 21.88 49.22 -6.16
C ASP JA 316 22.72 49.23 -7.43
N ASP JA 317 22.29 48.45 -8.43
CA ASP JA 317 23.07 48.26 -9.65
C ASP JA 317 22.31 48.76 -10.88
N SER JA 318 21.61 49.87 -10.76
CA SER JA 318 20.90 50.43 -11.90
C SER JA 318 21.90 51.01 -12.89
N PRO JA 319 21.85 50.63 -14.17
CA PRO JA 319 22.79 51.17 -15.15
C PRO JA 319 22.44 52.59 -15.56
N GLU JA 320 23.39 53.24 -16.21
CA GLU JA 320 23.26 54.62 -16.66
C GLU JA 320 23.26 54.65 -18.19
N PHE JA 321 22.44 55.52 -18.76
CA PHE JA 321 22.27 55.60 -20.21
C PHE JA 321 22.77 56.94 -20.73
N GLY JA 322 22.97 56.98 -22.05
CA GLY JA 322 23.37 58.20 -22.73
C GLY JA 322 23.08 58.05 -24.20
N GLN JA 323 23.10 59.19 -24.91
CA GLN JA 323 22.80 59.17 -26.33
C GLN JA 323 23.78 60.03 -27.11
N PRO JA 324 24.16 59.60 -28.31
CA PRO JA 324 24.97 60.44 -29.19
C PRO JA 324 24.09 61.42 -29.96
N GLU JA 325 24.72 62.21 -30.81
CA GLU JA 325 24.00 63.22 -31.59
C GLU JA 325 24.82 63.56 -32.82
N ILE JA 326 24.25 63.36 -33.99
CA ILE JA 326 24.96 63.62 -35.25
C ILE JA 326 24.17 64.63 -36.08
N PRO JA 327 24.56 65.90 -36.09
CA PRO JA 327 23.89 66.87 -36.95
C PRO JA 327 24.27 66.68 -38.41
N VAL JA 328 23.44 67.22 -39.29
CA VAL JA 328 23.62 67.13 -40.74
C VAL JA 328 23.94 68.52 -41.27
N LYS JA 329 25.07 68.63 -41.97
CA LYS JA 329 25.55 69.89 -42.52
C LYS JA 329 25.43 69.86 -44.04
N LYS JA 330 25.90 70.93 -44.68
CA LYS JA 330 25.70 71.10 -46.11
C LYS JA 330 26.89 71.82 -46.74
N ALA JA 331 27.26 71.37 -47.94
CA ALA JA 331 28.32 71.98 -48.72
C ALA JA 331 27.82 72.24 -50.13
N GLN JA 332 28.38 73.26 -50.78
CA GLN JA 332 27.88 73.66 -52.09
C GLN JA 332 28.97 74.40 -52.85
N GLY JA 333 28.78 74.47 -54.18
CA GLY JA 333 29.69 75.20 -55.04
C GLY JA 333 28.97 75.67 -56.28
N PHE JA 334 29.46 76.77 -56.85
CA PHE JA 334 28.77 77.45 -57.93
C PHE JA 334 29.78 77.92 -58.98
N VAL JA 335 29.42 77.77 -60.24
CA VAL JA 335 30.27 78.21 -61.35
C VAL JA 335 29.42 78.89 -62.41
N PRO JA 336 29.58 80.20 -62.63
CA PRO JA 336 28.81 80.88 -63.68
C PRO JA 336 29.56 80.93 -65.00
N ILE JA 337 28.81 80.79 -66.09
CA ILE JA 337 29.36 80.79 -67.44
C ILE JA 337 28.52 81.71 -68.31
N SER JA 338 29.13 82.20 -69.39
CA SER JA 338 28.49 83.09 -70.33
C SER JA 338 27.87 82.31 -71.48
N ILE JA 339 26.89 82.93 -72.14
CA ILE JA 339 26.18 82.24 -73.21
C ILE JA 339 27.09 82.06 -74.43
N GLU JA 340 27.85 83.10 -74.79
CA GLU JA 340 28.74 82.99 -75.94
C GLU JA 340 29.86 81.98 -75.65
N ALA JA 341 30.34 81.93 -74.41
CA ALA JA 341 31.32 80.92 -74.04
C ALA JA 341 30.74 79.52 -74.17
N LEU JA 342 29.48 79.34 -73.77
CA LEU JA 342 28.85 78.03 -73.87
C LEU JA 342 28.61 77.61 -75.31
N GLN JA 343 28.30 78.55 -76.20
CA GLN JA 343 28.17 78.22 -77.62
C GLN JA 343 29.50 77.95 -78.30
N ASP JA 344 30.55 78.71 -77.95
CA ASP JA 344 31.83 78.62 -78.65
C ASP JA 344 32.67 77.46 -78.15
N GLU JA 345 32.99 77.45 -76.85
CA GLU JA 345 33.88 76.42 -76.31
C GLU JA 345 33.21 75.06 -76.38
N ALA JA 346 33.98 74.05 -76.79
CA ALA JA 346 33.45 72.72 -77.05
C ALA JA 346 33.67 71.80 -75.85
N ASN JA 347 32.64 71.04 -75.52
CA ASN JA 347 32.69 70.02 -74.46
C ASN JA 347 33.10 70.66 -73.12
N VAL JA 348 32.25 71.56 -72.65
CA VAL JA 348 32.49 72.24 -71.39
C VAL JA 348 31.68 71.62 -70.26
N THR JA 349 30.50 71.06 -70.57
CA THR JA 349 29.68 70.45 -69.53
C THR JA 349 30.40 69.25 -68.89
N GLU JA 350 30.99 68.39 -69.71
CA GLU JA 350 31.72 67.24 -69.18
C GLU JA 350 32.95 67.70 -68.39
N THR JA 351 33.65 68.70 -68.91
CA THR JA 351 34.85 69.18 -68.22
C THR JA 351 34.51 69.68 -66.83
N VAL JA 352 33.50 70.53 -66.71
CA VAL JA 352 33.12 71.05 -65.41
C VAL JA 352 32.52 69.94 -64.55
N ALA JA 353 31.91 68.92 -65.16
CA ALA JA 353 31.42 67.79 -64.38
C ALA JA 353 32.56 67.08 -63.68
N LEU JA 354 33.63 66.75 -64.42
CA LEU JA 354 34.79 66.13 -63.80
C LEU JA 354 35.43 67.06 -62.77
N LEU JA 355 35.49 68.36 -63.06
CA LEU JA 355 36.08 69.29 -62.10
C LEU JA 355 35.29 69.31 -60.80
N PHE JA 356 33.96 69.35 -60.90
CA PHE JA 356 33.10 69.32 -59.71
C PHE JA 356 33.30 68.03 -58.93
N ALA JA 357 33.32 66.89 -59.62
CA ALA JA 357 33.44 65.62 -58.93
C ALA JA 357 34.77 65.51 -58.20
N GLU JA 358 35.86 65.91 -58.85
CA GLU JA 358 37.17 65.81 -58.22
C GLU JA 358 37.27 66.76 -57.04
N GLY JA 359 36.73 67.97 -57.18
CA GLY JA 359 36.74 68.91 -56.07
C GLY JA 359 35.93 68.40 -54.89
N LYS JA 360 34.78 67.79 -55.16
CA LYS JA 360 33.99 67.20 -54.08
C LYS JA 360 34.75 66.08 -53.39
N ASP JA 361 35.47 65.28 -54.16
CA ASP JA 361 36.28 64.23 -53.57
C ASP JA 361 37.35 64.82 -52.66
N GLU JA 362 38.03 65.87 -53.11
CA GLU JA 362 39.02 66.53 -52.27
C GLU JA 362 38.40 67.07 -50.99
N LEU JA 363 37.22 67.70 -51.09
CA LEU JA 363 36.59 68.25 -49.90
C LEU JA 363 36.19 67.16 -48.91
N GLU JA 364 35.55 66.09 -49.40
CA GLU JA 364 35.09 65.04 -48.50
C GLU JA 364 36.26 64.32 -47.85
N ALA JA 365 37.32 64.04 -48.60
CA ALA JA 365 38.47 63.34 -48.04
C ALA JA 365 39.10 64.16 -46.92
N VAL JA 366 39.24 65.46 -47.13
CA VAL JA 366 39.84 66.31 -46.10
C VAL JA 366 38.92 66.42 -44.89
N THR JA 367 37.62 66.61 -45.12
CA THR JA 367 36.73 66.86 -44.00
C THR JA 367 36.44 65.60 -43.18
N LEU JA 368 36.60 64.42 -43.77
CA LEU JA 368 36.41 63.20 -43.00
C LEU JA 368 37.55 62.95 -42.02
N THR JA 369 38.74 63.46 -42.31
CA THR JA 369 39.91 63.21 -41.46
C THR JA 369 40.08 64.27 -40.38
N THR JA 370 40.13 65.54 -40.75
CA THR JA 370 40.31 66.64 -39.79
C THR JA 370 39.17 67.62 -40.01
N GLY JA 371 38.03 67.35 -39.36
CA GLY JA 371 36.93 68.28 -39.37
C GLY JA 371 36.70 68.84 -37.99
N THR JA 372 36.68 70.17 -37.85
CA THR JA 372 36.62 70.79 -36.54
C THR JA 372 35.36 70.37 -35.78
N GLY JA 373 34.24 70.23 -36.49
CA GLY JA 373 32.98 69.94 -35.85
C GLY JA 373 32.22 71.16 -35.39
N GLN JA 374 32.85 72.32 -35.42
CA GLN JA 374 32.20 73.57 -35.07
C GLN JA 374 31.74 74.28 -36.34
N GLY JA 375 30.89 75.30 -36.15
CA GLY JA 375 30.45 76.11 -37.26
C GLY JA 375 29.60 75.36 -38.27
N ASN JA 376 30.13 75.16 -39.47
CA ASN JA 376 29.40 74.53 -40.56
C ASN JA 376 30.11 73.27 -41.07
N GLN JA 377 30.96 72.67 -40.24
CA GLN JA 377 31.69 71.50 -40.65
C GLN JA 377 31.37 70.31 -39.77
N PRO JA 378 31.35 69.09 -40.32
CA PRO JA 378 31.15 67.91 -39.49
C PRO JA 378 32.36 67.62 -38.62
N THR JA 379 32.30 66.54 -37.85
CA THR JA 379 33.37 66.18 -36.93
C THR JA 379 34.19 65.06 -37.54
N GLY JA 380 35.51 65.26 -37.65
CA GLY JA 380 36.38 64.25 -38.18
C GLY JA 380 36.78 63.23 -37.13
N ILE JA 381 37.42 62.16 -37.60
CA ILE JA 381 37.83 61.09 -36.70
C ILE JA 381 38.94 61.56 -35.77
N VAL JA 382 39.90 62.33 -36.30
CA VAL JA 382 41.02 62.77 -35.48
C VAL JA 382 40.57 63.81 -34.46
N THR JA 383 39.72 64.76 -34.88
CA THR JA 383 39.31 65.83 -33.99
C THR JA 383 38.52 65.30 -32.81
N ALA JA 384 37.61 64.34 -33.06
CA ALA JA 384 36.78 63.82 -31.99
C ALA JA 384 37.56 63.00 -30.97
N LEU JA 385 38.77 62.58 -31.31
CA LEU JA 385 39.59 61.73 -30.44
C LEU JA 385 40.77 62.50 -29.86
N ALA JA 386 40.60 63.78 -29.57
CA ALA JA 386 41.65 64.61 -29.00
C ALA JA 386 41.27 64.96 -27.56
N GLY JA 387 42.17 64.67 -26.63
CA GLY JA 387 41.93 64.90 -25.23
C GLY JA 387 41.18 63.79 -24.52
N THR JA 388 40.59 62.87 -25.28
CA THR JA 388 39.88 61.73 -24.73
C THR JA 388 40.89 60.68 -24.27
N ALA JA 389 40.42 59.66 -23.56
CA ALA JA 389 41.30 58.59 -23.10
C ALA JA 389 41.96 57.86 -24.25
N ALA JA 390 41.43 57.98 -25.47
CA ALA JA 390 42.02 57.30 -26.62
C ALA JA 390 43.41 57.83 -26.96
N GLU JA 391 43.73 59.06 -26.59
CA GLU JA 391 45.03 59.64 -26.90
C GLU JA 391 46.12 59.01 -26.04
N ILE JA 392 47.24 58.69 -26.67
CA ILE JA 392 48.38 58.05 -26.01
C ILE JA 392 49.63 58.86 -26.33
N ALA JA 393 50.57 58.87 -25.38
CA ALA JA 393 51.85 59.51 -25.53
C ALA JA 393 52.94 58.47 -25.74
N PRO JA 394 54.00 58.79 -26.47
CA PRO JA 394 55.05 57.81 -26.74
C PRO JA 394 55.84 57.49 -25.49
N VAL JA 395 56.54 56.35 -25.56
CA VAL JA 395 57.36 55.89 -24.43
C VAL JA 395 58.47 56.88 -24.15
N THR JA 396 59.18 57.32 -25.19
CA THR JA 396 60.26 58.28 -25.07
C THR JA 396 59.86 59.57 -25.78
N ALA JA 397 60.01 60.69 -25.10
CA ALA JA 397 59.55 61.98 -25.63
C ALA JA 397 60.25 62.31 -26.94
N GLU JA 398 59.48 62.81 -27.90
CA GLU JA 398 59.99 63.24 -29.20
C GLU JA 398 60.75 62.11 -29.89
N THR JA 399 60.20 60.90 -29.83
CA THR JA 399 60.84 59.73 -30.41
C THR JA 399 59.77 58.76 -30.87
N PHE JA 400 59.92 58.27 -32.11
CA PHE JA 400 59.02 57.28 -32.69
C PHE JA 400 59.79 55.98 -32.81
N ALA JA 401 59.35 54.94 -32.11
CA ALA JA 401 60.06 53.68 -32.04
C ALA JA 401 59.12 52.53 -32.36
N LEU JA 402 59.69 51.32 -32.39
CA LEU JA 402 58.89 50.13 -32.64
C LEU JA 402 57.91 49.86 -31.51
N ALA JA 403 58.29 50.22 -30.28
CA ALA JA 403 57.43 49.95 -29.13
C ALA JA 403 56.12 50.71 -29.19
N ASP JA 404 56.06 51.84 -29.89
CA ASP JA 404 54.85 52.64 -29.92
C ASP JA 404 53.72 51.93 -30.66
N VAL JA 405 54.04 51.24 -31.75
CA VAL JA 405 53.02 50.50 -32.50
C VAL JA 405 52.45 49.39 -31.63
N TYR JA 406 53.32 48.64 -30.96
CA TYR JA 406 52.86 47.60 -30.06
C TYR JA 406 52.00 48.18 -28.94
N ALA JA 407 52.41 49.33 -28.39
CA ALA JA 407 51.64 49.96 -27.33
C ALA JA 407 50.24 50.33 -27.81
N VAL JA 408 50.14 51.04 -28.93
CA VAL JA 408 48.83 51.44 -29.43
C VAL JA 408 48.00 50.22 -29.80
N TYR JA 409 48.64 49.09 -30.11
CA TYR JA 409 47.91 47.85 -30.32
C TYR JA 409 47.52 47.15 -29.03
N GLU JA 410 48.14 47.51 -27.90
CA GLU JA 410 47.96 46.75 -26.66
C GLU JA 410 46.77 47.24 -25.84
N GLN JA 411 46.73 48.54 -25.51
CA GLN JA 411 45.75 49.00 -24.54
C GLN JA 411 44.31 48.81 -25.00
N LEU JA 412 44.09 48.63 -26.29
CA LEU JA 412 42.74 48.46 -26.78
C LEU JA 412 42.13 47.16 -26.27
N ALA JA 413 40.85 47.20 -25.93
CA ALA JA 413 40.17 46.05 -25.36
C ALA JA 413 39.99 44.95 -26.40
N ALA JA 414 39.81 43.72 -25.91
CA ALA JA 414 39.77 42.56 -26.80
C ALA JA 414 38.55 42.56 -27.71
N ARG JA 415 37.44 43.13 -27.25
CA ARG JA 415 36.23 43.17 -28.07
C ARG JA 415 36.47 43.97 -29.34
N HIS JA 416 37.17 45.09 -29.24
CA HIS JA 416 37.48 45.90 -30.40
C HIS JA 416 38.77 45.48 -31.10
N ARG JA 417 39.73 44.93 -30.34
CA ARG JA 417 41.03 44.61 -30.92
C ARG JA 417 40.92 43.53 -31.99
N ARG JA 418 40.09 42.52 -31.75
CA ARG JA 418 39.93 41.43 -32.71
C ARG JA 418 39.19 41.85 -33.97
N GLN JA 419 38.59 43.05 -33.99
CA GLN JA 419 37.93 43.57 -35.19
C GLN JA 419 38.28 45.05 -35.32
N GLY JA 420 39.39 45.34 -35.99
CA GLY JA 420 39.83 46.71 -36.14
C GLY JA 420 40.74 46.86 -37.34
N ALA JA 421 41.13 48.10 -37.61
CA ALA JA 421 41.95 48.40 -38.78
C ALA JA 421 42.80 49.63 -38.50
N TRP JA 422 43.97 49.66 -39.12
CA TRP JA 422 44.90 50.77 -38.99
C TRP JA 422 44.61 51.85 -40.02
N LEU JA 423 45.10 53.05 -39.75
CA LEU JA 423 44.91 54.17 -40.68
C LEU JA 423 45.93 55.25 -40.34
N ALA JA 424 46.74 55.62 -41.32
CA ALA JA 424 47.76 56.64 -41.12
C ALA JA 424 48.21 57.16 -42.48
N ASN JA 425 49.23 58.02 -42.46
CA ASN JA 425 49.81 58.58 -43.67
C ASN JA 425 50.96 57.70 -44.17
N ASN JA 426 51.38 57.95 -45.41
CA ASN JA 426 52.46 57.17 -45.98
C ASN JA 426 53.79 57.43 -45.27
N LEU JA 427 53.95 58.62 -44.69
CA LEU JA 427 55.15 58.93 -43.92
C LEU JA 427 55.36 57.91 -42.81
N ILE JA 428 54.30 57.60 -42.06
CA ILE JA 428 54.43 56.73 -40.90
C ILE JA 428 54.73 55.31 -41.33
N TYR JA 429 54.08 54.83 -42.39
CA TYR JA 429 54.37 53.49 -42.89
C TYR JA 429 55.81 53.38 -43.35
N ASN JA 430 56.30 54.40 -44.06
CA ASN JA 430 57.69 54.37 -44.50
C ASN JA 430 58.65 54.38 -43.32
N LYS JA 431 58.35 55.20 -42.30
CA LYS JA 431 59.20 55.22 -41.11
C LYS JA 431 59.21 53.87 -40.40
N ILE JA 432 58.05 53.19 -40.36
CA ILE JA 432 58.01 51.84 -39.80
C ILE JA 432 58.89 50.91 -40.62
N ARG JA 433 58.88 51.07 -41.95
CA ARG JA 433 59.71 50.22 -42.81
C ARG JA 433 61.20 50.41 -42.55
N GLN JA 434 61.59 51.50 -41.87
CA GLN JA 434 63.00 51.77 -41.59
C GLN JA 434 63.43 51.33 -40.20
N PHE JA 435 62.56 50.65 -39.46
CA PHE JA 435 62.90 50.23 -38.10
C PHE JA 435 63.96 49.14 -38.08
N ASP JA 436 63.91 48.21 -39.03
CA ASP JA 436 64.79 47.06 -39.01
C ASP JA 436 66.16 47.42 -39.58
N THR JA 437 67.21 46.99 -38.89
CA THR JA 437 68.58 47.24 -39.34
C THR JA 437 69.39 45.95 -39.33
N GLN JA 438 69.06 45.03 -38.42
CA GLN JA 438 69.77 43.77 -38.30
C GLN JA 438 69.01 42.61 -38.95
N GLY JA 439 67.89 42.89 -39.61
CA GLY JA 439 67.07 41.82 -40.14
C GLY JA 439 66.42 40.98 -39.05
N GLY JA 440 65.91 41.61 -38.01
CA GLY JA 440 65.37 40.93 -36.85
C GLY JA 440 63.87 40.74 -36.94
N ALA JA 441 63.23 40.71 -35.77
CA ALA JA 441 61.79 40.49 -35.72
C ALA JA 441 61.02 41.63 -36.38
N GLY JA 442 61.48 42.86 -36.20
CA GLY JA 442 60.79 43.99 -36.80
C GLY JA 442 61.08 44.16 -38.28
N LEU JA 443 61.05 43.05 -39.02
CA LEU JA 443 61.25 43.06 -40.46
C LEU JA 443 59.87 42.98 -41.12
N TRP JA 444 59.39 44.13 -41.60
CA TRP JA 444 58.09 44.15 -42.27
C TRP JA 444 58.22 43.67 -43.71
N THR JA 445 59.00 44.40 -44.51
CA THR JA 445 59.21 44.03 -45.90
C THR JA 445 60.52 44.67 -46.36
N THR JA 446 61.34 43.90 -47.05
CA THR JA 446 62.61 44.41 -47.55
C THR JA 446 62.38 45.40 -48.68
N ILE JA 447 63.39 46.24 -48.92
CA ILE JA 447 63.29 47.23 -49.98
C ILE JA 447 63.19 46.52 -51.33
N GLY JA 448 62.46 47.13 -52.25
CA GLY JA 448 62.23 46.54 -53.55
C GLY JA 448 60.86 45.91 -53.74
N ASN JA 449 59.99 46.00 -52.76
CA ASN JA 449 58.63 45.46 -52.86
C ASN JA 449 57.61 46.55 -52.57
N GLY JA 450 56.38 46.30 -53.00
CA GLY JA 450 55.32 47.25 -52.81
C GLY JA 450 54.90 47.36 -51.35
N GLU JA 451 53.93 48.25 -51.13
CA GLU JA 451 53.45 48.50 -49.77
C GLU JA 451 52.77 47.24 -49.22
N PRO JA 452 53.08 46.85 -47.99
CA PRO JA 452 52.44 45.68 -47.40
C PRO JA 452 50.96 45.89 -47.18
N SER JA 453 50.21 44.79 -47.24
CA SER JA 453 48.76 44.83 -47.12
C SER JA 453 48.27 44.69 -45.69
N GLN JA 454 49.12 44.23 -44.77
CA GLN JA 454 48.71 44.07 -43.38
C GLN JA 454 49.83 44.57 -42.47
N LEU JA 455 49.45 44.89 -41.23
CA LEU JA 455 50.39 45.16 -40.16
C LEU JA 455 49.85 44.53 -38.89
N LEU JA 456 50.61 43.58 -38.32
CA LEU JA 456 50.19 42.81 -37.16
C LEU JA 456 48.91 42.02 -37.45
N GLY JA 457 48.74 41.57 -38.69
CA GLY JA 457 47.61 40.75 -39.06
C GLY JA 457 46.31 41.49 -39.30
N ARG JA 458 46.32 42.81 -39.29
CA ARG JA 458 45.10 43.60 -39.43
C ARG JA 458 45.14 44.42 -40.71
N PRO JA 459 43.96 44.74 -41.27
CA PRO JA 459 43.93 45.54 -42.50
C PRO JA 459 44.52 46.92 -42.29
N VAL JA 460 45.07 47.48 -43.37
CA VAL JA 460 45.79 48.74 -43.34
C VAL JA 460 45.14 49.72 -44.31
N GLY JA 461 44.88 50.94 -43.84
CA GLY JA 461 44.33 51.98 -44.67
C GLY JA 461 45.30 53.15 -44.83
N GLU JA 462 44.94 54.06 -45.73
CA GLU JA 462 45.77 55.22 -46.04
C GLU JA 462 44.93 56.49 -45.99
N ALA JA 463 45.55 57.57 -45.51
CA ALA JA 463 44.92 58.89 -45.51
C ALA JA 463 46.01 59.93 -45.56
N GLU JA 464 45.98 60.80 -46.57
CA GLU JA 464 47.01 61.81 -46.74
C GLU JA 464 46.72 63.09 -45.98
N ALA JA 465 45.57 63.19 -45.29
CA ALA JA 465 45.21 64.41 -44.60
C ALA JA 465 45.70 64.45 -43.16
N MET JA 466 46.30 63.38 -42.66
CA MET JA 466 46.81 63.38 -41.30
C MET JA 466 48.20 64.01 -41.25
N ASP JA 467 48.68 64.22 -40.02
CA ASP JA 467 49.99 64.83 -39.84
C ASP JA 467 51.08 63.92 -40.39
N ALA JA 468 52.11 64.55 -40.96
CA ALA JA 468 53.17 63.83 -41.65
C ALA JA 468 54.49 63.85 -40.87
N ASN JA 469 55.00 65.04 -40.54
CA ASN JA 469 56.26 65.17 -39.83
C ASN JA 469 56.07 66.03 -38.60
N TRP JA 470 56.66 65.59 -37.48
CA TRP JA 470 56.56 66.30 -36.21
C TRP JA 470 57.77 67.18 -35.92
N ASN JA 471 58.79 67.16 -36.78
CA ASN JA 471 59.96 68.02 -36.61
C ASN JA 471 59.92 69.23 -37.53
N THR JA 472 59.69 68.99 -38.82
CA THR JA 472 59.57 70.12 -39.75
C THR JA 472 58.34 70.95 -39.45
N SER JA 473 57.21 70.32 -39.18
CA SER JA 473 55.99 71.06 -38.86
C SER JA 473 56.10 71.67 -37.47
N ALA JA 474 55.52 72.86 -37.34
CA ALA JA 474 55.56 73.60 -36.09
C ALA JA 474 54.36 73.36 -35.18
N SER JA 475 53.43 72.50 -35.61
CA SER JA 475 52.25 72.23 -34.80
C SER JA 475 52.64 71.50 -33.52
N ALA JA 476 52.00 71.88 -32.42
CA ALA JA 476 52.32 71.28 -31.12
C ALA JA 476 51.89 69.83 -31.02
N ASP JA 477 50.76 69.48 -31.63
CA ASP JA 477 50.21 68.13 -31.54
C ASP JA 477 50.33 67.45 -32.90
N ASN JA 478 50.84 66.22 -32.90
CA ASN JA 478 51.05 65.46 -34.13
C ASN JA 478 50.43 64.08 -33.95
N PHE JA 479 49.15 63.96 -34.25
CA PHE JA 479 48.44 62.68 -34.20
C PHE JA 479 48.75 61.92 -35.47
N VAL JA 480 49.61 60.91 -35.38
CA VAL JA 480 50.20 60.31 -36.57
C VAL JA 480 49.72 58.88 -36.78
N LEU JA 481 49.40 58.18 -35.71
CA LEU JA 481 49.02 56.78 -35.80
C LEU JA 481 47.68 56.56 -35.10
N LEU JA 482 46.82 55.76 -35.72
CA LEU JA 482 45.49 55.50 -35.20
C LEU JA 482 45.11 54.06 -35.48
N TYR JA 483 44.49 53.42 -34.48
CA TYR JA 483 43.98 52.06 -34.63
C TYR JA 483 42.73 51.93 -33.77
N GLY JA 484 41.78 51.13 -34.23
CA GLY JA 484 40.58 50.90 -33.44
C GLY JA 484 39.50 50.25 -34.27
N ASN JA 485 38.36 50.04 -33.60
CA ASN JA 485 37.18 49.47 -34.23
C ASN JA 485 36.42 50.57 -34.94
N PHE JA 486 36.57 50.63 -36.26
CA PHE JA 486 35.95 51.70 -37.05
C PHE JA 486 34.45 51.53 -37.18
N GLN JA 487 33.89 50.42 -36.73
CA GLN JA 487 32.44 50.24 -36.74
C GLN JA 487 31.71 51.30 -35.92
N ASN JA 488 32.40 51.94 -34.97
CA ASN JA 488 31.80 52.93 -34.09
C ASN JA 488 31.90 54.35 -34.63
N TYR JA 489 32.41 54.53 -35.84
CA TYR JA 489 32.43 55.85 -36.49
C TYR JA 489 31.30 55.86 -37.50
N VAL JA 490 30.35 56.76 -37.31
CA VAL JA 490 29.09 56.76 -38.06
C VAL JA 490 29.04 57.94 -39.00
N ILE JA 491 28.75 57.67 -40.26
CA ILE JA 491 28.63 58.70 -41.29
C ILE JA 491 27.17 58.74 -41.73
N ALA JA 492 26.56 59.91 -41.65
CA ALA JA 492 25.15 60.09 -41.97
C ALA JA 492 25.02 60.72 -43.36
N ASP JA 493 24.36 60.00 -44.26
CA ASP JA 493 24.18 60.44 -45.64
C ASP JA 493 22.72 60.79 -45.87
N ARG JA 494 22.49 61.99 -46.41
CA ARG JA 494 21.14 62.48 -46.65
C ARG JA 494 20.85 62.64 -48.13
N ILE JA 495 21.64 63.43 -48.84
CA ILE JA 495 21.44 63.68 -50.27
C ILE JA 495 22.80 63.66 -50.95
N GLY JA 496 22.89 62.95 -52.08
CA GLY JA 496 24.11 62.89 -52.84
C GLY JA 496 24.32 64.16 -53.65
N MET JA 497 25.39 64.13 -54.45
CA MET JA 497 25.75 65.29 -55.24
C MET JA 497 24.70 65.56 -56.31
N THR JA 498 24.18 66.79 -56.31
CA THR JA 498 23.10 67.20 -57.21
C THR JA 498 23.50 68.48 -57.92
N VAL JA 499 23.24 68.54 -59.22
CA VAL JA 499 23.57 69.69 -60.05
C VAL JA 499 22.29 70.21 -60.69
N GLU JA 500 22.05 71.51 -60.56
CA GLU JA 500 20.92 72.18 -61.18
C GLU JA 500 21.43 73.24 -62.15
N PHE JA 501 20.70 73.45 -63.24
CA PHE JA 501 21.09 74.38 -64.30
C PHE JA 501 20.21 75.62 -64.21
N ILE JA 502 20.81 76.75 -63.84
CA ILE JA 502 20.10 78.03 -63.79
C ILE JA 502 20.04 78.61 -65.19
N PRO JA 503 18.86 78.90 -65.73
CA PRO JA 503 18.77 79.29 -67.14
C PRO JA 503 19.15 80.74 -67.42
N HIS JA 504 19.05 81.63 -66.44
CA HIS JA 504 19.29 83.05 -66.71
C HIS JA 504 19.77 83.73 -65.44
N LEU JA 505 20.94 84.35 -65.51
CA LEU JA 505 21.45 85.18 -64.43
C LEU JA 505 21.08 86.64 -64.69
N PHE JA 506 21.02 87.42 -63.62
CA PHE JA 506 20.60 88.81 -63.69
C PHE JA 506 21.79 89.73 -63.45
N GLY JA 507 21.56 91.02 -63.65
CA GLY JA 507 22.61 92.02 -63.47
C GLY JA 507 22.31 92.99 -62.34
N THR JA 508 23.11 94.04 -62.23
CA THR JA 508 22.91 94.99 -61.14
C THR JA 508 21.61 95.79 -61.29
N ASN JA 509 21.06 95.83 -62.50
CA ASN JA 509 19.80 96.51 -62.75
C ASN JA 509 18.61 95.56 -62.76
N ARG JA 510 18.78 94.35 -62.20
CA ARG JA 510 17.73 93.34 -62.16
C ARG JA 510 17.23 92.96 -63.54
N ARG JA 511 18.15 92.91 -64.51
CA ARG JA 511 17.87 92.52 -65.87
C ARG JA 511 18.90 91.50 -66.34
N PRO JA 512 18.52 90.62 -67.28
CA PRO JA 512 19.48 89.61 -67.76
C PRO JA 512 20.68 90.25 -68.42
N ASN JA 513 21.84 89.62 -68.23
CA ASN JA 513 23.08 90.08 -68.82
C ASN JA 513 23.72 89.06 -69.75
N GLY JA 514 23.05 87.95 -70.01
CA GLY JA 514 23.56 86.94 -70.93
C GLY JA 514 24.56 85.99 -70.32
N SER JA 515 24.14 85.25 -69.30
CA SER JA 515 25.00 84.27 -68.65
C SER JA 515 24.14 83.20 -68.01
N ARG JA 516 24.78 82.08 -67.67
CA ARG JA 516 24.11 80.96 -67.04
C ARG JA 516 24.93 80.50 -65.86
N GLY JA 517 24.40 79.52 -65.11
CA GLY JA 517 25.04 79.10 -63.89
C GLY JA 517 25.01 77.59 -63.74
N TRP JA 518 25.78 77.12 -62.76
CA TRP JA 518 25.88 75.70 -62.40
C TRP JA 518 25.94 75.63 -60.87
N PHE JA 519 24.91 75.03 -60.28
CA PHE JA 519 24.79 74.91 -58.83
C PHE JA 519 24.95 73.45 -58.43
N ALA JA 520 25.77 73.21 -57.40
CA ALA JA 520 26.00 71.86 -56.92
C ALA JA 520 25.98 71.86 -55.40
N TYR JA 521 25.46 70.78 -54.82
CA TYR JA 521 25.33 70.67 -53.38
C TYR JA 521 25.16 69.21 -52.97
N TYR JA 522 25.41 68.93 -51.69
CA TYR JA 522 25.07 67.66 -51.09
C TYR JA 522 25.06 67.86 -49.58
N ARG JA 523 24.52 66.88 -48.86
CA ARG JA 523 24.44 66.95 -47.40
C ARG JA 523 25.02 65.70 -46.78
N MET JA 524 25.79 65.87 -45.70
CA MET JA 524 26.48 64.77 -45.05
C MET JA 524 26.80 65.16 -43.61
N GLY JA 525 27.05 64.14 -42.80
CA GLY JA 525 27.46 64.36 -41.41
C GLY JA 525 28.09 63.12 -40.82
N ALA JA 526 28.99 63.31 -39.85
CA ALA JA 526 29.68 62.17 -39.24
C ALA JA 526 30.18 62.57 -37.86
N ASP JA 527 30.39 61.57 -37.02
CA ASP JA 527 30.84 61.77 -35.65
C ASP JA 527 31.34 60.44 -35.09
N VAL JA 528 31.77 60.48 -33.83
CA VAL JA 528 32.25 59.30 -33.12
C VAL JA 528 31.25 58.95 -32.04
N VAL JA 529 30.80 57.69 -32.03
CA VAL JA 529 29.81 57.25 -31.05
C VAL JA 529 30.50 56.83 -29.76
N ASN JA 530 31.40 55.85 -29.84
CA ASN JA 530 32.11 55.35 -28.66
C ASN JA 530 33.57 55.79 -28.71
N PRO JA 531 34.00 56.71 -27.85
CA PRO JA 531 35.36 57.22 -27.91
C PRO JA 531 36.42 56.29 -27.33
N ASN JA 532 36.03 55.16 -26.75
CA ASN JA 532 36.97 54.24 -26.14
C ASN JA 532 37.26 53.02 -27.00
N ALA JA 533 36.77 52.98 -28.23
CA ALA JA 533 37.05 51.88 -29.15
C ALA JA 533 38.22 52.18 -30.08
N PHE JA 534 38.89 53.31 -29.90
CA PHE JA 534 40.06 53.69 -30.69
C PHE JA 534 41.21 54.01 -29.75
N ARG JA 535 42.41 54.10 -30.34
CA ARG JA 535 43.62 54.46 -29.61
C ARG JA 535 44.46 55.32 -30.55
N LEU JA 536 44.71 56.55 -30.14
CA LEU JA 536 45.47 57.49 -30.94
C LEU JA 536 46.81 57.80 -30.29
N LEU JA 537 47.83 57.97 -31.12
CA LEU JA 537 49.17 58.28 -30.65
C LEU JA 537 49.50 59.73 -30.97
N ASN JA 538 49.91 60.49 -29.95
CA ASN JA 538 50.22 61.90 -30.10
C ASN JA 538 51.68 62.13 -29.72
N VAL JA 539 52.44 62.75 -30.62
CA VAL JA 539 53.84 63.06 -30.38
C VAL JA 539 53.89 64.55 -30.07
N GLU JA 540 53.82 64.89 -28.78
CA GLU JA 540 53.85 66.29 -28.35
C GLU JA 540 55.27 66.81 -28.53
N THR JA 541 55.47 67.60 -29.57
CA THR JA 541 56.78 68.18 -29.87
C THR JA 541 56.91 69.62 -29.40
N ALA JA 542 55.98 70.09 -28.58
CA ALA JA 542 56.01 71.47 -28.11
C ALA JA 542 57.31 71.74 -27.36
N SER JA 543 58.11 72.66 -27.90
CA SER JA 543 59.41 73.01 -27.34
C SER JA 543 60.31 71.79 -27.18
N MET KA 251 12.02 81.02 -43.21
CA MET KA 251 11.46 79.72 -42.86
C MET KA 251 12.49 78.62 -43.03
N GLY KA 252 13.48 78.61 -42.15
CA GLY KA 252 14.62 77.70 -42.22
C GLY KA 252 14.47 76.50 -41.31
N LEU KA 253 15.60 76.01 -40.83
CA LEU KA 253 15.64 74.83 -39.96
C LEU KA 253 15.60 75.18 -38.48
N THR KA 254 15.58 76.46 -38.12
CA THR KA 254 15.48 76.83 -36.72
C THR KA 254 14.11 76.42 -36.18
N LYS KA 255 14.06 76.19 -34.87
CA LYS KA 255 12.86 75.60 -34.28
C LYS KA 255 11.63 76.47 -34.52
N ALA KA 256 11.70 77.75 -34.14
CA ALA KA 256 10.54 78.62 -34.24
C ALA KA 256 10.11 78.80 -35.69
N ASP KA 257 11.03 78.72 -36.64
CA ASP KA 257 10.73 78.94 -38.05
C ASP KA 257 10.36 77.64 -38.73
N GLY KA 258 9.38 76.95 -38.18
CA GLY KA 258 8.91 75.70 -38.75
C GLY KA 258 9.79 74.50 -38.48
N GLY KA 259 10.79 74.62 -37.61
CA GLY KA 259 11.65 73.48 -37.32
C GLY KA 259 10.98 72.43 -36.46
N TYR KA 260 9.85 72.75 -35.84
CA TYR KA 260 9.11 71.77 -35.06
C TYR KA 260 8.44 70.71 -35.92
N LEU KA 261 8.39 70.91 -37.25
CA LEU KA 261 7.68 69.98 -38.11
C LEU KA 261 8.52 68.76 -38.47
N VAL KA 262 9.83 68.81 -38.24
CA VAL KA 262 10.65 67.65 -38.60
C VAL KA 262 10.37 66.50 -37.65
N PRO KA 263 10.39 65.25 -38.10
CA PRO KA 263 10.19 64.13 -37.18
C PRO KA 263 11.46 63.83 -36.41
N PHE KA 264 11.34 62.89 -35.47
CA PHE KA 264 12.44 62.47 -34.62
C PHE KA 264 12.91 61.10 -35.06
N GLN KA 265 14.21 60.96 -35.32
CA GLN KA 265 14.81 59.71 -35.73
C GLN KA 265 15.66 59.14 -34.61
N LEU KA 266 15.50 57.85 -34.34
CA LEU KA 266 16.26 57.19 -33.29
C LEU KA 266 16.52 55.76 -33.70
N ASP KA 267 17.62 55.19 -33.21
CA ASP KA 267 17.95 53.79 -33.44
C ASP KA 267 17.69 53.02 -32.16
N PRO KA 268 16.62 52.21 -32.09
CA PRO KA 268 16.28 51.55 -30.83
C PRO KA 268 17.40 50.68 -30.26
N THR KA 269 18.21 50.05 -31.10
CA THR KA 269 19.26 49.17 -30.61
C THR KA 269 20.25 49.95 -29.75
N VAL KA 270 20.74 49.29 -28.71
CA VAL KA 270 21.60 49.93 -27.73
C VAL KA 270 23.04 49.54 -28.01
N ILE KA 271 23.94 50.53 -27.97
CA ILE KA 271 25.36 50.32 -28.18
C ILE KA 271 26.04 50.22 -26.82
N ILE KA 272 26.71 49.11 -26.58
CA ILE KA 272 27.38 48.87 -25.31
C ILE KA 272 28.74 49.53 -25.31
N THR KA 273 29.09 50.18 -24.21
CA THR KA 273 30.36 50.86 -24.08
C THR KA 273 31.31 50.22 -23.06
N SER KA 274 30.84 49.25 -22.29
CA SER KA 274 31.71 48.60 -21.32
C SER KA 274 32.79 47.80 -22.02
N ASN KA 275 34.00 47.82 -21.45
CA ASN KA 275 35.14 47.14 -22.07
C ASN KA 275 34.90 45.63 -22.12
N GLY KA 276 34.37 45.06 -21.03
CA GLY KA 276 34.20 43.64 -20.95
C GLY KA 276 35.50 42.94 -20.60
N SER KA 277 35.41 41.61 -20.56
CA SER KA 277 36.58 40.78 -20.24
C SER KA 277 36.53 39.51 -21.08
N LEU KA 278 37.70 39.13 -21.61
CA LEU KA 278 37.85 37.89 -22.36
C LEU KA 278 38.75 36.96 -21.57
N ASN KA 279 38.28 35.74 -21.33
CA ASN KA 279 39.01 34.77 -20.55
C ASN KA 279 39.00 33.43 -21.29
N ASP KA 280 40.05 32.64 -21.08
CA ASP KA 280 40.21 31.36 -21.75
C ASP KA 280 40.35 30.20 -20.78
N ILE KA 281 40.05 30.41 -19.49
CA ILE KA 281 40.24 29.36 -18.51
C ILE KA 281 39.22 28.25 -18.71
N ARG KA 282 37.98 28.60 -19.03
CA ARG KA 282 36.92 27.61 -19.16
C ARG KA 282 37.22 26.57 -20.24
N ARG KA 283 37.99 26.94 -21.27
CA ARG KA 283 38.28 25.98 -22.33
C ARG KA 283 39.34 24.97 -21.90
N PHE KA 284 40.24 25.36 -20.99
CA PHE KA 284 41.29 24.45 -20.54
C PHE KA 284 41.00 23.80 -19.20
N ALA KA 285 40.19 24.43 -18.35
CA ALA KA 285 39.94 23.88 -17.02
C ALA KA 285 38.97 22.70 -17.11
N ARG KA 286 38.89 21.97 -16.00
CA ARG KA 286 38.01 20.81 -15.89
C ARG KA 286 36.78 21.19 -15.08
N GLN KA 287 35.60 20.88 -15.61
CA GLN KA 287 34.33 21.27 -15.02
C GLN KA 287 33.59 20.06 -14.50
N VAL KA 288 33.03 20.17 -13.29
CA VAL KA 288 32.25 19.11 -12.67
C VAL KA 288 30.97 19.73 -12.14
N VAL KA 289 29.92 18.92 -12.07
CA VAL KA 289 28.60 19.36 -11.63
C VAL KA 289 28.43 18.97 -10.16
N ALA KA 290 28.01 19.94 -9.35
CA ALA KA 290 27.79 19.72 -7.93
C ALA KA 290 26.30 19.61 -7.64
N THR KA 291 25.92 18.53 -6.97
CA THR KA 291 24.51 18.32 -6.62
C THR KA 291 24.18 18.76 -5.20
N GLY KA 292 25.18 19.17 -4.42
CA GLY KA 292 24.94 19.54 -3.04
C GLY KA 292 25.51 20.90 -2.69
N ASP KA 293 26.40 20.92 -1.70
CA ASP KA 293 27.05 22.15 -1.27
C ASP KA 293 28.55 22.16 -1.50
N VAL KA 294 29.26 21.08 -1.19
CA VAL KA 294 30.71 21.03 -1.30
C VAL KA 294 31.11 19.81 -2.10
N TRP KA 295 32.04 20.00 -3.03
CA TRP KA 295 32.55 18.92 -3.88
C TRP KA 295 33.81 18.34 -3.26
N HIS KA 296 33.85 17.01 -3.14
CA HIS KA 296 34.97 16.33 -2.50
C HIS KA 296 35.62 15.35 -3.46
N GLY KA 297 36.93 15.19 -3.32
CA GLY KA 297 37.69 14.24 -4.11
C GLY KA 297 38.71 13.52 -3.25
N VAL KA 298 39.45 12.62 -3.88
CA VAL KA 298 40.49 11.84 -3.20
C VAL KA 298 41.77 11.88 -4.02
N SER KA 299 42.89 12.09 -3.34
CA SER KA 299 44.20 12.10 -3.99
C SER KA 299 45.17 11.27 -3.16
N SER KA 300 46.20 10.75 -3.82
CA SER KA 300 47.16 9.88 -3.15
C SER KA 300 48.50 9.97 -3.87
N ALA KA 301 49.47 9.18 -3.43
CA ALA KA 301 50.79 9.09 -4.01
C ALA KA 301 51.17 7.62 -4.18
N ALA KA 302 52.26 7.38 -4.92
CA ALA KA 302 52.66 6.03 -5.28
C ALA KA 302 53.30 5.32 -4.08
N VAL KA 303 53.66 4.06 -4.28
CA VAL KA 303 54.22 3.21 -3.25
C VAL KA 303 55.72 3.10 -3.47
N GLN KA 304 56.50 3.24 -2.40
CA GLN KA 304 57.95 3.19 -2.49
C GLN KA 304 58.41 1.74 -2.55
N TRP KA 305 59.17 1.40 -3.59
CA TRP KA 305 59.76 0.09 -3.71
C TRP KA 305 61.16 0.08 -3.12
N SER KA 306 61.79 -1.09 -3.09
CA SER KA 306 63.13 -1.23 -2.56
C SER KA 306 63.82 -2.40 -3.26
N TRP KA 307 65.15 -2.31 -3.34
CA TRP KA 307 65.96 -3.43 -3.84
C TRP KA 307 66.38 -4.28 -2.65
N ASP KA 308 65.90 -5.52 -2.60
CA ASP KA 308 66.10 -6.40 -1.47
C ASP KA 308 66.94 -7.60 -1.85
N ALA KA 309 67.59 -8.19 -0.85
CA ALA KA 309 68.47 -9.33 -1.05
C ALA KA 309 67.71 -10.63 -0.81
N GLU KA 310 68.41 -11.75 -0.91
CA GLU KA 310 67.82 -13.05 -0.67
C GLU KA 310 67.49 -13.19 0.82
N PHE KA 311 66.30 -13.71 1.12
CA PHE KA 311 65.82 -13.88 2.49
C PHE KA 311 65.90 -12.56 3.27
N GLU KA 312 65.30 -11.52 2.71
CA GLU KA 312 65.25 -10.22 3.36
C GLU KA 312 63.80 -9.78 3.49
N GLU KA 313 63.44 -9.28 4.67
CA GLU KA 313 62.08 -8.82 4.91
C GLU KA 313 61.75 -7.61 4.04
N VAL KA 314 60.48 -7.49 3.70
CA VAL KA 314 60.01 -6.35 2.94
C VAL KA 314 59.73 -5.20 3.89
N SER KA 315 59.63 -3.99 3.34
CA SER KA 315 59.31 -2.81 4.12
C SER KA 315 57.84 -2.47 3.94
N ASP KA 316 57.21 -2.04 5.02
CA ASP KA 316 55.80 -1.67 4.99
C ASP KA 316 55.61 -0.43 4.11
N ASP KA 317 54.61 -0.48 3.23
CA ASP KA 317 54.33 0.62 2.30
C ASP KA 317 52.85 0.99 2.43
N SER KA 318 52.57 2.12 3.06
CA SER KA 318 51.21 2.61 3.22
C SER KA 318 51.05 3.97 2.53
N PRO KA 319 50.41 4.03 1.37
CA PRO KA 319 50.20 5.33 0.72
C PRO KA 319 49.28 6.22 1.53
N GLU KA 320 49.53 7.52 1.45
CA GLU KA 320 48.71 8.52 2.14
C GLU KA 320 47.67 9.09 1.18
N PHE KA 321 46.56 9.54 1.74
CA PHE KA 321 45.43 10.02 0.96
C PHE KA 321 45.02 11.40 1.44
N GLY KA 322 44.50 12.20 0.50
CA GLY KA 322 44.02 13.54 0.82
C GLY KA 322 42.68 13.79 0.18
N GLN KA 323 41.96 14.76 0.73
CA GLN KA 323 40.59 15.06 0.32
C GLN KA 323 40.46 16.52 -0.09
N PRO KA 324 40.63 16.84 -1.37
CA PRO KA 324 40.34 18.20 -1.83
C PRO KA 324 38.86 18.52 -1.71
N GLU KA 325 38.57 19.78 -1.38
CA GLU KA 325 37.19 20.24 -1.23
C GLU KA 325 37.03 21.60 -1.89
N ILE KA 326 35.84 21.84 -2.42
CA ILE KA 326 35.55 23.06 -3.18
C ILE KA 326 34.23 23.66 -2.71
N PRO KA 327 34.23 24.72 -1.93
CA PRO KA 327 32.97 25.36 -1.51
C PRO KA 327 32.33 26.11 -2.67
N VAL KA 328 31.01 26.32 -2.55
CA VAL KA 328 30.22 26.96 -3.58
C VAL KA 328 29.60 28.22 -2.99
N LYS KA 329 29.72 29.33 -3.72
CA LYS KA 329 29.22 30.63 -3.29
C LYS KA 329 28.35 31.23 -4.39
N LYS KA 330 27.73 32.37 -4.11
CA LYS KA 330 26.80 32.97 -5.05
C LYS KA 330 27.18 34.42 -5.35
N ALA KA 331 26.63 34.92 -6.45
CA ALA KA 331 26.71 36.32 -6.82
C ALA KA 331 25.33 36.78 -7.29
N GLN KA 332 25.01 38.05 -7.05
CA GLN KA 332 23.68 38.54 -7.36
C GLN KA 332 23.72 40.03 -7.69
N GLY KA 333 22.66 40.47 -8.36
CA GLY KA 333 22.51 41.87 -8.72
C GLY KA 333 21.05 42.27 -8.69
N PHE KA 334 20.82 43.58 -8.58
CA PHE KA 334 19.47 44.11 -8.41
C PHE KA 334 19.31 45.38 -9.22
N VAL KA 335 18.17 45.48 -9.92
CA VAL KA 335 17.86 46.65 -10.73
C VAL KA 335 16.44 47.13 -10.42
N PRO KA 336 16.27 48.05 -9.48
CA PRO KA 336 14.93 48.60 -9.23
C PRO KA 336 14.49 49.50 -10.37
N ILE KA 337 13.17 49.60 -10.54
CA ILE KA 337 12.58 50.39 -11.61
C ILE KA 337 11.24 50.93 -11.13
N SER KA 338 10.90 52.14 -11.58
CA SER KA 338 9.67 52.77 -11.18
C SER KA 338 8.49 52.24 -11.99
N ILE KA 339 7.28 52.47 -11.47
CA ILE KA 339 6.07 52.05 -12.17
C ILE KA 339 5.94 52.80 -13.48
N GLU KA 340 6.12 54.12 -13.44
CA GLU KA 340 5.97 54.94 -14.63
C GLU KA 340 7.02 54.59 -15.68
N ALA KA 341 8.26 54.36 -15.25
CA ALA KA 341 9.31 53.98 -16.19
C ALA KA 341 9.01 52.63 -16.85
N LEU KA 342 8.54 51.67 -16.07
CA LEU KA 342 8.18 50.37 -16.64
C LEU KA 342 7.00 50.47 -17.60
N GLN KA 343 6.04 51.33 -17.30
CA GLN KA 343 4.87 51.46 -18.16
C GLN KA 343 5.15 52.21 -19.45
N ASP KA 344 6.00 53.24 -19.41
CA ASP KA 344 6.15 54.11 -20.58
C ASP KA 344 7.24 53.65 -21.52
N GLU KA 345 8.42 53.33 -20.98
CA GLU KA 345 9.55 52.93 -21.83
C GLU KA 345 9.29 51.59 -22.48
N ALA KA 346 9.79 51.43 -23.70
CA ALA KA 346 9.49 50.27 -24.53
C ALA KA 346 10.71 49.36 -24.62
N ASN KA 347 10.46 48.05 -24.56
CA ASN KA 347 11.51 47.03 -24.67
C ASN KA 347 12.58 47.23 -23.61
N VAL KA 348 12.15 47.12 -22.35
CA VAL KA 348 13.05 47.31 -21.22
C VAL KA 348 13.50 45.99 -20.63
N THR KA 349 12.60 45.00 -20.60
CA THR KA 349 12.91 43.72 -19.97
C THR KA 349 14.09 43.03 -20.65
N GLU KA 350 14.05 42.96 -21.98
CA GLU KA 350 15.12 42.30 -22.71
C GLU KA 350 16.44 43.06 -22.59
N THR KA 351 16.36 44.39 -22.62
CA THR KA 351 17.58 45.19 -22.46
C THR KA 351 18.21 44.93 -21.09
N VAL KA 352 17.37 44.88 -20.05
CA VAL KA 352 17.88 44.59 -18.71
C VAL KA 352 18.45 43.18 -18.64
N ALA KA 353 17.82 42.22 -19.32
CA ALA KA 353 18.34 40.85 -19.32
C ALA KA 353 19.73 40.81 -19.94
N LEU KA 354 19.91 41.49 -21.07
CA LEU KA 354 21.25 41.58 -21.64
C LEU KA 354 22.23 42.20 -20.66
N LEU KA 355 21.90 43.41 -20.17
CA LEU KA 355 22.80 44.12 -19.26
C LEU KA 355 23.16 43.27 -18.05
N PHE KA 356 22.27 42.39 -17.60
CA PHE KA 356 22.65 41.38 -16.62
C PHE KA 356 23.65 40.41 -17.20
N ALA KA 357 23.43 39.96 -18.44
CA ALA KA 357 24.23 38.87 -19.01
C ALA KA 357 25.70 39.27 -19.16
N GLU KA 358 25.98 40.41 -19.82
CA GLU KA 358 27.40 40.73 -20.03
C GLU KA 358 28.09 41.07 -18.71
N GLY KA 359 27.36 41.67 -17.76
CA GLY KA 359 27.94 41.89 -16.44
C GLY KA 359 28.30 40.60 -15.75
N LYS KA 360 27.43 39.59 -15.85
CA LYS KA 360 27.73 38.28 -15.30
C LYS KA 360 28.98 37.68 -15.95
N ASP KA 361 29.09 37.84 -17.26
CA ASP KA 361 30.28 37.34 -17.95
C ASP KA 361 31.54 38.02 -17.44
N GLU KA 362 31.48 39.34 -17.27
CA GLU KA 362 32.64 40.07 -16.76
C GLU KA 362 33.03 39.57 -15.38
N LEU KA 363 32.05 39.42 -14.50
CA LEU KA 363 32.36 38.97 -13.15
C LEU KA 363 32.95 37.57 -13.15
N GLU KA 364 32.38 36.66 -13.94
CA GLU KA 364 32.89 35.30 -13.98
C GLU KA 364 34.32 35.27 -14.48
N ALA KA 365 34.61 36.02 -15.55
CA ALA KA 365 35.97 36.05 -16.08
C ALA KA 365 36.95 36.60 -15.05
N VAL KA 366 36.59 37.71 -14.41
CA VAL KA 366 37.50 38.33 -13.46
C VAL KA 366 37.78 37.40 -12.29
N THR KA 367 36.75 36.75 -11.75
CA THR KA 367 36.95 35.91 -10.58
C THR KA 367 37.69 34.63 -10.93
N LEU KA 368 37.41 34.05 -12.11
CA LEU KA 368 38.16 32.87 -12.52
C LEU KA 368 39.64 33.21 -12.71
N THR KA 369 39.94 34.36 -13.31
CA THR KA 369 41.34 34.74 -13.48
C THR KA 369 42.00 35.03 -12.14
N THR KA 370 41.31 35.78 -11.28
CA THR KA 370 41.90 36.18 -9.99
C THR KA 370 40.75 36.30 -8.98
N GLY KA 371 40.62 35.31 -8.12
CA GLY KA 371 39.63 35.33 -7.05
C GLY KA 371 40.30 35.29 -5.71
N THR KA 372 39.76 36.04 -4.75
CA THR KA 372 40.39 36.14 -3.44
C THR KA 372 40.46 34.79 -2.74
N GLY KA 373 39.39 34.01 -2.81
CA GLY KA 373 39.33 32.74 -2.12
C GLY KA 373 38.96 32.84 -0.66
N GLN KA 374 38.72 34.04 -0.16
CA GLN KA 374 38.36 34.25 1.24
C GLN KA 374 37.04 35.02 1.30
N GLY KA 375 36.32 34.83 2.38
CA GLY KA 375 35.03 35.49 2.51
C GLY KA 375 34.04 34.90 1.53
N ASN KA 376 33.53 35.74 0.63
CA ASN KA 376 32.47 35.36 -0.29
C ASN KA 376 32.96 35.03 -1.68
N GLN KA 377 34.28 34.90 -1.88
CA GLN KA 377 34.65 34.73 -3.27
C GLN KA 377 35.31 33.37 -3.50
N PRO KA 378 35.18 32.81 -4.70
CA PRO KA 378 35.91 31.58 -5.03
C PRO KA 378 37.40 31.85 -5.14
N THR KA 379 38.16 30.77 -5.28
CA THR KA 379 39.62 30.84 -5.37
C THR KA 379 40.04 30.89 -6.83
N GLY KA 380 40.71 31.98 -7.20
CA GLY KA 380 41.22 32.09 -8.55
C GLY KA 380 42.47 31.26 -8.77
N ILE KA 381 42.81 31.08 -10.05
CA ILE KA 381 43.95 30.23 -10.39
C ILE KA 381 45.25 30.84 -9.90
N VAL KA 382 45.42 32.16 -10.05
CA VAL KA 382 46.67 32.79 -9.62
C VAL KA 382 46.76 32.83 -8.09
N THR KA 383 45.64 33.09 -7.43
CA THR KA 383 45.65 33.13 -5.97
C THR KA 383 45.97 31.76 -5.37
N ALA KA 384 45.41 30.70 -5.95
CA ALA KA 384 45.68 29.36 -5.45
C ALA KA 384 47.13 28.93 -5.66
N LEU KA 385 47.82 29.53 -6.62
CA LEU KA 385 49.21 29.18 -6.92
C LEU KA 385 50.21 30.15 -6.32
N ALA KA 386 49.74 31.16 -5.58
CA ALA KA 386 50.64 32.13 -4.96
C ALA KA 386 51.16 31.57 -3.63
N GLY KA 387 52.44 31.83 -3.36
CA GLY KA 387 53.04 31.37 -2.13
C GLY KA 387 53.10 29.87 -2.00
N THR KA 388 53.38 29.17 -3.10
CA THR KA 388 53.48 27.72 -3.11
C THR KA 388 54.73 27.34 -3.89
N ALA KA 389 54.84 26.05 -4.23
CA ALA KA 389 55.99 25.59 -5.00
C ALA KA 389 55.97 26.10 -6.43
N ALA KA 390 54.81 26.58 -6.91
CA ALA KA 390 54.70 27.04 -8.29
C ALA KA 390 55.21 28.45 -8.50
N GLU KA 391 55.51 29.19 -7.44
CA GLU KA 391 55.99 30.56 -7.55
C GLU KA 391 57.51 30.55 -7.68
N ILE KA 392 58.01 31.19 -8.74
CA ILE KA 392 59.45 31.28 -9.00
C ILE KA 392 59.82 32.73 -9.23
N ALA KA 393 61.05 33.08 -8.86
CA ALA KA 393 61.58 34.41 -9.11
C ALA KA 393 62.30 34.46 -10.47
N PRO KA 394 62.38 35.63 -11.08
CA PRO KA 394 63.15 35.76 -12.32
C PRO KA 394 64.65 35.67 -12.06
N VAL KA 395 65.40 35.49 -13.15
CA VAL KA 395 66.85 35.37 -13.04
C VAL KA 395 67.45 36.66 -12.51
N THR KA 396 67.00 37.79 -13.04
CA THR KA 396 67.49 39.11 -12.64
C THR KA 396 66.34 39.92 -12.07
N ALA KA 397 66.63 40.69 -11.02
CA ALA KA 397 65.59 41.42 -10.31
C ALA KA 397 64.94 42.45 -11.23
N GLU KA 398 63.60 42.51 -11.16
CA GLU KA 398 62.80 43.51 -11.88
C GLU KA 398 63.04 43.47 -13.38
N THR KA 399 63.28 42.28 -13.94
CA THR KA 399 63.46 42.12 -15.38
C THR KA 399 62.66 40.92 -15.84
N PHE KA 400 62.34 40.92 -17.13
CA PHE KA 400 61.62 39.83 -17.77
C PHE KA 400 62.30 39.51 -19.09
N ALA KA 401 63.00 38.38 -19.15
CA ALA KA 401 63.78 38.00 -20.32
C ALA KA 401 63.37 36.60 -20.79
N LEU KA 402 64.02 36.17 -21.87
CA LEU KA 402 63.74 34.86 -22.44
C LEU KA 402 64.13 33.73 -21.50
N ALA KA 403 65.09 33.98 -20.61
CA ALA KA 403 65.49 32.96 -19.64
C ALA KA 403 64.33 32.55 -18.76
N ASP KA 404 63.54 33.52 -18.29
CA ASP KA 404 62.38 33.20 -17.47
C ASP KA 404 61.34 32.43 -18.26
N VAL KA 405 61.16 32.78 -19.53
CA VAL KA 405 60.20 32.07 -20.38
C VAL KA 405 60.58 30.61 -20.48
N TYR KA 406 61.86 30.32 -20.69
CA TYR KA 406 62.29 28.92 -20.71
C TYR KA 406 62.17 28.28 -19.33
N ALA KA 407 62.49 29.03 -18.28
CA ALA KA 407 62.52 28.47 -16.93
C ALA KA 407 61.16 28.01 -16.48
N VAL KA 408 60.11 28.78 -16.81
CA VAL KA 408 58.76 28.37 -16.46
C VAL KA 408 58.41 27.02 -17.08
N TYR KA 409 58.84 26.82 -18.33
CA TYR KA 409 58.52 25.57 -19.03
C TYR KA 409 59.33 24.41 -18.48
N GLU KA 410 60.64 24.61 -18.27
CA GLU KA 410 61.52 23.48 -18.03
C GLU KA 410 61.43 22.92 -16.62
N GLN KA 411 61.11 23.76 -15.62
CA GLN KA 411 61.16 23.31 -14.23
C GLN KA 411 60.06 22.33 -13.87
N LEU KA 412 59.07 22.12 -14.74
CA LEU KA 412 57.93 21.28 -14.45
C LEU KA 412 58.12 19.87 -14.99
N ALA KA 413 57.47 18.90 -14.34
CA ALA KA 413 57.69 17.50 -14.65
C ALA KA 413 57.12 17.14 -16.02
N ALA KA 414 57.69 16.07 -16.61
CA ALA KA 414 57.30 15.68 -17.96
C ALA KA 414 55.87 15.15 -18.02
N ARG KA 415 55.37 14.62 -16.90
CA ARG KA 415 54.00 14.10 -16.88
C ARG KA 415 52.99 15.19 -17.20
N HIS KA 416 53.18 16.38 -16.63
CA HIS KA 416 52.29 17.49 -16.88
C HIS KA 416 52.76 18.41 -18.00
N ARG KA 417 54.07 18.50 -18.22
CA ARG KA 417 54.59 19.38 -19.25
C ARG KA 417 54.13 18.95 -20.64
N ARG KA 418 53.97 17.64 -20.85
CA ARG KA 418 53.53 17.15 -22.14
C ARG KA 418 52.11 17.58 -22.46
N GLN KA 419 51.29 17.84 -21.44
CA GLN KA 419 49.91 18.27 -21.62
C GLN KA 419 49.67 19.51 -20.77
N GLY KA 420 50.01 20.67 -21.32
CA GLY KA 420 49.85 21.94 -20.62
C GLY KA 420 49.64 23.06 -21.60
N ALA KA 421 49.36 24.24 -21.06
CA ALA KA 421 49.04 25.39 -21.89
C ALA KA 421 49.54 26.66 -21.23
N TRP KA 422 49.73 27.69 -22.06
CA TRP KA 422 50.21 28.98 -21.60
C TRP KA 422 49.03 29.93 -21.41
N LEU KA 423 49.02 30.63 -20.29
CA LEU KA 423 48.04 31.69 -20.04
C LEU KA 423 48.79 32.94 -19.63
N ALA KA 424 48.52 34.04 -20.31
CA ALA KA 424 49.16 35.32 -20.02
C ALA KA 424 48.30 36.44 -20.57
N ASN KA 425 48.83 37.65 -20.53
CA ASN KA 425 48.17 38.83 -21.07
C ASN KA 425 48.91 39.32 -22.31
N ASN KA 426 48.19 40.08 -23.13
CA ASN KA 426 48.74 40.49 -24.42
C ASN KA 426 50.00 41.33 -24.26
N LEU KA 427 50.09 42.08 -23.16
CA LEU KA 427 51.32 42.82 -22.89
C LEU KA 427 52.51 41.87 -22.81
N ILE KA 428 52.34 40.76 -22.09
CA ILE KA 428 53.43 39.80 -21.92
C ILE KA 428 53.78 39.15 -23.26
N TYR KA 429 52.77 38.77 -24.04
CA TYR KA 429 53.05 38.13 -25.32
C TYR KA 429 53.76 39.08 -26.28
N ASN KA 430 53.35 40.35 -26.32
CA ASN KA 430 54.02 41.29 -27.21
C ASN KA 430 55.43 41.60 -26.73
N LYS KA 431 55.64 41.64 -25.42
CA LYS KA 431 57.00 41.81 -24.91
C LYS KA 431 57.86 40.60 -25.25
N ILE KA 432 57.27 39.41 -25.26
CA ILE KA 432 57.99 38.22 -25.72
C ILE KA 432 58.34 38.35 -27.19
N ARG KA 433 57.40 38.84 -28.01
CA ARG KA 433 57.68 39.05 -29.42
C ARG KA 433 58.83 40.04 -29.60
N GLN KA 434 58.90 41.04 -28.73
CA GLN KA 434 59.95 42.05 -28.82
C GLN KA 434 61.32 41.54 -28.39
N PHE KA 435 61.42 40.30 -27.93
CA PHE KA 435 62.71 39.78 -27.47
C PHE KA 435 63.72 39.73 -28.61
N ASP KA 436 63.29 39.34 -29.80
CA ASP KA 436 64.20 39.21 -30.93
C ASP KA 436 64.61 40.57 -31.45
N THR KA 437 65.91 40.73 -31.69
CA THR KA 437 66.45 41.97 -32.24
C THR KA 437 67.24 41.74 -33.52
N GLN KA 438 68.03 40.66 -33.60
CA GLN KA 438 68.88 40.38 -34.75
C GLN KA 438 68.51 39.07 -35.43
N GLY KA 439 67.25 38.65 -35.28
CA GLY KA 439 66.79 37.42 -35.91
C GLY KA 439 67.47 36.17 -35.40
N GLY KA 440 67.66 36.09 -34.08
CA GLY KA 440 68.32 34.95 -33.49
C GLY KA 440 67.37 33.78 -33.24
N ALA KA 441 67.49 33.16 -32.07
CA ALA KA 441 66.61 32.07 -31.69
C ALA KA 441 65.33 32.55 -31.01
N GLY KA 442 65.19 33.85 -30.78
CA GLY KA 442 63.99 34.39 -30.18
C GLY KA 442 62.98 34.82 -31.21
N LEU KA 443 63.13 34.35 -32.44
CA LEU KA 443 62.25 34.70 -33.54
C LEU KA 443 60.95 33.91 -33.40
N TRP KA 444 60.07 34.37 -32.52
CA TRP KA 444 58.77 33.73 -32.41
C TRP KA 444 57.93 33.99 -33.65
N THR KA 445 57.84 35.23 -34.07
CA THR KA 445 57.13 35.61 -35.30
C THR KA 445 57.66 36.97 -35.73
N THR KA 446 57.30 37.37 -36.95
CA THR KA 446 57.72 38.63 -37.52
C THR KA 446 56.53 39.58 -37.59
N ILE KA 447 56.83 40.88 -37.57
CA ILE KA 447 55.77 41.88 -37.65
C ILE KA 447 55.06 41.79 -38.98
N GLY KA 448 53.76 42.03 -38.98
CA GLY KA 448 52.94 41.90 -40.15
C GLY KA 448 52.11 40.63 -40.22
N ASN KA 449 52.30 39.70 -39.28
CA ASN KA 449 51.50 38.50 -39.20
C ASN KA 449 50.58 38.56 -37.98
N GLY KA 450 49.70 37.58 -37.87
CA GLY KA 450 48.79 37.50 -36.76
C GLY KA 450 49.44 36.94 -35.51
N GLU KA 451 48.63 36.65 -34.50
CA GLU KA 451 49.16 36.10 -33.26
C GLU KA 451 49.43 34.61 -33.44
N PRO KA 452 50.64 34.14 -33.14
CA PRO KA 452 50.92 32.71 -33.28
C PRO KA 452 50.07 31.88 -32.34
N SER KA 453 49.70 30.68 -32.80
CA SER KA 453 48.84 29.81 -32.01
C SER KA 453 49.62 28.87 -31.10
N GLN KA 454 50.94 28.79 -31.25
CA GLN KA 454 51.74 27.86 -30.48
C GLN KA 454 52.96 28.55 -29.89
N LEU KA 455 53.34 28.14 -28.68
CA LEU KA 455 54.57 28.57 -28.04
C LEU KA 455 55.30 27.34 -27.55
N LEU KA 456 56.50 27.11 -28.07
CA LEU KA 456 57.31 25.93 -27.76
C LEU KA 456 56.57 24.63 -28.08
N GLY KA 457 55.67 24.68 -29.06
CA GLY KA 457 54.89 23.53 -29.42
C GLY KA 457 53.66 23.29 -28.58
N ARG KA 458 53.23 24.28 -27.78
CA ARG KA 458 52.11 24.11 -26.88
C ARG KA 458 51.01 25.13 -27.17
N PRO KA 459 49.76 24.84 -26.81
CA PRO KA 459 48.68 25.81 -27.02
C PRO KA 459 48.88 27.07 -26.19
N VAL KA 460 48.33 28.17 -26.71
CA VAL KA 460 48.49 29.49 -26.11
C VAL KA 460 47.11 30.06 -25.80
N GLY KA 461 46.94 30.57 -24.58
CA GLY KA 461 45.69 31.18 -24.18
C GLY KA 461 45.89 32.64 -23.80
N GLU KA 462 44.77 33.34 -23.69
CA GLU KA 462 44.78 34.77 -23.40
C GLU KA 462 43.80 35.08 -22.27
N ALA KA 463 44.17 36.06 -21.45
CA ALA KA 463 43.32 36.46 -20.32
C ALA KA 463 43.63 37.91 -19.98
N GLU KA 464 42.63 38.79 -20.11
CA GLU KA 464 42.88 40.22 -19.90
C GLU KA 464 43.04 40.59 -18.44
N ALA KA 465 42.50 39.79 -17.52
CA ALA KA 465 42.44 40.21 -16.11
C ALA KA 465 43.74 39.99 -15.35
N MET KA 466 44.71 39.29 -15.93
CA MET KA 466 45.98 39.07 -15.24
C MET KA 466 46.84 40.33 -15.30
N ASP KA 467 47.54 40.60 -14.20
CA ASP KA 467 48.45 41.73 -14.16
C ASP KA 467 49.60 41.52 -15.13
N ALA KA 468 50.00 42.57 -15.82
CA ALA KA 468 51.03 42.47 -16.84
C ALA KA 468 52.07 43.58 -16.83
N ASN KA 469 51.85 44.68 -16.11
CA ASN KA 469 52.79 45.79 -16.07
C ASN KA 469 53.17 46.10 -14.64
N TRP KA 470 54.47 46.24 -14.37
CA TRP KA 470 54.96 46.52 -13.03
C TRP KA 470 55.55 47.92 -12.90
N ASN KA 471 55.31 48.80 -13.87
CA ASN KA 471 55.79 50.18 -13.79
C ASN KA 471 54.70 51.14 -13.33
N THR KA 472 53.59 51.22 -14.06
CA THR KA 472 52.51 52.10 -13.68
C THR KA 472 51.72 51.55 -12.49
N SER KA 473 51.72 50.24 -12.30
CA SER KA 473 51.02 49.63 -11.18
C SER KA 473 51.81 49.82 -9.89
N ALA KA 474 51.08 49.96 -8.78
CA ALA KA 474 51.68 50.12 -7.47
C ALA KA 474 51.82 48.80 -6.73
N SER KA 475 51.40 47.69 -7.33
CA SER KA 475 51.48 46.40 -6.67
C SER KA 475 52.92 45.94 -6.53
N ALA KA 476 53.26 45.43 -5.35
CA ALA KA 476 54.62 44.94 -5.13
C ALA KA 476 54.85 43.61 -5.81
N ASP KA 477 53.82 42.77 -5.93
CA ASP KA 477 53.94 41.45 -6.54
C ASP KA 477 53.21 41.42 -7.87
N ASN KA 478 53.82 40.75 -8.84
CA ASN KA 478 53.28 40.73 -10.19
C ASN KA 478 53.39 39.32 -10.76
N PHE KA 479 52.26 38.69 -11.00
CA PHE KA 479 52.20 37.41 -11.69
C PHE KA 479 51.83 37.67 -13.15
N VAL KA 480 52.73 37.33 -14.06
CA VAL KA 480 52.56 37.71 -15.46
C VAL KA 480 52.41 36.49 -16.34
N LEU KA 481 53.04 35.37 -15.96
CA LEU KA 481 53.05 34.18 -16.80
C LEU KA 481 52.62 32.98 -15.97
N LEU KA 482 51.90 32.08 -16.63
CA LEU KA 482 51.41 30.86 -15.97
C LEU KA 482 51.37 29.75 -16.99
N TYR KA 483 51.87 28.57 -16.60
CA TYR KA 483 51.89 27.42 -17.47
C TYR KA 483 51.79 26.17 -16.62
N GLY KA 484 50.89 25.27 -17.01
CA GLY KA 484 50.70 24.04 -16.25
C GLY KA 484 49.61 23.21 -16.88
N ASN KA 485 49.32 22.08 -16.25
CA ASN KA 485 48.29 21.16 -16.71
C ASN KA 485 46.94 21.63 -16.20
N PHE KA 486 46.15 22.26 -17.07
CA PHE KA 486 44.88 22.83 -16.65
C PHE KA 486 43.82 21.78 -16.34
N GLN KA 487 44.08 20.51 -16.65
CA GLN KA 487 43.14 19.46 -16.25
C GLN KA 487 43.03 19.34 -14.74
N ASN KA 488 43.95 19.93 -13.98
CA ASN KA 488 43.90 19.92 -12.52
C ASN KA 488 43.29 21.20 -11.95
N TYR KA 489 42.52 21.93 -12.74
CA TYR KA 489 41.77 23.08 -12.25
C TYR KA 489 40.29 22.76 -12.37
N VAL KA 490 39.62 22.63 -11.22
CA VAL KA 490 38.25 22.15 -11.15
C VAL KA 490 37.31 23.33 -10.90
N ILE KA 491 36.27 23.43 -11.72
CA ILE KA 491 35.24 24.45 -11.57
C ILE KA 491 33.92 23.74 -11.33
N ALA KA 492 33.24 24.09 -10.24
CA ALA KA 492 31.98 23.48 -9.86
C ALA KA 492 30.85 24.47 -10.04
N ASP KA 493 29.80 24.06 -10.75
CA ASP KA 493 28.64 24.90 -10.99
C ASP KA 493 27.38 24.19 -10.51
N ARG KA 494 26.46 24.96 -9.90
CA ARG KA 494 25.24 24.40 -9.36
C ARG KA 494 24.01 24.81 -10.15
N ILE KA 495 23.78 26.11 -10.34
CA ILE KA 495 22.64 26.60 -11.10
C ILE KA 495 23.11 27.68 -12.06
N GLY KA 496 22.29 27.93 -13.08
CA GLY KA 496 22.56 28.98 -14.05
C GLY KA 496 21.98 30.31 -13.61
N MET KA 497 22.03 31.26 -14.53
CA MET KA 497 21.51 32.59 -14.25
C MET KA 497 19.98 32.60 -14.34
N THR KA 498 19.33 32.98 -13.24
CA THR KA 498 17.88 33.08 -13.18
C THR KA 498 17.49 34.47 -12.70
N VAL KA 499 16.32 34.93 -13.13
CA VAL KA 499 15.83 36.25 -12.76
C VAL KA 499 14.42 36.13 -12.21
N GLU KA 500 14.08 37.05 -11.31
CA GLU KA 500 12.74 37.11 -10.73
C GLU KA 500 12.13 38.48 -10.96
N PHE KA 501 10.93 38.71 -10.44
CA PHE KA 501 10.24 39.98 -10.65
C PHE KA 501 9.42 40.29 -9.41
N ILE KA 502 9.90 41.21 -8.60
CA ILE KA 502 9.22 41.60 -7.37
C ILE KA 502 8.08 42.56 -7.69
N PRO KA 503 6.84 42.25 -7.28
CA PRO KA 503 5.73 43.14 -7.64
C PRO KA 503 5.82 44.51 -6.98
N HIS KA 504 6.14 44.59 -5.70
CA HIS KA 504 6.13 45.86 -4.98
C HIS KA 504 7.36 45.97 -4.09
N LEU KA 505 7.94 47.16 -4.04
CA LEU KA 505 8.94 47.51 -3.04
C LEU KA 505 8.35 48.53 -2.07
N PHE KA 506 8.99 48.65 -0.92
CA PHE KA 506 8.47 49.44 0.18
C PHE KA 506 9.34 50.66 0.42
N GLY KA 507 8.78 51.64 1.12
CA GLY KA 507 9.47 52.85 1.48
C GLY KA 507 10.05 52.81 2.88
N THR KA 508 10.38 53.98 3.40
CA THR KA 508 11.02 54.06 4.71
C THR KA 508 10.06 53.65 5.82
N ASN KA 509 8.80 54.08 5.73
CA ASN KA 509 7.80 53.73 6.73
C ASN KA 509 7.03 52.48 6.38
N ARG KA 510 7.66 51.55 5.64
CA ARG KA 510 7.09 50.22 5.38
C ARG KA 510 5.82 50.30 4.55
N ARG KA 511 5.75 51.27 3.64
CA ARG KA 511 4.63 51.42 2.74
C ARG KA 511 5.13 51.48 1.30
N PRO KA 512 4.30 51.10 0.34
CA PRO KA 512 4.73 51.13 -1.06
C PRO KA 512 5.07 52.54 -1.51
N ASN KA 513 6.08 52.64 -2.37
CA ASN KA 513 6.45 53.90 -3.00
C ASN KA 513 6.32 53.85 -4.52
N GLY KA 514 5.73 52.79 -5.05
CA GLY KA 514 5.53 52.68 -6.48
C GLY KA 514 6.79 52.36 -7.26
N SER KA 515 7.33 51.16 -7.06
CA SER KA 515 8.49 50.71 -7.82
C SER KA 515 8.53 49.20 -7.85
N ARG KA 516 9.22 48.65 -8.84
CA ARG KA 516 9.45 47.22 -8.98
C ARG KA 516 10.94 46.99 -9.23
N GLY KA 517 11.31 45.73 -9.42
CA GLY KA 517 12.73 45.44 -9.59
C GLY KA 517 12.96 44.07 -10.20
N TRP KA 518 14.23 43.82 -10.50
CA TRP KA 518 14.68 42.53 -11.03
C TRP KA 518 15.75 41.96 -10.12
N PHE KA 519 15.66 40.67 -9.84
CA PHE KA 519 16.60 39.98 -8.96
C PHE KA 519 17.21 38.81 -9.70
N ALA KA 520 18.54 38.76 -9.75
CA ALA KA 520 19.25 37.73 -10.49
C ALA KA 520 20.39 37.17 -9.64
N TYR KA 521 20.65 35.87 -9.81
CA TYR KA 521 21.68 35.20 -9.02
C TYR KA 521 22.11 33.92 -9.73
N TYR KA 522 23.27 33.42 -9.33
CA TYR KA 522 23.71 32.07 -9.69
C TYR KA 522 24.72 31.63 -8.66
N ARG KA 523 25.03 30.33 -8.66
CA ARG KA 523 25.96 29.75 -7.70
C ARG KA 523 27.02 28.95 -8.42
N MET KA 524 28.27 29.08 -7.99
CA MET KA 524 29.39 28.33 -8.54
C MET KA 524 30.55 28.36 -7.56
N GLY KA 525 31.59 27.59 -7.89
CA GLY KA 525 32.79 27.57 -7.09
C GLY KA 525 33.89 26.81 -7.81
N ALA KA 526 35.13 27.17 -7.49
CA ALA KA 526 36.28 26.58 -8.16
C ALA KA 526 37.48 26.58 -7.24
N ASP KA 527 38.40 25.66 -7.50
CA ASP KA 527 39.62 25.52 -6.73
C ASP KA 527 40.57 24.61 -7.49
N VAL KA 528 41.84 24.62 -7.07
CA VAL KA 528 42.85 23.72 -7.62
C VAL KA 528 42.87 22.45 -6.79
N VAL KA 529 43.36 21.36 -7.40
CA VAL KA 529 43.44 20.08 -6.72
C VAL KA 529 44.90 19.71 -6.48
N ASN KA 530 45.77 20.05 -7.42
CA ASN KA 530 47.19 19.72 -7.31
C ASN KA 530 48.02 20.98 -7.54
N PRO KA 531 48.63 21.56 -6.50
CA PRO KA 531 49.45 22.76 -6.71
C PRO KA 531 50.80 22.49 -7.35
N ASN KA 532 51.21 21.24 -7.48
CA ASN KA 532 52.51 20.90 -8.06
C ASN KA 532 52.46 20.67 -9.55
N ALA KA 533 51.30 20.88 -10.18
CA ALA KA 533 51.14 20.71 -11.62
C ALA KA 533 51.11 22.04 -12.35
N PHE KA 534 51.69 23.09 -11.78
CA PHE KA 534 51.68 24.40 -12.38
C PHE KA 534 52.99 25.12 -12.06
N ARG KA 535 53.28 26.15 -12.85
CA ARG KA 535 54.37 27.07 -12.56
C ARG KA 535 53.91 28.48 -12.84
N LEU KA 536 54.24 29.39 -11.92
CA LEU KA 536 53.80 30.77 -11.98
C LEU KA 536 55.00 31.70 -11.84
N LEU KA 537 55.08 32.70 -12.71
CA LEU KA 537 56.20 33.63 -12.69
C LEU KA 537 55.82 34.86 -11.88
N ASN KA 538 56.71 35.25 -10.96
CA ASN KA 538 56.48 36.37 -10.06
C ASN KA 538 57.62 37.38 -10.19
N VAL KA 539 57.33 38.52 -10.82
CA VAL KA 539 58.29 39.62 -10.93
C VAL KA 539 57.96 40.58 -9.78
N GLU KA 540 58.80 40.59 -8.76
CA GLU KA 540 58.56 41.40 -7.57
C GLU KA 540 59.42 42.66 -7.63
N THR KA 541 58.78 43.81 -7.52
CA THR KA 541 59.49 45.08 -7.42
C THR KA 541 59.63 45.49 -5.97
N ALA KA 542 60.83 45.93 -5.60
CA ALA KA 542 61.10 46.35 -4.24
C ALA KA 542 60.68 47.81 -4.04
N SER KA 543 60.49 48.19 -2.78
CA SER KA 543 60.06 49.53 -2.45
C SER KA 543 61.02 50.21 -1.48
N MET LA 251 17.71 30.15 9.60
CA MET LA 251 17.90 28.79 9.09
C MET LA 251 18.70 28.80 7.80
N GLY LA 252 20.02 28.67 7.92
CA GLY LA 252 20.91 28.74 6.77
C GLY LA 252 21.62 27.44 6.44
N LEU LA 253 22.82 27.54 5.87
CA LEU LA 253 23.60 26.37 5.48
C LEU LA 253 24.48 25.84 6.60
N THR LA 254 24.57 26.53 7.73
CA THR LA 254 25.40 26.03 8.83
C THR LA 254 24.81 24.74 9.37
N LYS LA 255 25.69 23.89 9.91
CA LYS LA 255 25.27 22.56 10.33
C LYS LA 255 24.16 22.63 11.38
N ALA LA 256 24.33 23.48 12.38
CA ALA LA 256 23.33 23.59 13.43
C ALA LA 256 21.98 24.07 12.89
N ASP LA 257 22.01 24.99 11.93
CA ASP LA 257 20.77 25.52 11.34
C ASP LA 257 20.27 24.60 10.22
N GLY LA 258 20.07 23.34 10.59
CA GLY LA 258 19.53 22.36 9.66
C GLY LA 258 20.48 21.93 8.56
N GLY LA 259 21.77 22.21 8.71
CA GLY LA 259 22.72 21.89 7.67
C GLY LA 259 23.08 20.42 7.56
N TYR LA 260 22.62 19.61 8.51
CA TYR LA 260 22.85 18.17 8.45
C TYR LA 260 21.99 17.48 7.41
N LEU LA 261 21.02 18.18 6.81
CA LEU LA 261 20.15 17.57 5.82
C LEU LA 261 20.76 17.50 4.43
N VAL LA 262 21.87 18.18 4.20
CA VAL LA 262 22.47 18.16 2.86
C VAL LA 262 23.08 16.80 2.58
N PRO LA 263 23.04 16.30 1.35
CA PRO LA 263 23.74 15.04 1.03
C PRO LA 263 25.24 15.28 0.91
N PHE LA 264 25.98 14.18 0.87
CA PHE LA 264 27.43 14.23 0.75
C PHE LA 264 27.83 13.73 -0.63
N GLN LA 265 28.61 14.54 -1.34
CA GLN LA 265 29.07 14.20 -2.68
C GLN LA 265 30.57 13.95 -2.66
N LEU LA 266 30.97 12.84 -3.28
CA LEU LA 266 32.38 12.44 -3.32
C LEU LA 266 32.68 11.84 -4.68
N ASP LA 267 33.81 12.24 -5.26
CA ASP LA 267 34.24 11.69 -6.54
C ASP LA 267 35.19 10.53 -6.27
N PRO LA 268 34.81 9.29 -6.61
CA PRO LA 268 35.61 8.12 -6.21
C PRO LA 268 36.92 7.95 -6.97
N THR LA 269 37.11 8.60 -8.12
CA THR LA 269 38.34 8.44 -8.87
C THR LA 269 39.52 9.02 -8.09
N VAL LA 270 40.69 8.42 -8.27
CA VAL LA 270 41.89 8.75 -7.51
C VAL LA 270 42.79 9.65 -8.34
N ILE LA 271 43.29 10.71 -7.71
CA ILE LA 271 44.20 11.66 -8.36
C ILE LA 271 45.61 11.38 -7.88
N ILE LA 272 46.54 11.28 -8.83
CA ILE LA 272 47.94 11.02 -8.51
C ILE LA 272 48.66 12.33 -8.27
N THR LA 273 49.41 12.42 -7.16
CA THR LA 273 50.12 13.63 -6.78
C THR LA 273 51.63 13.42 -6.77
N SER LA 274 52.14 12.56 -7.66
CA SER LA 274 53.56 12.29 -7.75
C SER LA 274 54.12 12.82 -9.07
N ASN LA 275 55.37 13.28 -9.04
CA ASN LA 275 56.00 13.80 -10.25
C ASN LA 275 56.25 12.71 -11.28
N GLY LA 276 56.51 11.48 -10.86
CA GLY LA 276 56.85 10.43 -11.79
C GLY LA 276 58.26 10.58 -12.31
N SER LA 277 58.58 9.78 -13.32
CA SER LA 277 59.89 9.86 -13.95
C SER LA 277 59.82 9.33 -15.37
N LEU LA 278 60.58 9.93 -16.26
CA LEU LA 278 60.67 9.53 -17.66
C LEU LA 278 62.13 9.24 -18.01
N ASN LA 279 62.38 8.11 -18.65
CA ASN LA 279 63.72 7.74 -19.06
C ASN LA 279 63.68 7.11 -20.45
N ASP LA 280 64.80 7.21 -21.16
CA ASP LA 280 64.90 6.69 -22.53
C ASP LA 280 66.09 5.76 -22.70
N ILE LA 281 66.62 5.21 -21.60
CA ILE LA 281 67.71 4.25 -21.72
C ILE LA 281 67.26 3.02 -22.50
N ARG LA 282 66.06 2.53 -22.18
CA ARG LA 282 65.58 1.29 -22.79
C ARG LA 282 65.38 1.41 -24.30
N ARG LA 283 65.24 2.63 -24.82
CA ARG LA 283 65.13 2.83 -26.26
C ARG LA 283 66.48 2.80 -26.97
N PHE LA 284 67.58 2.92 -26.24
CA PHE LA 284 68.91 2.96 -26.82
C PHE LA 284 69.80 1.80 -26.40
N ALA LA 285 69.51 1.17 -25.27
CA ALA LA 285 70.39 0.12 -24.73
C ALA LA 285 70.18 -1.18 -25.50
N ARG LA 286 70.95 -2.20 -25.13
CA ARG LA 286 70.83 -3.53 -25.70
C ARG LA 286 70.31 -4.48 -24.63
N GLN LA 287 69.21 -5.16 -24.92
CA GLN LA 287 68.55 -6.03 -23.96
C GLN LA 287 68.72 -7.49 -24.34
N VAL LA 288 69.13 -8.30 -23.38
CA VAL LA 288 69.32 -9.74 -23.57
C VAL LA 288 68.57 -10.47 -22.47
N VAL LA 289 67.89 -11.55 -22.84
CA VAL LA 289 67.15 -12.35 -21.87
C VAL LA 289 68.10 -13.21 -21.07
N ALA LA 290 67.96 -13.18 -19.75
CA ALA LA 290 68.81 -13.96 -18.86
C ALA LA 290 68.08 -15.21 -18.38
N THR LA 291 68.81 -16.32 -18.29
CA THR LA 291 68.26 -17.58 -17.84
C THR LA 291 68.98 -18.07 -16.60
N GLY LA 292 69.35 -17.16 -15.70
CA GLY LA 292 70.08 -17.55 -14.50
C GLY LA 292 70.30 -16.36 -13.60
N ASP LA 293 71.17 -16.55 -12.63
CA ASP LA 293 71.47 -15.47 -11.69
C ASP LA 293 72.36 -14.41 -12.31
N VAL LA 294 73.25 -14.79 -13.23
CA VAL LA 294 74.21 -13.86 -13.82
C VAL LA 294 74.26 -14.06 -15.33
N TRP LA 295 74.78 -13.05 -16.02
CA TRP LA 295 74.97 -13.07 -17.47
C TRP LA 295 76.43 -12.82 -17.76
N HIS LA 296 77.07 -13.72 -18.51
CA HIS LA 296 78.50 -13.66 -18.75
C HIS LA 296 78.79 -13.22 -20.18
N GLY LA 297 80.06 -12.92 -20.43
CA GLY LA 297 80.51 -12.50 -21.74
C GLY LA 297 82.01 -12.63 -21.84
N VAL LA 298 82.55 -12.08 -22.94
CA VAL LA 298 83.99 -12.16 -23.18
C VAL LA 298 84.41 -10.93 -23.97
N SER LA 299 85.57 -10.39 -23.62
CA SER LA 299 86.11 -9.20 -24.26
C SER LA 299 87.62 -9.38 -24.44
N SER LA 300 88.17 -8.62 -25.38
CA SER LA 300 89.59 -8.73 -25.70
C SER LA 300 90.05 -7.44 -26.37
N ALA LA 301 91.31 -7.42 -26.79
CA ALA LA 301 91.92 -6.29 -27.47
C ALA LA 301 92.56 -6.76 -28.76
N ALA LA 302 93.24 -5.84 -29.45
CA ALA LA 302 93.85 -6.13 -30.74
C ALA LA 302 95.33 -6.42 -30.57
N VAL LA 303 95.88 -7.15 -31.55
CA VAL LA 303 97.29 -7.49 -31.53
C VAL LA 303 98.13 -6.24 -31.82
N GLN LA 304 99.21 -6.08 -31.05
CA GLN LA 304 100.08 -4.90 -31.16
C GLN LA 304 101.26 -5.26 -32.05
N TRP LA 305 101.33 -4.63 -33.21
CA TRP LA 305 102.41 -4.90 -34.17
C TRP LA 305 103.59 -3.99 -33.87
N SER LA 306 104.63 -4.10 -34.68
CA SER LA 306 105.82 -3.26 -34.55
C SER LA 306 106.61 -3.31 -35.85
N TRP LA 307 107.42 -2.29 -36.07
CA TRP LA 307 108.27 -2.20 -37.25
C TRP LA 307 109.62 -2.82 -36.92
N ASP LA 308 109.89 -4.00 -37.47
CA ASP LA 308 111.08 -4.77 -37.16
C ASP LA 308 112.03 -4.79 -38.35
N ALA LA 309 113.31 -4.73 -38.05
CA ALA LA 309 114.34 -4.75 -39.09
C ALA LA 309 114.61 -6.20 -39.51
N GLU LA 310 115.55 -6.39 -40.43
CA GLU LA 310 115.93 -7.72 -40.87
C GLU LA 310 116.74 -8.42 -39.79
N PHE LA 311 116.50 -9.73 -39.65
CA PHE LA 311 117.17 -10.56 -38.65
C PHE LA 311 116.95 -10.02 -37.23
N GLU LA 312 115.68 -9.99 -36.84
CA GLU LA 312 115.31 -9.52 -35.51
C GLU LA 312 114.12 -10.34 -35.03
N GLU LA 313 114.21 -10.86 -33.81
CA GLU LA 313 113.15 -11.68 -33.26
C GLU LA 313 111.89 -10.86 -33.02
N VAL LA 314 110.75 -11.52 -33.12
CA VAL LA 314 109.47 -10.86 -32.91
C VAL LA 314 109.14 -10.81 -31.43
N SER LA 315 108.29 -9.86 -31.06
CA SER LA 315 107.84 -9.72 -29.69
C SER LA 315 106.72 -10.73 -29.40
N ASP LA 316 106.49 -10.97 -28.10
CA ASP LA 316 105.48 -11.92 -27.65
C ASP LA 316 104.13 -11.20 -27.60
N ASP LA 317 103.44 -11.17 -28.73
CA ASP LA 317 102.19 -10.42 -28.86
C ASP LA 317 100.97 -11.28 -28.57
N SER LA 318 100.86 -11.75 -27.34
CA SER LA 318 99.70 -12.53 -26.93
C SER LA 318 98.55 -11.61 -26.53
N PRO LA 319 97.38 -11.73 -27.13
CA PRO LA 319 96.25 -10.88 -26.73
C PRO LA 319 95.72 -11.26 -25.36
N GLU LA 320 95.10 -10.28 -24.70
CA GLU LA 320 94.48 -10.46 -23.40
C GLU LA 320 92.97 -10.65 -23.55
N PHE LA 321 92.38 -11.24 -22.51
CA PHE LA 321 90.95 -11.51 -22.51
C PHE LA 321 90.35 -11.12 -21.17
N GLY LA 322 89.04 -10.83 -21.19
CA GLY LA 322 88.34 -10.43 -20.00
C GLY LA 322 86.91 -10.94 -20.02
N GLN LA 323 86.21 -10.72 -18.92
CA GLN LA 323 84.83 -11.19 -18.79
C GLN LA 323 83.98 -10.22 -17.97
N PRO LA 324 83.01 -9.58 -18.58
CA PRO LA 324 82.06 -8.77 -17.80
C PRO LA 324 80.97 -9.62 -17.18
N GLU LA 325 80.54 -9.22 -15.99
CA GLU LA 325 79.53 -9.94 -15.23
C GLU LA 325 78.36 -9.01 -14.95
N ILE LA 326 77.14 -9.52 -15.11
CA ILE LA 326 75.93 -8.75 -14.86
C ILE LA 326 75.03 -9.53 -13.89
N PRO LA 327 75.15 -9.33 -12.59
CA PRO LA 327 74.28 -10.03 -11.64
C PRO LA 327 72.85 -9.53 -11.74
N VAL LA 328 71.92 -10.37 -11.28
CA VAL LA 328 70.50 -10.06 -11.28
C VAL LA 328 70.05 -9.82 -9.85
N LYS LA 329 69.47 -8.66 -9.60
CA LYS LA 329 68.91 -8.29 -8.30
C LYS LA 329 67.40 -8.33 -8.38
N LYS LA 330 66.74 -8.09 -7.25
CA LYS LA 330 65.29 -8.10 -7.21
C LYS LA 330 64.78 -6.93 -6.39
N ALA LA 331 63.55 -6.53 -6.70
CA ALA LA 331 62.83 -5.49 -5.97
C ALA LA 331 61.59 -6.09 -5.31
N GLN LA 332 61.07 -5.38 -4.32
CA GLN LA 332 59.94 -5.89 -3.57
C GLN LA 332 59.05 -4.74 -3.09
N GLY LA 333 57.82 -5.09 -2.76
CA GLY LA 333 56.86 -4.14 -2.22
C GLY LA 333 55.78 -4.87 -1.45
N PHE LA 334 55.10 -4.13 -0.59
CA PHE LA 334 54.12 -4.75 0.30
C PHE LA 334 53.14 -3.69 0.79
N VAL LA 335 51.85 -3.92 0.57
CA VAL LA 335 50.82 -2.99 0.99
C VAL LA 335 49.76 -3.75 1.79
N PRO LA 336 49.91 -3.88 3.10
CA PRO LA 336 48.92 -4.59 3.90
C PRO LA 336 47.60 -3.82 3.98
N ILE LA 337 46.52 -4.56 4.20
CA ILE LA 337 45.20 -3.96 4.31
C ILE LA 337 44.42 -4.71 5.39
N SER LA 338 43.52 -4.00 6.06
CA SER LA 338 42.76 -4.60 7.14
C SER LA 338 41.55 -5.34 6.61
N ILE LA 339 40.92 -6.13 7.48
CA ILE LA 339 39.70 -6.83 7.12
C ILE LA 339 38.57 -5.84 6.83
N GLU LA 340 38.42 -4.83 7.69
CA GLU LA 340 37.32 -3.90 7.54
C GLU LA 340 37.43 -3.09 6.25
N ALA LA 341 38.67 -2.77 5.85
CA ALA LA 341 38.86 -1.93 4.66
C ALA LA 341 38.34 -2.64 3.41
N LEU LA 342 38.67 -3.91 3.23
CA LEU LA 342 38.23 -4.62 2.04
C LEU LA 342 36.72 -4.77 1.96
N GLN LA 343 36.00 -4.58 3.07
CA GLN LA 343 34.55 -4.61 3.06
C GLN LA 343 33.92 -3.23 2.96
N ASP LA 344 34.60 -2.19 3.42
CA ASP LA 344 34.07 -0.83 3.40
C ASP LA 344 34.60 0.00 2.24
N GLU LA 345 35.92 -0.01 2.04
CA GLU LA 345 36.49 0.71 0.90
C GLU LA 345 36.00 0.08 -0.40
N ALA LA 346 35.61 0.93 -1.34
CA ALA LA 346 35.07 0.49 -2.62
C ALA LA 346 36.11 0.66 -3.70
N ASN LA 347 36.38 -0.41 -4.45
CA ASN LA 347 37.25 -0.39 -5.62
C ASN LA 347 38.65 0.11 -5.24
N VAL LA 348 39.32 -0.69 -4.41
CA VAL LA 348 40.68 -0.38 -4.00
C VAL LA 348 41.73 -1.29 -4.63
N THR LA 349 41.32 -2.45 -5.17
CA THR LA 349 42.31 -3.37 -5.73
C THR LA 349 43.04 -2.75 -6.91
N GLU LA 350 42.30 -2.23 -7.89
CA GLU LA 350 42.94 -1.66 -9.07
C GLU LA 350 43.69 -0.38 -8.72
N THR LA 351 43.24 0.33 -7.68
CA THR LA 351 43.99 1.49 -7.20
C THR LA 351 45.37 1.07 -6.71
N VAL LA 352 45.43 -0.01 -5.92
CA VAL LA 352 46.70 -0.52 -5.45
C VAL LA 352 47.54 -1.02 -6.63
N ALA LA 353 46.90 -1.61 -7.63
CA ALA LA 353 47.64 -2.03 -8.81
C ALA LA 353 48.28 -0.84 -9.53
N LEU LA 354 47.52 0.26 -9.66
CA LEU LA 354 48.06 1.46 -10.29
C LEU LA 354 49.22 2.03 -9.49
N LEU LA 355 49.08 2.07 -8.16
CA LEU LA 355 50.17 2.57 -7.33
C LEU LA 355 51.40 1.70 -7.46
N PHE LA 356 51.21 0.37 -7.51
CA PHE LA 356 52.33 -0.54 -7.71
C PHE LA 356 53.04 -0.27 -9.03
N ALA LA 357 52.27 -0.09 -10.11
CA ALA LA 357 52.87 0.17 -11.41
C ALA LA 357 53.65 1.48 -11.41
N GLU LA 358 53.08 2.53 -10.81
CA GLU LA 358 53.77 3.81 -10.76
C GLU LA 358 55.08 3.70 -9.98
N GLY LA 359 55.03 3.02 -8.83
CA GLY LA 359 56.24 2.85 -8.04
C GLY LA 359 57.31 2.07 -8.78
N LYS LA 360 56.91 0.98 -9.46
CA LYS LA 360 57.87 0.20 -10.21
C LYS LA 360 58.50 1.02 -11.32
N ASP LA 361 57.69 1.82 -12.03
CA ASP LA 361 58.24 2.64 -13.10
C ASP LA 361 59.23 3.66 -12.58
N GLU LA 362 58.88 4.34 -11.49
CA GLU LA 362 59.81 5.33 -10.94
C GLU LA 362 61.11 4.68 -10.48
N LEU LA 363 61.00 3.54 -9.80
CA LEU LA 363 62.20 2.86 -9.32
C LEU LA 363 63.07 2.41 -10.49
N GLU LA 364 62.45 1.85 -11.53
CA GLU LA 364 63.23 1.37 -12.67
C GLU LA 364 63.95 2.52 -13.36
N ALA LA 365 63.25 3.64 -13.56
CA ALA LA 365 63.88 4.79 -14.21
C ALA LA 365 65.05 5.30 -13.39
N VAL LA 366 64.84 5.49 -12.08
CA VAL LA 366 65.90 6.08 -11.26
C VAL LA 366 67.08 5.12 -11.12
N THR LA 367 66.82 3.81 -11.12
CA THR LA 367 67.91 2.86 -11.01
C THR LA 367 68.68 2.71 -12.31
N LEU LA 368 67.99 2.74 -13.45
CA LEU LA 368 68.69 2.66 -14.73
C LEU LA 368 69.53 3.92 -14.97
N THR LA 369 69.00 5.09 -14.60
CA THR LA 369 69.77 6.31 -14.84
C THR LA 369 70.98 6.38 -13.90
N THR LA 370 70.78 6.15 -12.60
CA THR LA 370 71.85 6.24 -11.61
C THR LA 370 71.66 5.11 -10.60
N GLY LA 371 72.52 4.09 -10.69
CA GLY LA 371 72.52 3.01 -9.73
C GLY LA 371 73.90 2.78 -9.18
N THR LA 372 74.02 2.73 -7.84
CA THR LA 372 75.34 2.67 -7.23
C THR LA 372 76.06 1.39 -7.56
N GLY LA 373 75.32 0.30 -7.76
CA GLY LA 373 75.92 -0.97 -8.11
C GLY LA 373 76.51 -1.70 -6.93
N GLN LA 374 77.02 -0.95 -5.96
CA GLN LA 374 77.50 -1.55 -4.73
C GLN LA 374 76.34 -2.06 -3.89
N GLY LA 375 76.63 -3.05 -3.06
CA GLY LA 375 75.63 -3.55 -2.13
C GLY LA 375 74.58 -4.45 -2.76
N ASN LA 376 73.36 -3.93 -2.86
CA ASN LA 376 72.19 -4.77 -3.09
C ASN LA 376 71.35 -4.27 -4.26
N GLN LA 377 71.93 -3.41 -5.10
CA GLN LA 377 71.19 -2.79 -6.20
C GLN LA 377 72.02 -2.78 -7.46
N PRO LA 378 71.39 -2.75 -8.63
CA PRO LA 378 72.14 -2.80 -9.89
C PRO LA 378 72.98 -1.57 -10.16
N THR LA 379 73.72 -1.57 -11.26
CA THR LA 379 74.63 -0.49 -11.61
C THR LA 379 74.04 0.36 -12.72
N GLY LA 380 74.01 1.67 -12.51
CA GLY LA 380 73.54 2.59 -13.51
C GLY LA 380 74.65 3.05 -14.44
N ILE LA 381 74.25 3.73 -15.51
CA ILE LA 381 75.21 4.16 -16.52
C ILE LA 381 76.11 5.26 -15.96
N VAL LA 382 75.54 6.23 -15.24
CA VAL LA 382 76.30 7.37 -14.76
C VAL LA 382 77.31 6.93 -13.69
N THR LA 383 76.89 6.08 -12.76
CA THR LA 383 77.79 5.60 -11.73
C THR LA 383 78.93 4.78 -12.34
N ALA LA 384 78.61 3.95 -13.34
CA ALA LA 384 79.65 3.17 -14.01
C ALA LA 384 80.64 4.08 -14.71
N LEU LA 385 80.15 5.14 -15.35
CA LEU LA 385 81.04 5.99 -16.14
C LEU LA 385 81.79 6.99 -15.29
N ALA LA 386 81.37 7.19 -14.04
CA ALA LA 386 82.04 8.15 -13.18
C ALA LA 386 83.37 7.61 -12.67
N GLY LA 387 84.40 8.46 -12.69
CA GLY LA 387 85.69 8.13 -12.13
C GLY LA 387 86.67 7.52 -13.11
N THR LA 388 86.20 7.02 -14.24
CA THR LA 388 87.07 6.40 -15.22
C THR LA 388 87.61 7.47 -16.17
N ALA LA 389 88.27 7.03 -17.25
CA ALA LA 389 88.81 7.96 -18.24
C ALA LA 389 87.72 8.61 -19.09
N ALA LA 390 86.49 8.10 -19.04
CA ALA LA 390 85.42 8.67 -19.84
C ALA LA 390 85.00 10.05 -19.36
N GLU LA 391 85.32 10.42 -18.12
CA GLU LA 391 84.94 11.72 -17.59
C GLU LA 391 85.73 12.83 -18.27
N ILE LA 392 85.04 13.93 -18.55
CA ILE LA 392 85.62 15.08 -19.24
C ILE LA 392 85.44 16.31 -18.39
N ALA LA 393 86.39 17.24 -18.50
CA ALA LA 393 86.31 18.52 -17.81
C ALA LA 393 85.90 19.63 -18.78
N PRO LA 394 85.15 20.63 -18.31
CA PRO LA 394 84.73 21.70 -19.21
C PRO LA 394 85.87 22.65 -19.54
N VAL LA 395 85.63 23.50 -20.54
CA VAL LA 395 86.63 24.48 -20.95
C VAL LA 395 86.93 25.45 -19.82
N THR LA 396 85.88 25.97 -19.19
CA THR LA 396 85.99 26.92 -18.10
C THR LA 396 85.29 26.36 -16.86
N ALA LA 397 85.89 26.56 -15.69
CA ALA LA 397 85.32 26.03 -14.47
C ALA LA 397 83.94 26.63 -14.21
N GLU LA 398 82.99 25.75 -13.88
CA GLU LA 398 81.62 26.15 -13.53
C GLU LA 398 80.99 27.01 -14.62
N THR LA 399 81.17 26.60 -15.87
CA THR LA 399 80.60 27.33 -16.99
C THR LA 399 80.22 26.35 -18.09
N PHE LA 400 79.00 26.49 -18.61
CA PHE LA 400 78.51 25.65 -19.71
C PHE LA 400 78.51 26.51 -20.97
N ALA LA 401 79.34 26.13 -21.93
CA ALA LA 401 79.51 26.88 -23.17
C ALA LA 401 79.13 26.00 -24.35
N LEU LA 402 79.00 26.64 -25.51
CA LEU LA 402 78.71 25.89 -26.73
C LEU LA 402 79.85 24.95 -27.09
N ALA LA 403 81.08 25.30 -26.73
CA ALA LA 403 82.22 24.46 -27.04
C ALA LA 403 82.17 23.12 -26.33
N ASP LA 404 81.42 23.01 -25.24
CA ASP LA 404 81.37 21.75 -24.50
C ASP LA 404 80.71 20.65 -25.30
N VAL LA 405 79.69 20.98 -26.10
CA VAL LA 405 79.02 19.98 -26.92
C VAL LA 405 79.98 19.42 -27.96
N TYR LA 406 80.72 20.30 -28.63
CA TYR LA 406 81.71 19.83 -29.59
C TYR LA 406 82.81 19.05 -28.89
N ALA LA 407 83.17 19.46 -27.66
CA ALA LA 407 84.20 18.74 -26.92
C ALA LA 407 83.78 17.31 -26.61
N VAL LA 408 82.52 17.12 -26.18
CA VAL LA 408 82.07 15.77 -25.86
C VAL LA 408 81.89 14.96 -27.13
N TYR LA 409 81.48 15.60 -28.22
CA TYR LA 409 81.28 14.85 -29.46
C TYR LA 409 82.61 14.41 -30.09
N GLU LA 410 83.65 15.24 -30.01
CA GLU LA 410 84.85 15.01 -30.79
C GLU LA 410 85.84 14.05 -30.12
N GLN LA 411 85.86 13.97 -28.79
CA GLN LA 411 86.85 13.16 -28.10
C GLN LA 411 86.49 11.69 -28.05
N LEU LA 412 85.49 11.26 -28.82
CA LEU LA 412 85.12 9.85 -28.90
C LEU LA 412 85.75 9.23 -30.14
N ALA LA 413 86.07 7.94 -30.05
CA ALA LA 413 86.69 7.26 -31.18
C ALA LA 413 85.76 7.24 -32.38
N ALA LA 414 86.34 7.19 -33.58
CA ALA LA 414 85.56 7.22 -34.80
C ALA LA 414 84.65 6.01 -34.94
N ARG LA 415 85.07 4.84 -34.44
CA ARG LA 415 84.22 3.66 -34.55
C ARG LA 415 82.92 3.82 -33.77
N HIS LA 416 82.97 4.44 -32.59
CA HIS LA 416 81.78 4.65 -31.78
C HIS LA 416 81.07 5.96 -32.08
N ARG LA 417 81.78 6.97 -32.56
CA ARG LA 417 81.15 8.27 -32.80
C ARG LA 417 80.06 8.21 -33.87
N ARG LA 418 80.15 7.25 -34.78
CA ARG LA 418 79.15 7.11 -35.84
C ARG LA 418 77.88 6.41 -35.38
N GLN LA 419 77.89 5.79 -34.20
CA GLN LA 419 76.73 5.07 -33.69
C GLN LA 419 76.37 5.57 -32.29
N GLY LA 420 76.54 6.87 -32.06
CA GLY LA 420 76.27 7.42 -30.75
C GLY LA 420 74.96 8.16 -30.67
N ALA LA 421 74.41 8.27 -29.46
CA ALA LA 421 73.15 8.98 -29.24
C ALA LA 421 73.28 9.85 -28.00
N TRP LA 422 72.55 10.96 -28.00
CA TRP LA 422 72.57 11.90 -26.90
C TRP LA 422 71.53 11.54 -25.85
N LEU LA 423 71.80 11.93 -24.61
CA LEU LA 423 70.88 11.69 -23.51
C LEU LA 423 71.21 12.65 -22.38
N ALA LA 424 70.28 13.56 -22.08
CA ALA LA 424 70.50 14.60 -21.07
C ALA LA 424 69.14 15.06 -20.56
N ASN LA 425 69.17 15.93 -19.56
CA ASN LA 425 67.96 16.48 -18.97
C ASN LA 425 67.44 17.66 -19.80
N ASN LA 426 66.18 18.03 -19.56
CA ASN LA 426 65.55 19.07 -20.35
C ASN LA 426 66.22 20.43 -20.12
N LEU LA 427 66.71 20.68 -18.91
CA LEU LA 427 67.36 21.96 -18.64
C LEU LA 427 68.57 22.16 -19.53
N ILE LA 428 69.39 21.12 -19.70
CA ILE LA 428 70.59 21.24 -20.51
C ILE LA 428 70.24 21.47 -21.97
N TYR LA 429 69.20 20.80 -22.46
CA TYR LA 429 68.76 21.02 -23.83
C TYR LA 429 68.29 22.45 -24.03
N ASN LA 430 67.56 23.00 -23.05
CA ASN LA 430 67.12 24.39 -23.15
C ASN LA 430 68.31 25.35 -23.13
N LYS LA 431 69.31 25.07 -22.28
CA LYS LA 431 70.50 25.91 -22.25
C LYS LA 431 71.22 25.87 -23.59
N ILE LA 432 71.30 24.69 -24.20
CA ILE LA 432 71.91 24.56 -25.52
C ILE LA 432 71.11 25.38 -26.53
N ARG LA 433 69.78 25.32 -26.44
CA ARG LA 433 68.93 26.11 -27.32
C ARG LA 433 69.19 27.61 -27.16
N GLN LA 434 69.45 28.06 -25.94
CA GLN LA 434 69.68 29.46 -25.65
C GLN LA 434 71.09 29.94 -26.04
N PHE LA 435 71.84 29.14 -26.79
CA PHE LA 435 73.20 29.54 -27.16
C PHE LA 435 73.25 30.44 -28.39
N ASP LA 436 72.11 30.71 -29.02
CA ASP LA 436 72.07 31.56 -30.22
C ASP LA 436 71.32 32.84 -29.92
N THR LA 437 71.94 33.96 -30.26
CA THR LA 437 71.32 35.27 -30.14
C THR LA 437 71.36 36.05 -31.45
N GLN LA 438 72.43 35.93 -32.22
CA GLN LA 438 72.57 36.63 -33.48
C GLN LA 438 72.08 35.82 -34.67
N GLY LA 439 71.49 34.65 -34.44
CA GLY LA 439 71.08 33.81 -35.54
C GLY LA 439 72.24 33.25 -36.34
N GLY LA 440 73.28 32.77 -35.68
CA GLY LA 440 74.45 32.25 -36.36
C GLY LA 440 74.45 30.75 -36.56
N ALA LA 441 75.64 30.14 -36.49
CA ALA LA 441 75.76 28.71 -36.74
C ALA LA 441 75.01 27.90 -35.69
N GLY LA 442 75.09 28.30 -34.43
CA GLY LA 442 74.48 27.54 -33.36
C GLY LA 442 72.98 27.74 -33.23
N LEU LA 443 72.27 27.76 -34.36
CA LEU LA 443 70.82 27.92 -34.38
C LEU LA 443 70.22 26.52 -34.43
N TRP LA 444 69.91 25.97 -33.27
CA TRP LA 444 69.26 24.67 -33.22
C TRP LA 444 67.82 24.77 -33.72
N THR LA 445 67.08 25.74 -33.21
CA THR LA 445 65.70 25.98 -33.62
C THR LA 445 65.25 27.28 -32.95
N THR LA 446 64.01 27.66 -33.22
CA THR LA 446 63.43 28.90 -32.70
C THR LA 446 62.30 28.60 -31.73
N ILE LA 447 61.99 29.57 -30.87
CA ILE LA 447 60.87 29.41 -29.96
C ILE LA 447 59.58 29.35 -30.77
N GLY LA 448 58.61 28.61 -30.24
CA GLY LA 448 57.42 28.29 -30.99
C GLY LA 448 57.47 26.95 -31.70
N ASN LA 449 58.45 26.11 -31.38
CA ASN LA 449 58.57 24.78 -31.96
C ASN LA 449 58.84 23.77 -30.85
N GLY LA 450 58.59 22.51 -31.17
CA GLY LA 450 58.86 21.44 -30.24
C GLY LA 450 60.35 21.15 -30.17
N GLU LA 451 60.68 20.15 -29.38
CA GLU LA 451 62.07 19.78 -29.17
C GLU LA 451 62.64 19.14 -30.43
N PRO LA 452 63.79 19.60 -30.93
CA PRO LA 452 64.39 18.95 -32.10
C PRO LA 452 64.73 17.49 -31.79
N SER LA 453 64.57 16.66 -32.81
CA SER LA 453 64.85 15.24 -32.67
C SER LA 453 66.29 14.86 -32.99
N GLN LA 454 67.09 15.80 -33.49
CA GLN LA 454 68.47 15.50 -33.88
C GLN LA 454 69.40 16.59 -33.39
N LEU LA 455 70.53 16.18 -32.82
CA LEU LA 455 71.62 17.08 -32.48
C LEU LA 455 72.88 16.54 -33.12
N LEU LA 456 73.49 17.35 -33.99
CA LEU LA 456 74.68 16.95 -34.74
C LEU LA 456 74.44 15.68 -35.54
N GLY LA 457 73.23 15.56 -36.08
CA GLY LA 457 72.87 14.42 -36.91
C GLY LA 457 72.63 13.13 -36.16
N ARG LA 458 72.40 13.18 -34.86
CA ARG LA 458 72.28 12.00 -34.02
C ARG LA 458 70.97 12.04 -33.23
N PRO LA 459 70.43 10.88 -32.88
CA PRO LA 459 69.20 10.85 -32.07
C PRO LA 459 69.44 11.44 -30.69
N VAL LA 460 68.38 11.98 -30.11
CA VAL LA 460 68.44 12.71 -28.85
C VAL LA 460 67.51 12.04 -27.85
N GLY LA 461 68.03 11.76 -26.64
CA GLY LA 461 67.23 11.16 -25.60
C GLY LA 461 67.18 12.06 -24.38
N GLU LA 462 66.26 11.74 -23.47
CA GLU LA 462 66.03 12.54 -22.28
C GLU LA 462 65.97 11.64 -21.06
N ALA LA 463 66.55 12.13 -19.96
CA ALA LA 463 66.48 11.42 -18.67
C ALA LA 463 66.31 12.46 -17.57
N GLU LA 464 65.19 12.37 -16.83
CA GLU LA 464 64.92 13.36 -15.80
C GLU LA 464 65.79 13.18 -14.56
N ALA LA 465 66.44 12.03 -14.40
CA ALA LA 465 67.08 11.72 -13.14
C ALA LA 465 68.52 12.22 -13.03
N MET LA 466 69.11 12.76 -14.09
CA MET LA 466 70.48 13.21 -13.97
C MET LA 466 70.54 14.60 -13.35
N ASP LA 467 71.76 15.10 -13.18
CA ASP LA 467 71.98 16.36 -12.48
C ASP LA 467 71.35 17.52 -13.26
N ALA LA 468 70.86 18.50 -12.51
CA ALA LA 468 70.10 19.62 -13.07
C ALA LA 468 70.87 20.93 -13.03
N ASN LA 469 71.31 21.35 -11.85
CA ASN LA 469 71.99 22.64 -11.69
C ASN LA 469 73.25 22.45 -10.86
N TRP LA 470 74.33 23.09 -11.30
CA TRP LA 470 75.58 23.05 -10.56
C TRP LA 470 75.72 24.19 -9.56
N ASN LA 471 74.77 25.13 -9.54
CA ASN LA 471 74.81 26.26 -8.62
C ASN LA 471 73.95 26.02 -7.38
N THR LA 472 72.68 25.66 -7.60
CA THR LA 472 71.78 25.40 -6.47
C THR LA 472 72.22 24.16 -5.70
N SER LA 473 72.60 23.09 -6.40
CA SER LA 473 72.98 21.86 -5.74
C SER LA 473 74.28 22.04 -4.96
N ALA LA 474 74.36 21.34 -3.83
CA ALA LA 474 75.53 21.41 -2.96
C ALA LA 474 76.57 20.33 -3.26
N SER LA 475 76.30 19.47 -4.25
CA SER LA 475 77.25 18.41 -4.58
C SER LA 475 78.52 18.99 -5.19
N ALA LA 476 79.64 18.33 -4.91
CA ALA LA 476 80.92 18.81 -5.43
C ALA LA 476 80.99 18.65 -6.95
N ASP LA 477 80.41 17.59 -7.49
CA ASP LA 477 80.45 17.31 -8.91
C ASP LA 477 79.03 17.26 -9.49
N ASN LA 478 78.95 17.50 -10.80
CA ASN LA 478 77.66 17.59 -11.49
C ASN LA 478 77.82 17.03 -12.89
N PHE LA 479 77.14 15.91 -13.16
CA PHE LA 479 77.18 15.25 -14.47
C PHE LA 479 75.93 15.67 -15.23
N VAL LA 480 76.10 16.51 -16.24
CA VAL LA 480 74.95 17.12 -16.91
C VAL LA 480 74.72 16.53 -18.29
N LEU LA 481 75.79 16.16 -18.99
CA LEU LA 481 75.68 15.76 -20.38
C LEU LA 481 76.39 14.43 -20.59
N LEU LA 482 75.84 13.63 -21.50
CA LEU LA 482 76.35 12.29 -21.75
C LEU LA 482 76.15 11.94 -23.22
N TYR LA 483 77.20 11.40 -23.84
CA TYR LA 483 77.12 10.99 -25.23
C TYR LA 483 78.02 9.78 -25.45
N GLY LA 484 77.52 8.81 -26.20
CA GLY LA 484 78.31 7.63 -26.49
C GLY LA 484 77.48 6.58 -27.18
N ASN LA 485 78.16 5.50 -27.57
CA ASN LA 485 77.50 4.38 -28.23
C ASN LA 485 76.83 3.53 -27.17
N PHE LA 486 75.50 3.44 -27.24
CA PHE LA 486 74.73 2.73 -26.22
C PHE LA 486 74.60 1.25 -26.50
N GLN LA 487 75.20 0.75 -27.58
CA GLN LA 487 75.23 -0.69 -27.83
C GLN LA 487 76.07 -1.41 -26.79
N ASN LA 488 76.88 -0.70 -26.00
CA ASN LA 488 77.70 -1.29 -24.97
C ASN LA 488 77.06 -1.22 -23.59
N TYR LA 489 75.79 -0.86 -23.50
CA TYR LA 489 75.04 -0.86 -22.24
C TYR LA 489 74.00 -1.96 -22.29
N VAL LA 490 74.17 -2.96 -21.43
CA VAL LA 490 73.38 -4.19 -21.48
C VAL LA 490 72.41 -4.22 -20.30
N ILE LA 491 71.16 -4.53 -20.59
CA ILE LA 491 70.13 -4.71 -19.57
C ILE LA 491 69.62 -6.15 -19.67
N ALA LA 492 69.68 -6.88 -18.57
CA ALA LA 492 69.22 -8.26 -18.51
C ALA LA 492 67.94 -8.33 -17.70
N ASP LA 493 66.88 -8.84 -18.32
CA ASP LA 493 65.57 -8.91 -17.69
C ASP LA 493 65.15 -10.36 -17.49
N ARG LA 494 64.60 -10.65 -16.32
CA ARG LA 494 64.23 -12.01 -15.94
C ARG LA 494 62.71 -12.17 -15.80
N ILE LA 495 62.07 -11.37 -14.96
CA ILE LA 495 60.63 -11.49 -14.71
C ILE LA 495 60.04 -10.09 -14.63
N GLY LA 496 58.84 -9.92 -15.18
CA GLY LA 496 58.12 -8.69 -15.04
C GLY LA 496 57.50 -8.55 -13.67
N MET LA 497 56.55 -7.62 -13.58
CA MET LA 497 55.87 -7.34 -12.32
C MET LA 497 54.78 -8.37 -12.07
N THR LA 498 54.85 -9.03 -10.91
CA THR LA 498 53.85 -10.01 -10.50
C THR LA 498 53.34 -9.65 -9.12
N VAL LA 499 52.02 -9.80 -8.92
CA VAL LA 499 51.36 -9.44 -7.68
C VAL LA 499 50.74 -10.70 -7.09
N GLU LA 500 51.01 -10.95 -5.82
CA GLU LA 500 50.45 -12.09 -5.09
C GLU LA 500 49.52 -11.59 -3.99
N PHE LA 501 48.48 -12.36 -3.70
CA PHE LA 501 47.55 -12.04 -2.63
C PHE LA 501 47.76 -13.01 -1.46
N ILE LA 502 47.86 -12.47 -0.26
CA ILE LA 502 48.12 -13.25 0.94
C ILE LA 502 46.80 -13.36 1.72
N PRO LA 503 46.27 -14.57 1.92
CA PRO LA 503 44.99 -14.70 2.62
C PRO LA 503 44.98 -14.12 4.02
N HIS LA 504 46.07 -14.25 4.78
CA HIS LA 504 46.05 -13.87 6.17
C HIS LA 504 47.43 -13.41 6.63
N LEU LA 505 47.45 -12.56 7.65
CA LEU LA 505 48.68 -12.17 8.32
C LEU LA 505 48.57 -12.50 9.80
N PHE LA 506 49.71 -12.66 10.45
CA PHE LA 506 49.77 -13.10 11.84
C PHE LA 506 50.35 -12.00 12.72
N GLY LA 507 50.45 -12.32 14.02
CA GLY LA 507 50.94 -11.37 15.00
C GLY LA 507 52.19 -11.81 15.71
N THR LA 508 52.49 -11.19 16.85
CA THR LA 508 53.66 -11.58 17.63
C THR LA 508 53.54 -13.01 18.16
N ASN LA 509 52.36 -13.37 18.66
CA ASN LA 509 52.11 -14.69 19.21
C ASN LA 509 51.69 -15.69 18.14
N ARG LA 510 51.96 -15.39 16.88
CA ARG LA 510 51.72 -16.27 15.74
C ARG LA 510 50.25 -16.61 15.52
N ARG LA 511 49.35 -15.86 16.09
CA ARG LA 511 47.93 -16.08 15.86
C ARG LA 511 47.41 -15.06 14.85
N PRO LA 512 46.29 -15.36 14.19
CA PRO LA 512 45.80 -14.46 13.13
C PRO LA 512 45.59 -13.04 13.64
N ASN LA 513 45.98 -12.08 12.81
CA ASN LA 513 45.95 -10.67 13.15
C ASN LA 513 44.67 -9.97 12.73
N GLY LA 514 44.06 -10.38 11.62
CA GLY LA 514 42.87 -9.72 11.12
C GLY LA 514 43.20 -8.75 9.99
N SER LA 515 44.05 -9.18 9.06
CA SER LA 515 44.44 -8.34 7.95
C SER LA 515 44.89 -9.22 6.79
N ARG LA 516 44.93 -8.61 5.60
CA ARG LA 516 45.45 -9.24 4.40
C ARG LA 516 46.45 -8.29 3.75
N GLY LA 517 47.21 -8.80 2.79
CA GLY LA 517 48.24 -7.99 2.17
C GLY LA 517 48.46 -8.37 0.71
N TRP LA 518 49.19 -7.51 0.02
CA TRP LA 518 49.59 -7.74 -1.37
C TRP LA 518 51.11 -7.79 -1.44
N PHE LA 519 51.63 -8.81 -2.10
CA PHE LA 519 53.07 -8.97 -2.30
C PHE LA 519 53.39 -8.81 -3.78
N ALA LA 520 54.38 -7.98 -4.08
CA ALA LA 520 54.81 -7.78 -5.45
C ALA LA 520 56.34 -7.80 -5.50
N TYR LA 521 56.89 -8.31 -6.60
CA TYR LA 521 58.33 -8.35 -6.74
C TYR LA 521 58.71 -8.26 -8.21
N TYR LA 522 59.97 -7.93 -8.43
CA TYR LA 522 60.51 -7.66 -9.77
C TYR LA 522 62.01 -7.87 -9.72
N ARG LA 523 62.56 -8.45 -10.79
CA ARG LA 523 63.99 -8.70 -10.85
C ARG LA 523 64.54 -8.27 -12.20
N MET LA 524 65.73 -7.67 -12.19
CA MET LA 524 66.38 -7.17 -13.39
C MET LA 524 67.86 -6.97 -13.06
N GLY LA 525 68.65 -6.63 -14.07
CA GLY LA 525 70.07 -6.39 -13.89
C GLY LA 525 70.71 -5.72 -15.09
N ALA LA 526 71.67 -4.83 -14.85
CA ALA LA 526 72.31 -4.11 -15.95
C ALA LA 526 73.68 -3.62 -15.52
N ASP LA 527 74.56 -3.45 -16.50
CA ASP LA 527 75.91 -2.93 -16.26
C ASP LA 527 76.48 -2.50 -17.61
N VAL LA 528 77.76 -2.12 -17.60
CA VAL LA 528 78.46 -1.66 -18.78
C VAL LA 528 79.59 -2.64 -19.10
N VAL LA 529 79.68 -3.04 -20.36
CA VAL LA 529 80.73 -3.96 -20.78
C VAL LA 529 81.99 -3.19 -21.18
N ASN LA 530 81.83 -2.05 -21.80
CA ASN LA 530 82.95 -1.23 -22.28
C ASN LA 530 82.82 0.19 -21.75
N PRO LA 531 83.72 0.65 -20.88
CA PRO LA 531 83.62 2.02 -20.35
C PRO LA 531 84.23 3.10 -21.23
N ASN LA 532 84.86 2.75 -22.35
CA ASN LA 532 85.55 3.71 -23.19
C ASN LA 532 84.74 4.16 -24.39
N ALA LA 533 83.47 3.77 -24.46
CA ALA LA 533 82.60 4.19 -25.55
C ALA LA 533 81.78 5.42 -25.22
N PHE LA 534 81.94 6.01 -24.04
CA PHE LA 534 81.17 7.15 -23.61
C PHE LA 534 82.10 8.29 -23.20
N ARG LA 535 81.54 9.50 -23.13
CA ARG LA 535 82.30 10.70 -22.82
C ARG LA 535 81.55 11.57 -21.81
N LEU LA 536 81.11 10.95 -20.71
CA LEU LA 536 80.36 11.68 -19.69
C LEU LA 536 81.05 12.96 -19.27
N LEU LA 537 80.28 14.03 -19.16
CA LEU LA 537 80.79 15.35 -18.84
C LEU LA 537 80.47 15.71 -17.38
N ASN LA 538 81.43 16.35 -16.72
CA ASN LA 538 81.29 16.72 -15.31
C ASN LA 538 81.56 18.21 -15.17
N VAL LA 539 80.59 18.94 -14.62
CA VAL LA 539 80.77 20.36 -14.28
C VAL LA 539 81.08 20.40 -12.79
N GLU LA 540 82.37 20.30 -12.47
CA GLU LA 540 82.80 20.22 -11.09
C GLU LA 540 82.94 21.62 -10.50
N THR LA 541 82.30 21.86 -9.37
CA THR LA 541 82.32 23.15 -8.69
C THR LA 541 83.29 23.12 -7.51
N ALA LA 542 83.76 24.30 -7.14
CA ALA LA 542 84.71 24.44 -6.02
C ALA LA 542 83.94 24.39 -4.70
N SER LA 543 83.46 23.21 -4.38
CA SER LA 543 82.68 22.99 -3.16
C SER LA 543 83.58 22.98 -1.94
N MET MA 251 68.25 -22.79 1.70
CA MET MA 251 68.41 -23.25 0.33
C MET MA 251 68.17 -22.12 -0.66
N GLY MA 252 69.25 -21.51 -1.13
CA GLY MA 252 69.14 -20.37 -2.03
C GLY MA 252 70.07 -20.42 -3.23
N LEU MA 253 70.67 -19.28 -3.57
CA LEU MA 253 71.51 -19.16 -4.75
C LEU MA 253 72.98 -19.40 -4.47
N THR MA 254 73.38 -19.58 -3.22
CA THR MA 254 74.75 -19.96 -2.94
C THR MA 254 75.03 -21.34 -3.50
N LYS MA 255 76.28 -21.56 -3.92
CA LYS MA 255 76.62 -22.79 -4.63
C LYS MA 255 76.34 -24.02 -3.78
N ALA MA 256 76.82 -24.06 -2.55
CA ALA MA 256 76.66 -25.24 -1.71
C ALA MA 256 75.19 -25.53 -1.42
N ASP MA 257 74.36 -24.49 -1.41
CA ASP MA 257 72.93 -24.66 -1.16
C ASP MA 257 72.15 -24.76 -2.47
N GLY MA 258 72.51 -25.76 -3.27
CA GLY MA 258 71.82 -26.03 -4.51
C GLY MA 258 72.16 -25.12 -5.67
N GLY MA 259 73.13 -24.22 -5.51
CA GLY MA 259 73.46 -23.28 -6.58
C GLY MA 259 74.18 -23.91 -7.74
N TYR MA 260 74.70 -25.12 -7.58
CA TYR MA 260 75.40 -25.80 -8.66
C TYR MA 260 74.47 -26.20 -9.80
N LEU MA 261 73.16 -26.15 -9.60
CA LEU MA 261 72.20 -26.56 -10.60
C LEU MA 261 71.88 -25.46 -11.61
N VAL MA 262 72.30 -24.24 -11.36
CA VAL MA 262 71.98 -23.13 -12.27
C VAL MA 262 72.85 -23.24 -13.51
N PRO MA 263 72.27 -23.28 -14.71
CA PRO MA 263 73.09 -23.38 -15.93
C PRO MA 263 73.96 -22.14 -16.12
N PHE MA 264 75.10 -22.35 -16.76
CA PHE MA 264 76.06 -21.29 -17.04
C PHE MA 264 75.73 -20.71 -18.42
N GLN MA 265 75.34 -19.45 -18.44
CA GLN MA 265 74.94 -18.77 -19.67
C GLN MA 265 76.05 -17.82 -20.09
N LEU MA 266 76.50 -17.95 -21.34
CA LEU MA 266 77.65 -17.20 -21.83
C LEU MA 266 77.35 -16.69 -23.22
N ASP MA 267 77.98 -15.55 -23.58
CA ASP MA 267 77.85 -14.97 -24.90
C ASP MA 267 79.14 -15.21 -25.67
N PRO MA 268 79.16 -16.12 -26.65
CA PRO MA 268 80.43 -16.46 -27.32
C PRO MA 268 81.09 -15.30 -28.04
N THR MA 269 80.32 -14.37 -28.59
CA THR MA 269 80.90 -13.33 -29.44
C THR MA 269 81.83 -12.43 -28.64
N VAL MA 270 82.99 -12.14 -29.21
CA VAL MA 270 84.01 -11.33 -28.54
C VAL MA 270 83.74 -9.86 -28.81
N ILE MA 271 84.00 -9.03 -27.82
CA ILE MA 271 83.81 -7.58 -27.92
C ILE MA 271 85.19 -6.95 -28.02
N ILE MA 272 85.45 -6.26 -29.13
CA ILE MA 272 86.74 -5.60 -29.31
C ILE MA 272 86.75 -4.31 -28.50
N THR MA 273 87.78 -4.16 -27.66
CA THR MA 273 87.91 -3.00 -26.79
C THR MA 273 89.12 -2.15 -27.16
N SER MA 274 89.38 -2.00 -28.45
CA SER MA 274 90.49 -1.20 -28.95
C SER MA 274 89.93 -0.03 -29.75
N ASN MA 275 90.50 1.15 -29.53
CA ASN MA 275 89.97 2.35 -30.18
C ASN MA 275 90.13 2.29 -31.70
N GLY MA 276 91.30 1.88 -32.17
CA GLY MA 276 91.56 1.89 -33.60
C GLY MA 276 91.88 3.28 -34.12
N SER MA 277 92.05 3.36 -35.43
CA SER MA 277 92.38 4.62 -36.09
C SER MA 277 91.74 4.65 -37.46
N LEU MA 278 91.33 5.84 -37.89
CA LEU MA 278 90.69 6.05 -39.18
C LEU MA 278 91.47 7.11 -39.94
N ASN MA 279 91.94 6.76 -41.13
CA ASN MA 279 92.61 7.70 -42.02
C ASN MA 279 92.10 7.54 -43.44
N ASP MA 280 92.09 8.65 -44.18
CA ASP MA 280 91.64 8.69 -45.56
C ASP MA 280 92.77 8.98 -46.53
N ILE MA 281 94.02 8.89 -46.08
CA ILE MA 281 95.15 9.20 -46.97
C ILE MA 281 95.20 8.22 -48.14
N ARG MA 282 94.96 6.94 -47.87
CA ARG MA 282 95.05 5.93 -48.92
C ARG MA 282 94.07 6.17 -50.06
N ARG MA 283 92.94 6.82 -49.79
CA ARG MA 283 92.04 7.16 -50.88
C ARG MA 283 92.55 8.33 -51.70
N PHE MA 284 93.29 9.24 -51.09
CA PHE MA 284 93.83 10.40 -51.81
C PHE MA 284 95.23 10.19 -52.34
N ALA MA 285 96.02 9.31 -51.74
CA ALA MA 285 97.42 9.18 -52.11
C ALA MA 285 97.56 8.47 -53.45
N ARG MA 286 98.81 8.29 -53.88
CA ARG MA 286 99.14 7.60 -55.12
C ARG MA 286 99.85 6.29 -54.79
N GLN MA 287 99.36 5.19 -55.35
CA GLN MA 287 99.88 3.86 -55.09
C GLN MA 287 100.67 3.36 -56.28
N VAL MA 288 101.89 2.89 -56.02
CA VAL MA 288 102.75 2.31 -57.04
C VAL MA 288 103.23 0.95 -56.55
N VAL MA 289 103.35 0.00 -57.46
CA VAL MA 289 103.85 -1.33 -57.13
C VAL MA 289 105.36 -1.33 -57.29
N ALA MA 290 106.07 -1.84 -56.28
CA ALA MA 290 107.51 -1.85 -56.25
C ALA MA 290 108.02 -3.28 -56.30
N THR MA 291 108.91 -3.56 -57.26
CA THR MA 291 109.55 -4.85 -57.39
C THR MA 291 111.03 -4.68 -57.11
N GLY MA 292 111.45 -5.06 -55.91
CA GLY MA 292 112.82 -4.86 -55.47
C GLY MA 292 112.87 -4.14 -54.14
N ASP MA 293 113.99 -3.44 -53.92
CA ASP MA 293 114.27 -2.82 -52.64
C ASP MA 293 113.88 -1.35 -52.59
N VAL MA 294 114.36 -0.55 -53.55
CA VAL MA 294 114.12 0.87 -53.55
C VAL MA 294 113.55 1.29 -54.90
N TRP MA 295 112.55 2.16 -54.87
CA TRP MA 295 111.90 2.68 -56.07
C TRP MA 295 112.47 4.06 -56.37
N HIS MA 296 112.99 4.24 -57.59
CA HIS MA 296 113.66 5.47 -57.98
C HIS MA 296 112.85 6.19 -59.07
N GLY MA 297 112.78 7.51 -58.95
CA GLY MA 297 112.13 8.33 -59.96
C GLY MA 297 113.03 9.49 -60.33
N VAL MA 298 112.56 10.29 -61.28
CA VAL MA 298 113.30 11.42 -61.81
C VAL MA 298 112.40 12.66 -61.79
N SER MA 299 112.92 13.75 -61.24
CA SER MA 299 112.20 15.02 -61.20
C SER MA 299 113.13 16.14 -61.66
N SER MA 300 112.54 17.16 -62.29
CA SER MA 300 113.32 18.26 -62.83
C SER MA 300 112.47 19.53 -62.78
N ALA MA 301 112.98 20.59 -63.40
CA ALA MA 301 112.31 21.88 -63.40
C ALA MA 301 112.13 22.41 -64.82
N ALA MA 302 111.74 23.67 -64.95
CA ALA MA 302 111.48 24.29 -66.25
C ALA MA 302 112.64 25.20 -66.64
N VAL MA 303 112.83 25.35 -67.96
CA VAL MA 303 113.88 26.20 -68.47
C VAL MA 303 113.48 27.66 -68.32
N GLN MA 304 114.45 28.52 -67.99
CA GLN MA 304 114.22 29.94 -67.76
C GLN MA 304 114.47 30.70 -69.07
N TRP MA 305 113.39 31.11 -69.73
CA TRP MA 305 113.52 31.93 -70.93
C TRP MA 305 113.79 33.38 -70.54
N SER MA 306 114.02 34.21 -71.56
CA SER MA 306 114.25 35.63 -71.33
C SER MA 306 113.95 36.39 -72.61
N TRP MA 307 113.68 37.68 -72.46
CA TRP MA 307 113.43 38.57 -73.58
C TRP MA 307 114.74 39.22 -74.01
N ASP MA 308 115.16 38.92 -75.24
CA ASP MA 308 116.44 39.42 -75.75
C ASP MA 308 116.19 40.28 -76.98
N ALA MA 309 117.03 41.31 -77.13
CA ALA MA 309 116.92 42.22 -78.26
C ALA MA 309 117.72 41.68 -79.44
N GLU MA 310 117.85 42.51 -80.47
CA GLU MA 310 118.55 42.09 -81.68
C GLU MA 310 120.05 41.97 -81.42
N PHE MA 311 120.64 40.90 -81.94
CA PHE MA 311 122.08 40.64 -81.80
C PHE MA 311 122.51 40.61 -80.33
N GLU MA 312 121.98 39.65 -79.58
CA GLU MA 312 122.29 39.49 -78.17
C GLU MA 312 122.60 38.04 -77.87
N GLU MA 313 123.69 37.80 -77.12
CA GLU MA 313 124.07 36.45 -76.75
C GLU MA 313 123.07 35.85 -75.78
N VAL MA 314 122.80 34.56 -75.92
CA VAL MA 314 121.90 33.87 -75.01
C VAL MA 314 122.65 33.50 -73.74
N SER MA 315 121.88 33.18 -72.69
CA SER MA 315 122.43 32.81 -71.40
C SER MA 315 122.27 31.30 -71.19
N ASP MA 316 123.20 30.73 -70.44
CA ASP MA 316 123.18 29.29 -70.15
C ASP MA 316 121.96 28.98 -69.29
N ASP MA 317 121.05 28.15 -69.82
CA ASP MA 317 119.77 27.89 -69.19
C ASP MA 317 119.53 26.39 -69.02
N SER MA 318 120.58 25.66 -68.66
CA SER MA 318 120.44 24.23 -68.47
C SER MA 318 119.59 23.93 -67.23
N PRO MA 319 118.69 22.96 -67.31
CA PRO MA 319 117.86 22.61 -66.16
C PRO MA 319 118.62 21.72 -65.19
N GLU MA 320 118.03 21.50 -64.02
CA GLU MA 320 118.62 20.71 -62.95
C GLU MA 320 117.69 19.55 -62.62
N PHE MA 321 118.25 18.36 -62.46
CA PHE MA 321 117.46 17.16 -62.24
C PHE MA 321 117.60 16.65 -60.82
N GLY MA 322 116.59 15.90 -60.39
CA GLY MA 322 116.61 15.30 -59.07
C GLY MA 322 115.96 13.93 -59.10
N GLN MA 323 116.34 13.11 -58.15
CA GLN MA 323 115.86 11.72 -58.07
C GLN MA 323 115.38 11.44 -56.65
N PRO MA 324 114.07 11.25 -56.44
CA PRO MA 324 113.59 10.86 -55.12
C PRO MA 324 113.97 9.42 -54.79
N GLU MA 325 114.06 9.15 -53.50
CA GLU MA 325 114.41 7.82 -53.02
C GLU MA 325 113.38 7.40 -51.98
N ILE MA 326 112.99 6.13 -52.02
CA ILE MA 326 111.98 5.61 -51.11
C ILE MA 326 112.37 4.21 -50.64
N PRO MA 327 112.87 4.07 -49.43
CA PRO MA 327 113.18 2.74 -48.91
C PRO MA 327 111.91 1.96 -48.60
N VAL MA 328 112.05 0.63 -48.55
CA VAL MA 328 110.95 -0.26 -48.21
C VAL MA 328 111.27 -0.94 -46.89
N LYS MA 329 110.36 -0.84 -45.93
CA LYS MA 329 110.54 -1.39 -44.60
C LYS MA 329 109.52 -2.49 -44.35
N LYS MA 330 109.70 -3.22 -43.25
CA LYS MA 330 108.95 -4.42 -42.97
C LYS MA 330 108.45 -4.43 -41.54
N ALA MA 331 107.22 -4.91 -41.36
CA ALA MA 331 106.59 -5.05 -40.05
C ALA MA 331 106.04 -6.46 -39.91
N GLN MA 332 106.07 -6.98 -38.69
CA GLN MA 332 105.64 -8.34 -38.43
C GLN MA 332 105.03 -8.45 -37.05
N GLY MA 333 104.18 -9.45 -36.88
CA GLY MA 333 103.57 -9.73 -35.59
C GLY MA 333 103.37 -11.22 -35.42
N PHE MA 334 103.44 -11.66 -34.16
CA PHE MA 334 103.47 -13.09 -33.87
C PHE MA 334 102.80 -13.36 -32.54
N VAL MA 335 102.16 -14.52 -32.43
CA VAL MA 335 101.54 -14.96 -31.18
C VAL MA 335 101.64 -16.47 -31.06
N PRO MA 336 102.18 -16.99 -29.96
CA PRO MA 336 102.25 -18.44 -29.77
C PRO MA 336 100.92 -19.00 -29.28
N ILE MA 337 100.78 -20.30 -29.44
CA ILE MA 337 99.57 -21.02 -29.04
C ILE MA 337 99.96 -22.44 -28.63
N SER MA 338 99.31 -22.94 -27.59
CA SER MA 338 99.57 -24.28 -27.11
C SER MA 338 98.64 -25.29 -27.76
N ILE MA 339 99.00 -26.56 -27.66
CA ILE MA 339 98.15 -27.62 -28.20
C ILE MA 339 96.83 -27.68 -27.45
N GLU MA 340 96.87 -27.54 -26.12
CA GLU MA 340 95.66 -27.69 -25.31
C GLU MA 340 94.61 -26.65 -25.68
N ALA MA 341 95.02 -25.38 -25.77
CA ALA MA 341 94.08 -24.32 -26.12
C ALA MA 341 93.57 -24.51 -27.55
N LEU MA 342 94.45 -24.89 -28.46
CA LEU MA 342 94.03 -25.09 -29.85
C LEU MA 342 93.04 -26.24 -29.98
N GLN MA 343 93.12 -27.24 -29.10
CA GLN MA 343 92.17 -28.35 -29.12
C GLN MA 343 90.87 -28.05 -28.40
N ASP MA 344 90.92 -27.25 -27.33
CA ASP MA 344 89.73 -27.07 -26.50
C ASP MA 344 88.93 -25.84 -26.90
N GLU MA 345 89.59 -24.69 -27.01
CA GLU MA 345 88.89 -23.43 -27.23
C GLU MA 345 88.22 -23.41 -28.60
N ALA MA 346 87.10 -22.70 -28.69
CA ALA MA 346 86.26 -22.71 -29.88
C ALA MA 346 86.51 -21.45 -30.71
N ASN MA 347 86.71 -21.65 -32.01
CA ASN MA 347 86.85 -20.55 -32.97
C ASN MA 347 88.03 -19.64 -32.63
N VAL MA 348 89.17 -20.26 -32.29
CA VAL MA 348 90.37 -19.47 -32.05
C VAL MA 348 90.92 -18.90 -33.36
N THR MA 349 90.86 -19.68 -34.44
CA THR MA 349 91.47 -19.27 -35.69
C THR MA 349 90.83 -18.00 -36.24
N GLU MA 350 89.50 -17.99 -36.33
CA GLU MA 350 88.80 -16.81 -36.83
C GLU MA 350 89.00 -15.61 -35.91
N THR MA 351 88.95 -15.81 -34.60
CA THR MA 351 89.13 -14.71 -33.67
C THR MA 351 90.51 -14.07 -33.85
N VAL MA 352 91.56 -14.90 -33.94
CA VAL MA 352 92.89 -14.34 -34.07
C VAL MA 352 93.09 -13.73 -35.45
N ALA MA 353 92.43 -14.26 -36.48
CA ALA MA 353 92.50 -13.62 -37.79
C ALA MA 353 91.91 -12.22 -37.74
N LEU MA 354 90.77 -12.07 -37.06
CA LEU MA 354 90.18 -10.74 -36.89
C LEU MA 354 91.10 -9.82 -36.10
N LEU MA 355 91.70 -10.35 -35.03
CA LEU MA 355 92.60 -9.54 -34.22
C LEU MA 355 93.82 -9.07 -35.02
N PHE MA 356 94.39 -9.97 -35.83
CA PHE MA 356 95.54 -9.60 -36.66
C PHE MA 356 95.16 -8.56 -37.71
N ALA MA 357 93.99 -8.72 -38.34
CA ALA MA 357 93.56 -7.72 -39.29
C ALA MA 357 93.39 -6.35 -38.63
N GLU MA 358 92.77 -6.33 -37.45
CA GLU MA 358 92.62 -5.07 -36.72
C GLU MA 358 93.97 -4.48 -36.36
N GLY MA 359 94.92 -5.31 -35.92
CA GLY MA 359 96.22 -4.80 -35.55
C GLY MA 359 96.97 -4.19 -36.72
N LYS MA 360 96.97 -4.87 -37.87
CA LYS MA 360 97.62 -4.31 -39.05
C LYS MA 360 96.94 -3.01 -39.47
N ASP MA 361 95.60 -2.99 -39.47
CA ASP MA 361 94.87 -1.80 -39.88
C ASP MA 361 95.18 -0.62 -38.96
N GLU MA 362 95.25 -0.86 -37.66
CA GLU MA 362 95.62 0.18 -36.71
C GLU MA 362 97.05 0.64 -36.88
N LEU MA 363 97.99 -0.28 -37.13
CA LEU MA 363 99.39 0.12 -37.24
C LEU MA 363 99.65 0.94 -38.50
N GLU MA 364 99.09 0.51 -39.63
CA GLU MA 364 99.35 1.19 -40.90
C GLU MA 364 98.85 2.62 -40.86
N ALA MA 365 97.69 2.85 -40.26
CA ALA MA 365 97.10 4.19 -40.21
C ALA MA 365 98.02 5.16 -39.50
N VAL MA 366 98.48 4.79 -38.30
CA VAL MA 366 99.31 5.69 -37.52
C VAL MA 366 100.68 5.86 -38.18
N THR MA 367 101.21 4.79 -38.78
CA THR MA 367 102.54 4.92 -39.39
C THR MA 367 102.48 5.74 -40.67
N LEU MA 368 101.34 5.75 -41.36
CA LEU MA 368 101.20 6.66 -42.50
C LEU MA 368 100.99 8.09 -42.04
N THR MA 369 100.22 8.30 -40.98
CA THR MA 369 99.91 9.67 -40.58
C THR MA 369 101.12 10.35 -39.96
N THR MA 370 101.83 9.68 -39.04
CA THR MA 370 102.91 10.32 -38.31
C THR MA 370 104.14 9.42 -38.30
N GLY MA 371 104.55 8.94 -39.47
CA GLY MA 371 105.77 8.17 -39.56
C GLY MA 371 106.99 9.03 -39.32
N THR MA 372 108.07 8.39 -38.86
CA THR MA 372 109.31 9.08 -38.53
C THR MA 372 110.30 9.11 -39.69
N GLY MA 373 110.46 7.98 -40.38
CA GLY MA 373 111.37 7.88 -41.49
C GLY MA 373 112.75 7.34 -41.13
N GLN MA 374 113.12 7.40 -39.85
CA GLN MA 374 114.40 6.89 -39.40
C GLN MA 374 114.23 5.51 -38.78
N GLY MA 375 115.34 4.81 -38.61
CA GLY MA 375 115.31 3.48 -38.04
C GLY MA 375 114.67 2.47 -38.97
N ASN MA 376 113.51 1.95 -38.59
CA ASN MA 376 112.83 0.90 -39.35
C ASN MA 376 111.43 1.30 -39.78
N GLN MA 377 111.09 2.58 -39.70
CA GLN MA 377 109.76 3.01 -40.05
C GLN MA 377 109.76 3.81 -41.35
N PRO MA 378 108.68 3.75 -42.12
CA PRO MA 378 108.58 4.60 -43.31
C PRO MA 378 108.45 6.08 -42.94
N THR MA 379 108.35 6.94 -43.95
CA THR MA 379 108.26 8.38 -43.74
C THR MA 379 106.81 8.82 -43.77
N GLY MA 380 106.39 9.56 -42.74
CA GLY MA 380 105.04 10.06 -42.69
C GLY MA 380 104.85 11.34 -43.47
N ILE MA 381 103.58 11.64 -43.76
CA ILE MA 381 103.25 12.83 -44.53
C ILE MA 381 103.57 14.09 -43.72
N VAL MA 382 103.28 14.06 -42.41
CA VAL MA 382 103.54 15.24 -41.58
C VAL MA 382 105.04 15.44 -41.38
N THR MA 383 105.77 14.36 -41.10
CA THR MA 383 107.20 14.48 -40.83
C THR MA 383 107.96 14.99 -42.04
N ALA MA 384 107.62 14.50 -43.23
CA ALA MA 384 108.30 14.94 -44.44
C ALA MA 384 108.04 16.40 -44.76
N LEU MA 385 107.04 17.03 -44.15
CA LEU MA 385 106.70 18.42 -44.38
C LEU MA 385 107.03 19.30 -43.18
N ALA MA 386 107.86 18.81 -42.27
CA ALA MA 386 108.26 19.54 -41.09
C ALA MA 386 109.60 20.21 -41.35
N GLY MA 387 109.65 21.53 -41.21
CA GLY MA 387 110.82 22.29 -41.55
C GLY MA 387 110.97 22.63 -43.01
N THR MA 388 110.09 22.12 -43.87
CA THR MA 388 110.12 22.41 -45.29
C THR MA 388 109.44 23.76 -45.53
N ALA MA 389 109.59 24.28 -46.76
CA ALA MA 389 108.95 25.55 -47.11
C ALA MA 389 107.44 25.48 -47.06
N ALA MA 390 106.85 24.29 -47.04
CA ALA MA 390 105.40 24.16 -46.96
C ALA MA 390 104.85 24.59 -45.61
N GLU MA 391 105.69 24.72 -44.59
CA GLU MA 391 105.22 25.09 -43.26
C GLU MA 391 104.81 26.55 -43.22
N ILE MA 392 103.67 26.82 -42.55
CA ILE MA 392 103.11 28.16 -42.44
C ILE MA 392 102.85 28.45 -40.97
N ALA MA 393 102.78 29.74 -40.64
CA ALA MA 393 102.45 30.19 -39.30
C ALA MA 393 101.16 30.99 -39.31
N PRO MA 394 100.40 30.97 -38.22
CA PRO MA 394 99.15 31.73 -38.17
C PRO MA 394 99.40 33.23 -38.09
N VAL MA 395 98.33 33.99 -38.33
CA VAL MA 395 98.43 35.45 -38.31
C VAL MA 395 98.81 35.94 -36.91
N THR MA 396 98.15 35.41 -35.89
CA THR MA 396 98.39 35.78 -34.51
C THR MA 396 98.84 34.56 -33.71
N ALA MA 397 99.71 34.80 -32.74
CA ALA MA 397 100.34 33.71 -32.01
C ALA MA 397 99.32 32.92 -31.19
N GLU MA 398 99.51 31.60 -31.17
CA GLU MA 398 98.57 30.64 -30.58
C GLU MA 398 97.11 31.05 -30.77
N THR MA 399 96.74 31.19 -32.04
CA THR MA 399 95.37 31.50 -32.42
C THR MA 399 95.08 30.90 -33.78
N PHE MA 400 93.96 30.21 -33.90
CA PHE MA 400 93.54 29.59 -35.15
C PHE MA 400 92.21 30.22 -35.57
N ALA MA 401 92.24 31.03 -36.61
CA ALA MA 401 91.08 31.77 -37.08
C ALA MA 401 90.79 31.40 -38.53
N LEU MA 402 89.72 32.00 -39.06
CA LEU MA 402 89.31 31.73 -40.43
C LEU MA 402 90.33 32.28 -41.43
N ALA MA 403 91.02 33.35 -41.04
CA ALA MA 403 92.06 33.91 -41.90
C ALA MA 403 93.14 32.87 -42.19
N ASP MA 404 93.52 32.08 -41.18
CA ASP MA 404 94.47 31.01 -41.40
C ASP MA 404 93.92 29.94 -42.34
N VAL MA 405 92.62 29.66 -42.24
CA VAL MA 405 92.01 28.67 -43.12
C VAL MA 405 92.12 29.10 -44.57
N TYR MA 406 91.81 30.38 -44.86
CA TYR MA 406 92.03 30.86 -46.23
C TYR MA 406 93.52 30.94 -46.57
N ALA MA 407 94.37 31.23 -45.58
CA ALA MA 407 95.80 31.35 -45.84
C ALA MA 407 96.38 30.04 -46.34
N VAL MA 408 95.97 28.92 -45.72
CA VAL MA 408 96.47 27.63 -46.16
C VAL MA 408 96.04 27.35 -47.59
N TYR MA 409 94.83 27.77 -47.95
CA TYR MA 409 94.29 27.47 -49.27
C TYR MA 409 94.92 28.32 -50.35
N GLU MA 410 95.16 29.61 -50.09
CA GLU MA 410 95.54 30.53 -51.14
C GLU MA 410 97.02 30.49 -51.47
N GLN MA 411 97.88 30.16 -50.50
CA GLN MA 411 99.31 30.18 -50.74
C GLN MA 411 99.76 29.16 -51.77
N LEU MA 412 98.95 28.12 -52.01
CA LEU MA 412 99.35 27.06 -52.91
C LEU MA 412 99.30 27.52 -54.36
N ALA MA 413 100.09 26.85 -55.20
CA ALA MA 413 100.09 27.16 -56.63
C ALA MA 413 98.78 26.73 -57.28
N ALA MA 414 98.42 27.45 -58.35
CA ALA MA 414 97.12 27.24 -58.97
C ALA MA 414 96.99 25.85 -59.57
N ARG MA 415 98.05 25.35 -60.21
CA ARG MA 415 97.98 24.01 -60.79
C ARG MA 415 97.76 22.95 -59.72
N HIS MA 416 98.28 23.18 -58.51
CA HIS MA 416 98.10 22.25 -57.41
C HIS MA 416 96.87 22.55 -56.59
N ARG MA 417 96.49 23.84 -56.49
CA ARG MA 417 95.29 24.19 -55.74
C ARG MA 417 94.05 23.62 -56.40
N ARG MA 418 94.01 23.60 -57.73
CA ARG MA 418 92.83 23.14 -58.45
C ARG MA 418 92.57 21.65 -58.27
N GLN MA 419 93.60 20.82 -58.14
CA GLN MA 419 93.44 19.40 -57.87
C GLN MA 419 94.10 19.09 -56.53
N GLY MA 420 93.30 19.08 -55.47
CA GLY MA 420 93.83 18.87 -54.14
C GLY MA 420 92.73 18.50 -53.17
N ALA MA 421 93.13 18.20 -51.95
CA ALA MA 421 92.21 17.72 -50.93
C ALA MA 421 92.71 18.14 -49.55
N TRP MA 422 91.82 18.03 -48.57
CA TRP MA 422 92.10 18.44 -47.20
C TRP MA 422 92.31 17.22 -46.30
N LEU MA 423 92.98 17.46 -45.17
CA LEU MA 423 93.25 16.42 -44.19
C LEU MA 423 93.44 17.07 -42.84
N ALA MA 424 92.61 16.69 -41.87
CA ALA MA 424 92.71 17.26 -40.53
C ALA MA 424 92.00 16.35 -39.54
N ASN MA 425 92.20 16.62 -38.26
CA ASN MA 425 91.50 15.90 -37.20
C ASN MA 425 90.07 16.42 -37.07
N ASN MA 426 89.22 15.62 -36.42
CA ASN MA 426 87.83 16.02 -36.23
C ASN MA 426 87.72 17.24 -35.34
N LEU MA 427 88.59 17.36 -34.34
CA LEU MA 427 88.56 18.53 -33.47
C LEU MA 427 88.78 19.81 -34.26
N ILE MA 428 89.68 19.77 -35.24
CA ILE MA 428 89.96 20.96 -36.05
C ILE MA 428 88.74 21.36 -36.86
N TYR MA 429 88.07 20.38 -37.47
CA TYR MA 429 86.85 20.69 -38.22
C TYR MA 429 85.78 21.26 -37.31
N ASN MA 430 85.62 20.69 -36.12
CA ASN MA 430 84.62 21.23 -35.19
C ASN MA 430 84.96 22.65 -34.75
N LYS MA 431 86.26 22.93 -34.59
CA LYS MA 431 86.67 24.29 -34.27
C LYS MA 431 86.36 25.24 -35.43
N ILE MA 432 86.56 24.77 -36.66
CA ILE MA 432 86.16 25.57 -37.82
C ILE MA 432 84.66 25.84 -37.79
N ARG MA 433 83.88 24.85 -37.38
CA ARG MA 433 82.43 25.01 -37.35
C ARG MA 433 82.00 26.10 -36.38
N GLN MA 434 82.83 26.41 -35.39
CA GLN MA 434 82.51 27.45 -34.41
C GLN MA 434 83.02 28.82 -34.80
N PHE MA 435 83.61 28.95 -36.00
CA PHE MA 435 84.11 30.25 -36.43
C PHE MA 435 82.98 31.26 -36.59
N ASP MA 436 81.87 30.84 -37.17
CA ASP MA 436 80.75 31.75 -37.39
C ASP MA 436 79.91 31.85 -36.13
N THR MA 437 79.65 33.09 -35.69
CA THR MA 437 78.84 33.34 -34.52
C THR MA 437 77.61 34.19 -34.79
N GLN MA 438 77.52 34.84 -35.95
CA GLN MA 438 76.43 35.77 -36.24
C GLN MA 438 75.95 35.63 -37.67
N GLY MA 439 76.10 34.45 -38.26
CA GLY MA 439 75.56 34.16 -39.57
C GLY MA 439 76.19 34.94 -40.71
N GLY MA 440 77.51 35.04 -40.73
CA GLY MA 440 78.18 35.74 -41.80
C GLY MA 440 78.51 34.84 -42.97
N ALA MA 441 79.70 34.99 -43.54
CA ALA MA 441 80.16 34.13 -44.63
C ALA MA 441 80.95 32.92 -44.14
N GLY MA 442 81.18 32.82 -42.83
CA GLY MA 442 81.89 31.69 -42.27
C GLY MA 442 80.94 30.59 -41.84
N LEU MA 443 79.71 30.63 -42.37
CA LEU MA 443 78.69 29.65 -42.02
C LEU MA 443 78.90 28.38 -42.83
N TRP MA 444 79.74 27.48 -42.32
CA TRP MA 444 79.89 26.18 -42.96
C TRP MA 444 78.61 25.37 -42.87
N THR MA 445 78.05 25.25 -41.67
CA THR MA 445 76.81 24.53 -41.44
C THR MA 445 76.28 24.89 -40.07
N THR MA 446 74.99 24.67 -39.87
CA THR MA 446 74.35 24.93 -38.59
C THR MA 446 74.47 23.70 -37.70
N ILE MA 447 74.27 23.92 -36.39
CA ILE MA 447 74.25 22.80 -35.47
C ILE MA 447 73.05 21.92 -35.78
N GLY MA 448 73.09 20.68 -35.31
CA GLY MA 448 72.06 19.73 -35.61
C GLY MA 448 72.21 19.01 -36.93
N ASN MA 449 73.34 19.17 -37.61
CA ASN MA 449 73.59 18.53 -38.89
C ASN MA 449 74.92 17.79 -38.83
N GLY MA 450 75.10 16.86 -39.76
CA GLY MA 450 76.29 16.06 -39.83
C GLY MA 450 77.45 16.82 -40.46
N GLU MA 451 78.55 16.10 -40.63
CA GLU MA 451 79.76 16.70 -41.18
C GLU MA 451 79.57 17.04 -42.65
N PRO MA 452 79.88 18.26 -43.08
CA PRO MA 452 79.77 18.60 -44.49
C PRO MA 452 80.78 17.83 -45.32
N SER MA 453 80.44 17.64 -46.60
CA SER MA 453 81.27 16.86 -47.50
C SER MA 453 82.35 17.68 -48.20
N GLN MA 454 82.22 19.00 -48.26
CA GLN MA 454 83.18 19.85 -48.95
C GLN MA 454 83.54 21.04 -48.08
N LEU MA 455 84.79 21.50 -48.21
CA LEU MA 455 85.25 22.74 -47.62
C LEU MA 455 85.93 23.54 -48.71
N LEU MA 456 85.37 24.71 -49.03
CA LEU MA 456 85.81 25.53 -50.16
C LEU MA 456 85.72 24.75 -51.48
N GLY MA 457 84.71 23.89 -51.58
CA GLY MA 457 84.47 23.15 -52.80
C GLY MA 457 85.39 21.97 -53.03
N ARG MA 458 86.26 21.66 -52.09
CA ARG MA 458 87.23 20.59 -52.23
C ARG MA 458 86.90 19.42 -51.31
N PRO MA 459 87.31 18.21 -51.65
CA PRO MA 459 87.04 17.06 -50.78
C PRO MA 459 87.73 17.21 -49.43
N VAL MA 460 87.13 16.60 -48.42
CA VAL MA 460 87.60 16.70 -47.04
C VAL MA 460 87.91 15.31 -46.52
N GLY MA 461 89.02 15.20 -45.79
CA GLY MA 461 89.41 13.94 -45.20
C GLY MA 461 89.65 14.09 -43.71
N GLU MA 462 89.58 12.97 -43.00
CA GLU MA 462 89.71 12.96 -41.56
C GLU MA 462 90.84 12.03 -41.13
N ALA MA 463 91.66 12.51 -40.21
CA ALA MA 463 92.80 11.76 -39.68
C ALA MA 463 92.75 11.81 -38.17
N GLU MA 464 92.73 10.64 -37.54
CA GLU MA 464 92.63 10.58 -36.08
C GLU MA 464 93.98 10.63 -35.38
N ALA MA 465 95.09 10.58 -36.11
CA ALA MA 465 96.40 10.44 -35.51
C ALA MA 465 97.22 11.73 -35.53
N MET MA 466 96.62 12.87 -35.86
CA MET MA 466 97.34 14.13 -35.84
C MET MA 466 97.01 14.91 -34.57
N ASP MA 467 97.76 16.00 -34.37
CA ASP MA 467 97.58 16.83 -33.20
C ASP MA 467 96.20 17.47 -33.19
N ALA MA 468 95.60 17.56 -32.00
CA ALA MA 468 94.25 18.06 -31.85
C ALA MA 468 94.20 19.38 -31.10
N ASN MA 469 94.73 19.43 -29.88
CA ASN MA 469 94.69 20.63 -29.06
C ASN MA 469 96.11 21.09 -28.77
N TRP MA 470 96.37 22.37 -29.00
CA TRP MA 470 97.68 22.95 -28.75
C TRP MA 470 97.80 23.51 -27.34
N ASN MA 471 96.76 23.38 -26.52
CA ASN MA 471 96.78 23.86 -25.14
C ASN MA 471 97.03 22.74 -24.14
N THR MA 472 96.24 21.66 -24.21
CA THR MA 472 96.44 20.54 -23.31
C THR MA 472 97.75 19.82 -23.57
N SER MA 473 98.11 19.65 -24.84
CA SER MA 473 99.37 18.98 -25.17
C SER MA 473 100.55 19.83 -24.77
N ALA MA 474 101.63 19.18 -24.33
CA ALA MA 474 102.85 19.86 -23.95
C ALA MA 474 103.84 20.01 -25.10
N SER MA 475 103.49 19.53 -26.29
CA SER MA 475 104.38 19.63 -27.44
C SER MA 475 104.54 21.09 -27.87
N ALA MA 476 105.76 21.43 -28.28
CA ALA MA 476 106.05 22.79 -28.71
C ALA MA 476 105.52 23.07 -30.11
N ASP MA 477 105.43 22.06 -30.97
CA ASP MA 477 104.97 22.21 -32.33
C ASP MA 477 103.65 21.47 -32.52
N ASN MA 478 102.69 22.14 -33.14
CA ASN MA 478 101.35 21.59 -33.34
C ASN MA 478 100.94 21.81 -34.79
N PHE MA 479 100.99 20.75 -35.60
CA PHE MA 479 100.53 20.78 -36.97
C PHE MA 479 99.10 20.23 -36.99
N VAL MA 480 98.14 21.10 -37.30
CA VAL MA 480 96.75 20.76 -37.16
C VAL MA 480 96.00 20.71 -38.49
N LEU MA 481 96.49 21.37 -39.53
CA LEU MA 481 95.77 21.45 -40.79
C LEU MA 481 96.72 21.16 -41.94
N LEU MA 482 96.17 20.60 -43.03
CA LEU MA 482 96.97 20.28 -44.20
C LEU MA 482 96.07 20.30 -45.43
N TYR MA 483 96.58 20.89 -46.51
CA TYR MA 483 95.87 20.90 -47.79
C TYR MA 483 96.91 20.88 -48.90
N GLY MA 484 96.64 20.09 -49.93
CA GLY MA 484 97.54 20.06 -51.07
C GLY MA 484 97.15 18.97 -52.04
N ASN MA 485 97.96 18.84 -53.08
CA ASN MA 485 97.79 17.79 -54.08
C ASN MA 485 98.42 16.51 -53.55
N PHE MA 486 97.58 15.51 -53.28
CA PHE MA 486 98.06 14.25 -52.73
C PHE MA 486 98.65 13.32 -53.79
N GLN MA 487 98.58 13.71 -55.07
CA GLN MA 487 99.19 12.91 -56.11
C GLN MA 487 100.71 12.88 -56.02
N ASN MA 488 101.31 13.75 -55.21
CA ASN MA 488 102.74 13.76 -55.01
C ASN MA 488 103.18 13.01 -53.77
N TYR MA 489 102.28 12.27 -53.13
CA TYR MA 489 102.63 11.41 -52.00
C TYR MA 489 102.57 9.96 -52.48
N VAL MA 490 103.73 9.32 -52.55
CA VAL MA 490 103.87 8.01 -53.19
C VAL MA 490 104.01 6.95 -52.11
N ILE MA 491 103.19 5.90 -52.22
CA ILE MA 491 103.23 4.76 -51.32
C ILE MA 491 103.66 3.54 -52.13
N ALA MA 492 104.72 2.87 -51.67
CA ALA MA 492 105.26 1.71 -52.36
C ALA MA 492 104.78 0.44 -51.67
N ASP MA 493 104.07 -0.40 -52.40
CA ASP MA 493 103.56 -1.66 -51.88
C ASP MA 493 104.33 -2.81 -52.50
N ARG MA 494 104.77 -3.75 -51.65
CA ARG MA 494 105.56 -4.89 -52.09
C ARG MA 494 104.82 -6.21 -51.88
N ILE MA 495 104.39 -6.49 -50.66
CA ILE MA 495 103.65 -7.71 -50.35
C ILE MA 495 102.50 -7.39 -49.41
N GLY MA 496 101.38 -8.08 -49.61
CA GLY MA 496 100.21 -7.92 -48.77
C GLY MA 496 100.27 -8.77 -47.52
N MET MA 497 99.11 -9.00 -46.94
CA MET MA 497 99.00 -9.80 -45.73
C MET MA 497 99.33 -11.26 -46.01
N THR MA 498 100.33 -11.78 -45.32
CA THR MA 498 100.68 -13.19 -45.38
C THR MA 498 100.81 -13.74 -43.97
N VAL MA 499 100.11 -14.84 -43.69
CA VAL MA 499 100.12 -15.47 -42.38
C VAL MA 499 100.63 -16.90 -42.55
N GLU MA 500 101.64 -17.25 -41.77
CA GLU MA 500 102.28 -18.56 -41.85
C GLU MA 500 102.00 -19.34 -40.57
N PHE MA 501 101.90 -20.67 -40.70
CA PHE MA 501 101.60 -21.57 -39.60
C PHE MA 501 102.87 -22.30 -39.22
N ILE MA 502 103.26 -22.21 -37.95
CA ILE MA 502 104.44 -22.91 -37.46
C ILE MA 502 104.02 -24.26 -36.90
N PRO MA 503 104.42 -25.38 -37.50
CA PRO MA 503 103.96 -26.68 -37.00
C PRO MA 503 104.39 -26.97 -35.57
N HIS MA 504 105.58 -26.55 -35.16
CA HIS MA 504 106.07 -26.87 -33.82
C HIS MA 504 107.03 -25.79 -33.34
N LEU MA 505 107.09 -25.62 -32.03
CA LEU MA 505 108.09 -24.80 -31.37
C LEU MA 505 108.96 -25.68 -30.49
N PHE MA 506 109.97 -25.08 -29.87
CA PHE MA 506 110.97 -25.82 -29.12
C PHE MA 506 111.25 -25.16 -27.80
N GLY MA 507 111.70 -25.97 -26.84
CA GLY MA 507 112.04 -25.51 -25.52
C GLY MA 507 113.50 -25.14 -25.38
N THR MA 508 113.90 -24.85 -24.15
CA THR MA 508 115.27 -24.44 -23.87
C THR MA 508 116.26 -25.53 -24.25
N ASN MA 509 115.91 -26.79 -23.98
CA ASN MA 509 116.77 -27.92 -24.30
C ASN MA 509 116.60 -28.39 -25.74
N ARG MA 510 116.10 -27.52 -26.62
CA ARG MA 510 116.02 -27.79 -28.06
C ARG MA 510 115.13 -29.00 -28.35
N ARG MA 511 114.07 -29.17 -27.58
CA ARG MA 511 113.12 -30.25 -27.75
C ARG MA 511 111.71 -29.69 -27.72
N PRO MA 512 110.75 -30.37 -28.35
CA PRO MA 512 109.38 -29.83 -28.42
C PRO MA 512 108.77 -29.65 -27.04
N ASN MA 513 107.92 -28.62 -26.93
CA ASN MA 513 107.22 -28.33 -25.69
C ASN MA 513 105.71 -28.34 -25.86
N GLY MA 514 105.20 -28.77 -27.00
CA GLY MA 514 103.77 -28.88 -27.21
C GLY MA 514 103.10 -27.54 -27.45
N SER MA 515 103.52 -26.84 -28.49
CA SER MA 515 102.94 -25.54 -28.84
C SER MA 515 103.12 -25.30 -30.32
N ARG MA 516 102.41 -24.30 -30.83
CA ARG MA 516 102.42 -23.96 -32.24
C ARG MA 516 102.49 -22.44 -32.38
N GLY MA 517 102.84 -22.00 -33.59
CA GLY MA 517 103.11 -20.60 -33.82
C GLY MA 517 102.32 -20.04 -34.99
N TRP MA 518 102.01 -18.75 -34.88
CA TRP MA 518 101.22 -18.00 -35.86
C TRP MA 518 102.00 -16.74 -36.20
N PHE MA 519 102.62 -16.73 -37.38
CA PHE MA 519 103.55 -15.69 -37.77
C PHE MA 519 102.97 -14.91 -38.95
N ALA MA 520 103.06 -13.59 -38.88
CA ALA MA 520 102.59 -12.73 -39.96
C ALA MA 520 103.56 -11.59 -40.18
N TYR MA 521 103.66 -11.14 -41.43
CA TYR MA 521 104.58 -10.08 -41.82
C TYR MA 521 104.01 -9.30 -43.00
N TYR MA 522 104.56 -8.12 -43.22
CA TYR MA 522 104.00 -7.17 -44.18
C TYR MA 522 105.04 -6.11 -44.50
N ARG MA 523 105.17 -5.78 -45.80
CA ARG MA 523 106.21 -4.88 -46.28
C ARG MA 523 105.59 -3.75 -47.08
N MET MA 524 106.01 -2.51 -46.79
CA MET MA 524 105.47 -1.33 -47.44
C MET MA 524 106.40 -0.15 -47.16
N GLY MA 525 106.33 0.86 -48.02
CA GLY MA 525 107.06 2.10 -47.82
C GLY MA 525 106.36 3.25 -48.49
N ALA MA 526 106.60 4.46 -47.97
CA ALA MA 526 105.98 5.65 -48.50
C ALA MA 526 106.85 6.87 -48.21
N ASP MA 527 106.72 7.90 -49.03
CA ASP MA 527 107.50 9.12 -48.87
C ASP MA 527 106.90 10.20 -49.77
N VAL MA 528 107.47 11.41 -49.65
CA VAL MA 528 107.04 12.57 -50.42
C VAL MA 528 108.09 12.85 -51.48
N VAL MA 529 107.64 13.14 -52.71
CA VAL MA 529 108.57 13.42 -53.80
C VAL MA 529 108.69 14.93 -54.03
N ASN MA 530 107.56 15.63 -54.06
CA ASN MA 530 107.56 17.06 -54.32
C ASN MA 530 106.94 17.81 -53.13
N PRO MA 531 107.75 18.38 -52.24
CA PRO MA 531 107.21 18.97 -51.02
C PRO MA 531 106.58 20.34 -51.20
N ASN MA 532 106.56 20.88 -52.42
CA ASN MA 532 106.03 22.21 -52.66
C ASN MA 532 104.57 22.19 -53.09
N ALA MA 533 103.95 21.02 -53.15
CA ALA MA 533 102.54 20.89 -53.50
C ALA MA 533 101.64 20.74 -52.28
N PHE MA 534 102.20 20.91 -51.08
CA PHE MA 534 101.44 20.85 -49.84
C PHE MA 534 101.64 22.14 -49.06
N ARG MA 535 100.78 22.34 -48.06
CA ARG MA 535 100.88 23.51 -47.18
C ARG MA 535 100.50 23.06 -45.77
N LEU MA 536 101.48 23.03 -44.88
CA LEU MA 536 101.27 22.67 -43.50
C LEU MA 536 101.16 23.92 -42.63
N LEU MA 537 100.23 23.88 -41.68
CA LEU MA 537 100.04 24.96 -40.72
C LEU MA 537 100.57 24.52 -39.37
N ASN MA 538 101.47 25.32 -38.80
CA ASN MA 538 102.09 25.02 -37.52
C ASN MA 538 101.68 26.07 -36.51
N VAL MA 539 101.10 25.64 -35.40
CA VAL MA 539 100.67 26.53 -34.33
C VAL MA 539 101.56 26.25 -33.14
N GLU MA 540 102.68 26.98 -33.04
CA GLU MA 540 103.64 26.78 -31.96
C GLU MA 540 103.28 27.68 -30.78
N THR MA 541 103.51 27.16 -29.57
CA THR MA 541 103.18 27.85 -28.34
C THR MA 541 104.44 27.95 -27.47
N ALA MA 542 104.62 29.10 -26.85
CA ALA MA 542 105.75 29.30 -25.95
C ALA MA 542 105.59 28.44 -24.70
N SER MA 543 106.73 27.99 -24.17
CA SER MA 543 106.75 27.16 -22.97
C SER MA 543 106.22 27.93 -21.75
N MET NA 251 122.89 -14.34 -45.06
CA MET NA 251 122.80 -13.59 -46.29
C MET NA 251 121.55 -12.71 -46.31
N GLY NA 252 121.74 -11.41 -46.13
CA GLY NA 252 120.62 -10.50 -46.05
C GLY NA 252 120.55 -9.50 -47.18
N LEU NA 253 119.93 -8.34 -46.94
CA LEU NA 253 119.82 -7.28 -47.93
C LEU NA 253 120.99 -6.32 -47.91
N THR NA 254 121.97 -6.52 -47.02
CA THR NA 254 123.15 -5.67 -47.01
C THR NA 254 123.85 -5.78 -48.35
N LYS NA 255 124.41 -4.66 -48.81
CA LYS NA 255 124.78 -4.53 -50.21
C LYS NA 255 125.85 -5.53 -50.60
N ALA NA 256 126.96 -5.55 -49.85
CA ALA NA 256 128.08 -6.43 -50.17
C ALA NA 256 127.78 -7.90 -49.92
N ASP NA 257 126.66 -8.23 -49.29
CA ASP NA 257 126.39 -9.61 -48.91
C ASP NA 257 125.19 -10.15 -49.67
N GLY NA 258 125.14 -9.86 -50.97
CA GLY NA 258 124.05 -10.31 -51.80
C GLY NA 258 123.10 -9.23 -52.27
N GLY NA 259 123.30 -7.98 -51.86
CA GLY NA 259 122.47 -6.92 -52.38
C GLY NA 259 122.86 -6.47 -53.76
N TYR NA 260 123.90 -7.06 -54.32
CA TYR NA 260 124.30 -6.77 -55.69
C TYR NA 260 123.42 -7.45 -56.71
N LEU NA 261 122.56 -8.38 -56.29
CA LEU NA 261 121.74 -9.14 -57.21
C LEU NA 261 120.35 -8.56 -57.41
N VAL NA 262 119.97 -7.52 -56.67
CA VAL NA 262 118.65 -6.92 -56.84
C VAL NA 262 118.69 -5.95 -58.03
N PRO NA 263 117.75 -6.05 -58.95
CA PRO NA 263 117.75 -5.12 -60.10
C PRO NA 263 117.46 -3.70 -59.66
N PHE NA 264 117.98 -2.75 -60.42
CA PHE NA 264 117.70 -1.35 -60.19
C PHE NA 264 116.35 -0.98 -60.82
N GLN NA 265 115.49 -0.33 -60.05
CA GLN NA 265 114.15 0.02 -60.49
C GLN NA 265 114.07 1.53 -60.65
N LEU NA 266 113.60 1.97 -61.82
CA LEU NA 266 113.54 3.38 -62.15
C LEU NA 266 112.30 3.65 -62.99
N ASP NA 267 111.66 4.78 -62.72
CA ASP NA 267 110.50 5.20 -63.49
C ASP NA 267 110.93 6.26 -64.50
N PRO NA 268 110.87 5.98 -65.80
CA PRO NA 268 111.40 6.94 -66.78
C PRO NA 268 110.69 8.27 -66.80
N THR NA 269 109.41 8.32 -66.40
CA THR NA 269 108.65 9.57 -66.48
C THR NA 269 109.25 10.61 -65.55
N VAL NA 270 109.09 11.88 -65.92
CA VAL NA 270 109.67 13.00 -65.19
C VAL NA 270 108.58 13.69 -64.38
N ILE NA 271 109.00 14.30 -63.28
CA ILE NA 271 108.11 15.08 -62.43
C ILE NA 271 108.55 16.54 -62.51
N ILE NA 272 107.64 17.41 -62.88
CA ILE NA 272 107.95 18.84 -63.06
C ILE NA 272 107.68 19.55 -61.74
N THR NA 273 108.75 19.89 -61.03
CA THR NA 273 108.63 20.57 -59.73
C THR NA 273 108.75 22.09 -59.91
N SER NA 274 107.86 22.63 -60.73
CA SER NA 274 107.82 24.07 -61.00
C SER NA 274 106.44 24.60 -60.66
N ASN NA 275 106.40 25.81 -60.11
CA ASN NA 275 105.12 26.42 -59.74
C ASN NA 275 104.28 26.69 -60.99
N GLY NA 276 104.91 27.13 -62.07
CA GLY NA 276 104.18 27.47 -63.27
C GLY NA 276 103.42 28.77 -63.13
N SER NA 277 102.53 29.01 -64.10
CA SER NA 277 101.72 30.23 -64.07
C SER NA 277 100.43 29.96 -64.84
N LEU NA 278 99.30 30.37 -64.25
CA LEU NA 278 97.99 30.25 -64.88
C LEU NA 278 97.49 31.66 -65.15
N ASN NA 279 97.54 32.07 -66.42
CA ASN NA 279 97.05 33.37 -66.84
C ASN NA 279 95.80 33.21 -67.68
N ASP NA 280 94.85 34.13 -67.50
CA ASP NA 280 93.57 34.08 -68.20
C ASP NA 280 93.36 35.28 -69.10
N ILE NA 281 94.43 36.04 -69.36
CA ILE NA 281 94.29 37.27 -70.15
C ILE NA 281 93.95 36.94 -71.60
N ARG NA 282 94.47 35.83 -72.13
CA ARG NA 282 94.26 35.52 -73.53
C ARG NA 282 92.82 35.14 -73.85
N ARG NA 283 92.06 34.67 -72.86
CA ARG NA 283 90.69 34.26 -73.11
C ARG NA 283 89.78 35.46 -73.34
N PHE NA 284 90.12 36.61 -72.78
CA PHE NA 284 89.34 37.83 -72.99
C PHE NA 284 89.97 38.79 -73.99
N ALA NA 285 91.24 38.59 -74.34
CA ALA NA 285 91.93 39.55 -75.19
C ALA NA 285 91.58 39.33 -76.66
N ARG NA 286 92.05 40.26 -77.50
CA ARG NA 286 91.86 40.21 -78.93
C ARG NA 286 93.21 39.90 -79.59
N GLN NA 287 93.21 38.94 -80.51
CA GLN NA 287 94.44 38.46 -81.14
C GLN NA 287 94.45 38.86 -82.61
N VAL NA 288 95.57 39.42 -83.06
CA VAL NA 288 95.77 39.80 -84.45
C VAL NA 288 97.04 39.15 -84.95
N VAL NA 289 97.13 38.95 -86.25
CA VAL NA 289 98.26 38.27 -86.88
C VAL NA 289 99.14 39.32 -87.55
N ALA NA 290 100.39 39.41 -87.11
CA ALA NA 290 101.33 40.37 -87.66
C ALA NA 290 102.08 39.78 -88.84
N THR NA 291 102.34 40.62 -89.83
CA THR NA 291 103.08 40.22 -91.03
C THR NA 291 104.48 40.82 -91.09
N GLY NA 292 104.62 42.11 -90.83
CA GLY NA 292 105.93 42.72 -90.81
C GLY NA 292 106.56 42.63 -89.43
N ASP NA 293 106.88 43.78 -88.84
CA ASP NA 293 107.40 43.81 -87.49
C ASP NA 293 106.68 44.80 -86.58
N VAL NA 294 105.83 45.66 -87.12
CA VAL NA 294 105.06 46.61 -86.32
C VAL NA 294 103.62 46.61 -86.82
N TRP NA 295 102.67 46.60 -85.90
CA TRP NA 295 101.26 46.59 -86.21
C TRP NA 295 100.68 47.99 -86.01
N HIS NA 296 99.94 48.47 -87.00
CA HIS NA 296 99.38 49.81 -86.97
C HIS NA 296 97.85 49.75 -87.10
N GLY NA 297 97.20 50.81 -86.61
CA GLY NA 297 95.76 50.93 -86.66
C GLY NA 297 95.37 52.39 -86.65
N VAL NA 298 94.06 52.62 -86.72
CA VAL NA 298 93.51 53.97 -86.71
C VAL NA 298 92.38 54.05 -85.69
N SER NA 299 92.14 55.26 -85.20
CA SER NA 299 91.10 55.51 -84.21
C SER NA 299 90.66 56.95 -84.31
N SER NA 300 89.44 57.24 -83.86
CA SER NA 300 88.90 58.59 -83.97
C SER NA 300 87.82 58.80 -82.92
N ALA NA 301 87.49 60.06 -82.68
CA ALA NA 301 86.38 60.43 -81.82
C ALA NA 301 85.13 60.63 -82.67
N ALA NA 302 84.08 61.18 -82.07
CA ALA NA 302 82.82 61.41 -82.76
C ALA NA 302 82.74 62.86 -83.23
N VAL NA 303 81.59 63.24 -83.79
CA VAL NA 303 81.37 64.57 -84.36
C VAL NA 303 80.54 65.39 -83.38
N GLN NA 304 81.00 66.62 -83.11
CA GLN NA 304 80.35 67.50 -82.15
C GLN NA 304 79.22 68.24 -82.85
N TRP NA 305 77.98 67.92 -82.50
CA TRP NA 305 76.82 68.61 -83.01
C TRP NA 305 76.56 69.87 -82.20
N SER NA 306 75.53 70.62 -82.58
CA SER NA 306 75.10 71.79 -81.82
C SER NA 306 73.67 72.11 -82.20
N TRP NA 307 73.01 72.89 -81.33
CA TRP NA 307 71.65 73.34 -81.57
C TRP NA 307 71.68 74.71 -82.22
N ASP NA 308 71.31 74.78 -83.49
CA ASP NA 308 71.37 76.01 -84.26
C ASP NA 308 69.97 76.59 -84.42
N ALA NA 309 69.94 77.86 -84.82
CA ALA NA 309 68.70 78.56 -85.13
C ALA NA 309 68.55 78.68 -86.64
N GLU NA 310 67.51 79.38 -87.08
CA GLU NA 310 67.27 79.57 -88.50
C GLU NA 310 68.35 80.46 -89.11
N PHE NA 311 68.78 80.11 -90.33
CA PHE NA 311 69.74 80.91 -91.08
C PHE NA 311 71.03 81.13 -90.29
N GLU NA 312 71.47 80.12 -89.56
CA GLU NA 312 72.69 80.18 -88.77
C GLU NA 312 73.73 79.29 -89.42
N GLU NA 313 74.87 79.88 -89.77
CA GLU NA 313 75.92 79.13 -90.45
C GLU NA 313 76.52 78.09 -89.52
N VAL NA 314 76.65 76.86 -90.02
CA VAL NA 314 77.13 75.75 -89.21
C VAL NA 314 78.61 75.93 -88.91
N SER NA 315 79.12 75.17 -87.94
CA SER NA 315 80.50 75.25 -87.51
C SER NA 315 81.25 74.02 -88.00
N ASP NA 316 82.48 74.23 -88.45
CA ASP NA 316 83.32 73.13 -88.93
C ASP NA 316 83.57 72.13 -87.81
N ASP NA 317 83.26 70.86 -88.08
CA ASP NA 317 83.33 69.79 -87.09
C ASP NA 317 84.10 68.59 -87.63
N SER NA 318 85.26 68.83 -88.24
CA SER NA 318 86.07 67.74 -88.74
C SER NA 318 86.68 66.97 -87.56
N PRO NA 319 86.54 65.65 -87.52
CA PRO NA 319 87.04 64.88 -86.37
C PRO NA 319 88.56 64.75 -86.40
N GLU NA 320 89.09 64.21 -85.31
CA GLU NA 320 90.51 63.99 -85.14
C GLU NA 320 90.82 62.50 -85.14
N PHE NA 321 91.99 62.15 -85.68
CA PHE NA 321 92.38 60.76 -85.87
C PHE NA 321 93.68 60.48 -85.13
N GLY NA 322 93.96 59.19 -84.94
CA GLY NA 322 95.18 58.75 -84.26
C GLY NA 322 95.60 57.40 -84.77
N GLN NA 323 96.85 57.05 -84.46
CA GLN NA 323 97.48 55.83 -84.97
C GLN NA 323 98.18 55.07 -83.85
N PRO NA 324 97.55 54.05 -83.29
CA PRO NA 324 98.25 53.18 -82.34
C PRO NA 324 99.34 52.37 -83.02
N GLU NA 325 100.39 52.07 -82.25
CA GLU NA 325 101.57 51.39 -82.77
C GLU NA 325 101.95 50.28 -81.82
N ILE NA 326 102.25 49.10 -82.37
CA ILE NA 326 102.59 47.92 -81.58
C ILE NA 326 103.89 47.34 -82.13
N PRO NA 327 105.00 47.46 -81.41
CA PRO NA 327 106.23 46.77 -81.82
C PRO NA 327 106.17 45.29 -81.51
N VAL NA 328 107.06 44.55 -82.17
CA VAL NA 328 107.17 43.10 -82.00
C VAL NA 328 108.58 42.80 -81.49
N LYS NA 329 108.66 42.04 -80.41
CA LYS NA 329 109.93 41.70 -79.77
C LYS NA 329 110.06 40.19 -79.66
N LYS NA 330 111.26 39.73 -79.35
CA LYS NA 330 111.59 38.32 -79.41
C LYS NA 330 112.16 37.81 -78.10
N ALA NA 331 111.96 36.52 -77.86
CA ALA NA 331 112.48 35.83 -76.69
C ALA NA 331 113.10 34.51 -77.13
N GLN NA 332 114.07 34.04 -76.35
CA GLN NA 332 114.82 32.85 -76.76
C GLN NA 332 115.35 32.12 -75.53
N GLY NA 333 115.68 30.85 -75.74
CA GLY NA 333 116.29 30.04 -74.71
C GLY NA 333 117.31 29.10 -75.33
N PHE NA 334 118.26 28.66 -74.49
CA PHE NA 334 119.38 27.88 -74.98
C PHE NA 334 119.82 26.88 -73.93
N VAL NA 335 120.02 25.64 -74.37
CA VAL NA 335 120.46 24.55 -73.49
C VAL NA 335 121.63 23.82 -74.13
N PRO NA 336 122.86 24.06 -73.69
CA PRO NA 336 123.99 23.28 -74.21
C PRO NA 336 123.92 21.83 -73.75
N ILE NA 337 124.43 20.93 -74.60
CA ILE NA 337 124.44 19.50 -74.32
C ILE NA 337 125.77 18.92 -74.78
N SER NA 338 126.29 17.99 -73.98
CA SER NA 338 127.52 17.29 -74.30
C SER NA 338 127.19 16.05 -75.13
N ILE NA 339 128.16 15.61 -75.93
CA ILE NA 339 127.93 14.48 -76.82
C ILE NA 339 127.72 13.19 -76.02
N GLU NA 340 128.43 13.04 -74.90
CA GLU NA 340 128.30 11.84 -74.09
C GLU NA 340 126.89 11.69 -73.56
N ALA NA 341 126.32 12.78 -73.05
CA ALA NA 341 124.96 12.74 -72.54
C ALA NA 341 123.98 12.41 -73.66
N LEU NA 342 124.17 12.99 -74.84
CA LEU NA 342 123.28 12.72 -75.96
C LEU NA 342 123.32 11.25 -76.36
N GLN NA 343 124.52 10.67 -76.42
CA GLN NA 343 124.65 9.29 -76.84
C GLN NA 343 124.25 8.29 -75.76
N ASP NA 344 124.36 8.67 -74.49
CA ASP NA 344 124.13 7.73 -73.39
C ASP NA 344 122.72 7.83 -72.83
N GLU NA 345 122.30 9.04 -72.45
CA GLU NA 345 121.00 9.22 -71.84
C GLU NA 345 119.89 8.98 -72.85
N ALA NA 346 118.78 8.39 -72.40
CA ALA NA 346 117.65 8.08 -73.25
C ALA NA 346 116.50 9.02 -72.93
N ASN NA 347 115.68 9.31 -73.93
CA ASN NA 347 114.51 10.18 -73.77
C ASN NA 347 114.94 11.56 -73.26
N VAL NA 348 115.75 12.23 -74.06
CA VAL NA 348 116.27 13.55 -73.70
C VAL NA 348 115.73 14.62 -74.63
N THR NA 349 115.53 14.29 -75.91
CA THR NA 349 115.15 15.29 -76.89
C THR NA 349 113.76 15.85 -76.61
N GLU NA 350 112.74 14.98 -76.65
CA GLU NA 350 111.40 15.44 -76.35
C GLU NA 350 111.26 15.85 -74.89
N THR NA 351 112.09 15.32 -74.00
CA THR NA 351 112.07 15.76 -72.61
C THR NA 351 112.40 17.25 -72.51
N VAL NA 352 113.53 17.65 -73.09
CA VAL NA 352 113.87 19.07 -73.05
C VAL NA 352 112.90 19.86 -73.92
N ALA NA 353 112.27 19.23 -74.90
CA ALA NA 353 111.23 19.92 -75.65
C ALA NA 353 110.08 20.32 -74.73
N LEU NA 354 109.62 19.41 -73.87
CA LEU NA 354 108.60 19.77 -72.89
C LEU NA 354 109.12 20.82 -71.92
N LEU NA 355 110.41 20.73 -71.56
CA LEU NA 355 110.96 21.76 -70.68
C LEU NA 355 110.90 23.14 -71.32
N PHE NA 356 111.27 23.24 -72.60
CA PHE NA 356 111.14 24.50 -73.33
C PHE NA 356 109.68 24.95 -73.40
N ALA NA 357 108.77 24.01 -73.62
CA ALA NA 357 107.35 24.39 -73.72
C ALA NA 357 106.85 24.98 -72.41
N GLU NA 358 107.21 24.36 -71.27
CA GLU NA 358 106.80 24.88 -69.98
C GLU NA 358 107.39 26.27 -69.72
N GLY NA 359 108.68 26.44 -70.02
CA GLY NA 359 109.29 27.75 -69.87
C GLY NA 359 108.63 28.80 -70.75
N LYS NA 360 108.30 28.43 -71.98
CA LYS NA 360 107.64 29.35 -72.90
C LYS NA 360 106.29 29.78 -72.37
N ASP NA 361 105.49 28.83 -71.89
CA ASP NA 361 104.18 29.16 -71.36
C ASP NA 361 104.30 30.07 -70.13
N GLU NA 362 105.22 29.76 -69.22
CA GLU NA 362 105.37 30.56 -68.02
C GLU NA 362 105.80 31.98 -68.36
N LEU NA 363 106.78 32.12 -69.27
CA LEU NA 363 107.23 33.44 -69.65
C LEU NA 363 106.11 34.24 -70.30
N GLU NA 364 105.34 33.61 -71.20
CA GLU NA 364 104.25 34.32 -71.85
C GLU NA 364 103.20 34.76 -70.83
N ALA NA 365 102.87 33.88 -69.89
CA ALA NA 365 101.85 34.21 -68.89
C ALA NA 365 102.31 35.38 -68.03
N VAL NA 366 103.57 35.39 -67.60
CA VAL NA 366 104.04 36.47 -66.75
C VAL NA 366 104.12 37.78 -67.53
N THR NA 367 104.65 37.73 -68.76
CA THR NA 367 104.91 38.96 -69.49
C THR NA 367 103.65 39.57 -70.08
N LEU NA 368 102.60 38.77 -70.29
CA LEU NA 368 101.34 39.35 -70.75
C LEU NA 368 100.64 40.13 -69.64
N THR NA 369 101.09 39.99 -68.39
CA THR NA 369 100.46 40.63 -67.26
C THR NA 369 101.31 41.75 -66.67
N THR NA 370 102.61 41.53 -66.52
CA THR NA 370 103.49 42.54 -65.93
C THR NA 370 104.70 42.81 -66.83
N GLY NA 371 104.44 43.02 -68.12
CA GLY NA 371 105.50 43.40 -69.02
C GLY NA 371 105.75 44.90 -69.00
N THR NA 372 106.99 45.28 -69.28
CA THR NA 372 107.40 46.68 -69.28
C THR NA 372 107.59 47.15 -70.71
N GLY NA 373 106.99 48.31 -71.03
CA GLY NA 373 107.05 48.79 -72.39
C GLY NA 373 108.45 49.11 -72.85
N GLN NA 374 109.20 49.84 -72.01
CA GLN NA 374 110.55 50.22 -72.38
C GLN NA 374 111.48 49.00 -72.31
N GLY NA 375 112.59 49.09 -73.02
CA GLY NA 375 113.57 48.02 -73.05
C GLY NA 375 113.32 47.08 -74.22
N ASN NA 376 113.34 45.79 -73.92
CA ASN NA 376 113.15 44.76 -74.95
C ASN NA 376 112.01 43.81 -74.58
N GLN NA 377 111.06 44.28 -73.77
CA GLN NA 377 109.91 43.49 -73.37
C GLN NA 377 108.63 44.06 -73.95
N PRO NA 378 107.62 43.23 -74.19
CA PRO NA 378 106.29 43.75 -74.56
C PRO NA 378 105.67 44.51 -73.40
N THR NA 379 104.62 45.25 -73.73
CA THR NA 379 103.95 46.12 -72.77
C THR NA 379 102.81 45.37 -72.11
N GLY NA 380 102.97 45.07 -70.82
CA GLY NA 380 101.90 44.45 -70.07
C GLY NA 380 100.77 45.41 -69.77
N ILE NA 381 99.59 44.84 -69.51
CA ILE NA 381 98.40 45.67 -69.32
C ILE NA 381 98.50 46.47 -68.02
N VAL NA 382 98.98 45.83 -66.95
CA VAL NA 382 99.07 46.52 -65.67
C VAL NA 382 100.04 47.70 -65.76
N THR NA 383 101.18 47.51 -66.43
CA THR NA 383 102.11 48.60 -66.61
C THR NA 383 101.57 49.64 -67.58
N ALA NA 384 100.81 49.22 -68.59
CA ALA NA 384 100.24 50.16 -69.54
C ALA NA 384 99.14 51.02 -68.94
N LEU NA 385 98.50 50.57 -67.87
CA LEU NA 385 97.43 51.33 -67.20
C LEU NA 385 97.95 52.09 -65.99
N ALA NA 386 99.26 52.31 -65.92
CA ALA NA 386 99.88 52.96 -64.77
C ALA NA 386 100.23 54.39 -65.12
N GLY NA 387 99.85 55.32 -64.23
CA GLY NA 387 100.12 56.73 -64.44
C GLY NA 387 99.14 57.41 -65.37
N THR NA 388 98.18 56.70 -65.91
CA THR NA 388 97.20 57.26 -66.83
C THR NA 388 95.96 57.66 -66.03
N ALA NA 389 94.90 58.08 -66.73
CA ALA NA 389 93.65 58.45 -66.10
C ALA NA 389 92.83 57.25 -65.64
N ALA NA 390 93.39 56.04 -65.73
CA ALA NA 390 92.70 54.82 -65.32
C ALA NA 390 93.11 54.36 -63.93
N GLU NA 391 93.92 55.14 -63.22
CA GLU NA 391 94.37 54.78 -61.88
C GLU NA 391 93.45 55.41 -60.85
N ILE NA 392 92.98 54.60 -59.90
CA ILE NA 392 92.03 55.02 -58.89
C ILE NA 392 92.66 54.89 -57.51
N ALA NA 393 92.50 55.91 -56.70
CA ALA NA 393 92.96 55.80 -55.33
C ALA NA 393 91.85 55.25 -54.43
N PRO NA 394 92.18 54.46 -53.42
CA PRO NA 394 91.15 53.93 -52.53
C PRO NA 394 90.54 55.02 -51.66
N VAL NA 395 89.38 54.70 -51.10
CA VAL NA 395 88.67 55.67 -50.26
C VAL NA 395 89.51 56.01 -49.03
N THR NA 396 90.06 55.00 -48.37
CA THR NA 396 90.92 55.19 -47.21
C THR NA 396 92.30 54.64 -47.54
N ALA NA 397 93.34 55.42 -47.22
CA ALA NA 397 94.69 55.06 -47.63
C ALA NA 397 95.14 53.75 -47.00
N GLU NA 398 95.84 52.93 -47.79
CA GLU NA 398 96.47 51.70 -47.32
C GLU NA 398 95.45 50.70 -46.79
N THR NA 399 94.22 50.76 -47.32
CA THR NA 399 93.17 49.84 -46.90
C THR NA 399 92.39 49.39 -48.11
N PHE NA 400 92.05 48.10 -48.15
CA PHE NA 400 91.22 47.52 -49.20
C PHE NA 400 89.86 47.22 -48.58
N ALA NA 401 88.85 48.01 -48.94
CA ALA NA 401 87.52 47.89 -48.38
C ALA NA 401 86.51 47.62 -49.49
N LEU NA 402 85.26 47.41 -49.07
CA LEU NA 402 84.20 47.08 -50.02
C LEU NA 402 83.94 48.22 -50.99
N ALA NA 403 84.20 49.47 -50.58
CA ALA NA 403 83.94 50.60 -51.46
C ALA NA 403 84.85 50.61 -52.68
N ASP NA 404 86.03 49.98 -52.57
CA ASP NA 404 86.98 49.99 -53.68
C ASP NA 404 86.44 49.23 -54.89
N VAL NA 405 85.82 48.08 -54.66
CA VAL NA 405 85.26 47.31 -55.77
C VAL NA 405 84.17 48.09 -56.47
N TYR NA 406 83.28 48.70 -55.70
CA TYR NA 406 82.20 49.48 -56.27
C TYR NA 406 82.75 50.68 -57.03
N ALA NA 407 83.79 51.32 -56.51
CA ALA NA 407 84.39 52.45 -57.20
C ALA NA 407 85.03 52.02 -58.52
N VAL NA 408 85.70 50.87 -58.53
CA VAL NA 408 86.34 50.40 -59.75
C VAL NA 408 85.31 50.08 -60.81
N TYR NA 409 84.28 49.31 -60.44
CA TYR NA 409 83.25 48.94 -61.40
C TYR NA 409 82.35 50.12 -61.78
N GLU NA 410 82.36 51.18 -60.96
CA GLU NA 410 81.33 52.20 -60.98
C GLU NA 410 81.68 53.40 -61.85
N GLN NA 411 82.97 53.63 -62.11
CA GLN NA 411 83.45 54.85 -62.73
C GLN NA 411 83.89 54.61 -64.18
N LEU NA 412 83.11 53.83 -64.91
CA LEU NA 412 83.41 53.49 -66.29
C LEU NA 412 82.19 53.76 -67.16
N ALA NA 413 82.43 54.08 -68.42
CA ALA NA 413 81.34 54.36 -69.34
C ALA NA 413 80.49 53.12 -69.59
N ALA NA 414 79.19 53.34 -69.81
CA ALA NA 414 78.27 52.22 -69.97
C ALA NA 414 78.55 51.42 -71.22
N ARG NA 415 79.17 52.03 -72.24
CA ARG NA 415 79.53 51.28 -73.44
C ARG NA 415 80.53 50.18 -73.10
N HIS NA 416 81.50 50.48 -72.25
CA HIS NA 416 82.50 49.50 -71.85
C HIS NA 416 82.09 48.74 -70.59
N ARG NA 417 81.24 49.32 -69.75
CA ARG NA 417 80.84 48.66 -68.52
C ARG NA 417 80.10 47.35 -68.78
N ARG NA 418 79.21 47.34 -69.75
CA ARG NA 418 78.39 46.17 -70.03
C ARG NA 418 79.17 45.04 -70.68
N GLN NA 419 80.41 45.27 -71.09
CA GLN NA 419 81.23 44.25 -71.72
C GLN NA 419 82.52 43.94 -70.97
N GLY NA 420 82.65 44.39 -69.73
CA GLY NA 420 83.90 44.25 -69.00
C GLY NA 420 84.04 42.90 -68.30
N ALA NA 421 85.22 42.70 -67.73
CA ALA NA 421 85.52 41.49 -66.98
C ALA NA 421 86.50 41.82 -65.87
N TRP NA 422 86.56 40.94 -64.87
CA TRP NA 422 87.43 41.12 -63.73
C TRP NA 422 88.68 40.27 -63.89
N LEU NA 423 89.79 40.74 -63.34
CA LEU NA 423 91.05 40.02 -63.40
C LEU NA 423 91.90 40.44 -62.21
N ALA NA 424 92.05 39.56 -61.23
CA ALA NA 424 92.84 39.85 -60.04
C ALA NA 424 93.40 38.54 -59.49
N ASN NA 425 94.42 38.67 -58.66
CA ASN NA 425 95.02 37.50 -58.03
C ASN NA 425 94.03 36.85 -57.06
N ASN NA 426 94.20 35.54 -56.87
CA ASN NA 426 93.26 34.78 -56.05
C ASN NA 426 93.24 35.29 -54.61
N LEU NA 427 94.34 35.85 -54.13
CA LEU NA 427 94.34 36.43 -52.79
C LEU NA 427 93.31 37.55 -52.69
N ILE NA 428 93.23 38.40 -53.71
CA ILE NA 428 92.30 39.52 -53.68
C ILE NA 428 90.86 39.00 -53.67
N TYR NA 429 90.58 37.97 -54.47
CA TYR NA 429 89.23 37.41 -54.47
C TYR NA 429 88.89 36.80 -53.11
N ASN NA 430 89.87 36.19 -52.46
CA ASN NA 430 89.64 35.67 -51.11
C ASN NA 430 89.35 36.79 -50.12
N LYS NA 431 90.08 37.91 -50.22
CA LYS NA 431 89.77 39.05 -49.36
C LYS NA 431 88.37 39.59 -49.63
N ILE NA 432 87.95 39.59 -50.91
CA ILE NA 432 86.58 39.96 -51.22
C ILE NA 432 85.61 39.00 -50.55
N ARG NA 433 85.97 37.72 -50.49
CA ARG NA 433 85.13 36.72 -49.86
C ARG NA 433 84.98 36.94 -48.36
N GLN NA 434 85.87 37.71 -47.74
CA GLN NA 434 85.84 37.94 -46.30
C GLN NA 434 85.17 39.26 -45.91
N PHE NA 435 84.69 40.05 -46.87
CA PHE NA 435 84.10 41.34 -46.53
C PHE NA 435 82.79 41.22 -45.77
N ASP NA 436 82.16 40.06 -45.77
CA ASP NA 436 80.90 39.87 -45.06
C ASP NA 436 81.16 39.31 -43.67
N THR NA 437 80.48 39.89 -42.69
CA THR NA 437 80.68 39.50 -41.30
C THR NA 437 79.35 39.12 -40.66
N GLN NA 438 78.26 39.73 -41.13
CA GLN NA 438 76.95 39.51 -40.55
C GLN NA 438 75.89 39.09 -41.57
N GLY NA 439 76.30 38.70 -42.77
CA GLY NA 439 75.34 38.23 -43.76
C GLY NA 439 74.56 39.31 -44.47
N GLY NA 440 75.16 40.49 -44.66
CA GLY NA 440 74.48 41.58 -45.34
C GLY NA 440 74.62 41.52 -46.84
N ALA NA 441 74.88 42.67 -47.46
CA ALA NA 441 75.10 42.73 -48.90
C ALA NA 441 76.47 42.20 -49.31
N GLY NA 442 77.37 41.96 -48.36
CA GLY NA 442 78.68 41.44 -48.66
C GLY NA 442 78.75 39.95 -48.90
N LEU NA 443 77.63 39.25 -48.82
CA LEU NA 443 77.58 37.81 -49.10
C LEU NA 443 77.76 37.59 -50.59
N TRP NA 444 78.93 37.10 -50.98
CA TRP NA 444 79.20 36.70 -52.36
C TRP NA 444 79.08 35.19 -52.55
N THR NA 445 79.59 34.40 -51.63
CA THR NA 445 79.36 32.97 -51.60
C THR NA 445 79.65 32.45 -50.20
N THR NA 446 79.07 31.30 -49.87
CA THR NA 446 79.24 30.72 -48.55
C THR NA 446 80.50 29.86 -48.51
N ILE NA 447 81.12 29.78 -47.33
CA ILE NA 447 82.26 28.89 -47.15
C ILE NA 447 81.81 27.46 -47.38
N GLY NA 448 82.62 26.69 -48.09
CA GLY NA 448 82.25 25.35 -48.48
C GLY NA 448 81.76 25.23 -49.90
N ASN NA 449 81.75 26.32 -50.66
CA ASN NA 449 81.38 26.31 -52.07
C ASN NA 449 82.59 26.67 -52.92
N GLY NA 450 82.46 26.44 -54.23
CA GLY NA 450 83.53 26.77 -55.14
C GLY NA 450 83.67 28.26 -55.37
N GLU NA 451 84.70 28.65 -56.11
CA GLU NA 451 84.89 30.06 -56.44
C GLU NA 451 83.79 30.49 -57.41
N PRO NA 452 83.08 31.59 -57.13
CA PRO NA 452 81.91 31.94 -57.95
C PRO NA 452 82.29 32.32 -59.37
N SER NA 453 81.38 32.05 -60.29
CA SER NA 453 81.60 32.27 -61.71
C SER NA 453 81.27 33.69 -62.17
N GLN NA 454 80.81 34.55 -61.27
CA GLN NA 454 80.51 35.93 -61.65
C GLN NA 454 80.53 36.81 -60.42
N LEU NA 455 80.92 38.07 -60.62
CA LEU NA 455 80.97 39.08 -59.57
C LEU NA 455 80.32 40.35 -60.11
N LEU NA 456 79.27 40.80 -59.42
CA LEU NA 456 78.45 41.93 -59.88
C LEU NA 456 77.89 41.68 -61.27
N GLY NA 457 77.53 40.44 -61.57
CA GLY NA 457 76.99 40.09 -62.87
C GLY NA 457 77.97 40.21 -64.01
N ARG NA 458 79.24 39.90 -63.78
CA ARG NA 458 80.26 39.97 -64.81
C ARG NA 458 81.23 38.82 -64.66
N PRO NA 459 81.87 38.39 -65.75
CA PRO NA 459 82.80 37.26 -65.67
C PRO NA 459 84.00 37.57 -64.78
N VAL NA 460 84.59 36.50 -64.25
CA VAL NA 460 85.71 36.59 -63.32
C VAL NA 460 86.91 35.85 -63.91
N GLY NA 461 88.06 36.50 -63.91
CA GLY NA 461 89.28 35.88 -64.40
C GLY NA 461 90.37 35.94 -63.36
N GLU NA 462 91.36 35.07 -63.54
CA GLU NA 462 92.46 34.93 -62.60
C GLU NA 462 93.80 35.13 -63.32
N ALA NA 463 94.76 35.70 -62.58
CA ALA NA 463 96.10 35.91 -63.13
C ALA NA 463 97.07 35.96 -61.95
N GLU NA 464 97.99 35.00 -61.90
CA GLU NA 464 98.92 34.92 -60.77
C GLU NA 464 99.84 36.13 -60.72
N ALA NA 465 100.31 36.61 -61.87
CA ALA NA 465 101.37 37.60 -61.87
C ALA NA 465 100.85 39.01 -61.62
N MET NA 466 100.05 39.19 -60.57
CA MET NA 466 99.61 40.51 -60.15
C MET NA 466 99.91 40.67 -58.67
N ASP NA 467 100.15 41.91 -58.26
CA ASP NA 467 100.46 42.18 -56.86
C ASP NA 467 99.28 41.77 -55.99
N ALA NA 468 99.60 41.23 -54.81
CA ALA NA 468 98.57 40.71 -53.92
C ALA NA 468 98.70 41.16 -52.48
N ASN NA 469 99.90 41.51 -52.01
CA ASN NA 469 100.11 41.90 -50.62
C ASN NA 469 100.81 43.25 -50.61
N TRP NA 470 100.23 44.21 -49.89
CA TRP NA 470 100.83 45.53 -49.73
C TRP NA 470 101.59 45.66 -48.41
N ASN NA 471 101.72 44.58 -47.66
CA ASN NA 471 102.44 44.57 -46.39
C ASN NA 471 103.85 43.99 -46.53
N THR NA 472 103.96 42.76 -47.05
CA THR NA 472 105.28 42.17 -47.25
C THR NA 472 105.98 42.73 -48.47
N SER NA 473 105.26 43.34 -49.40
CA SER NA 473 105.87 43.93 -50.57
C SER NA 473 106.65 45.20 -50.19
N ALA NA 474 107.76 45.42 -50.89
CA ALA NA 474 108.59 46.59 -50.67
C ALA NA 474 108.34 47.71 -51.67
N SER NA 475 107.32 47.56 -52.52
CA SER NA 475 107.03 48.54 -53.56
C SER NA 475 105.80 49.35 -53.19
N ALA NA 476 105.87 50.65 -53.41
CA ALA NA 476 104.74 51.52 -53.12
C ALA NA 476 103.54 51.18 -53.99
N ASP NA 477 103.77 50.97 -55.28
CA ASP NA 477 102.68 50.67 -56.20
C ASP NA 477 102.18 49.26 -55.97
N ASN NA 478 100.87 49.12 -55.82
CA ASN NA 478 100.26 47.85 -55.41
C ASN NA 478 99.01 47.55 -56.24
N PHE NA 479 99.14 47.63 -57.57
CA PHE NA 479 98.04 47.26 -58.46
C PHE NA 479 97.55 45.85 -58.15
N VAL NA 480 96.30 45.76 -57.68
CA VAL NA 480 95.73 44.48 -57.27
C VAL NA 480 94.48 44.13 -58.08
N LEU NA 481 93.63 45.12 -58.38
CA LEU NA 481 92.32 44.86 -58.97
C LEU NA 481 92.20 45.57 -60.31
N LEU NA 482 91.56 44.90 -61.26
CA LEU NA 482 91.38 45.43 -62.61
C LEU NA 482 90.00 45.08 -63.13
N TYR NA 483 89.39 46.03 -63.85
CA TYR NA 483 88.13 45.79 -64.53
C TYR NA 483 88.09 46.66 -65.77
N GLY NA 484 87.57 46.12 -66.86
CA GLY NA 484 87.45 46.88 -68.09
C GLY NA 484 87.15 45.96 -69.26
N ASN NA 485 86.95 46.61 -70.41
CA ASN NA 485 86.68 45.90 -71.66
C ASN NA 485 88.00 45.39 -72.23
N PHE NA 486 88.22 44.08 -72.14
CA PHE NA 486 89.45 43.50 -72.66
C PHE NA 486 89.48 43.45 -74.19
N GLN NA 487 88.37 43.80 -74.84
CA GLN NA 487 88.34 43.87 -76.30
C GLN NA 487 89.34 44.88 -76.85
N ASN NA 488 89.72 45.90 -76.07
CA ASN NA 488 90.62 46.94 -76.52
C ASN NA 488 92.08 46.63 -76.23
N TYR NA 489 92.38 45.42 -75.75
CA TYR NA 489 93.75 44.98 -75.53
C TYR NA 489 94.13 44.01 -76.64
N VAL NA 490 95.11 44.39 -77.45
CA VAL NA 490 95.47 43.66 -78.66
C VAL NA 490 96.85 43.05 -78.47
N ILE NA 491 96.99 41.77 -78.81
CA ILE NA 491 98.27 41.09 -78.82
C ILE NA 491 98.52 40.57 -80.23
N ALA NA 492 99.75 40.72 -80.71
CA ALA NA 492 100.13 40.31 -82.05
C ALA NA 492 101.02 39.07 -81.98
N ASP NA 493 100.66 38.04 -82.73
CA ASP NA 493 101.42 36.80 -82.77
C ASP NA 493 101.94 36.58 -84.19
N ARG NA 494 103.26 36.38 -84.30
CA ARG NA 494 103.91 36.23 -85.59
C ARG NA 494 104.52 34.86 -85.79
N ILE NA 495 105.19 34.31 -84.78
CA ILE NA 495 105.86 33.02 -84.88
C ILE NA 495 105.41 32.14 -83.72
N GLY NA 496 105.21 30.85 -84.01
CA GLY NA 496 105.05 29.87 -82.96
C GLY NA 496 106.35 29.65 -82.21
N MET NA 497 106.52 28.49 -81.59
CA MET NA 497 107.77 28.17 -80.90
C MET NA 497 108.57 27.24 -81.80
N THR NA 498 109.76 27.67 -82.19
CA THR NA 498 110.62 26.93 -83.11
C THR NA 498 111.93 26.57 -82.43
N VAL NA 499 112.49 25.41 -82.77
CA VAL NA 499 113.72 24.91 -82.17
C VAL NA 499 114.68 24.53 -83.28
N GLU NA 500 115.93 25.00 -83.16
CA GLU NA 500 117.01 24.60 -84.04
C GLU NA 500 118.06 23.82 -83.26
N PHE NA 501 118.97 23.20 -83.99
CA PHE NA 501 119.96 22.29 -83.41
C PHE NA 501 121.34 22.67 -83.91
N ILE NA 502 122.23 23.01 -82.98
CA ILE NA 502 123.59 23.46 -83.32
C ILE NA 502 124.47 22.22 -83.41
N PRO NA 503 125.04 21.91 -84.57
CA PRO NA 503 125.89 20.72 -84.68
C PRO NA 503 127.13 20.77 -83.80
N HIS NA 504 127.73 21.94 -83.61
CA HIS NA 504 129.00 22.02 -82.92
C HIS NA 504 129.09 23.30 -82.10
N LEU NA 505 129.90 23.25 -81.04
CA LEU NA 505 130.17 24.41 -80.21
C LEU NA 505 131.67 24.51 -79.99
N PHE NA 506 132.15 25.74 -79.87
CA PHE NA 506 133.58 26.01 -79.77
C PHE NA 506 133.92 26.48 -78.36
N GLY NA 507 135.22 26.62 -78.10
CA GLY NA 507 135.69 26.97 -76.77
C GLY NA 507 136.51 28.23 -76.72
N THR NA 508 137.38 28.33 -75.71
CA THR NA 508 138.15 29.55 -75.50
C THR NA 508 139.08 29.83 -76.67
N ASN NA 509 139.73 28.79 -77.19
CA ASN NA 509 140.70 28.94 -78.27
C ASN NA 509 140.09 28.68 -79.64
N ARG NA 510 138.78 28.84 -79.78
CA ARG NA 510 138.08 28.66 -81.04
C ARG NA 510 138.29 27.25 -81.59
N ARG NA 511 138.27 26.26 -80.72
CA ARG NA 511 138.41 24.87 -81.11
C ARG NA 511 137.23 24.06 -80.58
N PRO NA 512 136.84 23.00 -81.26
CA PRO NA 512 135.71 22.19 -80.80
C PRO NA 512 135.95 21.60 -79.43
N ASN NA 513 134.87 21.50 -78.64
CA ASN NA 513 134.93 20.89 -77.31
C ASN NA 513 133.95 19.74 -77.15
N GLY NA 514 133.44 19.20 -78.26
CA GLY NA 514 132.55 18.06 -78.21
C GLY NA 514 131.24 18.31 -77.50
N SER NA 515 130.59 19.43 -77.82
CA SER NA 515 129.32 19.80 -77.21
C SER NA 515 128.35 20.29 -78.28
N ARG NA 516 127.07 20.07 -78.03
CA ARG NA 516 126.00 20.52 -78.91
C ARG NA 516 125.03 21.37 -78.10
N GLY NA 517 123.95 21.82 -78.75
CA GLY NA 517 123.00 22.68 -78.06
C GLY NA 517 121.72 22.84 -78.81
N TRP NA 518 120.69 23.26 -78.08
CA TRP NA 518 119.35 23.50 -78.62
C TRP NA 518 119.05 24.99 -78.57
N PHE NA 519 118.65 25.55 -79.70
CA PHE NA 519 118.32 26.96 -79.80
C PHE NA 519 116.85 27.10 -80.17
N ALA NA 520 116.12 27.87 -79.39
CA ALA NA 520 114.69 28.09 -79.59
C ALA NA 520 114.37 29.56 -79.45
N TYR NA 521 113.50 30.07 -80.32
CA TYR NA 521 113.17 31.49 -80.30
C TYR NA 521 111.67 31.66 -80.48
N TYR NA 522 111.20 32.88 -80.21
CA TYR NA 522 109.80 33.24 -80.12
C TYR NA 522 109.67 34.74 -80.36
N ARG NA 523 108.61 35.15 -81.06
CA ARG NA 523 108.31 36.56 -81.26
C ARG NA 523 106.83 36.82 -80.97
N MET NA 524 106.55 37.93 -80.28
CA MET NA 524 105.19 38.32 -79.95
C MET NA 524 105.21 39.79 -79.56
N GLY NA 525 104.03 40.41 -79.57
CA GLY NA 525 103.90 41.81 -79.16
C GLY NA 525 102.53 42.09 -78.61
N ALA NA 526 102.47 43.07 -77.71
CA ALA NA 526 101.22 43.40 -77.05
C ALA NA 526 101.22 44.88 -76.70
N ASP NA 527 100.02 45.46 -76.62
CA ASP NA 527 99.85 46.86 -76.23
C ASP NA 527 98.38 47.10 -75.94
N VAL NA 528 98.08 48.28 -75.40
CA VAL NA 528 96.73 48.72 -75.10
C VAL NA 528 96.32 49.78 -76.11
N VAL NA 529 95.14 49.63 -76.69
CA VAL NA 529 94.66 50.58 -77.68
C VAL NA 529 93.96 51.77 -77.04
N ASN NA 530 92.99 51.51 -76.17
CA ASN NA 530 92.19 52.56 -75.53
C ASN NA 530 92.49 52.61 -74.04
N PRO NA 531 93.00 53.72 -73.50
CA PRO NA 531 93.29 53.79 -72.08
C PRO NA 531 92.08 54.10 -71.20
N ASN NA 532 90.94 54.47 -71.76
CA ASN NA 532 89.75 54.78 -70.98
C ASN NA 532 88.77 53.62 -70.91
N ALA NA 533 89.16 52.44 -71.37
CA ALA NA 533 88.32 51.26 -71.30
C ALA NA 533 88.69 50.33 -70.15
N PHE NA 534 89.51 50.80 -69.22
CA PHE NA 534 89.93 50.02 -68.06
C PHE NA 534 89.95 50.92 -66.83
N ARG NA 535 90.00 50.29 -65.66
CA ARG NA 535 90.16 51.02 -64.41
C ARG NA 535 91.06 50.21 -63.49
N LEU NA 536 92.07 50.87 -62.92
CA LEU NA 536 93.07 50.20 -62.10
C LEU NA 536 93.08 50.81 -60.70
N LEU NA 537 93.27 49.94 -59.71
CA LEU NA 537 93.29 50.32 -58.31
C LEU NA 537 94.68 50.11 -57.74
N ASN NA 538 95.22 51.14 -57.09
CA ASN NA 538 96.52 51.08 -56.45
C ASN NA 538 96.35 51.39 -54.97
N VAL NA 539 96.73 50.44 -54.12
CA VAL NA 539 96.77 50.67 -52.68
C VAL NA 539 98.17 51.19 -52.37
N GLU NA 540 98.34 52.50 -52.52
CA GLU NA 540 99.66 53.10 -52.32
C GLU NA 540 99.97 53.14 -50.82
N THR NA 541 101.22 52.87 -50.48
CA THR NA 541 101.62 52.57 -49.11
C THR NA 541 102.76 53.48 -48.65
N ALA NA 542 102.59 54.79 -48.86
CA ALA NA 542 103.60 55.77 -48.45
C ALA NA 542 103.97 55.62 -46.98
N SER NA 543 105.23 55.27 -46.72
CA SER NA 543 105.76 55.11 -45.37
C SER NA 543 104.95 54.11 -44.55
N MET OA 251 123.28 44.19 -90.48
CA MET OA 251 122.05 44.50 -91.20
C MET OA 251 120.84 43.89 -90.50
N GLY OA 252 119.95 44.75 -90.01
CA GLY OA 252 118.82 44.29 -89.23
C GLY OA 252 117.54 45.07 -89.43
N LEU OA 253 116.79 45.28 -88.35
CA LEU OA 253 115.48 45.91 -88.43
C LEU OA 253 115.54 47.42 -88.53
N THR OA 254 116.69 48.04 -88.23
CA THR OA 254 116.80 49.48 -88.36
C THR OA 254 116.63 49.88 -89.82
N LYS OA 255 116.00 51.04 -90.04
CA LYS OA 255 115.66 51.45 -91.39
C LYS OA 255 116.89 51.56 -92.27
N ALA OA 256 117.90 52.31 -91.81
CA ALA OA 256 119.07 52.61 -92.63
C ALA OA 256 119.86 51.36 -93.01
N ASP OA 257 119.64 50.24 -92.33
CA ASP OA 257 120.29 48.98 -92.65
C ASP OA 257 119.19 47.98 -93.03
N GLY OA 258 118.78 48.03 -94.29
CA GLY OA 258 117.80 47.10 -94.82
C GLY OA 258 116.38 47.31 -94.37
N GLY OA 259 116.14 48.13 -93.34
CA GLY OA 259 114.80 48.21 -92.78
C GLY OA 259 113.77 48.79 -93.72
N TYR OA 260 114.22 49.48 -94.76
CA TYR OA 260 113.29 50.08 -95.71
C TYR OA 260 112.60 49.03 -96.58
N LEU OA 261 113.10 47.79 -96.57
CA LEU OA 261 112.45 46.74 -97.34
C LEU OA 261 111.27 46.12 -96.62
N VAL OA 262 111.11 46.38 -95.32
CA VAL OA 262 110.00 45.78 -94.57
C VAL OA 262 108.69 46.41 -95.04
N PRO OA 263 107.66 45.60 -95.31
CA PRO OA 263 106.37 46.18 -95.76
C PRO OA 263 105.65 46.91 -94.63
N PHE OA 264 104.47 47.43 -94.93
CA PHE OA 264 103.69 48.21 -93.96
C PHE OA 264 102.33 47.55 -93.82
N GLN OA 265 101.93 47.26 -92.58
CA GLN OA 265 100.64 46.66 -92.28
C GLN OA 265 99.75 47.68 -91.59
N LEU OA 266 98.53 47.82 -92.08
CA LEU OA 266 97.57 48.78 -91.56
C LEU OA 266 96.20 48.12 -91.42
N ASP OA 267 95.50 48.45 -90.34
CA ASP OA 267 94.14 47.98 -90.12
C ASP OA 267 93.16 49.08 -90.48
N PRO OA 268 92.41 48.95 -91.57
CA PRO OA 268 91.55 50.06 -92.00
C PRO OA 268 90.36 50.32 -91.07
N THR OA 269 90.00 49.35 -90.24
CA THR OA 269 88.86 49.53 -89.34
C THR OA 269 89.14 50.63 -88.33
N VAL OA 270 88.17 51.51 -88.14
CA VAL OA 270 88.30 52.60 -87.19
C VAL OA 270 87.97 52.09 -85.79
N ILE OA 271 88.50 52.78 -84.79
CA ILE OA 271 88.28 52.43 -83.39
C ILE OA 271 87.66 53.65 -82.71
N ILE OA 272 86.50 53.45 -82.11
CA ILE OA 272 85.82 54.55 -81.44
C ILE OA 272 86.43 54.79 -80.08
N THR OA 273 86.83 56.03 -79.81
CA THR OA 273 87.43 56.38 -78.53
C THR OA 273 86.62 57.48 -77.85
N SER OA 274 85.29 57.44 -77.99
CA SER OA 274 84.41 58.44 -77.40
C SER OA 274 83.59 57.77 -76.30
N ASN OA 275 83.42 58.47 -75.18
CA ASN OA 275 82.71 57.89 -74.05
C ASN OA 275 81.25 57.60 -74.39
N GLY OA 276 80.58 58.51 -75.08
CA GLY OA 276 79.17 58.37 -75.35
C GLY OA 276 78.32 58.68 -74.14
N SER OA 277 77.03 58.41 -74.26
CA SER OA 277 76.09 58.61 -73.17
C SER OA 277 74.90 57.68 -73.33
N LEU OA 278 74.40 57.16 -72.21
CA LEU OA 278 73.27 56.25 -72.20
C LEU OA 278 72.14 56.88 -71.39
N ASN OA 279 70.94 56.88 -71.96
CA ASN OA 279 69.78 57.47 -71.33
C ASN OA 279 68.56 56.57 -71.53
N ASP OA 280 67.75 56.44 -70.47
CA ASP OA 280 66.53 55.65 -70.52
C ASP OA 280 65.27 56.49 -70.36
N ILE OA 281 65.36 57.81 -70.56
CA ILE OA 281 64.20 58.66 -70.37
C ILE OA 281 63.15 58.38 -71.43
N ARG OA 282 63.58 58.00 -72.63
CA ARG OA 282 62.63 57.70 -73.70
C ARG OA 282 61.76 56.48 -73.38
N ARG OA 283 62.23 55.59 -72.50
CA ARG OA 283 61.43 54.43 -72.15
C ARG OA 283 60.22 54.79 -71.30
N PHE OA 284 60.25 55.93 -70.62
CA PHE OA 284 59.18 56.34 -69.71
C PHE OA 284 58.41 57.55 -70.19
N ALA OA 285 59.00 58.40 -71.02
CA ALA OA 285 58.36 59.63 -71.43
C ALA OA 285 57.26 59.36 -72.45
N ARG OA 286 56.46 60.38 -72.71
CA ARG OA 286 55.36 60.31 -73.67
C ARG OA 286 55.79 61.04 -74.93
N GLN OA 287 55.79 60.32 -76.06
CA GLN OA 287 56.17 60.89 -77.34
C GLN OA 287 54.93 61.29 -78.12
N VAL OA 288 54.91 62.54 -78.60
CA VAL OA 288 53.85 63.03 -79.46
C VAL OA 288 54.48 63.54 -80.75
N VAL OA 289 53.76 63.38 -81.86
CA VAL OA 289 54.26 63.82 -83.15
C VAL OA 289 53.85 65.26 -83.38
N ALA OA 290 54.81 66.08 -83.79
CA ALA OA 290 54.56 67.48 -84.07
C ALA OA 290 54.41 67.68 -85.57
N THR OA 291 53.29 68.28 -85.99
CA THR OA 291 53.01 68.52 -87.39
C THR OA 291 53.25 69.97 -87.79
N GLY OA 292 54.03 70.70 -87.01
CA GLY OA 292 54.29 72.09 -87.31
C GLY OA 292 55.43 72.68 -86.52
N ASP OA 293 55.25 73.93 -86.05
CA ASP OA 293 56.31 74.64 -85.35
C ASP OA 293 56.17 74.51 -83.83
N VAL OA 294 54.95 74.63 -83.31
CA VAL OA 294 54.70 74.61 -81.88
C VAL OA 294 53.55 73.65 -81.59
N TRP OA 295 53.69 72.88 -80.51
CA TRP OA 295 52.68 71.93 -80.07
C TRP OA 295 52.05 72.46 -78.79
N HIS OA 296 50.73 72.60 -78.79
CA HIS OA 296 50.00 73.24 -77.70
C HIS OA 296 49.14 72.22 -76.95
N GLY OA 297 48.74 72.59 -75.74
CA GLY OA 297 47.90 71.76 -74.90
C GLY OA 297 47.06 72.63 -73.98
N VAL OA 298 46.22 71.99 -73.17
CA VAL OA 298 45.35 72.68 -72.23
C VAL OA 298 45.54 72.07 -70.84
N SER OA 299 45.65 72.94 -69.83
CA SER OA 299 45.75 72.48 -68.45
C SER OA 299 44.91 73.37 -67.57
N SER OA 300 44.43 72.81 -66.47
CA SER OA 300 43.52 73.52 -65.56
C SER OA 300 43.54 72.82 -64.21
N ALA OA 301 42.60 73.20 -63.35
CA ALA OA 301 42.42 72.62 -62.03
C ALA OA 301 40.94 72.39 -61.79
N ALA OA 302 40.61 71.84 -60.62
CA ALA OA 302 39.24 71.50 -60.28
C ALA OA 302 38.52 72.67 -59.62
N VAL OA 303 37.33 72.39 -59.11
CA VAL OA 303 36.47 73.39 -58.48
C VAL OA 303 36.55 73.22 -56.97
N GLN OA 304 36.77 74.32 -56.26
CA GLN OA 304 36.93 74.30 -54.81
C GLN OA 304 35.58 74.51 -54.14
N TRP OA 305 35.16 73.53 -53.35
CA TRP OA 305 33.88 73.60 -52.63
C TRP OA 305 34.08 74.21 -51.25
N SER OA 306 32.97 74.41 -50.55
CA SER OA 306 32.99 74.99 -49.22
C SER OA 306 31.79 74.49 -48.43
N TRP OA 307 31.96 74.39 -47.12
CA TRP OA 307 30.87 73.99 -46.24
C TRP OA 307 30.03 75.21 -45.85
N ASP OA 308 28.95 75.46 -46.56
CA ASP OA 308 28.12 76.64 -46.32
C ASP OA 308 26.96 76.33 -45.39
N ALA OA 309 26.43 77.39 -44.78
CA ALA OA 309 25.32 77.31 -43.83
C ALA OA 309 24.03 77.73 -44.52
N GLU OA 310 22.96 77.78 -43.73
CA GLU OA 310 21.65 78.13 -44.27
C GLU OA 310 21.63 79.61 -44.66
N PHE OA 311 21.06 79.88 -45.84
CA PHE OA 311 20.92 81.25 -46.35
C PHE OA 311 22.27 81.96 -46.40
N GLU OA 312 23.22 81.36 -47.11
CA GLU OA 312 24.55 81.92 -47.27
C GLU OA 312 24.90 81.99 -48.75
N GLU OA 313 25.51 83.10 -49.16
CA GLU OA 313 25.93 83.27 -50.54
C GLU OA 313 26.98 82.24 -50.92
N VAL OA 314 26.86 81.69 -52.12
CA VAL OA 314 27.91 80.85 -52.67
C VAL OA 314 29.06 81.73 -53.14
N SER OA 315 30.22 81.10 -53.30
CA SER OA 315 31.43 81.78 -53.75
C SER OA 315 31.69 81.47 -55.21
N ASP OA 316 32.16 82.48 -55.95
CA ASP OA 316 32.50 82.31 -57.36
C ASP OA 316 33.66 81.34 -57.49
N ASP OA 317 33.44 80.25 -58.24
CA ASP OA 317 34.39 79.13 -58.26
C ASP OA 317 34.84 78.81 -59.69
N SER OA 318 35.04 79.82 -60.52
CA SER OA 318 35.49 79.59 -61.89
C SER OA 318 36.95 79.14 -61.89
N PRO OA 319 37.28 78.00 -62.49
CA PRO OA 319 38.67 77.54 -62.49
C PRO OA 319 39.50 78.22 -63.57
N GLU OA 320 40.81 78.28 -63.33
CA GLU OA 320 41.74 78.86 -64.28
C GLU OA 320 42.26 77.80 -65.25
N PHE OA 321 42.63 78.25 -66.45
CA PHE OA 321 43.13 77.36 -67.49
C PHE OA 321 44.52 77.80 -67.94
N GLY OA 322 45.34 76.81 -68.29
CA GLY OA 322 46.68 77.08 -68.76
C GLY OA 322 46.96 76.33 -70.05
N GLN OA 323 47.90 76.87 -70.82
CA GLN OA 323 48.26 76.32 -72.13
C GLN OA 323 49.76 76.05 -72.18
N PRO OA 324 50.18 74.82 -71.93
CA PRO OA 324 51.60 74.48 -72.11
C PRO OA 324 52.01 74.65 -73.57
N GLU OA 325 53.23 75.17 -73.76
CA GLU OA 325 53.71 75.52 -75.08
C GLU OA 325 55.08 74.92 -75.31
N ILE OA 326 55.29 74.29 -76.45
CA ILE OA 326 56.54 73.61 -76.75
C ILE OA 326 57.05 74.00 -78.13
N PRO OA 327 58.13 74.78 -78.22
CA PRO OA 327 58.72 75.06 -79.52
C PRO OA 327 59.57 73.89 -80.02
N VAL OA 328 59.74 73.83 -81.33
CA VAL OA 328 60.55 72.80 -81.97
C VAL OA 328 61.84 73.45 -82.47
N LYS OA 329 62.98 72.88 -82.07
CA LYS OA 329 64.28 73.45 -82.37
C LYS OA 329 65.03 72.57 -83.37
N LYS OA 330 66.24 73.00 -83.70
CA LYS OA 330 67.03 72.38 -84.76
C LYS OA 330 68.44 72.10 -84.27
N ALA OA 331 69.01 71.00 -84.75
CA ALA OA 331 70.39 70.64 -84.46
C ALA OA 331 71.04 70.12 -85.73
N GLN OA 332 72.22 70.64 -86.05
CA GLN OA 332 72.87 70.26 -87.30
C GLN OA 332 74.37 70.24 -87.11
N GLY OA 333 75.03 69.44 -87.95
CA GLY OA 333 76.48 69.34 -87.95
C GLY OA 333 77.00 69.34 -89.36
N PHE OA 334 78.33 69.45 -89.47
CA PHE OA 334 78.97 69.62 -90.76
C PHE OA 334 80.39 69.10 -90.71
N VAL OA 335 80.87 68.60 -91.84
CA VAL OA 335 82.26 68.14 -91.95
C VAL OA 335 82.72 68.23 -93.40
N PRO OA 336 83.63 69.13 -93.72
CA PRO OA 336 84.13 69.23 -95.09
C PRO OA 336 85.30 68.29 -95.34
N ILE OA 337 85.42 67.85 -96.60
CA ILE OA 337 86.47 66.94 -97.02
C ILE OA 337 87.07 67.47 -98.31
N SER OA 338 88.40 67.38 -98.41
CA SER OA 338 89.08 67.78 -99.63
C SER OA 338 88.91 66.72 -100.72
N ILE OA 339 89.17 67.12 -101.96
CA ILE OA 339 89.02 66.20 -103.09
C ILE OA 339 90.00 65.04 -102.98
N GLU OA 340 91.25 65.34 -102.62
CA GLU OA 340 92.28 64.30 -102.53
C GLU OA 340 91.93 63.27 -101.46
N ALA OA 341 91.37 63.71 -100.34
CA ALA OA 341 90.98 62.77 -99.30
C ALA OA 341 89.90 61.82 -99.79
N LEU OA 342 88.93 62.33 -100.54
CA LEU OA 342 87.91 61.46 -101.12
C LEU OA 342 88.51 60.50 -102.14
N GLN OA 343 89.47 60.98 -102.92
CA GLN OA 343 90.07 60.17 -103.98
C GLN OA 343 91.01 59.10 -103.44
N ASP OA 344 91.61 59.31 -102.27
CA ASP OA 344 92.64 58.43 -101.75
C ASP OA 344 92.17 57.54 -100.61
N GLU OA 345 91.66 58.15 -99.54
CA GLU OA 345 91.24 57.38 -98.37
C GLU OA 345 90.01 56.55 -98.69
N ALA OA 346 90.01 55.30 -98.21
CA ALA OA 346 89.01 54.33 -98.60
C ALA OA 346 87.88 54.25 -97.57
N ASN OA 347 86.65 54.12 -98.08
CA ASN OA 347 85.46 53.94 -97.25
C ASN OA 347 85.32 55.07 -96.23
N VAL OA 348 85.53 56.29 -96.69
CA VAL OA 348 85.39 57.46 -95.80
C VAL OA 348 83.94 57.68 -95.45
N THR OA 349 83.03 57.46 -96.41
CA THR OA 349 81.64 57.82 -96.22
C THR OA 349 80.99 57.03 -95.09
N GLU OA 350 81.26 55.73 -95.02
CA GLU OA 350 80.67 54.92 -93.95
C GLU OA 350 81.18 55.37 -92.59
N THR OA 351 82.48 55.64 -92.48
CA THR OA 351 83.04 56.12 -91.23
C THR OA 351 82.39 57.43 -90.81
N VAL OA 352 82.24 58.35 -91.76
CA VAL OA 352 81.62 59.64 -91.45
C VAL OA 352 80.17 59.46 -91.01
N ALA OA 353 79.44 58.55 -91.66
CA ALA OA 353 78.05 58.31 -91.27
C ALA OA 353 77.97 57.75 -89.85
N LEU OA 354 78.85 56.81 -89.51
CA LEU OA 354 78.86 56.27 -88.15
C LEU OA 354 79.20 57.35 -87.14
N LEU OA 355 80.18 58.20 -87.45
CA LEU OA 355 80.54 59.27 -86.53
C LEU OA 355 79.38 60.24 -86.35
N PHE OA 356 78.66 60.54 -87.43
CA PHE OA 356 77.48 61.39 -87.33
C PHE OA 356 76.44 60.78 -86.42
N ALA OA 357 76.19 59.48 -86.56
CA ALA OA 357 75.19 58.82 -85.73
C ALA OA 357 75.58 58.86 -84.25
N GLU OA 358 76.84 58.56 -83.95
CA GLU OA 358 77.28 58.59 -82.56
C GLU OA 358 77.21 60.00 -81.98
N GLY OA 359 77.60 61.00 -82.78
CA GLY OA 359 77.50 62.37 -82.30
C GLY OA 359 76.07 62.79 -82.01
N LYS OA 360 75.14 62.41 -82.90
CA LYS OA 360 73.73 62.73 -82.67
C LYS OA 360 73.23 62.07 -81.40
N ASP OA 361 73.57 60.79 -81.20
CA ASP OA 361 73.09 60.10 -80.00
C ASP OA 361 73.65 60.75 -78.73
N GLU OA 362 74.95 61.07 -78.75
CA GLU OA 362 75.58 61.67 -77.58
C GLU OA 362 74.98 63.05 -77.29
N LEU OA 363 74.70 63.84 -78.32
CA LEU OA 363 74.07 65.14 -78.10
C LEU OA 363 72.67 64.99 -77.53
N GLU OA 364 71.85 64.12 -78.11
CA GLU OA 364 70.46 64.02 -77.71
C GLU OA 364 70.33 63.48 -76.28
N ALA OA 365 71.17 62.52 -75.92
CA ALA OA 365 71.09 61.96 -74.57
C ALA OA 365 71.33 63.02 -73.51
N VAL OA 366 72.34 63.87 -73.73
CA VAL OA 366 72.61 64.93 -72.78
C VAL OA 366 71.52 65.99 -72.81
N THR OA 367 71.03 66.33 -74.02
CA THR OA 367 70.05 67.40 -74.13
C THR OA 367 68.74 67.04 -73.44
N LEU OA 368 68.28 65.79 -73.57
CA LEU OA 368 67.02 65.41 -72.95
C LEU OA 368 67.09 65.47 -71.43
N THR OA 369 68.28 65.39 -70.85
CA THR OA 369 68.44 65.43 -69.40
C THR OA 369 68.64 66.84 -68.86
N THR OA 370 69.61 67.59 -69.41
CA THR OA 370 69.93 68.92 -68.91
C THR OA 370 69.99 69.85 -70.11
N GLY OA 371 68.87 70.49 -70.41
CA GLY OA 371 68.78 71.46 -71.49
C GLY OA 371 68.51 72.84 -70.93
N THR OA 372 69.17 73.84 -71.49
CA THR OA 372 69.04 75.20 -70.97
C THR OA 372 67.63 75.75 -71.13
N GLY OA 373 66.91 75.32 -72.16
CA GLY OA 373 65.57 75.82 -72.40
C GLY OA 373 65.50 77.21 -72.98
N GLN OA 374 66.64 77.87 -73.20
CA GLN OA 374 66.71 79.19 -73.78
C GLN OA 374 67.47 79.11 -75.09
N GLY OA 375 67.37 80.18 -75.89
CA GLY OA 375 68.04 80.21 -77.17
C GLY OA 375 67.49 79.18 -78.12
N ASN OA 376 68.26 78.13 -78.39
CA ASN OA 376 67.87 77.11 -79.34
C ASN OA 376 67.85 75.71 -78.72
N GLN OA 377 67.88 75.61 -77.40
CA GLN OA 377 67.97 74.32 -76.74
C GLN OA 377 66.64 73.94 -76.10
N PRO OA 378 66.16 72.72 -76.33
CA PRO OA 378 64.95 72.26 -75.64
C PRO OA 378 65.19 72.06 -74.15
N THR OA 379 64.12 72.20 -73.38
CA THR OA 379 64.21 72.12 -71.93
C THR OA 379 64.42 70.67 -71.49
N GLY OA 380 65.32 70.48 -70.52
CA GLY OA 380 65.57 69.17 -69.96
C GLY OA 380 64.80 68.95 -68.67
N ILE OA 381 64.64 67.68 -68.31
CA ILE OA 381 63.87 67.34 -67.12
C ILE OA 381 64.53 67.86 -65.87
N VAL OA 382 65.86 67.87 -65.83
CA VAL OA 382 66.56 68.34 -64.64
C VAL OA 382 66.44 69.84 -64.48
N THR OA 383 66.62 70.58 -65.58
CA THR OA 383 66.54 72.05 -65.49
C THR OA 383 65.13 72.52 -65.24
N ALA OA 384 64.13 71.89 -65.87
CA ALA OA 384 62.75 72.31 -65.67
C ALA OA 384 62.27 72.05 -64.25
N LEU OA 385 62.98 71.22 -63.49
CA LEU OA 385 62.64 70.93 -62.11
C LEU OA 385 63.59 71.59 -61.12
N ALA OA 386 64.16 72.74 -61.49
CA ALA OA 386 65.05 73.50 -60.62
C ALA OA 386 64.36 74.78 -60.21
N GLY OA 387 64.28 75.02 -58.89
CA GLY OA 387 63.55 76.15 -58.37
C GLY OA 387 62.07 75.92 -58.21
N THR OA 388 61.55 74.82 -58.73
CA THR OA 388 60.14 74.49 -58.57
C THR OA 388 59.94 73.82 -57.21
N ALA OA 389 58.68 73.65 -56.81
CA ALA OA 389 58.39 72.98 -55.56
C ALA OA 389 58.79 71.51 -55.60
N ALA OA 390 59.10 70.98 -56.77
CA ALA OA 390 59.47 69.57 -56.89
C ALA OA 390 60.73 69.25 -56.11
N GLU OA 391 61.72 70.13 -56.14
CA GLU OA 391 62.98 69.85 -55.44
C GLU OA 391 62.76 69.86 -53.94
N ILE OA 392 63.51 69.02 -53.23
CA ILE OA 392 63.47 68.92 -51.78
C ILE OA 392 64.89 69.07 -51.24
N ALA OA 393 65.02 68.90 -49.94
CA ALA OA 393 66.30 68.99 -49.25
C ALA OA 393 66.58 67.70 -48.51
N PRO OA 394 67.85 67.34 -48.34
CA PRO OA 394 68.18 66.11 -47.62
C PRO OA 394 67.83 66.22 -46.14
N VAL OA 395 67.76 65.05 -45.50
CA VAL OA 395 67.46 65.02 -44.07
C VAL OA 395 68.52 65.77 -43.28
N THR OA 396 69.78 65.54 -43.61
CA THR OA 396 70.90 66.25 -43.02
C THR OA 396 71.76 66.85 -44.12
N ALA OA 397 72.52 67.87 -43.76
CA ALA OA 397 73.26 68.64 -44.74
C ALA OA 397 74.40 67.84 -45.35
N GLU OA 398 74.52 67.88 -46.67
CA GLU OA 398 75.66 67.31 -47.40
C GLU OA 398 75.85 65.83 -47.09
N THR OA 399 74.75 65.07 -47.14
CA THR OA 399 74.82 63.64 -46.89
C THR OA 399 73.69 62.94 -47.60
N PHE OA 400 73.98 61.77 -48.16
CA PHE OA 400 72.98 60.90 -48.77
C PHE OA 400 72.75 59.72 -47.84
N ALA OA 401 71.52 59.57 -47.35
CA ALA OA 401 71.18 58.52 -46.41
C ALA OA 401 69.99 57.71 -46.93
N LEU OA 402 69.72 56.61 -46.24
CA LEU OA 402 68.60 55.76 -46.64
C LEU OA 402 67.28 56.48 -46.54
N ALA OA 403 67.13 57.39 -45.57
CA ALA OA 403 65.88 58.11 -45.42
C ALA OA 403 65.60 59.05 -46.59
N ASP OA 404 66.64 59.42 -47.35
CA ASP OA 404 66.44 60.30 -48.51
C ASP OA 404 65.58 59.63 -49.57
N VAL OA 405 65.83 58.36 -49.84
CA VAL OA 405 65.05 57.63 -50.84
C VAL OA 405 63.58 57.57 -50.43
N TYR OA 406 63.34 57.24 -49.16
CA TYR OA 406 61.97 57.16 -48.67
C TYR OA 406 61.30 58.52 -48.73
N ALA OA 407 62.02 59.59 -48.39
CA ALA OA 407 61.45 60.93 -48.45
C ALA OA 407 61.05 61.29 -49.88
N VAL OA 408 61.94 61.03 -50.84
CA VAL OA 408 61.63 61.30 -52.24
C VAL OA 408 60.41 60.50 -52.67
N TYR OA 409 60.33 59.24 -52.25
CA TYR OA 409 59.21 58.40 -52.65
C TYR OA 409 57.90 58.88 -52.07
N GLU OA 410 57.91 59.34 -50.82
CA GLU OA 410 56.67 59.61 -50.09
C GLU OA 410 56.16 61.04 -50.25
N GLN OA 411 57.04 62.01 -50.52
CA GLN OA 411 56.58 63.39 -50.63
C GLN OA 411 55.70 63.60 -51.86
N LEU OA 412 55.74 62.70 -52.83
CA LEU OA 412 54.89 62.81 -54.01
C LEU OA 412 53.43 62.60 -53.63
N ALA OA 413 52.55 63.21 -54.42
CA ALA OA 413 51.12 62.97 -54.24
C ALA OA 413 50.77 61.53 -54.59
N ALA OA 414 49.73 61.02 -53.93
CA ALA OA 414 49.37 59.61 -54.10
C ALA OA 414 48.90 59.31 -55.52
N ARG OA 415 48.31 60.29 -56.20
CA ARG OA 415 47.84 60.04 -57.57
C ARG OA 415 49.00 59.74 -58.51
N HIS OA 416 50.10 60.47 -58.38
CA HIS OA 416 51.24 60.29 -59.26
C HIS OA 416 52.21 59.22 -58.78
N ARG OA 417 52.22 58.93 -57.48
CA ARG OA 417 53.18 57.96 -56.94
C ARG OA 417 52.94 56.58 -57.53
N ARG OA 418 51.67 56.22 -57.73
CA ARG OA 418 51.34 54.90 -58.29
C ARG OA 418 51.80 54.73 -59.73
N GLN OA 419 52.19 55.81 -60.40
CA GLN OA 419 52.71 55.75 -61.76
C GLN OA 419 54.08 56.42 -61.84
N GLY OA 420 54.91 56.18 -60.83
CA GLY OA 420 56.21 56.82 -60.77
C GLY OA 420 57.35 55.91 -61.17
N ALA OA 421 58.43 56.49 -61.68
CA ALA OA 421 59.61 55.74 -62.09
C ALA OA 421 60.85 56.46 -61.57
N TRP OA 422 61.90 55.68 -61.36
CA TRP OA 422 63.17 56.19 -60.86
C TRP OA 422 64.12 56.42 -62.04
N LEU OA 423 64.96 57.45 -61.91
CA LEU OA 423 65.92 57.76 -62.97
C LEU OA 423 67.09 58.52 -62.35
N ALA OA 424 68.25 57.87 -62.29
CA ALA OA 424 69.43 58.45 -61.68
C ALA OA 424 70.67 57.77 -62.27
N ASN OA 425 71.83 58.30 -61.92
CA ASN OA 425 73.10 57.76 -62.40
C ASN OA 425 73.47 56.48 -61.65
N ASN OA 426 74.42 55.75 -62.20
CA ASN OA 426 74.85 54.50 -61.57
C ASN OA 426 75.50 54.73 -60.22
N LEU OA 427 76.11 55.90 -60.03
CA LEU OA 427 76.73 56.21 -58.74
C LEU OA 427 75.71 56.14 -57.61
N ILE OA 428 74.58 56.82 -57.78
CA ILE OA 428 73.57 56.86 -56.72
C ILE OA 428 73.02 55.47 -56.46
N TYR OA 429 72.74 54.71 -57.52
CA TYR OA 429 72.22 53.35 -57.34
C TYR OA 429 73.19 52.49 -56.55
N ASN OA 430 74.48 52.56 -56.88
CA ASN OA 430 75.45 51.75 -56.15
C ASN OA 430 75.59 52.22 -54.71
N LYS OA 431 75.43 53.52 -54.45
CA LYS OA 431 75.41 54.00 -53.07
C LYS OA 431 74.22 53.42 -52.31
N ILE OA 432 73.05 53.34 -52.94
CA ILE OA 432 71.91 52.68 -52.31
C ILE OA 432 72.24 51.22 -52.04
N ARG OA 433 72.93 50.57 -52.98
CA ARG OA 433 73.27 49.16 -52.82
C ARG OA 433 74.20 48.91 -51.63
N GLN OA 434 74.88 49.95 -51.14
CA GLN OA 434 75.83 49.81 -50.04
C GLN OA 434 75.22 50.11 -48.68
N PHE OA 435 73.94 50.45 -48.60
CA PHE OA 435 73.35 50.85 -47.32
C PHE OA 435 73.33 49.69 -46.33
N ASP OA 436 72.84 48.53 -46.75
CA ASP OA 436 72.71 47.40 -45.85
C ASP OA 436 74.06 46.73 -45.62
N THR OA 437 74.39 46.54 -44.35
CA THR OA 437 75.61 45.83 -43.96
C THR OA 437 75.36 44.68 -43.00
N GLN OA 438 74.19 44.61 -42.36
CA GLN OA 438 73.88 43.53 -41.43
C GLN OA 438 72.68 42.71 -41.90
N GLY OA 439 72.33 42.78 -43.18
CA GLY OA 439 71.21 42.03 -43.70
C GLY OA 439 69.86 42.47 -43.17
N GLY OA 440 69.63 43.77 -43.08
CA GLY OA 440 68.37 44.28 -42.58
C GLY OA 440 67.34 44.50 -43.67
N ALA OA 441 66.46 45.48 -43.46
CA ALA OA 441 65.43 45.81 -44.44
C ALA OA 441 65.96 46.60 -45.62
N GLY OA 442 67.18 47.12 -45.53
CA GLY OA 442 67.79 47.84 -46.62
C GLY OA 442 68.45 47.00 -47.67
N LEU OA 443 68.35 45.68 -47.55
CA LEU OA 443 68.96 44.78 -48.53
C LEU OA 443 68.22 44.88 -49.86
N TRP OA 444 68.91 45.41 -50.86
CA TRP OA 444 68.39 45.43 -52.22
C TRP OA 444 68.78 44.18 -53.00
N THR OA 445 70.08 43.86 -53.04
CA THR OA 445 70.55 42.64 -53.65
C THR OA 445 71.94 42.35 -53.13
N THR OA 446 72.31 41.07 -53.11
CA THR OA 446 73.64 40.68 -52.67
C THR OA 446 74.68 41.03 -53.73
N ILE OA 447 75.93 41.17 -53.28
CA ILE OA 447 77.02 41.34 -54.23
C ILE OA 447 77.18 40.06 -55.04
N GLY OA 448 77.66 40.19 -56.27
CA GLY OA 448 77.72 39.08 -57.19
C GLY OA 448 76.53 38.95 -58.09
N ASN OA 449 75.62 39.92 -58.08
CA ASN OA 449 74.44 39.92 -58.92
C ASN OA 449 74.42 41.16 -59.81
N GLY OA 450 73.50 41.16 -60.77
CA GLY OA 450 73.37 42.27 -61.67
C GLY OA 450 72.61 43.43 -61.03
N GLU OA 451 72.34 44.43 -61.87
CA GLU OA 451 71.56 45.57 -61.44
C GLU OA 451 70.10 45.14 -61.27
N PRO OA 452 69.50 45.39 -60.10
CA PRO OA 452 68.09 45.05 -59.92
C PRO OA 452 67.18 45.86 -60.84
N SER OA 453 66.06 45.22 -61.20
CA SER OA 453 65.14 45.79 -62.19
C SER OA 453 63.93 46.49 -61.58
N GLN OA 454 63.84 46.58 -60.26
CA GLN OA 454 62.70 47.20 -59.62
C GLN OA 454 63.09 47.69 -58.23
N LEU OA 455 62.60 48.87 -57.87
CA LEU OA 455 62.87 49.44 -56.56
C LEU OA 455 61.57 49.97 -55.98
N LEU OA 456 61.22 49.50 -54.78
CA LEU OA 456 59.99 49.89 -54.09
C LEU OA 456 58.77 49.62 -54.96
N GLY OA 457 58.81 48.52 -55.70
CA GLY OA 457 57.71 48.17 -56.59
C GLY OA 457 57.60 49.01 -57.84
N ARG OA 458 58.62 49.81 -58.15
CA ARG OA 458 58.58 50.72 -59.29
C ARG OA 458 59.73 50.44 -60.24
N PRO OA 459 59.56 50.74 -61.53
CA PRO OA 459 60.64 50.54 -62.49
C PRO OA 459 61.82 51.46 -62.22
N VAL OA 460 62.98 51.03 -62.68
CA VAL OA 460 64.24 51.73 -62.44
C VAL OA 460 64.82 52.17 -63.78
N GLY OA 461 65.20 53.45 -63.88
CA GLY OA 461 65.82 53.96 -65.07
C GLY OA 461 67.20 54.52 -64.76
N GLU OA 462 68.02 54.58 -65.79
CA GLU OA 462 69.41 55.00 -65.67
C GLU OA 462 69.72 56.09 -66.67
N ALA OA 463 70.56 57.03 -66.27
CA ALA OA 463 70.97 58.14 -67.14
C ALA OA 463 72.33 58.64 -66.69
N GLU OA 464 73.28 58.72 -67.61
CA GLU OA 464 74.62 59.17 -67.27
C GLU OA 464 74.76 60.69 -67.19
N ALA OA 465 73.78 61.44 -67.69
CA ALA OA 465 73.96 62.87 -67.81
C ALA OA 465 73.78 63.64 -66.51
N MET OA 466 73.16 63.04 -65.50
CA MET OA 466 72.96 63.77 -64.26
C MET OA 466 74.22 63.72 -63.39
N ASP OA 467 74.18 64.47 -62.29
CA ASP OA 467 75.33 64.56 -61.40
C ASP OA 467 75.64 63.20 -60.80
N ALA OA 468 76.94 62.94 -60.61
CA ALA OA 468 77.41 61.67 -60.09
C ALA OA 468 77.93 61.80 -58.66
N ASN OA 469 78.84 62.72 -58.42
CA ASN OA 469 79.43 62.89 -57.09
C ASN OA 469 79.43 64.37 -56.79
N TRP OA 470 79.14 64.73 -55.54
CA TRP OA 470 78.97 66.13 -55.17
C TRP OA 470 80.23 66.76 -54.58
N ASN OA 471 80.96 66.07 -53.70
CA ASN OA 471 82.07 66.74 -53.02
C ASN OA 471 83.20 67.08 -53.99
N THR OA 472 83.50 66.17 -54.92
CA THR OA 472 84.51 66.42 -55.93
C THR OA 472 84.07 67.43 -56.98
N SER OA 473 82.78 67.47 -57.32
CA SER OA 473 82.29 68.43 -58.29
C SER OA 473 82.33 69.84 -57.71
N ALA OA 474 82.76 70.79 -58.55
CA ALA OA 474 82.87 72.20 -58.15
C ALA OA 474 81.58 72.91 -58.51
N SER OA 475 80.52 72.58 -57.77
CA SER OA 475 79.21 73.17 -57.98
C SER OA 475 78.48 73.26 -56.66
N ALA OA 476 77.51 74.17 -56.59
CA ALA OA 476 76.74 74.34 -55.37
C ALA OA 476 75.63 73.30 -55.25
N ASP OA 477 74.72 73.28 -56.22
CA ASP OA 477 73.64 72.30 -56.19
C ASP OA 477 74.08 71.02 -56.89
N ASN OA 478 73.48 69.91 -56.45
CA ASN OA 478 73.82 68.58 -56.97
C ASN OA 478 72.53 67.76 -57.06
N PHE OA 479 71.91 67.79 -58.24
CA PHE OA 479 70.70 67.02 -58.49
C PHE OA 479 71.10 65.58 -58.79
N VAL OA 480 70.78 64.66 -57.88
CA VAL OA 480 71.27 63.30 -57.97
C VAL OA 480 70.17 62.26 -58.11
N LEU OA 481 68.98 62.49 -57.55
CA LEU OA 481 67.91 61.50 -57.59
C LEU OA 481 66.64 62.16 -58.07
N LEU OA 482 65.88 61.44 -58.90
CA LEU OA 482 64.66 61.97 -59.49
C LEU OA 482 63.62 60.86 -59.55
N TYR OA 483 62.42 61.16 -59.08
CA TYR OA 483 61.30 60.24 -59.12
C TYR OA 483 60.04 61.02 -59.43
N GLY OA 484 59.21 60.48 -60.32
CA GLY OA 484 57.97 61.15 -60.66
C GLY OA 484 57.22 60.40 -61.75
N ASN OA 485 56.05 60.94 -62.07
CA ASN OA 485 55.23 60.38 -63.14
C ASN OA 485 55.69 60.99 -64.46
N PHE OA 486 56.15 60.14 -65.37
CA PHE OA 486 56.76 60.62 -66.60
C PHE OA 486 55.76 60.87 -67.72
N GLN OA 487 54.47 60.63 -67.48
CA GLN OA 487 53.47 61.02 -68.46
C GLN OA 487 53.31 62.53 -68.57
N ASN OA 488 53.89 63.29 -67.65
CA ASN OA 488 53.87 64.75 -67.70
C ASN OA 488 55.11 65.33 -68.38
N TYR OA 489 55.98 64.48 -68.90
CA TYR OA 489 57.11 64.91 -69.72
C TYR OA 489 56.87 64.43 -71.14
N VAL OA 490 56.88 65.35 -72.09
CA VAL OA 490 56.50 65.07 -73.46
C VAL OA 490 57.63 65.45 -74.40
N ILE OA 491 57.85 64.60 -75.41
CA ILE OA 491 58.88 64.80 -76.41
C ILE OA 491 58.19 65.00 -77.75
N ALA OA 492 58.45 66.14 -78.38
CA ALA OA 492 57.88 66.45 -79.68
C ALA OA 492 58.97 66.33 -80.73
N ASP OA 493 58.74 65.47 -81.73
CA ASP OA 493 59.69 65.23 -82.80
C ASP OA 493 59.04 65.54 -84.14
N ARG OA 494 59.80 66.16 -85.03
CA ARG OA 494 59.29 66.60 -86.33
C ARG OA 494 59.92 65.81 -87.47
N ILE OA 495 61.24 65.77 -87.56
CA ILE OA 495 61.94 65.03 -88.61
C ILE OA 495 63.08 64.24 -87.98
N GLY OA 496 63.45 63.15 -88.64
CA GLY OA 496 64.53 62.31 -88.17
C GLY OA 496 65.87 62.77 -88.70
N MET OA 497 66.88 61.94 -88.48
CA MET OA 497 68.23 62.22 -88.95
C MET OA 497 68.29 62.11 -90.47
N THR OA 498 68.84 63.14 -91.11
CA THR OA 498 69.03 63.16 -92.55
C THR OA 498 70.44 63.64 -92.88
N VAL OA 499 71.05 63.01 -93.86
CA VAL OA 499 72.39 63.36 -94.31
C VAL OA 499 72.33 63.70 -95.80
N GLU OA 500 72.87 64.86 -96.17
CA GLU OA 500 72.90 65.30 -97.55
C GLU OA 500 74.33 65.62 -97.96
N PHE OA 501 74.61 65.42 -99.24
CA PHE OA 501 75.95 65.61 -99.79
C PHE OA 501 75.99 66.89 -100.61
N ILE OA 502 77.01 67.69 -100.39
CA ILE OA 502 77.22 68.94 -101.13
C ILE OA 502 78.25 68.67 -102.22
N PRO OA 503 77.86 68.70 -103.51
CA PRO OA 503 78.84 68.39 -104.56
C PRO OA 503 80.03 69.33 -104.60
N HIS OA 504 79.83 70.61 -104.27
CA HIS OA 504 80.88 71.59 -104.51
C HIS OA 504 80.79 72.68 -103.45
N LEU OA 505 81.92 73.01 -102.84
CA LEU OA 505 82.04 74.18 -101.99
C LEU OA 505 82.73 75.30 -102.76
N PHE OA 506 82.77 76.48 -102.14
CA PHE OA 506 83.29 77.68 -102.80
C PHE OA 506 84.29 78.38 -101.89
N GLY OA 507 85.12 79.20 -102.50
CA GLY OA 507 86.17 79.93 -101.80
C GLY OA 507 85.72 81.30 -101.33
N THR OA 508 86.70 82.13 -100.99
CA THR OA 508 86.40 83.47 -100.50
C THR OA 508 85.85 84.35 -101.62
N ASN OA 509 86.40 84.22 -102.83
CA ASN OA 509 86.00 85.05 -103.96
C ASN OA 509 84.94 84.38 -104.83
N ARG OA 510 84.10 83.53 -104.24
CA ARG OA 510 82.97 82.90 -104.93
C ARG OA 510 83.42 82.07 -106.13
N ARG OA 511 84.52 81.34 -105.98
CA ARG OA 511 85.01 80.41 -106.99
C ARG OA 511 85.30 79.08 -106.32
N PRO OA 512 85.28 77.98 -107.08
CA PRO OA 512 85.57 76.68 -106.49
C PRO OA 512 86.96 76.61 -105.89
N ASN OA 513 87.08 75.86 -104.80
CA ASN OA 513 88.35 75.64 -104.12
C ASN OA 513 88.67 74.16 -103.93
N GLY OA 514 87.95 73.27 -104.60
CA GLY OA 514 88.24 71.85 -104.56
C GLY OA 514 87.96 71.21 -103.22
N SER OA 515 86.75 71.38 -102.70
CA SER OA 515 86.37 70.78 -101.44
C SER OA 515 84.91 70.37 -101.49
N ARG OA 516 84.56 69.40 -100.65
CA ARG OA 516 83.20 68.87 -100.59
C ARG OA 516 82.85 68.63 -99.12
N GLY OA 517 81.56 68.48 -98.85
CA GLY OA 517 81.13 68.33 -97.47
C GLY OA 517 79.83 67.55 -97.35
N TRP OA 518 79.53 67.17 -96.12
CA TRP OA 518 78.30 66.49 -95.75
C TRP OA 518 77.51 67.38 -94.80
N PHE OA 519 76.23 67.56 -95.09
CA PHE OA 519 75.34 68.37 -94.28
C PHE OA 519 74.31 67.47 -93.63
N ALA OA 520 74.13 67.60 -92.32
CA ALA OA 520 73.18 66.80 -91.58
C ALA OA 520 72.51 67.65 -90.51
N TYR OA 521 71.21 67.44 -90.31
CA TYR OA 521 70.44 68.23 -89.37
C TYR OA 521 69.45 67.33 -88.64
N TYR OA 522 68.73 67.93 -87.69
CA TYR OA 522 67.80 67.21 -86.82
C TYR OA 522 66.84 68.21 -86.20
N ARG OA 523 65.59 67.77 -86.01
CA ARG OA 523 64.57 68.62 -85.42
C ARG OA 523 63.87 67.86 -84.29
N MET OA 524 63.86 68.46 -83.10
CA MET OA 524 63.25 67.85 -81.92
C MET OA 524 62.97 68.93 -80.90
N GLY OA 525 62.06 68.63 -79.97
CA GLY OA 525 61.75 69.54 -78.88
C GLY OA 525 61.03 68.85 -77.75
N ALA OA 526 61.23 69.32 -76.53
CA ALA OA 526 60.59 68.71 -75.37
C ALA OA 526 60.50 69.71 -74.24
N ASP OA 527 59.57 69.47 -73.32
CA ASP OA 527 59.34 70.34 -72.18
C ASP OA 527 58.46 69.57 -71.19
N VAL OA 528 58.31 70.15 -69.99
CA VAL OA 528 57.52 69.56 -68.91
C VAL OA 528 56.17 70.26 -68.88
N VAL OA 529 55.09 69.49 -68.87
CA VAL OA 529 53.77 70.09 -68.81
C VAL OA 529 53.36 70.41 -67.37
N ASN OA 530 53.54 69.48 -66.44
CA ASN OA 530 53.16 69.68 -65.05
C ASN OA 530 54.37 69.40 -64.16
N PRO OA 531 54.97 70.43 -63.57
CA PRO OA 531 56.16 70.24 -62.73
C PRO OA 531 55.88 69.76 -61.31
N ASN OA 532 54.62 69.49 -60.97
CA ASN OA 532 54.25 69.10 -59.62
C ASN OA 532 54.20 67.58 -59.44
N ALA OA 533 54.53 66.82 -60.47
CA ALA OA 533 54.47 65.36 -60.40
C ALA OA 533 55.84 64.73 -60.17
N PHE OA 534 56.84 65.51 -59.77
CA PHE OA 534 58.18 65.00 -59.57
C PHE OA 534 58.69 65.43 -58.19
N ARG OA 535 59.69 64.70 -57.70
CA ARG OA 535 60.26 64.91 -56.39
C ARG OA 535 61.78 64.90 -56.45
N LEU OA 536 62.35 65.69 -57.36
CA LEU OA 536 63.79 65.74 -57.56
C LEU OA 536 64.51 66.08 -56.27
N LEU OA 537 65.66 65.43 -56.07
CA LEU OA 537 66.47 65.61 -54.87
C LEU OA 537 67.70 66.45 -55.18
N ASN OA 538 68.02 67.38 -54.29
CA ASN OA 538 69.19 68.24 -54.44
C ASN OA 538 70.05 68.14 -53.19
N VAL OA 539 71.29 67.71 -53.35
CA VAL OA 539 72.27 67.69 -52.27
C VAL OA 539 73.08 68.96 -52.40
N GLU OA 540 72.60 70.04 -51.79
CA GLU OA 540 73.24 71.33 -51.90
C GLU OA 540 74.41 71.40 -50.93
N THR OA 541 75.59 71.76 -51.44
CA THR OA 541 76.81 71.84 -50.64
C THR OA 541 77.21 73.30 -50.48
N ALA OA 542 77.80 73.61 -49.33
CA ALA OA 542 78.27 74.96 -49.07
C ALA OA 542 79.63 75.19 -49.71
N SER OA 543 80.14 76.40 -49.57
CA SER OA 543 81.44 76.76 -50.12
C SER OA 543 82.56 75.98 -49.45
N MET PA 251 177.53 27.92 -119.28
CA MET PA 251 176.17 27.46 -119.06
C MET PA 251 176.17 26.11 -118.35
N GLY PA 252 175.91 26.13 -117.04
CA GLY PA 252 175.96 24.94 -116.22
C GLY PA 252 174.64 24.68 -115.53
N LEU PA 253 174.73 24.09 -114.34
CA LEU PA 253 173.53 23.71 -113.58
C LEU PA 253 173.08 24.78 -112.60
N THR PA 254 173.82 25.87 -112.46
CA THR PA 254 173.37 26.97 -111.62
C THR PA 254 172.11 27.59 -112.22
N LYS PA 255 171.28 28.19 -111.35
CA LYS PA 255 169.96 28.61 -111.77
C LYS PA 255 170.02 29.61 -112.93
N ALA PA 256 170.66 30.75 -112.71
CA ALA PA 256 170.68 31.80 -113.71
C ALA PA 256 171.43 31.43 -114.99
N ASP PA 257 172.21 30.34 -114.97
CA ASP PA 257 172.99 29.91 -116.11
C ASP PA 257 172.43 28.63 -116.72
N GLY PA 258 171.12 28.53 -116.81
CA GLY PA 258 170.46 27.38 -117.39
C GLY PA 258 169.88 26.39 -116.41
N GLY PA 259 169.95 26.66 -115.12
CA GLY PA 259 169.35 25.75 -114.15
C GLY PA 259 167.85 25.85 -114.05
N TYR PA 260 167.25 26.86 -114.70
CA TYR PA 260 165.81 27.04 -114.66
C TYR PA 260 165.09 26.21 -115.72
N LEU PA 261 165.82 25.45 -116.53
CA LEU PA 261 165.21 24.68 -117.60
C LEU PA 261 165.13 23.19 -117.30
N VAL PA 262 165.85 22.71 -116.28
CA VAL PA 262 165.80 21.31 -115.87
C VAL PA 262 164.48 21.03 -115.16
N PRO PA 263 163.79 19.94 -115.49
CA PRO PA 263 162.50 19.67 -114.86
C PRO PA 263 162.61 19.33 -113.39
N PHE PA 264 161.47 19.35 -112.71
CA PHE PA 264 161.36 19.07 -111.30
C PHE PA 264 160.76 17.68 -111.10
N GLN PA 265 161.38 16.88 -110.23
CA GLN PA 265 160.91 15.53 -109.93
C GLN PA 265 160.47 15.44 -108.49
N LEU PA 266 159.29 14.85 -108.27
CA LEU PA 266 158.74 14.72 -106.93
C LEU PA 266 157.94 13.43 -106.85
N ASP PA 267 158.01 12.77 -105.70
CA ASP PA 267 157.30 11.50 -105.48
C ASP PA 267 156.07 11.76 -104.63
N PRO PA 268 154.86 11.60 -105.19
CA PRO PA 268 153.65 11.93 -104.42
C PRO PA 268 153.47 11.11 -103.15
N THR PA 269 153.88 9.84 -103.14
CA THR PA 269 153.64 9.00 -101.98
C THR PA 269 154.43 9.50 -100.78
N VAL PA 270 153.84 9.36 -99.60
CA VAL PA 270 154.42 9.88 -98.37
C VAL PA 270 155.17 8.76 -97.66
N ILE PA 271 156.07 9.15 -96.75
CA ILE PA 271 156.85 8.21 -95.95
C ILE PA 271 156.52 8.48 -94.49
N ILE PA 272 155.93 7.51 -93.83
CA ILE PA 272 155.57 7.64 -92.42
C ILE PA 272 156.82 7.40 -91.58
N THR PA 273 157.09 8.30 -90.64
CA THR PA 273 158.27 8.23 -89.79
C THR PA 273 157.90 8.02 -88.34
N SER PA 274 156.76 7.37 -88.09
CA SER PA 274 156.29 7.09 -86.74
C SER PA 274 156.49 5.60 -86.44
N ASN PA 275 157.10 5.31 -85.30
CA ASN PA 275 157.37 3.93 -84.93
C ASN PA 275 156.08 3.16 -84.68
N GLY PA 276 155.09 3.80 -84.05
CA GLY PA 276 153.86 3.12 -83.74
C GLY PA 276 154.05 2.13 -82.59
N SER PA 277 153.09 1.22 -82.48
CA SER PA 277 153.13 0.21 -81.43
C SER PA 277 152.32 -1.00 -81.86
N LEU PA 278 152.87 -2.19 -81.62
CA LEU PA 278 152.20 -3.45 -81.91
C LEU PA 278 151.80 -4.09 -80.60
N ASN PA 279 150.54 -4.50 -80.50
CA ASN PA 279 150.01 -5.10 -79.28
C ASN PA 279 149.12 -6.28 -79.64
N ASP PA 280 148.99 -7.21 -78.68
CA ASP PA 280 148.19 -8.41 -78.86
C ASP PA 280 147.13 -8.56 -77.78
N ILE PA 281 146.76 -7.47 -77.11
CA ILE PA 281 145.76 -7.54 -76.06
C ILE PA 281 144.41 -7.99 -76.62
N ARG PA 282 144.00 -7.42 -77.76
CA ARG PA 282 142.66 -7.67 -78.26
C ARG PA 282 142.49 -9.10 -78.73
N ARG PA 283 143.59 -9.81 -79.03
CA ARG PA 283 143.48 -11.21 -79.40
C ARG PA 283 143.11 -12.10 -78.22
N PHE PA 284 143.50 -11.72 -77.01
CA PHE PA 284 143.28 -12.55 -75.83
C PHE PA 284 142.25 -11.98 -74.86
N ALA PA 285 142.09 -10.66 -74.82
CA ALA PA 285 141.17 -10.05 -73.88
C ALA PA 285 139.72 -10.28 -74.32
N ARG PA 286 138.81 -10.01 -73.39
CA ARG PA 286 137.38 -10.18 -73.63
C ARG PA 286 136.75 -8.85 -74.01
N GLN PA 287 135.95 -8.85 -75.07
CA GLN PA 287 135.28 -7.64 -75.54
C GLN PA 287 133.80 -7.74 -75.21
N VAL PA 288 133.29 -6.71 -74.52
CA VAL PA 288 131.88 -6.64 -74.15
C VAL PA 288 131.34 -5.28 -74.57
N VAL PA 289 130.15 -5.27 -75.14
CA VAL PA 289 129.54 -4.03 -75.61
C VAL PA 289 128.91 -3.30 -74.43
N ALA PA 290 129.04 -1.97 -74.43
CA ALA PA 290 128.46 -1.13 -73.40
C ALA PA 290 127.29 -0.34 -73.97
N THR PA 291 126.19 -0.29 -73.22
CA THR PA 291 124.99 0.44 -73.62
C THR PA 291 124.79 1.70 -72.80
N GLY PA 292 125.81 2.14 -72.07
CA GLY PA 292 125.70 3.32 -71.24
C GLY PA 292 127.06 3.90 -70.89
N ASP PA 293 127.18 4.45 -69.68
CA ASP PA 293 128.43 5.07 -69.26
C ASP PA 293 129.25 4.18 -68.33
N VAL PA 294 128.62 3.32 -67.55
CA VAL PA 294 129.32 2.46 -66.60
C VAL PA 294 128.81 1.03 -66.79
N TRP PA 295 129.75 0.08 -66.80
CA TRP PA 295 129.42 -1.33 -66.95
C TRP PA 295 129.61 -2.02 -65.61
N HIS PA 296 128.60 -2.78 -65.18
CA HIS PA 296 128.62 -3.48 -63.91
C HIS PA 296 128.56 -4.98 -64.11
N GLY PA 297 129.19 -5.71 -63.18
CA GLY PA 297 129.14 -7.16 -63.18
C GLY PA 297 129.01 -7.65 -61.75
N VAL PA 298 128.96 -8.98 -61.60
CA VAL PA 298 128.84 -9.62 -60.30
C VAL PA 298 129.91 -10.68 -60.16
N SER PA 299 130.54 -10.72 -58.99
CA SER PA 299 131.54 -11.73 -58.67
C SER PA 299 131.27 -12.26 -57.27
N SER PA 300 131.68 -13.50 -57.02
CA SER PA 300 131.35 -14.16 -55.76
C SER PA 300 132.42 -15.21 -55.46
N ALA PA 301 132.19 -15.96 -54.39
CA ALA PA 301 133.07 -17.06 -53.98
C ALA PA 301 132.25 -18.34 -53.80
N ALA PA 302 132.86 -19.37 -53.25
CA ALA PA 302 132.22 -20.67 -53.10
C ALA PA 302 131.90 -20.97 -51.64
N VAL PA 303 130.89 -21.81 -51.45
CA VAL PA 303 130.47 -22.21 -50.11
C VAL PA 303 131.46 -23.23 -49.55
N GLN PA 304 131.88 -23.02 -48.31
CA GLN PA 304 132.87 -23.87 -47.66
C GLN PA 304 132.16 -24.99 -46.91
N TRP PA 305 132.45 -26.24 -47.30
CA TRP PA 305 131.89 -27.39 -46.63
C TRP PA 305 132.84 -27.84 -45.52
N SER PA 306 132.42 -28.83 -44.73
CA SER PA 306 133.27 -29.37 -43.67
C SER PA 306 132.72 -30.74 -43.27
N TRP PA 307 133.60 -31.56 -42.70
CA TRP PA 307 133.21 -32.89 -42.27
C TRP PA 307 132.75 -32.84 -40.82
N ASP PA 308 131.49 -33.19 -40.59
CA ASP PA 308 130.90 -33.12 -39.26
C ASP PA 308 130.52 -34.52 -38.78
N ALA PA 309 130.53 -34.69 -37.46
CA ALA PA 309 130.13 -35.93 -36.84
C ALA PA 309 128.61 -36.00 -36.74
N GLU PA 310 128.13 -37.08 -36.11
CA GLU PA 310 126.70 -37.23 -35.89
C GLU PA 310 126.23 -36.26 -34.81
N PHE PA 311 125.03 -35.70 -35.02
CA PHE PA 311 124.42 -34.77 -34.08
C PHE PA 311 125.34 -33.59 -33.78
N GLU PA 312 125.93 -33.03 -34.84
CA GLU PA 312 126.84 -31.91 -34.71
C GLU PA 312 126.34 -30.74 -35.54
N GLU PA 313 126.45 -29.54 -34.99
CA GLU PA 313 125.97 -28.35 -35.69
C GLU PA 313 126.77 -28.09 -36.97
N VAL PA 314 126.10 -27.46 -37.92
CA VAL PA 314 126.77 -26.98 -39.11
C VAL PA 314 127.37 -25.60 -38.83
N SER PA 315 128.25 -25.17 -39.72
CA SER PA 315 128.82 -23.85 -39.63
C SER PA 315 127.88 -22.83 -40.27
N ASP PA 316 128.28 -21.57 -40.28
CA ASP PA 316 127.51 -20.50 -40.91
C ASP PA 316 128.23 -20.14 -42.21
N ASP PA 317 127.86 -20.83 -43.29
CA ASP PA 317 128.59 -20.74 -44.55
C ASP PA 317 127.92 -19.73 -45.47
N SER PA 318 128.26 -18.46 -45.24
CA SER PA 318 127.67 -17.37 -46.02
C SER PA 318 128.66 -16.92 -47.09
N PRO PA 319 128.35 -17.08 -48.37
CA PRO PA 319 129.26 -16.59 -49.42
C PRO PA 319 129.27 -15.07 -49.48
N GLU PA 320 130.36 -14.54 -50.03
CA GLU PA 320 130.56 -13.11 -50.17
C GLU PA 320 130.51 -12.71 -51.65
N PHE PA 321 130.21 -11.43 -51.88
CA PHE PA 321 129.99 -10.92 -53.23
C PHE PA 321 130.75 -9.62 -53.46
N GLY PA 322 130.95 -9.29 -54.73
CA GLY PA 322 131.60 -8.06 -55.11
C GLY PA 322 131.16 -7.63 -56.49
N GLN PA 323 131.35 -6.35 -56.80
CA GLN PA 323 130.86 -5.76 -58.03
C GLN PA 323 132.00 -5.17 -58.85
N PRO PA 324 132.39 -5.82 -59.95
CA PRO PA 324 133.31 -5.17 -60.90
C PRO PA 324 132.64 -3.97 -61.56
N GLU PA 325 133.45 -2.97 -61.89
CA GLU PA 325 132.94 -1.72 -62.43
C GLU PA 325 133.89 -1.22 -63.50
N ILE PA 326 133.37 -0.95 -64.70
CA ILE PA 326 134.16 -0.50 -65.84
C ILE PA 326 133.63 0.87 -66.26
N PRO PA 327 134.34 1.96 -66.00
CA PRO PA 327 133.94 3.27 -66.53
C PRO PA 327 134.43 3.49 -67.96
N VAL PA 328 133.70 4.34 -68.67
CA VAL PA 328 133.99 4.64 -70.08
C VAL PA 328 134.51 6.07 -70.17
N LYS PA 329 135.63 6.25 -70.86
CA LYS PA 329 136.30 7.54 -70.99
C LYS PA 329 136.43 7.92 -72.46
N LYS PA 330 137.09 9.04 -72.73
CA LYS PA 330 137.04 9.68 -74.03
C LYS PA 330 138.44 10.03 -74.52
N ALA PA 331 138.65 9.87 -75.83
CA ALA PA 331 139.87 10.30 -76.50
C ALA PA 331 139.50 10.94 -77.84
N GLN PA 332 140.20 12.02 -78.19
CA GLN PA 332 139.83 12.80 -79.37
C GLN PA 332 141.04 13.50 -79.95
N GLY PA 333 140.92 13.87 -81.22
CA GLY PA 333 141.96 14.62 -81.90
C GLY PA 333 141.36 15.50 -82.97
N PHE PA 334 142.10 16.54 -83.34
CA PHE PA 334 141.58 17.58 -84.22
C PHE PA 334 142.72 18.25 -84.97
N VAL PA 335 142.48 18.57 -86.24
CA VAL PA 335 143.49 19.21 -87.08
C VAL PA 335 142.85 20.30 -87.92
N PRO PA 336 143.38 21.52 -87.90
CA PRO PA 336 142.83 22.59 -88.74
C PRO PA 336 143.44 22.57 -90.13
N ILE PA 337 142.80 23.29 -91.04
CA ILE PA 337 143.27 23.42 -92.41
C ILE PA 337 142.61 24.64 -93.04
N SER PA 338 143.33 25.26 -93.97
CA SER PA 338 142.80 26.42 -94.68
C SER PA 338 142.22 25.99 -96.03
N ILE PA 339 141.39 26.86 -96.60
CA ILE PA 339 140.71 26.54 -97.85
C ILE PA 339 141.71 26.36 -98.98
N GLU PA 340 142.70 27.26 -99.07
CA GLU PA 340 143.69 27.16 -100.12
C GLU PA 340 144.34 25.79 -100.14
N ALA PA 341 144.48 25.17 -98.97
CA ALA PA 341 144.91 23.78 -98.94
C ALA PA 341 143.88 22.86 -99.58
N LEU PA 342 142.59 23.10 -99.34
CA LEU PA 342 141.58 22.22 -99.92
C LEU PA 342 141.63 22.24 -101.44
N GLN PA 343 141.71 23.42 -102.05
CA GLN PA 343 141.81 23.44 -103.52
C GLN PA 343 143.18 23.03 -104.02
N ASP PA 344 144.26 23.53 -103.41
CA ASP PA 344 145.59 23.33 -103.99
C ASP PA 344 146.29 22.09 -103.44
N GLU PA 345 146.38 21.98 -102.12
CA GLU PA 345 147.06 20.86 -101.49
C GLU PA 345 146.39 19.56 -101.88
N ALA PA 346 147.12 18.71 -102.60
CA ALA PA 346 146.53 17.56 -103.28
C ALA PA 346 146.63 16.30 -102.42
N ASN PA 347 145.62 15.45 -102.55
CA ASN PA 347 145.56 14.17 -101.84
C ASN PA 347 145.61 14.38 -100.33
N VAL PA 348 144.59 15.05 -99.79
CA VAL PA 348 144.59 15.38 -98.37
C VAL PA 348 143.68 14.45 -97.58
N THR PA 349 142.52 14.10 -98.15
CA THR PA 349 141.49 13.42 -97.37
C THR PA 349 141.99 12.09 -96.82
N GLU PA 350 142.33 11.16 -97.71
CA GLU PA 350 142.74 9.84 -97.26
C GLU PA 350 144.08 9.86 -96.55
N THR PA 351 144.96 10.81 -96.89
CA THR PA 351 146.22 10.95 -96.17
C THR PA 351 145.98 11.29 -94.71
N VAL PA 352 145.14 12.29 -94.46
CA VAL PA 352 144.83 12.68 -93.09
C VAL PA 352 144.05 11.57 -92.38
N ALA PA 353 143.20 10.85 -93.12
CA ALA PA 353 142.49 9.73 -92.52
C ALA PA 353 143.46 8.64 -92.05
N LEU PA 354 144.45 8.33 -92.87
CA LEU PA 354 145.45 7.35 -92.47
C LEU PA 354 146.24 7.82 -91.27
N LEU PA 355 146.59 9.11 -91.25
CA LEU PA 355 147.30 9.65 -90.08
C LEU PA 355 146.47 9.53 -88.82
N PHE PA 356 145.17 9.85 -88.92
CA PHE PA 356 144.28 9.72 -87.77
C PHE PA 356 144.20 8.27 -87.28
N ALA PA 357 144.07 7.33 -88.21
CA ALA PA 357 143.96 5.93 -87.83
C ALA PA 357 145.24 5.44 -87.15
N GLU PA 358 146.40 5.83 -87.69
CA GLU PA 358 147.66 5.45 -87.08
C GLU PA 358 147.79 6.03 -85.68
N GLY PA 359 147.36 7.28 -85.51
CA GLY PA 359 147.40 7.88 -84.17
C GLY PA 359 146.51 7.14 -83.19
N LYS PA 360 145.31 6.76 -83.63
CA LYS PA 360 144.41 6.01 -82.75
C LYS PA 360 145.02 4.68 -82.35
N ASP PA 361 145.60 3.96 -83.32
CA ASP PA 361 146.22 2.67 -83.00
C ASP PA 361 147.38 2.84 -82.04
N GLU PA 362 148.22 3.84 -82.27
CA GLU PA 362 149.36 4.08 -81.39
C GLU PA 362 148.92 4.43 -79.97
N LEU PA 363 147.87 5.24 -79.83
CA LEU PA 363 147.37 5.58 -78.50
C LEU PA 363 146.76 4.37 -77.79
N GLU PA 364 145.93 3.59 -78.52
CA GLU PA 364 145.24 2.47 -77.90
C GLU PA 364 146.22 1.40 -77.45
N ALA PA 365 147.24 1.11 -78.27
CA ALA PA 365 148.19 0.08 -77.91
C ALA PA 365 148.94 0.43 -76.62
N VAL PA 366 149.31 1.71 -76.47
CA VAL PA 366 150.00 2.13 -75.26
C VAL PA 366 149.04 2.12 -74.07
N THR PA 367 147.81 2.60 -74.26
CA THR PA 367 146.92 2.76 -73.11
C THR PA 367 146.38 1.43 -72.60
N LEU PA 368 146.26 0.41 -73.46
CA LEU PA 368 145.78 -0.87 -72.96
C LEU PA 368 146.79 -1.54 -72.04
N THR PA 369 148.08 -1.24 -72.22
CA THR PA 369 149.12 -1.84 -71.40
C THR PA 369 149.37 -1.06 -70.12
N THR PA 370 149.55 0.26 -70.22
CA THR PA 370 149.84 1.10 -69.07
C THR PA 370 148.89 2.29 -69.10
N GLY PA 371 147.82 2.22 -68.31
CA GLY PA 371 146.94 3.35 -68.11
C GLY PA 371 146.90 3.72 -66.63
N THR PA 372 146.89 5.03 -66.37
CA THR PA 372 146.92 5.48 -64.98
C THR PA 372 145.65 5.08 -64.23
N GLY PA 373 144.51 5.05 -64.91
CA GLY PA 373 143.25 4.73 -64.27
C GLY PA 373 142.62 5.88 -63.54
N GLN PA 374 143.33 6.99 -63.39
CA GLN PA 374 142.82 8.21 -62.79
C GLN PA 374 142.77 9.30 -63.85
N GLY PA 375 142.20 10.45 -63.49
CA GLY PA 375 142.06 11.51 -64.46
C GLY PA 375 141.12 11.12 -65.58
N ASN PA 376 141.67 10.88 -66.77
CA ASN PA 376 140.86 10.55 -67.93
C ASN PA 376 141.42 9.36 -68.70
N GLN PA 377 142.12 8.45 -68.03
CA GLN PA 377 142.76 7.35 -68.72
C GLN PA 377 142.16 6.02 -68.28
N PRO PA 378 141.87 5.12 -69.22
CA PRO PA 378 141.39 3.79 -68.85
C PRO PA 378 142.49 2.99 -68.15
N THR PA 379 142.05 2.03 -67.34
CA THR PA 379 142.98 1.21 -66.59
C THR PA 379 143.78 0.28 -67.52
N GLY PA 380 145.07 0.17 -67.26
CA GLY PA 380 145.93 -0.74 -67.98
C GLY PA 380 146.09 -2.05 -67.24
N ILE PA 381 146.53 -3.08 -67.97
CA ILE PA 381 146.68 -4.40 -67.38
C ILE PA 381 147.80 -4.40 -66.33
N VAL PA 382 148.90 -3.69 -66.62
CA VAL PA 382 150.02 -3.65 -65.69
C VAL PA 382 149.65 -2.84 -64.45
N THR PA 383 148.94 -1.73 -64.65
CA THR PA 383 148.55 -0.91 -63.51
C THR PA 383 147.58 -1.66 -62.60
N ALA PA 384 146.66 -2.42 -63.18
CA ALA PA 384 145.69 -3.15 -62.38
C ALA PA 384 146.32 -4.30 -61.61
N LEU PA 385 147.48 -4.80 -62.03
CA LEU PA 385 148.11 -5.96 -61.42
C LEU PA 385 149.35 -5.59 -60.61
N ALA PA 386 149.40 -4.38 -60.08
CA ALA PA 386 150.53 -3.91 -59.29
C ALA PA 386 150.12 -3.83 -57.83
N GLY PA 387 150.88 -4.50 -56.96
CA GLY PA 387 150.59 -4.51 -55.54
C GLY PA 387 149.55 -5.51 -55.11
N THR PA 388 148.94 -6.24 -56.04
CA THR PA 388 147.93 -7.22 -55.70
C THR PA 388 148.58 -8.58 -55.43
N ALA PA 389 147.73 -9.59 -55.24
CA ALA PA 389 148.24 -10.95 -54.99
C ALA PA 389 148.92 -11.53 -56.21
N ALA PA 390 148.73 -10.95 -57.40
CA ALA PA 390 149.35 -11.49 -58.59
C ALA PA 390 150.85 -11.24 -58.63
N GLU PA 391 151.34 -10.33 -57.79
CA GLU PA 391 152.73 -9.92 -57.87
C GLU PA 391 153.67 -11.05 -57.41
N ILE PA 392 154.75 -11.26 -58.16
CA ILE PA 392 155.72 -12.30 -57.89
C ILE PA 392 157.11 -11.70 -57.94
N ALA PA 393 157.97 -12.09 -56.96
CA ALA PA 393 159.34 -11.63 -56.86
C ALA PA 393 160.30 -12.67 -57.43
N PRO PA 394 161.42 -12.23 -58.00
CA PRO PA 394 162.38 -13.17 -58.58
C PRO PA 394 163.11 -13.98 -57.51
N VAL PA 395 163.58 -15.16 -57.93
CA VAL PA 395 164.33 -16.03 -57.01
C VAL PA 395 165.62 -15.35 -56.58
N THR PA 396 166.34 -14.79 -57.55
CA THR PA 396 167.61 -14.11 -57.29
C THR PA 396 167.43 -12.62 -57.54
N ALA PA 397 167.90 -11.80 -56.60
CA ALA PA 397 167.71 -10.36 -56.69
C ALA PA 397 168.43 -9.80 -57.91
N GLU PA 398 167.73 -8.97 -58.68
CA GLU PA 398 168.26 -8.33 -59.88
C GLU PA 398 168.83 -9.36 -60.86
N THR PA 399 168.12 -10.48 -61.02
CA THR PA 399 168.58 -11.53 -61.93
C THR PA 399 167.37 -12.26 -62.49
N PHE PA 400 167.34 -12.41 -63.81
CA PHE PA 400 166.29 -13.14 -64.52
C PHE PA 400 166.90 -14.45 -65.02
N ALA PA 401 166.51 -15.56 -64.40
CA ALA PA 401 167.01 -16.87 -64.76
C ALA PA 401 165.88 -17.75 -65.28
N LEU PA 402 166.24 -19.00 -65.57
CA LEU PA 402 165.24 -19.94 -66.09
C LEU PA 402 164.19 -20.28 -65.05
N ALA PA 403 164.56 -20.29 -63.77
CA ALA PA 403 163.61 -20.67 -62.72
C ALA PA 403 162.44 -19.71 -62.63
N ASP PA 404 162.64 -18.45 -63.03
CA ASP PA 404 161.57 -17.46 -62.92
C ASP PA 404 160.41 -17.79 -63.86
N VAL PA 405 160.70 -18.25 -65.07
CA VAL PA 405 159.64 -18.61 -66.01
C VAL PA 405 158.80 -19.75 -65.46
N TYR PA 406 159.47 -20.79 -64.95
CA TYR PA 406 158.74 -21.92 -64.37
C TYR PA 406 157.94 -21.48 -63.16
N ALA PA 407 158.49 -20.59 -62.33
CA ALA PA 407 157.75 -20.09 -61.18
C ALA PA 407 156.48 -19.37 -61.63
N VAL PA 408 156.60 -18.50 -62.62
CA VAL PA 408 155.43 -17.77 -63.12
C VAL PA 408 154.39 -18.75 -63.66
N TYR PA 409 154.83 -19.78 -64.37
CA TYR PA 409 153.87 -20.74 -64.93
C TYR PA 409 153.17 -21.55 -63.85
N GLU PA 410 153.92 -22.01 -62.85
CA GLU PA 410 153.40 -23.02 -61.92
C GLU PA 410 152.61 -22.43 -60.76
N GLN PA 411 152.94 -21.21 -60.32
CA GLN PA 411 152.25 -20.63 -59.18
C GLN PA 411 150.79 -20.34 -59.47
N LEU PA 412 150.42 -20.25 -60.74
CA LEU PA 412 149.04 -19.94 -61.10
C LEU PA 412 148.18 -21.19 -61.02
N ALA PA 413 146.92 -20.99 -60.64
CA ALA PA 413 146.01 -22.11 -60.44
C ALA PA 413 145.70 -22.82 -61.75
N ALA PA 414 145.47 -24.14 -61.64
CA ALA PA 414 145.31 -24.96 -62.84
C ALA PA 414 144.09 -24.56 -63.65
N ARG PA 415 142.98 -24.18 -62.98
CA ARG PA 415 141.77 -23.80 -63.69
C ARG PA 415 142.04 -22.67 -64.68
N HIS PA 416 142.87 -21.70 -64.30
CA HIS PA 416 143.26 -20.64 -65.23
C HIS PA 416 144.56 -20.93 -65.95
N ARG PA 417 145.38 -21.85 -65.43
CA ARG PA 417 146.62 -22.22 -66.11
C ARG PA 417 146.33 -22.93 -67.42
N ARG PA 418 145.26 -23.73 -67.46
CA ARG PA 418 144.98 -24.52 -68.65
C ARG PA 418 144.56 -23.68 -69.84
N GLN PA 419 144.30 -22.39 -69.65
CA GLN PA 419 143.92 -21.49 -70.74
C GLN PA 419 144.66 -20.17 -70.63
N GLY PA 420 145.96 -20.21 -70.31
CA GLY PA 420 146.76 -19.02 -70.15
C GLY PA 420 147.42 -18.58 -71.45
N ALA PA 421 148.14 -17.47 -71.36
CA ALA PA 421 148.85 -16.91 -72.50
C ALA PA 421 149.97 -16.02 -72.00
N TRP PA 422 151.02 -15.92 -72.80
CA TRP PA 422 152.16 -15.08 -72.49
C TRP PA 422 152.01 -13.72 -73.15
N LEU PA 423 152.57 -12.70 -72.49
CA LEU PA 423 152.60 -11.36 -73.09
C LEU PA 423 153.74 -10.59 -72.44
N ALA PA 424 154.80 -10.35 -73.21
CA ALA PA 424 155.96 -9.62 -72.72
C ALA PA 424 156.65 -8.96 -73.91
N ASN PA 425 157.65 -8.15 -73.62
CA ASN PA 425 158.36 -7.42 -74.65
C ASN PA 425 159.39 -8.33 -75.34
N ASN PA 426 159.91 -7.84 -76.47
CA ASN PA 426 160.92 -8.60 -77.19
C ASN PA 426 162.18 -8.80 -76.36
N LEU PA 427 162.47 -7.87 -75.45
CA LEU PA 427 163.65 -8.01 -74.59
C LEU PA 427 163.58 -9.28 -73.78
N ILE PA 428 162.42 -9.53 -73.15
CA ILE PA 428 162.29 -10.69 -72.29
C ILE PA 428 162.34 -11.99 -73.10
N TYR PA 429 161.70 -12.00 -74.26
CA TYR PA 429 161.73 -13.20 -75.10
C TYR PA 429 163.15 -13.51 -75.54
N ASN PA 430 163.89 -12.49 -75.97
CA ASN PA 430 165.27 -12.72 -76.38
C ASN PA 430 166.14 -13.16 -75.21
N LYS PA 431 165.94 -12.58 -74.03
CA LYS PA 431 166.70 -13.01 -72.86
C LYS PA 431 166.38 -14.45 -72.50
N ILE PA 432 165.13 -14.86 -72.69
CA ILE PA 432 164.77 -16.26 -72.53
C ILE PA 432 165.53 -17.11 -73.54
N ARG PA 433 165.61 -16.65 -74.78
CA ARG PA 433 166.27 -17.43 -75.82
C ARG PA 433 167.76 -17.60 -75.56
N GLN PA 434 168.36 -16.72 -74.76
CA GLN PA 434 169.77 -16.80 -74.43
C GLN PA 434 170.07 -17.73 -73.25
N PHE PA 435 169.04 -18.26 -72.60
CA PHE PA 435 169.27 -19.04 -71.38
C PHE PA 435 170.08 -20.29 -71.68
N ASP PA 436 169.74 -21.00 -72.75
CA ASP PA 436 170.41 -22.25 -73.07
C ASP PA 436 171.77 -21.99 -73.69
N THR PA 437 172.81 -22.59 -73.10
CA THR PA 437 174.16 -22.47 -73.64
C THR PA 437 174.79 -23.85 -73.77
N GLN PA 438 174.41 -24.77 -72.88
CA GLN PA 438 174.99 -26.10 -72.86
C GLN PA 438 174.18 -27.12 -73.64
N GLY PA 439 173.04 -26.73 -74.22
CA GLY PA 439 172.29 -27.62 -75.08
C GLY PA 439 171.46 -28.64 -74.32
N GLY PA 440 170.64 -28.18 -73.38
CA GLY PA 440 169.82 -29.08 -72.60
C GLY PA 440 168.34 -28.81 -72.73
N ALA PA 441 167.61 -28.95 -71.63
CA ALA PA 441 166.18 -28.70 -71.64
C ALA PA 441 165.84 -27.23 -71.83
N GLY PA 442 166.80 -26.34 -71.57
CA GLY PA 442 166.56 -24.91 -71.74
C GLY PA 442 166.54 -24.46 -73.18
N LEU PA 443 166.86 -25.34 -74.12
CA LEU PA 443 166.85 -24.98 -75.53
C LEU PA 443 165.42 -24.70 -75.99
N TRP PA 444 165.22 -23.50 -76.54
CA TRP PA 444 163.93 -23.10 -77.09
C TRP PA 444 163.95 -23.14 -78.61
N THR PA 445 164.89 -22.45 -79.23
CA THR PA 445 165.12 -22.53 -80.67
C THR PA 445 166.53 -22.04 -80.95
N THR PA 446 167.15 -22.61 -81.98
CA THR PA 446 168.52 -22.28 -82.29
C THR PA 446 168.61 -20.90 -82.95
N ILE PA 447 169.79 -20.29 -82.84
CA ILE PA 447 170.04 -19.05 -83.54
C ILE PA 447 169.99 -19.31 -85.04
N GLY PA 448 169.39 -18.39 -85.78
CA GLY PA 448 169.14 -18.59 -87.19
C GLY PA 448 167.73 -18.98 -87.53
N ASN PA 449 166.83 -19.02 -86.55
CA ASN PA 449 165.42 -19.31 -86.79
C ASN PA 449 164.56 -18.17 -86.26
N GLY PA 450 163.32 -18.14 -86.74
CA GLY PA 450 162.40 -17.09 -86.38
C GLY PA 450 161.85 -17.25 -84.97
N GLU PA 451 160.97 -16.32 -84.61
CA GLU PA 451 160.39 -16.32 -83.28
C GLU PA 451 159.49 -17.53 -83.09
N PRO PA 452 159.62 -18.25 -81.98
CA PRO PA 452 158.72 -19.39 -81.71
C PRO PA 452 157.29 -18.92 -81.50
N SER PA 453 156.36 -19.82 -81.82
CA SER PA 453 154.94 -19.52 -81.74
C SER PA 453 154.28 -19.97 -80.45
N GLN PA 454 154.96 -20.73 -79.61
CA GLN PA 454 154.37 -21.22 -78.38
C GLN PA 454 155.44 -21.39 -77.32
N LEU PA 455 155.04 -21.29 -76.06
CA LEU PA 455 155.95 -21.42 -74.93
C LEU PA 455 155.28 -22.28 -73.86
N LEU PA 456 155.91 -23.41 -73.54
CA LEU PA 456 155.35 -24.39 -72.60
C LEU PA 456 153.95 -24.83 -73.02
N GLY PA 457 153.75 -24.96 -74.33
CA GLY PA 457 152.45 -25.35 -74.84
C GLY PA 457 151.38 -24.28 -74.77
N ARG PA 458 151.75 -23.00 -74.67
CA ARG PA 458 150.81 -21.92 -74.53
C ARG PA 458 151.06 -20.83 -75.57
N PRO PA 459 150.02 -20.10 -75.97
CA PRO PA 459 150.20 -19.04 -76.96
C PRO PA 459 151.10 -17.93 -76.44
N VAL PA 460 151.76 -17.25 -77.36
CA VAL PA 460 152.73 -16.21 -77.05
C VAL PA 460 152.27 -14.89 -77.65
N GLY PA 461 152.31 -13.83 -76.84
CA GLY PA 461 151.94 -12.51 -77.31
C GLY PA 461 153.05 -11.51 -77.02
N GLU PA 462 153.03 -10.42 -77.77
CA GLU PA 462 154.05 -9.38 -77.68
C GLU PA 462 153.40 -8.02 -77.59
N ALA PA 463 153.95 -7.16 -76.74
CA ALA PA 463 153.49 -5.79 -76.59
C ALA PA 463 154.69 -4.89 -76.37
N GLU PA 464 154.85 -3.88 -77.23
CA GLU PA 464 156.01 -2.99 -77.13
C GLU PA 464 155.95 -2.09 -75.91
N ALA PA 465 154.78 -1.90 -75.31
CA ALA PA 465 154.61 -0.92 -74.25
C ALA PA 465 155.09 -1.41 -72.89
N MET PA 466 155.48 -2.68 -72.77
CA MET PA 466 155.90 -3.20 -71.49
C MET PA 466 157.34 -2.80 -71.20
N ASP PA 467 157.77 -3.06 -69.97
CA ASP PA 467 159.14 -2.76 -69.57
C ASP PA 467 160.12 -3.60 -70.38
N ALA PA 468 161.28 -3.01 -70.67
CA ALA PA 468 162.22 -3.61 -71.61
C ALA PA 468 163.51 -4.07 -70.94
N ASN PA 469 164.26 -3.17 -70.31
CA ASN PA 469 165.59 -3.50 -69.79
C ASN PA 469 165.76 -2.81 -68.45
N TRP PA 470 165.78 -3.61 -67.37
CA TRP PA 470 165.90 -3.04 -66.03
C TRP PA 470 167.31 -2.56 -65.75
N ASN PA 471 168.31 -3.06 -66.47
CA ASN PA 471 169.67 -2.58 -66.25
C ASN PA 471 169.81 -1.11 -66.63
N THR PA 472 169.25 -0.73 -67.78
CA THR PA 472 169.31 0.65 -68.25
C THR PA 472 168.07 1.45 -67.90
N SER PA 473 167.12 0.87 -67.17
CA SER PA 473 165.93 1.58 -66.77
C SER PA 473 166.26 2.57 -65.65
N ALA PA 474 165.32 3.50 -65.42
CA ALA PA 474 165.44 4.50 -64.39
C ALA PA 474 164.27 4.41 -63.41
N SER PA 475 163.80 3.20 -63.15
CA SER PA 475 162.68 2.98 -62.25
C SER PA 475 163.00 1.81 -61.32
N ALA PA 476 162.55 1.92 -60.07
CA ALA PA 476 162.79 0.86 -59.11
C ALA PA 476 161.97 -0.38 -59.44
N ASP PA 477 160.82 -0.21 -60.09
CA ASP PA 477 159.94 -1.31 -60.45
C ASP PA 477 160.05 -1.59 -61.94
N ASN PA 478 160.23 -2.86 -62.30
CA ASN PA 478 160.40 -3.28 -63.68
C ASN PA 478 159.53 -4.51 -63.92
N PHE PA 479 158.29 -4.29 -64.32
CA PHE PA 479 157.35 -5.38 -64.60
C PHE PA 479 157.62 -5.92 -65.99
N VAL PA 480 158.18 -7.12 -66.07
CA VAL PA 480 158.75 -7.61 -67.33
C VAL PA 480 158.01 -8.80 -67.91
N LEU PA 481 157.41 -9.67 -67.10
CA LEU PA 481 156.79 -10.88 -67.61
C LEU PA 481 155.40 -11.05 -67.02
N LEU PA 482 154.48 -11.56 -67.84
CA LEU PA 482 153.10 -11.73 -67.41
C LEU PA 482 152.53 -12.98 -68.07
N TYR PA 483 151.67 -13.67 -67.33
CA TYR PA 483 151.02 -14.86 -67.84
C TYR PA 483 149.74 -15.09 -67.05
N GLY PA 484 148.67 -15.43 -67.74
CA GLY PA 484 147.42 -15.71 -67.07
C GLY PA 484 146.29 -15.88 -68.06
N ASN PA 485 145.10 -16.07 -67.50
CA ASN PA 485 143.88 -16.19 -68.30
C ASN PA 485 143.37 -14.78 -68.62
N PHE PA 486 143.28 -14.47 -69.90
CA PHE PA 486 142.91 -13.12 -70.33
C PHE PA 486 141.41 -12.95 -70.48
N GLN PA 487 140.62 -13.99 -70.23
CA GLN PA 487 139.17 -13.83 -70.23
C GLN PA 487 138.67 -12.97 -69.09
N ASN PA 488 139.53 -12.67 -68.10
CA ASN PA 488 139.19 -11.82 -66.98
C ASN PA 488 139.56 -10.37 -67.22
N TYR PA 489 139.99 -10.02 -68.43
CA TYR PA 489 140.25 -8.64 -68.82
C TYR PA 489 139.19 -8.24 -69.84
N VAL PA 490 138.43 -7.20 -69.52
CA VAL PA 490 137.27 -6.82 -70.32
C VAL PA 490 137.56 -5.47 -70.99
N ILE PA 491 137.19 -5.38 -72.27
CA ILE PA 491 137.29 -4.14 -73.03
C ILE PA 491 135.87 -3.69 -73.34
N ALA PA 492 135.50 -2.51 -72.87
CA ALA PA 492 134.17 -1.96 -73.06
C ALA PA 492 134.22 -0.87 -74.13
N ASP PA 493 133.49 -1.09 -75.22
CA ASP PA 493 133.46 -0.18 -76.36
C ASP PA 493 132.06 0.40 -76.52
N ARG PA 494 131.99 1.71 -76.76
CA ARG PA 494 130.72 2.38 -77.00
C ARG PA 494 130.58 2.84 -78.44
N ILE PA 495 131.50 3.68 -78.91
CA ILE PA 495 131.45 4.21 -80.27
C ILE PA 495 132.84 4.09 -80.87
N GLY PA 496 132.89 3.59 -82.10
CA GLY PA 496 134.15 3.44 -82.81
C GLY PA 496 134.67 4.79 -83.29
N MET PA 497 135.73 4.71 -84.07
CA MET PA 497 136.32 5.91 -84.64
C MET PA 497 135.34 6.58 -85.59
N THR PA 498 135.05 7.86 -85.33
CA THR PA 498 134.18 8.66 -86.18
C THR PA 498 134.90 9.96 -86.53
N VAL PA 499 134.87 10.32 -87.82
CA VAL PA 499 135.47 11.56 -88.30
C VAL PA 499 134.36 12.46 -88.80
N GLU PA 500 134.32 13.68 -88.28
CA GLU PA 500 133.27 14.64 -88.62
C GLU PA 500 133.93 15.92 -89.11
N PHE PA 501 133.34 16.50 -90.16
CA PHE PA 501 133.95 17.60 -90.89
C PHE PA 501 133.29 18.91 -90.48
N ILE PA 502 134.09 19.85 -89.99
CA ILE PA 502 133.61 21.18 -89.63
C ILE PA 502 133.64 22.06 -90.86
N PRO PA 503 132.51 22.58 -91.32
CA PRO PA 503 132.50 23.38 -92.55
C PRO PA 503 133.14 24.74 -92.40
N HIS PA 504 133.18 25.28 -91.18
CA HIS PA 504 133.64 26.66 -91.01
C HIS PA 504 134.20 26.84 -89.61
N LEU PA 505 135.34 27.50 -89.51
CA LEU PA 505 135.88 27.97 -88.25
C LEU PA 505 135.81 29.49 -88.19
N PHE PA 506 135.85 30.02 -86.98
CA PHE PA 506 135.63 31.44 -86.74
C PHE PA 506 136.90 32.08 -86.17
N GLY PA 507 136.89 33.41 -86.11
CA GLY PA 507 138.04 34.18 -85.69
C GLY PA 507 137.84 34.84 -84.34
N THR PA 508 138.79 35.72 -84.01
CA THR PA 508 138.78 36.39 -82.71
C THR PA 508 137.53 37.25 -82.54
N ASN PA 509 137.13 37.96 -83.60
CA ASN PA 509 135.96 38.83 -83.56
C ASN PA 509 134.68 38.09 -83.91
N ARG PA 510 134.66 36.76 -83.72
CA ARG PA 510 133.49 35.93 -84.01
C ARG PA 510 133.04 36.09 -85.46
N ARG PA 511 134.01 36.13 -86.37
CA ARG PA 511 133.77 36.28 -87.79
C ARG PA 511 134.64 35.27 -88.52
N PRO PA 512 134.19 34.76 -89.67
CA PRO PA 512 134.93 33.67 -90.34
C PRO PA 512 136.33 34.10 -90.77
N ASN PA 513 137.25 33.14 -90.76
CA ASN PA 513 138.61 33.35 -91.22
C ASN PA 513 138.97 32.51 -92.44
N GLY PA 514 138.02 31.73 -92.96
CA GLY PA 514 138.31 30.88 -94.10
C GLY PA 514 139.14 29.66 -93.75
N SER PA 515 138.62 28.81 -92.85
CA SER PA 515 139.34 27.63 -92.41
C SER PA 515 138.36 26.51 -92.15
N ARG PA 516 138.86 25.28 -92.24
CA ARG PA 516 138.06 24.08 -92.03
C ARG PA 516 138.82 23.12 -91.12
N GLY PA 517 138.09 22.15 -90.57
CA GLY PA 517 138.69 21.22 -89.64
C GLY PA 517 138.08 19.85 -89.75
N TRP PA 518 138.77 18.88 -89.11
CA TRP PA 518 138.31 17.50 -89.02
C TRP PA 518 138.26 17.12 -87.54
N PHE PA 519 137.09 16.67 -87.08
CA PHE PA 519 136.93 16.23 -85.72
C PHE PA 519 136.85 14.71 -85.65
N ALA PA 520 137.48 14.14 -84.64
CA ALA PA 520 137.48 12.69 -84.46
C ALA PA 520 137.59 12.38 -82.98
N TYR PA 521 136.71 11.52 -82.48
CA TYR PA 521 136.70 11.13 -81.08
C TYR PA 521 136.55 9.63 -80.96
N TYR PA 522 136.86 9.12 -79.77
CA TYR PA 522 136.89 7.69 -79.51
C TYR PA 522 136.56 7.46 -78.04
N ARG PA 523 135.66 6.53 -77.77
CA ARG PA 523 135.23 6.23 -76.41
C ARG PA 523 135.51 4.77 -76.09
N MET PA 524 136.22 4.52 -74.99
CA MET PA 524 136.54 3.16 -74.57
C MET PA 524 136.95 3.20 -73.10
N GLY PA 525 136.74 2.07 -72.42
CA GLY PA 525 137.14 1.93 -71.03
C GLY PA 525 137.33 0.47 -70.70
N ALA PA 526 138.21 0.21 -69.73
CA ALA PA 526 138.58 -1.17 -69.42
C ALA PA 526 139.11 -1.27 -68.00
N ASP PA 527 139.06 -2.49 -67.47
CA ASP PA 527 139.61 -2.82 -66.15
C ASP PA 527 139.60 -4.35 -66.03
N VAL PA 528 140.05 -4.84 -64.87
CA VAL PA 528 140.13 -6.26 -64.60
C VAL PA 528 138.97 -6.66 -63.70
N VAL PA 529 138.53 -7.91 -63.83
CA VAL PA 529 137.48 -8.44 -62.97
C VAL PA 529 138.07 -9.28 -61.85
N ASN PA 530 138.93 -10.23 -62.19
CA ASN PA 530 139.53 -11.14 -61.22
C ASN PA 530 141.04 -10.97 -61.26
N PRO PA 531 141.65 -10.29 -60.28
CA PRO PA 531 143.10 -10.09 -60.28
C PRO PA 531 143.90 -11.29 -59.79
N ASN PA 532 143.26 -12.41 -59.50
CA ASN PA 532 143.94 -13.61 -59.04
C ASN PA 532 144.29 -14.55 -60.20
N ALA PA 533 144.00 -14.15 -61.44
CA ALA PA 533 144.22 -15.01 -62.59
C ALA PA 533 145.49 -14.64 -63.36
N PHE PA 534 146.37 -13.85 -62.77
CA PHE PA 534 147.61 -13.45 -63.41
C PHE PA 534 148.79 -13.67 -62.46
N ARG PA 535 149.98 -13.75 -63.04
CA ARG PA 535 151.20 -13.95 -62.28
C ARG PA 535 152.30 -13.02 -62.78
N LEU PA 536 151.99 -11.72 -62.86
CA LEU PA 536 152.95 -10.73 -63.33
C LEU PA 536 154.22 -10.76 -62.48
N LEU PA 537 155.36 -10.62 -63.14
CA LEU PA 537 156.67 -10.69 -62.52
C LEU PA 537 157.39 -9.36 -62.68
N ASN PA 538 158.02 -8.90 -61.60
CA ASN PA 538 158.80 -7.67 -61.62
C ASN PA 538 160.18 -7.92 -61.01
N VAL PA 539 161.17 -7.17 -61.49
CA VAL PA 539 162.55 -7.30 -61.05
C VAL PA 539 162.89 -6.02 -60.32
N GLU PA 540 162.94 -6.09 -58.99
CA GLU PA 540 163.25 -4.92 -58.18
C GLU PA 540 164.73 -4.58 -58.31
N THR PA 541 165.02 -3.30 -58.52
CA THR PA 541 166.39 -2.81 -58.60
C THR PA 541 166.59 -1.74 -57.53
N ALA PA 542 167.61 -1.90 -56.71
CA ALA PA 542 167.92 -0.92 -55.69
C ALA PA 542 168.45 0.35 -56.32
N SER PA 543 168.33 1.46 -55.57
CA SER PA 543 168.82 2.76 -56.02
C SER PA 543 170.34 2.76 -56.16
N MET QA 251 124.34 21.27 -69.28
CA MET QA 251 123.74 19.95 -69.17
C MET QA 251 124.68 18.88 -69.71
N GLY QA 252 125.33 18.16 -68.80
CA GLY QA 252 126.31 17.17 -69.20
C GLY QA 252 126.06 15.78 -68.66
N LEU QA 253 127.11 15.14 -68.14
CA LEU QA 253 127.02 13.77 -67.66
C LEU QA 253 127.01 13.66 -66.14
N THR QA 254 127.19 14.77 -65.43
CA THR QA 254 127.13 14.73 -63.98
C THR QA 254 125.72 14.38 -63.52
N LYS QA 255 125.62 13.69 -62.37
CA LYS QA 255 124.33 13.22 -61.89
C LYS QA 255 123.33 14.37 -61.75
N ALA QA 256 123.71 15.42 -61.02
CA ALA QA 256 122.80 16.54 -60.81
C ALA QA 256 122.53 17.33 -62.09
N ASP QA 257 123.32 17.10 -63.14
CA ASP QA 257 123.14 17.80 -64.41
C ASP QA 257 122.50 16.92 -65.47
N GLY QA 258 121.62 16.01 -65.05
CA GLY QA 258 120.96 15.10 -65.97
C GLY QA 258 121.49 13.68 -65.98
N GLY QA 259 122.37 13.32 -65.05
CA GLY QA 259 122.93 11.98 -65.03
C GLY QA 259 121.97 10.91 -64.54
N TYR QA 260 120.84 11.31 -63.97
CA TYR QA 260 119.86 10.34 -63.48
C TYR QA 260 119.14 9.63 -64.62
N LEU QA 261 119.28 10.12 -65.85
CA LEU QA 261 118.55 9.52 -66.97
C LEU QA 261 119.25 8.31 -67.57
N VAL QA 262 120.51 8.07 -67.26
CA VAL QA 262 121.21 6.95 -67.89
C VAL QA 262 120.64 5.63 -67.35
N PRO QA 263 120.47 4.63 -68.20
CA PRO QA 263 120.01 3.32 -67.70
C PRO QA 263 121.12 2.59 -66.96
N PHE QA 264 120.71 1.61 -66.17
CA PHE QA 264 121.62 0.80 -65.38
C PHE QA 264 121.89 -0.50 -66.12
N GLN QA 265 123.16 -0.79 -66.39
CA GLN QA 265 123.56 -1.99 -67.09
C GLN QA 265 124.25 -2.93 -66.12
N LEU QA 266 123.73 -4.16 -66.02
CA LEU QA 266 124.26 -5.15 -65.10
C LEU QA 266 124.35 -6.49 -65.83
N ASP QA 267 125.36 -7.28 -65.47
CA ASP QA 267 125.55 -8.59 -66.08
C ASP QA 267 125.02 -9.65 -65.14
N PRO QA 268 123.96 -10.37 -65.50
CA PRO QA 268 123.41 -11.38 -64.57
C PRO QA 268 124.40 -12.46 -64.17
N THR QA 269 125.28 -12.89 -65.08
CA THR QA 269 126.19 -13.98 -64.78
C THR QA 269 127.21 -13.54 -63.74
N VAL QA 270 127.53 -14.46 -62.83
CA VAL QA 270 128.49 -14.21 -61.76
C VAL QA 270 129.86 -14.70 -62.21
N ILE QA 271 130.91 -14.19 -61.56
CA ILE QA 271 132.28 -14.54 -61.87
C ILE QA 271 132.90 -15.09 -60.60
N ILE QA 272 132.98 -16.42 -60.49
CA ILE QA 272 133.52 -17.03 -59.28
C ILE QA 272 135.02 -16.79 -59.21
N THR QA 273 135.51 -16.54 -57.99
CA THR QA 273 136.91 -16.23 -57.75
C THR QA 273 137.55 -17.30 -56.88
N SER QA 274 137.20 -18.55 -57.11
CA SER QA 274 137.69 -19.68 -56.31
C SER QA 274 138.72 -20.46 -57.12
N ASN QA 275 139.83 -20.82 -56.47
CA ASN QA 275 140.87 -21.57 -57.16
C ASN QA 275 140.39 -22.95 -57.59
N GLY QA 276 139.63 -23.63 -56.72
CA GLY QA 276 139.25 -24.99 -57.04
C GLY QA 276 140.43 -25.93 -56.88
N SER QA 277 140.27 -27.12 -57.45
CA SER QA 277 141.36 -28.11 -57.44
C SER QA 277 141.12 -29.11 -58.55
N LEU QA 278 142.20 -29.45 -59.27
CA LEU QA 278 142.15 -30.46 -60.32
C LEU QA 278 142.66 -31.77 -59.74
N ASN QA 279 141.83 -32.80 -59.79
CA ASN QA 279 142.12 -34.06 -59.12
C ASN QA 279 142.05 -35.21 -60.11
N ASP QA 280 142.98 -36.16 -59.98
CA ASP QA 280 143.04 -37.30 -60.86
C ASP QA 280 142.98 -38.64 -60.14
N ILE QA 281 142.85 -38.64 -58.81
CA ILE QA 281 142.72 -39.91 -58.08
C ILE QA 281 141.46 -40.66 -58.49
N ARG QA 282 140.35 -39.95 -58.66
CA ARG QA 282 139.10 -40.62 -59.00
C ARG QA 282 139.13 -41.28 -60.36
N ARG QA 283 140.11 -40.96 -61.21
CA ARG QA 283 140.26 -41.59 -62.50
C ARG QA 283 141.11 -42.86 -62.47
N PHE QA 284 141.81 -43.13 -61.37
CA PHE QA 284 142.68 -44.28 -61.27
C PHE QA 284 142.31 -45.26 -60.17
N ALA QA 285 141.34 -44.94 -59.32
CA ALA QA 285 141.04 -45.75 -58.16
C ALA QA 285 139.75 -46.54 -58.35
N ARG QA 286 139.65 -47.66 -57.63
CA ARG QA 286 138.45 -48.47 -57.65
C ARG QA 286 137.30 -47.75 -56.95
N GLN QA 287 136.10 -47.88 -57.51
CA GLN QA 287 134.90 -47.28 -56.95
C GLN QA 287 133.89 -48.38 -56.64
N VAL QA 288 133.43 -48.42 -55.39
CA VAL QA 288 132.50 -49.44 -54.92
C VAL QA 288 131.30 -48.75 -54.30
N VAL QA 289 130.10 -49.17 -54.69
CA VAL QA 289 128.87 -48.62 -54.14
C VAL QA 289 128.64 -49.26 -52.77
N ALA QA 290 128.38 -48.42 -51.77
CA ALA QA 290 128.20 -48.91 -50.41
C ALA QA 290 126.71 -48.93 -50.06
N THR QA 291 126.33 -49.89 -49.21
CA THR QA 291 124.94 -50.04 -48.80
C THR QA 291 124.70 -49.69 -47.34
N GLY QA 292 125.71 -49.81 -46.49
CA GLY QA 292 125.54 -49.52 -45.09
C GLY QA 292 126.51 -48.47 -44.57
N ASP QA 293 127.06 -48.69 -43.38
CA ASP QA 293 128.00 -47.74 -42.80
C ASP QA 293 129.44 -48.21 -42.94
N VAL QA 294 129.68 -49.52 -43.00
CA VAL QA 294 131.01 -50.08 -43.10
C VAL QA 294 131.04 -51.11 -44.22
N TRP QA 295 132.07 -51.05 -45.05
CA TRP QA 295 132.26 -51.98 -46.16
C TRP QA 295 133.41 -52.93 -45.83
N HIS QA 296 133.16 -54.22 -45.98
CA HIS QA 296 134.10 -55.26 -45.58
C HIS QA 296 134.58 -56.03 -46.80
N GLY QA 297 135.84 -56.48 -46.73
CA GLY QA 297 136.45 -57.25 -47.80
C GLY QA 297 137.33 -58.33 -47.23
N VAL QA 298 137.92 -59.11 -48.13
CA VAL QA 298 138.76 -60.24 -47.76
C VAL QA 298 140.11 -60.14 -48.46
N SER QA 299 141.19 -60.37 -47.71
CA SER QA 299 142.52 -60.40 -48.27
C SER QA 299 143.22 -61.66 -47.75
N SER QA 300 144.18 -62.16 -48.53
CA SER QA 300 144.83 -63.41 -48.18
C SER QA 300 146.27 -63.42 -48.70
N ALA QA 301 147.07 -64.29 -48.10
CA ALA QA 301 148.45 -64.52 -48.52
C ALA QA 301 148.47 -65.69 -49.50
N ALA QA 302 149.67 -66.19 -49.81
CA ALA QA 302 149.84 -67.26 -50.77
C ALA QA 302 150.40 -68.51 -50.10
N VAL QA 303 150.10 -69.67 -50.69
CA VAL QA 303 150.53 -70.94 -50.12
C VAL QA 303 152.04 -71.09 -50.25
N GLN QA 304 152.68 -71.62 -49.22
CA GLN QA 304 154.12 -71.80 -49.19
C GLN QA 304 154.46 -73.26 -49.50
N TRP QA 305 155.18 -73.47 -50.60
CA TRP QA 305 155.60 -74.81 -51.00
C TRP QA 305 156.98 -75.11 -50.42
N SER QA 306 157.48 -76.31 -50.72
CA SER QA 306 158.80 -76.73 -50.28
C SER QA 306 159.25 -77.88 -51.17
N TRP QA 307 160.55 -78.13 -51.17
CA TRP QA 307 161.14 -79.24 -51.91
C TRP QA 307 161.29 -80.42 -50.97
N ASP QA 308 160.79 -81.58 -51.38
CA ASP QA 308 160.72 -82.75 -50.51
C ASP QA 308 161.37 -83.95 -51.19
N ALA QA 309 161.87 -84.86 -50.35
CA ALA QA 309 162.43 -86.12 -50.80
C ALA QA 309 161.30 -87.14 -50.97
N GLU QA 310 161.66 -88.41 -51.12
CA GLU QA 310 160.66 -89.45 -51.27
C GLU QA 310 160.37 -90.11 -49.93
N PHE QA 311 159.09 -90.47 -49.74
CA PHE QA 311 158.61 -91.10 -48.51
C PHE QA 311 158.86 -90.22 -47.29
N GLU QA 312 158.37 -88.99 -47.34
CA GLU QA 312 158.36 -88.13 -46.16
C GLU QA 312 157.08 -87.32 -46.13
N GLU QA 313 156.60 -87.05 -44.92
CA GLU QA 313 155.33 -86.35 -44.73
C GLU QA 313 155.43 -84.91 -45.23
N VAL QA 314 154.31 -84.38 -45.68
CA VAL QA 314 154.23 -83.01 -46.16
C VAL QA 314 153.83 -82.08 -45.03
N SER QA 315 154.39 -80.88 -45.03
CA SER QA 315 154.15 -79.93 -43.96
C SER QA 315 152.81 -79.23 -44.12
N ASP QA 316 152.38 -78.54 -43.07
CA ASP QA 316 151.14 -77.80 -43.07
C ASP QA 316 151.38 -76.40 -43.61
N ASP QA 317 150.61 -76.00 -44.62
CA ASP QA 317 150.83 -74.74 -45.33
C ASP QA 317 149.52 -73.98 -45.49
N SER QA 318 148.74 -73.87 -44.41
CA SER QA 318 147.49 -73.15 -44.49
C SER QA 318 147.73 -71.65 -44.64
N PRO QA 319 147.01 -70.98 -45.54
CA PRO QA 319 147.16 -69.53 -45.69
C PRO QA 319 146.36 -68.75 -44.68
N GLU QA 320 146.72 -67.47 -44.53
CA GLU QA 320 146.13 -66.57 -43.57
C GLU QA 320 145.32 -65.49 -44.26
N PHE QA 321 144.16 -65.15 -43.69
CA PHE QA 321 143.24 -64.19 -44.27
C PHE QA 321 143.15 -62.93 -43.42
N GLY QA 322 142.55 -61.89 -44.00
CA GLY QA 322 142.36 -60.64 -43.31
C GLY QA 322 141.17 -59.89 -43.88
N GLN QA 323 140.60 -59.02 -43.07
CA GLN QA 323 139.39 -58.28 -43.42
C GLN QA 323 139.64 -56.78 -43.35
N PRO QA 324 139.89 -56.12 -44.48
CA PRO QA 324 140.01 -54.66 -44.47
C PRO QA 324 138.68 -54.00 -44.11
N GLU QA 325 138.79 -52.82 -43.51
CA GLU QA 325 137.64 -52.06 -43.05
C GLU QA 325 137.72 -50.64 -43.58
N ILE QA 326 136.60 -50.12 -44.08
CA ILE QA 326 136.49 -48.72 -44.47
C ILE QA 326 135.19 -48.16 -43.91
N PRO QA 327 135.24 -47.11 -43.09
CA PRO QA 327 134.02 -46.50 -42.58
C PRO QA 327 133.48 -45.44 -43.53
N VAL QA 328 132.28 -44.95 -43.21
CA VAL QA 328 131.61 -43.91 -43.98
C VAL QA 328 131.44 -42.69 -43.08
N LYS QA 329 131.94 -41.55 -43.54
CA LYS QA 329 131.84 -40.30 -42.81
C LYS QA 329 130.81 -39.39 -43.47
N LYS QA 330 130.65 -38.19 -42.91
CA LYS QA 330 129.60 -37.28 -43.33
C LYS QA 330 130.13 -35.86 -43.47
N ALA QA 331 129.67 -35.16 -44.51
CA ALA QA 331 130.01 -33.76 -44.74
C ALA QA 331 128.73 -32.99 -45.05
N GLN QA 332 128.66 -31.76 -44.54
CA GLN QA 332 127.45 -30.97 -44.69
C GLN QA 332 127.79 -29.49 -44.77
N GLY QA 333 126.85 -28.72 -45.32
CA GLY QA 333 126.98 -27.28 -45.39
C GLY QA 333 125.61 -26.64 -45.32
N PHE QA 334 125.59 -25.37 -44.90
CA PHE QA 334 124.34 -24.69 -44.63
C PHE QA 334 124.47 -23.21 -44.94
N VAL QA 335 123.44 -22.64 -45.55
CA VAL QA 335 123.41 -21.24 -45.91
C VAL QA 335 122.11 -20.62 -45.41
N PRO QA 336 122.15 -19.73 -44.42
CA PRO QA 336 120.91 -19.08 -43.97
C PRO QA 336 120.60 -17.83 -44.76
N ILE QA 337 119.37 -17.73 -45.26
CA ILE QA 337 118.94 -16.62 -46.09
C ILE QA 337 117.81 -15.89 -45.38
N SER QA 338 117.72 -14.59 -45.63
CA SER QA 338 116.62 -13.78 -45.14
C SER QA 338 115.45 -13.87 -46.09
N ILE QA 339 114.25 -13.58 -45.56
CA ILE QA 339 113.05 -13.61 -46.38
C ILE QA 339 113.09 -12.53 -47.45
N GLU QA 340 113.54 -11.32 -47.08
CA GLU QA 340 113.58 -10.22 -48.03
C GLU QA 340 114.54 -10.53 -49.18
N ALA QA 341 115.75 -10.98 -48.85
CA ALA QA 341 116.70 -11.32 -49.90
C ALA QA 341 116.17 -12.46 -50.77
N LEU QA 342 115.39 -13.36 -50.16
CA LEU QA 342 114.79 -14.45 -50.94
C LEU QA 342 113.72 -13.93 -51.90
N GLN QA 343 113.00 -12.88 -51.51
CA GLN QA 343 111.93 -12.36 -52.35
C GLN QA 343 112.40 -11.39 -53.42
N ASP QA 344 113.44 -10.61 -53.16
CA ASP QA 344 113.87 -9.59 -54.11
C ASP QA 344 114.97 -10.06 -55.04
N GLU QA 345 116.03 -10.68 -54.52
CA GLU QA 345 117.10 -11.15 -55.37
C GLU QA 345 116.60 -12.26 -56.30
N ALA QA 346 117.08 -12.23 -57.54
CA ALA QA 346 116.59 -13.12 -58.59
C ALA QA 346 117.59 -14.24 -58.82
N ASN QA 347 117.05 -15.42 -59.14
CA ASN QA 347 117.86 -16.60 -59.48
C ASN QA 347 118.81 -16.97 -58.35
N VAL QA 348 118.32 -16.85 -57.11
CA VAL QA 348 119.16 -17.13 -55.96
C VAL QA 348 119.43 -18.63 -55.84
N THR QA 349 118.40 -19.45 -56.04
CA THR QA 349 118.53 -20.88 -55.80
C THR QA 349 119.54 -21.52 -56.75
N GLU QA 350 119.48 -21.16 -58.03
CA GLU QA 350 120.44 -21.73 -58.97
C GLU QA 350 121.86 -21.29 -58.65
N THR QA 351 122.04 -20.02 -58.28
CA THR QA 351 123.37 -19.53 -57.93
C THR QA 351 123.93 -20.27 -56.74
N VAL QA 352 123.13 -20.45 -55.69
CA VAL QA 352 123.63 -21.13 -54.51
C VAL QA 352 123.84 -22.61 -54.79
N ALA QA 353 123.06 -23.21 -55.68
CA ALA QA 353 123.30 -24.59 -56.07
C ALA QA 353 124.64 -24.73 -56.76
N LEU QA 354 124.97 -23.80 -57.65
CA LEU QA 354 126.28 -23.82 -58.29
C LEU QA 354 127.40 -23.63 -57.27
N LEU QA 355 127.21 -22.71 -56.33
CA LEU QA 355 128.23 -22.52 -55.30
C LEU QA 355 128.40 -23.76 -54.44
N PHE QA 356 127.29 -24.43 -54.11
CA PHE QA 356 127.35 -25.67 -53.35
C PHE QA 356 128.12 -26.74 -54.10
N ALA QA 357 127.87 -26.88 -55.39
CA ALA QA 357 128.58 -27.86 -56.19
C ALA QA 357 130.08 -27.56 -56.22
N GLU QA 358 130.43 -26.28 -56.38
CA GLU QA 358 131.83 -25.89 -56.41
C GLU QA 358 132.51 -26.23 -55.09
N GLY QA 359 131.86 -25.89 -53.97
CA GLY QA 359 132.43 -26.20 -52.66
C GLY QA 359 132.59 -27.69 -52.44
N LYS QA 360 131.59 -28.47 -52.87
CA LYS QA 360 131.69 -29.92 -52.74
C LYS QA 360 132.87 -30.47 -53.54
N ASP QA 361 133.04 -29.99 -54.78
CA ASP QA 361 134.15 -30.47 -55.60
C ASP QA 361 135.48 -30.13 -54.95
N GLU QA 362 135.61 -28.91 -54.44
CA GLU QA 362 136.85 -28.51 -53.78
C GLU QA 362 137.14 -29.38 -52.56
N LEU QA 363 136.11 -29.60 -51.72
CA LEU QA 363 136.32 -30.40 -50.52
C LEU QA 363 136.70 -31.82 -50.87
N GLU QA 364 136.03 -32.42 -51.86
CA GLU QA 364 136.36 -33.78 -52.27
C GLU QA 364 137.79 -33.87 -52.79
N ALA QA 365 138.20 -32.91 -53.61
CA ALA QA 365 139.55 -32.94 -54.16
C ALA QA 365 140.59 -32.80 -53.06
N VAL QA 366 140.34 -31.93 -52.08
CA VAL QA 366 141.31 -31.78 -51.00
C VAL QA 366 141.36 -33.03 -50.12
N THR QA 367 140.21 -33.64 -49.83
CA THR QA 367 140.19 -34.72 -48.86
C THR QA 367 140.63 -36.05 -49.44
N LEU QA 368 140.42 -36.29 -50.74
CA LEU QA 368 140.88 -37.54 -51.33
C LEU QA 368 142.39 -37.62 -51.31
N THR QA 369 143.08 -36.50 -51.17
CA THR QA 369 144.53 -36.46 -51.10
C THR QA 369 145.03 -36.42 -49.66
N THR QA 370 144.60 -35.42 -48.89
CA THR QA 370 145.04 -35.24 -47.51
C THR QA 370 143.81 -35.18 -46.62
N GLY QA 371 143.34 -36.35 -46.19
CA GLY QA 371 142.28 -36.46 -45.20
C GLY QA 371 142.85 -37.07 -43.93
N THR QA 372 142.51 -36.46 -42.79
CA THR QA 372 143.16 -36.84 -41.54
C THR QA 372 142.84 -38.27 -41.12
N GLY QA 373 141.85 -38.89 -41.74
CA GLY QA 373 141.53 -40.29 -41.43
C GLY QA 373 140.83 -40.53 -40.12
N GLN QA 374 141.46 -40.13 -39.01
CA GLN QA 374 140.83 -40.22 -37.71
C GLN QA 374 139.83 -39.08 -37.54
N GLY QA 375 139.18 -39.04 -36.39
CA GLY QA 375 138.20 -38.00 -36.16
C GLY QA 375 136.99 -38.20 -37.05
N ASN QA 376 136.68 -37.19 -37.86
CA ASN QA 376 135.49 -37.21 -38.70
C ASN QA 376 135.79 -37.25 -40.20
N GLN QA 377 137.05 -37.13 -40.59
CA GLN QA 377 137.32 -37.10 -42.02
C GLN QA 377 137.71 -38.49 -42.52
N PRO QA 378 137.48 -38.79 -43.80
CA PRO QA 378 137.97 -40.05 -44.37
C PRO QA 378 139.48 -40.08 -44.45
N THR QA 379 140.04 -41.22 -44.85
CA THR QA 379 141.49 -41.42 -44.88
C THR QA 379 141.99 -41.19 -46.30
N GLY QA 380 142.92 -40.24 -46.45
CA GLY QA 380 143.47 -39.94 -47.76
C GLY QA 380 144.59 -40.88 -48.16
N ILE QA 381 144.97 -40.79 -49.43
CA ILE QA 381 146.02 -41.66 -49.96
C ILE QA 381 147.36 -41.31 -49.34
N VAL QA 382 147.61 -40.02 -49.12
CA VAL QA 382 148.91 -39.59 -48.60
C VAL QA 382 149.07 -40.01 -47.14
N THR QA 383 148.02 -39.84 -46.34
CA THR QA 383 148.14 -40.13 -44.92
C THR QA 383 148.14 -41.63 -44.64
N ALA QA 384 147.51 -42.42 -45.51
CA ALA QA 384 147.43 -43.86 -45.29
C ALA QA 384 148.76 -44.56 -45.55
N LEU QA 385 149.73 -43.86 -46.12
CA LEU QA 385 151.05 -44.42 -46.41
C LEU QA 385 152.14 -43.76 -45.57
N ALA QA 386 151.76 -43.14 -44.46
CA ALA QA 386 152.70 -42.45 -43.58
C ALA QA 386 153.05 -43.37 -42.43
N GLY QA 387 154.34 -43.58 -42.23
CA GLY QA 387 154.82 -44.50 -41.22
C GLY QA 387 154.85 -45.95 -41.66
N THR QA 388 154.21 -46.28 -42.77
CA THR QA 388 154.23 -47.62 -43.31
C THR QA 388 155.54 -47.84 -44.06
N ALA QA 389 155.83 -49.10 -44.39
CA ALA QA 389 157.05 -49.42 -45.13
C ALA QA 389 157.07 -48.78 -46.51
N ALA QA 390 155.91 -48.33 -47.01
CA ALA QA 390 155.87 -47.68 -48.31
C ALA QA 390 156.61 -46.34 -48.32
N GLU QA 391 156.89 -45.78 -47.15
CA GLU QA 391 157.61 -44.53 -47.06
C GLU QA 391 159.11 -44.77 -47.14
N ILE QA 392 159.78 -44.09 -48.07
CA ILE QA 392 161.21 -44.23 -48.23
C ILE QA 392 161.87 -42.86 -48.04
N ALA QA 393 163.20 -42.81 -48.14
CA ALA QA 393 163.94 -41.59 -47.90
C ALA QA 393 164.88 -41.30 -49.06
N PRO QA 394 165.17 -40.04 -49.34
CA PRO QA 394 166.09 -39.71 -50.42
C PRO QA 394 167.51 -40.17 -50.10
N VAL QA 395 168.27 -40.42 -51.16
CA VAL QA 395 169.63 -40.91 -51.01
C VAL QA 395 170.49 -39.88 -50.27
N THR QA 396 170.21 -38.59 -50.50
CA THR QA 396 170.87 -37.51 -49.78
C THR QA 396 169.81 -36.71 -49.02
N ALA QA 397 170.21 -36.22 -47.85
CA ALA QA 397 169.26 -35.55 -46.96
C ALA QA 397 168.89 -34.18 -47.49
N GLU QA 398 167.58 -33.85 -47.43
CA GLU QA 398 167.07 -32.52 -47.73
C GLU QA 398 167.45 -32.07 -49.15
N THR QA 399 167.31 -32.99 -50.11
CA THR QA 399 167.62 -32.65 -51.49
C THR QA 399 166.83 -33.57 -52.41
N PHE QA 400 166.24 -32.99 -53.45
CA PHE QA 400 165.51 -33.74 -54.48
C PHE QA 400 166.40 -33.86 -55.71
N ALA QA 401 166.72 -35.09 -56.10
CA ALA QA 401 167.62 -35.36 -57.22
C ALA QA 401 166.94 -36.31 -58.20
N LEU QA 402 167.68 -36.66 -59.25
CA LEU QA 402 167.13 -37.58 -60.25
C LEU QA 402 167.02 -39.00 -59.71
N ALA QA 403 167.94 -39.41 -58.82
CA ALA QA 403 167.92 -40.77 -58.33
C ALA QA 403 166.66 -41.10 -57.55
N ASP QA 404 166.00 -40.09 -56.98
CA ASP QA 404 164.81 -40.33 -56.18
C ASP QA 404 163.65 -40.85 -57.01
N VAL QA 405 163.48 -40.34 -58.23
CA VAL QA 405 162.39 -40.80 -59.08
C VAL QA 405 162.57 -42.27 -59.43
N TYR QA 406 163.80 -42.66 -59.81
CA TYR QA 406 164.08 -44.06 -60.04
C TYR QA 406 163.85 -44.89 -58.78
N ALA QA 407 164.27 -44.38 -57.62
CA ALA QA 407 164.08 -45.12 -56.38
C ALA QA 407 162.60 -45.38 -56.12
N VAL QA 408 161.76 -44.38 -56.37
CA VAL QA 408 160.32 -44.56 -56.19
C VAL QA 408 159.79 -45.59 -57.19
N TYR QA 409 160.23 -45.51 -58.44
CA TYR QA 409 159.70 -46.42 -59.46
C TYR QA 409 160.11 -47.87 -59.24
N GLU QA 410 161.33 -48.11 -58.80
CA GLU QA 410 161.95 -49.43 -58.85
C GLU QA 410 161.57 -50.35 -57.70
N GLN QA 411 161.26 -49.81 -56.53
CA GLN QA 411 161.10 -50.65 -55.36
C GLN QA 411 159.78 -51.42 -55.34
N LEU QA 412 158.88 -51.14 -56.28
CA LEU QA 412 157.63 -51.89 -56.36
C LEU QA 412 157.88 -53.30 -56.89
N ALA QA 413 156.97 -54.20 -56.54
CA ALA QA 413 156.97 -55.53 -57.14
C ALA QA 413 156.47 -55.46 -58.57
N ALA QA 414 156.94 -56.41 -59.39
CA ALA QA 414 156.64 -56.38 -60.82
C ALA QA 414 155.14 -56.45 -61.09
N ARG QA 415 154.38 -57.12 -60.22
CA ARG QA 415 152.94 -57.22 -60.44
C ARG QA 415 152.27 -55.86 -60.35
N HIS QA 416 152.70 -55.03 -59.39
CA HIS QA 416 152.15 -53.68 -59.26
C HIS QA 416 152.93 -52.65 -60.05
N ARG QA 417 154.25 -52.81 -60.16
CA ARG QA 417 155.04 -51.82 -60.89
C ARG QA 417 154.67 -51.79 -62.36
N ARG QA 418 154.25 -52.92 -62.93
CA ARG QA 418 153.88 -52.96 -64.33
C ARG QA 418 152.53 -52.31 -64.62
N GLN QA 419 151.77 -51.93 -63.58
CA GLN QA 419 150.51 -51.21 -63.76
C GLN QA 419 150.39 -50.17 -62.64
N GLY QA 420 150.74 -48.94 -62.97
CA GLY QA 420 150.72 -47.87 -61.98
C GLY QA 420 150.60 -46.49 -62.60
N ALA QA 421 150.63 -45.46 -61.77
CA ALA QA 421 150.54 -44.09 -62.25
C ALA QA 421 151.22 -43.18 -61.24
N TRP QA 422 151.63 -42.01 -61.73
CA TRP QA 422 152.32 -41.02 -60.92
C TRP QA 422 151.32 -39.98 -60.43
N LEU QA 423 151.53 -39.52 -59.20
CA LEU QA 423 150.62 -38.55 -58.59
C LEU QA 423 151.44 -37.53 -57.81
N ALA QA 424 151.45 -36.29 -58.30
CA ALA QA 424 152.22 -35.23 -57.67
C ALA QA 424 151.68 -33.88 -58.14
N ASN QA 425 152.12 -32.81 -57.49
CA ASN QA 425 151.75 -31.47 -57.87
C ASN QA 425 152.54 -31.02 -59.09
N ASN QA 426 152.09 -29.94 -59.72
CA ASN QA 426 152.77 -29.43 -60.90
C ASN QA 426 154.16 -28.91 -60.60
N LEU QA 427 154.40 -28.46 -59.37
CA LEU QA 427 155.72 -27.97 -59.01
C LEU QA 427 156.76 -29.07 -59.12
N ILE QA 428 156.42 -30.29 -58.71
CA ILE QA 428 157.36 -31.40 -58.78
C ILE QA 428 157.67 -31.72 -60.24
N TYR QA 429 156.67 -31.69 -61.09
CA TYR QA 429 156.89 -31.96 -62.50
C TYR QA 429 157.79 -30.90 -63.12
N ASN QA 430 157.57 -29.64 -62.75
CA ASN QA 430 158.44 -28.57 -63.25
C ASN QA 430 159.86 -28.73 -62.73
N LYS QA 431 160.02 -29.17 -61.48
CA LYS QA 431 161.36 -29.41 -60.95
C LYS QA 431 162.06 -30.53 -61.70
N ILE QA 432 161.33 -31.60 -62.03
CA ILE QA 432 161.92 -32.68 -62.80
C ILE QA 432 162.29 -32.20 -64.20
N ARG QA 433 161.48 -31.32 -64.78
CA ARG QA 433 161.81 -30.78 -66.10
C ARG QA 433 163.10 -29.98 -66.08
N GLN QA 434 163.52 -29.49 -64.91
CA GLN QA 434 164.73 -28.69 -64.80
C GLN QA 434 165.96 -29.51 -64.44
N PHE QA 435 165.84 -30.83 -64.37
CA PHE QA 435 166.97 -31.65 -63.96
C PHE QA 435 168.11 -31.59 -64.98
N ASP QA 436 167.78 -31.71 -66.27
CA ASP QA 436 168.80 -31.83 -67.29
C ASP QA 436 169.24 -30.45 -67.78
N THR QA 437 170.55 -30.22 -67.77
CA THR QA 437 171.12 -28.97 -68.24
C THR QA 437 172.01 -29.15 -69.47
N GLN QA 438 172.72 -30.26 -69.58
CA GLN QA 438 173.60 -30.52 -70.70
C GLN QA 438 173.01 -31.49 -71.72
N GLY QA 439 171.70 -31.74 -71.65
CA GLY QA 439 171.07 -32.64 -72.60
C GLY QA 439 171.50 -34.08 -72.48
N GLY QA 440 171.58 -34.61 -71.26
CA GLY QA 440 171.96 -35.98 -71.04
C GLY QA 440 170.78 -36.93 -71.09
N ALA QA 441 170.81 -37.98 -70.27
CA ALA QA 441 169.71 -38.93 -70.23
C ALA QA 441 168.50 -38.41 -69.46
N GLY QA 442 168.64 -37.29 -68.77
CA GLY QA 442 167.56 -36.69 -68.02
C GLY QA 442 166.67 -35.75 -68.79
N LEU QA 443 166.87 -35.65 -70.11
CA LEU QA 443 166.05 -34.77 -70.93
C LEU QA 443 164.66 -35.36 -71.07
N TRP QA 444 163.72 -34.86 -70.28
CA TRP QA 444 162.32 -35.26 -70.43
C TRP QA 444 161.71 -34.60 -71.67
N THR QA 445 161.65 -33.28 -71.67
CA THR QA 445 161.12 -32.51 -72.78
C THR QA 445 161.72 -31.12 -72.71
N THR QA 446 162.05 -30.56 -73.87
CA THR QA 446 162.64 -29.24 -73.92
C THR QA 446 161.60 -28.18 -73.58
N ILE QA 447 162.09 -27.00 -73.20
CA ILE QA 447 161.20 -25.86 -72.98
C ILE QA 447 160.52 -25.52 -74.30
N GLY QA 448 159.28 -25.05 -74.21
CA GLY QA 448 158.49 -24.74 -75.38
C GLY QA 448 157.51 -25.84 -75.79
N ASN QA 449 157.36 -26.88 -74.97
CA ASN QA 449 156.43 -27.95 -75.25
C ASN QA 449 155.54 -28.17 -74.04
N GLY QA 450 154.41 -28.84 -74.27
CA GLY QA 450 153.43 -29.02 -73.22
C GLY QA 450 153.83 -30.02 -72.17
N GLU QA 451 152.91 -30.33 -71.26
CA GLU QA 451 153.19 -31.26 -70.18
C GLU QA 451 153.26 -32.67 -70.75
N PRO QA 452 154.38 -33.39 -70.58
CA PRO QA 452 154.48 -34.73 -71.16
C PRO QA 452 153.41 -35.66 -70.62
N SER QA 453 152.97 -36.59 -71.47
CA SER QA 453 151.85 -37.46 -71.16
C SER QA 453 152.26 -38.74 -70.45
N GLN QA 454 153.56 -39.02 -70.31
CA GLN QA 454 153.99 -40.24 -69.65
C GLN QA 454 155.41 -40.09 -69.15
N LEU QA 455 155.67 -40.71 -68.00
CA LEU QA 455 157.01 -40.74 -67.41
C LEU QA 455 157.41 -42.19 -67.20
N LEU QA 456 158.56 -42.58 -67.74
CA LEU QA 456 159.05 -43.95 -67.65
C LEU QA 456 158.02 -44.95 -68.17
N GLY QA 457 157.32 -44.57 -69.23
CA GLY QA 457 156.34 -45.45 -69.84
C GLY QA 457 155.03 -45.60 -69.10
N ARG QA 458 154.78 -44.78 -68.07
CA ARG QA 458 153.58 -44.89 -67.28
C ARG QA 458 152.81 -43.57 -67.28
N PRO QA 459 151.50 -43.62 -67.06
CA PRO QA 459 150.70 -42.38 -67.08
C PRO QA 459 151.07 -41.45 -65.94
N VAL QA 460 150.70 -40.18 -66.09
CA VAL QA 460 151.03 -39.13 -65.14
C VAL QA 460 149.74 -38.48 -64.66
N GLY QA 461 149.59 -38.34 -63.34
CA GLY QA 461 148.47 -37.66 -62.74
C GLY QA 461 148.90 -36.43 -61.97
N GLU QA 462 147.92 -35.60 -61.63
CA GLU QA 462 148.18 -34.33 -60.96
C GLU QA 462 147.17 -34.10 -59.84
N ALA QA 463 147.61 -33.44 -58.79
CA ALA QA 463 146.74 -33.07 -57.68
C ALA QA 463 147.37 -31.91 -56.92
N GLU QA 464 146.65 -30.80 -56.81
CA GLU QA 464 147.17 -29.62 -56.14
C GLU QA 464 147.16 -29.74 -54.62
N ALA QA 465 146.47 -30.73 -54.07
CA ALA QA 465 146.36 -30.86 -52.62
C ALA QA 465 147.59 -31.49 -51.99
N MET QA 466 148.54 -31.97 -52.78
CA MET QA 466 149.78 -32.49 -52.23
C MET QA 466 150.74 -31.36 -51.91
N ASP QA 467 151.74 -31.67 -51.09
CA ASP QA 467 152.76 -30.69 -50.75
C ASP QA 467 153.56 -30.30 -51.99
N ALA QA 468 153.89 -29.01 -52.07
CA ALA QA 468 154.55 -28.46 -53.24
C ALA QA 468 156.05 -28.25 -53.03
N ASN QA 469 156.44 -27.49 -52.01
CA ASN QA 469 157.84 -27.22 -51.73
C ASN QA 469 158.10 -27.35 -50.24
N TRP QA 470 159.38 -27.58 -49.91
CA TRP QA 470 159.79 -27.87 -48.55
C TRP QA 470 160.67 -26.80 -47.93
N ASN QA 471 161.11 -25.82 -48.71
CA ASN QA 471 162.05 -24.82 -48.22
C ASN QA 471 161.34 -23.65 -47.54
N THR QA 472 160.34 -23.07 -48.19
CA THR QA 472 159.61 -21.96 -47.58
C THR QA 472 158.67 -22.46 -46.49
N SER QA 473 158.20 -23.69 -46.60
CA SER QA 473 157.32 -24.26 -45.59
C SER QA 473 158.09 -24.62 -44.34
N ALA QA 474 157.43 -24.51 -43.19
CA ALA QA 474 158.01 -24.87 -41.91
C ALA QA 474 157.65 -26.29 -41.48
N SER QA 475 156.91 -27.04 -42.30
CA SER QA 475 156.52 -28.39 -41.93
C SER QA 475 157.73 -29.30 -41.84
N ALA QA 476 157.70 -30.23 -40.88
CA ALA QA 476 158.84 -31.12 -40.66
C ALA QA 476 159.02 -32.09 -41.82
N ASP QA 477 157.95 -32.77 -42.22
CA ASP QA 477 158.00 -33.77 -43.28
C ASP QA 477 157.15 -33.32 -44.44
N ASN QA 478 157.63 -33.58 -45.67
CA ASN QA 478 156.94 -33.20 -46.89
C ASN QA 478 156.81 -34.42 -47.79
N PHE QA 479 155.61 -34.65 -48.30
CA PHE QA 479 155.33 -35.77 -49.19
C PHE QA 479 155.05 -35.20 -50.58
N VAL QA 480 155.99 -35.41 -51.50
CA VAL QA 480 155.95 -34.72 -52.79
C VAL QA 480 155.77 -35.68 -53.96
N LEU QA 481 156.24 -36.91 -53.86
CA LEU QA 481 156.17 -37.83 -55.00
C LEU QA 481 155.58 -39.16 -54.54
N LEU QA 482 154.69 -39.71 -55.36
CA LEU QA 482 154.02 -40.96 -55.05
C LEU QA 482 153.73 -41.69 -56.35
N TYR QA 483 153.89 -43.02 -56.32
CA TYR QA 483 153.62 -43.86 -57.49
C TYR QA 483 153.25 -45.24 -57.01
N GLY QA 484 152.25 -45.85 -57.65
CA GLY QA 484 151.86 -47.20 -57.28
C GLY QA 484 150.64 -47.65 -58.04
N ASN QA 485 150.19 -48.86 -57.72
CA ASN QA 485 149.02 -49.46 -58.34
C ASN QA 485 147.79 -48.92 -57.62
N PHE QA 486 147.03 -48.06 -58.30
CA PHE QA 486 145.93 -47.36 -57.66
C PHE QA 486 144.67 -48.21 -57.58
N GLN QA 487 144.65 -49.40 -58.15
CA GLN QA 487 143.47 -50.26 -58.02
C GLN QA 487 143.28 -50.78 -56.61
N ASN QA 488 144.27 -50.63 -55.73
CA ASN QA 488 144.16 -51.05 -54.34
C ASN QA 488 143.67 -49.93 -53.44
N TYR QA 489 143.31 -48.77 -54.00
CA TYR QA 489 142.69 -47.69 -53.25
C TYR QA 489 141.20 -47.69 -53.57
N VAL QA 490 140.37 -47.80 -52.54
CA VAL QA 490 138.94 -48.01 -52.71
C VAL QA 490 138.19 -46.78 -52.21
N ILE QA 491 137.28 -46.27 -53.04
CA ILE QA 491 136.41 -45.17 -52.68
C ILE QA 491 134.99 -45.70 -52.64
N ALA QA 492 134.33 -45.58 -51.48
CA ALA QA 492 132.98 -46.08 -51.28
C ALA QA 492 132.01 -44.90 -51.26
N ASP QA 493 131.01 -44.96 -52.12
CA ASP QA 493 130.04 -43.88 -52.26
C ASP QA 493 128.69 -44.31 -51.67
N ARG QA 494 128.06 -43.42 -50.91
CA ARG QA 494 126.82 -43.72 -50.24
C ARG QA 494 125.61 -43.00 -50.83
N ILE QA 495 125.66 -41.67 -50.91
CA ILE QA 495 124.55 -40.89 -51.44
C ILE QA 495 125.10 -39.62 -52.05
N GLY QA 496 124.42 -39.13 -53.08
CA GLY QA 496 124.80 -37.91 -53.75
C GLY QA 496 124.41 -36.69 -52.94
N MET QA 497 124.72 -35.51 -53.50
CA MET QA 497 124.44 -34.28 -52.80
C MET QA 497 122.95 -33.98 -52.83
N THR QA 498 122.38 -33.67 -51.67
CA THR QA 498 120.96 -33.38 -51.53
C THR QA 498 120.80 -32.01 -50.88
N VAL QA 499 119.87 -31.22 -51.40
CA VAL QA 499 119.61 -29.87 -50.91
C VAL QA 499 118.19 -29.83 -50.36
N GLU QA 500 118.04 -29.35 -49.13
CA GLU QA 500 116.74 -29.25 -48.50
C GLU QA 500 116.45 -27.82 -48.09
N PHE QA 501 115.16 -27.50 -47.98
CA PHE QA 501 114.69 -26.17 -47.65
C PHE QA 501 114.17 -26.16 -46.21
N ILE QA 502 114.63 -25.19 -45.43
CA ILE QA 502 114.19 -25.02 -44.04
C ILE QA 502 113.17 -23.88 -44.03
N PRO QA 503 111.89 -24.15 -43.81
CA PRO QA 503 110.89 -23.08 -43.91
C PRO QA 503 111.09 -21.94 -42.93
N HIS QA 504 111.61 -22.20 -41.73
CA HIS QA 504 111.77 -21.16 -40.73
C HIS QA 504 112.99 -21.44 -39.86
N LEU QA 505 113.54 -20.37 -39.31
CA LEU QA 505 114.60 -20.42 -38.30
C LEU QA 505 114.09 -19.79 -37.02
N PHE QA 506 114.97 -19.66 -36.04
CA PHE QA 506 114.61 -19.09 -34.74
C PHE QA 506 115.79 -18.30 -34.20
N GLY QA 507 115.54 -17.49 -33.18
CA GLY QA 507 116.53 -16.64 -32.57
C GLY QA 507 116.85 -17.09 -31.16
N THR QA 508 117.47 -16.17 -30.41
CA THR QA 508 117.90 -16.49 -29.04
C THR QA 508 116.71 -16.80 -28.14
N ASN QA 509 115.65 -16.01 -28.25
CA ASN QA 509 114.45 -16.20 -27.45
C ASN QA 509 113.52 -17.27 -28.02
N ARG QA 510 114.02 -18.10 -28.94
CA ARG QA 510 113.30 -19.27 -29.44
C ARG QA 510 112.02 -18.88 -30.18
N ARG QA 511 112.04 -17.76 -30.90
CA ARG QA 511 110.90 -17.30 -31.66
C ARG QA 511 111.34 -16.92 -33.06
N PRO QA 512 110.43 -16.99 -34.04
CA PRO QA 512 110.82 -16.70 -35.43
C PRO QA 512 111.39 -15.30 -35.59
N ASN QA 513 112.40 -15.19 -36.46
CA ASN QA 513 113.07 -13.93 -36.72
C ASN QA 513 112.99 -13.49 -38.17
N GLY QA 514 112.35 -14.28 -39.03
CA GLY QA 514 112.18 -13.89 -40.41
C GLY QA 514 113.33 -14.28 -41.31
N SER QA 515 113.69 -15.57 -41.30
CA SER QA 515 114.79 -16.07 -42.11
C SER QA 515 114.45 -17.48 -42.58
N ARG QA 516 115.28 -17.99 -43.49
CA ARG QA 516 115.09 -19.33 -44.05
C ARG QA 516 116.46 -19.94 -44.28
N GLY QA 517 116.51 -21.28 -44.33
CA GLY QA 517 117.76 -21.99 -44.38
C GLY QA 517 117.78 -23.04 -45.47
N TRP QA 518 119.00 -23.35 -45.91
CA TRP QA 518 119.24 -24.24 -47.05
C TRP QA 518 120.29 -25.25 -46.61
N PHE QA 519 119.87 -26.50 -46.44
CA PHE QA 519 120.72 -27.56 -45.89
C PHE QA 519 121.16 -28.50 -47.00
N ALA QA 520 122.42 -28.92 -46.93
CA ALA QA 520 122.96 -29.87 -47.90
C ALA QA 520 123.93 -30.80 -47.20
N TYR QA 521 123.88 -32.09 -47.56
CA TYR QA 521 124.76 -33.08 -46.95
C TYR QA 521 125.19 -34.08 -48.02
N TYR QA 522 126.25 -34.83 -47.71
CA TYR QA 522 126.84 -35.78 -48.64
C TYR QA 522 127.71 -36.75 -47.85
N ARG QA 523 127.62 -38.03 -48.19
CA ARG QA 523 128.30 -39.08 -47.45
C ARG QA 523 129.19 -39.89 -48.39
N MET QA 524 130.36 -40.28 -47.90
CA MET QA 524 131.30 -41.11 -48.65
C MET QA 524 132.31 -41.70 -47.66
N GLY QA 525 133.31 -42.40 -48.20
CA GLY QA 525 134.34 -43.03 -47.40
C GLY QA 525 135.37 -43.74 -48.25
N ALA QA 526 136.64 -43.68 -47.87
CA ALA QA 526 137.70 -44.26 -48.68
C ALA QA 526 138.92 -44.54 -47.82
N ASP QA 527 139.67 -45.58 -48.19
CA ASP QA 527 140.90 -45.93 -47.50
C ASP QA 527 141.71 -46.89 -48.36
N VAL QA 528 142.95 -47.15 -47.91
CA VAL QA 528 143.88 -48.03 -48.61
C VAL QA 528 143.70 -49.45 -48.10
N VAL QA 529 143.63 -50.40 -49.03
CA VAL QA 529 143.51 -51.80 -48.64
C VAL QA 529 144.87 -52.48 -48.54
N ASN QA 530 145.74 -52.29 -49.52
CA ASN QA 530 147.07 -52.88 -49.52
C ASN QA 530 148.12 -51.78 -49.43
N PRO QA 531 148.74 -51.57 -48.27
CA PRO QA 531 149.73 -50.49 -48.14
C PRO QA 531 151.08 -50.78 -48.75
N ASN QA 532 151.30 -51.98 -49.28
CA ASN QA 532 152.58 -52.35 -49.86
C ASN QA 532 152.62 -52.20 -51.38
N ALA QA 533 151.57 -51.66 -51.99
CA ALA QA 533 151.50 -51.51 -53.43
C ALA QA 533 151.86 -50.10 -53.89
N PHE QA 534 152.41 -49.27 -53.01
CA PHE QA 534 152.77 -47.89 -53.32
C PHE QA 534 154.16 -47.60 -52.77
N ARG QA 535 154.68 -46.42 -53.12
CA ARG QA 535 155.94 -45.95 -52.57
C ARG QA 535 155.85 -44.43 -52.46
N LEU QA 536 155.91 -43.93 -51.23
CA LEU QA 536 155.86 -42.50 -50.97
C LEU QA 536 157.25 -41.98 -50.59
N LEU QA 537 157.59 -40.82 -51.13
CA LEU QA 537 158.87 -40.18 -50.90
C LEU QA 537 158.69 -39.06 -49.89
N ASN QA 538 159.48 -39.09 -48.81
CA ASN QA 538 159.41 -38.08 -47.76
C ASN QA 538 160.76 -37.38 -47.69
N VAL QA 539 160.74 -36.05 -47.79
CA VAL QA 539 161.94 -35.23 -47.68
C VAL QA 539 161.91 -34.60 -46.30
N GLU QA 540 162.54 -35.26 -45.33
CA GLU QA 540 162.55 -34.82 -43.95
C GLU QA 540 163.46 -33.60 -43.83
N THR QA 541 162.85 -32.41 -43.78
CA THR QA 541 163.59 -31.16 -43.69
C THR QA 541 163.69 -30.71 -42.24
N ALA QA 542 164.41 -31.51 -41.44
CA ALA QA 542 164.61 -31.18 -40.05
C ALA QA 542 165.48 -29.93 -39.91
N SER QA 543 165.37 -29.27 -38.76
CA SER QA 543 166.11 -28.05 -38.49
C SER QA 543 167.61 -28.32 -38.40
N MET RA 251 119.18 -42.02 -30.70
CA MET RA 251 119.53 -43.24 -31.42
C MET RA 251 120.18 -42.92 -32.76
N GLY RA 252 121.24 -43.65 -33.09
CA GLY RA 252 122.02 -43.37 -34.29
C GLY RA 252 122.75 -44.59 -34.79
N LEU RA 253 124.00 -44.40 -35.20
CA LEU RA 253 124.78 -45.44 -35.85
C LEU RA 253 125.45 -46.40 -34.87
N THR RA 254 125.52 -46.05 -33.59
CA THR RA 254 126.14 -46.94 -32.62
C THR RA 254 125.29 -48.20 -32.44
N LYS RA 255 125.96 -49.31 -32.09
CA LYS RA 255 125.27 -50.59 -32.00
C LYS RA 255 124.10 -50.52 -31.01
N ALA RA 256 124.38 -50.08 -29.78
CA ALA RA 256 123.36 -50.11 -28.74
C ALA RA 256 122.17 -49.21 -29.08
N ASP RA 257 122.44 -48.05 -29.66
CA ASP RA 257 121.37 -47.11 -30.02
C ASP RA 257 120.81 -47.43 -31.41
N GLY RA 258 120.29 -48.65 -31.53
CA GLY RA 258 119.60 -49.06 -32.74
C GLY RA 258 120.48 -49.47 -33.90
N GLY RA 259 121.79 -49.57 -33.70
CA GLY RA 259 122.68 -49.89 -34.81
C GLY RA 259 122.68 -51.36 -35.21
N TYR RA 260 122.12 -52.23 -34.38
CA TYR RA 260 122.12 -53.66 -34.68
C TYR RA 260 121.28 -54.01 -35.90
N LEU RA 261 120.40 -53.12 -36.34
CA LEU RA 261 119.55 -53.40 -37.49
C LEU RA 261 120.28 -53.22 -38.83
N VAL RA 262 121.50 -52.71 -38.82
CA VAL RA 262 122.22 -52.42 -40.06
C VAL RA 262 122.62 -53.74 -40.73
N PRO RA 263 122.38 -53.90 -42.03
CA PRO RA 263 122.85 -55.10 -42.72
C PRO RA 263 124.37 -55.11 -42.84
N PHE RA 264 124.89 -56.28 -43.19
CA PHE RA 264 126.32 -56.49 -43.35
C PHE RA 264 126.65 -56.64 -44.82
N GLN RA 265 127.68 -55.92 -45.27
CA GLN RA 265 128.14 -55.97 -46.65
C GLN RA 265 129.52 -56.60 -46.71
N LEU RA 266 129.71 -57.50 -47.67
CA LEU RA 266 130.98 -58.20 -47.81
C LEU RA 266 131.21 -58.51 -49.28
N ASP RA 267 132.47 -58.41 -49.72
CA ASP RA 267 132.85 -58.77 -51.07
C ASP RA 267 133.63 -60.07 -51.01
N PRO RA 268 133.06 -61.19 -51.46
CA PRO RA 268 133.75 -62.49 -51.29
C PRO RA 268 135.03 -62.61 -52.11
N THR RA 269 135.19 -61.79 -53.14
CA THR RA 269 136.41 -61.83 -53.93
C THR RA 269 137.62 -61.46 -53.08
N VAL RA 270 138.67 -62.26 -53.17
CA VAL RA 270 139.86 -62.06 -52.36
C VAL RA 270 140.90 -61.29 -53.18
N ILE RA 271 141.89 -60.74 -52.48
CA ILE RA 271 143.00 -60.04 -53.11
C ILE RA 271 144.31 -60.60 -52.55
N ILE RA 272 145.27 -60.82 -53.43
CA ILE RA 272 146.52 -61.45 -53.04
C ILE RA 272 147.46 -60.39 -52.49
N THR RA 273 148.01 -60.65 -51.29
CA THR RA 273 148.90 -59.72 -50.63
C THR RA 273 150.37 -60.15 -50.72
N SER RA 274 150.67 -61.09 -51.59
CA SER RA 274 152.04 -61.57 -51.79
C SER RA 274 152.68 -60.85 -52.97
N ASN RA 275 153.93 -60.43 -52.78
CA ASN RA 275 154.63 -59.70 -53.83
C ASN RA 275 154.83 -60.56 -55.06
N GLY RA 276 155.19 -61.82 -54.88
CA GLY RA 276 155.49 -62.69 -56.00
C GLY RA 276 156.86 -62.41 -56.59
N SER RA 277 157.19 -63.17 -57.63
CA SER RA 277 158.48 -63.02 -58.29
C SER RA 277 158.31 -63.29 -59.77
N LEU RA 278 158.97 -62.46 -60.58
CA LEU RA 278 158.94 -62.58 -62.03
C LEU RA 278 160.32 -62.95 -62.53
N ASN RA 279 160.39 -63.92 -63.43
CA ASN RA 279 161.65 -64.39 -63.97
C ASN RA 279 161.49 -64.69 -65.44
N ASP RA 280 162.61 -64.62 -66.18
CA ASP RA 280 162.59 -64.86 -67.61
C ASP RA 280 163.70 -65.82 -68.05
N ILE RA 281 164.13 -66.73 -67.18
CA ILE RA 281 165.14 -67.71 -67.59
C ILE RA 281 164.59 -68.62 -68.66
N ARG RA 282 163.34 -69.06 -68.52
CA ARG RA 282 162.77 -70.00 -69.48
C ARG RA 282 162.64 -69.40 -70.88
N ARG RA 283 162.69 -68.08 -71.00
CA ARG RA 283 162.68 -67.48 -72.33
C ARG RA 283 163.98 -67.72 -73.07
N PHE RA 284 165.07 -67.98 -72.35
CA PHE RA 284 166.39 -68.17 -72.94
C PHE RA 284 166.95 -69.57 -72.77
N ALA RA 285 166.71 -70.20 -71.64
CA ALA RA 285 167.37 -71.46 -71.33
C ALA RA 285 166.86 -72.59 -72.22
N ARG RA 286 167.65 -73.66 -72.29
CA ARG RA 286 167.30 -74.83 -73.07
C ARG RA 286 166.44 -75.77 -72.24
N GLN RA 287 165.31 -76.17 -72.82
CA GLN RA 287 164.31 -76.98 -72.12
C GLN RA 287 164.34 -78.40 -72.67
N VAL RA 288 164.44 -79.37 -71.77
CA VAL RA 288 164.53 -80.78 -72.13
C VAL RA 288 163.46 -81.56 -71.39
N VAL RA 289 162.79 -82.47 -72.12
CA VAL RA 289 161.78 -83.33 -71.53
C VAL RA 289 162.45 -84.65 -71.13
N ALA RA 290 162.37 -84.98 -69.85
CA ALA RA 290 163.01 -86.18 -69.31
C ALA RA 290 161.96 -87.25 -69.09
N THR RA 291 162.23 -88.46 -69.59
CA THR RA 291 161.33 -89.58 -69.45
C THR RA 291 161.64 -90.47 -68.25
N GLY RA 292 162.70 -90.18 -67.51
CA GLY RA 292 163.10 -91.06 -66.42
C GLY RA 292 163.45 -90.34 -65.14
N ASP RA 293 164.57 -90.72 -64.53
CA ASP RA 293 165.01 -90.18 -63.25
C ASP RA 293 166.11 -89.14 -63.39
N VAL RA 294 167.12 -89.41 -64.21
CA VAL RA 294 168.25 -88.51 -64.40
C VAL RA 294 168.52 -88.35 -65.89
N TRP RA 295 168.77 -87.12 -66.31
CA TRP RA 295 169.11 -86.83 -67.70
C TRP RA 295 170.63 -86.80 -67.86
N HIS RA 296 171.13 -87.60 -68.80
CA HIS RA 296 172.56 -87.75 -68.99
C HIS RA 296 173.00 -87.14 -70.31
N GLY RA 297 174.21 -86.59 -70.32
CA GLY RA 297 174.80 -86.01 -71.51
C GLY RA 297 176.26 -86.38 -71.63
N VAL RA 298 176.87 -85.92 -72.73
CA VAL RA 298 178.26 -86.19 -73.04
C VAL RA 298 178.97 -84.87 -73.31
N SER RA 299 180.14 -84.70 -72.71
CA SER RA 299 180.95 -83.50 -72.92
C SER RA 299 182.40 -83.89 -73.15
N SER RA 300 183.07 -83.12 -74.00
CA SER RA 300 184.48 -83.36 -74.31
C SER RA 300 185.08 -82.05 -74.81
N ALA RA 301 186.41 -82.02 -74.91
CA ALA RA 301 187.15 -80.84 -75.34
C ALA RA 301 188.01 -81.19 -76.55
N ALA RA 302 188.61 -80.17 -77.16
CA ALA RA 302 189.34 -80.35 -78.40
C ALA RA 302 190.67 -81.05 -78.14
N VAL RA 303 191.40 -81.33 -79.22
CA VAL RA 303 192.65 -82.08 -79.18
C VAL RA 303 193.80 -81.11 -79.38
N GLN RA 304 194.86 -81.30 -78.58
CA GLN RA 304 195.99 -80.38 -78.58
C GLN RA 304 196.99 -80.76 -79.67
N TRP RA 305 197.28 -79.81 -80.56
CA TRP RA 305 198.27 -80.01 -81.60
C TRP RA 305 199.63 -79.50 -81.12
N SER RA 306 200.66 -79.70 -81.93
CA SER RA 306 202.00 -79.26 -81.58
C SER RA 306 202.80 -78.99 -82.84
N TRP RA 307 203.82 -78.15 -82.71
CA TRP RA 307 204.74 -77.84 -83.79
C TRP RA 307 206.01 -78.68 -83.58
N ASP RA 308 206.15 -79.74 -84.36
CA ASP RA 308 207.23 -80.69 -84.19
C ASP RA 308 208.19 -80.62 -85.38
N ALA RA 309 209.46 -80.86 -85.09
CA ALA RA 309 210.50 -80.87 -86.11
C ALA RA 309 210.55 -82.25 -86.79
N GLU RA 310 211.54 -82.44 -87.64
CA GLU RA 310 211.70 -83.71 -88.33
C GLU RA 310 212.16 -84.80 -87.37
N PHE RA 311 211.70 -86.03 -87.64
CA PHE RA 311 212.12 -87.22 -86.90
C PHE RA 311 211.88 -87.08 -85.40
N GLU RA 312 210.71 -86.55 -85.04
CA GLU RA 312 210.30 -86.43 -83.65
C GLU RA 312 209.02 -87.21 -83.44
N GLU RA 313 209.03 -88.12 -82.46
CA GLU RA 313 207.84 -88.90 -82.14
C GLU RA 313 206.76 -87.98 -81.59
N VAL RA 314 205.53 -88.16 -82.08
CA VAL RA 314 204.42 -87.37 -81.57
C VAL RA 314 204.03 -87.86 -80.18
N SER RA 315 203.33 -87.01 -79.45
CA SER RA 315 202.77 -87.36 -78.15
C SER RA 315 201.29 -87.59 -78.29
N ASP RA 316 200.79 -88.67 -77.68
CA ASP RA 316 199.38 -88.99 -77.79
C ASP RA 316 198.53 -87.90 -77.17
N ASP RA 317 197.39 -87.61 -77.80
CA ASP RA 317 196.57 -86.47 -77.46
C ASP RA 317 195.11 -86.89 -77.35
N SER RA 318 194.84 -87.98 -76.64
CA SER RA 318 193.49 -88.48 -76.53
C SER RA 318 192.63 -87.51 -75.73
N PRO RA 319 191.53 -87.01 -76.29
CA PRO RA 319 190.68 -86.09 -75.53
C PRO RA 319 189.91 -86.80 -74.42
N GLU RA 320 189.66 -86.08 -73.34
CA GLU RA 320 188.94 -86.61 -72.20
C GLU RA 320 187.45 -86.27 -72.30
N PHE RA 321 186.61 -87.26 -72.02
CA PHE RA 321 185.17 -87.11 -72.13
C PHE RA 321 184.53 -86.99 -70.75
N GLY RA 322 183.33 -86.43 -70.73
CA GLY RA 322 182.61 -86.22 -69.48
C GLY RA 322 181.16 -86.66 -69.61
N GLN RA 323 180.54 -86.92 -68.46
CA GLN RA 323 179.16 -87.40 -68.38
C GLN RA 323 178.38 -86.55 -67.40
N PRO RA 324 177.89 -85.38 -67.82
CA PRO RA 324 177.06 -84.55 -66.93
C PRO RA 324 175.75 -85.24 -66.62
N GLU RA 325 175.21 -84.96 -65.42
CA GLU RA 325 173.98 -85.58 -64.95
C GLU RA 325 173.03 -84.51 -64.42
N ILE RA 326 171.74 -84.74 -64.62
CA ILE RA 326 170.70 -83.84 -64.15
C ILE RA 326 169.71 -84.62 -63.29
N PRO RA 327 169.80 -84.57 -61.97
CA PRO RA 327 168.80 -85.24 -61.14
C PRO RA 327 167.47 -84.49 -61.14
N VAL RA 328 166.41 -85.24 -60.89
CA VAL RA 328 165.05 -84.71 -60.89
C VAL RA 328 164.50 -84.79 -59.47
N LYS RA 329 164.01 -83.66 -58.96
CA LYS RA 329 163.50 -83.57 -57.60
C LYS RA 329 162.01 -83.26 -57.61
N LYS RA 330 161.40 -83.31 -56.43
CA LYS RA 330 159.96 -83.17 -56.30
C LYS RA 330 159.63 -82.14 -55.23
N ALA RA 331 158.66 -81.27 -55.54
CA ALA RA 331 158.15 -80.27 -54.61
C ALA RA 331 156.65 -80.45 -54.45
N GLN RA 332 156.16 -80.27 -53.22
CA GLN RA 332 154.76 -80.52 -52.93
C GLN RA 332 154.25 -79.51 -51.91
N GLY RA 333 152.94 -79.34 -51.90
CA GLY RA 333 152.29 -78.47 -50.93
C GLY RA 333 150.99 -79.10 -50.47
N PHE RA 334 150.54 -78.68 -49.30
CA PHE RA 334 149.39 -79.32 -48.66
C PHE RA 334 148.64 -78.31 -47.80
N VAL RA 335 147.32 -78.47 -47.72
CA VAL RA 335 146.49 -77.66 -46.85
C VAL RA 335 145.26 -78.44 -46.43
N PRO RA 336 145.03 -78.62 -45.13
CA PRO RA 336 143.82 -79.30 -44.67
C PRO RA 336 142.65 -78.34 -44.52
N ILE RA 337 141.45 -78.90 -44.67
CA ILE RA 337 140.21 -78.14 -44.58
C ILE RA 337 139.22 -78.92 -43.72
N SER RA 338 138.48 -78.20 -42.89
CA SER RA 338 137.50 -78.81 -42.02
C SER RA 338 136.16 -78.94 -42.73
N ILE RA 339 135.34 -79.88 -42.24
CA ILE RA 339 134.04 -80.13 -42.86
C ILE RA 339 133.13 -78.91 -42.71
N GLU RA 340 133.10 -78.33 -41.50
CA GLU RA 340 132.25 -77.17 -41.27
C GLU RA 340 132.65 -76.02 -42.17
N ALA RA 341 133.95 -75.77 -42.30
CA ALA RA 341 134.42 -74.71 -43.19
C ALA RA 341 134.05 -75.00 -44.63
N LEU RA 342 134.15 -76.28 -45.04
CA LEU RA 342 133.80 -76.64 -46.40
C LEU RA 342 132.33 -76.41 -46.70
N GLN RA 343 131.45 -76.73 -45.77
CA GLN RA 343 130.02 -76.56 -45.98
C GLN RA 343 129.55 -75.12 -45.79
N ASP RA 344 130.27 -74.32 -45.00
CA ASP RA 344 129.86 -72.94 -44.74
C ASP RA 344 130.49 -71.96 -45.72
N GLU RA 345 131.81 -71.97 -45.82
CA GLU RA 345 132.51 -71.03 -46.69
C GLU RA 345 132.21 -71.34 -48.14
N ALA RA 346 131.95 -70.29 -48.92
CA ALA RA 346 131.53 -70.43 -50.31
C ALA RA 346 132.69 -70.11 -51.24
N ASN RA 347 132.83 -70.93 -52.29
CA ASN RA 347 133.88 -70.77 -53.29
C ASN RA 347 135.27 -70.82 -52.65
N VAL RA 348 135.57 -71.96 -52.04
CA VAL RA 348 136.89 -72.16 -51.46
C VAL RA 348 137.79 -72.94 -52.39
N THR RA 349 137.22 -73.83 -53.20
CA THR RA 349 138.04 -74.65 -54.08
C THR RA 349 138.79 -73.81 -55.10
N GLU RA 350 138.11 -72.84 -55.72
CA GLU RA 350 138.75 -71.99 -56.71
C GLU RA 350 139.82 -71.12 -56.06
N THR RA 351 139.53 -70.58 -54.88
CA THR RA 351 140.52 -69.78 -54.16
C THR RA 351 141.75 -70.60 -53.83
N VAL RA 352 141.55 -71.84 -53.37
CA VAL RA 352 142.66 -72.71 -53.03
C VAL RA 352 143.49 -73.04 -54.27
N ALA RA 353 142.82 -73.28 -55.40
CA ALA RA 353 143.55 -73.55 -56.64
C ALA RA 353 144.39 -72.35 -57.06
N LEU RA 354 143.82 -71.15 -56.95
CA LEU RA 354 144.57 -69.95 -57.28
C LEU RA 354 145.78 -69.77 -56.37
N LEU RA 355 145.59 -70.02 -55.07
CA LEU RA 355 146.70 -69.89 -54.12
C LEU RA 355 147.79 -70.91 -54.43
N PHE RA 356 147.40 -72.14 -54.77
CA PHE RA 356 148.38 -73.15 -55.14
C PHE RA 356 149.17 -72.73 -56.37
N ALA RA 357 148.47 -72.18 -57.38
CA ALA RA 357 149.17 -71.74 -58.58
C ALA RA 357 150.15 -70.62 -58.28
N GLU RA 358 149.74 -69.66 -57.46
CA GLU RA 358 150.63 -68.55 -57.10
C GLU RA 358 151.86 -69.06 -56.36
N GLY RA 359 151.66 -69.95 -55.40
CA GLY RA 359 152.80 -70.48 -54.65
C GLY RA 359 153.74 -71.27 -55.54
N LYS RA 360 153.20 -72.08 -56.45
CA LYS RA 360 154.04 -72.84 -57.36
C LYS RA 360 154.86 -71.92 -58.25
N ASP RA 361 154.23 -70.87 -58.78
CA ASP RA 361 154.96 -69.91 -59.61
C ASP RA 361 156.08 -69.23 -58.83
N GLU RA 362 155.78 -68.81 -57.61
CA GLU RA 362 156.79 -68.13 -56.80
C GLU RA 362 157.97 -69.04 -56.51
N LEU RA 363 157.69 -70.28 -56.11
CA LEU RA 363 158.78 -71.22 -55.83
C LEU RA 363 159.61 -71.49 -57.07
N GLU RA 364 158.95 -71.71 -58.22
CA GLU RA 364 159.70 -71.99 -59.43
C GLU RA 364 160.60 -70.83 -59.81
N ALA RA 365 160.08 -69.59 -59.73
CA ALA RA 365 160.90 -68.44 -60.07
C ALA RA 365 162.10 -68.33 -59.15
N VAL RA 366 161.87 -68.41 -57.83
CA VAL RA 366 162.97 -68.24 -56.88
C VAL RA 366 164.01 -69.34 -57.06
N THR RA 367 163.58 -70.59 -57.24
CA THR RA 367 164.54 -71.69 -57.32
C THR RA 367 165.30 -71.67 -58.63
N LEU RA 368 164.63 -71.35 -59.74
CA LEU RA 368 165.34 -71.22 -61.01
C LEU RA 368 166.37 -70.10 -60.93
N THR RA 369 166.01 -68.97 -60.30
CA THR RA 369 166.98 -67.90 -60.13
C THR RA 369 168.14 -68.33 -59.24
N THR RA 370 167.85 -69.02 -58.14
CA THR RA 370 168.90 -69.49 -57.25
C THR RA 370 168.42 -70.72 -56.51
N GLY RA 371 169.22 -71.76 -56.50
CA GLY RA 371 168.93 -72.97 -55.76
C GLY RA 371 170.21 -73.59 -55.25
N THR RA 372 170.16 -74.10 -54.02
CA THR RA 372 171.38 -74.60 -53.38
C THR RA 372 171.98 -75.75 -54.15
N GLY RA 373 171.16 -76.68 -54.63
CA GLY RA 373 171.64 -77.86 -55.31
C GLY RA 373 171.99 -79.02 -54.40
N GLN RA 374 172.06 -78.78 -53.09
CA GLN RA 374 172.34 -79.81 -52.11
C GLN RA 374 171.05 -80.16 -51.38
N GLY RA 375 170.76 -81.46 -51.31
CA GLY RA 375 169.57 -81.91 -50.62
C GLY RA 375 168.44 -82.24 -51.58
N ASN RA 376 167.32 -81.52 -51.46
CA ASN RA 376 166.16 -81.76 -52.29
C ASN RA 376 165.92 -80.62 -53.28
N GLN RA 377 166.88 -79.73 -53.44
CA GLN RA 377 166.68 -78.58 -54.31
C GLN RA 377 167.51 -78.72 -55.58
N PRO RA 378 166.95 -78.36 -56.73
CA PRO RA 378 167.75 -78.26 -57.94
C PRO RA 378 168.77 -77.14 -57.82
N THR RA 379 169.65 -77.07 -58.81
CA THR RA 379 170.75 -76.12 -58.81
C THR RA 379 170.37 -74.91 -59.65
N GLY RA 380 170.36 -73.73 -59.03
CA GLY RA 380 170.19 -72.50 -59.77
C GLY RA 380 171.48 -72.09 -60.46
N ILE RA 381 171.34 -71.17 -61.41
CA ILE RA 381 172.49 -70.75 -62.21
C ILE RA 381 173.49 -69.96 -61.39
N VAL RA 382 173.01 -69.10 -60.49
CA VAL RA 382 173.91 -68.27 -59.69
C VAL RA 382 174.77 -69.14 -58.78
N THR RA 383 174.16 -70.14 -58.14
CA THR RA 383 174.91 -71.04 -57.28
C THR RA 383 175.84 -71.92 -58.10
N ALA RA 384 175.42 -72.31 -59.30
CA ALA RA 384 176.27 -73.13 -60.15
C ALA RA 384 177.50 -72.38 -60.65
N LEU RA 385 177.39 -71.07 -60.87
CA LEU RA 385 178.51 -70.28 -61.35
C LEU RA 385 179.31 -69.63 -60.23
N ALA RA 386 178.94 -69.87 -58.98
CA ALA RA 386 179.65 -69.27 -57.85
C ALA RA 386 180.94 -70.02 -57.56
N GLY RA 387 181.96 -69.25 -57.19
CA GLY RA 387 183.25 -69.84 -56.85
C GLY RA 387 183.92 -70.57 -57.98
N THR RA 388 183.76 -70.10 -59.21
CA THR RA 388 184.39 -70.70 -60.38
C THR RA 388 184.99 -69.64 -61.27
N ALA RA 389 185.36 -70.00 -62.49
CA ALA RA 389 185.98 -69.05 -63.40
C ALA RA 389 185.05 -67.95 -63.86
N ALA RA 390 183.74 -68.06 -63.60
CA ALA RA 390 182.78 -67.08 -64.07
C ALA RA 390 182.70 -65.83 -63.19
N GLU RA 391 183.27 -65.85 -61.99
CA GLU RA 391 183.23 -64.68 -61.12
C GLU RA 391 184.27 -63.66 -61.56
N ILE RA 392 183.87 -62.40 -61.60
CA ILE RA 392 184.74 -61.29 -61.99
C ILE RA 392 184.69 -60.24 -60.89
N ALA RA 393 185.86 -59.79 -60.44
CA ALA RA 393 185.92 -58.71 -59.48
C ALA RA 393 185.76 -57.36 -60.18
N PRO RA 394 185.16 -56.38 -59.51
CA PRO RA 394 184.99 -55.05 -60.13
C PRO RA 394 186.30 -54.30 -60.21
N VAL RA 395 186.32 -53.26 -61.04
CA VAL RA 395 187.52 -52.45 -61.21
C VAL RA 395 187.82 -51.67 -59.93
N THR RA 396 186.78 -51.18 -59.26
CA THR RA 396 186.92 -50.42 -58.03
C THR RA 396 186.14 -51.11 -56.93
N ALA RA 397 186.73 -51.22 -55.74
CA ALA RA 397 186.10 -51.93 -54.64
C ALA RA 397 184.79 -51.24 -54.25
N GLU RA 398 183.73 -52.05 -54.12
CA GLU RA 398 182.41 -51.58 -53.68
C GLU RA 398 181.90 -50.45 -54.57
N THR RA 399 182.18 -50.55 -55.86
CA THR RA 399 181.76 -49.54 -56.83
C THR RA 399 181.29 -50.22 -58.10
N PHE RA 400 180.23 -49.68 -58.68
CA PHE RA 400 179.62 -50.24 -59.89
C PHE RA 400 179.51 -49.14 -60.95
N ALA RA 401 180.47 -49.09 -61.85
CA ALA RA 401 180.47 -48.18 -62.98
C ALA RA 401 180.36 -48.97 -64.28
N LEU RA 402 180.22 -48.25 -65.39
CA LEU RA 402 180.05 -48.92 -66.68
C LEU RA 402 181.30 -49.67 -67.11
N ALA RA 403 182.44 -49.40 -66.50
CA ALA RA 403 183.64 -50.17 -66.81
C ALA RA 403 183.44 -51.64 -66.46
N ASP RA 404 182.80 -51.93 -65.32
CA ASP RA 404 182.50 -53.31 -64.96
C ASP RA 404 181.53 -53.94 -65.94
N VAL RA 405 180.54 -53.18 -66.40
CA VAL RA 405 179.58 -53.68 -67.38
C VAL RA 405 180.30 -54.08 -68.66
N TYR RA 406 181.21 -53.22 -69.14
CA TYR RA 406 182.00 -53.57 -70.31
C TYR RA 406 182.86 -54.79 -70.05
N ALA RA 407 183.46 -54.87 -68.86
CA ALA RA 407 184.36 -55.97 -68.55
C ALA RA 407 183.65 -57.31 -68.58
N VAL RA 408 182.43 -57.37 -68.05
CA VAL RA 408 181.68 -58.62 -68.05
C VAL RA 408 181.44 -59.09 -69.48
N TYR RA 409 181.10 -58.16 -70.37
CA TYR RA 409 180.83 -58.54 -71.76
C TYR RA 409 182.10 -58.96 -72.50
N GLU RA 410 183.20 -58.23 -72.30
CA GLU RA 410 184.37 -58.42 -73.13
C GLU RA 410 185.17 -59.67 -72.75
N GLN RA 411 185.17 -60.06 -71.47
CA GLN RA 411 185.99 -61.18 -71.03
C GLN RA 411 185.50 -62.52 -71.57
N LEU RA 412 184.27 -62.58 -72.08
CA LEU RA 412 183.72 -63.82 -72.59
C LEU RA 412 184.35 -64.19 -73.92
N ALA RA 413 184.37 -65.49 -74.21
CA ALA RA 413 184.86 -65.96 -75.50
C ALA RA 413 183.94 -65.51 -76.63
N ALA RA 414 184.54 -65.27 -77.79
CA ALA RA 414 183.80 -64.67 -78.91
C ALA RA 414 182.70 -65.61 -79.41
N ARG RA 415 182.97 -66.93 -79.39
CA ARG RA 415 181.96 -67.87 -79.89
C ARG RA 415 180.68 -67.80 -79.06
N HIS RA 416 180.79 -67.81 -77.74
CA HIS RA 416 179.62 -67.72 -76.89
C HIS RA 416 179.07 -66.30 -76.83
N ARG RA 417 179.93 -65.30 -76.97
CA ARG RA 417 179.52 -63.91 -76.77
C ARG RA 417 178.49 -63.48 -77.81
N ARG RA 418 178.60 -64.00 -79.03
CA ARG RA 418 177.66 -63.60 -80.08
C ARG RA 418 176.25 -64.12 -79.83
N GLN RA 419 176.09 -65.15 -79.00
CA GLN RA 419 174.78 -65.70 -78.68
C GLN RA 419 174.64 -65.73 -77.16
N GLY RA 420 174.06 -64.68 -76.60
CA GLY RA 420 173.90 -64.59 -75.16
C GLY RA 420 172.83 -63.57 -74.82
N ALA RA 421 172.56 -63.47 -73.52
CA ALA RA 421 171.54 -62.56 -73.04
C ALA RA 421 171.93 -62.05 -71.67
N TRP RA 422 171.35 -60.92 -71.28
CA TRP RA 422 171.63 -60.27 -70.01
C TRP RA 422 170.56 -60.65 -69.00
N LEU RA 423 170.99 -61.04 -67.80
CA LEU RA 423 170.08 -61.37 -66.72
C LEU RA 423 170.49 -60.59 -65.48
N ALA RA 424 169.60 -59.75 -64.97
CA ALA RA 424 169.87 -58.93 -63.80
C ALA RA 424 168.55 -58.51 -63.18
N ASN RA 425 168.60 -57.55 -62.26
CA ASN RA 425 167.43 -57.01 -61.59
C ASN RA 425 167.22 -55.56 -62.03
N ASN RA 426 166.01 -55.07 -61.81
CA ASN RA 426 165.64 -53.74 -62.31
C ASN RA 426 166.49 -52.64 -61.69
N LEU RA 427 166.95 -52.84 -60.45
CA LEU RA 427 167.86 -51.88 -59.84
C LEU RA 427 169.12 -51.71 -60.66
N ILE RA 428 169.66 -52.81 -61.18
CA ILE RA 428 170.89 -52.73 -61.97
C ILE RA 428 170.63 -51.94 -63.25
N TYR RA 429 169.52 -52.20 -63.93
CA TYR RA 429 169.24 -51.51 -65.18
C TYR RA 429 169.00 -50.02 -64.94
N ASN RA 430 168.31 -49.69 -63.85
CA ASN RA 430 168.11 -48.28 -63.52
C ASN RA 430 169.44 -47.60 -63.21
N LYS RA 431 170.31 -48.28 -62.48
CA LYS RA 431 171.63 -47.71 -62.20
C LYS RA 431 172.43 -47.52 -63.48
N ILE RA 432 172.28 -48.43 -64.44
CA ILE RA 432 172.90 -48.25 -65.75
C ILE RA 432 172.37 -47.00 -66.42
N ARG RA 433 171.04 -46.82 -66.39
CA ARG RA 433 170.44 -45.63 -67.00
C ARG RA 433 170.94 -44.35 -66.34
N GLN RA 434 171.27 -44.42 -65.05
CA GLN RA 434 171.78 -43.26 -64.33
C GLN RA 434 173.21 -42.86 -64.74
N PHE RA 435 173.91 -43.69 -65.51
CA PHE RA 435 175.33 -43.42 -65.77
C PHE RA 435 175.53 -42.17 -66.60
N ASP RA 436 174.69 -41.96 -67.61
CA ASP RA 436 174.86 -40.82 -68.50
C ASP RA 436 174.46 -39.53 -67.79
N THR RA 437 175.29 -38.51 -67.92
CA THR RA 437 175.00 -37.18 -67.39
C THR RA 437 175.09 -36.09 -68.45
N GLN RA 438 176.05 -36.17 -69.37
CA GLN RA 438 176.27 -35.15 -70.37
C GLN RA 438 175.86 -35.62 -71.77
N GLY RA 439 175.10 -36.70 -71.86
CA GLY RA 439 174.64 -37.18 -73.15
C GLY RA 439 175.74 -37.72 -74.04
N GLY RA 440 176.67 -38.50 -73.48
CA GLY RA 440 177.74 -39.06 -74.26
C GLY RA 440 177.38 -40.39 -74.89
N ALA RA 441 178.27 -41.37 -74.78
CA ALA RA 441 178.02 -42.70 -75.32
C ALA RA 441 177.26 -43.59 -74.36
N GLY RA 442 176.98 -43.12 -73.15
CA GLY RA 442 176.25 -43.90 -72.18
C GLY RA 442 174.75 -43.64 -72.20
N LEU RA 443 174.27 -43.06 -73.31
CA LEU RA 443 172.85 -42.73 -73.45
C LEU RA 443 172.10 -44.00 -73.87
N TRP RA 444 171.75 -44.81 -72.88
CA TRP RA 444 170.95 -46.00 -73.16
C TRP RA 444 169.54 -45.63 -73.60
N THR RA 445 168.87 -44.79 -72.82
CA THR RA 445 167.54 -44.29 -73.16
C THR RA 445 167.18 -43.18 -72.18
N THR RA 446 166.54 -42.14 -72.70
CA THR RA 446 166.10 -41.01 -71.89
C THR RA 446 164.87 -41.40 -71.08
N ILE RA 447 164.55 -40.56 -70.08
CA ILE RA 447 163.35 -40.81 -69.30
C ILE RA 447 162.11 -40.56 -70.17
N GLY RA 448 160.97 -41.02 -69.69
CA GLY RA 448 159.75 -40.98 -70.46
C GLY RA 448 159.54 -42.16 -71.38
N ASN RA 449 160.50 -43.09 -71.43
CA ASN RA 449 160.40 -44.29 -72.25
C ASN RA 449 160.61 -45.52 -71.38
N GLY RA 450 159.99 -46.62 -71.78
CA GLY RA 450 160.08 -47.86 -71.04
C GLY RA 450 161.46 -48.49 -71.17
N GLU RA 451 161.63 -49.59 -70.45
CA GLU RA 451 162.92 -50.28 -70.46
C GLU RA 451 163.20 -50.80 -71.86
N PRO RA 452 164.31 -50.40 -72.47
CA PRO RA 452 164.64 -50.91 -73.81
C PRO RA 452 164.95 -52.39 -73.75
N SER RA 453 164.66 -53.07 -74.87
CA SER RA 453 164.85 -54.50 -74.99
C SER RA 453 166.21 -54.85 -75.58
N GLN RA 454 167.09 -53.87 -75.75
CA GLN RA 454 168.34 -54.10 -76.45
C GLN RA 454 169.47 -53.43 -75.69
N LEU RA 455 170.57 -54.15 -75.51
CA LEU RA 455 171.77 -53.59 -74.86
C LEU RA 455 172.99 -54.28 -75.47
N LEU RA 456 173.86 -53.48 -76.08
CA LEU RA 456 175.08 -53.98 -76.73
C LEU RA 456 174.79 -55.07 -77.76
N GLY RA 457 173.64 -54.99 -78.41
CA GLY RA 457 173.30 -55.93 -79.46
C GLY RA 457 172.74 -57.26 -79.00
N ARG RA 458 172.59 -57.47 -77.69
CA ARG RA 458 172.10 -58.74 -77.19
C ARG RA 458 170.80 -58.54 -76.41
N PRO RA 459 169.96 -59.58 -76.33
CA PRO RA 459 168.70 -59.45 -75.59
C PRO RA 459 168.95 -59.22 -74.10
N VAL RA 460 167.98 -58.59 -73.46
CA VAL RA 460 168.06 -58.25 -72.04
C VAL RA 460 166.92 -58.95 -71.31
N GLY RA 461 167.19 -59.41 -70.09
CA GLY RA 461 166.19 -60.05 -69.27
C GLY RA 461 166.24 -59.53 -67.84
N GLU RA 462 165.22 -59.89 -67.08
CA GLU RA 462 165.11 -59.46 -65.70
C GLU RA 462 164.72 -60.64 -64.81
N ALA RA 463 165.06 -60.53 -63.54
CA ALA RA 463 164.71 -61.54 -62.55
C ALA RA 463 164.72 -60.89 -61.18
N GLU RA 464 163.57 -60.82 -60.53
CA GLU RA 464 163.47 -60.13 -59.25
C GLU RA 464 164.16 -60.86 -58.11
N ALA RA 465 164.41 -62.15 -58.24
CA ALA RA 465 165.03 -62.93 -57.18
C ALA RA 465 166.54 -62.86 -57.18
N MET RA 466 167.12 -61.86 -57.84
CA MET RA 466 168.56 -61.67 -57.89
C MET RA 466 168.99 -60.57 -56.93
N ASP RA 467 170.14 -60.77 -56.30
CA ASP RA 467 170.66 -59.77 -55.36
C ASP RA 467 170.94 -58.47 -56.10
N ALA RA 468 170.57 -57.35 -55.47
CA ALA RA 468 170.66 -56.06 -56.14
C ALA RA 468 171.30 -54.96 -55.32
N ASN RA 469 171.36 -55.08 -54.00
CA ASN RA 469 171.89 -54.01 -53.15
C ASN RA 469 173.02 -54.54 -52.29
N TRP RA 470 174.13 -53.81 -52.26
CA TRP RA 470 175.29 -54.17 -51.46
C TRP RA 470 175.42 -53.28 -50.22
N ASN RA 471 174.37 -52.53 -49.89
CA ASN RA 471 174.36 -51.67 -48.71
C ASN RA 471 173.44 -52.18 -47.63
N THR RA 472 172.17 -52.44 -47.95
CA THR RA 472 171.24 -52.98 -46.97
C THR RA 472 171.49 -54.46 -46.74
N SER RA 473 171.85 -55.20 -47.78
CA SER RA 473 172.09 -56.63 -47.63
C SER RA 473 173.40 -56.87 -46.89
N ALA RA 474 173.36 -57.77 -45.91
CA ALA RA 474 174.51 -58.04 -45.06
C ALA RA 474 175.39 -59.17 -45.58
N SER RA 475 175.03 -59.81 -46.68
CA SER RA 475 175.85 -60.89 -47.22
C SER RA 475 177.13 -60.32 -47.83
N ALA RA 476 178.25 -61.00 -47.59
CA ALA RA 476 179.53 -60.50 -48.08
C ALA RA 476 179.64 -60.65 -49.60
N ASP RA 477 178.90 -61.57 -50.19
CA ASP RA 477 178.93 -61.80 -51.63
C ASP RA 477 177.61 -61.39 -52.26
N ASN RA 478 177.68 -60.50 -53.25
CA ASN RA 478 176.50 -59.98 -53.92
C ASN RA 478 176.72 -60.02 -55.43
N PHE RA 479 175.95 -60.84 -56.12
CA PHE RA 479 176.04 -60.97 -57.57
C PHE RA 479 174.93 -60.15 -58.21
N VAL RA 480 175.32 -59.18 -59.04
CA VAL RA 480 174.38 -58.16 -59.50
C VAL RA 480 174.15 -58.24 -61.00
N LEU RA 481 175.16 -58.69 -61.75
CA LEU RA 481 175.07 -58.72 -63.20
C LEU RA 481 175.59 -60.06 -63.71
N LEU RA 482 174.98 -60.52 -64.81
CA LEU RA 482 175.36 -61.78 -65.42
C LEU RA 482 175.01 -61.76 -66.91
N TYR RA 483 175.94 -62.20 -67.74
CA TYR RA 483 175.71 -62.33 -69.17
C TYR RA 483 176.44 -63.57 -69.65
N GLY RA 484 175.80 -64.32 -70.54
CA GLY RA 484 176.43 -65.49 -71.11
C GLY RA 484 175.48 -66.24 -72.02
N ASN RA 485 175.98 -67.36 -72.54
CA ASN RA 485 175.21 -68.20 -73.45
C ASN RA 485 174.29 -69.09 -72.63
N PHE RA 486 173.02 -68.70 -72.52
CA PHE RA 486 172.07 -69.47 -71.73
C PHE RA 486 171.66 -70.78 -72.40
N GLN RA 487 172.19 -71.08 -73.58
CA GLN RA 487 171.94 -72.38 -74.20
C GLN RA 487 172.49 -73.52 -73.36
N ASN RA 488 173.52 -73.26 -72.56
CA ASN RA 488 174.15 -74.28 -71.73
C ASN RA 488 173.45 -74.45 -70.38
N TYR RA 489 172.25 -73.93 -70.23
CA TYR RA 489 171.46 -74.09 -69.02
C TYR RA 489 170.31 -75.03 -69.34
N VAL RA 490 170.40 -76.26 -68.84
CA VAL RA 490 169.45 -77.31 -69.17
C VAL RA 490 168.43 -77.42 -68.05
N ILE RA 491 167.15 -77.35 -68.41
CA ILE RA 491 166.05 -77.49 -67.47
C ILE RA 491 165.26 -78.72 -67.88
N ALA RA 492 165.21 -79.73 -67.01
CA ALA RA 492 164.48 -80.96 -67.25
C ALA RA 492 163.20 -80.95 -66.43
N ASP RA 493 162.06 -81.10 -67.11
CA ASP RA 493 160.77 -81.14 -66.46
C ASP RA 493 160.07 -82.46 -66.76
N ARG RA 494 159.37 -82.99 -65.76
CA ARG RA 494 158.74 -84.30 -65.87
C ARG RA 494 157.22 -84.22 -65.75
N ILE RA 495 156.70 -83.59 -64.70
CA ILE RA 495 155.27 -83.52 -64.45
C ILE RA 495 154.92 -82.12 -63.97
N GLY RA 496 153.82 -81.57 -64.50
CA GLY RA 496 153.35 -80.26 -64.11
C GLY RA 496 152.56 -80.29 -62.82
N MET RA 497 151.84 -79.20 -62.58
CA MET RA 497 151.06 -79.07 -61.35
C MET RA 497 149.80 -79.92 -61.43
N THR RA 498 149.67 -80.87 -60.51
CA THR RA 498 148.48 -81.70 -60.40
C THR RA 498 147.99 -81.68 -58.96
N VAL RA 499 146.66 -81.74 -58.80
CA VAL RA 499 146.02 -81.61 -57.50
C VAL RA 499 145.15 -82.83 -57.24
N GLU RA 500 145.15 -83.30 -55.99
CA GLU RA 500 144.35 -84.43 -55.58
C GLU RA 500 143.55 -84.05 -54.34
N PHE RA 501 142.30 -84.51 -54.29
CA PHE RA 501 141.36 -84.16 -53.22
C PHE RA 501 141.21 -85.36 -52.30
N ILE RA 502 141.80 -85.27 -51.12
CA ILE RA 502 141.73 -86.35 -50.12
C ILE RA 502 140.36 -86.28 -49.45
N PRO RA 503 139.53 -87.32 -49.58
CA PRO RA 503 138.18 -87.23 -49.03
C PRO RA 503 138.12 -87.30 -47.51
N HIS RA 504 139.10 -87.91 -46.86
CA HIS RA 504 139.02 -88.09 -45.41
C HIS RA 504 140.44 -88.11 -44.84
N LEU RA 505 140.64 -87.37 -43.76
CA LEU RA 505 141.89 -87.40 -43.03
C LEU RA 505 141.73 -88.18 -41.74
N PHE RA 506 142.86 -88.51 -41.11
CA PHE RA 506 142.87 -89.34 -39.92
C PHE RA 506 143.64 -88.65 -38.81
N GLY RA 507 143.36 -89.08 -37.58
CA GLY RA 507 143.95 -88.45 -36.41
C GLY RA 507 144.98 -89.30 -35.70
N THR RA 508 145.02 -89.19 -34.37
CA THR RA 508 146.06 -89.84 -33.59
C THR RA 508 145.84 -91.35 -33.50
N ASN RA 509 144.60 -91.77 -33.25
CA ASN RA 509 144.29 -93.18 -33.00
C ASN RA 509 143.81 -93.90 -34.25
N ARG RA 510 144.28 -93.47 -35.42
CA ARG RA 510 143.91 -94.09 -36.70
C ARG RA 510 142.41 -94.11 -36.89
N ARG RA 511 141.74 -93.06 -36.46
CA ARG RA 511 140.29 -92.90 -36.58
C ARG RA 511 139.98 -91.54 -37.15
N PRO RA 512 138.84 -91.39 -37.83
CA PRO RA 512 138.52 -90.12 -38.48
C PRO RA 512 138.40 -88.98 -37.48
N ASN RA 513 138.79 -87.79 -37.91
CA ASN RA 513 138.64 -86.59 -37.10
C ASN RA 513 137.77 -85.53 -37.77
N GLY RA 514 137.26 -85.79 -38.97
CA GLY RA 514 136.37 -84.84 -39.61
C GLY RA 514 137.10 -83.71 -40.32
N SER RA 515 138.04 -84.06 -41.21
CA SER RA 515 138.80 -83.06 -41.93
C SER RA 515 139.10 -83.57 -43.34
N ARG RA 516 139.38 -82.64 -44.23
CA ARG RA 516 139.72 -82.95 -45.62
C ARG RA 516 140.90 -82.09 -46.03
N GLY RA 517 141.40 -82.31 -47.24
CA GLY RA 517 142.55 -81.56 -47.70
C GLY RA 517 142.76 -81.64 -49.19
N TRP RA 518 143.72 -80.84 -49.66
CA TRP RA 518 144.15 -80.83 -51.05
C TRP RA 518 145.66 -81.08 -51.11
N PHE RA 519 146.08 -81.96 -52.01
CA PHE RA 519 147.48 -82.26 -52.21
C PHE RA 519 147.90 -81.89 -53.63
N ALA RA 520 149.12 -81.37 -53.75
CA ALA RA 520 149.62 -80.94 -55.06
C ALA RA 520 151.13 -81.15 -55.09
N TYR RA 521 151.65 -81.43 -56.29
CA TYR RA 521 153.08 -81.72 -56.46
C TYR RA 521 153.45 -81.59 -57.92
N TYR RA 522 154.75 -81.45 -58.17
CA TYR RA 522 155.29 -81.53 -59.52
C TYR RA 522 156.77 -81.92 -59.40
N ARG RA 523 157.36 -82.29 -60.54
CA ARG RA 523 158.74 -82.72 -60.57
C ARG RA 523 159.50 -81.94 -61.65
N MET RA 524 160.71 -81.51 -61.32
CA MET RA 524 161.51 -80.70 -62.23
C MET RA 524 162.97 -80.74 -61.75
N GLY RA 525 163.88 -80.41 -62.66
CA GLY RA 525 165.28 -80.33 -62.33
C GLY RA 525 166.03 -79.51 -63.36
N ALA RA 526 167.12 -78.89 -62.91
CA ALA RA 526 167.91 -78.03 -63.79
C ALA RA 526 169.31 -77.90 -63.23
N ASP RA 527 170.24 -77.55 -64.12
CA ASP RA 527 171.66 -77.43 -63.78
C ASP RA 527 172.45 -76.81 -64.93
N VAL RA 528 173.76 -76.63 -64.74
CA VAL RA 528 174.63 -76.05 -65.75
C VAL RA 528 175.58 -77.14 -66.25
N VAL RA 529 175.74 -77.21 -67.56
CA VAL RA 529 176.63 -78.21 -68.15
C VAL RA 529 178.00 -77.63 -68.44
N ASN RA 530 178.07 -76.40 -68.94
CA ASN RA 530 179.34 -75.75 -69.28
C ASN RA 530 179.54 -74.51 -68.44
N PRO RA 531 180.33 -74.56 -67.38
CA PRO RA 531 180.47 -73.40 -66.49
C PRO RA 531 181.35 -72.29 -67.04
N ASN RA 532 182.00 -72.49 -68.18
CA ASN RA 532 182.90 -71.47 -68.72
C ASN RA 532 182.25 -70.60 -69.78
N ALA RA 533 180.95 -70.77 -70.04
CA ALA RA 533 180.23 -69.98 -71.03
C ALA RA 533 179.41 -68.86 -70.39
N PHE RA 534 179.83 -68.38 -69.22
CA PHE RA 534 179.14 -67.30 -68.54
C PHE RA 534 180.14 -66.42 -67.84
N ARG RA 535 179.75 -65.16 -67.62
CA ARG RA 535 180.49 -64.21 -66.81
C ARG RA 535 179.55 -63.66 -65.75
N LEU RA 536 180.01 -63.64 -64.51
CA LEU RA 536 179.20 -63.19 -63.38
C LEU RA 536 179.98 -62.14 -62.59
N LEU RA 537 179.35 -60.99 -62.35
CA LEU RA 537 179.98 -59.88 -61.65
C LEU RA 537 179.60 -59.92 -60.18
N ASN RA 538 180.61 -59.86 -59.32
CA ASN RA 538 180.43 -59.94 -57.88
C ASN RA 538 181.06 -58.72 -57.22
N VAL RA 539 180.30 -58.05 -56.36
CA VAL RA 539 180.80 -56.92 -55.59
C VAL RA 539 180.88 -57.38 -54.14
N GLU RA 540 182.09 -57.51 -53.63
CA GLU RA 540 182.31 -58.03 -52.27
C GLU RA 540 182.52 -56.86 -51.32
N THR RA 541 181.68 -56.78 -50.30
CA THR RA 541 181.74 -55.70 -49.32
C THR RA 541 182.56 -56.13 -48.11
N ALA RA 542 182.87 -55.15 -47.26
CA ALA RA 542 183.62 -55.42 -46.04
C ALA RA 542 182.78 -56.23 -45.06
N SER RA 543 183.41 -57.20 -44.42
CA SER RA 543 182.73 -58.07 -43.47
C SER RA 543 183.53 -58.22 -42.18
N MET SA 251 159.38 -100.03 -51.96
CA MET SA 251 159.62 -100.03 -53.39
C MET SA 251 159.64 -98.62 -53.95
N GLY SA 252 160.83 -98.10 -54.21
CA GLY SA 252 161.00 -96.72 -54.66
C GLY SA 252 162.02 -96.63 -55.76
N LEU SA 253 162.78 -95.52 -55.77
CA LEU SA 253 163.73 -95.26 -56.83
C LEU SA 253 165.11 -95.86 -56.58
N THR SA 254 165.35 -96.45 -55.41
CA THR SA 254 166.64 -97.08 -55.17
C THR SA 254 166.81 -98.31 -56.06
N LYS SA 255 168.05 -98.54 -56.48
CA LYS SA 255 168.33 -99.59 -57.45
C LYS SA 255 167.93 -100.96 -56.92
N ALA SA 256 168.25 -101.23 -55.65
CA ALA SA 256 167.91 -102.53 -55.07
C ALA SA 256 166.41 -102.73 -55.00
N ASP SA 257 165.66 -101.69 -54.65
CA ASP SA 257 164.21 -101.79 -54.48
C ASP SA 257 163.50 -101.30 -55.75
N GLY SA 258 163.64 -102.10 -56.80
CA GLY SA 258 162.94 -101.82 -58.05
C GLY SA 258 163.37 -100.54 -58.74
N GLY SA 259 164.66 -100.23 -58.70
CA GLY SA 259 165.17 -99.08 -59.42
C GLY SA 259 165.79 -99.47 -60.74
N TYR SA 260 165.92 -100.77 -60.99
CA TYR SA 260 166.49 -101.24 -62.25
C TYR SA 260 165.50 -101.19 -63.39
N LEU SA 261 164.21 -101.05 -63.12
CA LEU SA 261 163.21 -101.07 -64.18
C LEU SA 261 163.10 -99.74 -64.91
N VAL SA 262 163.72 -98.68 -64.42
CA VAL SA 262 163.62 -97.38 -65.09
C VAL SA 262 164.51 -97.38 -66.33
N PRO SA 263 164.09 -96.72 -67.41
CA PRO SA 263 164.95 -96.65 -68.59
C PRO SA 263 166.16 -95.75 -68.36
N PHE SA 264 167.19 -95.96 -69.16
CA PHE SA 264 168.38 -95.13 -69.16
C PHE SA 264 168.30 -94.13 -70.31
N GLN SA 265 168.31 -92.84 -69.97
CA GLN SA 265 168.20 -91.78 -70.96
C GLN SA 265 169.57 -91.14 -71.17
N LEU SA 266 169.98 -91.06 -72.43
CA LEU SA 266 171.28 -90.51 -72.79
C LEU SA 266 171.13 -89.54 -73.95
N ASP SA 267 171.94 -88.49 -73.94
CA ASP SA 267 172.00 -87.55 -75.05
C ASP SA 267 173.18 -87.89 -75.93
N PRO SA 268 172.98 -88.29 -77.18
CA PRO SA 268 174.12 -88.75 -77.99
C PRO SA 268 175.08 -87.65 -78.41
N THR SA 269 174.58 -86.48 -78.80
CA THR SA 269 175.46 -85.42 -79.30
C THR SA 269 176.32 -84.85 -78.18
N VAL SA 270 177.53 -84.43 -78.56
CA VAL SA 270 178.54 -83.98 -77.59
C VAL SA 270 178.50 -82.47 -77.48
N ILE SA 271 179.11 -81.95 -76.42
CA ILE SA 271 179.21 -80.52 -76.18
C ILE SA 271 180.69 -80.19 -76.07
N ILE SA 272 181.16 -79.24 -76.88
CA ILE SA 272 182.54 -78.80 -76.81
C ILE SA 272 182.72 -77.89 -75.60
N THR SA 273 183.77 -78.14 -74.81
CA THR SA 273 184.10 -77.33 -73.65
C THR SA 273 185.43 -76.63 -73.84
N SER SA 274 185.67 -76.12 -75.04
CA SER SA 274 186.88 -75.38 -75.36
C SER SA 274 186.51 -73.96 -75.77
N ASN SA 275 187.22 -72.99 -75.21
CA ASN SA 275 186.95 -71.59 -75.54
C ASN SA 275 187.19 -71.31 -77.03
N GLY SA 276 188.29 -71.82 -77.57
CA GLY SA 276 188.64 -71.55 -78.94
C GLY SA 276 189.28 -70.20 -79.11
N SER SA 277 189.68 -69.91 -80.34
CA SER SA 277 190.29 -68.63 -80.67
C SER SA 277 189.81 -68.19 -82.04
N LEU SA 278 189.48 -66.90 -82.15
CA LEU SA 278 189.02 -66.31 -83.40
C LEU SA 278 190.08 -65.33 -83.87
N ASN SA 279 190.48 -65.46 -85.14
CA ASN SA 279 191.50 -64.60 -85.73
C ASN SA 279 191.06 -64.16 -87.12
N ASP SA 280 191.46 -62.94 -87.50
CA ASP SA 280 191.09 -62.38 -88.79
C ASP SA 280 192.30 -62.00 -89.64
N ILE SA 281 193.48 -62.53 -89.32
CA ILE SA 281 194.66 -62.24 -90.13
C ILE SA 281 194.52 -62.86 -91.51
N ARG SA 282 193.99 -64.09 -91.57
CA ARG SA 282 193.85 -64.80 -92.83
C ARG SA 282 193.01 -64.04 -93.86
N ARG SA 283 191.97 -63.34 -93.42
CA ARG SA 283 191.12 -62.63 -94.36
C ARG SA 283 191.79 -61.41 -94.97
N PHE SA 284 192.79 -60.83 -94.29
CA PHE SA 284 193.53 -59.69 -94.81
C PHE SA 284 194.91 -60.03 -95.33
N ALA SA 285 195.53 -61.11 -94.86
CA ALA SA 285 196.90 -61.40 -95.25
C ALA SA 285 196.96 -61.84 -96.70
N ARG SA 286 198.20 -61.98 -97.19
CA ARG SA 286 198.45 -62.35 -98.58
C ARG SA 286 198.93 -63.80 -98.62
N GLN SA 287 198.32 -64.59 -99.50
CA GLN SA 287 198.61 -66.02 -99.61
C GLN SA 287 199.45 -66.28 -100.84
N VAL SA 288 200.55 -67.01 -100.66
CA VAL SA 288 201.42 -67.44 -101.75
C VAL SA 288 201.65 -68.94 -101.62
N VAL SA 289 201.66 -69.62 -102.75
CA VAL SA 289 201.81 -71.07 -102.77
C VAL SA 289 203.28 -71.43 -102.83
N ALA SA 290 203.72 -72.31 -101.93
CA ALA SA 290 205.11 -72.73 -101.85
C ALA SA 290 205.28 -74.09 -102.51
N THR SA 291 206.32 -74.21 -103.34
CA THR SA 291 206.68 -75.45 -104.01
C THR SA 291 207.97 -76.01 -103.46
N GLY SA 292 208.24 -75.75 -102.19
CA GLY SA 292 209.47 -76.21 -101.57
C GLY SA 292 209.48 -75.82 -100.11
N ASP SA 293 210.63 -76.06 -99.48
CA ASP SA 293 210.76 -75.78 -98.05
C ASP SA 293 211.01 -74.31 -97.74
N VAL SA 294 211.43 -73.51 -98.72
CA VAL SA 294 211.77 -72.11 -98.49
C VAL SA 294 211.22 -71.28 -99.65
N TRP SA 295 210.60 -70.15 -99.32
CA TRP SA 295 210.10 -69.20 -100.30
C TRP SA 295 210.96 -67.95 -100.27
N HIS SA 296 211.45 -67.55 -101.44
CA HIS SA 296 212.31 -66.39 -101.58
C HIS SA 296 211.58 -65.26 -102.28
N GLY SA 297 212.10 -64.05 -102.10
CA GLY SA 297 211.55 -62.87 -102.75
C GLY SA 297 212.64 -61.84 -102.91
N VAL SA 298 212.29 -60.76 -103.59
CA VAL SA 298 213.22 -59.66 -103.86
C VAL SA 298 212.65 -58.36 -103.31
N SER SA 299 213.46 -57.63 -102.57
CA SER SA 299 213.10 -56.34 -102.02
C SER SA 299 214.11 -55.30 -102.48
N SER SA 300 213.64 -54.11 -102.83
CA SER SA 300 214.50 -53.08 -103.38
C SER SA 300 214.15 -51.75 -102.74
N ALA SA 301 214.88 -50.70 -103.13
CA ALA SA 301 214.73 -49.37 -102.57
C ALA SA 301 214.65 -48.35 -103.71
N ALA SA 302 214.75 -47.08 -103.34
CA ALA SA 302 214.55 -46.00 -104.30
C ALA SA 302 215.88 -45.43 -104.79
N VAL SA 303 215.80 -44.59 -105.82
CA VAL SA 303 216.95 -43.90 -106.38
C VAL SA 303 216.85 -42.43 -106.03
N GLN SA 304 217.91 -41.86 -105.48
CA GLN SA 304 217.89 -40.49 -104.95
C GLN SA 304 218.35 -39.52 -106.03
N TRP SA 305 217.43 -38.67 -106.50
CA TRP SA 305 217.75 -37.64 -107.45
C TRP SA 305 218.30 -36.41 -106.74
N SER SA 306 218.79 -35.45 -107.52
CA SER SA 306 219.31 -34.20 -106.96
C SER SA 306 219.22 -33.11 -108.00
N TRP SA 307 219.01 -31.88 -107.53
CA TRP SA 307 218.83 -30.72 -108.39
C TRP SA 307 220.21 -30.14 -108.67
N ASP SA 308 220.85 -30.63 -109.72
CA ASP SA 308 222.22 -30.26 -110.05
C ASP SA 308 222.25 -28.98 -110.89
N ALA SA 309 223.44 -28.40 -111.00
CA ALA SA 309 223.69 -27.18 -111.76
C ALA SA 309 224.37 -27.54 -113.07
N GLU SA 310 224.46 -26.56 -113.95
CA GLU SA 310 225.04 -26.80 -115.27
C GLU SA 310 226.54 -27.05 -115.16
N PHE SA 311 227.00 -28.08 -115.87
CA PHE SA 311 228.39 -28.52 -115.85
C PHE SA 311 228.84 -28.91 -114.44
N GLU SA 312 228.12 -29.86 -113.86
CA GLU SA 312 228.46 -30.37 -112.54
C GLU SA 312 228.35 -31.89 -112.54
N GLU SA 313 229.31 -32.55 -111.88
CA GLU SA 313 229.29 -34.00 -111.78
C GLU SA 313 228.09 -34.46 -110.96
N VAL SA 314 227.67 -35.70 -111.20
CA VAL SA 314 226.50 -36.26 -110.57
C VAL SA 314 226.92 -37.20 -109.45
N SER SA 315 225.94 -37.63 -108.66
CA SER SA 315 226.19 -38.50 -107.52
C SER SA 315 225.94 -39.95 -107.89
N ASP SA 316 226.55 -40.85 -107.12
CA ASP SA 316 226.35 -42.29 -107.31
C ASP SA 316 225.03 -42.69 -106.69
N ASP SA 317 224.12 -43.21 -107.50
CA ASP SA 317 222.76 -43.51 -107.07
C ASP SA 317 222.42 -44.98 -107.19
N SER SA 318 223.36 -45.84 -106.77
CA SER SA 318 223.14 -47.28 -106.86
C SER SA 318 222.16 -47.72 -105.77
N PRO SA 319 221.04 -48.33 -106.11
CA PRO SA 319 220.10 -48.79 -105.09
C PRO SA 319 220.61 -50.02 -104.37
N GLU SA 320 219.97 -50.32 -103.23
CA GLU SA 320 220.27 -51.49 -102.43
C GLU SA 320 219.11 -52.45 -102.44
N PHE SA 321 219.41 -53.75 -102.37
CA PHE SA 321 218.41 -54.80 -102.49
C PHE SA 321 218.36 -55.63 -101.22
N GLY SA 322 217.34 -56.48 -101.15
CA GLY SA 322 217.16 -57.36 -100.00
C GLY SA 322 216.42 -58.61 -100.40
N GLN SA 323 216.68 -59.68 -99.65
CA GLN SA 323 216.11 -60.98 -99.96
C GLN SA 323 215.39 -61.56 -98.75
N PRO SA 324 214.08 -61.38 -98.65
CA PRO SA 324 213.34 -61.97 -97.52
C PRO SA 324 213.14 -63.47 -97.70
N GLU SA 325 213.11 -64.17 -96.58
CA GLU SA 325 213.04 -65.62 -96.55
C GLU SA 325 211.83 -66.08 -95.75
N ILE SA 326 211.13 -67.09 -96.25
CA ILE SA 326 209.93 -67.62 -95.59
C ILE SA 326 210.08 -69.12 -95.39
N PRO SA 327 210.61 -69.57 -94.25
CA PRO SA 327 210.69 -71.01 -94.01
C PRO SA 327 209.31 -71.63 -93.82
N VAL SA 328 209.23 -72.93 -94.10
CA VAL SA 328 208.00 -73.70 -93.99
C VAL SA 328 208.20 -74.79 -92.94
N LYS SA 329 207.29 -74.86 -91.98
CA LYS SA 329 207.37 -75.82 -90.88
C LYS SA 329 206.07 -76.60 -90.80
N LYS SA 330 206.02 -77.57 -89.88
CA LYS SA 330 204.92 -78.52 -89.83
C LYS SA 330 204.40 -78.69 -88.40
N ALA SA 331 203.14 -79.11 -88.32
CA ALA SA 331 202.47 -79.40 -87.05
C ALA SA 331 201.87 -80.81 -87.13
N GLN SA 332 201.66 -81.41 -85.96
CA GLN SA 332 201.26 -82.81 -85.90
C GLN SA 332 200.31 -83.06 -84.74
N GLY SA 333 199.59 -84.18 -84.83
CA GLY SA 333 198.68 -84.61 -83.79
C GLY SA 333 198.29 -86.07 -83.95
N PHE SA 334 198.23 -86.81 -82.84
CA PHE SA 334 198.02 -88.25 -82.88
C PHE SA 334 196.98 -88.65 -81.83
N VAL SA 335 196.08 -89.55 -82.22
CA VAL SA 335 195.03 -90.03 -81.33
C VAL SA 335 194.95 -91.56 -81.42
N PRO SA 336 195.44 -92.29 -80.43
CA PRO SA 336 195.34 -93.75 -80.48
C PRO SA 336 193.99 -94.23 -79.99
N ILE SA 337 193.48 -95.29 -80.62
CA ILE SA 337 192.19 -95.87 -80.26
C ILE SA 337 192.35 -97.39 -80.20
N SER SA 338 191.48 -98.03 -79.43
CA SER SA 338 191.52 -99.48 -79.33
C SER SA 338 190.65 -100.13 -80.40
N ILE SA 339 190.89 -101.42 -80.63
CA ILE SA 339 190.09 -102.16 -81.60
C ILE SA 339 188.63 -102.16 -81.17
N GLU SA 340 188.36 -102.43 -79.89
CA GLU SA 340 186.99 -102.50 -79.41
C GLU SA 340 186.31 -101.14 -79.50
N ALA SA 341 187.00 -100.07 -79.08
CA ALA SA 341 186.39 -98.75 -79.02
C ALA SA 341 185.82 -98.34 -80.37
N LEU SA 342 186.41 -98.81 -81.46
CA LEU SA 342 185.86 -98.52 -82.77
C LEU SA 342 184.52 -99.23 -82.98
N GLN SA 343 184.38 -100.44 -82.46
CA GLN SA 343 183.21 -101.25 -82.80
C GLN SA 343 182.07 -101.15 -81.80
N ASP SA 344 182.31 -100.73 -80.56
CA ASP SA 344 181.19 -100.55 -79.63
C ASP SA 344 180.72 -99.10 -79.57
N GLU SA 345 181.64 -98.15 -79.42
CA GLU SA 345 181.26 -96.75 -79.39
C GLU SA 345 180.81 -96.29 -80.77
N ALA SA 346 179.87 -95.36 -80.79
CA ALA SA 346 179.24 -94.91 -82.02
C ALA SA 346 179.74 -93.53 -82.41
N ASN SA 347 179.94 -93.34 -83.72
CA ASN SA 347 180.28 -92.05 -84.30
C ASN SA 347 181.59 -91.49 -83.72
N VAL SA 348 182.56 -92.39 -83.51
CA VAL SA 348 183.86 -91.95 -83.04
C VAL SA 348 184.61 -91.19 -84.12
N THR SA 349 184.49 -91.64 -85.37
CA THR SA 349 185.30 -91.08 -86.45
C THR SA 349 184.97 -89.61 -86.68
N GLU SA 350 183.69 -89.30 -86.86
CA GLU SA 350 183.30 -87.91 -87.14
C GLU SA 350 183.57 -87.01 -85.95
N THR SA 351 183.30 -87.49 -84.75
CA THR SA 351 183.57 -86.69 -83.56
C THR SA 351 185.05 -86.35 -83.44
N VAL SA 352 185.91 -87.34 -83.66
CA VAL SA 352 187.34 -87.11 -83.58
C VAL SA 352 187.80 -86.19 -84.70
N ALA SA 353 187.19 -86.31 -85.89
CA ALA SA 353 187.52 -85.39 -86.97
C ALA SA 353 187.17 -83.95 -86.61
N LEU SA 354 186.01 -83.75 -86.00
CA LEU SA 354 185.64 -82.42 -85.55
C LEU SA 354 186.62 -81.89 -84.51
N LEU SA 355 187.03 -82.75 -83.57
CA LEU SA 355 188.00 -82.33 -82.57
C LEU SA 355 189.34 -81.96 -83.20
N PHE SA 356 189.76 -82.74 -84.20
CA PHE SA 356 191.00 -82.44 -84.93
C PHE SA 356 190.91 -81.09 -85.61
N ALA SA 357 189.78 -80.82 -86.28
CA ALA SA 357 189.63 -79.54 -86.97
C ALA SA 357 189.66 -78.38 -85.99
N GLU SA 358 188.96 -78.51 -84.86
CA GLU SA 358 188.95 -77.44 -83.87
C GLU SA 358 190.34 -77.18 -83.32
N GLY SA 359 191.08 -78.25 -83.03
CA GLY SA 359 192.44 -78.07 -82.53
C GLY SA 359 193.35 -77.41 -83.54
N LYS SA 360 193.24 -77.81 -84.80
CA LYS SA 360 194.05 -77.19 -85.85
C LYS SA 360 193.75 -75.70 -85.96
N ASP SA 361 192.47 -75.33 -85.93
CA ASP SA 361 192.11 -73.92 -86.02
C ASP SA 361 192.62 -73.15 -84.82
N GLU SA 362 192.49 -73.71 -83.62
CA GLU SA 362 192.99 -73.05 -82.42
C GLU SA 362 194.48 -72.77 -82.54
N LEU SA 363 195.26 -73.80 -82.87
CA LEU SA 363 196.70 -73.64 -82.95
C LEU SA 363 197.09 -72.65 -84.03
N GLU SA 364 196.44 -72.72 -85.20
CA GLU SA 364 196.79 -71.82 -86.29
C GLU SA 364 196.50 -70.38 -85.93
N ALA SA 365 195.34 -70.12 -85.32
CA ALA SA 365 195.01 -68.75 -84.92
C ALA SA 365 196.02 -68.24 -83.91
N VAL SA 366 196.36 -69.06 -82.91
CA VAL SA 366 197.29 -68.62 -81.88
C VAL SA 366 198.65 -68.31 -82.49
N THR SA 367 199.14 -69.17 -83.38
CA THR SA 367 200.47 -68.97 -83.93
C THR SA 367 200.52 -67.79 -84.90
N LEU SA 368 199.49 -67.62 -85.71
CA LEU SA 368 199.44 -66.45 -86.60
C LEU SA 368 199.40 -65.16 -85.79
N THR SA 369 198.61 -65.13 -84.73
CA THR SA 369 198.52 -63.90 -83.94
C THR SA 369 199.83 -63.60 -83.24
N THR SA 370 200.48 -64.61 -82.69
CA THR SA 370 201.75 -64.42 -81.96
C THR SA 370 202.59 -65.69 -82.08
N GLY SA 371 203.57 -65.67 -82.98
CA GLY SA 371 204.49 -66.77 -83.13
C GLY SA 371 205.92 -66.36 -82.86
N THR SA 372 206.68 -67.22 -82.18
CA THR SA 372 208.04 -66.88 -81.81
C THR SA 372 208.93 -66.68 -83.03
N GLY SA 373 208.78 -67.54 -84.03
CA GLY SA 373 209.63 -67.51 -85.20
C GLY SA 373 210.91 -68.30 -85.06
N GLN SA 374 211.26 -68.70 -83.84
CA GLN SA 374 212.43 -69.53 -83.57
C GLN SA 374 212.01 -70.97 -83.35
N GLY SA 375 212.98 -71.87 -83.46
CA GLY SA 375 212.72 -73.27 -83.20
C GLY SA 375 211.84 -73.92 -84.26
N ASN SA 376 210.60 -74.24 -83.89
CA ASN SA 376 209.70 -74.98 -84.76
C ASN SA 376 208.40 -74.22 -85.02
N GLN SA 377 208.43 -72.90 -84.90
CA GLN SA 377 207.20 -72.14 -85.05
C GLN SA 377 207.35 -71.09 -86.13
N PRO SA 378 206.25 -70.75 -86.81
CA PRO SA 378 206.28 -69.62 -87.74
C PRO SA 378 206.40 -68.30 -87.00
N THR SA 379 206.51 -67.20 -87.73
CA THR SA 379 206.69 -65.88 -87.13
C THR SA 379 205.35 -65.16 -87.08
N GLY SA 380 204.92 -64.78 -85.89
CA GLY SA 380 203.73 -63.97 -85.75
C GLY SA 380 203.99 -62.53 -86.12
N ILE SA 381 202.91 -61.82 -86.44
CA ILE SA 381 203.05 -60.45 -86.93
C ILE SA 381 203.55 -59.53 -85.83
N VAL SA 382 203.01 -59.66 -84.61
CA VAL SA 382 203.40 -58.76 -83.53
C VAL SA 382 204.84 -59.01 -83.12
N THR SA 383 205.27 -60.27 -83.11
CA THR SA 383 206.67 -60.56 -82.78
C THR SA 383 207.61 -60.01 -83.83
N ALA SA 384 207.24 -60.13 -85.11
CA ALA SA 384 208.08 -59.57 -86.17
C ALA SA 384 208.14 -58.05 -86.07
N LEU SA 385 207.03 -57.41 -85.73
CA LEU SA 385 207.02 -55.95 -85.64
C LEU SA 385 207.71 -55.43 -84.40
N ALA SA 386 207.91 -56.27 -83.40
CA ALA SA 386 208.52 -55.82 -82.15
C ALA SA 386 209.96 -55.36 -82.38
N GLY SA 387 210.35 -54.28 -81.69
CA GLY SA 387 211.67 -53.74 -81.78
C GLY SA 387 211.90 -52.84 -82.98
N THR SA 388 211.13 -53.03 -84.05
CA THR SA 388 211.27 -52.24 -85.26
C THR SA 388 210.79 -50.81 -85.00
N ALA SA 389 211.05 -49.93 -85.97
CA ALA SA 389 210.62 -48.54 -85.88
C ALA SA 389 209.10 -48.45 -85.89
N ALA SA 390 208.42 -49.55 -86.23
CA ALA SA 390 206.97 -49.59 -86.23
C ALA SA 390 206.37 -49.48 -84.84
N GLU SA 391 207.17 -49.60 -83.79
CA GLU SA 391 206.67 -49.47 -82.43
C GLU SA 391 206.58 -48.01 -82.03
N ILE SA 392 205.47 -47.64 -81.40
CA ILE SA 392 205.24 -46.27 -80.95
C ILE SA 392 204.91 -46.31 -79.47
N ALA SA 393 205.37 -45.28 -78.75
CA ALA SA 393 205.00 -45.09 -77.37
C ALA SA 393 203.88 -44.06 -77.24
N PRO SA 394 202.97 -44.23 -76.29
CA PRO SA 394 201.86 -43.28 -76.14
C PRO SA 394 202.34 -41.91 -75.67
N VAL SA 395 201.49 -40.91 -75.90
CA VAL SA 395 201.82 -39.54 -75.54
C VAL SA 395 201.97 -39.40 -74.03
N THR SA 396 201.31 -40.27 -73.26
CA THR SA 396 201.42 -40.28 -71.81
C THR SA 396 201.76 -41.69 -71.35
N ALA SA 397 202.74 -41.80 -70.45
CA ALA SA 397 203.18 -43.11 -70.00
C ALA SA 397 202.06 -43.85 -69.29
N GLU SA 398 201.88 -45.13 -69.65
CA GLU SA 398 200.88 -46.00 -69.04
C GLU SA 398 199.48 -45.40 -69.12
N THR SA 399 199.16 -44.79 -70.26
CA THR SA 399 197.86 -44.16 -70.44
C THR SA 399 197.45 -44.25 -71.90
N PHE SA 400 196.20 -44.66 -72.13
CA PHE SA 400 195.63 -44.79 -73.47
C PHE SA 400 194.52 -43.75 -73.63
N ALA SA 401 194.69 -42.84 -74.57
CA ALA SA 401 193.73 -41.78 -74.84
C ALA SA 401 193.36 -41.77 -76.32
N LEU SA 402 192.48 -40.84 -76.68
CA LEU SA 402 192.04 -40.71 -78.06
C LEU SA 402 193.18 -40.31 -79.00
N ALA SA 403 194.17 -39.56 -78.51
CA ALA SA 403 195.27 -39.13 -79.36
C ALA SA 403 196.12 -40.30 -79.84
N ASP SA 404 196.16 -41.41 -79.09
CA ASP SA 404 197.00 -42.54 -79.48
C ASP SA 404 196.47 -43.20 -80.75
N VAL SA 405 195.15 -43.33 -80.89
CA VAL SA 405 194.59 -43.91 -82.10
C VAL SA 405 194.96 -43.07 -83.31
N TYR SA 406 194.82 -41.75 -83.20
CA TYR SA 406 195.18 -40.87 -84.29
C TYR SA 406 196.67 -40.96 -84.59
N ALA SA 407 197.51 -41.02 -83.55
CA ALA SA 407 198.95 -41.11 -83.76
C ALA SA 407 199.33 -42.39 -84.49
N VAL SA 408 198.70 -43.51 -84.13
CA VAL SA 408 198.95 -44.75 -84.85
C VAL SA 408 198.51 -44.63 -86.30
N TYR SA 409 197.35 -44.03 -86.53
CA TYR SA 409 196.81 -43.96 -87.89
C TYR SA 409 197.61 -43.04 -88.80
N GLU SA 410 198.09 -41.91 -88.29
CA GLU SA 410 198.60 -40.86 -89.17
C GLU SA 410 200.09 -41.00 -89.48
N GLN SA 411 200.88 -41.54 -88.56
CA GLN SA 411 202.32 -41.61 -88.78
C GLN SA 411 202.67 -42.55 -89.93
N LEU SA 412 201.79 -43.51 -90.21
CA LEU SA 412 201.99 -44.40 -91.34
C LEU SA 412 201.90 -43.60 -92.64
N ALA SA 413 202.70 -44.01 -93.63
CA ALA SA 413 202.71 -43.31 -94.91
C ALA SA 413 201.38 -43.45 -95.62
N ALA SA 414 201.08 -42.49 -96.50
CA ALA SA 414 199.79 -42.48 -97.19
C ALA SA 414 199.62 -43.70 -98.08
N ARG SA 415 200.69 -44.08 -98.79
CA ARG SA 415 200.67 -45.21 -99.71
C ARG SA 415 200.16 -46.47 -99.04
N HIS SA 416 200.53 -46.67 -97.78
CA HIS SA 416 200.08 -47.82 -97.01
C HIS SA 416 198.80 -47.55 -96.24
N ARG SA 417 198.65 -46.37 -95.65
CA ARG SA 417 197.48 -46.09 -94.84
C ARG SA 417 196.20 -46.03 -95.65
N ARG SA 418 196.30 -45.80 -96.97
CA ARG SA 418 195.10 -45.79 -97.79
C ARG SA 418 194.50 -47.18 -97.99
N GLN SA 419 195.25 -48.23 -97.68
CA GLN SA 419 194.73 -49.60 -97.80
C GLN SA 419 195.06 -50.41 -96.54
N GLY SA 420 195.05 -49.75 -95.38
CA GLY SA 420 195.36 -50.41 -94.13
C GLY SA 420 194.12 -51.01 -93.47
N ALA SA 421 194.36 -51.73 -92.38
CA ALA SA 421 193.29 -52.39 -91.66
C ALA SA 421 193.63 -52.43 -90.17
N TRP SA 422 192.59 -52.41 -89.33
CA TRP SA 422 192.76 -52.48 -87.89
C TRP SA 422 192.73 -53.93 -87.44
N LEU SA 423 193.53 -54.23 -86.42
CA LEU SA 423 193.53 -55.55 -85.80
C LEU SA 423 193.94 -55.41 -84.34
N ALA SA 424 193.05 -55.81 -83.44
CA ALA SA 424 193.31 -55.69 -82.00
C ALA SA 424 192.36 -56.62 -81.26
N ASN SA 425 192.36 -56.52 -79.94
CA ASN SA 425 191.48 -57.32 -79.10
C ASN SA 425 190.17 -56.57 -78.84
N ASN SA 426 189.16 -57.32 -78.37
CA ASN SA 426 187.87 -56.71 -78.09
C ASN SA 426 187.96 -55.71 -76.94
N LEU SA 427 188.82 -55.96 -75.96
CA LEU SA 427 188.95 -55.04 -74.84
C LEU SA 427 189.44 -53.68 -75.32
N ILE SA 428 190.36 -53.67 -76.28
CA ILE SA 428 190.85 -52.41 -76.81
C ILE SA 428 189.71 -51.65 -77.51
N TYR SA 429 188.89 -52.36 -78.28
CA TYR SA 429 187.76 -51.70 -78.94
C TYR SA 429 186.78 -51.14 -77.92
N ASN SA 430 186.53 -51.89 -76.85
CA ASN SA 430 185.63 -51.40 -75.81
C ASN SA 430 186.21 -50.16 -75.11
N LYS SA 431 187.52 -50.15 -74.86
CA LYS SA 431 188.14 -48.97 -74.28
C LYS SA 431 188.05 -47.79 -75.23
N ILE SA 432 188.13 -48.04 -76.53
CA ILE SA 432 187.85 -46.99 -77.52
C ILE SA 432 186.43 -46.49 -77.34
N ARG SA 433 185.50 -47.42 -77.10
CA ARG SA 433 184.09 -47.07 -76.98
C ARG SA 433 183.82 -46.18 -75.78
N GLN SA 434 184.69 -46.19 -74.78
CA GLN SA 434 184.47 -45.44 -73.55
C GLN SA 434 185.16 -44.08 -73.54
N PHE SA 435 185.83 -43.71 -74.63
CA PHE SA 435 186.53 -42.42 -74.65
C PHE SA 435 185.55 -41.25 -74.53
N ASP SA 436 184.45 -41.30 -75.26
CA ASP SA 436 183.52 -40.17 -75.28
C ASP SA 436 182.72 -40.09 -74.00
N THR SA 437 182.51 -38.86 -73.52
CA THR SA 437 181.71 -38.62 -72.33
C THR SA 437 180.63 -37.57 -72.51
N GLN SA 438 180.86 -36.53 -73.35
CA GLN SA 438 179.88 -35.48 -73.55
C GLN SA 438 179.39 -35.44 -75.00
N GLY SA 439 179.40 -36.59 -75.68
CA GLY SA 439 178.87 -36.68 -77.02
C GLY SA 439 179.61 -35.83 -78.04
N GLY SA 440 180.93 -35.80 -77.95
CA GLY SA 440 181.76 -34.97 -78.81
C GLY SA 440 182.15 -35.67 -80.08
N ALA SA 441 183.33 -35.33 -80.60
CA ALA SA 441 183.80 -35.93 -81.84
C ALA SA 441 184.18 -37.39 -81.68
N GLY SA 442 184.41 -37.86 -80.46
CA GLY SA 442 184.80 -39.23 -80.23
C GLY SA 442 183.63 -40.17 -80.00
N LEU SA 443 182.48 -39.85 -80.58
CA LEU SA 443 181.27 -40.65 -80.39
C LEU SA 443 181.22 -41.72 -81.48
N TRP SA 444 181.90 -42.84 -81.22
CA TRP SA 444 181.84 -43.96 -82.16
C TRP SA 444 180.45 -44.58 -82.20
N THR SA 445 179.90 -44.91 -81.04
CA THR SA 445 178.58 -45.52 -80.92
C THR SA 445 178.19 -45.54 -79.46
N THR SA 446 176.94 -45.89 -79.20
CA THR SA 446 176.37 -45.86 -77.86
C THR SA 446 176.02 -47.26 -77.38
N ILE SA 447 175.76 -47.37 -76.07
CA ILE SA 447 175.24 -48.62 -75.51
C ILE SA 447 173.88 -48.91 -76.12
N GLY SA 448 173.67 -50.16 -76.47
CA GLY SA 448 172.47 -50.57 -77.17
C GLY SA 448 172.65 -50.82 -78.65
N ASN SA 449 173.88 -50.84 -79.13
CA ASN SA 449 174.17 -51.07 -80.55
C ASN SA 449 175.30 -52.08 -80.67
N GLY SA 450 175.36 -52.73 -81.82
CA GLY SA 450 176.41 -53.69 -82.09
C GLY SA 450 177.73 -52.99 -82.37
N GLU SA 451 178.77 -53.79 -82.42
CA GLU SA 451 180.11 -53.28 -82.66
C GLU SA 451 180.22 -52.77 -84.09
N PRO SA 452 180.67 -51.54 -84.31
CA PRO SA 452 180.66 -50.97 -85.66
C PRO SA 452 181.59 -51.71 -86.60
N SER SA 453 181.21 -51.73 -87.88
CA SER SA 453 181.97 -52.46 -88.89
C SER SA 453 183.25 -51.76 -89.30
N GLN SA 454 183.33 -50.44 -89.18
CA GLN SA 454 184.48 -49.69 -89.63
C GLN SA 454 184.92 -48.68 -88.59
N LEU SA 455 186.21 -48.34 -88.62
CA LEU SA 455 186.78 -47.33 -87.75
C LEU SA 455 187.63 -46.40 -88.61
N LEU SA 456 187.39 -45.09 -88.46
CA LEU SA 456 188.13 -44.09 -89.21
C LEU SA 456 188.01 -44.30 -90.72
N GLY SA 457 186.91 -44.92 -91.15
CA GLY SA 457 186.70 -45.23 -92.55
C GLY SA 457 187.43 -46.45 -93.06
N ARG SA 458 187.95 -47.31 -92.18
CA ARG SA 458 188.75 -48.45 -92.56
C ARG SA 458 188.21 -49.74 -91.95
N PRO SA 459 188.48 -50.88 -92.56
CA PRO SA 459 188.00 -52.16 -92.00
C PRO SA 459 188.58 -52.44 -90.62
N VAL SA 460 187.84 -53.21 -89.84
CA VAL SA 460 188.21 -53.56 -88.47
C VAL SA 460 188.29 -55.07 -88.34
N GLY SA 461 189.37 -55.56 -87.73
CA GLY SA 461 189.53 -56.97 -87.46
C GLY SA 461 189.86 -57.21 -86.00
N GLU SA 462 189.70 -58.45 -85.57
CA GLU SA 462 189.91 -58.81 -84.18
C GLU SA 462 190.71 -60.11 -84.09
N ALA SA 463 191.35 -60.29 -82.93
CA ALA SA 463 192.13 -61.49 -82.65
C ALA SA 463 192.20 -61.67 -81.14
N GLU SA 464 191.80 -62.86 -80.66
CA GLU SA 464 191.72 -63.09 -79.22
C GLU SA 464 193.07 -63.27 -78.55
N ALA SA 465 194.13 -63.56 -79.30
CA ALA SA 465 195.42 -63.86 -78.70
C ALA SA 465 196.28 -62.61 -78.48
N MET SA 466 195.78 -61.43 -78.81
CA MET SA 466 196.51 -60.21 -78.56
C MET SA 466 196.34 -59.79 -77.10
N ASP SA 467 197.23 -58.92 -76.64
CA ASP SA 467 197.21 -58.47 -75.25
C ASP SA 467 195.96 -57.66 -74.96
N ALA SA 468 195.50 -57.73 -73.71
CA ALA SA 468 194.26 -57.11 -73.30
C ALA SA 468 194.46 -55.96 -72.32
N ASN SA 469 195.11 -56.21 -71.18
CA ASN SA 469 195.32 -55.19 -70.16
C ASN SA 469 196.79 -55.06 -69.82
N TRP SA 470 197.22 -53.84 -69.55
CA TRP SA 470 198.60 -53.54 -69.21
C TRP SA 470 198.82 -53.41 -67.70
N ASN SA 471 197.77 -53.50 -66.90
CA ASN SA 471 197.88 -53.38 -65.44
C ASN SA 471 197.71 -54.70 -64.73
N THR SA 472 196.68 -55.48 -65.08
CA THR SA 472 196.50 -56.79 -64.49
C THR SA 472 197.63 -57.73 -64.91
N SER SA 473 198.06 -57.66 -66.16
CA SER SA 473 199.09 -58.54 -66.66
C SER SA 473 200.43 -58.25 -65.98
N ALA SA 474 201.28 -59.28 -65.94
CA ALA SA 474 202.61 -59.16 -65.37
C ALA SA 474 203.69 -58.83 -66.40
N SER SA 475 203.32 -58.72 -67.67
CA SER SA 475 204.28 -58.40 -68.72
C SER SA 475 204.54 -56.91 -68.77
N ALA SA 476 205.80 -56.54 -68.99
CA ALA SA 476 206.17 -55.13 -69.07
C ALA SA 476 205.73 -54.49 -70.38
N ASP SA 477 205.72 -55.26 -71.47
CA ASP SA 477 205.34 -54.76 -72.79
C ASP SA 477 203.96 -55.27 -73.15
N ASN SA 478 203.09 -54.35 -73.57
CA ASN SA 478 201.71 -54.67 -73.92
C ASN SA 478 201.41 -54.08 -75.29
N PHE SA 479 201.49 -54.93 -76.32
CA PHE SA 479 201.19 -54.52 -77.69
C PHE SA 479 199.69 -54.69 -77.90
N VAL SA 480 198.96 -53.57 -77.92
CA VAL SA 480 197.51 -53.62 -77.83
C VAL SA 480 196.83 -53.22 -79.13
N LEU SA 481 197.42 -52.35 -79.93
CA LEU SA 481 196.77 -51.86 -81.14
C LEU SA 481 197.72 -51.91 -82.32
N LEU SA 482 197.23 -52.39 -83.45
CA LEU SA 482 198.01 -52.51 -84.67
C LEU SA 482 197.22 -51.97 -85.85
N TYR SA 483 197.89 -51.22 -86.71
CA TYR SA 483 197.29 -50.76 -87.95
C TYR SA 483 198.37 -50.67 -89.01
N GLY SA 484 198.11 -51.26 -90.17
CA GLY SA 484 199.10 -51.25 -91.24
C GLY SA 484 198.54 -51.92 -92.47
N ASN SA 485 199.39 -52.01 -93.49
CA ASN SA 485 199.04 -52.64 -94.75
C ASN SA 485 199.30 -54.13 -94.65
N PHE SA 486 198.23 -54.90 -94.46
CA PHE SA 486 198.37 -56.34 -94.30
C PHE SA 486 198.78 -57.06 -95.57
N GLN SA 487 198.75 -56.37 -96.72
CA GLN SA 487 199.26 -56.97 -97.95
C GLN SA 487 200.74 -57.31 -97.84
N ASN SA 488 201.46 -56.65 -96.95
CA ASN SA 488 202.88 -56.92 -96.75
C ASN SA 488 203.12 -58.05 -95.75
N TYR SA 489 202.07 -58.68 -95.24
CA TYR SA 489 202.20 -59.88 -94.43
C TYR SA 489 201.94 -61.08 -95.34
N VAL SA 490 202.95 -61.92 -95.51
CA VAL SA 490 202.91 -63.02 -96.46
C VAL SA 490 202.76 -64.33 -95.70
N ILE SA 491 201.79 -65.14 -96.11
CA ILE SA 491 201.58 -66.47 -95.55
C ILE SA 491 201.84 -67.49 -96.65
N ALA SA 492 202.82 -68.35 -96.43
CA ALA SA 492 203.19 -69.38 -97.40
C ALA SA 492 202.71 -70.73 -96.91
N ASP SA 493 201.80 -71.35 -97.66
CA ASP SA 493 201.25 -72.65 -97.30
C ASP SA 493 201.76 -73.72 -98.26
N ARG SA 494 201.92 -74.94 -97.75
CA ARG SA 494 202.47 -76.06 -98.50
C ARG SA 494 201.48 -77.17 -98.75
N ILE SA 495 200.87 -77.71 -97.69
CA ILE SA 495 199.93 -78.82 -97.82
C ILE SA 495 198.87 -78.67 -96.75
N GLY SA 496 197.65 -79.08 -97.08
CA GLY SA 496 196.51 -78.92 -96.21
C GLY SA 496 196.46 -80.00 -95.12
N MET SA 497 195.30 -80.06 -94.47
CA MET SA 497 195.08 -81.00 -93.38
C MET SA 497 194.80 -82.38 -93.95
N THR SA 498 195.73 -83.31 -93.77
CA THR SA 498 195.57 -84.69 -94.20
C THR SA 498 195.61 -85.60 -92.98
N VAL SA 499 194.66 -86.52 -92.91
CA VAL SA 499 194.60 -87.50 -91.83
C VAL SA 499 194.96 -88.87 -92.41
N GLU SA 500 195.75 -89.63 -91.65
CA GLU SA 500 196.14 -90.97 -92.06
C GLU SA 500 195.57 -91.99 -91.08
N PHE SA 501 195.34 -93.19 -91.59
CA PHE SA 501 194.73 -94.29 -90.83
C PHE SA 501 195.80 -95.34 -90.56
N ILE SA 502 196.42 -95.27 -89.39
CA ILE SA 502 197.35 -96.31 -88.97
C ILE SA 502 196.51 -97.53 -88.57
N PRO SA 503 196.66 -98.66 -89.25
CA PRO SA 503 195.78 -99.81 -89.00
C PRO SA 503 196.28 -100.77 -87.93
N HIS SA 504 197.54 -100.69 -87.52
CA HIS SA 504 198.09 -101.65 -86.57
C HIS SA 504 199.16 -100.96 -85.74
N LEU SA 505 199.02 -101.01 -84.43
CA LEU SA 505 200.05 -100.51 -83.53
C LEU SA 505 200.77 -101.69 -82.87
N PHE SA 506 202.01 -101.43 -82.47
CA PHE SA 506 202.87 -102.46 -81.91
C PHE SA 506 203.24 -102.12 -80.48
N GLY SA 507 203.42 -103.15 -79.66
CA GLY SA 507 203.80 -102.99 -78.27
C GLY SA 507 205.29 -103.02 -78.07
N THR SA 508 205.68 -103.28 -76.81
CA THR SA 508 207.10 -103.32 -76.48
C THR SA 508 207.80 -104.49 -77.16
N ASN SA 509 207.14 -105.64 -77.24
CA ASN SA 509 207.73 -106.85 -77.79
C ASN SA 509 207.67 -106.89 -79.32
N ARG SA 510 207.43 -105.75 -79.97
CA ARG SA 510 207.40 -105.65 -81.42
C ARG SA 510 206.32 -106.55 -82.02
N ARG SA 511 205.20 -106.66 -81.33
CA ARG SA 511 204.06 -107.47 -81.73
C ARG SA 511 202.81 -106.62 -81.71
N PRO SA 512 201.78 -106.99 -82.46
CA PRO SA 512 200.54 -106.20 -82.47
C PRO SA 512 199.96 -106.05 -81.07
N ASN SA 513 199.45 -104.86 -80.79
CA ASN SA 513 198.90 -104.53 -79.48
C ASN SA 513 197.38 -104.46 -79.48
N GLY SA 514 196.73 -104.79 -80.59
CA GLY SA 514 195.29 -104.67 -80.66
C GLY SA 514 194.77 -103.25 -80.56
N SER SA 515 195.38 -102.33 -81.30
CA SER SA 515 194.95 -100.93 -81.27
C SER SA 515 195.30 -100.27 -82.60
N ARG SA 516 194.64 -99.15 -82.86
CA ARG SA 516 194.87 -98.39 -84.08
C ARG SA 516 195.17 -96.95 -83.74
N GLY SA 517 195.63 -96.19 -84.74
CA GLY SA 517 196.01 -94.80 -84.55
C GLY SA 517 195.53 -93.92 -85.68
N TRP SA 518 195.52 -92.62 -85.41
CA TRP SA 518 195.08 -91.60 -86.35
C TRP SA 518 196.11 -90.49 -86.39
N PHE SA 519 196.83 -90.38 -87.51
CA PHE SA 519 197.91 -89.42 -87.69
C PHE SA 519 197.47 -88.31 -88.63
N ALA SA 520 197.67 -87.06 -88.21
CA ALA SA 520 197.33 -85.90 -89.02
C ALA SA 520 198.47 -84.89 -88.93
N TYR SA 521 198.75 -84.22 -90.05
CA TYR SA 521 199.83 -83.27 -90.12
C TYR SA 521 199.45 -82.09 -91.00
N TYR SA 522 200.17 -80.99 -90.82
CA TYR SA 522 199.84 -79.72 -91.45
C TYR SA 522 201.11 -78.90 -91.59
N ARG SA 523 201.31 -78.30 -92.77
CA ARG SA 523 202.53 -77.54 -93.06
C ARG SA 523 202.17 -76.11 -93.41
N MET SA 524 202.89 -75.15 -92.84
CA MET SA 524 202.62 -73.74 -93.06
C MET SA 524 203.88 -72.95 -92.73
N GLY SA 525 203.91 -71.69 -93.16
CA GLY SA 525 205.02 -70.79 -92.87
C GLY SA 525 204.70 -69.36 -93.26
N ALA SA 526 205.12 -68.40 -92.44
CA ALA SA 526 204.78 -67.00 -92.71
C ALA SA 526 205.79 -66.08 -92.02
N ASP SA 527 205.88 -64.85 -92.53
CA ASP SA 527 206.74 -63.82 -91.99
C ASP SA 527 206.36 -62.50 -92.66
N VAL SA 528 207.05 -61.43 -92.24
CA VAL SA 528 206.81 -60.09 -92.75
C VAL SA 528 207.90 -59.72 -93.74
N VAL SA 529 207.52 -59.22 -94.91
CA VAL SA 529 208.50 -58.79 -95.89
C VAL SA 529 208.82 -57.31 -95.73
N ASN SA 530 207.94 -56.53 -95.12
CA ASN SA 530 208.15 -55.10 -94.99
C ASN SA 530 207.63 -54.60 -93.64
N PRO SA 531 208.51 -54.36 -92.67
CA PRO SA 531 208.06 -53.85 -91.37
C PRO SA 531 207.87 -52.34 -91.31
N ASN SA 532 208.05 -51.63 -92.42
CA ASN SA 532 207.86 -50.19 -92.45
C ASN SA 532 206.42 -49.79 -92.75
N ALA SA 533 205.55 -50.75 -93.04
CA ALA SA 533 204.17 -50.48 -93.38
C ALA SA 533 203.21 -50.69 -92.23
N PHE SA 534 203.72 -50.87 -91.00
CA PHE SA 534 202.89 -51.10 -89.83
C PHE SA 534 203.25 -50.11 -88.74
N ARG SA 535 202.31 -49.88 -87.83
CA ARG SA 535 202.46 -48.90 -86.76
C ARG SA 535 201.96 -49.45 -85.43
N LEU SA 536 202.44 -50.64 -85.05
CA LEU SA 536 202.06 -51.23 -83.78
C LEU SA 536 202.36 -50.29 -82.62
N LEU SA 537 201.41 -50.19 -81.68
CA LEU SA 537 201.52 -49.33 -80.51
C LEU SA 537 201.81 -50.17 -79.28
N ASN SA 538 202.77 -49.72 -78.47
CA ASN SA 538 203.20 -50.44 -77.27
C ASN SA 538 203.01 -49.55 -76.07
N VAL SA 539 202.21 -49.99 -75.10
CA VAL SA 539 201.99 -49.25 -73.85
C VAL SA 539 202.86 -49.94 -72.80
N GLU SA 540 204.09 -49.45 -72.66
CA GLU SA 540 205.03 -50.03 -71.73
C GLU SA 540 204.65 -49.66 -70.30
N THR SA 541 204.85 -50.60 -69.37
CA THR SA 541 204.56 -50.37 -67.96
C THR SA 541 205.83 -50.52 -67.14
N ALA SA 542 205.92 -49.74 -66.07
CA ALA SA 542 207.07 -49.81 -65.18
C ALA SA 542 207.07 -51.13 -64.41
N SER SA 543 208.27 -51.65 -64.17
CA SER SA 543 208.42 -52.91 -63.44
C SER SA 543 208.23 -52.71 -61.95
N MET TA 251 218.04 -89.14 -93.78
CA MET TA 251 217.79 -88.50 -95.06
C MET TA 251 216.59 -87.56 -94.95
N GLY TA 252 216.86 -86.31 -94.58
CA GLY TA 252 215.80 -85.32 -94.41
C GLY TA 252 215.96 -84.11 -95.30
N LEU TA 253 215.66 -82.93 -94.74
CA LEU TA 253 215.75 -81.68 -95.46
C LEU TA 253 217.08 -80.96 -95.27
N THR TA 254 218.00 -81.53 -94.48
CA THR TA 254 219.33 -80.96 -94.38
C THR TA 254 220.05 -81.08 -95.73
N LYS TA 255 220.92 -80.12 -96.01
CA LYS TA 255 221.53 -80.03 -97.33
C LYS TA 255 222.34 -81.29 -97.66
N ALA TA 256 223.09 -81.81 -96.70
CA ALA TA 256 223.89 -83.00 -96.95
C ALA TA 256 223.02 -84.21 -97.24
N ASP TA 257 221.96 -84.42 -96.45
CA ASP TA 257 221.14 -85.62 -96.55
C ASP TA 257 220.03 -85.41 -97.58
N GLY TA 258 220.46 -85.33 -98.84
CA GLY TA 258 219.51 -85.15 -99.93
C GLY TA 258 218.79 -83.82 -99.91
N GLY TA 259 219.45 -82.76 -99.45
CA GLY TA 259 218.86 -81.45 -99.44
C GLY TA 259 219.20 -80.60 -100.64
N TYR TA 260 220.14 -81.04 -101.48
CA TYR TA 260 220.50 -80.29 -102.67
C TYR TA 260 219.54 -80.53 -103.83
N LEU TA 261 218.58 -81.43 -103.68
CA LEU TA 261 217.66 -81.77 -104.76
C LEU TA 261 216.44 -80.86 -104.82
N VAL TA 262 216.22 -80.03 -103.81
CA VAL TA 262 215.05 -79.17 -103.79
C VAL TA 262 215.28 -77.99 -104.74
N PRO TA 263 214.32 -77.68 -105.62
CA PRO TA 263 214.47 -76.53 -106.51
C PRO TA 263 214.49 -75.22 -105.72
N PHE TA 264 215.18 -74.23 -106.27
CA PHE TA 264 215.30 -72.91 -105.66
C PHE TA 264 214.19 -72.02 -106.21
N GLN TA 265 213.22 -71.68 -105.36
CA GLN TA 265 212.08 -70.89 -105.79
C GLN TA 265 212.32 -69.43 -105.48
N LEU TA 266 212.11 -68.58 -106.49
CA LEU TA 266 212.35 -67.15 -106.37
C LEU TA 266 211.23 -66.39 -107.05
N ASP TA 267 210.84 -65.26 -106.46
CA ASP TA 267 209.80 -64.42 -107.01
C ASP TA 267 210.43 -63.22 -107.70
N PRO TA 268 210.32 -63.09 -109.03
CA PRO TA 268 210.98 -61.96 -109.72
C PRO TA 268 210.38 -60.61 -109.40
N THR TA 269 209.14 -60.53 -108.92
CA THR TA 269 208.50 -59.26 -108.65
C THR TA 269 209.19 -58.56 -107.47
N VAL TA 270 209.51 -57.28 -107.63
CA VAL TA 270 210.22 -56.54 -106.61
C VAL TA 270 209.22 -55.85 -105.68
N ILE TA 271 209.66 -55.58 -104.47
CA ILE TA 271 208.85 -54.90 -103.45
C ILE TA 271 209.54 -53.59 -103.10
N ILE TA 272 208.80 -52.50 -103.21
CA ILE TA 272 209.36 -51.16 -102.98
C ILE TA 272 209.32 -50.85 -101.49
N THR TA 273 210.45 -50.40 -100.96
CA THR TA 273 210.54 -50.08 -99.54
C THR TA 273 210.80 -48.60 -99.32
N SER TA 274 210.17 -47.75 -100.11
CA SER TA 274 210.25 -46.30 -99.93
C SER TA 274 208.89 -45.79 -99.46
N ASN TA 275 208.91 -44.83 -98.55
CA ASN TA 275 207.66 -44.32 -97.99
C ASN TA 275 206.79 -43.66 -99.05
N GLY TA 276 207.41 -42.95 -99.98
CA GLY TA 276 206.67 -42.26 -101.00
C GLY TA 276 206.15 -40.91 -100.53
N SER TA 277 205.54 -40.18 -101.46
CA SER TA 277 205.02 -38.85 -101.16
C SER TA 277 203.79 -38.59 -102.00
N LEU TA 278 202.72 -38.17 -101.36
CA LEU TA 278 201.49 -37.78 -102.03
C LEU TA 278 201.39 -36.25 -102.04
N ASN TA 279 201.03 -35.71 -103.20
CA ASN TA 279 200.92 -34.26 -103.33
C ASN TA 279 199.79 -33.93 -104.28
N ASP TA 280 199.03 -32.87 -103.96
CA ASP TA 280 197.88 -32.47 -104.75
C ASP TA 280 198.05 -31.06 -105.32
N ILE TA 281 199.27 -30.52 -105.30
CA ILE TA 281 199.50 -29.21 -105.90
C ILE TA 281 199.23 -29.24 -107.39
N ARG TA 282 199.72 -30.29 -108.07
CA ARG TA 282 199.57 -30.36 -109.51
C ARG TA 282 198.12 -30.37 -109.95
N ARG TA 283 197.24 -30.98 -109.15
CA ARG TA 283 195.82 -30.96 -109.49
C ARG TA 283 195.20 -29.58 -109.29
N PHE TA 284 195.74 -28.79 -108.35
CA PHE TA 284 195.18 -27.49 -108.01
C PHE TA 284 195.84 -26.33 -108.72
N ALA TA 285 197.09 -26.47 -109.13
CA ALA TA 285 197.85 -25.35 -109.67
C ALA TA 285 197.52 -25.12 -111.14
N ARG TA 286 198.30 -24.25 -111.78
CA ARG TA 286 198.16 -23.95 -113.19
C ARG TA 286 199.43 -24.38 -113.92
N GLN TA 287 199.26 -25.07 -115.04
CA GLN TA 287 200.37 -25.59 -115.84
C GLN TA 287 200.43 -24.86 -117.16
N VAL TA 288 201.63 -24.40 -117.53
CA VAL TA 288 201.86 -23.73 -118.80
C VAL TA 288 203.14 -24.29 -119.41
N VAL TA 289 203.12 -24.53 -120.72
CA VAL TA 289 204.28 -25.07 -121.42
C VAL TA 289 205.29 -23.94 -121.62
N ALA TA 290 206.57 -24.25 -121.45
CA ALA TA 290 207.63 -23.26 -121.56
C ALA TA 290 208.66 -23.70 -122.58
N THR TA 291 209.05 -22.78 -123.45
CA THR TA 291 210.13 -23.00 -124.41
C THR TA 291 211.26 -22.03 -124.10
N GLY TA 292 212.46 -22.56 -123.89
CA GLY TA 292 213.60 -21.72 -123.55
C GLY TA 292 214.09 -21.95 -122.14
N ASP TA 293 214.58 -20.90 -121.49
CA ASP TA 293 215.08 -21.00 -120.12
C ASP TA 293 214.32 -20.16 -119.12
N VAL TA 294 213.55 -19.17 -119.58
CA VAL TA 294 212.78 -18.32 -118.69
C VAL TA 294 211.38 -18.15 -119.25
N TRP TA 295 210.44 -17.82 -118.36
CA TRP TA 295 209.07 -17.54 -118.72
C TRP TA 295 208.68 -16.17 -118.17
N HIS TA 296 207.96 -15.40 -118.97
CA HIS TA 296 207.62 -14.03 -118.63
C HIS TA 296 206.11 -13.82 -118.69
N GLY TA 297 205.65 -12.82 -117.94
CA GLY TA 297 204.26 -12.45 -117.93
C GLY TA 297 204.13 -11.00 -117.53
N VAL TA 298 202.90 -10.50 -117.52
CA VAL TA 298 202.61 -9.12 -117.18
C VAL TA 298 201.55 -9.08 -116.08
N SER TA 299 201.81 -8.31 -115.04
CA SER TA 299 200.86 -8.07 -113.97
C SER TA 299 200.57 -6.58 -113.89
N SER TA 300 199.31 -6.24 -113.63
CA SER TA 300 198.89 -4.84 -113.69
C SER TA 300 198.00 -4.53 -112.50
N ALA TA 301 197.99 -3.25 -112.13
CA ALA TA 301 197.17 -2.75 -111.04
C ALA TA 301 195.82 -2.27 -111.59
N ALA TA 302 195.06 -1.57 -110.76
CA ALA TA 302 193.72 -1.12 -111.11
C ALA TA 302 193.70 0.39 -111.32
N VAL TA 303 192.83 0.82 -112.23
CA VAL TA 303 192.67 2.25 -112.49
C VAL TA 303 191.86 2.88 -111.37
N GLN TA 304 192.34 3.98 -110.83
CA GLN TA 304 191.73 4.65 -109.68
C GLN TA 304 190.79 5.75 -110.19
N TRP TA 305 189.51 5.60 -109.91
CA TRP TA 305 188.53 6.62 -110.25
C TRP TA 305 188.44 7.65 -109.13
N SER TA 306 187.69 8.71 -109.36
CA SER TA 306 187.52 9.76 -108.35
C SER TA 306 186.22 10.50 -108.62
N TRP TA 307 185.74 11.20 -107.59
CA TRP TA 307 184.55 12.03 -107.69
C TRP TA 307 184.97 13.46 -107.98
N ASP TA 308 184.48 14.02 -109.07
CA ASP TA 308 184.87 15.34 -109.53
C ASP TA 308 183.64 16.23 -109.61
N ALA TA 309 183.85 17.52 -109.35
CA ALA TA 309 182.76 18.49 -109.35
C ALA TA 309 182.51 18.98 -110.79
N GLU TA 310 181.62 19.95 -110.93
CA GLU TA 310 181.29 20.48 -112.24
C GLU TA 310 182.39 21.42 -112.73
N PHE TA 311 182.72 21.30 -114.02
CA PHE TA 311 183.76 22.10 -114.65
C PHE TA 311 185.09 21.96 -113.91
N GLU TA 312 185.41 20.72 -113.54
CA GLU TA 312 186.67 20.41 -112.89
C GLU TA 312 187.41 19.37 -113.72
N GLU TA 313 188.72 19.55 -113.87
CA GLU TA 313 189.50 18.68 -114.73
C GLU TA 313 189.66 17.31 -114.10
N VAL TA 314 190.29 16.40 -114.84
CA VAL TA 314 190.43 15.01 -114.45
C VAL TA 314 191.89 14.74 -114.09
N SER TA 315 192.09 13.93 -113.05
CA SER TA 315 193.42 13.57 -112.63
C SER TA 315 194.05 12.57 -113.59
N ASP TA 316 195.38 12.51 -113.57
CA ASP TA 316 196.10 11.49 -114.32
C ASP TA 316 195.94 10.15 -113.62
N ASP TA 317 195.25 9.22 -114.26
CA ASP TA 317 194.92 7.93 -113.67
C ASP TA 317 195.60 6.79 -114.43
N SER TA 318 196.83 7.02 -114.86
CA SER TA 318 197.55 6.01 -115.63
C SER TA 318 197.93 4.84 -114.72
N PRO TA 319 197.59 3.60 -115.09
CA PRO TA 319 197.95 2.45 -114.26
C PRO TA 319 199.43 2.11 -114.37
N GLU TA 320 199.83 1.11 -113.59
CA GLU TA 320 201.21 0.67 -113.51
C GLU TA 320 201.28 -0.82 -113.80
N PHE TA 321 202.35 -1.24 -114.48
CA PHE TA 321 202.50 -2.61 -114.93
C PHE TA 321 203.71 -3.28 -114.28
N GLY TA 322 203.65 -4.60 -114.17
CA GLY TA 322 204.75 -5.38 -113.65
C GLY TA 322 205.00 -6.60 -114.51
N GLN TA 323 206.16 -7.21 -114.32
CA GLN TA 323 206.61 -8.35 -115.13
C GLN TA 323 207.16 -9.46 -114.25
N PRO TA 324 206.33 -10.45 -113.89
CA PRO TA 324 206.87 -11.63 -113.22
C PRO TA 324 207.77 -12.44 -114.13
N GLU TA 325 208.78 -13.06 -113.53
CA GLU TA 325 209.78 -13.83 -114.26
C GLU TA 325 209.97 -15.18 -113.57
N ILE TA 326 210.13 -16.22 -114.38
CA ILE TA 326 210.31 -17.58 -113.86
C ILE TA 326 211.44 -18.28 -114.58
N PRO TA 327 212.53 -18.60 -113.90
CA PRO TA 327 213.61 -19.38 -114.52
C PRO TA 327 213.27 -20.86 -114.56
N VAL TA 328 214.09 -21.61 -115.30
CA VAL TA 328 213.94 -23.04 -115.46
C VAL TA 328 215.23 -23.71 -114.98
N LYS TA 329 215.09 -24.64 -114.04
CA LYS TA 329 216.21 -25.39 -113.50
C LYS TA 329 216.12 -26.84 -113.97
N LYS TA 330 217.17 -27.61 -113.68
CA LYS TA 330 217.23 -28.99 -114.12
C LYS TA 330 217.74 -29.89 -112.99
N ALA TA 331 217.25 -31.12 -112.97
CA ALA TA 331 217.70 -32.15 -112.05
C ALA TA 331 218.05 -33.41 -112.82
N GLN TA 332 218.97 -34.21 -112.28
CA GLN TA 332 219.46 -35.38 -112.99
C GLN TA 332 219.79 -36.50 -112.02
N GLY TA 333 219.83 -37.71 -112.54
CA GLY TA 333 220.22 -38.87 -111.76
C GLY TA 333 221.00 -39.85 -112.62
N PHE TA 334 221.87 -40.61 -111.97
CA PHE TA 334 222.77 -41.50 -112.68
C PHE TA 334 223.10 -42.70 -111.82
N VAL TA 335 223.07 -43.90 -112.42
CA VAL TA 335 223.41 -45.14 -111.73
C VAL TA 335 224.31 -45.97 -112.62
N PRO TA 336 225.45 -46.45 -112.14
CA PRO TA 336 226.31 -47.31 -112.94
C PRO TA 336 225.96 -48.78 -112.77
N ILE TA 337 226.52 -49.60 -113.65
CA ILE TA 337 226.34 -51.04 -113.59
C ILE TA 337 227.57 -51.69 -114.23
N SER TA 338 227.93 -52.86 -113.72
CA SER TA 338 229.07 -53.60 -114.23
C SER TA 338 228.63 -54.47 -115.40
N ILE TA 339 229.61 -54.85 -116.24
CA ILE TA 339 229.28 -55.61 -117.45
C ILE TA 339 228.72 -56.97 -117.09
N GLU TA 340 229.39 -57.71 -116.22
CA GLU TA 340 228.88 -59.01 -115.81
C GLU TA 340 227.57 -58.88 -115.04
N ALA TA 341 227.42 -57.79 -114.29
CA ALA TA 341 226.14 -57.53 -113.64
C ALA TA 341 225.04 -57.29 -114.68
N LEU TA 342 225.38 -56.65 -115.80
CA LEU TA 342 224.40 -56.39 -116.83
C LEU TA 342 224.02 -57.67 -117.58
N GLN TA 343 225.00 -58.53 -117.87
CA GLN TA 343 224.75 -59.76 -118.59
C GLN TA 343 224.11 -60.85 -117.74
N ASP TA 344 224.35 -60.87 -116.43
CA ASP TA 344 223.90 -61.96 -115.59
C ASP TA 344 222.52 -61.70 -114.98
N GLU TA 345 222.35 -60.54 -114.36
CA GLU TA 345 221.08 -60.24 -113.70
C GLU TA 345 219.97 -60.07 -114.73
N ALA TA 346 218.83 -60.70 -114.45
CA ALA TA 346 217.76 -60.82 -115.42
C ALA TA 346 216.69 -59.76 -115.18
N ASN TA 347 216.24 -59.13 -116.27
CA ASN TA 347 215.20 -58.11 -116.22
C ASN TA 347 215.59 -56.95 -115.31
N VAL TA 348 216.66 -56.25 -115.68
CA VAL TA 348 217.14 -55.15 -114.86
C VAL TA 348 216.82 -53.79 -115.47
N THR TA 349 216.70 -53.71 -116.80
CA THR TA 349 216.51 -52.42 -117.45
C THR TA 349 215.23 -51.76 -117.00
N GLU TA 350 214.10 -52.47 -117.11
CA GLU TA 350 212.83 -51.89 -116.71
C GLU TA 350 212.74 -51.72 -115.19
N THR TA 351 213.41 -52.60 -114.45
CA THR TA 351 213.47 -52.42 -113.00
C THR TA 351 214.08 -51.07 -112.65
N VAL TA 352 215.23 -50.76 -113.25
CA VAL TA 352 215.88 -49.48 -113.00
C VAL TA 352 215.03 -48.33 -113.56
N ALA TA 353 214.33 -48.55 -114.67
CA ALA TA 353 213.47 -47.50 -115.22
C ALA TA 353 212.36 -47.13 -114.25
N LEU TA 354 211.70 -48.13 -113.67
CA LEU TA 354 210.68 -47.86 -112.66
C LEU TA 354 211.29 -47.22 -111.42
N LEU TA 355 212.49 -47.63 -111.03
CA LEU TA 355 213.16 -46.97 -109.91
C LEU TA 355 213.39 -45.49 -110.21
N PHE TA 356 213.82 -45.18 -111.43
CA PHE TA 356 213.99 -43.79 -111.83
C PHE TA 356 212.68 -43.03 -111.76
N ALA TA 357 211.60 -43.64 -112.26
CA ALA TA 357 210.30 -42.96 -112.26
C ALA TA 357 209.84 -42.65 -110.85
N GLU TA 358 209.95 -43.62 -109.94
CA GLU TA 358 209.49 -43.38 -108.58
C GLU TA 358 210.41 -42.39 -107.86
N GLY TA 359 211.70 -42.40 -108.17
CA GLY TA 359 212.59 -41.39 -107.60
C GLY TA 359 212.23 -39.99 -108.05
N LYS TA 360 211.89 -39.85 -109.34
CA LYS TA 360 211.41 -38.56 -109.84
C LYS TA 360 210.14 -38.14 -109.12
N ASP TA 361 209.22 -39.08 -108.91
CA ASP TA 361 207.98 -38.76 -108.19
C ASP TA 361 208.28 -38.30 -106.77
N GLU TA 362 209.23 -38.97 -106.09
CA GLU TA 362 209.61 -38.55 -104.75
C GLU TA 362 210.18 -37.14 -104.76
N LEU TA 363 211.06 -36.84 -105.71
CA LEU TA 363 211.75 -35.56 -105.71
C LEU TA 363 210.83 -34.40 -106.07
N GLU TA 364 209.99 -34.59 -107.09
CA GLU TA 364 209.21 -33.47 -107.62
C GLU TA 364 208.21 -32.94 -106.60
N ALA TA 365 207.52 -33.84 -105.90
CA ALA TA 365 206.52 -33.40 -104.93
C ALA TA 365 207.17 -32.62 -103.79
N VAL TA 366 208.29 -33.12 -103.27
CA VAL TA 366 208.98 -32.46 -102.17
C VAL TA 366 209.47 -31.09 -102.61
N THR TA 367 210.07 -31.00 -103.80
CA THR TA 367 210.64 -29.73 -104.23
C THR TA 367 209.56 -28.74 -104.69
N LEU TA 368 208.38 -29.21 -105.06
CA LEU TA 368 207.28 -28.28 -105.30
C LEU TA 368 206.70 -27.77 -103.99
N THR TA 369 206.56 -28.66 -102.99
CA THR TA 369 205.93 -28.25 -101.74
C THR TA 369 206.84 -27.32 -100.94
N THR TA 370 208.11 -27.68 -100.77
CA THR TA 370 209.02 -26.94 -99.93
C THR TA 370 210.35 -26.69 -100.63
N GLY TA 371 210.28 -26.25 -101.89
CA GLY TA 371 211.49 -25.83 -102.58
C GLY TA 371 212.06 -24.57 -101.99
N THR TA 372 213.31 -24.28 -102.36
CA THR TA 372 214.01 -23.11 -101.85
C THR TA 372 213.96 -21.93 -102.81
N GLY TA 373 214.27 -22.16 -104.08
CA GLY TA 373 214.34 -21.11 -105.07
C GLY TA 373 215.72 -20.50 -105.23
N GLN TA 374 216.61 -20.72 -104.27
CA GLN TA 374 217.99 -20.28 -104.36
C GLN TA 374 218.86 -21.42 -104.91
N GLY TA 375 220.08 -21.07 -105.30
CA GLY TA 375 221.00 -22.05 -105.82
C GLY TA 375 220.54 -22.65 -107.12
N ASN TA 376 220.13 -23.91 -107.09
CA ASN TA 376 219.75 -24.64 -108.29
C ASN TA 376 218.42 -25.36 -108.13
N GLN TA 377 217.47 -24.72 -107.45
CA GLN TA 377 216.18 -25.37 -107.22
C GLN TA 377 215.05 -24.41 -107.57
N PRO TA 378 213.90 -24.94 -107.97
CA PRO TA 378 212.72 -24.09 -108.16
C PRO TA 378 212.22 -23.53 -106.83
N THR TA 379 211.21 -22.68 -106.87
CA THR TA 379 210.69 -22.02 -105.68
C THR TA 379 209.47 -22.76 -105.18
N GLY TA 380 209.53 -23.22 -103.93
CA GLY TA 380 208.38 -23.89 -103.35
C GLY TA 380 207.27 -22.91 -103.01
N ILE TA 381 206.06 -23.46 -102.86
CA ILE TA 381 204.91 -22.61 -102.57
C ILE TA 381 205.05 -21.94 -101.22
N VAL TA 382 205.52 -22.66 -100.22
CA VAL TA 382 205.67 -22.07 -98.89
C VAL TA 382 206.82 -21.06 -98.87
N THR TA 383 207.91 -21.35 -99.59
CA THR TA 383 209.04 -20.44 -99.60
C THR TA 383 208.69 -19.11 -100.23
N ALA TA 384 207.95 -19.13 -101.34
CA ALA TA 384 207.53 -17.89 -101.98
C ALA TA 384 206.52 -17.13 -101.13
N LEU TA 385 205.86 -17.79 -100.19
CA LEU TA 385 204.90 -17.16 -99.29
C LEU TA 385 205.47 -16.92 -97.90
N ALA TA 386 206.77 -17.11 -97.71
CA ALA TA 386 207.42 -16.90 -96.43
C ALA TA 386 208.13 -15.56 -96.44
N GLY TA 387 207.91 -14.76 -95.40
CA GLY TA 387 208.49 -13.45 -95.29
C GLY TA 387 207.71 -12.36 -96.01
N THR TA 388 206.62 -12.71 -96.68
CA THR TA 388 205.79 -11.76 -97.40
C THR TA 388 204.62 -11.32 -96.52
N ALA TA 389 203.66 -10.62 -97.13
CA ALA TA 389 202.48 -10.19 -96.39
C ALA TA 389 201.49 -11.33 -96.16
N ALA TA 390 201.69 -12.49 -96.79
CA ALA TA 390 200.76 -13.60 -96.66
C ALA TA 390 200.91 -14.33 -95.34
N GLU TA 391 202.05 -14.21 -94.66
CA GLU TA 391 202.29 -14.91 -93.42
C GLU TA 391 201.63 -14.17 -92.26
N ILE TA 392 200.91 -14.91 -91.41
CA ILE TA 392 200.24 -14.35 -90.25
C ILE TA 392 200.72 -15.10 -89.01
N ALA TA 393 200.18 -14.71 -87.86
CA ALA TA 393 200.55 -15.29 -86.59
C ALA TA 393 199.31 -15.76 -85.83
N PRO TA 394 199.45 -16.78 -85.01
CA PRO TA 394 198.28 -17.28 -84.26
C PRO TA 394 197.90 -16.33 -83.14
N VAL TA 395 196.68 -16.54 -82.62
CA VAL TA 395 196.18 -15.70 -81.54
C VAL TA 395 197.06 -15.81 -80.31
N THR TA 396 197.43 -17.04 -79.94
CA THR TA 396 198.34 -17.28 -78.83
C THR TA 396 199.59 -17.99 -79.34
N ALA TA 397 200.75 -17.54 -78.87
CA ALA TA 397 202.00 -18.10 -79.35
C ALA TA 397 202.11 -19.57 -79.00
N GLU TA 398 202.64 -20.36 -79.93
CA GLU TA 398 202.86 -21.80 -79.74
C GLU TA 398 201.56 -22.51 -79.38
N THR TA 399 200.51 -22.20 -80.14
CA THR TA 399 199.20 -22.79 -79.90
C THR TA 399 198.43 -22.76 -81.22
N PHE TA 400 197.74 -23.85 -81.54
CA PHE TA 400 196.95 -23.95 -82.76
C PHE TA 400 195.52 -24.29 -82.38
N ALA TA 401 194.62 -23.33 -82.57
CA ALA TA 401 193.21 -23.46 -82.20
C ALA TA 401 192.31 -23.08 -83.36
N LEU TA 402 191.01 -23.10 -83.10
CA LEU TA 402 190.02 -22.80 -84.14
C LEU TA 402 190.15 -21.38 -84.65
N ALA TA 403 190.56 -20.45 -83.78
CA ALA TA 403 190.69 -19.06 -84.18
C ALA TA 403 191.69 -18.90 -85.31
N ASP TA 404 192.80 -19.65 -85.25
CA ASP TA 404 193.80 -19.59 -86.31
C ASP TA 404 193.22 -20.08 -87.64
N VAL TA 405 192.48 -21.19 -87.61
CA VAL TA 405 191.90 -21.72 -88.84
C VAL TA 405 190.93 -20.72 -89.44
N TYR TA 406 190.09 -20.12 -88.60
CA TYR TA 406 189.16 -19.12 -89.12
C TYR TA 406 189.89 -17.91 -89.68
N ALA TA 407 190.95 -17.46 -88.99
CA ALA TA 407 191.68 -16.29 -89.44
C ALA TA 407 192.34 -16.53 -90.80
N VAL TA 408 192.93 -17.72 -90.98
CA VAL TA 408 193.61 -18.01 -92.24
C VAL TA 408 192.62 -17.92 -93.41
N TYR TA 409 191.39 -18.38 -93.19
CA TYR TA 409 190.39 -18.31 -94.24
C TYR TA 409 189.87 -16.91 -94.46
N GLU TA 410 189.68 -16.15 -93.37
CA GLU TA 410 188.90 -14.91 -93.47
C GLU TA 410 189.71 -13.76 -94.05
N GLN TA 411 191.01 -13.71 -93.79
CA GLN TA 411 191.80 -12.54 -94.15
C GLN TA 411 191.98 -12.39 -95.66
N LEU TA 412 191.69 -13.42 -96.44
CA LEU TA 412 191.84 -13.33 -97.89
C LEU TA 412 190.73 -12.46 -98.48
N ALA TA 413 191.03 -11.88 -99.64
CA ALA TA 413 190.06 -11.04 -100.33
C ALA TA 413 188.93 -11.89 -100.91
N ALA TA 414 187.79 -11.24 -101.14
CA ALA TA 414 186.60 -11.96 -101.58
C ALA TA 414 186.79 -12.59 -102.95
N ARG TA 415 187.45 -11.88 -103.86
CA ARG TA 415 187.61 -12.39 -105.22
C ARG TA 415 188.36 -13.71 -105.26
N HIS TA 416 189.29 -13.92 -104.33
CA HIS TA 416 190.03 -15.17 -104.27
C HIS TA 416 189.45 -16.15 -103.27
N ARG TA 417 188.72 -15.66 -102.26
CA ARG TA 417 188.16 -16.56 -101.25
C ARG TA 417 187.18 -17.54 -101.88
N ARG TA 418 186.36 -17.08 -102.80
CA ARG TA 418 185.37 -17.94 -103.43
C ARG TA 418 185.99 -18.96 -104.38
N GLN TA 419 187.28 -18.84 -104.69
CA GLN TA 419 188.00 -19.81 -105.52
C GLN TA 419 189.28 -20.17 -104.77
N GLY TA 420 189.20 -21.15 -103.89
CA GLY TA 420 190.35 -21.51 -103.08
C GLY TA 420 190.31 -22.95 -102.64
N ALA TA 421 191.41 -23.38 -102.03
CA ALA TA 421 191.55 -24.75 -101.54
C ALA TA 421 192.55 -24.78 -100.41
N TRP TA 422 192.39 -25.75 -99.53
CA TRP TA 422 193.26 -25.93 -98.38
C TRP TA 422 194.40 -26.89 -98.75
N LEU TA 423 195.55 -26.70 -98.12
CA LEU TA 423 196.69 -27.58 -98.33
C LEU TA 423 197.45 -27.71 -97.02
N ALA TA 424 197.43 -28.91 -96.44
CA ALA TA 424 198.10 -29.15 -95.17
C ALA TA 424 198.42 -30.63 -95.06
N ASN TA 425 199.32 -30.95 -94.13
CA ASN TA 425 199.67 -32.33 -93.85
C ASN TA 425 198.56 -33.02 -93.06
N ASN TA 426 198.63 -34.35 -92.99
CA ASN TA 426 197.60 -35.10 -92.29
C ASN TA 426 197.58 -34.81 -90.80
N LEU TA 427 198.73 -34.46 -90.22
CA LEU TA 427 198.77 -34.14 -88.79
C LEU TA 427 197.86 -32.95 -88.48
N ILE TA 428 197.92 -31.92 -89.32
CA ILE TA 428 197.12 -30.73 -89.06
C ILE TA 428 195.63 -31.04 -89.17
N TYR TA 429 195.24 -31.82 -90.19
CA TYR TA 429 193.84 -32.17 -90.34
C TYR TA 429 193.36 -33.00 -89.15
N ASN TA 430 194.17 -33.96 -88.70
CA ASN TA 430 193.77 -34.78 -87.56
C ASN TA 430 193.66 -33.94 -86.29
N LYS TA 431 194.57 -32.99 -86.09
CA LYS TA 431 194.46 -32.11 -84.93
C LYS TA 431 193.23 -31.22 -85.02
N ILE TA 432 192.88 -30.76 -86.22
CA ILE TA 432 191.62 -30.02 -86.39
C ILE TA 432 190.45 -30.90 -85.99
N ARG TA 433 190.53 -32.19 -86.31
CA ARG TA 433 189.47 -33.11 -85.94
C ARG TA 433 189.34 -33.28 -84.43
N GLN TA 434 190.38 -32.88 -83.68
CA GLN TA 434 190.39 -33.05 -82.23
C GLN TA 434 189.94 -31.80 -81.46
N PHE TA 435 189.61 -30.72 -82.16
CA PHE TA 435 189.24 -29.48 -81.46
C PHE TA 435 187.97 -29.66 -80.64
N ASP TA 436 186.96 -30.30 -81.22
CA ASP TA 436 185.66 -30.39 -80.57
C ASP TA 436 185.65 -31.54 -79.57
N THR TA 437 185.32 -31.22 -78.32
CA THR TA 437 185.21 -32.21 -77.25
C THR TA 437 183.78 -32.40 -76.78
N GLN TA 438 183.01 -31.33 -76.67
CA GLN TA 438 181.64 -31.37 -76.21
C GLN TA 438 180.63 -31.36 -77.36
N GLY TA 439 181.09 -31.62 -78.59
CA GLY TA 439 180.19 -31.67 -79.73
C GLY TA 439 179.55 -30.34 -80.07
N GLY TA 440 180.30 -29.25 -79.99
CA GLY TA 440 179.76 -27.94 -80.27
C GLY TA 440 179.81 -27.57 -81.73
N ALA TA 441 180.30 -26.37 -82.03
CA ALA TA 441 180.37 -25.87 -83.40
C ALA TA 441 181.70 -26.21 -84.07
N GLY TA 442 182.36 -27.27 -83.61
CA GLY TA 442 183.62 -27.67 -84.18
C GLY TA 442 183.63 -29.12 -84.62
N LEU TA 443 182.46 -29.72 -84.73
CA LEU TA 443 182.34 -31.10 -85.22
C LEU TA 443 182.53 -31.10 -86.72
N TRP TA 444 183.79 -31.19 -87.15
CA TRP TA 444 184.06 -31.44 -88.56
C TRP TA 444 183.49 -32.79 -88.98
N THR TA 445 183.83 -33.83 -88.24
CA THR TA 445 183.30 -35.18 -88.45
C THR TA 445 183.60 -35.99 -87.20
N THR TA 446 182.70 -36.91 -86.87
CA THR TA 446 182.88 -37.79 -85.73
C THR TA 446 183.89 -38.89 -86.05
N ILE TA 447 184.38 -39.54 -85.01
CA ILE TA 447 185.26 -40.69 -85.20
C ILE TA 447 184.48 -41.83 -85.84
N GLY TA 448 185.18 -42.68 -86.57
CA GLY TA 448 184.55 -43.76 -87.30
C GLY TA 448 184.24 -43.45 -88.75
N ASN TA 449 184.50 -42.24 -89.21
CA ASN TA 449 184.30 -41.86 -90.60
C ASN TA 449 185.63 -41.47 -91.24
N GLY TA 450 185.64 -41.41 -92.57
CA GLY TA 450 186.82 -41.07 -93.30
C GLY TA 450 187.13 -39.59 -93.25
N GLU TA 451 188.20 -39.22 -93.93
CA GLU TA 451 188.62 -37.83 -93.99
C GLU TA 451 187.60 -37.02 -94.79
N PRO TA 452 187.17 -35.85 -94.28
CA PRO TA 452 186.07 -35.12 -94.93
C PRO TA 452 186.45 -34.62 -96.32
N SER TA 453 185.44 -34.52 -97.18
CA SER TA 453 185.66 -34.08 -98.55
C SER TA 453 185.87 -32.57 -98.66
N GLN TA 454 185.25 -31.79 -97.78
CA GLN TA 454 185.35 -30.33 -97.85
C GLN TA 454 185.44 -29.73 -96.46
N LEU TA 455 186.04 -28.55 -96.39
CA LEU TA 455 186.14 -27.78 -95.15
C LEU TA 455 185.75 -26.34 -95.43
N LEU TA 456 184.84 -25.81 -94.62
CA LEU TA 456 184.31 -24.45 -94.80
C LEU TA 456 183.72 -24.25 -96.19
N GLY TA 457 183.15 -25.30 -96.76
CA GLY TA 457 182.60 -25.22 -98.10
C GLY TA 457 183.62 -25.17 -99.21
N ARG TA 458 184.89 -25.49 -98.93
CA ARG TA 458 185.97 -25.41 -99.89
C ARG TA 458 186.69 -26.74 -100.01
N PRO TA 459 187.28 -27.03 -101.17
CA PRO TA 459 188.00 -28.30 -101.34
C PRO TA 459 189.21 -28.39 -100.44
N VAL TA 460 189.58 -29.62 -100.10
CA VAL TA 460 190.68 -29.90 -99.19
C VAL TA 460 191.73 -30.72 -99.93
N GLY TA 461 192.98 -30.27 -99.87
CA GLY TA 461 194.09 -31.00 -100.43
C GLY TA 461 195.18 -31.19 -99.40
N GLU TA 462 196.05 -32.16 -99.67
CA GLU TA 462 197.11 -32.51 -98.73
C GLU TA 462 198.44 -32.68 -99.45
N ALA TA 463 199.51 -32.47 -98.70
CA ALA TA 463 200.88 -32.69 -99.19
C ALA TA 463 201.74 -33.06 -98.00
N GLU TA 464 202.37 -34.23 -98.05
CA GLU TA 464 203.12 -34.75 -96.92
C GLU TA 464 204.40 -33.98 -96.63
N ALA TA 465 204.86 -33.13 -97.55
CA ALA TA 465 206.16 -32.50 -97.39
C ALA TA 465 206.14 -31.25 -96.52
N MET TA 466 204.96 -30.79 -96.09
CA MET TA 466 204.93 -29.63 -95.21
C MET TA 466 205.20 -30.04 -93.77
N ASP TA 467 205.43 -29.03 -92.92
CA ASP TA 467 205.75 -29.29 -91.53
C ASP TA 467 204.55 -29.88 -90.81
N ALA TA 468 204.83 -30.81 -89.89
CA ALA TA 468 203.79 -31.55 -89.18
C ALA TA 468 203.79 -31.22 -87.69
N ASN TA 469 204.94 -31.25 -87.02
CA ASN TA 469 205.02 -31.01 -85.59
C ASN TA 469 205.92 -29.82 -85.32
N TRP TA 470 205.49 -28.96 -84.39
CA TRP TA 470 206.30 -27.84 -83.94
C TRP TA 470 206.94 -28.09 -82.57
N ASN TA 471 206.68 -29.23 -81.96
CA ASN TA 471 207.22 -29.56 -80.65
C ASN TA 471 208.47 -30.44 -80.73
N THR TA 472 208.36 -31.61 -81.36
CA THR TA 472 209.53 -32.48 -81.49
C THR TA 472 210.53 -31.92 -82.49
N SER TA 473 210.07 -31.14 -83.47
CA SER TA 473 210.98 -30.49 -84.40
C SER TA 473 211.70 -29.34 -83.70
N ALA TA 474 212.97 -29.15 -84.07
CA ALA TA 474 213.79 -28.08 -83.51
C ALA TA 474 213.80 -26.82 -84.35
N SER TA 475 213.06 -26.80 -85.46
CA SER TA 475 213.03 -25.63 -86.33
C SER TA 475 212.32 -24.46 -85.65
N ALA TA 476 212.86 -23.26 -85.87
CA ALA TA 476 212.29 -22.07 -85.25
C ALA TA 476 210.95 -21.69 -85.87
N ASP TA 477 210.79 -21.94 -87.16
CA ASP TA 477 209.57 -21.62 -87.88
C ASP TA 477 208.87 -22.89 -88.32
N ASN TA 478 207.54 -22.88 -88.27
CA ASN TA 478 206.73 -24.05 -88.60
C ASN TA 478 205.50 -23.59 -89.36
N PHE TA 479 205.50 -23.80 -90.67
CA PHE TA 479 204.37 -23.45 -91.53
C PHE TA 479 203.48 -24.68 -91.68
N VAL TA 480 202.24 -24.58 -91.20
CA VAL TA 480 201.41 -25.77 -91.06
C VAL TA 480 200.14 -25.67 -91.89
N LEU TA 481 199.67 -24.45 -92.14
CA LEU TA 481 198.37 -24.25 -92.78
C LEU TA 481 198.51 -23.29 -93.95
N LEU TA 482 197.75 -23.55 -95.00
CA LEU TA 482 197.77 -22.71 -96.20
C LEU TA 482 196.42 -22.79 -96.89
N TYR TA 483 195.99 -21.67 -97.44
CA TYR TA 483 194.74 -21.59 -98.20
C TYR TA 483 194.83 -20.40 -99.14
N GLY TA 484 194.34 -20.58 -100.36
CA GLY TA 484 194.36 -19.50 -101.32
C GLY TA 484 193.95 -19.97 -102.70
N ASN TA 485 193.97 -19.03 -103.63
CA ASN TA 485 193.60 -19.31 -105.01
C ASN TA 485 194.81 -19.87 -105.73
N PHE TA 486 194.82 -21.18 -105.97
CA PHE TA 486 195.98 -21.86 -106.52
C PHE TA 486 196.19 -21.57 -108.01
N GLN TA 487 195.26 -20.88 -108.66
CA GLN TA 487 195.44 -20.55 -110.07
C GLN TA 487 196.60 -19.60 -110.30
N ASN TA 488 197.11 -18.94 -109.25
CA ASN TA 488 198.22 -18.01 -109.36
C ASN TA 488 199.57 -18.68 -109.12
N TYR TA 489 199.59 -20.00 -108.93
CA TYR TA 489 200.83 -20.75 -108.80
C TYR TA 489 201.01 -21.54 -110.09
N VAL TA 490 201.99 -21.15 -110.90
CA VAL TA 490 202.17 -21.66 -112.24
C VAL TA 490 203.42 -22.52 -112.29
N ILE TA 491 203.36 -23.60 -113.06
CA ILE TA 491 204.47 -24.55 -113.21
C ILE TA 491 204.85 -24.60 -114.68
N ALA TA 492 206.13 -24.43 -114.96
CA ALA TA 492 206.65 -24.42 -116.33
C ALA TA 492 207.38 -25.73 -116.61
N ASP TA 493 206.95 -26.42 -117.68
CA ASP TA 493 207.54 -27.69 -118.07
C ASP TA 493 208.33 -27.50 -119.36
N ARG TA 494 209.56 -28.04 -119.38
CA ARG TA 494 210.43 -27.92 -120.53
C ARG TA 494 210.70 -29.26 -121.20
N ILE TA 495 211.24 -30.23 -120.45
CA ILE TA 495 211.54 -31.56 -120.97
C ILE TA 495 211.14 -32.59 -119.92
N GLY TA 496 210.46 -33.65 -120.35
CA GLY TA 496 210.10 -34.73 -119.47
C GLY TA 496 211.27 -35.64 -119.15
N MET TA 497 211.00 -36.90 -118.87
CA MET TA 497 212.05 -37.86 -118.55
C MET TA 497 212.77 -38.30 -119.82
N THR TA 498 214.09 -38.22 -119.79
CA THR TA 498 214.94 -38.75 -120.85
C THR TA 498 215.99 -39.66 -120.23
N VAL TA 499 216.12 -40.87 -120.77
CA VAL TA 499 217.05 -41.87 -120.24
C VAL TA 499 218.14 -42.10 -121.27
N GLU TA 500 219.39 -42.03 -120.82
CA GLU TA 500 220.54 -42.18 -121.70
C GLU TA 500 221.39 -43.35 -121.25
N PHE TA 501 222.05 -43.99 -122.21
CA PHE TA 501 222.88 -45.16 -121.97
C PHE TA 501 224.31 -44.82 -122.36
N ILE TA 502 225.22 -44.85 -121.38
CA ILE TA 502 226.63 -44.57 -121.63
C ILE TA 502 227.34 -45.89 -121.93
N PRO TA 503 227.90 -46.07 -123.12
CA PRO TA 503 228.48 -47.37 -123.47
C PRO TA 503 229.77 -47.71 -122.75
N HIS TA 504 230.50 -46.73 -122.22
CA HIS TA 504 231.80 -47.01 -121.61
C HIS TA 504 232.04 -46.03 -120.47
N LEU TA 505 232.35 -46.56 -119.29
CA LEU TA 505 232.86 -45.76 -118.18
C LEU TA 505 234.37 -45.92 -118.06
N PHE TA 506 235.01 -44.88 -117.56
CA PHE TA 506 236.47 -44.83 -117.46
C PHE TA 506 236.92 -44.92 -116.02
N GLY TA 507 238.24 -45.11 -115.85
CA GLY TA 507 238.86 -45.22 -114.55
C GLY TA 507 239.66 -44.01 -114.18
N THR TA 508 240.45 -44.14 -113.12
CA THR TA 508 241.26 -43.03 -112.63
C THR TA 508 242.32 -42.63 -113.65
N ASN TA 509 242.99 -43.60 -114.24
CA ASN TA 509 244.03 -43.33 -115.23
C ASN TA 509 243.49 -43.18 -116.63
N ARG TA 510 242.21 -42.83 -116.77
CA ARG TA 510 241.57 -42.61 -118.07
C ARG TA 510 241.63 -43.86 -118.95
N ARG TA 511 241.38 -45.03 -118.36
CA ARG TA 511 241.30 -46.27 -119.12
C ARG TA 511 240.05 -47.03 -118.71
N PRO TA 512 239.45 -47.82 -119.60
CA PRO TA 512 238.20 -48.51 -119.26
C PRO TA 512 238.32 -49.43 -118.06
N ASN TA 513 237.28 -49.47 -117.23
CA ASN TA 513 237.25 -50.35 -116.07
C ASN TA 513 236.18 -51.44 -116.20
N GLY TA 514 235.49 -51.49 -117.34
CA GLY TA 514 234.51 -52.53 -117.56
C GLY TA 514 233.19 -52.30 -116.84
N SER TA 515 232.55 -51.17 -117.13
CA SER TA 515 231.29 -50.83 -116.48
C SER TA 515 230.45 -50.01 -117.45
N ARG TA 516 229.16 -49.90 -117.12
CA ARG TA 516 228.19 -49.21 -117.95
C ARG TA 516 227.43 -48.22 -117.09
N GLY TA 517 226.82 -47.23 -117.73
CA GLY TA 517 226.13 -46.18 -117.02
C GLY TA 517 224.79 -45.86 -117.65
N TRP TA 518 223.91 -45.29 -116.82
CA TRP TA 518 222.59 -44.84 -117.24
C TRP TA 518 222.36 -43.44 -116.71
N PHE TA 519 221.99 -42.52 -117.59
CA PHE TA 519 221.82 -41.12 -117.25
C PHE TA 519 220.38 -40.69 -117.50
N ALA TA 520 219.84 -39.91 -116.56
CA ALA TA 520 218.50 -39.37 -116.70
C ALA TA 520 218.48 -37.95 -116.14
N TYR TA 521 217.61 -37.11 -116.71
CA TYR TA 521 217.51 -35.74 -116.24
C TYR TA 521 216.12 -35.20 -116.51
N TYR TA 522 215.80 -34.10 -115.82
CA TYR TA 522 214.47 -33.51 -115.86
C TYR TA 522 214.59 -32.00 -115.72
N ARG TA 523 213.73 -31.27 -116.43
CA ARG TA 523 213.75 -29.81 -116.43
C ARG TA 523 212.35 -29.28 -116.13
N MET TA 524 212.27 -28.35 -115.17
CA MET TA 524 211.01 -27.77 -114.74
C MET TA 524 211.29 -26.54 -113.89
N GLY TA 525 210.32 -25.64 -113.85
CA GLY TA 525 210.38 -24.48 -112.97
C GLY TA 525 209.01 -24.01 -112.53
N ALA TA 526 208.90 -23.44 -111.34
CA ALA TA 526 207.62 -22.99 -110.83
C ALA TA 526 207.85 -21.87 -109.80
N ASP TA 527 206.88 -20.96 -109.72
CA ASP TA 527 206.98 -19.79 -108.87
C ASP TA 527 205.59 -19.20 -108.67
N VAL TA 528 205.51 -18.23 -107.76
CA VAL TA 528 204.27 -17.52 -107.45
C VAL TA 528 204.27 -16.19 -108.18
N VAL TA 529 203.15 -15.87 -108.83
CA VAL TA 529 203.05 -14.59 -109.53
C VAL TA 529 202.37 -13.51 -108.68
N ASN TA 530 201.56 -13.90 -107.71
CA ASN TA 530 200.84 -12.94 -106.86
C ASN TA 530 200.87 -13.42 -105.42
N PRO TA 531 201.62 -12.75 -104.53
CA PRO TA 531 201.72 -13.22 -103.15
C PRO TA 531 200.53 -12.85 -102.27
N ASN TA 532 199.63 -11.99 -102.74
CA ASN TA 532 198.49 -11.55 -101.94
C ASN TA 532 197.25 -12.42 -102.13
N ALA TA 533 197.34 -13.46 -102.94
CA ALA TA 533 196.22 -14.37 -103.15
C ALA TA 533 196.25 -15.58 -102.23
N PHE TA 534 197.22 -15.65 -101.32
CA PHE TA 534 197.34 -16.77 -100.40
C PHE TA 534 197.49 -16.24 -98.98
N ARG TA 535 197.33 -17.14 -98.01
CA ARG TA 535 197.49 -16.80 -96.60
C ARG TA 535 198.15 -17.98 -95.90
N LEU TA 536 199.35 -17.75 -95.37
CA LEU TA 536 200.10 -18.79 -94.68
C LEU TA 536 200.07 -18.58 -93.18
N LEU TA 537 199.97 -19.66 -92.44
CA LEU TA 537 200.01 -19.64 -90.99
C LEU TA 537 201.34 -20.21 -90.52
N ASN TA 538 202.04 -19.45 -89.68
CA ASN TA 538 203.32 -19.88 -89.12
C ASN TA 538 203.20 -19.92 -87.61
N VAL TA 539 203.59 -21.04 -87.02
CA VAL TA 539 203.62 -21.16 -85.57
C VAL TA 539 205.06 -21.07 -85.11
N GLU TA 540 205.51 -19.86 -84.81
CA GLU TA 540 206.90 -19.63 -84.41
C GLU TA 540 207.06 -19.98 -82.94
N THR TA 541 207.84 -21.01 -82.64
CA THR TA 541 208.17 -21.39 -81.28
C THR TA 541 209.52 -20.77 -80.91
N ALA TA 542 209.57 -20.12 -79.75
CA ALA TA 542 210.81 -19.50 -79.31
C ALA TA 542 211.68 -20.51 -78.57
N SER TA 543 212.96 -20.52 -78.88
CA SER TA 543 213.90 -21.42 -78.22
C SER TA 543 214.56 -20.72 -77.02
N MET UA 251 230.50 -23.38 -123.26
CA MET UA 251 229.34 -22.79 -123.93
C MET UA 251 228.05 -23.19 -123.22
N GLY UA 252 227.47 -22.26 -122.47
CA GLY UA 252 226.30 -22.53 -121.68
C GLY UA 252 225.18 -21.56 -121.98
N LEU UA 253 224.32 -21.35 -120.98
CA LEU UA 253 223.15 -20.48 -121.11
C LEU UA 253 223.44 -19.04 -120.73
N THR UA 254 224.63 -18.73 -120.22
CA THR UA 254 224.96 -17.36 -119.89
C THR UA 254 225.02 -16.51 -121.15
N LYS UA 255 224.73 -15.22 -120.99
CA LYS UA 255 224.57 -14.34 -122.14
C LYS UA 255 225.82 -14.34 -123.01
N ALA UA 256 226.94 -13.84 -122.47
CA ALA UA 256 228.15 -13.63 -123.25
C ALA UA 256 228.78 -14.92 -123.74
N ASP UA 257 228.33 -16.07 -123.26
CA ASP UA 257 228.90 -17.36 -123.65
C ASP UA 257 227.89 -18.19 -124.42
N GLY UA 258 227.17 -17.55 -125.33
CA GLY UA 258 226.23 -18.25 -126.19
C GLY UA 258 224.78 -18.22 -125.75
N GLY UA 259 224.39 -17.25 -124.93
CA GLY UA 259 223.03 -17.19 -124.43
C GLY UA 259 222.12 -16.18 -125.08
N TYR UA 260 222.58 -15.47 -126.11
CA TYR UA 260 221.75 -14.47 -126.75
C TYR UA 260 220.81 -15.04 -127.80
N LEU UA 261 220.92 -16.33 -128.13
CA LEU UA 261 220.15 -16.92 -129.21
C LEU UA 261 218.80 -17.47 -128.77
N VAL UA 262 218.53 -17.53 -127.47
CA VAL UA 262 217.26 -18.07 -127.00
C VAL UA 262 216.15 -17.04 -127.23
N PRO UA 263 215.02 -17.43 -127.79
CA PRO UA 263 213.93 -16.46 -128.00
C PRO UA 263 213.34 -15.98 -126.70
N PHE UA 264 212.78 -14.77 -126.74
CA PHE UA 264 212.08 -14.21 -125.58
C PHE UA 264 210.60 -14.60 -125.63
N GLN UA 265 210.13 -15.21 -124.55
CA GLN UA 265 208.76 -15.71 -124.49
C GLN UA 265 207.96 -14.89 -123.48
N LEU UA 266 206.82 -14.36 -123.94
CA LEU UA 266 205.97 -13.51 -123.13
C LEU UA 266 204.52 -13.91 -123.33
N ASP UA 267 203.71 -13.70 -122.29
CA ASP UA 267 202.28 -13.96 -122.36
C ASP UA 267 201.54 -12.65 -122.42
N PRO UA 268 200.78 -12.36 -123.48
CA PRO UA 268 200.15 -11.04 -123.60
C PRO UA 268 198.98 -10.81 -122.65
N THR UA 269 198.43 -11.85 -122.05
CA THR UA 269 197.36 -11.67 -121.08
C THR UA 269 197.88 -11.02 -119.80
N VAL UA 270 196.98 -10.36 -119.08
CA VAL UA 270 197.33 -9.59 -117.89
C VAL UA 270 196.75 -10.27 -116.66
N ILE UA 271 197.36 -10.01 -115.51
CA ILE UA 271 196.93 -10.55 -114.23
C ILE UA 271 196.71 -9.38 -113.28
N ILE UA 272 195.50 -9.30 -112.70
CA ILE UA 272 195.17 -8.19 -111.82
C ILE UA 272 195.77 -8.42 -110.44
N THR UA 273 196.54 -7.45 -109.96
CA THR UA 273 197.14 -7.52 -108.64
C THR UA 273 196.30 -6.81 -107.58
N SER UA 274 195.18 -6.20 -107.95
CA SER UA 274 194.32 -5.55 -106.98
C SER UA 274 193.33 -6.55 -106.40
N ASN UA 275 192.90 -6.26 -105.16
CA ASN UA 275 192.01 -7.16 -104.44
C ASN UA 275 190.54 -6.81 -104.63
N GLY UA 276 190.22 -5.55 -104.92
CA GLY UA 276 188.85 -5.18 -105.21
C GLY UA 276 187.97 -5.15 -103.97
N SER UA 277 186.66 -5.07 -104.22
CA SER UA 277 185.68 -5.03 -103.14
C SER UA 277 184.36 -5.58 -103.63
N LEU UA 278 183.63 -6.24 -102.73
CA LEU UA 278 182.33 -6.82 -103.02
C LEU UA 278 181.32 -6.28 -102.03
N ASN UA 279 180.17 -5.83 -102.53
CA ASN UA 279 179.13 -5.29 -101.68
C ASN UA 279 177.77 -5.78 -102.17
N ASP UA 280 176.80 -5.78 -101.26
CA ASP UA 280 175.46 -6.26 -101.56
C ASP UA 280 174.39 -5.25 -101.17
N ILE UA 281 174.70 -3.96 -101.25
CA ILE UA 281 173.69 -2.94 -100.94
C ILE UA 281 172.58 -2.97 -101.98
N ARG UA 282 172.95 -3.11 -103.27
CA ARG UA 282 171.96 -3.05 -104.33
C ARG UA 282 171.00 -4.24 -104.30
N ARG UA 283 171.34 -5.31 -103.59
CA ARG UA 283 170.45 -6.45 -103.49
C ARG UA 283 169.28 -6.20 -102.53
N PHE UA 284 169.44 -5.31 -101.56
CA PHE UA 284 168.42 -5.02 -100.58
C PHE UA 284 167.84 -3.61 -100.68
N ALA UA 285 168.61 -2.64 -101.16
CA ALA UA 285 168.19 -1.26 -101.13
C ALA UA 285 167.06 -1.02 -102.14
N ARG UA 286 166.56 0.21 -102.15
CA ARG UA 286 165.53 0.65 -103.07
C ARG UA 286 166.18 1.46 -104.19
N GLN UA 287 165.88 1.10 -105.43
CA GLN UA 287 166.49 1.71 -106.60
C GLN UA 287 165.46 2.53 -107.35
N VAL UA 288 165.77 3.81 -107.59
CA VAL UA 288 164.91 4.72 -108.32
C VAL UA 288 165.73 5.39 -109.40
N VAL UA 289 165.05 5.74 -110.49
CA VAL UA 289 165.69 6.36 -111.65
C VAL UA 289 165.44 7.86 -111.60
N ALA UA 290 166.49 8.63 -111.84
CA ALA UA 290 166.40 10.09 -111.81
C ALA UA 290 166.31 10.64 -113.22
N THR UA 291 165.64 11.78 -113.36
CA THR UA 291 165.48 12.45 -114.64
C THR UA 291 166.26 13.74 -114.76
N GLY UA 292 166.35 14.53 -113.69
CA GLY UA 292 167.13 15.76 -113.71
C GLY UA 292 168.42 15.63 -112.95
N ASP UA 293 168.58 16.44 -111.90
CA ASP UA 293 169.76 16.37 -111.05
C ASP UA 293 169.44 16.15 -109.58
N VAL UA 294 168.20 16.36 -109.15
CA VAL UA 294 167.81 16.20 -107.75
C VAL UA 294 166.54 15.36 -107.69
N TRP UA 295 166.51 14.40 -106.77
CA TRP UA 295 165.34 13.58 -106.51
C TRP UA 295 164.75 13.96 -105.17
N HIS UA 296 163.52 14.46 -105.17
CA HIS UA 296 162.84 14.88 -103.95
C HIS UA 296 161.83 13.85 -103.51
N GLY UA 297 161.43 13.94 -102.24
CA GLY UA 297 160.46 13.03 -101.66
C GLY UA 297 159.69 13.74 -100.57
N VAL UA 298 158.72 13.02 -100.01
CA VAL UA 298 157.83 13.56 -98.99
C VAL UA 298 157.86 12.65 -97.77
N SER UA 299 157.99 13.27 -96.59
CA SER UA 299 157.97 12.54 -95.32
C SER UA 299 157.00 13.22 -94.38
N SER UA 300 156.31 12.42 -93.57
CA SER UA 300 155.32 12.95 -92.64
C SER UA 300 155.29 12.11 -91.37
N ALA UA 301 154.90 12.75 -90.27
CA ALA UA 301 154.74 12.08 -88.99
C ALA UA 301 153.29 11.63 -88.83
N ALA UA 302 152.92 11.24 -87.62
CA ALA UA 302 151.57 10.77 -87.31
C ALA UA 302 150.87 11.73 -86.37
N VAL UA 303 149.55 11.76 -86.47
CA VAL UA 303 148.73 12.63 -85.63
C VAL UA 303 148.71 12.09 -84.21
N GLN UA 304 148.86 12.99 -83.24
CA GLN UA 304 148.90 12.63 -81.83
C GLN UA 304 147.53 12.81 -81.22
N TRP UA 305 147.04 11.77 -80.55
CA TRP UA 305 145.76 11.81 -79.85
C TRP UA 305 146.00 11.99 -78.35
N SER UA 306 144.90 12.23 -77.63
CA SER UA 306 144.99 12.44 -76.18
C SER UA 306 143.68 12.04 -75.55
N TRP UA 307 143.73 11.80 -74.24
CA TRP UA 307 142.55 11.50 -73.44
C TRP UA 307 142.08 12.80 -72.79
N ASP UA 308 140.88 13.24 -73.14
CA ASP UA 308 140.35 14.52 -72.69
C ASP UA 308 139.15 14.31 -71.79
N ALA UA 309 138.92 15.28 -70.92
CA ALA UA 309 137.83 15.23 -69.96
C ALA UA 309 136.56 15.81 -70.59
N GLU UA 310 135.54 16.04 -69.77
CA GLU UA 310 134.29 16.60 -70.25
C GLU UA 310 134.42 18.11 -70.44
N PHE UA 311 133.85 18.60 -71.55
CA PHE UA 311 133.89 20.02 -71.90
C PHE UA 311 135.32 20.54 -71.91
N GLU UA 312 136.18 19.88 -72.68
CA GLU UA 312 137.58 20.25 -72.77
C GLU UA 312 137.93 20.54 -74.22
N GLU UA 313 138.73 21.58 -74.43
CA GLU UA 313 139.19 21.94 -75.77
C GLU UA 313 140.15 20.90 -76.31
N VAL UA 314 140.12 20.70 -77.62
CA VAL UA 314 141.05 19.81 -78.28
C VAL UA 314 142.38 20.53 -78.50
N SER UA 315 143.46 19.76 -78.53
CA SER UA 315 144.77 20.30 -78.80
C SER UA 315 144.98 20.46 -80.30
N ASP UA 316 145.84 21.39 -80.67
CA ASP UA 316 146.20 21.60 -82.07
C ASP UA 316 147.11 20.48 -82.52
N ASP UA 317 146.55 19.50 -83.23
CA ASP UA 317 147.27 18.28 -83.60
C ASP UA 317 147.71 18.30 -85.06
N SER UA 318 148.10 19.47 -85.56
CA SER UA 318 148.53 19.58 -86.95
C SER UA 318 149.81 18.80 -87.18
N PRO UA 319 149.86 17.98 -88.23
CA PRO UA 319 151.10 17.24 -88.52
C PRO UA 319 152.19 18.16 -89.05
N GLU UA 320 153.40 17.61 -89.09
CA GLU UA 320 154.58 18.33 -89.57
C GLU UA 320 155.23 17.51 -90.67
N PHE UA 321 155.46 18.13 -91.81
CA PHE UA 321 156.00 17.46 -93.00
C PHE UA 321 157.48 17.78 -93.19
N GLY UA 322 158.12 16.97 -94.02
CA GLY UA 322 159.51 17.18 -94.35
C GLY UA 322 159.82 16.61 -95.71
N GLN UA 323 160.77 17.22 -96.40
CA GLN UA 323 161.13 16.85 -97.77
C GLN UA 323 162.57 16.37 -97.83
N PRO UA 324 162.82 15.07 -97.91
CA PRO UA 324 164.18 14.59 -98.15
C PRO UA 324 164.65 14.97 -99.55
N GLU UA 325 165.96 15.18 -99.67
CA GLU UA 325 166.55 15.68 -100.90
C GLU UA 325 167.76 14.82 -101.27
N ILE UA 326 167.81 14.38 -102.53
CA ILE UA 326 168.90 13.54 -103.01
C ILE UA 326 169.54 14.17 -104.24
N PRO UA 327 170.75 14.73 -104.13
CA PRO UA 327 171.45 15.23 -105.31
C PRO UA 327 172.14 14.11 -106.08
N VAL UA 328 172.48 14.42 -107.32
CA VAL UA 328 173.15 13.48 -108.22
C VAL UA 328 174.56 14.01 -108.49
N LYS UA 329 175.55 13.18 -108.20
CA LYS UA 329 176.95 13.58 -108.32
C LYS UA 329 177.60 12.94 -109.55
N LYS UA 330 178.87 13.25 -109.76
CA LYS UA 330 179.60 12.85 -110.96
C LYS UA 330 180.97 12.29 -110.57
N ALA UA 331 181.35 11.21 -111.25
CA ALA UA 331 182.67 10.61 -111.08
C ALA UA 331 183.26 10.32 -112.47
N GLN UA 332 184.57 10.52 -112.60
CA GLN UA 332 185.19 10.37 -113.91
C GLN UA 332 186.66 10.02 -113.74
N GLY UA 333 187.21 9.41 -114.79
CA GLY UA 333 188.61 9.02 -114.81
C GLY UA 333 189.17 9.14 -116.20
N PHE UA 334 190.49 9.26 -116.29
CA PHE UA 334 191.17 9.55 -117.54
C PHE UA 334 192.52 8.84 -117.58
N VAL UA 335 192.90 8.38 -118.77
CA VAL UA 335 194.20 7.75 -118.97
C VAL UA 335 194.81 8.20 -120.29
N PRO UA 336 195.90 8.96 -120.26
CA PRO UA 336 196.55 9.35 -121.51
C PRO UA 336 197.47 8.26 -122.04
N ILE UA 337 197.59 8.22 -123.37
CA ILE UA 337 198.49 7.29 -124.04
C ILE UA 337 199.27 8.06 -125.09
N SER UA 338 200.41 7.50 -125.48
CA SER UA 338 201.22 8.07 -126.55
C SER UA 338 201.03 7.27 -127.83
N ILE UA 339 201.32 7.92 -128.96
CA ILE UA 339 201.10 7.29 -130.25
C ILE UA 339 202.04 6.10 -130.43
N GLU UA 340 203.30 6.24 -130.00
CA GLU UA 340 204.25 5.15 -130.13
C GLU UA 340 203.78 3.92 -129.37
N ALA UA 341 203.32 4.11 -128.14
CA ALA UA 341 202.78 3.00 -127.36
C ALA UA 341 201.51 2.46 -128.00
N LEU UA 342 200.72 3.35 -128.62
CA LEU UA 342 199.47 2.91 -129.24
C LEU UA 342 199.72 1.97 -130.40
N GLN UA 343 200.72 2.26 -131.23
CA GLN UA 343 201.04 1.36 -132.33
C GLN UA 343 201.84 0.13 -131.91
N ASP UA 344 202.80 0.30 -130.99
CA ASP UA 344 203.73 -0.78 -130.68
C ASP UA 344 203.12 -1.79 -129.72
N GLU UA 345 202.60 -1.33 -128.60
CA GLU UA 345 201.90 -2.21 -127.68
C GLU UA 345 200.58 -2.67 -128.30
N ALA UA 346 200.27 -3.95 -128.15
CA ALA UA 346 199.16 -4.58 -128.84
C ALA UA 346 198.07 -4.99 -127.87
N ASN UA 347 196.83 -4.94 -128.35
CA ASN UA 347 195.65 -5.36 -127.57
C ASN UA 347 195.54 -4.56 -126.27
N VAL UA 348 195.78 -3.25 -126.36
CA VAL UA 348 195.75 -2.42 -125.16
C VAL UA 348 194.35 -1.86 -124.91
N THR UA 349 193.54 -1.72 -125.95
CA THR UA 349 192.22 -1.11 -125.79
C THR UA 349 191.32 -1.96 -124.90
N GLU UA 350 191.27 -3.27 -125.16
CA GLU UA 350 190.49 -4.15 -124.31
C GLU UA 350 191.04 -4.17 -122.88
N THR UA 351 192.36 -4.11 -122.74
CA THR UA 351 192.96 -4.13 -121.41
C THR UA 351 192.54 -2.91 -120.61
N VAL UA 352 192.62 -1.72 -121.21
CA VAL UA 352 192.23 -0.52 -120.48
C VAL UA 352 190.73 -0.50 -120.22
N ALA UA 353 189.95 -1.08 -121.14
CA ALA UA 353 188.52 -1.18 -120.89
C ALA UA 353 188.22 -2.06 -119.68
N LEU UA 354 188.90 -3.20 -119.57
CA LEU UA 354 188.73 -4.06 -118.41
C LEU UA 354 189.18 -3.35 -117.13
N LEU UA 355 190.29 -2.62 -117.20
CA LEU UA 355 190.77 -1.89 -116.03
C LEU UA 355 189.74 -0.85 -115.59
N PHE UA 356 189.16 -0.12 -116.53
CA PHE UA 356 188.12 0.85 -116.21
C PHE UA 356 186.93 0.16 -115.56
N ALA UA 357 186.50 -0.96 -116.14
CA ALA UA 357 185.32 -1.66 -115.63
C ALA UA 357 185.54 -2.12 -114.20
N GLU UA 358 186.73 -2.66 -113.90
CA GLU UA 358 186.99 -3.11 -112.54
C GLU UA 358 187.10 -1.92 -111.58
N GLY UA 359 187.74 -0.83 -112.03
CA GLY UA 359 187.90 0.33 -111.16
C GLY UA 359 186.60 0.98 -110.79
N LYS UA 360 185.63 1.03 -111.72
CA LYS UA 360 184.34 1.61 -111.40
C LYS UA 360 183.66 0.82 -110.28
N ASP UA 361 183.67 -0.51 -110.39
CA ASP UA 361 183.07 -1.33 -109.34
C ASP UA 361 183.79 -1.14 -108.02
N GLU UA 362 185.12 -1.08 -108.05
CA GLU UA 362 185.87 -0.89 -106.82
C GLU UA 362 185.53 0.43 -106.15
N LEU UA 363 185.39 1.51 -106.92
CA LEU UA 363 185.02 2.80 -106.35
C LEU UA 363 183.59 2.81 -105.81
N GLU UA 364 182.65 2.24 -106.58
CA GLU UA 364 181.26 2.26 -106.15
C GLU UA 364 181.06 1.46 -104.88
N ALA UA 365 181.74 0.31 -104.76
CA ALA UA 365 181.57 -0.50 -103.56
C ALA UA 365 182.00 0.26 -102.31
N VAL UA 366 183.11 0.99 -102.39
CA VAL UA 366 183.59 1.74 -101.24
C VAL UA 366 182.67 2.92 -100.95
N THR UA 367 182.24 3.64 -101.98
CA THR UA 367 181.47 4.86 -101.76
C THR UA 367 180.03 4.59 -101.34
N LEU UA 368 179.44 3.47 -101.76
CA LEU UA 368 178.08 3.17 -101.36
C LEU UA 368 177.96 2.82 -99.89
N THR UA 369 179.08 2.64 -99.20
CA THR UA 369 179.10 2.36 -97.77
C THR UA 369 179.72 3.47 -96.95
N THR UA 370 180.92 3.93 -97.32
CA THR UA 370 181.65 4.89 -96.51
C THR UA 370 181.73 6.26 -97.19
N GLY UA 371 180.88 6.51 -98.18
CA GLY UA 371 180.85 7.82 -98.80
C GLY UA 371 180.43 8.90 -97.83
N THR UA 372 181.03 10.08 -97.98
CA THR UA 372 180.75 11.22 -97.12
C THR UA 372 179.77 12.15 -97.82
N GLY UA 373 178.74 12.57 -97.09
CA GLY UA 373 177.75 13.45 -97.68
C GLY UA 373 178.31 14.80 -98.08
N GLN UA 374 179.21 15.35 -97.26
CA GLN UA 374 179.82 16.63 -97.58
C GLN UA 374 180.84 16.47 -98.70
N GLY UA 375 181.04 17.54 -99.44
CA GLY UA 375 181.98 17.52 -100.55
C GLY UA 375 181.28 17.20 -101.86
N ASN UA 376 181.92 16.36 -102.67
CA ASN UA 376 181.38 15.97 -103.97
C ASN UA 376 180.97 14.51 -104.01
N GLN UA 377 180.80 13.89 -102.85
CA GLN UA 377 180.51 12.46 -102.81
C GLN UA 377 179.09 12.21 -102.31
N PRO UA 378 178.45 11.13 -102.74
CA PRO UA 378 177.16 10.75 -102.16
C PRO UA 378 177.32 10.36 -100.70
N THR UA 379 176.19 10.13 -100.05
CA THR UA 379 176.16 9.76 -98.64
C THR UA 379 176.10 8.25 -98.52
N GLY UA 380 177.14 7.68 -97.90
CA GLY UA 380 177.10 6.28 -97.56
C GLY UA 380 176.17 6.02 -96.39
N ILE UA 381 175.77 4.75 -96.25
CA ILE UA 381 174.84 4.39 -95.18
C ILE UA 381 175.51 4.54 -93.81
N VAL UA 382 176.80 4.23 -93.72
CA VAL UA 382 177.48 4.33 -92.43
C VAL UA 382 177.61 5.79 -91.99
N THR UA 383 177.97 6.67 -92.92
CA THR UA 383 178.08 8.08 -92.59
C THR UA 383 176.73 8.66 -92.18
N ALA UA 384 175.66 8.23 -92.85
CA ALA UA 384 174.32 8.72 -92.53
C ALA UA 384 173.79 8.22 -91.20
N LEU UA 385 174.45 7.24 -90.58
CA LEU UA 385 173.98 6.66 -89.33
C LEU UA 385 174.99 6.86 -88.20
N ALA UA 386 175.73 7.96 -88.24
CA ALA UA 386 176.71 8.28 -87.21
C ALA UA 386 176.20 9.48 -86.42
N GLY UA 387 176.10 9.32 -85.10
CA GLY UA 387 175.61 10.37 -84.24
C GLY UA 387 174.11 10.48 -84.16
N THR UA 388 173.38 9.64 -84.87
CA THR UA 388 171.93 9.66 -84.86
C THR UA 388 171.41 8.72 -83.78
N ALA UA 389 170.11 8.42 -83.81
CA ALA UA 389 169.50 7.51 -82.86
C ALA UA 389 169.74 6.05 -83.20
N ALA UA 390 170.34 5.74 -84.34
CA ALA UA 390 170.56 4.37 -84.77
C ALA UA 390 171.87 3.78 -84.25
N GLU UA 391 172.64 4.55 -83.49
CA GLU UA 391 173.93 4.08 -82.98
C GLU UA 391 173.73 3.43 -81.61
N ILE UA 392 174.29 2.24 -81.45
CA ILE UA 392 174.09 1.42 -80.26
C ILE UA 392 175.43 1.14 -79.62
N ALA UA 393 175.53 1.37 -78.31
CA ALA UA 393 176.73 1.01 -77.58
C ALA UA 393 176.66 -0.45 -77.12
N PRO UA 394 177.80 -1.12 -77.01
CA PRO UA 394 177.80 -2.52 -76.59
C PRO UA 394 177.47 -2.66 -75.12
N VAL UA 395 177.18 -3.90 -74.71
CA VAL UA 395 176.86 -4.18 -73.32
C VAL UA 395 178.05 -3.89 -72.43
N THR UA 396 179.23 -4.32 -72.84
CA THR UA 396 180.47 -4.07 -72.11
C THR UA 396 181.50 -3.49 -73.07
N ALA UA 397 182.42 -2.70 -72.51
CA ALA UA 397 183.34 -1.93 -73.33
C ALA UA 397 184.35 -2.83 -74.04
N GLU UA 398 184.62 -2.50 -75.30
CA GLU UA 398 185.70 -3.13 -76.09
C GLU UA 398 185.55 -4.64 -76.12
N THR UA 399 184.32 -5.11 -76.35
CA THR UA 399 184.07 -6.55 -76.38
C THR UA 399 182.86 -6.83 -77.26
N PHE UA 400 183.01 -7.80 -78.15
CA PHE UA 400 181.93 -8.27 -79.01
C PHE UA 400 181.36 -9.53 -78.38
N ALA UA 401 180.07 -9.49 -78.01
CA ALA UA 401 179.43 -10.58 -77.30
C ALA UA 401 178.19 -11.04 -78.06
N LEU UA 402 177.65 -12.18 -77.64
CA LEU UA 402 176.46 -12.72 -78.27
C LEU UA 402 175.24 -11.83 -78.03
N ALA UA 403 175.21 -11.12 -76.90
CA ALA UA 403 174.06 -10.27 -76.62
C ALA UA 403 173.93 -9.14 -77.63
N ASP UA 404 175.04 -8.77 -78.29
CA ASP UA 404 175.02 -7.64 -79.20
C ASP UA 404 174.24 -7.94 -80.48
N VAL UA 405 174.43 -9.14 -81.04
CA VAL UA 405 173.72 -9.49 -82.26
C VAL UA 405 172.22 -9.55 -81.99
N TYR UA 406 171.83 -9.89 -80.77
CA TYR UA 406 170.42 -9.80 -80.38
C TYR UA 406 169.97 -8.35 -80.21
N ALA UA 407 170.77 -7.54 -79.54
CA ALA UA 407 170.36 -6.18 -79.20
C ALA UA 407 170.17 -5.31 -80.45
N VAL UA 408 171.06 -5.44 -81.42
CA VAL UA 408 170.90 -4.66 -82.64
C VAL UA 408 169.65 -5.05 -83.40
N TYR UA 409 169.09 -6.22 -83.11
CA TYR UA 409 167.89 -6.72 -83.78
C TYR UA 409 166.61 -6.41 -83.02
N GLU UA 410 166.64 -6.45 -81.69
CA GLU UA 410 165.44 -6.37 -80.88
C GLU UA 410 165.11 -4.95 -80.42
N GLN UA 411 165.97 -3.99 -80.66
CA GLN UA 411 165.70 -2.59 -80.33
C GLN UA 411 165.21 -1.80 -81.53
N LEU UA 412 164.45 -2.44 -82.41
CA LEU UA 412 163.91 -1.80 -83.59
C LEU UA 412 162.40 -1.91 -83.57
N ALA UA 413 161.72 -0.96 -84.21
CA ALA UA 413 160.27 -0.95 -84.21
C ALA UA 413 159.73 -2.20 -84.91
N ALA UA 414 158.53 -2.61 -84.49
CA ALA UA 414 157.96 -3.85 -84.98
C ALA UA 414 157.72 -3.82 -86.48
N ARG UA 415 157.36 -2.66 -87.04
CA ARG UA 415 157.12 -2.57 -88.48
C ARG UA 415 158.39 -2.84 -89.26
N HIS UA 416 159.52 -2.29 -88.82
CA HIS UA 416 160.77 -2.46 -89.55
C HIS UA 416 161.49 -3.75 -89.18
N ARG UA 417 161.28 -4.26 -87.96
CA ARG UA 417 161.95 -5.48 -87.53
C ARG UA 417 161.57 -6.67 -88.41
N ARG UA 418 160.34 -6.68 -88.92
CA ARG UA 418 159.85 -7.80 -89.72
C ARG UA 418 160.28 -7.74 -91.18
N GLN UA 419 160.98 -6.67 -91.59
CA GLN UA 419 161.43 -6.54 -92.96
C GLN UA 419 162.90 -6.22 -93.09
N GLY UA 420 163.66 -6.23 -92.00
CA GLY UA 420 165.06 -5.85 -92.06
C GLY UA 420 165.93 -6.90 -92.69
N ALA UA 421 167.18 -6.51 -92.95
CA ALA UA 421 168.18 -7.41 -93.49
C ALA UA 421 169.52 -7.13 -92.81
N TRP UA 422 170.35 -8.16 -92.73
CA TRP UA 422 171.64 -8.05 -92.05
C TRP UA 422 172.73 -7.64 -93.02
N LEU UA 423 173.73 -6.94 -92.48
CA LEU UA 423 174.85 -6.46 -93.30
C LEU UA 423 176.08 -6.30 -92.41
N ALA UA 424 177.12 -7.07 -92.69
CA ALA UA 424 178.35 -7.00 -91.92
C ALA UA 424 179.49 -7.58 -92.75
N ASN UA 425 180.71 -7.31 -92.30
CA ASN UA 425 181.88 -7.89 -92.93
C ASN UA 425 181.99 -9.38 -92.58
N ASN UA 426 182.74 -10.10 -93.40
CA ASN UA 426 182.88 -11.54 -93.20
C ASN UA 426 183.57 -11.86 -91.88
N LEU UA 427 184.46 -10.99 -91.41
CA LEU UA 427 185.12 -11.25 -90.13
C LEU UA 427 184.11 -11.26 -88.99
N ILE UA 428 183.13 -10.37 -89.04
CA ILE UA 428 182.11 -10.33 -88.00
C ILE UA 428 181.29 -11.61 -88.01
N TYR UA 429 180.92 -12.09 -89.20
CA TYR UA 429 180.16 -13.33 -89.28
C TYR UA 429 180.98 -14.50 -88.75
N ASN UA 430 182.27 -14.52 -89.08
CA ASN UA 430 183.12 -15.60 -88.57
C ASN UA 430 183.24 -15.55 -87.06
N LYS UA 431 183.35 -14.36 -86.48
CA LYS UA 431 183.35 -14.24 -85.02
C LYS UA 431 182.03 -14.72 -84.43
N ILE UA 432 180.91 -14.40 -85.09
CA ILE UA 432 179.61 -14.89 -84.63
C ILE UA 432 179.58 -16.41 -84.65
N ARG UA 433 180.17 -17.02 -85.69
CA ARG UA 433 180.17 -18.47 -85.78
C ARG UA 433 180.94 -19.14 -84.64
N GLN UA 434 181.77 -18.38 -83.92
CA GLN UA 434 182.56 -18.93 -82.84
C GLN UA 434 181.92 -18.75 -81.47
N PHE UA 435 180.72 -18.19 -81.39
CA PHE UA 435 180.06 -18.03 -80.10
C PHE UA 435 179.56 -19.35 -79.52
N ASP UA 436 179.50 -20.40 -80.32
CA ASP UA 436 179.09 -21.71 -79.84
C ASP UA 436 180.30 -22.55 -79.49
N THR UA 437 180.26 -23.17 -78.31
CA THR UA 437 181.36 -24.02 -77.87
C THR UA 437 180.84 -25.39 -77.48
N GLN UA 438 179.60 -25.45 -77.01
CA GLN UA 438 179.03 -26.68 -76.50
C GLN UA 438 177.79 -27.13 -77.26
N GLY UA 439 177.47 -26.48 -78.38
CA GLY UA 439 176.34 -26.89 -79.19
C GLY UA 439 174.98 -26.54 -78.62
N GLY UA 440 174.87 -25.39 -77.96
CA GLY UA 440 173.60 -24.99 -77.38
C GLY UA 440 172.71 -24.23 -78.35
N ALA UA 441 172.14 -23.11 -77.89
CA ALA UA 441 171.31 -22.28 -78.74
C ALA UA 441 172.11 -21.37 -79.65
N GLY UA 442 173.41 -21.22 -79.41
CA GLY UA 442 174.27 -20.42 -80.25
C GLY UA 442 174.86 -21.15 -81.43
N LEU UA 443 174.44 -22.39 -81.67
CA LEU UA 443 174.92 -23.16 -82.81
C LEU UA 443 174.31 -22.61 -84.10
N TRP UA 444 175.12 -21.93 -84.90
CA TRP UA 444 174.66 -21.46 -86.20
C TRP UA 444 174.85 -22.54 -87.26
N THR UA 445 176.09 -22.98 -87.47
CA THR UA 445 176.40 -24.07 -88.38
C THR UA 445 177.72 -24.69 -87.95
N THR UA 446 177.83 -26.00 -88.14
CA THR UA 446 179.06 -26.69 -87.80
C THR UA 446 180.16 -26.32 -88.80
N ILE UA 447 181.41 -26.51 -88.36
CA ILE UA 447 182.54 -26.25 -89.25
C ILE UA 447 182.49 -27.24 -90.41
N GLY UA 448 182.91 -26.76 -91.59
CA GLY UA 448 182.83 -27.57 -92.79
C GLY UA 448 181.67 -27.26 -93.69
N ASN UA 449 180.89 -26.21 -93.41
CA ASN UA 449 179.76 -25.83 -94.22
C ASN UA 449 179.89 -24.36 -94.63
N GLY UA 450 179.22 -24.02 -95.72
CA GLY UA 450 179.27 -22.67 -96.24
C GLY UA 450 178.57 -21.68 -95.32
N GLU UA 451 178.70 -20.41 -95.66
CA GLU UA 451 178.06 -19.37 -94.88
C GLU UA 451 176.54 -19.53 -94.96
N PRO UA 452 175.83 -19.44 -93.84
CA PRO UA 452 174.37 -19.60 -93.89
C PRO UA 452 173.72 -18.44 -94.63
N SER UA 453 172.58 -18.75 -95.23
CA SER UA 453 171.86 -17.79 -96.06
C SER UA 453 170.89 -16.92 -95.27
N GLN UA 454 170.70 -17.20 -93.99
CA GLN UA 454 169.80 -16.39 -93.19
C GLN UA 454 170.21 -16.46 -91.72
N LEU UA 455 169.94 -15.37 -90.99
CA LEU UA 455 170.20 -15.28 -89.57
C LEU UA 455 168.96 -14.73 -88.89
N LEU UA 456 168.50 -15.44 -87.85
CA LEU UA 456 167.26 -15.11 -87.16
C LEU UA 456 166.09 -15.05 -88.14
N GLY UA 457 166.13 -15.90 -89.16
CA GLY UA 457 165.10 -15.90 -90.18
C GLY UA 457 165.05 -14.62 -90.99
N ARG UA 458 166.19 -13.97 -91.21
CA ARG UA 458 166.26 -12.75 -91.98
C ARG UA 458 167.39 -12.85 -93.00
N PRO UA 459 167.28 -12.14 -94.12
CA PRO UA 459 168.34 -12.20 -95.14
C PRO UA 459 169.64 -11.62 -94.64
N VAL UA 460 170.74 -12.13 -95.19
CA VAL UA 460 172.09 -11.76 -94.77
C VAL UA 460 172.84 -11.17 -95.96
N GLY UA 461 173.44 -10.00 -95.75
CA GLY UA 461 174.23 -9.36 -96.77
C GLY UA 461 175.64 -9.12 -96.27
N GLU UA 462 176.57 -9.02 -97.22
CA GLU UA 462 177.98 -8.89 -96.93
C GLU UA 462 178.53 -7.64 -97.61
N ALA UA 463 179.35 -6.89 -96.89
CA ALA UA 463 180.00 -5.70 -97.45
C ALA UA 463 181.41 -5.64 -96.90
N GLU UA 464 182.41 -5.80 -97.77
CA GLU UA 464 183.79 -5.82 -97.33
C GLU UA 464 184.22 -4.48 -96.76
N ALA UA 465 183.75 -3.38 -97.35
CA ALA UA 465 184.27 -2.06 -97.02
C ALA UA 465 183.68 -1.50 -95.73
N MET UA 466 183.83 -2.24 -94.63
CA MET UA 466 183.49 -1.73 -93.31
C MET UA 466 184.57 -2.14 -92.31
N ASP UA 467 184.70 -1.36 -91.25
CA ASP UA 467 185.67 -1.67 -90.20
C ASP UA 467 185.35 -3.02 -89.58
N ALA UA 468 186.39 -3.82 -89.38
CA ALA UA 468 186.22 -5.19 -88.89
C ALA UA 468 187.07 -5.54 -87.69
N ASN UA 469 188.19 -4.87 -87.46
CA ASN UA 469 189.04 -5.13 -86.31
C ASN UA 469 189.26 -3.84 -85.56
N TRP UA 470 188.86 -3.80 -84.29
CA TRP UA 470 189.03 -2.64 -83.45
C TRP UA 470 190.34 -2.65 -82.69
N ASN UA 471 191.20 -3.64 -82.93
CA ASN UA 471 192.51 -3.72 -82.30
C ASN UA 471 193.57 -3.05 -83.17
N THR UA 472 193.66 -3.43 -84.45
CA THR UA 472 194.66 -2.82 -85.33
C THR UA 472 194.26 -1.42 -85.76
N SER UA 473 192.96 -1.17 -85.95
CA SER UA 473 192.51 0.13 -86.39
C SER UA 473 192.77 1.19 -85.33
N ALA UA 474 193.27 2.34 -85.77
CA ALA UA 474 193.59 3.45 -84.87
C ALA UA 474 192.43 4.41 -84.67
N SER UA 475 191.28 4.14 -85.27
CA SER UA 475 190.11 5.01 -85.15
C SER UA 475 189.27 4.56 -83.96
N ALA UA 476 188.74 5.54 -83.21
CA ALA UA 476 187.90 5.22 -82.07
C ALA UA 476 186.61 4.54 -82.50
N ASP UA 477 186.01 4.99 -83.60
CA ASP UA 477 184.76 4.43 -84.08
C ASP UA 477 185.02 3.16 -84.87
N ASN UA 478 184.30 2.10 -84.54
CA ASN UA 478 184.52 0.79 -85.14
C ASN UA 478 183.20 0.13 -85.49
N PHE UA 479 182.33 0.85 -86.20
CA PHE UA 479 181.05 0.27 -86.62
C PHE UA 479 181.28 -0.99 -87.44
N VAL UA 480 180.60 -2.07 -87.06
CA VAL UA 480 180.81 -3.39 -87.63
C VAL UA 480 179.53 -3.98 -88.19
N LEU UA 481 178.44 -3.92 -87.42
CA LEU UA 481 177.22 -4.65 -87.74
C LEU UA 481 176.06 -3.68 -87.90
N LEU UA 482 175.23 -3.93 -88.91
CA LEU UA 482 174.07 -3.11 -89.19
C LEU UA 482 172.89 -4.01 -89.54
N TYR UA 483 171.69 -3.56 -89.19
CA TYR UA 483 170.48 -4.29 -89.49
C TYR UA 483 169.31 -3.32 -89.51
N GLY UA 484 168.45 -3.45 -90.50
CA GLY UA 484 167.26 -2.62 -90.57
C GLY UA 484 166.61 -2.71 -91.94
N ASN UA 485 165.46 -2.05 -92.02
CA ASN UA 485 164.66 -2.03 -93.24
C ASN UA 485 165.41 -1.23 -94.30
N PHE UA 486 165.95 -1.93 -95.31
CA PHE UA 486 166.80 -1.29 -96.29
C PHE UA 486 166.03 -0.52 -97.36
N GLN UA 487 164.70 -0.66 -97.42
CA GLN UA 487 163.96 0.05 -98.45
C GLN UA 487 163.88 1.55 -98.19
N ASN UA 488 164.31 2.01 -97.01
CA ASN UA 488 164.39 3.43 -96.73
C ASN UA 488 165.71 4.05 -97.19
N TYR UA 489 166.60 3.25 -97.77
CA TYR UA 489 167.87 3.74 -98.31
C TYR UA 489 167.70 3.80 -99.83
N VAL UA 490 167.83 5.00 -100.38
CA VAL UA 490 167.51 5.27 -101.77
C VAL UA 490 168.80 5.57 -102.53
N ILE UA 491 168.98 4.89 -103.67
CA ILE UA 491 170.06 5.19 -104.60
C ILE UA 491 169.42 5.55 -105.94
N ALA UA 492 169.96 6.57 -106.59
CA ALA UA 492 169.43 7.09 -107.84
C ALA UA 492 170.43 6.89 -108.96
N ASP UA 493 169.99 6.29 -110.05
CA ASP UA 493 170.84 6.04 -111.21
C ASP UA 493 170.42 6.95 -112.35
N ARG UA 494 171.39 7.65 -112.93
CA ARG UA 494 171.12 8.61 -114.00
C ARG UA 494 171.74 8.22 -115.32
N ILE UA 495 172.99 7.72 -115.30
CA ILE UA 495 173.67 7.29 -116.50
C ILE UA 495 174.61 6.16 -116.13
N GLY UA 496 174.98 5.35 -117.12
CA GLY UA 496 175.89 4.24 -116.91
C GLY UA 496 177.34 4.68 -116.99
N MET UA 497 178.19 3.73 -117.39
CA MET UA 497 179.61 3.99 -117.58
C MET UA 497 179.87 4.09 -119.08
N THR UA 498 180.18 5.30 -119.55
CA THR UA 498 180.43 5.57 -120.96
C THR UA 498 181.89 5.96 -121.14
N VAL UA 499 182.50 5.49 -122.24
CA VAL UA 499 183.90 5.72 -122.54
C VAL UA 499 184.01 6.44 -123.87
N GLU UA 500 184.79 7.52 -123.90
CA GLU UA 500 185.05 8.28 -125.11
C GLU UA 500 186.54 8.26 -125.42
N PHE UA 501 186.86 8.47 -126.70
CA PHE UA 501 188.24 8.42 -127.19
C PHE UA 501 188.59 9.79 -127.77
N ILE UA 502 189.66 10.39 -127.27
CA ILE UA 502 190.12 11.70 -127.71
C ILE UA 502 191.20 11.49 -128.75
N PRO UA 503 191.02 11.98 -129.99
CA PRO UA 503 192.00 11.67 -131.04
C PRO UA 503 193.27 12.49 -130.98
N HIS UA 504 193.29 13.63 -130.29
CA HIS UA 504 194.47 14.48 -130.29
C HIS UA 504 194.58 15.19 -128.95
N LEU UA 505 195.74 15.05 -128.30
CA LEU UA 505 196.03 15.80 -127.10
C LEU UA 505 196.96 16.96 -127.43
N PHE UA 506 196.85 18.03 -126.63
CA PHE UA 506 197.55 19.28 -126.90
C PHE UA 506 198.59 19.55 -125.82
N GLY UA 507 199.54 20.42 -126.17
CA GLY UA 507 200.63 20.77 -125.31
C GLY UA 507 200.49 22.13 -124.67
N THR UA 508 201.60 22.62 -124.12
CA THR UA 508 201.58 23.88 -123.38
C THR UA 508 201.21 25.05 -124.29
N ASN UA 509 201.76 25.09 -125.49
CA ASN UA 509 201.53 26.20 -126.41
C ASN UA 509 200.37 25.95 -127.35
N ARG UA 510 199.41 25.12 -126.96
CA ARG UA 510 198.23 24.82 -127.78
C ARG UA 510 198.61 24.22 -129.12
N ARG UA 511 199.58 23.30 -129.11
CA ARG UA 511 199.98 22.55 -130.28
C ARG UA 511 199.95 21.07 -129.95
N PRO UA 512 199.70 20.21 -130.95
CA PRO UA 512 199.73 18.77 -130.70
C PRO UA 512 201.10 18.31 -130.23
N ASN UA 513 201.11 17.37 -129.28
CA ASN UA 513 202.35 16.78 -128.78
C ASN UA 513 202.46 15.29 -129.09
N GLY UA 514 201.43 14.69 -129.67
CA GLY UA 514 201.49 13.29 -130.02
C GLY UA 514 201.02 12.36 -128.94
N SER UA 515 199.82 12.60 -128.42
CA SER UA 515 199.26 11.79 -127.35
C SER UA 515 197.76 11.62 -127.56
N ARG UA 516 197.24 10.53 -126.99
CA ARG UA 516 195.81 10.25 -127.02
C ARG UA 516 195.38 9.83 -125.63
N GLY UA 517 194.07 9.62 -125.45
CA GLY UA 517 193.58 9.22 -124.14
C GLY UA 517 192.16 8.69 -124.20
N TRP UA 518 191.77 8.04 -123.12
CA TRP UA 518 190.42 7.52 -122.93
C TRP UA 518 189.77 8.23 -121.75
N PHE UA 519 188.57 8.74 -121.96
CA PHE UA 519 187.83 9.49 -120.94
C PHE UA 519 186.53 8.76 -120.65
N ALA UA 520 186.22 8.60 -119.36
CA ALA UA 520 185.01 7.91 -118.94
C ALA UA 520 184.41 8.63 -117.74
N TYR UA 521 183.10 8.52 -117.59
CA TYR UA 521 182.39 9.18 -116.49
C TYR UA 521 181.17 8.36 -116.11
N TYR UA 522 180.61 8.69 -114.95
CA TYR UA 522 179.53 7.94 -114.35
C TYR UA 522 178.83 8.81 -113.32
N ARG UA 523 177.50 8.75 -113.27
CA ARG UA 523 176.71 9.59 -112.38
C ARG UA 523 175.73 8.76 -111.57
N MET UA 524 175.59 9.10 -110.29
CA MET UA 524 174.64 8.45 -109.38
C MET UA 524 174.50 9.28 -108.12
N GLY UA 525 173.61 8.84 -107.24
CA GLY UA 525 173.39 9.52 -105.98
C GLY UA 525 172.71 8.60 -104.99
N ALA UA 526 172.91 8.87 -103.70
CA ALA UA 526 172.34 8.04 -102.66
C ALA UA 526 172.24 8.83 -101.35
N ASP UA 527 171.26 8.46 -100.53
CA ASP UA 527 171.03 9.08 -99.22
C ASP UA 527 170.06 8.20 -98.46
N VAL UA 528 169.90 8.50 -97.17
CA VAL UA 528 169.00 7.78 -96.27
C VAL UA 528 167.81 8.67 -95.98
N VAL UA 529 166.61 8.12 -96.15
CA VAL UA 529 165.39 8.90 -95.91
C VAL UA 529 165.02 8.89 -94.44
N ASN UA 530 164.84 7.71 -93.85
CA ASN UA 530 164.47 7.59 -92.45
C ASN UA 530 165.66 7.05 -91.66
N PRO UA 531 166.30 7.86 -90.82
CA PRO UA 531 167.45 7.38 -90.04
C PRO UA 531 167.05 6.53 -88.84
N ASN UA 532 165.77 6.42 -88.53
CA ASN UA 532 165.31 5.65 -87.38
C ASN UA 532 164.95 4.21 -87.72
N ALA UA 533 165.09 3.80 -88.97
CA ALA UA 533 164.73 2.46 -89.40
C ALA UA 533 165.89 1.47 -89.36
N PHE UA 534 167.06 1.88 -88.88
CA PHE UA 534 168.20 1.00 -88.76
C PHE UA 534 168.72 1.03 -87.33
N ARG UA 535 169.66 0.15 -87.04
CA ARG UA 535 170.30 0.09 -85.73
C ARG UA 535 171.75 -0.32 -85.93
N LEU UA 536 172.65 0.66 -85.87
CA LEU UA 536 174.08 0.42 -86.02
C LEU UA 536 174.72 0.17 -84.66
N LEU UA 537 175.72 -0.72 -84.66
CA LEU UA 537 176.49 -1.03 -83.46
C LEU UA 537 177.88 -0.42 -83.57
N ASN UA 538 178.33 0.20 -82.49
CA ASN UA 538 179.62 0.89 -82.46
C ASN UA 538 180.46 0.31 -81.33
N VAL UA 539 181.67 -0.13 -81.65
CA VAL UA 539 182.62 -0.59 -80.63
C VAL UA 539 183.63 0.54 -80.44
N GLU UA 540 183.34 1.42 -79.49
CA GLU UA 540 184.28 2.49 -79.18
C GLU UA 540 185.45 1.93 -78.39
N THR UA 541 186.66 2.27 -78.84
CA THR UA 541 187.89 1.73 -78.27
C THR UA 541 188.87 2.85 -77.93
N ALA UA 542 188.35 3.95 -77.40
CA ALA UA 542 189.20 5.07 -77.02
C ALA UA 542 190.24 4.64 -76.00
N SER UA 543 191.50 5.02 -76.24
CA SER UA 543 192.62 4.65 -75.40
C SER UA 543 192.73 3.13 -75.24
N MET VA 251 121.61 100.58 -211.40
CA MET VA 251 120.54 99.70 -210.97
C MET VA 251 120.99 98.81 -209.81
N GLY VA 252 120.75 99.27 -208.59
CA GLY VA 252 121.13 98.56 -207.39
C GLY VA 252 119.94 98.28 -206.48
N LEU VA 253 120.20 98.29 -205.18
CA LEU VA 253 119.16 98.06 -204.19
C LEU VA 253 118.47 99.34 -203.74
N THR VA 254 118.83 100.48 -204.31
CA THR VA 254 118.07 101.70 -204.08
C THR VA 254 116.65 101.52 -204.62
N LYS VA 255 115.67 102.07 -203.91
CA LYS VA 255 114.27 101.76 -204.20
C LYS VA 255 113.91 102.14 -205.64
N ALA VA 256 114.19 103.39 -206.03
CA ALA VA 256 113.81 103.86 -207.36
C ALA VA 256 114.55 103.16 -208.49
N ASP VA 257 115.67 102.49 -208.19
CA ASP VA 257 116.46 101.82 -209.21
C ASP VA 257 116.24 100.32 -209.22
N GLY VA 258 115.00 99.88 -209.02
CA GLY VA 258 114.66 98.47 -209.02
C GLY VA 258 114.54 97.86 -207.64
N GLY VA 259 114.60 98.67 -206.57
CA GLY VA 259 114.49 98.12 -205.24
C GLY VA 259 113.08 97.67 -204.88
N TYR VA 260 112.09 98.07 -205.69
CA TYR VA 260 110.72 97.64 -205.45
C TYR VA 260 110.52 96.15 -205.70
N LEU VA 261 111.42 95.53 -206.45
CA LEU VA 261 111.24 94.14 -206.86
C LEU VA 261 111.58 93.14 -205.77
N VAL VA 262 112.30 93.54 -204.72
CA VAL VA 262 112.67 92.61 -203.66
C VAL VA 262 111.44 92.26 -202.84
N PRO VA 263 111.31 91.02 -202.37
CA PRO VA 263 110.14 90.66 -201.56
C PRO VA 263 110.26 91.21 -200.15
N PHE VA 264 109.16 91.11 -199.42
CA PHE VA 264 109.08 91.57 -198.03
C PHE VA 264 109.04 90.35 -197.12
N GLN VA 265 109.94 90.33 -196.14
CA GLN VA 265 110.06 89.22 -195.20
C GLN VA 265 109.81 89.73 -193.79
N LEU VA 266 108.90 89.06 -193.08
CA LEU VA 266 108.62 89.41 -191.69
C LEU VA 266 108.29 88.15 -190.92
N ASP VA 267 108.44 88.22 -189.60
CA ASP VA 267 108.16 87.09 -188.73
C ASP VA 267 106.86 87.37 -187.99
N PRO VA 268 105.79 86.60 -188.24
CA PRO VA 268 104.51 86.91 -187.59
C PRO VA 268 104.52 86.78 -186.08
N THR VA 269 105.37 85.92 -185.51
CA THR VA 269 105.37 85.70 -184.08
C THR VA 269 105.83 86.96 -183.35
N VAL VA 270 105.18 87.24 -182.23
CA VAL VA 270 105.45 88.44 -181.44
C VAL VA 270 106.42 88.11 -180.32
N ILE VA 271 107.42 88.96 -180.14
CA ILE VA 271 108.43 88.81 -179.09
C ILE VA 271 108.10 89.81 -177.99
N ILE VA 272 107.74 89.30 -176.82
CA ILE VA 272 107.35 90.14 -175.70
C ILE VA 272 108.59 90.65 -174.99
N THR VA 273 108.63 91.96 -174.74
CA THR VA 273 109.79 92.62 -174.15
C THR VA 273 109.47 93.13 -172.75
N SER VA 274 108.72 92.37 -171.98
CA SER VA 274 108.40 92.72 -170.59
C SER VA 274 109.03 91.69 -169.66
N ASN VA 275 109.66 92.19 -168.60
CA ASN VA 275 110.37 91.30 -167.68
C ASN VA 275 109.42 90.34 -166.99
N GLY VA 276 108.31 90.85 -166.48
CA GLY VA 276 107.39 90.05 -165.70
C GLY VA 276 107.90 89.83 -164.29
N SER VA 277 107.12 89.08 -163.52
CA SER VA 277 107.47 88.79 -162.13
C SER VA 277 107.22 87.31 -161.84
N LEU VA 278 108.04 86.76 -160.96
CA LEU VA 278 107.92 85.38 -160.50
C LEU VA 278 107.59 85.38 -159.01
N ASN VA 279 106.61 84.57 -158.62
CA ASN VA 279 106.21 84.51 -157.22
C ASN VA 279 105.79 83.08 -156.88
N ASP VA 280 106.09 82.68 -155.65
CA ASP VA 280 105.75 81.35 -155.15
C ASP VA 280 104.92 81.38 -153.89
N ILE VA 281 104.29 82.52 -153.57
CA ILE VA 281 103.43 82.58 -152.40
C ILE VA 281 102.22 81.66 -152.58
N ARG VA 282 101.64 81.66 -153.78
CA ARG VA 282 100.44 80.86 -154.02
C ARG VA 282 100.69 79.36 -153.89
N ARG VA 283 101.95 78.92 -153.94
CA ARG VA 283 102.25 77.50 -153.79
C ARG VA 283 102.29 77.06 -152.34
N PHE VA 284 102.58 77.97 -151.40
CA PHE VA 284 102.67 77.62 -149.99
C PHE VA 284 101.49 78.10 -149.15
N ALA VA 285 100.70 79.03 -149.66
CA ALA VA 285 99.61 79.60 -148.88
C ALA VA 285 98.39 78.69 -148.91
N ARG VA 286 97.33 79.11 -148.24
CA ARG VA 286 96.05 78.40 -148.25
C ARG VA 286 95.03 79.22 -149.02
N GLN VA 287 94.26 78.56 -149.88
CA GLN VA 287 93.25 79.21 -150.70
C GLN VA 287 91.86 78.84 -150.21
N VAL VA 288 91.03 79.84 -149.99
CA VAL VA 288 89.64 79.63 -149.57
C VAL VA 288 88.74 80.47 -150.47
N VAL VA 289 87.53 79.99 -150.67
CA VAL VA 289 86.58 80.61 -151.59
C VAL VA 289 85.61 81.49 -150.80
N ALA VA 290 85.14 82.55 -151.42
CA ALA VA 290 84.20 83.48 -150.82
C ALA VA 290 82.96 83.61 -151.71
N THR VA 291 81.88 84.09 -151.10
CA THR VA 291 80.64 84.31 -151.85
C THR VA 291 80.22 85.76 -151.76
N GLY VA 292 80.40 86.38 -150.59
CA GLY VA 292 80.05 87.77 -150.40
C GLY VA 292 81.18 88.69 -150.77
N ASP VA 293 81.50 89.64 -149.89
CA ASP VA 293 82.62 90.54 -150.10
C ASP VA 293 83.65 90.50 -148.97
N VAL VA 294 83.34 89.88 -147.84
CA VAL VA 294 84.26 89.76 -146.73
C VAL VA 294 84.28 88.31 -146.27
N TRP VA 295 85.40 87.93 -145.67
CA TRP VA 295 85.55 86.59 -145.11
C TRP VA 295 85.93 86.75 -143.64
N HIS VA 296 85.22 86.04 -142.77
CA HIS VA 296 85.41 86.16 -141.34
C HIS VA 296 85.90 84.84 -140.76
N GLY VA 297 86.75 84.95 -139.74
CA GLY VA 297 87.27 83.78 -139.05
C GLY VA 297 87.27 84.03 -137.56
N VAL VA 298 87.53 82.96 -136.81
CA VAL VA 298 87.53 83.00 -135.36
C VAL VA 298 88.87 82.48 -134.85
N SER VA 299 89.52 83.26 -133.99
CA SER VA 299 90.76 82.85 -133.35
C SER VA 299 90.63 83.05 -131.85
N SER VA 300 91.27 82.15 -131.09
CA SER VA 300 91.17 82.19 -129.65
C SER VA 300 92.54 81.98 -129.04
N ALA VA 301 92.69 82.45 -127.80
CA ALA VA 301 93.92 82.28 -127.04
C ALA VA 301 93.85 80.98 -126.25
N ALA VA 302 94.76 80.83 -125.28
CA ALA VA 302 94.85 79.62 -124.46
C ALA VA 302 94.37 79.90 -123.05
N VAL VA 303 94.08 78.83 -122.32
CA VAL VA 303 93.76 78.92 -120.89
C VAL VA 303 95.04 78.68 -120.11
N GLN VA 304 95.15 79.34 -118.96
CA GLN VA 304 96.35 79.28 -118.13
C GLN VA 304 96.05 78.50 -116.87
N TRP VA 305 96.62 77.31 -116.76
CA TRP VA 305 96.48 76.51 -115.55
C TRP VA 305 97.49 76.97 -114.50
N SER VA 306 97.37 76.41 -113.30
CA SER VA 306 98.30 76.71 -112.23
C SER VA 306 98.29 75.57 -111.23
N TRP VA 307 99.35 75.49 -110.44
CA TRP VA 307 99.50 74.44 -109.43
C TRP VA 307 99.06 74.99 -108.08
N ASP VA 308 98.05 74.34 -107.49
CA ASP VA 308 97.39 74.86 -106.30
C ASP VA 308 97.42 73.82 -105.19
N ALA VA 309 97.45 74.31 -103.95
CA ALA VA 309 97.45 73.45 -102.78
C ALA VA 309 96.01 73.08 -102.41
N GLU VA 310 95.85 72.36 -101.30
CA GLU VA 310 94.52 72.00 -100.85
C GLU VA 310 93.77 73.23 -100.33
N PHE VA 311 92.46 73.25 -100.57
CA PHE VA 311 91.59 74.33 -100.11
C PHE VA 311 92.07 75.69 -100.60
N GLU VA 312 92.57 75.72 -101.84
CA GLU VA 312 93.03 76.96 -102.46
C GLU VA 312 92.08 77.31 -103.61
N GLU VA 313 91.50 78.50 -103.56
CA GLU VA 313 90.54 78.89 -104.57
C GLU VA 313 91.23 79.11 -105.91
N VAL VA 314 90.57 78.70 -106.98
CA VAL VA 314 91.13 78.81 -108.31
C VAL VA 314 91.10 80.27 -108.76
N SER VA 315 91.83 80.55 -109.83
CA SER VA 315 91.84 81.87 -110.44
C SER VA 315 90.93 81.86 -111.68
N ASP VA 316 90.42 83.04 -112.01
CA ASP VA 316 89.60 83.19 -113.20
C ASP VA 316 90.51 83.20 -114.43
N ASP VA 317 90.30 82.25 -115.34
CA ASP VA 317 91.18 82.04 -116.47
C ASP VA 317 90.41 82.03 -117.78
N SER VA 318 89.46 82.94 -117.92
CA SER VA 318 88.65 82.99 -119.13
C SER VA 318 89.48 83.47 -120.32
N PRO VA 319 89.38 82.81 -121.46
CA PRO VA 319 90.14 83.23 -122.64
C PRO VA 319 89.50 84.42 -123.34
N GLU VA 320 90.25 84.99 -124.27
CA GLU VA 320 89.78 86.10 -125.11
C GLU VA 320 89.87 85.68 -126.58
N PHE VA 321 88.94 86.19 -127.39
CA PHE VA 321 88.79 85.75 -128.77
C PHE VA 321 89.14 86.88 -129.73
N GLY VA 322 89.26 86.51 -131.00
CA GLY VA 322 89.55 87.46 -132.05
C GLY VA 322 88.88 87.06 -133.35
N GLN VA 323 88.78 88.03 -134.26
CA GLN VA 323 88.07 87.78 -135.51
C GLN VA 323 88.80 88.45 -136.68
N PRO VA 324 89.59 87.70 -137.43
CA PRO VA 324 90.22 88.27 -138.63
C PRO VA 324 89.19 88.54 -139.71
N GLU VA 325 89.51 89.50 -140.58
CA GLU VA 325 88.59 89.90 -141.64
C GLU VA 325 89.38 90.10 -142.93
N ILE VA 326 88.82 89.60 -144.03
CA ILE VA 326 89.48 89.69 -145.33
C ILE VA 326 88.57 90.40 -146.33
N PRO VA 327 88.81 91.66 -146.63
CA PRO VA 327 88.03 92.34 -147.68
C PRO VA 327 88.39 91.82 -149.06
N VAL VA 328 87.48 92.02 -149.99
CA VAL VA 328 87.64 91.60 -151.38
C VAL VA 328 87.68 92.83 -152.26
N LYS VA 329 88.70 92.92 -153.12
CA LYS VA 329 88.90 94.05 -154.01
C LYS VA 329 88.72 93.61 -155.46
N LYS VA 330 88.95 94.54 -156.38
CA LYS VA 330 88.73 94.30 -157.80
C LYS VA 330 89.82 94.99 -158.62
N ALA VA 331 90.26 94.29 -159.66
CA ALA VA 331 91.23 94.82 -160.61
C ALA VA 331 90.71 94.59 -162.02
N GLN VA 332 91.09 95.49 -162.93
CA GLN VA 332 90.51 95.44 -164.27
C GLN VA 332 91.41 96.18 -165.26
N GLY VA 333 91.23 95.85 -166.53
CA GLY VA 333 91.97 96.49 -167.60
C GLY VA 333 91.17 96.43 -168.88
N PHE VA 334 91.43 97.38 -169.78
CA PHE VA 334 90.60 97.56 -170.97
C PHE VA 334 91.45 97.90 -172.17
N VAL VA 335 91.08 97.35 -173.32
CA VAL VA 335 91.79 97.58 -174.58
C VAL VA 335 90.79 97.87 -175.68
N PRO VA 336 90.79 99.07 -176.27
CA PRO VA 336 89.90 99.37 -177.39
C PRO VA 336 90.57 99.11 -178.73
N ILE VA 337 89.77 98.66 -179.68
CA ILE VA 337 90.26 98.39 -181.03
C ILE VA 337 89.27 98.96 -182.04
N SER VA 338 89.77 99.27 -183.23
CA SER VA 338 88.94 99.87 -184.26
C SER VA 338 88.29 98.78 -185.12
N ILE VA 339 87.20 99.16 -185.78
CA ILE VA 339 86.50 98.25 -186.66
C ILE VA 339 87.35 97.87 -187.88
N GLU VA 340 88.05 98.84 -188.45
CA GLU VA 340 88.91 98.56 -189.59
C GLU VA 340 90.24 97.95 -189.14
N ALA VA 341 90.71 98.34 -187.96
CA ALA VA 341 91.96 97.77 -187.45
C ALA VA 341 91.81 96.29 -187.15
N LEU VA 342 90.67 95.89 -186.60
CA LEU VA 342 90.43 94.49 -186.28
C LEU VA 342 90.37 93.61 -187.52
N GLN VA 343 89.79 94.10 -188.60
CA GLN VA 343 89.56 93.30 -189.80
C GLN VA 343 90.81 93.06 -190.62
N ASP VA 344 91.74 94.02 -190.66
CA ASP VA 344 92.93 93.91 -191.50
C ASP VA 344 94.09 93.22 -190.80
N GLU VA 345 94.38 93.60 -189.55
CA GLU VA 345 95.43 92.94 -188.79
C GLU VA 345 95.04 91.49 -188.52
N ALA VA 346 96.01 90.60 -188.66
CA ALA VA 346 95.78 89.16 -188.58
C ALA VA 346 96.21 88.63 -187.22
N ASN VA 347 95.36 87.82 -186.61
CA ASN VA 347 95.66 87.12 -185.36
C ASN VA 347 95.99 88.11 -184.24
N VAL VA 348 94.98 88.91 -183.91
CA VAL VA 348 95.13 89.88 -182.83
C VAL VA 348 94.44 89.42 -181.55
N THR VA 349 93.39 88.60 -181.66
CA THR VA 349 92.65 88.16 -180.49
C THR VA 349 93.52 87.31 -179.57
N GLU VA 350 94.24 86.34 -180.14
CA GLU VA 350 95.13 85.52 -179.31
C GLU VA 350 96.26 86.36 -178.73
N THR VA 351 96.80 87.28 -179.53
CA THR VA 351 97.89 88.12 -179.04
C THR VA 351 97.45 88.91 -177.82
N VAL VA 352 96.30 89.56 -177.90
CA VAL VA 352 95.82 90.35 -176.77
C VAL VA 352 95.42 89.44 -175.61
N ALA VA 353 94.99 88.21 -175.90
CA ALA VA 353 94.69 87.27 -174.81
C ALA VA 353 95.95 86.96 -174.01
N LEU VA 354 97.05 86.64 -174.69
CA LEU VA 354 98.31 86.42 -173.98
C LEU VA 354 98.77 87.68 -173.26
N LEU VA 355 98.57 88.86 -173.88
CA LEU VA 355 98.95 90.10 -173.22
C LEU VA 355 98.17 90.29 -171.92
N PHE VA 356 96.86 90.03 -171.95
CA PHE VA 356 96.05 90.13 -170.75
C PHE VA 356 96.50 89.15 -169.68
N ALA VA 357 96.78 87.90 -170.09
CA ALA VA 357 97.21 86.90 -169.12
C ALA VA 357 98.52 87.30 -168.46
N GLU VA 358 99.49 87.76 -169.24
CA GLU VA 358 100.76 88.18 -168.67
C GLU VA 358 100.59 89.38 -167.75
N GLY VA 359 99.74 90.34 -168.14
CA GLY VA 359 99.50 91.48 -167.27
C GLY VA 359 98.89 91.08 -165.94
N LYS VA 360 97.90 90.18 -165.98
CA LYS VA 360 97.28 89.70 -164.75
C LYS VA 360 98.31 89.00 -163.86
N ASP VA 361 99.14 88.15 -164.47
CA ASP VA 361 100.14 87.43 -163.69
C ASP VA 361 101.11 88.40 -163.04
N GLU VA 362 101.60 89.38 -163.81
CA GLU VA 362 102.55 90.33 -163.28
C GLU VA 362 101.96 91.16 -162.15
N LEU VA 363 100.70 91.59 -162.29
CA LEU VA 363 100.07 92.34 -161.21
C LEU VA 363 99.89 91.49 -159.96
N GLU VA 364 99.32 90.29 -160.12
CA GLU VA 364 99.00 89.47 -158.96
C GLU VA 364 100.26 89.03 -158.22
N ALA VA 365 101.32 88.68 -158.95
CA ALA VA 365 102.56 88.28 -158.30
C ALA VA 365 103.15 89.42 -157.48
N VAL VA 366 103.06 90.65 -158.00
CA VAL VA 366 103.63 91.79 -157.30
C VAL VA 366 102.82 92.12 -156.05
N THR VA 367 101.49 92.09 -156.16
CA THR VA 367 100.67 92.55 -155.04
C THR VA 367 100.72 91.61 -153.84
N LEU VA 368 100.85 90.30 -154.06
CA LEU VA 368 100.93 89.38 -152.95
C LEU VA 368 102.17 89.59 -152.08
N THR VA 369 103.22 90.19 -152.64
CA THR VA 369 104.46 90.42 -151.89
C THR VA 369 104.45 91.75 -151.15
N THR VA 370 104.14 92.84 -151.84
CA THR VA 370 104.07 94.18 -151.24
C THR VA 370 102.74 94.80 -151.65
N GLY VA 371 101.70 94.52 -150.87
CA GLY VA 371 100.40 95.12 -151.08
C GLY VA 371 100.08 96.08 -149.95
N THR VA 372 99.68 97.31 -150.29
CA THR VA 372 99.48 98.32 -149.25
C THR VA 372 98.41 97.92 -148.26
N GLY VA 373 97.31 97.35 -148.73
CA GLY VA 373 96.20 96.98 -147.88
C GLY VA 373 95.19 98.09 -147.65
N GLN VA 374 95.55 99.33 -147.95
CA GLN VA 374 94.67 100.46 -147.85
C GLN VA 374 94.23 100.92 -149.23
N GLY VA 375 93.10 101.62 -149.28
CA GLY VA 375 92.56 102.04 -150.55
C GLY VA 375 91.96 100.87 -151.30
N ASN VA 376 92.34 100.71 -152.56
CA ASN VA 376 91.78 99.69 -153.43
C ASN VA 376 92.70 98.49 -153.58
N GLN VA 377 93.72 98.38 -152.73
CA GLN VA 377 94.76 97.39 -152.94
C GLN VA 377 94.76 96.36 -151.82
N PRO VA 378 94.94 95.07 -152.17
CA PRO VA 378 95.01 94.03 -151.13
C PRO VA 378 96.22 94.16 -150.24
N THR VA 379 96.32 93.29 -149.22
CA THR VA 379 97.39 93.34 -148.24
C THR VA 379 98.41 92.25 -148.54
N GLY VA 380 99.67 92.65 -148.71
CA GLY VA 380 100.74 91.70 -148.90
C GLY VA 380 101.26 91.15 -147.59
N ILE VA 381 102.05 90.09 -147.69
CA ILE VA 381 102.59 89.46 -146.49
C ILE VA 381 103.61 90.35 -145.82
N VAL VA 382 104.43 91.06 -146.60
CA VAL VA 382 105.46 91.91 -146.03
C VAL VA 382 104.81 93.08 -145.29
N THR VA 383 103.78 93.68 -145.87
CA THR VA 383 103.09 94.77 -145.20
C THR VA 383 102.43 94.30 -143.90
N ALA VA 384 101.80 93.12 -143.91
CA ALA VA 384 101.13 92.61 -142.73
C ALA VA 384 102.12 92.22 -141.63
N LEU VA 385 103.39 92.05 -141.96
CA LEU VA 385 104.41 91.65 -141.00
C LEU VA 385 105.42 92.76 -140.73
N ALA VA 386 105.03 94.00 -140.96
CA ALA VA 386 105.90 95.16 -140.76
C ALA VA 386 105.50 95.88 -139.49
N GLY VA 387 106.44 96.05 -138.56
CA GLY VA 387 106.17 96.68 -137.30
C GLY VA 387 105.55 95.80 -136.25
N THR VA 388 105.27 94.53 -136.58
CA THR VA 388 104.65 93.61 -135.64
C THR VA 388 105.72 92.93 -134.80
N ALA VA 389 105.33 91.87 -134.08
CA ALA VA 389 106.30 91.13 -133.28
C ALA VA 389 107.23 90.27 -134.13
N ALA VA 390 106.82 89.94 -135.35
CA ALA VA 390 107.64 89.07 -136.20
C ALA VA 390 108.91 89.74 -136.69
N GLU VA 391 108.92 91.06 -136.81
CA GLU VA 391 110.08 91.77 -137.32
C GLU VA 391 111.19 91.79 -136.27
N ILE VA 392 112.40 91.41 -136.68
CA ILE VA 392 113.55 91.34 -135.81
C ILE VA 392 114.70 92.11 -136.44
N ALA VA 393 115.84 92.11 -135.75
CA ALA VA 393 117.02 92.84 -136.19
C ALA VA 393 118.23 91.92 -136.17
N PRO VA 394 119.22 92.17 -137.04
CA PRO VA 394 120.42 91.33 -137.05
C PRO VA 394 121.27 91.55 -135.81
N VAL VA 395 122.19 90.60 -135.58
CA VAL VA 395 123.05 90.66 -134.42
C VAL VA 395 123.99 91.87 -134.48
N THR VA 396 124.42 92.24 -135.69
CA THR VA 396 125.27 93.39 -135.90
C THR VA 396 124.59 94.33 -136.90
N ALA VA 397 124.64 95.63 -136.61
CA ALA VA 397 123.88 96.59 -137.40
C ALA VA 397 124.42 96.69 -138.82
N GLU VA 398 123.49 96.79 -139.77
CA GLU VA 398 123.81 97.11 -141.17
C GLU VA 398 124.77 96.09 -141.79
N THR VA 399 124.58 94.82 -141.45
CA THR VA 399 125.34 93.75 -142.07
C THR VA 399 124.54 92.47 -142.03
N PHE VA 400 124.74 91.60 -143.02
CA PHE VA 400 124.08 90.31 -143.11
C PHE VA 400 125.14 89.22 -143.01
N ALA VA 401 125.05 88.39 -141.98
CA ALA VA 401 125.99 87.31 -141.75
C ALA VA 401 125.23 85.99 -141.59
N LEU VA 402 125.98 84.92 -141.30
CA LEU VA 402 125.38 83.60 -141.16
C LEU VA 402 124.47 83.51 -139.95
N ALA VA 403 124.84 84.15 -138.83
CA ALA VA 403 124.06 84.02 -137.61
C ALA VA 403 122.63 84.52 -137.77
N ASP VA 404 122.40 85.48 -138.67
CA ASP VA 404 121.06 86.01 -138.87
C ASP VA 404 120.12 84.94 -139.41
N VAL VA 405 120.60 84.09 -140.32
CA VAL VA 405 119.74 83.07 -140.91
C VAL VA 405 119.23 82.11 -139.85
N TYR VA 406 120.16 81.57 -139.04
CA TYR VA 406 119.73 80.67 -137.99
C TYR VA 406 118.89 81.39 -136.93
N ALA VA 407 119.18 82.66 -136.67
CA ALA VA 407 118.38 83.40 -135.71
C ALA VA 407 116.92 83.49 -136.18
N VAL VA 408 116.72 83.85 -137.45
CA VAL VA 408 115.38 83.90 -138.02
C VAL VA 408 114.73 82.53 -137.96
N TYR VA 409 115.49 81.48 -138.28
CA TYR VA 409 114.93 80.14 -138.27
C TYR VA 409 114.48 79.70 -136.88
N GLU VA 410 115.26 80.02 -135.84
CA GLU VA 410 115.02 79.42 -134.54
C GLU VA 410 114.11 80.24 -133.65
N GLN VA 411 114.07 81.57 -133.82
CA GLN VA 411 113.24 82.38 -132.93
C GLN VA 411 111.77 82.02 -133.05
N LEU VA 412 111.35 81.48 -134.19
CA LEU VA 412 109.96 81.10 -134.37
C LEU VA 412 109.64 79.88 -133.53
N ALA VA 413 108.38 79.77 -133.12
CA ALA VA 413 107.96 78.75 -132.17
C ALA VA 413 108.08 77.34 -132.77
N ALA VA 414 108.17 76.35 -131.88
CA ALA VA 414 108.38 74.98 -132.34
C ALA VA 414 107.16 74.43 -133.06
N ARG VA 415 105.97 74.94 -132.74
CA ARG VA 415 104.75 74.42 -133.37
C ARG VA 415 104.76 74.64 -134.88
N HIS VA 416 105.13 75.83 -135.33
CA HIS VA 416 105.10 76.16 -136.75
C HIS VA 416 106.45 75.98 -137.44
N ARG VA 417 107.53 75.88 -136.66
CA ARG VA 417 108.86 75.73 -137.25
C ARG VA 417 108.98 74.43 -138.03
N ARG VA 418 108.31 73.37 -137.55
CA ARG VA 418 108.36 72.09 -138.23
C ARG VA 418 107.61 72.09 -139.55
N GLN VA 419 106.82 73.12 -139.83
CA GLN VA 419 106.12 73.25 -141.12
C GLN VA 419 106.20 74.71 -141.57
N GLY VA 420 107.22 75.01 -142.37
CA GLY VA 420 107.43 76.34 -142.89
C GLY VA 420 108.26 76.30 -144.16
N ALA VA 421 108.44 77.47 -144.77
CA ALA VA 421 109.19 77.56 -146.00
C ALA VA 421 109.87 78.91 -146.07
N TRP VA 422 110.95 78.97 -146.85
CA TRP VA 422 111.70 80.20 -147.06
C TRP VA 422 111.13 80.96 -148.23
N LEU VA 423 111.19 82.29 -148.14
CA LEU VA 423 110.75 83.14 -149.24
C LEU VA 423 111.61 84.40 -149.23
N ALA VA 424 112.46 84.56 -150.25
CA ALA VA 424 113.34 85.70 -150.33
C ALA VA 424 113.77 85.90 -151.78
N ASN VA 425 114.36 87.06 -152.04
CA ASN VA 425 114.83 87.40 -153.38
C ASN VA 425 116.11 86.62 -153.71
N ASN VA 426 116.44 86.63 -155.00
CA ASN VA 426 117.60 85.87 -155.47
C ASN VA 426 118.90 86.40 -154.91
N LEU VA 427 118.99 87.72 -154.71
CA LEU VA 427 120.24 88.29 -154.21
C LEU VA 427 120.58 87.76 -152.83
N ILE VA 428 119.59 87.61 -151.96
CA ILE VA 428 119.84 87.10 -150.63
C ILE VA 428 120.29 85.65 -150.68
N TYR VA 429 119.67 84.84 -151.54
CA TYR VA 429 120.09 83.45 -151.69
C TYR VA 429 121.52 83.36 -152.16
N ASN VA 430 121.87 84.17 -153.18
CA ASN VA 430 123.23 84.15 -153.69
C ASN VA 430 124.23 84.63 -152.64
N LYS VA 431 123.85 85.63 -151.85
CA LYS VA 431 124.71 86.10 -150.78
C LYS VA 431 124.92 85.02 -149.72
N ILE VA 432 123.87 84.24 -149.44
CA ILE VA 432 124.01 83.10 -148.56
C ILE VA 432 124.99 82.09 -149.13
N ARG VA 433 124.96 81.91 -150.45
CA ARG VA 433 125.94 81.01 -151.07
C ARG VA 433 127.37 81.51 -150.91
N GLN VA 434 127.57 82.79 -150.64
CA GLN VA 434 128.90 83.35 -150.54
C GLN VA 434 129.46 83.39 -149.12
N PHE VA 435 128.70 82.90 -148.13
CA PHE VA 435 129.16 83.01 -146.75
C PHE VA 435 130.42 82.19 -146.50
N ASP VA 436 130.48 80.97 -147.03
CA ASP VA 436 131.59 80.09 -146.74
C ASP VA 436 132.83 80.45 -147.55
N THR VA 437 133.98 80.44 -146.88
CA THR VA 437 135.25 80.67 -147.54
C THR VA 437 136.23 79.57 -147.16
N GLN VA 438 136.06 79.01 -145.96
CA GLN VA 438 136.94 77.97 -145.45
C GLN VA 438 136.40 76.57 -145.71
N GLY VA 439 135.26 76.44 -146.39
CA GLY VA 439 134.69 75.12 -146.62
C GLY VA 439 134.22 74.44 -145.36
N GLY VA 440 133.57 75.17 -144.46
CA GLY VA 440 133.08 74.65 -143.20
C GLY VA 440 131.64 74.19 -143.30
N ALA VA 441 130.96 74.23 -142.15
CA ALA VA 441 129.57 73.75 -142.11
C ALA VA 441 128.65 74.64 -142.95
N GLY VA 442 128.98 75.92 -143.07
CA GLY VA 442 128.15 76.83 -143.83
C GLY VA 442 128.37 76.74 -145.32
N LEU VA 443 128.57 75.53 -145.84
CA LEU VA 443 128.78 75.29 -147.26
C LEU VA 443 127.46 74.80 -147.86
N TRP VA 444 126.73 75.70 -148.49
CA TRP VA 444 125.49 75.31 -149.16
C TRP VA 444 125.78 74.53 -150.43
N THR VA 445 126.45 75.17 -151.38
CA THR VA 445 126.85 74.51 -152.62
C THR VA 445 128.01 75.29 -153.21
N THR VA 446 128.78 74.62 -154.07
CA THR VA 446 129.94 75.23 -154.69
C THR VA 446 129.56 75.90 -155.99
N ILE VA 447 130.43 76.81 -156.45
CA ILE VA 447 130.22 77.46 -157.73
C ILE VA 447 130.27 76.41 -158.84
N GLY VA 448 129.44 76.61 -159.86
CA GLY VA 448 129.26 75.60 -160.89
C GLY VA 448 128.08 74.69 -160.67
N ASN VA 449 127.26 74.94 -159.64
CA ASN VA 449 126.09 74.14 -159.34
C ASN VA 449 124.88 75.06 -159.25
N GLY VA 450 123.70 74.46 -159.38
CA GLY VA 450 122.47 75.21 -159.50
C GLY VA 450 121.94 75.71 -158.16
N GLU VA 451 120.74 76.26 -158.24
CA GLU VA 451 120.05 76.76 -157.05
C GLU VA 451 119.47 75.57 -156.29
N PRO VA 452 120.05 75.18 -155.16
CA PRO VA 452 119.53 74.01 -154.45
C PRO VA 452 118.18 74.25 -153.79
N SER VA 453 117.42 73.18 -153.65
CA SER VA 453 115.98 73.25 -153.38
C SER VA 453 115.61 73.32 -151.91
N GLN VA 454 116.52 73.00 -150.99
CA GLN VA 454 116.18 73.00 -149.57
C GLN VA 454 117.22 73.75 -148.77
N LEU VA 455 116.76 74.39 -147.70
CA LEU VA 455 117.61 75.14 -146.79
C LEU VA 455 117.26 74.71 -145.38
N LEU VA 456 118.25 74.17 -144.66
CA LEU VA 456 118.05 73.63 -143.32
C LEU VA 456 116.99 72.53 -143.30
N GLY VA 457 116.89 71.77 -144.39
CA GLY VA 457 115.88 70.74 -144.49
C GLY VA 457 114.47 71.24 -144.69
N ARG VA 458 114.29 72.46 -145.21
CA ARG VA 458 112.99 73.05 -145.42
C ARG VA 458 112.85 73.56 -146.84
N PRO VA 459 111.63 73.59 -147.37
CA PRO VA 459 111.43 74.05 -148.76
C PRO VA 459 111.82 75.50 -148.94
N VAL VA 460 112.23 75.84 -150.16
CA VAL VA 460 112.69 77.18 -150.51
C VAL VA 460 111.86 77.71 -151.66
N GLY VA 461 111.35 78.93 -151.52
CA GLY VA 461 110.67 79.60 -152.59
C GLY VA 461 111.27 80.97 -152.84
N GLU VA 462 110.94 81.53 -154.00
CA GLU VA 462 111.48 82.82 -154.40
C GLU VA 462 110.36 83.71 -154.94
N ALA VA 463 110.58 85.02 -154.79
CA ALA VA 463 109.66 86.03 -155.32
C ALA VA 463 110.46 87.31 -155.52
N GLU VA 464 110.66 87.69 -156.77
CA GLU VA 464 111.56 88.81 -157.06
C GLU VA 464 110.95 90.17 -156.79
N ALA VA 465 109.84 90.30 -156.08
CA ALA VA 465 109.25 91.59 -155.79
C ALA VA 465 109.75 92.19 -154.48
N MET VA 466 110.59 91.48 -153.74
CA MET VA 466 111.12 91.98 -152.48
C MET VA 466 112.34 92.86 -152.71
N ASP VA 467 112.86 93.40 -151.61
CA ASP VA 467 114.07 94.22 -151.67
C ASP VA 467 115.27 93.38 -152.06
N ALA VA 468 116.24 94.02 -152.71
CA ALA VA 468 117.44 93.33 -153.19
C ALA VA 468 118.70 93.80 -152.45
N ASN VA 469 118.99 95.09 -152.47
CA ASN VA 469 120.17 95.65 -151.83
C ASN VA 469 119.78 96.74 -150.86
N TRP VA 470 120.43 96.75 -149.70
CA TRP VA 470 120.20 97.78 -148.69
C TRP VA 470 121.18 98.93 -148.79
N ASN VA 471 122.08 98.91 -149.78
CA ASN VA 471 123.05 99.97 -149.95
C ASN VA 471 122.69 100.90 -151.11
N THR VA 472 122.39 100.35 -152.29
CA THR VA 472 122.02 101.21 -153.42
C THR VA 472 120.60 101.74 -153.27
N SER VA 473 119.73 101.00 -152.59
CA SER VA 473 118.36 101.46 -152.40
C SER VA 473 118.32 102.62 -151.41
N ALA VA 474 117.40 103.54 -151.63
CA ALA VA 474 117.23 104.71 -150.77
C ALA VA 474 116.30 104.44 -149.61
N SER VA 475 115.68 103.26 -149.54
CA SER VA 475 114.76 102.95 -148.46
C SER VA 475 115.51 102.75 -147.15
N ALA VA 476 114.99 103.34 -146.08
CA ALA VA 476 115.59 103.16 -144.76
C ALA VA 476 115.34 101.74 -144.23
N ASP VA 477 114.19 101.16 -144.57
CA ASP VA 477 113.83 99.83 -144.13
C ASP VA 477 113.97 98.85 -145.30
N ASN VA 478 114.63 97.72 -145.05
CA ASN VA 478 114.84 96.69 -146.07
C ASN VA 478 114.43 95.35 -145.48
N PHE VA 479 113.31 94.80 -145.93
CA PHE VA 479 112.86 93.47 -145.53
C PHE VA 479 113.31 92.49 -146.61
N VAL VA 480 114.37 91.74 -146.32
CA VAL VA 480 115.02 90.91 -147.33
C VAL VA 480 114.79 89.42 -147.12
N LEU VA 481 114.56 88.96 -145.89
CA LEU VA 481 114.46 87.54 -145.60
C LEU VA 481 113.20 87.27 -144.79
N LEU VA 482 112.52 86.17 -145.13
CA LEU VA 482 111.28 85.80 -144.49
C LEU VA 482 111.21 84.28 -144.37
N TYR VA 483 110.65 83.82 -143.25
CA TYR VA 483 110.45 82.40 -143.03
C TYR VA 483 109.33 82.22 -142.03
N GLY VA 484 108.43 81.29 -142.30
CA GLY VA 484 107.34 81.03 -141.38
C GLY VA 484 106.34 80.06 -141.99
N ASN VA 485 105.30 79.80 -141.20
CA ASN VA 485 104.24 78.88 -141.59
C ASN VA 485 103.28 79.62 -142.51
N PHE VA 486 103.40 79.37 -143.82
CA PHE VA 486 102.56 80.06 -144.80
C PHE VA 486 101.12 79.59 -144.78
N GLN VA 487 100.80 78.55 -144.02
CA GLN VA 487 99.41 78.14 -143.85
C GLN VA 487 98.56 79.23 -143.19
N ASN VA 488 99.19 80.21 -142.53
CA ASN VA 488 98.47 81.31 -141.92
C ASN VA 488 98.29 82.49 -142.86
N TYR VA 489 98.72 82.38 -144.11
CA TYR VA 489 98.42 83.37 -145.14
C TYR VA 489 97.22 82.87 -145.93
N VAL VA 490 96.13 83.61 -145.89
CA VAL VA 490 94.86 83.21 -146.51
C VAL VA 490 94.64 84.05 -147.75
N ILE VA 491 94.29 83.41 -148.85
CA ILE VA 491 93.95 84.07 -150.10
C ILE VA 491 92.48 83.80 -150.37
N ALA VA 492 91.70 84.86 -150.57
CA ALA VA 492 90.27 84.75 -150.83
C ALA VA 492 90.03 85.02 -152.31
N ASP VA 493 89.42 84.06 -153.00
CA ASP VA 493 89.08 84.19 -154.41
C ASP VA 493 87.57 84.28 -154.57
N ARG VA 494 87.13 85.25 -155.37
CA ARG VA 494 85.71 85.44 -155.65
C ARG VA 494 85.37 85.07 -157.09
N ILE VA 495 86.06 85.64 -158.06
CA ILE VA 495 85.83 85.32 -159.47
C ILE VA 495 87.16 85.37 -160.19
N GLY VA 496 87.34 84.50 -161.18
CA GLY VA 496 88.57 84.44 -161.93
C GLY VA 496 88.64 85.44 -163.07
N MET VA 497 89.54 85.22 -164.02
CA MET VA 497 89.68 86.13 -165.15
C MET VA 497 88.49 85.95 -166.10
N THR VA 498 87.78 87.04 -166.36
CA THR VA 498 86.64 87.05 -167.27
C THR VA 498 86.85 88.16 -168.30
N VAL VA 499 86.63 87.84 -169.57
CA VAL VA 499 86.82 88.78 -170.67
C VAL VA 499 85.50 88.97 -171.38
N GLU VA 500 85.10 90.21 -171.59
CA GLU VA 500 83.88 90.55 -172.31
C GLU VA 500 84.22 91.35 -173.56
N PHE VA 501 83.35 91.22 -174.56
CA PHE VA 501 83.53 91.88 -175.86
C PHE VA 501 82.42 92.90 -176.03
N ILE VA 502 82.80 94.18 -176.04
CA ILE VA 502 81.83 95.26 -176.23
C ILE VA 502 81.53 95.39 -177.71
N PRO VA 503 80.27 95.21 -178.13
CA PRO VA 503 79.96 95.25 -179.57
C PRO VA 503 80.15 96.62 -180.21
N HIS VA 504 79.96 97.70 -179.48
CA HIS VA 504 79.94 99.03 -180.11
C HIS VA 504 80.33 100.07 -179.07
N LEU VA 505 81.30 100.91 -179.42
CA LEU VA 505 81.63 102.08 -178.62
C LEU VA 505 81.02 103.34 -179.24
N PHE VA 506 80.97 104.40 -178.44
CA PHE VA 506 80.31 105.64 -178.84
C PHE VA 506 81.28 106.81 -178.80
N GLY VA 507 80.88 107.89 -179.46
CA GLY VA 507 81.66 109.10 -179.51
C GLY VA 507 81.11 110.20 -178.62
N THR VA 508 81.56 111.42 -178.89
CA THR VA 508 81.14 112.57 -178.07
C THR VA 508 79.65 112.83 -178.21
N ASN VA 509 79.12 112.76 -179.42
CA ASN VA 509 77.72 113.05 -179.68
C ASN VA 509 76.82 111.84 -179.49
N ARG VA 510 77.26 110.86 -178.71
CA ARG VA 510 76.46 109.68 -178.38
C ARG VA 510 76.05 108.90 -179.63
N ARG VA 511 76.94 108.83 -180.62
CA ARG VA 511 76.74 108.08 -181.84
C ARG VA 511 77.91 107.14 -182.09
N PRO VA 512 77.69 106.06 -182.85
CA PRO VA 512 78.79 105.13 -183.12
C PRO VA 512 79.94 105.80 -183.85
N ASN VA 513 81.16 105.39 -183.50
CA ASN VA 513 82.37 105.91 -184.12
C ASN VA 513 83.22 104.84 -184.78
N GLY VA 514 82.79 103.58 -184.74
CA GLY VA 514 83.51 102.52 -185.41
C GLY VA 514 84.67 101.96 -184.61
N SER VA 515 84.40 101.51 -183.39
CA SER VA 515 85.43 100.96 -182.53
C SER VA 515 84.81 99.89 -181.64
N ARG VA 516 85.68 99.05 -181.07
CA ARG VA 516 85.24 97.97 -180.20
C ARG VA 516 86.21 97.85 -179.03
N GLY VA 517 85.74 97.20 -177.96
CA GLY VA 517 86.49 97.14 -176.73
C GLY VA 517 86.64 95.72 -176.23
N TRP VA 518 87.45 95.59 -175.17
CA TRP VA 518 87.71 94.31 -174.51
C TRP VA 518 87.85 94.59 -173.02
N PHE VA 519 86.89 94.10 -172.24
CA PHE VA 519 86.83 94.37 -170.81
C PHE VA 519 87.19 93.10 -170.04
N ALA VA 520 88.13 93.23 -169.11
CA ALA VA 520 88.58 92.08 -168.33
C ALA VA 520 88.74 92.51 -166.87
N TYR VA 521 88.42 91.58 -165.97
CA TYR VA 521 88.44 91.87 -164.54
C TYR VA 521 88.50 90.58 -163.76
N TYR VA 522 88.86 90.71 -162.48
CA TYR VA 522 88.76 89.61 -161.52
C TYR VA 522 88.73 90.21 -160.13
N ARG VA 523 88.37 89.39 -159.15
CA ARG VA 523 88.30 89.84 -157.76
C ARG VA 523 89.10 88.89 -156.88
N MET VA 524 89.88 89.46 -155.96
CA MET VA 524 90.70 88.67 -155.04
C MET VA 524 91.10 89.53 -153.86
N GLY VA 525 91.29 88.88 -152.72
CA GLY VA 525 91.76 89.56 -151.53
C GLY VA 525 92.48 88.59 -150.62
N ALA VA 526 93.37 89.14 -149.80
CA ALA VA 526 94.18 88.32 -148.91
C ALA VA 526 94.61 89.13 -147.70
N ASP VA 527 94.92 88.42 -146.61
CA ASP VA 527 95.38 89.04 -145.37
C ASP VA 527 95.94 87.93 -144.48
N VAL VA 528 96.75 88.34 -143.51
CA VAL VA 528 97.44 87.43 -142.60
C VAL VA 528 96.60 87.26 -141.35
N VAL VA 529 96.35 86.01 -140.97
CA VAL VA 529 95.56 85.74 -139.77
C VAL VA 529 96.43 85.77 -138.53
N ASN VA 530 97.51 84.99 -138.53
CA ASN VA 530 98.39 84.89 -137.37
C ASN VA 530 99.72 85.56 -137.65
N PRO VA 531 100.04 86.68 -137.01
CA PRO VA 531 101.33 87.35 -137.24
C PRO VA 531 102.48 86.73 -136.46
N ASN VA 532 102.24 85.78 -135.56
CA ASN VA 532 103.30 85.17 -134.77
C ASN VA 532 103.81 83.87 -135.37
N ALA VA 533 103.35 83.51 -136.57
CA ALA VA 533 103.80 82.31 -137.25
C ALA VA 533 104.91 82.58 -138.25
N PHE VA 534 105.47 83.79 -138.26
CA PHE VA 534 106.53 84.16 -139.20
C PHE VA 534 107.62 84.89 -138.44
N ARG VA 535 108.76 85.07 -139.12
CA ARG VA 535 109.88 85.84 -138.58
C ARG VA 535 110.52 86.60 -139.74
N LEU VA 536 110.12 87.84 -139.92
CA LEU VA 536 110.68 88.67 -140.97
C LEU VA 536 111.94 89.37 -140.48
N LEU VA 537 112.94 89.44 -141.36
CA LEU VA 537 114.22 90.06 -141.04
C LEU VA 537 114.30 91.43 -141.69
N ASN VA 538 114.70 92.42 -140.90
CA ASN VA 538 114.77 93.80 -141.36
C ASN VA 538 116.15 94.36 -141.06
N VAL VA 539 116.77 94.99 -142.05
CA VAL VA 539 118.06 95.63 -141.88
C VAL VA 539 117.89 97.13 -142.03
N GLU VA 540 117.94 97.86 -140.92
CA GLU VA 540 117.74 99.30 -140.92
C GLU VA 540 119.04 99.99 -141.31
N THR VA 541 119.08 100.53 -142.52
CA THR VA 541 120.25 101.21 -143.04
C THR VA 541 120.08 102.73 -143.10
N ALA VA 542 119.13 103.27 -142.32
CA ALA VA 542 118.87 104.71 -142.35
C ALA VA 542 120.11 105.50 -141.96
N SER VA 543 120.43 106.52 -142.75
CA SER VA 543 121.60 107.36 -142.53
C SER VA 543 122.88 106.54 -142.40
N MET WA 251 73.36 101.80 -156.88
CA MET WA 251 73.19 100.62 -156.05
C MET WA 251 74.44 99.73 -156.10
N GLY WA 252 75.35 99.95 -155.17
CA GLY WA 252 76.60 99.20 -155.11
C GLY WA 252 76.71 98.36 -153.86
N LEU WA 253 77.92 98.33 -153.28
CA LEU WA 253 78.21 97.57 -152.08
C LEU WA 253 78.05 98.38 -150.80
N THR WA 254 77.72 99.66 -150.90
CA THR WA 254 77.48 100.46 -149.71
C THR WA 254 76.27 99.92 -148.97
N LYS WA 255 76.35 99.88 -147.63
CA LYS WA 255 75.31 99.25 -146.83
C LYS WA 255 73.95 99.87 -147.10
N ALA WA 256 73.86 101.20 -146.96
CA ALA WA 256 72.59 101.88 -147.19
C ALA WA 256 72.15 101.75 -148.64
N ASP WA 257 73.11 101.63 -149.56
CA ASP WA 257 72.80 101.50 -150.98
C ASP WA 257 72.70 100.03 -151.33
N GLY WA 258 71.75 99.35 -150.69
CA GLY WA 258 71.46 97.97 -151.00
C GLY WA 258 72.51 96.97 -150.57
N GLY WA 259 73.38 97.33 -149.63
CA GLY WA 259 74.41 96.39 -149.19
C GLY WA 259 73.96 95.42 -148.12
N TYR WA 260 72.80 95.65 -147.52
CA TYR WA 260 72.32 94.78 -146.46
C TYR WA 260 71.89 93.41 -146.96
N LEU WA 261 71.74 93.24 -148.27
CA LEU WA 261 71.22 91.98 -148.80
C LEU WA 261 72.25 90.85 -148.79
N VAL WA 262 73.53 91.17 -148.75
CA VAL WA 262 74.55 90.10 -148.84
C VAL WA 262 74.51 89.27 -147.55
N PRO WA 263 74.74 87.97 -147.62
CA PRO WA 263 74.77 87.15 -146.40
C PRO WA 263 76.07 87.35 -145.64
N PHE WA 264 76.10 86.82 -144.43
CA PHE WA 264 77.22 86.95 -143.52
C PHE WA 264 77.99 85.63 -143.51
N GLN WA 265 79.28 85.70 -143.83
CA GLN WA 265 80.11 84.51 -143.96
C GLN WA 265 81.07 84.41 -142.78
N LEU WA 266 81.07 83.24 -142.12
CA LEU WA 266 81.91 83.03 -140.97
C LEU WA 266 82.38 81.58 -140.96
N ASP WA 267 83.65 81.37 -140.57
CA ASP WA 267 84.23 80.04 -140.53
C ASP WA 267 84.26 79.55 -139.09
N PRO WA 268 83.49 78.53 -138.72
CA PRO WA 268 83.40 78.14 -137.31
C PRO WA 268 84.69 77.58 -136.73
N THR WA 269 85.62 77.11 -137.56
CA THR WA 269 86.85 76.52 -137.04
C THR WA 269 87.67 77.57 -136.29
N VAL WA 270 88.15 77.20 -135.12
CA VAL WA 270 88.86 78.13 -134.24
C VAL WA 270 90.36 77.93 -134.41
N ILE WA 271 91.08 79.04 -134.57
CA ILE WA 271 92.51 79.04 -134.76
C ILE WA 271 93.17 79.34 -133.43
N ILE WA 272 94.09 78.48 -133.01
CA ILE WA 272 94.81 78.67 -131.75
C ILE WA 272 96.03 79.52 -132.01
N THR WA 273 96.18 80.59 -131.22
CA THR WA 273 97.31 81.50 -131.36
C THR WA 273 98.39 81.27 -130.31
N SER WA 274 98.21 80.29 -129.42
CA SER WA 274 99.20 80.03 -128.39
C SER WA 274 100.45 79.39 -128.99
N ASN WA 275 101.61 79.72 -128.40
CA ASN WA 275 102.87 79.21 -128.93
C ASN WA 275 102.94 77.69 -128.82
N GLY WA 276 102.51 77.13 -127.69
CA GLY WA 276 102.60 75.70 -127.48
C GLY WA 276 103.99 75.27 -127.10
N SER WA 277 104.11 74.19 -126.32
CA SER WA 277 105.39 73.72 -125.82
C SER WA 277 105.63 72.30 -126.31
N LEU WA 278 106.83 72.06 -126.85
CA LEU WA 278 107.25 70.72 -127.28
C LEU WA 278 108.28 70.21 -126.27
N ASN WA 279 108.01 69.04 -125.70
CA ASN WA 279 108.92 68.43 -124.74
C ASN WA 279 109.08 66.95 -125.06
N ASP WA 280 110.27 66.42 -124.81
CA ASP WA 280 110.57 65.02 -125.06
C ASP WA 280 111.04 64.28 -123.82
N ILE WA 281 110.78 64.83 -122.62
CA ILE WA 281 111.17 64.14 -121.40
C ILE WA 281 110.36 62.86 -121.23
N ARG WA 282 109.05 62.92 -121.51
CA ARG WA 282 108.21 61.74 -121.34
C ARG WA 282 108.63 60.61 -122.27
N ARG WA 283 109.21 60.93 -123.43
CA ARG WA 283 109.70 59.90 -124.33
C ARG WA 283 110.91 59.17 -123.76
N PHE WA 284 111.62 59.76 -122.81
CA PHE WA 284 112.81 59.14 -122.23
C PHE WA 284 112.64 58.74 -120.77
N ALA WA 285 111.89 59.50 -119.99
CA ALA WA 285 111.78 59.24 -118.57
C ALA WA 285 110.92 58.00 -118.30
N ARG WA 286 111.10 57.43 -117.12
CA ARG WA 286 110.38 56.24 -116.69
C ARG WA 286 109.10 56.66 -115.99
N GLN WA 287 107.98 56.07 -116.40
CA GLN WA 287 106.65 56.45 -115.93
C GLN WA 287 106.07 55.32 -115.09
N VAL WA 288 105.61 55.66 -113.89
CA VAL WA 288 104.99 54.70 -112.98
C VAL WA 288 103.64 55.26 -112.54
N VAL WA 289 102.68 54.36 -112.38
CA VAL WA 289 101.36 54.73 -111.89
C VAL WA 289 101.36 54.70 -110.37
N ALA WA 290 100.74 55.69 -109.77
CA ALA WA 290 100.68 55.83 -108.32
C ALA WA 290 99.28 55.51 -107.82
N THR WA 291 99.20 55.09 -106.55
CA THR WA 291 97.94 54.68 -105.94
C THR WA 291 97.59 55.50 -104.70
N GLY WA 292 98.43 56.46 -104.32
CA GLY WA 292 98.17 57.24 -103.13
C GLY WA 292 98.64 58.67 -103.26
N ASP WA 293 99.31 59.17 -102.22
CA ASP WA 293 99.83 60.54 -102.22
C ASP WA 293 101.34 60.60 -102.29
N VAL WA 294 102.05 59.60 -101.79
CA VAL WA 294 103.50 59.55 -101.82
C VAL WA 294 103.95 58.23 -102.41
N TRP WA 295 104.86 58.30 -103.38
CA TRP WA 295 105.43 57.12 -104.02
C TRP WA 295 106.82 56.89 -103.42
N HIS WA 296 107.03 55.71 -102.86
CA HIS WA 296 108.29 55.37 -102.23
C HIS WA 296 109.09 54.38 -103.09
N GLY WA 297 110.35 54.23 -102.75
CA GLY WA 297 111.25 53.34 -103.46
C GLY WA 297 112.43 52.99 -102.58
N VAL WA 298 113.25 52.07 -103.06
CA VAL WA 298 114.41 51.59 -102.32
C VAL WA 298 115.66 51.77 -103.17
N SER WA 299 116.72 52.30 -102.56
CA SER WA 299 118.00 52.46 -103.20
C SER WA 299 119.09 51.93 -102.28
N SER WA 300 120.20 51.51 -102.88
CA SER WA 300 121.31 50.94 -102.12
C SER WA 300 122.58 51.07 -102.94
N ALA WA 301 123.68 50.57 -102.40
CA ALA WA 301 124.97 50.58 -103.06
C ALA WA 301 125.55 49.17 -103.01
N ALA WA 302 126.67 48.98 -103.69
CA ALA WA 302 127.32 47.67 -103.72
C ALA WA 302 128.00 47.39 -102.39
N VAL WA 303 128.59 46.20 -102.27
CA VAL WA 303 129.27 45.76 -101.06
C VAL WA 303 130.76 45.75 -101.32
N GLN WA 304 131.52 46.30 -100.38
CA GLN WA 304 132.96 46.44 -100.55
C GLN WA 304 133.68 45.16 -100.17
N TRP WA 305 134.61 44.75 -101.04
CA TRP WA 305 135.44 43.58 -100.81
C TRP WA 305 136.81 44.01 -100.30
N SER WA 306 137.65 43.02 -99.99
CA SER WA 306 138.99 43.30 -99.50
C SER WA 306 139.90 42.14 -99.89
N TRP WA 307 141.15 42.46 -100.19
CA TRP WA 307 142.16 41.43 -100.47
C TRP WA 307 142.77 41.00 -99.15
N ASP WA 308 142.45 39.77 -98.73
CA ASP WA 308 142.87 39.25 -97.45
C ASP WA 308 143.98 38.21 -97.62
N ALA WA 309 144.68 37.95 -96.53
CA ALA WA 309 145.72 36.91 -96.50
C ALA WA 309 145.11 35.60 -95.99
N GLU WA 310 145.96 34.64 -95.69
CA GLU WA 310 145.52 33.35 -95.16
C GLU WA 310 145.35 33.43 -93.65
N PHE WA 311 144.31 32.78 -93.14
CA PHE WA 311 143.97 32.82 -91.71
C PHE WA 311 143.76 34.26 -91.24
N GLU WA 312 142.96 35.02 -91.99
CA GLU WA 312 142.73 36.43 -91.70
C GLU WA 312 141.26 36.68 -91.43
N GLU WA 313 141.00 37.62 -90.52
CA GLU WA 313 139.63 38.03 -90.23
C GLU WA 313 139.01 38.72 -91.44
N VAL WA 314 137.71 38.53 -91.62
CA VAL WA 314 136.98 39.27 -92.64
C VAL WA 314 136.36 40.50 -92.01
N SER WA 315 136.04 41.47 -92.84
CA SER WA 315 135.50 42.75 -92.38
C SER WA 315 133.98 42.75 -92.49
N ASP WA 316 133.34 43.41 -91.53
CA ASP WA 316 131.89 43.56 -91.54
C ASP WA 316 131.48 44.48 -92.68
N ASP WA 317 130.78 43.93 -93.66
CA ASP WA 317 130.39 44.67 -94.86
C ASP WA 317 128.87 44.65 -94.98
N SER WA 318 128.24 45.69 -94.44
CA SER WA 318 126.79 45.84 -94.53
C SER WA 318 126.46 47.05 -95.39
N PRO WA 319 125.90 46.87 -96.58
CA PRO WA 319 125.55 48.02 -97.41
C PRO WA 319 124.41 48.82 -96.79
N GLU WA 320 124.42 50.13 -97.06
CA GLU WA 320 123.37 51.02 -96.59
C GLU WA 320 122.21 51.04 -97.59
N PHE WA 321 121.11 51.67 -97.15
CA PHE WA 321 119.90 51.73 -97.96
C PHE WA 321 119.31 53.14 -97.89
N GLY WA 322 118.54 53.49 -98.92
CA GLY WA 322 117.89 54.77 -98.97
C GLY WA 322 116.51 54.65 -99.60
N GLN WA 323 115.62 55.56 -99.19
CA GLN WA 323 114.22 55.53 -99.60
C GLN WA 323 113.83 56.84 -100.27
N PRO WA 324 113.90 56.92 -101.60
CA PRO WA 324 113.39 58.10 -102.29
C PRO WA 324 111.88 58.22 -102.15
N GLU WA 325 111.40 59.47 -102.14
CA GLU WA 325 109.98 59.76 -102.03
C GLU WA 325 109.57 60.77 -103.09
N ILE WA 326 108.39 60.56 -103.66
CA ILE WA 326 107.83 61.47 -104.66
C ILE WA 326 106.42 61.88 -104.25
N PRO WA 327 106.21 63.11 -103.82
CA PRO WA 327 104.85 63.58 -103.51
C PRO WA 327 104.02 63.79 -104.77
N VAL WA 328 102.71 63.77 -104.59
CA VAL WA 328 101.75 63.92 -105.68
C VAL WA 328 100.97 65.19 -105.43
N LYS WA 329 100.87 66.04 -106.47
CA LYS WA 329 100.25 67.34 -106.37
C LYS WA 329 99.26 67.51 -107.52
N LYS WA 330 98.53 68.63 -107.50
CA LYS WA 330 97.45 68.84 -108.45
C LYS WA 330 97.59 70.19 -109.16
N ALA WA 331 96.97 70.28 -110.33
CA ALA WA 331 96.80 71.52 -111.06
C ALA WA 331 95.34 71.63 -111.49
N GLN WA 332 94.84 72.86 -111.55
CA GLN WA 332 93.41 73.05 -111.81
C GLN WA 332 93.18 74.40 -112.48
N GLY WA 333 92.04 74.49 -113.18
CA GLY WA 333 91.67 75.69 -113.90
C GLY WA 333 90.16 75.83 -113.95
N PHE WA 334 89.71 77.06 -114.15
CA PHE WA 334 88.29 77.39 -114.06
C PHE WA 334 87.91 78.33 -115.19
N VAL WA 335 86.77 78.06 -115.81
CA VAL WA 335 86.24 78.90 -116.89
C VAL WA 335 84.74 79.12 -116.67
N PRO WA 336 84.34 80.25 -116.09
CA PRO WA 336 82.91 80.52 -115.93
C PRO WA 336 82.30 81.17 -117.15
N ILE WA 337 81.04 80.82 -117.41
CA ILE WA 337 80.32 81.33 -118.57
C ILE WA 337 78.91 81.72 -118.14
N SER WA 338 78.42 82.83 -118.69
CA SER WA 338 77.07 83.27 -118.40
C SER WA 338 76.05 82.39 -119.12
N ILE WA 339 74.83 82.35 -118.57
CA ILE WA 339 73.79 81.51 -119.16
C ILE WA 339 73.37 82.02 -120.51
N GLU WA 340 73.30 83.34 -120.67
CA GLU WA 340 72.91 83.94 -121.96
C GLU WA 340 73.93 83.58 -123.04
N ALA WA 341 75.21 83.66 -122.71
CA ALA WA 341 76.24 83.26 -123.67
C ALA WA 341 76.17 81.76 -123.96
N LEU WA 342 75.94 80.95 -122.92
CA LEU WA 342 75.91 79.51 -123.11
C LEU WA 342 74.73 79.08 -123.97
N GLN WA 343 73.61 79.79 -123.92
CA GLN WA 343 72.48 79.50 -124.80
C GLN WA 343 72.63 80.08 -126.19
N ASP WA 344 73.25 81.24 -126.32
CA ASP WA 344 73.37 81.89 -127.63
C ASP WA 344 74.53 81.33 -128.45
N GLU WA 345 75.71 81.25 -127.86
CA GLU WA 345 76.88 80.73 -128.55
C GLU WA 345 76.71 79.23 -128.81
N ALA WA 346 77.24 78.78 -129.95
CA ALA WA 346 77.09 77.41 -130.39
C ALA WA 346 78.43 76.69 -130.34
N ASN WA 347 78.39 75.41 -129.98
CA ASN WA 347 79.59 74.56 -129.89
C ASN WA 347 80.62 75.17 -128.94
N VAL WA 348 80.16 75.42 -127.72
CA VAL WA 348 81.02 76.05 -126.71
C VAL WA 348 81.78 75.01 -125.91
N THR WA 349 81.11 73.92 -125.53
CA THR WA 349 81.74 72.91 -124.69
C THR WA 349 82.93 72.27 -125.37
N GLU WA 350 82.81 71.95 -126.65
CA GLU WA 350 83.92 71.32 -127.37
C GLU WA 350 85.12 72.27 -127.45
N THR WA 351 84.89 73.53 -127.77
CA THR WA 351 85.98 74.49 -127.84
C THR WA 351 86.65 74.65 -126.47
N VAL WA 352 85.84 74.71 -125.41
CA VAL WA 352 86.40 74.84 -124.07
C VAL WA 352 87.22 73.61 -123.72
N ALA WA 353 86.76 72.42 -124.13
CA ALA WA 353 87.53 71.20 -123.88
C ALA WA 353 88.87 71.24 -124.61
N LEU WA 354 88.87 71.69 -125.86
CA LEU WA 354 90.13 71.80 -126.60
C LEU WA 354 91.08 72.77 -125.92
N LEU WA 355 90.57 73.93 -125.49
CA LEU WA 355 91.41 74.90 -124.81
C LEU WA 355 91.97 74.33 -123.51
N PHE WA 356 91.15 73.62 -122.74
CA PHE WA 356 91.64 73.00 -121.52
C PHE WA 356 92.74 72.00 -121.80
N ALA WA 357 92.56 71.17 -122.84
CA ALA WA 357 93.56 70.16 -123.16
C ALA WA 357 94.90 70.81 -123.53
N GLU WA 358 94.85 71.81 -124.40
CA GLU WA 358 96.11 72.47 -124.80
C GLU WA 358 96.76 73.18 -123.62
N GLY WA 359 95.97 73.79 -122.73
CA GLY WA 359 96.54 74.40 -121.55
C GLY WA 359 97.22 73.38 -120.66
N LYS WA 360 96.59 72.21 -120.48
CA LYS WA 360 97.20 71.15 -119.69
C LYS WA 360 98.53 70.72 -120.29
N ASP WA 361 98.57 70.53 -121.61
CA ASP WA 361 99.82 70.09 -122.23
C ASP WA 361 100.91 71.13 -122.07
N GLU WA 362 100.59 72.41 -122.27
CA GLU WA 362 101.59 73.46 -122.11
C GLU WA 362 102.12 73.48 -120.68
N LEU WA 363 101.22 73.44 -119.69
CA LEU WA 363 101.66 73.47 -118.30
C LEU WA 363 102.51 72.27 -117.95
N GLU WA 364 102.11 71.08 -118.39
CA GLU WA 364 102.85 69.87 -118.07
C GLU WA 364 104.25 69.92 -118.66
N ALA WA 365 104.37 70.34 -119.93
CA ALA WA 365 105.68 70.44 -120.54
C ALA WA 365 106.56 71.44 -119.81
N VAL WA 366 106.00 72.60 -119.46
CA VAL WA 366 106.78 73.63 -118.79
C VAL WA 366 107.28 73.13 -117.43
N THR WA 367 106.41 72.45 -116.68
CA THR WA 367 106.81 72.00 -115.34
C THR WA 367 107.79 70.83 -115.42
N LEU WA 368 107.62 69.93 -116.38
CA LEU WA 368 108.59 68.86 -116.54
C LEU WA 368 109.96 69.40 -116.91
N THR WA 369 110.00 70.44 -117.75
CA THR WA 369 111.27 71.08 -118.05
C THR WA 369 111.89 71.70 -116.80
N THR WA 370 111.08 72.42 -116.03
CA THR WA 370 111.58 73.09 -114.82
C THR WA 370 110.43 73.19 -113.82
N GLY WA 371 110.52 72.42 -112.75
CA GLY WA 371 109.54 72.48 -111.69
C GLY WA 371 110.17 72.94 -110.40
N THR WA 372 109.50 73.85 -109.69
CA THR WA 372 110.08 74.44 -108.49
C THR WA 372 110.35 73.39 -107.42
N GLY WA 373 109.39 72.50 -107.19
CA GLY WA 373 109.54 71.46 -106.20
C GLY WA 373 109.24 71.90 -104.77
N GLN WA 374 108.91 73.17 -104.56
CA GLN WA 374 108.60 73.69 -103.24
C GLN WA 374 107.18 74.24 -103.23
N GLY WA 375 106.49 74.05 -102.10
CA GLY WA 375 105.14 74.54 -101.97
C GLY WA 375 104.13 73.57 -102.54
N ASN WA 376 103.68 73.83 -103.76
CA ASN WA 376 102.70 72.98 -104.43
C ASN WA 376 103.08 72.74 -105.88
N GLN WA 377 104.37 72.59 -106.16
CA GLN WA 377 104.81 72.32 -107.52
C GLN WA 377 105.68 71.07 -107.57
N PRO WA 378 105.63 70.33 -108.67
CA PRO WA 378 106.51 69.17 -108.82
C PRO WA 378 107.96 69.60 -109.00
N THR WA 379 108.85 68.62 -108.96
CA THR WA 379 110.28 68.84 -109.11
C THR WA 379 110.70 68.53 -110.53
N GLY WA 380 111.21 69.55 -111.23
CA GLY WA 380 111.73 69.33 -112.56
C GLY WA 380 113.14 68.77 -112.54
N ILE WA 381 113.56 68.29 -113.71
CA ILE WA 381 114.90 67.70 -113.82
C ILE WA 381 115.98 68.75 -113.55
N VAL WA 382 115.82 69.95 -114.10
CA VAL WA 382 116.85 70.97 -113.98
C VAL WA 382 116.96 71.43 -112.52
N THR WA 383 115.83 71.70 -111.88
CA THR WA 383 115.87 72.13 -110.49
C THR WA 383 116.41 71.04 -109.58
N ALA WA 384 116.03 69.79 -109.81
CA ALA WA 384 116.56 68.69 -109.02
C ALA WA 384 118.05 68.47 -109.24
N LEU WA 385 118.58 68.85 -110.41
CA LEU WA 385 120.01 68.72 -110.66
C LEU WA 385 120.82 69.95 -110.28
N ALA WA 386 120.17 71.09 -110.03
CA ALA WA 386 120.89 72.31 -109.70
C ALA WA 386 121.47 72.24 -108.30
N GLY WA 387 122.61 72.88 -108.12
CA GLY WA 387 123.25 72.97 -106.82
C GLY WA 387 123.65 71.65 -106.21
N THR WA 388 124.05 70.69 -107.05
CA THR WA 388 124.45 69.37 -106.56
C THR WA 388 125.77 68.97 -107.18
N ALA WA 389 126.18 67.71 -106.97
CA ALA WA 389 127.42 67.23 -107.55
C ALA WA 389 127.33 67.02 -109.05
N ALA WA 390 126.12 67.07 -109.63
CA ALA WA 390 125.94 66.84 -111.06
C ALA WA 390 126.16 68.10 -111.89
N GLU WA 391 126.42 69.23 -111.26
CA GLU WA 391 126.60 70.49 -111.97
C GLU WA 391 128.08 70.76 -112.24
N ILE WA 392 128.39 71.17 -113.45
CA ILE WA 392 129.76 71.47 -113.87
C ILE WA 392 129.80 72.85 -114.50
N ALA WA 393 130.84 73.61 -114.17
CA ALA WA 393 131.05 74.93 -114.72
C ALA WA 393 131.75 74.85 -116.08
N PRO WA 394 131.55 75.85 -116.94
CA PRO WA 394 132.23 75.84 -118.24
C PRO WA 394 133.73 76.05 -118.09
N VAL WA 395 134.46 75.65 -119.13
CA VAL WA 395 135.90 75.78 -119.13
C VAL WA 395 136.30 77.26 -119.07
N THR WA 396 135.65 78.08 -119.88
CA THR WA 396 135.91 79.51 -119.91
C THR WA 396 134.68 80.25 -119.42
N ALA WA 397 134.90 81.22 -118.53
CA ALA WA 397 133.80 81.95 -117.93
C ALA WA 397 133.00 82.68 -119.00
N GLU WA 398 131.67 82.56 -118.92
CA GLU WA 398 130.75 83.26 -119.82
C GLU WA 398 131.06 82.97 -121.29
N THR WA 399 131.42 81.72 -121.58
CA THR WA 399 131.72 81.31 -122.94
C THR WA 399 131.33 79.85 -123.11
N PHE WA 400 130.68 79.53 -124.23
CA PHE WA 400 130.23 78.18 -124.55
C PHE WA 400 131.04 77.68 -125.74
N ALA WA 401 131.70 76.54 -125.57
CA ALA WA 401 132.61 76.03 -126.60
C ALA WA 401 132.47 74.52 -126.68
N LEU WA 402 133.24 73.92 -127.59
CA LEU WA 402 133.16 72.47 -127.81
C LEU WA 402 133.71 71.71 -126.61
N ALA WA 403 134.68 72.29 -125.91
CA ALA WA 403 135.27 71.62 -124.76
C ALA WA 403 134.22 71.36 -123.68
N ASP WA 404 133.31 72.32 -123.47
CA ASP WA 404 132.25 72.12 -122.49
C ASP WA 404 131.32 70.99 -122.90
N VAL WA 405 130.98 70.92 -124.19
CA VAL WA 405 130.11 69.86 -124.67
C VAL WA 405 130.76 68.50 -124.47
N TYR WA 406 132.06 68.40 -124.75
CA TYR WA 406 132.76 67.14 -124.50
C TYR WA 406 132.80 66.82 -123.01
N ALA WA 407 133.01 67.84 -122.17
CA ALA WA 407 133.12 67.62 -120.74
C ALA WA 407 131.81 67.10 -120.16
N VAL WA 408 130.67 67.58 -120.68
CA VAL WA 408 129.39 67.07 -120.23
C VAL WA 408 129.28 65.57 -120.49
N TYR WA 409 129.73 65.11 -121.66
CA TYR WA 409 129.62 63.70 -122.00
C TYR WA 409 130.60 62.83 -121.22
N GLU WA 410 131.86 63.28 -121.08
CA GLU WA 410 132.89 62.39 -120.59
C GLU WA 410 132.80 62.12 -119.09
N GLN WA 411 132.37 63.10 -118.30
CA GLN WA 411 132.46 62.97 -116.84
C GLN WA 411 131.52 61.91 -116.28
N LEU WA 412 130.48 61.53 -117.01
CA LEU WA 412 129.56 60.53 -116.51
C LEU WA 412 130.23 59.16 -116.48
N ALA WA 413 129.79 58.34 -115.52
CA ALA WA 413 130.32 56.99 -115.40
C ALA WA 413 129.91 56.16 -116.61
N ALA WA 414 130.72 55.13 -116.91
CA ALA WA 414 130.51 54.34 -118.12
C ALA WA 414 129.16 53.63 -118.11
N ARG WA 415 128.70 53.17 -116.93
CA ARG WA 415 127.44 52.46 -116.88
C ARG WA 415 126.28 53.34 -117.31
N HIS WA 416 126.25 54.58 -116.83
CA HIS WA 416 125.19 55.51 -117.25
C HIS WA 416 125.45 56.06 -118.64
N ARG WA 417 126.73 56.30 -118.99
CA ARG WA 417 127.04 56.93 -120.27
C ARG WA 417 126.58 56.07 -121.44
N ARG WA 418 126.74 54.75 -121.32
CA ARG WA 418 126.40 53.85 -122.42
C ARG WA 418 124.91 53.85 -122.74
N GLN WA 419 124.08 54.40 -121.85
CA GLN WA 419 122.64 54.54 -122.08
C GLN WA 419 122.21 55.92 -121.60
N GLY WA 420 122.18 56.88 -122.53
CA GLY WA 420 121.80 58.23 -122.20
C GLY WA 420 121.34 58.97 -123.43
N ALA WA 421 120.86 60.18 -123.22
CA ALA WA 421 120.36 61.01 -124.32
C ALA WA 421 120.56 62.47 -123.96
N TRP WA 422 120.65 63.30 -125.00
CA TRP WA 422 120.84 64.74 -124.84
C TRP WA 422 119.49 65.43 -124.80
N LEU WA 423 119.41 66.51 -124.01
CA LEU WA 423 118.20 67.31 -123.95
C LEU WA 423 118.60 68.78 -123.80
N ALA WA 424 118.20 69.61 -124.74
CA ALA WA 424 118.51 71.03 -124.73
C ALA WA 424 117.53 71.77 -125.63
N ASN WA 425 117.71 73.07 -125.74
CA ASN WA 425 116.86 73.89 -126.59
C ASN WA 425 117.44 73.97 -128.00
N ASN WA 426 116.58 74.33 -128.95
CA ASN WA 426 116.98 74.36 -130.35
C ASN WA 426 118.10 75.38 -130.58
N LEU WA 427 118.05 76.51 -129.86
CA LEU WA 427 119.09 77.52 -130.02
C LEU WA 427 120.45 76.98 -129.61
N ILE WA 428 120.51 76.13 -128.59
CA ILE WA 428 121.78 75.54 -128.18
C ILE WA 428 122.35 74.64 -129.26
N TYR WA 429 121.49 73.83 -129.89
CA TYR WA 429 121.97 73.00 -130.98
C TYR WA 429 122.44 73.85 -132.15
N ASN WA 430 121.73 74.94 -132.44
CA ASN WA 430 122.20 75.83 -133.49
C ASN WA 430 123.57 76.43 -133.14
N LYS WA 431 123.76 76.82 -131.88
CA LYS WA 431 125.07 77.30 -131.45
C LYS WA 431 126.14 76.22 -131.57
N ILE WA 432 125.74 74.96 -131.41
CA ILE WA 432 126.65 73.87 -131.74
C ILE WA 432 127.02 73.91 -133.21
N ARG WA 433 126.05 74.23 -134.07
CA ARG WA 433 126.28 74.15 -135.51
C ARG WA 433 127.23 75.23 -136.03
N GLN WA 434 127.55 76.25 -135.23
CA GLN WA 434 128.55 77.23 -135.67
C GLN WA 434 129.97 76.90 -135.22
N PHE WA 435 130.18 75.83 -134.46
CA PHE WA 435 131.53 75.53 -133.99
C PHE WA 435 132.47 75.24 -135.15
N ASP WA 436 132.01 74.50 -136.15
CA ASP WA 436 132.84 74.23 -137.31
C ASP WA 436 132.90 75.47 -138.20
N THR WA 437 134.12 75.88 -138.54
CA THR WA 437 134.34 77.01 -139.43
C THR WA 437 135.16 76.65 -140.65
N GLN WA 438 136.17 75.79 -140.50
CA GLN WA 438 137.07 75.42 -141.59
C GLN WA 438 136.94 73.95 -141.94
N GLY WA 439 135.75 73.38 -141.71
CA GLY WA 439 135.53 71.97 -142.01
C GLY WA 439 136.36 71.03 -141.17
N GLY WA 440 136.48 71.31 -139.87
CA GLY WA 440 137.31 70.51 -139.00
C GLY WA 440 136.56 69.34 -138.38
N ALA WA 441 136.85 69.05 -137.11
CA ALA WA 441 136.21 67.95 -136.41
C ALA WA 441 134.84 68.31 -135.85
N GLY WA 442 134.44 69.57 -135.95
CA GLY WA 442 133.15 69.98 -135.44
C GLY WA 442 132.06 69.93 -136.49
N LEU WA 443 132.30 69.17 -137.56
CA LEU WA 443 131.35 69.10 -138.67
C LEU WA 443 130.22 68.16 -138.29
N TRP WA 444 129.25 68.69 -137.54
CA TRP WA 444 128.05 67.93 -137.23
C TRP WA 444 127.22 67.68 -138.48
N THR WA 445 126.95 68.74 -139.23
CA THR WA 445 126.25 68.65 -140.51
C THR WA 445 126.45 69.98 -141.22
N THR WA 446 126.23 69.97 -142.52
CA THR WA 446 126.38 71.18 -143.32
C THR WA 446 125.04 71.89 -143.43
N ILE WA 447 125.10 73.18 -143.75
CA ILE WA 447 123.88 73.94 -143.97
C ILE WA 447 123.14 73.35 -145.16
N GLY WA 448 121.81 73.37 -145.09
CA GLY WA 448 120.98 72.74 -146.10
C GLY WA 448 120.35 71.44 -145.67
N ASN WA 449 120.79 70.87 -144.55
CA ASN WA 449 120.18 69.66 -144.01
C ASN WA 449 119.49 69.99 -142.69
N GLY WA 450 118.59 69.10 -142.28
CA GLY WA 450 117.82 69.29 -141.08
C GLY WA 450 118.64 69.04 -139.83
N GLU WA 451 117.93 68.92 -138.71
CA GLU WA 451 118.58 68.67 -137.43
C GLU WA 451 119.10 67.24 -137.39
N PRO WA 452 120.37 67.05 -137.05
CA PRO WA 452 120.91 65.68 -136.96
C PRO WA 452 120.17 64.87 -135.90
N SER WA 453 120.08 63.56 -136.15
CA SER WA 453 119.32 62.67 -135.29
C SER WA 453 120.13 62.12 -134.12
N GLN WA 454 121.44 62.36 -134.08
CA GLN WA 454 122.27 61.85 -133.00
C GLN WA 454 123.48 62.75 -132.80
N LEU WA 455 124.02 62.73 -131.59
CA LEU WA 455 125.24 63.47 -131.25
C LEU WA 455 126.12 62.53 -130.43
N LEU WA 456 127.30 62.24 -130.95
CA LEU WA 456 128.22 61.27 -130.36
C LEU WA 456 127.55 59.90 -130.18
N GLY WA 457 126.72 59.51 -131.14
CA GLY WA 457 126.06 58.23 -131.09
C GLY WA 457 124.87 58.16 -130.17
N ARG WA 458 124.48 59.25 -129.57
CA ARG WA 458 123.37 59.17 -128.64
C ARG WA 458 122.15 59.92 -129.18
N PRO WA 459 120.95 59.50 -128.80
CA PRO WA 459 119.75 60.22 -129.26
C PRO WA 459 119.72 61.64 -128.72
N VAL WA 460 119.08 62.51 -129.49
CA VAL WA 460 119.00 63.94 -129.19
C VAL WA 460 117.55 64.32 -128.98
N GLY WA 461 117.26 65.02 -127.88
CA GLY WA 461 115.92 65.44 -127.57
C GLY WA 461 115.82 66.96 -127.54
N GLU WA 462 114.58 67.44 -127.62
CA GLU WA 462 114.30 68.86 -127.70
C GLU WA 462 113.29 69.27 -126.63
N ALA WA 463 113.50 70.44 -126.05
CA ALA WA 463 112.56 71.04 -125.10
C ALA WA 463 112.82 72.53 -125.08
N GLU WA 464 111.89 73.32 -125.62
CA GLU WA 464 112.12 74.75 -125.76
C GLU WA 464 111.74 75.54 -124.51
N ALA WA 465 111.31 74.88 -123.46
CA ALA WA 465 110.98 75.57 -122.21
C ALA WA 465 112.20 75.84 -121.34
N MET WA 466 113.38 75.39 -121.74
CA MET WA 466 114.58 75.54 -120.94
C MET WA 466 115.41 76.72 -121.42
N ASP WA 467 116.14 77.34 -120.49
CA ASP WA 467 116.91 78.53 -120.79
C ASP WA 467 117.94 78.25 -121.88
N ALA WA 468 118.10 79.21 -122.79
CA ALA WA 468 119.04 79.06 -123.89
C ALA WA 468 119.90 80.28 -124.15
N ASN WA 469 119.63 81.42 -123.52
CA ASN WA 469 120.38 82.63 -123.79
C ASN WA 469 120.86 83.25 -122.48
N TRP WA 470 122.14 83.60 -122.45
CA TRP WA 470 122.75 84.23 -121.28
C TRP WA 470 123.11 85.68 -121.53
N ASN WA 471 122.67 86.26 -122.64
CA ASN WA 471 122.94 87.65 -122.98
C ASN WA 471 121.70 88.53 -122.86
N THR WA 472 120.63 88.17 -123.57
CA THR WA 472 119.38 88.93 -123.43
C THR WA 472 118.75 88.71 -122.06
N SER WA 473 118.91 87.51 -121.49
CA SER WA 473 118.39 87.24 -120.17
C SER WA 473 119.23 87.93 -119.10
N ALA WA 474 118.56 88.37 -118.04
CA ALA WA 474 119.21 89.00 -116.90
C ALA WA 474 119.47 88.02 -115.76
N SER WA 475 119.13 86.74 -115.92
CA SER WA 475 119.32 85.77 -114.86
C SER WA 475 120.80 85.51 -114.63
N ALA WA 476 121.18 85.39 -113.35
CA ALA WA 476 122.57 85.15 -113.01
C ALA WA 476 122.99 83.73 -113.36
N ASP WA 477 122.06 82.79 -113.36
CA ASP WA 477 122.34 81.40 -113.64
C ASP WA 477 121.69 80.97 -114.95
N ASN WA 478 122.39 80.11 -115.69
CA ASN WA 478 121.90 79.65 -116.99
C ASN WA 478 122.30 78.19 -117.17
N PHE WA 479 121.32 77.29 -117.18
CA PHE WA 479 121.53 75.89 -117.48
C PHE WA 479 121.09 75.64 -118.91
N VAL WA 480 122.01 75.20 -119.77
CA VAL WA 480 121.74 75.16 -121.20
C VAL WA 480 121.84 73.76 -121.77
N LEU WA 481 122.66 72.90 -121.17
CA LEU WA 481 122.94 71.60 -121.74
C LEU WA 481 122.70 70.52 -120.70
N LEU WA 482 122.03 69.44 -121.13
CA LEU WA 482 121.70 68.34 -120.25
C LEU WA 482 121.93 67.02 -120.98
N TYR WA 483 122.50 66.06 -120.26
CA TYR WA 483 122.72 64.73 -120.80
C TYR WA 483 122.87 63.76 -119.64
N GLY WA 484 122.27 62.59 -119.75
CA GLY WA 484 122.37 61.61 -118.68
C GLY WA 484 121.41 60.46 -118.90
N ASN WA 485 121.38 59.56 -117.92
CA ASN WA 485 120.52 58.39 -117.96
C ASN WA 485 119.14 58.79 -117.45
N PHE WA 486 118.21 59.02 -118.37
CA PHE WA 486 116.90 59.53 -117.99
C PHE WA 486 115.99 58.48 -117.37
N GLN WA 487 116.46 57.23 -117.28
CA GLN WA 487 115.68 56.21 -116.57
C GLN WA 487 115.52 56.54 -115.09
N ASN WA 488 116.41 57.36 -114.54
CA ASN WA 488 116.37 57.71 -113.13
C ASN WA 488 115.48 58.92 -112.85
N TYR WA 489 114.71 59.38 -113.84
CA TYR WA 489 113.76 60.47 -113.63
C TYR WA 489 112.37 59.87 -113.72
N VAL WA 490 111.67 59.81 -112.58
CA VAL WA 490 110.41 59.08 -112.46
C VAL WA 490 109.27 60.08 -112.43
N ILE WA 491 108.26 59.85 -113.24
CA ILE WA 491 107.04 60.65 -113.25
C ILE WA 491 105.90 59.76 -112.78
N ALA WA 492 105.27 60.12 -111.69
CA ALA WA 492 104.15 59.38 -111.15
C ALA WA 492 102.84 60.06 -111.51
N ASP WA 493 101.92 59.31 -112.12
CA ASP WA 493 100.63 59.81 -112.53
C ASP WA 493 99.55 59.17 -111.68
N ARG WA 494 98.57 59.97 -111.26
CA ARG WA 494 97.49 59.47 -110.41
C ARG WA 494 96.15 59.50 -111.14
N ILE WA 495 95.70 60.68 -111.56
CA ILE WA 495 94.43 60.81 -112.25
C ILE WA 495 94.59 61.81 -113.39
N GLY WA 496 94.07 61.44 -114.56
CA GLY WA 496 94.14 62.29 -115.73
C GLY WA 496 93.17 63.46 -115.64
N MET WA 497 93.05 64.17 -116.76
CA MET WA 497 92.20 65.35 -116.79
C MET WA 497 90.74 64.97 -116.62
N THR WA 498 90.06 65.63 -115.69
CA THR WA 498 88.64 65.46 -115.47
C THR WA 498 87.98 66.82 -115.47
N VAL WA 499 86.78 66.90 -116.05
CA VAL WA 499 86.05 68.15 -116.15
C VAL WA 499 84.70 67.98 -115.46
N GLU WA 500 84.35 68.95 -114.62
CA GLU WA 500 83.07 68.97 -113.92
C GLU WA 500 82.28 70.20 -114.35
N PHE WA 501 80.97 70.12 -114.21
CA PHE WA 501 80.06 71.18 -114.62
C PHE WA 501 79.30 71.68 -113.39
N ILE WA 502 79.39 72.97 -113.10
CA ILE WA 502 78.76 73.57 -111.93
C ILE WA 502 77.45 74.21 -112.37
N PRO WA 503 76.33 73.86 -111.77
CA PRO WA 503 75.03 74.34 -112.28
C PRO WA 503 74.78 75.81 -112.01
N HIS WA 504 75.32 76.36 -110.93
CA HIS WA 504 75.03 77.74 -110.56
C HIS WA 504 76.24 78.37 -109.89
N LEU WA 505 76.30 79.70 -109.94
CA LEU WA 505 77.32 80.48 -109.26
C LEU WA 505 76.66 81.65 -108.55
N PHE WA 506 77.30 82.13 -107.49
CA PHE WA 506 76.71 83.12 -106.61
C PHE WA 506 77.49 84.42 -106.65
N GLY WA 507 76.77 85.52 -106.41
CA GLY WA 507 77.35 86.84 -106.38
C GLY WA 507 77.86 87.22 -105.00
N THR WA 508 78.18 88.50 -104.84
CA THR WA 508 78.80 88.97 -103.61
C THR WA 508 77.89 88.78 -102.41
N ASN WA 509 76.59 89.05 -102.57
CA ASN WA 509 75.64 88.92 -101.48
C ASN WA 509 75.08 87.51 -101.34
N ARG WA 510 75.83 86.50 -101.79
CA ARG WA 510 75.44 85.11 -101.64
C ARG WA 510 74.09 84.82 -102.29
N ARG WA 511 73.87 85.41 -103.45
CA ARG WA 511 72.66 85.22 -104.22
C ARG WA 511 73.05 84.97 -105.67
N PRO WA 512 72.21 84.25 -106.43
CA PRO WA 512 72.59 83.91 -107.81
C PRO WA 512 72.77 85.14 -108.68
N ASN WA 513 73.70 85.03 -109.62
CA ASN WA 513 73.93 86.08 -110.60
C ASN WA 513 73.68 85.63 -112.04
N GLY WA 514 73.45 84.34 -112.27
CA GLY WA 514 73.08 83.86 -113.59
C GLY WA 514 74.24 83.36 -114.42
N SER WA 515 75.20 82.70 -113.78
CA SER WA 515 76.39 82.21 -114.45
C SER WA 515 76.69 80.78 -114.01
N ARG WA 516 77.36 80.05 -114.88
CA ARG WA 516 77.80 78.68 -114.64
C ARG WA 516 79.31 78.60 -114.82
N GLY WA 517 79.87 77.40 -114.69
CA GLY WA 517 81.30 77.26 -114.81
C GLY WA 517 81.72 75.82 -114.98
N TRP WA 518 82.93 75.66 -115.50
CA TRP WA 518 83.55 74.35 -115.71
C TRP WA 518 84.80 74.24 -114.84
N PHE WA 519 84.95 73.09 -114.20
CA PHE WA 519 86.10 72.82 -113.34
C PHE WA 519 86.92 71.69 -113.93
N ALA WA 520 88.24 71.89 -114.02
CA ALA WA 520 89.13 70.89 -114.58
C ALA WA 520 90.35 70.74 -113.70
N TYR WA 521 90.84 69.51 -113.54
CA TYR WA 521 91.98 69.24 -112.67
C TYR WA 521 92.57 67.89 -113.00
N TYR WA 522 93.83 67.69 -112.58
CA TYR WA 522 94.48 66.40 -112.63
C TYR WA 522 95.59 66.39 -111.60
N ARG WA 523 96.09 65.20 -111.28
CA ARG WA 523 97.13 65.05 -110.27
C ARG WA 523 98.31 64.26 -110.83
N MET WA 524 99.52 64.74 -110.55
CA MET WA 524 100.75 64.09 -111.00
C MET WA 524 101.92 64.63 -110.17
N GLY WA 525 103.05 63.95 -110.27
CA GLY WA 525 104.25 64.36 -109.57
C GLY WA 525 105.46 63.61 -110.08
N ALA WA 526 106.64 64.19 -109.82
CA ALA WA 526 107.87 63.64 -110.35
C ALA WA 526 109.05 64.10 -109.50
N ASP WA 527 110.16 63.38 -109.63
CA ASP WA 527 111.39 63.68 -108.90
C ASP WA 527 112.54 62.90 -109.51
N VAL WA 528 113.74 63.13 -108.99
CA VAL WA 528 114.96 62.44 -109.41
C VAL WA 528 115.42 61.52 -108.28
N VAL WA 529 115.72 60.27 -108.61
CA VAL WA 529 116.12 59.31 -107.59
C VAL WA 529 117.63 59.18 -107.47
N ASN WA 530 118.39 59.48 -108.53
CA ASN WA 530 119.83 59.37 -108.47
C ASN WA 530 120.48 60.62 -109.07
N PRO WA 531 120.98 61.53 -108.24
CA PRO WA 531 121.58 62.77 -108.76
C PRO WA 531 122.95 62.60 -109.43
N ASN WA 532 123.48 61.39 -109.50
CA ASN WA 532 124.79 61.16 -110.09
C ASN WA 532 124.73 60.56 -111.48
N ALA WA 533 123.54 60.47 -112.08
CA ALA WA 533 123.39 59.91 -113.41
C ALA WA 533 123.25 60.99 -114.49
N PHE WA 534 123.56 62.23 -114.15
CA PHE WA 534 123.41 63.35 -115.08
C PHE WA 534 124.58 64.30 -114.93
N ARG WA 535 124.79 65.10 -115.96
CA ARG WA 535 125.69 66.23 -115.90
C ARG WA 535 125.03 67.41 -116.59
N LEU WA 536 125.04 68.57 -115.93
CA LEU WA 536 124.35 69.75 -116.40
C LEU WA 536 125.32 70.93 -116.43
N LEU WA 537 125.36 71.62 -117.56
CA LEU WA 537 126.26 72.76 -117.72
C LEU WA 537 125.60 74.03 -117.24
N ASN WA 538 126.31 74.80 -116.42
CA ASN WA 538 125.78 76.02 -115.82
C ASN WA 538 126.77 77.15 -116.07
N VAL WA 539 126.55 77.91 -117.15
CA VAL WA 539 127.37 79.09 -117.43
C VAL WA 539 126.86 80.22 -116.54
N GLU WA 540 127.76 80.82 -115.76
CA GLU WA 540 127.38 81.79 -114.75
C GLU WA 540 127.76 83.19 -115.24
N THR WA 541 126.78 84.08 -115.31
CA THR WA 541 127.03 85.46 -115.70
C THR WA 541 127.41 86.30 -114.49
N ALA WA 542 128.15 87.37 -114.76
CA ALA WA 542 128.54 88.34 -113.74
C ALA WA 542 127.76 89.64 -113.93
N SER WA 543 127.84 90.50 -112.93
CA SER WA 543 127.12 91.77 -112.97
C SER WA 543 127.91 92.88 -112.27
N MET XA 251 89.24 68.36 -93.13
CA MET XA 251 89.67 66.97 -93.22
C MET XA 251 90.43 66.76 -94.54
N GLY XA 252 91.76 66.83 -94.46
CA GLY XA 252 92.58 66.75 -95.65
C GLY XA 252 93.57 65.60 -95.66
N LEU XA 253 94.67 65.77 -96.40
CA LEU XA 253 95.70 64.74 -96.52
C LEU XA 253 96.66 64.72 -95.34
N THR XA 254 96.63 65.71 -94.47
CA THR XA 254 97.49 65.69 -93.29
C THR XA 254 97.10 64.52 -92.40
N LYS XA 255 98.08 63.98 -91.69
CA LYS XA 255 97.86 62.76 -90.91
C LYS XA 255 96.75 62.96 -89.89
N ALA XA 256 96.81 64.03 -89.11
CA ALA XA 256 95.83 64.25 -88.04
C ALA XA 256 94.42 64.39 -88.60
N ASP XA 257 94.28 65.05 -89.75
CA ASP XA 257 92.97 65.28 -90.36
C ASP XA 257 92.55 64.08 -91.22
N GLY XA 258 92.58 62.91 -90.57
CA GLY XA 258 92.13 61.70 -91.23
C GLY XA 258 93.05 61.16 -92.30
N GLY XA 259 94.34 61.52 -92.25
CA GLY XA 259 95.26 61.07 -93.27
C GLY XA 259 95.85 59.69 -93.06
N TYR XA 260 95.57 59.07 -91.91
CA TYR XA 260 96.12 57.75 -91.64
C TYR XA 260 95.41 56.65 -92.40
N LEU XA 261 94.30 56.97 -93.08
CA LEU XA 261 93.54 55.94 -93.77
C LEU XA 261 94.16 55.53 -95.10
N VAL XA 262 95.08 56.31 -95.63
CA VAL XA 262 95.70 56.00 -96.92
C VAL XA 262 96.62 54.80 -96.78
N PRO XA 263 96.74 53.96 -97.79
CA PRO XA 263 97.70 52.85 -97.71
C PRO XA 263 99.12 53.33 -97.93
N PHE XA 264 100.07 52.40 -97.93
CA PHE XA 264 101.49 52.71 -98.13
C PHE XA 264 101.97 51.97 -99.37
N GLN XA 265 102.59 52.71 -100.30
CA GLN XA 265 103.09 52.14 -101.54
C GLN XA 265 104.60 52.29 -101.59
N LEU XA 266 105.28 51.19 -101.93
CA LEU XA 266 106.73 51.21 -102.12
C LEU XA 266 107.08 50.26 -103.24
N ASP XA 267 108.25 50.47 -103.84
CA ASP XA 267 108.75 49.60 -104.89
C ASP XA 267 109.79 48.67 -104.31
N PRO XA 268 109.50 47.37 -104.17
CA PRO XA 268 110.47 46.48 -103.52
C PRO XA 268 111.77 46.31 -104.28
N THR XA 269 111.80 46.61 -105.58
CA THR XA 269 113.04 46.49 -106.34
C THR XA 269 114.04 47.55 -105.91
N VAL XA 270 115.32 47.24 -106.09
CA VAL XA 270 116.40 48.11 -105.62
C VAL XA 270 116.97 48.88 -106.80
N ILE XA 271 117.62 49.99 -106.50
CA ILE XA 271 118.25 50.85 -107.49
C ILE XA 271 119.73 50.97 -107.13
N ILE XA 272 120.60 50.62 -108.06
CA ILE XA 272 122.04 50.60 -107.82
C ILE XA 272 122.58 52.02 -107.96
N THR XA 273 123.24 52.50 -106.91
CA THR XA 273 123.75 53.87 -106.88
C THR XA 273 125.27 53.90 -106.81
N SER XA 274 125.92 52.86 -107.33
CA SER XA 274 127.38 52.78 -107.39
C SER XA 274 127.80 52.92 -108.85
N ASN XA 275 128.88 53.68 -109.07
CA ASN XA 275 129.35 53.88 -110.44
C ASN XA 275 129.82 52.59 -111.08
N GLY XA 276 130.52 51.74 -110.32
CA GLY XA 276 131.10 50.55 -110.90
C GLY XA 276 132.37 50.87 -111.64
N SER XA 277 132.87 49.88 -112.37
CA SER XA 277 134.09 50.05 -113.14
C SER XA 277 134.07 49.13 -114.34
N LEU XA 278 134.44 49.68 -115.50
CA LEU XA 278 134.57 48.90 -116.73
C LEU XA 278 136.04 48.86 -117.13
N ASN XA 279 136.56 47.65 -117.33
CA ASN XA 279 137.95 47.47 -117.73
C ASN XA 279 138.02 46.54 -118.91
N ASP XA 280 138.92 46.82 -119.85
CA ASP XA 280 139.07 46.03 -121.06
C ASP XA 280 140.45 45.39 -121.17
N ILE XA 281 141.20 45.28 -120.08
CA ILE XA 281 142.47 44.58 -120.12
C ILE XA 281 142.25 43.10 -120.41
N ARG XA 282 141.18 42.53 -119.84
CA ARG XA 282 140.93 41.10 -120.01
C ARG XA 282 140.62 40.73 -121.46
N ARG XA 283 140.31 41.69 -122.31
CA ARG XA 283 140.12 41.41 -123.72
C ARG XA 283 141.43 41.33 -124.50
N PHE XA 284 142.47 42.04 -124.05
CA PHE XA 284 143.76 42.03 -124.71
C PHE XA 284 144.80 41.17 -124.02
N ALA XA 285 144.60 40.84 -122.75
CA ALA XA 285 145.60 40.14 -121.97
C ALA XA 285 145.63 38.66 -122.29
N ARG XA 286 146.50 37.93 -121.59
CA ARG XA 286 146.63 36.49 -121.73
C ARG XA 286 146.29 35.84 -120.41
N GLN XA 287 145.36 34.89 -120.43
CA GLN XA 287 144.90 34.20 -119.23
C GLN XA 287 145.36 32.75 -119.27
N VAL XA 288 145.93 32.30 -118.16
CA VAL XA 288 146.38 30.92 -118.01
C VAL XA 288 145.76 30.34 -116.75
N VAL XA 289 145.37 29.07 -116.81
CA VAL XA 289 144.76 28.42 -115.66
C VAL XA 289 145.85 28.03 -114.66
N ALA XA 290 145.66 28.43 -113.41
CA ALA XA 290 146.60 28.14 -112.35
C ALA XA 290 146.17 26.88 -111.60
N THR XA 291 147.13 26.02 -111.31
CA THR XA 291 146.90 24.75 -110.63
C THR XA 291 147.82 24.60 -109.42
N GLY XA 292 147.93 25.65 -108.61
CA GLY XA 292 148.79 25.59 -107.46
C GLY XA 292 148.94 26.95 -106.82
N ASP XA 293 149.96 27.07 -105.97
CA ASP XA 293 150.21 28.34 -105.29
C ASP XA 293 150.69 29.40 -106.27
N VAL XA 294 151.63 29.05 -107.14
CA VAL XA 294 152.27 30.00 -108.04
C VAL XA 294 152.31 29.44 -109.45
N TRP XA 295 152.51 30.33 -110.41
CA TRP XA 295 152.74 29.95 -111.81
C TRP XA 295 154.11 30.46 -112.21
N HIS XA 296 154.95 29.56 -112.72
CA HIS XA 296 156.32 29.90 -113.09
C HIS XA 296 156.44 30.05 -114.60
N GLY XA 297 157.56 30.66 -115.01
CA GLY XA 297 157.85 30.88 -116.42
C GLY XA 297 159.34 30.87 -116.64
N VAL XA 298 159.74 30.87 -117.91
CA VAL XA 298 161.14 30.82 -118.30
C VAL XA 298 161.42 31.98 -119.26
N SER XA 299 162.49 32.71 -119.00
CA SER XA 299 162.92 33.83 -119.82
C SER XA 299 164.40 33.70 -120.16
N SER XA 300 164.82 34.42 -121.18
CA SER XA 300 166.20 34.35 -121.66
C SER XA 300 166.49 35.58 -122.50
N ALA XA 301 167.65 35.58 -123.16
CA ALA XA 301 168.06 36.65 -124.06
C ALA XA 301 168.73 36.01 -125.28
N ALA XA 302 169.41 36.83 -126.07
CA ALA XA 302 170.02 36.38 -127.31
C ALA XA 302 171.54 36.37 -127.19
N VAL XA 303 172.18 35.54 -128.01
CA VAL XA 303 173.64 35.45 -128.01
C VAL XA 303 174.23 36.67 -128.70
N GLN XA 304 175.26 37.25 -128.09
CA GLN XA 304 175.88 38.48 -128.58
C GLN XA 304 177.09 38.12 -129.43
N TRP XA 305 176.96 38.34 -130.74
CA TRP XA 305 178.05 38.08 -131.67
C TRP XA 305 179.05 39.23 -131.66
N SER XA 306 180.15 39.04 -132.39
CA SER XA 306 181.16 40.08 -132.52
C SER XA 306 181.93 39.87 -133.82
N TRP XA 307 182.52 40.96 -134.32
CA TRP XA 307 183.32 40.91 -135.55
C TRP XA 307 184.76 40.66 -135.16
N ASP XA 308 185.14 39.39 -135.09
CA ASP XA 308 186.50 39.01 -134.71
C ASP XA 308 187.41 38.97 -135.94
N ALA XA 309 188.66 39.35 -135.71
CA ALA XA 309 189.66 39.30 -136.76
C ALA XA 309 190.22 37.89 -136.90
N GLU XA 310 191.24 37.74 -137.74
CA GLU XA 310 191.84 36.43 -137.96
C GLU XA 310 192.67 36.01 -136.75
N PHE XA 311 192.63 34.71 -136.45
CA PHE XA 311 193.39 34.13 -135.33
C PHE XA 311 193.06 34.81 -134.01
N GLU XA 312 191.77 35.06 -133.77
CA GLU XA 312 191.29 35.71 -132.55
C GLU XA 312 190.39 34.75 -131.79
N GLU XA 313 190.74 34.50 -130.53
CA GLU XA 313 189.93 33.61 -129.70
C GLU XA 313 188.61 34.27 -129.34
N VAL XA 314 187.53 33.52 -129.47
CA VAL XA 314 186.18 34.03 -129.24
C VAL XA 314 185.96 34.30 -127.76
N SER XA 315 184.88 35.01 -127.44
CA SER XA 315 184.54 35.35 -126.08
C SER XA 315 183.42 34.45 -125.56
N ASP XA 316 183.33 34.34 -124.24
CA ASP XA 316 182.30 33.55 -123.60
C ASP XA 316 180.95 34.24 -123.75
N ASP XA 317 180.06 33.64 -124.54
CA ASP XA 317 178.79 34.27 -124.90
C ASP XA 317 177.60 33.49 -124.34
N SER XA 318 177.71 33.00 -123.12
CA SER XA 318 176.65 32.19 -122.53
C SER XA 318 175.40 33.05 -122.27
N PRO XA 319 174.23 32.63 -122.74
CA PRO XA 319 173.02 33.42 -122.49
C PRO XA 319 172.59 33.35 -121.04
N GLU XA 320 171.83 34.36 -120.63
CA GLU XA 320 171.28 34.42 -119.28
C GLU XA 320 169.83 33.94 -119.27
N PHE XA 321 169.36 33.58 -118.08
CA PHE XA 321 168.01 33.05 -117.92
C PHE XA 321 167.38 33.61 -116.65
N GLY XA 322 166.06 33.71 -116.65
CA GLY XA 322 165.34 34.15 -115.48
C GLY XA 322 163.99 33.47 -115.42
N GLN XA 323 163.45 33.38 -114.21
CA GLN XA 323 162.17 32.72 -113.95
C GLN XA 323 161.15 33.70 -113.41
N PRO XA 324 160.30 34.27 -114.25
CA PRO XA 324 159.19 35.08 -113.73
C PRO XA 324 158.13 34.20 -113.10
N GLU XA 325 157.63 34.63 -111.94
CA GLU XA 325 156.63 33.86 -111.21
C GLU XA 325 155.47 34.76 -110.83
N ILE XA 326 154.29 34.17 -110.77
CA ILE XA 326 153.06 34.87 -110.44
C ILE XA 326 152.39 34.18 -109.26
N PRO XA 327 152.44 34.75 -108.05
CA PRO XA 327 151.70 34.16 -106.94
C PRO XA 327 150.22 34.49 -107.01
N VAL XA 328 149.45 33.82 -106.18
CA VAL XA 328 147.99 33.90 -106.20
C VAL XA 328 147.52 34.44 -104.86
N LYS XA 329 146.67 35.47 -104.90
CA LYS XA 329 146.08 36.08 -103.72
C LYS XA 329 144.59 35.80 -103.68
N LYS XA 330 143.95 36.20 -102.58
CA LYS XA 330 142.53 35.92 -102.37
C LYS XA 330 141.81 37.16 -101.87
N ALA XA 331 140.52 37.24 -102.15
CA ALA XA 331 139.65 38.32 -101.69
C ALA XA 331 138.45 37.72 -100.97
N GLN XA 332 137.92 38.47 -100.01
CA GLN XA 332 136.86 37.93 -99.16
C GLN XA 332 135.78 38.99 -98.94
N GLY XA 333 134.57 38.53 -98.69
CA GLY XA 333 133.46 39.40 -98.37
C GLY XA 333 132.48 38.68 -97.45
N PHE XA 334 131.87 39.44 -96.54
CA PHE XA 334 131.05 38.84 -95.51
C PHE XA 334 129.89 39.77 -95.17
N VAL XA 335 128.70 39.19 -94.99
CA VAL XA 335 127.50 39.95 -94.68
C VAL XA 335 126.71 39.27 -93.57
N PRO XA 336 126.69 39.82 -92.36
CA PRO XA 336 125.84 39.24 -91.31
C PRO XA 336 124.39 39.68 -91.44
N ILE XA 337 123.50 38.88 -90.87
CA ILE XA 337 122.07 39.15 -90.92
C ILE XA 337 121.39 38.46 -89.73
N SER XA 338 120.38 39.13 -89.18
CA SER XA 338 119.60 38.56 -88.09
C SER XA 338 118.41 37.78 -88.63
N ILE XA 339 117.91 36.84 -87.82
CA ILE XA 339 116.86 35.94 -88.29
C ILE XA 339 115.57 36.68 -88.54
N GLU XA 340 115.12 37.48 -87.57
CA GLU XA 340 113.86 38.19 -87.74
C GLU XA 340 113.94 39.20 -88.87
N ALA XA 341 115.10 39.83 -89.04
CA ALA XA 341 115.30 40.67 -90.22
C ALA XA 341 115.21 39.83 -91.49
N LEU XA 342 115.80 38.64 -91.46
CA LEU XA 342 115.82 37.77 -92.65
C LEU XA 342 114.42 37.33 -93.05
N GLN XA 343 113.51 37.15 -92.09
CA GLN XA 343 112.19 36.64 -92.43
C GLN XA 343 111.13 37.73 -92.56
N ASP XA 344 111.34 38.90 -91.98
CA ASP XA 344 110.38 40.00 -92.12
C ASP XA 344 110.42 40.62 -93.50
N GLU XA 345 111.61 40.94 -94.00
CA GLU XA 345 111.73 41.49 -95.35
C GLU XA 345 111.93 40.37 -96.36
N ALA XA 346 111.25 40.49 -97.50
CA ALA XA 346 111.22 39.43 -98.50
C ALA XA 346 112.23 39.71 -99.60
N ASN XA 347 112.65 38.64 -100.29
CA ASN XA 347 113.61 38.72 -101.39
C ASN XA 347 114.92 39.38 -100.93
N VAL XA 348 115.59 38.69 -100.01
CA VAL XA 348 116.83 39.19 -99.45
C VAL XA 348 118.01 38.57 -100.17
N THR XA 349 117.95 37.26 -100.39
CA THR XA 349 119.10 36.52 -100.91
C THR XA 349 119.52 37.05 -102.29
N GLU XA 350 118.56 37.27 -103.17
CA GLU XA 350 118.88 37.68 -104.53
C GLU XA 350 119.57 39.03 -104.57
N THR XA 351 119.07 40.00 -103.79
CA THR XA 351 119.68 41.32 -103.78
C THR XA 351 121.10 41.25 -103.23
N VAL XA 352 121.30 40.45 -102.18
CA VAL XA 352 122.65 40.30 -101.62
C VAL XA 352 123.59 39.67 -102.64
N ALA XA 353 123.11 38.66 -103.39
CA ALA XA 353 123.95 38.06 -104.42
C ALA XA 353 124.32 39.08 -105.51
N LEU XA 354 123.34 39.90 -105.90
CA LEU XA 354 123.61 40.94 -106.91
C LEU XA 354 124.65 41.93 -106.39
N LEU XA 355 124.52 42.36 -105.13
CA LEU XA 355 125.50 43.28 -104.55
C LEU XA 355 126.88 42.63 -104.48
N PHE XA 356 126.94 41.35 -104.13
CA PHE XA 356 128.22 40.66 -104.09
C PHE XA 356 128.87 40.64 -105.46
N ALA XA 357 128.07 40.35 -106.50
CA ALA XA 357 128.61 40.32 -107.85
C ALA XA 357 129.13 41.69 -108.26
N GLU XA 358 128.37 42.75 -107.96
CA GLU XA 358 128.81 44.10 -108.31
C GLU XA 358 130.13 44.44 -107.61
N GLY XA 359 130.22 44.12 -106.32
CA GLY XA 359 131.46 44.39 -105.60
C GLY XA 359 132.63 43.63 -106.15
N LYS XA 360 132.42 42.36 -106.50
CA LYS XA 360 133.50 41.55 -107.05
C LYS XA 360 133.99 42.13 -108.36
N ASP XA 361 133.06 42.53 -109.24
CA ASP XA 361 133.45 43.11 -110.52
C ASP XA 361 134.23 44.41 -110.32
N GLU XA 362 133.75 45.27 -109.43
CA GLU XA 362 134.44 46.52 -109.19
C GLU XA 362 135.85 46.28 -108.66
N LEU XA 363 135.98 45.37 -107.69
CA LEU XA 363 137.30 45.08 -107.12
C LEU XA 363 138.23 44.50 -108.16
N GLU XA 364 137.74 43.58 -108.99
CA GLU XA 364 138.60 42.98 -110.00
C GLU XA 364 139.08 44.02 -111.00
N ALA XA 365 138.19 44.90 -111.45
CA ALA XA 365 138.59 45.93 -112.40
C ALA XA 365 139.64 46.85 -111.79
N VAL XA 366 139.40 47.30 -110.55
CA VAL XA 366 140.33 48.23 -109.91
C VAL XA 366 141.68 47.57 -109.70
N THR XA 367 141.70 46.31 -109.25
CA THR XA 367 142.96 45.63 -109.01
C THR XA 367 143.71 45.39 -110.31
N LEU XA 368 143.01 44.98 -111.37
CA LEU XA 368 143.68 44.71 -112.64
C LEU XA 368 144.29 45.98 -113.22
N THR XA 369 143.57 47.10 -113.17
CA THR XA 369 144.13 48.32 -113.73
C THR XA 369 145.27 48.86 -112.87
N THR XA 370 145.19 48.67 -111.55
CA THR XA 370 146.23 49.13 -110.62
C THR XA 370 146.15 48.32 -109.32
N GLY XA 371 147.21 47.56 -109.07
CA GLY XA 371 147.36 46.82 -107.82
C GLY XA 371 148.73 47.13 -107.22
N THR XA 372 148.77 47.17 -105.89
CA THR XA 372 150.02 47.52 -105.21
C THR XA 372 151.12 46.51 -105.51
N GLY XA 373 150.78 45.22 -105.52
CA GLY XA 373 151.79 44.20 -105.76
C GLY XA 373 152.44 43.71 -104.48
N GLN XA 374 152.39 44.55 -103.44
CA GLN XA 374 152.91 44.19 -102.13
C GLN XA 374 151.80 43.68 -101.23
N GLY XA 375 152.18 42.84 -100.28
CA GLY XA 375 151.20 42.33 -99.33
C GLY XA 375 150.24 41.36 -99.99
N ASN XA 376 148.94 41.60 -99.77
CA ASN XA 376 147.89 40.71 -100.23
C ASN XA 376 147.29 41.14 -101.57
N GLN XA 377 147.96 42.01 -102.30
CA GLN XA 377 147.28 42.36 -103.54
C GLN XA 377 148.11 41.92 -104.75
N PRO XA 378 147.45 41.56 -105.85
CA PRO XA 378 148.18 41.28 -107.09
C PRO XA 378 148.83 42.54 -107.64
N THR XA 379 149.63 42.40 -108.69
CA THR XA 379 150.36 43.52 -109.26
C THR XA 379 149.59 44.10 -110.45
N GLY XA 380 149.36 45.41 -110.43
CA GLY XA 380 148.70 46.07 -111.52
C GLY XA 380 149.68 46.49 -112.61
N ILE XA 381 149.15 46.65 -113.83
CA ILE XA 381 150.00 46.95 -114.97
C ILE XA 381 150.70 48.29 -114.80
N VAL XA 382 149.97 49.31 -114.35
CA VAL XA 382 150.55 50.64 -114.17
C VAL XA 382 151.61 50.60 -113.06
N THR XA 383 151.31 49.93 -111.95
CA THR XA 383 152.28 49.83 -110.86
C THR XA 383 153.53 49.09 -111.31
N ALA XA 384 153.36 48.00 -112.06
CA ALA XA 384 154.52 47.27 -112.56
C ALA XA 384 155.36 48.11 -113.49
N LEU XA 385 154.71 48.88 -114.37
CA LEU XA 385 155.45 49.72 -115.32
C LEU XA 385 156.04 50.96 -114.68
N ALA XA 386 155.45 51.46 -113.60
CA ALA XA 386 155.96 52.66 -112.96
C ALA XA 386 157.37 52.42 -112.43
N GLY XA 387 158.25 53.41 -112.62
CA GLY XA 387 159.64 53.30 -112.25
C GLY XA 387 160.51 52.61 -113.28
N THR XA 388 159.93 51.74 -114.09
CA THR XA 388 160.66 51.07 -115.15
C THR XA 388 161.04 52.09 -116.22
N ALA XA 389 162.03 51.74 -117.04
CA ALA XA 389 162.46 52.60 -118.14
C ALA XA 389 161.35 52.83 -119.17
N ALA XA 390 160.28 52.04 -119.12
CA ALA XA 390 159.15 52.24 -120.03
C ALA XA 390 158.47 53.59 -119.82
N GLU XA 391 158.71 54.25 -118.69
CA GLU XA 391 158.15 55.57 -118.43
C GLU XA 391 158.70 56.57 -119.44
N ILE XA 392 157.82 57.42 -119.97
CA ILE XA 392 158.18 58.41 -120.98
C ILE XA 392 157.71 59.77 -120.51
N ALA XA 393 158.57 60.77 -120.72
CA ALA XA 393 158.21 62.14 -120.39
C ALA XA 393 157.63 62.84 -121.62
N PRO XA 394 156.70 63.78 -121.43
CA PRO XA 394 156.11 64.48 -122.57
C PRO XA 394 157.09 65.47 -123.18
N VAL XA 395 156.72 65.95 -124.37
CA VAL XA 395 157.57 66.92 -125.07
C VAL XA 395 157.71 68.20 -124.26
N THR XA 396 156.59 68.70 -123.73
CA THR XA 396 156.57 69.90 -122.90
C THR XA 396 155.98 69.55 -121.55
N ALA XA 397 156.60 70.05 -120.49
CA ALA XA 397 156.17 69.73 -119.13
C ALA XA 397 154.72 70.17 -118.89
N GLU XA 398 153.96 69.29 -118.25
CA GLU XA 398 152.57 69.56 -117.88
C GLU XA 398 151.71 69.91 -119.09
N THR XA 399 151.94 69.22 -120.20
CA THR XA 399 151.19 69.50 -121.43
C THR XA 399 150.99 68.20 -122.19
N PHE XA 400 149.79 68.03 -122.74
CA PHE XA 400 149.47 66.89 -123.60
C PHE XA 400 149.15 67.42 -125.00
N ALA XA 401 149.92 66.98 -125.99
CA ALA XA 401 149.79 67.44 -127.36
C ALA XA 401 149.64 66.26 -128.30
N LEU XA 402 149.45 66.56 -129.59
CA LEU XA 402 149.31 65.52 -130.58
C LEU XA 402 150.60 64.74 -130.77
N ALA XA 403 151.75 65.41 -130.63
CA ALA XA 403 153.02 64.74 -130.81
C ALA XA 403 153.26 63.63 -129.79
N ASP XA 404 152.61 63.71 -128.62
CA ASP XA 404 152.84 62.71 -127.58
C ASP XA 404 152.32 61.33 -128.00
N VAL XA 405 151.21 61.28 -128.74
CA VAL XA 405 150.68 59.99 -129.17
C VAL XA 405 151.68 59.28 -130.08
N TYR XA 406 152.19 59.98 -131.10
CA TYR XA 406 153.21 59.39 -131.95
C TYR XA 406 154.48 59.09 -131.17
N ALA XA 407 154.83 59.92 -130.19
CA ALA XA 407 156.02 59.66 -129.38
C ALA XA 407 155.88 58.34 -128.63
N VAL XA 408 154.72 58.09 -128.04
CA VAL XA 408 154.48 56.83 -127.35
C VAL XA 408 154.52 55.67 -128.34
N TYR XA 409 153.90 55.84 -129.51
CA TYR XA 409 153.83 54.75 -130.48
C TYR XA 409 155.19 54.37 -131.01
N GLU XA 410 156.04 55.37 -131.30
CA GLU XA 410 157.23 55.12 -132.12
C GLU XA 410 158.40 54.60 -131.29
N GLN XA 411 158.49 54.97 -130.02
CA GLN XA 411 159.65 54.61 -129.20
C GLN XA 411 159.67 53.15 -128.81
N LEU XA 412 158.72 52.34 -129.28
CA LEU XA 412 158.68 50.93 -128.97
C LEU XA 412 159.18 50.12 -130.16
N ALA XA 413 159.81 48.98 -129.88
CA ALA XA 413 160.48 48.22 -130.92
C ALA XA 413 159.49 47.67 -131.93
N ALA XA 414 159.96 47.48 -133.15
CA ALA XA 414 159.12 46.99 -134.24
C ALA XA 414 158.65 45.56 -134.05
N ARG XA 415 159.24 44.81 -133.12
CA ARG XA 415 158.80 43.45 -132.87
C ARG XA 415 157.41 43.41 -132.27
N HIS XA 416 157.11 44.36 -131.37
CA HIS XA 416 155.83 44.38 -130.67
C HIS XA 416 154.85 45.41 -131.21
N ARG XA 417 155.31 46.33 -132.07
CA ARG XA 417 154.40 47.35 -132.60
C ARG XA 417 153.29 46.75 -133.44
N ARG XA 418 153.58 45.68 -134.16
CA ARG XA 418 152.57 45.06 -135.02
C ARG XA 418 151.56 44.22 -134.23
N GLN XA 419 151.76 44.03 -132.94
CA GLN XA 419 150.87 43.23 -132.12
C GLN XA 419 150.61 43.93 -130.80
N GLY XA 420 150.27 45.22 -130.86
CA GLY XA 420 149.96 46.00 -129.69
C GLY XA 420 148.50 46.42 -129.64
N ALA XA 421 148.17 47.15 -128.58
CA ALA XA 421 146.84 47.67 -128.38
C ALA XA 421 146.91 48.91 -127.50
N TRP XA 422 145.89 49.76 -127.61
CA TRP XA 422 145.83 51.01 -126.86
C TRP XA 422 144.95 50.86 -125.63
N LEU XA 423 145.34 51.54 -124.56
CA LEU XA 423 144.58 51.51 -123.31
C LEU XA 423 144.71 52.86 -122.64
N ALA XA 424 143.58 53.52 -122.40
CA ALA XA 424 143.54 54.81 -121.73
C ALA XA 424 142.12 55.06 -121.24
N ASN XA 425 141.93 56.23 -120.63
CA ASN XA 425 140.61 56.64 -120.16
C ASN XA 425 139.84 57.32 -121.30
N ASN XA 426 138.54 57.51 -121.08
CA ASN XA 426 137.72 58.18 -122.08
C ASN XA 426 138.10 59.65 -122.22
N LEU XA 427 138.49 60.29 -121.12
CA LEU XA 427 138.88 61.69 -121.18
C LEU XA 427 140.07 61.91 -122.10
N ILE XA 428 141.06 61.03 -122.01
CA ILE XA 428 142.22 61.14 -122.88
C ILE XA 428 141.82 60.97 -124.34
N TYR XA 429 140.90 60.05 -124.61
CA TYR XA 429 140.41 59.86 -125.97
C TYR XA 429 139.71 61.11 -126.48
N ASN XA 430 138.91 61.76 -125.63
CA ASN XA 430 138.25 62.98 -126.05
C ASN XA 430 139.25 64.10 -126.33
N LYS XA 431 140.27 64.24 -125.49
CA LYS XA 431 141.30 65.24 -125.76
C LYS XA 431 142.04 64.93 -127.05
N ILE XA 432 142.28 63.64 -127.35
CA ILE XA 432 142.86 63.29 -128.63
C ILE XA 432 141.94 63.72 -129.77
N ARG XA 433 140.64 63.48 -129.60
CA ARG XA 433 139.68 63.87 -130.64
C ARG XA 433 139.65 65.38 -130.85
N GLN XA 434 139.91 66.16 -129.80
CA GLN XA 434 139.81 67.61 -129.91
C GLN XA 434 141.01 68.28 -130.55
N PHE XA 435 142.06 67.52 -130.89
CA PHE XA 435 143.27 68.15 -131.42
C PHE XA 435 143.02 68.80 -132.77
N ASP XA 436 142.27 68.13 -133.64
CA ASP XA 436 142.04 68.64 -134.99
C ASP XA 436 141.10 69.84 -134.97
N THR XA 437 141.47 70.88 -135.70
CA THR XA 437 140.64 72.06 -135.82
C THR XA 437 140.39 72.46 -137.27
N GLN XA 438 141.39 72.33 -138.14
CA GLN XA 438 141.28 72.75 -139.53
C GLN XA 438 141.04 71.57 -140.47
N GLY XA 439 140.70 70.41 -139.94
CA GLY XA 439 140.54 69.22 -140.78
C GLY XA 439 141.82 68.72 -141.40
N GLY XA 440 142.89 68.64 -140.61
CA GLY XA 440 144.17 68.16 -141.13
C GLY XA 440 144.35 66.67 -140.98
N ALA XA 441 145.59 66.25 -140.75
CA ALA XA 441 145.88 64.81 -140.65
C ALA XA 441 145.32 64.23 -139.36
N GLY XA 442 145.25 65.03 -138.30
CA GLY XA 442 144.81 64.53 -137.01
C GLY XA 442 143.30 64.43 -136.87
N LEU XA 443 142.61 64.24 -137.99
CA LEU XA 443 141.15 64.12 -137.97
C LEU XA 443 140.82 62.66 -137.71
N TRP XA 444 140.73 62.30 -136.43
CA TRP XA 444 140.36 60.94 -136.06
C TRP XA 444 138.92 60.64 -136.45
N THR XA 445 138.01 61.57 -136.15
CA THR XA 445 136.61 61.43 -136.49
C THR XA 445 135.98 62.82 -136.40
N THR XA 446 134.65 62.88 -136.44
CA THR XA 446 133.92 64.12 -136.36
C THR XA 446 132.92 64.07 -135.20
N ILE XA 447 132.48 65.26 -134.79
CA ILE XA 447 131.41 65.37 -133.81
C ILE XA 447 130.15 64.69 -134.37
N GLY XA 448 129.28 64.27 -133.47
CA GLY XA 448 128.06 63.61 -133.87
C GLY XA 448 128.23 62.18 -134.33
N ASN XA 449 129.37 61.56 -134.04
CA ASN XA 449 129.62 60.18 -134.42
C ASN XA 449 130.24 59.45 -133.23
N GLY XA 450 130.04 58.13 -133.21
CA GLY XA 450 130.44 57.32 -132.08
C GLY XA 450 131.95 57.25 -131.91
N GLU XA 451 132.35 56.40 -130.98
CA GLU XA 451 133.76 56.21 -130.65
C GLU XA 451 134.44 55.35 -131.69
N PRO XA 452 135.54 55.80 -132.29
CA PRO XA 452 136.25 54.96 -133.27
C PRO XA 452 136.78 53.69 -132.63
N SER XA 453 136.83 52.63 -133.43
CA SER XA 453 137.27 51.33 -132.94
C SER XA 453 138.75 51.06 -133.17
N GLN XA 454 139.41 51.82 -134.04
CA GLN XA 454 140.82 51.61 -134.35
C GLN XA 454 141.56 52.93 -134.28
N LEU XA 455 142.80 52.88 -133.78
CA LEU XA 455 143.68 54.02 -133.77
C LEU XA 455 145.02 53.59 -134.36
N LEU XA 456 145.43 54.24 -135.45
CA LEU XA 456 146.65 53.90 -136.16
C LEU XA 456 146.63 52.45 -136.65
N GLY XA 457 145.43 51.91 -136.87
CA GLY XA 457 145.29 50.53 -137.27
C GLY XA 457 145.34 49.52 -136.14
N ARG XA 458 145.50 49.97 -134.91
CA ARG XA 458 145.55 49.11 -133.74
C ARG XA 458 144.25 49.22 -132.94
N PRO XA 459 143.86 48.17 -132.23
CA PRO XA 459 142.63 48.23 -131.44
C PRO XA 459 142.75 49.20 -130.28
N VAL XA 460 141.59 49.58 -129.74
CA VAL XA 460 141.48 50.60 -128.70
C VAL XA 460 140.80 50.00 -127.48
N GLY XA 461 141.36 50.25 -126.30
CA GLY XA 461 140.79 49.78 -125.06
C GLY XA 461 140.49 50.94 -124.12
N GLU XA 462 139.68 50.65 -123.10
CA GLU XA 462 139.24 51.64 -122.13
C GLU XA 462 139.35 51.08 -120.72
N ALA XA 463 139.77 51.93 -119.79
CA ALA XA 463 139.84 51.55 -118.38
C ALA XA 463 139.55 52.79 -117.55
N GLU XA 464 138.42 52.78 -116.83
CA GLU XA 464 137.96 53.97 -116.13
C GLU XA 464 138.85 54.36 -114.96
N ALA XA 465 139.52 53.41 -114.33
CA ALA XA 465 140.22 53.69 -113.07
C ALA XA 465 141.63 54.22 -113.28
N MET XA 466 142.04 54.49 -114.51
CA MET XA 466 143.29 55.18 -114.75
C MET XA 466 143.11 56.68 -114.53
N ASP XA 467 144.22 57.42 -114.49
CA ASP XA 467 144.17 58.84 -114.19
C ASP XA 467 143.50 59.60 -115.33
N ALA XA 468 142.87 60.73 -114.97
CA ALA XA 468 142.13 61.54 -115.92
C ALA XA 468 142.69 62.95 -116.06
N ASN XA 469 142.85 63.67 -114.95
CA ASN XA 469 143.30 65.05 -114.97
C ASN XA 469 144.64 65.17 -114.24
N TRP XA 470 145.55 65.95 -114.80
CA TRP XA 470 146.82 66.24 -114.16
C TRP XA 470 146.85 67.62 -113.51
N ASN XA 471 145.73 68.34 -113.52
CA ASN XA 471 145.65 69.66 -112.91
C ASN XA 471 144.89 69.64 -111.58
N THR XA 472 143.67 69.11 -111.57
CA THR XA 472 142.91 69.04 -110.33
C THR XA 472 143.46 67.96 -109.41
N SER XA 473 144.11 66.96 -109.98
CA SER XA 473 144.77 65.95 -109.16
C SER XA 473 145.99 66.54 -108.46
N ALA XA 474 146.17 66.18 -107.20
CA ALA XA 474 147.28 66.70 -106.41
C ALA XA 474 148.52 65.82 -106.45
N SER XA 475 148.45 64.66 -107.08
CA SER XA 475 149.60 63.76 -107.16
C SER XA 475 150.65 64.32 -108.10
N ALA XA 476 151.92 64.06 -107.77
CA ALA XA 476 153.03 64.58 -108.57
C ALA XA 476 153.06 63.95 -109.96
N ASP XA 477 152.80 62.65 -110.06
CA ASP XA 477 152.90 61.92 -111.31
C ASP XA 477 151.53 61.47 -111.78
N ASN XA 478 151.33 61.45 -113.10
CA ASN XA 478 150.06 61.11 -113.71
C ASN XA 478 150.31 60.21 -114.91
N PHE XA 479 149.74 59.01 -114.90
CA PHE XA 479 149.85 58.09 -116.04
C PHE XA 479 148.51 58.08 -116.77
N VAL XA 480 148.53 58.48 -118.04
CA VAL XA 480 147.29 58.69 -118.78
C VAL XA 480 147.18 57.82 -120.03
N LEU XA 481 148.30 57.41 -120.63
CA LEU XA 481 148.24 56.65 -121.88
C LEU XA 481 149.22 55.49 -121.82
N LEU XA 482 148.83 54.36 -122.43
CA LEU XA 482 149.62 53.15 -122.41
C LEU XA 482 149.42 52.41 -123.72
N TYR XA 483 150.52 51.90 -124.29
CA TYR XA 483 150.46 51.09 -125.49
C TYR XA 483 151.54 50.02 -125.40
N GLY XA 484 151.20 48.80 -125.82
CA GLY XA 484 152.20 47.75 -125.88
C GLY XA 484 151.56 46.42 -126.17
N ASN XA 485 152.42 45.41 -126.33
CA ASN XA 485 151.98 44.04 -126.56
C ASN XA 485 151.47 43.48 -125.25
N PHE XA 486 150.15 43.31 -125.14
CA PHE XA 486 149.55 42.90 -123.88
C PHE XA 486 149.67 41.41 -123.63
N GLN XA 487 150.24 40.65 -124.56
CA GLN XA 487 150.48 39.24 -124.30
C GLN XA 487 151.55 39.02 -123.23
N ASN XA 488 152.28 40.06 -122.84
CA ASN XA 488 153.27 39.97 -121.78
C ASN XA 488 152.66 40.21 -120.41
N TYR XA 489 151.36 40.45 -120.32
CA TYR XA 489 150.65 40.58 -119.06
C TYR XA 489 149.82 39.33 -118.88
N VAL XA 490 150.08 38.58 -117.83
CA VAL XA 490 149.50 37.25 -117.62
C VAL XA 490 148.60 37.29 -116.39
N ILE XA 491 147.38 36.80 -116.54
CA ILE XA 491 146.41 36.74 -115.45
C ILE XA 491 146.13 35.26 -115.18
N ALA XA 492 146.41 34.82 -113.96
CA ALA XA 492 146.15 33.45 -113.58
C ALA XA 492 144.84 33.35 -112.79
N ASP XA 493 143.96 32.45 -113.22
CA ASP XA 493 142.67 32.25 -112.58
C ASP XA 493 142.61 30.84 -111.98
N ARG XA 494 142.12 30.74 -110.75
CA ARG XA 494 142.01 29.46 -110.07
C ARG XA 494 140.56 29.05 -109.86
N ILE XA 495 139.76 29.88 -109.18
CA ILE XA 495 138.36 29.58 -108.93
C ILE XA 495 137.55 30.86 -109.04
N GLY XA 496 136.28 30.71 -109.41
CA GLY XA 496 135.38 31.83 -109.50
C GLY XA 496 134.75 32.17 -108.16
N MET XA 497 133.81 33.11 -108.20
CA MET XA 497 133.13 33.54 -107.00
C MET XA 497 132.17 32.45 -106.52
N THR XA 498 132.25 32.13 -105.23
CA THR XA 498 131.37 31.15 -104.60
C THR XA 498 130.79 31.76 -103.33
N VAL XA 499 129.56 31.41 -103.01
CA VAL XA 499 128.86 31.92 -101.84
C VAL XA 499 128.41 30.74 -100.99
N GLU XA 500 128.75 30.77 -99.69
CA GLU XA 500 128.34 29.75 -98.76
C GLU XA 500 127.47 30.37 -97.68
N PHE XA 501 126.49 29.61 -97.19
CA PHE XA 501 125.56 30.05 -96.18
C PHE XA 501 125.96 29.46 -94.83
N ILE XA 502 126.23 30.34 -93.86
CA ILE XA 502 126.57 29.91 -92.51
C ILE XA 502 125.30 29.94 -91.68
N PRO XA 503 124.85 28.81 -91.14
CA PRO XA 503 123.52 28.79 -90.48
C PRO XA 503 123.48 29.58 -89.19
N HIS XA 504 124.52 29.51 -88.37
CA HIS XA 504 124.52 30.15 -87.06
C HIS XA 504 125.83 30.87 -86.80
N LEU XA 505 125.74 31.98 -86.08
CA LEU XA 505 126.91 32.71 -85.59
C LEU XA 505 126.89 32.75 -84.07
N PHE XA 506 128.05 33.02 -83.50
CA PHE XA 506 128.24 32.98 -82.05
C PHE XA 506 128.62 34.35 -81.53
N GLY XA 507 128.46 34.53 -80.22
CA GLY XA 507 128.76 35.79 -79.58
C GLY XA 507 130.03 35.76 -78.75
N THR XA 508 130.16 36.72 -77.84
CA THR XA 508 131.38 36.82 -77.04
C THR XA 508 131.56 35.59 -76.15
N ASN XA 509 130.48 35.11 -75.54
CA ASN XA 509 130.55 33.98 -74.63
C ASN XA 509 130.37 32.65 -75.35
N ARG XA 510 130.65 32.61 -76.65
CA ARG XA 510 130.62 31.39 -77.45
C ARG XA 510 129.25 30.75 -77.46
N ARG XA 511 128.20 31.56 -77.46
CA ARG XA 511 126.82 31.09 -77.55
C ARG XA 511 126.11 31.82 -78.68
N PRO XA 512 125.08 31.22 -79.25
CA PRO XA 512 124.37 31.87 -80.37
C PRO XA 512 123.81 33.22 -79.96
N ASN XA 513 123.89 34.18 -80.88
CA ASN XA 513 123.45 35.54 -80.62
C ASN XA 513 122.25 35.96 -81.46
N GLY XA 514 121.78 35.11 -82.37
CA GLY XA 514 120.65 35.47 -83.22
C GLY XA 514 121.08 36.14 -84.50
N SER XA 515 122.09 35.57 -85.17
CA SER XA 515 122.61 36.14 -86.40
C SER XA 515 122.98 35.03 -87.38
N ARG XA 516 122.95 35.38 -88.68
CA ARG XA 516 123.42 34.50 -89.74
C ARG XA 516 124.31 35.31 -90.67
N GLY XA 517 125.11 34.61 -91.47
CA GLY XA 517 126.10 35.26 -92.30
C GLY XA 517 126.17 34.66 -93.69
N TRP XA 518 126.81 35.40 -94.59
CA TRP XA 518 127.04 34.99 -95.97
C TRP XA 518 128.51 35.22 -96.28
N PHE XA 519 129.20 34.20 -96.78
CA PHE XA 519 130.63 34.25 -97.02
C PHE XA 519 130.91 34.05 -98.51
N ALA XA 520 131.73 34.91 -99.08
CA ALA XA 520 132.14 34.79 -100.47
C ALA XA 520 133.64 35.02 -100.58
N TYR XA 521 134.28 34.29 -101.49
CA TYR XA 521 135.71 34.41 -101.68
C TYR XA 521 136.06 34.26 -103.16
N TYR XA 522 137.26 34.70 -103.51
CA TYR XA 522 137.69 34.77 -104.89
C TYR XA 522 139.22 34.70 -104.93
N ARG XA 523 139.76 33.95 -105.88
CA ARG XA 523 141.19 33.77 -106.02
C ARG XA 523 141.65 34.16 -107.41
N MET XA 524 142.74 34.92 -107.49
CA MET XA 524 143.29 35.37 -108.76
C MET XA 524 144.71 35.87 -108.51
N GLY XA 525 145.50 35.92 -109.58
CA GLY XA 525 146.83 36.47 -109.52
C GLY XA 525 147.28 36.94 -110.89
N ALA XA 526 148.14 37.96 -110.90
CA ALA XA 526 148.64 38.51 -112.15
C ALA XA 526 149.95 39.24 -111.90
N ASP XA 527 150.72 39.40 -112.98
CA ASP XA 527 152.02 40.07 -112.93
C ASP XA 527 152.48 40.30 -114.36
N VAL XA 528 153.69 40.82 -114.50
CA VAL XA 528 154.28 41.14 -115.80
C VAL XA 528 155.56 40.34 -115.97
N VAL XA 529 155.71 39.69 -117.12
CA VAL XA 529 156.90 38.89 -117.36
C VAL XA 529 157.99 39.68 -118.08
N ASN XA 530 157.62 40.66 -118.90
CA ASN XA 530 158.61 41.48 -119.59
C ASN XA 530 158.16 42.93 -119.58
N PRO XA 531 158.85 43.80 -118.83
CA PRO XA 531 158.44 45.21 -118.74
C PRO XA 531 158.92 46.09 -119.88
N ASN XA 532 159.68 45.55 -120.83
CA ASN XA 532 160.22 46.34 -121.92
C ASN XA 532 159.32 46.31 -123.15
N ALA XA 533 158.15 45.68 -123.05
CA ALA XA 533 157.21 45.59 -124.16
C ALA XA 533 156.15 46.67 -124.13
N PHE XA 534 156.29 47.67 -123.25
CA PHE XA 534 155.32 48.74 -123.12
C PHE XA 534 156.03 50.09 -123.07
N ARG XA 535 155.27 51.15 -123.34
CA ARG XA 535 155.82 52.51 -123.41
C ARG XA 535 154.89 53.48 -122.70
N LEU XA 536 154.52 53.17 -121.45
CA LEU XA 536 153.62 54.02 -120.67
C LEU XA 536 154.14 55.45 -120.58
N LEU XA 537 153.23 56.40 -120.72
CA LEU XA 537 153.52 57.82 -120.73
C LEU XA 537 153.16 58.45 -119.39
N ASN XA 538 154.05 59.30 -118.88
CA ASN XA 538 153.86 59.96 -117.59
C ASN XA 538 153.97 61.46 -117.79
N VAL XA 539 152.90 62.19 -117.48
CA VAL XA 539 152.91 63.66 -117.54
C VAL XA 539 153.03 64.14 -116.10
N GLU XA 540 154.28 64.34 -115.67
CA GLU XA 540 154.57 64.73 -114.31
C GLU XA 540 154.40 66.24 -114.13
N THR XA 541 153.72 66.63 -113.07
CA THR XA 541 153.49 68.03 -112.75
C THR XA 541 154.36 68.47 -111.58
N ALA XA 542 154.60 69.78 -111.51
CA ALA XA 542 155.45 70.36 -110.46
C ALA XA 542 154.62 70.54 -109.20
N SER XA 543 154.42 69.43 -108.49
CA SER XA 543 153.65 69.44 -107.26
C SER XA 543 154.34 70.23 -106.16
N MET YA 251 147.54 24.01 -90.17
CA MET YA 251 148.10 23.39 -91.37
C MET YA 251 147.69 24.18 -92.60
N GLY YA 252 148.63 24.90 -93.19
CA GLY YA 252 148.33 25.78 -94.30
C GLY YA 252 149.18 25.55 -95.54
N LEU YA 253 149.72 26.63 -96.11
CA LEU YA 253 150.43 26.56 -97.38
C LEU YA 253 151.93 26.80 -97.24
N THR YA 254 152.42 27.15 -96.05
CA THR YA 254 153.85 27.24 -95.85
C THR YA 254 154.47 25.85 -96.01
N LYS YA 255 155.74 25.82 -96.45
CA LYS YA 255 156.32 24.59 -96.95
C LYS YA 255 156.31 23.49 -95.89
N ALA YA 256 156.88 23.77 -94.71
CA ALA YA 256 156.98 22.75 -93.67
C ALA YA 256 155.61 22.34 -93.17
N ASP YA 257 154.66 23.26 -93.13
CA ASP YA 257 153.31 22.97 -92.63
C ASP YA 257 152.43 22.42 -93.75
N GLY YA 258 152.91 21.34 -94.36
CA GLY YA 258 152.14 20.64 -95.37
C GLY YA 258 152.19 21.23 -96.76
N GLY YA 259 152.99 22.27 -96.99
CA GLY YA 259 153.01 22.90 -98.30
C GLY YA 259 153.84 22.19 -99.34
N TYR YA 260 154.48 21.08 -98.99
CA TYR YA 260 155.38 20.38 -99.89
C TYR YA 260 154.67 19.57 -100.96
N LEU YA 261 153.36 19.36 -100.84
CA LEU YA 261 152.68 18.46 -101.77
C LEU YA 261 152.03 19.17 -102.95
N VAL YA 262 152.13 20.48 -103.04
CA VAL YA 262 151.55 21.19 -104.18
C VAL YA 262 152.40 20.91 -105.42
N PRO YA 263 151.81 20.52 -106.54
CA PRO YA 263 152.59 20.29 -107.75
C PRO YA 263 153.21 21.58 -108.26
N PHE YA 264 154.39 21.43 -108.86
CA PHE YA 264 155.16 22.56 -109.36
C PHE YA 264 154.77 22.79 -110.82
N GLN YA 265 154.07 23.89 -111.08
CA GLN YA 265 153.58 24.22 -112.41
C GLN YA 265 154.63 25.07 -113.13
N LEU YA 266 155.02 24.65 -114.33
CA LEU YA 266 156.06 25.32 -115.09
C LEU YA 266 155.64 25.41 -116.55
N ASP YA 267 155.94 26.55 -117.17
CA ASP YA 267 155.69 26.73 -118.58
C ASP YA 267 157.00 26.52 -119.34
N PRO YA 268 157.13 25.43 -120.11
CA PRO YA 268 158.41 25.15 -120.76
C PRO YA 268 158.77 26.13 -121.88
N THR YA 269 157.80 26.88 -122.41
CA THR YA 269 158.10 27.82 -123.48
C THR YA 269 158.93 28.98 -122.95
N VAL YA 270 160.01 29.30 -123.65
CA VAL YA 270 160.90 30.38 -123.23
C VAL YA 270 160.47 31.68 -123.90
N ILE YA 271 160.68 32.79 -123.20
CA ILE YA 271 160.25 34.11 -123.64
C ILE YA 271 161.49 34.95 -123.91
N ILE YA 272 161.61 35.45 -125.15
CA ILE YA 272 162.75 36.27 -125.52
C ILE YA 272 162.55 37.70 -125.04
N THR YA 273 163.59 38.27 -124.43
CA THR YA 273 163.54 39.63 -123.91
C THR YA 273 164.58 40.51 -124.58
N SER YA 274 164.70 40.40 -125.91
CA SER YA 274 165.62 41.22 -126.69
C SER YA 274 164.85 41.99 -127.75
N ASN YA 275 165.15 43.27 -127.87
CA ASN YA 275 164.45 44.11 -128.84
C ASN YA 275 164.76 43.69 -130.27
N GLY YA 276 166.01 43.35 -130.56
CA GLY YA 276 166.40 43.05 -131.92
C GLY YA 276 166.51 44.31 -132.76
N SER YA 277 166.52 44.11 -134.08
CA SER YA 277 166.60 45.23 -135.01
C SER YA 277 165.99 44.79 -136.34
N LEU YA 278 165.40 45.75 -137.04
CA LEU YA 278 164.78 45.51 -138.34
C LEU YA 278 165.34 46.47 -139.37
N ASN YA 279 165.89 45.92 -140.44
CA ASN YA 279 166.37 46.71 -141.57
C ASN YA 279 165.97 46.02 -142.86
N ASP YA 280 165.77 46.83 -143.90
CA ASP YA 280 165.29 46.33 -145.19
C ASP YA 280 166.28 46.59 -146.32
N ILE YA 281 167.56 46.78 -146.00
CA ILE YA 281 168.54 47.05 -147.05
C ILE YA 281 168.69 45.85 -147.98
N ARG YA 282 168.73 44.64 -147.42
CA ARG YA 282 168.95 43.44 -148.23
C ARG YA 282 167.89 43.27 -149.32
N ARG YA 283 166.67 43.71 -149.08
CA ARG YA 283 165.61 43.52 -150.07
C ARG YA 283 165.69 44.56 -151.19
N PHE YA 284 166.38 45.68 -150.96
CA PHE YA 284 166.63 46.64 -152.02
C PHE YA 284 168.01 46.51 -152.64
N ALA YA 285 169.00 46.03 -151.89
CA ALA YA 285 170.39 46.13 -152.29
C ALA YA 285 170.74 45.11 -153.38
N ARG YA 286 172.00 45.12 -153.78
CA ARG YA 286 172.52 44.21 -154.78
C ARG YA 286 173.40 43.17 -154.10
N GLN YA 287 173.13 41.90 -154.36
CA GLN YA 287 173.89 40.80 -153.78
C GLN YA 287 174.67 40.10 -154.88
N VAL YA 288 175.97 39.94 -154.68
CA VAL YA 288 176.85 39.24 -155.60
C VAL YA 288 177.65 38.21 -154.83
N VAL YA 289 177.88 37.06 -155.45
CA VAL YA 289 178.68 36.02 -154.82
C VAL YA 289 180.15 36.36 -154.99
N ALA YA 290 180.88 36.39 -153.88
CA ALA YA 290 182.30 36.68 -153.87
C ALA YA 290 183.07 35.46 -153.40
N THR YA 291 184.07 35.06 -154.16
CA THR YA 291 184.90 33.91 -153.84
C THR YA 291 186.33 34.36 -153.59
N GLY YA 292 186.84 34.07 -152.40
CA GLY YA 292 188.19 34.46 -152.06
C GLY YA 292 188.27 35.43 -150.90
N ASP YA 293 189.02 36.51 -151.07
CA ASP YA 293 189.25 37.48 -150.01
C ASP YA 293 188.60 38.83 -150.28
N VAL YA 294 188.60 39.29 -151.53
CA VAL YA 294 188.04 40.60 -151.88
C VAL YA 294 187.31 40.49 -153.21
N TRP YA 295 186.59 41.56 -153.54
CA TRP YA 295 185.81 41.65 -154.77
C TRP YA 295 186.18 42.96 -155.49
N HIS YA 296 186.29 42.89 -156.81
CA HIS YA 296 186.69 44.03 -157.61
C HIS YA 296 185.68 44.30 -158.72
N GLY YA 297 185.64 45.56 -159.15
CA GLY YA 297 184.79 45.97 -160.26
C GLY YA 297 185.45 47.11 -161.00
N VAL YA 298 184.78 47.57 -162.06
CA VAL YA 298 185.30 48.60 -162.93
C VAL YA 298 184.27 49.72 -163.04
N SER YA 299 184.73 50.96 -162.88
CA SER YA 299 183.88 52.13 -163.05
C SER YA 299 184.58 53.16 -163.92
N SER YA 300 183.80 53.91 -164.68
CA SER YA 300 184.34 54.92 -165.58
C SER YA 300 183.24 55.92 -165.91
N ALA YA 301 183.60 56.95 -166.68
CA ALA YA 301 182.68 58.01 -167.09
C ALA YA 301 182.55 57.99 -168.61
N ALA YA 302 181.85 58.99 -169.15
CA ALA YA 302 181.58 59.08 -170.58
C ALA YA 302 182.54 60.05 -171.25
N VAL YA 303 182.51 60.05 -172.58
CA VAL YA 303 183.36 60.93 -173.38
C VAL YA 303 182.70 62.29 -173.52
N GLN YA 304 183.51 63.34 -173.42
CA GLN YA 304 183.00 64.71 -173.43
C GLN YA 304 183.04 65.25 -174.86
N TRP YA 305 181.88 65.27 -175.51
CA TRP YA 305 181.79 65.79 -176.86
C TRP YA 305 181.80 67.32 -176.85
N SER YA 306 182.00 67.90 -178.03
CA SER YA 306 181.99 69.35 -178.17
C SER YA 306 181.60 69.71 -179.59
N TRP YA 307 181.08 70.92 -179.76
CA TRP YA 307 180.65 71.44 -181.06
C TRP YA 307 181.81 72.23 -181.65
N ASP YA 308 182.42 71.69 -182.70
CA ASP YA 308 183.60 72.27 -183.31
C ASP YA 308 183.29 72.78 -184.70
N ALA YA 309 183.88 73.93 -185.05
CA ALA YA 309 183.68 74.54 -186.35
C ALA YA 309 184.44 73.75 -187.43
N GLU YA 310 184.23 74.14 -188.68
CA GLU YA 310 184.90 73.47 -189.79
C GLU YA 310 186.40 73.73 -189.76
N PHE YA 311 187.18 72.71 -190.09
CA PHE YA 311 188.64 72.81 -190.15
C PHE YA 311 189.23 73.24 -188.81
N GLU YA 312 188.65 72.71 -187.73
CA GLU YA 312 189.08 73.03 -186.38
C GLU YA 312 189.65 71.79 -185.72
N GLU YA 313 190.78 71.95 -185.04
CA GLU YA 313 191.42 70.82 -184.37
C GLU YA 313 190.54 70.27 -183.26
N VAL YA 314 190.40 68.95 -183.23
CA VAL YA 314 189.57 68.31 -182.21
C VAL YA 314 190.36 68.24 -180.90
N SER YA 315 189.61 68.18 -179.80
CA SER YA 315 190.19 68.21 -178.47
C SER YA 315 190.36 66.80 -177.92
N ASP YA 316 191.28 66.67 -176.97
CA ASP YA 316 191.50 65.40 -176.28
C ASP YA 316 190.34 65.11 -175.34
N ASP YA 317 189.79 63.90 -175.43
CA ASP YA 317 188.56 63.56 -174.72
C ASP YA 317 188.69 62.20 -174.03
N SER YA 318 189.88 61.88 -173.54
CA SER YA 318 190.08 60.59 -172.89
C SER YA 318 189.37 60.55 -171.54
N PRO YA 319 188.70 59.43 -171.24
CA PRO YA 319 187.98 59.32 -169.96
C PRO YA 319 188.85 58.82 -168.82
N GLU YA 320 188.30 58.80 -167.61
CA GLU YA 320 189.02 58.37 -166.41
C GLU YA 320 188.34 57.13 -165.85
N PHE YA 321 189.12 56.17 -165.39
CA PHE YA 321 188.56 54.92 -164.90
C PHE YA 321 188.75 54.79 -163.39
N GLY YA 322 187.90 53.98 -162.77
CA GLY YA 322 187.98 53.72 -161.36
C GLY YA 322 187.64 52.28 -161.04
N GLN YA 323 188.14 51.81 -159.91
CA GLN YA 323 187.99 50.41 -159.51
C GLN YA 323 187.60 50.33 -158.04
N PRO YA 324 186.34 50.04 -157.74
CA PRO YA 324 185.93 49.81 -156.35
C PRO YA 324 186.50 48.51 -155.81
N GLU YA 325 186.60 48.44 -154.48
CA GLU YA 325 187.12 47.26 -153.81
C GLU YA 325 186.24 46.93 -152.63
N ILE YA 326 185.89 45.65 -152.49
CA ILE YA 326 184.95 45.22 -151.47
C ILE YA 326 185.60 44.13 -150.61
N PRO YA 327 186.23 44.47 -149.49
CA PRO YA 327 186.79 43.44 -148.62
C PRO YA 327 185.71 42.70 -147.85
N VAL YA 328 186.04 41.47 -147.45
CA VAL YA 328 185.13 40.60 -146.71
C VAL YA 328 185.67 40.44 -145.30
N LYS YA 329 184.77 40.26 -144.34
CA LYS YA 329 185.12 40.13 -142.94
C LYS YA 329 184.53 38.85 -142.36
N LYS YA 330 184.80 38.61 -141.07
CA LYS YA 330 184.36 37.41 -140.39
C LYS YA 330 183.81 37.77 -139.01
N ALA YA 331 182.68 37.15 -138.67
CA ALA YA 331 182.03 37.34 -137.38
C ALA YA 331 181.67 35.98 -136.81
N GLN YA 332 181.80 35.83 -135.49
CA GLN YA 332 181.60 34.53 -134.86
C GLN YA 332 181.11 34.68 -133.44
N GLY YA 333 180.46 33.63 -132.95
CA GLY YA 333 180.04 33.55 -131.57
C GLY YA 333 180.17 32.13 -131.07
N PHE YA 334 180.30 31.99 -129.75
CA PHE YA 334 180.63 30.69 -129.17
C PHE YA 334 180.14 30.64 -127.73
N VAL YA 335 179.56 29.50 -127.35
CA VAL YA 335 179.01 29.29 -126.02
C VAL YA 335 179.39 27.89 -125.53
N PRO YA 336 179.91 27.76 -124.32
CA PRO YA 336 180.22 26.43 -123.80
C PRO YA 336 179.02 25.78 -123.12
N ILE YA 337 179.15 24.48 -122.86
CA ILE YA 337 178.10 23.72 -122.22
C ILE YA 337 178.74 22.60 -121.42
N SER YA 338 178.15 22.30 -120.26
CA SER YA 338 178.62 21.19 -119.45
C SER YA 338 177.93 19.90 -119.89
N ILE YA 339 178.62 18.78 -119.68
CA ILE YA 339 178.08 17.50 -120.14
C ILE YA 339 176.80 17.16 -119.39
N GLU YA 340 176.82 17.31 -118.07
CA GLU YA 340 175.61 17.02 -117.30
C GLU YA 340 174.51 18.03 -117.61
N ALA YA 341 174.89 19.26 -117.94
CA ALA YA 341 173.90 20.23 -118.40
C ALA YA 341 173.24 19.78 -119.69
N LEU YA 342 174.03 19.27 -120.64
CA LEU YA 342 173.47 18.74 -121.86
C LEU YA 342 172.61 17.51 -121.63
N GLN YA 343 172.95 16.70 -120.63
CA GLN YA 343 172.22 15.48 -120.34
C GLN YA 343 170.92 15.71 -119.59
N ASP YA 344 170.86 16.74 -118.74
CA ASP YA 344 169.72 16.94 -117.85
C ASP YA 344 168.73 17.97 -118.36
N GLU YA 345 169.20 19.14 -118.80
CA GLU YA 345 168.31 20.17 -119.30
C GLU YA 345 167.61 19.71 -120.57
N ALA YA 346 166.38 20.17 -120.76
CA ALA YA 346 165.54 19.70 -121.86
C ALA YA 346 165.45 20.76 -122.96
N ASN YA 347 165.47 20.29 -124.21
CA ASN YA 347 165.29 21.15 -125.38
C ASN YA 347 166.30 22.28 -125.42
N VAL YA 348 167.59 21.92 -125.39
CA VAL YA 348 168.64 22.93 -125.40
C VAL YA 348 169.08 23.23 -126.84
N THR YA 349 169.18 22.20 -127.68
CA THR YA 349 169.81 22.35 -128.99
C THR YA 349 169.06 23.34 -129.87
N GLU YA 350 167.75 23.15 -130.02
CA GLU YA 350 166.99 24.07 -130.86
C GLU YA 350 166.85 25.43 -130.19
N THR YA 351 166.82 25.46 -128.86
CA THR YA 351 166.77 26.74 -128.15
C THR YA 351 167.97 27.59 -128.50
N VAL YA 352 169.18 27.03 -128.38
CA VAL YA 352 170.38 27.79 -128.68
C VAL YA 352 170.49 28.05 -130.18
N ALA YA 353 169.93 27.17 -131.01
CA ALA YA 353 169.90 27.45 -132.44
C ALA YA 353 169.09 28.71 -132.71
N LEU YA 354 167.94 28.84 -132.07
CA LEU YA 354 167.13 30.05 -132.20
C LEU YA 354 167.87 31.27 -131.67
N LEU YA 355 168.57 31.10 -130.54
CA LEU YA 355 169.33 32.22 -129.99
C LEU YA 355 170.42 32.67 -130.96
N PHE YA 356 171.15 31.73 -131.55
CA PHE YA 356 172.16 32.06 -132.55
C PHE YA 356 171.55 32.77 -133.75
N ALA YA 357 170.42 32.27 -134.23
CA ALA YA 357 169.78 32.90 -135.39
C ALA YA 357 169.39 34.34 -135.08
N GLU YA 358 168.78 34.57 -133.92
CA GLU YA 358 168.39 35.93 -133.55
C GLU YA 358 169.60 36.83 -133.39
N GLY YA 359 170.67 36.31 -132.77
CA GLY YA 359 171.87 37.11 -132.61
C GLY YA 359 172.49 37.51 -133.93
N LYS YA 360 172.57 36.57 -134.87
CA LYS YA 360 173.13 36.88 -136.18
C LYS YA 360 172.27 37.90 -136.91
N ASP YA 361 170.94 37.73 -136.87
CA ASP YA 361 170.07 38.68 -137.54
C ASP YA 361 170.13 40.06 -136.90
N GLU YA 362 170.30 40.12 -135.58
CA GLU YA 362 170.42 41.39 -134.89
C GLU YA 362 171.73 42.08 -135.23
N LEU YA 363 172.83 41.34 -135.30
CA LEU YA 363 174.12 41.98 -135.58
C LEU YA 363 174.21 42.40 -137.04
N GLU YA 364 173.72 41.57 -137.96
CA GLU YA 364 173.86 41.87 -139.38
C GLU YA 364 173.13 43.16 -139.74
N ALA YA 365 171.93 43.35 -139.19
CA ALA YA 365 171.13 44.52 -139.52
C ALA YA 365 171.83 45.81 -139.11
N VAL YA 366 172.28 45.88 -137.86
CA VAL YA 366 172.95 47.08 -137.38
C VAL YA 366 174.28 47.29 -138.11
N THR YA 367 174.99 46.19 -138.42
CA THR YA 367 176.26 46.33 -139.13
C THR YA 367 176.04 46.90 -140.54
N LEU YA 368 175.02 46.40 -141.24
CA LEU YA 368 174.72 46.96 -142.55
C LEU YA 368 174.28 48.42 -142.45
N THR YA 369 173.55 48.77 -141.39
CA THR YA 369 173.05 50.13 -141.28
C THR YA 369 174.18 51.11 -140.98
N THR YA 370 175.05 50.79 -140.01
CA THR YA 370 176.01 51.76 -139.52
C THR YA 370 177.39 51.12 -139.35
N GLY YA 371 177.78 50.26 -140.27
CA GLY YA 371 179.11 49.69 -140.23
C GLY YA 371 180.18 50.75 -140.43
N THR YA 372 181.10 50.82 -139.46
CA THR YA 372 182.12 51.86 -139.47
C THR YA 372 183.02 51.76 -140.68
N GLY YA 373 183.34 50.55 -141.12
CA GLY YA 373 184.24 50.33 -142.22
C GLY YA 373 185.70 50.24 -141.84
N GLN YA 374 186.03 50.52 -140.59
CA GLN YA 374 187.39 50.39 -140.08
C GLN YA 374 187.49 49.14 -139.20
N GLY YA 375 188.70 48.89 -138.72
CA GLY YA 375 188.94 47.73 -137.88
C GLY YA 375 188.66 46.42 -138.57
N ASN YA 376 187.62 45.72 -138.11
CA ASN YA 376 187.24 44.42 -138.66
C ASN YA 376 185.76 44.40 -139.03
N GLN YA 377 185.22 45.53 -139.44
CA GLN YA 377 183.80 45.65 -139.70
C GLN YA 377 183.54 45.99 -141.16
N PRO YA 378 182.42 45.54 -141.71
CA PRO YA 378 182.01 46.00 -143.05
C PRO YA 378 181.66 47.48 -143.04
N THR YA 379 181.35 48.03 -144.20
CA THR YA 379 181.03 49.45 -144.32
C THR YA 379 179.52 49.60 -144.46
N GLY YA 380 178.92 50.42 -143.59
CA GLY YA 380 177.51 50.70 -143.68
C GLY YA 380 177.21 51.80 -144.69
N ILE YA 381 175.94 51.88 -145.06
CA ILE YA 381 175.52 52.90 -146.02
C ILE YA 381 175.63 54.30 -145.42
N VAL YA 382 175.30 54.45 -144.15
CA VAL YA 382 175.35 55.76 -143.51
C VAL YA 382 176.79 56.25 -143.41
N THR YA 383 177.70 55.38 -142.98
CA THR YA 383 179.10 55.76 -142.88
C THR YA 383 179.77 55.91 -144.23
N ALA YA 384 179.21 55.30 -145.28
CA ALA YA 384 179.78 55.45 -146.61
C ALA YA 384 179.46 56.79 -147.23
N LEU YA 385 178.30 57.37 -146.89
CA LEU YA 385 177.86 58.65 -147.43
C LEU YA 385 178.11 59.81 -146.47
N ALA YA 386 179.14 59.70 -145.64
CA ALA YA 386 179.50 60.77 -144.72
C ALA YA 386 180.63 61.59 -145.30
N GLY YA 387 180.40 62.89 -145.46
CA GLY YA 387 181.41 63.76 -146.03
C GLY YA 387 181.50 63.74 -147.55
N THR YA 388 180.64 62.99 -148.22
CA THR YA 388 180.66 62.89 -149.66
C THR YA 388 179.82 64.01 -150.28
N ALA YA 389 179.65 63.96 -151.60
CA ALA YA 389 178.81 64.93 -152.29
C ALA YA 389 177.33 64.68 -152.03
N ALA YA 390 176.96 63.50 -151.56
CA ALA YA 390 175.56 63.19 -151.29
C ALA YA 390 175.04 63.92 -150.05
N GLU YA 391 175.91 64.57 -149.29
CA GLU YA 391 175.50 65.26 -148.08
C GLU YA 391 174.69 66.50 -148.43
N ILE YA 392 173.53 66.66 -147.78
CA ILE YA 392 172.69 67.83 -147.97
C ILE YA 392 172.35 68.42 -146.60
N ALA YA 393 172.10 69.73 -146.61
CA ALA YA 393 171.73 70.48 -145.41
C ALA YA 393 170.32 71.01 -145.52
N PRO YA 394 169.63 71.23 -144.40
CA PRO YA 394 168.24 71.70 -144.46
C PRO YA 394 168.17 73.15 -144.93
N VAL YA 395 166.94 73.56 -145.27
CA VAL YA 395 166.70 74.95 -145.64
C VAL YA 395 166.98 75.87 -144.46
N THR YA 396 166.51 75.49 -143.27
CA THR YA 396 166.74 76.25 -142.05
C THR YA 396 167.43 75.36 -141.02
N ALA YA 397 168.33 75.98 -140.26
CA ALA YA 397 169.15 75.24 -139.32
C ALA YA 397 168.31 74.62 -138.20
N GLU YA 398 168.62 73.37 -137.85
CA GLU YA 398 167.87 72.61 -136.84
C GLU YA 398 166.37 72.64 -137.11
N THR YA 399 166.01 72.41 -138.38
CA THR YA 399 164.61 72.38 -138.77
C THR YA 399 164.43 71.38 -139.88
N PHE YA 400 163.38 70.56 -139.78
CA PHE YA 400 163.07 69.53 -140.77
C PHE YA 400 161.63 69.73 -141.22
N ALA YA 401 161.45 70.31 -142.40
CA ALA YA 401 160.13 70.57 -142.95
C ALA YA 401 159.96 69.84 -144.28
N LEU YA 402 158.79 70.06 -144.89
CA LEU YA 402 158.47 69.39 -146.15
C LEU YA 402 159.45 69.78 -147.26
N ALA YA 403 159.90 71.03 -147.26
CA ALA YA 403 160.84 71.48 -148.28
C ALA YA 403 162.12 70.66 -148.26
N ASP YA 404 162.57 70.23 -147.08
CA ASP YA 404 163.76 69.39 -147.01
C ASP YA 404 163.54 68.05 -147.69
N VAL YA 405 162.38 67.42 -147.48
CA VAL YA 405 162.08 66.16 -148.13
C VAL YA 405 162.04 66.35 -149.65
N TYR YA 406 161.38 67.41 -150.11
CA TYR YA 406 161.32 67.65 -151.54
C TYR YA 406 162.71 67.89 -152.12
N ALA YA 407 163.56 68.63 -151.40
CA ALA YA 407 164.92 68.89 -151.87
C ALA YA 407 165.74 67.61 -151.94
N VAL YA 408 165.59 66.74 -150.94
CA VAL YA 408 166.31 65.46 -150.97
C VAL YA 408 165.87 64.65 -152.18
N TYR YA 409 164.56 64.62 -152.45
CA TYR YA 409 164.08 63.85 -153.60
C TYR YA 409 164.56 64.44 -154.93
N GLU YA 410 164.60 65.77 -155.02
CA GLU YA 410 164.72 66.42 -156.33
C GLU YA 410 166.15 66.70 -156.75
N GLN YA 411 167.10 66.81 -155.81
CA GLN YA 411 168.47 67.09 -156.18
C GLN YA 411 169.19 65.89 -156.79
N LEU YA 412 168.57 64.71 -156.78
CA LEU YA 412 169.18 63.53 -157.36
C LEU YA 412 169.08 63.55 -158.88
N ALA YA 413 169.90 62.73 -159.52
CA ALA YA 413 169.95 62.68 -160.97
C ALA YA 413 168.66 62.09 -161.54
N ALA YA 414 168.45 62.30 -162.84
CA ALA YA 414 167.23 61.87 -163.49
C ALA YA 414 167.11 60.35 -163.51
N ARG YA 415 168.19 59.64 -163.89
CA ARG YA 415 168.11 58.20 -163.99
C ARG YA 415 168.00 57.54 -162.62
N HIS YA 416 168.71 58.08 -161.63
CA HIS YA 416 168.67 57.49 -160.30
C HIS YA 416 167.35 57.75 -159.60
N ARG YA 417 166.70 58.88 -159.86
CA ARG YA 417 165.41 59.17 -159.24
C ARG YA 417 164.36 58.16 -159.65
N ARG YA 418 164.31 57.81 -160.92
CA ARG YA 418 163.23 56.97 -161.44
C ARG YA 418 163.28 55.55 -160.91
N GLN YA 419 164.37 55.16 -160.25
CA GLN YA 419 164.42 53.86 -159.58
C GLN YA 419 165.16 54.04 -158.26
N GLY YA 420 164.40 54.03 -157.17
CA GLY YA 420 164.97 54.24 -155.85
C GLY YA 420 163.97 53.93 -154.77
N ALA YA 421 164.40 54.11 -153.53
CA ALA YA 421 163.53 53.84 -152.39
C ALA YA 421 163.99 54.65 -151.20
N TRP YA 422 163.05 54.90 -150.29
CA TRP YA 422 163.31 55.64 -149.07
C TRP YA 422 163.84 54.70 -147.99
N LEU YA 423 164.64 55.24 -147.08
CA LEU YA 423 165.14 54.48 -145.95
C LEU YA 423 165.35 55.42 -144.78
N ALA YA 424 164.53 55.29 -143.74
CA ALA YA 424 164.60 56.14 -142.56
C ALA YA 424 163.91 55.43 -141.41
N ASN YA 425 164.03 56.00 -140.22
CA ASN YA 425 163.43 55.43 -139.02
C ASN YA 425 161.93 55.75 -138.98
N ASN YA 426 161.21 54.97 -138.17
CA ASN YA 426 159.78 55.20 -138.00
C ASN YA 426 159.50 56.60 -137.45
N LEU YA 427 160.39 57.11 -136.60
CA LEU YA 427 160.17 58.43 -136.02
C LEU YA 427 160.16 59.51 -137.08
N ILE YA 428 161.06 59.42 -138.06
CA ILE YA 428 161.12 60.42 -139.11
C ILE YA 428 159.85 60.38 -139.95
N TYR YA 429 159.36 59.17 -140.27
CA TYR YA 429 158.10 59.06 -140.99
C TYR YA 429 156.95 59.65 -140.19
N ASN YA 430 156.96 59.44 -138.87
CA ASN YA 430 155.90 60.00 -138.04
C ASN YA 430 155.93 61.52 -138.07
N LYS YA 431 157.11 62.12 -137.96
CA LYS YA 431 157.19 63.58 -138.09
C LYS YA 431 156.79 64.04 -139.48
N ILE YA 432 157.02 63.23 -140.50
CA ILE YA 432 156.50 63.55 -141.83
C ILE YA 432 154.98 63.58 -141.81
N ARG YA 433 154.38 62.65 -141.07
CA ARG YA 433 152.92 62.61 -140.99
C ARG YA 433 152.36 63.86 -140.32
N GLN YA 434 153.14 64.53 -139.48
CA GLN YA 434 152.66 65.68 -138.72
C GLN YA 434 152.81 67.00 -139.46
N PHE YA 435 153.42 67.00 -140.66
CA PHE YA 435 153.67 68.27 -141.34
C PHE YA 435 152.38 68.98 -141.70
N ASP YA 436 151.38 68.26 -142.18
CA ASP YA 436 150.15 68.90 -142.61
C ASP YA 436 149.20 69.07 -141.43
N THR YA 437 148.82 70.32 -141.17
CA THR YA 437 147.91 70.66 -140.09
C THR YA 437 146.56 71.16 -140.59
N GLN YA 438 146.53 71.87 -141.70
CA GLN YA 438 145.31 72.47 -142.22
C GLN YA 438 144.68 71.65 -143.33
N GLY YA 439 145.10 70.40 -143.50
CA GLY YA 439 144.54 69.54 -144.51
C GLY YA 439 144.83 69.98 -145.94
N GLY YA 440 146.07 70.36 -146.23
CA GLY YA 440 146.41 70.80 -147.55
C GLY YA 440 146.88 69.67 -148.45
N ALA YA 441 148.06 69.81 -149.03
CA ALA YA 441 148.64 68.80 -149.91
C ALA YA 441 149.63 67.90 -149.17
N GLY YA 442 149.71 68.02 -147.85
CA GLY YA 442 150.61 67.20 -147.06
C GLY YA 442 149.92 66.03 -146.40
N LEU YA 443 148.73 65.68 -146.86
CA LEU YA 443 147.99 64.54 -146.31
C LEU YA 443 148.59 63.25 -146.86
N TRP YA 444 149.69 62.81 -146.26
CA TRP YA 444 150.19 61.46 -146.54
C TRP YA 444 149.16 60.42 -146.09
N THR YA 445 148.65 60.58 -144.88
CA THR YA 445 147.57 59.75 -144.33
C THR YA 445 147.05 60.45 -143.09
N THR YA 446 145.92 59.97 -142.60
CA THR YA 446 145.29 60.53 -141.42
C THR YA 446 145.49 59.61 -140.22
N ILE YA 447 145.35 60.19 -139.02
CA ILE YA 447 145.43 59.39 -137.81
C ILE YA 447 144.26 58.41 -137.79
N GLY YA 448 144.50 57.22 -137.25
CA GLY YA 448 143.53 56.14 -137.31
C GLY YA 448 143.85 55.07 -138.33
N ASN YA 449 144.82 55.29 -139.21
CA ASN YA 449 145.25 54.31 -140.18
C ASN YA 449 146.70 53.92 -139.92
N GLY YA 450 147.10 52.78 -140.46
CA GLY YA 450 148.46 52.31 -140.29
C GLY YA 450 149.44 53.12 -141.11
N GLU YA 451 150.69 52.66 -141.07
CA GLU YA 451 151.74 53.32 -141.84
C GLU YA 451 151.49 53.14 -143.34
N PRO YA 452 151.77 54.16 -144.14
CA PRO YA 452 151.62 54.01 -145.59
C PRO YA 452 152.73 53.14 -146.18
N SER YA 453 152.61 52.83 -147.48
CA SER YA 453 153.61 52.04 -148.17
C SER YA 453 154.23 52.73 -149.37
N GLN YA 454 153.83 53.96 -149.67
CA GLN YA 454 154.35 54.69 -150.82
C GLN YA 454 154.58 56.14 -150.44
N LEU YA 455 155.70 56.70 -150.88
CA LEU YA 455 156.08 58.06 -150.56
C LEU YA 455 156.54 58.76 -151.83
N LEU YA 456 155.78 59.76 -152.26
CA LEU YA 456 156.04 60.49 -153.51
C LEU YA 456 156.08 59.57 -154.72
N GLY YA 457 155.35 58.46 -154.65
CA GLY YA 457 155.36 57.48 -155.72
C GLY YA 457 156.49 56.47 -155.68
N ARG YA 458 157.28 56.46 -154.62
CA ARG YA 458 158.42 55.56 -154.54
C ARG YA 458 158.29 54.61 -153.35
N PRO YA 459 158.86 53.42 -153.44
CA PRO YA 459 158.79 52.48 -152.32
C PRO YA 459 159.48 53.03 -151.09
N VAL YA 460 158.98 52.63 -149.92
CA VAL YA 460 159.47 53.10 -148.64
C VAL YA 460 160.00 51.92 -147.84
N GLY YA 461 161.12 52.13 -147.16
CA GLY YA 461 161.71 51.10 -146.32
C GLY YA 461 161.88 51.61 -144.90
N GLU YA 462 162.16 50.68 -144.00
CA GLU YA 462 162.29 50.98 -142.59
C GLU YA 462 163.66 50.56 -142.10
N ALA YA 463 164.20 51.33 -141.15
CA ALA YA 463 165.53 51.06 -140.61
C ALA YA 463 165.57 51.57 -139.18
N GLU YA 464 165.53 50.64 -138.22
CA GLU YA 464 165.51 51.04 -136.81
C GLU YA 464 166.85 51.58 -136.36
N ALA YA 465 167.95 51.06 -136.89
CA ALA YA 465 169.28 51.42 -136.42
C ALA YA 465 169.70 52.83 -136.83
N MET YA 466 168.96 53.49 -137.70
CA MET YA 466 169.30 54.85 -138.09
C MET YA 466 169.01 55.82 -136.96
N ASP YA 467 169.58 57.01 -137.07
CA ASP YA 467 169.34 58.06 -136.08
C ASP YA 467 167.87 58.48 -136.10
N ALA YA 468 167.35 58.82 -134.92
CA ALA YA 468 165.94 59.12 -134.75
C ALA YA 468 165.70 60.58 -134.40
N ASN YA 469 166.28 61.07 -133.30
CA ASN YA 469 166.02 62.41 -132.80
C ASN YA 469 167.32 63.16 -132.61
N TRP YA 470 167.36 64.39 -133.10
CA TRP YA 470 168.50 65.27 -132.93
C TRP YA 470 168.41 66.12 -131.68
N ASN YA 471 167.30 66.06 -130.95
CA ASN YA 471 167.09 66.88 -129.77
C ASN YA 471 167.55 66.19 -128.50
N THR YA 472 167.06 64.98 -128.23
CA THR YA 472 167.46 64.27 -127.02
C THR YA 472 168.88 63.73 -127.14
N SER YA 473 169.34 63.42 -128.36
CA SER YA 473 170.68 62.93 -128.55
C SER YA 473 171.70 64.05 -128.41
N ALA YA 474 172.90 63.69 -127.94
CA ALA YA 474 173.98 64.64 -127.75
C ALA YA 474 174.98 64.65 -128.89
N SER YA 475 174.77 63.85 -129.93
CA SER YA 475 175.69 63.84 -131.07
C SER YA 475 175.51 65.10 -131.90
N ALA YA 476 176.62 65.58 -132.48
CA ALA YA 476 176.55 66.77 -133.32
C ALA YA 476 175.83 66.51 -134.64
N ASP YA 477 176.13 65.38 -135.29
CA ASP YA 477 175.56 65.06 -136.58
C ASP YA 477 174.49 63.99 -136.43
N ASN YA 478 173.38 64.15 -137.16
CA ASN YA 478 172.25 63.24 -137.07
C ASN YA 478 171.69 63.02 -138.48
N PHE YA 479 172.09 61.92 -139.11
CA PHE YA 479 171.59 61.57 -140.43
C PHE YA 479 170.26 60.84 -140.26
N VAL YA 480 169.18 61.43 -140.75
CA VAL YA 480 167.84 60.91 -140.48
C VAL YA 480 167.12 60.44 -141.74
N LEU YA 481 167.46 60.96 -142.92
CA LEU YA 481 166.73 60.62 -144.13
C LEU YA 481 167.70 60.27 -145.24
N LEU YA 482 167.35 59.24 -146.02
CA LEU YA 482 168.17 58.78 -147.12
C LEU YA 482 167.27 58.40 -148.30
N TYR YA 483 167.71 58.71 -149.50
CA TYR YA 483 167.01 58.29 -150.71
C TYR YA 483 168.02 58.14 -151.83
N GLY YA 484 167.84 57.09 -152.63
CA GLY YA 484 168.71 56.86 -153.76
C GLY YA 484 168.49 55.49 -154.37
N ASN YA 485 169.21 55.25 -155.45
CA ASN YA 485 169.14 53.99 -156.17
C ASN YA 485 170.01 52.97 -155.43
N PHE YA 486 169.36 52.07 -154.68
CA PHE YA 486 170.09 51.09 -153.90
C PHE YA 486 170.80 50.04 -154.74
N GLN YA 487 170.55 50.03 -156.05
CA GLN YA 487 171.26 49.14 -156.95
C GLN YA 487 172.77 49.36 -156.88
N ASN YA 488 173.20 50.55 -156.45
CA ASN YA 488 174.61 50.87 -156.31
C ASN YA 488 175.18 50.46 -154.96
N TYR YA 489 174.38 49.82 -154.11
CA TYR YA 489 174.87 49.27 -152.85
C TYR YA 489 174.97 47.76 -153.01
N VAL YA 490 176.18 47.23 -152.84
CA VAL YA 490 176.48 45.84 -153.14
C VAL YA 490 176.90 45.13 -151.86
N ILE YA 491 176.40 43.92 -151.67
CA ILE YA 491 176.72 43.09 -150.52
C ILE YA 491 177.28 41.77 -151.03
N ALA YA 492 178.47 41.42 -150.57
CA ALA YA 492 179.15 40.21 -151.01
C ALA YA 492 179.02 39.13 -149.95
N ASP YA 493 178.51 37.97 -150.34
CA ASP YA 493 178.32 36.84 -149.43
C ASP YA 493 179.31 35.74 -149.76
N ARG YA 494 180.01 35.25 -148.72
CA ARG YA 494 181.02 34.21 -148.90
C ARG YA 494 180.56 32.87 -148.35
N ILE YA 495 180.13 32.81 -147.10
CA ILE YA 495 179.66 31.57 -146.49
C ILE YA 495 178.55 31.91 -145.51
N GLY YA 496 177.53 31.06 -145.46
CA GLY YA 496 176.43 31.26 -144.55
C GLY YA 496 176.77 30.88 -143.12
N MET YA 497 175.76 30.94 -142.26
CA MET YA 497 175.95 30.57 -140.87
C MET YA 497 176.18 29.07 -140.76
N THR YA 498 177.25 28.69 -140.07
CA THR YA 498 177.60 27.28 -139.86
C THR YA 498 177.84 27.08 -138.38
N VAL YA 499 177.29 25.99 -137.83
CA VAL YA 499 177.46 25.63 -136.43
C VAL YA 499 178.27 24.36 -136.34
N GLU YA 500 179.32 24.37 -135.53
CA GLU YA 500 180.17 23.21 -135.32
C GLU YA 500 180.07 22.75 -133.88
N PHE YA 501 180.08 21.43 -133.69
CA PHE YA 501 180.05 20.82 -132.37
C PHE YA 501 181.48 20.47 -131.97
N ILE YA 502 181.94 21.02 -130.85
CA ILE YA 502 183.25 20.69 -130.30
C ILE YA 502 183.06 19.55 -129.31
N PRO YA 503 183.55 18.35 -129.59
CA PRO YA 503 183.27 17.20 -128.71
C PRO YA 503 183.78 17.38 -127.30
N HIS YA 504 184.89 18.08 -127.09
CA HIS YA 504 185.48 18.18 -125.77
C HIS YA 504 186.18 19.52 -125.61
N LEU YA 505 186.27 19.99 -124.38
CA LEU YA 505 187.05 21.16 -124.02
C LEU YA 505 188.04 20.78 -122.93
N PHE YA 506 189.15 21.50 -122.86
CA PHE YA 506 190.23 21.17 -121.96
C PHE YA 506 190.41 22.26 -120.90
N GLY YA 507 190.92 21.85 -119.76
CA GLY YA 507 191.18 22.74 -118.65
C GLY YA 507 192.55 23.38 -118.72
N THR YA 508 193.01 23.87 -117.58
CA THR YA 508 194.28 24.60 -117.53
C THR YA 508 195.49 23.67 -117.55
N ASN YA 509 195.30 22.36 -117.33
CA ASN YA 509 196.40 21.40 -117.37
C ASN YA 509 196.34 20.51 -118.60
N ARG YA 510 195.69 20.96 -119.66
CA ARG YA 510 195.57 20.22 -120.92
C ARG YA 510 194.92 18.86 -120.72
N ARG YA 511 193.92 18.80 -119.84
CA ARG YA 511 193.16 17.58 -119.61
C ARG YA 511 191.68 17.88 -119.62
N PRO YA 512 190.84 16.90 -119.95
CA PRO YA 512 189.41 17.17 -120.09
C PRO YA 512 188.78 17.68 -118.81
N ASN YA 513 187.81 18.59 -118.95
CA ASN YA 513 187.06 19.12 -117.83
C ASN YA 513 185.57 18.81 -117.90
N GLY YA 514 185.17 17.92 -118.80
CA GLY YA 514 183.77 17.56 -118.93
C GLY YA 514 182.87 18.65 -119.45
N SER YA 515 183.30 19.35 -120.50
CA SER YA 515 182.49 20.41 -121.09
C SER YA 515 182.62 20.35 -122.60
N ARG YA 516 181.57 20.82 -123.29
CA ARG YA 516 181.49 20.77 -124.73
C ARG YA 516 181.22 22.18 -125.25
N GLY YA 517 181.43 22.37 -126.56
CA GLY YA 517 181.37 23.68 -127.17
C GLY YA 517 180.58 23.69 -128.46
N TRP YA 518 180.01 24.87 -128.73
CA TRP YA 518 179.13 25.10 -129.89
C TRP YA 518 179.63 26.37 -130.60
N PHE YA 519 180.24 26.19 -131.76
CA PHE YA 519 180.94 27.25 -132.47
C PHE YA 519 180.17 27.63 -133.73
N ALA YA 520 180.01 28.94 -133.94
CA ALA YA 520 179.32 29.46 -135.12
C ALA YA 520 180.08 30.64 -135.68
N TYR YA 521 180.06 30.78 -137.01
CA TYR YA 521 180.75 31.89 -137.66
C TYR YA 521 180.03 32.26 -138.94
N TYR YA 522 180.33 33.46 -139.45
CA TYR YA 522 179.67 34.03 -140.61
C TYR YA 522 180.60 35.04 -141.25
N ARG YA 523 180.57 35.09 -142.58
CA ARG YA 523 181.47 35.95 -143.35
C ARG YA 523 180.67 36.78 -144.35
N MET YA 524 180.97 38.07 -144.41
CA MET YA 524 180.26 38.98 -145.31
C MET YA 524 181.07 40.26 -145.46
N GLY YA 525 180.82 40.96 -146.57
CA GLY YA 525 181.45 42.24 -146.82
C GLY YA 525 180.63 43.06 -147.78
N ALA YA 526 180.59 44.38 -147.56
CA ALA YA 526 179.76 45.25 -148.38
C ALA YA 526 180.29 46.68 -148.31
N ASP YA 527 180.01 47.44 -149.37
CA ASP YA 527 180.33 48.86 -149.46
C ASP YA 527 179.66 49.42 -150.70
N VAL YA 528 179.81 50.73 -150.91
CA VAL YA 528 179.16 51.45 -152.00
C VAL YA 528 180.11 51.54 -153.19
N VAL YA 529 179.54 51.74 -154.38
CA VAL YA 529 180.33 51.84 -155.59
C VAL YA 529 180.24 53.25 -156.17
N ASN YA 530 179.09 53.89 -156.03
CA ASN YA 530 178.84 55.22 -156.58
C ASN YA 530 178.24 56.11 -155.51
N PRO YA 531 179.00 57.07 -154.96
CA PRO YA 531 178.44 57.94 -153.91
C PRO YA 531 177.50 59.01 -154.43
N ASN YA 532 177.41 59.21 -155.74
CA ASN YA 532 176.56 60.24 -156.30
C ASN YA 532 175.19 59.71 -156.73
N ALA YA 533 174.90 58.44 -156.47
CA ALA YA 533 173.60 57.86 -156.76
C ALA YA 533 172.66 57.92 -155.56
N PHE YA 534 173.08 58.52 -154.46
CA PHE YA 534 172.25 58.70 -153.28
C PHE YA 534 172.28 60.16 -152.87
N ARG YA 535 171.39 60.52 -151.94
CA ARG YA 535 171.36 61.85 -151.36
C ARG YA 535 170.99 61.72 -149.88
N LEU YA 536 171.80 62.32 -149.03
CA LEU YA 536 171.65 62.20 -147.58
C LEU YA 536 171.42 63.57 -146.95
N LEU YA 537 170.66 63.58 -145.86
CA LEU YA 537 170.34 64.80 -145.14
C LEU YA 537 170.67 64.63 -143.67
N ASN YA 538 171.23 65.67 -143.05
CA ASN YA 538 171.50 65.68 -141.63
C ASN YA 538 171.03 66.99 -141.02
N VAL YA 539 170.74 66.95 -139.73
CA VAL YA 539 170.33 68.12 -138.96
C VAL YA 539 171.39 68.33 -137.89
N GLU YA 540 172.38 69.16 -138.19
CA GLU YA 540 173.49 69.40 -137.27
C GLU YA 540 173.04 70.40 -136.21
N THR YA 541 173.16 70.02 -134.95
CA THR YA 541 172.74 70.87 -133.84
C THR YA 541 173.95 71.57 -133.25
N ALA YA 542 173.83 72.88 -133.03
CA ALA YA 542 174.92 73.66 -132.48
C ALA YA 542 175.22 73.24 -131.04
N SER YA 543 176.47 73.40 -130.64
CA SER YA 543 176.89 73.09 -129.28
C SER YA 543 176.31 74.09 -128.29
N MET ZA 251 200.06 30.74 -141.02
CA MET ZA 251 199.58 30.63 -142.39
C MET ZA 251 198.16 31.16 -142.50
N GLY ZA 252 198.04 32.42 -142.89
CA GLY ZA 252 196.75 33.10 -142.96
C GLY ZA 252 196.55 33.75 -144.32
N LEU ZA 253 195.83 34.88 -144.30
CA LEU ZA 253 195.48 35.58 -145.53
C LEU ZA 253 196.44 36.71 -145.88
N THR ZA 254 197.45 36.97 -145.07
CA THR ZA 254 198.47 37.94 -145.45
C THR ZA 254 199.29 37.39 -146.62
N LYS ZA 255 199.88 38.31 -147.39
CA LYS ZA 255 200.50 37.91 -148.65
C LYS ZA 255 201.63 36.92 -148.43
N ALA ZA 256 202.61 37.28 -147.61
CA ALA ZA 256 203.81 36.47 -147.42
C ALA ZA 256 203.55 35.21 -146.62
N ASP ZA 257 202.35 35.03 -146.07
CA ASP ZA 257 202.01 33.86 -145.27
C ASP ZA 257 201.07 32.95 -146.03
N GLY ZA 258 201.31 32.81 -147.33
CA GLY ZA 258 200.47 31.97 -148.17
C GLY ZA 258 199.32 32.68 -148.85
N GLY ZA 259 199.31 34.01 -148.84
CA GLY ZA 259 198.21 34.74 -149.44
C GLY ZA 259 198.35 34.99 -150.93
N TYR ZA 260 199.39 34.46 -151.56
CA TYR ZA 260 199.60 34.64 -152.99
C TYR ZA 260 198.88 33.60 -153.83
N LEU ZA 261 198.13 32.69 -153.22
CA LEU ZA 261 197.39 31.68 -153.95
C LEU ZA 261 195.93 32.03 -154.15
N VAL ZA 262 195.47 33.16 -153.63
CA VAL ZA 262 194.05 33.51 -153.78
C VAL ZA 262 193.78 33.89 -155.23
N PRO ZA 263 192.70 33.36 -155.84
CA PRO ZA 263 192.41 33.72 -157.23
C PRO ZA 263 191.85 35.13 -157.34
N PHE ZA 264 192.58 35.99 -158.05
CA PHE ZA 264 192.09 37.33 -158.33
C PHE ZA 264 190.83 37.24 -159.19
N GLN ZA 265 189.81 38.02 -158.82
CA GLN ZA 265 188.56 38.06 -159.56
C GLN ZA 265 188.19 39.50 -159.87
N LEU ZA 266 187.71 39.72 -161.09
CA LEU ZA 266 187.34 41.05 -161.56
C LEU ZA 266 186.00 40.96 -162.27
N ASP ZA 267 185.21 42.03 -162.16
CA ASP ZA 267 183.89 42.06 -162.76
C ASP ZA 267 183.97 42.76 -164.10
N PRO ZA 268 183.77 42.06 -165.22
CA PRO ZA 268 184.03 42.66 -166.54
C PRO ZA 268 183.16 43.86 -166.87
N THR ZA 269 181.92 43.90 -166.43
CA THR ZA 269 181.02 44.97 -166.86
C THR ZA 269 181.43 46.31 -166.25
N VAL ZA 270 180.95 47.39 -166.85
CA VAL ZA 270 181.39 48.74 -166.54
C VAL ZA 270 180.22 49.52 -165.97
N ILE ZA 271 180.47 50.24 -164.88
CA ILE ZA 271 179.48 51.09 -164.23
C ILE ZA 271 179.71 52.52 -164.72
N ILE ZA 272 178.66 53.15 -165.23
CA ILE ZA 272 178.75 54.51 -165.76
C ILE ZA 272 178.48 55.50 -164.64
N THR ZA 273 179.51 56.20 -164.21
CA THR ZA 273 179.38 57.20 -163.14
C THR ZA 273 179.16 58.59 -163.74
N SER ZA 274 178.12 58.70 -164.54
CA SER ZA 274 177.76 59.95 -165.21
C SER ZA 274 176.29 60.25 -164.95
N ASN ZA 275 175.98 61.54 -164.76
CA ASN ZA 275 174.61 61.92 -164.45
C ASN ZA 275 173.68 61.71 -165.65
N GLY ZA 276 174.08 62.19 -166.83
CA GLY ZA 276 173.24 62.11 -167.99
C GLY ZA 276 172.17 63.19 -168.00
N SER ZA 277 171.27 63.09 -168.97
CA SER ZA 277 170.17 64.05 -169.10
C SER ZA 277 169.08 63.42 -169.96
N LEU ZA 278 167.90 63.24 -169.37
CA LEU ZA 278 166.77 62.64 -170.08
C LEU ZA 278 165.84 63.74 -170.58
N ASN ZA 279 166.29 64.41 -171.64
CA ASN ZA 279 165.49 65.45 -172.27
C ASN ZA 279 164.29 64.85 -172.98
N ASP ZA 280 163.22 65.64 -173.10
CA ASP ZA 280 161.95 65.15 -173.62
C ASP ZA 280 161.45 66.02 -174.78
N ILE ZA 281 162.33 66.81 -175.39
CA ILE ZA 281 161.89 67.67 -176.48
C ILE ZA 281 161.58 66.85 -177.72
N ARG ZA 282 162.38 65.81 -177.99
CA ARG ZA 282 162.25 65.07 -179.25
C ARG ZA 282 160.89 64.41 -179.42
N ARG ZA 283 160.20 64.09 -178.33
CA ARG ZA 283 158.90 63.44 -178.46
C ARG ZA 283 157.81 64.41 -178.89
N PHE ZA 284 157.96 65.69 -178.59
CA PHE ZA 284 156.99 66.70 -178.99
C PHE ZA 284 157.38 67.48 -180.24
N ALA ZA 285 158.68 67.58 -180.53
CA ALA ZA 285 159.12 68.39 -181.65
C ALA ZA 285 158.80 67.70 -182.98
N ARG ZA 286 158.92 68.47 -184.06
CA ARG ZA 286 158.74 67.98 -185.41
C ARG ZA 286 160.09 67.69 -186.02
N GLN ZA 287 160.29 66.44 -186.48
CA GLN ZA 287 161.58 65.97 -186.97
C GLN ZA 287 161.53 65.90 -188.49
N VAL ZA 288 162.51 66.52 -189.14
CA VAL ZA 288 162.62 66.52 -190.59
C VAL ZA 288 164.05 66.14 -190.97
N VAL ZA 289 164.20 65.60 -192.17
CA VAL ZA 289 165.49 65.17 -192.69
C VAL ZA 289 165.95 66.17 -193.74
N ALA ZA 290 167.21 66.57 -193.66
CA ALA ZA 290 167.80 67.50 -194.61
C ALA ZA 290 168.71 66.77 -195.59
N THR ZA 291 168.90 67.37 -196.76
CA THR ZA 291 169.70 66.81 -197.83
C THR ZA 291 171.00 67.55 -198.06
N GLY ZA 292 171.01 68.87 -197.89
CA GLY ZA 292 172.20 69.66 -198.10
C GLY ZA 292 172.78 70.24 -196.82
N ASP ZA 293 172.81 71.56 -196.73
CA ASP ZA 293 173.37 72.24 -195.58
C ASP ZA 293 172.41 73.20 -194.88
N VAL ZA 294 171.42 73.74 -195.56
CA VAL ZA 294 170.45 74.64 -194.97
C VAL ZA 294 169.05 74.18 -195.35
N TRP ZA 295 168.16 74.13 -194.37
CA TRP ZA 295 166.77 73.76 -194.60
C TRP ZA 295 165.93 75.02 -194.68
N HIS ZA 296 165.07 75.10 -195.71
CA HIS ZA 296 164.28 76.28 -195.97
C HIS ZA 296 162.79 75.93 -195.97
N GLY ZA 297 161.97 76.97 -195.80
CA GLY ZA 297 160.54 76.85 -195.79
C GLY ZA 297 159.90 78.17 -196.16
N VAL ZA 298 158.57 78.22 -196.10
CA VAL ZA 298 157.82 79.41 -196.43
C VAL ZA 298 156.76 79.65 -195.36
N SER ZA 299 156.57 80.91 -194.98
CA SER ZA 299 155.52 81.30 -194.06
C SER ZA 299 154.78 82.50 -194.63
N SER ZA 300 153.48 82.58 -194.34
CA SER ZA 300 152.67 83.67 -194.85
C SER ZA 300 151.53 83.95 -193.88
N ALA ZA 301 150.99 85.16 -193.96
CA ALA ZA 301 149.85 85.56 -193.16
C ALA ZA 301 148.56 85.26 -193.91
N ALA ZA 302 147.44 85.73 -193.39
CA ALA ZA 302 146.15 85.52 -194.03
C ALA ZA 302 145.82 86.70 -194.93
N VAL ZA 303 144.60 86.72 -195.46
CA VAL ZA 303 144.13 87.77 -196.33
C VAL ZA 303 143.20 88.68 -195.55
N GLN ZA 304 143.47 89.98 -195.57
CA GLN ZA 304 142.72 90.96 -194.78
C GLN ZA 304 141.45 91.35 -195.53
N TRP ZA 305 140.31 90.83 -195.08
CA TRP ZA 305 139.03 91.16 -195.69
C TRP ZA 305 138.59 92.55 -195.23
N SER ZA 306 137.45 93.00 -195.77
CA SER ZA 306 136.91 94.30 -195.41
C SER ZA 306 135.43 94.35 -195.72
N TRP ZA 307 134.72 95.24 -195.05
CA TRP ZA 307 133.30 95.48 -195.28
C TRP ZA 307 133.16 96.66 -196.23
N ASP ZA 308 132.37 96.48 -197.27
CA ASP ZA 308 132.25 97.48 -198.33
C ASP ZA 308 130.78 97.79 -198.60
N ALA ZA 309 130.55 98.87 -199.34
CA ALA ZA 309 129.24 99.28 -199.80
C ALA ZA 309 129.06 98.91 -201.27
N GLU ZA 310 127.90 99.26 -201.82
CA GLU ZA 310 127.61 98.92 -203.20
C GLU ZA 310 128.45 99.75 -204.16
N PHE ZA 311 128.85 99.14 -205.27
CA PHE ZA 311 129.61 99.80 -206.33
C PHE ZA 311 130.89 100.43 -205.77
N GLU ZA 312 131.53 99.74 -204.83
CA GLU ZA 312 132.73 100.21 -204.17
C GLU ZA 312 133.90 99.32 -204.53
N GLU ZA 313 134.97 99.92 -205.06
CA GLU ZA 313 136.12 99.14 -205.48
C GLU ZA 313 136.83 98.53 -204.28
N VAL ZA 314 137.32 97.31 -204.46
CA VAL ZA 314 138.05 96.59 -203.41
C VAL ZA 314 139.49 97.07 -203.39
N SER ZA 315 140.22 96.70 -202.35
CA SER ZA 315 141.63 97.01 -202.23
C SER ZA 315 142.45 95.75 -202.43
N ASP ZA 316 143.67 95.90 -202.95
CA ASP ZA 316 144.55 94.76 -203.13
C ASP ZA 316 144.95 94.21 -201.77
N ASP ZA 317 144.79 92.90 -201.61
CA ASP ZA 317 145.01 92.23 -200.34
C ASP ZA 317 146.12 91.21 -200.45
N SER ZA 318 147.19 91.59 -201.14
CA SER ZA 318 148.29 90.66 -201.38
C SER ZA 318 148.98 90.32 -200.07
N PRO ZA 319 149.06 89.04 -199.70
CA PRO ZA 319 149.74 88.67 -198.45
C PRO ZA 319 151.25 88.77 -198.60
N GLU ZA 320 151.92 88.59 -197.47
CA GLU ZA 320 153.38 88.67 -197.40
C GLU ZA 320 153.95 87.29 -197.07
N PHE ZA 321 155.15 87.03 -197.57
CA PHE ZA 321 155.81 85.74 -197.39
C PHE ZA 321 157.18 85.93 -196.76
N GLY ZA 322 157.70 84.83 -196.22
CA GLY ZA 322 159.02 84.82 -195.62
C GLY ZA 322 159.63 83.44 -195.72
N GLN ZA 323 160.97 83.40 -195.67
CA GLN ZA 323 161.74 82.18 -195.85
C GLN ZA 323 162.56 81.90 -194.60
N PRO ZA 324 162.03 81.12 -193.66
CA PRO ZA 324 162.84 80.72 -192.50
C PRO ZA 324 163.97 79.80 -192.92
N GLU ZA 325 165.10 79.92 -192.21
CA GLU ZA 325 166.32 79.21 -192.55
C GLU ZA 325 166.82 78.44 -191.34
N ILE ZA 326 167.29 77.22 -191.57
CA ILE ZA 326 167.82 76.37 -190.51
C ILE ZA 326 169.20 75.86 -190.92
N PRO ZA 327 170.29 76.41 -190.40
CA PRO ZA 327 171.61 75.89 -190.74
C PRO ZA 327 171.87 74.54 -190.06
N VAL ZA 328 172.81 73.82 -190.64
CA VAL ZA 328 173.21 72.50 -190.16
C VAL ZA 328 174.67 72.56 -189.73
N LYS ZA 329 174.96 72.12 -188.51
CA LYS ZA 329 176.28 72.22 -187.93
C LYS ZA 329 176.78 70.85 -187.50
N LYS ZA 330 178.07 70.78 -187.19
CA LYS ZA 330 178.76 69.51 -186.98
C LYS ZA 330 179.54 69.54 -185.67
N ALA ZA 331 179.52 68.42 -184.94
CA ALA ZA 331 180.27 68.24 -183.71
C ALA ZA 331 181.10 66.97 -183.82
N GLN ZA 332 182.17 66.90 -183.03
CA GLN ZA 332 183.10 65.78 -183.13
C GLN ZA 332 183.70 65.47 -181.77
N GLY ZA 333 184.20 64.24 -181.64
CA GLY ZA 333 184.91 63.82 -180.46
C GLY ZA 333 185.99 62.82 -180.82
N PHE ZA 334 187.03 62.76 -179.99
CA PHE ZA 334 188.22 61.99 -180.30
C PHE ZA 334 188.86 61.48 -179.03
N VAL ZA 335 189.32 60.22 -179.06
CA VAL ZA 335 190.01 59.63 -177.92
C VAL ZA 335 191.22 58.84 -178.40
N PRO ZA 336 192.43 59.28 -178.09
CA PRO ZA 336 193.62 58.52 -178.47
C PRO ZA 336 193.87 57.35 -177.54
N ILE ZA 337 194.55 56.34 -178.06
CA ILE ZA 337 194.95 55.17 -177.30
C ILE ZA 337 196.39 54.81 -177.68
N SER ZA 338 197.02 54.02 -176.82
CA SER ZA 338 198.37 53.53 -177.06
C SER ZA 338 198.31 52.09 -177.54
N ILE ZA 339 199.32 51.69 -178.33
CA ILE ZA 339 199.28 50.38 -178.96
C ILE ZA 339 199.35 49.26 -177.92
N GLU ZA 340 200.20 49.43 -176.90
CA GLU ZA 340 200.32 48.40 -175.87
C GLU ZA 340 199.02 48.22 -175.11
N ALA ZA 341 198.38 49.35 -174.76
CA ALA ZA 341 197.11 49.28 -174.04
C ALA ZA 341 196.04 48.61 -174.89
N LEU ZA 342 196.00 48.92 -176.18
CA LEU ZA 342 195.00 48.30 -177.06
C LEU ZA 342 195.26 46.81 -177.18
N GLN ZA 343 196.53 46.40 -177.23
CA GLN ZA 343 196.87 44.99 -177.34
C GLN ZA 343 196.57 44.21 -176.06
N ASP ZA 344 196.77 44.82 -174.89
CA ASP ZA 344 196.62 44.12 -173.62
C ASP ZA 344 195.21 44.25 -173.03
N GLU ZA 345 194.66 45.45 -172.99
CA GLU ZA 345 193.34 45.65 -172.42
C GLU ZA 345 192.29 44.91 -173.24
N ALA ZA 346 191.34 44.29 -172.54
CA ALA ZA 346 190.36 43.41 -173.16
C ALA ZA 346 189.06 44.15 -173.43
N ASN ZA 347 188.55 43.98 -174.64
CA ASN ZA 347 187.24 44.52 -175.03
C ASN ZA 347 187.20 46.03 -174.89
N VAL ZA 348 188.04 46.73 -175.65
CA VAL ZA 348 188.11 48.18 -175.55
C VAL ZA 348 187.18 48.85 -176.54
N THR ZA 349 186.99 48.28 -177.72
CA THR ZA 349 186.21 48.94 -178.76
C THR ZA 349 184.76 49.11 -178.32
N GLU ZA 350 184.17 48.06 -177.74
CA GLU ZA 350 182.76 48.13 -177.34
C GLU ZA 350 182.54 49.17 -176.25
N THR ZA 351 183.41 49.17 -175.24
CA THR ZA 351 183.27 50.14 -174.16
C THR ZA 351 183.48 51.56 -174.68
N VAL ZA 352 184.45 51.76 -175.58
CA VAL ZA 352 184.66 53.08 -176.14
C VAL ZA 352 183.44 53.54 -176.92
N ALA ZA 353 182.84 52.65 -177.70
CA ALA ZA 353 181.62 52.99 -178.44
C ALA ZA 353 180.48 53.35 -177.49
N LEU ZA 354 180.35 52.60 -176.39
CA LEU ZA 354 179.30 52.90 -175.41
C LEU ZA 354 179.51 54.27 -174.79
N LEU ZA 355 180.75 54.59 -174.41
CA LEU ZA 355 181.02 55.90 -173.84
C LEU ZA 355 180.75 57.00 -174.85
N PHE ZA 356 181.10 56.76 -176.12
CA PHE ZA 356 180.81 57.74 -177.16
C PHE ZA 356 179.31 57.97 -177.29
N ALA ZA 357 178.52 56.91 -177.27
CA ALA ZA 357 177.07 57.05 -177.37
C ALA ZA 357 176.51 57.82 -176.19
N GLU ZA 358 176.99 57.54 -174.99
CA GLU ZA 358 176.50 58.26 -173.81
C GLU ZA 358 176.85 59.74 -173.89
N GLY ZA 359 178.07 60.06 -174.30
CA GLY ZA 359 178.46 61.46 -174.43
C GLY ZA 359 177.65 62.18 -175.49
N LYS ZA 360 177.38 61.51 -176.61
CA LYS ZA 360 176.56 62.11 -177.66
C LYS ZA 360 175.15 62.38 -177.15
N ASP ZA 361 174.57 61.43 -176.41
CA ASP ZA 361 173.23 61.64 -175.87
C ASP ZA 361 173.20 62.83 -174.91
N GLU ZA 362 174.20 62.93 -174.03
CA GLU ZA 362 174.25 64.05 -173.11
C GLU ZA 362 174.37 65.38 -173.86
N LEU ZA 363 175.23 65.42 -174.88
CA LEU ZA 363 175.41 66.66 -175.63
C LEU ZA 363 174.11 67.06 -176.32
N GLU ZA 364 173.43 66.10 -176.95
CA GLU ZA 364 172.17 66.42 -177.61
C GLU ZA 364 171.14 66.93 -176.62
N ALA ZA 365 171.03 66.26 -175.45
CA ALA ZA 365 170.04 66.68 -174.47
C ALA ZA 365 170.32 68.09 -173.98
N VAL ZA 366 171.59 68.43 -173.77
CA VAL ZA 366 171.90 69.78 -173.29
C VAL ZA 366 171.62 70.81 -174.37
N THR ZA 367 172.04 70.55 -175.60
CA THR ZA 367 171.97 71.56 -176.65
C THR ZA 367 170.56 71.79 -177.19
N LEU ZA 368 169.69 70.77 -177.17
CA LEU ZA 368 168.31 71.03 -177.59
C LEU ZA 368 167.58 71.96 -176.65
N THR ZA 369 168.08 72.17 -175.43
CA THR ZA 369 167.43 73.05 -174.47
C THR ZA 369 168.15 74.38 -174.33
N THR ZA 370 169.48 74.37 -174.20
CA THR ZA 370 170.20 75.61 -173.99
C THR ZA 370 171.22 75.81 -175.12
N GLY ZA 371 170.78 75.61 -176.35
CA GLY ZA 371 171.66 75.81 -177.49
C GLY ZA 371 171.68 77.27 -177.92
N THR ZA 372 172.88 77.75 -178.21
CA THR ZA 372 173.08 79.14 -178.63
C THR ZA 372 173.06 79.22 -180.15
N GLY ZA 373 172.26 80.14 -180.68
CA GLY ZA 373 172.24 80.33 -182.12
C GLY ZA 373 173.55 80.85 -182.68
N GLN ZA 374 174.16 81.80 -181.97
CA GLN ZA 374 175.42 82.38 -182.42
C GLN ZA 374 176.56 81.40 -182.23
N GLY ZA 375 177.61 81.60 -183.02
CA GLY ZA 375 178.76 80.71 -182.99
C GLY ZA 375 178.55 79.51 -183.89
N ASN ZA 376 178.94 78.34 -183.41
CA ASN ZA 376 178.79 77.10 -184.18
C ASN ZA 376 177.92 76.08 -183.46
N GLN ZA 377 176.95 76.55 -182.68
CA GLN ZA 377 176.01 75.65 -182.01
C GLN ZA 377 174.62 75.82 -182.59
N PRO ZA 378 173.80 74.77 -182.58
CA PRO ZA 378 172.40 74.91 -183.00
C PRO ZA 378 171.63 75.78 -182.02
N THR ZA 379 170.54 76.37 -182.53
CA THR ZA 379 169.71 77.27 -181.74
C THR ZA 379 168.81 76.44 -180.84
N GLY ZA 380 169.00 76.58 -179.53
CA GLY ZA 380 168.11 75.93 -178.59
C GLY ZA 380 166.76 76.61 -178.52
N ILE ZA 381 165.79 75.88 -177.97
CA ILE ZA 381 164.43 76.40 -177.90
C ILE ZA 381 164.35 77.61 -176.97
N VAL ZA 382 165.10 77.57 -175.87
CA VAL ZA 382 165.09 78.68 -174.92
C VAL ZA 382 165.72 79.93 -175.54
N THR ZA 383 166.85 79.76 -176.23
CA THR ZA 383 167.58 80.91 -176.75
C THR ZA 383 166.77 81.64 -177.80
N ALA ZA 384 166.07 80.91 -178.67
CA ALA ZA 384 165.26 81.55 -179.70
C ALA ZA 384 164.08 82.33 -179.13
N LEU ZA 385 163.67 82.03 -177.90
CA LEU ZA 385 162.54 82.69 -177.27
C LEU ZA 385 162.98 83.70 -176.21
N ALA ZA 386 164.25 84.09 -176.20
CA ALA ZA 386 164.78 85.02 -175.23
C ALA ZA 386 164.86 86.41 -175.85
N GLY ZA 387 164.23 87.38 -175.19
CA GLY ZA 387 164.17 88.73 -175.70
C GLY ZA 387 163.12 88.97 -176.74
N THR ZA 388 162.38 87.94 -177.14
CA THR ZA 388 161.37 88.07 -178.18
C THR ZA 388 160.02 88.38 -177.53
N ALA ZA 389 158.95 88.27 -178.32
CA ALA ZA 389 157.60 88.57 -177.85
C ALA ZA 389 157.05 87.49 -176.93
N ALA ZA 390 157.75 86.37 -176.78
CA ALA ZA 390 157.28 85.24 -175.98
C ALA ZA 390 157.77 85.28 -174.54
N GLU ZA 391 158.47 86.35 -174.15
CA GLU ZA 391 159.01 86.45 -172.80
C GLU ZA 391 158.00 87.12 -171.88
N ILE ZA 392 157.78 86.52 -170.72
CA ILE ZA 392 156.78 86.99 -169.75
C ILE ZA 392 157.48 87.28 -168.43
N ALA ZA 393 157.17 88.42 -167.85
CA ALA ZA 393 157.64 88.70 -166.51
C ALA ZA 393 156.63 88.21 -165.47
N PRO ZA 394 157.07 87.89 -164.26
CA PRO ZA 394 156.12 87.48 -163.22
C PRO ZA 394 155.27 88.65 -162.75
N VAL ZA 395 154.16 88.31 -162.09
CA VAL ZA 395 153.27 89.34 -161.56
C VAL ZA 395 154.00 90.20 -160.53
N THR ZA 396 154.72 89.54 -159.61
CA THR ZA 396 155.52 90.21 -158.60
C THR ZA 396 156.99 89.91 -158.87
N ALA ZA 397 157.82 90.95 -158.76
CA ALA ZA 397 159.23 90.80 -159.10
C ALA ZA 397 159.92 89.82 -158.16
N GLU ZA 398 160.81 88.99 -158.73
CA GLU ZA 398 161.66 88.08 -157.96
C GLU ZA 398 160.84 87.11 -157.11
N THR ZA 399 159.80 86.52 -157.70
CA THR ZA 399 159.03 85.51 -156.98
C THR ZA 399 158.32 84.63 -157.99
N PHE ZA 400 157.88 83.46 -157.51
CA PHE ZA 400 157.16 82.48 -158.32
C PHE ZA 400 155.88 82.09 -157.59
N ALA ZA 401 154.74 82.27 -158.25
CA ALA ZA 401 153.44 81.97 -157.66
C ALA ZA 401 152.54 81.34 -158.71
N LEU ZA 402 151.33 80.96 -158.28
CA LEU ZA 402 150.39 80.28 -159.18
C LEU ZA 402 149.93 81.23 -160.30
N ALA ZA 403 149.93 82.53 -160.03
CA ALA ZA 403 149.50 83.49 -161.04
C ALA ZA 403 150.39 83.41 -162.28
N ASP ZA 404 151.70 83.28 -162.09
CA ASP ZA 404 152.60 83.16 -163.23
C ASP ZA 404 152.34 81.89 -164.03
N VAL ZA 405 152.09 80.78 -163.34
CA VAL ZA 405 151.81 79.52 -164.03
C VAL ZA 405 150.54 79.67 -164.87
N TYR ZA 406 149.51 80.31 -164.32
CA TYR ZA 406 148.32 80.58 -165.12
C TYR ZA 406 148.66 81.48 -166.31
N ALA ZA 407 149.44 82.54 -166.07
CA ALA ZA 407 149.71 83.53 -167.11
C ALA ZA 407 150.45 82.92 -168.29
N VAL ZA 408 151.32 81.94 -168.04
CA VAL ZA 408 152.03 81.30 -169.13
C VAL ZA 408 151.06 80.63 -170.10
N TYR ZA 409 149.99 80.02 -169.57
CA TYR ZA 409 149.04 79.30 -170.40
C TYR ZA 409 147.98 80.21 -171.02
N GLU ZA 410 147.49 81.19 -170.26
CA GLU ZA 410 146.36 81.99 -170.70
C GLU ZA 410 146.74 83.09 -171.68
N GLN ZA 411 148.02 83.38 -171.84
CA GLN ZA 411 148.47 84.50 -172.68
C GLN ZA 411 148.88 84.03 -174.07
N LEU ZA 412 148.16 83.05 -174.61
CA LEU ZA 412 148.48 82.46 -175.90
C LEU ZA 412 147.25 82.48 -176.79
N ALA ZA 413 147.48 82.50 -178.11
CA ALA ZA 413 146.38 82.42 -179.05
C ALA ZA 413 145.69 81.06 -178.96
N ALA ZA 414 144.39 81.05 -179.26
CA ALA ZA 414 143.61 79.83 -179.10
C ALA ZA 414 144.01 78.76 -180.09
N ARG ZA 415 144.53 79.16 -181.27
CA ARG ZA 415 144.91 78.18 -182.28
C ARG ZA 415 146.04 77.30 -181.79
N HIS ZA 416 147.05 77.88 -181.13
CA HIS ZA 416 148.18 77.11 -180.65
C HIS ZA 416 147.96 76.55 -179.25
N ARG ZA 417 147.09 77.16 -178.45
CA ARG ZA 417 146.90 76.71 -177.08
C ARG ZA 417 146.24 75.35 -176.99
N ARG ZA 418 145.48 74.95 -178.01
CA ARG ZA 418 144.80 73.66 -177.99
C ARG ZA 418 145.73 72.47 -178.23
N GLN ZA 419 146.98 72.71 -178.66
CA GLN ZA 419 147.94 71.63 -178.83
C GLN ZA 419 149.26 71.86 -178.13
N GLY ZA 420 149.32 72.75 -177.13
CA GLY ZA 420 150.55 73.03 -176.43
C GLY ZA 420 150.92 71.95 -175.44
N ALA ZA 421 152.12 72.11 -174.88
CA ALA ZA 421 152.62 71.21 -173.86
C ALA ZA 421 153.60 71.97 -172.97
N TRP ZA 422 153.77 71.48 -171.74
CA TRP ZA 422 154.66 72.12 -170.79
C TRP ZA 422 156.04 71.48 -170.86
N LEU ZA 423 157.06 72.26 -170.51
CA LEU ZA 423 158.44 71.78 -170.54
C LEU ZA 423 159.23 72.53 -169.48
N ALA ZA 424 159.66 71.81 -168.44
CA ALA ZA 424 160.38 72.45 -167.34
C ALA ZA 424 161.16 71.41 -166.56
N ASN ZA 425 162.02 71.89 -165.68
CA ASN ZA 425 162.76 71.02 -164.79
C ASN ZA 425 161.86 70.48 -163.68
N ASN ZA 426 162.30 69.36 -163.08
CA ASN ZA 426 161.49 68.74 -162.03
C ASN ZA 426 161.38 69.63 -160.79
N LEU ZA 427 162.40 70.45 -160.54
CA LEU ZA 427 162.36 71.33 -159.37
C LEU ZA 427 161.20 72.32 -159.47
N ILE ZA 428 160.97 72.86 -160.66
CA ILE ZA 428 159.85 73.78 -160.84
C ILE ZA 428 158.53 73.05 -160.66
N TYR ZA 429 158.45 71.79 -161.10
CA TYR ZA 429 157.23 71.02 -160.89
C TYR ZA 429 156.98 70.79 -159.41
N ASN ZA 430 158.04 70.51 -158.64
CA ASN ZA 430 157.88 70.37 -157.20
C ASN ZA 430 157.45 71.68 -156.56
N LYS ZA 431 158.01 72.80 -157.04
CA LYS ZA 431 157.60 74.10 -156.51
C LYS ZA 431 156.12 74.36 -156.76
N ILE ZA 432 155.65 74.04 -157.97
CA ILE ZA 432 154.22 74.18 -158.27
C ILE ZA 432 153.39 73.25 -157.39
N ARG ZA 433 153.84 72.01 -157.26
CA ARG ZA 433 153.19 71.03 -156.39
C ARG ZA 433 153.07 71.52 -154.95
N GLN ZA 434 154.01 72.33 -154.50
CA GLN ZA 434 154.04 72.84 -153.13
C GLN ZA 434 153.11 74.03 -152.91
N PHE ZA 435 152.47 74.54 -153.96
CA PHE ZA 435 151.72 75.79 -153.84
C PHE ZA 435 150.51 75.69 -152.93
N ASP ZA 436 149.94 74.50 -152.77
CA ASP ZA 436 148.73 74.33 -151.98
C ASP ZA 436 149.08 74.15 -150.50
N THR ZA 437 148.34 74.85 -149.65
CA THR ZA 437 148.60 74.81 -148.22
C THR ZA 437 147.36 74.40 -147.45
N GLN ZA 438 146.19 74.79 -147.94
CA GLN ZA 438 144.93 74.51 -147.26
C GLN ZA 438 143.94 73.72 -148.08
N GLY ZA 439 144.36 73.13 -149.20
CA GLY ZA 439 143.44 72.33 -149.99
C GLY ZA 439 142.51 73.11 -150.88
N GLY ZA 440 142.97 74.24 -151.43
CA GLY ZA 440 142.12 75.03 -152.30
C GLY ZA 440 142.12 74.52 -153.74
N ALA ZA 441 142.06 75.45 -154.69
CA ALA ZA 441 142.10 75.08 -156.10
C ALA ZA 441 143.51 74.77 -156.58
N GLY ZA 442 144.53 75.08 -155.80
CA GLY ZA 442 145.90 74.78 -156.16
C GLY ZA 442 146.34 73.37 -155.87
N LEU ZA 443 145.45 72.53 -155.34
CA LEU ZA 443 145.80 71.15 -155.04
C LEU ZA 443 146.01 70.39 -156.34
N TRP ZA 444 147.26 70.08 -156.65
CA TRP ZA 444 147.56 69.24 -157.80
C TRP ZA 444 147.44 67.76 -157.45
N THR ZA 445 148.20 67.33 -156.46
CA THR ZA 445 148.17 65.94 -156.00
C THR ZA 445 148.71 65.90 -154.58
N THR ZA 446 148.26 64.91 -153.83
CA THR ZA 446 148.72 64.75 -152.45
C THR ZA 446 150.12 64.15 -152.43
N ILE ZA 447 150.81 64.35 -151.31
CA ILE ZA 447 152.09 63.68 -151.11
C ILE ZA 447 151.83 62.18 -151.01
N GLY ZA 448 152.75 61.39 -151.57
CA GLY ZA 448 152.58 59.96 -151.65
C GLY ZA 448 152.17 59.45 -153.01
N ASN ZA 449 151.83 60.34 -153.94
CA ASN ZA 449 151.53 59.97 -155.32
C ASN ZA 449 152.64 60.42 -156.25
N GLY ZA 450 152.71 59.77 -157.41
CA GLY ZA 450 153.76 60.05 -158.36
C GLY ZA 450 153.59 61.35 -159.09
N GLU ZA 451 154.49 61.61 -160.05
CA GLU ZA 451 154.41 62.81 -160.84
C GLU ZA 451 153.19 62.74 -161.76
N PRO ZA 452 152.23 63.64 -161.62
CA PRO ZA 452 151.05 63.60 -162.49
C PRO ZA 452 151.42 63.78 -163.95
N SER ZA 453 150.65 63.12 -164.81
CA SER ZA 453 150.95 63.06 -166.24
C SER ZA 453 150.38 64.23 -167.03
N GLN ZA 454 149.53 65.06 -166.43
CA GLN ZA 454 148.96 66.18 -167.17
C GLN ZA 454 148.73 67.34 -166.23
N LEU ZA 455 148.77 68.55 -166.80
CA LEU ZA 455 148.54 69.78 -166.07
C LEU ZA 455 147.62 70.66 -166.91
N LEU ZA 456 146.55 71.16 -166.28
CA LEU ZA 456 145.54 71.95 -166.97
C LEU ZA 456 144.97 71.20 -168.17
N GLY ZA 457 144.82 69.89 -168.02
CA GLY ZA 457 144.35 69.07 -169.13
C GLY ZA 457 145.29 69.02 -170.31
N ARG ZA 458 146.57 69.28 -170.08
CA ARG ZA 458 147.56 69.32 -171.14
C ARG ZA 458 148.75 68.44 -170.79
N PRO ZA 459 149.43 67.88 -171.79
CA PRO ZA 459 150.59 67.03 -171.51
C PRO ZA 459 151.73 67.83 -170.89
N VAL ZA 460 152.53 67.13 -170.09
CA VAL ZA 460 153.66 67.73 -169.39
C VAL ZA 460 154.93 66.99 -169.79
N GLY ZA 461 156.05 67.72 -169.78
CA GLY ZA 461 157.33 67.16 -170.15
C GLY ZA 461 158.40 67.48 -169.13
N GLU ZA 462 159.58 66.91 -169.35
CA GLU ZA 462 160.71 67.08 -168.45
C GLU ZA 462 161.93 67.52 -169.25
N ALA ZA 463 162.76 68.36 -168.62
CA ALA ZA 463 164.01 68.80 -169.24
C ALA ZA 463 164.96 69.19 -168.10
N GLU ZA 464 165.98 68.36 -167.89
CA GLU ZA 464 166.91 68.59 -166.78
C GLU ZA 464 167.88 69.73 -167.05
N ALA ZA 465 168.25 69.96 -168.30
CA ALA ZA 465 169.20 71.02 -168.61
C ALA ZA 465 168.50 72.38 -168.70
N MET ZA 466 167.70 72.71 -167.69
CA MET ZA 466 166.96 73.95 -167.63
C MET ZA 466 167.16 74.61 -166.27
N ASP ZA 467 167.20 75.93 -166.27
CA ASP ZA 467 167.43 76.68 -165.04
C ASP ZA 467 166.28 76.44 -164.06
N ALA ZA 468 166.62 76.29 -162.78
CA ALA ZA 468 165.62 76.03 -161.75
C ALA ZA 468 165.76 76.88 -160.50
N ASN ZA 469 166.94 77.41 -160.20
CA ASN ZA 469 167.17 78.19 -158.98
C ASN ZA 469 167.61 79.59 -159.39
N TRP ZA 470 166.79 80.58 -159.04
CA TRP ZA 470 167.04 81.97 -159.36
C TRP ZA 470 167.77 82.71 -158.25
N ASN ZA 471 168.12 82.04 -157.16
CA ASN ZA 471 168.84 82.67 -156.06
C ASN ZA 471 170.29 82.20 -155.99
N THR ZA 472 170.53 80.88 -156.10
CA THR ZA 472 171.89 80.38 -156.07
C THR ZA 472 172.65 80.71 -157.35
N SER ZA 473 171.98 80.70 -158.49
CA SER ZA 473 172.63 81.06 -159.74
C SER ZA 473 172.90 82.55 -159.79
N ALA ZA 474 174.06 82.92 -160.36
CA ALA ZA 474 174.44 84.31 -160.52
C ALA ZA 474 174.07 84.86 -161.89
N SER ZA 475 173.00 84.37 -162.48
CA SER ZA 475 172.54 84.80 -163.80
C SER ZA 475 171.30 85.65 -163.68
N ALA ZA 476 171.26 86.74 -164.45
CA ALA ZA 476 170.10 87.63 -164.43
C ALA ZA 476 168.87 86.94 -164.98
N ASP ZA 477 169.02 86.17 -166.06
CA ASP ZA 477 167.90 85.47 -166.67
C ASP ZA 477 167.72 84.11 -166.03
N ASN ZA 478 166.49 83.78 -165.71
CA ASN ZA 478 166.15 82.54 -165.01
C ASN ZA 478 164.92 81.89 -165.63
N PHE ZA 479 164.93 81.72 -166.95
CA PHE ZA 479 163.85 81.03 -167.64
C PHE ZA 479 163.64 79.65 -167.05
N VAL ZA 480 162.43 79.41 -166.51
CA VAL ZA 480 162.12 78.17 -165.82
C VAL ZA 480 160.98 77.42 -166.49
N LEU ZA 481 159.93 78.13 -166.90
CA LEU ZA 481 158.71 77.51 -167.40
C LEU ZA 481 158.44 77.93 -168.83
N LEU ZA 482 158.08 76.95 -169.67
CA LEU ZA 482 157.79 77.20 -171.07
C LEU ZA 482 156.61 76.33 -171.50
N TYR ZA 483 155.70 76.92 -172.26
CA TYR ZA 483 154.54 76.21 -172.77
C TYR ZA 483 154.23 76.70 -174.17
N GLY ZA 484 153.81 75.79 -175.03
CA GLY ZA 484 153.44 76.16 -176.39
C GLY ZA 484 153.33 74.96 -177.29
N ASN ZA 485 152.87 75.22 -178.51
CA ASN ZA 485 152.75 74.19 -179.53
C ASN ZA 485 154.14 73.89 -180.07
N PHE ZA 486 154.64 72.69 -179.82
CA PHE ZA 486 156.01 72.32 -180.18
C PHE ZA 486 156.15 71.91 -181.64
N GLN ZA 487 155.05 71.86 -182.39
CA GLN ZA 487 155.15 71.53 -183.81
C GLN ZA 487 155.90 72.59 -184.59
N ASN ZA 488 156.08 73.79 -184.04
CA ASN ZA 488 156.84 74.84 -184.71
C ASN ZA 488 158.32 74.79 -184.38
N TYR ZA 489 158.76 73.81 -183.60
CA TYR ZA 489 160.18 73.59 -183.34
C TYR ZA 489 160.63 72.43 -184.22
N VAL ZA 490 161.53 72.72 -185.16
CA VAL ZA 490 161.93 71.76 -186.17
C VAL ZA 490 163.35 71.30 -185.88
N ILE ZA 491 163.56 69.98 -185.88
CA ILE ZA 491 164.87 69.38 -185.75
C ILE ZA 491 165.25 68.77 -187.09
N ALA ZA 492 166.37 69.22 -187.65
CA ALA ZA 492 166.86 68.74 -188.94
C ALA ZA 492 168.16 68.00 -188.72
N ASP ZA 493 168.22 66.75 -189.16
CA ASP ZA 493 169.41 65.92 -189.03
C ASP ZA 493 169.80 65.34 -190.39
N ARG ZA 494 171.11 65.17 -190.59
CA ARG ZA 494 171.63 64.70 -191.87
C ARG ZA 494 172.31 63.34 -191.76
N ILE ZA 495 173.27 63.17 -190.87
CA ILE ZA 495 174.03 61.94 -190.74
C ILE ZA 495 173.98 61.50 -189.29
N GLY ZA 496 174.09 60.19 -189.07
CA GLY ZA 496 174.11 59.65 -187.74
C GLY ZA 496 175.49 59.71 -187.12
N MET ZA 497 175.64 59.00 -186.01
CA MET ZA 497 176.92 58.94 -185.31
C MET ZA 497 177.84 57.97 -186.04
N THR ZA 498 178.87 58.50 -186.70
CA THR ZA 498 179.82 57.71 -187.47
C THR ZA 498 181.18 57.73 -186.79
N VAL ZA 499 181.75 56.54 -186.58
CA VAL ZA 499 183.01 56.39 -185.87
C VAL ZA 499 184.07 55.88 -186.83
N GLU ZA 500 185.20 56.58 -186.87
CA GLU ZA 500 186.33 56.26 -187.74
C GLU ZA 500 187.52 55.81 -186.91
N PHE ZA 501 188.39 55.01 -187.53
CA PHE ZA 501 189.59 54.51 -186.88
C PHE ZA 501 190.81 55.08 -187.58
N ILE ZA 502 191.75 55.62 -186.80
CA ILE ZA 502 192.96 56.24 -187.33
C ILE ZA 502 194.10 55.24 -187.13
N PRO ZA 503 194.69 54.71 -188.20
CA PRO ZA 503 195.73 53.68 -188.03
C PRO ZA 503 196.97 54.18 -187.32
N HIS ZA 504 197.34 55.44 -187.50
CA HIS ZA 504 198.62 55.93 -186.98
C HIS ZA 504 198.47 57.36 -186.49
N LEU ZA 505 199.21 57.70 -185.45
CA LEU ZA 505 199.31 59.06 -184.95
C LEU ZA 505 200.77 59.47 -184.84
N PHE ZA 506 201.03 60.75 -185.04
CA PHE ZA 506 202.38 61.28 -185.08
C PHE ZA 506 202.66 62.10 -183.83
N GLY ZA 507 203.91 62.53 -183.69
CA GLY ZA 507 204.32 63.30 -182.53
C GLY ZA 507 204.78 64.69 -182.87
N THR ZA 508 205.63 65.27 -182.01
CA THR ZA 508 206.13 66.63 -182.27
C THR ZA 508 206.99 66.69 -183.52
N ASN ZA 509 207.86 65.70 -183.71
CA ASN ZA 509 208.76 65.68 -184.85
C ASN ZA 509 208.19 64.93 -186.05
N ARG ZA 510 206.86 64.80 -186.13
CA ARG ZA 510 206.17 64.15 -187.24
C ARG ZA 510 206.68 62.73 -187.46
N ARG ZA 511 206.88 61.99 -186.36
CA ARG ZA 511 207.25 60.59 -186.42
C ARG ZA 511 206.29 59.78 -185.55
N PRO ZA 512 206.07 58.52 -185.90
CA PRO ZA 512 205.13 57.70 -185.12
C PRO ZA 512 205.59 57.57 -183.68
N ASN ZA 513 204.60 57.55 -182.76
CA ASN ZA 513 204.87 57.36 -181.34
C ASN ZA 513 204.13 56.17 -180.76
N GLY ZA 514 203.73 55.22 -181.61
CA GLY ZA 514 203.06 54.02 -181.15
C GLY ZA 514 201.71 54.27 -180.51
N SER ZA 515 200.89 55.08 -181.16
CA SER ZA 515 199.57 55.41 -180.63
C SER ZA 515 198.54 55.35 -181.75
N ARG ZA 516 197.28 55.14 -181.34
CA ARG ZA 516 196.15 55.12 -182.26
C ARG ZA 516 195.04 55.98 -181.67
N GLY ZA 517 193.89 55.99 -182.35
CA GLY ZA 517 192.77 56.79 -181.88
C GLY ZA 517 191.48 56.40 -182.56
N TRP ZA 518 190.39 56.91 -182.01
CA TRP ZA 518 189.05 56.76 -182.57
C TRP ZA 518 188.45 58.14 -182.81
N PHE ZA 519 187.85 58.33 -183.98
CA PHE ZA 519 187.24 59.60 -184.35
C PHE ZA 519 185.76 59.39 -184.60
N ALA ZA 520 184.93 60.22 -183.95
CA ALA ZA 520 183.49 60.17 -184.12
C ALA ZA 520 182.95 61.57 -184.33
N TYR ZA 521 181.94 61.69 -185.19
CA TYR ZA 521 181.37 63.00 -185.50
C TYR ZA 521 179.87 62.86 -185.72
N TYR ZA 522 179.20 64.00 -185.79
CA TYR ZA 522 177.75 64.06 -185.79
C TYR ZA 522 177.30 65.40 -186.36
N ARG ZA 523 176.33 65.37 -187.27
CA ARG ZA 523 175.80 66.59 -187.89
C ARG ZA 523 174.30 66.69 -187.64
N MET ZA 524 173.85 67.88 -187.27
CA MET ZA 524 172.43 68.17 -187.03
C MET ZA 524 172.28 69.66 -186.78
N GLY ZA 525 171.09 70.18 -187.08
CA GLY ZA 525 170.77 71.57 -186.77
C GLY ZA 525 169.29 71.81 -186.54
N ALA ZA 526 168.96 72.81 -185.73
CA ALA ZA 526 167.57 73.07 -185.39
C ALA ZA 526 167.37 74.57 -185.16
N ASP ZA 527 166.11 75.00 -185.31
CA ASP ZA 527 165.76 76.42 -185.21
C ASP ZA 527 164.25 76.49 -184.99
N VAL ZA 528 163.77 77.68 -184.63
CA VAL ZA 528 162.36 77.92 -184.33
C VAL ZA 528 161.75 78.67 -185.51
N VAL ZA 529 160.61 78.18 -186.00
CA VAL ZA 529 159.96 78.79 -187.16
C VAL ZA 529 159.10 79.99 -186.75
N ASN ZA 530 158.11 79.77 -185.90
CA ASN ZA 530 157.19 80.83 -185.47
C ASN ZA 530 157.40 81.13 -183.99
N PRO ZA 531 157.93 82.30 -183.62
CA PRO ZA 531 158.15 82.61 -182.21
C PRO ZA 531 156.89 83.00 -181.45
N ASN ZA 532 155.73 83.05 -182.10
CA ASN ZA 532 154.49 83.44 -181.46
C ASN ZA 532 153.65 82.26 -181.00
N ALA ZA 533 154.16 81.04 -181.12
CA ALA ZA 533 153.45 79.86 -180.66
C ALA ZA 533 153.91 79.41 -179.28
N PHE ZA 534 154.78 80.18 -178.62
CA PHE ZA 534 155.33 79.82 -177.33
C PHE ZA 534 155.21 81.01 -176.38
N ARG ZA 535 155.33 80.71 -175.08
CA ARG ZA 535 155.35 81.75 -174.06
C ARG ZA 535 156.34 81.33 -172.99
N LEU ZA 536 157.38 82.14 -172.79
CA LEU ZA 536 158.44 81.83 -171.85
C LEU ZA 536 158.38 82.79 -170.66
N LEU ZA 537 158.61 82.26 -169.47
CA LEU ZA 537 158.59 83.05 -168.25
C LEU ZA 537 160.02 83.35 -167.83
N ASN ZA 538 160.31 84.61 -167.54
CA ASN ZA 538 161.64 85.04 -167.14
C ASN ZA 538 161.56 85.65 -165.75
N VAL ZA 539 162.06 84.92 -164.75
CA VAL ZA 539 162.10 85.44 -163.37
C VAL ZA 539 163.44 86.13 -163.22
N GLU ZA 540 163.49 87.40 -163.64
CA GLU ZA 540 164.70 88.18 -163.50
C GLU ZA 540 164.95 88.51 -162.03
N THR ZA 541 166.20 88.37 -161.61
CA THR ZA 541 166.63 88.60 -160.23
C THR ZA 541 167.81 89.56 -160.20
N ALA ZA 542 167.74 90.60 -161.03
CA ALA ZA 542 168.81 91.59 -161.14
C ALA ZA 542 169.10 92.26 -159.81
N SER ZA 543 170.40 92.42 -159.51
CA SER ZA 543 170.86 93.04 -158.27
C SER ZA 543 170.30 92.33 -157.04
N MET AB 251 189.05 74.48 -199.61
CA MET AB 251 187.82 73.92 -200.16
C MET AB 251 186.88 73.45 -199.06
N GLY AB 252 185.92 74.29 -198.70
CA GLY AB 252 185.00 74.00 -197.63
C GLY AB 252 183.54 74.18 -198.01
N LEU AB 253 182.74 74.69 -197.07
CA LEU AB 253 181.32 74.90 -197.29
C LEU AB 253 180.99 76.29 -197.80
N THR AB 254 181.96 77.20 -197.85
CA THR AB 254 181.69 78.54 -198.34
C THR AB 254 181.41 78.53 -199.83
N LYS AB 255 180.57 79.46 -200.27
CA LYS AB 255 180.16 79.49 -201.67
C LYS AB 255 181.34 79.72 -202.61
N ALA AB 256 182.32 80.52 -202.17
CA ALA AB 256 183.47 80.79 -203.03
C ALA AB 256 184.37 79.57 -203.21
N ASP AB 257 184.26 78.57 -202.34
CA ASP AB 257 185.08 77.36 -202.41
C ASP AB 257 184.16 76.15 -202.42
N GLY AB 258 183.67 75.79 -203.61
CA GLY AB 258 182.86 74.61 -203.78
C GLY AB 258 181.50 74.66 -203.14
N GLY AB 259 181.05 75.83 -202.66
CA GLY AB 259 179.74 75.92 -202.06
C GLY AB 259 178.61 76.06 -203.07
N TYR AB 260 178.94 76.39 -204.32
CA TYR AB 260 177.90 76.52 -205.34
C TYR AB 260 177.40 75.17 -205.81
N LEU AB 261 178.05 74.07 -205.40
CA LEU AB 261 177.65 72.75 -205.85
C LEU AB 261 176.49 72.16 -205.06
N VAL AB 262 176.26 72.62 -203.84
CA VAL AB 262 175.21 72.01 -203.00
C VAL AB 262 173.84 72.41 -203.54
N PRO AB 263 172.91 71.47 -203.67
CA PRO AB 263 171.56 71.83 -204.11
C PRO AB 263 170.79 72.59 -203.03
N PHE AB 264 169.64 73.11 -203.41
CA PHE AB 264 168.79 73.90 -202.53
C PHE AB 264 167.61 73.04 -202.11
N GLN AB 265 167.38 72.95 -200.81
CA GLN AB 265 166.29 72.15 -200.25
C GLN AB 265 165.17 73.07 -199.78
N LEU AB 266 163.95 72.79 -200.23
CA LEU AB 266 162.79 73.61 -199.90
C LEU AB 266 161.60 72.72 -199.61
N ASP AB 267 160.74 73.17 -198.71
CA ASP AB 267 159.49 72.49 -198.41
C ASP AB 267 158.34 73.33 -198.94
N PRO AB 268 157.68 72.92 -200.03
CA PRO AB 268 156.67 73.80 -200.65
C PRO AB 268 155.44 74.08 -199.79
N THR AB 269 155.18 73.27 -198.76
CA THR AB 269 154.03 73.52 -197.91
C THR AB 269 154.20 74.83 -197.15
N VAL AB 270 153.08 75.50 -196.90
CA VAL AB 270 153.07 76.83 -196.30
C VAL AB 270 152.58 76.74 -194.86
N ILE AB 271 153.27 77.42 -193.96
CA ILE AB 271 152.93 77.46 -192.54
C ILE AB 271 152.34 78.84 -192.25
N ILE AB 272 151.20 78.85 -191.56
CA ILE AB 272 150.48 80.09 -191.30
C ILE AB 272 150.97 80.70 -190.01
N THR AB 273 151.15 82.03 -190.01
CA THR AB 273 151.60 82.73 -188.81
C THR AB 273 150.59 83.79 -188.38
N SER AB 274 149.30 83.46 -188.42
CA SER AB 274 148.25 84.37 -188.00
C SER AB 274 147.64 83.86 -186.71
N ASN AB 275 147.34 84.79 -185.80
CA ASN AB 275 146.81 84.41 -184.49
C ASN AB 275 145.45 83.73 -184.63
N GLY AB 276 144.59 84.23 -185.52
CA GLY AB 276 143.28 83.66 -185.68
C GLY AB 276 142.34 84.14 -184.59
N SER AB 277 141.11 83.63 -184.63
CA SER AB 277 140.12 84.00 -183.64
C SER AB 277 139.07 82.91 -183.54
N LEU AB 278 138.72 82.56 -182.30
CA LEU AB 278 137.71 81.56 -182.01
C LEU AB 278 136.55 82.24 -181.28
N ASN AB 279 135.34 81.98 -181.75
CA ASN AB 279 134.15 82.57 -181.15
C ASN AB 279 133.07 81.51 -181.00
N ASP AB 280 132.20 81.71 -180.01
CA ASP AB 280 131.12 80.77 -179.71
C ASP AB 280 129.74 81.41 -179.81
N ILE AB 281 129.63 82.59 -180.42
CA ILE AB 281 128.34 83.25 -180.54
C ILE AB 281 127.39 82.40 -181.37
N ARG AB 282 127.88 81.84 -182.48
CA ARG AB 282 127.03 81.06 -183.36
C ARG AB 282 126.50 79.80 -182.71
N ARG AB 283 127.14 79.33 -181.64
CA ARG AB 283 126.67 78.14 -180.93
C ARG AB 283 125.41 78.41 -180.12
N PHE AB 284 125.20 79.63 -179.65
CA PHE AB 284 124.08 79.95 -178.78
C PHE AB 284 123.05 80.88 -179.40
N ALA AB 285 123.43 81.66 -180.42
CA ALA AB 285 122.53 82.67 -180.98
C ALA AB 285 121.47 82.00 -181.86
N ARG AB 286 120.69 82.84 -182.55
CA ARG AB 286 119.64 82.38 -183.44
C ARG AB 286 120.03 82.65 -184.88
N GLN AB 287 119.71 81.71 -185.77
CA GLN AB 287 120.00 81.82 -187.19
C GLN AB 287 118.71 81.85 -187.98
N VAL AB 288 118.60 82.80 -188.90
CA VAL AB 288 117.42 82.92 -189.77
C VAL AB 288 117.89 83.09 -191.20
N VAL AB 289 117.16 82.48 -192.13
CA VAL AB 289 117.51 82.53 -193.54
C VAL AB 289 116.96 83.82 -194.14
N ALA AB 290 117.82 84.55 -194.83
CA ALA AB 290 117.45 85.82 -195.45
C ALA AB 290 117.04 85.59 -196.90
N THR AB 291 115.89 86.14 -197.29
CA THR AB 291 115.35 86.02 -198.63
C THR AB 291 115.59 87.30 -199.43
N GLY AB 292 115.95 88.38 -198.75
CA GLY AB 292 116.19 89.65 -199.40
C GLY AB 292 117.31 90.43 -198.74
N ASP AB 293 117.10 91.72 -198.53
CA ASP AB 293 118.12 92.56 -197.92
C ASP AB 293 117.74 93.02 -196.50
N VAL AB 294 116.49 92.83 -196.08
CA VAL AB 294 116.03 93.25 -194.78
C VAL AB 294 115.20 92.13 -194.16
N TRP AB 295 115.38 91.94 -192.85
CA TRP AB 295 114.60 90.98 -192.09
C TRP AB 295 113.83 91.73 -191.02
N HIS AB 296 112.51 91.51 -190.95
CA HIS AB 296 111.64 92.25 -190.06
C HIS AB 296 111.04 91.33 -188.99
N GLY AB 297 110.75 91.92 -187.84
CA GLY AB 297 110.10 91.24 -186.74
C GLY AB 297 109.18 92.21 -186.02
N VAL AB 298 108.51 91.72 -184.98
CA VAL AB 298 107.59 92.54 -184.20
C VAL AB 298 107.84 92.31 -182.73
N SER AB 299 107.57 93.34 -181.92
CA SER AB 299 107.69 93.24 -180.47
C SER AB 299 106.61 94.10 -179.83
N SER AB 300 106.24 93.75 -178.61
CA SER AB 300 105.20 94.47 -177.89
C SER AB 300 105.40 94.25 -176.39
N ALA AB 301 104.52 94.84 -175.59
CA ALA AB 301 104.59 94.74 -174.14
C ALA AB 301 103.19 94.44 -173.60
N ALA AB 302 103.14 93.89 -172.40
CA ALA AB 302 101.89 93.42 -171.83
C ALA AB 302 101.00 94.59 -171.44
N VAL AB 303 99.71 94.28 -171.22
CA VAL AB 303 98.71 95.27 -170.86
C VAL AB 303 98.82 95.56 -169.37
N GLN AB 304 98.82 96.84 -169.02
CA GLN AB 304 98.97 97.27 -167.64
C GLN AB 304 97.63 97.24 -166.93
N TRP AB 305 97.50 96.39 -165.92
CA TRP AB 305 96.31 96.32 -165.10
C TRP AB 305 96.43 97.25 -163.88
N SER AB 306 95.31 97.47 -163.21
CA SER AB 306 95.28 98.33 -162.03
C SER AB 306 94.17 97.87 -161.10
N TRP AB 307 94.28 98.25 -159.83
CA TRP AB 307 93.28 97.91 -158.82
C TRP AB 307 92.29 99.07 -158.73
N ASP AB 308 91.20 98.97 -159.48
CA ASP AB 308 90.22 100.03 -159.51
C ASP AB 308 89.13 99.80 -158.48
N ALA AB 309 88.44 100.88 -158.12
CA ALA AB 309 87.33 100.85 -157.19
C ALA AB 309 86.02 100.67 -157.93
N GLU AB 310 84.92 100.58 -157.18
CA GLU AB 310 83.62 100.45 -157.80
C GLU AB 310 83.18 101.77 -158.41
N PHE AB 311 82.45 101.69 -159.52
CA PHE AB 311 81.99 102.87 -160.25
C PHE AB 311 83.14 103.77 -160.68
N GLU AB 312 84.20 103.16 -161.21
CA GLU AB 312 85.37 103.89 -161.71
C GLU AB 312 85.62 103.50 -163.15
N GLU AB 313 85.81 104.49 -164.01
CA GLU AB 313 86.11 104.22 -165.41
C GLU AB 313 87.53 103.69 -165.55
N VAL AB 314 87.69 102.68 -166.40
CA VAL AB 314 89.00 102.09 -166.66
C VAL AB 314 89.86 103.06 -167.43
N SER AB 315 91.14 102.74 -167.52
CA SER AB 315 92.11 103.53 -168.26
C SER AB 315 92.37 102.93 -169.63
N ASP AB 316 92.54 103.79 -170.62
CA ASP AB 316 92.91 103.33 -171.96
C ASP AB 316 94.29 102.68 -171.91
N ASP AB 317 94.34 101.41 -172.26
CA ASP AB 317 95.55 100.61 -172.08
C ASP AB 317 95.94 99.92 -173.37
N SER AB 318 95.99 100.67 -174.46
CA SER AB 318 96.42 100.11 -175.74
C SER AB 318 97.90 99.78 -175.69
N PRO AB 319 98.30 98.53 -175.91
CA PRO AB 319 99.72 98.20 -175.88
C PRO AB 319 100.48 98.76 -177.07
N GLU AB 320 101.77 98.98 -176.86
CA GLU AB 320 102.64 99.54 -177.88
C GLU AB 320 103.28 98.42 -178.71
N PHE AB 321 103.59 98.73 -179.96
CA PHE AB 321 104.20 97.78 -180.88
C PHE AB 321 105.48 98.34 -181.47
N GLY AB 322 106.46 97.44 -181.62
CA GLY AB 322 107.73 97.80 -182.23
C GLY AB 322 108.07 96.83 -183.35
N GLN AB 323 109.02 97.25 -184.19
CA GLN AB 323 109.41 96.47 -185.36
C GLN AB 323 110.92 96.50 -185.51
N PRO AB 324 111.61 95.50 -184.97
CA PRO AB 324 113.06 95.42 -185.19
C PRO AB 324 113.39 95.20 -186.66
N GLU AB 325 114.51 95.78 -187.10
CA GLU AB 325 114.91 95.76 -188.49
C GLU AB 325 116.36 95.34 -188.58
N ILE AB 326 116.63 94.26 -189.30
CA ILE AB 326 117.99 93.75 -189.44
C ILE AB 326 118.45 93.90 -190.90
N PRO AB 327 119.36 94.82 -191.18
CA PRO AB 327 119.88 94.95 -192.54
C PRO AB 327 120.93 93.88 -192.84
N VAL AB 328 121.16 93.67 -194.13
CA VAL AB 328 122.14 92.70 -194.62
C VAL AB 328 123.27 93.46 -195.31
N LYS AB 329 124.50 93.21 -194.87
CA LYS AB 329 125.67 93.88 -195.40
C LYS AB 329 126.52 92.91 -196.22
N LYS AB 330 127.54 93.45 -196.87
CA LYS AB 330 128.39 92.69 -197.76
C LYS AB 330 129.86 92.97 -197.49
N ALA AB 331 130.66 91.90 -197.52
CA ALA AB 331 132.11 91.99 -197.34
C ALA AB 331 132.78 91.22 -198.46
N GLN AB 332 133.98 91.67 -198.85
CA GLN AB 332 134.64 91.09 -200.00
C GLN AB 332 136.15 91.26 -199.89
N GLY AB 333 136.87 90.37 -200.55
CA GLY AB 333 138.32 90.44 -200.61
C GLY AB 333 138.80 90.07 -202.00
N PHE AB 334 140.04 90.48 -202.29
CA PHE AB 334 140.57 90.35 -203.64
C PHE AB 334 142.09 90.37 -203.59
N VAL AB 335 142.72 89.60 -204.47
CA VAL AB 335 144.17 89.58 -204.59
C VAL AB 335 144.59 89.43 -206.04
N PRO AB 336 145.49 90.26 -206.55
CA PRO AB 336 145.95 90.12 -207.94
C PRO AB 336 147.21 89.27 -208.04
N ILE AB 337 147.47 88.81 -209.26
CA ILE AB 337 148.65 88.00 -209.55
C ILE AB 337 149.08 88.22 -210.99
N SER AB 338 150.38 88.15 -211.23
CA SER AB 338 150.92 88.29 -212.57
C SER AB 338 150.97 86.95 -213.28
N ILE AB 339 151.03 86.99 -214.61
CA ILE AB 339 151.06 85.76 -215.40
C ILE AB 339 152.34 84.98 -215.12
N GLU AB 340 153.47 85.68 -215.11
CA GLU AB 340 154.75 85.01 -214.89
C GLU AB 340 154.81 84.37 -213.51
N ALA AB 341 154.27 85.04 -212.49
CA ALA AB 341 154.19 84.44 -211.17
C ALA AB 341 153.27 83.23 -211.19
N LEU AB 342 152.15 83.32 -211.89
CA LEU AB 342 151.21 82.19 -211.96
C LEU AB 342 151.85 81.00 -212.66
N GLN AB 343 152.79 81.24 -213.56
CA GLN AB 343 153.47 80.13 -214.23
C GLN AB 343 154.57 79.53 -213.35
N ASP AB 344 155.53 80.36 -212.93
CA ASP AB 344 156.70 79.83 -212.24
C ASP AB 344 156.34 79.29 -210.85
N GLU AB 345 155.55 80.03 -210.08
CA GLU AB 345 155.17 79.57 -208.76
C GLU AB 345 154.18 78.42 -208.86
N ALA AB 346 154.24 77.51 -207.89
CA ALA AB 346 153.47 76.27 -207.91
C ALA AB 346 152.48 76.25 -206.74
N ASN AB 347 151.35 75.58 -206.97
CA ASN AB 347 150.31 75.40 -205.95
C ASN AB 347 149.79 76.74 -205.43
N VAL AB 348 149.69 77.72 -206.32
CA VAL AB 348 149.25 79.05 -205.92
C VAL AB 348 147.76 79.05 -205.58
N THR AB 349 146.95 78.36 -206.38
CA THR AB 349 145.50 78.45 -206.24
C THR AB 349 145.05 77.94 -204.86
N GLU AB 350 145.56 76.77 -204.46
CA GLU AB 350 145.16 76.22 -203.17
C GLU AB 350 145.65 77.08 -202.01
N THR AB 351 146.88 77.59 -202.11
CA THR AB 351 147.39 78.45 -201.05
C THR AB 351 146.52 79.68 -200.87
N VAL AB 352 146.14 80.32 -201.99
CA VAL AB 352 145.28 81.49 -201.92
C VAL AB 352 143.91 81.11 -201.37
N ALA AB 353 143.40 79.95 -201.74
CA ALA AB 353 142.09 79.52 -201.25
C ALA AB 353 142.10 79.37 -199.73
N LEU AB 354 143.11 78.69 -199.18
CA LEU AB 354 143.20 78.54 -197.73
C LEU AB 354 143.42 79.88 -197.04
N LEU AB 355 144.22 80.78 -197.63
CA LEU AB 355 144.42 82.08 -197.01
C LEU AB 355 143.11 82.87 -196.97
N PHE AB 356 142.33 82.82 -198.06
CA PHE AB 356 141.02 83.44 -198.07
C PHE AB 356 140.11 82.84 -197.01
N ALA AB 357 140.13 81.50 -196.88
CA ALA AB 357 139.27 80.84 -195.91
C ALA AB 357 139.62 81.26 -194.49
N GLU AB 358 140.91 81.35 -194.18
CA GLU AB 358 141.30 81.83 -192.86
C GLU AB 358 140.90 83.28 -192.64
N GLY AB 359 141.10 84.13 -193.65
CA GLY AB 359 140.74 85.52 -193.50
C GLY AB 359 139.26 85.73 -193.25
N LYS AB 360 138.43 84.92 -193.90
CA LYS AB 360 136.98 85.12 -193.79
C LYS AB 360 136.52 84.97 -192.34
N ASP AB 361 136.86 83.85 -191.71
CA ASP AB 361 136.39 83.63 -190.35
C ASP AB 361 137.18 84.49 -189.35
N GLU AB 362 138.42 84.85 -189.70
CA GLU AB 362 139.14 85.80 -188.86
C GLU AB 362 138.41 87.13 -188.79
N LEU AB 363 137.86 87.60 -189.91
CA LEU AB 363 137.05 88.82 -189.91
C LEU AB 363 135.70 88.62 -189.22
N GLU AB 364 135.05 87.47 -189.48
CA GLU AB 364 133.72 87.25 -188.95
C GLU AB 364 133.71 87.17 -187.43
N ALA AB 365 134.71 86.49 -186.85
CA ALA AB 365 134.75 86.36 -185.40
C ALA AB 365 134.89 87.72 -184.73
N VAL AB 366 135.70 88.61 -185.31
CA VAL AB 366 135.86 89.94 -184.76
C VAL AB 366 134.59 90.75 -184.94
N THR AB 367 133.97 90.68 -186.12
CA THR AB 367 132.83 91.54 -186.41
C THR AB 367 131.57 91.08 -185.68
N LEU AB 368 131.52 89.82 -185.25
CA LEU AB 368 130.37 89.38 -184.46
C LEU AB 368 130.36 90.01 -183.07
N THR AB 369 131.49 89.96 -182.37
CA THR AB 369 131.55 90.48 -181.01
C THR AB 369 131.57 92.00 -180.97
N THR AB 370 132.33 92.64 -181.87
CA THR AB 370 132.45 94.09 -181.89
C THR AB 370 132.16 94.58 -183.32
N GLY AB 371 130.89 94.77 -183.62
CA GLY AB 371 130.47 95.37 -184.87
C GLY AB 371 129.94 96.77 -184.61
N THR AB 372 130.43 97.72 -185.39
CA THR AB 372 130.12 99.13 -185.12
C THR AB 372 128.64 99.43 -185.36
N GLY AB 373 127.98 98.69 -186.23
CA GLY AB 373 126.59 98.94 -186.54
C GLY AB 373 126.33 100.13 -187.43
N GLN AB 374 127.38 100.85 -187.83
CA GLN AB 374 127.28 101.99 -188.72
C GLN AB 374 128.02 101.67 -190.03
N GLY AB 375 127.86 102.57 -191.00
CA GLY AB 375 128.55 102.40 -192.26
C GLY AB 375 128.10 101.16 -193.01
N ASN AB 376 128.96 100.14 -193.05
CA ASN AB 376 128.66 98.90 -193.77
C ASN AB 376 128.96 97.69 -192.92
N GLN AB 377 128.73 97.77 -191.60
CA GLN AB 377 129.07 96.67 -190.73
C GLN AB 377 127.86 96.23 -189.91
N PRO AB 378 127.69 94.93 -189.69
CA PRO AB 378 126.62 94.47 -188.80
C PRO AB 378 126.87 94.89 -187.37
N THR AB 379 125.79 95.04 -186.61
CA THR AB 379 125.89 95.44 -185.22
C THR AB 379 126.39 94.28 -184.37
N GLY AB 380 127.38 94.58 -183.52
CA GLY AB 380 127.94 93.58 -182.63
C GLY AB 380 127.22 93.54 -181.29
N ILE AB 381 127.33 92.40 -180.62
CA ILE AB 381 126.60 92.19 -179.37
C ILE AB 381 127.13 93.12 -178.28
N VAL AB 382 128.44 93.28 -178.19
CA VAL AB 382 129.00 94.17 -177.17
C VAL AB 382 128.64 95.62 -177.46
N THR AB 383 128.73 96.02 -178.74
CA THR AB 383 128.36 97.38 -179.10
C THR AB 383 126.88 97.65 -178.90
N ALA AB 384 126.02 96.68 -179.19
CA ALA AB 384 124.58 96.87 -179.05
C ALA AB 384 124.13 96.97 -177.61
N LEU AB 385 124.86 96.34 -176.67
CA LEU AB 385 124.50 96.36 -175.27
C LEU AB 385 125.24 97.44 -174.49
N ALA AB 386 126.06 98.24 -175.16
CA ALA AB 386 126.83 99.28 -174.51
C ALA AB 386 126.00 100.56 -174.44
N GLY AB 387 125.90 101.13 -173.25
CA GLY AB 387 125.12 102.34 -173.04
C GLY AB 387 123.65 102.10 -172.74
N THR AB 388 123.19 100.86 -172.77
CA THR AB 388 121.80 100.55 -172.48
C THR AB 388 121.66 100.15 -171.01
N ALA AB 389 120.48 99.65 -170.65
CA ALA AB 389 120.24 99.22 -169.28
C ALA AB 389 120.98 97.95 -168.91
N ALA AB 390 121.53 97.23 -169.90
CA ALA AB 390 122.23 95.98 -169.62
C ALA AB 390 123.54 96.21 -168.88
N GLU AB 391 124.25 97.28 -169.20
CA GLU AB 391 125.56 97.53 -168.61
C GLU AB 391 125.45 97.81 -167.12
N ILE AB 392 126.26 97.11 -166.34
CA ILE AB 392 126.27 97.28 -164.89
C ILE AB 392 127.70 97.58 -164.44
N ALA AB 393 127.88 97.80 -163.14
CA ALA AB 393 129.15 98.25 -162.61
C ALA AB 393 129.63 97.31 -161.50
N PRO AB 394 130.94 97.21 -161.30
CA PRO AB 394 131.45 96.35 -160.23
C PRO AB 394 131.11 96.90 -158.86
N VAL AB 395 131.07 95.98 -157.89
CA VAL AB 395 130.75 96.37 -156.51
C VAL AB 395 131.83 97.28 -155.95
N THR AB 396 133.09 97.03 -156.30
CA THR AB 396 134.21 97.86 -155.89
C THR AB 396 134.93 98.36 -157.13
N ALA AB 397 135.38 99.61 -157.08
CA ALA AB 397 135.90 100.27 -158.28
C ALA AB 397 137.21 99.66 -158.73
N GLU AB 398 137.34 99.45 -160.04
CA GLU AB 398 138.58 99.02 -160.68
C GLU AB 398 139.10 97.71 -160.10
N THR AB 399 138.18 96.79 -159.80
CA THR AB 399 138.54 95.51 -159.23
C THR AB 399 137.49 94.48 -159.61
N PHE AB 400 137.95 93.29 -159.98
CA PHE AB 400 137.08 92.17 -160.31
C PHE AB 400 137.16 91.16 -159.17
N ALA AB 401 136.03 90.92 -158.52
CA ALA AB 401 135.95 90.01 -157.38
C ALA AB 401 134.89 88.95 -157.64
N LEU AB 402 134.70 88.06 -156.66
CA LEU AB 402 133.75 86.97 -156.82
C LEU AB 402 132.31 87.47 -156.86
N ALA AB 403 132.00 88.54 -156.13
CA ALA AB 403 130.62 89.03 -156.05
C ALA AB 403 130.10 89.51 -157.40
N ASP AB 404 130.99 89.89 -158.32
CA ASP AB 404 130.56 90.43 -159.60
C ASP AB 404 129.83 89.38 -160.44
N VAL AB 405 130.35 88.14 -160.45
CA VAL AB 405 129.70 87.08 -161.22
C VAL AB 405 128.29 86.83 -160.69
N TYR AB 406 128.16 86.74 -159.37
CA TYR AB 406 126.85 86.55 -158.77
C TYR AB 406 125.93 87.72 -159.08
N ALA AB 407 126.46 88.94 -159.07
CA ALA AB 407 125.64 90.10 -159.41
C ALA AB 407 125.13 90.02 -160.84
N VAL AB 408 126.00 89.62 -161.77
CA VAL AB 408 125.59 89.44 -163.16
C VAL AB 408 124.47 88.42 -163.25
N TYR AB 409 124.60 87.32 -162.50
CA TYR AB 409 123.54 86.31 -162.51
C TYR AB 409 122.24 86.86 -161.94
N GLU AB 410 122.32 87.61 -160.84
CA GLU AB 410 121.11 88.07 -160.15
C GLU AB 410 120.33 89.09 -160.98
N GLN AB 411 121.03 90.10 -161.50
CA GLN AB 411 120.33 91.27 -162.01
C GLN AB 411 119.46 90.97 -163.23
N LEU AB 412 119.65 89.83 -163.87
CA LEU AB 412 118.77 89.45 -164.98
C LEU AB 412 117.41 89.04 -164.46
N ALA AB 413 116.38 89.26 -165.28
CA ALA AB 413 115.03 88.84 -164.90
C ALA AB 413 114.94 87.33 -164.85
N ALA AB 414 114.00 86.83 -164.02
CA ALA AB 414 113.88 85.39 -163.81
C ALA AB 414 113.42 84.66 -165.07
N ARG AB 415 112.68 85.34 -165.95
CA ARG AB 415 112.22 84.70 -167.17
C ARG AB 415 113.39 84.29 -168.06
N HIS AB 416 114.40 85.17 -168.18
CA HIS AB 416 115.54 84.90 -169.04
C HIS AB 416 116.71 84.27 -168.28
N ARG AB 417 116.71 84.32 -166.95
CA ARG AB 417 117.83 83.80 -166.19
C ARG AB 417 117.98 82.30 -166.36
N ARG AB 418 116.87 81.58 -166.49
CA ARG AB 418 116.90 80.13 -166.60
C ARG AB 418 117.21 79.65 -168.02
N GLN AB 419 117.36 80.56 -168.99
CA GLN AB 419 117.65 80.17 -170.37
C GLN AB 419 118.82 80.99 -170.90
N GLY AB 420 119.86 81.12 -170.09
CA GLY AB 420 121.00 81.94 -170.47
C GLY AB 420 122.32 81.19 -170.48
N ALA AB 421 123.31 81.76 -171.16
CA ALA AB 421 124.64 81.17 -171.25
C ALA AB 421 125.69 82.26 -171.05
N TRP AB 422 126.87 81.83 -170.62
CA TRP AB 422 127.98 82.74 -170.37
C TRP AB 422 128.80 82.93 -171.64
N LEU AB 423 129.43 84.09 -171.75
CA LEU AB 423 130.30 84.40 -172.88
C LEU AB 423 131.32 85.44 -172.45
N ALA AB 424 132.60 85.07 -172.50
CA ALA AB 424 133.68 85.95 -172.09
C ALA AB 424 134.98 85.39 -172.65
N ASN AB 425 136.07 86.10 -172.38
CA ASN AB 425 137.40 85.66 -172.78
C ASN AB 425 137.94 84.64 -171.77
N ASN AB 426 139.04 83.99 -172.12
CA ASN AB 426 139.62 82.98 -171.24
C ASN AB 426 140.27 83.62 -170.01
N LEU AB 427 140.64 84.89 -170.10
CA LEU AB 427 141.24 85.59 -168.96
C LEU AB 427 140.29 85.64 -167.78
N ILE AB 428 139.03 85.98 -168.03
CA ILE AB 428 138.06 86.10 -166.94
C ILE AB 428 137.81 84.73 -166.32
N TYR AB 429 137.76 83.68 -167.14
CA TYR AB 429 137.60 82.34 -166.59
C TYR AB 429 138.79 81.96 -165.72
N ASN AB 430 140.01 82.32 -166.14
CA ASN AB 430 141.17 81.99 -165.33
C ASN AB 430 141.16 82.73 -164.01
N LYS AB 431 140.80 84.02 -164.02
CA LYS AB 431 140.76 84.76 -162.76
C LYS AB 431 139.62 84.29 -161.87
N ILE AB 432 138.52 83.80 -162.46
CA ILE AB 432 137.51 83.10 -161.67
C ILE AB 432 138.12 81.88 -161.01
N ARG AB 433 138.92 81.13 -161.76
CA ARG AB 433 139.56 79.93 -161.23
C ARG AB 433 140.55 80.26 -160.12
N GLN AB 434 140.99 81.50 -160.00
CA GLN AB 434 141.95 81.91 -158.98
C GLN AB 434 141.30 82.42 -157.72
N PHE AB 435 139.96 82.52 -157.67
CA PHE AB 435 139.32 83.15 -156.52
C PHE AB 435 139.49 82.30 -155.26
N ASP AB 436 139.16 81.02 -155.34
CA ASP AB 436 139.24 80.16 -154.16
C ASP AB 436 140.68 79.88 -153.79
N THR AB 437 140.98 79.95 -152.49
CA THR AB 437 142.29 79.64 -151.97
C THR AB 437 142.27 78.61 -150.86
N GLN AB 438 141.24 78.61 -150.01
CA GLN AB 438 141.16 77.71 -148.87
C GLN AB 438 140.15 76.59 -149.09
N GLY AB 439 139.75 76.33 -150.33
CA GLY AB 439 138.83 75.26 -150.62
C GLY AB 439 137.43 75.45 -150.10
N GLY AB 440 136.89 76.65 -150.20
CA GLY AB 440 135.55 76.96 -149.76
C GLY AB 440 134.52 76.73 -150.84
N ALA AB 441 133.48 77.56 -150.84
CA ALA AB 441 132.42 77.45 -151.83
C ALA AB 441 132.82 78.03 -153.18
N GLY AB 442 133.88 78.83 -153.24
CA GLY AB 442 134.32 79.39 -154.49
C GLY AB 442 135.13 78.47 -155.36
N LEU AB 443 135.38 77.24 -154.91
CA LEU AB 443 136.12 76.28 -155.71
C LEU AB 443 135.30 75.87 -156.93
N TRP AB 444 135.88 76.07 -158.11
CA TRP AB 444 135.29 75.62 -159.37
C TRP AB 444 135.86 74.29 -159.82
N THR AB 445 137.18 74.21 -159.98
CA THR AB 445 137.87 72.97 -160.27
C THR AB 445 139.33 73.15 -159.89
N THR AB 446 139.94 72.07 -159.43
CA THR AB 446 141.34 72.13 -159.03
C THR AB 446 142.24 72.22 -160.25
N ILE AB 447 143.49 72.61 -159.99
CA ILE AB 447 144.48 72.62 -161.06
C ILE AB 447 144.69 71.19 -161.57
N GLY AB 448 145.02 71.08 -162.85
CA GLY AB 448 145.20 69.80 -163.47
C GLY AB 448 144.00 69.24 -164.20
N ASN AB 449 142.93 70.03 -164.34
CA ASN AB 449 141.75 69.61 -165.08
C ASN AB 449 141.41 70.65 -166.14
N GLY AB 450 140.66 70.23 -167.13
CA GLY AB 450 140.33 71.09 -168.26
C GLY AB 450 139.32 72.16 -167.89
N GLU AB 451 139.02 72.98 -168.88
CA GLU AB 451 138.08 74.07 -168.71
C GLU AB 451 136.70 73.49 -168.42
N PRO AB 452 136.07 73.83 -167.30
CA PRO AB 452 134.73 73.32 -167.02
C PRO AB 452 133.72 73.78 -168.05
N SER AB 453 132.72 72.93 -168.28
CA SER AB 453 131.69 73.20 -169.27
C SER AB 453 130.45 73.87 -168.70
N GLN AB 454 130.32 73.98 -167.38
CA GLN AB 454 129.16 74.60 -166.76
C GLN AB 454 129.59 75.52 -165.64
N LEU AB 455 128.98 76.70 -165.59
CA LEU AB 455 129.15 77.65 -164.49
C LEU AB 455 127.77 78.01 -163.98
N LEU AB 456 127.53 77.80 -162.69
CA LEU AB 456 126.22 78.00 -162.07
C LEU AB 456 125.16 77.14 -162.75
N GLY AB 457 125.55 75.98 -163.25
CA GLY AB 457 124.62 75.10 -163.93
C GLY AB 457 124.24 75.53 -165.33
N ARG AB 458 124.93 76.51 -165.90
CA ARG AB 458 124.60 77.02 -167.21
C ARG AB 458 125.76 76.82 -168.18
N PRO AB 459 125.50 76.76 -169.49
CA PRO AB 459 126.58 76.56 -170.45
C PRO AB 459 127.58 77.71 -170.42
N VAL AB 460 128.81 77.39 -170.80
CA VAL AB 460 129.92 78.33 -170.81
C VAL AB 460 130.43 78.46 -172.24
N GLY AB 461 130.52 79.71 -172.72
CA GLY AB 461 131.04 79.97 -174.04
C GLY AB 461 132.28 80.84 -173.97
N GLU AB 462 132.98 80.93 -175.10
CA GLU AB 462 134.25 81.63 -175.16
C GLU AB 462 134.35 82.42 -176.46
N ALA AB 463 135.06 83.53 -176.39
CA ALA AB 463 135.33 84.37 -177.56
C ALA AB 463 136.53 85.24 -177.26
N GLU AB 464 137.52 85.24 -178.14
CA GLU AB 464 138.75 85.96 -177.87
C GLU AB 464 138.67 87.45 -178.20
N ALA AB 465 137.62 87.89 -178.88
CA ALA AB 465 137.53 89.29 -179.28
C ALA AB 465 137.12 90.21 -178.15
N MET AB 466 136.72 89.67 -177.00
CA MET AB 466 136.31 90.48 -175.87
C MET AB 466 137.53 90.97 -175.09
N ASP AB 467 137.36 92.08 -174.39
CA ASP AB 467 138.45 92.68 -173.65
C ASP AB 467 138.93 91.75 -172.54
N ALA AB 468 140.24 91.78 -172.28
CA ALA AB 468 140.85 90.88 -171.32
C ALA AB 468 141.46 91.61 -170.12
N ASN AB 469 142.37 92.54 -170.34
CA ASN AB 469 143.11 93.18 -169.27
C ASN AB 469 142.83 94.68 -169.28
N TRP AB 470 142.31 95.20 -168.17
CA TRP AB 470 142.02 96.62 -168.08
C TRP AB 470 143.25 97.45 -167.77
N ASN AB 471 144.21 96.88 -167.03
CA ASN AB 471 145.38 97.66 -166.63
C ASN AB 471 146.23 98.05 -167.84
N THR AB 472 146.52 97.09 -168.71
CA THR AB 472 147.39 97.36 -169.85
C THR AB 472 146.66 97.99 -171.02
N SER AB 473 145.33 97.99 -171.02
CA SER AB 473 144.59 98.57 -172.13
C SER AB 473 144.38 100.07 -171.91
N ALA AB 474 144.72 100.86 -172.92
CA ALA AB 474 144.56 102.31 -172.85
C ALA AB 474 143.16 102.70 -173.33
N SER AB 475 142.19 102.48 -172.45
CA SER AB 475 140.81 102.81 -172.75
C SER AB 475 140.08 103.12 -171.44
N ALA AB 476 138.95 103.81 -171.56
CA ALA AB 476 138.17 104.18 -170.38
C ALA AB 476 137.32 103.01 -169.91
N ASP AB 477 136.53 102.43 -170.80
CA ASP AB 477 135.66 101.32 -170.45
C ASP AB 477 136.24 99.99 -170.94
N ASN AB 478 135.82 98.91 -170.28
CA ASN AB 478 136.34 97.56 -170.56
C ASN AB 478 135.21 96.57 -170.28
N PHE AB 479 134.63 96.02 -171.34
CA PHE AB 479 133.57 95.03 -171.21
C PHE AB 479 134.19 93.63 -171.24
N VAL AB 480 134.08 92.91 -170.13
CA VAL AB 480 134.80 91.65 -169.97
C VAL AB 480 133.89 90.45 -169.79
N LEU AB 481 132.70 90.62 -169.20
CA LEU AB 481 131.81 89.51 -168.91
C LEU AB 481 130.40 89.80 -169.40
N LEU AB 482 129.74 88.76 -169.91
CA LEU AB 482 128.39 88.89 -170.43
C LEU AB 482 127.63 87.61 -170.12
N TYR AB 483 126.35 87.76 -169.83
CA TYR AB 483 125.48 86.60 -169.57
C TYR AB 483 124.04 86.98 -169.86
N GLY AB 484 123.32 86.09 -170.52
CA GLY AB 484 121.92 86.32 -170.81
C GLY AB 484 121.41 85.32 -171.81
N ASN AB 485 120.13 85.46 -172.14
CA ASN AB 485 119.48 84.62 -173.13
C ASN AB 485 119.86 85.11 -174.52
N PHE AB 486 120.62 84.29 -175.26
CA PHE AB 486 121.10 84.66 -176.58
C PHE AB 486 120.07 84.39 -177.68
N GLN AB 487 118.90 83.89 -177.32
CA GLN AB 487 117.84 83.72 -178.32
C GLN AB 487 117.35 85.04 -178.88
N ASN AB 488 117.63 86.16 -178.20
CA ASN AB 488 117.23 87.48 -178.68
C ASN AB 488 118.30 88.14 -179.52
N TYR AB 489 119.38 87.43 -179.82
CA TYR AB 489 120.44 87.88 -180.73
C TYR AB 489 120.27 87.10 -182.03
N VAL AB 490 119.93 87.80 -183.10
CA VAL AB 490 119.54 87.17 -184.36
C VAL AB 490 120.63 87.40 -185.40
N ILE AB 491 120.97 86.34 -186.12
CA ILE AB 491 121.93 86.38 -187.21
C ILE AB 491 121.22 85.91 -188.49
N ALA AB 492 121.31 86.72 -189.54
CA ALA AB 492 120.69 86.41 -190.83
C ALA AB 492 121.78 86.17 -191.86
N ASP AB 493 121.67 85.06 -192.58
CA ASP AB 493 122.63 84.68 -193.60
C ASP AB 493 121.97 84.67 -194.98
N ARG AB 494 122.67 85.19 -195.97
CA ARG AB 494 122.15 85.29 -197.33
C ARG AB 494 122.91 84.40 -198.31
N ILE AB 495 124.23 84.58 -198.42
CA ILE AB 495 125.05 83.84 -199.37
C ILE AB 495 126.34 83.45 -198.68
N GLY AB 496 126.78 82.21 -198.91
CA GLY AB 496 128.06 81.76 -198.41
C GLY AB 496 129.21 82.32 -199.22
N MET AB 497 130.42 82.01 -198.77
CA MET AB 497 131.62 82.50 -199.45
C MET AB 497 131.75 81.85 -200.81
N THR AB 498 131.96 82.68 -201.83
CA THR AB 498 132.15 82.22 -203.20
C THR AB 498 133.38 82.91 -203.78
N VAL AB 499 134.15 82.15 -204.56
CA VAL AB 499 135.40 82.62 -205.14
C VAL AB 499 135.26 82.63 -206.66
N GLU AB 500 135.58 83.76 -207.28
CA GLU AB 500 135.50 83.93 -208.72
C GLU AB 500 136.87 84.25 -209.28
N PHE AB 501 137.12 83.80 -210.49
CA PHE AB 501 138.42 83.96 -211.15
C PHE AB 501 138.24 84.86 -212.37
N ILE AB 502 138.99 85.95 -212.40
CA ILE AB 502 138.90 86.93 -213.48
C ILE AB 502 139.93 86.56 -214.54
N PRO AB 503 139.52 86.27 -215.78
CA PRO AB 503 140.51 85.90 -216.81
C PRO AB 503 141.57 86.96 -217.05
N HIS AB 504 141.20 88.24 -217.02
CA HIS AB 504 142.15 89.28 -217.40
C HIS AB 504 141.86 90.57 -216.65
N LEU AB 505 142.92 91.28 -216.29
CA LEU AB 505 142.83 92.60 -215.69
C LEU AB 505 143.39 93.65 -216.66
N PHE AB 506 142.95 94.90 -216.48
CA PHE AB 506 143.27 95.98 -217.39
C PHE AB 506 144.07 97.06 -216.68
N GLY AB 507 144.70 97.90 -217.49
CA GLY AB 507 145.53 98.98 -216.99
C GLY AB 507 144.88 100.35 -217.10
N THR AB 508 145.71 101.38 -216.99
CA THR AB 508 145.21 102.75 -217.01
C THR AB 508 144.60 103.10 -218.36
N ASN AB 509 145.26 102.70 -219.45
CA ASN AB 509 144.79 103.01 -220.79
C ASN AB 509 143.83 101.96 -221.35
N ARG AB 510 143.17 101.22 -220.47
CA ARG AB 510 142.22 100.18 -220.87
C ARG AB 510 142.87 99.13 -221.75
N ARG AB 511 144.12 98.77 -221.43
CA ARG AB 511 144.81 97.69 -222.11
C ARG AB 511 145.33 96.69 -221.09
N PRO AB 512 145.47 95.42 -221.47
CA PRO AB 512 145.89 94.40 -220.50
C PRO AB 512 147.27 94.68 -219.93
N ASN AB 513 147.45 94.37 -218.64
CA ASN AB 513 148.74 94.42 -217.98
C ASN AB 513 149.40 93.05 -217.89
N GLY AB 514 148.73 92.00 -218.33
CA GLY AB 514 149.25 90.66 -218.12
C GLY AB 514 149.15 90.26 -216.67
N SER AB 515 147.92 90.16 -216.14
CA SER AB 515 147.72 89.79 -214.76
C SER AB 515 146.31 89.24 -214.59
N ARG AB 516 146.12 88.50 -213.50
CA ARG AB 516 144.83 87.94 -213.15
C ARG AB 516 144.56 88.17 -211.67
N GLY AB 517 143.34 87.87 -211.24
CA GLY AB 517 142.97 88.08 -209.85
C GLY AB 517 141.85 87.15 -209.41
N TRP AB 518 141.74 87.02 -208.09
CA TRP AB 518 140.72 86.18 -207.46
C TRP AB 518 139.78 87.06 -206.65
N PHE AB 519 138.49 86.95 -206.91
CA PHE AB 519 137.47 87.71 -206.21
C PHE AB 519 136.66 86.80 -205.31
N ALA AB 520 136.40 87.28 -204.09
CA ALA AB 520 135.57 86.55 -203.15
C ALA AB 520 134.72 87.54 -202.36
N TYR AB 521 133.50 87.15 -202.04
CA TYR AB 521 132.59 88.03 -201.33
C TYR AB 521 131.67 87.20 -200.44
N TYR AB 522 131.10 87.86 -199.43
CA TYR AB 522 130.34 87.20 -198.38
C TYR AB 522 129.33 88.17 -197.81
N ARG AB 523 128.08 87.73 -197.68
CA ARG AB 523 126.99 88.58 -197.22
C ARG AB 523 126.45 88.04 -195.89
N MET AB 524 126.22 88.96 -194.95
CA MET AB 524 125.82 88.58 -193.60
C MET AB 524 125.20 89.81 -192.93
N GLY AB 525 124.55 89.58 -191.78
CA GLY AB 525 123.93 90.64 -191.02
C GLY AB 525 123.33 90.17 -189.71
N ALA AB 526 123.45 90.99 -188.66
CA ALA AB 526 122.96 90.59 -187.35
C ALA AB 526 122.67 91.83 -186.51
N ASP AB 527 121.84 91.64 -185.48
CA ASP AB 527 121.48 92.71 -184.55
C ASP AB 527 120.88 92.08 -183.30
N VAL AB 528 120.33 92.92 -182.43
CA VAL AB 528 119.74 92.51 -181.16
C VAL AB 528 118.27 92.89 -181.17
N VAL AB 529 117.40 91.93 -180.82
CA VAL AB 529 115.97 92.20 -180.80
C VAL AB 529 115.56 92.82 -179.46
N ASN AB 530 115.90 92.17 -178.36
CA ASN AB 530 115.55 92.65 -177.02
C ASN AB 530 116.83 92.89 -176.24
N PRO AB 531 117.22 94.14 -176.01
CA PRO AB 531 118.45 94.43 -175.27
C PRO AB 531 118.33 94.32 -173.75
N ASN AB 532 117.15 93.97 -173.24
CA ASN AB 532 116.92 93.86 -171.80
C ASN AB 532 117.12 92.43 -171.32
N ALA AB 533 117.54 91.53 -172.20
CA ALA AB 533 117.75 90.12 -171.85
C ALA AB 533 119.21 89.79 -171.60
N PHE AB 534 120.08 90.79 -171.49
CA PHE AB 534 121.49 90.56 -171.21
C PHE AB 534 121.94 91.48 -170.08
N ARG AB 535 123.03 91.10 -169.42
CA ARG AB 535 123.58 91.85 -168.30
C ARG AB 535 125.09 92.00 -168.44
N LEU AB 536 125.52 92.48 -169.61
CA LEU AB 536 126.94 92.74 -169.84
C LEU AB 536 127.53 93.59 -168.74
N LEU AB 537 128.68 93.16 -168.22
CA LEU AB 537 129.38 93.82 -167.13
C LEU AB 537 130.53 94.67 -167.68
N ASN AB 538 130.68 95.86 -167.12
CA ASN AB 538 131.70 96.81 -167.55
C ASN AB 538 132.54 97.22 -166.36
N VAL AB 539 133.85 97.15 -166.49
CA VAL AB 539 134.78 97.64 -165.47
C VAL AB 539 135.35 98.94 -166.02
N GLU AB 540 134.72 100.05 -165.64
CA GLU AB 540 135.13 101.37 -166.12
C GLU AB 540 136.29 101.87 -165.28
N THR AB 541 137.47 102.03 -165.90
CA THR AB 541 138.66 102.46 -165.20
C THR AB 541 138.83 103.98 -165.32
N ALA AB 542 139.31 104.60 -164.26
CA ALA AB 542 139.59 106.02 -164.28
C ALA AB 542 141.01 106.28 -164.76
N SER AB 543 141.26 107.54 -165.14
CA SER AB 543 142.59 107.94 -165.60
C SER AB 543 143.51 108.25 -164.43
#